data_6NU2
#
_entry.id   6NU2
#
_cell.length_a   1
_cell.length_b   1
_cell.length_c   1
_cell.angle_alpha   90
_cell.angle_beta   90
_cell.angle_gamma   90
#
_symmetry.space_group_name_H-M   'P 1'
#
loop_
_entity.id
_entity.type
_entity.pdbx_description
1 polymer '16S rRNA'
2 polymer mt-tRNAVal
3 polymer '39S ribosomal protein L2, mitochondrial'
4 polymer '39S ribosomal protein L3, mitochondrial'
5 polymer '39S ribosomal protein L4, mitochondrial'
6 polymer '39S ribosomal protein L9, mitochondrial'
7 polymer '39S ribosomal protein L10, mitochondrial'
8 polymer '39S ribosomal protein L11, mitochondrial'
9 polymer '39S ribosomal protein L13, mitochondrial'
10 polymer '39S ribosomal protein L14, mitochondrial'
11 polymer '39S ribosomal protein L15, mitochondrial'
12 polymer '39S ribosomal protein L16, mitochondrial'
13 polymer '39S ribosomal protein L17, mitochondrial'
14 polymer '39S ribosomal protein L18, mitochondrial'
15 polymer '39S ribosomal protein L19, mitochondrial'
16 polymer '39S ribosomal protein L20, mitochondrial'
17 polymer '39S ribosomal protein L21, mitochondrial'
18 polymer '39S ribosomal protein L22, mitochondrial'
19 polymer '39S ribosomal protein L23, mitochondrial'
20 polymer '39S ribosomal protein L24, mitochondrial'
21 polymer '39S ribosomal protein L27, mitochondrial'
22 polymer '39S ribosomal protein L28, mitochondrial'
23 polymer '39S ribosomal protein L47, mitochondrial'
24 polymer '39S ribosomal protein L30, mitochondrial'
25 polymer '39S ribosomal protein L32, mitochondrial'
26 polymer '39S ribosomal protein L33, mitochondrial'
27 polymer '39S ribosomal protein L34, mitochondrial'
28 polymer '39S ribosomal protein L35, mitochondrial'
29 polymer '39S ribosomal protein L36, mitochondrial'
30 polymer '39S ribosomal protein L37, mitochondrial'
31 polymer '39S ribosomal protein L38, mitochondrial'
32 polymer '39S ribosomal protein L39, mitochondrial'
33 polymer '39S ribosomal protein L40, mitochondrial'
34 polymer '39S ribosomal protein L41, mitochondrial'
35 polymer '39S ribosomal protein L42, mitochondrial'
36 polymer '39S ribosomal protein L43, mitochondrial'
37 polymer '39S ribosomal protein L44, mitochondrial'
38 polymer '39S ribosomal protein L45, mitochondrial'
39 polymer '39S ribosomal protein L46, mitochondrial'
40 polymer '39S ribosomal protein L48, mitochondrial'
41 polymer '39S ribosomal protein L49, mitochondrial'
42 polymer '39S ribosomal protein L50, mitochondrial'
43 polymer '39S ribosomal protein L51, mitochondrial'
44 polymer '39S ribosomal protein L52, mitochondrial'
45 polymer '39S ribosomal protein L53, mitochondrial'
46 polymer '39S ribosomal protein L54, mitochondrial'
47 polymer '39S ribosomal protein L55, mitochondrial'
48 polymer 'Ribosomal protein 63, mitochondrial'
49 polymer 'Peptidyl-tRNA hydrolase ICT1, mitochondrial'
50 polymer 'Growth arrest and DNA damage-inducible proteins-interacting protein 1'
51 polymer '39S ribosomal protein S18a, mitochondrial'
52 polymer '39S ribosomal protein S30, mitochondrial'
53 polymer 'Unknown protein/protein extension'
54 polymer 'E-site tRNA'
55 polymer 'Ribosome-recycling factor, mitochondrial'
56 polymer '12S rRNA'
57 polymer '28S ribosomal protein S2, mitochondrial'
58 polymer '28S ribosomal protein S24, mitochondrial'
59 polymer '28S ribosomal protein S5, mitochondrial'
60 polymer '28S ribosomal protein S6, mitochondrial'
61 polymer '28S ribosomal protein S7, mitochondrial'
62 polymer '28S ribosomal protein S9, mitochondrial'
63 polymer '28S ribosomal protein S10, mitochondrial'
64 polymer '28S ribosomal protein S11, mitochondrial'
65 polymer '28S ribosomal protein S12, mitochondrial'
66 polymer '28S ribosomal protein S14, mitochondrial'
67 polymer '28S ribosomal protein S15, mitochondrial'
68 polymer '28S ribosomal protein S16, mitochondrial'
69 polymer '28S ribosomal protein S17, mitochondrial'
70 polymer '28S ribosomal protein S18b, mitochondrial'
71 polymer '28S ribosomal protein S18c, mitochondrial'
72 polymer '28S ribosomal protein S21, mitochondrial'
73 polymer '28S ribosomal protein S22, mitochondrial'
74 polymer '28S ribosomal protein S23, mitochondrial'
75 polymer '28S ribosomal protein S25, mitochondrial'
76 polymer '28S ribosomal protein S26, mitochondrial'
77 polymer '28S ribosomal protein S27, mitochondrial'
78 polymer '28S ribosomal protein S28, mitochondrial'
79 polymer '28S ribosomal protein S29, mitochondrial'
80 polymer '28S ribosomal protein S31, mitochondrial'
81 polymer '28S ribosomal protein S33, mitochondrial'
82 polymer '28S ribosomal protein S34, mitochondrial'
83 polymer '28S ribosomal protein S35, mitochondrial'
84 polymer 'Coiled-coil-helix-coiled-coil-helix domain-containing protein 1'
85 polymer 'Aurora kinase A-interacting protein'
86 polymer 'Pentatricopeptide repeat domain-containing protein 3, mitochondrial'
87 non-polymer 'MAGNESIUM ION'
88 non-polymer 'ZINC ION'
#
loop_
_entity_poly.entity_id
_entity_poly.type
_entity_poly.pdbx_seq_one_letter_code
_entity_poly.pdbx_strand_id
1 'polyribonucleotide'
;GCUAAACCUAGCCCCAAACCCACUCCACCUUACUACCAGCAACCUUAGCCAAACCAUUUACAUAAAGUAUAGGCGAUAGA
AAUUGUGGCGCAAUAGAUAUAGUACCGCAAGGGAAAGAUGAAAAAUUAUAACCAAGCAUAAUAUAGCAAGGACUAACCCC
UAUACCUUCUGCAUAAUGAAUUAACUAGAAAUAACUUUGCAAGGAGAGCCAAAGCUAAGACCCCCGAAACCAGACGAGCU
ACCUAAGAACAGCUAAGAGCACACCCGUCUAUGUAGCAAAAUAGUGGGAAGAUUUAUAGGUAGAGGCGACAAACCUACCG
AGCCUGGUGAUAGCUGGUUGUCCAAGAUAGAAUCUUAGUUCAACUUUAAAUUUGCCCACAGAACCAAAUCCCCUUGUAAA
UUUAACUGUUAGUCCAAAGAGGAACAGCUCUUUGGACACUAGGAAAAAACCUUGUAGAGAGAGUAAAAAAUUUAACACCC
AUAGUAGGCCUAAAAGCAGCCACCAAUUAAGAAAGCGUUCAAGCUCAACACCAAAAAUCCCAAACAUAUAACUGAACUCC
UCACACCCAAUUGGACCAAUCUAUCACCCUAUAGAAGAACUAAUGUUAGUAUAAGUAACAUGAAAACAUUCUCCUCCGCA
UAAGCCUGCGUCAGAUCACACUGACAAUUAACAGCCCAAUAUCUACAAUCAACCAACAAGUCAUUAUUACCCUCACUGUC
AACCCAACACAGGCAUGCUCAUAAGGAAAGGUUAAAAAAAGUAAAAGGAACUCGGCAAAUCUUACCCCGCCUGUUUACCA
AAAACAUCACCUCUAGCAUCACCAGUAUUAGAGGCACCGCCUGCCCAGUGACACAUGUUUAACGGCCGCGGUUAACCGUG
CAAAGGUAGCAUAAUCACUUGUUCCUUAAAUAGGGACCUGUAUGAAUGGCUCCACGAGGGUUCAGCUGUCUCUUACUUUU
AACCAGUGAAAUUGACCUGCCCGUGAAGAGGCGGGCAUAACACAGCAAGACGAGAAGACCCUAUGGAGCUUUAAUUUAUU
AAUGCAAACAGUAACCUGCAUUAAAAAUUUCGGUUGGGGCGACCUCGGAGCAGAACCCAACCUCCGAGCAGUACAUGCUA
AGACUUCACCAGUCAAAGCGAACCUCAAUUGAUCCAAUAACUUGACCAACGGAACAAGUUACCCUAGGGAUAACAGCGCA
AUCCUAUUCUAGAGUCCAUAUCAACAAUAGGGUUUACGACCUCGAUGUUGGAUCAGGACAUCCCGAUGGUGCAGCCGCUA
UUAAAGGUUCGUUUGUUCAACGAUUAAAGUCCUACGUGAUCUGAGUUCAGACCGGAGUAAUCCAGGUCGGUUUCUAUCUA
CUUUAUUCCUCCCUGUACGAAAGGACAAGAGAAAUAAGGCCUACUUCACAAAGCGCCUUCCCCCGUAAAUGAUAUCAUCU
CAACUUAGAUACCCACACCCAAGAACAGGGUU
;
A
2 'polyribonucleotide' AGAGUGUAGCUUAAAAGCACCCAACUUACACUUAGGAGAUUCAAUUGACGCUCUGA B
3 'polypeptide(L)'
;ANFVSWKSRTKYTITPVKMRKSGGRDHTGRIRVHGIGGGHKQRYRMIDFLRFRPEETKSGPFEEKVIQVRYDPCRSADIA
LVAGGSRKRWIIATENMQAGDTILNSNHIGRMAVAAREGDAHPLGALPVGTLINNVESEPGRGAQYIRAAGTCGVLLRKV
NGTAIIQLPSKRQMQVLETCVATVGRVSNVDHNKRVIGKAGRNRWLGKRPNSGRWHRKGGWAGRKIRPLPPMKSYV
;
D
4 'polypeptide(L)'
;SGTWWDEHLSEENVPFIKQLVSDEDKAQLASKLCPLKDEPWPIHPWEPGSFRVGLIALKLGMMPLWTKDGQKHVVTLLQV
QDCHVLKYTSKENCNGKMATLSVGGKTVSRFRKATSILEFYRELGLPPKQTVKIFNITDNAAIKPGTPLYAAHFRPGQYV
DVTAKTIGKGFQGVMKRWGFKGQPATHGQTKTHRRPGAVATGDIGRVWPGTKMPGKMGNIYRTEYGLKVWRINTKHNIIY
VNGSVPGHKNCLVKVKDSKLPAYKDLGKNLPFPTYFPDGDEEELPEDLYDENVCQPGAPSITFA
;
E
5 'polypeptide(L)'
;EPVLRKVELPVPTHRRPVQAWVESLRGFEQERVGLADLHPDVFATAPRLDILHQVAMWQKNFKRISYAKTKTRAEVRGGG
RKPWPQKGTGRARHGSIRSPLWRGGGVAHGPRGPTSYYYMLPMKVRALGLKVALTVKLAQDDLHIMDSLELPTGDPQYLT
ELAHYRRWGDSVLLVDLTHEEMPQSIVEATSRLKTFNLIPAVGLNVHSMLKHQTLVLTLPTVAFLEDKLLWQDSRYRPLY
PFSLPYSDFP
;
F
6 'polypeptide(L)'
;TVIVERWWKVPLAGEGRKPRLHRRHRVYKLVEDTKHRPKENLELILTQSVENVGVRGDLVSVKKSLGRNRLLPQGLAVYA
SPENKKLFEEEKLLR
;
H
7 'polypeptide(L)'
;SKAVTRHRRVMHFQRQKLMAVTEYIPPKPAIHPSCLPSPPSPPQEEIGLIRLLRREIAAVFQDNRMIAVCQNVALSAEDK
LLMRHQLRKHKILMKVFPNQVLKPFLEDSKYQNLLPLFVGHNMLLVSEEPKVKEMVRILRTVPFLPLLGGCIDDTILSRQ
GFINYSKL
;
I
8 'polypeptide(L)'
;GVIRAIVRAGLAMPGPPLGPVLGQRGVSINQFCKEFNERTKDIKEGIPLPTKILVKPDRTFEIKIGQPTVSYFLKAAAGI
EKGARQTGKEVAGLVTLKHVYEIARIKAQDEAFALQDVPLSSVVRSIIGSARSLGIRVVK
;
J
9 'polypeptide(L)'
;SSFSRAPQQWATFARIWYLLDGKMQPPGKLAAMASIRLQGLHKPVYHALSDCGDHVVIMNTRHIAFSGNKWEQKVYSSHT
GYPGGFRQVTAAQLHLRDPVAIVKLAIYGMLPKNLHRRTMMERLHLFPDEYIPEDILKNLVEELPQPRKIPKRLDEYTQE
EIDAFPRLWTPPEDYRL
;
K
10 'polypeptide(L)'
;AIQKMTRVRVVDNSALGNSPYHRAPRCIHVYKKNGVGKVGDQILLAIKGQKKKALIVGHCMPGPRMTPRFDSNNVVLIED
NGNPVGTRIKTPIPTSLRKREGEYSKVLAIAQNFV
;
L
11 'polypeptide(L)'
;ARALDLLRGLPRVSLANLKPNPGSKKPERRPRGRRRGRKCGRGHKGERQRGTRPRLGFEGGQTPFYIRIPKYGFNEGHSF
RRQYKPLSLNRLQYLIDLGRVDPSQPIDLTQLVNGRGVTIQPLKRDYGVQLVEEGADTFTAKVNIEVQLASELAIAAIEK
NGGVVTTAFYDPRSLDIVCKPVPFFLRGQPIPKRMLPPEELVPYYTDAKNRGYLADPAKFPEARLELARKYGYILPDITK
DELFKMLCTRKDPRQIFFGLAPGWVVNMADKKILKPTDENLLKYYTS
;
M
12 'polypeptide(L)'
;KPKLRFIERAPLVPKVRREPKNLSDIRGPSTEATEFTEGNFAILALGGGYLHWGHFEMMRLTINRSMDPKNMFAIWRVPA
PFKPITRKSVGHRMGGGKGAIDHYVTPVKAGRLVVEMGGRCEFEEVQGFLDQVAHKLPFAAKAVSRGTLEKMRKDQEERE
RNNQNPWTFERIATANMLGIRKVLSPYDLTHKGKYWGKFYMPKRV
;
N
13 'polypeptide(L)'
;ISHGRVFRRMGLGPESRIHLLRNLLTGLVRHERIEAPWARVDEMRGYAEKLIDYGKLGDTNERAMRMADFWLTEKDLIPK
LFQVLAPRYKDQTGGYTRMLQIPNRSLDRAKMAVIEYKGNCLPPLPLPRRDSHLTLLNQLLQGLRQDLRQSQ
;
O
14 'polypeptide(L)'
;AVAPEFTNRNPRNLELLSVARKERGWRTVFPSREFWHRLRVIRTQHHVEALVEHQNGKVVVSASTREWAIKKHLYSTRNV
VACESIGRVLAQRCLEAGINFMVYQPTPWEAASDSMKRLQSAMTEGGVVLREPQRIYE
;
P
15 'polypeptide(L)'
;RFLSPEFIPRRGRTDPLKFQIERKDMLERRKVLHIPEFYVGSILRVTTADPYASGKISQFLGICIQRSGRGLGATFILRN
VIEGQGVEICFELYNPRVQEIQVVKLEKRLDDSLLYLRDALPEYSTFDVNMKPVVQEPNQKVPVNELKVKMKPKPWSKRW
ERPNFNIKGIRFDLCLTEQQMKEAQKWNQPWLEFDMMREYDTSKIEAAIWKEIEASKRS
;
Q
16 'polypeptide(L)'
;LRNRVTDRYFRIQEVLKHARHFRGRKNRCYRLAVRTVIRAFVKCTKARYLKKKNMRTLWINRITAASQEHGLKYPALIGN
LVKCQVELNRKVLADLAIYEPKTFKSLAALASRRRHEGFAAALGDGKEPEGIFSRVVQYH
;
R
17 'polypeptide(L)'
;GYVPKTSLSSPPWPEVVLPDPVEETRHHAEVVKKVNEMIVTGQYGRLFAVVHFASRQWKVTSEDLILIGNELDLACGERI
RLEKVLLVGADNFTLLGKPLLGKDLVRVEATVIEKTESWPRIIMRFRKRKNFKKKRIVTTPQTVLRINSIEIAPCL
;
S
18 'polypeptide(L)'
;ISRKWEKKNKIVYPPQLPGEPRRPAEIYHCRRQIKYSKDKMWYLAKLIRGMSIDQALAQLEFNDKKGAKIIKEVLLEAQD
MAVRDHNVEFRSNLYIAESTSGRGQCLKRIRYHGRGRFGIMEKVYCHYFVKLVEGPPPPPEPPKTAVAHAKEYIQQLRSR
TIVHTL
;
T
19 'polypeptide(L)'
;ARNVVYPLYRLGGPQLRVFRTNFFIQLVRPGVAQPEDTVQFRIPMEMTRVDLRNYLEGIYNVPVAAVRTRVQHGSNKRRD
HRNVRIKKPDYKVAYVQLAHGQTFTFPDLFP
;
U
20 'polypeptide(L)'
;LPPHYRYGMSPPGSVADKRKNPPWIRRRPVVVEPISDEDWYLFCGDTVEILEGKDAGKQGKVVQVIRQRNWVVVGGLNTH
YRYIGKTMDYRGTMIPSEAPLLHRQVKLVDPMDRKPTEIEWRFTEAGERVRVSTRSGRIIPKPEFPRADGIVPETWIDGP
KDTSVEDALERTYVPCLKTLQEEVMEAMGIKETRKYKKVYWY
;
V
21 'polypeptide(L)'
;KSGGSSKNLGGKSSGRRQGIKKMEGHYVHAGNIIATQRHFRWHPGAHVGVGKNKCLYALEEGIVRYTKEVYVPHPRNTEA
VDLITRLPKGAVLYKTFVHVVPAKPEGTFKLVAML
;
W
22 'polypeptide(L)'
;PLHKYPVWLWKRLQLREGICSRLPGHYLRSLEEERTPTPVHYRPHGAKFKINPKNGQRERVEDVPIPIYFPPESQRGLWG
GEGWILGQIYANNDKLSKRLKKVWKPQLFEREFYSEILDKKFTVTVTMRTLDLIDEAYGLDFYILKTPKEDLCSKFGMDL
KRGMLLRLARQDPQLHPEDPERRAAIYDKYKEFAIPEEEAEWVGLTLEEAIEKQRLLEEKDPVPLFKIYVAELIQQLQQQ
ALS
;
X
23 'polypeptide(L)'
;GLEEFFDDPKNWGQEKVKSGAAWTCQQLRNKSNEDLHKLWYVLLKERNMLLTLEQEAKRQRLPMPSPERLDKVVDSMDAL
DKVVQEREDALRLLQTGQERARPGAWRRDIFGRIIWHKFKQWVIPWHLNKRYNRKRFFALPYVDHFLRLEREKRARIKAR
KENLERKKAKILLKKF
;
Y
24 'polypeptide(L)'
;KFTRSRIPEKVFQASPEDHEKYGGDPQNPHKLHIVTRIKSTRRRPYWEKDIIKMLGLEKAHTPQVHKNIPSVNAKLKVVK
HLIRIKPLKLPQGLPAEENMSNTCLKSTGELVVQWHLKPV
;
Z
25 'polypeptide(L)'
;AAPKNRRTIEVNRCRRRNPQKLIKVKNNIDVCPECGHLKQKHVLCAYCYEKVCKETAEIRRQIGKQEGGPFKAPTIETVV
LYTGETPSEQDQGKRIIERDRKRPSWFT
;
0
26 'polypeptide(L)' KNILVRMVSEAGTGFCFNTKRNRLREKLTLLHYDPVVKQRVLFVEKKKIRSL 1
27 'polypeptide(L)' KARGNEYQPSNIKRKNKHGWVRRLSTPAGVQVILRRMLKGRKSLSH 2
28 'polypeptide(L)'
;LTYFSARKGKRKTVKAVIDRFLRLHCGLWVRRKAGYKKKLWKKTPARKKRLREFVFCNKTQSKLLDKMTTSFWKRRNWYV
DDPYQKYHDRTNLKV
;
3
29 'polypeptide(L)' KNKTVLKKRCKDCYLVKRRGRWYVYCKTHPRHKQRQ 4
30 'polypeptide(L)'
;YEWGVRSTRKSEPPPLDRVYEIPGLEPITFAGKMHFVPWLARPIFPPWDRGYKDPRFYRSPPLHEHPLYKDQACYIFHHR
CRLLEGVKQALWLTKTKLIEGLPEKVLSLVDDPRNHIENQDECVLNVISHARLWQTTEEIPKRETYCPVIVDNLIQLCKS
QILKHPSLARRICVQNSTFSATWNRESLLLQVRGSGGARLSTKDPLPTIASREEIEATKNHVLETFYPISPIIDLHECNI
YDVKNDTGFQEGYPYPYPHTLYLLDKANLRPHRLQPDQLRAKMILFAFGSALAQARLLYGNDAKVLEQPVVVQSVGTDGR
VFHFLVFQLNTTDLDCNEGVKNLAWVDSDQLLYQHFWCLPVIKKRVVVEPVGPVGFKPETFRKFLALYLHGA
;
5
31 'polypeptide(L)'
;RRTPPLGPMPNSDIDLSNLERLEKYRSFDRYRRRAEQEAQAPHWWRTYREYFGEKTDPKEKIDIGLPPPKVSRTQQLLER
KQAIQELRANVEEERAARLRTASVPLDAVRAEWERTCGPYHKQRLAEYYGLYRDLFHGATFVPRVPLHVAYAVGEDDLMP
VYCGNEVTPTEAAQAPEVTYEAEEGSLWTLLLTSLDGHLLEPDAEYLHWLLTNIPGNRVAEGQVTCPYLPPFPARGSGIH
RLAFLLFKQDQPIDFSEDARPSPCYQLAQRTFRTFDFYKKHQETMTPAGLSFFQCRWDDSVTYIFHQLLDMREPVFEFVR
PPPYHPKQKRFPHRQPLRYLDRYRDSHEPTYGIY
;
6
32 'polypeptide(L)'
;SPTELTEMRNDLFNKEKARQLSLTPRTEKIEVKHVGKTDPGTVFVMNKNISTPYSCAMHLSEWYCRKSILALVDGQPWDM
YKPLTKSCEIKFLTFKDCDPGEVNKAYWRSCAMMMGCVIERAFKDEYMVNLVRAPEVPVISGAFCYDVVLDSKLDEWMPT
KENLRSFTKDAHALIYKDLPFETLEVEAKVALEIFQHSKYKVDFIEEKASQNPERIVKLHRIGDFIDVSEGPLIPRTSIC
FQYEVSAVHNLQPTQPSLIRRFQGVSLPVHLRAHFTIWDKLLERSRK
;
7
33 'polypeptide(L)'
;IPIEDFITPLKFLDKARERPQVELTFEETERRALLLKKWSLYKQQERKMERDTIRAMLEAQQEALEELQLESPKLHAEAI
KRDPNLFPFEKEGPHYTPP
;
8
34 'polypeptide(L)'
;ADRMSKWTSKRGPRSFRGRKGRGAKGIGFLTSGWRFVQIKEMVPEFVVPDLTGFKLKPYVSYLAPESEETPLTAAQLFSE
AVAPAIEKDFKDGTFDPDNLEKYGFEPTQEGKLFQLYPRNFLR
;
9
35 'polypeptide(L)'
;TYSPLPDDYNCNVELALTSDGRTIVCYHPSVDIPYEHTKPIPRPDPVHNNEETHDQVLKTRLEEKVEHLEEGPMIEQLSK
MFFTTKHRWYPHGRYHRCRKNLNPPKDR
;
a
36 'polypeptide(L)'
;TARGTPSRFLASVLHNGLGRYVQQLQRLSFSVSRDGASSRGAREFVEREVIDFARRNPGVVIYVNSRPCCVPRVVAEYLN
GAVREESIHCKSVEEISTLVQKLADQSGLDVIRIRKPFHTDNPSIQGQWHPFTNKPTTFRGLRPREVQ
;
b
37 'polypeptide(L)'
;VKKGFRAAFRFQKELERQRLLRCPPPPVRRSEKPNWDYHAEIQAFGHRLQENFSLDLLKTAFVNSCYIKSEEAKRQQLGI
EKEAVLLNLKSNQELSEQGTSFSQTCLTQFLEDEYPDMPTEGIKNLVDFLTGEEVVCHVARNLAVEQLTLSEEFPVPPAV
LQQTFFAVIGALLQSSGPERTALFIRDFLITQMTGKELFEMWKIINPMGLLVEELKKRNVSAPESRLTRQSGGTTALPLY
FVGLYCDKKLIAEGPGETVLVAEEEAARVALRKLYGFTENRRPWNY
;
c
38 'polypeptide(L)'
;ASQVSIRRIKDYDANFKIKDFPEKAKDIFIEAHLCLNNSDHDRLHTLVTEHCFPDMTWDIKYKTVRWSFVESLEPSHVVQ
VRCSSMMNQGNVYGQITVRMHTRQTLAIYDRFGRLMYGQEDVPKDVLEYVVFEKQLTNPYGSWRMHTKIVPPWAPPKQPI
LKTVMIPGPQL
;
d
39 'polypeptide(L)'
;SPWRLLGALCLQRPPVVSKPLTPLQEEMASLLQQIEIERSLYSDHELRALDENQRLAKKKADLHDEEDEQDILLAQDLED
MWEQKFLQFKLGARITEADEKNDRTSLNRKLDRNLVLLVREKFGDQDVWILPQAEWQPGETLRGTAERTLATLSENNMEA
KFLGNAPCGHYTFKFPQAMRTESNLGAKVFFFKALLLTGDFSQAGNKGHHVWVTKDELGDYLKPKYLAQVRRFVSDL
;
e
40 'polypeptide(L)'
;YKTKPTHGIGKYKHLIKAEEPKKKKGKVEVRAINLGTDYEYGVLNIHLTAYDMTLAESYAQYVHNLCNSLSIKVEESYAM
PTKTIEVLQLQDQGSKMLLDSVLTTHERVVQISGLSATFAEIFLEIIQSSLPEGVRLSVKEHTEED
;
f
41 'polypeptide(L)'
;FVESVDEYQFVERLLPATRIPDPPKHEHYPTPSGWQPPRDPPPNLPYFVRRSRMHNIPVYKDITHGNRQMTVIRKVEGDI
WALQKDVEDFLSPLLGKTPVTQVNEVTGTLRIKGYFDQELKAWLLEKGF
;
g
42 'polypeptide(L)'
;RSRAYTPPEDLQSRLESYVKEVFGSSLPSNWQDISLEDSRLKFNLLAHLADDLGHVVPNSRLHQMCRVRDVLDFYNVPIQ
DRSKFDELSASNLPPNLKITWSY
;
h
43 'polypeptide(L)'
;IGIRLTLPPPKVVDRWNEKRAMFGVYDNIGILGNFEKHPKELIRGPIWLRGWKGNELQRCIRKRKMVGSRMFADDLHNLN
KRIRYLYKHFNRHGKFR
;
i
44 'polypeptide(L)'
;GGQWRLQQGLAANPSGYGPLTELPDWSYADGRPAPPMKGQLRRKAERETFARRVVLLSQEMDAGLQAWQLRQQKLQEEQR
KQENA
;
j
45 'polypeptide(L)'
;VKQVRVQFCPFEKNVESTRTFLQTVSSEKVRSTNLNCSVIADVRHDGSEPCVDVLFGDGHRLIMRGAHLTALEMLTAFAS
HIRA
;
k
46 'polypeptide(L)' SREYWRRLRKQNIWRHNRLSKNK l
47 'polypeptide(L)' DSSRASLTRVHRQAYARLYPVLLVKQDGSTIHIRYREPRRMLAMP m
48 'polypeptide(L)'
;RGRIPGRQWIGKHRRPRFVSLRAKQNMIRRLEIEAENHYWLSMPYMTREQERGHAAVRRREAFEAIKAAATSKFPPHRFI
ADQLDHLNVTKKWS
;
o
49 'polypeptide(L)'
;EFKSIYSLDKLYPESQGSDTAWRVPNGAKQADSDIPLDRLTISYCRSSGPGGQNVNKVNSKAEVRFHLATAEWIAEPVRQ
KIAITHKNKINRLGELILTSESSRYQFRNLADCLQKIRDMITEASQTPKEPTKEDVKLHRIRIENMNRERLRQKRI
;
p
50 'polypeptide(L)'
;YRARPPPRRRPGPRWPDPEDLLTPRWQLGPRYAAKQFARYGAASGVVPGSLWPSPEQLRELEAEEREWYPSLATMQESLR
VKQLAEEQKRREREQHIAECMAKMPQMIVNWQQQQRENWEKAQADKER
;
q
51 'polypeptide(L)'
;FREVVETQEGKTTIIEGRITATPKESPNPPNPSGQCPICRWNLKHKYNYDDVLLLSQFIRPHGGMLPRKITGLCQEEHRK
IEECVKMAHRAGLLPNHRPRLPEGVVPKSKPQLNRYLTRWAPGSVKPIYKKGPRWNRVRMPVGSPLLRDNVCYSRTPWKL
YH
;
r
52 'polypeptide(L)'
;VARYPPIVASMTADSKAARLRRIERWQATVHAAESVDEKLRILTKMQFMKYMVYPQTFALNADRWYQYFTKTVFLSGLPP
PPAEPEPEPEPEPEPALDLAALRAVACDCLLQEHFYLRRRRRVHRYEESEVISLPFLDQLVSTLVGLLSPHNPALAAAAL
DYRCPVHFYWVRGEEIIPRGHRRGRIDDLRYQIDDKPNNQIRISKQLAEFVPLDYSVPIEIPTIKCKPDKLPLFKRQYEN
HIFVGSKTADPCCYGHTQFHLLPDKLRRERLLRQNCADQIEVVFRANAIASLFAWTGAQAMYQGFWSEADVTRPFVSQAV
ITDGKYFSFFCYQLNTLALTTQADQNNPRKNICWGTQSKPLYETIEDNDVKGFNDDVLLQIVHFLLNRPK
;
s
53 'polypeptide(L)'
;(UNK)(UNK)(UNK)(UNK)(UNK)(UNK)(UNK)(UNK)(UNK)(UNK)(UNK)(UNK)(UNK)(UNK)(UNK)(UNK)
(UNK)(UNK)(UNK)(UNK)(UNK)(UNK)(UNK)(UNK)(UNK)(UNK)(UNK)(UNK)
;
t
54 'polyribonucleotide' CA u
55 'polypeptide(L)'
;KAKAKGKGQSQTRVNINAALVEDIINLEEVNEEMKSVIEALKDNFNKTLNIRTSPGSLDKIAVVTADGKLALNQISQISM
KSPQLILVNMASFPECTAAAIKAIRESGMNLNPEVEGTLIRVPIPQVTREHREMLVKLAKQNTNKAKDSLRKVRTNSMNK
LKKSKDTVSEDTIRLIEKQISQMADDTVAELDRHLAVKTKELLG
;
z
56 'polyribonucleotide'
;AUAGGUUUGGUCCUAGCCUUUCUAUUAGCUCUUAGUAAGAUUACACAUGCAAGCAUCCCCGUUCCAGUGAGUUCACCCUC
UAAAUCGAUCAAAAGGAACAAGCAUCAAGCACGCAGCAAUGCAGCUCAAAACGCUUAGCCUAGCCACACCCCCACGGGAA
ACAGCAGUGAUUAACCUUUAGCAAUAAACGAAAGUUUAACUAAGCUAUACUAACCCCAGGGUUGGUCAAUUUCGUGCCAG
CCACCGCGGUCACACGAUUAACCCAAGUCAAUAGACCGGCGUAAAGAGUGUUUUAGAUCACAAUAAAGCUAAAACUCACC
UGAGUUGUAAAAAACUCCAGUUGACACAAAAUAGACUACGAAAGUGGCUUUAACAUAUCUGAACACACAAUAGCUAAGAC
CCAAACUGGGAUUAGAUACCCCACUAUGCUUAGCCCUAAACCUCAACAGUUCAACAAAACUGCUCGCCAGAACACUACGA
GCCACAGCUUAAAACUCAAAGGACCUGGCGGUGCUUCAUAUCCCUCUAGAGGAGCCUGUUCUGUAAUCGAUAAACCCCGA
UCAACCUCACCACCUCUUGCUCAGCCUAUAUACCGCCAUCUUCAGCAAACCCUGAUGAAGGCUACAAAGUAAGCGCAAGU
ACCCACGUAAAGACGUUAGGUCAAGGUGUAGCCCAUGAGGUGGCAAGAAAUGGGCUACAUUUUCUACCCCAGAAACGAUA
GCCCUUAUGAAAUAAGGGUCGAAGGUGGAUUUAGCAGUAAACUAAGAGUAGAGUGCUUAGUUGAACAGGGCCCUGAAGCG
CGUACACACCGCCCGUCACCCUCCUCAAGUAUACUUCAAAGGACUUAACUAAAACCCCUACGCAUUUAUAUAGAGGAGAC
GUCGUAACAUGGUAAGUGUACUGGAAAGUGCACUUGGACGAAC
;
AA
57 'polypeptide(L)'
;FNDKILNEPLKHSDFFNVKELFSVRSLFDARVHLGHKAGCRHRFMEPYIFGSRLDHDIIDLEQTATHLQLALNFTAHMAY
RKGIILFISRNRQFSYLIENMARDCGEYAHTRYFRGGMLTNARLLFGPTVRLPDLIIFLHTLNNIFEPHVAVRDAAKMNI
PTVGIVDTNCNPCLITYPVPGNDDSPLAVHLYCRLFQTAITRAKEKRQQVEALYRLQ
;
AB
58 'polypeptide(L)'
;KNRAARVRVSKGDKPVTYEEAHAPHYIAHRKGWLSLHTGNLDGEDHAAERTVEDVFLRKFMWGTFPGCLADQLVLKRRGN
QLEICAVVLRQLSPHKYYFLVGYSETLLSYFYKCPVRLHLQTVPSKVVYKYL
;
AC
59 'polypeptide(L)'
;SFFTKLTADELWKGALAETGAGAKKGRGKRTKKKKRKDLNRGQIIGEGRYGFLWPGLNVPLMKNGAVQTIAQRSKEEQEK
VEADMIQQREEWDRKKKMKVKRERGWSGNSWGGISLGPPDPGPCGETYEDFDTRILEVRNVFTMTAKEGRKKSIRVLVAV
GNGKGAAGFSIGKATDRMDAFRKAKNRAVHHLHYIERYEDHTIFHDISLRFKRTHIKMKKQPKGYGLRCHRAIITICRLI
GIKDMYAKVSGSINMLSLTQGLFRGLSRQETHQQLADKKGLHVVEIREECGPLPIVVASPRGPLRKDPEPEDEVPDVKLD
WEDVKTAQGMKRSVWSNLKRAAT
;
AD
60 'polypeptide(L)'
;PRYELALILKAMQRPETAATLKRTIEALMDRGAIVRDLENLGERALPYRISAHSQQHNRGGYFLVDFYAPTAAVESMVEH
LSRDIDVIRGNIVKHPLTQELKECEGIVPVPLAEKLYSTKKR
;
AE
61 'polypeptide(L)'
;SRYSPEFKDPLIDKEYYRKPVEELTEEEKYVRELKKTQLIKAAPAGKTSSVFEDPVISKFTNMMMIGGNKVLARSLMIQT
LEAVKRKQFEKYHAASAEEQATIERNPYTIFHQALKNCEPMIGLVPILKGGRFYQVPVPLPDRRRRFLAMKWMITECRDK
KHQRTLMPEKLSHKLLEAFHNQGPVIKRKHDLHKMAEANRALAHYRWW
;
AF
62 'polypeptide(L)'
;EDFIKKQIEEFNIGKRHLANMMGEDPETFTQEDIDRAIAYLFPSGLFEKRARPVMKHPEQIFPRQRAIQWGEDGRPFHYL
FYTGKQSYYSLMHDVYGMLLNLEKHQSHLQAKSLLPEKTVTRDVIGSRWLIKEELEEMLVEKLSDLDYMQFIRLLEKLLT
SQCGAAEEEFVQRFRRSVTLESKKQLIEPVQYDEQGMAFSKSEGKRKTAKAEAIVYKHGSGRIKVNGIDYQLYFPITQDR
EQLMFPFHFVDRLGKHDVTCTVSGGGRSAQAGAIRLAMAKALCSFVTEDEVEWMRQAGLLTTDPRVRERKKPGQEGARRK
FTWKKR
;
AG
63 'polypeptide(L)'
;PVVTISDEPDILYKRLSVLVKGHDKAVLDSYEYFAVLAAKELGISIKVHEPPRKIERFTLLQSVHIYKKHRVQYEMRTLY
RCLELEHLTGSTADVYLEYIQRNLPEGVAMEVTKTQLEQLPE
;
AH
64 'polypeptide(L)'
;KFSIYPPIPGEESSLRWAGKKFEEIPIAHIKASHNNTQIQVVSASNEPLAFASCGTEGFRNAKKGTGIAAQTAGIAAAAR
AKQKGVIHIRVVVKGLGPGRLSAMHGLIMGGLEVISITDNTPIPHNGCRPRKARKL
;
AI
65 'polypeptide(L)'
;ATLNQMHRLGPPKRPPRKLGPTEGRPQLKGVVLCTFTRKPKKPNSANRKCCRVRLSTGREAVCFIPGEGHTLQEHQIVLV
EGGRTQDLPGVKLTVVRGKYDCGHVQKK
;
AJ
66 'polypeptide(L)'
;HYVDWRMWRDVKRRKMAYEYADERLRINSLRKNTILPKILQDVADEEIAALPRDSCPVRIRNRCVMTSRPRGVKRRWRLS
RIVFRHLADHGQLSGIQRATW
;
AK
67 'polypeptide(L)'
;DPPPSTLLKDYQNVPGIEKVDDVVKRLLSLEMANKKEMLKIKQEQFMKKIVANPEDTRSLEARIIALSVKIRSYEEHLEK
HRKDKAHKRYLLMSIDQRKKMLKNLRNTNYDVFEKICWGLGIEYTFPPLYYRRAHRRFVTKKALCIRVFQETQKLKKRRR
ALKA
;
AL
68 'polypeptide(L)'
;KAYRGGHLTIRLALGGCTNRPFYRIVAAHNKCPRDGRFVEQLGSYDPLPNSHGEKLVALNLDRIRHWIGCGAHLSKPMEK
LLGLAGFFPLHPMMITNAERLRRKRAREVLLASQKT
;
AM
69 'polypeptide(L)'
;RSSVHARWIVGKVIGTKMQKTAKVRVTRLVLDPYLLKYFNKRKTYFAHDALQQCTVGDIVLLRALPVPRAKHVKHELAEI
VFKVGKVIDPVTGKPCAGTTYLESPLS
;
AN
70 'polypeptide(L)'
;KDEPWKYLESEEYQERYGSRPVWADYRRNHKGGVPPQRTRKTCIRRNKVVGNPCPICRDHKLHVDFRNVKLLEQFVCAHT
GIIFYAPYTGVCVKQHKRLTQAIQKARDHGLLIYHIPQVEPRDLDFSTSHGAVSATPPAPTLVSGDPWYPWYNWKQPPER
ELSRLRRLYQGHLQEESGPPPESMP
;
AO
71 'polypeptide(L)'
;NEDLPISMENPYKEPLKKCILCGKHVDYKNVQLLSQFVSPFTGCIYGRHITGLCGKKQKEITKAIKRAQIMGFMPVTYKD
PAYLKDPKVCNIRYRE
;
AP
72 'polypeptide(L)'
;AKHLKFIARTVMVQEGNVESAYRTLNRILTMDGLIEDIKHRRYYEKPCCRRQRESYERCRRIYNMEMARKINFLMRKNRA
DPWQGC
;
AQ
73 'polypeptide(L)'
;KPTFMDEEVQSILTKMTGLNLQKTFKPAIQELKPPTYKLMTQAQLEEATRQAVEAAKVRLKMPPVLEERVPINDVLAEDK
ILEGTETTKYVFTDISYSIPHRERFIVVREPSGTLRKASWEERDRMIQVYFPKEGRKILTPIIFKEENLRTMYSQDRHVD
VLNLCFAQFEPDSTEYIKVHHKTYEDIDKRGKYDLLRSTRYFGGMVWYFVNNKKIDGLLIDQIQRDLIDDATNLVQLYHV
LH
;
AR
74 'polypeptide(L)'
;AGSRLETVGSIFSRTRDLVRAGVLKEKPLWFDVYDAFPPLREPVFQRPRVRYGKAKAPIQDIWYHEDRIRAKFYSVYGSG
QRAFDLFNPNFKSTCQRFVEKYTELQKLGETDEEKLFVETGKALLA
;
AS
75 'polypeptide(L)'
;PMKGRFPIRRTLQYLSQGNVVFKDSVKVMTVNYNTHGELGEGARKFVFFNIPQIQYKNPWVQIMMFKNMTPSPFLRFYLD
SGEQVLVDVETKSNKEIMEHIRKILGKNEETLREEEEEKKQLSHPANFGPRKYCLRECICEVEGQVPCPSLVPLPKEMRG
KY
;
AT
76 'polypeptide(L)'
;RKTRHDPLAKSKIERVNMPPAVDPAEFFVLMERYQHYRQTVRALRMEFVSEVQRKVHEARAGVLAERKALKDAAEHRELM
AWNQAENRRLHELRIARLRQEEREQEQRQALEQARKAEEVQAWAQRKEREVLQLQEEVKNFITRENLEARVEAALDSRKN
YNWAITREGLVVR
;
AU
77 'polypeptide(L)'
;DSHKWEAREKEHYCLADLASLMDKTFERKLPVSSLTISRLIDNISSREEIDHAEYYLYKFRHSPNCWYLRNWTIHTWIRQ
CLKYDAQDKALYTLVNKVQYGIFPDNFTFNLLMDSFIKKENYKDALSVVFEVMMQEAFEVPSTQLLSLYVLFHCLAKKTD
FSWEEERNFGASLLLPGLKQKNSVGFSSQLYGYALLGKVELQQGLRAVYHNMPLIWKPGYLDRALQVMEKVAASPEDIKL
CREALDVLGAVLKALTSADGASEEQSQNDEDNQGSEKLVEQLDIEETEQSKLPQYLERFKALHSKLQALGKIESEGLLSL
TTQLVKEKLSTCEAEDIATYEQNLQQWHLDLVQLIQREQQQREQA
;
AV
78 'polypeptide(L)'
;VESFASMLRHSPLTQMGPAKDKLVIGRIFHIVENDLYIDFGGKFHCVCRRPEVDGEKYQKGTRVRLRLLDLELTSRFLGA
TTDTTVLEANAVLLGIQ
;
AW
79 'polypeptide(L)'
;TNENDPAKHGDQHEGQHYNISPQDLETVFPHGLPPRFVMQVKTFSEACLMVRKPALELLHYLKNTSFAYPAIRYLLYGEK
GTGKTLSLCHVIHFCAKQDWLILHIPDAHLWVKNCRDLLQSSYNKQRFDQPLEASTWLKNFKTTNERFLNQIKVQEKYVW
NKRESTEKGSPLGEVVEQGITRVRNATDAVGIVLKELKRQSSLGMFHLLVAVDGINALWGRTTLKREDKSPIAPEELALV
HNLRKMMKNDWHGGAIVSALSQTGSLFKPRKAYLPQELLGKEGFDALDPFIPILVSNYNPKEFESCIQYYLENNWLQHEK
APTEEGKKELLFLSNANPSLLERHCAYL
;
AX
80 'polypeptide(L)'
;SLWDVEFAKQLATVNEQPLQNGFEELIQWTKEGKLWEFPINNEAGFDDDGSEFHEHIFLEKHLESFPKQGPIRHFMELVT
CGLSKNPYLSVKQKVEHIEWFRNYFNEK
;
AY
81 'polypeptide(L)'
;SEYAFRMSRLSARLFGEVTRPTNSKSMKVVKLFSELPLAKKKETYDWYPNHHTYAELMQTLRFLGLYRDEHQDFMDEQKR
LKKLRGK
;
AZ
82 'polypeptide(L)'
;VRPRLIAELARRVRALREQLNRPRDSQLYAVDYETLTRPFSGRRLPVRAWADVRRESRLLQLLGRLPLFGLGRLVTRKSW
LWQHDEPCYWRLTRVRPDYTAQNLDHGKAWGILTFKGKTESEAREIEHVMYHDWRLVPKHEEEAFTAFTPAPEDSLASVP
YPPLLRAMIIAERQKNGDTSTEEPMLNVQRIRMEPWDYPAKQEDKGRA
;
A0
83 'polypeptide(L)'
;ALPPRTEKMAVDQDWPSVYPVAAPFKPSAVPLPVRMGYPVKKGVPMAKEGNLELLKIPNFLHLTPVAIKKHCEALKDFCT
EWPAALDSDEKCEKHFPIEIDSTDYVSSGPSVRNPRARVVVLRVKLSSLNLDDHAKKKLIKLVGERYCKTTDVLTIKTDR
CPLRRQNYDYAVYLLTVLYHESWNTEEWEKSKTEADMEEYIWENSSSERNILETLLQMKAAEKNMEINKEELLGTKEIEE
YKKSVVSLKNEEENENSISQYKESVKRLLNVT
;
A1
84 'polypeptide(L)'
;ATPSLRGRLARFGNPRKPVLKPNKPLILANRVGERRREKGEATCITEMSVMMACWKQNEFRDDACRKEIQGFLDCAARAQ
EARKMRSIQETLGESGSLLPNKLNKLLQRFPNKPYL
;
A2
85 'polypeptide(L)' KNVLKIRRRKMNHHKYRKLVKKTRFLRRKVQEGRLRRKQIKFEKDLRRIWLKAGLKEAPEGWQTPKIYL A3
86 'polypeptide(L)'
;EVVIPKKKTWDKVAVLQALASTVNRDTTAVPYVFQDDPYLMPASSLESRSFLLAKKSGENVAKFIINSYPKYFQKDIAEP
HIPCLMPE(UNK)(UNK)(UNK)(UNK)(UNK)(UNK)(UNK)(UNK)(UNK)(UNK)(UNK)(UNK)(UNK)(UNK)
(UNK)(UNK)(UNK)(UNK)(UNK)(UNK)(UNK)(UNK)(UNK)(UNK)(UNK)(UNK)(UNK)(UNK)(UNK)(UNK)
(UNK)(UNK)(UNK)(UNK)(UNK)(UNK)(UNK)(UNK)(UNK)(UNK)(UNK)(UNK)(UNK)(UNK)(UNK)(UNK)
(UNK)(UNK)(UNK)(UNK)(UNK)(UNK)(UNK)(UNK)(UNK)(UNK)(UNK)(UNK)(UNK)(UNK)(UNK)(UNK)
(UNK)(UNK)(UNK)(UNK)(UNK)(UNK)(UNK)(UNK)(UNK)(UNK)(UNK)(UNK)(UNK)(UNK)(UNK)(UNK)
(UNK)(UNK)(UNK)(UNK)(UNK)(UNK)(UNK)(UNK)(UNK)(UNK)(UNK)(UNK)(UNK)(UNK)(UNK)(UNK)
(UNK)(UNK)(UNK)(UNK)(UNK)(UNK)(UNK)(UNK)(UNK)(UNK)(UNK)(UNK)(UNK)(UNK)(UNK)(UNK)
(UNK)(UNK)(UNK)(UNK)(UNK)(UNK)(UNK)(UNK)(UNK)(UNK)(UNK)(UNK)(UNK)(UNK)(UNK)(UNK)
(UNK)(UNK)(UNK)(UNK)(UNK)(UNK)(UNK)SLATYHHIIRLFD(UNK)(UNK)(UNK)(UNK)(UNK)(UNK)
(UNK)(UNK)(UNK)(UNK)(UNK)(UNK)(UNK)(UNK)KFFQSAMSICSSLRDLELAYQVHGLLKTGDNWKFIGPDQH
RNFYYSKFFDLICLMEQIDVTLKWYEDLIPSAYFPHSQTMIHLLQALDVANRLEVIPKIWKDSKEYGHTFRSDLREEILM
LMARDKHPPELQVAFADCAADIKSAYESQPIRQTAQDWPATSLNCIAILFLRAGRTQEAWKMLGLFRKHNKIPRSELLNE
LMDSAKVSNSPSQAIEVVELASAFSL
;
A4
#
# COMPACT_ATOMS: atom_id res chain seq x y z
N ALA C 1 57.74 10.40 -11.74
CA ALA C 1 58.14 9.86 -13.03
C ALA C 1 58.60 10.97 -13.96
N ASN C 2 59.07 10.59 -15.15
CA ASN C 2 59.55 11.55 -16.12
C ASN C 2 58.41 12.46 -16.58
N PHE C 3 58.44 13.72 -16.16
CA PHE C 3 57.41 14.68 -16.54
C PHE C 3 58.03 16.08 -16.51
N VAL C 4 58.42 16.57 -17.68
CA VAL C 4 59.03 17.89 -17.81
C VAL C 4 57.96 18.83 -18.36
N SER C 5 57.54 19.79 -17.54
CA SER C 5 56.52 20.74 -17.96
C SER C 5 57.01 21.57 -19.14
N TRP C 6 56.09 21.85 -20.07
CA TRP C 6 56.45 22.64 -21.25
C TRP C 6 56.85 24.07 -20.88
N LYS C 7 56.43 24.55 -19.71
CA LYS C 7 56.78 25.89 -19.28
C LYS C 7 58.29 26.05 -19.13
N SER C 8 58.97 26.32 -20.25
CA SER C 8 60.44 26.48 -20.22
C SER C 8 60.81 27.45 -21.35
N ARG C 9 60.83 28.73 -21.02
CA ARG C 9 61.21 29.77 -21.97
C ARG C 9 61.80 30.95 -21.21
N THR C 10 62.93 31.45 -21.69
CA THR C 10 63.64 32.55 -21.02
C THR C 10 63.22 33.89 -21.60
N LYS C 11 63.63 34.15 -22.84
CA LYS C 11 63.35 35.44 -23.47
C LYS C 11 61.91 35.48 -23.98
N TYR C 12 61.27 36.62 -23.80
CA TYR C 12 59.90 36.81 -24.28
C TYR C 12 59.86 36.67 -25.79
N THR C 13 58.80 36.03 -26.29
CA THR C 13 58.64 35.79 -27.72
C THR C 13 57.20 36.07 -28.11
N ILE C 14 56.99 36.31 -29.40
CA ILE C 14 55.68 36.65 -29.93
C ILE C 14 55.01 35.41 -30.51
N THR C 15 55.82 34.50 -31.05
CA THR C 15 55.26 33.32 -31.70
C THR C 15 54.49 32.48 -30.68
N PRO C 16 53.45 31.76 -31.11
CA PRO C 16 52.74 30.88 -30.18
C PRO C 16 53.63 29.72 -29.74
N VAL C 17 53.62 29.45 -28.44
CA VAL C 17 54.41 28.38 -27.86
C VAL C 17 53.59 27.11 -27.86
N LYS C 18 54.21 25.99 -28.28
CA LYS C 18 53.53 24.71 -28.31
C LYS C 18 53.12 24.28 -26.91
N MET C 19 51.82 24.35 -26.62
CA MET C 19 51.32 23.98 -25.31
C MET C 19 51.12 22.47 -25.23
N ARG C 20 51.54 21.89 -24.10
CA ARG C 20 51.39 20.46 -23.83
C ARG C 20 50.32 20.29 -22.77
N LYS C 21 49.22 19.62 -23.13
CA LYS C 21 48.13 19.40 -22.20
C LYS C 21 48.62 18.66 -20.96
N SER C 22 48.05 19.00 -19.82
CA SER C 22 48.42 18.38 -18.55
C SER C 22 47.51 17.21 -18.21
N GLY C 23 46.22 17.47 -18.04
CA GLY C 23 45.27 16.43 -17.71
C GLY C 23 45.07 16.19 -16.24
N GLY C 24 45.34 17.17 -15.39
CA GLY C 24 45.17 17.00 -13.96
C GLY C 24 46.18 16.07 -13.31
N ARG C 25 47.30 15.81 -13.98
CA ARG C 25 48.33 14.93 -13.45
C ARG C 25 49.49 15.76 -12.88
N ASP C 26 50.15 15.19 -11.87
CA ASP C 26 51.29 15.83 -11.23
C ASP C 26 52.59 15.26 -11.82
N HIS C 27 53.71 15.60 -11.18
CA HIS C 27 55.00 15.10 -11.64
C HIS C 27 55.16 13.60 -11.41
N THR C 28 54.37 13.02 -10.51
CA THR C 28 54.47 11.59 -10.24
C THR C 28 53.65 10.78 -11.25
N GLY C 29 52.43 11.23 -11.55
CA GLY C 29 51.58 10.53 -12.51
C GLY C 29 50.16 10.34 -12.02
N ARG C 30 49.93 10.59 -10.73
CA ARG C 30 48.60 10.43 -10.16
C ARG C 30 47.74 11.65 -10.46
N ILE C 31 46.43 11.44 -10.47
CA ILE C 31 45.47 12.51 -10.75
C ILE C 31 45.27 13.33 -9.48
N ARG C 32 45.30 14.66 -9.62
CA ARG C 32 45.04 15.57 -8.52
C ARG C 32 43.85 16.48 -8.75
N VAL C 33 43.31 16.52 -9.98
CA VAL C 33 42.15 17.35 -10.30
C VAL C 33 41.26 16.54 -11.24
N HIS C 34 40.02 16.29 -10.82
CA HIS C 34 39.07 15.53 -11.62
C HIS C 34 38.33 16.46 -12.57
N GLY C 35 38.21 16.04 -13.82
CA GLY C 35 37.52 16.81 -14.83
C GLY C 35 38.41 17.59 -15.77
N ILE C 36 39.67 17.19 -15.93
CA ILE C 36 40.60 17.86 -16.82
C ILE C 36 41.32 16.81 -17.66
N GLY C 37 41.51 17.12 -18.94
CA GLY C 37 42.18 16.21 -19.85
C GLY C 37 41.31 15.83 -21.04
N GLY C 38 41.92 15.74 -22.22
CA GLY C 38 41.20 15.38 -23.42
C GLY C 38 40.46 16.55 -24.04
N GLY C 39 41.12 17.25 -24.95
CA GLY C 39 40.52 18.39 -25.61
C GLY C 39 41.19 18.68 -26.93
N HIS C 40 41.02 19.91 -27.38
CA HIS C 40 41.60 20.35 -28.65
C HIS C 40 42.99 20.93 -28.42
N LYS C 41 43.88 20.70 -29.37
CA LYS C 41 45.24 21.21 -29.27
C LYS C 41 45.23 22.73 -29.26
N GLN C 42 46.16 23.32 -28.51
CA GLN C 42 46.28 24.76 -28.39
C GLN C 42 47.74 25.15 -28.36
N ARG C 43 48.00 26.41 -28.69
CA ARG C 43 49.35 26.97 -28.69
C ARG C 43 49.37 28.17 -27.76
N TYR C 44 50.17 28.11 -26.70
CA TYR C 44 50.22 29.18 -25.72
C TYR C 44 50.76 30.45 -26.35
N ARG C 45 50.25 31.59 -25.88
CA ARG C 45 50.69 32.90 -26.33
C ARG C 45 51.30 33.63 -25.13
N MET C 46 52.59 33.95 -25.23
CA MET C 46 53.28 34.65 -24.14
C MET C 46 52.72 36.06 -23.99
N ILE C 47 52.10 36.32 -22.83
CA ILE C 47 51.51 37.62 -22.55
C ILE C 47 52.40 38.36 -21.57
N ASP C 48 52.43 39.69 -21.69
CA ASP C 48 53.20 40.55 -20.80
C ASP C 48 52.22 41.32 -19.93
N PHE C 49 51.99 40.81 -18.72
CA PHE C 49 51.03 41.46 -17.82
C PHE C 49 51.52 42.82 -17.36
N LEU C 50 52.81 42.92 -17.03
CA LEU C 50 53.38 44.20 -16.60
C LEU C 50 53.26 45.24 -17.71
N ARG C 51 52.25 46.10 -17.61
CA ARG C 51 52.01 47.08 -18.66
C ARG C 51 53.19 48.05 -18.78
N PHE C 52 53.46 48.81 -17.71
CA PHE C 52 54.55 49.78 -17.73
C PHE C 52 55.88 49.06 -17.55
N ARG C 53 56.76 49.18 -18.53
CA ARG C 53 58.08 48.58 -18.48
C ARG C 53 58.98 49.23 -19.51
N PRO C 54 59.83 50.19 -19.11
CA PRO C 54 60.67 50.87 -20.10
C PRO C 54 61.64 49.89 -20.76
N GLU C 55 61.72 49.97 -22.09
CA GLU C 55 62.59 49.09 -22.85
C GLU C 55 64.05 49.44 -22.57
N GLU C 56 64.95 48.88 -23.37
CA GLU C 56 66.37 49.15 -23.19
C GLU C 56 66.67 50.63 -23.39
N THR C 57 67.69 51.11 -22.67
CA THR C 57 68.12 52.51 -22.70
C THR C 57 66.93 53.46 -22.74
N LYS C 58 65.94 53.17 -21.91
CA LYS C 58 64.75 54.00 -21.80
C LYS C 58 64.27 54.01 -20.36
N SER C 59 63.46 55.01 -20.02
CA SER C 59 62.93 55.14 -18.67
C SER C 59 61.69 56.01 -18.66
N GLY C 60 61.73 57.15 -19.34
CA GLY C 60 60.61 58.06 -19.37
C GLY C 60 59.38 57.43 -19.99
N PRO C 61 58.25 58.15 -19.94
CA PRO C 61 57.02 57.61 -20.53
C PRO C 61 57.18 57.31 -22.00
N PHE C 62 56.48 56.28 -22.46
CA PHE C 62 56.52 55.85 -23.85
C PHE C 62 55.10 55.67 -24.36
N GLU C 63 54.95 55.71 -25.69
CA GLU C 63 53.68 55.56 -26.36
C GLU C 63 53.67 54.27 -27.16
N GLU C 64 52.46 53.73 -27.36
CA GLU C 64 52.28 52.48 -28.11
C GLU C 64 51.08 52.65 -29.03
N LYS C 65 50.86 51.62 -29.85
CA LYS C 65 49.76 51.64 -30.83
C LYS C 65 49.27 50.22 -31.03
N VAL C 66 47.95 50.06 -31.10
CA VAL C 66 47.35 48.75 -31.34
C VAL C 66 47.35 48.45 -32.84
N ILE C 67 47.61 47.20 -33.19
CA ILE C 67 47.69 46.77 -34.58
C ILE C 67 46.58 45.78 -34.91
N GLN C 68 46.34 44.80 -34.04
CA GLN C 68 45.33 43.78 -34.29
C GLN C 68 44.79 43.28 -32.96
N VAL C 69 43.56 42.77 -32.99
CA VAL C 69 42.89 42.21 -31.82
C VAL C 69 42.51 40.79 -32.16
N ARG C 70 43.14 39.83 -31.49
CA ARG C 70 42.91 38.41 -31.72
C ARG C 70 42.29 37.76 -30.49
N TYR C 71 42.00 36.48 -30.59
CA TYR C 71 41.40 35.71 -29.52
C TYR C 71 42.46 34.84 -28.85
N ASP C 72 42.28 34.63 -27.54
CA ASP C 72 43.20 33.83 -26.74
C ASP C 72 42.50 32.56 -26.29
N PRO C 73 42.97 31.37 -26.69
CA PRO C 73 42.31 30.14 -26.24
C PRO C 73 42.66 29.74 -24.82
N CYS C 74 43.79 30.20 -24.29
CA CYS C 74 44.19 29.84 -22.93
C CYS C 74 43.18 30.39 -21.91
N ARG C 75 42.96 31.70 -21.95
CA ARG C 75 42.03 32.37 -21.05
C ARG C 75 40.76 32.74 -21.79
N SER C 76 39.77 33.23 -21.03
CA SER C 76 38.51 33.63 -21.61
C SER C 76 38.53 35.06 -22.14
N ALA C 77 39.52 35.85 -21.77
CA ALA C 77 39.62 37.24 -22.22
C ALA C 77 40.52 37.31 -23.44
N ASP C 78 40.00 37.90 -24.51
CA ASP C 78 40.77 38.05 -25.74
C ASP C 78 41.96 38.96 -25.51
N ILE C 79 42.95 38.84 -26.39
CA ILE C 79 44.17 39.63 -26.31
C ILE C 79 44.30 40.49 -27.56
N ALA C 80 45.38 41.27 -27.64
CA ALA C 80 45.60 42.14 -28.79
C ALA C 80 47.04 42.63 -28.81
N LEU C 81 47.77 42.31 -29.88
CA LEU C 81 49.16 42.75 -30.00
C LEU C 81 49.22 44.27 -30.05
N VAL C 82 50.19 44.83 -29.34
CA VAL C 82 50.38 46.28 -29.26
C VAL C 82 51.87 46.55 -29.34
N ALA C 83 52.34 47.08 -30.46
CA ALA C 83 53.75 47.37 -30.66
C ALA C 83 54.06 48.79 -30.18
N GLY C 84 55.32 49.00 -29.80
CA GLY C 84 55.76 50.30 -29.32
C GLY C 84 57.26 50.44 -29.33
N GLY C 85 57.76 51.60 -29.77
CA GLY C 85 59.18 51.84 -29.82
C GLY C 85 59.89 50.93 -30.80
N SER C 86 60.75 50.05 -30.29
CA SER C 86 61.51 49.11 -31.11
C SER C 86 61.30 47.69 -30.61
N ARG C 87 60.07 47.34 -30.26
CA ARG C 87 59.74 46.02 -29.77
C ARG C 87 58.23 45.85 -29.78
N LYS C 88 57.78 44.62 -29.59
CA LYS C 88 56.37 44.28 -29.53
C LYS C 88 56.10 43.43 -28.31
N ARG C 89 54.82 43.25 -28.00
CA ARG C 89 54.42 42.47 -26.84
C ARG C 89 52.90 42.33 -26.84
N TRP C 90 52.42 41.30 -26.16
CA TRP C 90 50.99 41.05 -26.00
C TRP C 90 50.51 41.59 -24.66
N ILE C 91 49.28 42.11 -24.66
CA ILE C 91 48.66 42.63 -23.45
C ILE C 91 47.17 42.34 -23.50
N ILE C 92 46.52 42.42 -22.34
CA ILE C 92 45.08 42.17 -22.28
C ILE C 92 44.34 43.22 -23.09
N ALA C 93 43.36 42.77 -23.86
CA ALA C 93 42.57 43.67 -24.71
C ALA C 93 41.42 44.23 -23.90
N THR C 94 41.40 45.55 -23.73
CA THR C 94 40.33 46.21 -23.00
C THR C 94 39.13 46.44 -23.92
N GLU C 95 38.00 46.78 -23.30
CA GLU C 95 36.78 47.02 -24.06
C GLU C 95 36.95 48.24 -24.95
N ASN C 96 36.36 48.18 -26.16
CA ASN C 96 36.43 49.27 -27.12
C ASN C 96 37.89 49.58 -27.48
N MET C 97 38.71 48.54 -27.58
CA MET C 97 40.12 48.70 -27.93
C MET C 97 40.31 48.35 -29.40
N GLN C 98 39.87 49.28 -30.25
CA GLN C 98 39.97 49.10 -31.69
C GLN C 98 41.44 49.10 -32.12
N ALA C 99 41.68 48.59 -33.33
CA ALA C 99 43.02 48.54 -33.87
C ALA C 99 43.46 49.91 -34.39
N GLY C 100 44.77 50.08 -34.50
CA GLY C 100 45.31 51.34 -34.98
C GLY C 100 45.11 52.50 -34.04
N ASP C 101 44.89 52.24 -32.76
CA ASP C 101 44.67 53.29 -31.76
C ASP C 101 45.91 53.43 -30.89
N THR C 102 46.23 54.67 -30.52
CA THR C 102 47.39 54.96 -29.70
C THR C 102 47.01 54.86 -28.22
N ILE C 103 47.91 54.29 -27.43
CA ILE C 103 47.71 54.11 -26.00
C ILE C 103 48.91 54.66 -25.26
N LEU C 104 48.66 55.33 -24.14
CA LEU C 104 49.70 55.95 -23.33
C LEU C 104 50.06 55.05 -22.14
N ASN C 105 51.33 55.08 -21.76
CA ASN C 105 51.83 54.31 -20.61
C ASN C 105 52.70 55.25 -19.77
N SER C 106 52.05 56.09 -18.97
CA SER C 106 52.74 57.07 -18.15
C SER C 106 53.17 56.43 -16.83
N ASN C 107 53.61 57.25 -15.88
CA ASN C 107 54.06 56.76 -14.59
C ASN C 107 54.23 57.91 -13.60
N HIS C 108 54.69 59.07 -14.10
CA HIS C 108 54.88 60.24 -13.25
C HIS C 108 53.56 60.64 -12.58
N ILE C 109 53.46 60.41 -11.28
CA ILE C 109 52.24 60.74 -10.54
C ILE C 109 52.11 62.26 -10.48
N GLY C 110 51.14 62.81 -11.20
CA GLY C 110 50.91 64.24 -11.20
C GLY C 110 50.23 64.72 -9.94
N ARG C 111 50.27 66.05 -9.76
CA ARG C 111 49.66 66.65 -8.58
C ARG C 111 48.15 66.44 -8.59
N MET C 112 47.48 66.95 -9.62
CA MET C 112 46.03 66.81 -9.74
C MET C 112 45.69 65.53 -10.48
N ALA C 113 44.39 65.23 -10.54
CA ALA C 113 43.92 64.04 -11.22
C ALA C 113 44.21 64.13 -12.72
N VAL C 114 44.01 63.01 -13.40
CA VAL C 114 44.25 62.91 -14.84
C VAL C 114 43.08 62.17 -15.47
N ALA C 115 42.34 62.85 -16.35
CA ALA C 115 41.19 62.26 -17.01
C ALA C 115 41.70 61.20 -17.99
N ALA C 116 42.01 60.03 -17.45
CA ALA C 116 42.52 58.93 -18.26
C ALA C 116 41.44 58.40 -19.18
N ARG C 117 41.83 58.02 -20.39
CA ARG C 117 40.89 57.48 -21.37
C ARG C 117 40.56 56.03 -21.02
N GLU C 118 40.37 55.17 -22.01
CA GLU C 118 40.00 53.78 -21.78
C GLU C 118 41.16 52.81 -21.95
N GLY C 119 42.22 53.20 -22.67
CA GLY C 119 43.34 52.31 -22.92
C GLY C 119 44.60 52.70 -22.16
N ASP C 120 44.77 53.98 -21.90
CA ASP C 120 45.96 54.46 -21.21
C ASP C 120 46.06 53.84 -19.83
N ALA C 121 47.30 53.74 -19.32
CA ALA C 121 47.58 53.16 -18.02
C ALA C 121 48.37 54.17 -17.19
N HIS C 122 47.85 54.49 -16.00
CA HIS C 122 48.50 55.42 -15.09
C HIS C 122 48.45 54.84 -13.69
N PRO C 123 49.38 55.23 -12.81
CA PRO C 123 49.33 54.75 -11.43
C PRO C 123 48.09 55.25 -10.71
N LEU C 124 47.75 54.56 -9.62
CA LEU C 124 46.58 54.94 -8.84
C LEU C 124 46.69 56.36 -8.29
N GLY C 125 47.91 56.90 -8.16
CA GLY C 125 48.09 58.24 -7.67
C GLY C 125 47.68 59.34 -8.62
N ALA C 126 47.26 58.99 -9.84
CA ALA C 126 46.83 59.99 -10.83
C ALA C 126 45.49 59.61 -11.45
N LEU C 127 44.72 58.73 -10.80
CA LEU C 127 43.43 58.31 -11.32
C LEU C 127 42.31 58.96 -10.51
N PRO C 128 41.27 59.52 -11.15
CA PRO C 128 40.18 60.10 -10.38
C PRO C 128 39.49 59.05 -9.52
N VAL C 129 38.80 59.54 -8.48
CA VAL C 129 38.09 58.63 -7.57
C VAL C 129 36.83 58.12 -8.26
N GLY C 130 36.57 56.83 -8.09
CA GLY C 130 35.40 56.22 -8.70
C GLY C 130 35.55 55.91 -10.16
N THR C 131 36.69 55.36 -10.57
CA THR C 131 36.97 55.02 -11.96
C THR C 131 37.27 53.53 -12.05
N LEU C 132 36.63 52.86 -13.00
CA LEU C 132 36.85 51.43 -13.17
C LEU C 132 38.27 51.16 -13.67
N ILE C 133 38.89 50.12 -13.12
CA ILE C 133 40.26 49.75 -13.46
C ILE C 133 40.33 48.22 -13.56
N ASN C 134 41.45 47.74 -14.08
CA ASN C 134 41.68 46.31 -14.21
C ASN C 134 43.18 46.06 -14.23
N ASN C 135 43.55 44.79 -14.03
CA ASN C 135 44.96 44.40 -14.01
C ASN C 135 45.71 45.12 -12.90
N VAL C 136 45.16 45.07 -11.69
CA VAL C 136 45.75 45.73 -10.54
C VAL C 136 46.95 44.92 -10.06
N GLU C 137 48.01 45.62 -9.65
CA GLU C 137 49.22 44.99 -9.15
C GLU C 137 49.21 44.98 -7.62
N SER C 138 49.81 43.93 -7.07
CA SER C 138 49.88 43.79 -5.61
C SER C 138 50.95 44.68 -5.00
N GLU C 139 52.03 44.95 -5.74
CA GLU C 139 53.11 45.78 -5.25
C GLU C 139 53.75 46.47 -6.45
N PRO C 140 54.52 47.53 -6.21
CA PRO C 140 55.18 48.23 -7.33
C PRO C 140 56.08 47.27 -8.10
N GLY C 141 55.88 47.21 -9.41
CA GLY C 141 56.66 46.34 -10.26
C GLY C 141 56.32 44.87 -10.14
N ARG C 142 55.21 44.53 -9.49
CA ARG C 142 54.82 43.12 -9.33
C ARG C 142 54.20 42.58 -10.61
N GLY C 143 53.00 43.04 -10.94
CA GLY C 143 52.29 42.61 -12.13
C GLY C 143 50.84 42.30 -11.81
N ALA C 144 50.04 42.20 -12.87
CA ALA C 144 48.61 41.91 -12.72
C ALA C 144 48.41 40.56 -12.04
N GLN C 145 48.00 40.59 -10.77
CA GLN C 145 47.79 39.36 -10.00
C GLN C 145 46.34 39.18 -9.57
N TYR C 146 45.43 40.06 -9.98
CA TYR C 146 44.04 39.95 -9.57
C TYR C 146 43.12 40.10 -10.77
N ILE C 147 42.46 41.25 -10.91
CA ILE C 147 41.50 41.45 -11.98
C ILE C 147 42.18 41.22 -13.33
N ARG C 148 41.59 40.34 -14.15
CA ARG C 148 42.15 40.02 -15.45
C ARG C 148 41.16 39.27 -16.32
N ALA C 149 40.24 38.52 -15.71
CA ALA C 149 39.28 37.75 -16.47
C ALA C 149 38.43 38.66 -17.36
N ALA C 150 37.69 38.02 -18.27
CA ALA C 150 36.86 38.77 -19.21
C ALA C 150 35.67 39.39 -18.48
N GLY C 151 35.31 40.61 -18.89
CA GLY C 151 34.19 41.32 -18.30
C GLY C 151 34.41 41.84 -16.90
N THR C 152 35.58 41.62 -16.31
CA THR C 152 35.84 42.10 -14.96
C THR C 152 36.12 43.60 -14.98
N CYS C 153 35.88 44.23 -13.82
CA CYS C 153 36.09 45.66 -13.69
C CYS C 153 36.22 45.99 -12.20
N GLY C 154 37.25 46.77 -11.85
CA GLY C 154 37.46 47.17 -10.48
C GLY C 154 37.25 48.65 -10.27
N VAL C 155 36.25 49.01 -9.47
CA VAL C 155 35.93 50.40 -9.21
C VAL C 155 36.77 50.91 -8.05
N LEU C 156 37.30 52.12 -8.19
CA LEU C 156 38.10 52.72 -7.14
C LEU C 156 37.21 53.36 -6.09
N LEU C 157 37.59 53.22 -4.82
CA LEU C 157 36.82 53.74 -3.70
C LEU C 157 37.38 55.06 -3.19
N ARG C 158 38.59 55.04 -2.64
CA ARG C 158 39.21 56.23 -2.08
C ARG C 158 40.69 55.99 -1.92
N LYS C 159 41.39 57.00 -1.40
CA LYS C 159 42.82 56.92 -1.14
C LYS C 159 43.12 57.43 0.26
N VAL C 160 44.15 56.85 0.87
CA VAL C 160 44.54 57.20 2.24
C VAL C 160 46.05 57.33 2.29
N ASN C 161 46.54 58.50 2.68
CA ASN C 161 47.97 58.74 2.80
C ASN C 161 48.71 58.40 1.51
N GLY C 162 49.11 57.14 1.37
CA GLY C 162 49.83 56.70 0.18
C GLY C 162 49.37 55.35 -0.29
N THR C 163 48.08 55.06 -0.14
CA THR C 163 47.49 53.80 -0.57
C THR C 163 46.17 54.08 -1.27
N ALA C 164 45.53 53.02 -1.74
CA ALA C 164 44.24 53.14 -2.42
C ALA C 164 43.44 51.87 -2.18
N ILE C 165 42.24 52.02 -1.65
CA ILE C 165 41.38 50.88 -1.35
C ILE C 165 40.64 50.51 -2.63
N ILE C 166 40.94 49.34 -3.18
CA ILE C 166 40.32 48.86 -4.41
C ILE C 166 39.18 47.92 -4.04
N GLN C 167 38.14 47.91 -4.86
CA GLN C 167 36.97 47.06 -4.66
C GLN C 167 36.95 46.01 -5.76
N LEU C 168 37.31 44.77 -5.41
CA LEU C 168 37.31 43.69 -6.37
C LEU C 168 35.88 43.39 -6.82
N PRO C 169 35.73 42.70 -7.96
CA PRO C 169 34.37 42.40 -8.44
C PRO C 169 33.56 41.55 -7.48
N SER C 170 34.21 40.82 -6.57
CA SER C 170 33.51 39.99 -5.60
C SER C 170 33.19 40.75 -4.31
N LYS C 171 33.09 42.07 -4.37
CA LYS C 171 32.78 42.90 -3.21
C LYS C 171 33.78 42.71 -2.07
N ARG C 172 35.00 42.29 -2.40
CA ARG C 172 36.07 42.10 -1.41
C ARG C 172 37.06 43.25 -1.56
N GLN C 173 37.07 44.15 -0.59
CA GLN C 173 37.94 45.32 -0.64
C GLN C 173 39.41 44.89 -0.49
N MET C 174 40.30 45.80 -0.83
CA MET C 174 41.74 45.55 -0.75
C MET C 174 42.47 46.88 -0.87
N GLN C 175 43.49 47.06 -0.05
CA GLN C 175 44.28 48.28 -0.03
C GLN C 175 45.68 47.98 -0.57
N VAL C 176 46.15 48.80 -1.51
CA VAL C 176 47.47 48.65 -2.10
C VAL C 176 48.14 50.01 -2.16
N LEU C 177 49.46 49.99 -2.31
CA LEU C 177 50.23 51.22 -2.38
C LEU C 177 49.74 52.10 -3.54
N GLU C 178 49.85 53.41 -3.35
CA GLU C 178 49.41 54.37 -4.36
C GLU C 178 50.40 54.51 -5.51
N THR C 179 51.64 54.10 -5.32
CA THR C 179 52.66 54.22 -6.36
C THR C 179 52.69 53.01 -7.30
N CYS C 180 51.70 52.12 -7.21
CA CYS C 180 51.66 50.95 -8.07
C CYS C 180 51.03 51.30 -9.42
N VAL C 181 51.27 50.44 -10.40
CA VAL C 181 50.75 50.63 -11.75
C VAL C 181 49.42 49.91 -11.87
N ALA C 182 48.54 50.45 -12.72
CA ALA C 182 47.23 49.87 -12.95
C ALA C 182 46.78 50.22 -14.37
N THR C 183 45.61 49.72 -14.74
CA THR C 183 45.05 49.97 -16.06
C THR C 183 43.59 50.37 -15.92
N VAL C 184 43.16 51.35 -16.72
CA VAL C 184 41.79 51.84 -16.69
C VAL C 184 40.91 50.94 -17.56
N GLY C 185 39.63 51.30 -17.67
CA GLY C 185 38.70 50.54 -18.47
C GLY C 185 38.49 49.13 -17.94
N ARG C 186 37.72 48.33 -18.68
CA ARG C 186 37.43 46.96 -18.31
C ARG C 186 37.87 46.01 -19.42
N VAL C 187 38.02 44.74 -19.08
CA VAL C 187 38.48 43.75 -20.04
C VAL C 187 37.43 43.57 -21.13
N SER C 188 37.90 43.29 -22.35
CA SER C 188 37.01 43.09 -23.48
C SER C 188 36.33 41.72 -23.38
N ASN C 189 35.80 41.24 -24.50
CA ASN C 189 35.10 39.95 -24.53
C ASN C 189 33.89 39.97 -23.61
N VAL C 190 33.16 41.08 -23.62
CA VAL C 190 31.99 41.22 -22.78
C VAL C 190 30.94 40.17 -23.18
N ASP C 191 30.01 39.91 -22.27
CA ASP C 191 28.94 38.95 -22.45
C ASP C 191 29.45 37.51 -22.50
N HIS C 192 30.65 37.26 -21.96
CA HIS C 192 31.18 35.90 -21.94
C HIS C 192 30.40 35.01 -20.98
N ASN C 193 29.86 35.57 -19.91
CA ASN C 193 29.08 34.79 -18.97
C ASN C 193 27.81 34.25 -19.62
N LYS C 194 27.25 34.98 -20.58
CA LYS C 194 26.06 34.56 -21.29
C LYS C 194 26.35 33.58 -22.41
N ARG C 195 27.60 33.14 -22.55
CA ARG C 195 27.96 32.20 -23.61
C ARG C 195 27.21 30.89 -23.42
N VAL C 196 26.37 30.55 -24.38
CA VAL C 196 25.61 29.31 -24.35
C VAL C 196 26.46 28.21 -24.96
N ILE C 197 26.83 27.21 -24.14
CA ILE C 197 27.65 26.11 -24.63
C ILE C 197 26.91 25.33 -25.70
N GLY C 198 25.57 25.31 -25.64
CA GLY C 198 24.79 24.65 -26.67
C GLY C 198 24.73 23.15 -26.54
N LYS C 199 25.88 22.50 -26.72
CA LYS C 199 25.96 21.05 -26.70
C LYS C 199 27.22 20.61 -25.97
N ALA C 200 27.25 19.33 -25.58
CA ALA C 200 28.41 18.79 -24.89
C ALA C 200 29.64 18.71 -25.81
N GLY C 201 29.44 18.82 -27.12
CA GLY C 201 30.58 18.77 -28.03
C GLY C 201 31.58 19.87 -27.78
N ARG C 202 31.08 21.11 -27.65
CA ARG C 202 31.96 22.24 -27.39
C ARG C 202 32.63 22.11 -26.03
N ASN C 203 31.89 21.62 -25.03
CA ASN C 203 32.48 21.42 -23.70
C ASN C 203 33.60 20.41 -23.74
N ARG C 204 33.42 19.32 -24.49
CA ARG C 204 34.48 18.33 -24.61
C ARG C 204 35.67 18.87 -25.40
N TRP C 205 35.39 19.68 -26.44
CA TRP C 205 36.48 20.28 -27.20
C TRP C 205 37.30 21.23 -26.35
N LEU C 206 36.64 21.96 -25.44
CA LEU C 206 37.36 22.89 -24.58
C LEU C 206 38.36 22.19 -23.68
N GLY C 207 38.18 20.90 -23.42
CA GLY C 207 39.10 20.15 -22.59
C GLY C 207 38.65 20.07 -21.14
N LYS C 208 37.49 19.45 -20.91
CA LYS C 208 36.95 19.30 -19.57
C LYS C 208 36.13 18.03 -19.53
N ARG C 209 36.60 17.03 -18.79
CA ARG C 209 35.88 15.78 -18.68
C ARG C 209 34.65 15.96 -17.78
N PRO C 210 33.65 15.09 -17.93
CA PRO C 210 32.45 15.21 -17.09
C PRO C 210 32.72 14.78 -15.66
N ASN C 211 31.71 14.99 -14.81
CA ASN C 211 31.82 14.61 -13.42
C ASN C 211 31.58 13.11 -13.24
N SER C 212 32.04 12.59 -12.11
CA SER C 212 31.90 11.18 -11.82
C SER C 212 30.42 10.81 -11.66
N GLY C 213 30.14 9.52 -11.64
CA GLY C 213 28.80 9.01 -11.52
C GLY C 213 28.38 8.65 -10.10
N ARG C 214 29.24 8.84 -9.12
CA ARG C 214 28.90 8.50 -7.74
C ARG C 214 27.83 9.46 -7.22
N TRP C 215 26.77 8.90 -6.65
CA TRP C 215 25.68 9.68 -6.08
C TRP C 215 26.07 10.08 -4.65
N HIS C 216 26.77 11.19 -4.54
CA HIS C 216 27.22 11.66 -3.23
C HIS C 216 26.05 12.24 -2.44
N ARG C 217 26.11 12.07 -1.12
CA ARG C 217 25.08 12.58 -0.23
C ARG C 217 25.47 13.98 0.23
N LYS C 218 24.62 14.96 -0.07
CA LYS C 218 24.88 16.34 0.30
C LYS C 218 25.00 16.48 1.81
N GLY C 219 26.22 16.69 2.30
CA GLY C 219 26.44 16.86 3.72
C GLY C 219 25.88 18.19 4.22
N GLY C 220 26.27 18.52 5.45
CA GLY C 220 25.82 19.76 6.05
C GLY C 220 26.35 20.99 5.37
N TRP C 221 27.51 20.88 4.71
CA TRP C 221 28.13 22.02 4.04
C TRP C 221 27.39 22.44 2.78
N ALA C 222 26.36 21.70 2.37
CA ALA C 222 25.60 22.01 1.16
C ALA C 222 24.45 22.98 1.42
N GLY C 223 24.49 23.70 2.55
CA GLY C 223 23.43 24.64 2.88
C GLY C 223 23.81 26.07 2.51
N ARG C 224 22.78 26.90 2.35
CA ARG C 224 22.98 28.30 2.01
C ARG C 224 23.70 29.02 3.14
N LYS C 225 24.86 29.58 2.86
CA LYS C 225 25.66 30.31 3.84
C LYS C 225 25.60 31.80 3.54
N ILE C 226 25.21 32.58 4.54
CA ILE C 226 25.15 34.04 4.40
C ILE C 226 26.19 34.65 5.33
N ARG C 227 27.46 34.57 4.94
CA ARG C 227 28.53 35.11 5.74
C ARG C 227 28.73 36.59 5.45
N PRO C 228 29.29 37.34 6.39
CA PRO C 228 29.57 38.76 6.15
C PRO C 228 30.84 38.95 5.33
N LEU C 229 30.95 40.13 4.74
CA LEU C 229 32.12 40.45 3.93
C LEU C 229 33.38 40.38 4.80
N PRO C 230 34.44 39.74 4.33
CA PRO C 230 35.66 39.62 5.16
C PRO C 230 36.33 40.97 5.33
N PRO C 231 37.26 41.09 6.27
CA PRO C 231 37.94 42.37 6.47
C PRO C 231 38.83 42.72 5.29
N MET C 232 39.11 44.01 5.16
CA MET C 232 39.94 44.51 4.07
C MET C 232 41.34 43.91 4.17
N LYS C 233 41.76 43.20 3.12
CA LYS C 233 43.07 42.58 3.08
C LYS C 233 44.07 43.58 2.54
N SER C 234 44.89 44.14 3.43
CA SER C 234 45.89 45.12 3.06
C SER C 234 47.20 44.43 2.68
N TYR C 235 48.16 45.24 2.21
CA TYR C 235 49.47 44.73 1.83
C TYR C 235 50.59 45.71 2.13
N VAL C 236 50.35 46.71 2.96
CA VAL C 236 51.37 47.69 3.30
C VAL C 236 52.50 47.02 4.08
N SER D 1 21.80 -70.02 -52.87
CA SER D 1 21.69 -71.26 -53.62
C SER D 1 23.03 -71.65 -54.24
N GLY D 2 23.04 -72.71 -55.03
CA GLY D 2 24.24 -73.18 -55.67
C GLY D 2 24.69 -72.29 -56.82
N THR D 3 25.41 -72.86 -57.78
CA THR D 3 25.90 -72.11 -58.92
C THR D 3 24.78 -71.88 -59.93
N TRP D 4 24.56 -70.63 -60.31
CA TRP D 4 23.53 -70.30 -61.28
C TRP D 4 23.80 -71.01 -62.61
N TRP D 5 22.73 -71.33 -63.32
CA TRP D 5 22.84 -72.15 -64.52
C TRP D 5 23.65 -71.46 -65.61
N ASP D 6 23.41 -70.16 -65.83
CA ASP D 6 24.09 -69.43 -66.90
C ASP D 6 25.56 -69.21 -66.54
N GLU D 7 26.34 -70.28 -66.50
CA GLU D 7 27.76 -70.18 -66.14
C GLU D 7 28.62 -71.04 -67.07
N HIS D 8 28.10 -72.21 -67.43
CA HIS D 8 28.83 -73.15 -68.28
C HIS D 8 28.12 -73.36 -69.61
N LEU D 9 27.42 -72.34 -70.09
CA LEU D 9 26.72 -72.40 -71.36
C LEU D 9 27.38 -71.46 -72.36
N SER D 10 27.66 -71.97 -73.56
CA SER D 10 28.32 -71.18 -74.59
C SER D 10 27.35 -70.13 -75.13
N GLU D 11 27.76 -69.44 -76.19
CA GLU D 11 26.93 -68.40 -76.80
C GLU D 11 25.93 -68.96 -77.81
N GLU D 12 25.73 -70.28 -77.83
CA GLU D 12 24.79 -70.90 -78.75
C GLU D 12 23.75 -71.78 -78.07
N ASN D 13 23.99 -72.20 -76.83
CA ASN D 13 23.05 -73.06 -76.12
C ASN D 13 22.07 -72.28 -75.25
N VAL D 14 22.35 -71.02 -74.95
CA VAL D 14 21.48 -70.20 -74.12
C VAL D 14 20.12 -70.03 -74.79
N PRO D 15 20.06 -69.52 -76.02
CA PRO D 15 18.75 -69.37 -76.68
C PRO D 15 18.05 -70.69 -76.94
N PHE D 16 18.80 -71.74 -77.26
CA PHE D 16 18.19 -73.05 -77.45
C PHE D 16 17.52 -73.54 -76.17
N ILE D 17 18.22 -73.40 -75.04
CA ILE D 17 17.65 -73.82 -73.76
C ILE D 17 16.44 -72.96 -73.41
N LYS D 18 16.51 -71.66 -73.70
CA LYS D 18 15.38 -70.78 -73.43
C LYS D 18 14.15 -71.21 -74.23
N GLN D 19 14.35 -71.47 -75.53
CA GLN D 19 13.24 -71.89 -76.37
C GLN D 19 12.69 -73.24 -75.92
N LEU D 20 13.57 -74.17 -75.52
CA LEU D 20 13.11 -75.46 -75.03
C LEU D 20 12.27 -75.30 -73.77
N VAL D 21 12.73 -74.44 -72.84
CA VAL D 21 11.98 -74.21 -71.61
C VAL D 21 10.60 -73.62 -71.92
N SER D 22 10.57 -72.62 -72.81
CA SER D 22 9.30 -72.00 -73.17
C SER D 22 8.36 -73.01 -73.81
N ASP D 23 8.88 -73.83 -74.73
CA ASP D 23 8.04 -74.82 -75.40
C ASP D 23 7.51 -75.86 -74.41
N GLU D 24 8.37 -76.31 -73.49
CA GLU D 24 7.91 -77.29 -72.50
C GLU D 24 6.84 -76.70 -71.60
N ASP D 25 7.02 -75.45 -71.15
CA ASP D 25 6.02 -74.81 -70.31
C ASP D 25 4.71 -74.65 -71.06
N LYS D 26 4.76 -74.21 -72.31
CA LYS D 26 3.55 -74.02 -73.10
C LYS D 26 2.84 -75.36 -73.34
N ALA D 27 3.61 -76.42 -73.61
CA ALA D 27 3.00 -77.73 -73.80
C ALA D 27 2.34 -78.24 -72.54
N GLN D 28 3.00 -78.06 -71.39
CA GLN D 28 2.40 -78.46 -70.12
C GLN D 28 1.11 -77.69 -69.85
N LEU D 29 1.13 -76.38 -70.11
CA LEU D 29 -0.08 -75.58 -69.91
C LEU D 29 -1.20 -76.04 -70.82
N ALA D 30 -0.89 -76.30 -72.10
CA ALA D 30 -1.91 -76.74 -73.04
C ALA D 30 -2.48 -78.10 -72.65
N SER D 31 -1.62 -78.99 -72.13
CA SER D 31 -2.09 -80.30 -71.71
C SER D 31 -2.97 -80.19 -70.47
N LYS D 32 -2.64 -79.27 -69.56
CA LYS D 32 -3.44 -79.08 -68.35
C LYS D 32 -4.64 -78.18 -68.56
N LEU D 33 -4.79 -77.59 -69.75
CA LEU D 33 -5.93 -76.72 -70.03
C LEU D 33 -7.27 -77.46 -69.99
N CYS D 34 -7.26 -78.80 -69.98
CA CYS D 34 -8.48 -79.60 -69.99
C CYS D 34 -8.66 -80.26 -68.63
N PRO D 35 -9.42 -79.66 -67.71
CA PRO D 35 -9.62 -80.29 -66.40
C PRO D 35 -10.75 -81.31 -66.40
N LEU D 36 -11.89 -80.96 -67.01
CA LEU D 36 -13.03 -81.86 -67.02
C LEU D 36 -12.73 -83.14 -67.77
N LYS D 37 -11.95 -83.05 -68.85
CA LYS D 37 -11.62 -84.24 -69.63
C LYS D 37 -10.91 -85.28 -68.76
N ASP D 38 -10.09 -84.82 -67.83
CA ASP D 38 -9.44 -85.71 -66.87
C ASP D 38 -10.32 -85.90 -65.65
N GLU D 39 -10.02 -86.94 -64.87
CA GLU D 39 -10.78 -87.29 -63.67
C GLU D 39 -10.96 -86.06 -62.79
N PRO D 40 -12.14 -85.45 -62.76
CA PRO D 40 -12.35 -84.25 -61.92
C PRO D 40 -12.94 -84.52 -60.53
N TRP D 41 -12.99 -85.78 -60.09
CA TRP D 41 -13.58 -86.16 -58.82
C TRP D 41 -15.07 -85.84 -58.80
N PRO D 42 -15.86 -86.49 -57.96
CA PRO D 42 -17.30 -86.19 -57.92
C PRO D 42 -17.55 -84.76 -57.47
N ILE D 43 -18.46 -84.09 -58.18
CA ILE D 43 -18.84 -82.72 -57.87
C ILE D 43 -20.13 -82.74 -57.05
N HIS D 44 -20.15 -81.97 -55.96
CA HIS D 44 -21.29 -81.90 -55.08
C HIS D 44 -22.05 -80.59 -55.27
N PRO D 45 -23.33 -80.55 -54.93
CA PRO D 45 -24.12 -79.33 -55.09
C PRO D 45 -23.83 -78.35 -53.96
N TRP D 46 -24.51 -77.20 -54.00
CA TRP D 46 -24.34 -76.18 -52.99
C TRP D 46 -25.02 -76.59 -51.70
N GLU D 47 -24.40 -76.20 -50.58
CA GLU D 47 -24.91 -76.49 -49.25
C GLU D 47 -24.89 -75.22 -48.42
N PRO D 48 -25.65 -75.19 -47.31
CA PRO D 48 -25.66 -73.99 -46.47
C PRO D 48 -24.28 -73.60 -45.96
N GLY D 49 -23.60 -74.54 -45.30
CA GLY D 49 -22.28 -74.29 -44.77
C GLY D 49 -21.18 -74.92 -45.61
N SER D 50 -20.58 -74.14 -46.50
CA SER D 50 -19.52 -74.63 -47.36
C SER D 50 -18.91 -73.47 -48.12
N PHE D 51 -17.59 -73.49 -48.25
CA PHE D 51 -16.85 -72.45 -48.97
C PHE D 51 -16.30 -73.00 -50.27
N ARG D 52 -15.69 -72.11 -51.05
CA ARG D 52 -15.11 -72.45 -52.33
C ARG D 52 -13.67 -71.95 -52.39
N VAL D 53 -12.94 -72.41 -53.41
CA VAL D 53 -11.55 -72.04 -53.58
C VAL D 53 -11.47 -70.62 -54.13
N GLY D 54 -10.41 -69.90 -53.73
CA GLY D 54 -10.19 -68.54 -54.17
C GLY D 54 -9.22 -68.47 -55.33
N LEU D 55 -8.77 -67.24 -55.61
CA LEU D 55 -7.85 -66.98 -56.70
C LEU D 55 -6.67 -66.17 -56.17
N ILE D 56 -5.63 -66.09 -57.00
CA ILE D 56 -4.43 -65.31 -56.70
C ILE D 56 -4.11 -64.51 -57.95
N ALA D 57 -4.58 -63.27 -58.00
CA ALA D 57 -4.40 -62.41 -59.16
C ALA D 57 -3.26 -61.43 -58.94
N LEU D 58 -3.01 -60.60 -59.94
CA LEU D 58 -1.95 -59.59 -59.90
C LEU D 58 -2.58 -58.20 -59.92
N LYS D 59 -2.14 -57.36 -58.98
CA LYS D 59 -2.65 -55.99 -58.90
C LYS D 59 -1.95 -55.14 -59.95
N LEU D 60 -2.65 -54.90 -61.06
CA LEU D 60 -2.07 -54.10 -62.14
C LEU D 60 -2.07 -52.61 -61.79
N GLY D 61 -3.25 -51.99 -61.82
CA GLY D 61 -3.38 -50.57 -61.52
C GLY D 61 -4.76 -50.28 -60.99
N MET D 62 -5.20 -49.04 -61.20
CA MET D 62 -6.52 -48.59 -60.74
C MET D 62 -7.13 -47.69 -61.79
N MET D 63 -8.46 -47.66 -61.81
CA MET D 63 -9.21 -46.83 -62.75
C MET D 63 -10.58 -46.56 -62.16
N PRO D 64 -11.23 -45.46 -62.55
CA PRO D 64 -12.55 -45.14 -62.00
C PRO D 64 -13.64 -45.94 -62.69
N LEU D 65 -14.84 -45.83 -62.13
CA LEU D 65 -16.01 -46.53 -62.67
C LEU D 65 -17.26 -45.86 -62.13
N TRP D 66 -18.07 -45.30 -63.01
CA TRP D 66 -19.29 -44.61 -62.63
C TRP D 66 -20.47 -45.56 -62.68
N THR D 67 -21.37 -45.43 -61.69
CA THR D 67 -22.55 -46.26 -61.62
C THR D 67 -23.71 -45.58 -62.33
N LYS D 68 -24.86 -46.27 -62.38
CA LYS D 68 -26.04 -45.73 -63.04
C LYS D 68 -26.58 -44.50 -62.32
N ASP D 69 -26.32 -44.36 -61.01
CA ASP D 69 -26.79 -43.22 -60.25
C ASP D 69 -25.96 -41.97 -60.47
N GLY D 70 -24.88 -42.05 -61.23
CA GLY D 70 -24.03 -40.90 -61.49
C GLY D 70 -23.15 -40.55 -60.30
N GLN D 71 -22.30 -41.48 -59.89
CA GLN D 71 -21.40 -41.27 -58.77
C GLN D 71 -20.07 -41.98 -59.05
N LYS D 72 -18.98 -41.35 -58.63
CA LYS D 72 -17.66 -41.92 -58.83
C LYS D 72 -17.37 -43.02 -57.82
N HIS D 73 -16.79 -44.12 -58.30
CA HIS D 73 -16.45 -45.25 -57.45
C HIS D 73 -15.12 -45.82 -57.92
N VAL D 74 -14.10 -45.74 -57.06
CA VAL D 74 -12.79 -46.26 -57.40
C VAL D 74 -12.87 -47.78 -57.53
N VAL D 75 -12.13 -48.32 -58.50
CA VAL D 75 -12.11 -49.76 -58.76
C VAL D 75 -10.67 -50.18 -59.04
N THR D 76 -10.31 -51.36 -58.57
CA THR D 76 -8.96 -51.90 -58.74
C THR D 76 -8.95 -52.88 -59.92
N LEU D 77 -7.75 -53.36 -60.24
CA LEU D 77 -7.55 -54.32 -61.31
C LEU D 77 -6.87 -55.56 -60.75
N LEU D 78 -7.37 -56.73 -61.13
CA LEU D 78 -6.83 -58.01 -60.66
C LEU D 78 -6.79 -58.96 -61.85
N GLN D 79 -5.58 -59.30 -62.30
CA GLN D 79 -5.40 -60.20 -63.43
C GLN D 79 -5.19 -61.62 -62.91
N VAL D 80 -6.09 -62.52 -63.27
CA VAL D 80 -6.01 -63.92 -62.86
C VAL D 80 -5.16 -64.65 -63.89
N GLN D 81 -3.90 -64.90 -63.56
CA GLN D 81 -2.97 -65.58 -64.44
C GLN D 81 -2.84 -67.04 -64.02
N ASP D 82 -3.18 -67.95 -64.94
CA ASP D 82 -3.09 -69.38 -64.68
C ASP D 82 -3.88 -69.75 -63.44
N CYS D 83 -3.27 -69.62 -62.27
CA CYS D 83 -3.94 -69.96 -61.01
C CYS D 83 -4.37 -71.42 -61.02
N HIS D 84 -3.46 -72.32 -60.64
CA HIS D 84 -3.73 -73.74 -60.61
C HIS D 84 -3.60 -74.28 -59.18
N VAL D 85 -4.20 -75.43 -58.95
CA VAL D 85 -4.15 -76.10 -57.65
C VAL D 85 -2.94 -77.02 -57.63
N LEU D 86 -2.24 -77.04 -56.50
CA LEU D 86 -1.02 -77.83 -56.34
C LEU D 86 -1.29 -79.20 -55.71
N LYS D 87 -1.96 -79.23 -54.56
CA LYS D 87 -2.22 -80.47 -53.86
C LYS D 87 -3.47 -80.29 -52.98
N TYR D 88 -3.80 -81.33 -52.24
CA TYR D 88 -4.96 -81.32 -51.35
C TYR D 88 -4.63 -82.13 -50.10
N THR D 89 -5.02 -81.61 -48.95
CA THR D 89 -4.78 -82.26 -47.66
C THR D 89 -6.07 -82.24 -46.85
N SER D 90 -6.43 -83.39 -46.30
CA SER D 90 -7.62 -83.51 -45.48
C SER D 90 -7.27 -83.24 -44.02
N LYS D 91 -8.11 -83.67 -43.08
CA LYS D 91 -7.87 -83.46 -41.67
C LYS D 91 -6.69 -84.31 -41.19
N GLY D 96 -5.78 -81.38 -39.81
CA GLY D 96 -6.01 -80.09 -39.16
C GLY D 96 -7.45 -79.89 -38.76
N LYS D 97 -7.86 -78.63 -38.67
CA LYS D 97 -9.23 -78.31 -38.28
C LYS D 97 -10.20 -78.44 -39.45
N MET D 98 -9.71 -78.28 -40.68
CA MET D 98 -10.56 -78.39 -41.86
C MET D 98 -9.68 -78.66 -43.07
N ALA D 99 -10.33 -79.04 -44.17
CA ALA D 99 -9.61 -79.32 -45.40
C ALA D 99 -8.85 -78.08 -45.87
N THR D 100 -7.81 -78.31 -46.67
CA THR D 100 -6.98 -77.24 -47.18
C THR D 100 -6.67 -77.48 -48.64
N LEU D 101 -6.33 -76.41 -49.35
CA LEU D 101 -6.00 -76.48 -50.76
C LEU D 101 -4.96 -75.41 -51.08
N SER D 102 -3.95 -75.79 -51.86
CA SER D 102 -2.88 -74.89 -52.25
C SER D 102 -3.14 -74.37 -53.66
N VAL D 103 -2.83 -73.10 -53.88
CA VAL D 103 -3.03 -72.45 -55.18
C VAL D 103 -1.82 -71.57 -55.47
N GLY D 104 -1.44 -71.51 -56.74
CA GLY D 104 -0.31 -70.73 -57.19
C GLY D 104 -0.73 -69.44 -57.85
N GLY D 105 0.11 -68.95 -58.75
CA GLY D 105 -0.18 -67.71 -59.45
C GLY D 105 0.69 -67.50 -60.68
N LYS D 106 1.62 -66.55 -60.59
CA LYS D 106 2.49 -66.24 -61.72
C LYS D 106 3.42 -67.42 -62.02
N THR D 107 4.05 -67.37 -63.18
CA THR D 107 4.97 -68.41 -63.63
C THR D 107 6.40 -67.88 -63.45
N VAL D 108 7.07 -68.37 -62.42
CA VAL D 108 8.44 -67.96 -62.11
C VAL D 108 9.39 -68.96 -62.75
N SER D 109 10.55 -68.46 -63.18
CA SER D 109 11.56 -69.33 -63.78
C SER D 109 11.95 -70.44 -62.81
N ARG D 110 12.07 -71.66 -63.34
CA ARG D 110 12.40 -72.83 -62.55
C ARG D 110 13.89 -73.02 -62.37
N PHE D 111 14.69 -71.95 -62.46
CA PHE D 111 16.14 -72.04 -62.29
C PHE D 111 16.60 -71.58 -60.92
N ARG D 112 15.94 -70.60 -60.32
CA ARG D 112 16.30 -70.09 -59.00
C ARG D 112 15.29 -70.59 -57.98
N LYS D 113 15.28 -71.90 -57.78
CA LYS D 113 14.38 -72.54 -56.83
C LYS D 113 15.10 -73.70 -56.15
N ALA D 114 14.50 -74.18 -55.06
CA ALA D 114 15.09 -75.29 -54.32
C ALA D 114 14.84 -76.61 -55.02
N THR D 115 15.75 -77.56 -54.77
CA THR D 115 15.62 -78.88 -55.40
C THR D 115 14.33 -79.56 -54.98
N SER D 116 13.94 -79.42 -53.71
CA SER D 116 12.70 -80.03 -53.25
C SER D 116 11.50 -79.44 -53.98
N ILE D 117 11.47 -78.11 -54.13
CA ILE D 117 10.37 -77.47 -54.84
C ILE D 117 10.35 -77.91 -56.29
N LEU D 118 11.53 -78.03 -56.91
CA LEU D 118 11.58 -78.48 -58.30
C LEU D 118 11.04 -79.90 -58.45
N GLU D 119 11.41 -80.79 -57.52
CA GLU D 119 10.91 -82.15 -57.57
C GLU D 119 9.39 -82.18 -57.37
N PHE D 120 8.90 -81.40 -56.40
CA PHE D 120 7.47 -81.37 -56.13
C PHE D 120 6.69 -80.87 -57.34
N TYR D 121 7.20 -79.84 -58.02
CA TYR D 121 6.52 -79.30 -59.19
C TYR D 121 6.74 -80.16 -60.44
N ARG D 122 7.75 -81.03 -60.43
CA ARG D 122 7.93 -81.98 -61.51
C ARG D 122 7.00 -83.18 -61.37
N GLU D 123 6.73 -83.60 -60.14
CA GLU D 123 5.75 -84.66 -59.92
C GLU D 123 4.40 -84.31 -60.54
N LEU D 124 4.06 -83.02 -60.57
CA LEU D 124 2.85 -82.54 -61.21
C LEU D 124 3.20 -81.77 -62.48
N GLY D 125 2.18 -81.50 -63.29
CA GLY D 125 2.37 -80.71 -64.48
C GLY D 125 2.59 -79.25 -64.15
N LEU D 126 2.62 -78.43 -65.20
CA LEU D 126 2.77 -76.99 -65.06
C LEU D 126 4.16 -76.64 -64.52
N PRO D 127 4.60 -75.40 -64.66
CA PRO D 127 5.90 -75.01 -64.10
C PRO D 127 5.74 -74.51 -62.68
N PRO D 128 6.85 -74.30 -61.96
CA PRO D 128 6.75 -73.79 -60.59
C PRO D 128 6.22 -72.37 -60.56
N LYS D 129 5.35 -72.10 -59.58
CA LYS D 129 4.73 -70.80 -59.43
C LYS D 129 5.55 -69.95 -58.46
N GLN D 130 5.03 -68.77 -58.11
CA GLN D 130 5.73 -67.85 -57.20
C GLN D 130 5.35 -68.15 -55.75
N THR D 131 4.13 -67.80 -55.37
CA THR D 131 3.65 -67.99 -54.00
C THR D 131 2.69 -69.17 -53.95
N VAL D 132 2.43 -69.62 -52.72
CA VAL D 132 1.52 -70.74 -52.47
C VAL D 132 0.67 -70.42 -51.25
N LYS D 133 -0.55 -69.93 -51.47
CA LYS D 133 -1.46 -69.58 -50.40
C LYS D 133 -2.41 -70.73 -50.13
N ILE D 134 -2.49 -71.14 -48.87
CA ILE D 134 -3.36 -72.24 -48.46
C ILE D 134 -4.69 -71.67 -48.02
N PHE D 135 -5.78 -72.20 -48.57
CA PHE D 135 -7.13 -71.76 -48.26
C PHE D 135 -7.83 -72.79 -47.40
N ASN D 136 -8.59 -72.32 -46.41
CA ASN D 136 -9.32 -73.20 -45.50
C ASN D 136 -10.69 -73.47 -46.12
N ILE D 137 -10.78 -74.57 -46.86
CA ILE D 137 -12.01 -74.95 -47.52
C ILE D 137 -12.66 -76.10 -46.75
N THR D 138 -13.95 -76.30 -47.01
CA THR D 138 -14.70 -77.36 -46.36
C THR D 138 -14.49 -78.68 -47.11
N ASP D 139 -15.06 -79.76 -46.56
CA ASP D 139 -14.92 -81.07 -47.18
C ASP D 139 -15.80 -81.24 -48.40
N ASN D 140 -16.79 -80.36 -48.59
CA ASN D 140 -17.68 -80.45 -49.74
C ASN D 140 -16.92 -80.24 -51.04
N ALA D 141 -16.62 -78.97 -51.36
CA ALA D 141 -15.89 -78.65 -52.58
C ALA D 141 -14.47 -79.17 -52.48
N ALA D 142 -14.10 -80.06 -53.41
CA ALA D 142 -12.76 -80.64 -53.44
C ALA D 142 -12.38 -80.83 -54.91
N ILE D 143 -11.58 -79.89 -55.44
CA ILE D 143 -11.13 -79.93 -56.82
C ILE D 143 -9.81 -80.67 -56.89
N LYS D 144 -9.62 -81.42 -57.97
CA LYS D 144 -8.38 -82.17 -58.14
C LYS D 144 -7.24 -81.23 -58.50
N PRO D 145 -6.02 -81.48 -58.01
CA PRO D 145 -4.89 -80.62 -58.36
C PRO D 145 -4.67 -80.58 -59.87
N GLY D 146 -4.00 -79.51 -60.32
CA GLY D 146 -3.69 -79.34 -61.71
C GLY D 146 -4.76 -78.68 -62.55
N THR D 147 -5.89 -78.29 -61.93
CA THR D 147 -6.98 -77.66 -62.68
C THR D 147 -6.83 -76.14 -62.67
N PRO D 148 -7.21 -75.46 -63.75
CA PRO D 148 -7.09 -74.00 -63.78
C PRO D 148 -8.26 -73.30 -63.11
N LEU D 149 -8.05 -72.04 -62.78
CA LEU D 149 -9.07 -71.20 -62.14
C LEU D 149 -8.96 -69.81 -62.75
N TYR D 150 -9.79 -69.53 -63.75
CA TYR D 150 -9.78 -68.23 -64.43
C TYR D 150 -10.56 -67.22 -63.61
N ALA D 151 -10.78 -66.03 -64.18
CA ALA D 151 -11.55 -65.00 -63.50
C ALA D 151 -13.03 -65.32 -63.42
N ALA D 152 -13.51 -66.26 -64.24
CA ALA D 152 -14.93 -66.62 -64.23
C ALA D 152 -15.35 -67.25 -62.91
N HIS D 153 -14.41 -67.60 -62.03
CA HIS D 153 -14.77 -68.18 -60.74
C HIS D 153 -15.70 -67.25 -59.97
N PHE D 154 -15.42 -65.95 -59.99
CA PHE D 154 -16.24 -64.96 -59.33
C PHE D 154 -17.22 -64.33 -60.32
N ARG D 155 -18.23 -63.65 -59.78
CA ARG D 155 -19.26 -63.00 -60.57
C ARG D 155 -19.53 -61.63 -59.98
N PRO D 156 -20.13 -60.73 -60.75
CA PRO D 156 -20.44 -59.39 -60.23
C PRO D 156 -21.42 -59.47 -59.07
N GLY D 157 -21.60 -58.33 -58.41
CA GLY D 157 -22.51 -58.25 -57.28
C GLY D 157 -22.16 -59.20 -56.15
N GLN D 158 -20.87 -59.33 -55.83
CA GLN D 158 -20.41 -60.20 -54.77
C GLN D 158 -19.28 -59.53 -54.02
N TYR D 159 -19.26 -59.71 -52.70
CA TYR D 159 -18.21 -59.16 -51.86
C TYR D 159 -17.10 -60.18 -51.70
N VAL D 160 -15.90 -59.82 -52.16
CA VAL D 160 -14.74 -60.71 -52.13
C VAL D 160 -13.62 -60.00 -51.39
N ASP D 161 -13.02 -60.70 -50.43
CA ASP D 161 -11.93 -60.14 -49.64
C ASP D 161 -10.60 -60.35 -50.35
N VAL D 162 -9.66 -59.46 -50.05
CA VAL D 162 -8.33 -59.50 -50.64
C VAL D 162 -7.30 -59.22 -49.55
N THR D 163 -6.15 -59.89 -49.64
CA THR D 163 -5.08 -59.70 -48.69
C THR D 163 -3.74 -59.84 -49.41
N ALA D 164 -2.79 -59.00 -49.04
CA ALA D 164 -1.46 -59.01 -49.66
C ALA D 164 -0.56 -58.10 -48.83
N LYS D 165 0.70 -58.02 -49.24
CA LYS D 165 1.66 -57.16 -48.57
C LYS D 165 1.28 -55.70 -48.78
N THR D 166 2.11 -54.80 -48.26
CA THR D 166 1.89 -53.37 -48.38
C THR D 166 3.21 -52.69 -48.72
N ILE D 167 3.10 -51.51 -49.33
CA ILE D 167 4.29 -50.74 -49.72
C ILE D 167 5.08 -50.41 -48.45
N GLY D 168 6.01 -51.29 -48.10
CA GLY D 168 6.83 -51.09 -46.92
C GLY D 168 7.66 -49.83 -47.01
N LYS D 169 7.55 -48.98 -45.98
CA LYS D 169 8.31 -47.74 -45.92
C LYS D 169 9.61 -47.88 -45.15
N GLY D 170 10.08 -49.10 -44.91
CA GLY D 170 11.27 -49.32 -44.13
C GLY D 170 11.11 -48.84 -42.71
N PHE D 171 12.19 -48.98 -41.94
CA PHE D 171 12.19 -48.52 -40.56
C PHE D 171 11.90 -47.03 -40.50
N GLN D 172 10.63 -46.67 -40.36
CA GLN D 172 10.22 -45.27 -40.37
C GLN D 172 10.38 -44.66 -38.98
N GLY D 173 10.05 -43.37 -38.87
CA GLY D 173 10.14 -42.67 -37.61
C GLY D 173 8.99 -42.96 -36.67
N VAL D 174 8.27 -41.92 -36.24
CA VAL D 174 7.16 -42.04 -35.31
C VAL D 174 5.88 -41.50 -35.91
N MET D 175 5.93 -40.29 -36.49
CA MET D 175 4.73 -39.70 -37.05
C MET D 175 4.17 -40.53 -38.19
N LYS D 176 5.00 -40.84 -39.19
CA LYS D 176 4.54 -41.63 -40.33
C LYS D 176 4.15 -43.05 -39.93
N ARG D 177 4.68 -43.56 -38.83
CA ARG D 177 4.39 -44.93 -38.40
C ARG D 177 3.11 -45.05 -37.60
N TRP D 178 2.77 -44.03 -36.80
CA TRP D 178 1.59 -44.07 -35.96
C TRP D 178 0.72 -42.82 -36.05
N GLY D 179 1.18 -41.76 -36.72
CA GLY D 179 0.40 -40.54 -36.83
C GLY D 179 0.54 -39.59 -35.67
N PHE D 180 1.63 -39.68 -34.91
CA PHE D 180 1.84 -38.77 -33.78
C PHE D 180 1.92 -37.33 -34.27
N LYS D 181 1.54 -36.41 -33.38
CA LYS D 181 1.58 -34.99 -33.70
C LYS D 181 2.97 -34.37 -33.52
N GLY D 182 3.92 -35.10 -32.94
CA GLY D 182 5.25 -34.58 -32.75
C GLY D 182 5.25 -33.38 -31.82
N GLN D 183 6.15 -32.44 -32.10
CA GLN D 183 6.29 -31.22 -31.33
C GLN D 183 6.17 -30.01 -32.25
N PRO D 184 5.88 -28.83 -31.70
CA PRO D 184 5.75 -27.64 -32.54
C PRO D 184 7.08 -27.26 -33.17
N ALA D 185 7.02 -26.26 -34.06
CA ALA D 185 8.22 -25.78 -34.73
C ALA D 185 8.95 -24.74 -33.89
N THR D 186 8.22 -23.93 -33.13
CA THR D 186 8.81 -22.89 -32.29
C THR D 186 8.04 -22.83 -30.98
N HIS D 187 8.49 -21.94 -30.10
CA HIS D 187 7.91 -21.77 -28.76
C HIS D 187 7.80 -23.13 -28.04
N GLY D 188 8.96 -23.68 -27.67
CA GLY D 188 10.27 -23.11 -27.92
C GLY D 188 11.25 -24.22 -28.26
N GLN D 189 10.83 -25.10 -29.16
CA GLN D 189 11.61 -26.28 -29.50
C GLN D 189 12.95 -25.87 -30.12
N THR D 190 13.98 -26.63 -29.79
CA THR D 190 15.31 -26.47 -30.37
C THR D 190 15.79 -27.71 -31.10
N LYS D 191 15.46 -28.90 -30.58
CA LYS D 191 15.83 -30.15 -31.24
C LYS D 191 14.70 -31.18 -31.17
N THR D 192 13.46 -30.74 -30.98
CA THR D 192 12.32 -31.63 -30.83
C THR D 192 11.24 -31.23 -31.82
N HIS D 193 11.12 -31.98 -32.91
CA HIS D 193 10.08 -31.76 -33.90
C HIS D 193 9.39 -33.04 -34.38
N ARG D 194 10.06 -34.19 -34.34
CA ARG D 194 9.46 -35.46 -34.75
C ARG D 194 9.74 -36.58 -33.75
N ARG D 195 10.46 -36.31 -32.67
CA ARG D 195 10.81 -37.34 -31.71
C ARG D 195 9.64 -37.65 -30.78
N PRO D 196 9.65 -38.82 -30.15
CA PRO D 196 8.60 -39.13 -29.17
C PRO D 196 8.95 -38.56 -27.80
N GLY D 197 8.03 -37.78 -27.23
CA GLY D 197 8.26 -37.16 -25.95
C GLY D 197 8.42 -38.16 -24.82
N ALA D 198 7.40 -38.25 -23.97
CA ALA D 198 7.45 -39.18 -22.84
C ALA D 198 7.07 -40.58 -23.27
N VAL D 199 7.59 -41.57 -22.56
CA VAL D 199 7.31 -42.98 -22.84
C VAL D 199 6.00 -43.36 -22.16
N ALA D 200 6.05 -43.51 -20.84
CA ALA D 200 4.86 -43.88 -20.07
C ALA D 200 5.12 -43.75 -18.57
N THR D 201 4.53 -42.74 -17.94
CA THR D 201 4.68 -42.53 -16.50
C THR D 201 6.14 -42.28 -16.15
N GLY D 202 6.47 -42.33 -14.85
CA GLY D 202 7.81 -42.08 -14.39
C GLY D 202 8.33 -43.15 -13.45
N ASP D 203 7.56 -43.47 -12.40
CA ASP D 203 7.99 -44.48 -11.44
C ASP D 203 8.22 -45.82 -12.12
N ILE D 204 7.41 -46.15 -13.12
CA ILE D 204 7.56 -47.41 -13.85
C ILE D 204 8.87 -47.35 -14.63
N GLY D 205 9.87 -48.09 -14.17
CA GLY D 205 11.17 -48.09 -14.81
C GLY D 205 11.25 -49.07 -15.96
N ARG D 206 10.10 -49.48 -16.48
CA ARG D 206 10.01 -50.41 -17.60
C ARG D 206 9.42 -49.68 -18.81
N VAL D 207 9.05 -50.47 -19.83
CA VAL D 207 8.40 -49.95 -21.03
C VAL D 207 7.28 -50.91 -21.39
N TRP D 208 6.05 -50.42 -21.40
CA TRP D 208 4.89 -51.25 -21.69
C TRP D 208 5.07 -51.96 -23.04
N PRO D 209 5.09 -53.30 -23.07
CA PRO D 209 5.22 -53.99 -24.36
C PRO D 209 4.15 -53.56 -25.34
N GLY D 210 4.54 -53.51 -26.61
CA GLY D 210 3.64 -53.04 -27.65
C GLY D 210 3.50 -51.54 -27.75
N THR D 211 4.27 -50.79 -26.98
CA THR D 211 4.17 -49.33 -27.03
C THR D 211 4.61 -48.82 -28.40
N LYS D 212 3.93 -47.78 -28.87
CA LYS D 212 4.25 -47.20 -30.17
C LYS D 212 5.66 -46.64 -30.16
N MET D 213 6.51 -47.17 -31.03
CA MET D 213 7.90 -46.75 -31.13
C MET D 213 8.34 -46.91 -32.58
N PRO D 214 9.48 -46.30 -32.94
CA PRO D 214 9.96 -46.44 -34.32
C PRO D 214 10.14 -47.90 -34.70
N GLY D 215 9.70 -48.24 -35.91
CA GLY D 215 9.81 -49.60 -36.39
C GLY D 215 9.64 -49.66 -37.90
N LYS D 216 9.58 -50.88 -38.42
CA LYS D 216 9.45 -51.11 -39.84
C LYS D 216 7.98 -51.06 -40.22
N MET D 217 7.57 -49.97 -40.87
CA MET D 217 6.18 -49.82 -41.29
C MET D 217 5.92 -50.58 -42.58
N GLY D 218 4.68 -51.06 -42.71
CA GLY D 218 4.30 -51.79 -43.89
C GLY D 218 5.07 -53.09 -44.03
N ASN D 219 5.12 -53.60 -45.26
CA ASN D 219 5.80 -54.85 -45.57
C ASN D 219 5.21 -56.01 -44.77
N ILE D 220 3.87 -56.06 -44.72
CA ILE D 220 3.19 -57.10 -43.97
C ILE D 220 1.85 -57.38 -44.64
N TYR D 221 1.34 -58.60 -44.43
CA TYR D 221 0.07 -58.99 -45.02
C TYR D 221 -1.08 -58.40 -44.22
N ARG D 222 -2.01 -57.75 -44.92
CA ARG D 222 -3.18 -57.14 -44.29
C ARG D 222 -4.39 -57.39 -45.16
N THR D 223 -5.44 -57.95 -44.56
CA THR D 223 -6.65 -58.28 -45.28
C THR D 223 -7.66 -57.14 -45.19
N GLU D 224 -8.44 -56.97 -46.25
CA GLU D 224 -9.50 -55.96 -46.33
C GLU D 224 -10.84 -56.66 -46.50
N TYR D 225 -11.79 -56.33 -45.63
CA TYR D 225 -13.11 -56.94 -45.64
C TYR D 225 -14.12 -55.96 -46.22
N GLY D 226 -15.04 -56.48 -47.05
CA GLY D 226 -16.07 -55.67 -47.65
C GLY D 226 -15.61 -54.95 -48.91
N LEU D 227 -15.52 -55.69 -50.01
CA LEU D 227 -15.10 -55.14 -51.29
C LEU D 227 -16.01 -55.71 -52.38
N LYS D 228 -16.89 -54.88 -52.91
CA LYS D 228 -17.84 -55.33 -53.93
C LYS D 228 -17.16 -55.41 -55.29
N VAL D 229 -17.64 -56.35 -56.11
CA VAL D 229 -17.14 -56.55 -57.47
C VAL D 229 -18.12 -55.91 -58.44
N TRP D 230 -17.60 -55.17 -59.42
CA TRP D 230 -18.42 -54.47 -60.40
C TRP D 230 -18.48 -55.22 -61.73
N ARG D 231 -17.34 -55.40 -62.38
CA ARG D 231 -17.29 -56.05 -63.68
C ARG D 231 -16.14 -57.05 -63.70
N ILE D 232 -16.28 -58.05 -64.59
CA ILE D 232 -15.27 -59.08 -64.75
C ILE D 232 -15.03 -59.30 -66.23
N ASN D 233 -13.81 -59.74 -66.57
CA ASN D 233 -13.43 -59.99 -67.94
C ASN D 233 -13.06 -61.47 -68.11
N THR D 234 -13.49 -62.06 -69.22
CA THR D 234 -13.23 -63.46 -69.52
C THR D 234 -12.05 -63.66 -70.46
N LYS D 235 -11.88 -62.78 -71.44
CA LYS D 235 -10.77 -62.92 -72.38
C LYS D 235 -9.43 -62.79 -71.66
N HIS D 236 -9.18 -61.65 -71.04
CA HIS D 236 -7.94 -61.41 -70.32
C HIS D 236 -7.97 -61.92 -68.89
N ASN D 237 -9.11 -62.42 -68.42
CA ASN D 237 -9.24 -62.95 -67.06
C ASN D 237 -8.86 -61.88 -66.02
N ILE D 238 -9.61 -60.78 -66.05
CA ILE D 238 -9.40 -59.65 -65.16
C ILE D 238 -10.60 -59.55 -64.22
N ILE D 239 -10.34 -59.14 -62.98
CA ILE D 239 -11.37 -58.96 -61.98
C ILE D 239 -11.27 -57.53 -61.46
N TYR D 240 -12.38 -56.79 -61.54
CA TYR D 240 -12.44 -55.40 -61.10
C TYR D 240 -13.14 -55.35 -59.75
N VAL D 241 -12.38 -55.09 -58.69
CA VAL D 241 -12.89 -55.05 -57.33
C VAL D 241 -13.00 -53.59 -56.88
N ASN D 242 -14.04 -53.30 -56.11
CA ASN D 242 -14.24 -51.95 -55.60
C ASN D 242 -13.20 -51.62 -54.54
N GLY D 243 -12.89 -50.33 -54.40
CA GLY D 243 -11.93 -49.88 -53.42
C GLY D 243 -10.51 -50.28 -53.74
N SER D 244 -9.55 -49.74 -52.99
CA SER D 244 -8.15 -50.06 -53.21
C SER D 244 -7.86 -51.50 -52.74
N VAL D 245 -6.61 -51.92 -52.92
CA VAL D 245 -6.18 -53.26 -52.53
C VAL D 245 -4.76 -53.15 -51.97
N PRO D 246 -4.46 -53.77 -50.82
CA PRO D 246 -3.09 -53.70 -50.31
C PRO D 246 -2.09 -54.28 -51.29
N GLY D 247 -0.87 -53.76 -51.24
CA GLY D 247 0.19 -54.22 -52.12
C GLY D 247 0.42 -53.27 -53.27
N HIS D 248 1.68 -53.20 -53.72
CA HIS D 248 2.05 -52.34 -54.82
C HIS D 248 1.56 -52.94 -56.14
N LYS D 249 1.83 -52.22 -57.23
CA LYS D 249 1.43 -52.68 -58.54
C LYS D 249 2.25 -53.90 -58.95
N ASN D 250 1.64 -54.76 -59.78
CA ASN D 250 2.28 -55.99 -60.25
C ASN D 250 2.68 -56.88 -59.08
N CYS D 251 1.89 -56.88 -58.01
CA CYS D 251 2.15 -57.68 -56.83
C CYS D 251 1.06 -58.73 -56.66
N LEU D 252 1.48 -59.95 -56.33
CA LEU D 252 0.52 -61.04 -56.13
C LEU D 252 -0.34 -60.76 -54.90
N VAL D 253 -1.63 -61.07 -55.02
CA VAL D 253 -2.59 -60.85 -53.94
C VAL D 253 -3.47 -62.09 -53.81
N LYS D 254 -3.79 -62.44 -52.57
CA LYS D 254 -4.64 -63.59 -52.28
C LYS D 254 -6.09 -63.12 -52.18
N VAL D 255 -6.96 -63.77 -52.95
CA VAL D 255 -8.39 -63.43 -53.01
C VAL D 255 -9.20 -64.67 -52.69
N LYS D 256 -10.27 -64.48 -51.93
CA LYS D 256 -11.18 -65.58 -51.58
C LYS D 256 -12.50 -64.99 -51.14
N ASP D 257 -13.46 -65.85 -50.86
CA ASP D 257 -14.78 -65.40 -50.44
C ASP D 257 -14.68 -64.58 -49.16
N SER D 258 -15.71 -63.76 -48.93
CA SER D 258 -15.75 -62.89 -47.76
C SER D 258 -16.05 -63.73 -46.52
N LYS D 259 -16.24 -63.07 -45.39
CA LYS D 259 -16.53 -63.74 -44.13
C LYS D 259 -17.48 -62.98 -43.23
N LEU D 260 -18.02 -61.84 -43.67
CA LEU D 260 -18.94 -61.08 -42.83
C LEU D 260 -20.21 -61.88 -42.58
N PRO D 261 -20.95 -61.54 -41.52
CA PRO D 261 -22.19 -62.29 -41.24
C PRO D 261 -23.30 -61.99 -42.23
N ALA D 262 -23.36 -60.77 -42.76
CA ALA D 262 -24.40 -60.40 -43.73
C ALA D 262 -24.13 -60.95 -45.13
N TYR D 263 -22.91 -61.44 -45.39
CA TYR D 263 -22.54 -61.99 -46.70
C TYR D 263 -21.88 -63.36 -46.46
N LYS D 264 -22.72 -64.37 -46.22
CA LYS D 264 -22.23 -65.73 -45.99
C LYS D 264 -23.13 -66.75 -46.66
N ASP D 265 -24.43 -66.51 -46.64
CA ASP D 265 -25.41 -67.41 -47.24
C ASP D 265 -25.99 -66.76 -48.50
N LEU D 266 -25.16 -66.70 -49.54
CA LEU D 266 -25.61 -66.12 -50.80
C LEU D 266 -24.87 -66.71 -52.00
N GLY D 267 -24.20 -67.85 -51.85
CA GLY D 267 -23.49 -68.46 -52.95
C GLY D 267 -24.32 -69.46 -53.72
N LYS D 268 -25.65 -69.28 -53.69
CA LYS D 268 -26.54 -70.18 -54.41
C LYS D 268 -26.41 -69.98 -55.91
N ASN D 269 -26.31 -68.73 -56.36
CA ASN D 269 -26.18 -68.44 -57.79
C ASN D 269 -24.75 -68.56 -58.28
N LEU D 270 -23.77 -68.66 -57.40
CA LEU D 270 -22.37 -68.77 -57.78
C LEU D 270 -21.98 -70.24 -57.96
N PRO D 271 -20.96 -70.52 -58.75
CA PRO D 271 -20.51 -71.91 -58.94
C PRO D 271 -19.90 -72.46 -57.66
N PHE D 272 -20.52 -73.52 -57.12
CA PHE D 272 -20.03 -74.11 -55.88
C PHE D 272 -18.61 -74.63 -56.01
N PRO D 273 -18.23 -75.37 -57.06
CA PRO D 273 -16.85 -75.86 -57.15
C PRO D 273 -15.93 -74.85 -57.82
N THR D 274 -16.12 -74.63 -59.12
CA THR D 274 -15.32 -73.68 -59.87
C THR D 274 -15.83 -73.65 -61.31
N TYR D 275 -15.58 -72.54 -61.98
CA TYR D 275 -16.00 -72.40 -63.37
C TYR D 275 -15.26 -73.38 -64.26
N PHE D 276 -16.00 -74.02 -65.16
CA PHE D 276 -15.43 -75.00 -66.08
C PHE D 276 -15.64 -74.54 -67.50
N PRO D 277 -14.61 -74.08 -68.20
CA PRO D 277 -14.81 -73.64 -69.60
C PRO D 277 -15.42 -74.74 -70.47
N ASP D 278 -14.95 -75.98 -70.35
CA ASP D 278 -15.49 -77.07 -71.14
C ASP D 278 -16.93 -77.34 -70.73
N GLY D 279 -17.86 -77.19 -71.67
CA GLY D 279 -19.26 -77.40 -71.39
C GLY D 279 -20.05 -77.47 -72.67
N ASP D 280 -21.31 -77.94 -72.57
CA ASP D 280 -21.96 -78.43 -71.35
C ASP D 280 -21.92 -77.43 -70.18
N GLU D 281 -22.04 -76.15 -70.52
CA GLU D 281 -22.00 -75.09 -69.52
C GLU D 281 -22.44 -73.74 -70.08
N GLU D 282 -22.50 -73.61 -71.42
CA GLU D 282 -22.88 -72.36 -72.06
C GLU D 282 -21.89 -71.26 -71.72
N GLU D 283 -21.01 -70.93 -72.66
CA GLU D 283 -20.01 -69.91 -72.43
C GLU D 283 -20.67 -68.57 -72.10
N LEU D 284 -19.93 -67.72 -71.38
CA LEU D 284 -20.41 -66.42 -70.98
C LEU D 284 -20.00 -65.37 -72.00
N PRO D 285 -20.63 -64.18 -71.97
CA PRO D 285 -20.25 -63.12 -72.91
C PRO D 285 -18.81 -62.67 -72.74
N GLU D 286 -18.42 -61.62 -73.47
CA GLU D 286 -17.06 -61.11 -73.37
C GLU D 286 -16.76 -60.61 -71.95
N ASP D 287 -17.75 -60.02 -71.30
CA ASP D 287 -17.58 -59.50 -69.95
C ASP D 287 -18.96 -59.25 -69.33
N LEU D 288 -19.19 -59.82 -68.16
CA LEU D 288 -20.47 -59.66 -67.48
C LEU D 288 -20.51 -58.32 -66.75
N TYR D 289 -21.57 -57.56 -66.98
CA TYR D 289 -21.76 -56.26 -66.35
C TYR D 289 -22.65 -56.40 -65.12
N ASP D 290 -22.83 -55.29 -64.42
CA ASP D 290 -23.65 -55.24 -63.21
C ASP D 290 -24.93 -54.47 -63.49
N GLU D 291 -25.89 -54.62 -62.57
CA GLU D 291 -27.17 -53.93 -62.72
C GLU D 291 -27.05 -52.43 -62.47
N ASN D 292 -26.05 -52.00 -61.72
CA ASN D 292 -25.85 -50.57 -61.43
C ASN D 292 -24.46 -50.12 -61.87
N VAL D 293 -24.15 -50.32 -63.15
CA VAL D 293 -22.86 -49.93 -63.71
C VAL D 293 -23.07 -49.43 -65.13
N CYS D 294 -22.54 -48.26 -65.43
CA CYS D 294 -22.66 -47.68 -66.77
C CYS D 294 -21.83 -48.51 -67.74
N GLN D 295 -22.49 -49.19 -68.67
CA GLN D 295 -21.80 -50.02 -69.63
C GLN D 295 -21.03 -49.16 -70.62
N PRO D 296 -19.92 -49.67 -71.17
CA PRO D 296 -19.13 -48.90 -72.13
C PRO D 296 -19.78 -48.90 -73.51
N GLY D 297 -20.31 -47.74 -73.91
CA GLY D 297 -20.99 -47.58 -75.18
C GLY D 297 -22.48 -47.30 -75.04
N ALA D 298 -23.06 -47.55 -73.87
CA ALA D 298 -24.47 -47.29 -73.66
C ALA D 298 -24.75 -45.79 -73.78
N PRO D 299 -25.99 -45.41 -74.10
CA PRO D 299 -26.31 -43.98 -74.21
C PRO D 299 -26.07 -43.26 -72.89
N SER D 300 -25.96 -41.93 -72.99
CA SER D 300 -25.71 -41.11 -71.81
C SER D 300 -26.84 -41.25 -70.80
N ILE D 301 -26.50 -41.13 -69.52
CA ILE D 301 -27.50 -41.23 -68.47
C ILE D 301 -28.46 -40.05 -68.54
N THR D 302 -29.59 -40.19 -67.86
CA THR D 302 -30.59 -39.14 -67.81
C THR D 302 -31.47 -39.36 -66.58
N PHE D 303 -31.42 -38.43 -65.64
CA PHE D 303 -32.22 -38.51 -64.42
C PHE D 303 -33.60 -37.89 -64.58
N ALA D 304 -34.16 -37.90 -65.79
CA ALA D 304 -35.48 -37.33 -66.04
C ALA D 304 -36.56 -38.36 -65.77
N GLU E 1 111.34 -74.75 41.15
CA GLU E 1 111.25 -73.34 41.48
C GLU E 1 109.88 -72.78 41.10
N PRO E 2 108.84 -73.16 41.86
CA PRO E 2 107.49 -72.66 41.57
C PRO E 2 107.43 -71.14 41.66
N VAL E 3 106.30 -70.60 41.17
CA VAL E 3 106.05 -69.17 41.22
C VAL E 3 104.71 -68.93 41.90
N LEU E 4 104.70 -68.99 43.23
CA LEU E 4 103.47 -68.84 43.99
C LEU E 4 103.14 -67.36 44.19
N ARG E 5 101.88 -67.10 44.53
CA ARG E 5 101.41 -65.73 44.75
C ARG E 5 100.07 -65.75 45.46
N LYS E 6 100.08 -65.48 46.78
CA LYS E 6 98.85 -65.47 47.56
C LYS E 6 98.09 -64.17 47.33
N VAL E 7 96.84 -64.14 47.81
CA VAL E 7 96.00 -62.96 47.65
C VAL E 7 96.61 -61.81 48.45
N GLU E 8 96.85 -60.69 47.78
CA GLU E 8 97.44 -59.53 48.45
C GLU E 8 96.43 -58.81 49.33
N LEU E 9 95.16 -58.78 48.92
CA LEU E 9 94.12 -58.10 49.68
C LEU E 9 93.57 -59.03 50.75
N PRO E 10 92.94 -58.46 51.79
CA PRO E 10 92.37 -59.29 52.87
C PRO E 10 91.05 -59.93 52.45
N VAL E 11 91.06 -61.25 52.33
CA VAL E 11 89.85 -61.98 51.93
C VAL E 11 88.93 -62.09 53.13
N PRO E 12 87.63 -62.35 52.94
CA PRO E 12 86.72 -62.49 54.07
C PRO E 12 87.12 -63.66 54.97
N THR E 13 86.44 -63.76 56.11
CA THR E 13 86.72 -64.84 57.04
C THR E 13 86.38 -66.20 56.42
N HIS E 14 85.27 -66.27 55.68
CA HIS E 14 84.85 -67.48 55.01
C HIS E 14 85.10 -67.35 53.50
N ARG E 15 84.62 -68.34 52.74
CA ARG E 15 84.78 -68.34 51.30
C ARG E 15 86.26 -68.31 50.93
N ARG E 16 86.89 -69.47 50.86
CA ARG E 16 88.31 -69.53 50.53
C ARG E 16 88.54 -69.03 49.09
N PRO E 17 89.73 -68.54 48.79
CA PRO E 17 90.00 -68.06 47.43
C PRO E 17 90.22 -69.20 46.45
N VAL E 18 89.73 -69.02 45.23
CA VAL E 18 89.87 -70.02 44.19
C VAL E 18 91.34 -70.12 43.79
N GLN E 19 91.67 -71.07 42.92
CA GLN E 19 93.04 -71.28 42.48
C GLN E 19 93.04 -71.56 40.98
N ALA E 20 94.19 -71.31 40.36
CA ALA E 20 94.36 -71.53 38.93
C ALA E 20 95.83 -71.80 38.64
N TRP E 21 96.09 -72.26 37.43
CA TRP E 21 97.44 -72.59 37.01
C TRP E 21 98.16 -71.33 36.51
N VAL E 22 99.48 -71.45 36.37
CA VAL E 22 100.31 -70.36 35.89
C VAL E 22 101.30 -70.90 34.85
N GLU E 23 100.87 -70.92 33.60
CA GLU E 23 101.71 -71.43 32.52
C GLU E 23 102.69 -70.35 32.07
N SER E 24 103.33 -70.55 30.92
CA SER E 24 104.28 -69.61 30.37
C SER E 24 104.15 -69.61 28.85
N LEU E 25 104.98 -68.81 28.19
CA LEU E 25 104.98 -68.69 26.73
C LEU E 25 106.40 -68.74 26.19
N ARG E 26 107.30 -69.43 26.87
CA ARG E 26 108.69 -69.55 26.45
C ARG E 26 108.97 -70.88 25.74
N GLY E 27 108.65 -71.99 26.37
CA GLY E 27 108.87 -73.28 25.76
C GLY E 27 107.74 -73.70 24.84
N PHE E 28 108.05 -74.65 23.96
CA PHE E 28 107.05 -75.14 23.02
C PHE E 28 105.95 -75.93 23.71
N GLU E 29 106.26 -76.52 24.87
CA GLU E 29 105.27 -77.30 25.61
C GLU E 29 105.41 -77.11 27.12
N GLN E 30 106.04 -76.03 27.57
CA GLN E 30 106.20 -75.78 28.99
C GLN E 30 104.92 -75.22 29.57
N GLU E 31 104.40 -75.87 30.61
CA GLU E 31 103.15 -75.45 31.25
C GLU E 31 103.29 -75.67 32.76
N ARG E 32 102.22 -75.33 33.47
CA ARG E 32 102.16 -75.46 34.93
C ARG E 32 103.47 -75.02 35.58
N VAL E 33 103.83 -73.77 35.31
CA VAL E 33 105.05 -73.17 35.86
C VAL E 33 104.68 -72.26 37.02
N GLY E 34 103.99 -72.81 38.02
CA GLY E 34 103.57 -72.07 39.19
C GLY E 34 102.10 -72.28 39.47
N LEU E 35 101.65 -71.62 40.53
CA LEU E 35 100.24 -71.71 40.94
C LEU E 35 99.93 -70.53 41.84
N ALA E 36 98.94 -69.72 41.45
CA ALA E 36 98.55 -68.54 42.21
C ALA E 36 97.03 -68.55 42.42
N ASP E 37 96.61 -68.04 43.57
CA ASP E 37 95.20 -67.98 43.90
C ASP E 37 94.60 -66.66 43.44
N LEU E 38 93.27 -66.56 43.57
CA LEU E 38 92.54 -65.37 43.15
C LEU E 38 91.50 -65.02 44.20
N HIS E 39 91.19 -63.74 44.29
CA HIS E 39 90.19 -63.29 45.26
C HIS E 39 88.83 -63.88 44.91
N PRO E 40 88.07 -64.37 45.89
CA PRO E 40 86.76 -64.96 45.56
C PRO E 40 85.72 -63.93 45.17
N ASP E 41 85.71 -62.77 45.82
CA ASP E 41 84.73 -61.73 45.52
C ASP E 41 84.94 -61.11 44.15
N VAL E 42 86.05 -61.41 43.48
CA VAL E 42 86.33 -60.85 42.17
C VAL E 42 86.50 -61.91 41.08
N PHE E 43 86.69 -63.19 41.45
CA PHE E 43 86.88 -64.25 40.48
C PHE E 43 85.95 -65.43 40.74
N ALA E 44 84.98 -65.30 41.66
CA ALA E 44 84.07 -66.41 41.95
C ALA E 44 82.69 -65.91 42.36
N THR E 45 82.26 -64.76 41.82
CA THR E 45 80.95 -64.22 42.14
C THR E 45 79.86 -65.06 41.47
N ALA E 46 78.61 -64.68 41.71
CA ALA E 46 77.48 -65.38 41.13
C ALA E 46 77.49 -65.22 39.61
N PRO E 47 76.73 -66.07 38.90
CA PRO E 47 76.68 -65.95 37.44
C PRO E 47 76.22 -64.58 36.98
N ARG E 48 74.94 -64.26 37.21
CA ARG E 48 74.39 -62.96 36.86
C ARG E 48 74.67 -62.63 35.39
N LEU E 49 73.93 -63.27 34.48
CA LEU E 49 74.08 -63.00 33.06
C LEU E 49 73.29 -61.77 32.61
N ASP E 50 72.28 -61.36 33.38
CA ASP E 50 71.54 -60.15 33.03
C ASP E 50 72.45 -58.93 33.03
N ILE E 51 73.37 -58.85 34.01
CA ILE E 51 74.32 -57.75 34.04
C ILE E 51 75.24 -57.81 32.83
N LEU E 52 75.64 -59.01 32.42
CA LEU E 52 76.45 -59.15 31.22
C LEU E 52 75.72 -58.60 29.99
N HIS E 53 74.46 -59.01 29.83
CA HIS E 53 73.68 -58.54 28.69
C HIS E 53 73.49 -57.04 28.73
N GLN E 54 73.25 -56.48 29.91
CA GLN E 54 73.08 -55.04 30.04
C GLN E 54 74.37 -54.31 29.67
N VAL E 55 75.51 -54.79 30.15
CA VAL E 55 76.78 -54.15 29.84
C VAL E 55 77.07 -54.24 28.35
N ALA E 56 76.72 -55.38 27.73
CA ALA E 56 76.94 -55.54 26.30
C ALA E 56 76.07 -54.56 25.50
N MET E 57 74.78 -54.50 25.82
CA MET E 57 73.90 -53.55 25.15
C MET E 57 74.39 -52.13 25.35
N TRP E 58 74.89 -51.81 26.55
CA TRP E 58 75.42 -50.47 26.80
C TRP E 58 76.61 -50.18 25.89
N GLN E 59 77.63 -51.04 25.93
CA GLN E 59 78.82 -50.82 25.09
C GLN E 59 78.47 -50.75 23.61
N LYS E 60 77.42 -51.44 23.18
CA LYS E 60 77.01 -51.40 21.78
C LYS E 60 76.19 -50.16 21.45
N ASN E 61 75.47 -49.60 22.43
CA ASN E 61 74.60 -48.45 22.20
C ASN E 61 75.34 -47.12 22.39
N PHE E 62 75.84 -46.86 23.59
CA PHE E 62 76.36 -45.52 23.87
C PHE E 62 77.55 -45.16 23.01
N LYS E 63 78.15 -46.13 22.31
CA LYS E 63 79.23 -45.85 21.37
C LYS E 63 78.72 -45.74 19.94
N ARG E 64 77.50 -45.22 19.76
CA ARG E 64 76.89 -45.10 18.46
C ARG E 64 76.23 -43.73 18.34
N ILE E 65 76.44 -43.08 17.19
CA ILE E 65 75.86 -41.76 16.90
C ILE E 65 75.24 -41.85 15.52
N SER E 66 73.91 -41.86 15.46
CA SER E 66 73.22 -41.93 14.18
C SER E 66 73.55 -40.72 13.32
N TYR E 67 73.32 -40.86 12.01
CA TYR E 67 73.58 -39.77 11.08
C TYR E 67 72.51 -39.60 10.00
N ALA E 68 71.53 -40.50 9.91
CA ALA E 68 70.49 -40.36 8.90
C ALA E 68 69.67 -39.11 9.15
N LYS E 69 69.39 -38.37 8.07
CA LYS E 69 68.62 -37.14 8.17
C LYS E 69 67.83 -36.96 6.88
N THR E 70 66.49 -36.90 7.01
CA THR E 70 65.63 -36.72 5.87
C THR E 70 65.30 -35.25 5.67
N LYS E 71 64.46 -34.96 4.69
CA LYS E 71 64.04 -33.60 4.36
C LYS E 71 62.53 -33.51 4.49
N THR E 72 62.05 -32.86 5.54
CA THR E 72 60.62 -32.71 5.75
C THR E 72 60.00 -31.86 4.65
N ARG E 73 58.67 -31.73 4.69
CA ARG E 73 57.96 -30.99 3.65
C ARG E 73 58.34 -29.51 3.66
N ALA E 74 58.76 -28.98 4.82
CA ALA E 74 59.14 -27.58 4.88
C ALA E 74 60.57 -27.36 4.40
N GLU E 75 61.49 -28.25 4.78
CA GLU E 75 62.88 -28.11 4.36
C GLU E 75 63.09 -28.45 2.89
N VAL E 76 62.13 -29.14 2.27
CA VAL E 76 62.27 -29.49 0.87
C VAL E 76 62.28 -28.22 0.02
N ARG E 77 63.02 -28.26 -1.08
CA ARG E 77 63.13 -27.11 -1.97
C ARG E 77 61.89 -26.99 -2.84
N GLY E 78 61.40 -25.76 -3.00
CA GLY E 78 60.25 -25.49 -3.83
C GLY E 78 58.95 -25.83 -3.15
N GLY E 79 57.86 -25.35 -3.75
CA GLY E 79 56.53 -25.60 -3.23
C GLY E 79 56.02 -24.49 -2.34
N GLY E 80 54.72 -24.21 -2.41
CA GLY E 80 54.13 -23.17 -1.59
C GLY E 80 52.83 -22.64 -2.17
N ARG E 81 52.69 -22.69 -3.50
CA ARG E 81 51.49 -22.20 -4.16
C ARG E 81 50.31 -23.12 -3.87
N LYS E 82 49.30 -23.10 -4.74
CA LYS E 82 48.12 -23.93 -4.60
C LYS E 82 47.68 -24.45 -5.96
N PRO E 83 48.12 -25.64 -6.35
CA PRO E 83 47.69 -26.20 -7.63
C PRO E 83 46.22 -26.59 -7.60
N TRP E 84 45.52 -26.29 -8.70
CA TRP E 84 44.08 -26.50 -8.87
C TRP E 84 43.32 -26.15 -7.59
N PRO E 85 42.63 -25.00 -7.53
CA PRO E 85 41.95 -24.63 -6.29
C PRO E 85 40.95 -25.70 -5.85
N GLN E 86 40.49 -25.54 -4.61
CA GLN E 86 39.60 -26.52 -4.00
C GLN E 86 38.33 -26.70 -4.82
N LYS E 87 37.46 -25.69 -4.83
CA LYS E 87 36.18 -25.78 -5.51
C LYS E 87 36.30 -25.61 -7.02
N GLY E 88 37.52 -25.46 -7.55
CA GLY E 88 37.70 -25.30 -8.98
C GLY E 88 37.74 -26.63 -9.72
N THR E 89 38.94 -27.16 -9.91
CA THR E 89 39.10 -28.43 -10.61
C THR E 89 38.45 -29.56 -9.82
N GLY E 90 38.10 -30.63 -10.54
CA GLY E 90 37.48 -31.78 -9.92
C GLY E 90 38.49 -32.81 -9.44
N ARG E 91 39.70 -32.38 -9.15
CA ARG E 91 40.76 -33.25 -8.68
C ARG E 91 40.79 -33.28 -7.15
N ALA E 92 41.61 -34.18 -6.61
CA ALA E 92 41.73 -34.31 -5.17
C ALA E 92 42.23 -33.01 -4.54
N ARG E 93 41.68 -32.69 -3.37
CA ARG E 93 42.09 -31.47 -2.67
C ARG E 93 43.58 -31.53 -2.33
N HIS E 94 44.30 -30.47 -2.68
CA HIS E 94 45.73 -30.38 -2.43
C HIS E 94 46.09 -28.95 -2.08
N GLY E 95 47.14 -28.80 -1.28
CA GLY E 95 47.59 -27.49 -0.86
C GLY E 95 48.99 -27.15 -1.34
N SER E 96 50.00 -27.73 -0.69
CA SER E 96 51.39 -27.49 -1.02
C SER E 96 52.00 -28.76 -1.60
N ILE E 97 52.69 -28.61 -2.73
CA ILE E 97 53.35 -29.74 -3.38
C ILE E 97 54.47 -30.24 -2.48
N ARG E 98 55.01 -31.43 -2.80
CA ARG E 98 56.08 -32.06 -2.03
C ARG E 98 55.60 -32.60 -0.69
N SER E 99 54.31 -32.85 -0.55
CA SER E 99 53.77 -33.43 0.66
C SER E 99 54.07 -34.93 0.70
N PRO E 100 54.01 -35.55 1.89
CA PRO E 100 54.26 -37.00 1.96
C PRO E 100 53.36 -37.82 1.06
N LEU E 101 52.22 -37.28 0.62
CA LEU E 101 51.33 -37.98 -0.28
C LEU E 101 51.72 -37.85 -1.74
N TRP E 102 52.74 -37.05 -2.05
CA TRP E 102 53.20 -36.84 -3.41
C TRP E 102 54.50 -37.58 -3.67
N ARG E 103 54.91 -37.59 -4.92
CA ARG E 103 56.16 -38.23 -5.34
C ARG E 103 57.31 -37.22 -5.21
N GLY E 104 58.38 -37.64 -4.53
CA GLY E 104 59.52 -36.78 -4.33
C GLY E 104 59.37 -35.76 -3.23
N GLY E 105 58.30 -35.84 -2.44
CA GLY E 105 58.09 -34.91 -1.35
C GLY E 105 58.91 -35.24 -0.13
N GLY E 106 58.53 -34.63 0.99
CA GLY E 106 59.22 -34.86 2.24
C GLY E 106 58.65 -36.03 3.03
N VAL E 107 59.47 -36.56 3.92
CA VAL E 107 59.06 -37.69 4.77
C VAL E 107 58.27 -37.15 5.95
N ALA E 108 57.09 -37.73 6.18
CA ALA E 108 56.24 -37.32 7.30
C ALA E 108 56.99 -37.51 8.62
N HIS E 109 57.29 -38.76 8.97
CA HIS E 109 58.04 -39.09 10.17
C HIS E 109 59.29 -39.84 9.78
N GLY E 110 60.44 -39.38 10.27
CA GLY E 110 61.70 -39.99 9.97
C GLY E 110 62.82 -39.51 10.89
N PRO E 111 64.04 -39.97 10.64
CA PRO E 111 65.18 -39.55 11.47
C PRO E 111 65.50 -38.08 11.26
N ARG E 112 65.43 -37.30 12.33
CA ARG E 112 65.70 -35.87 12.31
C ARG E 112 67.03 -35.61 13.00
N GLY E 113 68.03 -35.21 12.23
CA GLY E 113 69.34 -34.91 12.77
C GLY E 113 70.04 -36.15 13.28
N PRO E 114 71.33 -36.01 13.62
CA PRO E 114 72.10 -37.15 14.13
C PRO E 114 71.81 -37.39 15.61
N THR E 115 71.07 -38.46 15.89
CA THR E 115 70.73 -38.80 17.26
C THR E 115 71.91 -39.49 17.94
N SER E 116 71.74 -39.79 19.23
CA SER E 116 72.80 -40.44 20.00
C SER E 116 72.15 -41.13 21.20
N TYR E 117 72.34 -42.44 21.30
CA TYR E 117 71.77 -43.22 22.40
C TYR E 117 72.80 -43.38 23.53
N TYR E 118 73.24 -42.23 24.03
CA TYR E 118 74.24 -42.18 25.10
C TYR E 118 73.58 -42.21 26.46
N TYR E 119 74.14 -43.00 27.38
CA TYR E 119 73.64 -43.07 28.74
C TYR E 119 74.63 -43.81 29.63
N MET E 120 74.99 -43.22 30.76
CA MET E 120 75.98 -43.80 31.65
C MET E 120 75.33 -44.85 32.56
N LEU E 121 76.19 -45.59 33.25
CA LEU E 121 75.75 -46.62 34.18
C LEU E 121 76.58 -46.49 35.46
N PRO E 122 76.10 -47.07 36.57
CA PRO E 122 76.90 -47.02 37.80
C PRO E 122 78.21 -47.76 37.64
N MET E 123 79.28 -47.19 38.23
CA MET E 123 80.57 -47.84 38.19
C MET E 123 80.54 -49.20 38.87
N LYS E 124 79.72 -49.34 39.91
CA LYS E 124 79.60 -50.64 40.58
C LYS E 124 78.98 -51.68 39.65
N VAL E 125 78.03 -51.27 38.81
CA VAL E 125 77.46 -52.19 37.83
C VAL E 125 78.53 -52.64 36.86
N ARG E 126 79.40 -51.72 36.42
CA ARG E 126 80.48 -52.09 35.52
C ARG E 126 81.45 -53.05 36.20
N ALA E 127 81.79 -52.79 37.46
CA ALA E 127 82.69 -53.69 38.18
C ALA E 127 82.08 -55.08 38.32
N LEU E 128 80.78 -55.13 38.63
CA LEU E 128 80.11 -56.44 38.76
C LEU E 128 80.09 -57.16 37.42
N GLY E 129 79.85 -56.44 36.33
CA GLY E 129 79.89 -57.06 35.01
C GLY E 129 81.26 -57.60 34.67
N LEU E 130 82.31 -56.85 34.98
CA LEU E 130 83.67 -57.33 34.74
C LEU E 130 83.98 -58.56 35.58
N LYS E 131 83.55 -58.56 36.85
CA LYS E 131 83.75 -59.72 37.70
C LYS E 131 83.02 -60.94 37.16
N VAL E 132 81.80 -60.74 36.67
CA VAL E 132 81.02 -61.84 36.13
C VAL E 132 81.69 -62.38 34.86
N ALA E 133 82.19 -61.49 34.00
CA ALA E 133 82.89 -61.94 32.80
C ALA E 133 84.14 -62.74 33.17
N LEU E 134 84.88 -62.28 34.17
CA LEU E 134 86.07 -63.01 34.61
C LEU E 134 85.69 -64.38 35.16
N THR E 135 84.65 -64.45 35.97
CA THR E 135 84.22 -65.73 36.53
C THR E 135 83.76 -66.67 35.43
N VAL E 136 83.09 -66.15 34.40
CA VAL E 136 82.63 -66.98 33.30
C VAL E 136 83.82 -67.51 32.50
N LYS E 137 84.79 -66.63 32.22
CA LYS E 137 85.97 -67.07 31.47
C LYS E 137 86.81 -68.06 32.28
N LEU E 138 86.76 -67.99 33.60
CA LEU E 138 87.53 -68.90 34.43
C LEU E 138 86.84 -70.26 34.56
N ALA E 139 85.58 -70.26 34.99
CA ALA E 139 84.87 -71.52 35.20
C ALA E 139 84.70 -72.30 33.91
N GLN E 140 84.66 -71.61 32.77
CA GLN E 140 84.49 -72.26 31.47
C GLN E 140 85.78 -72.87 30.95
N ASP E 141 86.84 -72.94 31.77
CA ASP E 141 88.12 -73.51 31.35
C ASP E 141 88.72 -72.71 30.19
N ASP E 142 88.50 -71.39 30.18
CA ASP E 142 89.01 -70.52 29.13
C ASP E 142 90.02 -69.51 29.62
N LEU E 143 90.08 -69.24 30.93
CA LEU E 143 91.03 -68.27 31.46
C LEU E 143 92.40 -68.91 31.62
N HIS E 144 93.44 -68.08 31.50
CA HIS E 144 94.81 -68.54 31.64
C HIS E 144 95.63 -67.42 32.26
N ILE E 145 96.58 -67.80 33.12
CA ILE E 145 97.45 -66.87 33.81
C ILE E 145 98.89 -67.18 33.42
N MET E 146 99.71 -66.13 33.25
CA MET E 146 101.10 -66.29 32.87
C MET E 146 102.00 -65.47 33.79
N ASP E 147 103.25 -65.26 33.38
CA ASP E 147 104.20 -64.49 34.18
C ASP E 147 104.79 -63.34 33.36
N SER E 148 104.96 -63.56 32.06
CA SER E 148 105.52 -62.52 31.19
C SER E 148 105.24 -62.85 29.73
N LEU E 149 104.43 -62.02 29.08
CA LEU E 149 104.08 -62.24 27.67
C LEU E 149 105.30 -62.07 26.79
N GLU E 150 106.14 -63.11 26.72
CA GLU E 150 107.36 -63.08 25.92
C GLU E 150 107.41 -64.33 25.05
N LEU E 151 108.29 -64.31 24.07
CA LEU E 151 108.48 -65.41 23.13
C LEU E 151 109.96 -65.59 22.87
N PRO E 152 110.38 -66.80 22.48
CA PRO E 152 111.81 -67.01 22.19
C PRO E 152 112.25 -66.42 20.85
N THR E 153 111.32 -66.10 19.96
CA THR E 153 111.67 -65.52 18.66
C THR E 153 110.75 -64.35 18.34
N GLY E 154 109.45 -64.63 18.21
CA GLY E 154 108.48 -63.61 17.91
C GLY E 154 107.82 -63.80 16.56
N ASP E 155 107.60 -65.06 16.17
CA ASP E 155 106.97 -65.36 14.88
C ASP E 155 105.51 -65.73 15.10
N PRO E 156 104.57 -65.19 14.32
CA PRO E 156 103.16 -65.57 14.51
C PRO E 156 102.92 -67.06 14.34
N GLN E 157 103.68 -67.73 13.47
CA GLN E 157 103.49 -69.16 13.26
C GLN E 157 103.74 -69.94 14.55
N TYR E 158 104.79 -69.59 15.29
CA TYR E 158 105.10 -70.28 16.53
C TYR E 158 103.99 -70.11 17.55
N LEU E 159 103.49 -68.88 17.70
CA LEU E 159 102.41 -68.63 18.66
C LEU E 159 101.14 -69.39 18.26
N THR E 160 100.81 -69.39 16.97
CA THR E 160 99.63 -70.11 16.51
C THR E 160 99.78 -71.61 16.76
N GLU E 161 100.95 -72.16 16.49
CA GLU E 161 101.17 -73.59 16.73
C GLU E 161 101.07 -73.91 18.21
N LEU E 162 101.62 -73.04 19.06
CA LEU E 162 101.53 -73.26 20.50
C LEU E 162 100.08 -73.22 20.97
N ALA E 163 99.31 -72.24 20.48
CA ALA E 163 97.90 -72.15 20.86
C ALA E 163 97.11 -73.35 20.38
N HIS E 164 97.44 -73.86 19.19
CA HIS E 164 96.74 -75.03 18.68
C HIS E 164 97.09 -76.29 19.47
N TYR E 165 98.36 -76.41 19.88
CA TYR E 165 98.78 -77.58 20.65
C TYR E 165 98.19 -77.55 22.06
N ARG E 166 98.13 -76.37 22.67
CA ARG E 166 97.58 -76.25 24.02
C ARG E 166 96.06 -76.35 24.04
N ARG E 167 95.41 -76.48 22.89
CA ARG E 167 93.96 -76.63 22.81
C ARG E 167 93.26 -75.44 23.48
N TRP E 168 93.71 -74.23 23.13
CA TRP E 168 93.07 -73.02 23.64
C TRP E 168 91.85 -72.64 22.81
N GLY E 169 92.00 -72.56 21.50
CA GLY E 169 90.90 -72.22 20.63
C GLY E 169 91.36 -71.55 19.35
N ASP E 170 90.88 -70.34 19.09
CA ASP E 170 91.24 -69.60 17.89
C ASP E 170 91.45 -68.12 18.21
N SER E 171 90.58 -67.57 19.06
CA SER E 171 90.64 -66.16 19.44
C SER E 171 91.14 -66.09 20.88
N VAL E 172 92.45 -65.95 21.03
CA VAL E 172 93.10 -65.83 22.34
C VAL E 172 93.30 -64.35 22.63
N LEU E 173 92.63 -63.85 23.65
CA LEU E 173 92.69 -62.43 24.02
C LEU E 173 93.81 -62.24 25.03
N LEU E 174 94.93 -61.68 24.57
CA LEU E 174 96.07 -61.40 25.44
C LEU E 174 95.90 -60.02 26.05
N VAL E 175 96.30 -59.89 27.32
CA VAL E 175 96.17 -58.64 28.06
C VAL E 175 97.44 -58.39 28.83
N ASP E 176 97.88 -57.14 28.86
CA ASP E 176 99.08 -56.73 29.59
C ASP E 176 98.72 -55.49 30.42
N LEU E 177 99.75 -54.79 30.88
CA LEU E 177 99.55 -53.57 31.68
C LEU E 177 100.59 -52.54 31.30
N THR E 178 100.29 -51.28 31.63
CA THR E 178 101.20 -50.16 31.39
C THR E 178 101.25 -49.77 29.91
N HIS E 179 101.42 -50.76 29.03
CA HIS E 179 101.49 -50.54 27.59
C HIS E 179 102.88 -50.10 27.16
N GLU E 180 103.69 -49.62 28.11
CA GLU E 180 105.06 -49.21 27.82
C GLU E 180 106.07 -50.32 28.02
N GLU E 181 105.74 -51.33 28.85
CA GLU E 181 106.62 -52.45 29.11
C GLU E 181 106.35 -53.63 28.18
N MET E 182 105.79 -53.38 27.01
CA MET E 182 105.47 -54.46 26.07
C MET E 182 106.75 -54.91 25.36
N PRO E 183 107.04 -56.21 25.33
CA PRO E 183 108.22 -56.68 24.60
C PRO E 183 108.00 -56.69 23.10
N GLN E 184 109.08 -56.44 22.36
CA GLN E 184 108.98 -56.35 20.90
C GLN E 184 108.57 -57.69 20.29
N SER E 185 108.93 -58.80 20.93
CA SER E 185 108.63 -60.11 20.36
C SER E 185 107.12 -60.32 20.22
N ILE E 186 106.39 -60.23 21.34
CA ILE E 186 104.95 -60.44 21.29
C ILE E 186 104.28 -59.35 20.47
N VAL E 187 104.81 -58.12 20.51
CA VAL E 187 104.24 -57.04 19.73
C VAL E 187 104.27 -57.39 18.24
N GLU E 188 105.43 -57.80 17.74
CA GLU E 188 105.55 -58.15 16.33
C GLU E 188 104.78 -59.41 16.00
N ALA E 189 104.67 -60.34 16.95
CA ALA E 189 103.94 -61.58 16.69
C ALA E 189 102.44 -61.33 16.60
N THR E 190 101.93 -60.33 17.33
CA THR E 190 100.50 -60.05 17.34
C THR E 190 100.10 -58.96 16.34
N SER E 191 101.04 -58.16 15.87
CA SER E 191 100.73 -57.11 14.91
C SER E 191 100.65 -57.61 13.47
N ARG E 192 100.37 -58.90 13.26
CA ARG E 192 100.26 -59.44 11.92
C ARG E 192 99.25 -60.60 11.90
N LEU E 193 98.19 -60.47 12.69
CA LEU E 193 97.15 -61.48 12.77
C LEU E 193 95.80 -60.80 12.92
N LYS E 194 94.74 -61.61 12.86
CA LYS E 194 93.38 -61.11 12.98
C LYS E 194 92.63 -61.65 14.19
N THR E 195 93.19 -62.62 14.91
CA THR E 195 92.55 -63.21 16.08
C THR E 195 93.15 -62.76 17.39
N PHE E 196 94.48 -62.65 17.48
CA PHE E 196 95.16 -62.25 18.69
C PHE E 196 95.45 -60.75 18.65
N ASN E 197 95.17 -60.07 19.75
CA ASN E 197 95.39 -58.63 19.85
C ASN E 197 95.90 -58.30 21.24
N LEU E 198 96.90 -57.42 21.30
CA LEU E 198 97.48 -56.99 22.57
C LEU E 198 96.74 -55.76 23.07
N ILE E 199 96.15 -55.86 24.25
CA ILE E 199 95.40 -54.76 24.85
C ILE E 199 95.88 -54.58 26.29
N PRO E 200 96.15 -53.36 26.75
CA PRO E 200 96.61 -53.18 28.13
C PRO E 200 95.49 -53.44 29.13
N ALA E 201 95.89 -53.67 30.38
CA ALA E 201 94.92 -53.90 31.43
C ALA E 201 93.99 -52.72 31.61
N VAL E 202 94.46 -51.51 31.30
CA VAL E 202 93.63 -50.32 31.44
C VAL E 202 92.43 -50.38 30.50
N GLY E 203 92.61 -50.97 29.32
CA GLY E 203 91.53 -51.06 28.36
C GLY E 203 90.89 -52.44 28.31
N LEU E 204 90.27 -52.85 29.41
CA LEU E 204 89.60 -54.13 29.51
C LEU E 204 88.09 -53.91 29.62
N ASN E 205 87.33 -54.62 28.79
CA ASN E 205 85.88 -54.49 28.79
C ASN E 205 85.21 -55.86 28.75
N VAL E 206 83.91 -55.89 28.51
CA VAL E 206 83.15 -57.14 28.49
C VAL E 206 82.92 -57.58 27.05
N HIS E 207 82.77 -56.61 26.15
CA HIS E 207 82.53 -56.95 24.74
C HIS E 207 83.71 -57.73 24.16
N SER E 208 84.93 -57.24 24.38
CA SER E 208 86.10 -57.94 23.86
C SER E 208 86.29 -59.29 24.53
N MET E 209 85.90 -59.42 25.79
CA MET E 209 86.04 -60.69 26.49
C MET E 209 85.05 -61.72 25.94
N LEU E 210 83.82 -61.30 25.66
CA LEU E 210 82.81 -62.22 25.15
C LEU E 210 83.01 -62.51 23.66
N LYS E 211 83.65 -61.59 22.93
CA LYS E 211 83.87 -61.82 21.50
C LYS E 211 84.93 -62.89 21.27
N HIS E 212 86.00 -62.87 22.06
CA HIS E 212 87.06 -63.85 21.93
C HIS E 212 86.69 -65.15 22.64
N GLN E 213 87.50 -66.18 22.42
CA GLN E 213 87.26 -67.49 23.00
C GLN E 213 87.92 -67.63 24.37
N THR E 214 89.24 -67.51 24.41
CA THR E 214 90.01 -67.65 25.64
C THR E 214 90.57 -66.29 26.06
N LEU E 215 91.27 -66.29 27.19
CA LEU E 215 91.88 -65.08 27.72
C LEU E 215 93.18 -65.45 28.41
N VAL E 216 94.13 -64.51 28.38
CA VAL E 216 95.44 -64.70 28.98
C VAL E 216 95.76 -63.48 29.83
N LEU E 217 96.37 -63.71 30.99
CA LEU E 217 96.75 -62.65 31.90
C LEU E 217 98.06 -63.02 32.59
N THR E 218 98.62 -62.07 33.33
CA THR E 218 99.87 -62.25 34.06
C THR E 218 99.67 -61.83 35.51
N LEU E 219 100.66 -62.15 36.33
CA LEU E 219 100.61 -61.79 37.75
C LEU E 219 100.37 -60.31 37.98
N PRO E 220 101.15 -59.39 37.39
CA PRO E 220 100.86 -57.97 37.62
C PRO E 220 99.51 -57.53 37.09
N THR E 221 99.11 -58.04 35.91
CA THR E 221 97.80 -57.70 35.38
C THR E 221 96.69 -58.17 36.32
N VAL E 222 96.79 -59.41 36.81
CA VAL E 222 95.79 -59.95 37.71
C VAL E 222 95.75 -59.13 39.00
N ALA E 223 96.91 -58.79 39.54
CA ALA E 223 96.95 -58.01 40.78
C ALA E 223 96.30 -56.64 40.58
N PHE E 224 96.63 -55.97 39.48
CA PHE E 224 96.05 -54.66 39.22
C PHE E 224 94.54 -54.75 39.04
N LEU E 225 94.07 -55.76 38.30
CA LEU E 225 92.64 -55.92 38.09
C LEU E 225 91.92 -56.19 39.41
N GLU E 226 92.48 -57.08 40.23
CA GLU E 226 91.87 -57.37 41.52
C GLU E 226 91.82 -56.13 42.40
N ASP E 227 92.91 -55.36 42.44
CA ASP E 227 92.94 -54.15 43.27
C ASP E 227 91.89 -53.14 42.80
N LYS E 228 91.84 -52.90 41.49
CA LYS E 228 90.91 -51.90 40.96
C LYS E 228 89.47 -52.35 41.03
N LEU E 229 89.21 -53.66 41.06
CA LEU E 229 87.86 -54.16 41.21
C LEU E 229 87.42 -54.24 42.67
N LEU E 230 88.36 -54.39 43.59
CA LEU E 230 88.03 -54.40 45.02
C LEU E 230 87.93 -52.99 45.57
N TRP E 231 88.63 -52.03 44.98
CA TRP E 231 88.51 -50.64 45.42
C TRP E 231 87.09 -50.13 45.26
N GLN E 232 86.38 -50.60 44.23
CA GLN E 232 84.99 -50.19 44.03
C GLN E 232 84.13 -50.56 45.23
N ASP E 233 84.47 -51.64 45.93
CA ASP E 233 83.76 -52.04 47.12
C ASP E 233 84.40 -51.44 48.36
N SER E 234 83.58 -51.12 49.36
CA SER E 234 84.05 -50.52 50.60
C SER E 234 84.64 -49.14 50.33
N ARG E 235 83.82 -48.23 49.80
CA ARG E 235 84.25 -46.87 49.51
C ARG E 235 83.14 -45.91 49.90
N TYR E 236 83.51 -44.63 50.03
CA TYR E 236 82.57 -43.59 50.39
C TYR E 236 81.97 -42.97 49.14
N ARG E 237 81.06 -42.01 49.32
CA ARG E 237 80.41 -41.37 48.21
C ARG E 237 81.44 -40.58 47.39
N PRO E 238 81.18 -40.37 46.09
CA PRO E 238 82.15 -39.60 45.30
C PRO E 238 82.26 -38.14 45.73
N LEU E 239 81.14 -37.53 46.14
CA LEU E 239 81.13 -36.13 46.51
C LEU E 239 81.51 -35.26 45.30
N TYR E 240 82.77 -35.32 44.89
CA TYR E 240 83.24 -34.67 43.68
C TYR E 240 83.85 -35.72 42.77
N PRO E 241 84.04 -35.41 41.49
CA PRO E 241 84.64 -36.39 40.58
C PRO E 241 85.96 -36.92 41.12
N PHE E 242 86.15 -38.24 40.98
CA PHE E 242 87.36 -38.89 41.49
C PHE E 242 88.63 -38.39 40.82
N SER E 243 88.52 -37.65 39.71
CA SER E 243 89.70 -37.11 39.06
C SER E 243 90.50 -36.19 39.96
N LEU E 244 89.88 -35.67 41.03
CA LEU E 244 90.59 -34.82 41.97
C LEU E 244 91.73 -35.58 42.62
N PRO E 245 92.68 -34.88 43.25
CA PRO E 245 93.83 -35.59 43.83
C PRO E 245 93.45 -36.59 44.90
N TYR E 246 92.59 -36.20 45.85
CA TYR E 246 92.21 -37.04 46.97
C TYR E 246 93.42 -37.37 47.85
N SER E 247 93.21 -37.46 49.16
CA SER E 247 94.31 -37.73 50.07
C SER E 247 94.66 -39.22 50.07
N ASP E 248 93.73 -40.06 50.53
CA ASP E 248 94.00 -41.49 50.61
C ASP E 248 94.18 -42.09 49.21
N PHE E 249 93.25 -41.83 48.31
CA PHE E 249 93.33 -42.39 46.97
C PHE E 249 94.57 -41.84 46.27
N PRO E 250 95.36 -42.70 45.58
CA PRO E 250 96.56 -42.22 44.90
C PRO E 250 96.25 -41.47 43.61
N THR F 1 68.30 15.02 24.77
CA THR F 1 67.64 16.17 25.39
C THR F 1 66.37 15.73 26.13
N VAL F 2 65.81 14.60 25.72
CA VAL F 2 64.59 14.06 26.30
C VAL F 2 64.95 12.79 27.05
N ILE F 3 64.85 12.83 28.37
CA ILE F 3 65.12 11.64 29.18
C ILE F 3 64.00 10.62 28.98
N VAL F 4 64.37 9.35 28.93
CA VAL F 4 63.44 8.27 28.65
C VAL F 4 63.71 7.10 29.58
N GLU F 5 62.65 6.40 29.98
CA GLU F 5 62.74 5.21 30.81
C GLU F 5 62.30 3.99 30.01
N ARG F 6 62.75 2.83 30.48
CA ARG F 6 62.45 1.56 29.82
C ARG F 6 61.26 0.87 30.48
N TRP F 7 60.55 0.09 29.69
CA TRP F 7 59.39 -0.67 30.16
C TRP F 7 59.72 -2.16 30.17
N TRP F 8 59.06 -2.89 31.06
CA TRP F 8 59.16 -4.32 31.27
C TRP F 8 60.43 -4.70 32.02
N LYS F 9 61.38 -3.79 32.22
CA LYS F 9 62.60 -4.08 32.94
C LYS F 9 63.47 -5.08 32.18
N VAL F 10 64.77 -4.82 32.13
CA VAL F 10 65.68 -5.74 31.43
C VAL F 10 65.89 -6.98 32.32
N PRO F 11 65.86 -8.18 31.76
CA PRO F 11 66.03 -9.40 32.58
C PRO F 11 67.46 -9.67 33.00
N LEU F 12 68.39 -8.73 32.82
CA LEU F 12 69.78 -8.94 33.19
C LEU F 12 70.43 -10.00 32.31
N ALA F 13 71.63 -9.72 31.81
CA ALA F 13 72.35 -10.64 30.94
C ALA F 13 73.85 -10.58 31.23
N GLY F 14 74.19 -10.60 32.51
CA GLY F 14 75.58 -10.57 32.92
C GLY F 14 76.30 -9.34 32.41
N GLU F 15 77.59 -9.50 32.12
CA GLU F 15 78.42 -8.41 31.63
C GLU F 15 79.13 -8.72 30.32
N GLY F 16 79.34 -9.99 29.98
CA GLY F 16 80.02 -10.35 28.75
C GLY F 16 79.20 -10.03 27.52
N ARG F 17 78.23 -10.88 27.20
CA ARG F 17 77.39 -10.66 26.04
C ARG F 17 76.41 -9.52 26.28
N LYS F 18 76.02 -8.86 25.20
CA LYS F 18 75.09 -7.75 25.28
C LYS F 18 73.71 -8.24 25.72
N PRO F 19 72.90 -7.37 26.31
CA PRO F 19 71.56 -7.79 26.76
C PRO F 19 70.60 -8.00 25.59
N ARG F 20 70.23 -9.25 25.35
CA ARG F 20 69.29 -9.57 24.26
C ARG F 20 67.93 -8.95 24.53
N LEU F 21 67.61 -7.88 23.81
CA LEU F 21 66.34 -7.19 24.01
C LEU F 21 65.21 -7.97 23.34
N HIS F 22 64.01 -7.39 23.36
CA HIS F 22 62.84 -8.01 22.77
C HIS F 22 61.94 -6.91 22.20
N ARG F 23 60.95 -7.34 21.41
CA ARG F 23 60.03 -6.38 20.81
C ARG F 23 59.25 -5.62 21.87
N ARG F 24 59.01 -6.23 23.03
CA ARG F 24 58.30 -5.54 24.10
C ARG F 24 59.20 -4.51 24.79
N HIS F 25 60.50 -4.76 24.83
CA HIS F 25 61.43 -3.81 25.44
C HIS F 25 61.49 -2.49 24.66
N ARG F 26 61.07 -2.50 23.39
CA ARG F 26 61.06 -1.26 22.61
C ARG F 26 60.14 -0.21 23.21
N VAL F 27 59.13 -0.62 23.98
CA VAL F 27 58.24 0.34 24.61
C VAL F 27 59.02 1.21 25.57
N TYR F 28 58.68 2.50 25.60
CA TYR F 28 59.36 3.48 26.45
C TYR F 28 58.33 4.24 27.25
N LYS F 29 58.83 5.16 28.09
CA LYS F 29 57.97 5.98 28.93
C LYS F 29 58.70 7.28 29.24
N LEU F 30 58.09 8.40 28.86
CA LEU F 30 58.69 9.71 29.11
C LEU F 30 58.68 9.99 30.61
N VAL F 31 59.87 10.21 31.17
CA VAL F 31 60.02 10.46 32.60
C VAL F 31 60.35 11.92 32.87
N GLU F 32 61.13 12.56 32.01
CA GLU F 32 61.51 13.96 32.19
C GLU F 32 62.15 14.46 30.91
N ASP F 33 62.26 15.78 30.82
CA ASP F 33 62.85 16.44 29.66
C ASP F 33 63.81 17.53 30.13
N THR F 34 64.93 17.67 29.42
CA THR F 34 65.90 18.70 29.77
C THR F 34 65.26 20.08 29.80
N LYS F 35 64.61 20.45 28.70
CA LYS F 35 63.89 21.72 28.65
C LYS F 35 62.71 21.69 29.62
N HIS F 36 61.96 22.78 29.66
CA HIS F 36 60.87 22.95 30.62
C HIS F 36 61.38 22.91 32.06
N ARG F 37 62.66 23.25 32.26
CA ARG F 37 63.30 23.22 33.55
C ARG F 37 63.82 24.61 33.92
N PRO F 38 63.75 25.00 35.20
CA PRO F 38 64.29 26.31 35.59
C PRO F 38 65.74 26.48 35.20
N LYS F 39 66.00 27.39 34.25
CA LYS F 39 67.35 27.60 33.76
C LYS F 39 68.25 28.12 34.88
N GLU F 40 69.54 28.21 34.58
CA GLU F 40 70.54 28.69 35.52
C GLU F 40 71.33 29.82 34.90
N ASN F 41 71.86 30.70 35.74
CA ASN F 41 72.64 31.85 35.30
C ASN F 41 74.12 31.50 35.42
N LEU F 42 74.75 31.24 34.27
CA LEU F 42 76.17 30.90 34.25
C LEU F 42 77.01 32.12 34.65
N GLU F 43 78.17 31.83 35.23
CA GLU F 43 79.09 32.88 35.66
C GLU F 43 80.00 33.29 34.51
N LEU F 44 80.12 34.58 34.29
CA LEU F 44 80.97 35.11 33.22
C LEU F 44 81.60 36.41 33.67
N ILE F 45 82.92 36.50 33.55
CA ILE F 45 83.65 37.72 33.89
C ILE F 45 83.79 38.57 32.64
N LEU F 46 83.64 39.87 32.81
CA LEU F 46 83.67 40.81 31.69
C LEU F 46 85.09 41.30 31.45
N THR F 47 85.40 41.57 30.18
CA THR F 47 86.72 42.02 29.78
C THR F 47 86.76 43.50 29.37
N GLN F 48 85.61 44.14 29.23
CA GLN F 48 85.54 45.54 28.83
C GLN F 48 84.45 46.23 29.64
N SER F 49 84.30 47.53 29.40
CA SER F 49 83.30 48.33 30.11
C SER F 49 81.92 48.01 29.55
N VAL F 50 81.11 47.30 30.33
CA VAL F 50 79.78 46.92 29.92
C VAL F 50 78.78 47.79 30.68
N GLU F 51 77.52 47.78 30.24
CA GLU F 51 76.45 48.54 30.88
C GLU F 51 76.44 48.35 32.39
N ASN F 52 75.66 49.18 33.09
CA ASN F 52 75.63 49.15 34.55
C ASN F 52 75.32 47.77 35.10
N VAL F 53 74.71 46.89 34.30
CA VAL F 53 74.40 45.54 34.76
C VAL F 53 75.66 44.79 35.17
N GLY F 54 76.84 45.21 34.67
CA GLY F 54 78.08 44.57 35.03
C GLY F 54 79.20 45.59 35.14
N VAL F 55 80.34 45.11 35.62
CA VAL F 55 81.52 45.95 35.82
C VAL F 55 82.75 45.18 35.35
N ARG F 56 83.74 45.92 34.89
CA ARG F 56 84.98 45.31 34.41
C ARG F 56 85.65 44.52 35.53
N GLY F 57 86.02 43.28 35.22
CA GLY F 57 86.68 42.42 36.19
C GLY F 57 85.84 42.17 37.42
N ASP F 58 84.60 41.69 37.21
CA ASP F 58 83.69 41.42 38.33
C ASP F 58 82.75 40.31 37.86
N LEU F 59 83.00 39.09 38.33
CA LEU F 59 82.15 37.95 37.97
C LEU F 59 80.74 38.16 38.50
N VAL F 60 79.75 37.88 37.65
CA VAL F 60 78.35 38.03 37.99
C VAL F 60 77.55 36.92 37.32
N SER F 61 76.38 36.63 37.89
CA SER F 61 75.50 35.59 37.36
C SER F 61 74.76 36.15 36.16
N VAL F 62 75.26 35.87 34.98
CA VAL F 62 74.66 36.35 33.74
C VAL F 62 73.74 35.26 33.18
N LYS F 63 72.74 35.69 32.42
CA LYS F 63 71.79 34.76 31.81
C LYS F 63 72.44 34.07 30.61
N LYS F 64 71.80 32.98 30.18
CA LYS F 64 72.33 32.22 29.05
C LYS F 64 72.09 32.94 27.74
N SER F 65 70.93 33.54 27.57
CA SER F 65 70.58 34.19 26.31
C SER F 65 71.60 35.25 25.93
N LEU F 66 71.77 36.27 26.78
CA LEU F 66 72.71 37.34 26.50
C LEU F 66 74.14 36.81 26.41
N GLY F 67 74.53 35.98 27.37
CA GLY F 67 75.88 35.45 27.37
C GLY F 67 76.24 34.73 26.10
N ARG F 68 75.27 34.06 25.48
CA ARG F 68 75.53 33.33 24.24
C ARG F 68 75.31 34.18 23.00
N ASN F 69 74.54 35.26 23.08
CA ASN F 69 74.22 36.06 21.92
C ASN F 69 75.19 37.21 21.70
N ARG F 70 75.52 37.95 22.76
CA ARG F 70 76.33 39.16 22.63
C ARG F 70 77.68 39.05 23.32
N LEU F 71 77.70 38.65 24.59
CA LEU F 71 78.93 38.65 25.38
C LEU F 71 79.98 37.71 24.80
N LEU F 72 79.72 36.41 24.85
CA LEU F 72 80.73 35.44 24.44
C LEU F 72 81.11 35.59 22.98
N PRO F 73 80.18 35.72 22.03
CA PRO F 73 80.61 35.86 20.63
C PRO F 73 81.48 37.08 20.37
N GLN F 74 81.14 38.23 20.98
CA GLN F 74 81.90 39.46 20.78
C GLN F 74 83.14 39.53 21.66
N GLY F 75 83.45 38.48 22.41
CA GLY F 75 84.62 38.48 23.26
C GLY F 75 84.55 39.43 24.43
N LEU F 76 83.36 39.91 24.78
CA LEU F 76 83.21 40.82 25.91
C LEU F 76 83.32 40.12 27.25
N ALA F 77 83.33 38.79 27.27
CA ALA F 77 83.44 38.03 28.51
C ALA F 77 84.12 36.71 28.23
N VAL F 78 84.51 36.02 29.31
CA VAL F 78 85.19 34.74 29.23
C VAL F 78 84.57 33.80 30.26
N TYR F 79 84.62 32.50 29.96
CA TYR F 79 84.06 31.51 30.86
C TYR F 79 84.78 31.53 32.20
N ALA F 80 84.06 31.12 33.25
CA ALA F 80 84.61 31.09 34.60
C ALA F 80 85.61 29.93 34.71
N SER F 81 86.80 30.18 34.21
CA SER F 81 87.89 29.21 34.22
C SER F 81 88.87 29.52 35.33
N PRO F 82 89.82 28.62 35.61
CA PRO F 82 90.83 28.92 36.63
C PRO F 82 91.94 29.81 36.10
N GLU F 83 92.26 29.66 34.81
CA GLU F 83 93.33 30.46 34.21
C GLU F 83 92.97 31.94 34.18
N ASN F 84 91.81 32.27 33.59
CA ASN F 84 91.37 33.66 33.54
C ASN F 84 91.10 34.19 34.94
N LYS F 85 90.65 33.32 35.86
CA LYS F 85 90.44 33.76 37.24
C LYS F 85 91.77 34.17 37.88
N LYS F 86 92.82 33.37 37.69
CA LYS F 86 94.13 33.74 38.20
C LYS F 86 94.65 35.01 37.54
N LEU F 87 94.39 35.17 36.24
CA LEU F 87 94.80 36.38 35.55
C LEU F 87 94.12 37.61 36.14
N PHE F 88 92.82 37.52 36.40
CA PHE F 88 92.09 38.64 36.99
C PHE F 88 92.56 38.91 38.41
N GLU F 89 92.88 37.85 39.16
CA GLU F 89 93.40 38.04 40.51
C GLU F 89 94.74 38.77 40.48
N GLU F 90 95.61 38.39 39.54
CA GLU F 90 96.89 39.09 39.40
C GLU F 90 96.69 40.53 39.00
N GLU F 91 95.76 40.79 38.07
CA GLU F 91 95.47 42.16 37.66
C GLU F 91 94.98 42.98 38.84
N LYS F 92 94.12 42.41 39.67
CA LYS F 92 93.62 43.13 40.84
C LYS F 92 94.74 43.40 41.83
N LEU F 93 95.58 42.40 42.10
CA LEU F 93 96.68 42.58 43.04
C LEU F 93 97.69 43.60 42.53
N LEU F 94 97.80 43.75 41.21
CA LEU F 94 98.73 44.73 40.65
C LEU F 94 98.38 46.16 41.04
N ARG F 95 97.13 46.42 41.40
CA ARG F 95 96.70 47.76 41.78
C ARG F 95 97.47 48.23 43.01
N SER G 1 3.05 -45.65 21.90
CA SER G 1 1.74 -45.02 22.01
C SER G 1 1.29 -44.95 23.46
N LYS G 2 0.30 -44.09 23.73
CA LYS G 2 -0.22 -43.95 25.07
C LYS G 2 -0.89 -45.25 25.53
N ALA G 3 -1.18 -45.31 26.83
CA ALA G 3 -1.81 -46.50 27.40
C ALA G 3 -3.21 -46.69 26.84
N VAL G 4 -4.09 -45.71 27.05
CA VAL G 4 -5.46 -45.78 26.57
C VAL G 4 -5.52 -45.12 25.20
N THR G 5 -6.25 -45.76 24.28
CA THR G 5 -6.41 -45.26 22.93
C THR G 5 -7.85 -45.44 22.49
N ARG G 6 -8.25 -44.63 21.50
CA ARG G 6 -9.62 -44.73 20.99
C ARG G 6 -9.87 -46.08 20.33
N HIS G 7 -8.88 -46.61 19.61
CA HIS G 7 -9.01 -47.89 18.95
C HIS G 7 -8.52 -49.01 19.86
N ARG G 8 -8.61 -50.24 19.39
CA ARG G 8 -8.19 -51.41 20.15
C ARG G 8 -6.71 -51.64 19.89
N ARG G 9 -5.89 -51.34 20.89
CA ARG G 9 -4.45 -51.52 20.76
C ARG G 9 -4.10 -53.00 20.62
N VAL G 10 -3.16 -53.30 19.74
CA VAL G 10 -2.74 -54.68 19.52
C VAL G 10 -1.98 -55.16 20.75
N MET G 11 -2.46 -56.24 21.34
CA MET G 11 -1.82 -56.80 22.52
C MET G 11 -0.51 -57.50 22.14
N HIS G 12 0.37 -57.63 23.13
CA HIS G 12 1.64 -58.29 22.91
C HIS G 12 1.43 -59.77 22.57
N PHE G 13 2.46 -60.38 22.01
CA PHE G 13 2.39 -61.79 21.66
C PHE G 13 2.12 -62.65 22.88
N GLN G 14 2.90 -62.45 23.94
CA GLN G 14 2.70 -63.21 25.17
C GLN G 14 1.34 -62.88 25.79
N ARG G 15 0.93 -61.62 25.72
CA ARG G 15 -0.38 -61.22 26.24
C ARG G 15 -1.50 -61.93 25.50
N GLN G 16 -1.42 -61.96 24.17
CA GLN G 16 -2.45 -62.64 23.38
C GLN G 16 -2.45 -64.14 23.66
N LYS G 17 -1.26 -64.73 23.80
CA LYS G 17 -1.17 -66.16 24.10
C LYS G 17 -1.82 -66.46 25.45
N LEU G 18 -1.55 -65.63 26.46
CA LEU G 18 -2.16 -65.84 27.77
C LEU G 18 -3.67 -65.65 27.71
N MET G 19 -4.14 -64.66 26.97
CA MET G 19 -5.58 -64.43 26.86
C MET G 19 -6.27 -65.59 26.15
N ALA G 20 -5.60 -66.19 25.17
CA ALA G 20 -6.19 -67.31 24.44
C ALA G 20 -6.15 -68.58 25.26
N VAL G 21 -5.08 -68.80 26.03
CA VAL G 21 -4.98 -70.01 26.84
C VAL G 21 -5.91 -69.94 28.04
N THR G 22 -6.14 -68.75 28.58
CA THR G 22 -7.02 -68.57 29.73
C THR G 22 -8.48 -68.37 29.31
N GLU G 23 -8.87 -68.84 28.14
CA GLU G 23 -10.25 -68.70 27.69
C GLU G 23 -11.18 -69.55 28.54
N TYR G 24 -12.48 -69.29 28.42
CA TYR G 24 -13.49 -70.00 29.16
C TYR G 24 -13.85 -71.29 28.44
N ILE G 25 -13.93 -72.38 29.19
CA ILE G 25 -14.26 -73.69 28.65
C ILE G 25 -15.51 -74.20 29.37
N PRO G 26 -16.69 -74.05 28.76
CA PRO G 26 -17.92 -74.49 29.41
C PRO G 26 -17.95 -76.01 29.54
N PRO G 27 -18.87 -76.56 30.34
CA PRO G 27 -18.94 -78.00 30.50
C PRO G 27 -19.36 -78.69 29.21
N LYS G 28 -19.22 -80.01 29.19
CA LYS G 28 -19.54 -80.84 28.04
C LYS G 28 -20.53 -81.92 28.47
N PRO G 29 -21.83 -81.63 28.43
CA PRO G 29 -22.82 -82.66 28.80
C PRO G 29 -22.66 -83.90 27.94
N ALA G 30 -22.39 -85.03 28.60
CA ALA G 30 -22.18 -86.28 27.88
C ALA G 30 -23.43 -86.73 27.13
N ILE G 31 -24.60 -86.35 27.62
CA ILE G 31 -25.85 -86.75 27.00
C ILE G 31 -26.72 -85.57 26.57
N HIS G 32 -26.57 -84.40 27.18
CA HIS G 32 -27.37 -83.22 26.87
C HIS G 32 -28.84 -83.49 27.20
N PRO G 33 -29.46 -82.68 28.06
CA PRO G 33 -30.86 -82.93 28.43
C PRO G 33 -31.85 -82.65 27.31
N SER G 34 -31.40 -82.11 26.17
CA SER G 34 -32.32 -81.82 25.08
C SER G 34 -32.93 -83.10 24.52
N CYS G 35 -32.21 -84.22 24.59
CA CYS G 35 -32.68 -85.50 24.10
C CYS G 35 -33.04 -86.45 25.22
N LEU G 36 -33.51 -85.92 26.35
CA LEU G 36 -33.90 -86.70 27.50
C LEU G 36 -35.26 -86.22 27.99
N PRO G 37 -36.02 -87.08 28.70
CA PRO G 37 -37.33 -86.69 29.21
C PRO G 37 -37.25 -85.79 30.44
N GLY G 48 -58.14 -72.58 38.01
CA GLY G 48 -58.82 -71.30 38.13
C GLY G 48 -60.08 -71.23 37.30
N LEU G 49 -60.03 -70.50 36.18
CA LEU G 49 -61.19 -70.37 35.31
C LEU G 49 -61.63 -71.71 34.74
N ILE G 50 -60.71 -72.68 34.64
CA ILE G 50 -61.08 -74.00 34.13
C ILE G 50 -62.09 -74.68 35.05
N ARG G 51 -61.99 -74.43 36.36
CA ARG G 51 -62.96 -75.00 37.29
C ARG G 51 -64.34 -74.40 37.05
N LEU G 52 -64.40 -73.09 36.77
CA LEU G 52 -65.69 -72.47 36.44
C LEU G 52 -66.24 -73.03 35.13
N LEU G 53 -65.38 -73.24 34.14
CA LEU G 53 -65.82 -73.86 32.90
C LEU G 53 -66.42 -75.24 33.17
N ARG G 54 -65.74 -76.04 33.98
CA ARG G 54 -66.22 -77.38 34.28
C ARG G 54 -67.55 -77.33 35.02
N ARG G 55 -67.67 -76.42 35.98
CA ARG G 55 -68.93 -76.29 36.72
C ARG G 55 -70.07 -75.90 35.78
N GLU G 56 -69.83 -74.93 34.89
CA GLU G 56 -70.87 -74.51 33.95
C GLU G 56 -71.25 -75.64 33.00
N ILE G 57 -70.25 -76.41 32.54
CA ILE G 57 -70.54 -77.50 31.63
C ILE G 57 -71.35 -78.59 32.34
N ALA G 58 -71.02 -78.87 33.60
CA ALA G 58 -71.80 -79.84 34.37
C ALA G 58 -73.23 -79.36 34.58
N ALA G 59 -73.40 -78.07 34.88
CA ALA G 59 -74.74 -77.52 35.04
C ALA G 59 -75.53 -77.64 33.75
N VAL G 60 -74.89 -77.36 32.61
CA VAL G 60 -75.57 -77.46 31.33
C VAL G 60 -75.97 -78.91 31.05
N PHE G 61 -75.04 -79.84 31.29
CA PHE G 61 -75.35 -81.26 31.09
C PHE G 61 -76.49 -81.71 31.98
N GLN G 62 -76.58 -81.18 33.20
CA GLN G 62 -77.68 -81.52 34.07
C GLN G 62 -78.99 -80.86 33.64
N ASP G 63 -78.90 -79.72 32.95
CA ASP G 63 -80.08 -79.02 32.49
C ASP G 63 -80.13 -78.98 30.97
N ASN G 64 -79.96 -80.13 30.32
CA ASN G 64 -80.02 -80.22 28.87
C ASN G 64 -81.19 -81.10 28.44
N ARG G 65 -82.40 -80.72 28.85
CA ARG G 65 -83.57 -81.51 28.50
C ARG G 65 -83.75 -81.62 26.99
N MET G 66 -83.39 -80.57 26.25
CA MET G 66 -83.52 -80.58 24.79
C MET G 66 -82.46 -79.60 24.23
N ILE G 67 -81.22 -80.09 24.16
CA ILE G 67 -80.10 -79.32 23.65
C ILE G 67 -79.85 -79.70 22.20
N ALA G 68 -79.48 -78.71 21.39
CA ALA G 68 -79.19 -78.92 19.98
C ALA G 68 -77.76 -78.46 19.69
N VAL G 69 -77.27 -78.86 18.52
CA VAL G 69 -75.92 -78.52 18.08
C VAL G 69 -75.95 -78.17 16.61
N CYS G 70 -75.22 -77.13 16.24
CA CYS G 70 -75.21 -76.63 14.87
C CYS G 70 -73.75 -76.34 14.49
N GLN G 71 -73.56 -75.58 13.42
CA GLN G 71 -72.24 -75.17 12.96
C GLN G 71 -72.26 -73.71 12.56
N ASN G 72 -72.85 -72.88 13.41
CA ASN G 72 -72.98 -71.45 13.13
C ASN G 72 -71.59 -70.81 13.09
N VAL G 73 -71.18 -70.36 11.91
CA VAL G 73 -69.89 -69.70 11.75
C VAL G 73 -69.96 -68.72 10.58
N ALA G 74 -70.68 -69.10 9.53
CA ALA G 74 -70.85 -68.25 8.36
C ALA G 74 -71.82 -67.10 8.58
N LEU G 75 -72.43 -67.00 9.76
CA LEU G 75 -73.38 -65.95 10.06
C LEU G 75 -72.65 -64.72 10.60
N SER G 76 -73.00 -63.55 10.08
CA SER G 76 -72.38 -62.31 10.51
C SER G 76 -72.88 -61.93 11.91
N ALA G 77 -72.37 -60.80 12.42
CA ALA G 77 -72.81 -60.33 13.72
C ALA G 77 -74.29 -59.98 13.70
N GLU G 78 -74.74 -59.27 12.66
CA GLU G 78 -76.15 -58.96 12.54
C GLU G 78 -76.98 -60.24 12.39
N ASP G 79 -76.45 -61.24 11.69
CA ASP G 79 -77.14 -62.51 11.57
C ASP G 79 -77.27 -63.19 12.92
N LYS G 80 -76.20 -63.17 13.72
CA LYS G 80 -76.28 -63.75 15.06
C LYS G 80 -77.27 -62.99 15.94
N LEU G 81 -77.33 -61.67 15.80
CA LEU G 81 -78.29 -60.88 16.56
C LEU G 81 -79.72 -61.23 16.15
N LEU G 82 -79.96 -61.41 14.85
CA LEU G 82 -81.29 -61.80 14.38
C LEU G 82 -81.65 -63.19 14.88
N MET G 83 -80.68 -64.11 14.90
CA MET G 83 -80.94 -65.45 15.43
C MET G 83 -81.27 -65.40 16.91
N ARG G 84 -80.56 -64.56 17.67
CA ARG G 84 -80.86 -64.41 19.09
C ARG G 84 -82.25 -63.81 19.29
N HIS G 85 -82.63 -62.84 18.45
CA HIS G 85 -83.96 -62.29 18.54
C HIS G 85 -85.03 -63.34 18.26
N GLN G 86 -84.80 -64.17 17.23
CA GLN G 86 -85.75 -65.24 16.93
C GLN G 86 -85.84 -66.24 18.07
N LEU G 87 -84.70 -66.57 18.68
CA LEU G 87 -84.70 -67.50 19.81
C LEU G 87 -85.30 -66.87 21.06
N ARG G 88 -85.34 -65.55 21.14
CA ARG G 88 -86.02 -64.89 22.26
C ARG G 88 -87.52 -64.79 22.02
N LYS G 89 -87.94 -64.71 20.76
CA LYS G 89 -89.36 -64.71 20.43
C LYS G 89 -90.02 -65.95 21.02
N HIS G 90 -89.65 -67.13 20.53
CA HIS G 90 -90.09 -68.39 21.10
C HIS G 90 -89.09 -68.83 22.17
N LYS G 91 -89.61 -69.26 23.32
CA LYS G 91 -88.77 -69.58 24.47
C LYS G 91 -87.69 -70.59 24.13
N ILE G 92 -86.45 -70.12 24.01
CA ILE G 92 -85.29 -70.99 23.82
C ILE G 92 -84.03 -70.14 23.87
N LEU G 93 -82.97 -70.67 24.47
CA LEU G 93 -81.71 -69.96 24.62
C LEU G 93 -80.62 -70.63 23.80
N MET G 94 -79.52 -69.89 23.61
CA MET G 94 -78.36 -70.38 22.88
C MET G 94 -77.16 -70.47 23.81
N LYS G 95 -76.18 -71.27 23.41
CA LYS G 95 -74.99 -71.48 24.21
C LYS G 95 -73.78 -71.64 23.29
N VAL G 96 -72.62 -71.24 23.80
CA VAL G 96 -71.36 -71.36 23.07
C VAL G 96 -70.24 -71.62 24.06
N PHE G 97 -69.75 -72.86 24.10
CA PHE G 97 -68.71 -73.27 25.02
C PHE G 97 -67.55 -73.88 24.24
N PRO G 98 -66.38 -73.99 24.85
CA PRO G 98 -65.24 -74.59 24.15
C PRO G 98 -65.41 -76.09 23.99
N ASN G 99 -64.46 -76.69 23.27
CA ASN G 99 -64.43 -78.13 23.05
C ASN G 99 -63.36 -78.85 23.87
N GLN G 100 -62.24 -78.18 24.15
CA GLN G 100 -61.19 -78.82 24.95
C GLN G 100 -61.70 -79.20 26.33
N VAL G 101 -62.47 -78.31 26.97
CA VAL G 101 -63.02 -78.60 28.28
C VAL G 101 -64.31 -79.42 28.21
N LEU G 102 -64.92 -79.52 27.04
CA LEU G 102 -66.16 -80.28 26.88
C LEU G 102 -65.93 -81.73 26.52
N LYS G 103 -64.80 -82.05 25.88
CA LYS G 103 -64.53 -83.43 25.50
C LYS G 103 -64.35 -84.33 26.73
N PRO G 104 -63.60 -83.94 27.76
CA PRO G 104 -63.51 -84.81 28.95
C PRO G 104 -64.86 -85.09 29.57
N PHE G 105 -65.68 -84.06 29.81
CA PHE G 105 -67.01 -84.27 30.35
C PHE G 105 -67.88 -85.07 29.39
N LEU G 106 -67.70 -84.88 28.08
CA LEU G 106 -68.45 -85.65 27.10
C LEU G 106 -68.17 -87.13 27.25
N GLU G 107 -66.89 -87.51 27.33
CA GLU G 107 -66.54 -88.91 27.48
C GLU G 107 -66.90 -89.45 28.85
N ASP G 108 -66.92 -88.60 29.87
CA ASP G 108 -67.26 -89.04 31.21
C ASP G 108 -68.76 -89.22 31.39
N SER G 109 -69.57 -88.51 30.61
CA SER G 109 -71.03 -88.60 30.72
C SER G 109 -71.62 -89.77 29.94
N LYS G 110 -70.80 -90.74 29.55
CA LYS G 110 -71.26 -91.92 28.81
C LYS G 110 -71.87 -91.56 27.46
N TYR G 111 -71.53 -90.39 26.92
CA TYR G 111 -72.04 -89.95 25.62
C TYR G 111 -70.97 -90.22 24.58
N GLN G 112 -70.85 -91.50 24.20
CA GLN G 112 -69.85 -91.88 23.21
C GLN G 112 -70.25 -91.45 21.81
N ASN G 113 -71.55 -91.49 21.50
CA ASN G 113 -72.01 -91.08 20.17
C ASN G 113 -71.80 -89.60 19.93
N LEU G 114 -71.76 -88.79 21.00
CA LEU G 114 -71.57 -87.36 20.88
C LEU G 114 -70.10 -86.95 20.88
N LEU G 115 -69.19 -87.87 21.19
CA LEU G 115 -67.76 -87.53 21.21
C LEU G 115 -67.26 -87.09 19.85
N PRO G 116 -67.34 -87.92 18.80
CA PRO G 116 -66.84 -87.48 17.49
C PRO G 116 -67.63 -86.33 16.87
N LEU G 117 -68.77 -85.97 17.45
CA LEU G 117 -69.56 -84.87 16.91
C LEU G 117 -68.93 -83.52 17.24
N PHE G 118 -68.75 -83.24 18.53
CA PHE G 118 -68.18 -81.96 18.96
C PHE G 118 -66.74 -81.82 18.49
N VAL G 119 -66.49 -80.90 17.55
CA VAL G 119 -65.15 -80.67 17.03
C VAL G 119 -65.17 -79.39 16.20
N GLY G 120 -64.20 -78.52 16.43
CA GLY G 120 -64.11 -77.27 15.70
C GLY G 120 -65.10 -76.23 16.19
N HIS G 121 -66.02 -75.82 15.33
CA HIS G 121 -67.02 -74.81 15.66
C HIS G 121 -68.37 -75.47 15.84
N ASN G 122 -69.13 -75.01 16.84
CA ASN G 122 -70.45 -75.56 17.11
C ASN G 122 -71.16 -74.73 18.18
N MET G 123 -72.28 -74.11 17.82
CA MET G 123 -73.06 -73.28 18.73
C MET G 123 -74.20 -74.12 19.30
N LEU G 124 -74.14 -74.43 20.59
CA LEU G 124 -75.19 -75.21 21.23
C LEU G 124 -76.42 -74.35 21.48
N LEU G 125 -77.58 -75.00 21.49
CA LEU G 125 -78.87 -74.33 21.69
C LEU G 125 -79.63 -75.11 22.75
N VAL G 126 -79.39 -74.79 24.03
CA VAL G 126 -80.10 -75.44 25.12
C VAL G 126 -81.54 -74.99 25.12
N SER G 127 -82.43 -75.87 25.60
CA SER G 127 -83.85 -75.57 25.66
C SER G 127 -84.51 -76.55 26.62
N GLU G 128 -85.78 -76.29 26.91
CA GLU G 128 -86.56 -77.14 27.81
C GLU G 128 -87.96 -77.35 27.27
N GLU G 129 -88.57 -76.30 26.72
CA GLU G 129 -89.90 -76.40 26.17
C GLU G 129 -89.88 -76.98 24.76
N PRO G 130 -91.02 -77.47 24.28
CA PRO G 130 -91.04 -78.04 22.92
C PRO G 130 -90.80 -76.96 21.87
N LYS G 131 -89.87 -77.26 20.95
CA LYS G 131 -89.54 -76.35 19.84
C LYS G 131 -89.14 -77.22 18.66
N VAL G 132 -90.15 -77.82 18.02
CA VAL G 132 -89.92 -78.79 16.94
C VAL G 132 -90.20 -78.13 15.60
N LYS G 133 -91.14 -77.19 15.57
CA LYS G 133 -91.54 -76.51 14.34
C LYS G 133 -90.87 -75.14 14.19
N GLU G 134 -90.84 -74.34 15.25
CA GLU G 134 -90.22 -73.03 15.17
C GLU G 134 -88.74 -73.15 14.83
N MET G 135 -88.04 -74.10 15.44
CA MET G 135 -86.62 -74.28 15.14
C MET G 135 -86.42 -74.72 13.71
N VAL G 136 -87.25 -75.64 13.22
CA VAL G 136 -87.14 -76.10 11.83
C VAL G 136 -87.34 -74.93 10.88
N ARG G 137 -88.33 -74.08 11.16
CA ARG G 137 -88.58 -72.93 10.29
C ARG G 137 -87.43 -71.94 10.33
N ILE G 138 -86.90 -71.68 11.53
CA ILE G 138 -85.78 -70.74 11.66
C ILE G 138 -84.55 -71.26 10.95
N LEU G 139 -84.36 -72.59 10.92
CA LEU G 139 -83.21 -73.15 10.23
C LEU G 139 -83.43 -73.22 8.73
N ARG G 140 -84.67 -73.36 8.28
CA ARG G 140 -84.96 -73.40 6.85
C ARG G 140 -84.97 -72.01 6.24
N THR G 141 -85.23 -70.97 7.04
CA THR G 141 -85.25 -69.61 6.51
C THR G 141 -83.91 -69.22 5.90
N VAL G 142 -82.82 -69.83 6.36
CA VAL G 142 -81.49 -69.56 5.83
C VAL G 142 -81.12 -70.66 4.84
N PRO G 143 -80.19 -70.40 3.91
CA PRO G 143 -79.80 -71.43 2.92
C PRO G 143 -78.70 -72.36 3.44
N PHE G 144 -78.86 -72.85 4.67
CA PHE G 144 -77.88 -73.73 5.28
C PHE G 144 -78.61 -74.77 6.13
N LEU G 145 -77.97 -75.93 6.29
CA LEU G 145 -78.51 -77.02 7.09
C LEU G 145 -77.36 -77.63 7.91
N PRO G 146 -76.81 -76.87 8.85
CA PRO G 146 -75.69 -77.39 9.65
C PRO G 146 -76.10 -78.29 10.81
N LEU G 147 -77.40 -78.58 10.97
CA LEU G 147 -77.85 -79.43 12.05
C LEU G 147 -77.24 -80.82 11.93
N LEU G 148 -76.11 -81.04 12.60
CA LEU G 148 -75.41 -82.32 12.56
C LEU G 148 -75.83 -83.21 13.73
N GLY G 149 -77.14 -83.47 13.79
CA GLY G 149 -77.70 -84.31 14.82
C GLY G 149 -77.69 -83.65 16.19
N GLY G 150 -78.87 -83.29 16.68
CA GLY G 150 -78.99 -82.66 17.98
C GLY G 150 -78.81 -83.64 19.12
N CYS G 151 -79.58 -83.47 20.19
CA CYS G 151 -79.49 -84.36 21.34
C CYS G 151 -80.62 -84.09 22.33
N ILE G 152 -81.65 -84.92 22.30
CA ILE G 152 -82.80 -84.78 23.19
C ILE G 152 -82.81 -85.97 24.16
N ASP G 153 -83.04 -85.68 25.44
CA ASP G 153 -83.06 -86.68 26.50
C ASP G 153 -81.95 -87.70 26.31
N ASP G 154 -80.74 -87.20 26.07
CA ASP G 154 -79.55 -88.03 25.83
C ASP G 154 -79.89 -89.26 24.99
N THR G 155 -80.29 -89.05 23.74
CA THR G 155 -80.63 -90.13 22.84
C THR G 155 -80.18 -89.78 21.43
N ILE G 156 -79.44 -90.68 20.79
CA ILE G 156 -78.96 -90.43 19.44
C ILE G 156 -80.15 -90.35 18.50
N LEU G 157 -80.12 -89.35 17.62
CA LEU G 157 -81.20 -89.14 16.66
C LEU G 157 -80.74 -88.15 15.61
N SER G 158 -81.03 -88.45 14.35
CA SER G 158 -80.66 -87.59 13.24
C SER G 158 -81.81 -86.63 12.92
N ARG G 159 -81.60 -85.79 11.90
CA ARG G 159 -82.62 -84.83 11.51
C ARG G 159 -83.90 -85.52 11.09
N GLN G 160 -83.81 -86.72 10.52
CA GLN G 160 -85.00 -87.45 10.11
C GLN G 160 -85.89 -87.76 11.31
N GLY G 161 -85.30 -88.31 12.37
CA GLY G 161 -86.08 -88.57 13.58
C GLY G 161 -86.61 -87.29 14.20
N PHE G 162 -85.85 -86.20 14.11
CA PHE G 162 -86.32 -84.93 14.65
C PHE G 162 -87.56 -84.44 13.93
N ILE G 163 -87.54 -84.45 12.60
CA ILE G 163 -88.70 -84.01 11.84
C ILE G 163 -89.86 -84.98 12.03
N ASN G 164 -89.57 -86.27 12.21
CA ASN G 164 -90.63 -87.23 12.47
C ASN G 164 -91.34 -86.92 13.78
N TYR G 165 -90.56 -86.70 14.84
CA TYR G 165 -91.15 -86.30 16.12
C TYR G 165 -91.89 -84.98 16.00
N SER G 166 -91.38 -84.07 15.16
CA SER G 166 -92.07 -82.80 14.94
C SER G 166 -93.44 -83.02 14.32
N LYS G 167 -93.54 -83.93 13.34
CA LYS G 167 -94.81 -84.20 12.70
C LYS G 167 -95.85 -84.70 13.71
N LEU G 168 -95.41 -85.43 14.73
CA LEU G 168 -96.32 -85.94 15.75
C LEU G 168 -96.81 -84.82 16.65
N GLY H 1 -73.06 -48.05 2.51
CA GLY H 1 -73.70 -49.22 3.09
C GLY H 1 -74.61 -48.89 4.25
N VAL H 2 -74.01 -48.46 5.36
CA VAL H 2 -74.76 -48.09 6.56
C VAL H 2 -74.05 -46.92 7.23
N ILE H 3 -74.82 -45.90 7.61
CA ILE H 3 -74.29 -44.72 8.27
C ILE H 3 -75.06 -44.51 9.57
N ARG H 4 -74.37 -43.97 10.57
CA ARG H 4 -74.95 -43.72 11.89
C ARG H 4 -74.92 -42.22 12.15
N ALA H 5 -76.10 -41.64 12.34
CA ALA H 5 -76.26 -40.22 12.64
C ALA H 5 -76.84 -40.05 14.03
N ILE H 6 -76.76 -38.82 14.54
CA ILE H 6 -77.26 -38.50 15.87
C ILE H 6 -77.80 -37.08 15.89
N VAL H 7 -78.11 -36.53 14.71
CA VAL H 7 -78.62 -35.17 14.63
C VAL H 7 -79.87 -35.04 15.49
N ARG H 8 -80.00 -33.91 16.17
CA ARG H 8 -81.14 -33.69 17.05
C ARG H 8 -82.44 -33.70 16.24
N ALA H 9 -83.50 -34.21 16.87
CA ALA H 9 -84.80 -34.27 16.21
C ALA H 9 -85.30 -32.89 15.85
N GLY H 10 -85.41 -32.00 16.85
CA GLY H 10 -85.87 -30.65 16.58
C GLY H 10 -85.05 -29.93 15.52
N LEU H 11 -83.76 -30.23 15.44
CA LEU H 11 -82.91 -29.62 14.44
C LEU H 11 -83.32 -30.11 13.05
N ALA H 12 -83.79 -29.17 12.22
CA ALA H 12 -84.31 -29.52 10.89
C ALA H 12 -83.26 -30.24 10.06
N MET H 13 -82.38 -29.49 9.40
CA MET H 13 -81.38 -30.07 8.51
C MET H 13 -80.18 -29.14 8.47
N PRO H 14 -79.11 -29.45 9.21
CA PRO H 14 -77.89 -28.63 9.12
C PRO H 14 -77.25 -28.71 7.75
N GLY H 15 -75.93 -28.47 7.68
CA GLY H 15 -75.22 -28.48 6.43
C GLY H 15 -74.13 -29.53 6.39
N PRO H 16 -73.08 -29.35 7.18
CA PRO H 16 -71.95 -30.29 7.16
C PRO H 16 -72.38 -31.71 7.44
N PRO H 17 -73.13 -31.96 8.54
CA PRO H 17 -73.46 -33.34 8.90
C PRO H 17 -74.52 -33.98 8.02
N LEU H 18 -75.05 -33.26 7.03
CA LEU H 18 -76.05 -33.83 6.13
C LEU H 18 -75.92 -33.34 4.70
N GLY H 19 -74.94 -32.49 4.38
CA GLY H 19 -74.77 -31.99 3.05
C GLY H 19 -73.64 -32.66 2.31
N PRO H 20 -72.41 -32.17 2.51
CA PRO H 20 -71.27 -32.76 1.77
C PRO H 20 -70.90 -34.15 2.25
N VAL H 21 -71.10 -34.45 3.55
CA VAL H 21 -70.75 -35.77 4.06
C VAL H 21 -71.55 -36.85 3.35
N LEU H 22 -72.78 -36.55 2.94
CA LEU H 22 -73.61 -37.49 2.22
C LEU H 22 -73.54 -37.34 0.71
N GLY H 23 -73.27 -36.13 0.22
CA GLY H 23 -73.18 -35.92 -1.22
C GLY H 23 -72.04 -36.70 -1.85
N GLN H 24 -70.97 -36.95 -1.10
CA GLN H 24 -69.85 -37.71 -1.64
C GLN H 24 -70.25 -39.12 -2.01
N ARG H 25 -71.27 -39.67 -1.35
CA ARG H 25 -71.76 -41.01 -1.64
C ARG H 25 -72.99 -41.01 -2.53
N GLY H 26 -73.47 -39.84 -2.95
CA GLY H 26 -74.65 -39.76 -3.78
C GLY H 26 -75.92 -40.18 -3.05
N VAL H 27 -76.76 -39.21 -2.73
CA VAL H 27 -77.99 -39.47 -1.98
C VAL H 27 -79.08 -38.52 -2.43
N SER H 28 -80.28 -38.68 -1.86
CA SER H 28 -81.41 -37.79 -2.10
C SER H 28 -81.74 -37.13 -0.77
N ILE H 29 -81.11 -35.97 -0.52
CA ILE H 29 -81.25 -35.31 0.78
C ILE H 29 -82.69 -34.90 1.03
N ASN H 30 -83.48 -34.68 -0.02
CA ASN H 30 -84.85 -34.25 0.15
C ASN H 30 -85.67 -35.27 0.92
N GLN H 31 -85.66 -36.53 0.46
CA GLN H 31 -86.44 -37.58 1.12
C GLN H 31 -85.94 -37.84 2.52
N PHE H 32 -84.61 -37.83 2.71
CA PHE H 32 -84.05 -38.04 4.04
C PHE H 32 -84.52 -36.97 5.01
N CYS H 33 -84.44 -35.71 4.60
CA CYS H 33 -84.87 -34.62 5.46
C CYS H 33 -86.37 -34.69 5.72
N LYS H 34 -87.16 -35.06 4.71
CA LYS H 34 -88.60 -35.18 4.90
C LYS H 34 -88.92 -36.25 5.93
N GLU H 35 -88.29 -37.42 5.81
CA GLU H 35 -88.53 -38.50 6.77
C GLU H 35 -88.06 -38.11 8.16
N PHE H 36 -86.93 -37.40 8.26
CA PHE H 36 -86.44 -36.96 9.56
C PHE H 36 -87.43 -35.99 10.20
N ASN H 37 -87.94 -35.04 9.43
CA ASN H 37 -88.91 -34.09 9.97
C ASN H 37 -90.20 -34.80 10.38
N GLU H 38 -90.63 -35.80 9.61
CA GLU H 38 -91.82 -36.55 9.97
C GLU H 38 -91.62 -37.29 11.29
N ARG H 39 -90.50 -38.01 11.41
CA ARG H 39 -90.21 -38.73 12.64
C ARG H 39 -90.08 -37.78 13.83
N THR H 40 -89.55 -36.58 13.60
CA THR H 40 -89.44 -35.60 14.68
C THR H 40 -90.81 -35.10 15.11
N LYS H 41 -91.69 -34.82 14.14
CA LYS H 41 -93.05 -34.38 14.47
C LYS H 41 -93.87 -35.48 15.10
N ASP H 42 -93.53 -36.76 14.86
CA ASP H 42 -94.28 -37.86 15.43
C ASP H 42 -94.15 -37.94 16.95
N ILE H 43 -93.23 -37.19 17.56
CA ILE H 43 -93.00 -37.25 18.99
C ILE H 43 -92.45 -35.90 19.44
N LYS H 44 -92.50 -35.65 20.74
CA LYS H 44 -91.96 -34.41 21.30
C LYS H 44 -90.54 -34.19 20.81
N GLU H 45 -90.25 -32.96 20.39
CA GLU H 45 -88.94 -32.60 19.87
C GLU H 45 -88.01 -32.23 21.02
N GLY H 46 -86.78 -31.84 20.67
CA GLY H 46 -85.81 -31.45 21.68
C GLY H 46 -85.08 -32.60 22.32
N ILE H 47 -84.66 -33.59 21.53
CA ILE H 47 -83.94 -34.75 22.06
C ILE H 47 -83.28 -35.48 20.89
N PRO H 48 -82.03 -35.92 21.03
CA PRO H 48 -81.39 -36.63 19.91
C PRO H 48 -81.94 -38.03 19.73
N LEU H 49 -82.06 -38.45 18.48
CA LEU H 49 -82.59 -39.77 18.13
C LEU H 49 -81.63 -40.41 17.13
N PRO H 50 -80.97 -41.52 17.48
CA PRO H 50 -80.10 -42.19 16.50
C PRO H 50 -80.87 -42.69 15.28
N THR H 51 -80.16 -43.32 14.35
CA THR H 51 -80.79 -43.86 13.15
C THR H 51 -79.81 -44.78 12.45
N LYS H 52 -80.34 -45.82 11.82
CA LYS H 52 -79.56 -46.80 11.07
C LYS H 52 -79.98 -46.74 9.61
N ILE H 53 -79.56 -45.68 8.92
CA ILE H 53 -79.89 -45.53 7.52
C ILE H 53 -79.24 -46.66 6.73
N LEU H 54 -80.05 -47.32 5.89
CA LEU H 54 -79.58 -48.42 5.05
C LEU H 54 -79.44 -47.91 3.62
N VAL H 55 -78.20 -47.63 3.22
CA VAL H 55 -77.92 -47.11 1.89
C VAL H 55 -77.91 -48.30 0.92
N LYS H 56 -78.91 -48.36 0.06
CA LYS H 56 -79.03 -49.43 -0.92
C LYS H 56 -78.28 -49.08 -2.20
N PRO H 57 -77.89 -50.08 -2.98
CA PRO H 57 -77.18 -49.79 -4.24
C PRO H 57 -78.06 -49.16 -5.30
N ASP H 58 -79.39 -49.23 -5.16
CA ASP H 58 -80.31 -48.66 -6.13
C ASP H 58 -80.68 -47.20 -5.80
N ARG H 59 -79.90 -46.55 -4.93
CA ARG H 59 -80.14 -45.16 -4.56
C ARG H 59 -81.46 -44.99 -3.80
N THR H 60 -81.90 -46.04 -3.11
CA THR H 60 -83.11 -45.99 -2.30
C THR H 60 -82.72 -46.10 -0.82
N PHE H 61 -83.58 -45.54 0.03
CA PHE H 61 -83.32 -45.47 1.46
C PHE H 61 -84.41 -46.21 2.24
N GLU H 62 -84.07 -46.58 3.48
CA GLU H 62 -84.99 -47.25 4.40
C GLU H 62 -84.56 -46.87 5.82
N ILE H 63 -84.91 -45.64 6.21
CA ILE H 63 -84.50 -45.13 7.51
C ILE H 63 -85.08 -45.99 8.62
N LYS H 64 -84.30 -46.17 9.69
CA LYS H 64 -84.69 -46.97 10.85
C LYS H 64 -84.33 -46.17 12.10
N ILE H 65 -85.27 -45.34 12.57
CA ILE H 65 -85.05 -44.51 13.73
C ILE H 65 -85.29 -45.34 14.99
N GLY H 66 -84.85 -44.83 16.14
CA GLY H 66 -85.03 -45.52 17.40
C GLY H 66 -85.34 -44.60 18.55
N GLN H 67 -85.15 -45.09 19.77
CA GLN H 67 -85.43 -44.30 20.97
C GLN H 67 -84.31 -43.30 21.22
N PRO H 68 -84.53 -42.33 22.12
CA PRO H 68 -83.49 -41.33 22.37
C PRO H 68 -82.15 -41.92 22.79
N THR H 69 -81.14 -41.07 22.92
CA THR H 69 -79.79 -41.51 23.25
C THR H 69 -79.65 -41.70 24.75
N VAL H 70 -78.41 -41.64 25.25
CA VAL H 70 -78.13 -41.80 26.68
C VAL H 70 -77.54 -40.54 27.30
N SER H 71 -76.65 -39.87 26.58
CA SER H 71 -75.99 -38.67 27.11
C SER H 71 -77.02 -37.59 27.44
N TYR H 72 -77.61 -36.99 26.40
CA TYR H 72 -78.59 -35.94 26.62
C TYR H 72 -79.80 -36.46 27.39
N PHE H 73 -80.14 -37.73 27.22
CA PHE H 73 -81.25 -38.31 27.96
C PHE H 73 -81.02 -38.19 29.47
N LEU H 74 -79.88 -38.69 29.94
CA LEU H 74 -79.58 -38.59 31.36
C LEU H 74 -79.35 -37.14 31.79
N LYS H 75 -78.79 -36.32 30.92
CA LYS H 75 -78.57 -34.92 31.27
C LYS H 75 -79.89 -34.21 31.53
N ALA H 76 -80.92 -34.52 30.73
CA ALA H 76 -82.24 -33.94 30.96
C ALA H 76 -82.96 -34.59 32.13
N ALA H 77 -82.75 -35.90 32.33
CA ALA H 77 -83.39 -36.57 33.46
C ALA H 77 -82.86 -36.07 34.79
N ALA H 78 -81.57 -35.71 34.85
CA ALA H 78 -80.99 -35.22 36.10
C ALA H 78 -81.32 -33.74 36.33
N GLY H 79 -81.52 -32.98 35.25
CA GLY H 79 -81.85 -31.58 35.36
C GLY H 79 -80.72 -30.62 35.06
N ILE H 80 -79.63 -31.08 34.46
CA ILE H 80 -78.49 -30.25 34.13
C ILE H 80 -78.13 -30.50 32.67
N GLU H 81 -78.00 -29.43 31.90
CA GLU H 81 -77.70 -29.54 30.47
C GLU H 81 -76.22 -29.79 30.26
N LYS H 82 -75.40 -28.75 30.38
CA LYS H 82 -73.97 -28.89 30.16
C LYS H 82 -73.35 -29.81 31.20
N GLY H 83 -72.47 -30.69 30.75
CA GLY H 83 -71.81 -31.63 31.61
C GLY H 83 -70.68 -31.00 32.40
N ALA H 84 -70.01 -31.83 33.19
CA ALA H 84 -68.90 -31.37 34.02
C ALA H 84 -67.63 -31.27 33.19
N ARG H 85 -66.77 -30.31 33.56
CA ARG H 85 -65.53 -30.10 32.85
C ARG H 85 -64.48 -31.15 33.22
N GLN H 86 -64.50 -31.65 34.45
CA GLN H 86 -63.55 -32.66 34.91
C GLN H 86 -64.29 -33.63 35.82
N THR H 87 -64.33 -34.90 35.42
CA THR H 87 -65.01 -35.94 36.17
C THR H 87 -64.00 -36.97 36.67
N GLY H 88 -64.32 -37.65 37.76
CA GLY H 88 -65.56 -37.46 38.53
C GLY H 88 -65.47 -36.35 39.56
N LYS H 89 -64.48 -35.48 39.39
CA LYS H 89 -64.27 -34.39 40.34
C LYS H 89 -65.49 -33.47 40.41
N GLU H 90 -65.71 -32.69 39.35
CA GLU H 90 -66.84 -31.76 39.30
C GLU H 90 -68.14 -32.55 39.26
N VAL H 91 -68.60 -32.95 40.44
CA VAL H 91 -69.86 -33.68 40.54
C VAL H 91 -71.02 -32.74 40.23
N ALA H 92 -72.11 -33.31 39.72
CA ALA H 92 -73.27 -32.51 39.35
C ALA H 92 -74.56 -33.31 39.52
N GLY H 93 -74.78 -34.28 38.64
CA GLY H 93 -76.02 -35.05 38.70
C GLY H 93 -76.06 -35.94 39.91
N LEU H 94 -77.19 -35.90 40.64
CA LEU H 94 -77.41 -36.73 41.83
C LEU H 94 -78.80 -37.34 41.70
N VAL H 95 -78.89 -38.49 41.04
CA VAL H 95 -80.16 -39.15 40.78
C VAL H 95 -80.42 -40.19 41.87
N THR H 96 -81.69 -40.39 42.19
CA THR H 96 -82.10 -41.35 43.21
C THR H 96 -82.27 -42.72 42.56
N LEU H 97 -83.09 -43.59 43.16
CA LEU H 97 -83.34 -44.93 42.65
C LEU H 97 -84.61 -45.04 41.82
N LYS H 98 -85.68 -44.37 42.25
CA LYS H 98 -86.94 -44.45 41.50
C LYS H 98 -86.79 -43.85 40.11
N HIS H 99 -86.08 -42.72 40.00
CA HIS H 99 -85.87 -42.11 38.70
C HIS H 99 -85.04 -43.02 37.80
N VAL H 100 -84.02 -43.68 38.36
CA VAL H 100 -83.21 -44.61 37.59
C VAL H 100 -84.06 -45.77 37.10
N TYR H 101 -84.91 -46.32 37.98
CA TYR H 101 -85.80 -47.40 37.57
C TYR H 101 -86.71 -46.96 36.44
N GLU H 102 -87.30 -45.76 36.56
CA GLU H 102 -88.23 -45.27 35.55
C GLU H 102 -87.54 -45.05 34.21
N ILE H 103 -86.37 -44.41 34.22
CA ILE H 103 -85.68 -44.13 32.96
C ILE H 103 -85.21 -45.43 32.32
N ALA H 104 -84.74 -46.38 33.13
CA ALA H 104 -84.34 -47.68 32.57
C ALA H 104 -85.53 -48.41 31.97
N ARG H 105 -86.68 -48.35 32.64
CA ARG H 105 -87.88 -49.02 32.12
C ARG H 105 -88.31 -48.41 30.80
N ILE H 106 -88.37 -47.08 30.72
CA ILE H 106 -88.79 -46.44 29.49
C ILE H 106 -87.73 -46.55 28.40
N LYS H 107 -86.48 -46.83 28.76
CA LYS H 107 -85.44 -47.03 27.74
C LYS H 107 -85.49 -48.45 27.20
N ALA H 108 -85.79 -49.43 28.04
CA ALA H 108 -85.90 -50.82 27.59
C ALA H 108 -87.01 -50.94 26.55
N GLN H 109 -86.67 -50.69 25.28
CA GLN H 109 -87.67 -50.71 24.21
C GLN H 109 -87.08 -51.28 22.93
N ASP H 110 -86.38 -50.45 22.16
CA ASP H 110 -85.87 -50.87 20.87
C ASP H 110 -84.85 -52.00 21.03
N GLU H 111 -85.03 -53.06 20.26
CA GLU H 111 -84.11 -54.20 20.33
C GLU H 111 -82.79 -53.89 19.64
N ALA H 112 -82.80 -52.98 18.66
CA ALA H 112 -81.56 -52.63 17.96
C ALA H 112 -80.56 -51.95 18.87
N PHE H 113 -80.98 -51.47 20.03
CA PHE H 113 -80.10 -50.79 20.98
C PHE H 113 -79.46 -51.76 21.96
N ALA H 114 -79.06 -52.94 21.49
CA ALA H 114 -78.41 -53.94 22.33
C ALA H 114 -79.30 -54.34 23.49
N LEU H 115 -80.26 -55.23 23.24
CA LEU H 115 -81.12 -55.75 24.29
C LEU H 115 -81.07 -57.27 24.30
N GLN H 116 -79.87 -57.83 24.26
CA GLN H 116 -79.69 -59.28 24.26
C GLN H 116 -79.70 -59.87 25.67
N ASP H 117 -80.09 -59.10 26.67
CA ASP H 117 -80.16 -59.57 28.05
C ASP H 117 -81.62 -59.69 28.46
N VAL H 118 -81.96 -60.81 29.10
CA VAL H 118 -83.33 -61.04 29.55
C VAL H 118 -83.65 -60.09 30.71
N PRO H 119 -82.89 -60.11 31.81
CA PRO H 119 -83.19 -59.19 32.91
C PRO H 119 -82.82 -57.76 32.56
N LEU H 120 -83.32 -56.84 33.39
CA LEU H 120 -83.06 -55.42 33.20
C LEU H 120 -81.88 -54.91 34.01
N SER H 121 -81.38 -55.69 34.97
CA SER H 121 -80.24 -55.27 35.76
C SER H 121 -79.01 -55.07 34.88
N SER H 122 -78.74 -56.03 33.99
CA SER H 122 -77.58 -55.92 33.11
C SER H 122 -77.71 -54.70 32.21
N VAL H 123 -78.91 -54.40 31.72
CA VAL H 123 -79.10 -53.27 30.83
C VAL H 123 -78.91 -51.96 31.58
N VAL H 124 -79.51 -51.84 32.76
CA VAL H 124 -79.40 -50.60 33.53
C VAL H 124 -77.96 -50.40 34.02
N ARG H 125 -77.20 -51.48 34.18
CA ARG H 125 -75.81 -51.34 34.58
C ARG H 125 -75.02 -50.52 33.56
N SER H 126 -75.34 -50.70 32.27
CA SER H 126 -74.62 -49.96 31.23
C SER H 126 -74.86 -48.46 31.36
N ILE H 127 -76.12 -48.05 31.52
CA ILE H 127 -76.40 -46.62 31.63
C ILE H 127 -75.89 -46.07 32.95
N ILE H 128 -75.88 -46.89 34.01
CA ILE H 128 -75.31 -46.44 35.28
C ILE H 128 -73.82 -46.17 35.13
N GLY H 129 -73.10 -47.08 34.46
CA GLY H 129 -71.69 -46.85 34.21
C GLY H 129 -71.44 -45.65 33.33
N SER H 130 -72.30 -45.46 32.32
CA SER H 130 -72.18 -44.28 31.46
C SER H 130 -72.35 -43.00 32.27
N ALA H 131 -73.35 -42.96 33.15
CA ALA H 131 -73.55 -41.80 34.01
C ALA H 131 -72.36 -41.59 34.94
N ARG H 132 -71.81 -42.68 35.48
CA ARG H 132 -70.61 -42.57 36.30
C ARG H 132 -69.47 -41.93 35.53
N SER H 133 -69.29 -42.35 34.27
CA SER H 133 -68.29 -41.70 33.42
C SER H 133 -68.58 -40.21 33.25
N LEU H 134 -69.86 -39.84 33.28
CA LEU H 134 -70.25 -38.43 33.20
C LEU H 134 -70.09 -37.79 34.57
N GLY H 135 -70.57 -36.56 34.72
CA GLY H 135 -70.54 -35.89 36.00
C GLY H 135 -71.76 -36.19 36.85
N ILE H 136 -72.30 -37.40 36.69
CA ILE H 136 -73.49 -37.84 37.42
C ILE H 136 -73.11 -39.00 38.32
N ARG H 137 -73.76 -39.08 39.47
CA ARG H 137 -73.52 -40.15 40.43
C ARG H 137 -74.86 -40.67 40.93
N VAL H 138 -74.91 -41.98 41.19
CA VAL H 138 -76.12 -42.63 41.66
C VAL H 138 -76.23 -42.44 43.17
N VAL H 139 -77.35 -41.86 43.61
CA VAL H 139 -77.60 -41.65 45.02
C VAL H 139 -78.33 -42.87 45.58
N LYS H 140 -78.21 -43.07 46.89
CA LYS H 140 -78.84 -44.20 47.56
C LYS H 140 -78.33 -45.51 46.97
N SER I 1 21.15 -112.54 -5.53
CA SER I 1 20.95 -111.27 -6.23
C SER I 1 22.04 -111.06 -7.27
N SER I 2 23.29 -110.95 -6.80
CA SER I 2 24.43 -110.74 -7.69
C SER I 2 24.23 -109.48 -8.53
N PHE I 3 23.79 -109.66 -9.78
CA PHE I 3 23.61 -108.55 -10.70
C PHE I 3 24.91 -107.80 -10.94
N SER I 4 25.38 -107.81 -12.19
CA SER I 4 26.62 -107.13 -12.53
C SER I 4 26.52 -105.63 -12.20
N ARG I 5 27.64 -104.93 -12.35
CA ARG I 5 27.70 -103.53 -11.96
C ARG I 5 26.78 -102.68 -12.84
N ALA I 6 27.05 -102.65 -14.14
CA ALA I 6 26.32 -101.77 -15.05
C ALA I 6 24.85 -102.17 -15.14
N PRO I 7 24.52 -103.45 -15.27
CA PRO I 7 23.09 -103.82 -15.28
C PRO I 7 22.39 -103.49 -13.98
N GLN I 8 23.01 -103.75 -12.84
CA GLN I 8 22.40 -103.41 -11.56
C GLN I 8 22.15 -101.92 -11.45
N GLN I 9 23.12 -101.11 -11.90
CA GLN I 9 22.95 -99.66 -11.86
C GLN I 9 21.82 -99.22 -12.77
N TRP I 10 21.78 -99.74 -14.00
CA TRP I 10 20.73 -99.37 -14.93
C TRP I 10 19.36 -99.78 -14.41
N ALA I 11 19.30 -100.87 -13.65
CA ALA I 11 18.02 -101.32 -13.10
C ALA I 11 17.60 -100.46 -11.91
N THR I 12 18.51 -100.19 -10.99
CA THR I 12 18.18 -99.39 -9.81
C THR I 12 17.94 -97.92 -10.16
N PHE I 13 18.45 -97.45 -11.29
CA PHE I 13 18.25 -96.08 -11.74
C PHE I 13 17.41 -96.04 -13.01
N ALA I 14 16.36 -96.85 -13.07
CA ALA I 14 15.47 -96.91 -14.22
C ALA I 14 14.24 -96.06 -13.99
N ARG I 15 13.59 -95.68 -15.09
CA ARG I 15 12.39 -94.86 -15.05
C ARG I 15 11.16 -95.74 -15.27
N ILE I 16 10.23 -95.68 -14.32
CA ILE I 16 9.00 -96.47 -14.36
C ILE I 16 7.84 -95.55 -14.68
N TRP I 17 6.85 -96.11 -15.36
CA TRP I 17 5.64 -95.38 -15.73
C TRP I 17 4.49 -95.78 -14.81
N TYR I 18 3.65 -94.80 -14.46
CA TYR I 18 2.51 -95.02 -13.59
C TYR I 18 1.25 -94.50 -14.28
N LEU I 19 0.10 -94.82 -13.69
CA LEU I 19 -1.20 -94.44 -14.23
C LEU I 19 -2.08 -93.89 -13.11
N LEU I 20 -2.71 -92.76 -13.37
CA LEU I 20 -3.65 -92.16 -12.43
C LEU I 20 -4.98 -91.92 -13.12
N ASP I 21 -6.06 -91.93 -12.34
CA ASP I 21 -7.40 -91.75 -12.87
C ASP I 21 -8.19 -90.83 -11.95
N GLY I 22 -9.03 -90.00 -12.55
CA GLY I 22 -9.86 -89.08 -11.78
C GLY I 22 -11.24 -89.65 -11.51
N LYS I 23 -12.25 -89.15 -12.22
CA LYS I 23 -13.62 -89.63 -12.06
C LYS I 23 -14.11 -89.38 -10.64
N MET I 24 -14.68 -88.20 -10.39
CA MET I 24 -15.23 -87.85 -9.09
C MET I 24 -14.16 -87.94 -8.00
N GLN I 25 -13.13 -87.13 -8.15
CA GLN I 25 -12.02 -87.08 -7.21
C GLN I 25 -11.46 -85.68 -7.18
N PRO I 26 -10.79 -85.29 -6.10
CA PRO I 26 -10.23 -83.94 -6.02
C PRO I 26 -8.92 -83.85 -6.80
N PRO I 27 -8.60 -82.68 -7.36
CA PRO I 27 -7.33 -82.56 -8.09
C PRO I 27 -6.12 -82.31 -7.20
N GLY I 28 -6.32 -81.84 -5.97
CA GLY I 28 -5.19 -81.53 -5.11
C GLY I 28 -4.40 -82.78 -4.75
N LYS I 29 -5.08 -83.81 -4.25
CA LYS I 29 -4.40 -85.04 -3.88
C LYS I 29 -3.77 -85.71 -5.09
N LEU I 30 -4.46 -85.69 -6.22
CA LEU I 30 -3.92 -86.29 -7.45
C LEU I 30 -2.63 -85.57 -7.87
N ALA I 31 -2.64 -84.23 -7.85
CA ALA I 31 -1.45 -83.48 -8.21
C ALA I 31 -0.32 -83.71 -7.21
N ALA I 32 -0.66 -83.81 -5.92
CA ALA I 32 0.36 -84.09 -4.92
C ALA I 32 1.02 -85.44 -5.16
N MET I 33 0.22 -86.47 -5.43
CA MET I 33 0.77 -87.79 -5.71
C MET I 33 1.60 -87.78 -6.99
N ALA I 34 1.13 -87.05 -8.02
CA ALA I 34 1.88 -86.97 -9.26
C ALA I 34 3.24 -86.31 -9.03
N SER I 35 3.27 -85.23 -8.24
CA SER I 35 4.53 -84.56 -7.95
C SER I 35 5.45 -85.45 -7.13
N ILE I 36 4.89 -86.18 -6.15
CA ILE I 36 5.69 -87.07 -5.33
C ILE I 36 6.32 -88.17 -6.18
N ARG I 37 5.57 -88.66 -7.18
CA ARG I 37 6.09 -89.71 -8.03
C ARG I 37 7.07 -89.18 -9.07
N LEU I 38 6.90 -87.93 -9.50
CA LEU I 38 7.80 -87.34 -10.48
C LEU I 38 9.14 -86.95 -9.86
N GLN I 39 9.11 -86.34 -8.68
CA GLN I 39 10.33 -85.94 -8.00
C GLN I 39 11.15 -87.12 -7.52
N GLY I 40 10.63 -88.33 -7.60
CA GLY I 40 11.33 -89.51 -7.11
C GLY I 40 11.29 -89.68 -5.61
N LEU I 41 10.45 -88.92 -4.91
CA LEU I 41 10.36 -89.04 -3.46
C LEU I 41 9.91 -90.42 -3.04
N HIS I 42 9.03 -91.05 -3.82
CA HIS I 42 8.53 -92.37 -3.45
C HIS I 42 9.64 -93.39 -3.32
N LYS I 43 10.73 -93.22 -4.07
CA LYS I 43 11.84 -94.15 -3.99
C LYS I 43 12.71 -93.85 -2.78
N PRO I 44 13.44 -94.85 -2.26
CA PRO I 44 14.33 -94.59 -1.12
C PRO I 44 15.62 -93.88 -1.51
N VAL I 45 15.93 -93.77 -2.80
CA VAL I 45 17.12 -93.07 -3.26
C VAL I 45 16.70 -91.77 -3.94
N TYR I 46 16.07 -90.88 -3.18
CA TYR I 46 15.58 -89.61 -3.70
C TYR I 46 16.67 -88.55 -3.57
N HIS I 47 16.89 -87.81 -4.66
CA HIS I 47 17.87 -86.73 -4.66
C HIS I 47 17.72 -85.93 -5.94
N ALA I 48 18.06 -84.64 -5.87
CA ALA I 48 17.94 -83.78 -7.03
C ALA I 48 19.07 -84.03 -8.03
N LEU I 49 20.29 -84.19 -7.55
CA LEU I 49 21.43 -84.44 -8.45
C LEU I 49 21.28 -85.79 -9.15
N SER I 50 20.69 -86.78 -8.48
CA SER I 50 20.52 -88.09 -9.09
C SER I 50 19.58 -88.03 -10.29
N ASP I 51 18.67 -87.06 -10.33
CA ASP I 51 17.72 -86.91 -11.43
C ASP I 51 16.84 -88.15 -11.55
N CYS I 52 16.28 -88.58 -10.42
CA CYS I 52 15.40 -89.74 -10.37
C CYS I 52 13.95 -89.30 -10.46
N GLY I 53 13.17 -89.98 -11.29
CA GLY I 53 11.77 -89.65 -11.46
C GLY I 53 11.03 -90.79 -12.13
N ASP I 54 9.73 -90.59 -12.29
CA ASP I 54 8.87 -91.59 -12.91
C ASP I 54 7.74 -90.88 -13.64
N HIS I 55 7.49 -91.28 -14.88
CA HIS I 55 6.41 -90.68 -15.66
C HIS I 55 5.07 -90.91 -14.97
N VAL I 56 4.21 -89.91 -15.06
CA VAL I 56 2.88 -89.96 -14.46
C VAL I 56 1.86 -89.64 -15.55
N VAL I 57 0.91 -90.55 -15.76
CA VAL I 57 -0.12 -90.39 -16.78
C VAL I 57 -1.47 -90.32 -16.06
N ILE I 58 -2.21 -89.24 -16.32
CA ILE I 58 -3.53 -89.02 -15.73
C ILE I 58 -4.56 -89.05 -16.84
N MET I 59 -5.67 -89.73 -16.60
CA MET I 59 -6.76 -89.86 -17.56
C MET I 59 -8.06 -89.38 -16.94
N ASN I 60 -9.02 -89.06 -17.81
CA ASN I 60 -10.34 -88.59 -17.38
C ASN I 60 -10.21 -87.31 -16.55
N THR I 61 -9.45 -86.36 -17.07
CA THR I 61 -9.27 -85.08 -16.39
C THR I 61 -10.49 -84.17 -16.51
N ARG I 62 -11.49 -84.55 -17.31
CA ARG I 62 -12.69 -83.75 -17.46
C ARG I 62 -13.72 -84.02 -16.37
N HIS I 63 -13.64 -85.17 -15.69
CA HIS I 63 -14.58 -85.53 -14.64
C HIS I 63 -14.07 -85.20 -13.25
N ILE I 64 -13.20 -84.19 -13.14
CA ILE I 64 -12.68 -83.79 -11.84
C ILE I 64 -13.78 -83.14 -11.02
N ALA I 65 -13.77 -83.40 -9.71
CA ALA I 65 -14.77 -82.88 -8.79
C ALA I 65 -14.06 -82.03 -7.74
N PHE I 66 -14.49 -80.77 -7.61
CA PHE I 66 -13.93 -79.86 -6.63
C PHE I 66 -14.75 -79.90 -5.35
N SER I 67 -14.12 -79.49 -4.26
CA SER I 67 -14.76 -79.45 -2.95
C SER I 67 -15.27 -78.04 -2.66
N GLY I 68 -16.35 -77.96 -1.91
CA GLY I 68 -16.93 -76.67 -1.58
C GLY I 68 -17.53 -76.01 -2.81
N ASN I 69 -17.17 -74.75 -3.04
CA ASN I 69 -17.65 -73.98 -4.18
C ASN I 69 -16.46 -73.40 -4.95
N LYS I 70 -15.42 -74.21 -5.15
CA LYS I 70 -14.24 -73.75 -5.86
C LYS I 70 -14.48 -73.57 -7.35
N TRP I 71 -15.55 -74.17 -7.89
CA TRP I 71 -15.85 -74.01 -9.31
C TRP I 71 -16.16 -72.56 -9.66
N GLU I 72 -16.68 -71.80 -8.71
CA GLU I 72 -17.03 -70.40 -8.91
C GLU I 72 -16.30 -69.49 -7.93
N GLN I 73 -15.06 -69.86 -7.56
CA GLN I 73 -14.27 -69.07 -6.63
C GLN I 73 -12.81 -69.05 -7.05
N LYS I 74 -12.26 -70.21 -7.40
CA LYS I 74 -10.87 -70.29 -7.84
C LYS I 74 -10.73 -69.60 -9.19
N VAL I 75 -9.97 -68.51 -9.22
CA VAL I 75 -9.77 -67.71 -10.43
C VAL I 75 -8.34 -67.96 -10.90
N TYR I 76 -8.20 -68.60 -12.07
CA TYR I 76 -6.90 -68.86 -12.67
C TYR I 76 -6.56 -67.69 -13.59
N SER I 77 -6.02 -66.64 -12.99
CA SER I 77 -5.68 -65.43 -13.71
C SER I 77 -4.25 -65.51 -14.25
N SER I 78 -3.97 -64.66 -15.23
CA SER I 78 -2.65 -64.61 -15.85
C SER I 78 -2.50 -63.35 -16.69
N HIS I 79 -1.54 -62.50 -16.34
CA HIS I 79 -1.30 -61.25 -17.06
C HIS I 79 -0.33 -61.48 -18.21
N THR I 80 -0.61 -60.84 -19.35
CA THR I 80 0.24 -60.96 -20.52
C THR I 80 1.24 -59.80 -20.53
N GLY I 81 1.99 -59.68 -21.62
CA GLY I 81 2.98 -58.63 -21.74
C GLY I 81 2.37 -57.27 -22.03
N TYR I 82 1.50 -57.20 -23.03
CA TYR I 82 0.87 -55.94 -23.39
C TYR I 82 0.02 -55.43 -22.22
N PRO I 83 -0.20 -54.13 -22.13
CA PRO I 83 -1.00 -53.58 -21.02
C PRO I 83 -2.48 -53.92 -21.20
N GLY I 84 -3.18 -53.93 -20.06
CA GLY I 84 -4.60 -54.23 -20.07
C GLY I 84 -4.95 -55.68 -20.34
N GLY I 85 -3.96 -56.56 -20.39
CA GLY I 85 -4.21 -57.96 -20.65
C GLY I 85 -4.34 -58.79 -19.38
N PHE I 86 -4.94 -58.19 -18.35
CA PHE I 86 -5.11 -58.87 -17.06
C PHE I 86 -6.33 -59.78 -17.16
N ARG I 87 -6.10 -61.03 -17.55
CA ARG I 87 -7.16 -62.01 -17.69
C ARG I 87 -7.43 -62.68 -16.35
N GLN I 88 -8.69 -62.67 -15.93
CA GLN I 88 -9.12 -63.28 -14.67
C GLN I 88 -10.26 -64.27 -14.99
N VAL I 89 -9.88 -65.45 -15.43
CA VAL I 89 -10.85 -66.49 -15.78
C VAL I 89 -11.08 -67.39 -14.57
N THR I 90 -12.34 -67.80 -14.39
CA THR I 90 -12.70 -68.66 -13.26
C THR I 90 -12.31 -70.10 -13.57
N ALA I 91 -12.61 -70.99 -12.63
CA ALA I 91 -12.29 -72.41 -12.81
C ALA I 91 -13.25 -73.07 -13.79
N ALA I 92 -14.55 -72.78 -13.69
CA ALA I 92 -15.51 -73.39 -14.60
C ALA I 92 -15.24 -73.01 -16.04
N GLN I 93 -14.98 -71.73 -16.30
CA GLN I 93 -14.70 -71.28 -17.66
C GLN I 93 -13.39 -71.87 -18.17
N LEU I 94 -12.36 -71.90 -17.33
CA LEU I 94 -11.08 -72.47 -17.74
C LEU I 94 -11.22 -73.96 -18.06
N HIS I 95 -12.07 -74.67 -17.32
CA HIS I 95 -12.27 -76.09 -17.59
C HIS I 95 -13.09 -76.29 -18.85
N LEU I 96 -14.10 -75.44 -19.09
CA LEU I 96 -14.91 -75.57 -20.28
C LEU I 96 -14.10 -75.26 -21.54
N ARG I 97 -13.21 -74.26 -21.46
CA ARG I 97 -12.37 -73.90 -22.59
C ARG I 97 -11.07 -74.70 -22.65
N ASP I 98 -10.68 -75.33 -21.55
CA ASP I 98 -9.45 -76.12 -21.52
C ASP I 98 -9.51 -77.11 -20.35
N PRO I 99 -10.04 -78.31 -20.57
CA PRO I 99 -10.13 -79.30 -19.48
C PRO I 99 -8.80 -79.93 -19.10
N VAL I 100 -7.69 -79.51 -19.71
CA VAL I 100 -6.38 -80.04 -19.39
C VAL I 100 -5.48 -78.91 -18.95
N ALA I 101 -5.84 -78.25 -17.84
CA ALA I 101 -5.06 -77.11 -17.35
C ALA I 101 -5.08 -77.03 -15.83
N ILE I 102 -6.18 -77.46 -15.20
CA ILE I 102 -6.27 -77.37 -13.74
C ILE I 102 -5.21 -78.24 -13.08
N VAL I 103 -5.21 -79.54 -13.40
CA VAL I 103 -4.23 -80.45 -12.82
C VAL I 103 -2.83 -80.06 -13.28
N LYS I 104 -2.69 -79.55 -14.51
CA LYS I 104 -1.40 -79.11 -14.98
C LYS I 104 -0.82 -78.02 -14.09
N LEU I 105 -1.61 -76.98 -13.83
CA LEU I 105 -1.13 -75.89 -12.97
C LEU I 105 -0.93 -76.37 -11.54
N ALA I 106 -1.79 -77.29 -11.06
CA ALA I 106 -1.62 -77.82 -9.72
C ALA I 106 -0.28 -78.52 -9.57
N ILE I 107 0.07 -79.38 -10.53
CA ILE I 107 1.34 -80.10 -10.46
C ILE I 107 2.51 -79.15 -10.71
N TYR I 108 2.31 -78.12 -11.52
CA TYR I 108 3.37 -77.14 -11.75
C TYR I 108 3.68 -76.37 -10.46
N GLY I 109 2.66 -76.03 -9.70
CA GLY I 109 2.87 -75.33 -8.44
C GLY I 109 3.33 -76.23 -7.32
N MET I 110 2.98 -77.52 -7.38
CA MET I 110 3.39 -78.45 -6.33
C MET I 110 4.86 -78.79 -6.44
N LEU I 111 5.36 -79.01 -7.65
CA LEU I 111 6.75 -79.36 -7.85
C LEU I 111 7.65 -78.22 -7.35
N PRO I 112 8.90 -78.53 -7.01
CA PRO I 112 9.82 -77.48 -6.54
C PRO I 112 10.01 -76.40 -7.60
N LYS I 113 10.47 -75.24 -7.15
CA LYS I 113 10.65 -74.08 -8.02
C LYS I 113 12.11 -73.98 -8.48
N ASN I 114 12.55 -75.01 -9.18
CA ASN I 114 13.89 -75.09 -9.73
C ASN I 114 13.81 -75.35 -11.24
N LEU I 115 14.98 -75.43 -11.87
CA LEU I 115 15.03 -75.66 -13.31
C LEU I 115 14.55 -77.07 -13.67
N HIS I 116 14.54 -78.00 -12.72
CA HIS I 116 14.03 -79.34 -12.98
C HIS I 116 12.52 -79.39 -13.08
N ARG I 117 11.83 -78.29 -12.76
CA ARG I 117 10.37 -78.28 -12.82
C ARG I 117 9.88 -78.51 -14.26
N ARG I 118 10.51 -77.86 -15.23
CA ARG I 118 10.10 -78.02 -16.62
C ARG I 118 10.31 -79.46 -17.08
N THR I 119 11.43 -80.06 -16.71
CA THR I 119 11.69 -81.45 -17.09
C THR I 119 10.68 -82.39 -16.45
N MET I 120 10.40 -82.20 -15.15
CA MET I 120 9.42 -83.05 -14.48
C MET I 120 8.03 -82.88 -15.06
N MET I 121 7.69 -81.67 -15.52
CA MET I 121 6.40 -81.46 -16.17
C MET I 121 6.35 -82.14 -17.52
N GLU I 122 7.41 -82.01 -18.32
CA GLU I 122 7.47 -82.69 -19.61
C GLU I 122 7.38 -84.19 -19.44
N ARG I 123 7.94 -84.73 -18.35
CA ARG I 123 7.83 -86.15 -18.07
C ARG I 123 6.40 -86.58 -17.83
N LEU I 124 5.52 -85.64 -17.49
CA LEU I 124 4.12 -85.95 -17.21
C LEU I 124 3.28 -85.77 -18.46
N HIS I 125 2.21 -86.57 -18.56
CA HIS I 125 1.29 -86.51 -19.67
C HIS I 125 -0.14 -86.45 -19.14
N LEU I 126 -1.03 -85.85 -19.93
CA LEU I 126 -2.43 -85.71 -19.57
C LEU I 126 -3.30 -86.07 -20.76
N PHE I 127 -4.52 -86.54 -20.45
CA PHE I 127 -5.48 -86.92 -21.48
C PHE I 127 -6.87 -86.66 -20.93
N PRO I 128 -7.73 -85.92 -21.64
CA PRO I 128 -9.08 -85.63 -21.13
C PRO I 128 -10.12 -86.69 -21.44
N ASP I 129 -9.73 -87.86 -21.92
CA ASP I 129 -10.68 -88.91 -22.25
C ASP I 129 -10.02 -90.27 -22.03
N GLU I 130 -10.83 -91.32 -22.12
CA GLU I 130 -10.32 -92.68 -21.94
C GLU I 130 -9.36 -93.09 -23.05
N TYR I 131 -9.40 -92.41 -24.19
CA TYR I 131 -8.51 -92.74 -25.30
C TYR I 131 -7.06 -92.38 -24.93
N ILE I 132 -6.17 -93.36 -25.01
CA ILE I 132 -4.76 -93.15 -24.71
C ILE I 132 -3.95 -93.76 -25.86
N PRO I 133 -2.84 -93.12 -26.27
CA PRO I 133 -2.03 -93.70 -27.35
C PRO I 133 -1.56 -95.10 -27.01
N GLU I 134 -1.24 -95.86 -28.06
CA GLU I 134 -0.79 -97.24 -27.86
C GLU I 134 0.57 -97.29 -27.17
N ASP I 135 1.47 -96.36 -27.51
CA ASP I 135 2.79 -96.34 -26.90
C ASP I 135 2.69 -96.15 -25.39
N ILE I 136 1.98 -95.09 -24.96
CA ILE I 136 1.84 -94.84 -23.53
C ILE I 136 1.12 -96.01 -22.86
N LEU I 137 0.07 -96.52 -23.48
CA LEU I 137 -0.66 -97.64 -22.91
C LEU I 137 0.27 -98.83 -22.64
N LYS I 138 1.11 -99.17 -23.62
CA LYS I 138 2.07 -100.25 -23.43
C LYS I 138 3.12 -99.87 -22.39
N ASN I 139 3.40 -98.58 -22.22
CA ASN I 139 4.40 -98.14 -21.25
C ASN I 139 3.88 -98.20 -19.83
N LEU I 140 2.57 -98.05 -19.63
CA LEU I 140 2.01 -98.06 -18.29
C LEU I 140 2.33 -99.36 -17.57
N VAL I 141 2.53 -99.26 -16.26
CA VAL I 141 2.86 -100.42 -15.43
C VAL I 141 2.22 -100.23 -14.07
N GLU I 142 1.45 -101.23 -13.63
CA GLU I 142 0.79 -101.19 -12.33
C GLU I 142 -0.17 -100.01 -12.22
N GLU I 143 -0.92 -99.96 -11.13
CA GLU I 143 -1.89 -98.88 -10.91
C GLU I 143 -2.00 -98.65 -9.42
N LEU I 144 -1.43 -97.55 -8.94
CA LEU I 144 -1.49 -97.22 -7.53
C LEU I 144 -2.93 -97.01 -7.09
N PRO I 145 -3.23 -97.21 -5.82
CA PRO I 145 -4.61 -97.03 -5.34
C PRO I 145 -5.10 -95.60 -5.57
N GLN I 146 -6.40 -95.47 -5.78
CA GLN I 146 -7.00 -94.18 -6.05
C GLN I 146 -7.13 -93.37 -4.77
N PRO I 147 -7.21 -92.04 -4.88
CA PRO I 147 -7.32 -91.20 -3.68
C PRO I 147 -8.69 -91.30 -3.01
N ARG I 148 -9.70 -90.69 -3.62
CA ARG I 148 -11.04 -90.67 -3.04
C ARG I 148 -11.64 -92.08 -3.04
N LYS I 149 -12.73 -92.23 -2.28
CA LYS I 149 -13.42 -93.50 -2.16
C LYS I 149 -14.73 -93.54 -2.92
N ILE I 150 -15.16 -92.42 -3.50
CA ILE I 150 -16.42 -92.34 -4.25
C ILE I 150 -17.58 -92.53 -3.28
N PRO I 151 -18.53 -91.59 -3.21
CA PRO I 151 -19.64 -91.75 -2.25
C PRO I 151 -20.62 -92.84 -2.62
N LYS I 152 -20.69 -93.24 -3.89
CA LYS I 152 -21.62 -94.28 -4.33
C LYS I 152 -23.06 -93.82 -4.19
N ARG I 153 -23.74 -93.65 -5.32
CA ARG I 153 -25.12 -93.20 -5.31
C ARG I 153 -26.04 -94.32 -4.81
N LEU I 154 -27.35 -94.06 -4.84
CA LEU I 154 -28.33 -95.04 -4.38
C LEU I 154 -28.54 -96.17 -5.38
N ASP I 155 -28.13 -96.00 -6.63
CA ASP I 155 -28.32 -96.99 -7.68
C ASP I 155 -27.16 -97.98 -7.77
N GLU I 156 -26.48 -98.26 -6.65
CA GLU I 156 -25.37 -99.20 -6.65
C GLU I 156 -25.29 -99.99 -5.35
N TYR I 157 -26.03 -99.56 -4.32
CA TYR I 157 -26.00 -100.26 -3.04
C TYR I 157 -26.72 -101.60 -3.09
N THR I 158 -27.37 -101.93 -4.20
CA THR I 158 -28.10 -103.20 -4.32
C THR I 158 -29.28 -103.24 -3.36
N GLN I 159 -30.32 -104.01 -3.70
CA GLN I 159 -31.50 -104.09 -2.86
C GLN I 159 -31.21 -104.84 -1.56
N GLU I 160 -30.23 -105.75 -1.56
CA GLU I 160 -29.91 -106.50 -0.36
C GLU I 160 -29.47 -105.57 0.77
N GLU I 161 -28.48 -104.72 0.51
CA GLU I 161 -28.00 -103.80 1.53
C GLU I 161 -29.08 -102.80 1.92
N ILE I 162 -29.90 -102.38 0.97
CA ILE I 162 -30.98 -101.44 1.27
C ILE I 162 -31.96 -102.06 2.25
N ASP I 163 -32.36 -103.31 2.00
CA ASP I 163 -33.25 -104.01 2.92
C ASP I 163 -32.58 -104.28 4.26
N ALA I 164 -31.27 -104.54 4.26
CA ALA I 164 -30.57 -104.77 5.51
C ALA I 164 -30.59 -103.53 6.41
N PHE I 165 -30.63 -102.34 5.82
CA PHE I 165 -30.68 -101.10 6.57
C PHE I 165 -32.10 -100.88 7.10
N PRO I 166 -32.31 -100.93 8.43
CA PRO I 166 -33.66 -100.75 8.95
C PRO I 166 -34.10 -99.30 8.94
N ARG I 167 -35.41 -99.11 9.06
CA ARG I 167 -35.99 -97.78 9.07
C ARG I 167 -35.65 -97.09 10.39
N LEU I 168 -36.12 -95.84 10.53
CA LEU I 168 -35.84 -95.04 11.71
C LEU I 168 -37.06 -94.37 12.32
N TRP I 169 -38.14 -94.19 11.57
CA TRP I 169 -39.32 -93.50 12.07
C TRP I 169 -40.56 -94.07 11.38
N THR I 170 -41.73 -93.52 11.73
CA THR I 170 -43.00 -94.00 11.22
C THR I 170 -43.86 -92.81 10.81
N PRO I 171 -43.90 -92.46 9.52
CA PRO I 171 -44.80 -91.38 9.09
C PRO I 171 -46.25 -91.81 9.23
N PRO I 172 -47.17 -90.86 9.37
CA PRO I 172 -48.59 -91.22 9.47
C PRO I 172 -49.04 -91.99 8.24
N GLU I 173 -49.96 -92.94 8.46
CA GLU I 173 -50.48 -93.74 7.37
C GLU I 173 -51.30 -92.93 6.38
N ASP I 174 -51.73 -91.72 6.76
CA ASP I 174 -52.52 -90.84 5.92
C ASP I 174 -51.78 -89.54 5.63
N TYR I 175 -50.49 -89.65 5.32
CA TYR I 175 -49.66 -88.48 5.03
C TYR I 175 -49.63 -88.23 3.53
N ARG I 176 -49.98 -87.00 3.13
CA ARG I 176 -50.05 -86.64 1.73
C ARG I 176 -48.69 -86.33 1.13
N LEU I 177 -47.61 -86.40 1.90
CA LEU I 177 -46.28 -86.10 1.40
C LEU I 177 -46.22 -84.70 0.80
N ALA J 1 -12.35 -25.56 -45.88
CA ALA J 1 -11.68 -24.33 -46.29
C ALA J 1 -12.04 -23.17 -45.37
N ILE J 2 -13.33 -22.89 -45.26
CA ILE J 2 -13.82 -21.80 -44.41
C ILE J 2 -13.78 -22.26 -42.95
N GLN J 3 -12.66 -22.03 -42.29
CA GLN J 3 -12.47 -22.39 -40.90
C GLN J 3 -12.64 -21.15 -40.03
N LYS J 4 -12.03 -21.17 -38.84
CA LYS J 4 -12.11 -20.03 -37.94
C LYS J 4 -11.15 -18.93 -38.36
N MET J 5 -11.59 -17.68 -38.20
CA MET J 5 -10.78 -16.51 -38.54
C MET J 5 -10.40 -16.53 -40.02
N THR J 6 -11.43 -16.35 -40.85
CA THR J 6 -11.27 -16.34 -42.30
C THR J 6 -12.10 -15.20 -42.87
N ARG J 7 -11.43 -14.24 -43.53
CA ARG J 7 -12.12 -13.10 -44.11
C ARG J 7 -13.21 -13.56 -45.07
N VAL J 8 -14.45 -13.59 -44.59
CA VAL J 8 -15.59 -14.02 -45.39
C VAL J 8 -16.13 -12.84 -46.17
N ARG J 9 -16.50 -13.08 -47.43
CA ARG J 9 -17.07 -12.05 -48.29
C ARG J 9 -18.57 -12.31 -48.40
N VAL J 10 -19.37 -11.46 -47.78
CA VAL J 10 -20.82 -11.62 -47.77
C VAL J 10 -21.39 -11.10 -49.08
N VAL J 11 -22.46 -11.75 -49.55
CA VAL J 11 -23.14 -11.36 -50.77
C VAL J 11 -24.65 -11.45 -50.55
N ASP J 12 -25.23 -10.40 -49.99
CA ASP J 12 -26.66 -10.38 -49.72
C ASP J 12 -27.15 -8.94 -49.76
N ASN J 13 -28.46 -8.77 -49.78
CA ASN J 13 -29.09 -7.46 -49.76
C ASN J 13 -29.28 -6.91 -48.36
N SER J 14 -28.76 -7.59 -47.34
CA SER J 14 -28.91 -7.13 -45.97
C SER J 14 -28.00 -5.93 -45.71
N ALA J 15 -28.54 -4.93 -44.99
CA ALA J 15 -27.76 -3.75 -44.69
C ALA J 15 -26.54 -4.07 -43.83
N LEU J 16 -26.62 -5.13 -43.02
CA LEU J 16 -25.49 -5.50 -42.17
C LEU J 16 -24.31 -5.99 -43.00
N GLY J 17 -24.59 -6.72 -44.08
CA GLY J 17 -23.53 -7.25 -44.92
C GLY J 17 -23.08 -6.27 -45.99
N ASN J 18 -23.98 -5.41 -46.44
CA ASN J 18 -23.65 -4.44 -47.48
C ASN J 18 -22.96 -3.20 -46.90
N SER J 19 -23.34 -2.79 -45.70
CA SER J 19 -22.74 -1.61 -45.10
C SER J 19 -21.25 -1.85 -44.84
N PRO J 20 -20.42 -0.82 -44.95
CA PRO J 20 -18.99 -0.99 -44.71
C PRO J 20 -18.68 -1.10 -43.22
N TYR J 21 -17.43 -1.46 -42.93
CA TYR J 21 -16.97 -1.61 -41.56
C TYR J 21 -15.46 -1.58 -41.55
N HIS J 22 -14.90 -1.15 -40.42
CA HIS J 22 -13.46 -1.06 -40.25
C HIS J 22 -12.81 -2.40 -39.91
N ARG J 23 -13.56 -3.50 -39.99
CA ARG J 23 -13.01 -4.82 -39.72
C ARG J 23 -13.71 -5.83 -40.61
N ALA J 24 -12.94 -6.57 -41.39
CA ALA J 24 -13.51 -7.55 -42.30
C ALA J 24 -14.25 -8.63 -41.51
N PRO J 25 -15.49 -8.96 -41.86
CA PRO J 25 -16.21 -10.00 -41.12
C PRO J 25 -15.66 -11.39 -41.45
N ARG J 26 -15.31 -12.15 -40.41
CA ARG J 26 -14.77 -13.48 -40.57
C ARG J 26 -15.59 -14.47 -39.76
N CYS J 27 -15.46 -15.75 -40.12
CA CYS J 27 -16.23 -16.80 -39.48
C CYS J 27 -16.02 -16.79 -37.97
N ILE J 28 -16.93 -17.47 -37.26
CA ILE J 28 -16.87 -17.56 -35.81
C ILE J 28 -16.65 -19.01 -35.40
N HIS J 29 -17.64 -19.86 -35.67
CA HIS J 29 -17.57 -21.27 -35.29
C HIS J 29 -18.16 -22.12 -36.40
N VAL J 30 -17.59 -23.31 -36.57
CA VAL J 30 -18.04 -24.27 -37.58
C VAL J 30 -18.96 -25.28 -36.90
N TYR J 31 -20.19 -25.39 -37.41
CA TYR J 31 -21.18 -26.32 -36.86
C TYR J 31 -20.97 -27.72 -37.42
N LYS J 32 -19.80 -28.28 -37.11
CA LYS J 32 -19.44 -29.62 -37.57
C LYS J 32 -18.50 -30.25 -36.56
N LYS J 33 -18.50 -31.59 -36.52
CA LYS J 33 -17.63 -32.31 -35.61
C LYS J 33 -16.16 -32.06 -35.91
N ASN J 34 -15.82 -31.70 -37.14
CA ASN J 34 -14.45 -31.42 -37.53
C ASN J 34 -14.26 -29.92 -37.73
N GLY J 35 -13.00 -29.51 -37.77
CA GLY J 35 -12.67 -28.11 -37.93
C GLY J 35 -12.51 -27.70 -39.38
N VAL J 36 -13.44 -28.13 -40.23
CA VAL J 36 -13.41 -27.81 -41.65
C VAL J 36 -14.85 -27.61 -42.12
N GLY J 37 -15.08 -26.54 -42.88
CA GLY J 37 -16.39 -26.23 -43.42
C GLY J 37 -16.45 -26.48 -44.90
N LYS J 38 -17.62 -26.87 -45.39
CA LYS J 38 -17.83 -27.17 -46.80
C LYS J 38 -19.13 -26.52 -47.24
N VAL J 39 -19.58 -26.83 -48.45
CA VAL J 39 -20.80 -26.25 -48.98
C VAL J 39 -22.00 -26.82 -48.24
N GLY J 40 -23.03 -25.99 -48.08
CA GLY J 40 -24.24 -26.40 -47.40
C GLY J 40 -24.02 -26.67 -45.93
N ASP J 41 -23.40 -25.72 -45.24
CA ASP J 41 -23.12 -25.84 -43.81
C ASP J 41 -23.36 -24.51 -43.14
N GLN J 42 -23.93 -24.55 -41.93
CA GLN J 42 -24.21 -23.35 -41.17
C GLN J 42 -22.99 -22.93 -40.38
N ILE J 43 -22.73 -21.63 -40.34
CA ILE J 43 -21.59 -21.08 -39.61
C ILE J 43 -21.96 -19.71 -39.08
N LEU J 44 -21.45 -19.37 -37.90
CA LEU J 44 -21.67 -18.05 -37.32
C LEU J 44 -20.71 -17.04 -37.92
N LEU J 45 -21.22 -15.84 -38.18
CA LEU J 45 -20.45 -14.78 -38.83
C LEU J 45 -20.60 -13.50 -38.03
N ALA J 46 -19.48 -12.88 -37.70
CA ALA J 46 -19.47 -11.61 -36.97
C ALA J 46 -19.60 -10.46 -37.96
N ILE J 47 -20.67 -9.68 -37.83
CA ILE J 47 -20.95 -8.56 -38.72
C ILE J 47 -21.28 -7.34 -37.87
N LYS J 48 -20.50 -6.28 -38.03
CA LYS J 48 -20.74 -5.02 -37.33
C LYS J 48 -20.78 -5.22 -35.82
N GLY J 49 -19.75 -5.90 -35.29
CA GLY J 49 -19.66 -6.14 -33.87
C GLY J 49 -20.81 -6.94 -33.30
N GLN J 50 -21.46 -7.76 -34.13
CA GLN J 50 -22.59 -8.56 -33.69
C GLN J 50 -22.48 -9.95 -34.29
N LYS J 51 -22.96 -10.95 -33.53
CA LYS J 51 -22.94 -12.33 -33.98
C LYS J 51 -24.23 -12.65 -34.73
N LYS J 52 -24.09 -13.46 -35.79
CA LYS J 52 -25.23 -13.84 -36.61
C LYS J 52 -24.87 -15.08 -37.41
N LYS J 53 -25.83 -15.99 -37.55
CA LYS J 53 -25.59 -17.20 -38.31
C LYS J 53 -25.42 -16.89 -39.79
N ALA J 54 -24.82 -17.84 -40.51
CA ALA J 54 -24.57 -17.68 -41.94
C ALA J 54 -24.67 -19.05 -42.59
N LEU J 55 -24.40 -19.08 -43.90
CA LEU J 55 -24.47 -20.32 -44.67
C LEU J 55 -23.39 -20.29 -45.75
N ILE J 56 -22.55 -21.32 -45.77
CA ILE J 56 -21.47 -21.40 -46.75
C ILE J 56 -22.08 -21.71 -48.12
N VAL J 57 -21.81 -20.83 -49.09
CA VAL J 57 -22.32 -21.01 -50.45
C VAL J 57 -21.14 -20.92 -51.42
N GLY J 58 -20.25 -21.90 -51.36
CA GLY J 58 -19.09 -21.93 -52.23
C GLY J 58 -17.80 -21.61 -51.51
N HIS J 59 -16.77 -22.43 -51.74
CA HIS J 59 -15.46 -22.25 -51.13
C HIS J 59 -14.42 -22.05 -52.23
N CYS J 60 -13.19 -21.77 -51.80
CA CYS J 60 -12.10 -21.52 -52.73
C CYS J 60 -11.28 -22.77 -53.04
N MET J 61 -11.33 -23.79 -52.19
CA MET J 61 -10.59 -25.01 -52.42
C MET J 61 -11.31 -25.89 -53.43
N PRO J 62 -10.59 -26.81 -54.08
CA PRO J 62 -11.22 -27.68 -55.09
C PRO J 62 -12.07 -28.76 -54.44
N GLY J 63 -13.36 -28.76 -54.75
CA GLY J 63 -14.26 -29.78 -54.26
C GLY J 63 -14.26 -31.00 -55.16
N PRO J 64 -15.35 -31.78 -55.15
CA PRO J 64 -15.43 -32.94 -56.04
C PRO J 64 -15.36 -32.55 -57.49
N ARG J 65 -15.42 -33.55 -58.39
CA ARG J 65 -15.26 -33.31 -59.82
C ARG J 65 -16.41 -32.47 -60.37
N MET J 66 -17.62 -33.01 -60.36
CA MET J 66 -18.78 -32.33 -60.93
C MET J 66 -19.32 -31.28 -59.97
N THR J 67 -18.48 -30.28 -59.69
CA THR J 67 -18.84 -29.17 -58.83
C THR J 67 -18.00 -27.97 -59.22
N PRO J 68 -18.46 -26.75 -58.90
CA PRO J 68 -17.67 -25.57 -59.25
C PRO J 68 -16.63 -25.22 -58.19
N ARG J 69 -15.86 -24.16 -58.44
CA ARG J 69 -14.84 -23.71 -57.49
C ARG J 69 -14.73 -22.20 -57.62
N PHE J 70 -15.28 -21.48 -56.66
CA PHE J 70 -15.27 -20.02 -56.69
C PHE J 70 -13.89 -19.49 -56.29
N ASP J 71 -13.67 -18.21 -56.58
CA ASP J 71 -12.42 -17.54 -56.23
C ASP J 71 -12.52 -16.71 -54.96
N SER J 72 -13.72 -16.54 -54.40
CA SER J 72 -13.92 -15.79 -53.18
C SER J 72 -14.86 -16.55 -52.26
N ASN J 73 -14.54 -16.57 -50.97
CA ASN J 73 -15.36 -17.28 -50.00
C ASN J 73 -16.76 -16.68 -49.92
N ASN J 74 -17.63 -17.08 -50.84
CA ASN J 74 -19.00 -16.58 -50.84
C ASN J 74 -19.78 -17.19 -49.70
N VAL J 75 -20.50 -16.35 -48.95
CA VAL J 75 -21.28 -16.78 -47.80
C VAL J 75 -22.58 -16.00 -47.78
N VAL J 76 -23.67 -16.67 -47.39
CA VAL J 76 -25.00 -16.07 -47.32
C VAL J 76 -25.45 -16.09 -45.86
N LEU J 77 -26.10 -15.01 -45.44
CA LEU J 77 -26.57 -14.89 -44.07
C LEU J 77 -27.81 -15.75 -43.85
N ILE J 78 -28.12 -15.98 -42.58
CA ILE J 78 -29.28 -16.79 -42.20
C ILE J 78 -29.57 -16.53 -40.73
N GLU J 79 -30.84 -16.64 -40.36
CA GLU J 79 -31.28 -16.42 -38.99
C GLU J 79 -31.44 -17.77 -38.29
N ASP J 80 -32.16 -17.78 -37.16
CA ASP J 80 -32.39 -19.01 -36.42
C ASP J 80 -33.15 -20.01 -37.28
N ASN J 81 -34.41 -19.71 -37.59
CA ASN J 81 -35.19 -20.58 -38.46
C ASN J 81 -34.68 -20.52 -39.89
N GLY J 82 -34.23 -19.35 -40.34
CA GLY J 82 -33.70 -19.18 -41.67
C GLY J 82 -34.67 -19.59 -42.77
N ASN J 83 -35.51 -18.68 -43.28
CA ASN J 83 -35.61 -17.28 -42.87
C ASN J 83 -34.35 -16.47 -43.19
N PRO J 84 -33.99 -16.39 -44.46
CA PRO J 84 -32.80 -15.62 -44.84
C PRO J 84 -33.03 -14.13 -44.67
N VAL J 85 -31.96 -13.42 -44.29
CA VAL J 85 -32.04 -11.99 -44.07
C VAL J 85 -32.12 -11.26 -45.40
N GLY J 86 -31.21 -11.57 -46.32
CA GLY J 86 -31.20 -10.93 -47.62
C GLY J 86 -32.44 -11.25 -48.43
N THR J 87 -32.53 -10.61 -49.58
CA THR J 87 -33.66 -10.79 -50.50
C THR J 87 -33.26 -11.04 -51.94
N ARG J 88 -32.03 -10.72 -52.34
CA ARG J 88 -31.58 -10.93 -53.71
C ARG J 88 -30.10 -11.31 -53.70
N ILE J 89 -29.76 -12.33 -54.48
CA ILE J 89 -28.37 -12.80 -54.60
C ILE J 89 -28.05 -12.79 -56.10
N LYS J 90 -27.34 -11.76 -56.55
CA LYS J 90 -27.01 -11.67 -57.97
C LYS J 90 -25.95 -12.69 -58.37
N THR J 91 -24.99 -12.95 -57.49
CA THR J 91 -23.94 -13.90 -57.80
C THR J 91 -24.53 -15.30 -57.99
N PRO J 92 -23.86 -16.17 -58.75
CA PRO J 92 -24.39 -17.51 -58.95
C PRO J 92 -24.26 -18.37 -57.71
N ILE J 93 -25.10 -19.39 -57.64
CA ILE J 93 -25.12 -20.32 -56.50
C ILE J 93 -25.00 -21.74 -57.05
N PRO J 94 -24.13 -22.57 -56.49
CA PRO J 94 -24.01 -23.95 -57.01
C PRO J 94 -25.30 -24.72 -56.80
N THR J 95 -25.57 -25.62 -57.74
CA THR J 95 -26.79 -26.43 -57.71
C THR J 95 -26.72 -27.57 -56.69
N SER J 96 -25.60 -27.72 -55.98
CA SER J 96 -25.49 -28.79 -54.99
C SER J 96 -26.45 -28.59 -53.82
N LEU J 97 -26.84 -27.34 -53.56
CA LEU J 97 -27.75 -27.04 -52.46
C LEU J 97 -29.21 -27.36 -52.79
N ARG J 98 -29.53 -27.61 -54.06
CA ARG J 98 -30.91 -27.91 -54.44
C ARG J 98 -31.37 -29.25 -53.89
N LYS J 99 -30.44 -30.15 -53.54
CA LYS J 99 -30.82 -31.46 -53.02
C LYS J 99 -31.37 -31.39 -51.59
N ARG J 100 -31.27 -30.24 -50.94
CA ARG J 100 -31.78 -30.10 -49.57
C ARG J 100 -33.29 -30.20 -49.54
N GLU J 101 -33.98 -29.15 -50.00
CA GLU J 101 -35.44 -29.13 -50.01
C GLU J 101 -35.99 -29.40 -48.61
N GLY J 102 -36.00 -28.37 -47.77
CA GLY J 102 -36.49 -28.51 -46.41
C GLY J 102 -35.65 -27.74 -45.42
N GLU J 103 -34.34 -27.93 -45.46
CA GLU J 103 -33.45 -27.22 -44.55
C GLU J 103 -33.23 -25.77 -45.00
N TYR J 104 -33.02 -25.56 -46.30
CA TYR J 104 -32.81 -24.23 -46.87
C TYR J 104 -33.69 -24.09 -48.11
N SER J 105 -35.00 -23.95 -47.89
CA SER J 105 -35.94 -23.84 -49.01
C SER J 105 -36.04 -22.40 -49.50
N LYS J 106 -36.26 -21.46 -48.58
CA LYS J 106 -36.39 -20.06 -48.98
C LYS J 106 -35.11 -19.53 -49.61
N VAL J 107 -33.95 -20.05 -49.18
CA VAL J 107 -32.68 -19.61 -49.76
C VAL J 107 -32.63 -19.96 -51.24
N LEU J 108 -33.16 -21.12 -51.61
CA LEU J 108 -33.17 -21.51 -53.01
C LEU J 108 -34.19 -20.71 -53.81
N ALA J 109 -35.34 -20.42 -53.21
CA ALA J 109 -36.36 -19.61 -53.89
C ALA J 109 -35.85 -18.20 -54.15
N ILE J 110 -35.12 -17.63 -53.20
CA ILE J 110 -34.56 -16.29 -53.38
C ILE J 110 -33.36 -16.30 -54.33
N ALA J 111 -32.68 -17.43 -54.47
CA ALA J 111 -31.54 -17.51 -55.37
C ALA J 111 -31.94 -17.11 -56.79
N GLN J 112 -31.13 -16.29 -57.42
CA GLN J 112 -31.41 -15.82 -58.78
C GLN J 112 -30.74 -16.71 -59.81
N ASN J 113 -29.43 -16.55 -59.98
CA ASN J 113 -28.67 -17.32 -60.96
C ASN J 113 -28.16 -18.62 -60.34
N PHE J 114 -27.65 -19.49 -61.20
CA PHE J 114 -27.11 -20.78 -60.78
C PHE J 114 -25.99 -21.17 -61.72
N VAL J 115 -24.97 -21.83 -61.18
CA VAL J 115 -23.83 -22.27 -61.97
C VAL J 115 -24.26 -23.41 -62.89
N ALA K 1 80.10 -73.51 44.80
CA ALA K 1 78.65 -73.67 44.78
C ALA K 1 78.21 -74.41 43.53
N ARG K 2 76.90 -74.65 43.43
CA ARG K 2 76.36 -75.35 42.27
C ARG K 2 76.47 -74.53 40.99
N ALA K 3 76.66 -73.22 41.10
CA ALA K 3 76.79 -72.38 39.91
C ALA K 3 77.96 -72.83 39.05
N LEU K 4 79.14 -72.95 39.65
CA LEU K 4 80.31 -73.39 38.89
C LEU K 4 80.17 -74.84 38.45
N ASP K 5 79.54 -75.67 39.28
CA ASP K 5 79.33 -77.06 38.91
C ASP K 5 78.49 -77.18 37.64
N LEU K 6 77.47 -76.32 37.51
CA LEU K 6 76.65 -76.33 36.31
C LEU K 6 77.37 -75.65 35.14
N LEU K 7 78.16 -74.61 35.42
CA LEU K 7 78.90 -73.93 34.36
C LEU K 7 80.00 -74.81 33.78
N ARG K 8 80.45 -75.82 34.53
CA ARG K 8 81.49 -76.72 34.01
C ARG K 8 81.09 -77.30 32.67
N GLY K 9 79.81 -77.61 32.49
CA GLY K 9 79.29 -78.13 31.24
C GLY K 9 78.84 -77.02 30.32
N LEU K 10 78.05 -77.40 29.31
CA LEU K 10 77.51 -76.48 28.33
C LEU K 10 78.62 -75.81 27.53
N PRO K 11 78.33 -75.28 26.35
CA PRO K 11 79.38 -74.62 25.56
C PRO K 11 79.78 -73.28 26.15
N ARG K 12 80.75 -72.61 25.53
CA ARG K 12 81.21 -71.32 26.03
C ARG K 12 80.10 -70.29 25.95
N VAL K 13 80.16 -69.30 26.84
CA VAL K 13 79.16 -68.24 26.90
C VAL K 13 79.65 -67.12 25.99
N SER K 14 79.30 -67.21 24.72
CA SER K 14 79.67 -66.19 23.74
C SER K 14 78.63 -65.09 23.75
N LEU K 15 78.70 -64.18 22.76
CA LEU K 15 77.75 -63.09 22.65
C LEU K 15 76.41 -63.53 22.08
N ALA K 16 76.25 -64.81 21.72
CA ALA K 16 75.01 -65.32 21.18
C ALA K 16 74.07 -65.88 22.24
N ASN K 17 74.55 -66.08 23.47
CA ASN K 17 73.76 -66.63 24.55
C ASN K 17 73.25 -65.57 25.52
N LEU K 18 73.33 -64.30 25.16
CA LEU K 18 72.86 -63.23 26.02
C LEU K 18 71.34 -63.12 25.96
N LYS K 19 70.72 -62.85 27.11
CA LYS K 19 69.27 -62.76 27.19
C LYS K 19 68.92 -61.87 28.37
N PRO K 20 68.12 -60.82 28.16
CA PRO K 20 67.76 -59.94 29.27
C PRO K 20 66.89 -60.66 30.30
N ASN K 21 66.79 -60.04 31.47
CA ASN K 21 65.99 -60.58 32.55
C ASN K 21 64.52 -60.68 32.09
N PRO K 22 63.91 -61.86 32.10
CA PRO K 22 62.51 -61.97 31.66
C PRO K 22 61.60 -61.14 32.55
N GLY K 23 60.92 -60.16 31.94
CA GLY K 23 60.02 -59.27 32.64
C GLY K 23 60.49 -57.83 32.68
N SER K 24 61.71 -57.55 32.25
CA SER K 24 62.23 -56.18 32.25
C SER K 24 62.02 -55.50 30.90
N LYS K 25 62.63 -56.03 29.85
CA LYS K 25 62.48 -55.46 28.51
C LYS K 25 61.05 -55.65 28.00
N LYS K 26 60.18 -54.71 28.29
CA LYS K 26 58.79 -54.81 27.84
C LYS K 26 58.73 -54.74 26.32
N PRO K 27 58.02 -55.65 25.65
CA PRO K 27 57.92 -55.55 24.19
C PRO K 27 57.25 -54.25 23.77
N GLU K 28 57.70 -53.72 22.63
CA GLU K 28 57.15 -52.48 22.11
C GLU K 28 55.71 -52.69 21.67
N ARG K 29 54.93 -51.61 21.75
CA ARG K 29 53.51 -51.61 21.39
C ARG K 29 53.32 -50.58 20.27
N ARG K 30 53.42 -51.04 19.01
CA ARG K 30 53.24 -50.17 17.87
C ARG K 30 51.86 -50.34 17.27
N PRO K 31 51.27 -49.28 16.69
CA PRO K 31 49.92 -49.38 16.09
C PRO K 31 49.94 -49.89 14.65
N ARG K 32 50.17 -51.20 14.51
CA ARG K 32 50.20 -51.83 13.19
C ARG K 32 49.64 -53.25 13.34
N GLY K 33 48.32 -53.34 13.29
CA GLY K 33 47.65 -54.62 13.42
C GLY K 33 46.16 -54.43 13.57
N ARG K 34 45.47 -55.56 13.71
CA ARG K 34 44.02 -55.53 13.86
C ARG K 34 43.62 -54.94 15.20
N ARG K 35 44.15 -55.49 16.29
CA ARG K 35 43.82 -54.97 17.63
C ARG K 35 44.41 -53.57 17.82
N ARG K 36 45.60 -53.32 17.30
CA ARG K 36 46.25 -52.02 17.41
C ARG K 36 46.18 -51.28 16.07
N GLY K 37 44.96 -50.95 15.68
CA GLY K 37 44.73 -50.26 14.43
C GLY K 37 43.37 -49.61 14.39
N ARG K 38 42.89 -49.41 13.16
CA ARG K 38 41.60 -48.75 12.93
C ARG K 38 41.60 -47.34 13.51
N LYS K 39 41.54 -47.24 14.84
CA LYS K 39 41.53 -45.95 15.53
C LYS K 39 42.86 -45.62 16.19
N CYS K 40 43.76 -46.60 16.34
CA CYS K 40 45.08 -46.36 16.92
C CYS K 40 45.01 -45.92 18.38
N GLY K 41 44.02 -46.43 19.10
CA GLY K 41 43.89 -46.09 20.51
C GLY K 41 43.75 -44.61 20.77
N ARG K 42 42.95 -43.92 19.95
CA ARG K 42 42.75 -42.48 20.10
C ARG K 42 41.31 -42.08 20.39
N GLY K 43 40.34 -42.93 20.08
CA GLY K 43 38.94 -42.63 20.34
C GLY K 43 38.19 -42.22 19.09
N HIS K 44 36.97 -41.73 19.32
CA HIS K 44 36.09 -41.32 18.25
C HIS K 44 36.50 -39.92 17.77
N LYS K 45 35.63 -39.29 16.99
CA LYS K 45 35.92 -37.95 16.48
C LYS K 45 36.07 -36.97 17.63
N GLY K 46 36.82 -35.89 17.37
CA GLY K 46 37.05 -34.85 18.34
C GLY K 46 38.52 -34.56 18.50
N GLU K 47 38.81 -33.62 19.41
CA GLU K 47 40.20 -33.27 19.68
C GLU K 47 41.00 -34.45 20.21
N ARG K 48 40.32 -35.42 20.83
CA ARG K 48 41.00 -36.62 21.29
C ARG K 48 41.67 -37.34 20.12
N GLN K 49 40.91 -37.61 19.06
CA GLN K 49 41.48 -38.24 17.88
C GLN K 49 42.40 -37.30 17.13
N ARG K 50 42.06 -36.01 17.10
CA ARG K 50 42.89 -35.01 16.43
C ARG K 50 44.08 -34.56 17.29
N GLY K 51 44.09 -34.89 18.58
CA GLY K 51 45.18 -34.50 19.45
C GLY K 51 45.38 -33.00 19.52
N THR K 52 44.34 -32.29 19.96
CA THR K 52 44.40 -30.83 20.07
C THR K 52 43.47 -30.36 21.18
N ARG K 53 43.66 -30.91 22.37
CA ARG K 53 42.83 -30.54 23.52
C ARG K 53 43.33 -29.25 24.13
N PRO K 54 42.52 -28.62 25.00
CA PRO K 54 42.96 -27.36 25.63
C PRO K 54 44.18 -27.55 26.52
N ARG K 55 44.60 -26.48 27.18
CA ARG K 55 45.75 -26.54 28.07
C ARG K 55 45.43 -27.38 29.29
N LEU K 56 46.45 -27.61 30.11
CA LEU K 56 46.27 -28.38 31.34
C LEU K 56 45.50 -27.55 32.37
N GLY K 57 44.55 -28.20 33.05
CA GLY K 57 43.72 -27.53 34.03
C GLY K 57 42.48 -26.88 33.47
N PHE K 58 42.38 -26.73 32.15
CA PHE K 58 41.20 -26.13 31.55
C PHE K 58 39.97 -26.99 31.84
N GLU K 59 38.83 -26.33 32.06
CA GLU K 59 37.57 -26.99 32.38
C GLU K 59 36.46 -26.47 31.49
N GLY K 60 36.74 -26.40 30.18
CA GLY K 60 35.76 -25.96 29.21
C GLY K 60 35.58 -24.46 29.09
N GLY K 61 36.02 -23.69 30.07
CA GLY K 61 35.87 -22.25 30.03
C GLY K 61 35.63 -21.64 31.39
N GLN K 62 35.00 -22.39 32.28
CA GLN K 62 34.74 -21.92 33.62
C GLN K 62 36.04 -21.64 34.37
N THR K 63 35.92 -20.91 35.47
CA THR K 63 37.07 -20.59 36.31
C THR K 63 37.74 -21.87 36.79
N PRO K 64 38.96 -22.17 36.34
CA PRO K 64 39.62 -23.41 36.78
C PRO K 64 39.72 -23.48 38.30
N PHE K 65 39.86 -24.71 38.81
CA PHE K 65 39.94 -24.92 40.24
C PHE K 65 41.16 -24.24 40.84
N TYR K 66 42.26 -24.16 40.10
CA TYR K 66 43.50 -23.56 40.59
C TYR K 66 43.51 -22.04 40.44
N ILE K 67 42.36 -21.42 40.19
CA ILE K 67 42.28 -19.97 40.07
C ILE K 67 41.20 -19.46 41.02
N ARG K 68 40.17 -20.28 41.26
CA ARG K 68 39.09 -19.88 42.17
C ARG K 68 39.58 -19.70 43.60
N ILE K 69 40.72 -20.30 43.95
CA ILE K 69 41.24 -20.18 45.31
C ILE K 69 42.04 -18.89 45.41
N PRO K 70 41.81 -18.06 46.44
CA PRO K 70 42.57 -16.81 46.56
C PRO K 70 44.04 -17.09 46.86
N LYS K 71 44.82 -16.01 46.83
CA LYS K 71 46.25 -16.09 47.08
C LYS K 71 46.54 -15.99 48.58
N TYR K 72 47.78 -16.29 48.93
CA TYR K 72 48.22 -16.22 50.32
C TYR K 72 49.74 -16.33 50.35
N GLY K 73 50.34 -15.74 51.38
CA GLY K 73 51.78 -15.75 51.52
C GLY K 73 52.32 -17.06 52.05
N PHE K 74 52.06 -18.15 51.34
CA PHE K 74 52.55 -19.46 51.74
C PHE K 74 54.05 -19.56 51.50
N ASN K 75 54.46 -19.55 50.24
CA ASN K 75 55.88 -19.62 49.88
C ASN K 75 56.36 -18.25 49.39
N GLU K 76 56.01 -17.20 50.12
CA GLU K 76 56.41 -15.85 49.74
C GLU K 76 57.93 -15.71 49.78
N GLY K 77 58.49 -15.71 50.99
CA GLY K 77 59.93 -15.58 51.16
C GLY K 77 60.62 -16.92 51.27
N HIS K 78 60.07 -17.94 50.60
CA HIS K 78 60.67 -19.27 50.64
C HIS K 78 62.07 -19.30 50.04
N SER K 79 62.39 -18.36 49.16
CA SER K 79 63.70 -18.30 48.52
C SER K 79 64.77 -17.71 49.44
N PHE K 80 64.43 -17.36 50.68
CA PHE K 80 65.39 -16.79 51.61
C PHE K 80 65.29 -17.37 53.02
N ARG K 81 64.29 -18.18 53.34
CA ARG K 81 64.18 -18.77 54.67
C ARG K 81 65.32 -19.74 54.90
N ARG K 82 66.14 -19.47 55.91
CA ARG K 82 67.28 -20.32 56.20
C ARG K 82 66.82 -21.75 56.50
N GLN K 83 67.59 -22.72 55.99
CA GLN K 83 67.29 -24.13 56.19
C GLN K 83 68.57 -24.86 56.55
N TYR K 84 68.45 -25.82 57.48
CA TYR K 84 69.58 -26.62 57.92
C TYR K 84 69.17 -28.08 57.97
N LYS K 85 70.08 -28.96 57.58
CA LYS K 85 69.79 -30.39 57.59
C LYS K 85 69.78 -30.90 59.03
N PRO K 86 68.76 -31.66 59.44
CA PRO K 86 68.74 -32.15 60.82
C PRO K 86 69.94 -33.04 61.13
N LEU K 87 70.35 -33.00 62.39
CA LEU K 87 71.45 -33.83 62.88
C LEU K 87 71.04 -34.42 64.21
N SER K 88 70.85 -35.73 64.25
CA SER K 88 70.37 -36.41 65.45
C SER K 88 71.55 -36.85 66.32
N LEU K 89 71.33 -36.86 67.63
CA LEU K 89 72.34 -37.34 68.55
C LEU K 89 72.63 -38.82 68.31
N ASN K 90 71.59 -39.60 68.00
CA ASN K 90 71.80 -40.99 67.65
C ASN K 90 72.68 -41.12 66.41
N ARG K 91 72.50 -40.21 65.44
CA ARG K 91 73.36 -40.21 64.27
C ARG K 91 74.81 -39.95 64.64
N LEU K 92 75.05 -38.99 65.54
CA LEU K 92 76.41 -38.70 65.97
C LEU K 92 77.02 -39.89 66.69
N GLN K 93 76.24 -40.55 67.54
CA GLN K 93 76.73 -41.74 68.24
C GLN K 93 77.07 -42.85 67.26
N TYR K 94 76.20 -43.07 66.27
CA TYR K 94 76.47 -44.09 65.26
C TYR K 94 77.73 -43.77 64.48
N LEU K 95 77.92 -42.49 64.13
CA LEU K 95 79.13 -42.10 63.40
C LEU K 95 80.37 -42.35 64.23
N ILE K 96 80.34 -41.95 65.51
CA ILE K 96 81.50 -42.15 66.38
C ILE K 96 81.77 -43.64 66.57
N ASP K 97 80.72 -44.46 66.58
CA ASP K 97 80.91 -45.90 66.78
C ASP K 97 81.48 -46.56 65.54
N LEU K 98 81.06 -46.12 64.36
CA LEU K 98 81.52 -46.71 63.11
C LEU K 98 82.91 -46.26 62.71
N GLY K 99 83.55 -45.40 63.50
CA GLY K 99 84.91 -44.96 63.20
C GLY K 99 84.98 -43.55 62.64
N ARG K 100 84.23 -43.30 61.56
CA ARG K 100 84.23 -42.00 60.93
C ARG K 100 83.88 -40.91 61.95
N VAL K 101 84.41 -39.71 61.72
CA VAL K 101 84.17 -38.58 62.62
C VAL K 101 84.70 -38.94 63.99
N ASP K 102 86.02 -39.08 64.13
CA ASP K 102 86.60 -39.43 65.41
C ASP K 102 86.41 -38.29 66.40
N PRO K 103 86.09 -38.59 67.67
CA PRO K 103 85.90 -37.53 68.65
C PRO K 103 87.21 -36.93 69.18
N SER K 104 88.36 -37.42 68.72
CA SER K 104 89.64 -36.88 69.18
C SER K 104 89.94 -35.51 68.60
N GLN K 105 89.19 -35.06 67.61
CA GLN K 105 89.39 -33.77 66.99
C GLN K 105 88.07 -33.00 67.01
N PRO K 106 88.12 -31.68 66.82
CA PRO K 106 86.87 -30.90 66.81
C PRO K 106 85.92 -31.40 65.74
N ILE K 107 84.63 -31.47 66.09
CA ILE K 107 83.60 -31.93 65.18
C ILE K 107 83.18 -30.78 64.28
N ASP K 108 84.11 -30.30 63.45
CA ASP K 108 83.80 -29.22 62.52
C ASP K 108 82.99 -29.73 61.34
N LEU K 109 82.42 -28.80 60.58
CA LEU K 109 81.62 -29.18 59.42
C LEU K 109 82.46 -29.95 58.40
N THR K 110 83.75 -29.62 58.29
CA THR K 110 84.61 -30.35 57.36
C THR K 110 84.73 -31.81 57.75
N GLN K 111 84.88 -32.10 59.05
CA GLN K 111 84.97 -33.49 59.49
C GLN K 111 83.67 -34.24 59.21
N LEU K 112 82.53 -33.61 59.43
CA LEU K 112 81.25 -34.26 59.16
C LEU K 112 81.07 -34.52 57.67
N VAL K 113 81.48 -33.56 56.83
CA VAL K 113 81.38 -33.75 55.38
C VAL K 113 82.30 -34.88 54.93
N ASN K 114 83.49 -34.97 55.52
CA ASN K 114 84.41 -36.05 55.16
C ASN K 114 83.84 -37.40 55.58
N GLY K 115 83.36 -37.51 56.82
CA GLY K 115 82.75 -38.74 57.28
C GLY K 115 81.42 -39.05 56.61
N ARG K 116 80.79 -38.05 55.98
CA ARG K 116 79.53 -38.22 55.28
C ARG K 116 78.44 -38.73 56.22
N GLY K 117 78.15 -37.92 57.23
CA GLY K 117 77.09 -38.23 58.17
C GLY K 117 75.82 -37.48 57.86
N VAL K 118 75.96 -36.23 57.42
CA VAL K 118 74.82 -35.41 57.04
C VAL K 118 75.16 -34.67 55.75
N THR K 119 74.93 -35.32 54.62
CA THR K 119 75.27 -34.75 53.31
C THR K 119 74.42 -33.50 53.07
N ILE K 120 75.05 -32.33 53.16
CA ILE K 120 74.37 -31.08 52.89
C ILE K 120 74.73 -30.61 51.48
N GLN K 121 74.25 -29.43 51.10
CA GLN K 121 74.51 -28.87 49.78
C GLN K 121 74.70 -27.37 49.92
N PRO K 122 75.79 -26.80 49.38
CA PRO K 122 75.96 -25.34 49.45
C PRO K 122 74.77 -24.57 48.90
N LEU K 123 74.20 -25.02 47.80
CA LEU K 123 73.02 -24.38 47.23
C LEU K 123 71.81 -24.66 48.13
N LYS K 124 70.64 -24.25 47.67
CA LYS K 124 69.39 -24.47 48.40
C LYS K 124 69.43 -23.76 49.75
N ARG K 125 69.62 -22.44 49.69
CA ARG K 125 69.59 -21.53 50.83
C ARG K 125 70.04 -22.17 52.14
N ASP K 126 71.00 -23.10 52.06
CA ASP K 126 71.51 -23.79 53.24
C ASP K 126 72.72 -23.05 53.80
N TYR K 127 72.66 -22.70 55.08
CA TYR K 127 73.74 -21.98 55.73
C TYR K 127 74.22 -22.71 56.98
N GLY K 128 74.54 -24.00 56.83
CA GLY K 128 75.06 -24.78 57.94
C GLY K 128 74.21 -25.99 58.27
N VAL K 129 74.34 -26.49 59.51
CA VAL K 129 73.62 -27.67 59.97
C VAL K 129 73.03 -27.37 61.34
N GLN K 130 71.84 -27.92 61.59
CA GLN K 130 71.17 -27.76 62.88
C GLN K 130 71.35 -29.03 63.71
N LEU K 131 70.79 -29.00 64.92
CA LEU K 131 70.90 -30.12 65.85
C LEU K 131 69.50 -30.60 66.22
N VAL K 132 69.41 -31.87 66.60
CA VAL K 132 68.17 -32.50 67.00
C VAL K 132 68.37 -33.21 68.33
N GLU K 133 67.32 -33.24 69.14
CA GLU K 133 67.35 -33.87 70.45
C GLU K 133 66.77 -35.27 70.43
N GLU K 134 67.10 -36.06 69.39
CA GLU K 134 66.59 -37.42 69.28
C GLU K 134 67.25 -38.33 70.29
N GLY K 135 68.55 -38.58 70.11
CA GLY K 135 69.27 -39.46 71.01
C GLY K 135 69.65 -38.79 72.32
N ALA K 136 68.65 -38.37 73.10
CA ALA K 136 68.92 -37.74 74.38
C ALA K 136 69.52 -38.73 75.37
N ASP K 137 69.06 -39.98 75.34
CA ASP K 137 69.57 -41.02 76.22
C ASP K 137 70.50 -41.96 75.46
N THR K 138 71.26 -42.74 76.23
CA THR K 138 72.22 -43.70 75.65
C THR K 138 73.23 -42.99 74.75
N PHE K 139 73.66 -41.80 75.18
CA PHE K 139 74.61 -40.99 74.44
C PHE K 139 75.83 -40.72 75.31
N THR K 140 77.02 -41.04 74.79
CA THR K 140 78.27 -40.83 75.53
C THR K 140 79.37 -40.61 74.49
N ALA K 141 79.61 -39.34 74.16
CA ALA K 141 80.62 -38.95 73.19
C ALA K 141 81.76 -38.17 73.80
N LYS K 142 81.45 -37.11 74.56
CA LYS K 142 82.49 -36.29 75.18
C LYS K 142 83.42 -35.71 74.13
N VAL K 143 83.00 -34.62 73.48
CA VAL K 143 83.81 -33.98 72.45
C VAL K 143 83.20 -32.63 72.10
N ASN K 144 84.05 -31.65 71.78
CA ASN K 144 83.57 -30.33 71.41
C ASN K 144 82.84 -30.40 70.08
N ILE K 145 81.54 -30.12 70.10
CA ILE K 145 80.69 -30.18 68.92
C ILE K 145 80.39 -28.76 68.46
N GLU K 146 80.38 -28.56 67.14
CA GLU K 146 80.13 -27.26 66.54
C GLU K 146 78.96 -27.38 65.58
N VAL K 147 77.81 -26.81 65.97
CA VAL K 147 76.60 -26.84 65.14
C VAL K 147 75.96 -25.46 65.21
N GLN K 148 75.39 -25.03 64.08
CA GLN K 148 74.78 -23.71 64.01
C GLN K 148 73.70 -23.54 65.07
N LEU K 149 72.71 -24.44 65.09
CA LEU K 149 71.62 -24.40 66.04
C LEU K 149 71.77 -25.50 67.08
N ALA K 150 71.13 -25.29 68.22
CA ALA K 150 71.17 -26.25 69.31
C ALA K 150 70.17 -25.82 70.37
N SER K 151 69.49 -26.80 70.97
CA SER K 151 68.50 -26.56 72.00
C SER K 151 69.09 -26.78 73.38
N GLU K 152 68.41 -26.24 74.40
CA GLU K 152 68.90 -26.37 75.77
C GLU K 152 68.96 -27.83 76.20
N LEU K 153 67.96 -28.63 75.81
CA LEU K 153 67.94 -30.03 76.20
C LEU K 153 69.17 -30.76 75.68
N ALA K 154 69.40 -30.71 74.37
CA ALA K 154 70.57 -31.38 73.79
C ALA K 154 71.86 -30.73 74.24
N ILE K 155 71.87 -29.41 74.43
CA ILE K 155 73.07 -28.73 74.94
C ILE K 155 73.48 -29.33 76.27
N ALA K 156 72.52 -29.47 77.20
CA ALA K 156 72.81 -30.06 78.50
C ALA K 156 73.20 -31.53 78.36
N ALA K 157 72.48 -32.27 77.51
CA ALA K 157 72.80 -33.68 77.32
C ALA K 157 74.24 -33.86 76.86
N ILE K 158 74.75 -32.93 76.04
CA ILE K 158 76.12 -33.03 75.55
C ILE K 158 77.10 -32.52 76.60
N GLU K 159 76.71 -31.50 77.37
CA GLU K 159 77.63 -30.93 78.35
C GLU K 159 77.87 -31.89 79.51
N LYS K 160 76.81 -32.52 80.02
CA LYS K 160 76.97 -33.44 81.13
C LYS K 160 77.88 -34.62 80.79
N ASN K 161 78.00 -34.96 79.51
CA ASN K 161 78.89 -36.02 79.06
C ASN K 161 80.33 -35.56 78.91
N GLY K 162 80.64 -34.33 79.28
CA GLY K 162 82.00 -33.82 79.17
C GLY K 162 82.31 -33.14 77.86
N GLY K 163 81.29 -32.69 77.12
CA GLY K 163 81.49 -32.03 75.84
C GLY K 163 81.45 -30.51 75.98
N VAL K 164 81.59 -29.86 74.82
CA VAL K 164 81.58 -28.40 74.73
C VAL K 164 80.79 -28.03 73.48
N VAL K 165 79.57 -27.52 73.66
CA VAL K 165 78.72 -27.14 72.56
C VAL K 165 79.00 -25.69 72.17
N THR K 166 79.05 -25.43 70.87
CA THR K 166 79.30 -24.09 70.37
C THR K 166 78.50 -23.88 69.09
N THR K 167 78.33 -22.61 68.73
CA THR K 167 77.56 -22.24 67.54
C THR K 167 78.34 -21.20 66.74
N ALA K 168 78.24 -21.29 65.42
CA ALA K 168 78.91 -20.35 64.52
C ALA K 168 77.96 -20.03 63.37
N PHE K 169 78.43 -19.20 62.45
CA PHE K 169 77.65 -18.80 61.28
C PHE K 169 78.56 -18.81 60.06
N TYR K 170 78.18 -19.59 59.05
CA TYR K 170 78.93 -19.70 57.81
C TYR K 170 78.19 -18.97 56.71
N ASP K 171 78.83 -17.97 56.12
CA ASP K 171 78.23 -17.20 55.03
C ASP K 171 77.99 -18.10 53.83
N PRO K 172 77.21 -17.67 52.84
CA PRO K 172 77.00 -18.52 51.65
C PRO K 172 78.29 -18.95 51.00
N ARG K 173 79.16 -17.99 50.64
CA ARG K 173 80.44 -18.35 50.04
C ARG K 173 81.30 -19.14 51.01
N SER K 174 81.32 -18.73 52.28
CA SER K 174 82.11 -19.45 53.27
C SER K 174 81.58 -20.87 53.46
N LEU K 175 80.25 -21.03 53.50
CA LEU K 175 79.66 -22.35 53.64
C LEU K 175 80.00 -23.22 52.44
N ASP K 176 79.92 -22.66 51.23
CA ASP K 176 80.26 -23.43 50.04
C ASP K 176 81.73 -23.83 50.04
N ILE K 177 82.61 -22.95 50.52
CA ILE K 177 84.03 -23.27 50.58
C ILE K 177 84.29 -24.36 51.60
N VAL K 178 83.60 -24.30 52.74
CA VAL K 178 83.79 -25.32 53.77
C VAL K 178 83.23 -26.66 53.32
N CYS K 179 82.18 -26.64 52.49
CA CYS K 179 81.58 -27.89 52.03
C CYS K 179 82.58 -28.69 51.19
N LYS K 180 83.19 -28.05 50.20
CA LYS K 180 84.13 -28.70 49.29
C LYS K 180 85.40 -27.86 49.25
N PRO K 181 86.31 -28.04 50.22
CA PRO K 181 87.56 -27.26 50.20
C PRO K 181 88.53 -27.69 49.13
N VAL K 182 88.47 -28.93 48.66
CA VAL K 182 89.39 -29.39 47.63
C VAL K 182 89.21 -28.61 46.32
N PRO K 183 88.00 -28.53 45.75
CA PRO K 183 87.85 -27.70 44.54
C PRO K 183 88.14 -26.23 44.77
N PHE K 184 87.87 -25.73 45.98
CA PHE K 184 88.20 -24.34 46.29
C PHE K 184 89.70 -24.10 46.20
N PHE K 185 90.49 -24.98 46.81
CA PHE K 185 91.94 -24.86 46.72
C PHE K 185 92.42 -25.09 45.29
N LEU K 186 91.75 -25.96 44.54
CA LEU K 186 92.16 -26.23 43.17
C LEU K 186 91.82 -25.09 42.22
N ARG K 187 90.85 -24.25 42.58
CA ARG K 187 90.49 -23.13 41.71
C ARG K 187 91.60 -22.08 41.66
N GLY K 188 92.28 -21.85 42.78
CA GLY K 188 93.35 -20.89 42.82
C GLY K 188 92.91 -19.53 43.29
N GLN K 189 92.53 -19.42 44.57
CA GLN K 189 92.09 -18.16 45.15
C GLN K 189 92.48 -18.15 46.61
N PRO K 190 92.65 -16.96 47.21
CA PRO K 190 93.02 -16.91 48.63
C PRO K 190 91.82 -17.19 49.52
N ILE K 191 92.11 -17.80 50.67
CA ILE K 191 91.08 -18.15 51.64
C ILE K 191 90.38 -16.88 52.10
N PRO K 192 89.11 -16.66 51.74
CA PRO K 192 88.43 -15.43 52.16
C PRO K 192 88.14 -15.40 53.65
N LYS K 193 87.43 -14.37 54.11
CA LYS K 193 87.10 -14.20 55.51
C LYS K 193 85.58 -14.15 55.64
N ARG K 194 85.03 -15.03 56.48
CA ARG K 194 83.59 -15.07 56.68
C ARG K 194 83.12 -13.77 57.34
N MET K 195 82.04 -13.20 56.79
CA MET K 195 81.48 -11.96 57.32
C MET K 195 80.66 -12.27 58.57
N LEU K 196 79.98 -11.27 59.11
CA LEU K 196 79.18 -11.42 60.30
C LEU K 196 77.73 -11.73 59.94
N PRO K 197 76.95 -12.28 60.88
CA PRO K 197 75.55 -12.57 60.60
C PRO K 197 74.75 -11.29 60.44
N PRO K 198 73.51 -11.39 59.97
CA PRO K 198 72.66 -10.20 59.83
C PRO K 198 72.02 -9.83 61.17
N GLU K 199 71.20 -8.77 61.13
CA GLU K 199 70.54 -8.29 62.35
C GLU K 199 69.63 -9.35 62.96
N GLU K 200 69.21 -10.35 62.20
CA GLU K 200 68.31 -11.37 62.72
C GLU K 200 69.05 -12.40 63.58
N LEU K 201 70.33 -12.66 63.28
CA LEU K 201 71.10 -13.65 64.00
C LEU K 201 72.10 -13.04 64.98
N VAL K 202 72.25 -11.71 64.99
CA VAL K 202 73.17 -11.04 65.89
C VAL K 202 72.74 -11.32 67.33
N PRO K 203 71.50 -11.01 67.73
CA PRO K 203 71.09 -11.29 69.11
C PRO K 203 71.06 -12.78 69.44
N TYR K 204 70.91 -13.64 68.43
CA TYR K 204 70.90 -15.08 68.68
C TYR K 204 72.30 -15.61 68.96
N TYR K 205 73.31 -15.09 68.25
CA TYR K 205 74.68 -15.53 68.43
C TYR K 205 75.41 -14.78 69.54
N THR K 206 74.88 -13.65 69.98
CA THR K 206 75.49 -12.86 71.06
C THR K 206 74.86 -13.18 72.40
N ASP K 207 74.58 -14.47 72.66
CA ASP K 207 73.99 -14.90 73.91
C ASP K 207 74.71 -16.16 74.39
N ALA K 208 74.87 -16.28 75.71
CA ALA K 208 75.55 -17.42 76.30
C ALA K 208 74.62 -18.60 76.51
N LYS K 209 73.30 -18.42 76.41
CA LYS K 209 72.38 -19.52 76.60
C LYS K 209 72.57 -20.59 75.51
N ASN K 210 72.60 -20.15 74.25
CA ASN K 210 72.80 -21.05 73.13
C ASN K 210 74.27 -21.25 72.78
N ARG K 211 75.18 -20.81 73.65
CA ARG K 211 76.61 -20.96 73.42
C ARG K 211 77.01 -20.33 72.09
N GLY K 212 77.18 -19.01 72.09
CA GLY K 212 77.55 -18.29 70.89
C GLY K 212 78.99 -17.82 70.90
N TYR K 213 79.56 -17.61 69.72
CA TYR K 213 80.94 -17.16 69.58
C TYR K 213 81.06 -15.63 69.62
N LEU K 214 79.99 -14.93 70.02
CA LEU K 214 80.01 -13.47 70.11
C LEU K 214 79.39 -13.01 71.41
N ALA K 215 79.48 -13.83 72.46
CA ALA K 215 78.94 -13.50 73.77
C ALA K 215 80.06 -13.50 74.80
N ASP K 216 79.72 -13.04 76.01
CA ASP K 216 80.70 -12.98 77.08
C ASP K 216 81.13 -14.40 77.46
N PRO K 217 82.43 -14.71 77.48
CA PRO K 217 82.85 -16.06 77.87
C PRO K 217 82.64 -16.37 79.33
N ALA K 218 82.45 -15.36 80.18
CA ALA K 218 82.22 -15.59 81.59
C ALA K 218 80.81 -16.06 81.90
N LYS K 219 79.87 -15.85 80.97
CA LYS K 219 78.49 -16.30 81.17
C LYS K 219 78.30 -17.77 80.86
N PHE K 220 79.29 -18.43 80.26
CA PHE K 220 79.17 -19.86 79.97
C PHE K 220 78.92 -20.69 81.22
N PRO K 221 79.73 -20.60 82.27
CA PRO K 221 79.46 -21.42 83.47
C PRO K 221 78.12 -21.10 84.11
N GLU K 222 77.64 -19.86 84.03
CA GLU K 222 76.34 -19.52 84.60
C GLU K 222 75.23 -20.31 83.89
N ALA K 223 75.21 -20.25 82.56
CA ALA K 223 74.21 -21.01 81.81
C ALA K 223 74.38 -22.50 82.00
N ARG K 224 75.62 -22.97 82.13
CA ARG K 224 75.86 -24.39 82.38
C ARG K 224 75.24 -24.82 83.69
N LEU K 225 75.47 -24.06 84.76
CA LEU K 225 74.89 -24.39 86.06
C LEU K 225 73.37 -24.28 86.02
N GLU K 226 72.85 -23.31 85.28
CA GLU K 226 71.39 -23.19 85.15
C GLU K 226 70.80 -24.43 84.50
N LEU K 227 71.36 -24.85 83.35
CA LEU K 227 70.87 -26.03 82.68
C LEU K 227 71.06 -27.29 83.55
N ALA K 228 72.13 -27.34 84.33
CA ALA K 228 72.33 -28.48 85.23
C ALA K 228 71.24 -28.54 86.29
N ARG K 229 71.00 -27.42 86.98
CA ARG K 229 69.94 -27.38 87.97
C ARG K 229 68.58 -27.67 87.35
N LYS K 230 68.40 -27.32 86.08
CA LYS K 230 67.13 -27.59 85.41
C LYS K 230 66.96 -29.08 85.11
N TYR K 231 68.00 -29.70 84.56
CA TYR K 231 67.95 -31.11 84.16
C TYR K 231 68.77 -32.01 85.07
N GLY K 232 69.20 -31.51 86.23
CA GLY K 232 70.00 -32.32 87.13
C GLY K 232 71.39 -32.58 86.57
N TYR K 233 71.98 -33.70 87.02
CA TYR K 233 73.31 -34.10 86.58
C TYR K 233 74.35 -33.06 86.97
N ILE K 234 75.25 -33.41 87.89
CA ILE K 234 76.30 -32.49 88.31
C ILE K 234 77.22 -32.21 87.14
N LEU K 235 77.70 -30.97 87.04
CA LEU K 235 78.57 -30.58 85.95
C LEU K 235 79.96 -31.18 86.14
N PRO K 236 80.47 -31.97 85.20
CA PRO K 236 81.84 -32.49 85.34
C PRO K 236 82.87 -31.43 84.97
N ASP K 237 83.68 -31.03 85.94
CA ASP K 237 84.69 -30.00 85.72
C ASP K 237 85.61 -30.38 84.56
N ILE K 238 85.42 -29.72 83.41
CA ILE K 238 86.25 -30.01 82.24
C ILE K 238 87.70 -29.57 82.47
N THR K 239 87.93 -28.61 83.36
CA THR K 239 89.29 -28.15 83.61
C THR K 239 90.17 -29.26 84.19
N LYS K 240 89.56 -30.23 84.87
CA LYS K 240 90.30 -31.34 85.47
C LYS K 240 90.05 -32.60 84.66
N ASP K 241 90.61 -32.61 83.45
CA ASP K 241 90.50 -33.76 82.55
C ASP K 241 91.82 -33.90 81.80
N GLU K 242 91.83 -34.76 80.78
CA GLU K 242 93.01 -35.00 79.97
C GLU K 242 93.04 -34.19 78.69
N LEU K 243 91.90 -34.03 78.02
CA LEU K 243 91.82 -33.28 76.77
C LEU K 243 91.20 -31.91 77.03
N PHE K 244 92.00 -31.03 77.63
CA PHE K 244 91.56 -29.67 77.93
C PHE K 244 91.98 -28.69 76.83
N LYS K 245 93.27 -28.66 76.50
CA LYS K 245 93.74 -27.76 75.45
C LYS K 245 93.10 -28.08 74.11
N MET K 246 92.79 -29.35 73.86
CA MET K 246 92.16 -29.73 72.60
C MET K 246 90.74 -29.17 72.51
N LEU K 247 89.97 -29.28 73.59
CA LEU K 247 88.61 -28.77 73.61
C LEU K 247 88.53 -27.26 73.85
N CYS K 248 89.65 -26.63 74.23
CA CYS K 248 89.65 -25.18 74.47
C CYS K 248 89.58 -24.38 73.18
N THR K 249 89.88 -25.00 72.04
CA THR K 249 89.84 -24.29 70.77
C THR K 249 88.42 -23.83 70.46
N ARG K 250 88.25 -22.52 70.26
CA ARG K 250 86.95 -21.93 69.99
C ARG K 250 86.80 -21.44 68.55
N LYS K 251 87.87 -21.44 67.75
CA LYS K 251 87.81 -20.95 66.38
C LYS K 251 87.39 -19.48 66.37
N ASP K 252 88.38 -18.58 66.32
CA ASP K 252 88.09 -17.16 66.33
C ASP K 252 87.25 -16.79 65.10
N PRO K 253 86.51 -15.68 65.18
CA PRO K 253 85.68 -15.27 64.05
C PRO K 253 86.53 -14.88 62.85
N ARG K 254 85.85 -14.71 61.71
CA ARG K 254 86.50 -14.38 60.45
C ARG K 254 87.53 -15.41 60.03
N GLN K 255 87.41 -16.64 60.55
CA GLN K 255 88.33 -17.73 60.24
C GLN K 255 87.49 -18.89 59.69
N ILE K 256 87.47 -19.03 58.37
CA ILE K 256 86.68 -20.10 57.75
C ILE K 256 87.22 -21.46 58.16
N PHE K 257 88.50 -21.71 57.88
CA PHE K 257 89.11 -22.98 58.21
C PHE K 257 89.61 -22.98 59.65
N PHE K 258 89.37 -24.08 60.36
CA PHE K 258 89.78 -24.18 61.75
C PHE K 258 91.29 -24.12 61.90
N GLY K 259 92.02 -24.65 60.92
CA GLY K 259 93.47 -24.67 60.99
C GLY K 259 94.11 -23.48 60.31
N LEU K 260 93.72 -23.21 59.06
CA LEU K 260 94.30 -22.12 58.30
C LEU K 260 93.59 -20.81 58.62
N ALA K 261 94.21 -19.71 58.19
CA ALA K 261 93.72 -18.36 58.40
C ALA K 261 93.43 -17.70 57.06
N PRO K 262 92.56 -16.69 57.04
CA PRO K 262 92.27 -16.01 55.77
C PRO K 262 93.51 -15.31 55.21
N GLY K 263 93.48 -15.09 53.90
CA GLY K 263 94.56 -14.43 53.20
C GLY K 263 95.61 -15.39 52.67
N TRP K 264 95.81 -16.53 53.32
CA TRP K 264 96.80 -17.49 52.87
C TRP K 264 96.33 -18.19 51.60
N VAL K 265 97.29 -18.57 50.76
CA VAL K 265 97.02 -19.23 49.49
C VAL K 265 97.59 -20.65 49.57
N VAL K 266 96.73 -21.64 49.40
CA VAL K 266 97.12 -23.04 49.42
C VAL K 266 97.40 -23.50 48.01
N ASN K 267 98.31 -24.47 47.87
CA ASN K 267 98.71 -25.00 46.57
C ASN K 267 98.74 -26.53 46.67
N MET K 268 97.94 -27.19 45.83
CA MET K 268 97.90 -28.64 45.81
C MET K 268 99.25 -29.20 45.39
N ALA K 269 99.61 -29.03 44.12
CA ALA K 269 100.92 -29.47 43.66
C ALA K 269 102.01 -28.71 44.41
N ASP K 270 103.07 -29.43 44.80
CA ASP K 270 104.11 -28.85 45.62
C ASP K 270 103.50 -28.30 46.91
N LYS K 271 103.26 -29.19 47.88
CA LYS K 271 102.59 -28.82 49.12
C LYS K 271 103.29 -27.64 49.80
N LYS K 272 102.80 -26.43 49.55
CA LYS K 272 103.37 -25.23 50.16
C LYS K 272 102.26 -24.20 50.31
N ILE K 273 102.53 -23.19 51.13
CA ILE K 273 101.58 -22.12 51.39
C ILE K 273 102.30 -20.78 51.25
N LEU K 274 101.64 -19.83 50.60
CA LEU K 274 102.22 -18.51 50.40
C LEU K 274 101.74 -17.55 51.48
N LYS K 275 102.62 -16.62 51.86
CA LYS K 275 102.29 -15.65 52.90
C LYS K 275 101.70 -14.40 52.29
N PRO K 276 100.57 -13.88 52.79
CA PRO K 276 100.01 -12.64 52.24
C PRO K 276 100.73 -11.40 52.75
N THR K 277 101.83 -11.07 52.10
CA THR K 277 102.65 -9.93 52.49
C THR K 277 101.93 -8.62 52.17
N ASP K 278 102.68 -7.52 52.10
CA ASP K 278 102.11 -6.21 51.82
C ASP K 278 101.25 -5.75 52.99
N GLU K 279 101.58 -4.60 53.57
CA GLU K 279 100.83 -4.11 54.72
C GLU K 279 99.37 -3.85 54.38
N ASN K 280 99.10 -3.43 53.14
CA ASN K 280 97.72 -3.15 52.75
C ASN K 280 96.87 -4.42 52.78
N LEU K 281 97.39 -5.52 52.24
CA LEU K 281 96.64 -6.77 52.23
C LEU K 281 96.38 -7.27 53.63
N LEU K 282 97.39 -7.22 54.51
CA LEU K 282 97.20 -7.67 55.89
C LEU K 282 96.19 -6.78 56.61
N LYS K 283 96.25 -5.46 56.38
CA LYS K 283 95.31 -4.56 57.02
C LYS K 283 93.89 -4.81 56.55
N TYR K 284 93.72 -5.13 55.26
CA TYR K 284 92.39 -5.40 54.74
C TYR K 284 91.87 -6.75 55.20
N TYR K 285 92.76 -7.73 55.42
CA TYR K 285 92.33 -9.06 55.83
C TYR K 285 92.11 -9.11 57.34
N THR K 286 93.19 -9.05 58.12
CA THR K 286 93.12 -9.18 59.57
C THR K 286 93.69 -7.95 60.28
N SER K 287 93.48 -6.78 59.69
CA SER K 287 93.96 -5.53 60.28
C SER K 287 95.46 -5.60 60.56
N LYS L 1 -41.15 -32.94 38.78
CA LYS L 1 -40.37 -32.62 37.59
C LYS L 1 -39.75 -33.88 36.99
N PRO L 2 -40.58 -34.76 36.43
CA PRO L 2 -40.07 -36.00 35.82
C PRO L 2 -39.42 -35.76 34.46
N LYS L 3 -38.33 -34.99 34.48
CA LYS L 3 -37.59 -34.66 33.26
C LYS L 3 -36.15 -34.35 33.61
N LEU L 4 -35.26 -34.64 32.67
CA LEU L 4 -33.83 -34.40 32.89
C LEU L 4 -33.57 -32.90 32.91
N ARG L 5 -32.99 -32.40 34.00
CA ARG L 5 -32.71 -30.98 34.12
C ARG L 5 -31.71 -30.55 33.04
N PHE L 6 -31.77 -29.27 32.69
CA PHE L 6 -30.91 -28.75 31.63
C PHE L 6 -29.45 -28.81 32.04
N ILE L 7 -28.61 -29.29 31.11
CA ILE L 7 -27.17 -29.39 31.32
C ILE L 7 -26.49 -28.31 30.50
N GLU L 8 -25.49 -27.65 31.10
CA GLU L 8 -24.75 -26.61 30.43
C GLU L 8 -23.27 -26.73 30.77
N ARG L 9 -22.43 -26.46 29.78
CA ARG L 9 -20.99 -26.52 29.97
C ARG L 9 -20.51 -25.24 30.65
N ALA L 10 -19.21 -25.19 30.95
CA ALA L 10 -18.61 -24.04 31.60
C ALA L 10 -19.32 -23.76 32.93
N PRO L 11 -18.96 -24.48 34.00
CA PRO L 11 -19.63 -24.25 35.29
C PRO L 11 -19.50 -22.81 35.78
N LEU L 12 -20.18 -22.48 36.87
CA LEU L 12 -20.13 -21.13 37.41
C LEU L 12 -18.74 -20.74 37.90
N VAL L 13 -17.85 -21.70 38.11
CA VAL L 13 -16.50 -21.44 38.57
C VAL L 13 -15.52 -22.14 37.64
N PRO L 14 -15.19 -21.57 36.48
CA PRO L 14 -14.25 -22.24 35.57
C PRO L 14 -12.84 -22.23 36.13
N LYS L 15 -12.31 -23.42 36.40
CA LYS L 15 -10.97 -23.54 36.95
C LYS L 15 -9.94 -23.03 35.95
N VAL L 16 -9.02 -22.19 36.43
CA VAL L 16 -7.98 -21.65 35.55
C VAL L 16 -6.77 -22.57 35.46
N ARG L 17 -6.53 -23.39 36.49
CA ARG L 17 -5.39 -24.29 36.48
C ARG L 17 -5.61 -25.40 35.46
N ARG L 18 -4.74 -25.43 34.44
CA ARG L 18 -4.82 -26.45 33.39
C ARG L 18 -4.33 -27.78 33.95
N GLU L 19 -5.26 -28.62 34.40
CA GLU L 19 -4.89 -29.91 34.97
C GLU L 19 -4.41 -30.85 33.86
N PRO L 20 -3.55 -31.81 34.19
CA PRO L 20 -3.07 -32.75 33.18
C PRO L 20 -4.07 -33.85 32.91
N LYS L 21 -4.20 -34.22 31.63
CA LYS L 21 -5.12 -35.27 31.23
C LYS L 21 -4.65 -36.60 31.82
N ASN L 22 -5.41 -37.12 32.78
CA ASN L 22 -5.08 -38.38 33.44
C ASN L 22 -5.98 -39.48 32.88
N LEU L 23 -5.37 -40.60 32.48
CA LEU L 23 -6.10 -41.73 31.93
C LEU L 23 -6.58 -42.71 32.99
N SER L 24 -6.12 -42.57 34.23
CA SER L 24 -6.56 -43.47 35.30
C SER L 24 -8.03 -43.32 35.62
N ASP L 25 -8.63 -42.16 35.33
CA ASP L 25 -10.04 -41.94 35.60
C ASP L 25 -10.95 -42.76 34.69
N ILE L 26 -10.41 -43.36 33.63
CA ILE L 26 -11.20 -44.17 32.71
C ILE L 26 -10.94 -45.64 32.99
N ARG L 27 -9.71 -45.97 33.37
CA ARG L 27 -9.36 -47.36 33.65
C ARG L 27 -9.94 -47.80 34.99
N GLY L 28 -10.21 -49.09 35.10
CA GLY L 28 -10.75 -49.67 36.31
C GLY L 28 -12.26 -49.63 36.34
N PRO L 29 -12.86 -50.31 37.32
CA PRO L 29 -14.32 -50.33 37.42
C PRO L 29 -14.86 -49.01 37.95
N SER L 30 -16.17 -48.84 37.81
CA SER L 30 -16.83 -47.63 38.27
C SER L 30 -16.85 -47.57 39.79
N THR L 31 -15.85 -46.90 40.38
CA THR L 31 -15.78 -46.79 41.83
C THR L 31 -16.94 -45.97 42.39
N GLU L 32 -17.57 -45.12 41.57
CA GLU L 32 -18.68 -44.31 42.02
C GLU L 32 -19.93 -45.16 42.19
N ALA L 33 -21.10 -44.52 42.28
CA ALA L 33 -22.34 -45.25 42.45
C ALA L 33 -22.56 -46.21 41.29
N THR L 34 -22.68 -47.50 41.60
CA THR L 34 -22.89 -48.55 40.61
C THR L 34 -24.29 -49.13 40.63
N GLU L 35 -24.86 -49.34 41.81
CA GLU L 35 -26.20 -49.90 41.92
C GLU L 35 -27.26 -48.84 41.65
N PHE L 36 -28.51 -49.29 41.55
CA PHE L 36 -29.61 -48.39 41.29
C PHE L 36 -29.95 -47.58 42.54
N THR L 37 -30.91 -46.67 42.39
CA THR L 37 -31.35 -45.84 43.51
C THR L 37 -32.63 -45.08 43.14
N GLU L 38 -33.72 -45.39 43.83
CA GLU L 38 -35.01 -44.74 43.57
C GLU L 38 -35.43 -44.91 42.11
N GLY L 39 -35.23 -46.11 41.58
CA GLY L 39 -35.58 -46.39 40.22
C GLY L 39 -35.64 -47.88 39.95
N ASN L 40 -35.62 -48.22 38.67
CA ASN L 40 -35.67 -49.63 38.25
C ASN L 40 -34.80 -49.95 37.04
N PHE L 41 -34.61 -49.03 36.10
CA PHE L 41 -33.79 -49.26 34.92
C PHE L 41 -32.70 -48.21 34.84
N ALA L 42 -31.65 -48.52 34.09
CA ALA L 42 -30.52 -47.62 33.93
C ALA L 42 -29.76 -48.02 32.66
N ILE L 43 -28.72 -47.24 32.35
CA ILE L 43 -27.90 -47.50 31.18
C ILE L 43 -26.50 -47.90 31.64
N LEU L 44 -26.27 -49.20 31.76
CA LEU L 44 -24.97 -49.70 32.19
C LEU L 44 -23.92 -49.43 31.11
N ALA L 45 -22.83 -48.76 31.50
CA ALA L 45 -21.76 -48.43 30.59
C ALA L 45 -20.79 -49.61 30.53
N LEU L 46 -20.82 -50.34 29.41
CA LEU L 46 -19.94 -51.49 29.20
C LEU L 46 -18.60 -51.10 28.58
N GLY L 47 -18.11 -49.90 28.88
CA GLY L 47 -16.84 -49.44 28.33
C GLY L 47 -16.56 -47.99 28.66
N GLY L 48 -15.35 -47.69 29.09
CA GLY L 48 -14.98 -46.34 29.43
C GLY L 48 -15.01 -45.42 28.22
N GLY L 49 -14.94 -44.12 28.51
CA GLY L 49 -14.96 -43.12 27.45
C GLY L 49 -15.15 -41.73 28.01
N TYR L 50 -15.78 -40.88 27.20
CA TYR L 50 -16.04 -39.49 27.58
C TYR L 50 -17.45 -39.13 27.15
N LEU L 51 -17.92 -37.98 27.66
CA LEU L 51 -19.24 -37.47 27.35
C LEU L 51 -19.17 -35.96 27.21
N HIS L 52 -19.57 -35.45 26.06
CA HIS L 52 -19.56 -34.02 25.79
C HIS L 52 -20.94 -33.42 26.07
N TRP L 53 -21.01 -32.09 26.02
CA TRP L 53 -22.26 -31.39 26.24
C TRP L 53 -23.30 -31.78 25.19
N GLY L 54 -22.87 -31.95 23.95
CA GLY L 54 -23.78 -32.38 22.90
C GLY L 54 -24.39 -33.74 23.19
N HIS L 55 -23.60 -34.65 23.76
CA HIS L 55 -24.12 -35.96 24.11
C HIS L 55 -25.24 -35.84 25.14
N PHE L 56 -25.02 -35.05 26.19
CA PHE L 56 -26.05 -34.86 27.21
C PHE L 56 -27.29 -34.20 26.61
N GLU L 57 -27.09 -33.22 25.73
CA GLU L 57 -28.22 -32.55 25.11
C GLU L 57 -29.04 -33.52 24.28
N MET L 58 -28.38 -34.34 23.47
CA MET L 58 -29.09 -35.31 22.63
C MET L 58 -29.81 -36.34 23.49
N MET L 59 -29.17 -36.78 24.57
CA MET L 59 -29.81 -37.75 25.46
C MET L 59 -31.06 -37.16 26.10
N ARG L 60 -30.95 -35.92 26.61
CA ARG L 60 -32.11 -35.27 27.20
C ARG L 60 -33.23 -35.09 26.18
N LEU L 61 -32.88 -34.72 24.94
CA LEU L 61 -33.89 -34.56 23.91
C LEU L 61 -34.59 -35.89 23.62
N THR L 62 -33.82 -36.95 23.42
CA THR L 62 -34.41 -38.25 23.14
C THR L 62 -35.27 -38.74 24.30
N ILE L 63 -34.89 -38.42 25.53
CA ILE L 63 -35.66 -38.87 26.68
C ILE L 63 -36.97 -38.08 26.78
N ASN L 64 -36.89 -36.76 26.66
CA ASN L 64 -38.09 -35.93 26.75
C ASN L 64 -39.04 -36.18 25.60
N ARG L 65 -38.52 -36.63 24.45
CA ARG L 65 -39.37 -36.89 23.30
C ARG L 65 -40.34 -38.03 23.59
N SER L 66 -39.81 -39.22 23.89
CA SER L 66 -40.61 -40.41 24.19
C SER L 66 -40.48 -40.69 25.68
N MET L 67 -41.45 -40.20 26.46
CA MET L 67 -41.45 -40.41 27.90
C MET L 67 -42.78 -39.92 28.46
N ASP L 68 -43.32 -40.66 29.42
CA ASP L 68 -44.60 -40.30 30.04
C ASP L 68 -44.33 -39.33 31.19
N PRO L 69 -44.80 -38.08 31.11
CA PRO L 69 -44.56 -37.13 32.22
C PRO L 69 -45.40 -37.40 33.46
N LYS L 70 -46.25 -38.44 33.45
CA LYS L 70 -47.10 -38.77 34.59
C LYS L 70 -46.99 -40.24 34.98
N ASN L 71 -45.96 -40.94 34.49
CA ASN L 71 -45.78 -42.35 34.81
C ASN L 71 -44.33 -42.77 34.94
N MET L 72 -43.37 -41.88 34.70
CA MET L 72 -41.96 -42.23 34.80
C MET L 72 -41.19 -40.99 35.26
N PHE L 73 -39.92 -41.21 35.60
CA PHE L 73 -39.05 -40.13 36.04
C PHE L 73 -37.60 -40.61 35.95
N ALA L 74 -36.72 -39.70 35.54
CA ALA L 74 -35.30 -40.00 35.39
C ALA L 74 -34.48 -39.00 36.17
N ILE L 75 -33.32 -39.45 36.64
CA ILE L 75 -32.40 -38.62 37.42
C ILE L 75 -31.00 -38.77 36.83
N TRP L 76 -30.26 -37.67 36.82
CA TRP L 76 -28.90 -37.69 36.29
C TRP L 76 -27.98 -38.45 37.24
N ARG L 77 -27.10 -39.27 36.66
CA ARG L 77 -26.13 -40.04 37.41
C ARG L 77 -24.69 -39.63 37.10
N VAL L 78 -24.50 -38.50 36.41
CA VAL L 78 -23.17 -38.02 36.06
C VAL L 78 -23.11 -36.52 36.38
N PRO L 79 -22.04 -36.04 37.01
CA PRO L 79 -21.98 -34.60 37.32
C PRO L 79 -21.86 -33.73 36.07
N ALA L 80 -21.65 -32.43 36.26
CA ALA L 80 -21.53 -31.52 35.14
C ALA L 80 -20.10 -31.51 34.62
N PRO L 81 -19.89 -30.99 33.41
CA PRO L 81 -18.52 -30.93 32.87
C PRO L 81 -17.59 -30.16 33.80
N PHE L 82 -16.35 -30.63 33.87
CA PHE L 82 -15.35 -30.01 34.75
C PHE L 82 -13.93 -30.27 34.24
N LYS L 83 -13.68 -31.46 33.72
CA LYS L 83 -12.35 -31.82 33.26
C LYS L 83 -11.92 -30.89 32.13
N PRO L 84 -10.88 -30.07 32.31
CA PRO L 84 -10.44 -29.17 31.24
C PRO L 84 -9.65 -29.92 30.18
N ILE L 85 -10.09 -29.83 28.94
CA ILE L 85 -9.43 -30.47 27.80
C ILE L 85 -8.82 -29.34 26.97
N THR L 86 -7.52 -29.12 27.16
CA THR L 86 -6.81 -28.07 26.43
C THR L 86 -6.41 -28.60 25.06
N ARG L 87 -6.91 -27.94 24.00
CA ARG L 87 -6.62 -28.33 22.63
C ARG L 87 -5.89 -27.18 21.94
N LYS L 88 -4.69 -27.46 21.44
CA LYS L 88 -3.90 -26.44 20.76
C LYS L 88 -4.52 -26.12 19.40
N SER L 89 -4.03 -25.04 18.80
CA SER L 89 -4.52 -24.63 17.49
C SER L 89 -4.00 -25.57 16.42
N VAL L 90 -4.91 -26.01 15.54
CA VAL L 90 -4.56 -26.94 14.47
C VAL L 90 -3.66 -26.22 13.47
N GLY L 91 -2.34 -26.41 13.61
CA GLY L 91 -1.38 -25.80 12.71
C GLY L 91 -0.33 -25.00 13.44
N HIS L 92 0.53 -25.68 14.20
CA HIS L 92 1.59 -25.03 14.94
C HIS L 92 2.65 -26.06 15.31
N ARG L 93 3.88 -25.59 15.44
CA ARG L 93 4.98 -26.48 15.82
C ARG L 93 4.77 -27.04 17.21
N MET L 94 5.32 -28.23 17.45
CA MET L 94 5.19 -28.87 18.75
C MET L 94 5.95 -28.05 19.79
N GLY L 95 5.24 -27.64 20.84
CA GLY L 95 5.84 -26.85 21.91
C GLY L 95 5.21 -25.49 22.05
N GLY L 96 5.92 -24.56 22.68
CA GLY L 96 5.41 -23.22 22.89
C GLY L 96 4.35 -23.12 23.96
N GLY L 97 4.51 -23.87 25.05
CA GLY L 97 3.55 -23.84 26.14
C GLY L 97 2.41 -24.80 25.92
N LYS L 98 1.47 -24.77 26.86
CA LYS L 98 0.29 -25.62 26.83
C LYS L 98 -0.89 -24.85 26.25
N GLY L 99 -1.78 -25.56 25.57
CA GLY L 99 -2.94 -24.95 24.97
C GLY L 99 -3.91 -24.42 26.02
N ALA L 100 -4.77 -23.51 25.56
CA ALA L 100 -5.76 -22.91 26.44
C ALA L 100 -6.97 -23.81 26.60
N ILE L 101 -7.88 -23.42 27.48
CA ILE L 101 -9.08 -24.21 27.73
C ILE L 101 -9.98 -24.16 26.51
N ASP L 102 -10.61 -25.30 26.20
CA ASP L 102 -11.51 -25.42 25.05
C ASP L 102 -12.90 -25.87 25.46
N HIS L 103 -13.03 -27.06 26.06
CA HIS L 103 -14.32 -27.56 26.49
C HIS L 103 -14.12 -28.52 27.66
N TYR L 104 -15.17 -28.69 28.44
CA TYR L 104 -15.16 -29.55 29.60
C TYR L 104 -15.85 -30.88 29.30
N VAL L 105 -15.49 -31.90 30.06
CA VAL L 105 -15.99 -33.25 29.85
C VAL L 105 -16.01 -33.98 31.19
N THR L 106 -16.94 -34.92 31.31
CA THR L 106 -17.07 -35.73 32.53
C THR L 106 -16.61 -37.15 32.23
N PRO L 107 -15.47 -37.59 32.75
CA PRO L 107 -15.03 -38.97 32.51
C PRO L 107 -16.04 -39.98 33.05
N VAL L 108 -15.98 -41.19 32.49
CA VAL L 108 -16.85 -42.29 32.89
C VAL L 108 -16.06 -43.59 32.83
N LYS L 109 -16.32 -44.47 33.77
CA LYS L 109 -15.67 -45.77 33.87
C LYS L 109 -16.64 -46.88 33.48
N ALA L 110 -16.12 -48.10 33.41
CA ALA L 110 -16.95 -49.24 33.06
C ALA L 110 -17.91 -49.58 34.19
N GLY L 111 -19.11 -50.02 33.82
CA GLY L 111 -20.12 -50.35 34.81
C GLY L 111 -20.74 -49.16 35.49
N ARG L 112 -20.69 -47.98 34.88
CA ARG L 112 -21.25 -46.77 35.45
C ARG L 112 -22.61 -46.49 34.83
N LEU L 113 -23.53 -45.97 35.66
CA LEU L 113 -24.87 -45.63 35.20
C LEU L 113 -24.92 -44.17 34.77
N VAL L 114 -25.71 -43.90 33.73
CA VAL L 114 -25.86 -42.56 33.17
C VAL L 114 -27.21 -41.96 33.53
N VAL L 115 -28.30 -42.57 33.06
CA VAL L 115 -29.65 -42.09 33.32
C VAL L 115 -30.48 -43.25 33.86
N GLU L 116 -31.35 -42.96 34.81
CA GLU L 116 -32.20 -43.96 35.45
C GLU L 116 -33.65 -43.75 35.02
N MET L 117 -34.50 -44.71 35.40
CA MET L 117 -35.91 -44.67 35.10
C MET L 117 -36.68 -45.24 36.28
N GLY L 118 -37.95 -44.85 36.36
CA GLY L 118 -38.81 -45.31 37.45
C GLY L 118 -40.26 -45.42 37.04
N GLY L 119 -41.14 -45.68 38.01
CA GLY L 119 -42.56 -45.81 37.76
C GLY L 119 -42.98 -47.26 37.62
N ARG L 120 -44.28 -47.44 37.44
CA ARG L 120 -44.88 -48.76 37.28
C ARG L 120 -44.92 -49.18 35.82
N CYS L 121 -43.78 -49.08 35.15
CA CYS L 121 -43.65 -49.44 33.74
C CYS L 121 -42.73 -50.64 33.59
N GLU L 122 -42.99 -51.43 32.55
CA GLU L 122 -42.19 -52.61 32.28
C GLU L 122 -40.88 -52.22 31.58
N PHE L 123 -39.94 -53.17 31.56
CA PHE L 123 -38.65 -52.92 30.91
C PHE L 123 -38.80 -52.77 29.40
N GLU L 124 -39.82 -53.40 28.81
CA GLU L 124 -39.99 -53.34 27.37
C GLU L 124 -40.42 -51.95 26.92
N GLU L 125 -41.24 -51.27 27.72
CA GLU L 125 -41.68 -49.92 27.38
C GLU L 125 -40.52 -48.93 27.34
N VAL L 126 -39.38 -49.26 27.98
CA VAL L 126 -38.22 -48.38 28.02
C VAL L 126 -37.21 -48.85 27.00
N GLN L 127 -37.15 -50.17 26.78
CA GLN L 127 -36.16 -50.81 25.91
C GLN L 127 -35.86 -49.98 24.68
N GLY L 128 -36.88 -49.44 24.04
CA GLY L 128 -36.69 -48.62 22.86
C GLY L 128 -35.62 -47.56 23.04
N PHE L 129 -35.99 -46.43 23.64
CA PHE L 129 -35.04 -45.34 23.81
C PHE L 129 -33.87 -45.72 24.70
N LEU L 130 -34.02 -46.74 25.56
CA LEU L 130 -32.88 -47.22 26.33
C LEU L 130 -31.76 -47.69 25.40
N ASP L 131 -32.05 -48.69 24.57
CA ASP L 131 -31.06 -49.19 23.62
C ASP L 131 -30.66 -48.13 22.62
N GLN L 132 -31.59 -47.24 22.26
CA GLN L 132 -31.23 -46.14 21.36
C GLN L 132 -30.10 -45.31 21.96
N VAL L 133 -30.32 -44.75 23.15
CA VAL L 133 -29.29 -43.96 23.80
C VAL L 133 -28.03 -44.78 24.02
N ALA L 134 -28.17 -46.06 24.34
CA ALA L 134 -27.00 -46.92 24.52
C ALA L 134 -26.15 -46.95 23.26
N HIS L 135 -26.79 -47.12 22.11
CA HIS L 135 -26.05 -47.12 20.84
C HIS L 135 -25.53 -45.73 20.49
N LYS L 136 -26.19 -44.68 20.97
CA LYS L 136 -25.69 -43.33 20.74
C LYS L 136 -24.42 -43.04 21.51
N LEU L 137 -24.27 -43.58 22.71
CA LEU L 137 -23.12 -43.24 23.54
C LEU L 137 -21.83 -43.54 22.79
N PRO L 138 -20.75 -42.85 23.14
CA PRO L 138 -19.46 -43.07 22.48
C PRO L 138 -18.70 -44.29 22.97
N PHE L 139 -19.33 -45.16 23.76
CA PHE L 139 -18.69 -46.37 24.27
C PHE L 139 -19.71 -47.50 24.25
N ALA L 140 -19.23 -48.71 24.56
CA ALA L 140 -20.10 -49.87 24.59
C ALA L 140 -21.11 -49.73 25.73
N ALA L 141 -22.39 -49.67 25.38
CA ALA L 141 -23.47 -49.54 26.35
C ALA L 141 -24.51 -50.62 26.09
N LYS L 142 -25.48 -50.71 27.00
CA LYS L 142 -26.53 -51.71 26.89
C LYS L 142 -27.59 -51.41 27.94
N ALA L 143 -28.84 -51.71 27.59
CA ALA L 143 -29.95 -51.51 28.51
C ALA L 143 -29.89 -52.56 29.63
N VAL L 144 -29.92 -52.08 30.88
CA VAL L 144 -29.81 -52.96 32.04
C VAL L 144 -30.82 -52.49 33.08
N SER L 145 -31.32 -53.45 33.87
CA SER L 145 -32.27 -53.18 34.94
C SER L 145 -31.86 -54.00 36.16
N ARG L 146 -32.59 -53.79 37.26
CA ARG L 146 -32.29 -54.50 38.50
C ARG L 146 -32.31 -56.01 38.29
N GLY L 147 -33.43 -56.53 37.80
CA GLY L 147 -33.53 -57.97 37.58
C GLY L 147 -32.50 -58.47 36.58
N THR L 148 -32.38 -57.78 35.45
CA THR L 148 -31.41 -58.19 34.44
C THR L 148 -29.98 -58.04 34.96
N LEU L 149 -29.72 -56.99 35.74
CA LEU L 149 -28.39 -56.82 36.32
C LEU L 149 -28.04 -57.98 37.22
N GLU L 150 -28.95 -58.34 38.13
CA GLU L 150 -28.71 -59.47 39.01
C GLU L 150 -28.54 -60.77 38.22
N LYS L 151 -29.34 -60.94 37.17
CA LYS L 151 -29.25 -62.16 36.36
C LYS L 151 -27.89 -62.27 35.69
N MET L 152 -27.42 -61.17 35.08
CA MET L 152 -26.13 -61.22 34.40
C MET L 152 -24.99 -61.38 35.40
N ARG L 153 -25.12 -60.77 36.59
CA ARG L 153 -24.10 -60.94 37.62
C ARG L 153 -24.02 -62.40 38.08
N LYS L 154 -25.18 -63.02 38.32
CA LYS L 154 -25.19 -64.43 38.71
C LYS L 154 -24.64 -65.31 37.60
N ASP L 155 -24.95 -64.98 36.33
CA ASP L 155 -24.42 -65.75 35.22
C ASP L 155 -22.91 -65.63 35.14
N GLN L 156 -22.37 -64.43 35.33
CA GLN L 156 -20.92 -64.26 35.34
C GLN L 156 -20.29 -65.02 36.50
N GLU L 157 -20.91 -64.98 37.67
CA GLU L 157 -20.38 -65.73 38.81
C GLU L 157 -20.37 -67.23 38.53
N GLU L 158 -21.45 -67.75 37.93
CA GLU L 158 -21.51 -69.17 37.61
C GLU L 158 -20.46 -69.54 36.57
N ARG L 159 -20.26 -68.67 35.58
CA ARG L 159 -19.24 -68.93 34.57
C ARG L 159 -17.84 -68.95 35.19
N GLU L 160 -17.60 -68.05 36.14
CA GLU L 160 -16.28 -68.00 36.79
C GLU L 160 -16.08 -69.21 37.69
N ARG L 161 -17.13 -69.68 38.35
CA ARG L 161 -17.01 -70.80 39.27
C ARG L 161 -17.00 -72.15 38.58
N ASN L 162 -17.59 -72.25 37.39
CA ASN L 162 -17.68 -73.51 36.67
C ASN L 162 -16.72 -73.58 35.48
N ASN L 163 -15.81 -72.62 35.36
CA ASN L 163 -14.83 -72.63 34.27
C ASN L 163 -13.99 -73.89 34.32
N GLN L 164 -14.20 -74.81 33.36
CA GLN L 164 -13.45 -76.05 33.35
C GLN L 164 -11.95 -75.82 33.19
N ASN L 165 -11.55 -74.70 32.59
CA ASN L 165 -10.15 -74.38 32.40
C ASN L 165 -9.43 -74.36 33.75
N PRO L 166 -8.53 -75.32 34.02
CA PRO L 166 -7.85 -75.31 35.32
C PRO L 166 -7.04 -74.05 35.58
N TRP L 167 -6.63 -73.34 34.53
CA TRP L 167 -5.83 -72.13 34.66
C TRP L 167 -6.70 -70.91 34.38
N THR L 168 -6.66 -69.94 35.29
CA THR L 168 -7.42 -68.71 35.17
C THR L 168 -6.47 -67.54 34.95
N PHE L 169 -7.03 -66.32 34.93
CA PHE L 169 -6.23 -65.13 34.71
C PHE L 169 -5.55 -64.67 36.00
N GLU L 170 -6.33 -64.52 37.08
CA GLU L 170 -5.75 -64.07 38.34
C GLU L 170 -4.76 -65.10 38.90
N ARG L 171 -5.08 -66.39 38.75
CA ARG L 171 -4.18 -67.42 39.24
C ARG L 171 -2.81 -67.34 38.60
N ILE L 172 -2.75 -66.86 37.35
CA ILE L 172 -1.47 -66.73 36.66
C ILE L 172 -0.83 -65.37 36.91
N ALA L 173 -1.64 -64.32 37.11
CA ALA L 173 -1.11 -62.98 37.30
C ALA L 173 -0.54 -62.80 38.71
N THR L 174 -1.36 -63.06 39.73
CA THR L 174 -0.92 -62.87 41.10
C THR L 174 0.26 -63.78 41.43
N ALA L 175 0.10 -65.09 41.20
CA ALA L 175 1.16 -66.04 41.50
C ALA L 175 2.38 -65.86 40.60
N ASN L 176 2.20 -65.25 39.42
CA ASN L 176 3.29 -65.05 38.47
C ASN L 176 3.91 -66.41 38.07
N MET L 177 3.14 -67.15 37.27
CA MET L 177 3.53 -68.47 36.86
C MET L 177 4.82 -68.44 36.04
N LEU L 178 4.70 -68.03 34.76
CA LEU L 178 5.84 -68.02 33.85
C LEU L 178 6.48 -66.63 33.75
N GLY L 179 6.44 -65.86 34.83
CA GLY L 179 7.04 -64.54 34.82
C GLY L 179 6.46 -63.61 33.77
N ILE L 180 5.18 -63.77 33.44
CA ILE L 180 4.54 -62.93 32.43
C ILE L 180 4.20 -61.54 32.94
N ARG L 181 4.53 -61.23 34.20
CA ARG L 181 4.25 -59.91 34.75
C ARG L 181 5.02 -58.82 34.02
N LYS L 182 6.09 -59.16 33.30
CA LYS L 182 6.85 -58.16 32.57
C LYS L 182 5.99 -57.48 31.50
N VAL L 183 4.98 -58.18 30.98
CA VAL L 183 4.12 -57.62 29.94
C VAL L 183 2.85 -57.07 30.59
N LEU L 184 2.39 -57.73 31.64
CA LEU L 184 1.16 -57.30 32.30
C LEU L 184 1.36 -55.93 32.96
N SER L 185 0.26 -55.33 33.37
CA SER L 185 0.25 -54.04 34.02
C SER L 185 0.06 -54.19 35.53
N PRO L 186 0.51 -53.22 36.32
CA PRO L 186 0.30 -53.33 37.78
C PRO L 186 -1.17 -53.28 38.18
N TYR L 187 -2.02 -52.66 37.35
CA TYR L 187 -3.44 -52.60 37.66
C TYR L 187 -4.17 -53.89 37.30
N ASP L 188 -3.63 -54.69 36.38
CA ASP L 188 -4.27 -55.95 36.02
C ASP L 188 -4.33 -56.89 37.21
N LEU L 189 -3.29 -56.89 38.05
CA LEU L 189 -3.28 -57.75 39.22
C LEU L 189 -4.40 -57.37 40.18
N THR L 190 -4.68 -56.08 40.33
CA THR L 190 -5.76 -55.63 41.20
C THR L 190 -7.13 -55.94 40.57
N HIS L 191 -7.27 -55.66 39.28
CA HIS L 191 -8.51 -55.92 38.58
C HIS L 191 -8.46 -57.33 37.99
N LYS L 192 -9.22 -57.58 36.93
CA LYS L 192 -9.25 -58.87 36.25
C LYS L 192 -8.73 -58.71 34.82
N GLY L 193 -8.73 -59.81 34.08
CA GLY L 193 -8.26 -59.80 32.71
C GLY L 193 -9.33 -59.40 31.71
N LYS L 194 -10.38 -58.73 32.19
CA LYS L 194 -11.46 -58.28 31.33
C LYS L 194 -11.30 -56.85 30.85
N TYR L 195 -10.44 -56.06 31.48
CA TYR L 195 -10.22 -54.68 31.11
C TYR L 195 -9.03 -54.54 30.18
N TRP L 196 -9.01 -53.44 29.43
CA TRP L 196 -7.92 -53.15 28.51
C TRP L 196 -8.03 -51.71 28.00
N GLY L 197 -7.58 -50.75 28.82
CA GLY L 197 -7.68 -49.36 28.46
C GLY L 197 -9.01 -48.75 28.85
N LYS L 198 -10.09 -49.27 28.27
CA LYS L 198 -11.43 -48.78 28.59
C LYS L 198 -12.49 -49.80 28.20
N PHE L 199 -12.22 -50.59 27.17
CA PHE L 199 -13.17 -51.60 26.71
C PHE L 199 -13.47 -52.59 27.84
N TYR L 200 -14.45 -53.44 27.59
CA TYR L 200 -14.88 -54.44 28.56
C TYR L 200 -15.12 -55.77 27.84
N MET L 201 -14.71 -56.86 28.47
CA MET L 201 -14.88 -58.19 27.91
C MET L 201 -15.93 -58.96 28.71
N PRO L 202 -17.23 -58.76 28.42
CA PRO L 202 -18.26 -59.49 29.17
C PRO L 202 -18.26 -60.98 28.88
N LYS L 203 -17.83 -61.40 27.69
CA LYS L 203 -17.82 -62.82 27.37
C LYS L 203 -16.68 -63.54 28.08
N ARG L 204 -15.52 -62.90 28.19
CA ARG L 204 -14.39 -63.52 28.86
C ARG L 204 -14.65 -63.66 30.35
N VAL L 205 -14.02 -64.68 30.96
CA VAL L 205 -14.17 -64.93 32.38
C VAL L 205 -13.57 -63.78 33.18
N ILE M 1 12.57 -42.43 -47.88
CA ILE M 1 11.88 -43.19 -48.93
C ILE M 1 12.55 -42.93 -50.27
N SER M 2 12.65 -43.99 -51.08
CA SER M 2 13.26 -43.88 -52.40
C SER M 2 12.67 -44.91 -53.34
N HIS M 3 11.35 -45.10 -53.27
CA HIS M 3 10.68 -46.08 -54.11
C HIS M 3 10.63 -45.58 -55.55
N GLY M 4 11.30 -46.28 -56.45
CA GLY M 4 11.33 -45.89 -57.85
C GLY M 4 11.98 -44.54 -58.08
N ARG M 5 13.14 -44.33 -57.47
CA ARG M 5 13.88 -43.08 -57.58
C ARG M 5 15.14 -43.32 -58.42
N VAL M 6 15.37 -42.45 -59.39
CA VAL M 6 16.54 -42.55 -60.26
C VAL M 6 17.45 -41.35 -59.97
N PHE M 7 18.62 -41.37 -60.60
CA PHE M 7 19.63 -40.33 -60.38
C PHE M 7 20.14 -40.39 -58.95
N ARG M 8 21.26 -41.08 -58.73
CA ARG M 8 21.85 -41.19 -57.41
C ARG M 8 22.60 -39.90 -57.07
N ARG M 9 22.30 -39.33 -55.91
CA ARG M 9 22.96 -38.11 -55.48
C ARG M 9 24.46 -38.35 -55.32
N MET M 10 25.25 -37.48 -55.94
CA MET M 10 26.71 -37.61 -55.89
C MET M 10 27.34 -36.38 -55.26
N GLY M 11 27.41 -35.28 -56.02
CA GLY M 11 28.02 -34.06 -55.53
C GLY M 11 27.18 -33.37 -54.48
N LEU M 12 27.41 -32.06 -54.29
CA LEU M 12 26.68 -31.28 -53.30
C LEU M 12 25.37 -30.71 -53.85
N GLY M 13 24.86 -31.28 -54.94
CA GLY M 13 23.61 -30.83 -55.51
C GLY M 13 23.48 -31.24 -56.97
N PRO M 14 22.31 -30.97 -57.56
CA PRO M 14 22.12 -31.32 -58.97
C PRO M 14 23.16 -30.70 -59.90
N GLU M 15 23.49 -29.43 -59.68
CA GLU M 15 24.46 -28.76 -60.55
C GLU M 15 25.82 -29.43 -60.46
N SER M 16 26.28 -29.74 -59.24
CA SER M 16 27.58 -30.36 -59.08
C SER M 16 27.64 -31.72 -59.76
N ARG M 17 26.62 -32.56 -59.54
CA ARG M 17 26.64 -33.90 -60.10
C ARG M 17 26.53 -33.85 -61.62
N ILE M 18 25.70 -32.96 -62.17
CA ILE M 18 25.59 -32.90 -63.62
C ILE M 18 26.87 -32.34 -64.24
N HIS M 19 27.54 -31.41 -63.55
CA HIS M 19 28.82 -30.92 -64.05
C HIS M 19 29.87 -32.02 -64.04
N LEU M 20 29.90 -32.83 -62.97
CA LEU M 20 30.83 -33.94 -62.92
C LEU M 20 30.56 -34.94 -64.02
N LEU M 21 29.28 -35.24 -64.27
CA LEU M 21 28.92 -36.17 -65.34
C LEU M 21 29.32 -35.61 -66.70
N ARG M 22 29.13 -34.31 -66.90
CA ARG M 22 29.53 -33.68 -68.15
C ARG M 22 31.04 -33.76 -68.35
N ASN M 23 31.80 -33.50 -67.28
CA ASN M 23 33.25 -33.60 -67.37
C ASN M 23 33.68 -35.02 -67.69
N LEU M 24 33.03 -36.01 -67.07
CA LEU M 24 33.36 -37.41 -67.36
C LEU M 24 33.03 -37.76 -68.80
N LEU M 25 31.90 -37.29 -69.31
CA LEU M 25 31.53 -37.54 -70.69
C LEU M 25 32.53 -36.90 -71.65
N THR M 26 32.97 -35.68 -71.34
CA THR M 26 33.97 -35.03 -72.17
C THR M 26 35.28 -35.80 -72.17
N GLY M 27 35.72 -36.22 -70.98
CA GLY M 27 36.93 -37.01 -70.90
C GLY M 27 36.85 -38.31 -71.67
N LEU M 28 35.67 -38.96 -71.64
CA LEU M 28 35.50 -40.19 -72.39
C LEU M 28 35.52 -39.94 -73.89
N VAL M 29 34.81 -38.89 -74.34
CA VAL M 29 34.82 -38.57 -75.77
C VAL M 29 36.22 -38.20 -76.22
N ARG M 30 37.05 -37.68 -75.32
CA ARG M 30 38.41 -37.31 -75.69
C ARG M 30 39.34 -38.51 -75.71
N HIS M 31 39.20 -39.43 -74.74
CA HIS M 31 40.09 -40.57 -74.62
C HIS M 31 39.43 -41.93 -74.84
N GLU M 32 38.10 -42.01 -74.72
CA GLU M 32 37.36 -43.25 -74.92
C GLU M 32 37.62 -44.28 -73.83
N ARG M 33 38.02 -43.84 -72.64
CA ARG M 33 38.24 -44.74 -71.51
C ARG M 33 38.46 -43.95 -70.23
N ILE M 34 37.67 -44.25 -69.20
CA ILE M 34 37.77 -43.56 -67.91
C ILE M 34 37.55 -44.57 -66.79
N GLU M 35 38.31 -44.41 -65.70
CA GLU M 35 38.16 -45.23 -64.51
C GLU M 35 37.45 -44.40 -63.45
N ALA M 36 36.17 -44.69 -63.23
CA ALA M 36 35.34 -43.93 -62.31
C ALA M 36 34.52 -44.91 -61.48
N PRO M 37 33.97 -44.45 -60.35
CA PRO M 37 33.13 -45.35 -59.54
C PRO M 37 31.97 -45.92 -60.35
N TRP M 38 31.46 -47.06 -59.90
CA TRP M 38 30.40 -47.76 -60.63
C TRP M 38 29.19 -46.85 -60.86
N ALA M 39 28.78 -46.12 -59.82
CA ALA M 39 27.63 -45.22 -59.95
C ALA M 39 27.87 -44.19 -61.04
N ARG M 40 28.97 -43.44 -60.92
CA ARG M 40 29.30 -42.43 -61.93
C ARG M 40 29.51 -43.07 -63.29
N VAL M 41 30.09 -44.27 -63.32
CA VAL M 41 30.32 -44.96 -64.60
C VAL M 41 29.00 -45.20 -65.31
N ASP M 42 28.04 -45.81 -64.62
CA ASP M 42 26.76 -46.11 -65.25
C ASP M 42 25.99 -44.84 -65.59
N GLU M 43 26.10 -43.81 -64.74
CA GLU M 43 25.43 -42.54 -65.03
C GLU M 43 25.99 -41.92 -66.30
N MET M 44 27.31 -41.86 -66.42
CA MET M 44 27.93 -41.30 -67.62
C MET M 44 27.65 -42.16 -68.84
N ARG M 45 27.52 -43.47 -68.67
CA ARG M 45 27.15 -44.33 -69.80
C ARG M 45 25.74 -44.02 -70.28
N GLY M 46 24.79 -43.91 -69.34
CA GLY M 46 23.43 -43.55 -69.72
C GLY M 46 23.36 -42.19 -70.37
N TYR M 47 24.19 -41.25 -69.92
CA TYR M 47 24.21 -39.93 -70.54
C TYR M 47 24.81 -39.98 -71.93
N ALA M 48 25.90 -40.72 -72.11
CA ALA M 48 26.54 -40.84 -73.42
C ALA M 48 25.63 -41.55 -74.41
N GLU M 49 24.77 -42.44 -73.93
CA GLU M 49 23.78 -43.06 -74.81
C GLU M 49 22.93 -42.01 -75.50
N LYS M 50 22.30 -41.14 -74.71
CA LYS M 50 21.47 -40.07 -75.28
C LYS M 50 22.31 -39.07 -76.05
N LEU M 51 23.57 -38.85 -75.64
CA LEU M 51 24.44 -37.96 -76.39
C LEU M 51 24.68 -38.49 -77.80
N ILE M 52 24.98 -39.78 -77.91
CA ILE M 52 25.18 -40.39 -79.23
C ILE M 52 23.88 -40.40 -80.02
N ASP M 53 22.76 -40.61 -79.34
CA ASP M 53 21.46 -40.52 -80.03
C ASP M 53 21.27 -39.15 -80.65
N TYR M 54 21.51 -38.09 -79.87
CA TYR M 54 21.37 -36.73 -80.38
C TYR M 54 22.34 -36.48 -81.53
N GLY M 55 23.59 -36.92 -81.39
CA GLY M 55 24.55 -36.78 -82.47
C GLY M 55 24.10 -37.48 -83.74
N LYS M 56 23.42 -38.62 -83.60
CA LYS M 56 22.90 -39.34 -84.76
C LYS M 56 21.68 -38.67 -85.35
N LEU M 57 20.91 -37.93 -84.54
CA LEU M 57 19.72 -37.26 -85.05
C LEU M 57 20.06 -36.39 -86.26
N GLY M 58 21.20 -35.73 -86.22
CA GLY M 58 21.63 -34.88 -87.32
C GLY M 58 22.53 -33.77 -86.83
N ASP M 59 23.35 -33.26 -87.75
CA ASP M 59 24.28 -32.17 -87.43
C ASP M 59 23.64 -30.81 -87.67
N THR M 60 22.88 -30.66 -88.76
CA THR M 60 22.24 -29.37 -89.05
C THR M 60 21.17 -29.03 -88.02
N ASN M 61 20.67 -30.01 -87.28
CA ASN M 61 19.64 -29.74 -86.27
C ASN M 61 20.19 -28.82 -85.19
N GLU M 62 19.51 -27.70 -84.98
CA GLU M 62 19.95 -26.74 -83.97
C GLU M 62 19.92 -27.36 -82.57
N ARG M 63 18.95 -28.24 -82.30
CA ARG M 63 18.87 -28.86 -80.99
C ARG M 63 20.11 -29.70 -80.70
N ALA M 64 20.48 -30.57 -81.65
CA ALA M 64 21.66 -31.40 -81.46
C ALA M 64 22.93 -30.56 -81.36
N MET M 65 23.02 -29.49 -82.15
CA MET M 65 24.18 -28.62 -82.09
C MET M 65 24.31 -27.97 -80.72
N ARG M 66 23.19 -27.46 -80.20
CA ARG M 66 23.21 -26.84 -78.87
C ARG M 66 23.56 -27.87 -77.80
N MET M 67 23.00 -29.07 -77.90
CA MET M 67 23.30 -30.11 -76.91
C MET M 67 24.79 -30.47 -76.94
N ALA M 68 25.38 -30.58 -78.13
CA ALA M 68 26.80 -30.89 -78.23
C ALA M 68 27.66 -29.76 -77.70
N ASP M 69 27.27 -28.51 -77.99
CA ASP M 69 28.03 -27.37 -77.49
C ASP M 69 27.95 -27.26 -75.98
N PHE M 70 26.83 -27.65 -75.39
CA PHE M 70 26.67 -27.57 -73.95
C PHE M 70 27.40 -28.71 -73.24
N TRP M 71 27.09 -29.96 -73.61
CA TRP M 71 27.66 -31.12 -72.94
C TRP M 71 29.16 -31.26 -73.16
N LEU M 72 29.74 -30.49 -74.09
CA LEU M 72 31.18 -30.53 -74.36
C LEU M 72 31.76 -29.17 -74.00
N THR M 73 32.62 -29.14 -72.98
CA THR M 73 33.20 -27.88 -72.53
C THR M 73 34.41 -27.46 -73.36
N GLU M 74 35.18 -28.42 -73.85
CA GLU M 74 36.36 -28.09 -74.64
C GLU M 74 36.00 -27.41 -75.96
N LYS M 75 34.82 -27.71 -76.50
CA LYS M 75 34.32 -27.16 -77.75
C LYS M 75 35.07 -27.70 -78.97
N ASP M 76 36.10 -28.52 -78.79
CA ASP M 76 36.84 -29.09 -79.90
C ASP M 76 36.44 -30.52 -80.22
N LEU M 77 35.61 -31.14 -79.38
CA LEU M 77 35.19 -32.52 -79.60
C LEU M 77 33.89 -32.63 -80.37
N ILE M 78 33.20 -31.52 -80.64
CA ILE M 78 31.93 -31.59 -81.37
C ILE M 78 32.13 -32.11 -82.78
N PRO M 79 33.09 -31.62 -83.57
CA PRO M 79 33.25 -32.17 -84.93
C PRO M 79 33.68 -33.62 -84.93
N LYS M 80 34.66 -33.97 -84.09
CA LYS M 80 35.09 -35.36 -83.99
C LYS M 80 33.91 -36.26 -83.66
N LEU M 81 33.14 -35.90 -82.62
CA LEU M 81 31.93 -36.61 -82.27
C LEU M 81 31.05 -36.80 -83.49
N PHE M 82 30.56 -35.70 -84.05
CA PHE M 82 29.54 -35.76 -85.11
C PHE M 82 30.02 -36.55 -86.31
N GLN M 83 31.32 -36.49 -86.62
CA GLN M 83 31.84 -37.08 -87.85
C GLN M 83 32.48 -38.45 -87.66
N VAL M 84 32.60 -38.94 -86.42
CA VAL M 84 33.19 -40.25 -86.15
C VAL M 84 32.18 -41.17 -85.46
N LEU M 85 31.61 -40.74 -84.35
CA LEU M 85 30.77 -41.63 -83.56
C LEU M 85 29.35 -41.73 -84.08
N ALA M 86 28.95 -40.88 -85.03
CA ALA M 86 27.62 -40.96 -85.61
C ALA M 86 27.64 -41.79 -86.90
N PRO M 87 28.58 -41.57 -87.82
CA PRO M 87 28.61 -42.41 -89.03
C PRO M 87 29.14 -43.80 -88.78
N ARG M 88 30.09 -43.97 -87.85
CA ARG M 88 30.64 -45.30 -87.58
C ARG M 88 29.55 -46.25 -87.12
N TYR M 89 28.66 -45.79 -86.22
CA TYR M 89 27.57 -46.61 -85.72
C TYR M 89 26.27 -46.36 -86.47
N LYS M 90 26.35 -46.08 -87.77
CA LYS M 90 25.14 -45.84 -88.56
C LYS M 90 24.27 -47.08 -88.66
N ASP M 91 24.81 -48.26 -88.39
CA ASP M 91 24.03 -49.50 -88.44
C ASP M 91 23.47 -49.92 -87.10
N GLN M 92 24.18 -49.64 -86.01
CA GLN M 92 23.71 -50.02 -84.69
C GLN M 92 22.52 -49.15 -84.28
N THR M 93 21.98 -49.43 -83.09
CA THR M 93 20.84 -48.69 -82.58
C THR M 93 21.04 -48.33 -81.11
N GLY M 94 21.38 -49.32 -80.29
CA GLY M 94 21.59 -49.10 -78.88
C GLY M 94 22.65 -50.01 -78.29
N GLY M 95 23.66 -50.34 -79.08
CA GLY M 95 24.73 -51.22 -78.63
C GLY M 95 26.02 -50.47 -78.38
N TYR M 96 25.93 -49.33 -77.68
CA TYR M 96 27.10 -48.52 -77.37
C TYR M 96 27.52 -48.72 -75.93
N THR M 97 28.78 -48.39 -75.65
CA THR M 97 29.33 -48.49 -74.30
C THR M 97 29.45 -49.95 -73.88
N ARG M 98 30.63 -50.34 -73.39
CA ARG M 98 30.89 -51.69 -72.89
C ARG M 98 31.40 -51.57 -71.46
N MET M 99 30.53 -51.81 -70.50
CA MET M 99 30.86 -51.66 -69.09
C MET M 99 31.41 -52.95 -68.52
N LEU M 100 32.42 -52.82 -67.66
CA LEU M 100 33.03 -53.97 -66.99
C LEU M 100 33.19 -53.65 -65.50
N GLN M 101 34.32 -54.04 -64.91
CA GLN M 101 34.56 -53.78 -63.50
C GLN M 101 36.06 -53.80 -63.23
N ILE M 102 36.46 -53.03 -62.24
CA ILE M 102 37.86 -52.97 -61.79
C ILE M 102 37.92 -53.62 -60.42
N PRO M 103 39.00 -54.34 -60.08
CA PRO M 103 39.08 -54.98 -58.75
C PRO M 103 38.78 -54.02 -57.61
N ASN M 104 39.60 -52.98 -57.47
CA ASN M 104 39.40 -51.98 -56.43
C ASN M 104 40.53 -50.96 -56.53
N ARG M 105 40.36 -49.85 -55.83
CA ARG M 105 41.37 -48.79 -55.79
C ARG M 105 42.35 -49.06 -54.66
N SER M 106 43.63 -48.78 -54.92
CA SER M 106 44.67 -49.02 -53.94
C SER M 106 44.69 -47.99 -52.82
N LEU M 107 43.83 -46.98 -52.86
CA LEU M 107 43.82 -45.94 -51.83
C LEU M 107 42.70 -46.20 -50.82
N ASP M 108 41.48 -45.77 -51.14
CA ASP M 108 40.35 -45.91 -50.24
C ASP M 108 39.50 -47.14 -50.55
N ARG M 109 39.93 -47.98 -51.48
CA ARG M 109 39.17 -49.17 -51.85
C ARG M 109 37.77 -48.80 -52.30
N ALA M 110 37.62 -48.52 -53.60
CA ALA M 110 36.34 -48.13 -54.17
C ALA M 110 36.03 -48.99 -55.39
N LYS M 111 34.74 -49.28 -55.57
CA LYS M 111 34.30 -50.08 -56.71
C LYS M 111 34.35 -49.24 -57.98
N MET M 112 35.33 -49.50 -58.83
CA MET M 112 35.52 -48.78 -60.08
C MET M 112 35.24 -49.69 -61.26
N ALA M 113 34.91 -49.08 -62.39
CA ALA M 113 34.59 -49.80 -63.61
C ALA M 113 35.21 -49.06 -64.80
N VAL M 114 35.02 -49.63 -65.99
CA VAL M 114 35.55 -49.05 -67.22
C VAL M 114 34.46 -49.13 -68.28
N ILE M 115 34.34 -48.05 -69.06
CA ILE M 115 33.38 -47.98 -70.16
C ILE M 115 34.06 -47.35 -71.36
N GLU M 116 33.72 -47.84 -72.55
CA GLU M 116 34.31 -47.32 -73.78
C GLU M 116 33.41 -47.65 -74.95
N TYR M 117 33.54 -46.87 -76.01
CA TYR M 117 32.76 -47.10 -77.22
C TYR M 117 33.36 -48.24 -78.03
N LYS M 118 32.49 -49.05 -78.63
CA LYS M 118 32.94 -50.18 -79.42
C LYS M 118 33.62 -49.70 -80.69
N GLY M 119 34.53 -50.54 -81.20
CA GLY M 119 35.26 -50.22 -82.41
C GLY M 119 36.43 -49.29 -82.23
N ASN M 120 36.79 -48.95 -80.99
CA ASN M 120 37.92 -48.06 -80.75
C ASN M 120 39.23 -48.73 -81.19
N CYS M 121 40.19 -47.88 -81.56
CA CYS M 121 41.49 -48.37 -82.00
C CYS M 121 42.36 -48.86 -80.85
N LEU M 122 41.99 -48.55 -79.61
CA LEU M 122 42.77 -48.99 -78.47
C LEU M 122 42.72 -50.52 -78.34
N PRO M 123 43.63 -51.10 -77.57
CA PRO M 123 43.64 -52.56 -77.43
C PRO M 123 42.34 -53.05 -76.82
N PRO M 124 42.01 -54.33 -77.01
CA PRO M 124 40.77 -54.87 -76.44
C PRO M 124 40.90 -55.19 -74.96
N LEU M 125 39.75 -55.22 -74.29
CA LEU M 125 39.70 -55.53 -72.86
C LEU M 125 39.45 -57.01 -72.64
N PRO M 126 39.90 -57.57 -71.51
CA PRO M 126 39.65 -58.99 -71.24
C PRO M 126 38.20 -59.27 -70.90
N LEU M 127 37.35 -59.31 -71.92
CA LEU M 127 35.94 -59.55 -71.69
C LEU M 127 35.71 -60.96 -71.13
N PRO M 128 34.62 -61.17 -70.39
CA PRO M 128 34.36 -62.50 -69.84
C PRO M 128 34.02 -63.52 -70.92
N ARG M 129 35.03 -64.23 -71.41
CA ARG M 129 34.83 -65.21 -72.46
C ARG M 129 34.08 -66.41 -71.92
N ARG M 130 32.92 -66.71 -72.51
CA ARG M 130 32.12 -67.85 -72.08
C ARG M 130 32.88 -69.15 -72.35
N ASP M 131 32.39 -70.23 -71.73
CA ASP M 131 33.01 -71.53 -71.91
C ASP M 131 32.90 -71.98 -73.37
N SER M 132 33.94 -72.67 -73.85
CA SER M 132 33.96 -73.14 -75.21
C SER M 132 32.82 -74.13 -75.46
N HIS M 133 32.52 -74.35 -76.74
CA HIS M 133 31.46 -75.27 -77.13
C HIS M 133 31.90 -76.72 -77.15
N LEU M 134 33.21 -76.99 -77.09
CA LEU M 134 33.73 -78.35 -77.11
C LEU M 134 33.84 -78.97 -75.72
N THR M 135 33.12 -78.42 -74.75
CA THR M 135 33.16 -78.95 -73.39
C THR M 135 32.19 -80.13 -73.27
N LEU M 136 31.98 -80.62 -72.05
CA LEU M 136 31.09 -81.76 -71.84
C LEU M 136 29.63 -81.33 -71.91
N LEU M 137 29.24 -80.33 -71.11
CA LEU M 137 27.86 -79.88 -71.11
C LEU M 137 27.47 -79.31 -72.48
N ASN M 138 28.36 -78.55 -73.10
CA ASN M 138 28.07 -77.99 -74.42
C ASN M 138 27.88 -79.10 -75.45
N GLN M 139 28.73 -80.13 -75.41
CA GLN M 139 28.57 -81.24 -76.34
C GLN M 139 27.27 -81.99 -76.10
N LEU M 140 26.91 -82.19 -74.83
CA LEU M 140 25.65 -82.86 -74.53
C LEU M 140 24.47 -82.05 -75.04
N LEU M 141 24.49 -80.73 -74.85
CA LEU M 141 23.39 -79.89 -75.33
C LEU M 141 23.34 -79.89 -76.85
N GLN M 142 24.49 -79.88 -77.52
CA GLN M 142 24.51 -79.94 -78.98
C GLN M 142 23.93 -81.27 -79.47
N GLY M 143 24.28 -82.38 -78.81
CA GLY M 143 23.71 -83.66 -79.19
C GLY M 143 22.21 -83.70 -78.96
N LEU M 144 21.74 -83.14 -77.85
CA LEU M 144 20.31 -83.08 -77.58
C LEU M 144 19.59 -82.26 -78.65
N ARG M 145 20.17 -81.13 -79.04
CA ARG M 145 19.56 -80.31 -80.09
C ARG M 145 19.53 -81.05 -81.42
N GLN M 146 20.61 -81.76 -81.74
CA GLN M 146 20.64 -82.53 -82.99
C GLN M 146 19.58 -83.62 -82.97
N ASP M 147 19.41 -84.30 -81.83
CA ASP M 147 18.39 -85.34 -81.73
C ASP M 147 16.99 -84.74 -81.88
N LEU M 148 16.74 -83.59 -81.23
CA LEU M 148 15.45 -82.95 -81.36
C LEU M 148 15.18 -82.54 -82.80
N ARG M 149 16.21 -82.05 -83.50
CA ARG M 149 16.03 -81.67 -84.90
C ARG M 149 15.75 -82.89 -85.77
N GLN M 150 16.47 -83.98 -85.55
CA GLN M 150 16.26 -85.19 -86.33
C GLN M 150 14.93 -85.86 -86.00
N SER M 151 14.35 -85.57 -84.83
CA SER M 151 13.07 -86.16 -84.47
C SER M 151 11.99 -85.85 -85.50
N GLN M 152 12.03 -84.65 -86.07
CA GLN M 152 11.05 -84.25 -87.08
C GLN M 152 11.19 -85.11 -88.34
N ALA N 1 46.87 -58.65 96.50
CA ALA N 1 45.57 -59.13 96.96
C ALA N 1 44.45 -58.21 96.46
N VAL N 2 44.63 -57.67 95.27
CA VAL N 2 43.66 -56.78 94.65
C VAL N 2 43.51 -57.16 93.18
N ALA N 3 42.28 -57.07 92.67
CA ALA N 3 42.02 -57.42 91.28
C ALA N 3 42.65 -56.39 90.35
N PRO N 4 42.91 -56.78 89.09
CA PRO N 4 43.50 -55.80 88.15
C PRO N 4 42.59 -54.63 87.84
N GLU N 5 41.27 -54.78 88.03
CA GLU N 5 40.33 -53.72 87.71
C GLU N 5 39.18 -53.77 88.70
N PHE N 6 38.85 -52.61 89.28
CA PHE N 6 37.75 -52.52 90.22
C PHE N 6 36.42 -52.45 89.48
N THR N 7 35.37 -52.95 90.12
CA THR N 7 34.03 -52.97 89.55
C THR N 7 33.02 -52.61 90.63
N ASN N 8 32.35 -51.48 90.46
CA ASN N 8 31.32 -51.03 91.39
C ASN N 8 29.95 -51.16 90.75
N ARG N 9 28.97 -51.58 91.55
CA ARG N 9 27.61 -51.78 91.08
C ARG N 9 26.61 -50.83 91.73
N ASN N 10 27.03 -50.02 92.70
CA ASN N 10 26.14 -49.11 93.39
C ASN N 10 25.54 -48.12 92.39
N PRO N 11 24.23 -48.18 92.13
CA PRO N 11 23.64 -47.21 91.18
C PRO N 11 23.76 -45.77 91.63
N ARG N 12 23.93 -45.52 92.93
CA ARG N 12 24.04 -44.16 93.44
C ARG N 12 25.44 -43.60 93.32
N ASN N 13 26.45 -44.45 93.13
CA ASN N 13 27.82 -43.97 93.04
C ASN N 13 27.98 -42.96 91.90
N LEU N 14 27.66 -43.39 90.67
CA LEU N 14 27.78 -42.51 89.53
C LEU N 14 26.82 -41.33 89.61
N GLU N 15 25.66 -41.52 90.23
CA GLU N 15 24.69 -40.44 90.35
C GLU N 15 25.22 -39.29 91.20
N LEU N 16 25.93 -39.63 92.29
CA LEU N 16 26.49 -38.61 93.16
C LEU N 16 27.86 -38.14 92.73
N LEU N 17 28.58 -38.92 91.93
CA LEU N 17 29.90 -38.53 91.45
C LEU N 17 29.86 -37.48 90.35
N SER N 18 28.67 -37.06 89.93
CA SER N 18 28.50 -36.07 88.87
C SER N 18 29.01 -36.60 87.53
N VAL N 19 28.86 -37.89 87.29
CA VAL N 19 29.31 -38.52 86.04
C VAL N 19 28.20 -39.31 85.36
N ALA N 20 27.11 -39.64 86.06
CA ALA N 20 26.03 -40.38 85.44
C ALA N 20 25.46 -39.62 84.26
N ARG N 21 25.44 -40.25 83.09
CA ARG N 21 24.95 -39.60 81.89
C ARG N 21 23.47 -39.29 82.00
N LYS N 22 23.09 -38.09 81.58
CA LYS N 22 21.70 -37.66 81.58
C LYS N 22 21.09 -37.87 80.20
N GLU N 23 19.78 -37.67 80.12
CA GLU N 23 19.05 -37.74 78.85
C GLU N 23 19.16 -36.39 78.16
N ARG N 24 20.25 -36.22 77.40
CA ARG N 24 20.50 -34.94 76.74
C ARG N 24 19.38 -34.58 75.77
N GLY N 25 18.68 -35.57 75.22
CA GLY N 25 17.60 -35.32 74.30
C GLY N 25 16.38 -34.72 74.98
N TRP N 26 15.20 -34.96 74.39
CA TRP N 26 13.95 -34.45 74.94
C TRP N 26 13.97 -32.92 75.02
N ARG N 27 14.40 -32.29 73.93
CA ARG N 27 14.47 -30.83 73.88
C ARG N 27 13.11 -30.24 73.56
N THR N 28 12.43 -30.76 72.54
CA THR N 28 11.11 -30.26 72.17
C THR N 28 10.01 -30.77 73.08
N VAL N 29 10.28 -31.80 73.87
CA VAL N 29 9.28 -32.39 74.77
C VAL N 29 9.46 -31.78 76.16
N PHE N 30 8.34 -31.62 76.86
CA PHE N 30 8.33 -31.07 78.21
C PHE N 30 7.68 -32.06 79.15
N PRO N 31 8.25 -32.31 80.35
CA PRO N 31 9.49 -31.73 80.87
C PRO N 31 10.74 -32.39 80.31
N SER N 32 11.90 -31.79 80.54
CA SER N 32 13.17 -32.34 80.06
C SER N 32 13.62 -33.48 80.96
N ARG N 33 14.10 -34.55 80.35
CA ARG N 33 14.57 -35.72 81.07
C ARG N 33 16.02 -35.60 81.51
N GLU N 34 16.64 -34.44 81.34
CA GLU N 34 18.04 -34.23 81.71
C GLU N 34 18.09 -33.84 83.18
N PHE N 35 18.28 -34.82 84.04
CA PHE N 35 18.36 -34.61 85.49
C PHE N 35 18.85 -35.91 86.12
N TRP N 36 18.85 -35.95 87.44
CA TRP N 36 19.22 -37.14 88.19
C TRP N 36 18.18 -37.47 89.26
N HIS N 37 17.54 -36.42 89.80
CA HIS N 37 16.52 -36.60 90.84
C HIS N 37 15.48 -35.48 90.66
N ARG N 38 14.53 -35.72 89.78
CA ARG N 38 13.47 -34.75 89.53
C ARG N 38 12.51 -34.70 90.70
N LEU N 39 12.12 -33.49 91.08
CA LEU N 39 11.19 -33.26 92.18
C LEU N 39 9.85 -32.85 91.59
N ARG N 40 8.95 -33.81 91.43
CA ARG N 40 7.64 -33.56 90.86
C ARG N 40 6.64 -33.27 91.97
N VAL N 41 5.93 -32.16 91.84
CA VAL N 41 4.93 -31.74 92.83
C VAL N 41 3.56 -31.84 92.16
N ILE N 42 2.70 -32.68 92.73
CA ILE N 42 1.35 -32.90 92.24
C ILE N 42 0.36 -32.25 93.21
N ARG N 43 -0.61 -31.52 92.66
CA ARG N 43 -1.63 -30.84 93.46
C ARG N 43 -3.00 -31.39 93.06
N THR N 44 -3.65 -32.07 93.98
CA THR N 44 -4.96 -32.66 93.76
C THR N 44 -5.96 -32.05 94.73
N GLN N 45 -7.22 -32.49 94.63
CA GLN N 45 -8.28 -31.98 95.48
C GLN N 45 -8.23 -32.67 96.84
N HIS N 46 -8.24 -31.87 97.91
CA HIS N 46 -8.23 -32.30 99.30
C HIS N 46 -6.86 -32.78 99.75
N HIS N 47 -5.90 -32.95 98.85
CA HIS N 47 -4.58 -33.45 99.23
C HIS N 47 -3.53 -32.87 98.29
N VAL N 48 -2.27 -32.94 98.73
CA VAL N 48 -1.13 -32.47 97.96
C VAL N 48 -0.04 -33.53 98.03
N GLU N 49 0.70 -33.66 96.94
CA GLU N 49 1.75 -34.68 96.82
C GLU N 49 3.02 -34.06 96.27
N ALA N 50 4.16 -34.52 96.76
CA ALA N 50 5.48 -34.08 96.29
C ALA N 50 6.36 -35.32 96.18
N LEU N 51 6.74 -35.68 94.96
CA LEU N 51 7.51 -36.88 94.69
C LEU N 51 8.94 -36.53 94.29
N VAL N 52 9.81 -37.53 94.36
CA VAL N 52 11.19 -37.40 93.94
C VAL N 52 11.56 -38.64 93.12
N GLU N 53 11.11 -38.67 91.87
CA GLU N 53 11.30 -39.84 91.03
C GLU N 53 12.71 -39.88 90.47
N HIS N 54 12.99 -40.93 89.70
CA HIS N 54 14.29 -41.14 89.07
C HIS N 54 14.11 -41.23 87.56
N GLN N 55 15.23 -41.23 86.84
CA GLN N 55 15.19 -41.35 85.39
C GLN N 55 14.43 -42.59 84.94
N ASN N 56 14.53 -43.68 85.72
CA ASN N 56 13.83 -44.92 85.40
C ASN N 56 12.39 -44.93 85.91
N GLY N 57 12.01 -43.96 86.73
CA GLY N 57 10.67 -43.90 87.27
C GLY N 57 10.48 -44.51 88.64
N LYS N 58 11.56 -44.72 89.39
CA LYS N 58 11.47 -45.30 90.73
C LYS N 58 11.42 -44.19 91.76
N VAL N 59 10.40 -44.23 92.61
CA VAL N 59 10.24 -43.23 93.66
C VAL N 59 11.19 -43.56 94.82
N VAL N 60 11.98 -42.57 95.23
CA VAL N 60 12.95 -42.76 96.30
C VAL N 60 12.37 -42.21 97.60
N VAL N 61 12.07 -40.92 97.62
CA VAL N 61 11.52 -40.25 98.79
C VAL N 61 10.32 -39.43 98.37
N SER N 62 9.30 -39.39 99.22
CA SER N 62 8.09 -38.64 98.93
C SER N 62 7.33 -38.43 100.23
N ALA N 63 6.32 -37.55 100.17
CA ALA N 63 5.49 -37.25 101.33
C ALA N 63 4.09 -36.91 100.84
N SER N 64 3.08 -37.47 101.51
CA SER N 64 1.69 -37.26 101.14
C SER N 64 0.86 -37.03 102.39
N THR N 65 -0.25 -36.30 102.22
CA THR N 65 -1.16 -36.05 103.33
C THR N 65 -1.91 -37.30 103.74
N ARG N 66 -1.95 -38.32 102.88
CA ARG N 66 -2.61 -39.58 103.18
C ARG N 66 -1.70 -40.57 103.91
N GLU N 67 -0.69 -40.08 104.60
CA GLU N 67 0.28 -40.92 105.28
C GLU N 67 -0.14 -41.30 106.70
N TRP N 68 -1.40 -41.09 107.05
CA TRP N 68 -1.92 -41.36 108.39
C TRP N 68 -0.91 -40.98 109.46
N ALA N 69 -0.34 -39.78 109.30
CA ALA N 69 0.64 -39.26 110.24
C ALA N 69 0.71 -37.74 110.14
N ILE N 70 1.19 -37.23 109.01
CA ILE N 70 1.19 -35.78 108.77
C ILE N 70 -0.22 -35.24 108.64
N LYS N 71 -1.20 -36.11 108.35
CA LYS N 71 -2.58 -35.67 108.22
C LYS N 71 -3.07 -35.00 109.50
N LYS N 72 -2.53 -35.40 110.64
CA LYS N 72 -2.93 -34.81 111.91
C LYS N 72 -2.52 -33.34 111.96
N HIS N 73 -2.87 -32.67 113.07
CA HIS N 73 -2.56 -31.26 113.25
C HIS N 73 -3.25 -30.42 112.19
N ASN N 79 -4.41 -23.47 101.45
CA ASN N 79 -3.78 -24.71 101.90
C ASN N 79 -2.27 -24.64 101.76
N VAL N 80 -1.72 -23.45 101.94
CA VAL N 80 -0.27 -23.26 101.81
C VAL N 80 0.44 -23.88 103.01
N VAL N 81 -0.23 -23.97 104.16
CA VAL N 81 0.40 -24.57 105.33
C VAL N 81 0.71 -26.05 105.09
N ALA N 82 -0.25 -26.77 104.49
CA ALA N 82 -0.02 -28.17 104.17
C ALA N 82 1.12 -28.33 103.18
N CYS N 83 1.18 -27.45 102.18
CA CYS N 83 2.26 -27.52 101.19
C CYS N 83 3.62 -27.27 101.86
N GLU N 84 3.69 -26.29 102.75
CA GLU N 84 4.95 -26.01 103.44
C GLU N 84 5.36 -27.18 104.32
N SER N 85 4.40 -27.78 105.03
CA SER N 85 4.71 -28.94 105.86
C SER N 85 5.21 -30.11 105.02
N ILE N 86 4.55 -30.36 103.89
CA ILE N 86 4.97 -31.45 103.01
C ILE N 86 6.38 -31.17 102.49
N GLY N 87 6.66 -29.93 102.12
CA GLY N 87 7.99 -29.59 101.64
C GLY N 87 9.05 -29.78 102.70
N ARG N 88 8.77 -29.35 103.93
CA ARG N 88 9.72 -29.54 105.01
C ARG N 88 9.97 -31.02 105.28
N VAL N 89 8.91 -31.82 105.30
CA VAL N 89 9.06 -33.26 105.54
C VAL N 89 9.87 -33.89 104.43
N LEU N 90 9.60 -33.52 103.18
CA LEU N 90 10.34 -34.08 102.05
C LEU N 90 11.81 -33.68 102.12
N ALA N 91 12.09 -32.43 102.49
CA ALA N 91 13.48 -31.99 102.61
C ALA N 91 14.20 -32.77 103.70
N GLN N 92 13.56 -32.93 104.86
CA GLN N 92 14.18 -33.70 105.94
C GLN N 92 14.42 -35.14 105.53
N ARG N 93 13.47 -35.75 104.82
CA ARG N 93 13.63 -37.15 104.42
C ARG N 93 14.73 -37.29 103.37
N CYS N 94 14.81 -36.36 102.43
CA CYS N 94 15.88 -36.40 101.43
C CYS N 94 17.24 -36.14 102.05
N LEU N 95 17.29 -35.33 103.11
CA LEU N 95 18.55 -35.08 103.79
C LEU N 95 19.01 -36.32 104.56
N GLU N 96 18.11 -36.90 105.36
CA GLU N 96 18.46 -38.10 106.11
C GLU N 96 18.61 -39.32 105.22
N ALA N 97 18.18 -39.25 103.96
CA ALA N 97 18.33 -40.35 103.02
C ALA N 97 19.56 -40.23 102.13
N GLY N 98 20.09 -39.02 101.96
CA GLY N 98 21.28 -38.79 101.16
C GLY N 98 21.07 -37.84 100.00
N ILE N 99 19.83 -37.69 99.51
CA ILE N 99 19.58 -36.80 98.38
C ILE N 99 19.83 -35.36 98.80
N ASN N 100 20.49 -34.60 97.93
CA ASN N 100 20.81 -33.21 98.21
C ASN N 100 20.70 -32.30 97.00
N PHE N 101 20.25 -32.80 95.85
CA PHE N 101 20.13 -31.99 94.64
C PHE N 101 18.92 -32.46 93.86
N MET N 102 18.16 -31.50 93.34
CA MET N 102 16.96 -31.79 92.57
C MET N 102 16.81 -30.73 91.49
N VAL N 103 15.82 -30.95 90.62
CA VAL N 103 15.52 -30.03 89.52
C VAL N 103 14.01 -29.91 89.41
N TYR N 104 13.49 -28.70 89.58
CA TYR N 104 12.06 -28.43 89.50
C TYR N 104 11.79 -27.61 88.24
N GLN N 105 10.90 -28.11 87.38
CA GLN N 105 10.56 -27.47 86.12
C GLN N 105 9.05 -27.28 86.04
N PRO N 106 8.50 -26.37 86.81
CA PRO N 106 7.05 -26.12 86.79
C PRO N 106 6.67 -25.27 85.59
N THR N 107 5.36 -24.99 85.49
CA THR N 107 4.82 -24.15 84.43
C THR N 107 4.84 -22.69 84.84
N PRO N 108 4.79 -21.77 83.89
CA PRO N 108 4.82 -20.34 84.26
C PRO N 108 3.70 -19.95 85.23
N TRP N 109 2.46 -20.30 84.91
CA TRP N 109 1.36 -20.00 85.82
C TRP N 109 1.51 -20.73 87.15
N GLU N 110 2.24 -21.83 87.19
CA GLU N 110 2.51 -22.55 88.42
C GLU N 110 3.73 -22.00 89.14
N ALA N 111 4.74 -21.56 88.39
CA ALA N 111 5.92 -20.97 89.02
C ALA N 111 5.61 -19.61 89.63
N ALA N 112 4.66 -18.88 89.07
CA ALA N 112 4.26 -17.57 89.57
C ALA N 112 3.27 -17.67 90.73
N SER N 113 3.14 -18.83 91.36
CA SER N 113 2.22 -19.02 92.46
C SER N 113 2.92 -18.81 93.80
N ASP N 114 2.14 -18.43 94.81
CA ASP N 114 2.70 -18.24 96.15
C ASP N 114 2.97 -19.57 96.82
N SER N 115 2.16 -20.59 96.56
CA SER N 115 2.38 -21.91 97.15
C SER N 115 3.73 -22.47 96.73
N MET N 116 4.03 -22.43 95.43
CA MET N 116 5.32 -22.92 94.95
C MET N 116 6.47 -22.07 95.47
N LYS N 117 6.26 -20.76 95.60
CA LYS N 117 7.31 -19.90 96.16
C LYS N 117 7.63 -20.30 97.59
N ARG N 118 6.60 -20.50 98.42
CA ARG N 118 6.83 -20.92 99.80
C ARG N 118 7.45 -22.31 99.84
N LEU N 119 7.05 -23.20 98.92
CA LEU N 119 7.64 -24.52 98.86
C LEU N 119 9.13 -24.44 98.59
N GLN N 120 9.53 -23.64 97.60
CA GLN N 120 10.94 -23.48 97.28
C GLN N 120 11.69 -22.84 98.44
N SER N 121 11.07 -21.86 99.09
CA SER N 121 11.72 -21.21 100.23
C SER N 121 11.98 -22.22 101.35
N ALA N 122 10.98 -23.06 101.66
CA ALA N 122 11.15 -24.06 102.69
C ALA N 122 12.21 -25.09 102.30
N MET N 123 12.22 -25.50 101.02
CA MET N 123 13.22 -26.45 100.56
C MET N 123 14.62 -25.88 100.69
N THR N 124 14.79 -24.59 100.36
CA THR N 124 16.11 -23.96 100.49
C THR N 124 16.50 -23.81 101.95
N GLU N 125 15.54 -23.48 102.82
CA GLU N 125 15.83 -23.34 104.23
C GLU N 125 16.23 -24.68 104.84
N GLY N 126 15.62 -25.77 104.38
CA GLY N 126 15.96 -27.08 104.91
C GLY N 126 17.40 -27.48 104.61
N GLY N 127 17.97 -26.94 103.54
CA GLY N 127 19.34 -27.25 103.18
C GLY N 127 19.44 -28.15 101.96
N VAL N 128 18.68 -27.82 100.91
CA VAL N 128 18.67 -28.60 99.68
C VAL N 128 18.70 -27.62 98.51
N VAL N 129 19.70 -27.75 97.65
CA VAL N 129 19.84 -26.89 96.48
C VAL N 129 19.08 -27.50 95.31
N LEU N 130 18.51 -26.63 94.48
CA LEU N 130 17.74 -27.05 93.31
C LEU N 130 18.43 -26.51 92.06
N ARG N 131 19.60 -27.07 91.74
CA ARG N 131 20.36 -26.65 90.57
C ARG N 131 20.96 -27.86 89.85
N GLU N 132 21.50 -28.80 90.62
CA GLU N 132 22.11 -30.00 90.04
C GLU N 132 23.34 -29.60 89.24
N PRO N 133 24.55 -29.74 89.79
CA PRO N 133 25.75 -29.39 89.02
C PRO N 133 25.83 -30.15 87.71
N GLN N 134 26.52 -29.57 86.74
CA GLN N 134 26.64 -30.17 85.43
C GLN N 134 27.47 -31.46 85.51
N ARG N 135 27.42 -32.24 84.44
CA ARG N 135 28.14 -33.50 84.36
C ARG N 135 29.57 -33.23 83.89
N ILE N 136 30.54 -33.61 84.71
CA ILE N 136 31.95 -33.42 84.37
C ILE N 136 32.31 -34.33 83.21
N TYR N 137 32.80 -33.74 82.12
CA TYR N 137 33.20 -34.49 80.94
C TYR N 137 34.73 -34.62 80.89
N GLU N 138 35.22 -35.19 79.80
CA GLU N 138 36.64 -35.39 79.61
C GLU N 138 37.24 -36.20 80.75
N ARG O 1 -4.96 -35.70 -86.81
CA ARG O 1 -3.71 -36.45 -86.73
C ARG O 1 -2.80 -35.89 -85.65
N PHE O 2 -3.41 -35.47 -84.54
CA PHE O 2 -2.67 -34.89 -83.42
C PHE O 2 -2.67 -35.78 -82.18
N LEU O 3 -3.64 -36.68 -82.05
CA LEU O 3 -3.73 -37.58 -80.90
C LEU O 3 -4.00 -36.80 -79.62
N SER O 4 -5.11 -37.11 -78.95
CA SER O 4 -5.44 -36.45 -77.70
C SER O 4 -4.37 -36.75 -76.65
N PRO O 5 -4.09 -35.81 -75.74
CA PRO O 5 -3.07 -36.07 -74.70
C PRO O 5 -3.51 -37.05 -73.64
N GLU O 6 -4.71 -37.64 -73.75
CA GLU O 6 -5.18 -38.59 -72.76
C GLU O 6 -4.71 -40.02 -73.03
N PHE O 7 -4.43 -40.34 -74.30
CA PHE O 7 -3.99 -41.70 -74.64
C PHE O 7 -2.51 -41.91 -74.31
N ILE O 8 -1.68 -40.91 -74.58
CA ILE O 8 -0.25 -41.00 -74.30
C ILE O 8 -0.04 -41.36 -72.84
N PRO O 9 0.42 -42.56 -72.51
CA PRO O 9 0.59 -42.93 -71.10
C PRO O 9 1.79 -42.22 -70.48
N ARG O 10 1.94 -42.42 -69.18
CA ARG O 10 3.03 -41.82 -68.42
C ARG O 10 4.24 -42.76 -68.41
N ARG O 11 5.36 -42.23 -67.93
CA ARG O 11 6.59 -43.00 -67.85
C ARG O 11 6.56 -44.07 -66.77
N GLY O 12 5.61 -44.00 -65.84
CA GLY O 12 5.51 -44.98 -64.78
C GLY O 12 5.43 -46.40 -65.29
N ARG O 13 6.30 -47.27 -64.76
CA ARG O 13 6.31 -48.66 -65.20
C ARG O 13 5.05 -49.38 -64.73
N THR O 14 4.55 -50.26 -65.57
CA THR O 14 3.34 -51.03 -65.27
C THR O 14 3.13 -52.03 -66.41
N ASP O 15 1.97 -52.67 -66.42
CA ASP O 15 1.65 -53.66 -67.43
C ASP O 15 0.94 -52.99 -68.60
N PRO O 16 1.43 -53.09 -69.84
CA PRO O 16 0.72 -52.48 -70.97
C PRO O 16 -0.72 -52.97 -71.12
N LEU O 17 -1.09 -54.08 -70.50
CA LEU O 17 -2.46 -54.57 -70.59
C LEU O 17 -3.44 -53.56 -69.99
N LYS O 18 -3.05 -52.92 -68.88
CA LYS O 18 -3.90 -51.90 -68.27
C LYS O 18 -4.13 -50.74 -69.23
N PHE O 19 -3.06 -50.25 -69.86
CA PHE O 19 -3.21 -49.16 -70.81
C PHE O 19 -4.04 -49.57 -72.01
N GLN O 20 -3.89 -50.82 -72.45
CA GLN O 20 -4.68 -51.30 -73.58
C GLN O 20 -6.17 -51.34 -73.22
N ILE O 21 -6.50 -51.83 -72.03
CA ILE O 21 -7.90 -51.86 -71.61
C ILE O 21 -8.44 -50.44 -71.46
N GLU O 22 -7.62 -49.53 -70.92
CA GLU O 22 -8.06 -48.15 -70.78
C GLU O 22 -8.33 -47.52 -72.14
N ARG O 23 -7.46 -47.77 -73.12
CA ARG O 23 -7.66 -47.23 -74.46
C ARG O 23 -8.90 -47.82 -75.11
N LYS O 24 -9.13 -49.13 -74.91
CA LYS O 24 -10.34 -49.76 -75.45
C LYS O 24 -11.59 -49.13 -74.85
N ASP O 25 -11.59 -48.89 -73.54
CA ASP O 25 -12.73 -48.27 -72.89
C ASP O 25 -12.93 -46.84 -73.40
N MET O 26 -11.84 -46.09 -73.56
CA MET O 26 -11.94 -44.73 -74.06
C MET O 26 -12.51 -44.71 -75.48
N LEU O 27 -12.08 -45.65 -76.32
CA LEU O 27 -12.60 -45.72 -77.68
C LEU O 27 -14.08 -46.09 -77.69
N GLU O 28 -14.47 -47.07 -76.85
CA GLU O 28 -15.87 -47.44 -76.77
C GLU O 28 -16.73 -46.27 -76.28
N ARG O 29 -16.18 -45.44 -75.39
CA ARG O 29 -16.93 -44.28 -74.92
C ARG O 29 -17.02 -43.21 -76.00
N ARG O 30 -15.92 -42.96 -76.71
CA ARG O 30 -15.93 -41.96 -77.77
C ARG O 30 -16.83 -42.38 -78.93
N LYS O 31 -17.02 -43.68 -79.12
CA LYS O 31 -17.89 -44.16 -80.19
C LYS O 31 -19.30 -43.59 -80.06
N VAL O 32 -19.72 -43.25 -78.84
CA VAL O 32 -21.05 -42.69 -78.61
C VAL O 32 -21.01 -41.20 -78.91
N LEU O 33 -20.38 -40.42 -78.04
CA LEU O 33 -20.29 -38.98 -78.21
C LEU O 33 -19.27 -38.63 -79.30
N HIS O 34 -18.84 -37.37 -79.34
CA HIS O 34 -17.86 -36.92 -80.32
C HIS O 34 -16.53 -36.58 -79.66
N ILE O 35 -16.53 -35.68 -78.68
CA ILE O 35 -15.30 -35.28 -77.98
C ILE O 35 -14.31 -34.74 -79.00
N PRO O 36 -14.48 -33.51 -79.46
CA PRO O 36 -13.53 -32.95 -80.43
C PRO O 36 -12.20 -32.61 -79.77
N GLU O 37 -11.16 -32.55 -80.61
CA GLU O 37 -9.82 -32.24 -80.14
C GLU O 37 -9.68 -30.74 -79.92
N PHE O 38 -9.13 -30.37 -78.77
CA PHE O 38 -8.94 -28.96 -78.44
C PHE O 38 -7.64 -28.81 -77.65
N TYR O 39 -7.09 -27.61 -77.69
CA TYR O 39 -5.85 -27.28 -76.99
C TYR O 39 -6.17 -26.35 -75.81
N VAL O 40 -5.11 -25.92 -75.14
CA VAL O 40 -5.25 -25.04 -73.98
C VAL O 40 -5.58 -23.63 -74.47
N GLY O 41 -6.44 -22.94 -73.71
CA GLY O 41 -6.84 -21.59 -74.05
C GLY O 41 -8.03 -21.49 -74.98
N SER O 42 -8.62 -22.61 -75.39
CA SER O 42 -9.76 -22.61 -76.29
C SER O 42 -11.06 -22.61 -75.49
N ILE O 43 -12.03 -21.83 -75.95
CA ILE O 43 -13.33 -21.76 -75.31
C ILE O 43 -14.12 -23.02 -75.62
N LEU O 44 -14.72 -23.61 -74.59
CA LEU O 44 -15.50 -24.84 -74.73
C LEU O 44 -16.88 -24.63 -74.12
N ARG O 45 -17.78 -25.57 -74.42
CA ARG O 45 -19.15 -25.51 -73.91
C ARG O 45 -19.64 -26.94 -73.76
N VAL O 46 -19.60 -27.46 -72.53
CA VAL O 46 -20.02 -28.81 -72.22
C VAL O 46 -21.46 -28.76 -71.69
N THR O 47 -22.32 -29.63 -72.22
CA THR O 47 -23.71 -29.70 -71.81
C THR O 47 -23.90 -30.99 -71.00
N THR O 48 -23.80 -30.87 -69.69
CA THR O 48 -23.94 -32.01 -68.79
C THR O 48 -25.36 -32.10 -68.26
N ALA O 49 -25.63 -33.19 -67.53
CA ALA O 49 -26.93 -33.46 -66.95
C ALA O 49 -26.76 -33.66 -65.44
N ASP O 50 -27.41 -32.81 -64.66
CA ASP O 50 -27.36 -32.87 -63.21
C ASP O 50 -28.68 -33.37 -62.64
N PRO O 51 -28.66 -33.93 -61.43
CA PRO O 51 -29.92 -34.43 -60.84
C PRO O 51 -30.79 -33.36 -60.22
N TYR O 52 -30.24 -32.18 -59.90
CA TYR O 52 -31.00 -31.11 -59.28
C TYR O 52 -30.57 -29.79 -59.91
N ALA O 53 -31.44 -29.22 -60.75
CA ALA O 53 -31.17 -27.96 -61.41
C ALA O 53 -32.38 -27.60 -62.26
N SER O 54 -32.46 -26.32 -62.65
CA SER O 54 -33.54 -25.86 -63.51
C SER O 54 -33.54 -26.65 -64.82
N GLY O 55 -34.10 -27.86 -64.78
CA GLY O 55 -34.07 -28.74 -65.92
C GLY O 55 -32.92 -29.74 -65.82
N LYS O 56 -33.20 -31.00 -66.17
CA LYS O 56 -32.18 -32.04 -66.06
C LYS O 56 -30.97 -31.77 -66.95
N ILE O 57 -31.12 -30.91 -67.95
CA ILE O 57 -30.02 -30.57 -68.86
C ILE O 57 -29.33 -29.33 -68.32
N SER O 58 -28.00 -29.40 -68.19
CA SER O 58 -27.19 -28.29 -67.71
C SER O 58 -26.25 -27.82 -68.81
N GLN O 59 -25.76 -26.59 -68.65
CA GLN O 59 -24.85 -25.99 -69.62
C GLN O 59 -23.85 -25.12 -68.89
N PHE O 60 -22.72 -24.88 -69.54
CA PHE O 60 -21.66 -24.05 -68.99
C PHE O 60 -20.63 -23.77 -70.08
N LEU O 61 -19.99 -22.62 -69.97
CA LEU O 61 -18.98 -22.19 -70.93
C LEU O 61 -17.74 -21.69 -70.18
N GLY O 62 -16.59 -21.83 -70.83
CA GLY O 62 -15.35 -21.40 -70.23
C GLY O 62 -14.17 -21.78 -71.11
N ILE O 63 -12.99 -21.35 -70.65
CA ILE O 63 -11.74 -21.60 -71.36
C ILE O 63 -10.99 -22.72 -70.64
N CYS O 64 -10.44 -23.65 -71.41
CA CYS O 64 -9.69 -24.78 -70.85
C CYS O 64 -8.36 -24.28 -70.32
N ILE O 65 -8.24 -24.19 -69.00
CA ILE O 65 -6.98 -23.71 -68.40
C ILE O 65 -5.87 -24.72 -68.63
N GLN O 66 -6.16 -26.01 -68.40
CA GLN O 66 -5.17 -27.06 -68.57
C GLN O 66 -5.90 -28.38 -68.75
N ARG O 67 -5.11 -29.46 -68.85
CA ARG O 67 -5.68 -30.79 -69.00
C ARG O 67 -4.61 -31.84 -68.73
N SER O 68 -4.91 -32.79 -67.86
CA SER O 68 -3.97 -33.85 -67.50
C SER O 68 -4.77 -35.13 -67.28
N GLY O 69 -4.17 -36.09 -66.59
CA GLY O 69 -4.81 -37.36 -66.32
C GLY O 69 -4.62 -38.37 -67.44
N ARG O 70 -4.82 -39.63 -67.10
CA ARG O 70 -4.68 -40.73 -68.04
C ARG O 70 -5.87 -41.68 -67.91
N GLY O 71 -6.07 -42.48 -68.95
CA GLY O 71 -7.19 -43.41 -68.95
C GLY O 71 -8.52 -42.67 -68.97
N LEU O 72 -9.45 -43.12 -68.13
CA LEU O 72 -10.76 -42.49 -68.06
C LEU O 72 -10.70 -41.10 -67.43
N GLY O 73 -9.56 -40.71 -66.86
CA GLY O 73 -9.43 -39.39 -66.25
C GLY O 73 -8.87 -38.36 -67.19
N ALA O 74 -9.74 -37.53 -67.77
CA ALA O 74 -9.35 -36.46 -68.68
C ALA O 74 -9.95 -35.16 -68.15
N THR O 75 -9.36 -34.63 -67.09
CA THR O 75 -9.88 -33.44 -66.44
C THR O 75 -9.49 -32.18 -67.23
N PHE O 76 -10.29 -31.13 -67.05
CA PHE O 76 -10.02 -29.84 -67.66
C PHE O 76 -10.86 -28.77 -67.00
N ILE O 77 -10.21 -27.72 -66.49
CA ILE O 77 -10.90 -26.65 -65.77
C ILE O 77 -11.40 -25.62 -66.77
N LEU O 78 -12.63 -25.16 -66.56
CA LEU O 78 -13.25 -24.15 -67.42
C LEU O 78 -13.43 -22.87 -66.61
N ARG O 79 -12.82 -21.78 -67.07
CA ARG O 79 -12.89 -20.50 -66.40
C ARG O 79 -13.88 -19.59 -67.11
N ASN O 80 -14.72 -18.90 -66.33
CA ASN O 80 -15.70 -17.98 -66.88
C ASN O 80 -16.30 -17.12 -65.78
N VAL O 81 -15.85 -15.88 -65.68
CA VAL O 81 -16.36 -14.95 -64.67
C VAL O 81 -17.74 -14.48 -65.10
N ILE O 82 -18.75 -14.80 -64.30
CA ILE O 82 -20.13 -14.41 -64.56
C ILE O 82 -20.64 -13.61 -63.38
N GLU O 83 -21.32 -12.51 -63.68
CA GLU O 83 -21.88 -11.62 -62.65
C GLU O 83 -20.78 -11.11 -61.71
N GLY O 84 -19.58 -10.90 -62.24
CA GLY O 84 -18.48 -10.43 -61.42
C GLY O 84 -18.08 -11.39 -60.33
N GLN O 85 -18.02 -12.68 -60.63
CA GLN O 85 -17.65 -13.69 -59.65
C GLN O 85 -16.89 -14.79 -60.35
N GLY O 86 -15.67 -15.07 -59.86
CA GLY O 86 -14.87 -16.12 -60.47
C GLY O 86 -15.45 -17.49 -60.18
N VAL O 87 -15.51 -18.33 -61.21
CA VAL O 87 -16.04 -19.68 -61.08
C VAL O 87 -15.17 -20.62 -61.91
N GLU O 88 -14.96 -21.84 -61.41
CA GLU O 88 -14.16 -22.83 -62.09
C GLU O 88 -14.75 -24.20 -61.83
N ILE O 89 -14.96 -24.97 -62.89
CA ILE O 89 -15.53 -26.32 -62.80
C ILE O 89 -14.56 -27.29 -63.43
N CYS O 90 -14.32 -28.42 -62.76
CA CYS O 90 -13.41 -29.45 -63.24
C CYS O 90 -14.24 -30.56 -63.89
N PHE O 91 -14.33 -30.53 -65.21
CA PHE O 91 -15.08 -31.52 -65.98
C PHE O 91 -14.15 -32.59 -66.52
N GLU O 92 -14.70 -33.79 -66.70
CA GLU O 92 -13.97 -34.91 -67.28
C GLU O 92 -14.67 -35.33 -68.57
N LEU O 93 -13.87 -35.52 -69.63
CA LEU O 93 -14.44 -35.87 -70.93
C LEU O 93 -15.08 -37.25 -70.92
N TYR O 94 -14.72 -38.12 -69.98
CA TYR O 94 -15.25 -39.48 -69.94
C TYR O 94 -16.21 -39.66 -68.78
N ASN O 95 -17.21 -38.78 -68.68
CA ASN O 95 -18.23 -38.88 -67.64
C ASN O 95 -19.54 -39.38 -68.25
N PRO O 96 -20.44 -39.96 -67.43
CA PRO O 96 -21.75 -40.35 -67.95
C PRO O 96 -22.72 -39.19 -68.08
N ARG O 97 -22.44 -38.06 -67.43
CA ARG O 97 -23.29 -36.88 -67.52
C ARG O 97 -22.80 -35.92 -68.61
N VAL O 98 -22.62 -36.45 -69.82
CA VAL O 98 -22.16 -35.67 -70.96
C VAL O 98 -23.07 -35.96 -72.14
N GLN O 99 -23.35 -34.92 -72.92
CA GLN O 99 -24.24 -35.05 -74.08
C GLN O 99 -23.60 -34.43 -75.32
N GLU O 100 -23.11 -33.20 -75.19
CA GLU O 100 -22.50 -32.49 -76.31
C GLU O 100 -21.30 -31.69 -75.82
N ILE O 101 -20.22 -31.73 -76.59
CA ILE O 101 -19.01 -30.97 -76.28
C ILE O 101 -18.75 -29.99 -77.41
N GLN O 102 -19.39 -28.83 -77.36
CA GLN O 102 -19.26 -27.84 -78.42
C GLN O 102 -17.97 -27.04 -78.24
N VAL O 103 -17.26 -26.83 -79.35
CA VAL O 103 -16.02 -26.06 -79.37
C VAL O 103 -16.30 -24.73 -80.05
N VAL O 104 -15.88 -23.64 -79.42
CA VAL O 104 -16.10 -22.30 -79.94
C VAL O 104 -14.87 -21.78 -80.70
N LYS O 105 -13.68 -22.05 -80.19
CA LYS O 105 -12.44 -21.60 -80.81
C LYS O 105 -11.38 -22.67 -80.64
N LEU O 106 -10.21 -22.42 -81.24
CA LEU O 106 -9.07 -23.34 -81.15
C LEU O 106 -7.80 -22.48 -81.08
N GLU O 107 -7.29 -22.28 -79.87
CA GLU O 107 -6.11 -21.45 -79.64
C GLU O 107 -5.13 -22.22 -78.75
N LYS O 108 -3.96 -21.63 -78.58
CA LYS O 108 -2.90 -22.22 -77.76
C LYS O 108 -2.38 -21.26 -76.70
N ARG O 109 -2.23 -19.98 -77.02
CA ARG O 109 -1.73 -18.98 -76.07
C ARG O 109 -0.35 -19.35 -75.53
N LEU O 110 0.45 -20.03 -76.35
CA LEU O 110 1.81 -20.41 -75.97
C LEU O 110 1.81 -21.27 -74.71
N ASP O 111 1.52 -20.67 -73.56
CA ASP O 111 1.54 -21.38 -72.30
C ASP O 111 0.61 -22.59 -72.35
N ASP O 112 1.11 -23.74 -71.89
CA ASP O 112 0.35 -24.97 -71.86
C ASP O 112 -0.50 -25.11 -70.61
N SER O 113 -0.57 -24.06 -69.78
CA SER O 113 -1.38 -24.11 -68.55
C SER O 113 -1.63 -22.67 -68.13
N LEU O 114 -2.85 -22.18 -68.39
CA LEU O 114 -3.22 -20.81 -68.07
C LEU O 114 -3.72 -20.72 -66.61
N LEU O 115 -2.86 -21.15 -65.70
CA LEU O 115 -3.18 -21.11 -64.28
C LEU O 115 -2.99 -19.73 -63.68
N TYR O 116 -2.35 -18.81 -64.39
CA TYR O 116 -2.14 -17.45 -63.90
C TYR O 116 -3.34 -16.54 -64.15
N LEU O 117 -4.39 -17.03 -64.81
CA LEU O 117 -5.56 -16.20 -65.06
C LEU O 117 -6.25 -15.80 -63.76
N ARG O 118 -6.10 -16.62 -62.71
CA ARG O 118 -6.70 -16.28 -61.42
C ARG O 118 -6.15 -14.97 -60.88
N ASP O 119 -4.85 -14.71 -61.11
CA ASP O 119 -4.23 -13.47 -60.67
C ASP O 119 -4.41 -12.34 -61.67
N ALA O 120 -4.84 -12.64 -62.90
CA ALA O 120 -5.05 -11.60 -63.90
C ALA O 120 -6.37 -10.88 -63.65
N LEU O 121 -6.44 -9.65 -64.13
CA LEU O 121 -7.64 -8.84 -63.95
C LEU O 121 -8.84 -9.53 -64.63
N PRO O 122 -10.06 -9.16 -64.25
CA PRO O 122 -11.25 -9.82 -64.82
C PRO O 122 -11.44 -9.57 -66.31
N GLU O 123 -10.71 -8.62 -66.91
CA GLU O 123 -10.89 -8.32 -68.32
C GLU O 123 -10.60 -9.54 -69.18
N TYR O 124 -9.57 -10.31 -68.82
CA TYR O 124 -9.19 -11.50 -69.56
C TYR O 124 -9.80 -12.76 -68.95
N SER O 125 -11.12 -12.73 -68.74
CA SER O 125 -11.82 -13.87 -68.15
C SER O 125 -13.31 -13.81 -68.48
N THR O 126 -13.88 -12.60 -68.49
CA THR O 126 -15.29 -12.44 -68.79
C THR O 126 -15.54 -12.67 -70.28
N PHE O 127 -16.53 -13.49 -70.59
CA PHE O 127 -16.88 -13.80 -71.97
C PHE O 127 -18.38 -13.98 -72.09
N ASP O 128 -18.89 -13.86 -73.30
CA ASP O 128 -20.32 -14.01 -73.55
C ASP O 128 -20.75 -15.45 -73.31
N VAL O 129 -21.95 -15.62 -72.77
CA VAL O 129 -22.47 -16.96 -72.49
C VAL O 129 -23.19 -17.58 -73.68
N ASN O 130 -23.71 -16.75 -74.60
CA ASN O 130 -24.43 -17.26 -75.76
C ASN O 130 -23.70 -16.90 -77.05
N MET O 131 -22.41 -17.17 -77.10
CA MET O 131 -21.62 -16.88 -78.30
C MET O 131 -21.73 -18.04 -79.29
N LYS O 132 -21.52 -17.72 -80.56
CA LYS O 132 -21.60 -18.70 -81.63
C LYS O 132 -20.25 -19.34 -81.89
N PRO O 133 -20.22 -20.50 -82.54
CA PRO O 133 -18.93 -21.15 -82.83
C PRO O 133 -18.13 -20.35 -83.84
N VAL O 134 -16.87 -20.75 -83.98
CA VAL O 134 -15.96 -20.12 -84.93
C VAL O 134 -15.04 -21.19 -85.53
N VAL O 135 -15.41 -21.73 -86.68
CA VAL O 135 -14.64 -22.75 -87.36
C VAL O 135 -14.14 -22.18 -88.68
N GLN O 136 -12.91 -22.55 -89.06
CA GLN O 136 -12.31 -22.06 -90.29
C GLN O 136 -11.06 -22.87 -90.57
N GLU O 137 -10.72 -22.98 -91.86
CA GLU O 137 -9.53 -23.69 -92.31
C GLU O 137 -9.54 -25.13 -91.79
N PRO O 138 -10.35 -26.00 -92.35
CA PRO O 138 -10.34 -27.42 -91.92
C PRO O 138 -9.03 -28.08 -92.30
N ASN O 139 -8.42 -28.77 -91.33
CA ASN O 139 -7.16 -29.47 -91.53
C ASN O 139 -6.06 -28.48 -91.93
N GLN O 140 -5.67 -27.68 -90.95
CA GLN O 140 -4.65 -26.66 -91.14
C GLN O 140 -4.11 -26.25 -89.78
N LYS O 141 -2.99 -25.52 -89.80
CA LYS O 141 -2.38 -25.04 -88.57
C LYS O 141 -3.40 -24.29 -87.71
N VAL O 142 -3.45 -24.63 -86.43
CA VAL O 142 -4.39 -23.99 -85.52
C VAL O 142 -3.88 -22.59 -85.19
N PRO O 143 -4.73 -21.57 -85.21
CA PRO O 143 -4.24 -20.22 -84.91
C PRO O 143 -3.82 -20.08 -83.46
N VAL O 144 -2.92 -19.13 -83.22
CA VAL O 144 -2.39 -18.85 -81.88
C VAL O 144 -2.42 -17.35 -81.69
N ASN O 145 -3.37 -16.87 -80.88
CA ASN O 145 -3.52 -15.44 -80.62
C ASN O 145 -2.46 -15.03 -79.60
N GLU O 146 -1.24 -14.84 -80.09
CA GLU O 146 -0.13 -14.44 -79.24
C GLU O 146 -0.38 -13.04 -78.70
N LEU O 147 -0.71 -12.93 -77.41
CA LEU O 147 -0.98 -11.65 -76.78
C LEU O 147 -0.59 -11.73 -75.32
N LYS O 148 -0.04 -10.63 -74.80
CA LYS O 148 0.37 -10.58 -73.41
C LYS O 148 -0.85 -10.38 -72.51
N VAL O 149 -0.65 -10.60 -71.21
CA VAL O 149 -1.70 -10.50 -70.22
C VAL O 149 -1.19 -9.68 -69.05
N LYS O 150 -1.87 -8.58 -68.76
CA LYS O 150 -1.51 -7.75 -67.61
C LYS O 150 -1.96 -8.43 -66.31
N MET O 151 -1.16 -8.24 -65.27
CA MET O 151 -1.38 -8.88 -63.98
C MET O 151 -1.81 -7.85 -62.94
N LYS O 152 -2.45 -8.34 -61.89
CA LYS O 152 -2.88 -7.51 -60.77
C LYS O 152 -1.66 -7.05 -59.99
N PRO O 153 -1.83 -6.21 -58.96
CA PRO O 153 -0.67 -5.79 -58.15
C PRO O 153 0.13 -6.97 -57.61
N LYS O 154 1.23 -6.67 -56.92
CA LYS O 154 2.17 -7.71 -56.49
C LYS O 154 1.51 -8.86 -55.72
N PRO O 155 0.58 -8.62 -54.78
CA PRO O 155 -0.03 -9.75 -54.06
C PRO O 155 -0.57 -10.83 -54.99
N TRP O 156 0.21 -11.89 -55.17
CA TRP O 156 -0.17 -13.04 -55.98
C TRP O 156 -0.43 -14.24 -55.08
N SER O 157 -0.58 -15.41 -55.69
CA SER O 157 -0.85 -16.63 -54.95
C SER O 157 -0.04 -17.84 -55.41
N LYS O 158 0.83 -17.69 -56.42
CA LYS O 158 1.62 -18.81 -56.91
C LYS O 158 3.02 -18.42 -57.34
N ARG O 159 3.38 -17.13 -57.31
CA ARG O 159 4.70 -16.67 -57.71
C ARG O 159 4.99 -17.05 -59.18
N TRP O 160 4.23 -16.40 -60.06
CA TRP O 160 4.36 -16.64 -61.49
C TRP O 160 5.60 -16.00 -62.10
N GLU O 161 6.33 -15.19 -61.33
CA GLU O 161 7.52 -14.52 -61.86
C GLU O 161 8.72 -15.45 -61.99
N ARG O 162 8.75 -16.54 -61.23
CA ARG O 162 9.88 -17.45 -61.26
C ARG O 162 9.98 -18.10 -62.64
N PRO O 163 11.18 -18.51 -63.05
CA PRO O 163 11.32 -19.15 -64.37
C PRO O 163 10.95 -20.62 -64.39
N ASN O 164 10.84 -21.27 -63.23
CA ASN O 164 10.49 -22.69 -63.20
C ASN O 164 9.13 -22.94 -63.83
N PHE O 165 8.22 -21.95 -63.77
CA PHE O 165 6.90 -22.12 -64.36
C PHE O 165 6.97 -22.03 -65.88
N ASN O 166 7.78 -21.12 -66.41
CA ASN O 166 7.90 -20.94 -67.85
C ASN O 166 6.54 -20.63 -68.48
N ILE O 167 6.17 -19.36 -68.47
CA ILE O 167 4.88 -18.92 -69.02
C ILE O 167 5.04 -18.25 -70.37
N LYS O 168 5.94 -17.26 -70.45
CA LYS O 168 6.17 -16.52 -71.70
C LYS O 168 4.88 -15.89 -72.21
N GLY O 169 4.09 -15.34 -71.29
CA GLY O 169 2.83 -14.70 -71.64
C GLY O 169 2.50 -13.52 -70.77
N ILE O 170 2.91 -13.57 -69.50
CA ILE O 170 2.63 -12.48 -68.57
C ILE O 170 3.47 -11.26 -68.96
N ARG O 171 2.87 -10.08 -68.88
CA ARG O 171 3.54 -8.83 -69.21
C ARG O 171 4.22 -8.32 -67.94
N PHE O 172 5.47 -8.76 -67.73
CA PHE O 172 6.20 -8.35 -66.54
C PHE O 172 6.69 -6.91 -66.63
N ASP O 173 6.77 -6.35 -67.84
CA ASP O 173 7.26 -4.98 -67.98
C ASP O 173 6.28 -3.98 -67.36
N LEU O 174 4.99 -4.23 -67.50
CA LEU O 174 3.95 -3.34 -66.98
C LEU O 174 3.54 -3.69 -65.55
N CYS O 175 4.30 -4.54 -64.86
CA CYS O 175 3.96 -4.93 -63.50
C CYS O 175 5.21 -5.07 -62.65
N LEU O 176 6.19 -5.84 -63.13
CA LEU O 176 7.42 -6.07 -62.40
C LEU O 176 8.46 -5.02 -62.77
N THR O 177 9.50 -4.94 -61.94
CA THR O 177 10.60 -4.00 -62.12
C THR O 177 11.89 -4.78 -62.37
N GLU O 178 13.02 -4.08 -62.28
CA GLU O 178 14.31 -4.73 -62.49
C GLU O 178 14.70 -5.60 -61.31
N GLN O 179 14.52 -5.10 -60.08
CA GLN O 179 14.87 -5.88 -58.91
C GLN O 179 14.02 -7.13 -58.80
N GLN O 180 12.72 -7.03 -59.11
CA GLN O 180 11.85 -8.19 -59.07
C GLN O 180 12.27 -9.22 -60.10
N MET O 181 12.57 -8.78 -61.32
CA MET O 181 13.01 -9.71 -62.36
C MET O 181 14.32 -10.38 -61.97
N LYS O 182 15.23 -9.63 -61.35
CA LYS O 182 16.50 -10.22 -60.91
C LYS O 182 16.27 -11.26 -59.82
N GLU O 183 15.43 -10.93 -58.83
CA GLU O 183 15.14 -11.89 -57.77
C GLU O 183 14.45 -13.13 -58.32
N ALA O 184 13.65 -12.98 -59.37
CA ALA O 184 13.00 -14.13 -59.98
C ALA O 184 14.00 -15.00 -60.72
N GLN O 185 14.84 -14.37 -61.56
CA GLN O 185 15.85 -15.11 -62.31
C GLN O 185 16.90 -15.74 -61.42
N LYS O 186 17.06 -15.23 -60.18
CA LYS O 186 18.02 -15.83 -59.26
C LYS O 186 17.81 -17.33 -59.12
N TRP O 187 16.55 -17.77 -59.16
CA TRP O 187 16.21 -19.19 -59.03
C TRP O 187 16.10 -19.86 -60.39
N ASN O 188 17.12 -19.67 -61.23
CA ASN O 188 17.16 -20.29 -62.54
C ASN O 188 17.91 -21.61 -62.48
N GLN O 189 17.51 -22.54 -63.36
CA GLN O 189 18.10 -23.87 -63.44
C GLN O 189 18.35 -24.20 -64.91
N PRO O 190 19.40 -23.63 -65.50
CA PRO O 190 19.68 -23.93 -66.92
C PRO O 190 19.94 -25.40 -67.19
N TRP O 191 20.31 -26.19 -66.18
CA TRP O 191 20.60 -27.60 -66.39
C TRP O 191 19.34 -28.40 -66.72
N LEU O 192 18.15 -27.90 -66.35
CA LEU O 192 16.92 -28.63 -66.64
C LEU O 192 16.64 -28.66 -68.14
N GLU O 193 16.96 -27.58 -68.86
CA GLU O 193 16.72 -27.53 -70.29
C GLU O 193 17.61 -28.50 -71.05
N PHE O 194 18.82 -28.76 -70.55
CA PHE O 194 19.76 -29.66 -71.19
C PHE O 194 19.67 -31.10 -70.67
N ASP O 195 18.85 -31.35 -69.66
CA ASP O 195 18.69 -32.69 -69.10
C ASP O 195 17.96 -33.56 -70.12
N MET O 196 18.72 -34.31 -70.92
CA MET O 196 18.15 -35.16 -71.95
C MET O 196 17.61 -36.48 -71.41
N MET O 197 17.70 -36.71 -70.10
CA MET O 197 17.19 -37.94 -69.51
C MET O 197 15.77 -37.79 -68.99
N ARG O 198 15.33 -36.57 -68.66
CA ARG O 198 13.97 -36.36 -68.19
C ARG O 198 12.94 -36.43 -69.32
N GLU O 199 13.35 -36.25 -70.57
CA GLU O 199 12.42 -36.32 -71.69
C GLU O 199 11.84 -37.72 -71.80
N TYR O 200 10.53 -37.79 -72.03
CA TYR O 200 9.80 -39.05 -72.15
C TYR O 200 9.45 -39.26 -73.62
N ASP O 201 10.17 -40.16 -74.27
CA ASP O 201 9.91 -40.45 -75.67
C ASP O 201 8.56 -41.12 -75.84
N THR O 202 7.97 -40.95 -77.04
CA THR O 202 6.66 -41.52 -77.31
C THR O 202 6.46 -41.90 -78.77
N SER O 203 7.51 -41.91 -79.60
CA SER O 203 7.35 -42.21 -81.01
C SER O 203 6.74 -43.59 -81.20
N LYS O 204 7.39 -44.63 -80.67
CA LYS O 204 6.86 -45.98 -80.79
C LYS O 204 5.50 -46.10 -80.12
N ILE O 205 5.33 -45.47 -78.96
CA ILE O 205 4.05 -45.52 -78.26
C ILE O 205 2.97 -44.81 -79.08
N GLU O 206 3.32 -43.67 -79.69
CA GLU O 206 2.36 -42.97 -80.53
C GLU O 206 1.96 -43.82 -81.73
N ALA O 207 2.93 -44.49 -82.36
CA ALA O 207 2.62 -45.35 -83.49
C ALA O 207 1.72 -46.51 -83.08
N ALA O 208 2.00 -47.11 -81.92
CA ALA O 208 1.16 -48.22 -81.45
C ALA O 208 -0.25 -47.73 -81.15
N ILE O 209 -0.38 -46.55 -80.53
CA ILE O 209 -1.69 -46.00 -80.22
C ILE O 209 -2.47 -45.73 -81.50
N TRP O 210 -1.80 -45.17 -82.51
CA TRP O 210 -2.46 -44.90 -83.78
C TRP O 210 -2.90 -46.19 -84.45
N LYS O 211 -2.04 -47.22 -84.42
CA LYS O 211 -2.42 -48.50 -85.00
C LYS O 211 -3.62 -49.10 -84.29
N GLU O 212 -3.64 -49.02 -82.96
CA GLU O 212 -4.78 -49.57 -82.21
C GLU O 212 -6.05 -48.78 -82.53
N ILE O 213 -5.95 -47.46 -82.64
CA ILE O 213 -7.11 -46.65 -82.97
C ILE O 213 -7.64 -47.00 -84.34
N GLU O 214 -6.74 -47.18 -85.31
CA GLU O 214 -7.16 -47.55 -86.66
C GLU O 214 -7.82 -48.91 -86.67
N ALA O 215 -7.26 -49.88 -85.94
CA ALA O 215 -7.84 -51.21 -85.88
C ALA O 215 -9.23 -51.17 -85.24
N SER O 216 -9.40 -50.35 -84.20
CA SER O 216 -10.70 -50.25 -83.55
C SER O 216 -11.72 -49.56 -84.46
N LYS O 217 -11.27 -48.57 -85.23
CA LYS O 217 -12.19 -47.87 -86.14
C LYS O 217 -12.59 -48.76 -87.30
N ARG O 218 -11.67 -49.59 -87.79
CA ARG O 218 -11.95 -50.49 -88.90
C ARG O 218 -12.61 -51.80 -88.46
N SER O 219 -13.04 -51.89 -87.21
CA SER O 219 -13.70 -53.10 -86.71
C SER O 219 -14.48 -52.80 -85.45
N LEU P 1 65.18 -46.08 0.48
CA LEU P 1 64.31 -46.39 1.61
C LEU P 1 65.08 -47.16 2.68
N ARG P 2 64.44 -47.35 3.83
CA ARG P 2 65.04 -48.05 4.96
C ARG P 2 64.18 -49.25 5.32
N ASN P 3 64.76 -50.44 5.23
CA ASN P 3 64.07 -51.70 5.53
C ASN P 3 62.63 -51.68 5.03
N ARG P 4 62.46 -51.30 3.77
CA ARG P 4 61.14 -51.24 3.16
C ARG P 4 60.63 -52.67 2.97
N VAL P 5 59.48 -52.79 2.29
CA VAL P 5 58.87 -54.10 2.08
C VAL P 5 59.67 -54.87 1.04
N THR P 6 59.96 -56.13 1.35
CA THR P 6 60.69 -56.98 0.42
C THR P 6 60.11 -58.40 0.35
N ASP P 7 59.00 -58.67 1.02
CA ASP P 7 58.38 -59.99 1.03
C ASP P 7 56.86 -59.84 0.89
N ARG P 8 56.44 -59.26 -0.23
CA ARG P 8 55.03 -58.99 -0.49
C ARG P 8 54.41 -59.93 -1.51
N TYR P 9 55.13 -60.25 -2.60
CA TYR P 9 54.56 -61.10 -3.64
C TYR P 9 54.17 -62.47 -3.09
N PHE P 10 54.89 -62.97 -2.09
CA PHE P 10 54.55 -64.27 -1.53
C PHE P 10 53.22 -64.23 -0.80
N ARG P 11 52.92 -63.12 -0.12
CA ARG P 11 51.61 -62.97 0.50
C ARG P 11 50.51 -62.96 -0.55
N ILE P 12 50.74 -62.27 -1.67
CA ILE P 12 49.75 -62.23 -2.75
C ILE P 12 49.53 -63.63 -3.30
N GLN P 13 50.62 -64.39 -3.48
CA GLN P 13 50.49 -65.75 -4.00
C GLN P 13 49.72 -66.64 -3.03
N GLU P 14 50.03 -66.52 -1.73
CA GLU P 14 49.34 -67.33 -0.73
C GLU P 14 47.86 -66.97 -0.65
N VAL P 15 47.51 -65.70 -0.88
CA VAL P 15 46.11 -65.29 -0.84
C VAL P 15 45.38 -65.71 -2.11
N LEU P 16 46.08 -65.75 -3.25
CA LEU P 16 45.45 -66.09 -4.52
C LEU P 16 45.38 -67.59 -4.77
N LYS P 17 46.22 -68.38 -4.10
CA LYS P 17 46.17 -69.83 -4.30
C LYS P 17 44.78 -70.39 -4.03
N HIS P 18 44.02 -69.76 -3.14
CA HIS P 18 42.65 -70.16 -2.85
C HIS P 18 41.65 -69.57 -3.84
N ALA P 19 42.12 -68.90 -4.89
CA ALA P 19 41.26 -68.27 -5.90
C ALA P 19 41.74 -68.62 -7.30
N ARG P 20 42.08 -69.89 -7.52
CA ARG P 20 42.58 -70.36 -8.80
C ARG P 20 41.47 -70.97 -9.66
N HIS P 21 40.22 -70.55 -9.45
CA HIS P 21 39.11 -71.08 -10.23
C HIS P 21 37.90 -70.17 -10.11
N PHE P 22 38.13 -68.86 -10.02
CA PHE P 22 37.06 -67.88 -9.90
C PHE P 22 36.83 -67.19 -11.25
N ARG P 23 35.71 -66.50 -11.36
CA ARG P 23 35.34 -65.78 -12.57
C ARG P 23 35.58 -64.29 -12.39
N GLY P 24 35.98 -63.64 -13.48
CA GLY P 24 36.26 -62.22 -13.44
C GLY P 24 37.63 -61.92 -12.86
N ARG P 25 37.74 -60.75 -12.23
CA ARG P 25 39.00 -60.33 -11.62
C ARG P 25 39.25 -60.98 -10.27
N LYS P 26 38.33 -61.81 -9.77
CA LYS P 26 38.49 -62.45 -8.48
C LYS P 26 39.64 -63.47 -8.48
N ASN P 27 40.10 -63.88 -9.65
CA ASN P 27 41.22 -64.81 -9.77
C ASN P 27 42.48 -64.12 -10.28
N ARG P 28 42.55 -62.79 -10.17
CA ARG P 28 43.72 -62.04 -10.64
C ARG P 28 43.99 -60.86 -9.72
N CYS P 29 43.02 -59.94 -9.62
CA CYS P 29 43.19 -58.77 -8.78
C CYS P 29 43.20 -59.16 -7.32
N TYR P 30 44.16 -58.62 -6.56
CA TYR P 30 44.29 -58.96 -5.16
C TYR P 30 43.23 -58.28 -4.30
N ARG P 31 42.87 -57.04 -4.65
CA ARG P 31 41.88 -56.30 -3.88
C ARG P 31 40.58 -57.09 -3.74
N LEU P 32 40.01 -57.49 -4.87
CA LEU P 32 38.76 -58.25 -4.84
C LEU P 32 39.00 -59.69 -4.41
N ALA P 33 40.19 -60.24 -4.70
CA ALA P 33 40.46 -61.62 -4.32
C ALA P 33 40.48 -61.80 -2.81
N VAL P 34 40.94 -60.79 -2.08
CA VAL P 34 40.95 -60.87 -0.62
C VAL P 34 39.53 -61.03 -0.10
N ARG P 35 38.62 -60.15 -0.54
CA ARG P 35 37.23 -60.23 -0.10
C ARG P 35 36.59 -61.53 -0.54
N THR P 36 36.90 -61.99 -1.77
CA THR P 36 36.33 -63.24 -2.26
C THR P 36 36.75 -64.41 -1.39
N VAL P 37 38.03 -64.48 -1.05
CA VAL P 37 38.54 -65.58 -0.22
C VAL P 37 37.94 -65.49 1.18
N ILE P 38 37.81 -64.28 1.72
CA ILE P 38 37.23 -64.12 3.05
C ILE P 38 35.79 -64.63 3.06
N ARG P 39 35.01 -64.22 2.06
CA ARG P 39 33.62 -64.66 1.98
C ARG P 39 33.53 -66.17 1.78
N ALA P 40 34.41 -66.72 0.95
CA ALA P 40 34.40 -68.17 0.72
C ALA P 40 34.71 -68.93 2.00
N PHE P 41 35.69 -68.46 2.77
CA PHE P 41 36.03 -69.12 4.02
C PHE P 41 34.88 -69.02 5.02
N VAL P 42 34.27 -67.84 5.12
CA VAL P 42 33.15 -67.66 6.04
C VAL P 42 32.01 -68.60 5.67
N LYS P 43 31.69 -68.70 4.38
CA LYS P 43 30.59 -69.55 3.95
C LYS P 43 30.92 -71.03 4.17
N CYS P 44 32.18 -71.43 3.91
CA CYS P 44 32.57 -72.80 4.13
C CYS P 44 32.50 -73.16 5.61
N THR P 45 32.81 -72.21 6.49
CA THR P 45 32.75 -72.47 7.92
C THR P 45 31.31 -72.46 8.43
N LYS P 46 30.43 -71.68 7.80
CA LYS P 46 29.04 -71.62 8.25
C LYS P 46 28.18 -72.72 7.64
N ALA P 47 28.61 -73.34 6.54
CA ALA P 47 27.80 -74.33 5.85
C ALA P 47 27.84 -75.71 6.50
N ARG P 48 28.61 -75.91 7.56
CA ARG P 48 28.66 -77.22 8.20
C ARG P 48 27.30 -77.60 8.80
N TYR P 49 26.69 -76.66 9.53
CA TYR P 49 25.39 -76.93 10.13
C TYR P 49 24.32 -77.09 9.05
N LEU P 50 24.43 -76.32 7.96
CA LEU P 50 23.49 -76.48 6.85
C LEU P 50 23.61 -77.86 6.23
N LYS P 51 24.84 -78.34 6.04
CA LYS P 51 25.06 -79.69 5.52
C LYS P 51 24.46 -80.74 6.46
N LYS P 52 24.68 -80.56 7.77
CA LYS P 52 24.13 -81.51 8.74
C LYS P 52 22.61 -81.55 8.66
N LYS P 53 21.97 -80.37 8.62
CA LYS P 53 20.52 -80.32 8.53
C LYS P 53 20.02 -80.92 7.23
N ASN P 54 20.72 -80.67 6.12
CA ASN P 54 20.31 -81.22 4.84
C ASN P 54 20.40 -82.74 4.85
N MET P 55 21.48 -83.28 5.42
CA MET P 55 21.62 -84.73 5.50
C MET P 55 20.53 -85.33 6.39
N ARG P 56 20.23 -84.68 7.52
CA ARG P 56 19.17 -85.17 8.39
C ARG P 56 17.83 -85.19 7.68
N THR P 57 17.50 -84.10 6.97
CA THR P 57 16.24 -84.04 6.26
C THR P 57 16.19 -85.07 5.13
N LEU P 58 17.31 -85.28 4.45
CA LEU P 58 17.34 -86.28 3.39
C LEU P 58 17.11 -87.68 3.94
N TRP P 59 17.75 -88.00 5.06
CA TRP P 59 17.53 -89.32 5.68
C TRP P 59 16.09 -89.47 6.14
N ILE P 60 15.52 -88.41 6.71
CA ILE P 60 14.13 -88.47 7.16
C ILE P 60 13.21 -88.71 5.97
N ASN P 61 13.44 -88.01 4.87
CA ASN P 61 12.61 -88.19 3.68
C ASN P 61 12.76 -89.60 3.11
N ARG P 62 13.99 -90.13 3.11
CA ARG P 62 14.21 -91.48 2.61
C ARG P 62 13.48 -92.51 3.47
N ILE P 63 13.55 -92.36 4.79
CA ILE P 63 12.86 -93.29 5.68
C ILE P 63 11.35 -93.17 5.50
N THR P 64 10.84 -91.95 5.33
CA THR P 64 9.41 -91.77 5.11
C THR P 64 8.98 -92.43 3.81
N ALA P 65 9.78 -92.29 2.75
CA ALA P 65 9.46 -92.93 1.48
C ALA P 65 9.49 -94.44 1.60
N ALA P 66 10.46 -94.99 2.31
CA ALA P 66 10.51 -96.43 2.52
C ALA P 66 9.30 -96.92 3.29
N SER P 67 8.90 -96.18 4.33
CA SER P 67 7.72 -96.57 5.09
C SER P 67 6.46 -96.52 4.22
N GLN P 68 6.34 -95.47 3.40
CA GLN P 68 5.19 -95.37 2.51
C GLN P 68 5.16 -96.53 1.52
N GLU P 69 6.31 -96.87 0.95
CA GLU P 69 6.37 -98.01 0.05
C GLU P 69 5.99 -99.31 0.76
N HIS P 70 6.37 -99.43 2.03
CA HIS P 70 6.02 -100.61 2.81
C HIS P 70 4.62 -100.50 3.42
N GLY P 71 4.05 -99.31 3.49
CA GLY P 71 2.71 -99.13 4.01
C GLY P 71 2.68 -98.59 5.43
N LEU P 72 3.49 -97.58 5.70
CA LEU P 72 3.54 -96.96 7.02
C LEU P 72 3.97 -95.51 6.88
N LYS P 73 3.88 -94.78 7.98
CA LYS P 73 4.28 -93.38 8.04
C LYS P 73 5.56 -93.24 8.87
N TYR P 74 6.23 -92.10 8.70
CA TYR P 74 7.48 -91.88 9.42
C TYR P 74 7.26 -91.64 10.90
N PRO P 75 6.31 -90.78 11.32
CA PRO P 75 6.14 -90.56 12.77
C PRO P 75 5.74 -91.82 13.51
N ALA P 76 4.72 -92.53 13.03
CA ALA P 76 4.28 -93.75 13.71
C ALA P 76 5.37 -94.81 13.70
N LEU P 77 6.09 -94.94 12.58
CA LEU P 77 7.17 -95.91 12.50
C LEU P 77 8.26 -95.60 13.52
N ILE P 78 8.66 -94.34 13.61
CA ILE P 78 9.70 -93.96 14.57
C ILE P 78 9.21 -94.19 16.00
N GLY P 79 7.95 -93.86 16.27
CA GLY P 79 7.42 -94.09 17.61
C GLY P 79 7.41 -95.55 17.99
N ASN P 80 6.96 -96.41 17.06
CA ASN P 80 6.93 -97.84 17.35
C ASN P 80 8.33 -98.40 17.50
N LEU P 81 9.30 -97.90 16.71
CA LEU P 81 10.67 -98.36 16.86
C LEU P 81 11.27 -97.92 18.19
N VAL P 82 10.90 -96.73 18.65
CA VAL P 82 11.41 -96.26 19.94
C VAL P 82 10.73 -96.98 21.09
N LYS P 83 9.50 -97.46 20.89
CA LYS P 83 8.76 -98.18 21.93
C LYS P 83 9.10 -99.66 21.96
N CYS P 84 10.36 -100.01 21.66
CA CYS P 84 10.77 -101.42 21.69
C CYS P 84 12.22 -101.58 22.13
N GLN P 85 12.86 -100.57 22.68
CA GLN P 85 14.26 -100.62 23.08
C GLN P 85 15.19 -100.92 21.90
N VAL P 86 14.74 -100.61 20.69
CA VAL P 86 15.55 -100.82 19.48
C VAL P 86 15.98 -99.46 18.95
N GLU P 87 16.96 -98.84 19.61
CA GLU P 87 17.44 -97.52 19.22
C GLU P 87 18.30 -97.65 17.96
N LEU P 88 17.89 -96.97 16.89
CA LEU P 88 18.62 -96.99 15.63
C LEU P 88 18.53 -95.61 15.00
N ASN P 89 19.68 -95.02 14.68
CA ASN P 89 19.69 -93.70 14.07
C ASN P 89 19.07 -93.75 12.68
N ARG P 90 18.94 -92.57 12.07
CA ARG P 90 18.32 -92.47 10.76
C ARG P 90 19.25 -92.92 9.64
N LYS P 91 20.56 -92.71 9.80
CA LYS P 91 21.50 -93.11 8.76
C LYS P 91 21.45 -94.61 8.53
N VAL P 92 21.50 -95.41 9.60
CA VAL P 92 21.47 -96.86 9.46
C VAL P 92 20.12 -97.30 8.89
N LEU P 93 19.04 -96.64 9.30
CA LEU P 93 17.72 -96.98 8.77
C LEU P 93 17.68 -96.78 7.26
N ALA P 94 18.17 -95.63 6.79
CA ALA P 94 18.19 -95.36 5.36
C ALA P 94 19.10 -96.33 4.63
N ASP P 95 20.28 -96.62 5.20
CA ASP P 95 21.19 -97.56 4.55
C ASP P 95 20.56 -98.93 4.41
N LEU P 96 19.84 -99.38 5.45
CA LEU P 96 19.16 -100.67 5.37
C LEU P 96 18.05 -100.64 4.34
N ALA P 97 17.22 -99.59 4.36
CA ALA P 97 16.14 -99.48 3.38
C ALA P 97 16.69 -99.47 1.96
N ILE P 98 17.89 -98.94 1.75
CA ILE P 98 18.45 -98.86 0.41
C ILE P 98 19.06 -100.20 0.00
N TYR P 99 19.90 -100.78 0.86
CA TYR P 99 20.65 -101.98 0.54
C TYR P 99 20.10 -103.23 1.22
N GLU P 100 18.95 -103.14 1.89
CA GLU P 100 18.37 -104.28 2.60
C GLU P 100 16.87 -104.08 2.72
N PRO P 101 16.12 -104.35 1.63
CA PRO P 101 14.66 -104.17 1.71
C PRO P 101 13.99 -105.13 2.67
N LYS P 102 14.51 -106.36 2.83
CA LYS P 102 13.90 -107.31 3.73
C LYS P 102 14.04 -106.87 5.19
N THR P 103 15.20 -106.29 5.55
CA THR P 103 15.39 -105.81 6.90
C THR P 103 14.39 -104.70 7.23
N PHE P 104 14.23 -103.74 6.30
CA PHE P 104 13.27 -102.67 6.53
C PHE P 104 11.84 -103.19 6.54
N LYS P 105 11.54 -104.21 5.74
CA LYS P 105 10.20 -104.81 5.78
C LYS P 105 9.93 -105.45 7.13
N SER P 106 10.90 -106.18 7.67
CA SER P 106 10.74 -106.77 9.00
C SER P 106 10.60 -105.69 10.07
N LEU P 107 11.37 -104.61 9.94
CA LEU P 107 11.26 -103.52 10.90
C LEU P 107 9.88 -102.87 10.84
N ALA P 108 9.35 -102.68 9.64
CA ALA P 108 8.02 -102.10 9.49
C ALA P 108 6.96 -103.04 10.05
N ALA P 109 7.12 -104.35 9.84
CA ALA P 109 6.18 -105.31 10.43
C ALA P 109 6.21 -105.24 11.94
N LEU P 110 7.40 -105.19 12.53
CA LEU P 110 7.51 -105.07 13.98
C LEU P 110 6.89 -103.77 14.48
N ALA P 111 7.08 -102.68 13.73
CA ALA P 111 6.50 -101.40 14.12
C ALA P 111 4.98 -101.47 14.09
N SER P 112 4.41 -102.07 13.04
CA SER P 112 2.96 -102.20 12.95
C SER P 112 2.43 -103.09 14.06
N ARG P 113 3.15 -104.16 14.40
CA ARG P 113 2.74 -105.03 15.49
C ARG P 113 2.74 -104.27 16.82
N ARG P 114 3.79 -103.48 17.06
CA ARG P 114 3.84 -102.68 18.28
C ARG P 114 2.71 -101.66 18.33
N ARG P 115 2.41 -101.04 17.19
CA ARG P 115 1.31 -100.08 17.12
C ARG P 115 -0.02 -100.75 17.46
N HIS P 116 -0.27 -101.92 16.88
CA HIS P 116 -1.51 -102.64 17.15
C HIS P 116 -1.58 -103.05 18.63
N GLU P 117 -0.47 -103.51 19.19
CA GLU P 117 -0.46 -103.91 20.59
C GLU P 117 -0.74 -102.71 21.50
N GLY P 118 -0.11 -101.57 21.21
CA GLY P 118 -0.37 -100.38 22.01
C GLY P 118 -1.81 -99.92 21.91
N PHE P 119 -2.39 -100.00 20.70
CA PHE P 119 -3.79 -99.63 20.54
C PHE P 119 -4.70 -100.56 21.34
N ALA P 120 -4.44 -101.87 21.25
CA ALA P 120 -5.25 -102.83 22.01
C ALA P 120 -5.11 -102.58 23.51
N ALA P 121 -3.91 -102.26 23.97
CA ALA P 121 -3.70 -101.98 25.39
C ALA P 121 -4.47 -100.75 25.82
N ALA P 122 -4.34 -99.66 25.05
CA ALA P 122 -5.07 -98.43 25.38
C ALA P 122 -6.57 -98.63 25.33
N LEU P 123 -7.04 -99.56 24.50
CA LEU P 123 -8.48 -99.81 24.40
C LEU P 123 -8.98 -100.65 25.56
N GLY P 124 -8.25 -101.70 25.92
CA GLY P 124 -8.70 -102.61 26.97
C GLY P 124 -7.89 -102.54 28.24
N ASP P 125 -6.91 -101.64 28.29
CA ASP P 125 -6.05 -101.48 29.46
C ASP P 125 -5.33 -102.79 29.81
N GLY P 126 -5.11 -103.64 28.81
CA GLY P 126 -4.43 -104.90 29.03
C GLY P 126 -5.24 -105.88 29.85
N LYS P 127 -4.68 -106.32 30.98
CA LYS P 127 -5.36 -107.26 31.87
C LYS P 127 -5.62 -108.58 31.17
N GLU P 128 -4.61 -109.44 31.02
CA GLU P 128 -3.23 -109.17 31.43
C GLU P 128 -2.23 -109.65 30.39
N PRO P 129 -2.31 -109.14 29.16
CA PRO P 129 -1.33 -109.51 28.15
C PRO P 129 -0.10 -108.62 28.18
N GLU P 130 -0.31 -107.32 28.30
CA GLU P 130 0.77 -106.33 28.34
C GLU P 130 1.63 -106.36 27.08
N GLY P 131 1.08 -106.86 25.97
CA GLY P 131 1.82 -106.92 24.72
C GLY P 131 2.98 -107.88 24.77
N ILE P 132 2.93 -108.93 23.94
CA ILE P 132 4.03 -109.89 23.90
C ILE P 132 5.32 -109.23 23.46
N PHE P 133 5.23 -108.21 22.59
CA PHE P 133 6.40 -107.49 22.15
C PHE P 133 6.75 -106.29 23.03
N SER P 134 5.78 -105.80 23.81
CA SER P 134 6.02 -104.67 24.70
C SER P 134 6.81 -105.11 25.92
N ARG P 135 6.53 -104.50 27.07
CA ARG P 135 7.24 -104.84 28.31
C ARG P 135 8.73 -104.64 28.15
N VAL P 136 9.20 -103.40 28.35
CA VAL P 136 10.62 -103.12 28.18
C VAL P 136 11.42 -103.89 29.23
N VAL P 137 12.67 -104.20 28.88
CA VAL P 137 13.56 -104.93 29.78
C VAL P 137 14.14 -103.94 30.79
N GLN P 138 13.83 -104.14 32.06
CA GLN P 138 14.33 -103.25 33.10
C GLN P 138 15.83 -103.45 33.30
N TYR P 139 16.47 -102.43 33.85
CA TYR P 139 17.89 -102.44 34.11
C TYR P 139 18.16 -101.90 35.51
N HIS P 140 19.36 -102.19 36.02
CA HIS P 140 19.76 -101.75 37.35
C HIS P 140 21.27 -101.61 37.45
N GLY Q 1 -26.54 -101.18 22.52
CA GLY Q 1 -25.94 -100.03 21.88
C GLY Q 1 -25.49 -100.34 20.45
N TYR Q 2 -26.43 -100.81 19.62
CA TYR Q 2 -26.12 -101.14 18.24
C TYR Q 2 -26.04 -99.88 17.40
N VAL Q 3 -25.14 -99.88 16.42
CA VAL Q 3 -24.95 -98.75 15.54
C VAL Q 3 -25.08 -99.24 14.09
N PRO Q 4 -26.12 -98.83 13.35
CA PRO Q 4 -26.24 -99.28 11.97
C PRO Q 4 -25.02 -98.90 11.15
N LYS Q 5 -24.69 -99.76 10.18
CA LYS Q 5 -23.53 -99.53 9.34
C LYS Q 5 -23.74 -98.29 8.49
N THR Q 6 -22.86 -97.30 8.66
CA THR Q 6 -22.94 -96.05 7.90
C THR Q 6 -21.52 -95.66 7.50
N SER Q 7 -21.38 -94.46 6.94
CA SER Q 7 -20.07 -93.97 6.51
C SER Q 7 -19.17 -93.63 7.70
N LEU Q 8 -19.74 -93.41 8.89
CA LEU Q 8 -18.96 -93.08 10.07
C LEU Q 8 -19.35 -93.92 11.27
N SER Q 9 -20.13 -94.99 11.08
CA SER Q 9 -20.51 -95.84 12.21
C SER Q 9 -19.28 -96.48 12.85
N SER Q 10 -18.38 -96.99 12.04
CA SER Q 10 -17.14 -97.60 12.50
C SER Q 10 -15.94 -96.86 11.92
N PRO Q 11 -14.76 -97.02 12.50
CA PRO Q 11 -13.58 -96.33 11.98
C PRO Q 11 -13.28 -96.76 10.54
N PRO Q 12 -12.48 -95.99 9.81
CA PRO Q 12 -12.17 -96.37 8.43
C PRO Q 12 -11.09 -97.45 8.35
N TRP Q 13 -10.15 -97.42 9.29
CA TRP Q 13 -9.07 -98.39 9.28
C TRP Q 13 -9.62 -99.79 9.58
N PRO Q 14 -8.92 -100.84 9.14
CA PRO Q 14 -9.39 -102.20 9.41
C PRO Q 14 -9.13 -102.59 10.86
N GLU Q 15 -10.17 -103.11 11.51
CA GLU Q 15 -10.09 -103.53 12.91
C GLU Q 15 -9.51 -104.93 12.95
N VAL Q 16 -8.19 -105.01 13.10
CA VAL Q 16 -7.50 -106.28 13.16
C VAL Q 16 -7.52 -106.80 14.60
N VAL Q 17 -7.18 -108.08 14.79
CA VAL Q 17 -7.16 -108.70 16.09
C VAL Q 17 -5.90 -109.54 16.21
N LEU Q 18 -5.27 -109.51 17.38
CA LEU Q 18 -4.05 -110.27 17.63
C LEU Q 18 -4.40 -111.67 18.11
N PRO Q 19 -3.50 -112.63 17.92
CA PRO Q 19 -3.76 -114.01 18.34
C PRO Q 19 -3.60 -114.16 19.84
N ASP Q 20 -3.84 -115.38 20.33
CA ASP Q 20 -3.73 -115.66 21.75
C ASP Q 20 -2.27 -115.65 22.18
N PRO Q 21 -2.01 -115.44 23.47
CA PRO Q 21 -0.61 -115.41 23.93
C PRO Q 21 0.06 -116.78 23.92
N VAL Q 22 -0.68 -117.85 24.22
CA VAL Q 22 -0.08 -119.18 24.25
C VAL Q 22 0.41 -119.58 22.86
N GLU Q 23 -0.46 -119.47 21.86
CA GLU Q 23 -0.06 -119.80 20.49
C GLU Q 23 1.02 -118.86 19.98
N GLU Q 24 0.98 -117.59 20.39
CA GLU Q 24 2.01 -116.65 19.99
C GLU Q 24 3.37 -117.06 20.52
N THR Q 25 3.43 -117.41 21.81
CA THR Q 25 4.69 -117.87 22.40
C THR Q 25 5.15 -119.18 21.77
N ARG Q 26 4.20 -120.06 21.45
CA ARG Q 26 4.56 -121.31 20.79
C ARG Q 26 5.20 -121.06 19.43
N HIS Q 27 4.59 -120.17 18.64
CA HIS Q 27 5.16 -119.84 17.33
C HIS Q 27 6.52 -119.16 17.49
N HIS Q 28 6.66 -118.30 18.49
CA HIS Q 28 7.94 -117.65 18.74
C HIS Q 28 9.02 -118.68 19.03
N ALA Q 29 8.72 -119.63 19.92
CA ALA Q 29 9.69 -120.67 20.25
C ALA Q 29 10.01 -121.53 19.04
N GLU Q 30 9.01 -121.83 18.22
CA GLU Q 30 9.24 -122.64 17.01
C GLU Q 30 10.17 -121.91 16.05
N VAL Q 31 9.93 -120.62 15.82
CA VAL Q 31 10.78 -119.86 14.91
C VAL Q 31 12.18 -119.72 15.49
N VAL Q 32 12.29 -119.57 16.81
CA VAL Q 32 13.60 -119.48 17.44
C VAL Q 32 14.38 -120.77 17.24
N LYS Q 33 13.71 -121.91 17.44
CA LYS Q 33 14.37 -123.19 17.22
C LYS Q 33 14.78 -123.36 15.75
N LYS Q 34 13.91 -122.93 14.83
CA LYS Q 34 14.25 -123.01 13.42
C LYS Q 34 15.48 -122.19 13.09
N VAL Q 35 15.54 -120.96 13.62
CA VAL Q 35 16.68 -120.09 13.36
C VAL Q 35 17.95 -120.68 13.99
N ASN Q 36 17.83 -121.26 15.19
CA ASN Q 36 18.98 -121.88 15.83
C ASN Q 36 19.50 -123.04 15.00
N GLU Q 37 18.60 -123.88 14.48
CA GLU Q 37 19.02 -125.00 13.64
C GLU Q 37 19.67 -124.50 12.36
N MET Q 38 19.10 -123.45 11.75
CA MET Q 38 19.68 -122.90 10.53
C MET Q 38 21.08 -122.36 10.79
N ILE Q 39 21.28 -121.72 11.94
CA ILE Q 39 22.60 -121.18 12.27
C ILE Q 39 23.58 -122.30 12.55
N VAL Q 40 23.13 -123.36 13.23
CA VAL Q 40 24.01 -124.49 13.52
C VAL Q 40 24.43 -125.19 12.24
N THR Q 41 23.51 -125.30 11.27
CA THR Q 41 23.82 -125.95 10.01
C THR Q 41 24.76 -125.13 9.13
N GLY Q 42 25.05 -123.89 9.51
CA GLY Q 42 25.95 -123.06 8.73
C GLY Q 42 25.38 -122.61 7.40
N GLN Q 43 24.13 -122.16 7.38
CA GLN Q 43 23.49 -121.72 6.15
C GLN Q 43 23.70 -120.24 5.87
N TYR Q 44 24.03 -119.44 6.89
CA TYR Q 44 24.22 -118.02 6.69
C TYR Q 44 25.45 -117.76 5.81
N GLY Q 45 25.49 -116.57 5.22
CA GLY Q 45 26.59 -116.18 4.37
C GLY Q 45 26.80 -114.68 4.35
N ARG Q 46 28.03 -114.24 4.63
CA ARG Q 46 28.35 -112.82 4.68
C ARG Q 46 27.44 -112.11 5.67
N LEU Q 47 27.82 -112.14 6.95
CA LEU Q 47 27.02 -111.51 7.99
C LEU Q 47 27.30 -110.01 8.03
N PHE Q 48 26.38 -109.28 8.66
CA PHE Q 48 26.50 -107.85 8.82
C PHE Q 48 26.00 -107.46 10.20
N ALA Q 49 26.63 -106.44 10.79
CA ALA Q 49 26.28 -105.99 12.13
C ALA Q 49 26.35 -104.47 12.17
N VAL Q 50 25.44 -103.86 12.92
CA VAL Q 50 25.40 -102.42 13.10
C VAL Q 50 26.16 -102.11 14.39
N VAL Q 51 27.45 -101.80 14.25
CA VAL Q 51 28.31 -101.51 15.39
C VAL Q 51 28.17 -100.03 15.73
N HIS Q 52 27.82 -99.75 16.98
CA HIS Q 52 27.67 -98.37 17.45
C HIS Q 52 28.98 -97.98 18.16
N PHE Q 53 29.97 -97.63 17.35
CA PHE Q 53 31.27 -97.22 17.83
C PHE Q 53 31.51 -95.74 17.55
N ALA Q 54 32.29 -95.10 18.42
CA ALA Q 54 32.60 -93.67 18.31
C ALA Q 54 31.32 -92.83 18.28
N SER Q 55 30.28 -93.29 18.97
CA SER Q 55 29.01 -92.57 19.03
C SER Q 55 28.35 -92.49 17.65
N ARG Q 56 28.58 -93.51 16.82
CA ARG Q 56 28.01 -93.54 15.48
C ARG Q 56 27.71 -95.00 15.11
N GLN Q 57 26.54 -95.22 14.54
CA GLN Q 57 26.10 -96.55 14.14
C GLN Q 57 26.52 -96.78 12.69
N TRP Q 58 27.49 -97.67 12.49
CA TRP Q 58 28.00 -97.99 11.16
C TRP Q 58 27.40 -99.30 10.69
N LYS Q 59 26.87 -99.30 9.46
CA LYS Q 59 26.31 -100.50 8.85
C LYS Q 59 27.48 -101.36 8.35
N VAL Q 60 28.10 -102.06 9.28
CA VAL Q 60 29.28 -102.87 8.97
C VAL Q 60 28.83 -104.19 8.35
N THR Q 61 29.63 -104.69 7.41
CA THR Q 61 29.36 -105.96 6.76
C THR Q 61 30.57 -106.88 6.86
N SER Q 62 31.57 -106.67 6.02
CA SER Q 62 32.79 -107.45 6.05
C SER Q 62 33.81 -106.82 5.12
N GLU Q 63 35.06 -106.73 5.58
CA GLU Q 63 36.15 -106.16 4.81
C GLU Q 63 35.93 -104.69 4.48
N ASP Q 64 35.10 -104.01 5.25
CA ASP Q 64 34.82 -102.59 5.04
C ASP Q 64 35.71 -101.73 5.93
N LEU Q 65 35.95 -100.51 5.48
CA LEU Q 65 36.80 -99.56 6.20
C LEU Q 65 35.96 -98.58 7.00
N ILE Q 66 36.54 -98.09 8.10
CA ILE Q 66 35.90 -97.10 8.95
C ILE Q 66 36.95 -96.09 9.38
N LEU Q 67 36.59 -94.82 9.36
CA LEU Q 67 37.48 -93.73 9.76
C LEU Q 67 36.83 -92.94 10.88
N ILE Q 68 37.50 -92.87 12.02
CA ILE Q 68 37.01 -92.16 13.20
C ILE Q 68 37.76 -90.85 13.32
N GLY Q 69 37.08 -89.83 13.84
CA GLY Q 69 37.68 -88.51 13.98
C GLY Q 69 38.17 -88.22 15.39
N ASN Q 70 39.09 -89.04 15.88
CA ASN Q 70 39.68 -88.87 17.19
C ASN Q 70 40.83 -89.86 17.32
N GLU Q 71 41.42 -89.93 18.51
CA GLU Q 71 42.53 -90.83 18.79
C GLU Q 71 42.08 -91.91 19.78
N LEU Q 72 42.60 -93.12 19.60
CA LEU Q 72 42.27 -94.24 20.46
C LEU Q 72 43.46 -94.76 21.27
N ASP Q 73 44.68 -94.30 21.00
CA ASP Q 73 45.87 -94.74 21.71
C ASP Q 73 46.05 -96.26 21.60
N LEU Q 74 46.28 -96.68 20.36
CA LEU Q 74 46.48 -98.09 20.06
C LEU Q 74 47.51 -98.21 18.93
N ALA Q 75 48.48 -99.09 19.11
CA ALA Q 75 49.50 -99.30 18.09
C ALA Q 75 48.87 -99.89 16.84
N CYS Q 76 49.24 -99.34 15.67
CA CYS Q 76 48.71 -99.82 14.41
C CYS Q 76 49.12 -101.27 14.18
N GLY Q 77 48.14 -102.17 14.14
CA GLY Q 77 48.40 -103.58 13.95
C GLY Q 77 48.04 -104.41 15.16
N GLU Q 78 46.88 -104.14 15.74
CA GLU Q 78 46.40 -104.87 16.91
C GLU Q 78 44.93 -105.20 16.74
N ARG Q 79 44.56 -106.42 17.12
CA ARG Q 79 43.17 -106.86 16.99
C ARG Q 79 42.32 -106.24 18.09
N ILE Q 80 41.12 -105.81 17.72
CA ILE Q 80 40.19 -105.18 18.65
C ILE Q 80 38.85 -105.91 18.57
N ARG Q 81 38.17 -106.02 19.71
CA ARG Q 81 36.87 -106.66 19.80
C ARG Q 81 35.82 -105.59 20.11
N LEU Q 82 34.93 -105.33 19.17
CA LEU Q 82 33.90 -104.33 19.33
C LEU Q 82 32.65 -104.94 19.94
N GLU Q 83 31.85 -104.10 20.60
CA GLU Q 83 30.63 -104.53 21.26
C GLU Q 83 29.51 -103.54 20.91
N LYS Q 84 28.43 -103.58 21.68
CA LYS Q 84 27.29 -102.70 21.50
C LYS Q 84 26.54 -102.96 20.19
N VAL Q 85 26.63 -104.18 19.65
CA VAL Q 85 25.93 -104.51 18.44
C VAL Q 85 24.45 -104.71 18.75
N LEU Q 86 23.57 -104.30 17.83
CA LEU Q 86 22.14 -104.43 18.05
C LEU Q 86 21.36 -104.71 16.77
N LEU Q 87 22.00 -105.19 15.71
CA LEU Q 87 21.30 -105.48 14.45
C LEU Q 87 22.21 -106.40 13.63
N VAL Q 88 22.08 -107.70 13.86
CA VAL Q 88 22.88 -108.71 13.17
C VAL Q 88 21.95 -109.57 12.33
N GLY Q 89 22.43 -109.97 11.15
CA GLY Q 89 21.63 -110.79 10.27
C GLY Q 89 22.38 -111.08 8.98
N ALA Q 90 21.62 -111.49 7.97
CA ALA Q 90 22.20 -111.79 6.67
C ALA Q 90 21.12 -112.00 5.62
N ASP Q 91 20.56 -113.21 5.56
CA ASP Q 91 19.53 -113.54 4.58
C ASP Q 91 18.55 -114.52 5.21
N ASN Q 92 17.26 -114.23 5.06
CA ASN Q 92 16.17 -115.05 5.57
C ASN Q 92 16.07 -115.02 7.10
N PHE Q 93 16.82 -114.15 7.76
CA PHE Q 93 16.76 -114.06 9.22
C PHE Q 93 17.52 -112.81 9.65
N THR Q 94 17.16 -112.31 10.83
CA THR Q 94 17.80 -111.14 11.42
C THR Q 94 17.89 -111.33 12.93
N LEU Q 95 18.70 -110.49 13.57
CA LEU Q 95 18.89 -110.54 15.01
C LEU Q 95 19.14 -109.14 15.52
N LEU Q 96 18.52 -108.81 16.65
CA LEU Q 96 18.68 -107.50 17.26
C LEU Q 96 18.34 -107.60 18.74
N GLY Q 97 19.10 -106.88 19.56
CA GLY Q 97 18.90 -106.88 20.99
C GLY Q 97 17.82 -105.94 21.44
N LYS Q 98 17.92 -105.51 22.69
CA LYS Q 98 16.96 -104.58 23.29
C LYS Q 98 17.66 -103.73 24.33
N PRO Q 99 18.59 -102.85 23.91
CA PRO Q 99 19.04 -102.65 22.53
C PRO Q 99 20.23 -103.53 22.15
N LEU Q 100 21.25 -103.54 22.99
CA LEU Q 100 22.46 -104.29 22.71
C LEU Q 100 22.19 -105.79 22.78
N LEU Q 101 23.03 -106.55 22.09
CA LEU Q 101 22.94 -108.00 22.05
C LEU Q 101 23.90 -108.63 23.04
N GLY Q 102 23.77 -109.94 23.23
CA GLY Q 102 24.65 -110.65 24.14
C GLY Q 102 26.06 -110.70 23.63
N LYS Q 103 27.02 -110.64 24.55
CA LYS Q 103 28.43 -110.68 24.16
C LYS Q 103 28.80 -112.03 23.57
N ASP Q 104 28.30 -113.13 24.15
CA ASP Q 104 28.59 -114.45 23.64
C ASP Q 104 27.84 -114.77 22.36
N LEU Q 105 26.92 -113.91 21.93
CA LEU Q 105 26.15 -114.15 20.71
C LEU Q 105 26.81 -113.57 19.48
N VAL Q 106 27.55 -112.47 19.61
CA VAL Q 106 28.19 -111.81 18.49
C VAL Q 106 29.65 -111.54 18.85
N ARG Q 107 30.51 -111.54 17.83
CA ARG Q 107 31.94 -111.27 18.02
C ARG Q 107 32.45 -110.56 16.78
N VAL Q 108 32.76 -109.27 16.93
CA VAL Q 108 33.24 -108.45 15.83
C VAL Q 108 34.75 -108.29 15.99
N GLU Q 109 35.51 -108.76 15.00
CA GLU Q 109 36.96 -108.67 15.01
C GLU Q 109 37.39 -107.52 14.10
N ALA Q 110 38.17 -106.59 14.66
CA ALA Q 110 38.64 -105.44 13.92
C ALA Q 110 40.13 -105.24 14.21
N THR Q 111 40.77 -104.44 13.35
CA THR Q 111 42.18 -104.14 13.47
C THR Q 111 42.41 -102.67 13.15
N VAL Q 112 43.64 -102.21 13.38
CA VAL Q 112 44.04 -100.84 13.10
C VAL Q 112 45.06 -100.85 11.97
N ILE Q 113 44.89 -99.96 11.01
CA ILE Q 113 45.75 -99.86 9.84
C ILE Q 113 46.67 -98.65 9.92
N GLU Q 114 46.12 -97.49 10.25
CA GLU Q 114 46.90 -96.26 10.31
C GLU Q 114 46.21 -95.28 11.24
N LYS Q 115 46.91 -94.17 11.53
CA LYS Q 115 46.39 -93.10 12.38
C LYS Q 115 46.82 -91.77 11.75
N THR Q 116 46.04 -91.33 10.77
CA THR Q 116 46.34 -90.11 10.04
C THR Q 116 45.61 -88.92 10.65
N GLU Q 117 45.73 -87.76 10.01
CA GLU Q 117 45.07 -86.54 10.44
C GLU Q 117 44.13 -86.05 9.34
N SER Q 118 43.19 -85.19 9.74
CA SER Q 118 42.24 -84.63 8.79
C SER Q 118 42.90 -83.55 7.94
N TRP Q 119 42.34 -83.33 6.76
CA TRP Q 119 42.87 -82.32 5.86
C TRP Q 119 42.82 -80.95 6.55
N PRO Q 120 43.69 -80.01 6.15
CA PRO Q 120 43.72 -78.71 6.82
C PRO Q 120 42.38 -77.98 6.77
N ARG Q 121 41.62 -78.08 7.85
CA ARG Q 121 40.34 -77.36 7.94
C ARG Q 121 40.57 -75.91 8.32
N ILE Q 122 39.87 -75.02 7.63
CA ILE Q 122 40.04 -73.58 7.82
C ILE Q 122 38.86 -73.05 8.62
N ILE Q 123 39.14 -72.26 9.65
CA ILE Q 123 38.13 -71.59 10.45
C ILE Q 123 38.24 -70.09 10.20
N MET Q 124 37.09 -69.43 10.06
CA MET Q 124 37.06 -68.02 9.72
C MET Q 124 35.77 -67.41 10.22
N ARG Q 125 35.85 -66.16 10.70
CA ARG Q 125 34.69 -65.42 11.17
C ARG Q 125 34.80 -63.99 10.67
N PHE Q 126 33.66 -63.43 10.27
CA PHE Q 126 33.63 -62.08 9.72
C PHE Q 126 32.32 -61.41 10.10
N ARG Q 127 32.35 -60.07 10.16
CA ARG Q 127 31.18 -59.28 10.48
C ARG Q 127 31.17 -58.03 9.60
N LYS Q 128 30.16 -57.20 9.76
CA LYS Q 128 29.95 -56.03 8.92
C LYS Q 128 30.43 -54.78 9.65
N ARG Q 129 31.47 -54.16 9.10
CA ARG Q 129 32.01 -52.88 9.58
C ARG Q 129 32.42 -52.92 11.05
N LYS Q 130 32.59 -54.11 11.62
CA LYS Q 130 33.03 -54.27 12.99
C LYS Q 130 34.50 -54.64 13.10
N ASN Q 131 35.24 -54.64 11.99
CA ASN Q 131 36.65 -55.00 11.99
C ASN Q 131 36.88 -56.39 12.57
N PHE Q 132 35.89 -57.26 12.43
CA PHE Q 132 35.97 -58.63 12.95
C PHE Q 132 36.53 -59.53 11.86
N LYS Q 133 37.74 -60.03 12.06
CA LYS Q 133 38.38 -60.92 11.09
C LYS Q 133 39.25 -61.90 11.88
N LYS Q 134 38.71 -63.09 12.14
CA LYS Q 134 39.40 -64.13 12.88
C LYS Q 134 39.68 -65.31 11.97
N LYS Q 135 40.86 -65.91 12.13
CA LYS Q 135 41.27 -67.05 11.31
C LYS Q 135 41.99 -68.07 12.18
N ARG Q 136 41.89 -69.33 11.79
CA ARG Q 136 42.52 -70.42 12.53
C ARG Q 136 42.44 -71.68 11.69
N ILE Q 137 43.51 -72.49 11.74
CA ILE Q 137 43.59 -73.76 11.04
C ILE Q 137 43.58 -74.87 12.08
N VAL Q 138 42.83 -75.94 11.80
CA VAL Q 138 42.69 -77.08 12.69
C VAL Q 138 42.93 -78.36 11.89
N THR Q 139 43.62 -79.33 12.52
CA THR Q 139 43.91 -80.62 11.90
C THR Q 139 43.64 -81.70 12.96
N THR Q 140 42.37 -82.07 13.10
CA THR Q 140 41.99 -83.07 14.07
C THR Q 140 42.59 -84.43 13.70
N PRO Q 141 42.79 -85.31 14.67
CA PRO Q 141 43.35 -86.62 14.37
C PRO Q 141 42.31 -87.55 13.74
N GLN Q 142 42.82 -88.59 13.09
CA GLN Q 142 41.97 -89.57 12.42
C GLN Q 142 42.58 -90.95 12.58
N THR Q 143 41.76 -91.97 12.35
CA THR Q 143 42.18 -93.36 12.46
C THR Q 143 41.53 -94.16 11.35
N VAL Q 144 41.92 -95.42 11.23
CA VAL Q 144 41.38 -96.34 10.24
C VAL Q 144 41.20 -97.70 10.88
N LEU Q 145 40.08 -98.36 10.56
CA LEU Q 145 39.75 -99.67 11.10
C LEU Q 145 39.30 -100.59 9.98
N ARG Q 146 39.46 -101.89 10.20
CA ARG Q 146 39.06 -102.90 9.23
C ARG Q 146 38.50 -104.10 9.99
N ILE Q 147 37.22 -104.39 9.77
CA ILE Q 147 36.58 -105.52 10.44
C ILE Q 147 36.94 -106.78 9.67
N ASN Q 148 37.69 -107.68 10.32
CA ASN Q 148 38.10 -108.92 9.67
C ASN Q 148 36.89 -109.79 9.36
N SER Q 149 36.18 -110.23 10.41
CA SER Q 149 35.01 -111.07 10.24
C SER Q 149 34.08 -110.86 11.43
N ILE Q 150 32.87 -111.40 11.31
CA ILE Q 150 31.85 -111.30 12.35
C ILE Q 150 31.38 -112.73 12.63
N GLU Q 151 31.81 -113.29 13.74
CA GLU Q 151 31.41 -114.64 14.11
C GLU Q 151 30.06 -114.61 14.82
N ILE Q 152 29.46 -115.80 14.95
CA ILE Q 152 28.15 -115.94 15.59
C ILE Q 152 28.07 -117.34 16.20
N ALA Q 153 27.35 -117.44 17.31
CA ALA Q 153 27.17 -118.70 18.00
C ALA Q 153 25.69 -119.06 18.06
N PRO Q 154 25.34 -120.31 18.39
CA PRO Q 154 23.92 -120.67 18.45
C PRO Q 154 23.29 -120.37 19.80
N CYS Q 155 23.93 -119.49 20.58
CA CYS Q 155 23.42 -119.13 21.89
C CYS Q 155 22.08 -118.44 21.76
N LEU Q 156 21.00 -119.15 22.10
CA LEU Q 156 19.65 -118.60 22.02
C LEU Q 156 18.78 -119.13 23.16
N ILE R 1 60.45 -55.78 -24.08
CA ILE R 1 61.02 -56.45 -25.23
C ILE R 1 61.14 -57.95 -24.94
N SER R 2 60.79 -58.76 -25.93
CA SER R 2 60.86 -60.21 -25.78
C SER R 2 60.70 -60.91 -27.13
N ARG R 3 61.81 -61.26 -27.77
CA ARG R 3 61.81 -61.94 -29.05
C ARG R 3 62.02 -63.44 -28.81
N LYS R 4 61.06 -64.25 -29.26
CA LYS R 4 61.13 -65.69 -29.06
C LYS R 4 60.66 -66.44 -30.30
N TRP R 5 59.66 -65.90 -30.99
CA TRP R 5 59.18 -66.55 -32.20
C TRP R 5 60.28 -66.73 -33.23
N GLU R 6 61.22 -65.79 -33.29
CA GLU R 6 62.35 -65.91 -34.21
C GLU R 6 63.36 -66.93 -33.73
N LYS R 7 63.49 -67.11 -32.41
CA LYS R 7 64.42 -68.09 -31.86
C LYS R 7 63.88 -69.52 -31.93
N LYS R 8 62.56 -69.69 -31.99
CA LYS R 8 61.98 -71.02 -32.07
C LYS R 8 62.33 -71.73 -33.38
N ASN R 9 62.74 -70.98 -34.40
CA ASN R 9 63.11 -71.57 -35.68
C ASN R 9 64.41 -72.35 -35.62
N LYS R 10 65.15 -72.27 -34.52
CA LYS R 10 66.43 -72.94 -34.37
C LYS R 10 66.35 -74.20 -33.53
N ILE R 11 65.14 -74.69 -33.23
CA ILE R 11 64.99 -75.91 -32.46
C ILE R 11 65.46 -77.10 -33.30
N VAL R 12 66.18 -78.01 -32.67
CA VAL R 12 66.75 -79.18 -33.34
C VAL R 12 66.29 -80.43 -32.60
N TYR R 13 65.71 -81.36 -33.34
CA TYR R 13 65.27 -82.64 -32.81
C TYR R 13 66.27 -83.73 -33.15
N PRO R 14 66.31 -84.81 -32.37
CA PRO R 14 67.24 -85.90 -32.66
C PRO R 14 66.88 -86.60 -33.96
N PRO R 15 67.79 -87.41 -34.51
CA PRO R 15 67.49 -88.10 -35.77
C PRO R 15 66.43 -89.17 -35.56
N GLN R 16 65.40 -89.15 -36.41
CA GLN R 16 64.32 -90.12 -36.31
C GLN R 16 64.78 -91.47 -36.84
N LEU R 17 64.09 -92.51 -36.39
CA LEU R 17 64.37 -93.88 -36.79
C LEU R 17 63.47 -94.31 -37.92
N PRO R 18 63.81 -95.39 -38.63
CA PRO R 18 62.94 -95.84 -39.73
C PRO R 18 61.51 -96.12 -39.29
N GLY R 19 61.33 -96.79 -38.15
CA GLY R 19 60.01 -97.10 -37.65
C GLY R 19 59.41 -95.95 -36.86
N GLU R 20 59.19 -94.83 -37.53
CA GLU R 20 58.63 -93.64 -36.89
C GLU R 20 57.85 -92.85 -37.94
N PRO R 21 56.91 -92.01 -37.51
CA PRO R 21 56.14 -91.22 -38.49
C PRO R 21 57.00 -90.20 -39.21
N ARG R 22 56.39 -89.46 -40.15
CA ARG R 22 57.13 -88.46 -40.91
C ARG R 22 57.36 -87.18 -40.12
N ARG R 23 56.48 -86.88 -39.15
CA ARG R 23 56.60 -85.69 -38.35
C ARG R 23 56.52 -84.44 -39.23
N PRO R 24 55.35 -83.81 -39.34
CA PRO R 24 55.23 -82.63 -40.20
C PRO R 24 56.09 -81.48 -39.70
N ALA R 25 56.80 -80.85 -40.63
CA ALA R 25 57.68 -79.74 -40.28
C ALA R 25 56.88 -78.50 -39.90
N GLU R 26 57.29 -77.85 -38.83
CA GLU R 26 56.66 -76.62 -38.36
C GLU R 26 57.46 -75.42 -38.82
N ILE R 27 56.74 -74.31 -39.04
CA ILE R 27 57.35 -73.07 -39.51
C ILE R 27 56.98 -71.95 -38.55
N TYR R 28 57.90 -71.00 -38.39
CA TYR R 28 57.68 -69.85 -37.52
C TYR R 28 58.21 -68.60 -38.20
N HIS R 29 57.43 -67.53 -38.14
CA HIS R 29 57.80 -66.26 -38.75
C HIS R 29 56.86 -65.18 -38.26
N CYS R 30 57.38 -63.96 -38.13
CA CYS R 30 56.59 -62.83 -37.66
C CYS R 30 57.33 -61.55 -37.97
N ARG R 31 56.56 -60.48 -38.19
CA ARG R 31 57.10 -59.16 -38.47
C ARG R 31 56.88 -58.26 -37.26
N ARG R 32 57.92 -57.53 -36.86
CA ARG R 32 57.86 -56.66 -35.70
C ARG R 32 57.55 -55.23 -36.11
N GLN R 33 56.85 -54.52 -35.24
CA GLN R 33 56.49 -53.13 -35.49
C GLN R 33 55.67 -52.99 -36.77
N ILE R 34 54.35 -53.01 -36.64
CA ILE R 34 53.43 -52.87 -37.77
C ILE R 34 52.45 -51.75 -37.44
N LYS R 35 52.48 -50.68 -38.24
CA LYS R 35 51.59 -49.54 -38.04
C LYS R 35 50.16 -49.98 -38.37
N TYR R 36 49.53 -50.62 -37.39
CA TYR R 36 48.16 -51.10 -37.55
C TYR R 36 47.64 -51.51 -36.18
N SER R 37 46.31 -51.63 -36.10
CA SER R 37 45.67 -52.02 -34.85
C SER R 37 45.84 -53.52 -34.62
N LYS R 38 45.28 -54.00 -33.50
CA LYS R 38 45.38 -55.40 -33.13
C LYS R 38 44.08 -56.17 -33.32
N ASP R 39 42.92 -55.53 -33.13
CA ASP R 39 41.65 -56.23 -33.30
C ASP R 39 41.46 -56.66 -34.75
N LYS R 40 41.79 -55.79 -35.70
CA LYS R 40 41.66 -56.17 -37.12
C LYS R 40 42.64 -57.27 -37.48
N MET R 41 43.86 -57.22 -36.91
CA MET R 41 44.83 -58.29 -37.17
C MET R 41 44.32 -59.62 -36.62
N TRP R 42 43.71 -59.60 -35.43
CA TRP R 42 43.15 -60.83 -34.88
C TRP R 42 41.97 -61.32 -35.70
N TYR R 43 41.16 -60.40 -36.22
CA TYR R 43 40.07 -60.78 -37.13
C TYR R 43 40.63 -61.50 -38.36
N LEU R 44 41.67 -60.92 -38.97
CA LEU R 44 42.27 -61.54 -40.14
C LEU R 44 42.86 -62.90 -39.80
N ALA R 45 43.50 -63.02 -38.63
CA ALA R 45 44.06 -64.29 -38.21
C ALA R 45 42.98 -65.35 -38.05
N LYS R 46 41.90 -65.01 -37.35
CA LYS R 46 40.79 -65.94 -37.20
C LYS R 46 40.21 -66.33 -38.56
N LEU R 47 40.12 -65.37 -39.47
CA LEU R 47 39.66 -65.70 -40.82
C LEU R 47 40.60 -66.66 -41.52
N ILE R 48 41.90 -66.55 -41.25
CA ILE R 48 42.90 -67.42 -41.86
C ILE R 48 43.49 -68.33 -40.79
N ARG R 49 42.85 -69.47 -40.55
CA ARG R 49 43.32 -70.42 -39.55
C ARG R 49 43.23 -71.84 -40.08
N GLY R 50 42.00 -72.31 -40.34
CA GLY R 50 41.81 -73.66 -40.85
C GLY R 50 42.09 -73.81 -42.33
N MET R 51 42.10 -72.71 -43.08
CA MET R 51 42.36 -72.78 -44.51
C MET R 51 43.84 -73.03 -44.78
N SER R 52 44.14 -73.42 -46.01
CA SER R 52 45.51 -73.70 -46.42
C SER R 52 46.21 -72.39 -46.78
N ILE R 53 47.42 -72.50 -47.32
CA ILE R 53 48.17 -71.30 -47.69
C ILE R 53 47.65 -70.72 -48.99
N ASP R 54 47.28 -71.57 -49.95
CA ASP R 54 46.76 -71.08 -51.23
C ASP R 54 45.45 -70.33 -51.03
N GLN R 55 44.50 -70.95 -50.31
CA GLN R 55 43.23 -70.29 -50.05
C GLN R 55 43.44 -69.03 -49.21
N ALA R 56 44.38 -69.07 -48.27
CA ALA R 56 44.67 -67.88 -47.46
C ALA R 56 45.14 -66.73 -48.33
N LEU R 57 46.09 -66.99 -49.24
CA LEU R 57 46.58 -65.94 -50.12
C LEU R 57 45.48 -65.46 -51.06
N ALA R 58 44.64 -66.38 -51.55
CA ALA R 58 43.54 -65.98 -52.43
C ALA R 58 42.57 -65.07 -51.71
N GLN R 59 42.26 -65.36 -50.46
CA GLN R 59 41.35 -64.50 -49.69
C GLN R 59 42.01 -63.18 -49.33
N LEU R 60 43.32 -63.18 -49.10
CA LEU R 60 44.01 -61.94 -48.76
C LEU R 60 44.10 -61.01 -49.96
N GLU R 61 44.33 -61.56 -51.15
CA GLU R 61 44.45 -60.74 -52.35
C GLU R 61 43.17 -60.00 -52.70
N PHE R 62 42.05 -60.33 -52.06
CA PHE R 62 40.77 -59.67 -52.31
C PHE R 62 40.12 -59.26 -51.00
N ASN R 63 40.92 -58.82 -50.04
CA ASN R 63 40.44 -58.36 -48.74
C ASN R 63 40.77 -56.88 -48.59
N ASP R 64 39.74 -56.04 -48.70
CA ASP R 64 39.90 -54.59 -48.60
C ASP R 64 40.30 -54.25 -47.17
N LYS R 65 41.59 -54.43 -46.87
CA LYS R 65 42.13 -54.13 -45.55
C LYS R 65 43.61 -53.85 -45.68
N LYS R 66 44.10 -52.88 -44.90
CA LYS R 66 45.51 -52.53 -44.96
C LYS R 66 46.38 -53.71 -44.55
N GLY R 67 46.00 -54.43 -43.50
CA GLY R 67 46.77 -55.58 -43.04
C GLY R 67 46.76 -56.76 -43.98
N ALA R 68 45.90 -56.75 -45.00
CA ALA R 68 45.83 -57.87 -45.93
C ALA R 68 47.16 -58.03 -46.67
N LYS R 69 47.69 -56.92 -47.21
CA LYS R 69 48.95 -56.99 -47.94
C LYS R 69 50.09 -57.39 -47.02
N ILE R 70 50.08 -56.91 -45.78
CA ILE R 70 51.13 -57.25 -44.83
C ILE R 70 51.11 -58.75 -44.55
N ILE R 71 49.90 -59.30 -44.31
CA ILE R 71 49.79 -60.72 -44.04
C ILE R 71 50.19 -61.54 -45.25
N LYS R 72 49.83 -61.07 -46.46
CA LYS R 72 50.22 -61.78 -47.67
C LYS R 72 51.74 -61.81 -47.82
N GLU R 73 52.40 -60.68 -47.58
CA GLU R 73 53.86 -60.64 -47.66
C GLU R 73 54.49 -61.53 -46.61
N VAL R 74 53.93 -61.54 -45.39
CA VAL R 74 54.46 -62.39 -44.33
C VAL R 74 54.34 -63.86 -44.72
N LEU R 75 53.19 -64.24 -45.28
CA LEU R 75 52.99 -65.63 -45.68
C LEU R 75 53.93 -66.00 -46.83
N LEU R 76 54.14 -65.09 -47.78
CA LEU R 76 55.07 -65.36 -48.87
C LEU R 76 56.49 -65.55 -48.35
N GLU R 77 56.92 -64.68 -47.42
CA GLU R 77 58.26 -64.82 -46.85
C GLU R 77 58.39 -66.12 -46.09
N ALA R 78 57.35 -66.51 -45.34
CA ALA R 78 57.39 -67.76 -44.59
C ALA R 78 57.48 -68.95 -45.54
N GLN R 79 56.72 -68.93 -46.63
CA GLN R 79 56.78 -70.01 -47.61
C GLN R 79 58.15 -70.09 -48.25
N ASP R 80 58.73 -68.93 -48.59
CA ASP R 80 60.06 -68.92 -49.18
C ASP R 80 61.09 -69.49 -48.22
N MET R 81 61.03 -69.08 -46.94
CA MET R 81 61.97 -69.59 -45.95
C MET R 81 61.80 -71.08 -45.76
N ALA R 82 60.56 -71.57 -45.77
CA ALA R 82 60.31 -73.00 -45.61
C ALA R 82 60.84 -73.80 -46.80
N VAL R 83 60.67 -73.27 -48.01
CA VAL R 83 61.15 -73.96 -49.20
C VAL R 83 62.66 -73.88 -49.31
N ARG R 84 63.29 -72.87 -48.71
CA ARG R 84 64.73 -72.70 -48.81
C ARG R 84 65.45 -73.22 -47.57
N ASP R 85 65.20 -72.60 -46.41
CA ASP R 85 65.95 -72.93 -45.20
C ASP R 85 65.44 -74.23 -44.57
N HIS R 86 64.16 -74.27 -44.20
CA HIS R 86 63.61 -75.43 -43.51
C HIS R 86 63.59 -76.68 -44.36
N ASN R 87 63.88 -76.57 -45.66
CA ASN R 87 63.94 -77.74 -46.53
C ASN R 87 62.55 -78.36 -46.70
N VAL R 88 61.81 -77.88 -47.68
CA VAL R 88 60.48 -78.39 -47.99
C VAL R 88 60.30 -78.38 -49.50
N GLU R 89 59.84 -79.50 -50.05
CA GLU R 89 59.65 -79.62 -51.49
C GLU R 89 58.30 -79.09 -51.95
N PHE R 90 57.22 -79.49 -51.28
CA PHE R 90 55.88 -79.07 -51.66
C PHE R 90 55.63 -77.65 -51.19
N ARG R 91 55.19 -76.79 -52.11
CA ARG R 91 54.89 -75.40 -51.78
C ARG R 91 53.44 -75.19 -51.38
N SER R 92 52.53 -76.02 -51.88
CA SER R 92 51.11 -75.90 -51.56
C SER R 92 50.66 -76.84 -50.46
N ASN R 93 51.55 -77.70 -49.96
CA ASN R 93 51.23 -78.65 -48.90
C ASN R 93 51.44 -78.06 -47.51
N LEU R 94 51.20 -76.77 -47.33
CA LEU R 94 51.35 -76.10 -46.05
C LEU R 94 50.03 -75.44 -45.66
N TYR R 95 49.67 -75.57 -44.39
CA TYR R 95 48.44 -75.00 -43.86
C TYR R 95 48.74 -74.24 -42.58
N ILE R 96 47.88 -73.27 -42.28
CA ILE R 96 48.04 -72.44 -41.10
C ILE R 96 47.58 -73.22 -39.87
N ALA R 97 48.38 -73.16 -38.81
CA ALA R 97 48.07 -73.82 -37.55
C ALA R 97 47.81 -72.85 -36.41
N GLU R 98 48.61 -71.80 -36.29
CA GLU R 98 48.44 -70.81 -35.24
C GLU R 98 48.63 -69.42 -35.86
N SER R 99 47.82 -68.47 -35.40
CA SER R 99 47.88 -67.10 -35.90
C SER R 99 47.35 -66.16 -34.84
N THR R 100 48.20 -65.27 -34.34
CA THR R 100 47.84 -64.30 -33.32
C THR R 100 48.29 -62.91 -33.76
N SER R 101 48.07 -61.93 -32.89
CA SER R 101 48.45 -60.56 -33.17
C SER R 101 48.38 -59.70 -31.91
N GLY R 102 49.52 -59.46 -31.27
CA GLY R 102 49.58 -58.67 -30.06
C GLY R 102 50.04 -57.25 -30.33
N ARG R 103 49.74 -56.37 -29.38
CA ARG R 103 50.12 -54.97 -29.50
C ARG R 103 51.63 -54.82 -29.37
N GLY R 104 52.13 -53.66 -29.82
CA GLY R 104 53.54 -53.35 -29.77
C GLY R 104 53.84 -52.18 -28.86
N GLN R 105 54.99 -51.55 -29.10
CA GLN R 105 55.41 -50.38 -28.33
C GLN R 105 54.71 -49.15 -28.87
N CYS R 106 53.80 -48.58 -28.09
CA CYS R 106 53.02 -47.42 -28.50
C CYS R 106 53.63 -46.14 -27.95
N LEU R 107 53.47 -45.07 -28.72
CA LEU R 107 53.95 -43.75 -28.34
C LEU R 107 52.81 -42.97 -27.69
N LYS R 108 52.90 -41.64 -27.70
CA LYS R 108 51.86 -40.80 -27.12
C LYS R 108 51.89 -39.44 -27.80
N ARG R 109 50.70 -38.92 -28.11
CA ARG R 109 50.56 -37.61 -28.75
C ARG R 109 49.38 -36.90 -28.10
N ILE R 110 49.14 -35.66 -28.55
CA ILE R 110 48.07 -34.82 -28.02
C ILE R 110 47.03 -34.59 -29.10
N ARG R 111 45.77 -34.49 -28.69
CA ARG R 111 44.66 -34.25 -29.60
C ARG R 111 44.11 -32.83 -29.52
N TYR R 112 44.26 -32.16 -28.39
CA TYR R 112 43.77 -30.79 -28.23
C TYR R 112 42.25 -30.75 -28.37
N HIS R 113 41.54 -30.69 -27.24
CA HIS R 113 40.08 -30.62 -27.26
C HIS R 113 39.65 -29.18 -27.52
N GLY R 114 38.34 -28.93 -27.46
CA GLY R 114 37.80 -27.61 -27.69
C GLY R 114 37.76 -26.74 -26.45
N ARG R 115 38.61 -27.07 -25.47
CA ARG R 115 38.68 -26.32 -24.22
C ARG R 115 40.10 -26.43 -23.68
N GLY R 116 40.29 -26.01 -22.44
CA GLY R 116 41.60 -26.09 -21.80
C GLY R 116 41.90 -27.48 -21.28
N ARG R 117 41.73 -28.49 -22.14
CA ARG R 117 41.97 -29.88 -21.78
C ARG R 117 42.58 -30.59 -22.98
N PHE R 118 42.80 -31.89 -22.85
CA PHE R 118 43.36 -32.70 -23.91
C PHE R 118 43.29 -34.16 -23.48
N GLY R 119 43.79 -35.03 -24.34
CA GLY R 119 43.80 -36.46 -24.06
C GLY R 119 45.00 -37.12 -24.70
N ILE R 120 45.46 -38.21 -24.08
CA ILE R 120 46.62 -38.93 -24.59
C ILE R 120 46.24 -39.66 -25.87
N MET R 121 47.05 -39.49 -26.90
CA MET R 121 46.84 -40.13 -28.20
C MET R 121 47.98 -41.13 -28.42
N GLU R 122 47.72 -42.38 -28.06
CA GLU R 122 48.73 -43.42 -28.19
C GLU R 122 48.85 -43.87 -29.63
N LYS R 123 50.08 -44.13 -30.07
CA LYS R 123 50.34 -44.66 -31.41
C LYS R 123 50.28 -46.16 -31.35
N VAL R 124 49.11 -46.72 -31.65
CA VAL R 124 48.87 -48.15 -31.50
C VAL R 124 49.70 -48.91 -32.54
N TYR R 125 50.63 -49.73 -32.05
CA TYR R 125 51.40 -50.63 -32.89
C TYR R 125 51.01 -52.07 -32.57
N CYS R 126 51.28 -52.96 -33.53
CA CYS R 126 50.88 -54.35 -33.40
C CYS R 126 51.92 -55.24 -34.08
N HIS R 127 51.74 -56.55 -33.91
CA HIS R 127 52.61 -57.54 -34.53
C HIS R 127 51.76 -58.58 -35.26
N TYR R 128 52.39 -59.69 -35.67
CA TYR R 128 51.66 -60.75 -36.36
C TYR R 128 52.48 -62.02 -36.44
N PHE R 129 51.98 -63.09 -35.83
CA PHE R 129 52.65 -64.39 -35.83
C PHE R 129 51.85 -65.39 -36.64
N VAL R 130 52.56 -66.35 -37.23
CA VAL R 130 51.94 -67.39 -38.06
C VAL R 130 52.76 -68.67 -37.90
N LYS R 131 52.06 -69.80 -37.86
CA LYS R 131 52.70 -71.11 -37.75
C LYS R 131 52.13 -72.00 -38.86
N LEU R 132 52.99 -72.37 -39.80
CA LEU R 132 52.61 -73.22 -40.93
C LEU R 132 53.19 -74.61 -40.70
N VAL R 133 52.31 -75.61 -40.61
CA VAL R 133 52.71 -76.99 -40.39
C VAL R 133 52.68 -77.73 -41.73
N GLU R 134 53.63 -78.64 -41.91
CA GLU R 134 53.71 -79.40 -43.15
C GLU R 134 52.53 -80.35 -43.27
N GLY R 135 52.30 -80.82 -44.50
CA GLY R 135 51.22 -81.73 -44.78
C GLY R 135 49.93 -81.00 -45.11
N PRO R 136 48.93 -81.74 -45.56
CA PRO R 136 47.65 -81.12 -45.92
C PRO R 136 46.91 -80.63 -44.68
N PRO R 137 45.91 -79.76 -44.85
CA PRO R 137 45.19 -79.28 -43.69
C PRO R 137 44.25 -80.34 -43.14
N PRO R 138 43.99 -80.34 -41.84
CA PRO R 138 43.09 -81.34 -41.26
C PRO R 138 41.64 -80.99 -41.55
N PRO R 139 40.74 -81.96 -41.49
CA PRO R 139 39.33 -81.68 -41.77
C PRO R 139 38.67 -80.97 -40.58
N PRO R 140 37.63 -80.19 -40.82
CA PRO R 140 36.97 -79.49 -39.71
C PRO R 140 36.13 -80.45 -38.89
N GLU R 141 36.13 -80.22 -37.58
CA GLU R 141 35.35 -81.04 -36.66
C GLU R 141 33.88 -80.98 -37.04
N PRO R 142 33.30 -82.07 -37.54
CA PRO R 142 31.89 -82.03 -37.97
C PRO R 142 30.96 -81.91 -36.76
N PRO R 143 29.72 -81.48 -36.97
CA PRO R 143 28.79 -81.35 -35.84
C PRO R 143 28.31 -82.71 -35.36
N LYS R 144 28.28 -82.88 -34.04
CA LYS R 144 27.82 -84.13 -33.46
C LYS R 144 26.37 -84.38 -33.82
N THR R 145 26.10 -85.53 -34.41
CA THR R 145 24.75 -85.88 -34.83
C THR R 145 23.90 -86.28 -33.64
N ALA R 146 22.63 -86.61 -33.89
CA ALA R 146 21.74 -87.02 -32.81
C ALA R 146 22.21 -88.31 -32.17
N VAL R 147 22.88 -89.19 -32.93
CA VAL R 147 23.38 -90.43 -32.37
C VAL R 147 24.41 -90.15 -31.29
N ALA R 148 25.30 -89.18 -31.54
CA ALA R 148 26.31 -88.83 -30.54
C ALA R 148 25.66 -88.27 -29.28
N HIS R 149 24.65 -87.42 -29.44
CA HIS R 149 23.94 -86.87 -28.27
C HIS R 149 23.27 -87.98 -27.48
N ALA R 150 22.61 -88.92 -28.17
CA ALA R 150 21.96 -90.02 -27.48
C ALA R 150 22.98 -90.89 -26.74
N LYS R 151 24.13 -91.15 -27.37
CA LYS R 151 25.16 -91.94 -26.72
C LYS R 151 25.70 -91.23 -25.49
N GLU R 152 25.92 -89.92 -25.58
CA GLU R 152 26.41 -89.16 -24.43
C GLU R 152 25.38 -89.17 -23.30
N TYR R 153 24.10 -89.02 -23.64
CA TYR R 153 23.05 -89.06 -22.62
C TYR R 153 22.99 -90.42 -21.95
N ILE R 154 23.09 -91.49 -22.75
CA ILE R 154 23.06 -92.84 -22.19
C ILE R 154 24.26 -93.06 -21.28
N GLN R 155 25.43 -92.59 -21.68
CA GLN R 155 26.63 -92.73 -20.85
C GLN R 155 26.48 -91.96 -19.54
N GLN R 156 25.92 -90.75 -19.61
CA GLN R 156 25.73 -89.96 -18.40
C GLN R 156 24.71 -90.62 -17.47
N LEU R 157 23.67 -91.24 -18.03
CA LEU R 157 22.67 -91.89 -17.20
C LEU R 157 23.18 -93.20 -16.62
N ARG R 158 24.11 -93.86 -17.32
CA ARG R 158 24.66 -95.12 -16.83
C ARG R 158 25.79 -94.92 -15.83
N SER R 159 26.50 -93.80 -15.93
CA SER R 159 27.63 -93.50 -15.03
C SER R 159 27.18 -92.74 -13.79
N ARG R 160 26.00 -93.05 -13.26
CA ARG R 160 25.49 -92.41 -12.06
C ARG R 160 25.32 -93.45 -10.96
N THR R 161 25.83 -93.13 -9.76
CA THR R 161 25.76 -94.00 -8.61
C THR R 161 24.96 -93.33 -7.50
N ILE R 162 24.57 -94.12 -6.50
CA ILE R 162 23.81 -93.59 -5.38
C ILE R 162 24.65 -92.53 -4.66
N VAL R 163 23.97 -91.57 -4.04
CA VAL R 163 24.62 -90.45 -3.38
C VAL R 163 24.22 -90.44 -1.90
N HIS R 164 25.16 -90.05 -1.05
CA HIS R 164 24.91 -89.88 0.38
C HIS R 164 24.45 -91.20 1.01
N THR R 165 25.33 -92.18 0.95
CA THR R 165 25.10 -93.48 1.60
C THR R 165 26.38 -94.30 1.44
N LEU R 166 26.29 -95.60 1.72
CA LEU R 166 27.42 -96.50 1.59
C LEU R 166 27.97 -96.50 0.17
N ALA S 1 93.02 -6.51 -37.86
CA ALA S 1 92.86 -7.73 -37.08
C ALA S 1 91.45 -7.82 -36.50
N ARG S 2 91.17 -8.91 -35.79
CA ARG S 2 89.87 -9.14 -35.19
C ARG S 2 90.05 -9.42 -33.70
N ASN S 3 89.02 -9.07 -32.93
CA ASN S 3 89.03 -9.28 -31.47
C ASN S 3 90.23 -8.58 -30.84
N VAL S 4 90.51 -7.35 -31.28
CA VAL S 4 91.62 -6.56 -30.76
C VAL S 4 91.18 -5.11 -30.71
N VAL S 5 91.54 -4.44 -29.61
CA VAL S 5 91.18 -3.04 -29.44
C VAL S 5 91.94 -2.18 -30.45
N TYR S 6 91.25 -1.22 -31.08
CA TYR S 6 91.86 -0.36 -32.07
C TYR S 6 92.24 0.97 -31.44
N PRO S 7 93.29 1.64 -31.94
CA PRO S 7 93.68 2.95 -31.39
C PRO S 7 92.78 4.04 -31.94
N LEU S 8 92.10 4.75 -31.04
CA LEU S 8 91.17 5.80 -31.45
C LEU S 8 91.94 6.95 -32.07
N TYR S 9 91.65 7.25 -33.34
CA TYR S 9 92.29 8.36 -34.05
C TYR S 9 91.55 9.65 -33.70
N ARG S 10 92.23 10.54 -32.98
CA ARG S 10 91.62 11.80 -32.56
C ARG S 10 91.42 12.73 -33.73
N LEU S 11 92.46 13.45 -34.13
CA LEU S 11 92.35 14.41 -35.23
C LEU S 11 93.69 14.55 -35.95
N GLY S 12 94.75 14.81 -35.20
CA GLY S 12 96.07 14.97 -35.77
C GLY S 12 96.96 13.77 -35.55
N GLY S 13 96.36 12.57 -35.52
CA GLY S 13 97.10 11.36 -35.31
C GLY S 13 97.68 10.80 -36.60
N PRO S 14 98.51 9.77 -36.50
CA PRO S 14 99.11 9.18 -37.68
C PRO S 14 98.15 8.21 -38.37
N GLN S 15 98.58 7.75 -39.54
CA GLN S 15 97.78 6.80 -40.31
C GLN S 15 97.69 5.46 -39.58
N LEU S 16 96.50 4.88 -39.55
CA LEU S 16 96.30 3.62 -38.87
C LEU S 16 96.97 2.49 -39.64
N ARG S 17 97.82 1.73 -38.96
CA ARG S 17 98.54 0.62 -39.54
C ARG S 17 97.98 -0.70 -39.02
N VAL S 18 98.13 -1.75 -39.83
CA VAL S 18 97.64 -3.07 -39.47
C VAL S 18 98.69 -4.12 -39.84
N PHE S 19 99.53 -4.49 -38.87
CA PHE S 19 100.55 -5.50 -39.07
C PHE S 19 100.09 -6.83 -38.51
N ARG S 20 100.38 -7.90 -39.24
CA ARG S 20 100.02 -9.24 -38.81
C ARG S 20 98.50 -9.37 -38.67
N THR S 21 97.80 -9.48 -39.79
CA THR S 21 96.35 -9.61 -39.77
C THR S 21 95.94 -10.93 -39.11
N ASN S 22 94.82 -10.89 -38.40
CA ASN S 22 94.30 -12.06 -37.68
C ASN S 22 93.17 -12.73 -38.45
N PHE S 23 92.13 -11.99 -38.79
CA PHE S 23 91.00 -12.56 -39.51
C PHE S 23 91.44 -13.14 -40.84
N PHE S 24 90.62 -14.04 -41.38
CA PHE S 24 90.90 -14.73 -42.62
C PHE S 24 89.71 -14.58 -43.57
N ILE S 25 89.81 -15.20 -44.74
CA ILE S 25 88.76 -15.14 -45.75
C ILE S 25 88.82 -16.41 -46.58
N GLN S 26 87.72 -16.70 -47.28
CA GLN S 26 87.64 -17.89 -48.13
C GLN S 26 86.49 -17.73 -49.10
N LEU S 27 86.73 -18.04 -50.37
CA LEU S 27 85.70 -17.98 -51.38
C LEU S 27 84.95 -19.31 -51.47
N VAL S 28 83.78 -19.26 -52.11
CA VAL S 28 82.92 -20.42 -52.28
C VAL S 28 82.37 -20.42 -53.70
N ARG S 29 81.63 -21.47 -54.04
CA ARG S 29 81.04 -21.60 -55.37
C ARG S 29 79.76 -20.77 -55.44
N PRO S 30 79.47 -20.16 -56.59
CA PRO S 30 78.22 -19.39 -56.72
C PRO S 30 77.02 -20.25 -56.39
N GLY S 31 76.04 -19.64 -55.71
CA GLY S 31 74.85 -20.34 -55.31
C GLY S 31 73.86 -20.53 -56.44
N VAL S 32 73.53 -19.44 -57.14
CA VAL S 32 72.57 -19.50 -58.25
C VAL S 32 73.23 -18.94 -59.50
N ALA S 33 74.48 -19.32 -59.74
CA ALA S 33 75.21 -18.88 -60.92
C ALA S 33 75.28 -17.35 -60.98
N GLN S 34 76.36 -16.78 -60.46
CA GLN S 34 76.53 -15.34 -60.46
C GLN S 34 77.03 -14.86 -61.82
N PRO S 35 76.92 -13.56 -62.11
CA PRO S 35 77.39 -13.04 -63.40
C PRO S 35 78.88 -13.25 -63.59
N GLU S 36 79.39 -12.87 -64.76
CA GLU S 36 80.81 -13.01 -65.04
C GLU S 36 81.63 -12.10 -64.12
N ASP S 37 82.92 -12.43 -64.02
CA ASP S 37 83.87 -11.70 -63.17
C ASP S 37 83.25 -11.31 -61.84
N THR S 38 82.51 -12.23 -61.22
CA THR S 38 81.86 -12.01 -59.92
C THR S 38 82.27 -13.15 -59.00
N VAL S 39 83.20 -12.87 -58.09
CA VAL S 39 83.72 -13.86 -57.16
C VAL S 39 83.05 -13.67 -55.81
N GLN S 40 82.63 -14.77 -55.19
CA GLN S 40 82.02 -14.73 -53.87
C GLN S 40 83.08 -14.93 -52.80
N PHE S 41 82.77 -14.46 -51.59
CA PHE S 41 83.70 -14.54 -50.47
C PHE S 41 82.92 -14.63 -49.17
N ARG S 42 83.39 -15.53 -48.29
CA ARG S 42 82.79 -15.70 -46.96
C ARG S 42 83.66 -14.95 -45.97
N ILE S 43 83.20 -13.78 -45.55
CA ILE S 43 83.97 -12.90 -44.66
C ILE S 43 83.43 -13.03 -43.24
N PRO S 44 84.28 -13.00 -42.21
CA PRO S 44 83.76 -13.01 -40.84
C PRO S 44 82.97 -11.74 -40.51
N MET S 45 82.55 -11.61 -39.25
CA MET S 45 81.75 -10.44 -38.87
C MET S 45 82.62 -9.20 -38.78
N GLU S 46 83.71 -9.27 -38.02
CA GLU S 46 84.59 -8.11 -37.83
C GLU S 46 85.35 -7.79 -39.11
N MET S 47 84.63 -7.29 -40.12
CA MET S 47 85.24 -6.91 -41.39
C MET S 47 84.25 -6.11 -42.23
N THR S 48 84.70 -4.99 -42.77
CA THR S 48 83.84 -4.10 -43.54
C THR S 48 84.13 -4.27 -45.04
N ARG S 49 83.71 -3.30 -45.85
CA ARG S 49 83.88 -3.39 -47.30
C ARG S 49 85.25 -2.88 -47.71
N VAL S 50 85.58 -1.64 -47.34
CA VAL S 50 86.90 -1.09 -47.66
C VAL S 50 88.00 -1.93 -47.03
N ASP S 51 87.71 -2.54 -45.88
CA ASP S 51 88.68 -3.45 -45.26
C ASP S 51 89.04 -4.58 -46.20
N LEU S 52 88.02 -5.28 -46.74
CA LEU S 52 88.28 -6.37 -47.67
C LEU S 52 88.93 -5.85 -48.94
N ARG S 53 88.52 -4.68 -49.41
CA ARG S 53 89.13 -4.10 -50.61
C ARG S 53 90.63 -3.93 -50.43
N ASN S 54 91.03 -3.29 -49.34
CA ASN S 54 92.46 -3.08 -49.08
C ASN S 54 93.16 -4.42 -48.85
N TYR S 55 92.52 -5.33 -48.12
CA TYR S 55 93.09 -6.66 -47.91
C TYR S 55 93.46 -7.32 -49.22
N LEU S 56 92.51 -7.38 -50.15
CA LEU S 56 92.77 -8.01 -51.45
C LEU S 56 93.83 -7.24 -52.22
N GLU S 57 93.66 -5.92 -52.34
CA GLU S 57 94.60 -5.12 -53.14
C GLU S 57 96.01 -5.23 -52.60
N GLY S 58 96.19 -5.51 -51.32
CA GLY S 58 97.51 -5.59 -50.72
C GLY S 58 98.09 -6.97 -50.75
N ILE S 59 97.25 -8.01 -50.65
CA ILE S 59 97.74 -9.38 -50.60
C ILE S 59 97.80 -9.96 -52.00
N TYR S 60 96.65 -10.09 -52.65
CA TYR S 60 96.57 -10.73 -53.95
C TYR S 60 96.68 -9.75 -55.12
N ASN S 61 96.64 -8.45 -54.85
CA ASN S 61 96.74 -7.42 -55.89
C ASN S 61 95.65 -7.56 -56.94
N VAL S 62 94.54 -8.21 -56.60
CA VAL S 62 93.44 -8.37 -57.55
C VAL S 62 92.78 -7.02 -57.78
N PRO S 63 92.63 -6.56 -59.04
CA PRO S 63 91.99 -5.26 -59.27
C PRO S 63 90.50 -5.28 -58.92
N VAL S 64 90.20 -5.10 -57.64
CA VAL S 64 88.82 -5.11 -57.18
C VAL S 64 88.16 -3.80 -57.57
N ALA S 65 87.00 -3.89 -58.22
CA ALA S 65 86.25 -2.70 -58.66
C ALA S 65 85.25 -2.29 -57.59
N ALA S 66 84.14 -3.04 -57.47
CA ALA S 66 83.11 -2.75 -56.49
C ALA S 66 82.86 -3.98 -55.65
N VAL S 67 82.35 -3.76 -54.44
CA VAL S 67 82.06 -4.84 -53.50
C VAL S 67 80.72 -4.54 -52.84
N ARG S 68 79.97 -5.60 -52.55
CA ARG S 68 78.66 -5.49 -51.91
C ARG S 68 78.52 -6.66 -50.93
N THR S 69 78.66 -6.35 -49.64
CA THR S 69 78.64 -7.36 -48.60
C THR S 69 77.26 -7.44 -47.95
N ARG S 70 77.08 -8.46 -47.12
CA ARG S 70 75.82 -8.67 -46.39
C ARG S 70 76.04 -9.79 -45.39
N VAL S 71 75.16 -9.85 -44.41
CA VAL S 71 75.23 -10.84 -43.33
C VAL S 71 74.20 -11.93 -43.60
N GLN S 72 74.59 -13.17 -43.33
CA GLN S 72 73.70 -14.33 -43.48
C GLN S 72 73.35 -14.88 -42.11
N HIS S 73 72.13 -15.41 -42.00
CA HIS S 73 71.62 -15.98 -40.76
C HIS S 73 71.83 -17.48 -40.75
N GLY S 74 72.24 -18.01 -39.60
CA GLY S 74 72.48 -19.43 -39.46
C GLY S 74 71.25 -20.19 -38.96
N SER S 75 71.13 -21.43 -39.41
CA SER S 75 70.00 -22.26 -39.03
C SER S 75 69.96 -22.46 -37.52
N ASN S 76 68.77 -22.78 -37.01
CA ASN S 76 68.61 -23.01 -35.58
C ASN S 76 67.43 -23.92 -35.25
N LYS S 77 66.85 -24.62 -36.22
CA LYS S 77 65.71 -25.51 -35.98
C LYS S 77 66.22 -26.94 -35.89
N ARG S 78 66.83 -27.26 -34.75
CA ARG S 78 67.34 -28.60 -34.50
C ARG S 78 67.62 -28.75 -33.02
N ARG S 79 67.19 -29.87 -32.44
CA ARG S 79 67.36 -30.14 -31.03
C ARG S 79 67.95 -31.53 -30.83
N ASP S 80 68.77 -31.67 -29.81
CA ASP S 80 69.37 -32.95 -29.46
C ASP S 80 68.49 -33.64 -28.41
N HIS S 81 69.00 -34.74 -27.83
CA HIS S 81 68.23 -35.46 -26.81
C HIS S 81 67.97 -34.60 -25.59
N ARG S 82 68.78 -33.55 -25.37
CA ARG S 82 68.58 -32.66 -24.23
C ARG S 82 67.55 -31.57 -24.50
N ASN S 83 67.03 -31.49 -25.72
CA ASN S 83 66.03 -30.47 -26.07
C ASN S 83 66.62 -29.06 -25.99
N VAL S 84 67.85 -28.91 -26.48
CA VAL S 84 68.55 -27.63 -26.48
C VAL S 84 68.75 -27.19 -27.93
N ARG S 85 68.61 -25.89 -28.16
CA ARG S 85 68.78 -25.34 -29.50
C ARG S 85 70.26 -25.29 -29.87
N ILE S 86 70.52 -25.30 -31.18
CA ILE S 86 71.87 -25.26 -31.72
C ILE S 86 71.88 -24.22 -32.84
N LYS S 87 72.57 -23.11 -32.61
CA LYS S 87 72.69 -22.03 -33.59
C LYS S 87 74.03 -22.16 -34.28
N LYS S 88 74.00 -22.39 -35.59
CA LYS S 88 75.24 -22.55 -36.35
C LYS S 88 76.01 -21.23 -36.37
N PRO S 89 77.32 -21.29 -36.61
CA PRO S 89 78.12 -20.05 -36.65
C PRO S 89 77.71 -19.17 -37.82
N ASP S 90 77.47 -17.89 -37.53
CA ASP S 90 77.12 -16.94 -38.57
C ASP S 90 78.37 -16.38 -39.23
N TYR S 91 78.21 -15.88 -40.45
CA TYR S 91 79.33 -15.35 -41.21
C TYR S 91 78.80 -14.37 -42.24
N LYS S 92 79.68 -13.44 -42.64
CA LYS S 92 79.34 -12.45 -43.66
C LYS S 92 79.75 -12.95 -45.03
N VAL S 93 79.00 -12.53 -46.04
CA VAL S 93 79.23 -12.91 -47.42
C VAL S 93 79.42 -11.66 -48.26
N ALA S 94 80.32 -11.73 -49.24
CA ALA S 94 80.61 -10.61 -50.12
C ALA S 94 80.57 -11.08 -51.57
N TYR S 95 80.38 -10.12 -52.47
CA TYR S 95 80.30 -10.37 -53.91
C TYR S 95 81.27 -9.43 -54.61
N VAL S 96 82.54 -9.82 -54.66
CA VAL S 96 83.57 -9.00 -55.28
C VAL S 96 83.44 -9.09 -56.80
N GLN S 97 83.71 -7.97 -57.47
CA GLN S 97 83.64 -7.89 -58.93
C GLN S 97 84.97 -7.37 -59.45
N LEU S 98 85.64 -8.20 -60.25
CA LEU S 98 86.93 -7.81 -60.80
C LEU S 98 86.77 -6.67 -61.81
N ALA S 99 87.88 -6.02 -62.11
CA ALA S 99 87.92 -4.90 -63.05
C ALA S 99 88.57 -5.33 -64.36
N HIS S 100 88.48 -4.45 -65.34
CA HIS S 100 89.06 -4.65 -66.67
C HIS S 100 88.45 -5.85 -67.40
N GLY S 101 87.32 -6.37 -66.92
CA GLY S 101 86.69 -7.51 -67.55
C GLY S 101 87.59 -8.71 -67.66
N GLN S 102 88.26 -9.07 -66.57
CA GLN S 102 89.17 -10.21 -66.58
C GLN S 102 88.42 -11.51 -66.84
N THR S 103 87.13 -11.57 -66.46
CA THR S 103 86.33 -12.77 -66.68
C THR S 103 86.93 -13.97 -65.95
N PHE S 104 86.55 -14.16 -64.69
CA PHE S 104 87.04 -15.26 -63.87
C PHE S 104 85.94 -16.32 -63.72
N THR S 105 86.34 -17.58 -63.78
CA THR S 105 85.43 -18.70 -63.65
C THR S 105 85.83 -19.56 -62.46
N PHE S 106 84.85 -20.01 -61.69
CA PHE S 106 85.12 -20.84 -60.53
C PHE S 106 85.70 -22.18 -60.97
N PRO S 107 86.95 -22.50 -60.60
CA PRO S 107 87.52 -23.78 -61.02
C PRO S 107 86.88 -24.95 -60.28
N ASP S 108 86.94 -26.11 -60.93
CA ASP S 108 86.39 -27.35 -60.39
C ASP S 108 87.52 -28.30 -60.03
N LEU S 109 87.25 -29.14 -59.02
CA LEU S 109 88.21 -30.13 -58.55
C LEU S 109 87.57 -31.51 -58.59
N PHE S 110 88.37 -32.53 -58.24
CA PHE S 110 87.91 -33.91 -58.24
C PHE S 110 87.47 -34.32 -59.65
N PRO S 111 88.40 -34.45 -60.59
CA PRO S 111 88.08 -34.84 -61.97
C PRO S 111 87.68 -36.31 -62.09
N LEU T 1 84.06 -34.59 -24.99
CA LEU T 1 83.32 -35.78 -24.61
C LEU T 1 82.81 -35.67 -23.18
N PRO T 2 81.74 -36.39 -22.84
CA PRO T 2 81.18 -36.31 -21.50
C PRO T 2 81.93 -37.22 -20.55
N PRO T 3 81.77 -37.03 -19.23
CA PRO T 3 82.45 -37.91 -18.27
C PRO T 3 81.95 -39.34 -18.37
N HIS T 4 82.71 -40.25 -17.76
CA HIS T 4 82.38 -41.66 -17.75
C HIS T 4 82.26 -42.21 -19.17
N TYR T 5 83.18 -41.79 -20.04
CA TYR T 5 83.17 -42.22 -21.43
C TYR T 5 83.82 -43.60 -21.52
N ARG T 6 83.00 -44.62 -21.78
CA ARG T 6 83.50 -46.00 -21.89
C ARG T 6 84.32 -46.12 -23.16
N TYR T 7 85.64 -46.03 -23.02
CA TYR T 7 86.54 -46.12 -24.17
C TYR T 7 86.52 -47.54 -24.72
N GLY T 8 85.93 -47.72 -25.89
CA GLY T 8 85.86 -49.02 -26.53
C GLY T 8 87.12 -49.32 -27.32
N MET T 9 87.06 -50.47 -28.02
CA MET T 9 88.20 -50.87 -28.83
C MET T 9 88.47 -49.88 -29.95
N SER T 10 87.42 -49.34 -30.55
CA SER T 10 87.59 -48.34 -31.60
C SER T 10 88.09 -47.03 -31.01
N PRO T 11 88.79 -46.22 -31.80
CA PRO T 11 89.28 -44.94 -31.29
C PRO T 11 88.14 -43.99 -30.99
N PRO T 12 88.40 -42.90 -30.24
CA PRO T 12 87.36 -41.92 -29.90
C PRO T 12 87.13 -40.88 -30.99
N GLY T 13 87.08 -41.34 -32.24
CA GLY T 13 86.87 -40.44 -33.37
C GLY T 13 86.52 -41.17 -34.64
N SER T 14 85.82 -42.30 -34.51
CA SER T 14 85.41 -43.11 -35.65
C SER T 14 83.89 -43.24 -35.66
N VAL T 15 83.36 -43.69 -36.81
CA VAL T 15 81.92 -43.85 -36.95
C VAL T 15 81.41 -44.96 -36.04
N ALA T 16 82.16 -46.07 -35.96
CA ALA T 16 81.75 -47.18 -35.11
C ALA T 16 81.72 -46.76 -33.65
N ASP T 17 82.73 -46.01 -33.20
CA ASP T 17 82.76 -45.56 -31.81
C ASP T 17 81.60 -44.63 -31.50
N LYS T 18 81.30 -43.70 -32.43
CA LYS T 18 80.19 -42.78 -32.21
C LYS T 18 78.86 -43.53 -32.20
N ARG T 19 78.72 -44.56 -33.03
CA ARG T 19 77.49 -45.35 -33.05
C ARG T 19 77.35 -46.16 -31.76
N LYS T 20 78.47 -46.67 -31.22
CA LYS T 20 78.41 -47.44 -29.99
C LYS T 20 78.07 -46.56 -28.80
N ASN T 21 78.72 -45.39 -28.70
CA ASN T 21 78.52 -44.48 -27.58
C ASN T 21 77.88 -43.20 -28.04
N PRO T 22 76.57 -43.18 -28.29
CA PRO T 22 75.89 -41.94 -28.66
C PRO T 22 75.98 -40.91 -27.55
N PRO T 23 75.51 -39.68 -27.79
CA PRO T 23 75.65 -38.64 -26.76
C PRO T 23 74.54 -38.69 -25.70
N TRP T 24 73.94 -39.87 -25.51
CA TRP T 24 72.89 -40.04 -24.50
C TRP T 24 73.06 -41.35 -23.73
N ILE T 25 74.30 -41.79 -23.54
CA ILE T 25 74.58 -43.02 -22.82
C ILE T 25 74.89 -42.68 -21.37
N ARG T 26 74.55 -43.61 -20.48
CA ARG T 26 74.81 -43.45 -19.05
C ARG T 26 75.11 -44.82 -18.45
N ARG T 27 75.95 -45.59 -19.11
CA ARG T 27 76.30 -46.93 -18.64
C ARG T 27 77.08 -46.84 -17.33
N ARG T 28 77.39 -48.01 -16.77
CA ARG T 28 78.13 -48.09 -15.52
C ARG T 28 79.63 -48.03 -15.81
N PRO T 29 80.35 -47.02 -15.35
CA PRO T 29 81.80 -46.96 -15.64
C PRO T 29 82.54 -48.04 -14.87
N VAL T 30 83.39 -48.78 -15.59
CA VAL T 30 84.17 -49.85 -14.96
C VAL T 30 85.28 -49.24 -14.13
N VAL T 31 85.59 -49.88 -13.01
CA VAL T 31 86.64 -49.41 -12.11
C VAL T 31 87.99 -49.82 -12.66
N VAL T 32 89.00 -48.99 -12.39
CA VAL T 32 90.36 -49.26 -12.86
C VAL T 32 91.28 -49.45 -11.66
N SER T 36 94.22 -45.21 -11.14
CA SER T 36 95.30 -45.89 -10.44
C SER T 36 96.36 -46.38 -11.43
N ASP T 37 97.53 -46.76 -10.89
CA ASP T 37 98.64 -47.26 -11.70
C ASP T 37 99.10 -46.19 -12.71
N GLU T 38 99.76 -45.16 -12.16
CA GLU T 38 100.25 -44.07 -12.98
C GLU T 38 101.59 -44.41 -13.63
N ASP T 39 102.43 -45.19 -12.94
CA ASP T 39 103.75 -45.56 -13.48
C ASP T 39 103.56 -46.75 -14.42
N TRP T 40 103.08 -46.45 -15.62
CA TRP T 40 102.85 -47.48 -16.62
C TRP T 40 104.19 -48.00 -17.16
N TYR T 41 104.13 -49.21 -17.70
CA TYR T 41 105.32 -49.85 -18.26
C TYR T 41 105.07 -50.68 -19.50
N LEU T 42 103.83 -51.09 -19.78
CA LEU T 42 103.53 -51.89 -20.97
C LEU T 42 103.39 -50.96 -22.17
N PHE T 43 104.38 -50.96 -23.05
CA PHE T 43 104.37 -50.14 -24.25
C PHE T 43 103.90 -50.95 -25.45
N CYS T 44 103.76 -50.26 -26.58
CA CYS T 44 103.30 -50.87 -27.83
C CYS T 44 104.50 -51.46 -28.56
N GLY T 45 104.53 -52.78 -28.68
CA GLY T 45 105.60 -53.46 -29.39
C GLY T 45 106.59 -54.14 -28.46
N ASP T 46 106.13 -54.53 -27.28
CA ASP T 46 106.97 -55.20 -26.29
C ASP T 46 106.64 -56.69 -26.24
N THR T 47 107.68 -57.50 -26.02
CA THR T 47 107.51 -58.93 -25.90
C THR T 47 106.77 -59.26 -24.61
N VAL T 48 105.52 -59.72 -24.74
CA VAL T 48 104.68 -60.01 -23.58
C VAL T 48 104.30 -61.50 -23.62
N GLU T 49 103.77 -61.98 -22.49
CA GLU T 49 103.35 -63.36 -22.36
C GLU T 49 102.04 -63.41 -21.58
N ILE T 50 101.07 -64.13 -22.11
CA ILE T 50 99.75 -64.24 -21.50
C ILE T 50 99.78 -65.37 -20.47
N LEU T 51 99.05 -65.18 -19.37
CA LEU T 51 98.99 -66.16 -18.29
C LEU T 51 97.55 -66.42 -17.86
N GLU T 52 96.60 -66.20 -18.76
CA GLU T 52 95.20 -66.43 -18.47
C GLU T 52 94.45 -66.71 -19.76
N GLY T 53 93.39 -67.51 -19.65
CA GLY T 53 92.59 -67.85 -20.81
C GLY T 53 93.37 -68.65 -21.81
N LYS T 54 92.98 -68.53 -23.08
CA LYS T 54 93.64 -69.24 -24.15
C LYS T 54 95.07 -68.74 -24.34
N ASP T 55 95.95 -69.67 -24.72
CA ASP T 55 97.36 -69.35 -24.95
C ASP T 55 98.00 -68.76 -23.70
N ALA T 56 97.87 -69.49 -22.59
CA ALA T 56 98.43 -69.05 -21.30
C ALA T 56 99.89 -69.48 -21.22
N GLY T 57 100.71 -68.84 -22.04
CA GLY T 57 102.13 -69.14 -22.07
C GLY T 57 102.80 -68.68 -23.36
N LYS T 58 102.04 -68.66 -24.45
CA LYS T 58 102.59 -68.24 -25.72
C LYS T 58 102.92 -66.76 -25.71
N GLN T 59 104.04 -66.40 -26.34
CA GLN T 59 104.50 -65.03 -26.41
C GLN T 59 104.06 -64.40 -27.73
N GLY T 60 104.01 -63.07 -27.73
CA GLY T 60 103.61 -62.33 -28.91
C GLY T 60 104.15 -60.92 -28.87
N LYS T 61 103.40 -60.00 -29.47
CA LYS T 61 103.79 -58.59 -29.52
C LYS T 61 102.56 -57.73 -29.28
N VAL T 62 102.72 -56.69 -28.47
CA VAL T 62 101.62 -55.78 -28.15
C VAL T 62 101.37 -54.87 -29.34
N VAL T 63 100.11 -54.73 -29.72
CA VAL T 63 99.72 -53.89 -30.86
C VAL T 63 99.27 -52.53 -30.33
N GLN T 64 98.14 -52.51 -29.63
CA GLN T 64 97.58 -51.28 -29.07
C GLN T 64 97.61 -51.34 -27.56
N VAL T 65 97.70 -50.16 -26.94
CA VAL T 65 97.73 -50.04 -25.48
C VAL T 65 96.78 -48.92 -25.06
N ILE T 66 95.55 -49.28 -24.72
CA ILE T 66 94.54 -48.31 -24.31
C ILE T 66 94.65 -48.21 -22.78
N ARG T 67 95.43 -47.23 -22.32
CA ARG T 67 95.62 -47.03 -20.88
C ARG T 67 94.42 -46.38 -20.22
N GLN T 68 93.43 -45.91 -21.00
CA GLN T 68 92.26 -45.28 -20.40
C GLN T 68 91.47 -46.26 -19.53
N ARG T 69 91.55 -47.56 -19.84
CA ARG T 69 90.86 -48.58 -19.07
C ARG T 69 91.76 -49.77 -18.76
N ASN T 70 93.08 -49.59 -18.84
CA ASN T 70 94.04 -50.64 -18.56
C ASN T 70 93.80 -51.86 -19.46
N TRP T 71 93.91 -51.62 -20.76
CA TRP T 71 93.72 -52.66 -21.77
C TRP T 71 94.97 -52.74 -22.64
N VAL T 72 95.36 -53.97 -22.98
CA VAL T 72 96.52 -54.24 -23.82
C VAL T 72 96.17 -55.32 -24.83
N VAL T 73 96.37 -55.03 -26.11
CA VAL T 73 96.07 -55.95 -27.19
C VAL T 73 97.37 -56.58 -27.68
N VAL T 74 97.39 -57.90 -27.77
CA VAL T 74 98.55 -58.65 -28.24
C VAL T 74 98.26 -59.18 -29.64
N GLY T 75 99.31 -59.32 -30.43
CA GLY T 75 99.16 -59.78 -31.80
C GLY T 75 99.17 -61.29 -31.92
N GLY T 76 98.09 -61.85 -32.47
CA GLY T 76 98.01 -63.28 -32.68
C GLY T 76 97.64 -64.09 -31.46
N LEU T 77 97.03 -63.47 -30.45
CA LEU T 77 96.65 -64.16 -29.23
C LEU T 77 95.31 -63.63 -28.74
N ASN T 78 94.51 -64.50 -28.16
CA ASN T 78 93.17 -64.14 -27.67
C ASN T 78 92.32 -63.56 -28.79
N THR T 79 92.30 -64.27 -29.92
CA THR T 79 91.60 -63.82 -31.12
C THR T 79 90.24 -64.49 -31.19
N HIS T 80 89.20 -63.70 -31.44
CA HIS T 80 87.84 -64.20 -31.63
C HIS T 80 87.42 -63.94 -33.07
N TYR T 81 86.88 -64.97 -33.72
CA TYR T 81 86.52 -64.88 -35.13
C TYR T 81 85.32 -63.98 -35.32
N ARG T 82 85.20 -63.43 -36.53
CA ARG T 82 84.17 -62.44 -36.83
C ARG T 82 83.84 -62.51 -38.32
N TYR T 83 82.56 -62.28 -38.63
CA TYR T 83 82.09 -62.16 -40.01
C TYR T 83 82.14 -60.68 -40.38
N ILE T 84 83.27 -60.25 -40.92
CA ILE T 84 83.46 -58.84 -41.21
C ILE T 84 82.48 -58.37 -42.28
N GLY T 85 81.88 -57.22 -42.04
CA GLY T 85 80.99 -56.59 -43.01
C GLY T 85 79.87 -57.49 -43.48
N LYS T 86 80.16 -58.36 -44.44
CA LYS T 86 79.22 -59.26 -45.11
C LYS T 86 78.52 -58.58 -46.27
N THR T 87 78.60 -57.25 -46.39
CA THR T 87 77.95 -56.46 -47.42
C THR T 87 76.61 -57.03 -47.86
N MET T 88 76.60 -58.24 -48.43
CA MET T 88 75.38 -58.86 -48.92
C MET T 88 74.88 -59.91 -47.93
N ASP T 89 73.81 -60.60 -48.31
CA ASP T 89 73.20 -61.64 -47.46
C ASP T 89 73.73 -62.99 -47.91
N TYR T 90 74.92 -63.34 -47.43
CA TYR T 90 75.56 -64.61 -47.76
C TYR T 90 76.65 -64.87 -46.73
N ARG T 91 77.50 -65.85 -47.01
CA ARG T 91 78.57 -66.22 -46.09
C ARG T 91 79.49 -65.04 -45.83
N GLY T 92 80.29 -64.66 -46.82
CA GLY T 92 81.22 -63.56 -46.68
C GLY T 92 82.65 -64.02 -46.46
N THR T 93 83.21 -63.68 -45.30
CA THR T 93 84.58 -64.07 -44.97
C THR T 93 84.80 -63.84 -43.49
N MET T 94 85.51 -64.77 -42.86
CA MET T 94 85.78 -64.71 -41.43
C MET T 94 87.21 -64.24 -41.19
N ILE T 95 87.38 -63.39 -40.17
CA ILE T 95 88.70 -62.85 -39.82
C ILE T 95 88.86 -62.96 -38.32
N PRO T 96 90.00 -63.47 -37.81
CA PRO T 96 90.20 -63.56 -36.36
C PRO T 96 90.56 -62.20 -35.77
N SER T 97 89.61 -61.61 -35.03
CA SER T 97 89.81 -60.32 -34.40
C SER T 97 90.38 -60.51 -33.00
N GLU T 98 91.36 -59.67 -32.66
CA GLU T 98 92.03 -59.75 -31.38
C GLU T 98 91.14 -59.18 -30.27
N ALA T 99 91.65 -59.18 -29.05
CA ALA T 99 90.92 -58.70 -27.88
C ALA T 99 91.90 -58.09 -26.91
N PRO T 100 91.45 -57.23 -26.01
CA PRO T 100 92.36 -56.61 -25.04
C PRO T 100 92.64 -57.55 -23.87
N LEU T 101 93.64 -57.15 -23.08
CA LEU T 101 94.05 -57.93 -21.92
C LEU T 101 94.57 -56.97 -20.85
N LEU T 102 93.99 -57.05 -19.65
CA LEU T 102 94.43 -56.21 -18.56
C LEU T 102 95.86 -56.57 -18.15
N HIS T 103 96.55 -55.59 -17.56
CA HIS T 103 97.92 -55.80 -17.12
C HIS T 103 97.96 -56.83 -15.99
N ARG T 104 99.11 -56.96 -15.33
CA ARG T 104 99.30 -57.98 -14.29
C ARG T 104 99.20 -59.38 -14.89
N GLN T 105 98.01 -59.73 -15.41
CA GLN T 105 97.85 -61.04 -16.04
C GLN T 105 98.84 -61.24 -17.17
N VAL T 106 99.18 -60.17 -17.88
CA VAL T 106 100.12 -60.23 -19.00
C VAL T 106 101.38 -59.47 -18.58
N LYS T 107 102.46 -60.19 -18.37
CA LYS T 107 103.73 -59.61 -17.95
C LYS T 107 104.69 -59.51 -19.13
N LEU T 108 105.80 -58.80 -18.91
CA LEU T 108 106.80 -58.63 -19.94
C LEU T 108 107.70 -59.86 -20.02
N VAL T 109 108.36 -60.00 -21.17
CA VAL T 109 109.25 -61.13 -21.43
C VAL T 109 110.68 -60.64 -21.38
N ASP T 110 111.57 -61.50 -20.89
CA ASP T 110 112.98 -61.18 -20.78
C ASP T 110 113.69 -61.43 -22.11
N PRO T 111 114.84 -60.79 -22.33
CA PRO T 111 115.56 -60.97 -23.60
C PRO T 111 115.96 -62.43 -23.83
N MET T 112 116.97 -62.91 -23.10
CA MET T 112 117.44 -64.28 -23.27
C MET T 112 116.75 -65.26 -22.34
N ASP T 113 116.39 -64.83 -21.12
CA ASP T 113 115.71 -65.72 -20.19
C ASP T 113 114.35 -66.15 -20.74
N ARG T 114 113.61 -65.21 -21.32
CA ARG T 114 112.30 -65.49 -21.92
C ARG T 114 111.35 -66.08 -20.87
N LYS T 115 111.12 -65.31 -19.82
CA LYS T 115 110.23 -65.70 -18.74
C LYS T 115 109.44 -64.48 -18.27
N PRO T 116 108.25 -64.67 -17.71
CA PRO T 116 107.46 -63.54 -17.23
C PRO T 116 107.96 -63.08 -15.86
N THR T 117 108.47 -61.85 -15.80
CA THR T 117 108.98 -61.28 -14.56
C THR T 117 108.58 -59.82 -14.47
N GLU T 118 108.61 -59.30 -13.25
CA GLU T 118 108.27 -57.91 -13.02
C GLU T 118 109.47 -57.00 -13.26
N ILE T 119 109.20 -55.79 -13.73
CA ILE T 119 110.23 -54.81 -14.03
C ILE T 119 110.14 -53.67 -13.03
N GLU T 120 111.29 -53.12 -12.67
CA GLU T 120 111.37 -52.02 -11.73
C GLU T 120 111.87 -50.76 -12.45
N TRP T 121 111.64 -49.62 -11.81
CA TRP T 121 112.05 -48.32 -12.34
C TRP T 121 113.21 -47.81 -11.50
N ARG T 122 114.40 -48.31 -11.79
CA ARG T 122 115.62 -47.92 -11.08
C ARG T 122 116.23 -46.69 -11.74
N PHE T 123 116.62 -45.72 -10.92
CA PHE T 123 117.22 -44.48 -11.41
C PHE T 123 118.69 -44.75 -11.72
N THR T 124 118.99 -44.97 -12.99
CA THR T 124 120.36 -45.24 -13.42
C THR T 124 121.07 -43.93 -13.76
N GLU T 125 122.35 -44.05 -14.09
CA GLU T 125 123.16 -42.88 -14.43
C GLU T 125 122.94 -42.40 -15.86
N ALA T 126 122.16 -43.14 -16.66
CA ALA T 126 121.91 -42.75 -18.05
C ALA T 126 120.90 -41.61 -18.16
N GLY T 127 120.31 -41.17 -17.06
CA GLY T 127 119.34 -40.09 -17.10
C GLY T 127 118.02 -40.50 -17.73
N GLU T 128 117.19 -41.25 -16.99
CA GLU T 128 117.49 -41.69 -15.62
C GLU T 128 116.76 -42.99 -15.30
N ARG T 129 115.44 -42.96 -15.38
CA ARG T 129 114.64 -44.14 -15.11
C ARG T 129 114.54 -45.01 -16.36
N VAL T 130 114.83 -46.29 -16.22
CA VAL T 130 114.80 -47.24 -17.33
C VAL T 130 114.37 -48.60 -16.81
N ARG T 131 113.83 -49.42 -17.71
CA ARG T 131 113.38 -50.75 -17.32
C ARG T 131 114.56 -51.62 -16.90
N VAL T 132 114.42 -52.29 -15.76
CA VAL T 132 115.45 -53.18 -15.24
C VAL T 132 114.77 -54.42 -14.69
N SER T 133 115.11 -55.59 -15.23
CA SER T 133 114.50 -56.84 -14.80
C SER T 133 114.92 -57.15 -13.35
N THR T 134 114.20 -58.08 -12.75
CA THR T 134 114.48 -58.49 -11.38
C THR T 134 115.44 -59.68 -11.31
N ARG T 135 115.38 -60.60 -12.27
CA ARG T 135 116.29 -61.75 -12.27
C ARG T 135 117.73 -61.31 -12.43
N SER T 136 117.96 -60.20 -13.14
CA SER T 136 119.31 -59.68 -13.37
C SER T 136 119.15 -58.28 -13.97
N GLY T 137 120.25 -57.73 -14.48
CA GLY T 137 120.22 -56.42 -15.09
C GLY T 137 119.33 -56.38 -16.33
N ARG T 138 119.94 -56.48 -17.50
CA ARG T 138 119.19 -56.48 -18.76
C ARG T 138 118.33 -55.24 -18.88
N ILE T 139 118.87 -54.18 -19.48
CA ILE T 139 118.14 -52.93 -19.69
C ILE T 139 117.21 -53.15 -20.88
N ILE T 140 115.93 -53.42 -20.61
CA ILE T 140 114.96 -53.68 -21.67
C ILE T 140 114.81 -52.41 -22.52
N PRO T 141 115.12 -52.44 -23.82
CA PRO T 141 114.98 -51.23 -24.64
C PRO T 141 113.52 -50.92 -24.93
N LYS T 142 113.28 -49.78 -25.59
CA LYS T 142 111.93 -49.37 -25.93
C LYS T 142 111.53 -49.91 -27.29
N PRO T 143 110.24 -50.03 -27.56
CA PRO T 143 109.78 -50.54 -28.86
C PRO T 143 109.75 -49.43 -29.90
N GLU T 144 109.29 -49.78 -31.09
CA GLU T 144 109.18 -48.84 -32.20
C GLU T 144 108.04 -49.21 -33.14
N THR T 155 113.93 -41.12 -46.41
CA THR T 155 112.75 -41.55 -45.68
C THR T 155 111.62 -40.54 -45.83
N TRP T 156 111.99 -39.25 -45.87
CA TRP T 156 111.02 -38.16 -46.00
C TRP T 156 111.63 -37.12 -46.94
N ILE T 157 111.45 -37.33 -48.25
CA ILE T 157 111.99 -36.40 -49.24
C ILE T 157 111.21 -35.10 -49.18
N ASP T 158 111.92 -33.99 -49.40
CA ASP T 158 111.29 -32.68 -49.35
C ASP T 158 110.22 -32.56 -50.43
N GLY T 159 109.30 -31.63 -50.21
CA GLY T 159 108.21 -31.38 -51.13
C GLY T 159 108.25 -29.98 -51.70
N PRO T 160 107.17 -29.56 -52.35
CA PRO T 160 107.15 -28.21 -52.93
C PRO T 160 107.01 -27.11 -51.89
N LYS T 161 106.28 -27.35 -50.80
CA LYS T 161 106.05 -26.35 -49.76
C LYS T 161 106.85 -26.65 -48.50
N ASP T 162 107.88 -27.48 -48.59
CA ASP T 162 108.71 -27.81 -47.44
C ASP T 162 109.93 -26.91 -47.38
N THR T 163 110.31 -26.52 -46.18
CA THR T 163 111.47 -25.64 -45.99
C THR T 163 112.75 -26.36 -46.38
N SER T 164 113.54 -26.78 -45.39
CA SER T 164 114.80 -27.47 -45.65
C SER T 164 115.39 -27.98 -44.35
N VAL T 165 116.70 -28.26 -44.35
CA VAL T 165 117.39 -28.72 -43.16
C VAL T 165 118.31 -27.66 -42.57
N GLU T 166 118.70 -26.64 -43.34
CA GLU T 166 119.60 -25.59 -42.87
C GLU T 166 118.94 -24.22 -42.79
N ASP T 167 117.91 -23.97 -43.59
CA ASP T 167 117.25 -22.67 -43.56
C ASP T 167 116.58 -22.41 -42.21
N ALA T 168 116.05 -23.45 -41.58
CA ALA T 168 115.40 -23.32 -40.29
C ALA T 168 116.38 -23.24 -39.13
N LEU T 169 117.69 -23.25 -39.40
CA LEU T 169 118.71 -23.17 -38.36
C LEU T 169 119.72 -22.08 -38.67
N GLU T 170 119.28 -21.00 -39.33
CA GLU T 170 120.20 -19.92 -39.68
C GLU T 170 120.41 -18.96 -38.51
N ARG T 171 119.41 -18.79 -37.65
CA ARG T 171 119.51 -17.89 -36.52
C ARG T 171 119.77 -16.46 -37.00
N THR T 172 118.73 -15.80 -37.50
CA THR T 172 118.84 -14.44 -38.00
C THR T 172 118.28 -13.40 -37.04
N TYR T 173 117.84 -13.81 -35.84
CA TYR T 173 117.28 -12.87 -34.89
C TYR T 173 118.37 -12.00 -34.29
N VAL T 174 118.09 -10.71 -34.16
CA VAL T 174 119.03 -9.75 -33.59
C VAL T 174 118.35 -9.05 -32.42
N PRO T 175 118.70 -9.36 -31.16
CA PRO T 175 118.02 -8.71 -30.03
C PRO T 175 118.32 -7.23 -29.95
N CYS T 176 117.32 -6.40 -30.26
CA CYS T 176 117.48 -4.96 -30.23
C CYS T 176 116.14 -4.32 -29.90
N LEU T 177 116.13 -3.40 -28.93
CA LEU T 177 114.91 -2.72 -28.51
C LEU T 177 114.46 -1.80 -29.65
N LYS T 178 113.75 -2.40 -30.61
CA LYS T 178 113.26 -1.65 -31.77
C LYS T 178 111.81 -1.95 -32.12
N THR T 179 111.15 -2.89 -31.46
CA THR T 179 109.75 -3.22 -31.73
C THR T 179 109.59 -3.79 -33.13
N LEU T 180 108.59 -4.66 -33.30
CA LEU T 180 108.35 -5.27 -34.61
C LEU T 180 107.67 -4.29 -35.56
N GLN T 181 106.69 -3.53 -35.07
CA GLN T 181 105.98 -2.58 -35.93
C GLN T 181 106.93 -1.51 -36.46
N GLU T 182 107.72 -0.91 -35.56
CA GLU T 182 108.65 0.13 -35.98
C GLU T 182 109.70 -0.42 -36.92
N GLU T 183 110.18 -1.65 -36.66
CA GLU T 183 111.18 -2.25 -37.53
C GLU T 183 110.60 -2.49 -38.93
N VAL T 184 109.37 -2.99 -39.00
CA VAL T 184 108.74 -3.22 -40.30
C VAL T 184 108.52 -1.89 -41.03
N MET T 185 108.13 -0.85 -40.28
CA MET T 185 107.93 0.46 -40.89
C MET T 185 109.24 1.01 -41.46
N GLU T 186 110.33 0.86 -40.71
CA GLU T 186 111.62 1.34 -41.19
C GLU T 186 112.12 0.52 -42.38
N ALA T 187 111.83 -0.78 -42.39
CA ALA T 187 112.27 -1.62 -43.50
C ALA T 187 111.49 -1.30 -44.77
N MET T 188 110.17 -1.16 -44.67
CA MET T 188 109.34 -0.85 -45.82
C MET T 188 109.55 0.57 -46.34
N GLY T 189 110.20 1.43 -45.56
CA GLY T 189 110.43 2.79 -45.99
C GLY T 189 109.26 3.74 -45.80
N ILE T 190 108.19 3.29 -45.15
CA ILE T 190 107.03 4.14 -44.92
C ILE T 190 107.40 5.25 -43.96
N LYS T 191 106.88 6.45 -44.22
CA LYS T 191 107.15 7.62 -43.40
C LYS T 191 105.84 8.19 -42.88
N GLU T 192 105.86 8.69 -41.65
CA GLU T 192 104.67 9.28 -41.02
C GLU T 192 105.16 10.30 -39.99
N THR T 193 105.27 11.57 -40.43
CA THR T 193 105.73 12.62 -39.54
C THR T 193 104.70 12.99 -38.48
N ARG T 194 103.45 12.59 -38.67
CA ARG T 194 102.40 12.91 -37.70
C ARG T 194 102.68 12.21 -36.37
N LYS T 195 102.29 12.88 -35.29
CA LYS T 195 102.46 12.37 -33.94
C LYS T 195 101.12 11.92 -33.37
N TYR T 196 101.18 11.00 -32.42
CA TYR T 196 99.98 10.45 -31.77
C TYR T 196 99.70 11.27 -30.52
N LYS T 197 98.65 12.09 -30.58
CA LYS T 197 98.27 12.89 -29.43
C LYS T 197 97.81 12.00 -28.28
N LYS T 198 98.03 12.47 -27.06
CA LYS T 198 97.66 11.71 -25.87
C LYS T 198 96.16 11.39 -25.88
N VAL T 199 95.81 10.27 -25.26
CA VAL T 199 94.42 9.82 -25.17
C VAL T 199 94.14 9.45 -23.71
N TYR T 200 92.86 9.33 -23.40
CA TYR T 200 92.40 8.96 -22.07
C TYR T 200 92.10 7.46 -22.01
N TRP T 201 92.07 6.94 -20.78
CA TRP T 201 91.81 5.52 -20.56
C TRP T 201 90.82 5.25 -19.44
N TYR T 202 90.49 6.22 -18.59
CA TYR T 202 89.55 6.01 -17.50
C TYR T 202 90.02 4.85 -16.61
N LYS U 1 0.86 -16.36 19.86
CA LYS U 1 1.38 -16.88 21.11
C LYS U 1 1.74 -15.75 22.07
N SER U 2 0.93 -15.58 23.11
CA SER U 2 1.17 -14.54 24.09
C SER U 2 0.42 -14.89 25.37
N GLY U 3 1.07 -14.65 26.51
CA GLY U 3 0.48 -14.94 27.80
C GLY U 3 0.47 -16.40 28.19
N GLY U 4 1.06 -17.28 27.38
CA GLY U 4 1.09 -18.69 27.70
C GLY U 4 2.30 -19.39 27.13
N SER U 5 3.38 -18.64 26.92
CA SER U 5 4.61 -19.23 26.37
C SER U 5 5.40 -19.95 27.46
N SER U 6 6.01 -19.20 28.37
CA SER U 6 6.78 -19.78 29.46
C SER U 6 6.88 -18.82 30.63
N LYS U 7 5.79 -18.10 30.90
CA LYS U 7 5.78 -17.16 32.02
C LYS U 7 5.92 -17.86 33.36
N ASN U 8 5.62 -19.15 33.42
CA ASN U 8 5.69 -19.91 34.67
C ASN U 8 7.08 -20.53 34.85
N LEU U 9 8.07 -19.65 34.91
CA LEU U 9 9.46 -20.05 35.10
C LEU U 9 9.79 -20.14 36.59
N GLY U 10 11.01 -20.55 36.89
CA GLY U 10 11.50 -20.67 38.25
C GLY U 10 11.68 -22.11 38.72
N GLY U 11 10.90 -23.04 38.15
CA GLY U 11 11.00 -24.44 38.53
C GLY U 11 12.23 -25.11 37.98
N LYS U 12 13.38 -24.88 38.62
CA LYS U 12 14.63 -25.47 38.19
C LYS U 12 15.50 -25.77 39.42
N SER U 13 14.90 -26.40 40.43
CA SER U 13 15.59 -26.71 41.66
C SER U 13 16.00 -28.19 41.67
N SER U 14 17.18 -28.47 42.22
CA SER U 14 17.69 -29.82 42.31
C SER U 14 17.24 -30.45 43.64
N GLY U 15 17.62 -31.71 43.83
CA GLY U 15 17.25 -32.40 45.06
C GLY U 15 18.05 -31.88 46.25
N ARG U 16 17.36 -31.73 47.37
CA ARG U 16 17.98 -31.24 48.59
C ARG U 16 18.62 -32.35 49.42
N ARG U 17 18.34 -33.61 49.12
CA ARG U 17 18.90 -34.73 49.87
C ARG U 17 18.59 -34.59 51.36
N GLN U 18 17.34 -34.88 51.73
CA GLN U 18 16.89 -34.77 53.12
C GLN U 18 16.14 -36.03 53.49
N GLY U 19 16.78 -36.90 54.26
CA GLY U 19 16.16 -38.15 54.66
C GLY U 19 16.89 -38.78 55.82
N ILE U 20 16.76 -40.10 55.92
CA ILE U 20 17.37 -40.86 57.00
C ILE U 20 18.78 -41.24 56.57
N LYS U 21 19.75 -41.05 57.47
CA LYS U 21 21.14 -41.40 57.22
C LYS U 21 21.60 -42.63 57.98
N LYS U 22 20.95 -42.98 59.09
CA LYS U 22 21.31 -44.15 59.88
C LYS U 22 20.03 -44.84 60.31
N MET U 23 19.63 -45.87 59.57
CA MET U 23 18.42 -46.61 59.89
C MET U 23 18.56 -47.30 61.25
N GLU U 24 17.43 -47.84 61.73
CA GLU U 24 17.43 -48.53 63.01
C GLU U 24 18.33 -49.75 62.95
N GLY U 25 19.01 -50.03 64.07
CA GLY U 25 19.91 -51.14 64.16
C GLY U 25 21.36 -50.84 63.79
N HIS U 26 21.66 -49.63 63.34
CA HIS U 26 23.01 -49.26 62.97
C HIS U 26 23.76 -48.70 64.18
N TYR U 27 25.05 -49.03 64.26
CA TYR U 27 25.89 -48.56 65.36
C TYR U 27 26.38 -47.16 65.02
N VAL U 28 25.65 -46.16 65.51
CA VAL U 28 25.98 -44.76 65.25
C VAL U 28 26.84 -44.24 66.39
N HIS U 29 27.82 -43.39 66.04
CA HIS U 29 28.72 -42.82 67.02
C HIS U 29 28.15 -41.50 67.54
N ALA U 30 28.86 -40.89 68.48
CA ALA U 30 28.44 -39.63 69.08
C ALA U 30 28.87 -38.48 68.17
N GLY U 31 27.89 -37.80 67.58
CA GLY U 31 28.15 -36.67 66.71
C GLY U 31 27.69 -36.86 65.27
N ASN U 32 27.32 -38.07 64.87
CA ASN U 32 26.88 -38.31 63.50
C ASN U 32 25.43 -37.86 63.32
N ILE U 33 25.14 -37.30 62.16
CA ILE U 33 23.79 -36.83 61.86
C ILE U 33 22.90 -38.02 61.56
N ILE U 34 21.76 -38.10 62.24
CA ILE U 34 20.84 -39.22 62.04
C ILE U 34 19.95 -38.96 60.84
N ALA U 35 19.44 -37.75 60.68
CA ALA U 35 18.57 -37.42 59.57
C ALA U 35 18.42 -35.90 59.49
N THR U 36 18.09 -35.42 58.29
CA THR U 36 17.88 -34.00 58.04
C THR U 36 16.67 -33.82 57.16
N GLN U 37 15.75 -32.96 57.57
CA GLN U 37 14.54 -32.70 56.80
C GLN U 37 13.83 -31.49 57.39
N ARG U 38 13.02 -30.85 56.56
CA ARG U 38 12.24 -29.70 57.00
C ARG U 38 10.97 -30.16 57.71
N HIS U 39 10.45 -29.30 58.58
CA HIS U 39 9.29 -29.62 59.39
C HIS U 39 9.58 -30.80 60.32
N PHE U 40 9.31 -30.63 61.61
CA PHE U 40 9.62 -31.65 62.61
C PHE U 40 9.03 -33.00 62.22
N ARG U 41 9.84 -33.85 61.60
CA ARG U 41 9.41 -35.20 61.25
C ARG U 41 9.54 -36.11 62.47
N TRP U 42 10.76 -36.50 62.82
CA TRP U 42 11.03 -37.32 63.99
C TRP U 42 11.44 -36.41 65.13
N HIS U 43 10.57 -36.28 66.12
CA HIS U 43 10.86 -35.41 67.26
C HIS U 43 12.03 -35.97 68.07
N PRO U 44 12.72 -35.11 68.82
CA PRO U 44 13.87 -35.59 69.61
C PRO U 44 13.42 -36.45 70.77
N GLY U 45 14.13 -37.56 70.97
CA GLY U 45 13.84 -38.47 72.06
C GLY U 45 14.94 -38.50 73.11
N ALA U 46 15.48 -39.68 73.36
CA ALA U 46 16.54 -39.86 74.36
C ALA U 46 17.89 -39.86 73.66
N HIS U 47 18.79 -38.98 74.11
CA HIS U 47 20.13 -38.87 73.56
C HIS U 47 20.09 -38.52 72.07
N VAL U 48 19.31 -37.49 71.75
CA VAL U 48 19.16 -37.01 70.38
C VAL U 48 19.07 -35.49 70.44
N GLY U 49 20.08 -34.80 69.89
CA GLY U 49 20.08 -33.35 69.86
C GLY U 49 19.37 -32.79 68.64
N VAL U 50 19.19 -31.47 68.67
CA VAL U 50 18.51 -30.76 67.59
C VAL U 50 19.30 -29.49 67.29
N GLY U 51 19.67 -29.30 66.03
CA GLY U 51 20.42 -28.13 65.62
C GLY U 51 19.53 -26.95 65.29
N LYS U 52 19.84 -26.23 64.21
CA LYS U 52 19.06 -25.08 63.79
C LYS U 52 18.10 -25.39 62.66
N ASN U 53 18.40 -26.39 61.82
CA ASN U 53 17.54 -26.78 60.72
C ASN U 53 16.55 -27.87 61.11
N LYS U 54 16.24 -28.00 62.39
CA LYS U 54 15.31 -29.01 62.87
C LYS U 54 15.78 -30.43 62.53
N CYS U 55 17.10 -30.63 62.51
CA CYS U 55 17.68 -31.92 62.20
C CYS U 55 17.98 -32.69 63.50
N LEU U 56 18.57 -33.87 63.35
CA LEU U 56 18.92 -34.71 64.48
C LEU U 56 20.35 -35.19 64.33
N TYR U 57 20.97 -35.52 65.47
CA TYR U 57 22.34 -36.01 65.48
C TYR U 57 22.58 -36.77 66.78
N ALA U 58 23.17 -37.95 66.69
CA ALA U 58 23.42 -38.77 67.86
C ALA U 58 24.40 -38.07 68.79
N LEU U 59 24.20 -38.27 70.10
CA LEU U 59 25.05 -37.68 71.12
C LEU U 59 25.89 -38.70 71.88
N GLU U 60 25.54 -39.98 71.82
CA GLU U 60 26.28 -41.03 72.50
C GLU U 60 26.36 -42.25 71.61
N GLU U 61 27.47 -42.98 71.71
CA GLU U 61 27.68 -44.18 70.91
C GLU U 61 26.64 -45.24 71.27
N GLY U 62 25.75 -45.55 70.33
CA GLY U 62 24.73 -46.54 70.58
C GLY U 62 23.98 -46.87 69.31
N ILE U 63 23.00 -47.76 69.45
CA ILE U 63 22.17 -48.19 68.32
C ILE U 63 20.93 -47.31 68.27
N VAL U 64 20.56 -46.91 67.05
CA VAL U 64 19.40 -46.05 66.87
C VAL U 64 18.13 -46.88 67.01
N ARG U 65 17.13 -46.32 67.70
CA ARG U 65 15.85 -46.98 67.91
C ARG U 65 14.74 -45.95 67.82
N TYR U 66 13.64 -46.34 67.18
CA TYR U 66 12.48 -45.46 67.01
C TYR U 66 11.28 -46.07 67.72
N THR U 67 10.50 -45.21 68.39
CA THR U 67 9.31 -45.63 69.11
C THR U 67 8.22 -44.60 68.87
N LYS U 68 7.07 -44.81 69.52
CA LYS U 68 5.92 -43.91 69.41
C LYS U 68 5.48 -43.55 70.82
N GLU U 69 5.93 -42.39 71.30
CA GLU U 69 5.61 -41.91 72.63
C GLU U 69 4.64 -40.73 72.55
N VAL U 70 4.01 -40.42 73.68
CA VAL U 70 3.06 -39.32 73.74
C VAL U 70 3.80 -37.99 73.57
N TYR U 71 3.10 -37.01 73.00
CA TYR U 71 3.68 -35.70 72.73
C TYR U 71 3.18 -34.71 73.77
N VAL U 72 4.12 -34.10 74.49
CA VAL U 72 3.79 -33.07 75.49
C VAL U 72 4.79 -31.93 75.34
N PRO U 73 4.57 -31.00 74.42
CA PRO U 73 5.57 -29.95 74.18
C PRO U 73 5.62 -28.92 75.29
N HIS U 74 6.52 -27.94 75.14
CA HIS U 74 6.70 -26.89 76.14
C HIS U 74 5.54 -25.89 76.07
N PRO U 75 5.13 -25.31 77.20
CA PRO U 75 4.08 -24.29 77.15
C PRO U 75 4.42 -23.08 76.31
N ARG U 76 5.70 -22.89 75.97
CA ARG U 76 6.09 -21.74 75.15
C ARG U 76 5.37 -21.75 73.82
N ASN U 77 5.28 -22.92 73.18
CA ASN U 77 4.59 -23.04 71.90
C ASN U 77 3.10 -22.87 72.07
N THR U 78 2.61 -21.63 71.98
CA THR U 78 1.18 -21.38 72.14
C THR U 78 0.35 -22.12 71.10
N GLU U 79 0.89 -22.27 69.88
CA GLU U 79 0.16 -22.99 68.85
C GLU U 79 -0.03 -24.45 69.24
N ALA U 80 1.00 -25.08 69.80
CA ALA U 80 0.87 -26.46 70.24
C ALA U 80 -0.14 -26.59 71.37
N VAL U 81 -0.13 -25.65 72.31
CA VAL U 81 -1.09 -25.68 73.41
C VAL U 81 -2.51 -25.54 72.88
N ASP U 82 -2.71 -24.65 71.91
CA ASP U 82 -4.03 -24.47 71.32
C ASP U 82 -4.48 -25.74 70.61
N LEU U 83 -3.58 -26.34 69.82
CA LEU U 83 -3.92 -27.57 69.11
C LEU U 83 -4.27 -28.68 70.10
N ILE U 84 -3.55 -28.76 71.23
CA ILE U 84 -3.83 -29.79 72.22
C ILE U 84 -5.19 -29.54 72.86
N THR U 85 -5.46 -28.31 73.27
CA THR U 85 -6.76 -27.99 73.86
C THR U 85 -7.90 -28.24 72.89
N ARG U 86 -7.64 -28.11 71.59
CA ARG U 86 -8.67 -28.36 70.58
C ARG U 86 -9.02 -29.83 70.44
N LEU U 87 -8.31 -30.74 71.12
CA LEU U 87 -8.59 -32.16 71.04
C LEU U 87 -9.57 -32.59 72.12
N PRO U 88 -10.28 -33.69 71.91
CA PRO U 88 -11.23 -34.15 72.92
C PRO U 88 -10.54 -34.78 74.12
N LYS U 89 -11.33 -35.38 75.02
CA LYS U 89 -10.79 -35.99 76.23
C LYS U 89 -9.81 -37.10 75.88
N GLY U 90 -10.32 -38.26 75.50
CA GLY U 90 -9.46 -39.39 75.16
C GLY U 90 -8.75 -39.20 73.85
N ALA U 91 -7.84 -38.23 73.79
CA ALA U 91 -7.09 -37.92 72.58
C ALA U 91 -5.60 -37.90 72.89
N VAL U 92 -4.81 -38.51 72.00
CA VAL U 92 -3.36 -38.56 72.14
C VAL U 92 -2.74 -38.32 70.77
N LEU U 93 -1.63 -37.60 70.75
CA LEU U 93 -0.95 -37.30 69.48
C LEU U 93 -0.06 -38.46 69.06
N TYR U 94 0.74 -38.99 69.99
CA TYR U 94 1.65 -40.09 69.68
C TYR U 94 2.56 -39.74 68.51
N LYS U 95 3.67 -39.07 68.80
CA LYS U 95 4.63 -38.69 67.77
C LYS U 95 5.75 -39.71 67.68
N THR U 96 6.56 -39.58 66.64
CA THR U 96 7.67 -40.49 66.36
C THR U 96 8.95 -39.90 66.94
N PHE U 97 9.51 -40.55 67.94
CA PHE U 97 10.72 -40.11 68.60
C PHE U 97 11.91 -40.92 68.11
N VAL U 98 13.10 -40.55 68.58
CA VAL U 98 14.35 -41.23 68.22
C VAL U 98 15.14 -41.47 69.49
N HIS U 99 15.67 -42.69 69.64
CA HIS U 99 16.43 -43.07 70.82
C HIS U 99 17.76 -43.67 70.37
N VAL U 100 18.73 -43.64 71.28
CA VAL U 100 20.07 -44.18 71.05
C VAL U 100 20.44 -45.00 72.27
N VAL U 101 20.27 -46.32 72.18
CA VAL U 101 20.58 -47.22 73.28
C VAL U 101 22.09 -47.26 73.49
N PRO U 102 22.61 -46.75 74.60
CA PRO U 102 24.06 -46.75 74.79
C PRO U 102 24.60 -48.16 74.99
N ALA U 103 25.81 -48.38 74.46
CA ALA U 103 26.47 -49.68 74.54
C ALA U 103 27.59 -49.68 75.57
N LYS U 104 28.63 -48.88 75.37
CA LYS U 104 29.75 -48.84 76.29
C LYS U 104 29.43 -47.96 77.48
N PRO U 105 30.10 -48.16 78.61
CA PRO U 105 29.85 -47.33 79.79
C PRO U 105 30.61 -46.02 79.70
N GLU U 106 30.42 -45.18 80.73
CA GLU U 106 31.08 -43.89 80.77
C GLU U 106 32.52 -43.97 81.27
N GLY U 107 32.87 -45.03 81.98
CA GLY U 107 34.23 -45.18 82.48
C GLY U 107 34.36 -46.47 83.25
N THR U 108 35.60 -46.73 83.69
CA THR U 108 35.92 -47.93 84.45
C THR U 108 36.93 -47.59 85.53
N PHE U 109 36.73 -48.16 86.72
CA PHE U 109 37.62 -47.93 87.84
C PHE U 109 38.83 -48.85 87.69
N LYS U 110 39.91 -48.32 87.12
CA LYS U 110 41.13 -49.07 86.90
C LYS U 110 42.12 -48.83 88.03
N LEU U 111 43.02 -49.79 88.22
CA LEU U 111 44.02 -49.72 89.27
C LEU U 111 45.14 -48.78 88.83
N VAL U 112 45.41 -47.76 89.64
CA VAL U 112 46.46 -46.79 89.34
C VAL U 112 47.80 -47.31 89.84
N ALA U 113 47.99 -47.27 91.17
CA ALA U 113 49.23 -47.73 91.77
C ALA U 113 48.94 -48.22 93.18
N MET U 114 49.87 -49.02 93.70
CA MET U 114 49.76 -49.59 95.05
C MET U 114 50.72 -48.83 95.96
N LEU U 115 50.16 -48.00 96.83
CA LEU U 115 50.97 -47.21 97.76
C LEU U 115 50.96 -47.84 99.16
N PRO V 1 79.29 -29.51 6.26
CA PRO V 1 79.68 -28.22 5.67
C PRO V 1 79.32 -27.03 6.54
N LEU V 2 80.33 -26.41 7.15
CA LEU V 2 80.11 -25.24 8.00
C LEU V 2 81.33 -24.34 7.93
N HIS V 3 81.14 -23.10 8.35
CA HIS V 3 82.23 -22.12 8.36
C HIS V 3 83.20 -22.43 9.50
N LYS V 4 84.34 -21.72 9.49
CA LYS V 4 85.36 -21.88 10.50
C LYS V 4 85.24 -20.87 11.64
N TYR V 5 84.66 -19.71 11.38
CA TYR V 5 84.49 -18.66 12.37
C TYR V 5 83.03 -18.24 12.41
N PRO V 6 82.60 -17.60 13.50
CA PRO V 6 81.20 -17.15 13.58
C PRO V 6 80.87 -16.09 12.53
N VAL V 7 79.65 -15.59 12.56
CA VAL V 7 79.24 -14.57 11.59
C VAL V 7 79.69 -13.18 12.05
N TRP V 8 79.84 -12.96 13.35
CA TRP V 8 80.25 -11.68 13.89
C TRP V 8 81.77 -11.54 13.98
N LEU V 9 82.52 -12.35 13.24
CA LEU V 9 83.97 -12.25 13.18
C LEU V 9 84.49 -11.97 11.77
N TRP V 10 83.62 -11.94 10.76
CA TRP V 10 84.08 -11.67 9.40
C TRP V 10 84.63 -10.25 9.29
N LYS V 11 84.11 -9.31 10.09
CA LYS V 11 84.66 -7.97 10.08
C LYS V 11 86.12 -7.96 10.48
N ARG V 12 86.45 -8.60 11.61
CA ARG V 12 87.84 -8.68 12.05
C ARG V 12 88.67 -9.49 11.06
N LEU V 13 88.10 -10.54 10.48
CA LEU V 13 88.84 -11.33 9.50
C LEU V 13 89.24 -10.47 8.31
N GLN V 14 88.31 -9.67 7.79
CA GLN V 14 88.62 -8.79 6.67
C GLN V 14 89.60 -7.70 7.09
N LEU V 15 89.48 -7.20 8.32
CA LEU V 15 90.41 -6.18 8.80
C LEU V 15 91.83 -6.72 8.86
N ARG V 16 91.98 -7.99 9.25
CA ARG V 16 93.29 -8.62 9.31
C ARG V 16 93.71 -9.26 7.99
N GLU V 17 92.84 -9.25 6.97
CA GLU V 17 93.13 -9.88 5.70
C GLU V 17 94.38 -9.30 5.04
N GLY V 18 94.22 -8.23 4.26
CA GLY V 18 95.32 -7.70 3.49
C GLY V 18 95.51 -6.20 3.63
N ILE V 19 94.88 -5.43 2.75
CA ILE V 19 95.07 -3.98 2.75
C ILE V 19 94.74 -3.39 4.12
N CYS V 20 93.73 -3.94 4.78
CA CYS V 20 93.37 -3.47 6.12
C CYS V 20 94.43 -3.83 7.15
N SER V 21 95.28 -4.81 6.88
CA SER V 21 96.34 -5.17 7.79
C SER V 21 97.52 -4.21 7.71
N ARG V 22 97.80 -3.67 6.52
CA ARG V 22 98.89 -2.73 6.36
C ARG V 22 98.61 -1.39 7.04
N LEU V 23 97.37 -1.15 7.47
CA LEU V 23 97.04 0.10 8.14
C LEU V 23 97.86 0.25 9.41
N PRO V 24 98.02 1.48 9.91
CA PRO V 24 98.80 1.68 11.14
C PRO V 24 98.18 0.93 12.31
N GLY V 25 98.95 0.88 13.41
CA GLY V 25 98.53 0.16 14.59
C GLY V 25 97.59 0.96 15.47
N HIS V 26 97.87 2.26 15.62
CA HIS V 26 97.03 3.09 16.47
C HIS V 26 95.62 3.19 15.92
N TYR V 27 95.48 3.25 14.60
CA TYR V 27 94.15 3.32 13.99
C TYR V 27 93.34 2.06 14.30
N LEU V 28 93.96 0.88 14.10
CA LEU V 28 93.28 -0.36 14.39
C LEU V 28 92.95 -0.48 15.87
N ARG V 29 93.86 -0.02 16.74
CA ARG V 29 93.60 -0.07 18.17
C ARG V 29 92.40 0.80 18.53
N SER V 30 92.35 2.03 18.00
CA SER V 30 91.22 2.90 18.28
C SER V 30 89.92 2.34 17.72
N LEU V 31 89.99 1.66 16.57
CA LEU V 31 88.78 1.08 15.99
C LEU V 31 88.29 -0.10 16.81
N GLU V 32 89.21 -0.91 17.33
CA GLU V 32 88.84 -2.08 18.13
C GLU V 32 88.51 -1.74 19.57
N GLU V 33 88.87 -0.54 20.04
CA GLU V 33 88.55 -0.14 21.41
C GLU V 33 87.05 -0.30 21.69
N GLU V 34 86.23 0.50 21.01
CA GLU V 34 84.78 0.44 21.15
C GLU V 34 84.36 0.64 22.60
N ARG V 35 84.46 1.90 23.03
CA ARG V 35 84.08 2.27 24.39
C ARG V 35 82.56 2.48 24.47
N THR V 36 82.07 2.56 25.70
CA THR V 36 80.64 2.75 25.92
C THR V 36 80.28 4.24 25.81
N PRO V 37 79.06 4.55 25.42
CA PRO V 37 78.65 5.96 25.31
C PRO V 37 78.28 6.55 26.66
N THR V 38 78.06 7.86 26.65
CA THR V 38 77.68 8.58 27.87
C THR V 38 76.17 8.56 28.05
N PRO V 39 75.66 8.38 29.26
CA PRO V 39 74.21 8.41 29.46
C PRO V 39 73.62 9.74 29.05
N VAL V 40 72.44 9.70 28.43
CA VAL V 40 71.75 10.90 27.97
C VAL V 40 70.25 10.74 28.20
N HIS V 41 69.66 9.74 27.55
CA HIS V 41 68.22 9.50 27.62
C HIS V 41 67.84 8.46 28.66
N TYR V 42 68.56 8.41 29.79
CA TYR V 42 68.26 7.48 30.85
C TYR V 42 69.12 7.82 32.06
N ARG V 43 68.51 7.81 33.24
CA ARG V 43 69.22 8.11 34.47
C ARG V 43 70.22 7.00 34.78
N PRO V 44 71.53 7.26 34.76
CA PRO V 44 72.50 6.19 35.06
C PRO V 44 72.56 5.93 36.56
N HIS V 45 72.23 4.69 36.94
CA HIS V 45 72.27 4.30 38.35
C HIS V 45 73.72 4.27 38.84
N GLY V 46 74.04 5.14 39.79
CA GLY V 46 75.39 5.20 40.32
C GLY V 46 75.83 3.89 40.95
N ALA V 47 75.25 3.53 42.09
CA ALA V 47 75.61 2.30 42.76
C ALA V 47 75.26 1.09 41.89
N LYS V 48 76.15 0.10 41.89
CA LYS V 48 75.91 -1.10 41.09
C LYS V 48 74.72 -1.89 41.62
N PHE V 49 74.54 -1.91 42.93
CA PHE V 49 73.44 -2.63 43.57
C PHE V 49 72.38 -1.66 44.04
N LYS V 50 71.20 -2.20 44.33
CA LYS V 50 70.08 -1.40 44.83
C LYS V 50 69.08 -2.33 45.49
N ILE V 51 68.64 -1.97 46.69
CA ILE V 51 67.69 -2.79 47.44
C ILE V 51 66.29 -2.54 46.87
N ASN V 52 65.74 -3.53 46.18
CA ASN V 52 64.41 -3.41 45.60
C ASN V 52 63.35 -3.59 46.67
N PRO V 53 62.16 -3.02 46.47
CA PRO V 53 61.09 -3.16 47.46
C PRO V 53 60.54 -4.58 47.49
N LYS V 54 59.65 -4.81 48.45
CA LYS V 54 58.99 -6.09 48.69
C LYS V 54 59.93 -7.14 49.27
N ASN V 55 61.21 -6.83 49.48
CA ASN V 55 62.15 -7.78 50.04
C ASN V 55 63.50 -7.12 50.29
N GLY V 56 63.88 -6.98 51.55
CA GLY V 56 65.14 -6.37 51.90
C GLY V 56 66.34 -7.20 51.48
N GLN V 57 66.58 -7.28 50.17
CA GLN V 57 67.69 -8.06 49.64
C GLN V 57 68.31 -7.27 48.48
N ARG V 58 69.64 -7.18 48.48
CA ARG V 58 70.34 -6.48 47.41
C ARG V 58 70.28 -7.29 46.12
N GLU V 59 70.33 -6.57 44.99
CA GLU V 59 70.28 -7.19 43.68
C GLU V 59 71.18 -6.42 42.72
N ARG V 60 71.82 -7.15 41.82
CA ARG V 60 72.70 -6.54 40.84
C ARG V 60 71.89 -5.98 39.67
N VAL V 61 72.25 -4.77 39.23
CA VAL V 61 71.57 -4.12 38.13
C VAL V 61 72.60 -3.41 37.25
N GLU V 62 72.17 -3.05 36.05
CA GLU V 62 73.03 -2.37 35.09
C GLU V 62 72.21 -1.29 34.39
N ASP V 63 72.87 -0.56 33.49
CA ASP V 63 72.24 0.52 32.73
C ASP V 63 72.41 0.20 31.25
N VAL V 64 71.33 -0.25 30.62
CA VAL V 64 71.34 -0.59 29.20
C VAL V 64 71.07 0.67 28.39
N PRO V 65 71.83 0.94 27.33
CA PRO V 65 71.57 2.15 26.54
C PRO V 65 70.30 2.00 25.72
N ILE V 66 69.92 3.11 25.09
CA ILE V 66 68.71 3.17 24.26
C ILE V 66 69.15 3.15 22.80
N PRO V 67 68.70 2.18 21.99
CA PRO V 67 69.07 2.18 20.56
C PRO V 67 68.69 3.49 19.88
N ILE V 68 69.61 4.44 19.86
CA ILE V 68 69.36 5.76 19.29
C ILE V 68 69.70 5.74 17.81
N TYR V 69 69.02 6.59 17.05
CA TYR V 69 69.23 6.72 15.63
C TYR V 69 70.06 7.96 15.33
N PHE V 70 70.90 7.86 14.29
CA PHE V 70 71.80 8.93 13.89
C PHE V 70 71.55 9.26 12.42
N PRO V 71 70.65 10.18 12.11
CA PRO V 71 70.39 10.53 10.71
C PRO V 71 71.57 11.26 10.11
N PRO V 72 71.58 11.48 8.79
CA PRO V 72 72.70 12.18 8.17
C PRO V 72 72.87 13.60 8.69
N GLU V 73 71.80 14.23 9.16
CA GLU V 73 71.91 15.57 9.72
C GLU V 73 72.74 15.57 11.00
N SER V 74 72.71 14.48 11.77
CA SER V 74 73.52 14.40 12.97
C SER V 74 75.00 14.30 12.64
N GLN V 75 75.35 13.65 11.53
CA GLN V 75 76.74 13.57 11.12
C GLN V 75 77.20 14.84 10.43
N ARG V 76 76.29 15.54 9.75
CA ARG V 76 76.65 16.78 9.08
C ARG V 76 76.70 17.97 10.03
N GLY V 77 75.99 17.90 11.16
CA GLY V 77 75.97 18.98 12.13
C GLY V 77 76.38 18.48 13.51
N LEU V 78 77.20 19.28 14.19
CA LEU V 78 77.67 18.93 15.52
C LEU V 78 76.51 18.74 16.49
N TRP V 79 76.12 17.50 16.72
CA TRP V 79 75.05 17.15 17.66
C TRP V 79 75.65 16.49 18.89
N GLY V 80 74.97 16.67 20.02
CA GLY V 80 75.43 16.09 21.27
C GLY V 80 75.32 14.58 21.29
N GLY V 81 75.12 14.01 22.47
CA GLY V 81 75.00 12.57 22.61
C GLY V 81 73.56 12.10 22.50
N GLU V 82 72.74 12.85 21.77
CA GLU V 82 71.33 12.55 21.59
C GLU V 82 71.06 12.28 20.11
N GLY V 83 69.79 12.26 19.74
CA GLY V 83 69.38 12.01 18.37
C GLY V 83 67.90 11.75 18.23
N TRP V 84 67.54 10.78 17.38
CA TRP V 84 66.15 10.42 17.15
C TRP V 84 65.85 9.12 17.89
N ILE V 85 64.97 9.20 18.89
CA ILE V 85 64.59 8.04 19.68
C ILE V 85 63.45 7.32 18.96
N LEU V 86 63.70 6.10 18.52
CA LEU V 86 62.72 5.29 17.81
C LEU V 86 62.21 4.22 18.77
N GLY V 87 60.96 4.38 19.24
CA GLY V 87 60.37 3.43 20.15
C GLY V 87 58.87 3.40 20.08
N GLN V 88 58.23 2.94 21.16
CA GLN V 88 56.78 2.85 21.23
C GLN V 88 56.31 3.27 22.62
N ILE V 89 55.07 3.73 22.69
CA ILE V 89 54.47 4.17 23.94
C ILE V 89 53.01 3.74 23.97
N TYR V 90 52.49 3.54 25.17
CA TYR V 90 51.08 3.21 25.35
C TYR V 90 50.25 4.48 25.21
N ALA V 91 48.97 4.40 25.55
CA ALA V 91 48.08 5.56 25.46
C ALA V 91 48.28 6.49 26.65
N ASN V 92 47.72 6.12 27.80
CA ASN V 92 47.83 6.90 29.02
C ASN V 92 48.87 6.33 29.97
N ASN V 93 49.99 5.84 29.44
CA ASN V 93 51.06 5.26 30.25
C ASN V 93 50.53 4.08 31.07
N ASP V 94 49.83 3.18 30.39
CA ASP V 94 49.27 2.00 31.03
C ASP V 94 49.20 0.86 30.02
N LYS V 95 49.73 -0.30 30.40
CA LYS V 95 49.72 -1.45 29.50
C LYS V 95 48.31 -1.93 29.19
N LEU V 96 47.32 -1.59 30.03
CA LEU V 96 45.95 -1.99 29.78
C LEU V 96 45.32 -1.31 28.57
N SER V 97 45.99 -0.30 28.02
CA SER V 97 45.48 0.43 26.87
C SER V 97 46.15 -0.08 25.59
N LYS V 98 45.94 0.63 24.49
CA LYS V 98 46.52 0.24 23.22
C LYS V 98 48.00 0.60 23.16
N ARG V 99 48.69 0.03 22.18
CA ARG V 99 50.10 0.28 21.95
C ARG V 99 50.26 0.97 20.60
N LEU V 100 51.02 2.08 20.59
CA LEU V 100 51.23 2.85 19.38
C LEU V 100 52.69 3.30 19.33
N LYS V 101 53.25 3.35 18.12
CA LYS V 101 54.63 3.74 17.94
C LYS V 101 54.77 5.26 18.07
N LYS V 102 55.99 5.69 18.40
CA LYS V 102 56.29 7.11 18.54
C LYS V 102 57.77 7.31 18.30
N VAL V 103 58.11 8.48 17.73
CA VAL V 103 59.48 8.83 17.40
C VAL V 103 59.72 10.26 17.87
N TRP V 104 60.63 10.42 18.83
CA TRP V 104 60.98 11.74 19.32
C TRP V 104 62.06 12.37 18.44
N LYS V 105 62.31 13.66 18.67
CA LYS V 105 63.33 14.40 17.93
C LYS V 105 63.89 15.48 18.83
N PRO V 106 65.13 15.89 18.63
CA PRO V 106 65.74 16.91 19.48
C PRO V 106 65.35 18.30 19.02
N GLN V 107 65.88 19.30 19.72
CA GLN V 107 65.63 20.71 19.42
C GLN V 107 66.86 21.30 18.73
N LEU V 108 66.69 21.72 17.48
CA LEU V 108 67.77 22.28 16.69
C LEU V 108 67.75 23.80 16.74
N PHE V 109 68.91 24.40 16.46
CA PHE V 109 69.06 25.85 16.45
C PHE V 109 70.05 26.20 15.34
N GLU V 110 70.45 27.48 15.31
CA GLU V 110 71.40 27.96 14.31
C GLU V 110 72.21 29.10 14.94
N ARG V 111 73.33 28.73 15.56
CA ARG V 111 74.21 29.69 16.21
C ARG V 111 75.45 29.91 15.34
N GLU V 112 76.34 30.79 15.83
CA GLU V 112 77.58 31.13 15.13
C GLU V 112 78.72 31.06 16.12
N PHE V 113 79.55 30.02 16.00
CA PHE V 113 80.69 29.83 16.89
C PHE V 113 81.94 30.45 16.28
N TYR V 114 83.01 30.46 17.07
CA TYR V 114 84.29 31.01 16.62
C TYR V 114 85.41 30.30 17.37
N SER V 115 86.11 29.40 16.69
CA SER V 115 87.19 28.65 17.28
C SER V 115 88.50 29.43 17.15
N GLU V 116 89.32 29.39 18.20
CA GLU V 116 90.59 30.10 18.18
C GLU V 116 91.70 29.30 17.51
N ILE V 117 91.58 27.97 17.50
CA ILE V 117 92.61 27.14 16.87
C ILE V 117 92.53 27.25 15.35
N LEU V 118 91.33 27.38 14.81
CA LEU V 118 91.13 27.50 13.37
C LEU V 118 90.97 28.93 12.90
N ASP V 119 90.47 29.83 13.75
CA ASP V 119 90.27 31.23 13.42
C ASP V 119 89.34 31.37 12.22
N LYS V 120 88.08 30.98 12.46
CA LYS V 120 87.05 31.04 11.43
C LYS V 120 85.70 30.81 12.08
N LYS V 121 84.69 31.54 11.61
CA LYS V 121 83.34 31.41 12.12
C LYS V 121 82.55 30.43 11.26
N PHE V 122 81.73 29.61 11.91
CA PHE V 122 80.93 28.60 11.23
C PHE V 122 79.46 28.77 11.62
N THR V 123 78.59 28.16 10.82
CA THR V 123 77.15 28.17 11.04
C THR V 123 76.68 26.71 11.09
N VAL V 124 76.64 26.16 12.30
CA VAL V 124 76.30 24.75 12.51
C VAL V 124 74.96 24.67 13.24
N THR V 125 74.19 23.64 12.92
CA THR V 125 72.90 23.40 13.56
C THR V 125 73.14 22.76 14.93
N VAL V 126 73.52 23.61 15.88
CA VAL V 126 73.83 23.15 17.23
C VAL V 126 72.56 23.02 18.04
N THR V 127 72.58 22.15 19.04
CA THR V 127 71.45 21.92 19.92
C THR V 127 71.70 22.59 21.27
N MET V 128 70.79 22.37 22.22
CA MET V 128 70.93 22.96 23.55
C MET V 128 71.95 22.20 24.39
N ARG V 129 71.92 20.86 24.34
CA ARG V 129 72.87 20.07 25.11
C ARG V 129 74.30 20.34 24.64
N THR V 130 74.50 20.46 23.32
CA THR V 130 75.84 20.76 22.81
C THR V 130 76.31 22.14 23.28
N LEU V 131 75.41 23.12 23.28
CA LEU V 131 75.78 24.45 23.77
C LEU V 131 76.13 24.41 25.24
N ASP V 132 75.36 23.67 26.04
CA ASP V 132 75.67 23.56 27.47
C ASP V 132 77.01 22.88 27.68
N LEU V 133 77.30 21.83 26.91
CA LEU V 133 78.60 21.16 27.03
C LEU V 133 79.75 22.09 26.65
N ILE V 134 79.55 22.88 25.58
CA ILE V 134 80.59 23.82 25.16
C ILE V 134 80.82 24.86 26.25
N ASP V 135 79.74 25.37 26.85
CA ASP V 135 79.88 26.35 27.91
C ASP V 135 80.58 25.77 29.13
N GLU V 136 80.27 24.51 29.47
CA GLU V 136 80.91 23.87 30.61
C GLU V 136 82.38 23.58 30.34
N ALA V 137 82.73 23.28 29.10
CA ALA V 137 84.12 22.99 28.73
C ALA V 137 84.98 24.24 28.68
N TYR V 138 84.42 25.43 28.89
CA TYR V 138 85.18 26.68 28.88
C TYR V 138 85.77 26.94 27.49
N GLY V 139 85.02 26.60 26.45
CA GLY V 139 85.46 26.81 25.09
C GLY V 139 85.05 25.70 24.14
N LEU V 140 84.75 26.06 22.89
CA LEU V 140 84.38 25.05 21.91
C LEU V 140 85.54 24.12 21.61
N ASP V 141 86.76 24.66 21.57
CA ASP V 141 87.93 23.82 21.32
C ASP V 141 88.11 22.78 22.42
N PHE V 142 87.94 23.18 23.68
CA PHE V 142 88.05 22.23 24.78
C PHE V 142 86.97 21.16 24.69
N TYR V 143 85.75 21.55 24.34
CA TYR V 143 84.67 20.58 24.23
C TYR V 143 84.93 19.59 23.10
N ILE V 144 85.53 20.07 22.00
CA ILE V 144 85.81 19.18 20.87
C ILE V 144 86.96 18.25 21.21
N LEU V 145 87.96 18.75 21.95
CA LEU V 145 89.11 17.93 22.31
C LEU V 145 88.84 16.95 23.44
N LYS V 146 87.83 17.22 24.26
CA LYS V 146 87.52 16.33 25.37
C LYS V 146 86.70 15.13 24.91
N THR V 147 85.68 15.36 24.11
CA THR V 147 84.82 14.27 23.65
C THR V 147 85.60 13.32 22.76
N PRO V 148 85.77 12.04 23.14
CA PRO V 148 86.49 11.11 22.27
C PRO V 148 85.74 10.81 20.99
N LYS V 149 86.17 9.78 20.25
CA LYS V 149 85.58 9.46 18.97
C LYS V 149 84.11 9.11 19.10
N GLU V 150 83.80 7.98 19.73
CA GLU V 150 82.43 7.48 19.80
C GLU V 150 81.53 8.36 20.66
N ASP V 151 82.08 9.27 21.46
CA ASP V 151 81.25 10.12 22.31
C ASP V 151 80.69 11.31 21.53
N LEU V 152 81.43 11.83 20.56
CA LEU V 152 80.96 12.99 19.81
C LEU V 152 80.01 12.58 18.69
N CYS V 153 80.20 11.40 18.11
CA CYS V 153 79.35 10.87 17.04
C CYS V 153 78.95 11.94 16.04
N SER V 154 79.85 12.25 15.10
CA SER V 154 79.55 13.19 14.01
C SER V 154 80.78 13.38 13.14
N LYS V 155 80.64 13.10 11.84
CA LYS V 155 81.79 13.17 10.95
C LYS V 155 82.38 14.58 10.90
N PHE V 156 81.52 15.60 10.89
CA PHE V 156 82.02 16.97 10.83
C PHE V 156 82.81 17.33 12.09
N GLY V 157 82.30 16.92 13.26
CA GLY V 157 83.04 17.17 14.49
C GLY V 157 84.36 16.43 14.53
N MET V 158 84.39 15.20 14.04
CA MET V 158 85.64 14.46 13.99
C MET V 158 86.65 15.13 13.06
N ASP V 159 86.17 15.63 11.91
CA ASP V 159 87.06 16.35 11.00
C ASP V 159 87.58 17.63 11.65
N LEU V 160 86.72 18.34 12.38
CA LEU V 160 87.17 19.55 13.07
C LEU V 160 88.22 19.22 14.12
N LYS V 161 88.02 18.14 14.88
CA LYS V 161 88.99 17.73 15.89
C LYS V 161 90.32 17.34 15.23
N ARG V 162 90.25 16.61 14.11
CA ARG V 162 91.47 16.24 13.39
C ARG V 162 92.21 17.48 12.90
N GLY V 163 91.49 18.46 12.37
CA GLY V 163 92.13 19.68 11.92
C GLY V 163 92.77 20.44 13.06
N MET V 164 92.07 20.53 14.20
CA MET V 164 92.64 21.22 15.36
C MET V 164 93.89 20.51 15.85
N LEU V 165 93.87 19.17 15.88
CA LEU V 165 95.04 18.42 16.31
C LEU V 165 96.21 18.63 15.36
N LEU V 166 95.94 18.60 14.05
CA LEU V 166 97.00 18.84 13.07
C LEU V 166 97.57 20.23 13.22
N ARG V 167 96.73 21.23 13.47
CA ARG V 167 97.20 22.59 13.65
C ARG V 167 98.06 22.70 14.91
N LEU V 168 97.64 22.06 16.00
CA LEU V 168 98.41 22.12 17.24
C LEU V 168 99.72 21.35 17.13
N ALA V 169 99.78 20.33 16.27
CA ALA V 169 100.99 19.54 16.13
C ALA V 169 101.98 20.20 15.16
N ARG V 170 101.48 20.86 14.12
CA ARG V 170 102.37 21.49 13.14
C ARG V 170 103.20 22.58 13.79
N GLN V 171 102.54 23.50 14.50
CA GLN V 171 103.23 24.61 15.17
C GLN V 171 104.01 25.46 14.18
N ASP V 172 103.40 25.73 13.03
CA ASP V 172 104.03 26.53 11.99
C ASP V 172 103.26 27.82 11.76
N PRO V 173 103.88 28.83 11.15
CA PRO V 173 103.16 30.09 10.88
C PRO V 173 101.98 29.86 9.95
N GLN V 174 100.79 30.24 10.42
CA GLN V 174 99.57 30.07 9.64
C GLN V 174 98.39 30.77 10.30
N LEU V 175 98.35 30.74 11.64
CA LEU V 175 97.25 31.36 12.38
C LEU V 175 97.13 32.84 12.03
N HIS V 176 98.08 33.64 12.50
CA HIS V 176 98.06 35.09 12.27
C HIS V 176 99.46 35.53 11.87
N PRO V 177 99.73 35.71 10.58
CA PRO V 177 101.07 36.18 10.17
C PRO V 177 101.41 37.50 10.83
N GLU V 178 102.71 37.72 11.01
CA GLU V 178 103.22 38.94 11.65
C GLU V 178 102.70 39.08 13.07
N ASP V 179 102.41 37.97 13.73
CA ASP V 179 101.90 37.97 15.10
C ASP V 179 102.35 36.69 15.80
N PRO V 180 103.65 36.54 16.04
CA PRO V 180 104.13 35.32 16.69
C PRO V 180 103.72 35.20 18.15
N GLU V 181 103.60 36.33 18.86
CA GLU V 181 103.20 36.27 20.26
C GLU V 181 101.79 35.73 20.41
N ARG V 182 100.87 36.17 19.54
CA ARG V 182 99.49 35.68 19.61
C ARG V 182 99.43 34.19 19.34
N ARG V 183 100.18 33.72 18.34
CA ARG V 183 100.19 32.29 18.04
C ARG V 183 100.78 31.49 19.19
N ALA V 184 101.86 31.99 19.79
CA ALA V 184 102.46 31.31 20.93
C ALA V 184 101.49 31.23 22.11
N ALA V 185 100.77 32.33 22.37
CA ALA V 185 99.79 32.32 23.45
C ALA V 185 98.65 31.34 23.16
N ILE V 186 98.19 31.30 21.91
CA ILE V 186 97.11 30.39 21.55
C ILE V 186 97.56 28.94 21.72
N TYR V 187 98.80 28.64 21.32
CA TYR V 187 99.32 27.29 21.49
C TYR V 187 99.48 26.95 22.97
N ASP V 188 99.93 27.91 23.79
CA ASP V 188 100.06 27.68 25.21
C ASP V 188 98.71 27.44 25.86
N LYS V 189 97.66 28.08 25.36
CA LYS V 189 96.31 27.86 25.90
C LYS V 189 95.87 26.42 25.77
N TYR V 190 96.42 25.67 24.81
CA TYR V 190 96.07 24.27 24.60
C TYR V 190 97.37 23.47 24.48
N LYS V 191 97.80 22.87 25.60
CA LYS V 191 99.03 22.10 25.63
C LYS V 191 98.84 20.70 26.19
N GLU V 192 97.64 20.34 26.64
CA GLU V 192 97.38 19.02 27.19
C GLU V 192 96.97 18.01 26.13
N PHE V 193 97.31 18.27 24.86
CA PHE V 193 96.97 17.35 23.78
C PHE V 193 98.14 17.24 22.80
N ALA V 194 98.01 17.82 21.61
CA ALA V 194 99.08 17.79 20.61
C ALA V 194 99.51 16.37 20.32
N ILE V 195 98.74 15.65 19.51
CA ILE V 195 99.07 14.29 19.11
C ILE V 195 100.13 14.36 18.02
N PRO V 196 101.11 13.46 17.99
CA PRO V 196 102.13 13.52 16.93
C PRO V 196 101.53 13.54 15.53
N GLU V 197 102.28 14.08 14.57
CA GLU V 197 101.79 14.17 13.20
C GLU V 197 101.50 12.79 12.62
N GLU V 198 102.29 11.78 12.99
CA GLU V 198 102.07 10.44 12.48
C GLU V 198 100.71 9.90 12.91
N GLU V 199 100.34 10.11 14.18
CA GLU V 199 99.08 9.64 14.70
C GLU V 199 97.95 10.66 14.55
N ALA V 200 98.27 11.92 14.26
CA ALA V 200 97.25 12.95 14.09
C ALA V 200 96.49 12.83 12.77
N GLU V 201 97.09 12.22 11.76
CA GLU V 201 96.42 12.08 10.48
C GLU V 201 95.28 11.07 10.56
N TRP V 202 95.50 9.95 11.25
CA TRP V 202 94.49 8.91 11.38
C TRP V 202 93.66 9.18 12.64
N VAL V 203 92.87 10.25 12.56
CA VAL V 203 91.99 10.67 13.66
C VAL V 203 90.65 11.03 13.05
N GLY V 204 89.62 10.22 13.32
CA GLY V 204 88.29 10.46 12.81
C GLY V 204 88.03 9.90 11.43
N LEU V 205 89.06 9.44 10.72
CA LEU V 205 88.87 8.90 9.39
C LEU V 205 88.07 7.60 9.46
N THR V 206 87.18 7.41 8.48
CA THR V 206 86.36 6.22 8.41
C THR V 206 87.16 5.05 7.85
N LEU V 207 86.49 3.91 7.68
CA LEU V 207 87.16 2.72 7.16
C LEU V 207 87.51 2.90 5.69
N GLU V 208 86.53 3.28 4.86
CA GLU V 208 86.79 3.49 3.45
C GLU V 208 87.79 4.62 3.22
N GLU V 209 87.64 5.72 3.97
CA GLU V 209 88.58 6.83 3.84
C GLU V 209 89.99 6.41 4.24
N ALA V 210 90.11 5.62 5.31
CA ALA V 210 91.42 5.15 5.74
C ALA V 210 92.03 4.24 4.68
N ILE V 211 91.24 3.36 4.09
CA ILE V 211 91.75 2.47 3.04
C ILE V 211 92.21 3.28 1.85
N GLU V 212 91.43 4.30 1.47
CA GLU V 212 91.81 5.14 0.34
C GLU V 212 93.10 5.89 0.61
N LYS V 213 93.25 6.43 1.83
CA LYS V 213 94.48 7.12 2.20
C LYS V 213 95.67 6.18 2.16
N GLN V 214 95.50 4.96 2.69
CA GLN V 214 96.59 3.98 2.66
C GLN V 214 96.96 3.63 1.22
N ARG V 215 95.97 3.44 0.36
CA ARG V 215 96.25 3.12 -1.03
C ARG V 215 96.99 4.27 -1.72
N LEU V 216 96.56 5.51 -1.47
CA LEU V 216 97.23 6.66 -2.07
C LEU V 216 98.64 6.84 -1.52
N LEU V 217 98.88 6.40 -0.29
CA LEU V 217 100.21 6.55 0.31
C LEU V 217 101.20 5.59 -0.32
N GLU V 218 100.92 4.28 -0.24
CA GLU V 218 101.82 3.25 -0.76
C GLU V 218 101.53 2.91 -2.21
N GLU V 219 101.07 3.88 -3.01
CA GLU V 219 100.80 3.64 -4.43
C GLU V 219 102.07 3.17 -5.13
N LYS V 220 102.93 4.12 -5.52
CA LYS V 220 104.19 3.78 -6.18
C LYS V 220 103.95 2.95 -7.43
N ASP V 221 103.97 3.61 -8.60
CA ASP V 221 103.78 2.88 -9.85
C ASP V 221 104.88 1.84 -10.03
N PRO V 222 104.64 0.82 -10.85
CA PRO V 222 105.67 -0.21 -11.06
C PRO V 222 106.93 0.38 -11.66
N VAL V 223 108.04 0.22 -10.96
CA VAL V 223 109.33 0.74 -11.44
C VAL V 223 109.80 -0.12 -12.61
N PRO V 224 110.32 0.47 -13.68
CA PRO V 224 110.80 -0.36 -14.80
C PRO V 224 111.92 -1.29 -14.35
N LEU V 225 111.87 -2.53 -14.85
CA LEU V 225 112.88 -3.52 -14.51
C LEU V 225 114.24 -3.18 -15.11
N PHE V 226 114.31 -2.24 -16.05
CA PHE V 226 115.60 -1.87 -16.63
C PHE V 226 116.55 -1.32 -15.57
N LYS V 227 116.05 -0.47 -14.68
CA LYS V 227 116.89 0.08 -13.63
C LYS V 227 117.36 -1.01 -12.68
N ILE V 228 116.47 -1.96 -12.34
CA ILE V 228 116.86 -3.06 -11.45
C ILE V 228 117.94 -3.91 -12.10
N TYR V 229 117.79 -4.20 -13.40
CA TYR V 229 118.80 -4.98 -14.09
C TYR V 229 120.13 -4.23 -14.18
N VAL V 230 120.07 -2.91 -14.39
CA VAL V 230 121.29 -2.12 -14.44
C VAL V 230 121.99 -2.14 -13.09
N ALA V 231 121.21 -2.03 -12.00
CA ALA V 231 121.80 -2.09 -10.66
C ALA V 231 122.42 -3.46 -10.40
N GLU V 232 121.75 -4.53 -10.84
CA GLU V 232 122.30 -5.87 -10.66
C GLU V 232 123.60 -6.03 -11.44
N LEU V 233 123.64 -5.52 -12.67
CA LEU V 233 124.86 -5.59 -13.46
C LEU V 233 125.98 -4.78 -12.83
N ILE V 234 125.66 -3.61 -12.27
CA ILE V 234 126.66 -2.80 -11.59
C ILE V 234 127.22 -3.54 -10.39
N GLN V 235 126.33 -4.18 -9.61
CA GLN V 235 126.79 -4.95 -8.45
C GLN V 235 127.67 -6.12 -8.89
N GLN V 236 127.32 -6.77 -9.99
CA GLN V 236 128.13 -7.87 -10.50
C GLN V 236 129.51 -7.38 -10.92
N LEU V 237 129.55 -6.27 -11.65
CA LEU V 237 130.83 -5.70 -12.07
C LEU V 237 131.68 -5.32 -10.87
N GLN V 238 131.04 -4.76 -9.83
CA GLN V 238 131.77 -4.40 -8.62
C GLN V 238 132.36 -5.64 -7.96
N GLN V 239 131.53 -6.67 -7.76
CA GLN V 239 132.02 -7.90 -7.14
C GLN V 239 133.12 -8.54 -7.96
N GLN V 240 133.10 -8.35 -9.28
CA GLN V 240 134.11 -8.96 -10.15
C GLN V 240 135.42 -8.19 -10.11
N ALA V 241 135.35 -6.87 -10.12
CA ALA V 241 136.56 -6.03 -10.19
C ALA V 241 137.07 -5.69 -8.79
N LEU V 242 136.31 -4.91 -8.04
CA LEU V 242 136.73 -4.45 -6.72
C LEU V 242 136.96 -5.63 -5.78
N SER V 243 135.88 -6.28 -5.35
CA SER V 243 135.97 -7.41 -4.45
C SER V 243 135.96 -8.72 -5.22
N GLY W 1 97.02 -12.68 -57.64
CA GLY W 1 96.07 -13.31 -58.53
C GLY W 1 95.16 -14.29 -57.81
N LEU W 2 94.02 -14.61 -58.44
CA LEU W 2 93.07 -15.54 -57.85
C LEU W 2 93.58 -16.97 -57.86
N GLU W 3 94.60 -17.27 -58.66
CA GLU W 3 95.14 -18.63 -58.71
C GLU W 3 95.77 -19.04 -57.39
N GLU W 4 96.16 -18.09 -56.55
CA GLU W 4 96.76 -18.42 -55.26
C GLU W 4 95.75 -19.04 -54.30
N PHE W 5 94.45 -18.92 -54.59
CA PHE W 5 93.43 -19.51 -53.73
C PHE W 5 93.34 -21.02 -53.85
N PHE W 6 94.13 -21.63 -54.72
CA PHE W 6 94.13 -23.08 -54.89
C PHE W 6 95.56 -23.56 -55.10
N ASP W 7 95.84 -24.78 -54.66
CA ASP W 7 97.17 -25.36 -54.77
C ASP W 7 97.45 -25.70 -56.24
N ASP W 8 98.53 -26.44 -56.47
CA ASP W 8 98.90 -26.84 -57.82
C ASP W 8 97.77 -27.65 -58.44
N PRO W 9 97.25 -27.26 -59.61
CA PRO W 9 96.17 -28.05 -60.23
C PRO W 9 96.55 -29.51 -60.44
N LYS W 10 97.85 -29.80 -60.54
CA LYS W 10 98.29 -31.17 -60.70
C LYS W 10 97.89 -32.04 -59.51
N ASN W 11 97.75 -31.44 -58.33
CA ASN W 11 97.37 -32.17 -57.13
C ASN W 11 95.86 -32.26 -56.95
N TRP W 12 95.07 -31.61 -57.81
CA TRP W 12 93.62 -31.68 -57.69
C TRP W 12 93.14 -33.10 -57.92
N GLY W 13 92.55 -33.70 -56.88
CA GLY W 13 92.05 -35.06 -56.98
C GLY W 13 93.11 -36.10 -56.69
N GLN W 14 93.51 -36.21 -55.43
CA GLN W 14 94.52 -37.18 -55.02
C GLN W 14 94.29 -37.79 -53.65
N GLU W 15 93.59 -37.12 -52.74
CA GLU W 15 93.31 -37.65 -51.40
C GLU W 15 94.60 -37.92 -50.63
N LYS W 16 95.67 -37.19 -50.95
CA LYS W 16 96.95 -37.36 -50.28
C LYS W 16 97.88 -36.20 -50.60
N VAL W 17 98.52 -35.65 -49.56
CA VAL W 17 99.45 -34.54 -49.72
C VAL W 17 100.66 -34.80 -48.83
N LYS W 18 101.85 -34.42 -49.32
CA LYS W 18 103.10 -34.62 -48.60
C LYS W 18 103.53 -33.26 -48.03
N SER W 19 103.09 -32.97 -46.82
CA SER W 19 103.44 -31.73 -46.15
C SER W 19 102.98 -31.76 -44.70
N GLY W 20 103.89 -31.50 -43.78
CA GLY W 20 103.57 -31.51 -42.36
C GLY W 20 104.61 -30.79 -41.55
N ALA W 21 104.76 -31.22 -40.29
CA ALA W 21 105.72 -30.62 -39.37
C ALA W 21 105.40 -29.14 -39.15
N ALA W 22 104.73 -28.83 -38.05
CA ALA W 22 104.37 -27.45 -37.75
C ALA W 22 105.57 -26.70 -37.17
N TRP W 23 105.58 -25.39 -37.37
CA TRP W 23 106.65 -24.54 -36.86
C TRP W 23 106.60 -24.51 -35.33
N THR W 24 107.64 -25.03 -34.69
CA THR W 24 107.70 -25.04 -33.24
C THR W 24 107.99 -23.63 -32.72
N CYS W 25 108.10 -23.52 -31.40
CA CYS W 25 108.33 -22.21 -30.78
C CYS W 25 109.79 -21.78 -30.90
N GLN W 26 110.73 -22.71 -30.73
CA GLN W 26 112.14 -22.36 -30.79
C GLN W 26 112.53 -21.91 -32.20
N GLN W 27 112.04 -22.60 -33.23
CA GLN W 27 112.35 -22.22 -34.60
C GLN W 27 111.85 -20.81 -34.90
N LEU W 28 110.66 -20.46 -34.40
CA LEU W 28 110.14 -19.11 -34.62
C LEU W 28 110.92 -18.09 -33.82
N ARG W 29 111.34 -18.43 -32.60
CA ARG W 29 112.13 -17.52 -31.80
C ARG W 29 113.50 -17.26 -32.42
N ASN W 30 114.05 -18.24 -33.12
CA ASN W 30 115.35 -18.10 -33.77
C ASN W 30 115.25 -17.50 -35.16
N LYS W 31 114.42 -16.46 -35.33
CA LYS W 31 114.25 -15.80 -36.62
C LYS W 31 114.05 -14.31 -36.39
N SER W 32 114.35 -13.53 -37.42
CA SER W 32 114.22 -12.08 -37.36
C SER W 32 112.75 -11.70 -37.42
N ASN W 33 112.48 -10.40 -37.47
CA ASN W 33 111.11 -9.90 -37.52
C ASN W 33 110.53 -9.90 -38.93
N GLU W 34 111.32 -9.49 -39.91
CA GLU W 34 110.84 -9.50 -41.30
C GLU W 34 110.57 -10.92 -41.77
N ASP W 35 111.47 -11.85 -41.46
CA ASP W 35 111.25 -13.24 -41.83
C ASP W 35 110.01 -13.80 -41.14
N LEU W 36 109.81 -13.44 -39.87
CA LEU W 36 108.62 -13.89 -39.15
C LEU W 36 107.36 -13.34 -39.79
N HIS W 37 107.38 -12.06 -40.20
CA HIS W 37 106.22 -11.48 -40.85
C HIS W 37 105.92 -12.16 -42.18
N LYS W 38 106.96 -12.42 -42.97
CA LYS W 38 106.77 -13.11 -44.24
C LYS W 38 106.21 -14.51 -44.02
N LEU W 39 106.74 -15.23 -43.04
CA LEU W 39 106.24 -16.57 -42.74
C LEU W 39 104.78 -16.51 -42.29
N TRP W 40 104.42 -15.51 -41.48
CA TRP W 40 103.04 -15.36 -41.06
C TRP W 40 102.12 -15.09 -42.24
N TYR W 41 102.55 -14.24 -43.16
CA TYR W 41 101.73 -13.95 -44.34
C TYR W 41 101.55 -15.20 -45.19
N VAL W 42 102.64 -15.96 -45.40
CA VAL W 42 102.55 -17.18 -46.21
C VAL W 42 101.65 -18.19 -45.52
N LEU W 43 101.73 -18.30 -44.20
CA LEU W 43 100.88 -19.23 -43.47
C LEU W 43 99.42 -18.80 -43.54
N LEU W 44 99.15 -17.49 -43.51
CA LEU W 44 97.79 -17.02 -43.65
C LEU W 44 97.24 -17.33 -45.04
N LYS W 45 98.06 -17.15 -46.08
CA LYS W 45 97.64 -17.51 -47.43
C LYS W 45 97.35 -19.01 -47.52
N GLU W 46 98.21 -19.84 -46.94
CA GLU W 46 98.00 -21.28 -46.95
C GLU W 46 96.72 -21.64 -46.20
N ARG W 47 96.45 -20.97 -45.09
CA ARG W 47 95.23 -21.23 -44.33
C ARG W 47 94.00 -20.85 -45.13
N ASN W 48 94.06 -19.72 -45.85
CA ASN W 48 92.95 -19.33 -46.72
C ASN W 48 92.72 -20.38 -47.79
N MET W 49 93.80 -20.84 -48.43
CA MET W 49 93.68 -21.87 -49.46
C MET W 49 93.06 -23.15 -48.90
N LEU W 50 93.51 -23.57 -47.72
CA LEU W 50 93.00 -24.80 -47.12
C LEU W 50 91.55 -24.65 -46.70
N LEU W 51 91.15 -23.47 -46.24
CA LEU W 51 89.75 -23.24 -45.89
C LEU W 51 88.87 -23.27 -47.14
N THR W 52 89.34 -22.66 -48.23
CA THR W 52 88.60 -22.75 -49.49
C THR W 52 88.47 -24.18 -49.95
N LEU W 53 89.55 -24.97 -49.83
CA LEU W 53 89.49 -26.37 -50.21
C LEU W 53 88.50 -27.14 -49.34
N GLU W 54 88.50 -26.85 -48.03
CA GLU W 54 87.55 -27.51 -47.13
C GLU W 54 86.11 -27.18 -47.51
N GLN W 55 85.85 -25.90 -47.81
CA GLN W 55 84.50 -25.51 -48.20
C GLN W 55 84.10 -26.19 -49.51
N GLU W 56 85.02 -26.25 -50.47
CA GLU W 56 84.71 -26.92 -51.74
C GLU W 56 84.42 -28.40 -51.52
N ALA W 57 85.19 -29.06 -50.65
CA ALA W 57 84.96 -30.47 -50.37
C ALA W 57 83.61 -30.67 -49.68
N LYS W 58 83.27 -29.79 -48.72
CA LYS W 58 81.98 -29.89 -48.06
C LYS W 58 80.84 -29.69 -49.05
N ARG W 59 81.01 -28.79 -50.01
CA ARG W 59 79.98 -28.57 -51.02
C ARG W 59 79.88 -29.76 -51.97
N GLN W 60 81.00 -30.41 -52.27
CA GLN W 60 81.01 -31.53 -53.20
C GLN W 60 80.64 -32.85 -52.53
N ARG W 61 80.44 -32.87 -51.22
CA ARG W 61 80.07 -34.08 -50.50
C ARG W 61 81.15 -35.15 -50.66
N LEU W 62 82.35 -34.81 -50.23
CA LEU W 62 83.50 -35.69 -50.31
C LEU W 62 84.38 -35.48 -49.08
N PRO W 63 85.19 -36.47 -48.72
CA PRO W 63 86.06 -36.30 -47.54
C PRO W 63 87.22 -35.36 -47.81
N MET W 64 88.04 -35.11 -46.78
CA MET W 64 89.19 -34.22 -46.92
C MET W 64 90.44 -35.02 -47.26
N PRO W 65 91.31 -34.52 -48.14
CA PRO W 65 92.55 -35.26 -48.41
C PRO W 65 93.41 -35.45 -47.18
N SER W 66 93.60 -34.40 -46.38
CA SER W 66 94.43 -34.48 -45.19
C SER W 66 94.36 -33.17 -44.41
N PRO W 67 93.46 -33.05 -43.43
CA PRO W 67 93.41 -31.82 -42.62
C PRO W 67 94.59 -31.66 -41.68
N GLU W 68 95.53 -32.62 -41.64
CA GLU W 68 96.70 -32.49 -40.79
C GLU W 68 97.51 -31.26 -41.17
N ARG W 69 97.58 -30.95 -42.46
CA ARG W 69 98.32 -29.76 -42.90
C ARG W 69 97.65 -28.49 -42.38
N LEU W 70 96.32 -28.43 -42.42
CA LEU W 70 95.61 -27.27 -41.89
C LEU W 70 95.82 -27.15 -40.38
N ASP W 71 95.75 -28.27 -39.66
CA ASP W 71 95.99 -28.23 -38.22
C ASP W 71 97.40 -27.74 -37.92
N LYS W 72 98.40 -28.20 -38.69
CA LYS W 72 99.77 -27.78 -38.45
C LYS W 72 99.96 -26.31 -38.80
N VAL W 73 99.29 -25.82 -39.83
CA VAL W 73 99.37 -24.40 -40.17
C VAL W 73 98.76 -23.56 -39.06
N VAL W 74 97.62 -24.00 -38.51
CA VAL W 74 97.00 -23.28 -37.41
C VAL W 74 97.93 -23.28 -36.18
N ASP W 75 98.56 -24.42 -35.91
CA ASP W 75 99.49 -24.49 -34.79
C ASP W 75 100.68 -23.57 -34.99
N SER W 76 101.20 -23.50 -36.22
CA SER W 76 102.32 -22.61 -36.50
C SER W 76 101.91 -21.15 -36.34
N MET W 77 100.70 -20.79 -36.81
CA MET W 77 100.22 -19.42 -36.62
C MET W 77 100.08 -19.09 -35.14
N ASP W 78 99.53 -20.03 -34.35
CA ASP W 78 99.39 -19.79 -32.92
C ASP W 78 100.75 -19.64 -32.25
N ALA W 79 101.73 -20.45 -32.66
CA ALA W 79 103.07 -20.34 -32.09
C ALA W 79 103.71 -19.01 -32.45
N LEU W 80 103.54 -18.55 -33.68
CA LEU W 80 104.08 -17.25 -34.08
C LEU W 80 103.43 -16.13 -33.29
N ASP W 81 102.11 -16.20 -33.11
CA ASP W 81 101.42 -15.18 -32.32
C ASP W 81 101.92 -15.19 -30.88
N LYS W 82 102.12 -16.37 -30.30
CA LYS W 82 102.60 -16.46 -28.93
C LYS W 82 104.02 -15.90 -28.81
N VAL W 83 104.87 -16.18 -29.79
CA VAL W 83 106.24 -15.66 -29.75
C VAL W 83 106.23 -14.14 -29.86
N VAL W 84 105.39 -13.60 -30.75
CA VAL W 84 105.30 -12.14 -30.89
C VAL W 84 104.79 -11.52 -29.60
N GLN W 85 103.80 -12.17 -28.96
CA GLN W 85 103.27 -11.64 -27.70
C GLN W 85 104.32 -11.68 -26.61
N GLU W 86 105.11 -12.75 -26.56
CA GLU W 86 106.17 -12.84 -25.55
C GLU W 86 107.23 -11.78 -25.78
N ARG W 87 107.61 -11.54 -27.05
CA ARG W 87 108.57 -10.49 -27.35
C ARG W 87 108.04 -9.13 -26.94
N GLU W 88 106.78 -8.85 -27.25
CA GLU W 88 106.19 -7.57 -26.87
C GLU W 88 106.13 -7.42 -25.36
N ASP W 89 105.80 -8.50 -24.65
CA ASP W 89 105.75 -8.44 -23.19
C ASP W 89 107.14 -8.17 -22.61
N ALA W 90 108.17 -8.82 -23.15
CA ALA W 90 109.52 -8.57 -22.67
C ALA W 90 109.93 -7.13 -22.94
N LEU W 91 109.62 -6.61 -24.14
CA LEU W 91 109.96 -5.23 -24.45
C LEU W 91 109.24 -4.26 -23.52
N ARG W 92 107.97 -4.53 -23.22
CA ARG W 92 107.21 -3.66 -22.33
C ARG W 92 107.77 -3.72 -20.91
N LEU W 93 108.14 -4.91 -20.45
CA LEU W 93 108.70 -5.04 -19.11
C LEU W 93 110.04 -4.32 -19.00
N LEU W 94 110.85 -4.38 -20.06
CA LEU W 94 112.14 -3.69 -20.05
C LEU W 94 112.02 -2.20 -20.32
N GLN W 95 110.89 -1.75 -20.85
CA GLN W 95 110.68 -0.32 -21.12
C GLN W 95 110.00 0.39 -19.96
N THR W 96 109.01 -0.26 -19.33
CA THR W 96 108.29 0.36 -18.22
C THR W 96 107.99 -0.60 -17.08
N GLY W 97 108.26 -1.90 -17.22
CA GLY W 97 107.97 -2.84 -16.15
C GLY W 97 106.49 -2.98 -15.84
N GLN W 98 105.63 -2.75 -16.83
CA GLN W 98 104.19 -2.83 -16.64
C GLN W 98 103.68 -4.18 -17.15
N GLU W 99 102.87 -4.84 -16.34
CA GLU W 99 102.28 -6.11 -16.72
C GLU W 99 100.98 -5.89 -17.48
N ARG W 100 100.67 -6.83 -18.37
CA ARG W 100 99.47 -6.75 -19.20
C ARG W 100 99.51 -5.53 -20.11
N ALA W 101 99.52 -5.75 -21.42
CA ALA W 101 99.57 -4.65 -22.37
C ALA W 101 98.39 -3.70 -22.17
N ARG W 102 97.18 -4.23 -22.27
CA ARG W 102 95.98 -3.41 -22.09
C ARG W 102 95.90 -2.93 -20.65
N PRO W 103 95.80 -1.62 -20.41
CA PRO W 103 95.73 -1.14 -19.02
C PRO W 103 94.39 -1.46 -18.38
N GLY W 104 94.38 -1.43 -17.06
CA GLY W 104 93.18 -1.73 -16.31
C GLY W 104 93.41 -1.57 -14.83
N ALA W 105 92.40 -1.95 -14.06
CA ALA W 105 92.46 -1.86 -12.61
C ALA W 105 91.27 -2.58 -12.02
N TRP W 106 91.39 -2.98 -10.76
CA TRP W 106 90.33 -3.68 -10.05
C TRP W 106 89.26 -2.69 -9.59
N ARG W 107 88.01 -3.13 -9.60
CA ARG W 107 86.89 -2.31 -9.17
C ARG W 107 85.80 -3.21 -8.62
N ARG W 108 84.84 -2.58 -7.94
CA ARG W 108 83.71 -3.28 -7.34
C ARG W 108 82.43 -2.81 -8.00
N ASP W 109 81.74 -3.71 -8.67
CA ASP W 109 80.50 -3.39 -9.36
C ASP W 109 79.33 -3.50 -8.37
N ILE W 110 78.11 -3.65 -8.89
CA ILE W 110 76.95 -3.75 -8.02
C ILE W 110 76.89 -5.12 -7.34
N PHE W 111 77.27 -6.17 -8.07
CA PHE W 111 77.21 -7.52 -7.52
C PHE W 111 78.21 -7.72 -6.38
N GLY W 112 79.24 -6.88 -6.29
CA GLY W 112 80.23 -6.97 -5.25
C GLY W 112 81.44 -7.82 -5.61
N ARG W 113 81.28 -8.78 -6.52
CA ARG W 113 82.40 -9.62 -6.93
C ARG W 113 83.50 -8.76 -7.53
N ILE W 114 84.72 -8.96 -7.05
CA ILE W 114 85.88 -8.20 -7.52
C ILE W 114 86.12 -8.53 -8.98
N ILE W 115 85.74 -7.62 -9.88
CA ILE W 115 85.89 -7.80 -11.31
C ILE W 115 87.02 -6.90 -11.80
N TRP W 116 87.81 -7.40 -12.74
CA TRP W 116 88.90 -6.64 -13.33
C TRP W 116 88.32 -5.71 -14.40
N HIS W 117 88.00 -4.50 -13.99
CA HIS W 117 87.41 -3.53 -14.91
C HIS W 117 88.35 -3.28 -16.09
N LYS W 118 87.78 -3.20 -17.29
CA LYS W 118 88.53 -3.01 -18.52
C LYS W 118 88.32 -1.60 -19.03
N PHE W 119 89.41 -0.94 -19.42
CA PHE W 119 89.34 0.42 -19.92
C PHE W 119 88.84 0.44 -21.35
N LYS W 120 87.94 1.38 -21.65
CA LYS W 120 87.34 1.51 -22.97
C LYS W 120 88.00 2.58 -23.82
N GLN W 121 88.88 3.39 -23.26
CA GLN W 121 89.54 4.46 -24.01
C GLN W 121 88.54 5.52 -24.45
N TRP W 122 88.72 6.75 -23.98
CA TRP W 122 87.83 7.85 -24.30
C TRP W 122 88.65 9.06 -24.75
N VAL W 123 87.95 10.13 -25.12
CA VAL W 123 88.59 11.34 -25.60
C VAL W 123 88.51 12.42 -24.53
N ILE W 124 87.40 12.45 -23.80
CA ILE W 124 87.18 13.45 -22.76
C ILE W 124 87.47 12.82 -21.40
N PRO W 125 87.81 13.61 -20.38
CA PRO W 125 88.10 13.01 -19.06
C PRO W 125 86.88 12.33 -18.46
N TRP W 126 87.05 11.75 -17.27
CA TRP W 126 85.98 11.01 -16.62
C TRP W 126 85.09 11.88 -15.74
N HIS W 127 85.54 13.08 -15.38
CA HIS W 127 84.78 13.95 -14.49
C HIS W 127 83.70 14.75 -15.22
N LEU W 128 83.41 14.41 -16.47
CA LEU W 128 82.34 15.11 -17.19
C LEU W 128 81.64 14.23 -18.23
N ASN W 129 82.05 12.98 -18.42
CA ASN W 129 81.39 12.12 -19.40
C ASN W 129 80.05 11.66 -18.84
N LYS W 130 78.97 11.94 -19.57
CA LYS W 130 77.63 11.62 -19.09
C LYS W 130 77.43 10.11 -18.96
N ARG W 131 77.87 9.36 -19.97
CA ARG W 131 77.63 7.91 -19.97
C ARG W 131 78.46 7.23 -18.87
N TYR W 132 79.75 7.51 -18.81
CA TYR W 132 80.61 6.86 -17.83
C TYR W 132 80.17 7.20 -16.40
N ASN W 133 79.64 8.40 -16.18
CA ASN W 133 79.18 8.77 -14.85
C ASN W 133 78.04 7.87 -14.38
N ARG W 134 77.23 7.36 -15.30
CA ARG W 134 76.14 6.47 -14.93
C ARG W 134 76.66 5.10 -14.51
N LYS W 135 77.78 4.66 -15.09
CA LYS W 135 78.36 3.37 -14.73
C LYS W 135 79.00 3.43 -13.35
N ARG W 136 78.16 3.50 -12.31
CA ARG W 136 78.65 3.56 -10.94
C ARG W 136 79.42 2.30 -10.57
N PHE W 137 80.01 2.27 -9.38
CA PHE W 137 80.81 1.13 -8.93
C PHE W 137 80.72 1.05 -7.41
N PHE W 138 79.69 0.37 -6.93
CA PHE W 138 79.53 0.11 -5.50
C PHE W 138 78.47 -0.96 -5.32
N ALA W 139 78.65 -1.81 -4.31
CA ALA W 139 77.77 -2.95 -4.09
C ALA W 139 76.73 -2.72 -2.99
N LEU W 140 76.94 -1.74 -2.12
CA LEU W 140 76.02 -1.46 -1.03
C LEU W 140 75.99 -2.61 -0.04
N PRO W 141 75.45 -2.42 1.17
CA PRO W 141 75.55 -3.46 2.20
C PRO W 141 74.61 -4.64 1.99
N TYR W 142 73.38 -4.37 1.51
CA TYR W 142 72.38 -5.42 1.43
C TYR W 142 72.82 -6.59 0.55
N VAL W 143 73.78 -6.37 -0.36
CA VAL W 143 74.30 -7.46 -1.18
C VAL W 143 75.18 -8.41 -0.38
N ASP W 144 75.48 -8.09 0.87
CA ASP W 144 76.26 -8.99 1.70
C ASP W 144 75.55 -10.32 1.90
N HIS W 145 74.22 -10.30 2.00
CA HIS W 145 73.47 -11.55 2.15
C HIS W 145 73.65 -12.45 0.94
N PHE W 146 73.52 -11.87 -0.26
CA PHE W 146 73.70 -12.66 -1.47
C PHE W 146 75.15 -13.14 -1.61
N LEU W 147 76.11 -12.31 -1.20
CA LEU W 147 77.51 -12.74 -1.23
C LEU W 147 77.73 -13.93 -0.29
N ARG W 148 77.15 -13.87 0.92
CA ARG W 148 77.26 -14.98 1.86
C ARG W 148 76.59 -16.23 1.30
N LEU W 149 75.45 -16.06 0.64
CA LEU W 149 74.77 -17.21 0.03
C LEU W 149 75.63 -17.85 -1.05
N GLU W 150 76.25 -17.03 -1.90
CA GLU W 150 77.14 -17.56 -2.93
C GLU W 150 78.33 -18.27 -2.33
N ARG W 151 78.93 -17.69 -1.28
CA ARG W 151 80.05 -18.33 -0.62
C ARG W 151 79.63 -19.67 -0.01
N GLU W 152 78.45 -19.73 0.59
CA GLU W 152 77.96 -20.97 1.17
C GLU W 152 77.71 -22.01 0.08
N LYS W 153 77.17 -21.59 -1.06
CA LYS W 153 76.98 -22.53 -2.16
C LYS W 153 78.29 -23.08 -2.67
N ARG W 154 79.31 -22.20 -2.80
CA ARG W 154 80.62 -22.65 -3.24
C ARG W 154 81.23 -23.62 -2.24
N ALA W 155 81.11 -23.32 -0.94
CA ALA W 155 81.63 -24.22 0.09
C ALA W 155 80.90 -25.56 0.05
N ARG W 156 79.59 -25.55 -0.17
CA ARG W 156 78.85 -26.79 -0.28
C ARG W 156 79.31 -27.61 -1.47
N ILE W 157 79.54 -26.96 -2.61
CA ILE W 157 80.03 -27.67 -3.78
C ILE W 157 81.41 -28.27 -3.52
N LYS W 158 82.28 -27.51 -2.85
CA LYS W 158 83.61 -28.00 -2.55
C LYS W 158 83.56 -29.21 -1.60
N ALA W 159 82.71 -29.12 -0.57
CA ALA W 159 82.57 -30.23 0.36
C ALA W 159 81.99 -31.47 -0.34
N ARG W 160 81.05 -31.26 -1.25
CA ARG W 160 80.49 -32.37 -2.01
C ARG W 160 81.57 -33.03 -2.86
N LYS W 161 82.39 -32.22 -3.53
CA LYS W 161 83.46 -32.78 -4.35
C LYS W 161 84.47 -33.54 -3.49
N GLU W 162 84.78 -33.00 -2.30
CA GLU W 162 85.73 -33.67 -1.41
C GLU W 162 85.18 -35.01 -0.94
N ASN W 163 83.92 -35.03 -0.51
CA ASN W 163 83.31 -36.29 -0.09
C ASN W 163 83.22 -37.27 -1.25
N LEU W 164 83.00 -36.76 -2.47
CA LEU W 164 82.96 -37.61 -3.64
C LEU W 164 84.32 -38.27 -3.88
N GLU W 165 85.39 -37.49 -3.83
CA GLU W 165 86.73 -38.05 -4.01
C GLU W 165 87.05 -39.05 -2.90
N ARG W 166 86.64 -38.74 -1.67
CA ARG W 166 86.90 -39.66 -0.56
C ARG W 166 86.17 -40.98 -0.76
N LYS W 167 84.90 -40.92 -1.17
CA LYS W 167 84.15 -42.15 -1.41
C LYS W 167 84.74 -42.94 -2.58
N LYS W 168 85.21 -42.24 -3.62
CA LYS W 168 85.86 -42.92 -4.73
C LYS W 168 87.12 -43.64 -4.27
N ALA W 169 87.94 -42.97 -3.46
CA ALA W 169 89.15 -43.61 -2.94
C ALA W 169 88.80 -44.81 -2.06
N LYS W 170 87.76 -44.67 -1.24
CA LYS W 170 87.35 -45.79 -0.39
C LYS W 170 86.89 -46.98 -1.22
N ILE W 171 86.11 -46.73 -2.28
CA ILE W 171 85.66 -47.81 -3.14
C ILE W 171 86.85 -48.46 -3.84
N LEU W 172 87.80 -47.65 -4.29
CA LEU W 172 88.99 -48.20 -4.94
C LEU W 172 89.78 -49.08 -3.98
N LEU W 173 89.93 -48.64 -2.73
CA LEU W 173 90.62 -49.45 -1.73
C LEU W 173 89.86 -50.74 -1.43
N LYS W 174 88.53 -50.66 -1.37
CA LYS W 174 87.73 -51.86 -1.13
C LYS W 174 87.88 -52.86 -2.26
N LYS W 175 87.95 -52.37 -3.51
CA LYS W 175 88.10 -53.28 -4.64
C LYS W 175 89.40 -54.06 -4.56
N PHE W 176 90.42 -53.50 -3.92
CA PHE W 176 91.71 -54.18 -3.77
C PHE W 176 92.10 -54.27 -2.29
N LYS X 1 5.93 -48.98 36.38
CA LYS X 1 7.29 -49.46 36.61
C LYS X 1 7.28 -50.94 36.95
N PHE X 2 8.10 -51.71 36.24
CA PHE X 2 8.23 -53.15 36.49
C PHE X 2 9.08 -53.33 37.74
N THR X 3 8.44 -53.49 38.88
CA THR X 3 9.14 -53.66 40.16
C THR X 3 9.47 -55.14 40.37
N ARG X 4 10.00 -55.46 41.54
CA ARG X 4 10.34 -56.83 41.89
C ARG X 4 9.06 -57.59 42.19
N SER X 5 8.67 -58.49 41.30
CA SER X 5 7.43 -59.24 41.47
C SER X 5 7.48 -60.10 42.73
N ARG X 6 6.54 -59.89 43.62
CA ARG X 6 6.43 -60.66 44.85
C ARG X 6 5.34 -61.72 44.72
N ILE X 7 5.32 -62.62 45.69
CA ILE X 7 4.35 -63.72 45.72
C ILE X 7 3.65 -63.72 47.07
N PRO X 8 2.33 -63.87 47.13
CA PRO X 8 1.63 -63.89 48.42
C PRO X 8 1.81 -65.24 49.12
N GLU X 9 1.18 -65.36 50.28
CA GLU X 9 1.27 -66.58 51.07
C GLU X 9 0.24 -67.63 50.67
N LYS X 10 -0.87 -67.23 50.06
CA LYS X 10 -1.91 -68.18 49.67
C LYS X 10 -1.44 -69.10 48.55
N VAL X 11 -0.40 -68.72 47.80
CA VAL X 11 0.07 -69.54 46.70
C VAL X 11 0.69 -70.84 47.23
N PHE X 12 1.74 -70.70 48.05
CA PHE X 12 2.45 -71.86 48.59
C PHE X 12 1.68 -72.39 49.80
N GLN X 13 0.65 -73.18 49.51
CA GLN X 13 -0.18 -73.79 50.55
C GLN X 13 -0.78 -75.07 49.96
N ALA X 14 -0.04 -76.17 50.09
CA ALA X 14 -0.49 -77.44 49.53
C ALA X 14 -1.79 -77.89 50.19
N SER X 15 -2.76 -78.24 49.37
CA SER X 15 -4.06 -78.71 49.83
C SER X 15 -4.14 -80.22 49.74
N PRO X 16 -5.12 -80.83 50.40
CA PRO X 16 -5.25 -82.30 50.30
C PRO X 16 -5.38 -82.79 48.88
N GLU X 17 -6.08 -82.04 48.02
CA GLU X 17 -6.21 -82.45 46.62
C GLU X 17 -4.86 -82.47 45.92
N ASP X 18 -4.02 -81.47 46.19
CA ASP X 18 -2.70 -81.44 45.58
C ASP X 18 -1.85 -82.61 46.06
N HIS X 19 -1.92 -82.94 47.35
CA HIS X 19 -1.18 -84.07 47.87
C HIS X 19 -1.66 -85.37 47.26
N GLU X 20 -2.98 -85.50 47.06
CA GLU X 20 -3.52 -86.72 46.45
C GLU X 20 -3.11 -86.83 44.99
N LYS X 21 -3.04 -85.70 44.28
CA LYS X 21 -2.64 -85.73 42.88
C LYS X 21 -1.20 -86.20 42.73
N TYR X 22 -0.28 -85.57 43.46
CA TYR X 22 1.12 -85.93 43.41
C TYR X 22 1.40 -87.04 44.43
N GLY X 23 2.68 -87.36 44.63
CA GLY X 23 3.06 -88.40 45.55
C GLY X 23 3.57 -87.86 46.88
N GLY X 24 3.88 -86.56 46.92
CA GLY X 24 4.37 -85.97 48.15
C GLY X 24 3.35 -86.03 49.26
N ASP X 25 3.84 -85.82 50.48
CA ASP X 25 3.02 -85.85 51.68
C ASP X 25 3.52 -84.78 52.64
N PRO X 26 2.66 -84.30 53.55
CA PRO X 26 3.10 -83.27 54.49
C PRO X 26 3.99 -83.82 55.60
N GLN X 27 3.53 -84.89 56.25
CA GLN X 27 4.30 -85.50 57.33
C GLN X 27 5.56 -86.15 56.77
N ASN X 28 6.69 -85.90 57.44
CA ASN X 28 7.98 -86.43 57.01
C ASN X 28 8.25 -86.05 55.56
N PRO X 29 8.41 -84.75 55.27
CA PRO X 29 8.67 -84.33 53.89
C PRO X 29 10.12 -84.55 53.50
N HIS X 30 10.37 -84.41 52.20
CA HIS X 30 11.72 -84.56 51.68
C HIS X 30 12.65 -83.51 52.27
N LYS X 31 13.95 -83.74 52.12
CA LYS X 31 14.96 -82.85 52.66
C LYS X 31 15.80 -82.15 51.59
N LEU X 32 15.77 -82.63 50.35
CA LEU X 32 16.55 -82.03 49.27
C LEU X 32 15.71 -82.01 48.00
N HIS X 33 16.02 -81.05 47.14
CA HIS X 33 15.33 -80.89 45.86
C HIS X 33 16.28 -81.20 44.71
N ILE X 34 15.70 -81.39 43.52
CA ILE X 34 16.47 -81.64 42.31
C ILE X 34 16.29 -80.47 41.37
N VAL X 35 17.09 -79.43 41.55
CA VAL X 35 16.98 -78.23 40.73
C VAL X 35 17.60 -78.50 39.36
N THR X 36 16.90 -78.11 38.30
CA THR X 36 17.37 -78.30 36.94
C THR X 36 16.82 -77.17 36.08
N ARG X 37 17.69 -76.25 35.68
CA ARG X 37 17.27 -75.12 34.87
C ARG X 37 16.69 -75.59 33.55
N ILE X 38 15.50 -75.09 33.21
CA ILE X 38 14.83 -75.44 31.97
C ILE X 38 14.50 -74.19 31.18
N LYS X 39 15.03 -73.04 31.61
CA LYS X 39 14.80 -71.78 30.93
C LYS X 39 16.06 -70.94 31.02
N SER X 40 16.34 -70.22 29.93
CA SER X 40 17.54 -69.40 29.88
C SER X 40 17.44 -68.21 30.83
N THR X 41 18.60 -67.63 31.15
CA THR X 41 18.65 -66.46 32.02
C THR X 41 18.38 -65.17 31.26
N ARG X 42 18.58 -65.15 29.95
CA ARG X 42 18.33 -63.96 29.17
C ARG X 42 16.84 -63.59 29.20
N ARG X 43 16.56 -62.37 28.76
CA ARG X 43 15.20 -61.83 28.71
C ARG X 43 14.55 -61.78 30.09
N ARG X 44 15.36 -61.81 31.15
CA ARG X 44 14.89 -61.76 32.52
C ARG X 44 15.64 -60.67 33.28
N PRO X 45 15.08 -60.17 34.38
CA PRO X 45 15.74 -59.10 35.12
C PRO X 45 17.15 -59.50 35.56
N TYR X 46 17.86 -58.51 36.10
CA TYR X 46 19.24 -58.74 36.54
C TYR X 46 19.29 -59.48 37.87
N TRP X 47 18.34 -59.23 38.77
CA TRP X 47 18.33 -59.93 40.05
C TRP X 47 18.10 -61.43 39.84
N GLU X 48 17.27 -61.78 38.85
CA GLU X 48 17.07 -63.20 38.53
C GLU X 48 18.35 -63.82 37.99
N LYS X 49 19.09 -63.09 37.15
CA LYS X 49 20.36 -63.59 36.67
C LYS X 49 21.34 -63.80 37.82
N ASP X 50 21.37 -62.86 38.77
CA ASP X 50 22.25 -63.00 39.93
C ASP X 50 21.86 -64.21 40.77
N ILE X 51 20.55 -64.42 40.97
CA ILE X 51 20.09 -65.56 41.73
C ILE X 51 20.48 -66.86 41.04
N ILE X 52 20.33 -66.91 39.71
CA ILE X 52 20.69 -68.12 38.96
C ILE X 52 22.19 -68.37 39.07
N LYS X 53 23.00 -67.31 38.98
CA LYS X 53 24.45 -67.47 39.10
C LYS X 53 24.82 -67.97 40.49
N MET X 54 24.16 -67.45 41.53
CA MET X 54 24.45 -67.89 42.89
C MET X 54 24.05 -69.34 43.09
N LEU X 55 22.92 -69.76 42.52
CA LEU X 55 22.46 -71.13 42.67
C LEU X 55 23.34 -72.12 41.89
N GLY X 56 24.15 -71.62 40.96
CA GLY X 56 25.01 -72.50 40.19
C GLY X 56 24.25 -73.31 39.16
N LEU X 57 23.64 -72.63 38.18
CA LEU X 57 22.87 -73.28 37.13
C LEU X 57 23.23 -72.66 35.79
N GLU X 58 24.52 -72.53 35.51
CA GLU X 58 24.95 -71.95 34.24
C GLU X 58 24.57 -72.84 33.07
N LYS X 59 24.93 -74.12 33.13
CA LYS X 59 24.60 -75.07 32.07
C LYS X 59 23.21 -75.63 32.31
N ALA X 60 22.28 -75.31 31.42
CA ALA X 60 20.92 -75.78 31.55
C ALA X 60 20.86 -77.31 31.42
N HIS X 61 19.74 -77.87 31.82
CA HIS X 61 19.53 -79.32 31.77
C HIS X 61 20.59 -80.06 32.57
N THR X 62 20.93 -79.52 33.74
CA THR X 62 21.93 -80.11 34.61
C THR X 62 21.33 -80.26 36.00
N PRO X 63 21.52 -81.41 36.66
CA PRO X 63 20.93 -81.58 37.99
C PRO X 63 21.71 -80.82 39.07
N GLN X 64 20.98 -80.43 40.10
CA GLN X 64 21.56 -79.69 41.21
C GLN X 64 20.70 -79.91 42.45
N VAL X 65 21.36 -79.96 43.60
CA VAL X 65 20.70 -80.19 44.88
C VAL X 65 21.00 -79.02 45.80
N HIS X 66 19.99 -78.60 46.56
CA HIS X 66 20.13 -77.51 47.51
C HIS X 66 19.30 -77.82 48.75
N LYS X 67 19.59 -77.11 49.83
CA LYS X 67 18.89 -77.33 51.09
C LYS X 67 17.44 -76.91 50.98
N ASN X 68 16.56 -77.67 51.64
CA ASN X 68 15.13 -77.36 51.67
C ASN X 68 14.85 -76.55 52.93
N ILE X 69 15.21 -75.27 52.88
CA ILE X 69 15.06 -74.37 54.01
C ILE X 69 14.36 -73.10 53.53
N PRO X 70 13.79 -72.33 54.46
CA PRO X 70 13.07 -71.11 54.04
C PRO X 70 13.90 -70.18 53.17
N SER X 71 15.17 -69.97 53.52
CA SER X 71 16.03 -69.10 52.71
C SER X 71 16.17 -69.64 51.30
N VAL X 72 16.61 -70.89 51.17
CA VAL X 72 16.73 -71.51 49.85
C VAL X 72 15.36 -71.64 49.20
N ASN X 73 14.31 -71.82 49.99
CA ASN X 73 12.96 -71.90 49.43
C ASN X 73 12.62 -70.61 48.69
N ALA X 74 12.85 -69.47 49.34
CA ALA X 74 12.58 -68.19 48.69
C ALA X 74 13.52 -67.95 47.51
N LYS X 75 14.79 -68.33 47.67
CA LYS X 75 15.75 -68.18 46.56
C LYS X 75 15.28 -68.95 45.34
N LEU X 76 14.72 -70.14 45.54
CA LEU X 76 14.18 -70.91 44.43
C LEU X 76 12.92 -70.25 43.87
N LYS X 77 11.99 -69.90 44.75
CA LYS X 77 10.75 -69.27 44.30
C LYS X 77 11.02 -68.03 43.46
N VAL X 78 12.15 -67.35 43.71
CA VAL X 78 12.46 -66.13 42.97
C VAL X 78 12.57 -66.40 41.48
N VAL X 79 12.96 -67.61 41.09
CA VAL X 79 13.17 -67.94 39.67
C VAL X 79 12.38 -69.18 39.30
N LYS X 80 11.46 -69.60 40.17
CA LYS X 80 10.59 -70.75 39.93
C LYS X 80 10.19 -70.88 38.47
N HIS X 81 9.95 -69.76 37.79
CA HIS X 81 9.58 -69.77 36.39
C HIS X 81 10.76 -70.05 35.46
N LEU X 82 11.92 -70.44 36.01
CA LEU X 82 13.09 -70.71 35.19
C LEU X 82 13.82 -71.98 35.62
N ILE X 83 13.27 -72.78 36.53
CA ILE X 83 13.93 -73.97 37.03
C ILE X 83 12.89 -75.05 37.30
N ARG X 84 13.32 -76.30 37.22
CA ARG X 84 12.47 -77.45 37.51
C ARG X 84 12.83 -78.00 38.89
N ILE X 85 11.82 -78.23 39.71
CA ILE X 85 11.99 -78.69 41.08
C ILE X 85 11.39 -80.08 41.21
N LYS X 86 12.10 -80.97 41.90
CA LYS X 86 11.64 -82.32 42.15
C LYS X 86 12.30 -82.83 43.42
N PRO X 87 11.64 -83.71 44.16
CA PRO X 87 12.24 -84.21 45.40
C PRO X 87 13.30 -85.27 45.14
N LEU X 88 14.27 -85.34 46.06
CA LEU X 88 15.36 -86.31 45.99
C LEU X 88 15.09 -87.38 47.04
N LYS X 89 14.35 -88.41 46.65
CA LYS X 89 14.01 -89.51 47.54
C LYS X 89 14.99 -90.67 47.29
N LEU X 90 15.61 -91.14 48.36
CA LEU X 90 16.58 -92.23 48.27
C LEU X 90 15.92 -93.53 48.66
N PRO X 91 15.72 -94.49 47.74
CA PRO X 91 15.11 -95.76 48.13
C PRO X 91 15.87 -96.47 49.24
N GLN X 92 17.19 -96.50 49.16
CA GLN X 92 18.03 -97.13 50.16
C GLN X 92 18.73 -96.06 50.99
N GLY X 93 19.64 -96.48 51.86
CA GLY X 93 20.38 -95.56 52.68
C GLY X 93 21.21 -94.58 51.86
N LEU X 94 21.70 -93.55 52.55
CA LEU X 94 22.49 -92.53 51.89
C LEU X 94 23.80 -93.14 51.37
N PRO X 95 24.44 -92.49 50.39
CA PRO X 95 25.70 -93.02 49.86
C PRO X 95 26.79 -93.11 50.93
N ALA X 96 27.16 -94.33 51.31
CA ALA X 96 28.20 -94.55 52.30
C ALA X 96 29.57 -94.39 51.65
N GLU X 97 30.62 -94.55 52.45
CA GLU X 97 31.98 -94.43 51.94
C GLU X 97 32.26 -95.45 50.84
N GLU X 98 31.57 -96.59 50.86
CA GLU X 98 31.76 -97.62 49.85
C GLU X 98 30.91 -97.40 48.61
N ASN X 99 29.81 -96.66 48.73
CA ASN X 99 28.92 -96.42 47.59
C ASN X 99 29.06 -95.00 47.08
N MET X 100 30.24 -94.68 46.54
CA MET X 100 30.51 -93.36 45.99
C MET X 100 30.95 -93.39 44.53
N SER X 101 31.48 -94.51 44.04
CA SER X 101 31.92 -94.62 42.66
C SER X 101 30.82 -95.15 41.75
N ASN X 102 30.00 -96.08 42.24
CA ASN X 102 28.90 -96.67 41.48
C ASN X 102 27.60 -96.02 41.95
N THR X 103 27.24 -94.92 41.31
CA THR X 103 26.01 -94.19 41.65
C THR X 103 25.36 -93.72 40.35
N CYS X 104 24.14 -93.20 40.49
CA CYS X 104 23.38 -92.70 39.35
C CYS X 104 22.22 -91.85 39.88
N LEU X 105 21.89 -90.82 39.10
CA LEU X 105 20.79 -89.93 39.48
C LEU X 105 19.44 -90.54 39.14
N LYS X 106 19.27 -90.97 37.90
CA LYS X 106 18.02 -91.56 37.43
C LYS X 106 16.87 -90.56 37.50
N SER X 107 16.02 -90.54 36.48
CA SER X 107 14.90 -89.61 36.46
C SER X 107 13.94 -89.91 37.61
N THR X 108 12.99 -88.98 37.80
CA THR X 108 11.99 -89.09 38.86
C THR X 108 12.61 -89.11 40.25
N GLY X 109 13.85 -88.64 40.38
CA GLY X 109 14.53 -88.62 41.66
C GLY X 109 14.61 -89.97 42.33
N GLU X 110 15.65 -90.75 42.00
CA GLU X 110 15.84 -92.08 42.57
C GLU X 110 17.34 -92.38 42.53
N LEU X 111 18.06 -91.85 43.53
CA LEU X 111 19.50 -92.07 43.63
C LEU X 111 19.77 -93.51 44.05
N VAL X 112 20.25 -94.31 43.12
CA VAL X 112 20.55 -95.71 43.38
C VAL X 112 22.02 -95.84 43.76
N VAL X 113 22.30 -96.66 44.77
CA VAL X 113 23.67 -96.87 45.22
C VAL X 113 24.31 -98.09 44.58
N GLN X 114 23.53 -99.06 44.14
CA GLN X 114 24.05 -100.25 43.47
C GLN X 114 23.84 -100.16 41.96
N TRP X 115 24.45 -99.14 41.37
CA TRP X 115 24.33 -98.90 39.94
C TRP X 115 25.20 -99.91 39.19
N HIS X 116 24.54 -100.81 38.44
CA HIS X 116 25.22 -101.83 37.66
C HIS X 116 24.86 -101.66 36.18
N LEU X 117 25.44 -102.54 35.36
CA LEU X 117 25.20 -102.52 33.92
C LEU X 117 24.80 -103.91 33.44
N LYS X 118 23.75 -104.46 34.04
CA LYS X 118 23.24 -105.78 33.69
C LYS X 118 21.72 -105.76 33.78
N PRO X 119 21.05 -106.64 33.04
CA PRO X 119 19.59 -106.67 33.10
C PRO X 119 19.07 -107.45 34.31
N VAL X 120 17.84 -107.13 34.69
CA VAL X 120 17.20 -107.79 35.82
C VAL X 120 17.00 -109.26 35.52
N ALA Y 1 24.19 -41.56 -19.73
CA ALA Y 1 25.03 -41.47 -20.92
C ALA Y 1 26.40 -42.10 -20.67
N ALA Y 2 26.92 -41.91 -19.46
CA ALA Y 2 28.22 -42.46 -19.11
C ALA Y 2 28.08 -43.92 -18.70
N PRO Y 3 29.12 -44.74 -18.92
CA PRO Y 3 29.05 -46.14 -18.52
C PRO Y 3 28.89 -46.29 -17.00
N LYS Y 4 27.81 -46.95 -16.60
CA LYS Y 4 27.58 -47.20 -15.17
C LYS Y 4 28.37 -48.40 -14.68
N ASN Y 5 28.69 -49.35 -15.57
CA ASN Y 5 29.46 -50.52 -15.20
C ASN Y 5 30.29 -50.95 -16.40
N ARG Y 6 31.61 -51.05 -16.21
CA ARG Y 6 32.49 -51.45 -17.29
C ARG Y 6 32.12 -52.84 -17.80
N ARG Y 7 32.12 -53.00 -19.12
CA ARG Y 7 31.81 -54.29 -19.72
C ARG Y 7 32.91 -55.28 -19.40
N THR Y 8 32.51 -56.48 -18.96
CA THR Y 8 33.48 -57.50 -18.61
C THR Y 8 34.16 -58.06 -19.84
N ILE Y 9 35.31 -58.72 -19.63
CA ILE Y 9 36.04 -59.31 -20.74
C ILE Y 9 35.19 -60.35 -21.45
N GLU Y 10 34.35 -61.08 -20.72
CA GLU Y 10 33.49 -62.07 -21.34
C GLU Y 10 32.49 -61.41 -22.28
N VAL Y 11 31.86 -60.33 -21.83
CA VAL Y 11 30.90 -59.62 -22.66
C VAL Y 11 31.58 -59.03 -23.89
N ASN Y 12 32.76 -58.44 -23.70
CA ASN Y 12 33.50 -57.88 -24.82
C ASN Y 12 33.85 -58.96 -25.85
N ARG Y 13 34.31 -60.12 -25.37
CA ARG Y 13 34.64 -61.21 -26.28
C ARG Y 13 33.40 -61.67 -27.04
N CYS Y 14 32.29 -61.88 -26.32
CA CYS Y 14 31.06 -62.31 -26.99
C CYS Y 14 30.58 -61.28 -27.99
N ARG Y 15 30.86 -60.00 -27.75
CA ARG Y 15 30.44 -58.95 -28.67
C ARG Y 15 31.33 -58.89 -29.91
N ARG Y 16 32.63 -59.13 -29.73
CA ARG Y 16 33.60 -59.03 -30.83
C ARG Y 16 33.99 -60.40 -31.38
N ARG Y 17 33.11 -61.39 -31.29
CA ARG Y 17 33.40 -62.73 -31.80
C ARG Y 17 32.23 -63.40 -32.48
N ASN Y 18 31.07 -62.76 -32.57
CA ASN Y 18 29.92 -63.39 -33.20
C ASN Y 18 30.12 -63.46 -34.71
N PRO Y 19 29.46 -64.41 -35.38
CA PRO Y 19 29.62 -64.51 -36.84
C PRO Y 19 29.16 -63.27 -37.59
N GLN Y 20 28.23 -62.50 -37.02
CA GLN Y 20 27.74 -61.32 -37.71
C GLN Y 20 28.84 -60.29 -37.93
N LYS Y 21 29.81 -60.22 -37.02
CA LYS Y 21 30.91 -59.27 -37.14
C LYS Y 21 32.15 -59.87 -37.78
N LEU Y 22 32.35 -61.18 -37.68
CA LEU Y 22 33.50 -61.82 -38.29
C LEU Y 22 33.47 -61.66 -39.81
N ILE Y 23 34.65 -61.65 -40.41
CA ILE Y 23 34.75 -61.49 -41.86
C ILE Y 23 34.13 -62.70 -42.53
N LYS Y 24 33.12 -62.47 -43.35
CA LYS Y 24 32.44 -63.56 -44.05
C LYS Y 24 33.32 -64.09 -45.17
N VAL Y 25 33.56 -65.40 -45.17
CA VAL Y 25 34.40 -66.02 -46.19
C VAL Y 25 33.69 -65.94 -47.53
N LYS Y 26 34.47 -65.71 -48.59
CA LYS Y 26 33.95 -65.62 -49.95
C LYS Y 26 34.47 -66.78 -50.78
N ASN Y 27 33.66 -67.19 -51.76
CA ASN Y 27 33.99 -68.29 -52.65
C ASN Y 27 33.76 -67.89 -54.11
N ASN Y 28 34.33 -66.75 -54.48
CA ASN Y 28 34.22 -66.22 -55.84
C ASN Y 28 35.60 -65.89 -56.40
N ILE Y 29 36.51 -66.84 -56.29
CA ILE Y 29 37.89 -66.68 -56.76
C ILE Y 29 38.18 -67.82 -57.72
N ASP Y 30 38.23 -67.52 -59.01
CA ASP Y 30 38.52 -68.49 -60.04
C ASP Y 30 39.95 -68.32 -60.53
N VAL Y 31 40.34 -69.08 -61.55
CA VAL Y 31 41.68 -69.02 -62.13
C VAL Y 31 41.57 -68.37 -63.50
N CYS Y 32 42.29 -67.28 -63.69
CA CYS Y 32 42.26 -66.58 -64.98
C CYS Y 32 42.99 -67.41 -66.03
N PRO Y 33 42.37 -67.68 -67.19
CA PRO Y 33 43.09 -68.46 -68.22
C PRO Y 33 44.37 -67.79 -68.69
N GLU Y 34 44.49 -66.47 -68.55
CA GLU Y 34 45.67 -65.73 -68.97
C GLU Y 34 46.53 -65.45 -67.74
N CYS Y 35 47.79 -65.87 -67.79
CA CYS Y 35 48.82 -65.63 -66.76
C CYS Y 35 48.44 -66.23 -65.40
N GLY Y 36 47.30 -66.90 -65.27
CA GLY Y 36 46.89 -67.51 -64.02
C GLY Y 36 47.21 -66.68 -62.79
N HIS Y 37 46.53 -65.55 -62.64
CA HIS Y 37 46.69 -64.67 -61.49
C HIS Y 37 45.43 -64.65 -60.63
N LEU Y 38 44.76 -65.80 -60.53
CA LEU Y 38 43.52 -65.97 -59.78
C LEU Y 38 42.66 -64.73 -59.80
N LYS Y 39 41.78 -64.62 -60.80
CA LYS Y 39 40.88 -63.49 -60.91
C LYS Y 39 39.57 -63.77 -60.17
N GLN Y 40 38.73 -62.75 -60.08
CA GLN Y 40 37.44 -62.85 -59.42
C GLN Y 40 36.32 -62.84 -60.47
N LYS Y 41 35.23 -63.52 -60.13
CA LYS Y 41 34.08 -63.56 -61.03
C LYS Y 41 33.52 -62.15 -61.24
N HIS Y 42 32.94 -61.93 -62.41
CA HIS Y 42 32.35 -60.65 -62.80
C HIS Y 42 33.35 -59.49 -62.70
N VAL Y 43 34.64 -59.80 -62.63
CA VAL Y 43 35.68 -58.78 -62.54
C VAL Y 43 36.82 -59.18 -63.48
N LEU Y 44 37.47 -58.18 -64.05
CA LEU Y 44 38.56 -58.41 -64.98
C LEU Y 44 39.81 -58.88 -64.23
N CYS Y 45 40.80 -59.32 -65.01
CA CYS Y 45 42.05 -59.80 -64.43
C CYS Y 45 42.88 -58.62 -63.90
N ALA Y 46 44.04 -58.94 -63.36
CA ALA Y 46 44.94 -57.94 -62.78
C ALA Y 46 46.11 -57.64 -63.71
N TYR Y 47 46.89 -58.67 -64.06
CA TYR Y 47 48.04 -58.46 -64.94
C TYR Y 47 47.60 -58.04 -66.33
N CYS Y 48 46.54 -58.65 -66.85
CA CYS Y 48 46.03 -58.24 -68.15
C CYS Y 48 45.53 -56.81 -68.12
N TYR Y 49 44.85 -56.42 -67.04
CA TYR Y 49 44.39 -55.04 -66.91
C TYR Y 49 45.56 -54.07 -66.85
N GLU Y 50 46.62 -54.44 -66.13
CA GLU Y 50 47.80 -53.58 -66.06
C GLU Y 50 48.46 -53.44 -67.43
N LYS Y 51 48.55 -54.55 -68.16
CA LYS Y 51 49.12 -54.49 -69.51
C LYS Y 51 48.29 -53.60 -70.42
N VAL Y 52 46.96 -53.73 -70.36
CA VAL Y 52 46.09 -52.89 -71.19
C VAL Y 52 46.26 -51.42 -70.80
N CYS Y 53 46.36 -51.14 -69.50
CA CYS Y 53 46.54 -49.77 -69.06
C CYS Y 53 47.86 -49.19 -69.57
N LYS Y 54 48.94 -49.97 -69.49
CA LYS Y 54 50.23 -49.51 -69.98
C LYS Y 54 50.18 -49.27 -71.49
N GLU Y 55 49.53 -50.17 -72.24
CA GLU Y 55 49.42 -49.99 -73.67
C GLU Y 55 48.63 -48.74 -74.01
N THR Y 56 47.52 -48.50 -73.31
CA THR Y 56 46.73 -47.30 -73.54
C THR Y 56 47.52 -46.04 -73.21
N ALA Y 57 48.29 -46.08 -72.13
CA ALA Y 57 49.11 -44.93 -71.77
C ALA Y 57 50.16 -44.65 -72.83
N GLU Y 58 50.81 -45.70 -73.35
CA GLU Y 58 51.80 -45.52 -74.41
C GLU Y 58 51.15 -44.96 -75.67
N ILE Y 59 49.96 -45.47 -76.02
CA ILE Y 59 49.27 -44.98 -77.21
C ILE Y 59 48.89 -43.52 -77.05
N ARG Y 60 48.44 -43.14 -75.84
CA ARG Y 60 48.08 -41.74 -75.60
C ARG Y 60 49.32 -40.85 -75.67
N ARG Y 61 50.44 -41.32 -75.13
CA ARG Y 61 51.68 -40.55 -75.23
C ARG Y 61 52.09 -40.36 -76.68
N GLN Y 62 51.99 -41.42 -77.49
CA GLN Y 62 52.32 -41.31 -78.90
C GLN Y 62 51.38 -40.34 -79.61
N ILE Y 63 50.09 -40.40 -79.30
CA ILE Y 63 49.12 -39.49 -79.91
C ILE Y 63 49.48 -38.04 -79.56
N GLY Y 64 49.78 -37.79 -78.29
CA GLY Y 64 50.17 -36.45 -77.88
C GLY Y 64 51.43 -35.98 -78.58
N LYS Y 65 52.41 -36.88 -78.73
CA LYS Y 65 53.63 -36.52 -79.44
C LYS Y 65 53.33 -36.17 -80.89
N GLN Y 66 52.39 -36.89 -81.51
CA GLN Y 66 52.02 -36.61 -82.89
C GLN Y 66 51.05 -35.44 -83.00
N GLU Y 67 50.12 -35.33 -82.05
CA GLU Y 67 49.16 -34.23 -82.09
C GLU Y 67 49.82 -32.90 -81.82
N GLY Y 68 50.76 -32.86 -80.88
CA GLY Y 68 51.45 -31.63 -80.54
C GLY Y 68 50.83 -30.91 -79.36
N GLY Y 69 50.42 -29.67 -79.56
CA GLY Y 69 49.83 -28.88 -78.51
C GLY Y 69 48.42 -29.32 -78.18
N PRO Y 70 47.83 -28.74 -77.15
CA PRO Y 70 46.47 -29.10 -76.75
C PRO Y 70 45.43 -28.44 -77.65
N PHE Y 71 44.17 -28.74 -77.38
CA PHE Y 71 43.03 -28.20 -78.14
C PHE Y 71 43.19 -28.52 -79.63
N LYS Y 72 43.00 -29.80 -79.93
CA LYS Y 72 43.08 -30.28 -81.31
C LYS Y 72 41.88 -31.14 -81.64
N ALA Y 73 41.93 -32.42 -81.28
CA ALA Y 73 40.82 -33.35 -81.51
C ALA Y 73 40.43 -33.36 -82.98
N PRO Y 74 41.25 -33.93 -83.86
CA PRO Y 74 40.90 -33.98 -85.27
C PRO Y 74 39.65 -34.83 -85.51
N THR Y 75 39.01 -34.58 -86.64
CA THR Y 75 37.77 -35.27 -87.01
C THR Y 75 38.03 -36.50 -87.86
N ILE Y 76 39.08 -37.26 -87.55
CA ILE Y 76 39.43 -38.46 -88.31
C ILE Y 76 39.69 -39.60 -87.33
N GLU Y 77 39.40 -40.81 -87.77
CA GLU Y 77 39.59 -41.99 -86.94
C GLU Y 77 41.09 -42.26 -86.76
N THR Y 78 41.40 -43.34 -86.05
CA THR Y 78 42.77 -43.72 -85.76
C THR Y 78 42.98 -45.19 -86.08
N VAL Y 79 44.23 -45.55 -86.33
CA VAL Y 79 44.61 -46.93 -86.62
C VAL Y 79 46.00 -47.17 -86.05
N VAL Y 80 46.11 -48.16 -85.16
CA VAL Y 80 47.36 -48.49 -84.50
C VAL Y 80 48.05 -49.61 -85.26
N LEU Y 81 49.35 -49.46 -85.47
CA LEU Y 81 50.16 -50.48 -86.15
C LEU Y 81 51.33 -50.89 -85.28
N TYR Y 82 52.27 -51.64 -85.86
CA TYR Y 82 53.44 -52.11 -85.12
C TYR Y 82 54.62 -52.18 -86.09
N THR Y 83 55.72 -52.76 -85.63
CA THR Y 83 56.91 -52.91 -86.48
C THR Y 83 56.54 -53.57 -87.79
N GLY Y 84 56.84 -52.90 -88.90
CA GLY Y 84 56.44 -53.41 -90.20
C GLY Y 84 54.94 -53.28 -90.40
N GLU Y 85 54.34 -54.34 -90.93
CA GLU Y 85 52.90 -54.37 -91.14
C GLU Y 85 52.45 -53.22 -92.04
N THR Y 86 52.30 -53.50 -93.33
CA THR Y 86 51.88 -52.46 -94.25
C THR Y 86 50.50 -51.93 -93.83
N PRO Y 87 50.25 -50.62 -93.94
CA PRO Y 87 48.93 -50.11 -93.57
C PRO Y 87 47.82 -50.79 -94.36
N SER Y 88 46.70 -51.02 -93.68
CA SER Y 88 45.56 -51.69 -94.31
C SER Y 88 45.04 -50.86 -95.47
N GLU Y 89 44.74 -51.54 -96.59
CA GLU Y 89 44.21 -50.84 -97.76
C GLU Y 89 42.87 -50.18 -97.49
N GLN Y 90 42.13 -50.66 -96.49
CA GLN Y 90 40.83 -50.06 -96.18
C GLN Y 90 40.99 -48.74 -95.45
N ASP Y 91 41.92 -48.67 -94.50
CA ASP Y 91 42.15 -47.46 -93.71
C ASP Y 91 43.36 -46.74 -94.30
N GLN Y 92 43.11 -45.92 -95.31
CA GLN Y 92 44.14 -45.14 -95.96
C GLN Y 92 44.12 -43.66 -95.58
N GLY Y 93 42.95 -43.11 -95.29
CA GLY Y 93 42.84 -41.72 -94.91
C GLY Y 93 42.98 -41.51 -93.41
N LYS Y 94 42.71 -42.55 -92.63
CA LYS Y 94 42.81 -42.46 -91.19
C LYS Y 94 44.25 -42.20 -90.78
N ARG Y 95 44.44 -41.23 -89.89
CA ARG Y 95 45.78 -40.88 -89.43
C ARG Y 95 46.39 -42.05 -88.66
N ILE Y 96 47.57 -42.49 -89.08
CA ILE Y 96 48.27 -43.59 -88.44
C ILE Y 96 49.13 -43.03 -87.32
N ILE Y 97 49.05 -43.66 -86.14
CA ILE Y 97 49.77 -43.22 -84.96
C ILE Y 97 50.45 -44.45 -84.36
N GLU Y 98 51.78 -44.49 -84.45
CA GLU Y 98 52.57 -45.59 -83.89
C GLU Y 98 54.03 -45.14 -83.88
N ARG Y 99 54.90 -46.02 -83.37
CA ARG Y 99 56.31 -45.72 -83.31
C ARG Y 99 57.15 -47.00 -83.47
N ASP Y 100 57.39 -47.71 -82.37
CA ASP Y 100 58.21 -48.91 -82.42
C ASP Y 100 57.71 -49.88 -81.35
N ARG Y 101 57.17 -51.01 -81.79
CA ARG Y 101 56.67 -52.03 -80.88
C ARG Y 101 56.21 -53.25 -81.65
N LYS Y 102 56.27 -54.43 -81.03
CA LYS Y 102 55.86 -55.67 -81.67
C LYS Y 102 54.45 -56.04 -81.21
N ARG Y 103 53.67 -56.56 -82.14
CA ARG Y 103 52.30 -56.96 -81.84
C ARG Y 103 52.29 -58.09 -80.81
N PRO Y 104 51.62 -57.93 -79.66
CA PRO Y 104 51.62 -59.00 -78.67
C PRO Y 104 50.75 -60.18 -79.08
N SER Y 105 50.64 -61.18 -78.20
CA SER Y 105 49.85 -62.38 -78.48
C SER Y 105 48.39 -62.23 -78.08
N TRP Y 106 47.88 -60.99 -78.02
CA TRP Y 106 46.49 -60.78 -77.66
C TRP Y 106 45.86 -59.58 -78.34
N PHE Y 107 46.54 -58.95 -79.31
CA PHE Y 107 46.02 -57.79 -80.01
C PHE Y 107 45.74 -58.16 -81.47
N THR Y 108 44.59 -57.72 -81.96
CA THR Y 108 44.20 -57.99 -83.34
C THR Y 108 44.69 -56.88 -84.27
N LYS Z 1 18.95 2.10 53.48
CA LYS Z 1 17.97 1.91 54.55
C LYS Z 1 18.67 1.47 55.84
N ASN Z 2 19.76 0.71 55.70
CA ASN Z 2 20.53 0.20 56.84
C ASN Z 2 22.00 0.33 56.50
N ILE Z 3 22.60 1.46 56.86
CA ILE Z 3 24.02 1.68 56.58
C ILE Z 3 24.86 0.77 57.46
N LEU Z 4 25.99 0.32 56.91
CA LEU Z 4 26.91 -0.57 57.62
C LEU Z 4 28.13 0.25 58.04
N VAL Z 5 28.16 0.66 59.31
CA VAL Z 5 29.24 1.45 59.85
C VAL Z 5 30.13 0.55 60.71
N ARG Z 6 31.36 1.00 60.94
CA ARG Z 6 32.32 0.29 61.77
C ARG Z 6 32.36 0.90 63.16
N MET Z 7 32.37 0.04 64.17
CA MET Z 7 32.37 0.48 65.56
C MET Z 7 33.81 0.55 66.07
N VAL Z 8 34.22 1.73 66.52
CA VAL Z 8 35.55 1.95 67.04
C VAL Z 8 35.57 1.58 68.52
N SER Z 9 36.69 1.02 68.97
CA SER Z 9 36.84 0.59 70.35
C SER Z 9 37.71 1.59 71.10
N GLU Z 10 37.23 2.03 72.27
CA GLU Z 10 37.99 2.97 73.09
C GLU Z 10 39.20 2.28 73.70
N ALA Z 11 38.98 1.36 74.64
CA ALA Z 11 40.05 0.62 75.25
C ALA Z 11 40.49 -0.53 74.34
N GLY Z 12 41.76 -0.90 74.47
CA GLY Z 12 42.32 -1.95 73.64
C GLY Z 12 42.28 -1.62 72.17
N THR Z 13 43.11 -0.67 71.75
CA THR Z 13 43.14 -0.26 70.35
C THR Z 13 43.52 -1.42 69.45
N GLY Z 14 43.02 -1.40 68.23
CA GLY Z 14 43.30 -2.43 67.26
C GLY Z 14 42.23 -3.49 67.11
N PHE Z 15 40.97 -3.17 67.41
CA PHE Z 15 39.88 -4.12 67.30
C PHE Z 15 38.59 -3.37 67.02
N CYS Z 16 37.90 -3.74 65.94
CA CYS Z 16 36.65 -3.08 65.58
C CYS Z 16 35.74 -4.11 64.92
N PHE Z 17 34.48 -3.74 64.76
CA PHE Z 17 33.50 -4.60 64.11
C PHE Z 17 32.35 -3.73 63.61
N ASN Z 18 31.71 -4.19 62.54
CA ASN Z 18 30.64 -3.45 61.89
C ASN Z 18 29.28 -3.90 62.37
N THR Z 19 28.30 -2.99 62.26
CA THR Z 19 26.92 -3.28 62.65
C THR Z 19 25.99 -2.50 61.75
N LYS Z 20 24.71 -2.85 61.82
CA LYS Z 20 23.67 -2.21 61.02
C LYS Z 20 22.99 -1.11 61.82
N ARG Z 21 22.56 -0.07 61.10
CA ARG Z 21 21.88 1.05 61.73
C ARG Z 21 21.02 1.75 60.69
N ASN Z 22 19.83 2.20 61.10
CA ASN Z 22 18.93 2.87 60.20
C ASN Z 22 19.45 4.26 59.84
N ARG Z 23 19.05 4.74 58.66
CA ARG Z 23 19.54 6.02 58.15
C ARG Z 23 18.95 7.21 58.90
N LEU Z 24 17.93 7.01 59.73
CA LEU Z 24 17.26 8.10 60.46
C LEU Z 24 17.26 7.75 61.95
N ARG Z 25 18.39 7.98 62.60
CA ARG Z 25 18.52 7.76 64.03
C ARG Z 25 19.92 8.20 64.48
N GLU Z 26 20.03 8.54 65.76
CA GLU Z 26 21.29 9.01 66.31
C GLU Z 26 22.34 7.92 66.24
N LYS Z 27 23.61 8.33 66.32
CA LYS Z 27 24.72 7.41 66.26
C LYS Z 27 24.61 6.35 67.36
N LEU Z 28 25.25 5.21 67.14
CA LEU Z 28 25.22 4.10 68.07
C LEU Z 28 26.45 4.12 68.96
N THR Z 29 26.25 3.69 70.22
CA THR Z 29 27.32 3.59 71.20
C THR Z 29 27.10 2.36 72.06
N LEU Z 30 26.93 1.21 71.42
CA LEU Z 30 26.63 -0.03 72.11
C LEU Z 30 27.92 -0.68 72.62
N LEU Z 31 27.75 -1.57 73.60
CA LEU Z 31 28.88 -2.28 74.17
C LEU Z 31 29.27 -3.46 73.29
N HIS Z 32 30.50 -3.93 73.48
CA HIS Z 32 31.00 -5.08 72.72
C HIS Z 32 32.14 -5.72 73.51
N TYR Z 33 32.31 -7.03 73.32
CA TYR Z 33 33.34 -7.78 74.00
C TYR Z 33 34.63 -7.70 73.20
N ASP Z 34 35.72 -7.24 73.86
CA ASP Z 34 37.01 -7.11 73.19
C ASP Z 34 37.85 -8.37 73.40
N PRO Z 35 38.70 -8.73 72.44
CA PRO Z 35 39.53 -9.93 72.60
C PRO Z 35 40.79 -9.66 73.39
N VAL Z 36 41.30 -8.43 73.30
CA VAL Z 36 42.54 -8.07 74.00
C VAL Z 36 42.29 -7.97 75.49
N VAL Z 37 41.38 -7.07 75.89
CA VAL Z 37 41.09 -6.87 77.30
C VAL Z 37 40.16 -7.93 77.86
N LYS Z 38 39.38 -8.61 77.01
CA LYS Z 38 38.46 -9.65 77.46
C LYS Z 38 37.39 -9.07 78.38
N GLN Z 39 36.89 -7.89 78.02
CA GLN Z 39 35.86 -7.23 78.82
C GLN Z 39 35.00 -6.37 77.89
N ARG Z 40 33.84 -5.98 78.40
CA ARG Z 40 32.93 -5.13 77.64
C ARG Z 40 33.38 -3.69 77.67
N VAL Z 41 33.31 -3.02 76.52
CA VAL Z 41 33.76 -1.64 76.38
C VAL Z 41 32.80 -0.91 75.45
N LEU Z 42 32.51 0.35 75.76
CA LEU Z 42 31.63 1.15 74.93
C LEU Z 42 32.33 1.53 73.64
N PHE Z 43 31.69 1.25 72.51
CA PHE Z 43 32.23 1.56 71.20
C PHE Z 43 31.60 2.82 70.65
N VAL Z 44 32.21 3.34 69.58
CA VAL Z 44 31.73 4.56 68.92
C VAL Z 44 31.90 4.37 67.41
N GLU Z 45 30.81 4.53 66.67
CA GLU Z 45 30.87 4.40 65.23
C GLU Z 45 31.68 5.54 64.62
N LYS Z 46 32.19 5.30 63.42
CA LYS Z 46 33.00 6.30 62.74
C LYS Z 46 33.23 5.86 61.29
N LYS Z 47 33.07 6.80 60.36
CA LYS Z 47 33.32 6.56 58.94
C LYS Z 47 32.43 5.45 58.41
N LYS Z 48 31.40 5.82 57.66
CA LYS Z 48 30.53 4.86 57.00
C LYS Z 48 31.09 4.53 55.62
N ILE Z 49 30.98 3.26 55.23
CA ILE Z 49 31.54 2.79 53.98
C ILE Z 49 30.57 1.84 53.30
N ARG Z 50 29.28 2.16 53.36
CA ARG Z 50 28.25 1.34 52.73
C ARG Z 50 26.95 2.12 52.70
N SER Z 51 26.13 1.83 51.68
CA SER Z 51 24.83 2.49 51.54
C SER Z 51 23.89 1.51 50.84
N LEU Z 52 22.97 0.94 51.62
CA LEU Z 52 22.01 -0.02 51.08
C LEU Z 52 20.60 0.27 51.60
N LYS AA 1 34.18 -11.26 -26.22
CA LYS AA 1 35.08 -11.54 -27.34
C LYS AA 1 36.19 -12.48 -26.93
N ALA AA 2 37.04 -12.85 -27.89
CA ALA AA 2 38.13 -13.78 -27.64
C ALA AA 2 39.07 -13.22 -26.58
N ARG AA 3 39.11 -13.89 -25.44
CA ARG AA 3 40.02 -13.53 -24.35
C ARG AA 3 41.29 -14.38 -24.34
N GLY AA 4 41.51 -15.21 -25.36
CA GLY AA 4 42.76 -15.95 -25.40
C GLY AA 4 43.89 -15.28 -26.13
N ASN AA 5 43.73 -14.01 -26.50
CA ASN AA 5 44.75 -13.26 -27.25
C ASN AA 5 44.91 -11.88 -26.61
N GLU AA 6 45.85 -11.78 -25.67
CA GLU AA 6 46.19 -10.51 -25.03
C GLU AA 6 47.59 -10.02 -25.37
N TYR AA 7 48.45 -10.88 -25.90
CA TYR AA 7 49.85 -10.55 -26.10
C TYR AA 7 49.99 -9.74 -27.38
N GLN AA 8 50.64 -8.59 -27.29
CA GLN AA 8 50.98 -7.76 -28.45
C GLN AA 8 52.50 -7.60 -28.45
N PRO AA 9 53.24 -8.51 -29.08
CA PRO AA 9 54.70 -8.47 -28.97
C PRO AA 9 55.27 -7.17 -29.52
N SER AA 10 56.29 -6.66 -28.83
CA SER AA 10 56.96 -5.44 -29.25
C SER AA 10 58.30 -5.37 -28.51
N ASN AA 11 59.40 -5.51 -29.26
CA ASN AA 11 60.72 -5.53 -28.62
C ASN AA 11 60.96 -4.26 -27.84
N ILE AA 12 60.46 -3.12 -28.32
CA ILE AA 12 60.70 -1.84 -27.65
C ILE AA 12 60.13 -1.88 -26.24
N LYS AA 13 58.82 -2.14 -26.13
CA LYS AA 13 58.17 -2.15 -24.82
C LYS AA 13 58.74 -3.27 -23.94
N ARG AA 14 59.05 -4.42 -24.54
CA ARG AA 14 59.61 -5.52 -23.75
C ARG AA 14 60.93 -5.11 -23.10
N LYS AA 15 61.85 -4.56 -23.90
CA LYS AA 15 63.15 -4.18 -23.36
C LYS AA 15 63.04 -2.95 -22.45
N ASN AA 16 62.03 -2.12 -22.64
CA ASN AA 16 61.85 -0.95 -21.78
C ASN AA 16 61.28 -1.32 -20.43
N LYS AA 17 60.41 -2.33 -20.37
CA LYS AA 17 59.82 -2.76 -19.11
C LYS AA 17 60.68 -3.78 -18.38
N HIS AA 18 61.50 -4.55 -19.10
CA HIS AA 18 62.38 -5.55 -18.50
C HIS AA 18 63.75 -5.46 -19.19
N GLY AA 19 64.46 -4.38 -18.92
CA GLY AA 19 65.76 -4.14 -19.50
C GLY AA 19 66.83 -4.04 -18.43
N TRP AA 20 68.07 -4.36 -18.82
CA TRP AA 20 69.20 -4.25 -17.91
C TRP AA 20 69.27 -2.86 -17.28
N VAL AA 21 69.03 -1.82 -18.09
CA VAL AA 21 69.08 -0.46 -17.57
C VAL AA 21 67.98 -0.26 -16.53
N ARG AA 22 66.75 -0.69 -16.84
CA ARG AA 22 65.67 -0.55 -15.89
C ARG AA 22 65.85 -1.45 -14.68
N ARG AA 23 66.48 -2.62 -14.87
CA ARG AA 23 66.72 -3.54 -13.77
C ARG AA 23 67.90 -3.12 -12.90
N LEU AA 24 68.73 -2.20 -13.35
CA LEU AA 24 69.84 -1.69 -12.54
C LEU AA 24 69.62 -0.27 -12.05
N SER AA 25 68.60 0.43 -12.56
CA SER AA 25 68.35 1.80 -12.11
C SER AA 25 67.98 1.83 -10.63
N THR AA 26 67.05 0.97 -10.22
CA THR AA 26 66.58 0.90 -8.85
C THR AA 26 67.13 -0.34 -8.16
N PRO AA 27 67.22 -0.33 -6.83
CA PRO AA 27 67.73 -1.52 -6.12
C PRO AA 27 66.81 -2.72 -6.23
N ALA AA 28 65.54 -2.52 -6.58
CA ALA AA 28 64.62 -3.65 -6.74
C ALA AA 28 65.12 -4.60 -7.82
N GLY AA 29 65.38 -4.08 -9.03
CA GLY AA 29 65.92 -4.91 -10.08
C GLY AA 29 67.29 -5.48 -9.75
N VAL AA 30 68.08 -4.73 -8.98
CA VAL AA 30 69.38 -5.23 -8.55
C VAL AA 30 69.21 -6.49 -7.72
N GLN AA 31 68.32 -6.44 -6.72
CA GLN AA 31 68.05 -7.62 -5.90
C GLN AA 31 67.46 -8.74 -6.74
N VAL AA 32 66.62 -8.40 -7.72
CA VAL AA 32 66.03 -9.42 -8.59
C VAL AA 32 67.13 -10.16 -9.34
N ILE AA 33 68.06 -9.41 -9.95
CA ILE AA 33 69.13 -10.03 -10.72
C ILE AA 33 70.05 -10.82 -9.81
N LEU AA 34 70.28 -10.33 -8.59
CA LEU AA 34 71.12 -11.08 -7.65
C LEU AA 34 70.48 -12.40 -7.28
N ARG AA 35 69.18 -12.39 -6.98
CA ARG AA 35 68.49 -13.64 -6.66
C ARG AA 35 68.48 -14.57 -7.86
N ARG AA 36 68.33 -14.03 -9.07
CA ARG AA 36 68.35 -14.87 -10.26
C ARG AA 36 69.71 -15.54 -10.43
N MET AA 37 70.78 -14.77 -10.26
CA MET AA 37 72.12 -15.34 -10.37
C MET AA 37 72.36 -16.39 -9.28
N LEU AA 38 71.84 -16.14 -8.08
CA LEU AA 38 71.98 -17.12 -7.01
C LEU AA 38 71.24 -18.40 -7.34
N LYS AA 39 70.07 -18.29 -7.97
CA LYS AA 39 69.30 -19.47 -8.33
C LYS AA 39 70.04 -20.33 -9.35
N GLY AA 40 70.73 -19.68 -10.29
CA GLY AA 40 71.49 -20.39 -11.29
C GLY AA 40 70.85 -20.44 -12.67
N ARG AA 41 69.96 -19.51 -12.99
CA ARG AA 41 69.33 -19.51 -14.30
C ARG AA 41 70.31 -19.06 -15.38
N LYS AA 42 70.04 -19.50 -16.61
CA LYS AA 42 70.90 -19.13 -17.73
C LYS AA 42 70.73 -17.65 -18.09
N SER AA 43 69.51 -17.25 -18.43
CA SER AA 43 69.22 -15.87 -18.78
C SER AA 43 68.81 -15.10 -17.52
N LEU AA 44 69.48 -13.96 -17.30
CA LEU AA 44 69.19 -13.13 -16.13
C LEU AA 44 68.03 -12.18 -16.39
N SER AA 45 67.96 -11.59 -17.58
CA SER AA 45 66.89 -10.66 -17.92
C SER AA 45 66.94 -10.40 -19.42
N HIS AA 46 65.80 -10.00 -19.96
CA HIS AA 46 65.69 -9.70 -21.39
C HIS AA 46 66.61 -8.56 -21.78
N LEU BA 1 50.88 -24.80 30.38
CA LEU BA 1 51.48 -26.00 30.94
C LEU BA 1 52.94 -26.11 30.50
N THR BA 2 53.18 -25.93 29.20
CA THR BA 2 54.52 -25.96 28.65
C THR BA 2 55.27 -27.23 29.06
N TYR BA 3 55.13 -28.30 28.28
CA TYR BA 3 55.86 -29.53 28.57
C TYR BA 3 57.35 -29.36 28.33
N PHE BA 4 57.72 -28.61 27.29
CA PHE BA 4 59.12 -28.37 26.95
C PHE BA 4 59.32 -26.88 26.76
N SER BA 5 60.36 -26.34 27.40
CA SER BA 5 60.66 -24.92 27.30
C SER BA 5 61.33 -24.61 25.96
N ALA BA 6 61.54 -23.32 25.72
CA ALA BA 6 62.15 -22.85 24.48
C ALA BA 6 63.62 -22.50 24.62
N ARG BA 7 64.12 -22.32 25.84
CA ARG BA 7 65.51 -21.97 26.07
C ARG BA 7 66.35 -23.15 26.56
N LYS BA 8 65.89 -23.85 27.60
CA LYS BA 8 66.61 -24.98 28.15
C LYS BA 8 66.04 -26.33 27.72
N GLY BA 9 64.73 -26.40 27.46
CA GLY BA 9 64.11 -27.63 27.04
C GLY BA 9 63.69 -28.52 28.20
N LYS BA 10 62.95 -27.94 29.15
CA LYS BA 10 62.47 -28.67 30.31
C LYS BA 10 61.05 -28.22 30.62
N ARG BA 11 60.51 -28.72 31.73
CA ARG BA 11 59.16 -28.38 32.14
C ARG BA 11 59.13 -26.99 32.78
N LYS BA 12 57.92 -26.51 33.05
CA LYS BA 12 57.71 -25.21 33.67
C LYS BA 12 56.56 -25.32 34.65
N THR BA 13 56.71 -24.66 35.81
CA THR BA 13 55.71 -24.68 36.86
C THR BA 13 54.85 -23.43 36.78
N VAL BA 14 53.54 -23.60 36.95
CA VAL BA 14 52.60 -22.48 36.93
C VAL BA 14 52.68 -21.80 38.30
N LYS BA 15 53.16 -20.55 38.30
CA LYS BA 15 53.31 -19.82 39.56
C LYS BA 15 51.97 -19.59 40.26
N ALA BA 16 50.86 -19.62 39.51
CA ALA BA 16 49.55 -19.45 40.14
C ALA BA 16 49.30 -20.53 41.18
N VAL BA 17 49.64 -21.78 40.86
CA VAL BA 17 49.46 -22.87 41.82
C VAL BA 17 50.36 -22.66 43.04
N ILE BA 18 51.62 -22.30 42.81
CA ILE BA 18 52.54 -22.09 43.92
C ILE BA 18 52.06 -20.97 44.83
N ASP BA 19 51.41 -19.95 44.26
CA ASP BA 19 50.92 -18.85 45.06
C ASP BA 19 49.58 -19.13 45.73
N ARG BA 20 48.79 -20.04 45.17
CA ARG BA 20 47.47 -20.37 45.70
C ARG BA 20 47.43 -21.69 46.46
N PHE BA 21 48.57 -22.37 46.60
CA PHE BA 21 48.63 -23.66 47.27
C PHE BA 21 49.91 -23.75 48.08
N LEU BA 22 50.07 -24.85 48.80
CA LEU BA 22 51.25 -25.11 49.60
C LEU BA 22 51.61 -26.59 49.49
N ARG BA 23 52.86 -26.87 49.14
CA ARG BA 23 53.32 -28.23 48.95
C ARG BA 23 53.77 -28.83 50.28
N LEU BA 24 53.53 -30.13 50.45
CA LEU BA 24 53.94 -30.85 51.64
C LEU BA 24 54.58 -32.17 51.22
N HIS BA 25 55.61 -32.58 51.98
CA HIS BA 25 56.31 -33.82 51.65
C HIS BA 25 55.44 -35.05 51.87
N CYS BA 26 54.41 -34.95 52.71
CA CYS BA 26 53.54 -36.09 52.96
C CYS BA 26 52.70 -36.47 51.75
N GLY BA 27 52.62 -35.60 50.74
CA GLY BA 27 51.85 -35.87 49.55
C GLY BA 27 50.49 -35.21 49.49
N LEU BA 28 50.22 -34.24 50.35
CA LEU BA 28 48.95 -33.53 50.36
C LEU BA 28 49.16 -32.06 50.03
N TRP BA 29 48.12 -31.44 49.50
CA TRP BA 29 48.14 -30.04 49.11
C TRP BA 29 47.20 -29.24 50.00
N VAL BA 30 47.73 -28.20 50.62
CA VAL BA 30 46.96 -27.32 51.50
C VAL BA 30 46.51 -26.11 50.70
N ARG BA 31 45.31 -25.62 51.01
CA ARG BA 31 44.75 -24.46 50.32
C ARG BA 31 43.97 -23.63 51.35
N ARG BA 32 43.21 -22.66 50.86
CA ARG BA 32 42.41 -21.79 51.71
C ARG BA 32 41.05 -21.58 51.05
N LYS BA 33 39.99 -21.68 51.85
CA LYS BA 33 38.64 -21.51 51.34
C LYS BA 33 38.44 -20.09 50.83
N ALA BA 34 37.87 -19.96 49.64
CA ALA BA 34 37.62 -18.65 49.06
C ALA BA 34 36.55 -17.90 49.85
N GLY BA 35 36.44 -16.60 49.58
CA GLY BA 35 35.48 -15.77 50.27
C GLY BA 35 35.81 -15.47 51.71
N TYR BA 36 37.03 -15.72 52.15
CA TYR BA 36 37.44 -15.46 53.52
C TYR BA 36 37.82 -14.00 53.76
N LYS BA 37 37.61 -13.12 52.76
CA LYS BA 37 37.93 -11.71 52.94
C LYS BA 37 36.97 -10.79 52.19
N LYS BA 38 35.77 -11.26 51.85
CA LYS BA 38 34.79 -10.46 51.12
C LYS BA 38 33.40 -10.79 51.65
N LYS BA 39 32.64 -9.75 51.96
CA LYS BA 39 31.27 -9.90 52.46
C LYS BA 39 31.25 -10.74 53.74
N LEU BA 40 32.01 -10.27 54.73
CA LEU BA 40 32.09 -10.93 56.02
C LEU BA 40 31.04 -10.44 57.01
N TRP BA 41 30.31 -9.37 56.69
CA TRP BA 41 29.30 -8.85 57.60
C TRP BA 41 28.01 -9.65 57.54
N LYS BA 42 27.69 -10.24 56.39
CA LYS BA 42 26.47 -11.01 56.22
C LYS BA 42 26.65 -12.49 56.55
N LYS BA 43 27.86 -12.94 56.82
CA LYS BA 43 28.13 -14.33 57.12
C LYS BA 43 27.99 -14.60 58.61
N THR BA 44 27.31 -15.69 58.94
CA THR BA 44 27.15 -16.07 60.34
C THR BA 44 28.51 -16.45 60.93
N PRO BA 45 28.67 -16.31 62.26
CA PRO BA 45 29.98 -16.63 62.86
C PRO BA 45 30.50 -18.01 62.52
N ALA BA 46 29.62 -19.01 62.42
CA ALA BA 46 30.07 -20.36 62.06
C ALA BA 46 30.67 -20.38 60.66
N ARG BA 47 30.04 -19.69 59.71
CA ARG BA 47 30.55 -19.65 58.36
C ARG BA 47 31.91 -18.96 58.31
N LYS BA 48 32.07 -17.85 59.05
CA LYS BA 48 33.35 -17.16 59.09
C LYS BA 48 34.43 -18.04 59.70
N LYS BA 49 34.09 -18.77 60.77
CA LYS BA 49 35.07 -19.65 61.40
C LYS BA 49 35.46 -20.79 60.47
N ARG BA 50 34.50 -21.32 59.71
CA ARG BA 50 34.81 -22.41 58.79
C ARG BA 50 35.61 -21.92 57.59
N LEU BA 51 35.42 -20.66 57.19
CA LEU BA 51 36.15 -20.12 56.05
C LEU BA 51 37.58 -19.72 56.41
N ARG BA 52 37.86 -19.44 57.68
CA ARG BA 52 39.20 -19.05 58.11
C ARG BA 52 40.08 -20.25 58.47
N GLU BA 53 39.71 -21.45 58.01
CA GLU BA 53 40.46 -22.66 58.29
C GLU BA 53 41.00 -23.24 56.98
N PHE BA 54 42.17 -23.86 57.07
CA PHE BA 54 42.79 -24.48 55.90
C PHE BA 54 42.01 -25.73 55.50
N VAL BA 55 42.22 -26.17 54.26
CA VAL BA 55 41.56 -27.34 53.71
C VAL BA 55 42.54 -28.08 52.81
N PHE BA 56 42.38 -29.40 52.74
CA PHE BA 56 43.23 -30.23 51.92
C PHE BA 56 42.64 -30.35 50.51
N CYS BA 57 43.34 -31.07 49.65
CA CYS BA 57 42.92 -31.27 48.27
C CYS BA 57 42.60 -32.75 48.03
N ASN BA 58 41.87 -33.00 46.95
CA ASN BA 58 41.47 -34.36 46.59
C ASN BA 58 42.62 -35.06 45.85
N LYS BA 59 42.40 -36.32 45.51
CA LYS BA 59 43.41 -37.09 44.80
C LYS BA 59 43.65 -36.51 43.41
N THR BA 60 42.58 -36.30 42.65
CA THR BA 60 42.72 -35.76 41.30
C THR BA 60 43.31 -34.35 41.34
N GLN BA 61 42.84 -33.51 42.26
CA GLN BA 61 43.36 -32.16 42.37
C GLN BA 61 44.83 -32.17 42.78
N SER BA 62 45.20 -33.04 43.72
CA SER BA 62 46.60 -33.13 44.13
C SER BA 62 47.48 -33.59 42.97
N LYS BA 63 47.01 -34.56 42.19
CA LYS BA 63 47.78 -35.04 41.05
C LYS BA 63 47.92 -33.94 39.99
N LEU BA 64 46.86 -33.17 39.77
CA LEU BA 64 46.94 -32.07 38.82
C LEU BA 64 47.95 -31.02 39.28
N LEU BA 65 47.91 -30.67 40.58
CA LEU BA 65 48.86 -29.71 41.11
C LEU BA 65 50.29 -30.22 40.99
N ASP BA 66 50.49 -31.52 41.24
CA ASP BA 66 51.82 -32.10 41.09
C ASP BA 66 52.29 -32.03 39.65
N LYS BA 67 51.42 -32.39 38.71
CA LYS BA 67 51.76 -32.29 37.30
C LYS BA 67 52.10 -30.85 36.90
N MET BA 68 51.43 -29.88 37.51
CA MET BA 68 51.71 -28.48 37.24
C MET BA 68 52.95 -27.96 37.95
N THR BA 69 53.69 -28.84 38.66
CA THR BA 69 54.90 -28.46 39.36
C THR BA 69 56.03 -29.39 38.94
N THR BA 70 57.24 -29.06 39.37
CA THR BA 70 58.44 -29.82 39.07
C THR BA 70 58.97 -30.48 40.34
N SER BA 71 60.03 -31.27 40.19
CA SER BA 71 60.62 -31.96 41.32
C SER BA 71 61.30 -31.01 42.30
N PHE BA 72 61.60 -29.78 41.87
CA PHE BA 72 62.26 -28.84 42.76
C PHE BA 72 61.36 -28.48 43.95
N TRP BA 73 60.05 -28.37 43.71
CA TRP BA 73 59.11 -28.03 44.77
C TRP BA 73 58.87 -29.18 45.75
N LYS BA 74 59.28 -30.40 45.40
CA LYS BA 74 59.11 -31.54 46.28
C LYS BA 74 60.22 -31.66 47.33
N ARG BA 75 61.17 -30.72 47.34
CA ARG BA 75 62.25 -30.76 48.32
C ARG BA 75 61.70 -30.56 49.73
N ARG BA 76 62.51 -30.97 50.72
CA ARG BA 76 62.14 -30.79 52.12
C ARG BA 76 62.07 -29.31 52.46
N ASN BA 77 61.77 -29.00 53.73
CA ASN BA 77 61.67 -27.61 54.17
C ASN BA 77 62.05 -27.57 55.66
N TRP BA 78 63.36 -27.60 55.91
CA TRP BA 78 63.89 -27.54 57.27
C TRP BA 78 64.04 -26.11 57.76
N TYR BA 79 62.96 -25.34 57.70
CA TYR BA 79 62.99 -23.96 58.12
C TYR BA 79 63.41 -23.86 59.59
N VAL BA 80 64.00 -22.73 59.95
CA VAL BA 80 64.42 -22.52 61.34
C VAL BA 80 63.23 -22.48 62.27
N ASP BA 81 62.10 -21.92 61.81
CA ASP BA 81 60.90 -21.84 62.63
C ASP BA 81 59.71 -21.70 61.68
N ASP BA 82 59.06 -22.82 61.40
CA ASP BA 82 57.90 -22.85 60.51
C ASP BA 82 56.76 -23.61 61.17
N PRO BA 83 55.53 -23.10 61.09
CA PRO BA 83 54.41 -23.79 61.74
C PRO BA 83 54.03 -25.11 61.10
N TYR BA 84 54.49 -25.39 59.88
CA TYR BA 84 54.18 -26.62 59.17
C TYR BA 84 55.32 -27.62 59.21
N GLN BA 85 56.18 -27.54 60.22
CA GLN BA 85 57.30 -28.47 60.33
C GLN BA 85 56.86 -29.86 60.79
N LYS BA 86 55.79 -29.93 61.59
CA LYS BA 86 55.28 -31.21 62.08
C LYS BA 86 54.20 -31.80 61.17
N TYR BA 87 54.24 -31.50 59.88
CA TYR BA 87 53.25 -32.00 58.94
C TYR BA 87 53.86 -32.57 57.66
N HIS BA 88 55.15 -32.36 57.41
CA HIS BA 88 55.77 -32.88 56.19
C HIS BA 88 55.81 -34.40 56.19
N ASP BA 89 55.94 -35.02 57.37
CA ASP BA 89 56.00 -36.47 57.49
C ASP BA 89 54.70 -36.97 58.11
N ARG BA 90 54.15 -38.03 57.53
CA ARG BA 90 52.91 -38.64 57.99
C ARG BA 90 53.23 -39.94 58.71
N THR BA 91 52.74 -40.08 59.94
CA THR BA 91 53.00 -41.25 60.75
C THR BA 91 51.69 -41.94 61.10
N ASN BA 92 51.80 -43.20 61.53
CA ASN BA 92 50.64 -43.99 61.91
C ASN BA 92 49.66 -44.13 60.76
N LEU BA 93 49.92 -45.08 59.86
CA LEU BA 93 49.04 -45.33 58.73
C LEU BA 93 49.13 -46.80 58.34
N LYS BA 94 47.98 -47.39 58.01
CA LYS BA 94 47.89 -48.79 57.58
C LYS BA 94 46.88 -48.87 56.45
N VAL BA 95 47.33 -48.55 55.24
CA VAL BA 95 46.47 -48.58 54.06
C VAL BA 95 45.30 -47.62 54.26
N LYS CA 1 -32.03 -49.87 -2.65
CA LYS CA 1 -30.98 -49.18 -1.92
C LYS CA 1 -30.10 -50.18 -1.17
N ASN CA 2 -28.94 -49.70 -0.70
CA ASN CA 2 -27.99 -50.53 0.04
C ASN CA 2 -28.25 -50.32 1.52
N LYS CA 3 -29.18 -51.11 2.07
CA LYS CA 3 -29.55 -51.03 3.48
C LYS CA 3 -29.08 -52.29 4.20
N THR CA 4 -28.31 -52.11 5.27
CA THR CA 4 -27.80 -53.23 6.04
C THR CA 4 -28.89 -53.81 6.94
N VAL CA 5 -29.50 -52.96 7.77
CA VAL CA 5 -30.56 -53.38 8.69
C VAL CA 5 -31.85 -53.33 7.88
N LEU CA 6 -32.19 -54.45 7.24
CA LEU CA 6 -33.40 -54.53 6.43
C LEU CA 6 -34.63 -54.44 7.33
N LYS CA 7 -35.37 -53.34 7.21
CA LYS CA 7 -36.57 -53.10 8.00
C LYS CA 7 -37.81 -53.51 7.22
N LYS CA 8 -38.96 -53.47 7.91
CA LYS CA 8 -40.26 -53.84 7.32
C LYS CA 8 -41.28 -52.82 7.82
N ARG CA 9 -41.23 -51.61 7.26
CA ARG CA 9 -42.17 -50.56 7.67
C ARG CA 9 -43.59 -50.91 7.26
N CYS CA 10 -43.77 -51.63 6.16
CA CYS CA 10 -45.08 -52.03 5.68
C CYS CA 10 -45.40 -53.45 6.11
N LYS CA 11 -46.68 -53.81 6.02
CA LYS CA 11 -47.12 -55.14 6.40
C LYS CA 11 -46.92 -56.15 5.28
N ASP CA 12 -47.02 -55.73 4.03
CA ASP CA 12 -46.85 -56.63 2.90
C ASP CA 12 -45.39 -56.98 2.63
N CYS CA 13 -44.45 -56.33 3.31
CA CYS CA 13 -43.04 -56.63 3.09
C CYS CA 13 -42.69 -58.01 3.63
N TYR CA 14 -41.62 -58.58 3.09
CA TYR CA 14 -41.17 -59.90 3.50
C TYR CA 14 -39.72 -60.08 3.07
N LEU CA 15 -38.94 -60.72 3.94
CA LEU CA 15 -37.52 -60.95 3.67
C LEU CA 15 -37.33 -62.24 2.90
N VAL CA 16 -36.44 -62.20 1.91
CA VAL CA 16 -36.15 -63.37 1.08
C VAL CA 16 -34.68 -63.30 0.69
N LYS CA 17 -33.98 -64.44 0.81
CA LYS CA 17 -32.58 -64.54 0.44
C LYS CA 17 -32.47 -64.85 -1.05
N ARG CA 18 -31.83 -63.97 -1.79
CA ARG CA 18 -31.71 -64.12 -3.24
C ARG CA 18 -30.41 -63.51 -3.71
N ARG CA 19 -29.74 -64.21 -4.63
CA ARG CA 19 -28.51 -63.72 -5.26
C ARG CA 19 -27.44 -63.40 -4.21
N GLY CA 20 -27.22 -64.34 -3.30
CA GLY CA 20 -26.18 -64.18 -2.30
C GLY CA 20 -26.42 -63.05 -1.31
N ARG CA 21 -27.68 -62.72 -1.04
CA ARG CA 21 -28.00 -61.65 -0.11
C ARG CA 21 -29.50 -61.64 0.12
N TRP CA 22 -29.93 -60.82 1.06
CA TRP CA 22 -31.34 -60.68 1.41
C TRP CA 22 -31.94 -59.49 0.68
N TYR CA 23 -33.23 -59.60 0.36
CA TYR CA 23 -33.97 -58.55 -0.31
C TYR CA 23 -35.29 -58.31 0.43
N VAL CA 24 -35.95 -57.21 0.08
CA VAL CA 24 -37.21 -56.84 0.68
C VAL CA 24 -38.17 -56.37 -0.41
N TYR CA 25 -38.94 -57.31 -0.97
CA TYR CA 25 -39.89 -57.00 -2.03
C TYR CA 25 -41.29 -56.83 -1.46
N CYS CA 26 -42.12 -56.10 -2.20
CA CYS CA 26 -43.49 -55.85 -1.79
C CYS CA 26 -44.28 -55.43 -3.02
N LYS CA 27 -45.49 -55.99 -3.16
CA LYS CA 27 -46.32 -55.70 -4.33
C LYS CA 27 -47.10 -54.40 -4.14
N THR CA 28 -47.82 -54.27 -3.02
CA THR CA 28 -48.61 -53.07 -2.79
C THR CA 28 -47.74 -51.83 -2.68
N HIS CA 29 -46.51 -51.98 -2.17
CA HIS CA 29 -45.60 -50.85 -2.01
C HIS CA 29 -44.20 -51.31 -2.40
N PRO CA 30 -43.85 -51.20 -3.69
CA PRO CA 30 -42.52 -51.65 -4.13
C PRO CA 30 -41.42 -50.64 -3.84
N ARG CA 31 -41.64 -49.74 -2.88
CA ARG CA 31 -40.65 -48.74 -2.49
C ARG CA 31 -39.73 -49.24 -1.39
N HIS CA 32 -39.50 -50.55 -1.30
CA HIS CA 32 -38.65 -51.12 -0.27
C HIS CA 32 -37.64 -52.12 -0.82
N LYS CA 33 -37.44 -52.16 -2.14
CA LYS CA 33 -36.49 -53.08 -2.76
C LYS CA 33 -35.08 -52.68 -2.33
N GLN CA 34 -34.70 -53.09 -1.14
CA GLN CA 34 -33.39 -52.77 -0.58
C GLN CA 34 -32.35 -53.76 -1.08
N ARG CA 35 -31.11 -53.55 -0.67
CA ARG CA 35 -30.00 -54.41 -1.06
C ARG CA 35 -28.97 -54.45 0.05
N GLN CA 36 -28.16 -55.50 0.04
CA GLN CA 36 -27.12 -55.68 1.05
C GLN CA 36 -25.73 -55.47 0.43
N TYR DA 1 57.52 40.01 -12.62
CA TYR DA 1 57.37 38.61 -13.03
C TYR DA 1 58.50 38.21 -13.96
N GLU DA 2 58.85 36.91 -13.94
CA GLU DA 2 59.91 36.38 -14.77
C GLU DA 2 59.50 35.00 -15.28
N TRP DA 3 60.00 34.65 -16.46
CA TRP DA 3 59.70 33.37 -17.08
C TRP DA 3 60.72 32.32 -16.62
N GLY DA 4 60.50 31.08 -17.06
CA GLY DA 4 61.38 29.99 -16.70
C GLY DA 4 61.08 29.40 -15.34
N VAL DA 5 60.62 28.15 -15.32
CA VAL DA 5 60.30 27.47 -14.07
C VAL DA 5 61.58 26.91 -13.47
N ARG DA 6 61.63 26.86 -12.14
CA ARG DA 6 62.83 26.36 -11.46
C ARG DA 6 63.06 24.89 -11.78
N SER DA 7 61.99 24.08 -11.80
CA SER DA 7 62.14 22.67 -12.11
C SER DA 7 62.71 22.47 -13.52
N THR DA 8 62.28 23.30 -14.47
CA THR DA 8 62.79 23.17 -15.83
C THR DA 8 64.21 23.70 -15.96
N ARG DA 9 64.56 24.74 -15.19
CA ARG DA 9 65.90 25.28 -15.24
C ARG DA 9 66.91 24.25 -14.73
N LYS DA 10 68.19 24.56 -14.90
CA LYS DA 10 69.24 23.67 -14.45
C LYS DA 10 69.17 23.49 -12.93
N SER DA 11 69.26 22.24 -12.49
CA SER DA 11 69.17 21.94 -11.07
C SER DA 11 70.32 22.60 -10.32
N GLU DA 12 70.03 23.12 -9.14
CA GLU DA 12 71.05 23.75 -8.32
C GLU DA 12 72.12 22.72 -7.94
N PRO DA 13 73.39 23.06 -8.04
CA PRO DA 13 74.43 22.09 -7.68
C PRO DA 13 74.33 21.68 -6.22
N PRO DA 14 74.93 20.56 -5.83
CA PRO DA 14 74.84 20.10 -4.45
C PRO DA 14 75.63 21.00 -3.52
N PRO DA 15 75.35 20.96 -2.22
CA PRO DA 15 76.10 21.81 -1.28
C PRO DA 15 77.52 21.29 -1.11
N LEU DA 16 78.47 22.23 -1.10
CA LEU DA 16 79.87 21.87 -0.93
C LEU DA 16 80.09 21.17 0.40
N ASP DA 17 80.93 20.14 0.39
CA ASP DA 17 81.22 19.39 1.61
C ASP DA 17 81.80 20.30 2.67
N ARG DA 18 81.45 20.03 3.93
CA ARG DA 18 81.94 20.83 5.05
C ARG DA 18 83.42 20.60 5.34
N VAL DA 19 84.04 19.60 4.72
CA VAL DA 19 85.46 19.34 4.95
C VAL DA 19 86.31 20.46 4.34
N TYR DA 20 85.83 21.08 3.26
CA TYR DA 20 86.58 22.15 2.63
C TYR DA 20 86.57 23.43 3.45
N GLU DA 21 85.63 23.57 4.39
CA GLU DA 21 85.55 24.76 5.23
C GLU DA 21 86.46 24.69 6.45
N ILE DA 22 87.41 23.76 6.47
CA ILE DA 22 88.33 23.62 7.60
C ILE DA 22 89.73 24.01 7.14
N PRO DA 23 90.02 25.30 6.95
CA PRO DA 23 91.36 25.71 6.50
C PRO DA 23 92.45 25.27 7.46
N GLY DA 24 93.31 24.32 7.07
CA GLY DA 24 93.29 23.68 5.77
C GLY DA 24 94.06 22.38 5.75
N LEU DA 25 93.33 21.29 5.54
CA LEU DA 25 93.89 19.95 5.51
C LEU DA 25 93.75 19.37 4.11
N GLU DA 26 94.00 18.05 3.98
CA GLU DA 26 93.90 17.37 2.71
C GLU DA 26 92.57 16.64 2.63
N PRO DA 27 91.53 17.23 2.00
CA PRO DA 27 90.24 16.54 1.94
C PRO DA 27 90.29 15.28 1.10
N ILE DA 28 90.23 14.11 1.74
CA ILE DA 28 90.29 12.85 1.03
C ILE DA 28 89.00 12.68 0.23
N THR DA 29 89.14 12.44 -1.07
CA THR DA 29 88.00 12.25 -1.96
C THR DA 29 88.30 11.10 -2.91
N PHE DA 30 87.31 10.74 -3.72
CA PHE DA 30 87.45 9.66 -4.69
C PHE DA 30 88.10 10.14 -5.99
N ALA DA 31 88.78 11.29 -5.97
CA ALA DA 31 89.45 11.77 -7.17
C ALA DA 31 90.55 10.79 -7.62
N GLY DA 32 91.20 10.12 -6.66
CA GLY DA 32 92.20 9.14 -7.02
C GLY DA 32 91.64 8.03 -7.90
N LYS DA 33 90.45 7.55 -7.56
CA LYS DA 33 89.76 6.56 -8.38
C LYS DA 33 89.16 7.24 -9.60
N MET DA 34 88.36 6.50 -10.38
CA MET DA 34 87.74 7.03 -11.59
C MET DA 34 86.31 6.49 -11.70
N HIS DA 35 85.50 6.79 -10.68
CA HIS DA 35 84.10 6.38 -10.67
C HIS DA 35 83.37 7.00 -9.48
N PHE DA 36 82.07 7.21 -9.60
CA PHE DA 36 81.30 7.80 -8.52
C PHE DA 36 81.11 6.81 -7.39
N VAL DA 37 81.19 7.30 -6.16
CA VAL DA 37 81.03 6.48 -4.96
C VAL DA 37 80.18 7.23 -3.96
N PRO DA 38 79.22 6.59 -3.27
CA PRO DA 38 78.41 7.31 -2.29
C PRO DA 38 79.25 7.90 -1.17
N TRP DA 39 79.94 7.05 -0.42
CA TRP DA 39 80.82 7.53 0.64
C TRP DA 39 81.97 8.33 0.04
N LEU DA 40 82.86 8.82 0.91
CA LEU DA 40 83.97 9.67 0.49
C LEU DA 40 83.45 10.99 -0.06
N ALA DA 41 83.98 12.11 0.44
CA ALA DA 41 83.52 13.41 0.00
C ALA DA 41 83.71 13.58 -1.50
N ARG DA 42 83.04 14.59 -2.05
CA ARG DA 42 83.10 14.86 -3.48
C ARG DA 42 84.28 15.78 -3.79
N PRO DA 43 85.06 15.50 -4.84
CA PRO DA 43 86.18 16.37 -5.18
C PRO DA 43 85.72 17.58 -5.98
N ILE DA 44 86.68 18.43 -6.33
CA ILE DA 44 86.43 19.63 -7.13
C ILE DA 44 87.47 19.66 -8.24
N PHE DA 45 87.05 19.34 -9.46
CA PHE DA 45 87.96 19.28 -10.59
C PHE DA 45 88.17 20.67 -11.17
N PRO DA 46 89.29 20.88 -11.87
CA PRO DA 46 89.54 22.18 -12.47
C PRO DA 46 88.89 22.29 -13.84
N PRO DA 47 88.83 23.49 -14.41
CA PRO DA 47 88.21 23.65 -15.74
C PRO DA 47 89.12 23.09 -16.82
N TRP DA 48 88.64 22.04 -17.49
CA TRP DA 48 89.39 21.39 -18.55
C TRP DA 48 89.01 21.99 -19.91
N ASP DA 49 90.01 22.10 -20.79
CA ASP DA 49 89.80 22.65 -22.12
C ASP DA 49 90.68 21.89 -23.11
N ARG DA 50 90.11 21.57 -24.26
CA ARG DA 50 90.85 20.84 -25.29
C ARG DA 50 91.90 21.74 -25.92
N GLY DA 51 93.03 21.11 -26.28
CA GLY DA 51 94.12 21.84 -26.90
C GLY DA 51 93.89 22.09 -28.38
N TYR DA 52 94.04 21.05 -29.19
CA TYR DA 52 93.85 21.19 -30.63
C TYR DA 52 92.39 21.54 -30.93
N LYS DA 53 92.15 21.97 -32.17
CA LYS DA 53 90.82 22.36 -32.61
C LYS DA 53 90.11 21.19 -33.27
N ASP DA 54 88.78 21.22 -33.24
CA ASP DA 54 87.95 20.19 -33.85
C ASP DA 54 86.80 20.89 -34.59
N PRO DA 55 86.54 20.54 -35.85
CA PRO DA 55 85.43 21.21 -36.56
C PRO DA 55 84.09 21.03 -35.87
N ARG DA 56 83.68 19.80 -35.62
CA ARG DA 56 82.36 19.56 -35.02
C ARG DA 56 82.32 19.97 -33.55
N PHE DA 57 83.45 19.88 -32.85
CA PHE DA 57 83.54 20.25 -31.44
C PHE DA 57 84.36 21.52 -31.33
N TYR DA 58 83.69 22.66 -31.50
CA TYR DA 58 84.32 23.97 -31.44
C TYR DA 58 83.45 24.92 -30.64
N ARG DA 59 84.04 25.57 -29.65
CA ARG DA 59 83.35 26.55 -28.82
C ARG DA 59 83.81 27.94 -29.21
N SER DA 60 82.90 28.74 -29.76
CA SER DA 60 83.24 30.08 -30.21
C SER DA 60 83.47 31.01 -29.02
N PRO DA 61 84.16 32.12 -29.23
CA PRO DA 61 84.39 33.07 -28.13
C PRO DA 61 83.09 33.73 -27.70
N PRO DA 62 83.11 34.52 -26.62
CA PRO DA 62 81.89 35.21 -26.19
C PRO DA 62 81.41 36.25 -27.20
N LEU DA 63 80.35 36.97 -26.85
CA LEU DA 63 79.79 37.97 -27.76
C LEU DA 63 80.68 39.21 -27.89
N HIS DA 64 81.54 39.46 -26.91
CA HIS DA 64 82.41 40.65 -26.93
C HIS DA 64 83.78 40.37 -27.51
N GLU DA 65 84.41 39.26 -27.13
CA GLU DA 65 85.74 38.91 -27.64
C GLU DA 65 85.60 38.44 -29.08
N HIS DA 66 85.90 39.32 -30.02
CA HIS DA 66 85.80 39.02 -31.44
C HIS DA 66 86.83 39.85 -32.19
N PRO DA 67 87.22 39.43 -33.39
CA PRO DA 67 88.20 40.23 -34.15
C PRO DA 67 87.70 41.63 -34.49
N LEU DA 68 86.38 41.83 -34.53
CA LEU DA 68 85.82 43.15 -34.81
C LEU DA 68 84.48 43.25 -34.10
N TYR DA 69 84.35 44.25 -33.22
CA TYR DA 69 83.13 44.44 -32.45
C TYR DA 69 82.86 45.94 -32.34
N LYS DA 70 81.74 46.38 -32.88
CA LYS DA 70 81.34 47.79 -32.84
C LYS DA 70 80.28 48.01 -31.78
N ASP DA 71 80.34 49.17 -31.14
CA ASP DA 71 79.39 49.52 -30.09
C ASP DA 71 78.10 50.14 -30.62
N GLN DA 72 78.13 50.70 -31.83
CA GLN DA 72 76.94 51.32 -32.39
C GLN DA 72 75.87 50.26 -32.63
N ALA DA 73 74.68 50.48 -32.07
CA ALA DA 73 73.57 49.55 -32.22
C ALA DA 73 73.07 49.61 -33.66
N CYS DA 74 73.72 48.85 -34.52
CA CYS DA 74 73.37 48.81 -35.93
C CYS DA 74 72.17 47.88 -36.15
N TYR DA 75 71.61 47.96 -37.35
CA TYR DA 75 70.47 47.15 -37.74
C TYR DA 75 70.64 46.69 -39.18
N ILE DA 76 70.29 45.43 -39.43
CA ILE DA 76 70.42 44.83 -40.76
C ILE DA 76 69.05 44.37 -41.23
N PHE DA 77 68.86 44.35 -42.54
CA PHE DA 77 67.61 43.94 -43.16
C PHE DA 77 67.86 42.78 -44.12
N HIS DA 78 66.90 41.87 -44.18
CA HIS DA 78 66.99 40.71 -45.06
C HIS DA 78 65.59 40.36 -45.55
N HIS DA 79 65.50 39.28 -46.33
CA HIS DA 79 64.23 38.89 -46.92
C HIS DA 79 63.20 38.52 -45.85
N ARG DA 80 63.64 37.82 -44.79
CA ARG DA 80 62.72 37.37 -43.77
C ARG DA 80 62.14 38.51 -42.95
N CYS DA 81 62.79 39.68 -42.95
CA CYS DA 81 62.30 40.81 -42.17
C CYS DA 81 60.91 41.24 -42.65
N ARG DA 82 59.89 41.01 -41.81
CA ARG DA 82 58.52 41.38 -42.13
C ARG DA 82 58.21 42.71 -41.45
N LEU DA 83 58.11 43.77 -42.26
CA LEU DA 83 57.83 45.09 -41.71
C LEU DA 83 56.44 45.13 -41.09
N LEU DA 84 56.22 46.14 -40.24
CA LEU DA 84 54.93 46.30 -39.55
C LEU DA 84 53.99 47.15 -40.40
N GLU DA 85 54.29 48.45 -40.52
CA GLU DA 85 53.46 49.35 -41.30
C GLU DA 85 53.40 48.91 -42.76
N GLY DA 86 54.54 48.98 -43.45
CA GLY DA 86 54.62 48.53 -44.83
C GLY DA 86 55.19 49.57 -45.77
N VAL DA 87 54.31 50.27 -46.49
CA VAL DA 87 54.77 51.22 -47.50
C VAL DA 87 55.38 52.45 -46.85
N LYS DA 88 54.74 52.98 -45.81
CA LYS DA 88 55.25 54.20 -45.19
C LYS DA 88 56.59 53.96 -44.51
N GLN DA 89 56.76 52.82 -43.86
CA GLN DA 89 58.03 52.50 -43.22
C GLN DA 89 59.14 52.41 -44.25
N ALA DA 90 58.88 51.75 -45.38
CA ALA DA 90 59.89 51.64 -46.43
C ALA DA 90 60.21 53.01 -47.01
N LEU DA 91 59.18 53.85 -47.23
CA LEU DA 91 59.42 55.19 -47.74
C LEU DA 91 60.28 56.00 -46.78
N TRP DA 92 60.03 55.87 -45.48
CA TRP DA 92 60.83 56.60 -44.49
C TRP DA 92 62.26 56.09 -44.46
N LEU DA 93 62.44 54.77 -44.49
CA LEU DA 93 63.79 54.20 -44.43
C LEU DA 93 64.57 54.41 -45.72
N THR DA 94 63.88 54.68 -46.83
CA THR DA 94 64.54 54.87 -48.12
C THR DA 94 64.66 56.34 -48.53
N LYS DA 95 63.77 57.20 -48.05
CA LYS DA 95 63.78 58.62 -48.42
C LYS DA 95 63.49 58.79 -49.90
N THR DA 96 62.31 58.32 -50.30
CA THR DA 96 61.88 58.38 -51.70
C THR DA 96 60.45 58.94 -51.73
N LYS DA 97 59.73 58.64 -52.80
CA LYS DA 97 58.36 59.10 -52.97
C LYS DA 97 57.51 57.98 -53.55
N LEU DA 98 56.23 57.99 -53.19
CA LEU DA 98 55.27 57.00 -53.67
C LEU DA 98 54.42 57.60 -54.77
N ILE DA 99 54.26 56.85 -55.86
CA ILE DA 99 53.45 57.28 -57.00
C ILE DA 99 52.39 56.23 -57.27
N GLU DA 100 51.25 56.69 -57.79
CA GLU DA 100 50.13 55.80 -58.06
C GLU DA 100 50.44 54.81 -59.18
N GLY DA 101 50.47 55.31 -60.42
CA GLY DA 101 50.67 54.46 -61.58
C GLY DA 101 52.11 54.44 -62.05
N LEU DA 102 52.31 53.80 -63.20
CA LEU DA 102 53.63 53.66 -63.82
C LEU DA 102 53.90 54.84 -64.75
N PRO DA 103 55.17 55.06 -65.13
CA PRO DA 103 55.47 56.18 -66.02
C PRO DA 103 54.80 56.05 -67.38
N GLU DA 104 55.03 57.03 -68.26
CA GLU DA 104 54.38 57.04 -69.57
C GLU DA 104 55.08 56.12 -70.56
N LYS DA 105 56.40 55.93 -70.42
CA LYS DA 105 57.13 55.09 -71.36
C LYS DA 105 56.69 53.64 -71.26
N VAL DA 106 56.47 53.14 -70.03
CA VAL DA 106 56.06 51.75 -69.86
C VAL DA 106 54.69 51.52 -70.49
N LEU DA 107 53.78 52.49 -70.33
CA LEU DA 107 52.45 52.37 -70.92
C LEU DA 107 52.43 52.58 -72.42
N SER DA 108 53.41 53.31 -72.96
CA SER DA 108 53.48 53.56 -74.40
C SER DA 108 54.23 52.47 -75.15
N LEU DA 109 55.10 51.73 -74.48
CA LEU DA 109 55.84 50.65 -75.11
C LEU DA 109 55.03 49.36 -75.28
N VAL DA 110 53.69 49.45 -75.19
CA VAL DA 110 52.86 48.26 -75.37
C VAL DA 110 53.06 47.69 -76.77
N ASP DA 111 52.81 48.52 -77.79
CA ASP DA 111 52.96 48.09 -79.17
C ASP DA 111 54.42 47.85 -79.52
N GLN DA 120 48.16 37.37 -78.03
CA GLN DA 120 49.09 36.34 -77.60
C GLN DA 120 48.70 35.80 -76.23
N ASP DA 121 47.40 35.80 -75.93
CA ASP DA 121 46.92 35.31 -74.65
C ASP DA 121 46.82 33.79 -74.60
N GLU DA 122 46.76 33.13 -75.76
CA GLU DA 122 46.69 31.67 -75.77
C GLU DA 122 47.94 31.05 -75.14
N CYS DA 123 49.11 31.60 -75.47
CA CYS DA 123 50.35 31.09 -74.89
C CYS DA 123 50.37 31.28 -73.38
N VAL DA 124 49.92 32.45 -72.91
CA VAL DA 124 49.90 32.71 -71.47
C VAL DA 124 48.95 31.74 -70.78
N LEU DA 125 47.77 31.51 -71.36
CA LEU DA 125 46.81 30.58 -70.77
C LEU DA 125 47.38 29.17 -70.72
N ASN DA 126 48.04 28.74 -71.81
CA ASN DA 126 48.63 27.41 -71.84
C ASN DA 126 49.72 27.27 -70.79
N VAL DA 127 50.58 28.28 -70.67
CA VAL DA 127 51.65 28.23 -69.67
C VAL DA 127 51.07 28.18 -68.27
N ILE DA 128 50.02 28.96 -68.01
CA ILE DA 128 49.39 28.95 -66.69
C ILE DA 128 48.82 27.58 -66.39
N SER DA 129 48.05 27.02 -67.32
CA SER DA 129 47.48 25.70 -67.10
C SER DA 129 48.56 24.65 -66.87
N HIS DA 130 49.64 24.71 -67.66
CA HIS DA 130 50.73 23.76 -67.48
C HIS DA 130 51.34 23.88 -66.09
N ALA DA 131 51.83 25.07 -65.74
CA ALA DA 131 52.48 25.26 -64.46
C ALA DA 131 51.54 25.01 -63.29
N ARG DA 132 50.22 25.04 -63.52
CA ARG DA 132 49.27 24.85 -62.43
C ARG DA 132 48.78 23.42 -62.29
N LEU DA 133 48.84 22.61 -63.35
CA LEU DA 133 48.29 21.26 -63.26
C LEU DA 133 49.18 20.21 -63.92
N TRP DA 134 49.74 20.53 -65.09
CA TRP DA 134 50.38 19.53 -65.92
C TRP DA 134 51.87 19.36 -65.62
N GLN DA 135 52.46 20.19 -64.76
CA GLN DA 135 53.88 20.12 -64.48
C GLN DA 135 54.24 19.14 -63.37
N THR DA 136 53.29 18.34 -62.90
CA THR DA 136 53.56 17.37 -61.85
C THR DA 136 52.64 16.18 -62.04
N THR DA 137 52.94 15.09 -61.32
CA THR DA 137 52.14 13.88 -61.40
C THR DA 137 50.83 14.03 -60.65
N GLU DA 138 50.90 14.25 -59.34
CA GLU DA 138 49.70 14.38 -58.53
C GLU DA 138 48.89 15.60 -58.96
N GLU DA 139 47.69 15.72 -58.40
CA GLU DA 139 46.79 16.82 -58.71
C GLU DA 139 47.02 17.97 -57.74
N ILE DA 140 46.46 19.13 -58.10
CA ILE DA 140 46.57 20.37 -57.33
C ILE DA 140 47.96 20.48 -56.70
N PRO DA 141 48.96 20.97 -57.44
CA PRO DA 141 50.31 21.09 -56.86
C PRO DA 141 50.37 22.08 -55.71
N LYS DA 142 51.59 22.51 -55.36
CA LYS DA 142 51.81 23.42 -54.26
C LYS DA 142 52.39 24.74 -54.77
N ARG DA 143 52.22 25.79 -53.97
CA ARG DA 143 52.71 27.12 -54.36
C ARG DA 143 54.20 27.09 -54.62
N GLU DA 144 54.97 26.51 -53.70
CA GLU DA 144 56.43 26.42 -53.89
C GLU DA 144 56.79 25.64 -55.14
N THR DA 145 55.86 24.89 -55.72
CA THR DA 145 56.14 24.08 -56.89
C THR DA 145 55.93 24.85 -58.20
N TYR DA 146 54.88 25.67 -58.28
CA TYR DA 146 54.55 26.34 -59.53
C TYR DA 146 54.91 27.82 -59.56
N CYS DA 147 55.08 28.46 -58.40
CA CYS DA 147 55.43 29.88 -58.38
C CYS DA 147 56.74 30.15 -59.12
N PRO DA 148 57.87 29.53 -58.75
CA PRO DA 148 59.08 29.75 -59.54
C PRO DA 148 58.96 29.25 -60.96
N VAL DA 149 58.23 28.14 -61.17
CA VAL DA 149 58.01 27.65 -62.52
C VAL DA 149 57.22 28.66 -63.34
N ILE DA 150 56.19 29.26 -62.73
CA ILE DA 150 55.40 30.27 -63.42
C ILE DA 150 56.28 31.47 -63.77
N VAL DA 151 57.11 31.90 -62.83
CA VAL DA 151 57.98 33.05 -63.08
C VAL DA 151 58.93 32.76 -64.23
N ASP DA 152 59.53 31.57 -64.23
CA ASP DA 152 60.47 31.21 -65.29
C ASP DA 152 59.77 31.10 -66.63
N ASN DA 153 58.56 30.54 -66.66
CA ASN DA 153 57.83 30.42 -67.91
C ASN DA 153 57.44 31.78 -68.45
N LEU DA 154 57.04 32.70 -67.57
CA LEU DA 154 56.72 34.06 -68.01
C LEU DA 154 57.96 34.77 -68.55
N ILE DA 155 59.10 34.59 -67.87
CA ILE DA 155 60.34 35.20 -68.35
C ILE DA 155 60.70 34.65 -69.72
N GLN DA 156 60.53 33.33 -69.92
CA GLN DA 156 60.83 32.73 -71.21
C GLN DA 156 59.89 33.23 -72.29
N LEU DA 157 58.60 33.38 -71.97
CA LEU DA 157 57.65 33.93 -72.93
C LEU DA 157 58.02 35.35 -73.32
N CYS DA 158 58.45 36.15 -72.35
CA CYS DA 158 58.84 37.52 -72.64
C CYS DA 158 60.12 37.56 -73.49
N LYS DA 159 61.06 36.66 -73.21
CA LYS DA 159 62.32 36.63 -73.95
C LYS DA 159 62.14 36.07 -75.36
N SER DA 160 61.12 35.24 -75.59
CA SER DA 160 60.92 34.65 -76.91
C SER DA 160 60.81 35.71 -78.01
N GLN DA 161 60.43 36.93 -77.67
CA GLN DA 161 60.28 38.00 -78.65
C GLN DA 161 61.60 38.71 -78.91
N ILE DA 162 62.64 37.94 -79.27
CA ILE DA 162 63.93 38.54 -79.57
C ILE DA 162 63.99 39.01 -81.01
N LEU DA 163 63.28 38.33 -81.92
CA LEU DA 163 63.28 38.75 -83.32
C LEU DA 163 62.67 40.13 -83.48
N LYS DA 164 61.67 40.45 -82.66
CA LYS DA 164 61.05 41.78 -82.74
C LYS DA 164 61.99 42.87 -82.24
N HIS DA 165 62.83 42.56 -81.25
CA HIS DA 165 63.78 43.51 -80.69
C HIS DA 165 65.12 42.81 -80.50
N PRO DA 166 66.07 43.00 -81.42
CA PRO DA 166 67.36 42.31 -81.29
C PRO DA 166 68.19 42.78 -80.11
N SER DA 167 67.79 43.85 -79.42
CA SER DA 167 68.53 44.34 -78.26
C SER DA 167 68.38 43.43 -77.05
N LEU DA 168 67.50 42.43 -77.11
CA LEU DA 168 67.28 41.52 -75.99
C LEU DA 168 68.37 40.45 -75.87
N ALA DA 169 69.38 40.48 -76.74
CA ALA DA 169 70.46 39.51 -76.69
C ALA DA 169 71.55 39.88 -75.70
N ARG DA 170 71.51 41.08 -75.13
CA ARG DA 170 72.52 41.55 -74.18
C ARG DA 170 71.90 41.62 -72.78
N ARG DA 171 71.58 40.45 -72.25
CA ARG DA 171 71.00 40.36 -70.91
C ARG DA 171 70.99 38.90 -70.49
N ILE DA 172 70.80 38.69 -69.19
CA ILE DA 172 70.76 37.34 -68.62
C ILE DA 172 70.16 37.45 -67.23
N CYS DA 173 69.56 36.35 -66.76
CA CYS DA 173 68.93 36.29 -65.45
C CYS DA 173 69.65 35.23 -64.61
N VAL DA 174 70.20 35.66 -63.48
CA VAL DA 174 70.91 34.76 -62.58
C VAL DA 174 69.92 34.19 -61.57
N GLN DA 175 70.43 33.58 -60.51
CA GLN DA 175 69.59 33.00 -59.47
C GLN DA 175 70.15 33.30 -58.08
N ASN DA 176 71.37 32.86 -57.82
CA ASN DA 176 72.01 33.07 -56.51
C ASN DA 176 72.68 34.45 -56.49
N SER DA 177 71.83 35.48 -56.45
CA SER DA 177 72.30 36.85 -56.41
C SER DA 177 72.42 37.31 -54.96
N THR DA 178 73.54 37.97 -54.65
CA THR DA 178 73.79 38.46 -53.30
C THR DA 178 74.46 39.82 -53.39
N PHE DA 179 73.94 40.79 -52.63
CA PHE DA 179 74.50 42.13 -52.60
C PHE DA 179 74.32 42.70 -51.21
N SER DA 180 74.92 43.86 -50.98
CA SER DA 180 74.85 44.54 -49.70
C SER DA 180 74.94 46.04 -49.90
N ALA DA 181 74.61 46.78 -48.86
CA ALA DA 181 74.64 48.25 -48.89
C ALA DA 181 74.46 48.77 -47.48
N THR DA 182 74.94 49.99 -47.25
CA THR DA 182 74.83 50.63 -45.96
C THR DA 182 74.63 52.13 -46.15
N TRP DA 183 73.94 52.75 -45.20
CA TRP DA 183 73.66 54.17 -45.25
C TRP DA 183 73.16 54.62 -43.89
N ASN DA 184 73.05 55.93 -43.70
CA ASN DA 184 72.59 56.54 -42.48
C ASN DA 184 71.27 57.25 -42.72
N ARG DA 185 70.68 57.76 -41.64
CA ARG DA 185 69.40 58.46 -41.73
C ARG DA 185 69.11 59.24 -40.44
N GLU DA 186 69.35 58.61 -39.30
CA GLU DA 186 69.01 59.24 -38.02
C GLU DA 186 70.01 60.32 -37.61
N SER DA 187 71.32 60.07 -37.70
CA SER DA 187 71.96 58.91 -38.33
C SER DA 187 71.83 57.60 -37.56
N LEU DA 188 71.60 56.52 -38.29
CA LEU DA 188 71.66 55.16 -37.75
C LEU DA 188 72.08 54.23 -38.88
N LEU DA 189 73.13 53.46 -38.65
CA LEU DA 189 73.69 52.61 -39.68
C LEU DA 189 72.72 51.47 -39.98
N LEU DA 190 72.18 51.45 -41.19
CA LEU DA 190 71.31 50.38 -41.67
C LEU DA 190 72.07 49.50 -42.65
N GLN DA 191 71.45 48.37 -42.99
CA GLN DA 191 72.07 47.43 -43.91
C GLN DA 191 71.01 46.54 -44.52
N VAL DA 192 71.27 46.07 -45.73
CA VAL DA 192 70.38 45.17 -46.45
C VAL DA 192 71.20 43.98 -46.94
N ARG DA 193 70.49 42.97 -47.44
CA ARG DA 193 71.12 41.76 -47.94
C ARG DA 193 70.38 41.29 -49.18
N GLY DA 194 70.99 40.33 -49.90
CA GLY DA 194 70.40 39.79 -51.10
C GLY DA 194 69.42 38.67 -50.81
N SER DA 195 68.91 38.09 -51.89
CA SER DA 195 67.95 36.99 -51.80
C SER DA 195 68.22 36.01 -52.94
N GLY DA 196 67.63 34.82 -52.81
CA GLY DA 196 67.80 33.79 -53.82
C GLY DA 196 67.04 34.01 -55.09
N GLY DA 197 66.28 35.09 -55.20
CA GLY DA 197 65.51 35.38 -56.40
C GLY DA 197 66.42 35.65 -57.59
N ALA DA 198 65.81 35.59 -58.77
CA ALA DA 198 66.53 35.83 -60.01
C ALA DA 198 66.75 37.32 -60.23
N ARG DA 199 67.97 37.69 -60.62
CA ARG DA 199 68.35 39.08 -60.86
C ARG DA 199 68.74 39.22 -62.32
N LEU DA 200 67.99 40.03 -63.05
CA LEU DA 200 68.27 40.28 -64.47
C LEU DA 200 69.22 41.45 -64.61
N SER DA 201 70.32 41.22 -65.33
CA SER DA 201 71.35 42.23 -65.54
C SER DA 201 71.47 42.54 -67.03
N THR DA 202 72.06 43.69 -67.32
CA THR DA 202 72.27 44.13 -68.70
C THR DA 202 73.63 44.79 -68.82
N LYS DA 203 74.18 44.75 -70.03
CA LYS DA 203 75.49 45.37 -70.26
C LYS DA 203 75.43 46.88 -70.11
N ASP DA 204 74.28 47.48 -70.36
CA ASP DA 204 74.07 48.92 -70.24
C ASP DA 204 72.99 49.22 -69.23
N PRO DA 205 73.00 50.41 -68.63
CA PRO DA 205 71.97 50.76 -67.64
C PRO DA 205 70.70 51.23 -68.32
N LEU DA 206 69.69 51.53 -67.50
CA LEU DA 206 68.41 52.00 -67.99
C LEU DA 206 68.42 53.52 -68.12
N PRO DA 207 67.54 54.08 -68.94
CA PRO DA 207 67.50 55.53 -69.11
C PRO DA 207 66.76 56.21 -67.96
N THR DA 208 67.01 57.51 -67.85
CA THR DA 208 66.36 58.30 -66.80
C THR DA 208 64.89 58.51 -67.12
N ILE DA 209 64.03 58.22 -66.15
CA ILE DA 209 62.59 58.36 -66.35
C ILE DA 209 62.19 59.82 -66.17
N ALA DA 210 62.13 60.28 -64.93
CA ALA DA 210 61.76 61.66 -64.65
C ALA DA 210 62.96 62.56 -64.73
N SER DA 211 62.77 63.74 -65.33
CA SER DA 211 63.84 64.71 -65.48
C SER DA 211 64.17 65.33 -64.12
N ARG DA 212 65.13 66.26 -64.13
CA ARG DA 212 65.54 66.92 -62.90
C ARG DA 212 64.47 67.87 -62.37
N GLU DA 213 63.49 68.24 -63.20
CA GLU DA 213 62.42 69.13 -62.74
C GLU DA 213 61.65 68.50 -61.59
N GLU DA 214 61.24 67.24 -61.75
CA GLU DA 214 60.52 66.56 -60.69
C GLU DA 214 61.41 66.32 -59.48
N ILE DA 215 62.70 66.01 -59.71
CA ILE DA 215 63.61 65.78 -58.61
C ILE DA 215 63.76 67.04 -57.75
N GLU DA 216 63.72 68.21 -58.40
CA GLU DA 216 63.82 69.47 -57.67
C GLU DA 216 62.49 69.85 -57.03
N ALA DA 217 61.37 69.54 -57.69
CA ALA DA 217 60.07 69.88 -57.14
C ALA DA 217 59.72 69.01 -55.94
N THR DA 218 60.28 67.79 -55.86
CA THR DA 218 60.00 66.92 -54.74
C THR DA 218 60.46 67.51 -53.41
N LYS DA 219 61.32 68.52 -53.43
CA LYS DA 219 61.78 69.15 -52.20
C LYS DA 219 60.64 69.74 -51.39
N ASN DA 220 59.52 70.10 -52.04
CA ASN DA 220 58.39 70.69 -51.34
C ASN DA 220 57.84 69.75 -50.29
N HIS DA 221 57.14 68.71 -50.72
CA HIS DA 221 56.55 67.76 -49.78
C HIS DA 221 57.65 67.05 -48.98
N VAL DA 222 57.25 66.55 -47.81
CA VAL DA 222 58.16 65.83 -46.93
C VAL DA 222 57.59 64.43 -46.66
N LEU DA 223 58.37 63.63 -45.96
CA LEU DA 223 57.96 62.27 -45.64
C LEU DA 223 57.09 62.25 -44.40
N GLU DA 224 56.13 61.33 -44.38
CA GLU DA 224 55.18 61.22 -43.28
C GLU DA 224 55.73 60.30 -42.20
N THR DA 225 55.54 60.70 -40.95
CA THR DA 225 55.95 59.91 -39.80
C THR DA 225 54.81 58.99 -39.36
N PHE DA 226 55.13 58.08 -38.44
CA PHE DA 226 54.17 57.12 -37.92
C PHE DA 226 54.39 56.94 -36.41
N TYR DA 227 54.22 58.03 -35.67
CA TYR DA 227 54.32 57.97 -34.22
C TYR DA 227 53.18 57.12 -33.65
N PRO DA 228 53.42 56.32 -32.61
CA PRO DA 228 54.68 56.12 -31.88
C PRO DA 228 55.57 55.02 -32.46
N ILE DA 229 55.06 54.31 -33.47
CA ILE DA 229 55.84 53.24 -34.09
C ILE DA 229 57.13 53.82 -34.65
N SER DA 230 58.25 53.15 -34.36
CA SER DA 230 59.55 53.59 -34.83
C SER DA 230 59.92 52.85 -36.12
N PRO DA 231 60.78 53.45 -36.96
CA PRO DA 231 61.17 52.78 -38.20
C PRO DA 231 62.01 51.54 -37.98
N ILE DA 232 62.51 51.30 -36.77
CA ILE DA 232 63.30 50.12 -36.46
C ILE DA 232 62.49 49.19 -35.57
N ILE DA 233 61.32 48.77 -36.04
CA ILE DA 233 60.44 47.89 -35.29
C ILE DA 233 60.62 46.46 -35.77
N ASP DA 234 60.98 46.30 -37.04
CA ASP DA 234 61.17 44.98 -37.64
C ASP DA 234 62.53 44.95 -38.36
N LEU DA 235 63.60 44.98 -37.57
CA LEU DA 235 64.95 44.94 -38.11
C LEU DA 235 65.85 44.22 -37.12
N HIS DA 236 66.62 43.24 -37.62
CA HIS DA 236 67.50 42.46 -36.77
C HIS DA 236 68.54 43.35 -36.09
N GLU DA 237 68.40 43.53 -34.77
CA GLU DA 237 69.33 44.35 -34.01
C GLU DA 237 70.52 43.49 -33.63
N CYS DA 238 71.61 43.64 -34.39
CA CYS DA 238 72.83 42.87 -34.17
C CYS DA 238 73.97 43.82 -33.82
N ASN DA 239 75.02 43.24 -33.23
CA ASN DA 239 76.21 44.01 -32.86
C ASN DA 239 77.20 44.08 -34.00
N ILE DA 240 77.67 42.93 -34.48
CA ILE DA 240 78.59 42.88 -35.61
C ILE DA 240 77.81 43.02 -36.91
N TYR DA 241 78.40 43.70 -37.88
CA TYR DA 241 77.72 43.96 -39.15
C TYR DA 241 78.71 44.12 -40.29
N ASP DA 242 79.88 44.70 -40.01
CA ASP DA 242 80.87 44.99 -41.04
C ASP DA 242 80.31 45.98 -42.05
N VAL DA 243 80.62 47.27 -41.85
CA VAL DA 243 80.07 48.31 -42.72
C VAL DA 243 80.52 48.14 -44.16
N LYS DA 244 81.64 47.47 -44.40
CA LYS DA 244 82.15 47.27 -45.75
C LYS DA 244 81.14 46.50 -46.59
N ASN DA 245 80.47 47.20 -47.50
CA ASN DA 245 79.48 46.58 -48.36
C ASN DA 245 80.12 46.13 -49.67
N ASP DA 246 79.30 45.56 -50.56
CA ASP DA 246 79.79 45.09 -51.85
C ASP DA 246 78.62 45.04 -52.83
N THR DA 247 78.94 45.12 -54.12
CA THR DA 247 77.94 45.08 -55.16
C THR DA 247 77.36 43.68 -55.30
N GLY DA 248 76.80 43.37 -56.47
CA GLY DA 248 76.20 42.07 -56.71
C GLY DA 248 77.14 41.06 -57.31
N PHE DA 249 78.12 41.54 -58.08
CA PHE DA 249 79.06 40.67 -58.76
C PHE DA 249 80.46 41.25 -58.65
N GLN DA 250 81.46 40.39 -58.83
CA GLN DA 250 82.85 40.82 -58.79
C GLN DA 250 83.15 41.77 -59.95
N GLU DA 251 84.16 42.62 -59.75
CA GLU DA 251 84.55 43.58 -60.77
C GLU DA 251 84.92 42.88 -62.07
N GLY DA 252 84.67 43.55 -63.18
CA GLY DA 252 85.00 43.00 -64.49
C GLY DA 252 84.10 41.84 -64.89
N TYR DA 253 82.82 41.91 -64.57
CA TYR DA 253 81.87 40.85 -64.90
C TYR DA 253 80.85 41.38 -65.89
N PRO DA 254 80.72 40.77 -67.08
CA PRO DA 254 79.71 41.24 -68.01
C PRO DA 254 78.32 41.23 -67.38
N TYR DA 255 77.45 42.07 -67.91
CA TYR DA 255 76.11 42.25 -67.36
C TYR DA 255 76.22 42.67 -65.90
N PRO DA 256 76.80 43.84 -65.60
CA PRO DA 256 76.93 44.26 -64.20
C PRO DA 256 75.72 45.03 -63.70
N TYR DA 257 75.21 45.95 -64.52
CA TYR DA 257 74.10 46.79 -64.09
C TYR DA 257 72.83 45.95 -63.99
N PRO DA 258 72.06 46.07 -62.91
CA PRO DA 258 70.81 45.31 -62.81
C PRO DA 258 69.67 46.00 -63.56
N HIS DA 259 68.79 45.16 -64.10
CA HIS DA 259 67.63 45.64 -64.86
C HIS DA 259 66.31 45.34 -64.16
N THR DA 260 66.16 44.14 -63.60
CA THR DA 260 64.92 43.77 -62.92
C THR DA 260 65.23 42.68 -61.91
N LEU DA 261 64.78 42.87 -60.67
CA LEU DA 261 64.99 41.89 -59.60
C LEU DA 261 63.77 40.97 -59.56
N TYR DA 262 63.94 39.75 -60.06
CA TYR DA 262 62.87 38.76 -60.12
C TYR DA 262 62.99 37.86 -58.90
N LEU DA 263 62.18 38.15 -57.88
CA LEU DA 263 62.14 37.35 -56.66
C LEU DA 263 60.75 36.74 -56.50
N LEU DA 264 60.69 35.66 -55.72
CA LEU DA 264 59.45 34.93 -55.50
C LEU DA 264 59.24 34.75 -54.00
N ASP DA 265 58.11 34.13 -53.65
CA ASP DA 265 57.75 33.87 -52.25
C ASP DA 265 57.19 32.45 -52.19
N LYS DA 266 58.05 31.50 -51.83
CA LYS DA 266 57.65 30.10 -51.75
C LYS DA 266 56.83 29.86 -50.48
N ALA DA 267 56.88 28.64 -49.96
CA ALA DA 267 56.14 28.27 -48.75
C ALA DA 267 54.63 28.34 -49.00
N ASN DA 268 53.95 27.21 -48.83
CA ASN DA 268 52.52 27.12 -49.07
C ASN DA 268 51.68 27.52 -47.86
N LEU DA 269 52.30 27.66 -46.69
CA LEU DA 269 51.57 28.02 -45.49
C LEU DA 269 51.33 29.52 -45.43
N ARG DA 270 50.13 29.90 -44.99
CA ARG DA 270 49.80 31.31 -44.87
C ARG DA 270 50.75 32.06 -43.95
N PRO DA 271 51.02 31.60 -42.73
CA PRO DA 271 51.95 32.34 -41.86
C PRO DA 271 53.34 32.49 -42.44
N HIS DA 272 53.72 31.67 -43.42
CA HIS DA 272 55.03 31.75 -44.04
C HIS DA 272 55.08 32.76 -45.18
N ARG DA 273 53.94 33.26 -45.63
CA ARG DA 273 53.92 34.24 -46.71
C ARG DA 273 54.42 35.60 -46.20
N LEU DA 274 54.57 36.54 -47.14
CA LEU DA 274 55.10 37.85 -46.84
C LEU DA 274 54.05 38.96 -46.94
N GLN DA 275 52.79 38.62 -47.22
CA GLN DA 275 51.71 39.59 -47.33
C GLN DA 275 51.97 40.57 -48.46
N PRO DA 276 50.94 41.23 -49.01
CA PRO DA 276 51.15 42.13 -50.14
C PRO DA 276 51.91 43.39 -49.78
N ASP DA 277 51.44 44.10 -48.74
CA ASP DA 277 52.05 45.38 -48.37
C ASP DA 277 53.49 45.18 -47.92
N GLN DA 278 53.73 44.22 -47.02
CA GLN DA 278 55.08 43.99 -46.53
C GLN DA 278 55.99 43.49 -47.64
N LEU DA 279 55.46 42.68 -48.56
CA LEU DA 279 56.27 42.20 -49.68
C LEU DA 279 56.66 43.36 -50.59
N ARG DA 280 55.72 44.27 -50.86
CA ARG DA 280 56.05 45.44 -51.67
C ARG DA 280 57.07 46.32 -50.98
N ALA DA 281 56.95 46.47 -49.66
CA ALA DA 281 57.94 47.25 -48.91
C ALA DA 281 59.32 46.61 -49.01
N LYS DA 282 59.39 45.28 -48.86
CA LYS DA 282 60.67 44.58 -48.98
C LYS DA 282 61.24 44.74 -50.38
N MET DA 283 60.39 44.67 -51.40
CA MET DA 283 60.85 44.85 -52.78
C MET DA 283 61.42 46.26 -52.97
N ILE DA 284 60.72 47.27 -52.46
CA ILE DA 284 61.21 48.65 -52.56
C ILE DA 284 62.56 48.78 -51.86
N LEU DA 285 62.68 48.17 -50.67
CA LEU DA 285 63.92 48.27 -49.92
C LEU DA 285 65.08 47.61 -50.68
N PHE DA 286 64.84 46.42 -51.25
CA PHE DA 286 65.89 45.73 -51.98
C PHE DA 286 66.26 46.50 -53.24
N ALA DA 287 65.27 47.09 -53.92
CA ALA DA 287 65.57 47.89 -55.11
C ALA DA 287 66.42 49.10 -54.75
N PHE DA 288 66.06 49.80 -53.66
CA PHE DA 288 66.86 50.94 -53.24
C PHE DA 288 68.26 50.52 -52.85
N GLY DA 289 68.40 49.38 -52.17
CA GLY DA 289 69.72 48.90 -51.80
C GLY DA 289 70.57 48.58 -53.01
N SER DA 290 69.98 47.90 -54.00
CA SER DA 290 70.72 47.58 -55.22
C SER DA 290 71.13 48.85 -55.97
N ALA DA 291 70.23 49.83 -56.04
CA ALA DA 291 70.57 51.08 -56.70
C ALA DA 291 71.70 51.80 -55.99
N LEU DA 292 71.64 51.83 -54.65
CA LEU DA 292 72.70 52.49 -53.88
C LEU DA 292 74.03 51.76 -54.06
N ALA DA 293 74.00 50.43 -54.09
CA ALA DA 293 75.23 49.67 -54.32
C ALA DA 293 75.81 49.95 -55.69
N GLN DA 294 74.95 49.99 -56.73
CA GLN DA 294 75.43 50.30 -58.06
C GLN DA 294 76.01 51.71 -58.12
N ALA DA 295 75.37 52.67 -57.45
CA ALA DA 295 75.90 54.03 -57.43
C ALA DA 295 77.25 54.09 -56.74
N ARG DA 296 77.39 53.41 -55.60
CA ARG DA 296 78.66 53.39 -54.89
C ARG DA 296 79.75 52.70 -55.72
N LEU DA 297 79.38 51.69 -56.49
CA LEU DA 297 80.35 51.02 -57.35
C LEU DA 297 80.79 51.93 -58.50
N LEU DA 298 79.84 52.64 -59.12
CA LEU DA 298 80.18 53.55 -60.21
C LEU DA 298 80.86 54.81 -59.67
N TYR DA 299 80.13 55.58 -58.87
CA TYR DA 299 80.67 56.80 -58.30
C TYR DA 299 81.48 56.45 -57.04
N GLY DA 300 81.83 57.47 -56.25
CA GLY DA 300 82.58 57.27 -55.03
C GLY DA 300 81.73 56.68 -53.93
N ASN DA 301 82.15 56.94 -52.69
CA ASN DA 301 81.47 56.47 -51.49
C ASN DA 301 81.23 57.63 -50.53
N ASP DA 302 80.75 58.75 -51.06
CA ASP DA 302 80.48 59.94 -50.28
C ASP DA 302 79.01 60.32 -50.43
N ALA DA 303 78.37 60.63 -49.31
CA ALA DA 303 76.95 61.00 -49.31
C ALA DA 303 76.79 62.33 -50.03
N LYS DA 304 76.32 62.26 -51.27
CA LYS DA 304 76.12 63.46 -52.09
C LYS DA 304 75.00 63.19 -53.08
N VAL DA 305 74.81 64.12 -54.02
CA VAL DA 305 73.78 64.00 -55.04
C VAL DA 305 74.42 63.44 -56.30
N LEU DA 306 73.68 62.60 -57.02
CA LEU DA 306 74.17 61.98 -58.24
C LEU DA 306 73.75 62.80 -59.46
N GLU DA 307 74.47 62.59 -60.56
CA GLU DA 307 74.21 63.26 -61.82
C GLU DA 307 73.45 62.40 -62.80
N GLN DA 308 73.87 61.15 -62.98
CA GLN DA 308 73.20 60.19 -63.87
C GLN DA 308 72.45 59.18 -63.02
N PRO DA 309 71.19 59.44 -62.69
CA PRO DA 309 70.45 58.49 -61.83
C PRO DA 309 70.22 57.16 -62.53
N VAL DA 310 70.26 56.09 -61.74
CA VAL DA 310 70.03 54.75 -62.25
C VAL DA 310 68.59 54.37 -61.96
N VAL DA 311 68.17 53.23 -62.52
CA VAL DA 311 66.81 52.73 -62.35
C VAL DA 311 66.86 51.21 -62.28
N VAL DA 312 66.16 50.64 -61.31
CA VAL DA 312 66.09 49.19 -61.13
C VAL DA 312 64.63 48.82 -60.88
N GLN DA 313 64.17 47.77 -61.55
CA GLN DA 313 62.79 47.31 -61.47
C GLN DA 313 62.73 46.01 -60.68
N SER DA 314 61.50 45.52 -60.47
CA SER DA 314 61.27 44.27 -59.76
C SER DA 314 59.81 43.89 -59.94
N VAL DA 315 59.51 42.62 -59.69
CA VAL DA 315 58.16 42.08 -59.84
C VAL DA 315 57.78 41.37 -58.56
N GLY DA 316 56.48 41.39 -58.25
CA GLY DA 316 55.97 40.75 -57.07
C GLY DA 316 56.13 39.24 -57.12
N THR DA 317 55.44 38.59 -56.18
CA THR DA 317 55.48 37.13 -56.08
C THR DA 317 54.07 36.56 -56.10
N ASP DA 318 53.94 35.26 -55.83
CA ASP DA 318 52.65 34.59 -55.86
C ASP DA 318 52.12 34.52 -57.29
N GLY DA 319 51.78 33.32 -57.75
CA GLY DA 319 51.29 33.15 -59.11
C GLY DA 319 49.94 33.76 -59.37
N ARG DA 320 49.19 34.12 -58.32
CA ARG DA 320 47.86 34.67 -58.47
C ARG DA 320 47.86 36.19 -58.54
N VAL DA 321 48.88 36.86 -58.00
CA VAL DA 321 48.95 38.32 -57.97
C VAL DA 321 50.36 38.75 -58.32
N PHE DA 322 50.46 39.90 -58.97
CA PHE DA 322 51.75 40.50 -59.32
C PHE DA 322 51.82 41.92 -58.77
N HIS DA 323 53.03 42.34 -58.43
CA HIS DA 323 53.28 43.68 -57.90
C HIS DA 323 54.55 44.22 -58.55
N PHE DA 324 54.42 45.36 -59.23
CA PHE DA 324 55.54 45.98 -59.91
C PHE DA 324 56.12 47.11 -59.07
N LEU DA 325 57.38 47.43 -59.34
CA LEU DA 325 58.08 48.50 -58.64
C LEU DA 325 59.20 49.01 -59.52
N VAL DA 326 59.19 50.30 -59.82
CA VAL DA 326 60.20 50.92 -60.68
C VAL DA 326 60.85 52.02 -59.84
N PHE DA 327 61.89 51.66 -59.09
CA PHE DA 327 62.57 52.63 -58.26
C PHE DA 327 63.43 53.57 -59.12
N GLN DA 328 63.64 54.78 -58.60
CA GLN DA 328 64.40 55.82 -59.31
C GLN DA 328 65.35 56.46 -58.30
N LEU DA 329 66.54 55.87 -58.17
CA LEU DA 329 67.56 56.41 -57.27
C LEU DA 329 68.26 57.59 -57.94
N ASN DA 330 68.31 58.73 -57.23
CA ASN DA 330 68.91 59.93 -57.81
C ASN DA 330 69.63 60.78 -56.78
N THR DA 331 69.94 60.24 -55.60
CA THR DA 331 70.64 61.01 -54.57
C THR DA 331 71.11 60.06 -53.48
N THR DA 332 72.34 60.27 -53.02
CA THR DA 332 72.91 59.47 -51.94
C THR DA 332 73.03 60.25 -50.63
N ASP DA 333 72.75 61.55 -50.63
CA ASP DA 333 72.84 62.36 -49.41
C ASP DA 333 71.54 62.21 -48.64
N LEU DA 334 71.58 61.45 -47.54
CA LEU DA 334 70.42 61.24 -46.70
C LEU DA 334 70.24 62.43 -45.76
N ASP DA 335 69.28 62.34 -44.85
CA ASP DA 335 69.01 63.42 -43.91
C ASP DA 335 68.58 64.68 -44.64
N GLY DA 339 67.72 67.43 -48.99
CA GLY DA 339 66.92 68.18 -49.94
C GLY DA 339 66.25 67.28 -50.96
N VAL DA 340 66.96 66.98 -52.04
CA VAL DA 340 66.41 66.12 -53.09
C VAL DA 340 66.12 64.73 -52.51
N LYS DA 341 65.11 64.07 -53.08
CA LYS DA 341 64.72 62.74 -52.66
C LYS DA 341 64.38 61.91 -53.90
N ASN DA 342 64.33 60.60 -53.70
CA ASN DA 342 64.05 59.68 -54.79
C ASN DA 342 62.54 59.55 -55.02
N LEU DA 343 62.17 58.73 -56.00
CA LEU DA 343 60.78 58.50 -56.32
C LEU DA 343 60.64 57.10 -56.92
N ALA DA 344 59.49 56.47 -56.67
CA ALA DA 344 59.23 55.12 -57.13
C ALA DA 344 57.82 55.03 -57.70
N TRP DA 345 57.66 54.14 -58.66
CA TRP DA 345 56.37 53.89 -59.31
C TRP DA 345 55.92 52.47 -58.98
N VAL DA 346 54.64 52.32 -58.63
CA VAL DA 346 54.09 51.04 -58.21
C VAL DA 346 52.81 50.78 -58.99
N ASP DA 347 52.31 49.56 -58.87
CA ASP DA 347 51.06 49.16 -59.52
C ASP DA 347 50.63 47.84 -58.87
N SER DA 348 49.96 47.93 -57.74
CA SER DA 348 49.56 46.76 -56.96
C SER DA 348 48.19 46.27 -57.43
N ASP DA 349 47.64 45.29 -56.71
CA ASP DA 349 46.35 44.70 -57.00
C ASP DA 349 46.14 44.49 -58.50
N GLN DA 350 46.96 43.63 -59.10
CA GLN DA 350 46.83 43.30 -60.52
C GLN DA 350 46.09 42.00 -60.76
N LEU DA 351 46.27 41.01 -59.88
CA LEU DA 351 45.58 39.72 -59.93
C LEU DA 351 45.48 39.16 -61.35
N LEU DA 352 46.21 38.09 -61.63
CA LEU DA 352 46.08 37.37 -62.88
C LEU DA 352 45.36 36.06 -62.62
N TYR DA 353 44.41 35.73 -63.50
CA TYR DA 353 43.49 34.60 -63.32
C TYR DA 353 43.02 34.50 -61.88
N GLN DA 354 41.75 34.88 -61.64
CA GLN DA 354 41.24 34.93 -60.28
C GLN DA 354 41.44 33.61 -59.55
N HIS DA 355 41.25 32.49 -60.25
CA HIS DA 355 41.39 31.18 -59.64
C HIS DA 355 41.53 30.14 -60.73
N PHE DA 356 42.21 29.05 -60.39
CA PHE DA 356 42.43 27.92 -61.29
C PHE DA 356 41.75 26.69 -60.72
N TRP DA 357 40.76 26.17 -61.44
CA TRP DA 357 40.01 24.99 -61.00
C TRP DA 357 40.76 23.74 -61.45
N CYS DA 358 41.40 23.06 -60.51
CA CYS DA 358 42.14 21.85 -60.84
C CYS DA 358 41.19 20.73 -61.26
N LEU DA 359 40.25 20.38 -60.38
CA LEU DA 359 39.27 19.35 -60.65
C LEU DA 359 37.87 19.94 -60.76
N PRO DA 360 36.94 19.24 -61.40
CA PRO DA 360 35.58 19.77 -61.53
C PRO DA 360 34.80 19.62 -60.23
N VAL DA 361 33.60 20.21 -60.23
CA VAL DA 361 32.72 20.18 -59.06
C VAL DA 361 31.29 20.28 -59.55
N ILE DA 362 30.40 19.51 -58.92
CA ILE DA 362 28.98 19.50 -59.28
C ILE DA 362 28.17 20.16 -58.17
N VAL DA 368 29.86 19.96 -65.77
CA VAL DA 368 29.00 20.84 -64.99
C VAL DA 368 29.71 22.17 -64.74
N GLU DA 369 31.00 22.10 -64.45
CA GLU DA 369 31.80 23.28 -64.19
C GLU DA 369 33.09 23.20 -65.01
N PRO DA 370 33.69 24.35 -65.30
CA PRO DA 370 34.93 24.35 -66.10
C PRO DA 370 36.12 23.85 -65.29
N VAL DA 371 37.20 23.54 -66.00
CA VAL DA 371 38.43 23.06 -65.38
C VAL DA 371 39.60 23.87 -65.93
N GLY DA 372 39.83 25.05 -65.36
CA GLY DA 372 40.90 25.91 -65.80
C GLY DA 372 40.86 27.26 -65.11
N PRO DA 373 41.70 28.20 -65.57
CA PRO DA 373 41.71 29.52 -64.96
C PRO DA 373 40.45 30.31 -65.29
N VAL DA 374 39.91 30.96 -64.26
CA VAL DA 374 38.71 31.78 -64.40
C VAL DA 374 39.02 33.18 -63.91
N GLY DA 375 38.53 34.18 -64.64
CA GLY DA 375 38.77 35.57 -64.29
C GLY DA 375 40.16 36.04 -64.68
N PHE DA 376 40.56 35.76 -65.91
CA PHE DA 376 41.86 36.15 -66.42
C PHE DA 376 41.74 37.44 -67.23
N LYS DA 377 42.81 38.25 -67.20
CA LYS DA 377 42.87 39.49 -67.92
C LYS DA 377 44.27 39.66 -68.50
N PRO DA 378 44.40 40.22 -69.70
CA PRO DA 378 45.72 40.39 -70.31
C PRO DA 378 46.48 41.61 -69.84
N GLU DA 379 45.90 42.44 -68.97
CA GLU DA 379 46.59 43.64 -68.50
C GLU DA 379 47.84 43.28 -67.71
N THR DA 380 47.77 42.21 -66.91
CA THR DA 380 48.93 41.81 -66.12
C THR DA 380 50.10 41.42 -67.01
N PHE DA 381 49.87 40.51 -67.96
CA PHE DA 381 50.93 40.10 -68.87
C PHE DA 381 51.40 41.27 -69.74
N ARG DA 382 50.48 42.16 -70.12
CA ARG DA 382 50.87 43.32 -70.91
C ARG DA 382 51.84 44.21 -70.14
N LYS DA 383 51.51 44.51 -68.88
CA LYS DA 383 52.40 45.33 -68.05
C LYS DA 383 53.72 44.61 -67.81
N PHE DA 384 53.67 43.29 -67.61
CA PHE DA 384 54.90 42.53 -67.40
C PHE DA 384 55.81 42.64 -68.62
N LEU DA 385 55.26 42.45 -69.81
CA LEU DA 385 56.06 42.55 -71.03
C LEU DA 385 56.57 43.98 -71.23
N ALA DA 386 55.74 44.98 -70.93
CA ALA DA 386 56.19 46.37 -71.07
C ALA DA 386 57.35 46.67 -70.15
N LEU DA 387 57.29 46.18 -68.90
CA LEU DA 387 58.39 46.41 -67.97
C LEU DA 387 59.62 45.61 -68.35
N TYR DA 388 59.44 44.43 -68.94
CA TYR DA 388 60.59 43.63 -69.37
C TYR DA 388 61.30 44.30 -70.56
N LEU DA 389 60.54 44.86 -71.48
CA LEU DA 389 61.09 45.52 -72.66
C LEU DA 389 61.43 46.98 -72.40
N HIS DA 390 61.49 47.41 -71.13
CA HIS DA 390 61.81 48.79 -70.83
C HIS DA 390 63.24 49.13 -71.21
N GLY DA 391 64.14 48.15 -71.21
CA GLY DA 391 65.52 48.36 -71.56
C GLY DA 391 65.85 48.26 -73.04
N ALA DA 392 64.88 47.85 -73.86
CA ALA DA 392 65.11 47.72 -75.29
C ALA DA 392 65.29 49.09 -75.93
N ARG EA 1 0.81 -51.58 49.64
CA ARG EA 1 0.68 -52.59 50.69
C ARG EA 1 0.10 -51.96 51.97
N ARG EA 2 -0.90 -52.62 52.54
CA ARG EA 2 -1.56 -52.15 53.74
C ARG EA 2 -1.86 -53.34 54.64
N THR EA 3 -1.31 -53.34 55.86
CA THR EA 3 -1.53 -54.41 56.81
C THR EA 3 -2.53 -53.97 57.88
N PRO EA 4 -3.24 -54.90 58.50
CA PRO EA 4 -4.21 -54.53 59.54
C PRO EA 4 -3.53 -54.32 60.87
N PRO EA 5 -4.16 -53.59 61.79
CA PRO EA 5 -3.55 -53.38 63.10
C PRO EA 5 -3.75 -54.57 64.03
N LEU EA 6 -2.67 -54.93 64.73
CA LEU EA 6 -2.74 -56.06 65.65
C LEU EA 6 -3.71 -55.78 66.79
N GLY EA 7 -3.49 -54.67 67.50
CA GLY EA 7 -4.35 -54.29 68.61
C GLY EA 7 -5.14 -53.04 68.30
N PRO EA 8 -5.95 -52.60 69.27
CA PRO EA 8 -6.76 -51.40 69.06
C PRO EA 8 -5.90 -50.15 69.05
N MET EA 9 -6.02 -49.36 67.99
CA MET EA 9 -5.25 -48.14 67.86
C MET EA 9 -5.79 -47.06 68.81
N PRO EA 10 -4.96 -46.11 69.19
CA PRO EA 10 -5.42 -45.05 70.10
C PRO EA 10 -6.32 -44.05 69.39
N ASN EA 11 -7.17 -43.40 70.18
CA ASN EA 11 -8.10 -42.39 69.66
C ASN EA 11 -9.07 -42.99 68.65
N SER EA 12 -9.39 -44.29 68.82
CA SER EA 12 -10.31 -44.97 67.92
C SER EA 12 -11.70 -45.18 68.51
N ASP EA 13 -11.82 -45.18 69.84
CA ASP EA 13 -13.10 -45.37 70.51
C ASP EA 13 -13.79 -44.05 70.85
N ILE EA 14 -13.28 -42.93 70.36
CA ILE EA 14 -13.88 -41.63 70.62
C ILE EA 14 -13.87 -40.79 69.35
N ASP EA 15 -13.73 -41.45 68.21
CA ASP EA 15 -13.69 -40.76 66.91
C ASP EA 15 -15.09 -40.66 66.32
N LEU EA 16 -16.04 -40.15 67.10
CA LEU EA 16 -17.41 -39.99 66.67
C LEU EA 16 -17.60 -38.65 65.97
N SER EA 17 -18.67 -38.56 65.18
CA SER EA 17 -18.96 -37.34 64.45
C SER EA 17 -19.38 -36.20 65.38
N ASN EA 18 -19.80 -36.51 66.60
CA ASN EA 18 -20.23 -35.48 67.56
C ASN EA 18 -19.04 -35.03 68.42
N LEU EA 19 -18.03 -34.48 67.73
CA LEU EA 19 -16.85 -34.00 68.44
C LEU EA 19 -17.17 -32.79 69.31
N GLU EA 20 -18.17 -31.99 68.92
CA GLU EA 20 -18.54 -30.82 69.71
C GLU EA 20 -19.20 -31.20 71.02
N ARG EA 21 -19.84 -32.37 71.08
CA ARG EA 21 -20.51 -32.83 72.29
C ARG EA 21 -19.56 -33.47 73.28
N LEU EA 22 -18.26 -33.50 73.00
CA LEU EA 22 -17.30 -34.10 73.90
C LEU EA 22 -16.84 -33.07 74.93
N GLU EA 23 -15.81 -33.42 75.71
CA GLU EA 23 -15.34 -32.52 76.76
C GLU EA 23 -14.41 -31.44 76.20
N LYS EA 24 -13.50 -31.81 75.30
CA LYS EA 24 -12.53 -30.88 74.74
C LYS EA 24 -11.65 -30.30 75.83
N TYR EA 25 -10.36 -30.65 75.81
CA TYR EA 25 -9.44 -30.18 76.85
C TYR EA 25 -9.39 -28.66 76.86
N ARG EA 26 -9.72 -28.07 78.01
CA ARG EA 26 -9.64 -26.63 78.21
C ARG EA 26 -8.42 -26.21 79.01
N SER EA 27 -7.61 -27.17 79.47
CA SER EA 27 -6.46 -26.87 80.31
C SER EA 27 -5.29 -27.73 79.82
N PHE EA 28 -4.17 -27.64 80.55
CA PHE EA 28 -2.97 -28.40 80.24
C PHE EA 28 -2.64 -29.47 81.27
N ASP EA 29 -3.06 -29.28 82.53
CA ASP EA 29 -2.79 -30.27 83.56
C ASP EA 29 -3.55 -31.57 83.28
N ARG EA 30 -4.79 -31.46 82.81
CA ARG EA 30 -5.56 -32.66 82.47
C ARG EA 30 -4.89 -33.42 81.33
N TYR EA 31 -4.42 -32.69 80.31
CA TYR EA 31 -3.73 -33.35 79.21
C TYR EA 31 -2.44 -34.00 79.68
N ARG EA 32 -1.72 -33.35 80.61
CA ARG EA 32 -0.50 -33.94 81.15
C ARG EA 32 -0.81 -35.23 81.91
N ARG EA 33 -1.87 -35.22 82.72
CA ARG EA 33 -2.25 -36.42 83.45
C ARG EA 33 -2.65 -37.54 82.48
N ARG EA 34 -3.39 -37.19 81.43
CA ARG EA 34 -3.78 -38.20 80.45
C ARG EA 34 -2.56 -38.78 79.75
N ALA EA 35 -1.61 -37.93 79.38
CA ALA EA 35 -0.39 -38.41 78.73
C ALA EA 35 0.40 -39.31 79.66
N GLU EA 36 0.48 -38.96 80.95
CA GLU EA 36 1.18 -39.80 81.91
C GLU EA 36 0.49 -41.16 82.05
N GLN EA 37 -0.84 -41.15 82.16
CA GLN EA 37 -1.58 -42.41 82.27
C GLN EA 37 -1.39 -43.27 81.03
N GLU EA 38 -1.35 -42.65 79.86
CA GLU EA 38 -1.15 -43.40 78.62
C GLU EA 38 0.26 -43.98 78.56
N ALA EA 39 1.26 -43.20 78.94
CA ALA EA 39 2.64 -43.70 78.98
C ALA EA 39 2.78 -44.84 79.98
N GLN EA 40 2.00 -44.81 81.07
CA GLN EA 40 2.02 -45.88 82.04
C GLN EA 40 1.10 -47.02 81.58
N ALA EA 41 1.34 -47.53 80.38
CA ALA EA 41 0.54 -48.59 79.79
C ALA EA 41 1.46 -49.55 79.07
N PRO EA 42 1.04 -50.81 78.89
CA PRO EA 42 1.91 -51.78 78.23
C PRO EA 42 2.12 -51.49 76.75
N HIS EA 43 1.03 -51.19 76.04
CA HIS EA 43 1.09 -50.94 74.60
C HIS EA 43 1.53 -52.19 73.85
N TRP EA 44 0.96 -52.42 72.67
CA TRP EA 44 1.24 -53.62 71.90
C TRP EA 44 2.22 -53.40 70.75
N TRP EA 45 2.64 -52.15 70.50
CA TRP EA 45 3.56 -51.86 69.42
C TRP EA 45 4.95 -51.50 69.94
N ARG EA 46 5.08 -50.41 70.69
CA ARG EA 46 6.38 -49.96 71.19
C ARG EA 46 6.13 -49.05 72.38
N THR EA 47 7.22 -48.70 73.07
CA THR EA 47 7.16 -47.79 74.20
C THR EA 47 8.58 -47.55 74.70
N TYR EA 48 8.73 -46.49 75.50
CA TYR EA 48 10.03 -46.15 76.05
C TYR EA 48 10.49 -47.17 77.09
N ARG EA 49 9.57 -47.99 77.62
CA ARG EA 49 9.91 -48.99 78.62
C ARG EA 49 10.34 -50.32 78.01
N GLU EA 50 10.74 -50.32 76.74
CA GLU EA 50 11.17 -51.54 76.07
C GLU EA 50 12.68 -51.75 76.18
N TYR EA 51 13.47 -50.73 75.80
CA TYR EA 51 14.92 -50.84 75.85
C TYR EA 51 15.51 -50.35 77.15
N PHE EA 52 14.88 -49.34 77.78
CA PHE EA 52 15.35 -48.80 79.05
C PHE EA 52 14.42 -49.13 80.21
N GLY EA 53 13.43 -49.99 80.01
CA GLY EA 53 12.50 -50.36 81.06
C GLY EA 53 13.17 -51.16 82.16
N ARG EA 73 -10.26 -54.04 113.57
CA ARG EA 73 -9.05 -53.33 113.94
C ARG EA 73 -8.89 -52.06 113.12
N THR EA 74 -9.22 -52.15 111.83
CA THR EA 74 -9.11 -50.99 110.95
C THR EA 74 -10.22 -49.99 111.19
N GLN EA 75 -11.42 -50.47 111.51
CA GLN EA 75 -12.54 -49.56 111.76
C GLN EA 75 -12.27 -48.69 112.98
N GLN EA 76 -11.74 -49.28 114.05
CA GLN EA 76 -11.44 -48.50 115.25
C GLN EA 76 -10.37 -47.45 114.98
N LEU EA 77 -9.33 -47.82 114.22
CA LEU EA 77 -8.29 -46.86 113.89
C LEU EA 77 -8.84 -45.72 113.03
N LEU EA 78 -9.69 -46.06 112.06
CA LEU EA 78 -10.28 -45.02 111.22
C LEU EA 78 -11.17 -44.09 112.05
N GLU EA 79 -11.95 -44.64 112.97
CA GLU EA 79 -12.80 -43.81 113.81
C GLU EA 79 -11.96 -42.90 114.70
N ARG EA 80 -10.87 -43.43 115.26
CA ARG EA 80 -10.00 -42.62 116.10
C ARG EA 80 -9.35 -41.50 115.29
N LYS EA 81 -8.91 -41.80 114.07
CA LYS EA 81 -8.31 -40.78 113.23
C LYS EA 81 -9.33 -39.70 112.87
N GLN EA 82 -10.56 -40.10 112.55
CA GLN EA 82 -11.60 -39.13 112.23
C GLN EA 82 -11.91 -38.25 113.43
N ALA EA 83 -11.99 -38.85 114.63
CA ALA EA 83 -12.24 -38.06 115.83
C ALA EA 83 -11.11 -37.08 116.10
N ILE EA 84 -9.86 -37.52 115.92
CA ILE EA 84 -8.72 -36.64 116.14
C ILE EA 84 -8.75 -35.48 115.14
N GLN EA 85 -9.07 -35.77 113.88
CA GLN EA 85 -9.15 -34.72 112.87
C GLN EA 85 -10.26 -33.73 113.21
N GLU EA 86 -11.42 -34.23 113.63
CA GLU EA 86 -12.52 -33.34 114.00
C GLU EA 86 -12.14 -32.47 115.19
N LEU EA 87 -11.46 -33.05 116.18
CA LEU EA 87 -11.04 -32.25 117.33
C LEU EA 87 -10.04 -31.19 116.93
N ARG EA 88 -9.06 -31.54 116.08
CA ARG EA 88 -8.09 -30.57 115.63
C ARG EA 88 -8.74 -29.45 114.81
N ALA EA 89 -9.77 -29.79 114.04
CA ALA EA 89 -10.45 -28.77 113.25
C ALA EA 89 -11.30 -27.86 114.13
N ASN EA 90 -11.95 -28.42 115.16
CA ASN EA 90 -12.77 -27.62 116.05
C ASN EA 90 -11.96 -26.83 117.07
N VAL EA 91 -10.69 -27.20 117.28
CA VAL EA 91 -9.86 -26.47 118.23
C VAL EA 91 -9.72 -25.02 117.82
N GLU EA 92 -9.83 -24.72 116.54
CA GLU EA 92 -9.71 -23.35 116.04
C GLU EA 92 -10.82 -22.47 116.63
N GLU EA 94 -6.13 -24.03 112.85
CA GLU EA 94 -6.23 -22.96 113.84
C GLU EA 94 -6.50 -21.62 113.15
N ARG EA 95 -6.58 -20.56 113.96
CA ARG EA 95 -6.83 -19.22 113.42
C ARG EA 95 -5.63 -18.65 112.69
N ALA EA 96 -4.45 -19.26 112.82
CA ALA EA 96 -3.25 -18.79 112.15
C ALA EA 96 -3.10 -19.33 110.73
N ALA EA 97 -4.17 -19.91 110.16
CA ALA EA 97 -4.08 -20.43 108.81
C ALA EA 97 -3.85 -19.32 107.79
N ARG EA 98 -4.53 -18.20 107.96
CA ARG EA 98 -4.39 -17.06 107.05
C ARG EA 98 -3.03 -16.39 107.23
N THR EA 101 1.86 -20.33 107.60
CA THR EA 101 1.73 -19.40 108.72
C THR EA 101 1.30 -20.14 109.98
N ALA EA 102 1.81 -21.36 110.14
CA ALA EA 102 1.50 -22.20 111.30
C ALA EA 102 2.79 -22.79 111.84
N SER EA 103 2.66 -23.64 112.85
CA SER EA 103 3.81 -24.29 113.48
C SER EA 103 4.08 -25.63 112.82
N VAL EA 104 3.24 -26.61 113.08
CA VAL EA 104 3.39 -27.95 112.51
C VAL EA 104 4.72 -28.54 113.00
N PRO EA 105 4.75 -29.23 114.13
CA PRO EA 105 6.01 -29.78 114.62
C PRO EA 105 6.53 -30.88 113.71
N LEU EA 106 7.73 -31.36 114.03
CA LEU EA 106 8.39 -32.40 113.25
C LEU EA 106 8.71 -33.65 114.06
N ASP EA 107 8.89 -33.53 115.38
CA ASP EA 107 9.19 -34.71 116.19
C ASP EA 107 8.05 -35.71 116.16
N ALA EA 108 6.80 -35.24 116.30
CA ALA EA 108 5.66 -36.13 116.25
C ALA EA 108 5.53 -36.80 114.90
N VAL EA 109 5.76 -36.04 113.82
CA VAL EA 109 5.67 -36.61 112.48
C VAL EA 109 6.73 -37.68 112.28
N ARG EA 110 7.95 -37.41 112.76
CA ARG EA 110 9.02 -38.40 112.64
C ARG EA 110 8.70 -39.66 113.44
N ALA EA 111 8.19 -39.49 114.65
CA ALA EA 111 7.82 -40.64 115.47
C ALA EA 111 6.72 -41.46 114.79
N GLU EA 112 5.71 -40.79 114.24
CA GLU EA 112 4.65 -41.50 113.55
C GLU EA 112 5.18 -42.26 112.33
N TRP EA 113 6.04 -41.60 111.54
CA TRP EA 113 6.62 -42.26 110.38
C TRP EA 113 7.44 -43.49 110.78
N GLU EA 114 8.20 -43.37 111.86
CA GLU EA 114 9.00 -44.50 112.32
C GLU EA 114 8.14 -45.61 112.90
N ARG EA 115 6.95 -45.27 113.41
CA ARG EA 115 6.07 -46.25 114.03
C ARG EA 115 4.98 -46.76 113.08
N THR EA 116 4.60 -45.98 112.08
CA THR EA 116 3.52 -46.36 111.19
C THR EA 116 4.05 -46.91 109.87
N CYS EA 117 4.24 -46.04 108.88
CA CYS EA 117 4.62 -46.44 107.53
C CYS EA 117 6.11 -46.29 107.27
N GLY EA 118 6.94 -46.48 108.29
CA GLY EA 118 8.37 -46.46 108.12
C GLY EA 118 8.83 -47.48 107.10
N PRO EA 119 8.43 -48.75 107.31
CA PRO EA 119 8.79 -49.78 106.34
C PRO EA 119 8.35 -49.48 104.92
N TYR EA 120 7.22 -48.78 104.75
CA TYR EA 120 6.74 -48.47 103.40
C TYR EA 120 7.79 -47.72 102.60
N HIS EA 121 8.45 -46.73 103.22
CA HIS EA 121 9.49 -45.97 102.55
C HIS EA 121 10.85 -46.65 102.63
N LYS EA 122 11.10 -47.43 103.69
CA LYS EA 122 12.37 -48.15 103.79
C LYS EA 122 12.51 -49.17 102.66
N GLN EA 123 11.41 -49.85 102.31
CA GLN EA 123 11.44 -50.80 101.21
C GLN EA 123 11.73 -50.10 99.89
N ARG EA 124 11.11 -48.94 99.66
CA ARG EA 124 11.39 -48.19 98.44
C ARG EA 124 12.84 -47.76 98.38
N LEU EA 125 13.39 -47.28 99.50
CA LEU EA 125 14.79 -46.87 99.54
C LEU EA 125 15.71 -48.06 99.26
N ALA EA 126 15.42 -49.21 99.85
CA ALA EA 126 16.25 -50.39 99.62
C ALA EA 126 16.18 -50.83 98.17
N GLU EA 127 14.99 -50.79 97.57
CA GLU EA 127 14.85 -51.17 96.16
C GLU EA 127 15.61 -50.20 95.27
N TYR EA 128 15.56 -48.90 95.58
CA TYR EA 128 16.30 -47.92 94.79
C TYR EA 128 17.80 -48.11 94.92
N TYR EA 129 18.27 -48.46 96.13
CA TYR EA 129 19.69 -48.69 96.35
C TYR EA 129 20.14 -50.07 95.90
N GLY EA 130 19.23 -50.96 95.56
CA GLY EA 130 19.59 -52.29 95.10
C GLY EA 130 20.11 -53.16 96.23
N LEU EA 131 19.36 -53.26 97.32
CA LEU EA 131 19.76 -54.07 98.46
C LEU EA 131 19.20 -55.49 98.40
N TYR EA 132 17.92 -55.63 98.06
CA TYR EA 132 17.33 -56.96 98.01
C TYR EA 132 17.86 -57.77 96.83
N ARG EA 133 18.05 -57.11 95.68
CA ARG EA 133 18.55 -57.81 94.50
C ARG EA 133 20.03 -58.12 94.59
N ASP EA 134 20.77 -57.40 95.43
CA ASP EA 134 22.22 -57.59 95.58
C ASP EA 134 22.57 -58.39 96.83
N LEU EA 135 22.03 -58.01 97.98
CA LEU EA 135 22.34 -58.70 99.23
C LEU EA 135 21.66 -60.06 99.28
N PHE EA 136 20.33 -60.07 99.23
CA PHE EA 136 19.56 -61.31 99.31
C PHE EA 136 19.35 -61.97 97.95
N HIS EA 137 19.85 -61.37 96.87
CA HIS EA 137 19.70 -61.92 95.53
C HIS EA 137 18.22 -62.10 95.17
N GLY EA 138 17.43 -61.08 95.46
CA GLY EA 138 16.00 -61.10 95.22
C GLY EA 138 15.21 -61.36 96.47
N ALA EA 139 13.94 -61.75 96.26
CA ALA EA 139 13.03 -62.03 97.36
C ALA EA 139 12.91 -60.81 98.28
N THR EA 140 12.16 -59.81 97.86
CA THR EA 140 12.00 -58.60 98.65
C THR EA 140 11.10 -58.87 99.85
N PHE EA 141 11.28 -58.05 100.89
CA PHE EA 141 10.49 -58.16 102.11
C PHE EA 141 10.25 -56.76 102.66
N VAL EA 142 9.59 -56.70 103.80
CA VAL EA 142 9.26 -55.44 104.47
C VAL EA 142 9.81 -55.51 105.89
N PRO EA 143 10.54 -54.51 106.36
CA PRO EA 143 11.06 -54.56 107.73
C PRO EA 143 9.93 -54.41 108.75
N ARG EA 144 9.87 -55.35 109.69
CA ARG EA 144 8.81 -55.33 110.70
C ARG EA 144 9.19 -54.42 111.87
N VAL EA 145 10.21 -54.81 112.63
CA VAL EA 145 10.64 -54.05 113.79
C VAL EA 145 11.57 -52.93 113.31
N PRO EA 146 11.42 -51.70 113.82
CA PRO EA 146 12.32 -50.61 113.37
C PRO EA 146 13.74 -50.80 113.87
N LEU EA 147 14.61 -49.86 113.56
CA LEU EA 147 16.00 -49.92 113.97
C LEU EA 147 16.56 -48.51 114.10
N HIS EA 148 17.49 -48.34 115.04
CA HIS EA 148 18.12 -47.05 115.28
C HIS EA 148 19.59 -47.27 115.59
N VAL EA 149 20.45 -46.57 114.86
CA VAL EA 149 21.90 -46.66 115.04
C VAL EA 149 22.49 -45.26 114.90
N ALA EA 150 23.44 -44.93 115.77
CA ALA EA 150 24.06 -43.62 115.76
C ALA EA 150 25.48 -43.74 116.31
N TYR EA 151 26.45 -43.27 115.54
CA TYR EA 151 27.84 -43.29 115.99
C TYR EA 151 28.07 -42.26 117.09
N ALA EA 152 28.96 -42.59 118.01
CA ALA EA 152 29.24 -41.76 119.17
C ALA EA 152 30.56 -41.04 118.97
N VAL EA 153 30.48 -39.74 118.67
CA VAL EA 153 31.66 -38.89 118.57
C VAL EA 153 31.92 -38.29 119.95
N GLY EA 154 32.11 -39.14 120.95
CA GLY EA 154 32.22 -38.70 122.32
C GLY EA 154 30.88 -38.64 123.01
N GLU EA 155 30.85 -37.91 124.13
CA GLU EA 155 29.59 -37.74 124.85
C GLU EA 155 28.56 -37.05 123.98
N ASP EA 156 28.99 -36.11 123.14
CA ASP EA 156 28.11 -35.40 122.22
C ASP EA 156 28.93 -34.47 121.33
N ASP EA 157 28.44 -34.14 120.13
CA ASP EA 157 27.16 -34.63 119.62
C ASP EA 157 27.30 -36.04 119.04
N LEU EA 158 26.18 -36.71 118.83
CA LEU EA 158 26.15 -38.05 118.27
C LEU EA 158 25.79 -37.99 116.79
N MET EA 159 26.46 -38.82 115.98
CA MET EA 159 26.21 -38.87 114.56
C MET EA 159 25.18 -39.95 114.26
N PRO EA 160 23.97 -39.60 113.81
CA PRO EA 160 22.98 -40.63 113.51
C PRO EA 160 23.26 -41.34 112.20
N VAL EA 161 22.83 -42.60 112.14
CA VAL EA 161 23.00 -43.43 110.96
C VAL EA 161 21.64 -43.76 110.37
N TYR EA 162 21.07 -42.81 109.63
CA TYR EA 162 19.78 -43.00 109.01
C TYR EA 162 19.94 -43.76 107.68
N CYS EA 163 18.81 -44.29 107.21
CA CYS EA 163 18.81 -45.08 105.97
C CYS EA 163 19.32 -44.25 104.81
N GLY EA 164 20.62 -44.30 104.55
CA GLY EA 164 21.22 -43.59 103.45
C GLY EA 164 21.98 -42.33 103.84
N ASN EA 165 22.32 -42.15 105.11
CA ASN EA 165 23.05 -40.98 105.54
C ASN EA 165 24.51 -41.06 105.08
N GLU EA 166 25.13 -39.88 104.97
CA GLU EA 166 26.53 -39.77 104.55
C GLU EA 166 27.39 -39.68 105.80
N VAL EA 167 27.92 -40.82 106.23
CA VAL EA 167 28.78 -40.89 107.41
C VAL EA 167 30.22 -41.04 106.96
N THR EA 168 31.14 -40.35 107.65
CA THR EA 168 32.55 -40.40 107.29
C THR EA 168 33.22 -41.59 107.96
N PRO EA 169 34.25 -42.17 107.33
CA PRO EA 169 34.97 -43.26 108.00
C PRO EA 169 35.57 -42.87 109.33
N THR EA 170 35.93 -41.60 109.51
CA THR EA 170 36.49 -41.15 110.78
C THR EA 170 35.45 -41.26 111.89
N GLU EA 171 34.23 -40.78 111.64
CA GLU EA 171 33.18 -40.86 112.65
C GLU EA 171 32.82 -42.31 112.98
N ALA EA 172 33.03 -43.22 112.03
CA ALA EA 172 32.75 -44.64 112.23
C ALA EA 172 33.93 -45.40 112.81
N ALA EA 173 34.84 -44.70 113.50
CA ALA EA 173 36.02 -45.35 114.09
C ALA EA 173 35.68 -46.12 115.37
N GLN EA 174 34.43 -46.13 115.80
CA GLN EA 174 34.04 -46.85 117.00
C GLN EA 174 32.64 -47.42 116.81
N ALA EA 175 32.33 -48.46 117.56
CA ALA EA 175 31.03 -49.09 117.46
C ALA EA 175 29.94 -48.12 117.87
N PRO EA 176 28.81 -48.07 117.17
CA PRO EA 176 27.73 -47.15 117.53
C PRO EA 176 26.84 -47.75 118.63
N GLU EA 177 25.82 -46.97 118.99
CA GLU EA 177 24.84 -47.39 120.00
C GLU EA 177 23.59 -47.85 119.28
N VAL EA 178 23.29 -49.14 119.39
CA VAL EA 178 22.14 -49.74 118.74
C VAL EA 178 20.97 -49.79 119.71
N THR EA 179 19.78 -49.47 119.22
CA THR EA 179 18.56 -49.49 120.04
C THR EA 179 17.40 -49.87 119.14
N TYR EA 180 16.81 -51.04 119.40
CA TYR EA 180 15.69 -51.54 118.60
C TYR EA 180 14.41 -51.69 119.39
N GLU EA 181 14.43 -51.56 120.71
CA GLU EA 181 13.23 -51.67 121.53
C GLU EA 181 12.54 -53.01 121.32
N ALA EA 182 13.08 -54.07 121.93
CA ALA EA 182 12.50 -55.39 121.84
C ALA EA 182 13.24 -56.32 122.79
N GLU EA 183 12.63 -57.47 123.06
CA GLU EA 183 13.23 -58.45 123.95
C GLU EA 183 14.40 -59.16 123.29
N LEU EA 187 18.00 -62.86 121.72
CA LEU EA 187 16.75 -62.95 120.96
C LEU EA 187 16.87 -62.20 119.63
N TRP EA 188 18.04 -61.62 119.37
CA TRP EA 188 18.30 -60.89 118.15
C TRP EA 188 19.73 -61.12 117.71
N THR EA 189 20.01 -60.80 116.45
CA THR EA 189 21.35 -60.98 115.87
C THR EA 189 21.63 -59.81 114.94
N LEU EA 190 22.68 -59.07 115.23
CA LEU EA 190 23.10 -57.94 114.40
C LEU EA 190 24.20 -58.36 113.44
N LEU EA 191 24.25 -57.71 112.29
CA LEU EA 191 25.24 -58.04 111.27
C LEU EA 191 25.39 -56.86 110.32
N LEU EA 192 26.63 -56.45 110.07
CA LEU EA 192 26.95 -55.39 109.12
C LEU EA 192 27.80 -55.96 107.99
N THR EA 193 27.47 -55.57 106.76
CA THR EA 193 28.14 -56.07 105.58
C THR EA 193 28.50 -54.90 104.67
N SER EA 194 29.38 -55.18 103.71
CA SER EA 194 29.80 -54.20 102.71
C SER EA 194 29.23 -54.63 101.36
N LEU EA 195 28.19 -53.94 100.91
CA LEU EA 195 27.50 -54.28 99.66
C LEU EA 195 28.25 -53.69 98.48
N ASP EA 196 29.53 -54.09 98.37
CA ASP EA 196 30.40 -53.61 97.30
C ASP EA 196 31.61 -54.52 97.15
N GLY EA 197 31.81 -55.08 95.96
CA GLY EA 197 32.95 -55.94 95.70
C GLY EA 197 34.27 -55.21 95.86
N HIS EA 198 34.89 -55.35 97.03
CA HIS EA 198 36.14 -54.67 97.32
C HIS EA 198 37.32 -55.57 96.96
N LEU EA 199 38.23 -55.05 96.14
CA LEU EA 199 39.44 -55.76 95.77
C LEU EA 199 39.13 -57.07 95.05
N LEU EA 200 38.60 -58.06 95.76
CA LEU EA 200 38.33 -59.36 95.18
C LEU EA 200 37.18 -59.25 94.18
N GLU EA 201 36.80 -60.40 93.62
CA GLU EA 201 35.71 -60.49 92.65
C GLU EA 201 34.45 -59.87 93.22
N PRO EA 202 33.48 -59.49 92.38
CA PRO EA 202 32.24 -58.89 92.90
C PRO EA 202 31.48 -59.82 93.83
N ASP EA 203 30.30 -59.39 94.28
CA ASP EA 203 29.46 -60.15 95.19
C ASP EA 203 30.30 -60.80 96.29
N ALA EA 204 31.29 -60.06 96.82
CA ALA EA 204 32.16 -60.55 97.88
C ALA EA 204 32.16 -59.48 98.98
N GLU EA 205 31.16 -59.55 99.86
CA GLU EA 205 31.04 -58.57 100.94
C GLU EA 205 31.94 -58.93 102.11
N TYR EA 206 32.51 -57.91 102.74
CA TYR EA 206 33.40 -58.08 103.89
C TYR EA 206 32.64 -57.64 105.14
N LEU EA 207 32.25 -58.62 105.97
CA LEU EA 207 31.59 -58.31 107.22
C LEU EA 207 32.59 -57.74 108.22
N HIS EA 208 32.27 -56.60 108.81
CA HIS EA 208 33.17 -55.95 109.76
C HIS EA 208 33.00 -56.47 111.18
N TRP EA 209 31.82 -56.98 111.53
CA TRP EA 209 31.57 -57.51 112.86
C TRP EA 209 30.23 -58.22 112.86
N LEU EA 210 30.14 -59.28 113.67
CA LEU EA 210 28.94 -60.10 113.74
C LEU EA 210 28.63 -60.39 115.21
N LEU EA 211 27.36 -60.26 115.58
CA LEU EA 211 26.90 -60.55 116.92
C LEU EA 211 25.93 -61.73 116.89
N THR EA 212 25.93 -62.50 117.98
CA THR EA 212 25.09 -63.68 118.10
C THR EA 212 24.41 -63.71 119.46
N ASN EA 213 23.13 -64.06 119.48
CA ASN EA 213 22.37 -64.15 120.71
C ASN EA 213 22.39 -62.82 121.46
N ILE EA 214 21.44 -61.93 121.14
CA ILE EA 214 21.36 -60.63 121.78
C ILE EA 214 20.04 -60.54 122.55
N PRO EA 215 19.92 -61.24 123.68
CA PRO EA 215 18.67 -61.14 124.45
C PRO EA 215 18.48 -59.77 125.08
N GLY EA 216 17.26 -59.28 125.04
CA GLY EA 216 16.95 -57.97 125.59
C GLY EA 216 17.34 -56.85 124.65
N ASN EA 217 17.27 -55.63 125.18
CA ASN EA 217 17.61 -54.45 124.43
C ASN EA 217 19.09 -54.11 124.46
N ARG EA 218 19.83 -54.61 125.46
CA ARG EA 218 21.25 -54.32 125.56
C ARG EA 218 22.04 -55.21 124.60
N VAL EA 219 23.25 -54.75 124.26
CA VAL EA 219 24.13 -55.48 123.34
C VAL EA 219 25.26 -56.19 124.06
N ALA EA 220 25.52 -55.87 125.33
CA ALA EA 220 26.60 -56.51 126.06
C ALA EA 220 26.39 -58.01 126.20
N GLU EA 221 25.16 -58.49 126.08
CA GLU EA 221 24.85 -59.91 126.19
C GLU EA 221 24.98 -60.65 124.86
N GLY EA 222 25.74 -60.10 123.92
CA GLY EA 222 25.93 -60.71 122.61
C GLY EA 222 27.38 -61.12 122.41
N GLN EA 223 27.57 -62.39 122.07
CA GLN EA 223 28.92 -62.89 121.82
C GLN EA 223 29.49 -62.28 120.56
N VAL EA 224 30.71 -61.75 120.67
CA VAL EA 224 31.37 -61.08 119.56
C VAL EA 224 32.22 -62.14 118.85
N THR EA 225 31.74 -62.61 117.69
CA THR EA 225 32.49 -63.58 116.91
C THR EA 225 33.60 -62.92 116.08
N CYS EA 226 33.49 -61.63 115.80
CA CYS EA 226 34.51 -60.90 115.06
C CYS EA 226 34.63 -59.49 115.64
N PRO EA 227 35.85 -58.98 115.78
CA PRO EA 227 36.02 -57.64 116.35
C PRO EA 227 35.50 -56.56 115.41
N TYR EA 228 35.29 -55.37 115.98
CA TYR EA 228 34.80 -54.24 115.21
C TYR EA 228 35.87 -53.74 114.25
N LEU EA 229 35.43 -53.27 113.08
CA LEU EA 229 36.34 -52.76 112.06
C LEU EA 229 35.66 -51.62 111.30
N PRO EA 230 36.17 -50.39 111.40
CA PRO EA 230 35.60 -49.29 110.62
C PRO EA 230 35.72 -49.55 109.13
N PRO EA 231 34.98 -48.81 108.30
CA PRO EA 231 35.09 -48.99 106.85
C PRO EA 231 36.50 -48.71 106.37
N PHE EA 232 36.77 -49.14 105.13
CA PHE EA 232 38.08 -48.92 104.52
C PHE EA 232 37.96 -48.84 103.01
N PRO EA 233 37.15 -47.92 102.47
CA PRO EA 233 37.05 -47.78 101.01
C PRO EA 233 38.29 -47.12 100.44
N ALA EA 234 38.90 -47.76 99.45
CA ALA EA 234 40.09 -47.23 98.82
C ALA EA 234 39.79 -45.91 98.12
N ARG EA 235 40.85 -45.17 97.82
CA ARG EA 235 40.70 -43.88 97.15
C ARG EA 235 40.38 -44.07 95.68
N GLY EA 236 39.52 -43.20 95.15
CA GLY EA 236 39.11 -43.26 93.77
C GLY EA 236 38.10 -44.34 93.45
N SER EA 237 37.73 -45.17 94.42
CA SER EA 237 36.76 -46.24 94.18
C SER EA 237 35.32 -45.76 94.20
N GLY EA 238 35.09 -44.47 94.43
CA GLY EA 238 33.74 -43.93 94.46
C GLY EA 238 33.11 -44.06 95.82
N ILE EA 239 31.78 -43.97 95.83
CA ILE EA 239 30.99 -44.06 97.05
C ILE EA 239 30.62 -45.51 97.28
N HIS EA 240 30.64 -45.93 98.54
CA HIS EA 240 30.29 -47.29 98.93
C HIS EA 240 29.16 -47.26 99.95
N ARG EA 241 28.26 -48.23 99.86
CA ARG EA 241 27.11 -48.33 100.75
C ARG EA 241 27.29 -49.52 101.69
N LEU EA 242 27.04 -49.30 102.97
CA LEU EA 242 27.14 -50.33 103.99
C LEU EA 242 25.81 -50.41 104.73
N ALA EA 243 25.16 -51.57 104.66
CA ALA EA 243 23.85 -51.78 105.26
C ALA EA 243 23.96 -52.69 106.48
N PHE EA 244 23.08 -52.43 107.46
CA PHE EA 244 23.02 -53.22 108.67
C PHE EA 244 22.04 -54.38 108.48
N LEU EA 245 21.96 -55.25 109.48
CA LEU EA 245 21.03 -56.37 109.47
C LEU EA 245 20.59 -56.65 110.89
N LEU EA 246 19.33 -57.08 111.04
CA LEU EA 246 18.77 -57.38 112.35
C LEU EA 246 17.71 -58.47 112.16
N PHE EA 247 18.08 -59.70 112.49
CA PHE EA 247 17.20 -60.85 112.33
C PHE EA 247 16.61 -61.27 113.68
N LYS EA 248 15.52 -62.03 113.61
CA LYS EA 248 14.88 -62.55 114.80
C LYS EA 248 15.57 -63.84 115.25
N GLN EA 249 15.06 -64.43 116.33
CA GLN EA 249 15.65 -65.66 116.87
C GLN EA 249 14.53 -66.48 117.51
N ASP EA 250 14.15 -67.57 116.86
CA ASP EA 250 13.16 -68.49 117.42
C ASP EA 250 13.79 -69.58 118.27
N GLN EA 251 15.11 -69.70 118.25
CA GLN EA 251 15.82 -70.72 119.03
C GLN EA 251 17.32 -70.39 119.03
N PRO EA 252 17.99 -70.44 120.18
CA PRO EA 252 19.43 -70.12 120.19
C PRO EA 252 20.24 -71.09 119.34
N ILE EA 253 20.51 -70.71 118.09
CA ILE EA 253 21.26 -71.54 117.16
C ILE EA 253 22.73 -71.17 117.24
N ASP EA 254 23.58 -72.18 117.05
CA ASP EA 254 25.02 -71.97 117.09
C ASP EA 254 25.48 -71.23 115.84
N PHE EA 255 26.79 -71.04 115.72
CA PHE EA 255 27.37 -70.36 114.58
C PHE EA 255 28.75 -70.93 114.31
N SER EA 256 29.02 -71.24 113.04
CA SER EA 256 30.30 -71.80 112.64
C SER EA 256 30.56 -73.12 113.37
N PRO EA 261 33.88 -65.60 113.20
CA PRO EA 261 34.86 -66.38 113.95
C PRO EA 261 36.30 -66.00 113.64
N SER EA 262 37.24 -66.49 114.45
CA SER EA 262 38.66 -66.18 114.25
C SER EA 262 38.89 -64.68 114.36
N PRO EA 263 38.92 -64.14 115.58
CA PRO EA 263 39.15 -62.69 115.73
C PRO EA 263 40.55 -62.28 115.29
N CYS EA 264 40.71 -61.99 114.01
CA CYS EA 264 42.00 -61.59 113.48
C CYS EA 264 41.77 -60.70 112.25
N TYR EA 265 42.73 -59.80 112.01
CA TYR EA 265 42.65 -58.87 110.88
C TYR EA 265 43.25 -59.51 109.63
N GLN EA 266 42.65 -60.64 109.24
CA GLN EA 266 43.08 -61.39 108.06
C GLN EA 266 42.19 -61.02 106.87
N LEU EA 267 42.75 -61.21 105.67
CA LEU EA 267 42.05 -60.83 104.45
C LEU EA 267 40.94 -61.82 104.11
N ALA EA 268 41.30 -63.09 103.94
CA ALA EA 268 40.37 -64.11 103.50
C ALA EA 268 39.46 -64.63 104.62
N GLN EA 269 39.53 -64.05 105.81
CA GLN EA 269 38.70 -64.48 106.93
C GLN EA 269 37.42 -63.65 107.06
N ARG EA 270 37.04 -62.90 106.02
CA ARG EA 270 35.85 -62.08 106.07
C ARG EA 270 35.10 -62.01 104.74
N THR EA 271 35.62 -62.60 103.68
CA THR EA 271 34.97 -62.55 102.37
C THR EA 271 33.97 -63.70 102.27
N PHE EA 272 32.71 -63.36 101.99
CA PHE EA 272 31.65 -64.35 101.85
C PHE EA 272 30.38 -63.61 101.44
N ARG EA 273 29.44 -64.37 100.87
CA ARG EA 273 28.16 -63.82 100.44
C ARG EA 273 27.09 -64.10 101.48
N THR EA 274 26.12 -63.19 101.56
CA THR EA 274 25.06 -63.29 102.55
C THR EA 274 23.87 -64.13 102.10
N PHE EA 275 23.70 -64.33 100.79
CA PHE EA 275 22.57 -65.09 100.30
C PHE EA 275 22.55 -66.50 100.88
N ASP EA 276 23.66 -67.22 100.74
CA ASP EA 276 23.73 -68.58 101.27
C ASP EA 276 23.78 -68.58 102.79
N PHE EA 277 24.44 -67.59 103.39
CA PHE EA 277 24.53 -67.51 104.84
C PHE EA 277 23.17 -67.26 105.49
N TYR EA 278 22.22 -66.68 104.76
CA TYR EA 278 20.90 -66.38 105.29
C TYR EA 278 19.86 -67.43 104.90
N LYS EA 279 19.81 -67.80 103.62
CA LYS EA 279 18.79 -68.74 103.14
C LYS EA 279 19.29 -70.19 103.19
N LYS EA 280 20.33 -70.49 102.41
CA LYS EA 280 20.84 -71.86 102.33
C LYS EA 280 21.52 -72.32 103.61
N HIS EA 281 21.76 -71.42 104.56
CA HIS EA 281 22.40 -71.77 105.82
C HIS EA 281 21.47 -71.67 107.01
N GLN EA 282 20.48 -70.78 106.98
CA GLN EA 282 19.54 -70.62 108.08
C GLN EA 282 18.11 -70.68 107.54
N GLU EA 283 17.20 -71.12 108.39
CA GLU EA 283 15.79 -71.24 108.02
C GLU EA 283 14.86 -70.60 109.04
N THR EA 284 15.18 -70.70 110.34
CA THR EA 284 14.36 -70.13 111.39
C THR EA 284 14.74 -68.69 111.72
N MET EA 285 15.40 -68.00 110.79
CA MET EA 285 15.83 -66.62 110.99
C MET EA 285 15.17 -65.74 109.93
N THR EA 286 14.60 -64.63 110.37
CA THR EA 286 13.95 -63.69 109.47
C THR EA 286 14.36 -62.27 109.83
N PRO EA 287 14.40 -61.36 108.85
CA PRO EA 287 14.83 -59.98 109.14
C PRO EA 287 13.77 -59.18 109.88
N ALA EA 288 14.07 -57.92 110.19
CA ALA EA 288 13.13 -57.06 110.89
C ALA EA 288 13.51 -55.60 110.72
N GLY EA 289 14.76 -55.25 111.04
CA GLY EA 289 15.22 -53.88 110.91
C GLY EA 289 16.21 -53.70 109.78
N LEU EA 290 16.36 -52.46 109.32
CA LEU EA 290 17.28 -52.16 108.23
C LEU EA 290 17.80 -50.74 108.39
N SER EA 291 19.05 -50.54 107.98
CA SER EA 291 19.69 -49.22 108.04
C SER EA 291 21.01 -49.25 107.28
N PHE EA 292 21.24 -48.26 106.43
CA PHE EA 292 22.44 -48.21 105.61
C PHE EA 292 22.96 -46.78 105.58
N PHE EA 293 24.23 -46.65 105.17
CA PHE EA 293 24.86 -45.34 105.07
C PHE EA 293 25.98 -45.42 104.05
N GLN EA 294 26.39 -44.25 103.56
CA GLN EA 294 27.43 -44.17 102.54
C GLN EA 294 28.80 -43.94 103.18
N CYS EA 295 29.85 -44.09 102.38
CA CYS EA 295 31.21 -43.90 102.84
C CYS EA 295 32.04 -43.33 101.70
N ARG EA 296 33.14 -42.68 102.06
CA ARG EA 296 34.03 -42.06 101.09
C ARG EA 296 35.46 -42.12 101.63
N TRP EA 297 36.38 -41.53 100.87
CA TRP EA 297 37.78 -41.53 101.27
C TRP EA 297 38.01 -40.63 102.46
N ASP EA 298 38.98 -41.00 103.29
CA ASP EA 298 39.33 -40.23 104.48
C ASP EA 298 40.68 -40.70 104.98
N ASP EA 299 41.22 -39.96 105.96
CA ASP EA 299 42.52 -40.30 106.53
C ASP EA 299 42.44 -41.51 107.45
N SER EA 300 41.29 -41.73 108.10
CA SER EA 300 41.14 -42.91 108.96
C SER EA 300 41.28 -44.19 108.15
N VAL EA 301 40.85 -44.18 106.88
CA VAL EA 301 41.01 -45.36 106.03
C VAL EA 301 42.49 -45.68 105.87
N THR EA 302 43.29 -44.66 105.55
CA THR EA 302 44.73 -44.88 105.40
C THR EA 302 45.36 -45.33 106.72
N TYR EA 303 44.94 -44.74 107.83
CA TYR EA 303 45.45 -45.14 109.13
C TYR EA 303 45.17 -46.62 109.39
N ILE EA 304 43.93 -47.05 109.15
CA ILE EA 304 43.59 -48.45 109.34
C ILE EA 304 44.42 -49.34 108.43
N PHE EA 305 44.50 -48.97 107.15
CA PHE EA 305 45.27 -49.76 106.18
C PHE EA 305 46.70 -49.96 106.65
N HIS EA 306 47.35 -48.89 107.11
CA HIS EA 306 48.75 -48.97 107.49
C HIS EA 306 48.96 -49.49 108.90
N GLN EA 307 47.90 -49.58 109.72
CA GLN EA 307 48.04 -50.06 111.09
C GLN EA 307 47.64 -51.53 111.22
N LEU EA 308 46.35 -51.83 110.99
CA LEU EA 308 45.82 -53.16 111.27
C LEU EA 308 45.53 -53.95 109.99
N LEU EA 309 46.26 -53.65 108.92
CA LEU EA 309 46.11 -54.40 107.67
C LEU EA 309 47.45 -54.80 107.07
N ASP EA 310 48.45 -53.90 107.12
CA ASP EA 310 49.80 -54.20 106.65
C ASP EA 310 49.79 -54.67 105.19
N MET EA 311 49.45 -53.73 104.31
CA MET EA 311 49.42 -53.98 102.88
C MET EA 311 49.22 -52.67 102.15
N ARG EA 312 49.92 -52.50 101.04
CA ARG EA 312 49.80 -51.27 100.25
C ARG EA 312 48.37 -51.11 99.76
N GLU EA 313 47.71 -50.04 100.22
CA GLU EA 313 46.34 -49.79 99.81
C GLU EA 313 46.28 -49.45 98.32
N PRO EA 314 45.19 -49.82 97.66
CA PRO EA 314 45.07 -49.53 96.23
C PRO EA 314 44.57 -48.11 95.98
N VAL EA 315 44.72 -47.67 94.73
CA VAL EA 315 44.26 -46.35 94.30
C VAL EA 315 43.65 -46.49 92.91
N PHE EA 316 42.57 -45.75 92.68
CA PHE EA 316 41.86 -45.77 91.41
C PHE EA 316 41.69 -44.35 90.91
N GLU EA 317 41.22 -44.23 89.66
CA GLU EA 317 41.00 -42.92 89.06
C GLU EA 317 39.78 -42.85 88.15
N PHE EA 318 39.12 -43.97 87.85
CA PHE EA 318 37.97 -43.98 86.97
C PHE EA 318 38.34 -43.39 85.61
N VAL EA 319 39.01 -44.19 84.79
CA VAL EA 319 39.47 -43.74 83.47
C VAL EA 319 38.33 -43.88 82.48
N ARG EA 320 38.20 -42.89 81.60
CA ARG EA 320 37.18 -42.91 80.55
C ARG EA 320 37.70 -43.61 79.32
N PRO EA 321 36.81 -44.13 78.47
CA PRO EA 321 37.27 -44.80 77.24
C PRO EA 321 37.98 -43.83 76.32
N PRO EA 322 38.82 -44.32 75.43
CA PRO EA 322 39.57 -43.43 74.53
C PRO EA 322 38.66 -42.87 73.45
N PRO EA 323 39.11 -41.84 72.74
CA PRO EA 323 38.28 -41.26 71.67
C PRO EA 323 38.08 -42.27 70.54
N TYR EA 324 37.13 -41.93 69.66
CA TYR EA 324 36.79 -42.80 68.53
C TYR EA 324 37.87 -42.72 67.47
N HIS EA 325 37.97 -41.59 66.77
CA HIS EA 325 38.93 -41.41 65.70
C HIS EA 325 38.77 -42.50 64.64
N PRO EA 326 37.96 -42.26 63.59
CA PRO EA 326 37.77 -43.30 62.58
C PRO EA 326 39.04 -43.61 61.81
N LYS EA 327 38.94 -44.49 60.82
CA LYS EA 327 40.09 -44.87 60.02
C LYS EA 327 40.67 -43.64 59.33
N GLN EA 328 41.98 -43.43 59.52
CA GLN EA 328 42.66 -42.27 58.94
C GLN EA 328 42.62 -42.37 57.42
N LYS EA 329 41.93 -41.44 56.78
CA LYS EA 329 41.83 -41.42 55.33
C LYS EA 329 43.10 -40.86 54.72
N ARG EA 330 43.41 -41.32 53.50
CA ARG EA 330 44.60 -40.84 52.81
C ARG EA 330 44.42 -39.43 52.29
N PHE EA 331 43.21 -39.09 51.84
CA PHE EA 331 42.90 -37.77 51.29
C PHE EA 331 41.69 -37.22 52.03
N PRO EA 332 41.89 -36.56 53.17
CA PRO EA 332 40.74 -35.99 53.89
C PRO EA 332 39.95 -35.00 53.06
N HIS EA 333 40.58 -34.34 52.09
CA HIS EA 333 39.89 -33.43 51.18
C HIS EA 333 39.35 -32.21 51.92
N ARG EA 334 38.23 -32.38 52.63
CA ARG EA 334 37.54 -31.26 53.25
C ARG EA 334 37.88 -31.09 54.73
N GLN EA 335 38.75 -31.93 55.28
CA GLN EA 335 39.11 -31.79 56.69
C GLN EA 335 40.14 -30.68 56.87
N PRO EA 336 40.20 -30.08 58.05
CA PRO EA 336 41.15 -28.99 58.29
C PRO EA 336 42.55 -29.53 58.54
N LEU EA 337 43.48 -28.59 58.76
CA LEU EA 337 44.87 -28.97 59.03
C LEU EA 337 45.01 -29.78 60.31
N ARG EA 338 44.03 -29.69 61.21
CA ARG EA 338 44.09 -30.44 62.47
C ARG EA 338 43.85 -31.93 62.29
N TYR EA 339 43.58 -32.39 61.06
CA TYR EA 339 43.36 -33.82 60.83
C TYR EA 339 44.59 -34.63 61.21
N LEU EA 340 45.78 -34.18 60.77
CA LEU EA 340 47.01 -34.88 61.09
C LEU EA 340 47.34 -34.80 62.58
N ASP EA 341 46.84 -33.78 63.28
CA ASP EA 341 47.10 -33.66 64.71
C ASP EA 341 46.42 -34.76 65.52
N ARG EA 342 45.35 -35.37 64.99
CA ARG EA 342 44.64 -36.43 65.69
C ARG EA 342 45.35 -37.77 65.62
N TYR EA 343 46.50 -37.84 64.93
CA TYR EA 343 47.25 -39.09 64.79
C TYR EA 343 48.75 -38.78 64.91
N ARG EA 344 49.16 -38.27 66.07
CA ARG EA 344 50.56 -37.99 66.33
C ARG EA 344 50.91 -38.47 67.73
N ASP EA 345 52.21 -38.69 67.96
CA ASP EA 345 52.70 -39.21 69.23
C ASP EA 345 54.13 -38.70 69.44
N SER EA 346 54.25 -37.46 69.92
CA SER EA 346 53.14 -36.59 70.27
C SER EA 346 53.55 -35.13 70.19
N HIS EA 347 53.20 -34.47 69.08
CA HIS EA 347 53.46 -33.05 68.90
C HIS EA 347 54.95 -32.76 68.73
N GLU EA 348 55.78 -33.24 69.66
CA GLU EA 348 57.21 -33.01 69.64
C GLU EA 348 57.79 -33.25 68.25
N PRO EA 349 58.89 -32.58 67.89
CA PRO EA 349 59.44 -32.75 66.53
C PRO EA 349 60.15 -34.09 66.36
N THR EA 350 59.51 -35.00 65.64
CA THR EA 350 60.08 -36.33 65.37
C THR EA 350 60.72 -36.33 64.00
N TYR EA 351 61.97 -36.79 63.93
CA TYR EA 351 62.71 -36.87 62.67
C TYR EA 351 63.22 -38.29 62.48
N GLY EA 352 63.18 -38.75 61.24
CA GLY EA 352 63.61 -40.10 60.92
C GLY EA 352 65.09 -40.32 61.16
N ILE EA 353 65.89 -40.20 60.09
CA ILE EA 353 67.33 -40.41 60.15
C ILE EA 353 68.00 -39.39 59.24
N TYR EA 354 69.06 -38.76 59.73
CA TYR EA 354 69.80 -37.77 58.97
C TYR EA 354 71.23 -37.65 59.47
N SER FA 1 33.16 -118.43 -56.01
CA SER FA 1 34.02 -117.77 -55.05
C SER FA 1 34.55 -116.45 -55.60
N PRO FA 2 33.65 -115.47 -55.76
CA PRO FA 2 34.09 -114.16 -56.28
C PRO FA 2 35.02 -113.43 -55.34
N THR FA 3 34.85 -113.57 -54.02
CA THR FA 3 35.74 -112.91 -53.08
C THR FA 3 37.17 -113.41 -53.24
N GLU FA 4 37.35 -114.73 -53.36
CA GLU FA 4 38.69 -115.29 -53.55
C GLU FA 4 39.29 -114.82 -54.85
N LEU FA 5 38.48 -114.74 -55.91
CA LEU FA 5 38.99 -114.26 -57.20
C LEU FA 5 39.44 -112.81 -57.10
N THR FA 6 38.64 -111.96 -56.45
CA THR FA 6 39.04 -110.57 -56.28
C THR FA 6 40.30 -110.44 -55.43
N GLU FA 7 40.42 -111.27 -54.39
CA GLU FA 7 41.61 -111.24 -53.56
C GLU FA 7 42.84 -111.66 -54.36
N MET FA 8 42.72 -112.69 -55.20
CA MET FA 8 43.83 -113.12 -56.02
C MET FA 8 44.21 -112.04 -57.03
N ARG FA 9 43.21 -111.38 -57.61
CA ARG FA 9 43.49 -110.30 -58.55
C ARG FA 9 44.22 -109.14 -57.86
N ASN FA 10 43.80 -108.78 -56.66
CA ASN FA 10 44.47 -107.72 -55.92
C ASN FA 10 45.89 -108.13 -55.56
N ASP FA 11 46.10 -109.40 -55.19
CA ASP FA 11 47.45 -109.88 -54.89
C ASP FA 11 48.33 -109.81 -56.12
N LEU FA 12 47.80 -110.20 -57.29
CA LEU FA 12 48.57 -110.12 -58.52
C LEU FA 12 48.90 -108.68 -58.85
N PHE FA 13 47.95 -107.76 -58.64
CA PHE FA 13 48.22 -106.34 -58.89
C PHE FA 13 49.32 -105.83 -57.98
N ASN FA 14 49.28 -106.20 -56.70
CA ASN FA 14 50.31 -105.78 -55.76
C ASN FA 14 51.67 -106.36 -56.14
N LYS FA 15 51.70 -107.63 -56.58
CA LYS FA 15 52.96 -108.23 -57.01
C LYS FA 15 53.51 -107.53 -58.24
N GLU FA 16 52.64 -107.17 -59.18
CA GLU FA 16 53.09 -106.43 -60.36
C GLU FA 16 53.62 -105.06 -59.98
N LYS FA 17 52.96 -104.37 -59.04
CA LYS FA 17 53.46 -103.10 -58.56
C LYS FA 17 54.84 -103.25 -57.93
N ALA FA 18 55.02 -104.28 -57.10
CA ALA FA 18 56.31 -104.52 -56.46
C ALA FA 18 57.38 -104.81 -57.51
N ARG FA 19 57.05 -105.60 -58.53
CA ARG FA 19 58.01 -105.90 -59.58
C ARG FA 19 58.39 -104.63 -60.35
N GLN FA 20 57.41 -103.77 -60.63
CA GLN FA 20 57.69 -102.54 -61.37
C GLN FA 20 58.52 -101.58 -60.53
N LEU FA 21 58.33 -101.58 -59.20
CA LEU FA 21 59.06 -100.67 -58.34
C LEU FA 21 60.44 -101.18 -57.94
N SER FA 22 60.67 -102.49 -58.00
CA SER FA 22 61.95 -103.04 -57.57
C SER FA 22 63.09 -102.59 -58.50
N LEU FA 23 62.80 -102.31 -59.76
CA LEU FA 23 63.83 -101.93 -60.72
C LEU FA 23 64.28 -100.48 -60.55
N THR FA 24 63.83 -99.79 -59.51
CA THR FA 24 64.27 -98.42 -59.30
C THR FA 24 65.77 -98.40 -59.03
N PRO FA 25 66.56 -97.60 -59.76
CA PRO FA 25 68.01 -97.57 -59.52
C PRO FA 25 68.40 -96.55 -58.44
N ARG FA 26 68.04 -96.87 -57.20
CA ARG FA 26 68.35 -96.03 -56.04
C ARG FA 26 67.81 -94.61 -56.24
N THR FA 27 66.59 -94.53 -56.79
CA THR FA 27 65.94 -93.23 -57.01
C THR FA 27 66.79 -92.35 -57.92
N GLU FA 28 66.58 -92.47 -59.23
CA GLU FA 28 67.30 -91.67 -60.22
C GLU FA 28 66.50 -90.41 -60.52
N LYS FA 29 67.16 -89.26 -60.40
CA LYS FA 29 66.51 -87.97 -60.62
C LYS FA 29 66.65 -87.53 -62.07
N ILE FA 30 65.68 -86.75 -62.52
CA ILE FA 30 65.65 -86.20 -63.88
C ILE FA 30 65.15 -84.77 -63.81
N GLU FA 31 65.35 -84.05 -64.91
CA GLU FA 31 64.95 -82.64 -65.02
C GLU FA 31 63.90 -82.54 -66.13
N VAL FA 32 62.63 -82.58 -65.73
CA VAL FA 32 61.52 -82.50 -66.67
C VAL FA 32 61.15 -81.03 -66.87
N LYS FA 33 60.71 -80.71 -68.09
CA LYS FA 33 60.34 -79.34 -68.44
C LYS FA 33 58.82 -79.21 -68.51
N HIS FA 34 58.34 -77.99 -68.30
CA HIS FA 34 56.92 -77.68 -68.35
C HIS FA 34 56.72 -76.52 -69.32
N VAL FA 35 55.89 -76.73 -70.34
CA VAL FA 35 55.61 -75.72 -71.36
C VAL FA 35 54.10 -75.53 -71.34
N GLY FA 36 53.62 -74.60 -70.50
CA GLY FA 36 52.21 -74.31 -70.40
C GLY FA 36 51.86 -72.90 -70.86
N LYS FA 37 50.63 -72.48 -70.59
CA LYS FA 37 50.17 -71.16 -70.98
C LYS FA 37 50.36 -70.11 -69.89
N THR FA 38 50.51 -70.53 -68.64
CA THR FA 38 50.63 -69.62 -67.51
C THR FA 38 51.92 -69.88 -66.76
N ASP FA 39 52.58 -68.80 -66.32
CA ASP FA 39 53.80 -68.87 -65.53
C ASP FA 39 54.89 -69.66 -66.25
N PRO FA 40 55.34 -69.22 -67.42
CA PRO FA 40 56.49 -69.89 -68.06
C PRO FA 40 57.80 -69.16 -67.77
N GLY FA 41 58.95 -69.79 -67.98
CA GLY FA 41 59.06 -71.17 -68.43
C GLY FA 41 59.45 -72.09 -67.29
N THR FA 42 58.55 -72.24 -66.32
CA THR FA 42 58.85 -73.04 -65.15
C THR FA 42 59.21 -74.46 -65.54
N VAL FA 43 60.04 -75.10 -64.71
CA VAL FA 43 60.48 -76.47 -64.92
C VAL FA 43 60.35 -77.22 -63.60
N PHE FA 44 60.67 -78.52 -63.63
CA PHE FA 44 60.59 -79.37 -62.46
C PHE FA 44 61.71 -80.39 -62.49
N VAL FA 45 62.17 -80.78 -61.31
CA VAL FA 45 63.22 -81.79 -61.18
C VAL FA 45 62.67 -82.93 -60.33
N MET FA 46 61.73 -83.68 -60.88
CA MET FA 46 61.05 -84.76 -60.17
C MET FA 46 61.74 -86.09 -60.46
N ASN FA 47 61.16 -87.16 -59.90
CA ASN FA 47 61.67 -88.51 -60.09
C ASN FA 47 61.23 -89.03 -61.45
N LYS FA 48 61.60 -90.28 -61.75
CA LYS FA 48 61.26 -90.93 -63.01
C LYS FA 48 60.61 -92.29 -62.82
N ASN FA 49 60.25 -92.66 -61.58
CA ASN FA 49 59.66 -93.97 -61.33
C ASN FA 49 58.61 -93.92 -60.22
N ILE FA 50 58.46 -92.76 -59.57
CA ILE FA 50 57.51 -92.62 -58.46
C ILE FA 50 56.76 -91.31 -58.62
N SER FA 51 57.47 -90.24 -58.96
CA SER FA 51 56.85 -88.93 -59.07
C SER FA 51 55.79 -88.94 -60.17
N THR FA 52 54.79 -88.09 -59.99
CA THR FA 52 53.67 -87.96 -60.93
C THR FA 52 53.39 -86.49 -61.14
N PRO FA 53 52.71 -86.14 -62.24
CA PRO FA 53 52.37 -84.73 -62.46
C PRO FA 53 51.60 -84.10 -61.32
N TYR FA 54 50.95 -84.90 -60.47
CA TYR FA 54 50.30 -84.36 -59.28
C TYR FA 54 51.31 -83.68 -58.37
N SER FA 55 52.54 -84.20 -58.31
CA SER FA 55 53.58 -83.55 -57.52
C SER FA 55 53.91 -82.18 -58.09
N CYS FA 56 54.01 -82.08 -59.42
CA CYS FA 56 54.25 -80.77 -60.04
C CYS FA 56 53.10 -79.82 -59.77
N ALA FA 57 51.87 -80.31 -59.84
CA ALA FA 57 50.71 -79.46 -59.54
C ALA FA 57 50.79 -78.94 -58.11
N MET FA 58 51.07 -79.84 -57.16
CA MET FA 58 51.21 -79.42 -55.77
C MET FA 58 52.31 -78.38 -55.62
N HIS FA 59 53.46 -78.58 -56.28
CA HIS FA 59 54.53 -77.61 -56.23
C HIS FA 59 54.08 -76.26 -56.75
N LEU FA 60 53.27 -76.25 -57.81
CA LEU FA 60 52.76 -75.01 -58.38
C LEU FA 60 51.73 -74.39 -57.45
N SER FA 61 50.55 -74.98 -57.36
CA SER FA 61 49.50 -74.46 -56.50
C SER FA 61 48.39 -75.50 -56.41
N GLU FA 62 47.51 -75.33 -55.42
CA GLU FA 62 46.39 -76.24 -55.23
C GLU FA 62 45.32 -76.07 -56.30
N TRP FA 63 45.27 -74.91 -56.96
CA TRP FA 63 44.29 -74.70 -58.02
C TRP FA 63 44.45 -75.73 -59.13
N TYR FA 64 45.70 -75.97 -59.56
CA TYR FA 64 45.94 -76.97 -60.59
C TYR FA 64 45.59 -78.36 -60.10
N CYS FA 65 45.94 -78.67 -58.85
CA CYS FA 65 45.61 -79.98 -58.29
C CYS FA 65 44.10 -80.22 -58.30
N ARG FA 66 43.31 -79.16 -58.04
CA ARG FA 66 41.86 -79.29 -58.01
C ARG FA 66 41.23 -79.22 -59.39
N LYS FA 67 41.92 -78.63 -60.37
CA LYS FA 67 41.37 -78.47 -61.71
C LYS FA 67 42.01 -79.37 -62.75
N SER FA 68 43.31 -79.65 -62.62
CA SER FA 68 43.99 -80.50 -63.61
C SER FA 68 43.36 -81.88 -63.62
N ILE FA 69 43.19 -82.43 -64.83
CA ILE FA 69 42.57 -83.74 -65.01
C ILE FA 69 43.52 -84.62 -65.82
N LEU FA 70 44.20 -84.03 -66.80
CA LEU FA 70 45.12 -84.75 -67.65
C LEU FA 70 46.34 -83.88 -67.93
N ALA FA 71 47.51 -84.51 -68.01
CA ALA FA 71 48.76 -83.83 -68.31
C ALA FA 71 49.23 -84.25 -69.70
N LEU FA 72 49.41 -83.28 -70.58
CA LEU FA 72 49.82 -83.54 -71.96
C LEU FA 72 51.35 -83.53 -72.03
N VAL FA 73 51.94 -84.70 -72.21
CA VAL FA 73 53.38 -84.85 -72.35
C VAL FA 73 53.68 -85.25 -73.79
N ASP FA 74 54.43 -84.40 -74.49
CA ASP FA 74 54.75 -84.64 -75.90
C ASP FA 74 53.49 -84.76 -76.75
N GLY FA 75 52.43 -84.05 -76.36
CA GLY FA 75 51.17 -84.10 -77.06
C GLY FA 75 50.30 -85.30 -76.75
N GLN FA 76 50.79 -86.26 -75.95
CA GLN FA 76 50.02 -87.44 -75.60
C GLN FA 76 49.39 -87.28 -74.21
N PRO FA 77 48.26 -87.93 -73.96
CA PRO FA 77 47.61 -87.79 -72.66
C PRO FA 77 48.23 -88.69 -71.61
N TRP FA 78 48.17 -88.23 -70.36
CA TRP FA 78 48.72 -88.96 -69.23
C TRP FA 78 47.80 -88.76 -68.03
N ASP FA 79 47.99 -89.61 -67.02
CA ASP FA 79 47.19 -89.54 -65.80
C ASP FA 79 47.88 -88.67 -64.76
N MET FA 80 47.11 -88.27 -63.75
CA MET FA 80 47.65 -87.45 -62.68
C MET FA 80 48.42 -88.28 -61.65
N TYR FA 81 48.05 -89.53 -61.47
CA TYR FA 81 48.72 -90.43 -60.54
C TYR FA 81 49.36 -91.57 -61.33
N LYS FA 82 50.41 -91.24 -62.09
CA LYS FA 82 51.11 -92.21 -62.91
C LYS FA 82 52.57 -91.80 -63.00
N PRO FA 83 53.51 -92.74 -62.90
CA PRO FA 83 54.93 -92.37 -63.00
C PRO FA 83 55.30 -91.98 -64.43
N LEU FA 84 56.11 -90.92 -64.53
CA LEU FA 84 56.56 -90.41 -65.82
C LEU FA 84 57.98 -90.89 -66.11
N THR FA 85 58.32 -90.87 -67.40
CA THR FA 85 59.65 -91.26 -67.85
C THR FA 85 60.06 -90.38 -69.02
N LYS FA 86 61.37 -90.26 -69.21
CA LYS FA 86 61.94 -89.43 -70.27
C LYS FA 86 61.55 -87.97 -70.07
N SER FA 87 62.51 -87.14 -69.68
CA SER FA 87 62.24 -85.73 -69.44
C SER FA 87 61.75 -85.05 -70.71
N CYS FA 88 60.50 -84.58 -70.68
CA CYS FA 88 59.90 -83.90 -71.81
C CYS FA 88 59.02 -82.77 -71.27
N GLU FA 89 58.26 -82.13 -72.16
CA GLU FA 89 57.40 -81.03 -71.76
C GLU FA 89 56.23 -81.55 -70.92
N ILE FA 90 55.60 -80.62 -70.20
CA ILE FA 90 54.45 -80.92 -69.35
C ILE FA 90 53.38 -79.87 -69.60
N LYS FA 91 52.12 -80.29 -69.58
CA LYS FA 91 50.99 -79.40 -69.76
C LYS FA 91 49.88 -79.81 -68.81
N PHE FA 92 48.83 -78.99 -68.76
CA PHE FA 92 47.69 -79.23 -67.90
C PHE FA 92 46.40 -79.05 -68.68
N LEU FA 93 45.42 -79.90 -68.38
CA LEU FA 93 44.12 -79.86 -69.04
C LEU FA 93 43.02 -79.76 -68.00
N THR FA 94 41.97 -79.00 -68.33
CA THR FA 94 40.82 -78.83 -67.46
C THR FA 94 39.56 -78.94 -68.31
N PHE FA 95 38.41 -78.68 -67.69
CA PHE FA 95 37.15 -78.73 -68.42
C PHE FA 95 36.91 -77.49 -69.26
N LYS FA 96 37.45 -76.34 -68.83
CA LYS FA 96 37.29 -75.08 -69.56
C LYS FA 96 38.57 -74.80 -70.33
N ASP FA 97 38.70 -75.46 -71.48
CA ASP FA 97 39.85 -75.31 -72.35
C ASP FA 97 39.38 -75.06 -73.78
N CYS FA 98 40.34 -74.95 -74.70
CA CYS FA 98 40.01 -74.71 -76.10
C CYS FA 98 39.57 -76.00 -76.80
N ASP FA 99 40.21 -77.12 -76.48
CA ASP FA 99 39.88 -78.42 -77.09
C ASP FA 99 39.95 -79.49 -76.01
N PRO FA 100 38.98 -79.48 -75.08
CA PRO FA 100 38.95 -80.48 -74.00
C PRO FA 100 38.32 -81.82 -74.41
N GLY FA 101 38.82 -82.38 -75.50
CA GLY FA 101 38.32 -83.66 -75.97
C GLY FA 101 38.91 -84.83 -75.23
N GLU FA 102 40.21 -84.76 -74.94
CA GLU FA 102 40.86 -85.84 -74.19
C GLU FA 102 40.27 -85.95 -72.79
N VAL FA 103 39.99 -84.81 -72.14
CA VAL FA 103 39.39 -84.84 -70.82
C VAL FA 103 38.00 -85.45 -70.87
N ASN FA 104 37.23 -85.12 -71.91
CA ASN FA 104 35.89 -85.70 -72.04
C ASN FA 104 35.97 -87.21 -72.25
N LYS FA 105 36.90 -87.67 -73.10
CA LYS FA 105 37.06 -89.10 -73.31
C LYS FA 105 37.48 -89.81 -72.03
N ALA FA 106 38.40 -89.21 -71.28
CA ALA FA 106 38.83 -89.81 -70.02
C ALA FA 106 37.67 -89.89 -69.03
N TYR FA 107 36.86 -88.84 -68.95
CA TYR FA 107 35.71 -88.85 -68.05
C TYR FA 107 34.71 -89.92 -68.48
N TRP FA 108 34.48 -90.07 -69.79
CA TRP FA 108 33.57 -91.10 -70.28
C TRP FA 108 34.07 -92.49 -69.91
N ARG FA 109 35.38 -92.73 -70.11
CA ARG FA 109 35.94 -94.03 -69.77
C ARG FA 109 35.85 -94.29 -68.27
N SER FA 110 36.10 -93.26 -67.46
CA SER FA 110 36.00 -93.43 -66.01
C SER FA 110 34.56 -93.72 -65.59
N CYS FA 111 33.58 -93.06 -66.20
CA CYS FA 111 32.19 -93.33 -65.89
C CYS FA 111 31.81 -94.75 -66.30
N ALA FA 112 32.30 -95.21 -67.45
CA ALA FA 112 32.04 -96.59 -67.87
C ALA FA 112 32.65 -97.58 -66.89
N MET FA 113 33.88 -97.32 -66.44
CA MET FA 113 34.52 -98.22 -65.49
C MET FA 113 33.77 -98.24 -64.16
N MET FA 114 33.30 -97.07 -63.71
CA MET FA 114 32.54 -97.02 -62.47
C MET FA 114 31.21 -97.77 -62.60
N MET FA 115 30.55 -97.64 -63.75
CA MET FA 115 29.31 -98.37 -63.98
C MET FA 115 29.57 -99.87 -63.98
N GLY FA 116 30.66 -100.31 -64.62
CA GLY FA 116 30.99 -101.72 -64.60
C GLY FA 116 31.28 -102.22 -63.20
N CYS FA 117 32.01 -101.43 -62.41
CA CYS FA 117 32.30 -101.82 -61.03
C CYS FA 117 31.02 -101.92 -60.21
N VAL FA 118 30.10 -100.97 -60.39
CA VAL FA 118 28.84 -101.01 -59.65
C VAL FA 118 28.03 -102.23 -60.06
N ILE FA 119 28.03 -102.56 -61.36
CA ILE FA 119 27.31 -103.74 -61.83
C ILE FA 119 27.91 -105.00 -61.23
N GLU FA 120 29.23 -105.08 -61.17
CA GLU FA 120 29.89 -106.25 -60.61
C GLU FA 120 29.60 -106.38 -59.11
N ARG FA 121 29.58 -105.25 -58.40
CA ARG FA 121 29.33 -105.28 -56.95
C ARG FA 121 27.86 -105.43 -56.61
N ALA FA 122 26.95 -105.22 -57.55
CA ALA FA 122 25.52 -105.35 -57.30
C ALA FA 122 25.19 -106.74 -56.76
N PHE FA 123 25.25 -107.74 -57.63
CA PHE FA 123 24.94 -109.11 -57.24
C PHE FA 123 26.04 -110.06 -57.72
N ASN FA 130 28.33 -111.82 -65.97
CA ASN FA 130 29.72 -111.72 -66.42
C ASN FA 130 29.88 -110.54 -67.39
N LEU FA 131 30.97 -109.80 -67.22
CA LEU FA 131 31.24 -108.65 -68.08
C LEU FA 131 31.71 -109.14 -69.45
N VAL FA 132 31.95 -108.17 -70.34
CA VAL FA 132 32.40 -108.48 -71.70
C VAL FA 132 33.55 -107.54 -72.07
N ARG FA 133 33.31 -106.24 -71.95
CA ARG FA 133 34.32 -105.23 -72.27
C ARG FA 133 33.80 -103.84 -71.98
N ALA FA 134 34.52 -102.81 -72.43
CA ALA FA 134 34.15 -101.41 -72.24
C ALA FA 134 34.03 -100.74 -73.60
N PRO FA 135 32.84 -100.76 -74.21
CA PRO FA 135 32.70 -100.14 -75.54
C PRO FA 135 32.88 -98.63 -75.47
N GLU FA 136 33.73 -98.10 -76.35
CA GLU FA 136 34.01 -96.68 -76.39
C GLU FA 136 32.94 -95.99 -77.22
N VAL FA 137 32.00 -95.34 -76.55
CA VAL FA 137 30.91 -94.62 -77.22
C VAL FA 137 31.28 -93.15 -77.31
N PRO FA 138 30.98 -92.45 -78.41
CA PRO FA 138 31.30 -91.03 -78.49
C PRO FA 138 30.64 -90.23 -77.38
N VAL FA 139 31.19 -89.05 -77.14
CA VAL FA 139 30.63 -88.18 -76.09
C VAL FA 139 29.32 -87.56 -76.54
N ILE FA 140 29.14 -87.35 -77.85
CA ILE FA 140 27.90 -86.78 -78.35
C ILE FA 140 26.72 -87.73 -78.19
N SER FA 141 26.99 -89.03 -78.02
CA SER FA 141 25.91 -89.99 -77.84
C SER FA 141 25.05 -89.65 -76.62
N GLY FA 142 25.63 -88.99 -75.63
CA GLY FA 142 24.89 -88.60 -74.45
C GLY FA 142 24.66 -89.70 -73.44
N ALA FA 143 25.40 -90.81 -73.55
CA ALA FA 143 25.24 -91.92 -72.62
C ALA FA 143 26.37 -92.92 -72.78
N PHE FA 144 27.06 -93.23 -71.69
CA PHE FA 144 28.12 -94.24 -71.71
C PHE FA 144 27.52 -95.62 -71.58
N CYS FA 145 27.98 -96.54 -72.42
CA CYS FA 145 27.47 -97.91 -72.44
C CYS FA 145 28.50 -98.86 -71.85
N TYR FA 146 27.99 -99.98 -71.32
CA TYR FA 146 28.87 -101.00 -70.72
C TYR FA 146 28.08 -102.32 -70.73
N ASP FA 147 28.25 -103.06 -71.83
CA ASP FA 147 27.56 -104.34 -71.96
C ASP FA 147 27.98 -105.30 -70.86
N VAL FA 148 27.06 -106.19 -70.50
CA VAL FA 148 27.32 -107.19 -69.46
C VAL FA 148 26.54 -108.45 -69.80
N VAL FA 149 27.20 -109.60 -69.70
CA VAL FA 149 26.56 -110.89 -69.99
C VAL FA 149 26.02 -111.46 -68.70
N LEU FA 150 24.85 -112.10 -68.79
CA LEU FA 150 24.21 -112.71 -67.63
C LEU FA 150 23.62 -114.06 -67.99
N MET FA 158 15.23 -109.14 -64.74
CA MET FA 158 14.94 -107.90 -65.43
C MET FA 158 15.12 -106.71 -64.49
N PRO FA 159 15.80 -105.67 -64.95
CA PRO FA 159 16.00 -104.49 -64.09
C PRO FA 159 14.74 -103.64 -63.98
N THR FA 160 14.60 -103.01 -62.83
CA THR FA 160 13.45 -102.14 -62.55
C THR FA 160 13.90 -100.84 -61.91
N LYS FA 161 12.95 -100.01 -61.48
CA LYS FA 161 13.30 -98.75 -60.84
C LYS FA 161 14.10 -98.97 -59.56
N GLU FA 162 13.76 -100.03 -58.81
CA GLU FA 162 14.49 -100.32 -57.58
C GLU FA 162 15.95 -100.68 -57.88
N ASN FA 163 16.18 -101.47 -58.93
CA ASN FA 163 17.55 -101.83 -59.29
C ASN FA 163 18.34 -100.61 -59.70
N LEU FA 164 17.72 -99.71 -60.49
CA LEU FA 164 18.42 -98.49 -60.90
C LEU FA 164 18.73 -97.61 -59.70
N ARG FA 165 17.80 -97.50 -58.75
CA ARG FA 165 18.05 -96.71 -57.55
C ARG FA 165 19.17 -97.31 -56.73
N SER FA 166 19.21 -98.64 -56.62
CA SER FA 166 20.29 -99.29 -55.88
C SER FA 166 21.63 -99.05 -56.55
N PHE FA 167 21.67 -99.13 -57.89
CA PHE FA 167 22.91 -98.88 -58.61
C PHE FA 167 23.36 -97.44 -58.42
N THR FA 168 22.42 -96.48 -58.45
CA THR FA 168 22.78 -95.08 -58.23
C THR FA 168 23.31 -94.87 -56.82
N LYS FA 169 22.68 -95.52 -55.83
CA LYS FA 169 23.17 -95.40 -54.46
C LYS FA 169 24.57 -95.99 -54.31
N ASP FA 170 24.82 -97.13 -54.96
CA ASP FA 170 26.15 -97.73 -54.91
C ASP FA 170 27.18 -96.82 -55.56
N ALA FA 171 26.83 -96.20 -56.70
CA ALA FA 171 27.74 -95.29 -57.36
C ALA FA 171 28.03 -94.06 -56.49
N HIS FA 172 26.99 -93.53 -55.83
CA HIS FA 172 27.18 -92.39 -54.94
C HIS FA 172 28.08 -92.76 -53.77
N ALA FA 173 27.91 -93.96 -53.21
CA ALA FA 173 28.76 -94.40 -52.12
C ALA FA 173 30.20 -94.55 -52.59
N LEU FA 174 30.41 -95.13 -53.78
CA LEU FA 174 31.76 -95.26 -54.32
C LEU FA 174 32.40 -93.90 -54.53
N ILE FA 175 31.62 -92.92 -55.01
CA ILE FA 175 32.15 -91.58 -55.21
C ILE FA 175 32.52 -90.95 -53.86
N TYR FA 176 31.66 -91.11 -52.86
CA TYR FA 176 31.94 -90.55 -51.54
C TYR FA 176 33.17 -91.21 -50.92
N LYS FA 177 33.42 -92.48 -51.23
CA LYS FA 177 34.60 -93.15 -50.70
C LYS FA 177 35.87 -92.42 -51.10
N ASP FA 178 35.92 -91.88 -52.31
CA ASP FA 178 37.08 -91.14 -52.79
C ASP FA 178 38.33 -92.02 -52.79
N LEU FA 179 38.59 -92.68 -53.90
CA LEU FA 179 39.75 -93.55 -54.04
C LEU FA 179 40.52 -93.18 -55.31
N PRO FA 180 41.84 -93.36 -55.32
CA PRO FA 180 42.62 -93.04 -56.51
C PRO FA 180 42.58 -94.15 -57.54
N PHE FA 181 42.95 -93.78 -58.76
CA PHE FA 181 42.97 -94.70 -59.90
C PHE FA 181 44.42 -95.10 -60.17
N GLU FA 182 44.80 -96.28 -59.69
CA GLU FA 182 46.16 -96.77 -59.89
C GLU FA 182 46.28 -97.39 -61.27
N THR FA 183 47.21 -96.90 -62.08
CA THR FA 183 47.42 -97.36 -63.44
C THR FA 183 48.75 -98.11 -63.53
N LEU FA 184 48.82 -99.03 -64.49
CA LEU FA 184 50.03 -99.81 -64.71
C LEU FA 184 50.10 -100.23 -66.17
N GLU FA 185 51.26 -100.06 -66.78
CA GLU FA 185 51.51 -100.50 -68.15
C GLU FA 185 52.16 -101.87 -68.08
N VAL FA 186 51.35 -102.91 -68.22
CA VAL FA 186 51.80 -104.28 -68.07
C VAL FA 186 51.59 -105.04 -69.37
N GLU FA 187 52.39 -106.08 -69.58
CA GLU FA 187 52.29 -106.90 -70.78
C GLU FA 187 50.98 -107.68 -70.76
N ALA FA 188 50.78 -108.50 -71.80
CA ALA FA 188 49.57 -109.29 -71.92
C ALA FA 188 49.60 -110.57 -71.09
N LYS FA 189 50.78 -111.06 -70.75
CA LYS FA 189 50.87 -112.29 -69.96
C LYS FA 189 50.22 -112.11 -68.59
N VAL FA 190 50.63 -111.08 -67.85
CA VAL FA 190 50.06 -110.84 -66.53
C VAL FA 190 48.59 -110.44 -66.65
N ALA FA 191 48.22 -109.74 -67.73
CA ALA FA 191 46.83 -109.38 -67.93
C ALA FA 191 45.96 -110.61 -68.07
N LEU FA 192 46.42 -111.61 -68.84
CA LEU FA 192 45.67 -112.85 -68.98
C LEU FA 192 45.69 -113.64 -67.67
N GLU FA 193 46.81 -113.63 -66.96
CA GLU FA 193 46.88 -114.32 -65.68
C GLU FA 193 45.86 -113.75 -64.69
N ILE FA 194 45.65 -112.43 -64.73
CA ILE FA 194 44.69 -111.81 -63.84
C ILE FA 194 43.27 -112.14 -64.28
N PHE FA 195 43.04 -112.21 -65.60
CA PHE FA 195 41.73 -112.52 -66.14
C PHE FA 195 41.73 -113.88 -66.83
N GLN FA 196 42.00 -114.94 -66.06
CA GLN FA 196 42.06 -116.30 -66.59
C GLN FA 196 40.74 -117.05 -66.41
N HIS FA 197 39.61 -116.35 -66.52
CA HIS FA 197 38.31 -116.97 -66.37
C HIS FA 197 37.35 -116.49 -67.44
N SER FA 198 37.16 -115.17 -67.53
CA SER FA 198 36.26 -114.59 -68.52
C SER FA 198 36.93 -114.60 -69.89
N LYS FA 199 36.31 -115.30 -70.85
CA LYS FA 199 36.89 -115.38 -72.18
C LYS FA 199 36.76 -114.05 -72.93
N TYR FA 200 35.71 -113.29 -72.66
CA TYR FA 200 35.53 -112.01 -73.32
C TYR FA 200 36.67 -111.06 -72.99
N LYS FA 201 37.02 -110.95 -71.71
CA LYS FA 201 38.14 -110.09 -71.32
C LYS FA 201 39.45 -110.61 -71.89
N VAL FA 202 39.61 -111.93 -72.00
CA VAL FA 202 40.82 -112.50 -72.59
C VAL FA 202 40.93 -112.06 -74.04
N ASP FA 203 39.84 -112.18 -74.80
CA ASP FA 203 39.86 -111.76 -76.20
C ASP FA 203 40.11 -110.26 -76.32
N PHE FA 204 39.51 -109.47 -75.43
CA PHE FA 204 39.73 -108.03 -75.46
C PHE FA 204 41.20 -107.69 -75.22
N ILE FA 205 41.82 -108.34 -74.24
CA ILE FA 205 43.23 -108.09 -73.94
C ILE FA 205 44.10 -108.53 -75.12
N GLU FA 206 43.76 -109.66 -75.73
CA GLU FA 206 44.52 -110.13 -76.89
C GLU FA 206 44.43 -109.14 -78.04
N GLU FA 207 43.23 -108.61 -78.30
CA GLU FA 207 43.07 -107.63 -79.37
C GLU FA 207 43.84 -106.35 -79.05
N LYS FA 208 43.79 -105.90 -77.80
CA LYS FA 208 44.50 -104.69 -77.42
C LYS FA 208 46.01 -104.87 -77.56
N ALA FA 209 46.50 -106.06 -77.23
CA ALA FA 209 47.93 -106.32 -77.38
C ALA FA 209 48.33 -106.40 -78.85
N SER FA 210 47.48 -107.02 -79.68
CA SER FA 210 47.77 -107.08 -81.11
C SER FA 210 47.75 -105.70 -81.75
N GLN FA 211 46.88 -104.81 -81.24
CA GLN FA 211 46.84 -103.45 -81.78
C GLN FA 211 48.14 -102.71 -81.52
N ASN FA 212 48.62 -102.74 -80.28
CA ASN FA 212 49.85 -102.07 -79.93
C ASN FA 212 51.04 -102.80 -80.57
N PRO FA 213 52.16 -102.10 -80.76
CA PRO FA 213 53.33 -102.77 -81.36
C PRO FA 213 53.89 -103.87 -80.49
N GLU FA 214 53.73 -103.78 -79.17
CA GLU FA 214 54.20 -104.78 -78.23
C GLU FA 214 53.01 -105.32 -77.43
N ARG FA 215 53.30 -106.22 -76.50
CA ARG FA 215 52.27 -106.81 -75.65
C ARG FA 215 51.87 -105.90 -74.49
N ILE FA 216 52.40 -104.68 -74.43
CA ILE FA 216 52.07 -103.79 -73.32
C ILE FA 216 50.58 -103.46 -73.35
N VAL FA 217 49.97 -103.42 -72.17
CA VAL FA 217 48.55 -103.12 -72.04
C VAL FA 217 48.35 -102.34 -70.75
N LYS FA 218 47.56 -101.27 -70.83
CA LYS FA 218 47.29 -100.44 -69.65
C LYS FA 218 46.22 -101.08 -68.79
N LEU FA 219 46.37 -100.94 -67.47
CA LEU FA 219 45.44 -101.50 -66.51
C LEU FA 219 44.99 -100.42 -65.55
N HIS FA 220 43.98 -100.74 -64.75
CA HIS FA 220 43.44 -99.82 -63.76
C HIS FA 220 42.97 -100.60 -62.55
N ARG FA 221 43.02 -99.96 -61.39
CA ARG FA 221 42.61 -100.58 -60.13
C ARG FA 221 41.85 -99.57 -59.29
N ILE FA 222 40.70 -100.00 -58.76
CA ILE FA 222 39.87 -99.16 -57.91
C ILE FA 222 39.53 -99.94 -56.64
N GLY FA 223 40.46 -99.95 -55.69
CA GLY FA 223 40.25 -100.67 -54.45
C GLY FA 223 40.26 -102.17 -54.64
N ASP FA 224 39.08 -102.75 -54.88
CA ASP FA 224 38.93 -104.18 -55.09
C ASP FA 224 38.38 -104.48 -56.48
N PHE FA 225 38.49 -103.54 -57.42
CA PHE FA 225 37.99 -103.71 -58.78
C PHE FA 225 39.11 -103.37 -59.75
N ILE FA 226 39.32 -104.26 -60.72
CA ILE FA 226 40.35 -104.08 -61.75
C ILE FA 226 39.72 -104.35 -63.11
N ASP FA 227 40.07 -103.50 -64.08
CA ASP FA 227 39.54 -103.63 -65.43
C ASP FA 227 40.55 -103.06 -66.42
N VAL FA 228 40.46 -103.52 -67.66
CA VAL FA 228 41.35 -103.08 -68.72
C VAL FA 228 40.65 -102.03 -69.55
N SER FA 229 41.42 -101.06 -70.05
CA SER FA 229 40.89 -99.98 -70.87
C SER FA 229 41.99 -99.54 -71.84
N GLU FA 230 41.80 -98.36 -72.45
CA GLU FA 230 42.76 -97.82 -73.40
C GLU FA 230 43.28 -96.47 -72.92
N GLY FA 231 42.49 -95.41 -72.99
CA GLY FA 231 42.95 -94.10 -72.59
C GLY FA 231 42.95 -93.93 -71.09
N PRO FA 232 43.50 -92.81 -70.63
CA PRO FA 232 43.55 -92.54 -69.19
C PRO FA 232 42.16 -92.35 -68.59
N LEU FA 233 42.10 -92.18 -67.26
CA LEU FA 233 40.84 -91.97 -66.57
C LEU FA 233 40.94 -90.78 -65.62
N ILE FA 234 39.90 -90.58 -64.81
CA ILE FA 234 39.90 -89.51 -63.81
C ILE FA 234 40.69 -90.00 -62.60
N PRO FA 235 41.57 -89.17 -62.03
CA PRO FA 235 42.37 -89.63 -60.88
C PRO FA 235 41.49 -90.03 -59.70
N ARG FA 236 40.79 -89.06 -59.11
CA ARG FA 236 39.95 -89.29 -57.95
C ARG FA 236 38.48 -89.33 -58.38
N THR FA 237 37.71 -90.17 -57.69
CA THR FA 237 36.29 -90.30 -57.99
C THR FA 237 35.48 -89.10 -57.51
N SER FA 238 36.05 -88.27 -56.63
CA SER FA 238 35.33 -87.11 -56.13
C SER FA 238 35.04 -86.09 -57.22
N ILE FA 239 35.80 -86.13 -58.32
CA ILE FA 239 35.57 -85.20 -59.43
C ILE FA 239 34.23 -85.43 -60.09
N CYS FA 240 33.65 -86.63 -59.93
CA CYS FA 240 32.34 -86.95 -60.51
C CYS FA 240 31.27 -86.50 -59.51
N PHE FA 241 30.65 -85.35 -59.79
CA PHE FA 241 29.64 -84.81 -58.90
C PHE FA 241 28.34 -85.60 -59.01
N GLN FA 242 27.67 -85.51 -60.16
CA GLN FA 242 26.41 -86.21 -60.38
C GLN FA 242 26.65 -87.55 -61.06
N TYR FA 243 25.71 -88.46 -60.86
CA TYR FA 243 25.79 -89.80 -61.44
C TYR FA 243 24.42 -90.45 -61.35
N GLU FA 244 23.96 -91.01 -62.46
CA GLU FA 244 22.66 -91.66 -62.51
C GLU FA 244 22.70 -92.79 -63.52
N VAL FA 245 21.65 -93.61 -63.51
CA VAL FA 245 21.51 -94.74 -64.42
C VAL FA 245 20.18 -94.56 -65.13
N SER FA 246 20.21 -94.29 -66.43
CA SER FA 246 19.01 -94.06 -67.21
C SER FA 246 18.13 -95.30 -67.26
N ALA FA 247 18.55 -96.30 -68.03
CA ALA FA 247 17.78 -97.53 -68.17
C ALA FA 247 18.72 -98.62 -68.68
N VAL FA 248 18.14 -99.73 -69.10
CA VAL FA 248 18.90 -100.88 -69.60
C VAL FA 248 18.32 -101.30 -70.94
N HIS FA 249 19.19 -101.73 -71.86
CA HIS FA 249 18.77 -102.16 -73.18
C HIS FA 249 19.54 -103.44 -73.54
N ASN FA 250 19.09 -104.09 -74.61
CA ASN FA 250 19.73 -105.32 -75.08
C ASN FA 250 20.74 -105.01 -76.17
N ILE FA 259 25.33 -109.20 -72.94
CA ILE FA 259 24.23 -109.14 -73.91
C ILE FA 259 23.38 -107.91 -73.63
N ARG FA 260 23.19 -107.60 -72.35
CA ARG FA 260 22.39 -106.45 -71.94
C ARG FA 260 23.25 -105.21 -71.92
N ARG FA 261 22.84 -104.19 -72.69
CA ARG FA 261 23.57 -102.93 -72.76
C ARG FA 261 22.99 -101.96 -71.75
N PHE FA 262 23.84 -101.44 -70.87
CA PHE FA 262 23.43 -100.50 -69.84
C PHE FA 262 23.69 -99.08 -70.30
N GLN FA 263 23.06 -98.13 -69.60
CA GLN FA 263 23.20 -96.72 -69.92
C GLN FA 263 23.35 -95.93 -68.62
N GLY FA 264 23.64 -94.64 -68.76
CA GLY FA 264 23.81 -93.77 -67.62
C GLY FA 264 24.39 -92.41 -67.98
N VAL FA 265 24.22 -91.43 -67.09
CA VAL FA 265 24.74 -90.09 -67.31
C VAL FA 265 25.37 -89.60 -66.01
N SER FA 266 26.39 -88.76 -66.14
CA SER FA 266 27.10 -88.23 -65.00
C SER FA 266 27.79 -86.93 -65.40
N LEU FA 267 27.80 -85.97 -64.48
CA LEU FA 267 28.45 -84.69 -64.68
C LEU FA 267 29.57 -84.49 -63.67
N PRO FA 268 30.68 -83.87 -64.06
CA PRO FA 268 31.80 -83.69 -63.13
C PRO FA 268 31.65 -82.44 -62.28
N VAL FA 269 32.55 -82.31 -61.31
CA VAL FA 269 32.57 -81.12 -60.47
C VAL FA 269 33.03 -79.91 -61.28
N HIS FA 270 32.62 -78.73 -60.83
CA HIS FA 270 32.89 -77.44 -61.46
C HIS FA 270 31.98 -77.20 -62.64
N LEU FA 271 31.02 -78.09 -62.93
CA LEU FA 271 30.09 -77.91 -64.04
C LEU FA 271 28.68 -78.30 -63.60
N ARG FA 272 28.30 -77.90 -62.38
CA ARG FA 272 26.99 -78.21 -61.86
C ARG FA 272 25.90 -77.56 -62.70
N ALA FA 273 25.24 -78.35 -63.54
CA ALA FA 273 24.20 -77.83 -64.42
C ALA FA 273 22.98 -77.41 -63.60
N HIS FA 274 21.95 -78.24 -63.56
CA HIS FA 274 20.73 -77.92 -62.83
C HIS FA 274 19.83 -79.16 -62.84
N PHE FA 275 18.85 -79.14 -61.94
CA PHE FA 275 17.90 -80.26 -61.87
C PHE FA 275 17.14 -80.42 -63.18
N THR FA 276 16.71 -79.30 -63.77
CA THR FA 276 15.98 -79.37 -65.04
C THR FA 276 16.88 -79.89 -66.15
N ILE FA 277 18.09 -79.35 -66.27
CA ILE FA 277 19.02 -79.81 -67.29
C ILE FA 277 19.39 -81.27 -67.03
N TRP FA 278 19.50 -81.65 -65.76
CA TRP FA 278 19.81 -83.03 -65.42
C TRP FA 278 18.71 -83.97 -65.88
N ASP FA 279 17.45 -83.61 -65.60
CA ASP FA 279 16.34 -84.44 -66.04
C ASP FA 279 16.25 -84.49 -67.56
N LYS FA 280 16.53 -83.37 -68.23
CA LYS FA 280 16.51 -83.37 -69.70
C LYS FA 280 17.58 -84.30 -70.26
N LEU FA 281 18.79 -84.24 -69.69
CA LEU FA 281 19.87 -85.13 -70.14
C LEU FA 281 19.51 -86.59 -69.87
N LEU FA 282 18.89 -86.87 -68.73
CA LEU FA 282 18.48 -88.24 -68.42
C LEU FA 282 17.45 -88.73 -69.43
N GLU FA 283 16.46 -87.90 -69.74
CA GLU FA 283 15.45 -88.28 -70.73
C GLU FA 283 16.08 -88.50 -72.11
N ARG FA 284 17.03 -87.65 -72.48
CA ARG FA 284 17.70 -87.81 -73.77
C ARG FA 284 18.52 -89.09 -73.81
N SER FA 285 19.17 -89.45 -72.70
CA SER FA 285 19.96 -90.66 -72.66
C SER FA 285 19.08 -91.91 -72.64
N ARG FA 286 17.88 -91.81 -72.06
CA ARG FA 286 16.96 -92.94 -72.00
C ARG FA 286 16.61 -93.42 -73.41
N LYS FA 287 17.54 -94.07 -74.08
CA LYS FA 287 17.32 -94.57 -75.43
C LYS FA 287 18.24 -95.75 -75.74
N ILE GA 1 -23.74 1.33 63.28
CA ILE GA 1 -22.56 1.71 64.06
C ILE GA 1 -22.74 1.28 65.51
N PRO GA 2 -22.67 -0.03 65.76
CA PRO GA 2 -22.82 -0.52 67.13
C PRO GA 2 -21.57 -0.31 67.98
N ILE GA 3 -21.57 0.75 68.79
CA ILE GA 3 -20.46 1.07 69.67
C ILE GA 3 -21.01 1.30 71.06
N GLU GA 4 -20.48 0.55 72.04
CA GLU GA 4 -20.91 0.67 73.42
C GLU GA 4 -20.03 1.69 74.13
N ASP GA 5 -20.12 1.73 75.47
CA ASP GA 5 -19.34 2.66 76.29
C ASP GA 5 -18.97 1.93 77.59
N PHE GA 6 -17.91 1.12 77.52
CA PHE GA 6 -17.44 0.37 78.67
C PHE GA 6 -16.43 1.17 79.50
N ILE GA 7 -15.54 1.91 78.84
CA ILE GA 7 -14.55 2.73 79.53
C ILE GA 7 -15.19 4.07 79.86
N THR GA 8 -15.07 4.49 81.12
CA THR GA 8 -15.67 5.74 81.54
C THR GA 8 -14.79 6.92 81.15
N PRO GA 9 -15.39 8.09 80.88
CA PRO GA 9 -14.58 9.28 80.55
C PRO GA 9 -13.72 9.73 81.72
N LEU GA 10 -13.37 11.03 81.73
CA LEU GA 10 -12.58 11.58 82.82
C LEU GA 10 -13.38 11.78 84.10
N LYS GA 11 -14.65 11.38 84.13
CA LYS GA 11 -15.46 11.55 85.33
C LYS GA 11 -14.89 10.79 86.52
N PHE GA 12 -14.10 9.74 86.28
CA PHE GA 12 -13.53 8.92 87.33
C PHE GA 12 -12.02 8.81 87.19
N LEU GA 13 -11.38 9.82 86.60
CA LEU GA 13 -9.94 9.83 86.38
C LEU GA 13 -9.39 11.24 86.60
N ASP GA 14 -9.67 11.81 87.76
CA ASP GA 14 -9.21 13.16 88.07
C ASP GA 14 -9.07 13.38 89.57
N LYS GA 15 -10.14 13.82 90.23
CA LYS GA 15 -10.09 14.19 91.64
C LYS GA 15 -10.51 13.00 92.51
N ALA GA 16 -9.63 12.01 92.56
CA ALA GA 16 -9.85 10.81 93.38
C ALA GA 16 -9.28 11.07 94.77
N ARG GA 17 -10.02 11.86 95.55
CA ARG GA 17 -9.59 12.25 96.89
C ARG GA 17 -10.69 12.04 97.93
N GLU GA 18 -11.78 11.34 97.60
CA GLU GA 18 -12.85 11.12 98.56
C GLU GA 18 -12.54 9.92 99.46
N ARG GA 19 -12.16 8.81 98.87
CA ARG GA 19 -11.83 7.58 99.61
C ARG GA 19 -10.44 7.11 99.18
N PRO GA 20 -9.39 7.86 99.51
CA PRO GA 20 -8.03 7.42 99.18
C PRO GA 20 -7.47 6.46 100.22
N GLN GA 21 -7.78 6.70 101.49
CA GLN GA 21 -7.27 5.88 102.57
C GLN GA 21 -8.25 4.78 102.92
N VAL GA 22 -7.72 3.60 103.24
CA VAL GA 22 -8.52 2.45 103.63
C VAL GA 22 -7.80 1.73 104.76
N GLU GA 23 -8.51 1.46 105.85
CA GLU GA 23 -7.95 0.81 107.02
C GLU GA 23 -8.93 -0.24 107.53
N LEU GA 24 -8.38 -1.38 107.98
CA LEU GA 24 -9.19 -2.46 108.52
C LEU GA 24 -8.48 -3.03 109.74
N THR GA 25 -9.07 -4.07 110.31
CA THR GA 25 -8.52 -4.74 111.50
C THR GA 25 -8.55 -6.25 111.28
N PHE GA 26 -7.83 -6.95 112.16
CA PHE GA 26 -7.77 -8.40 112.06
C PHE GA 26 -9.14 -9.03 112.31
N GLU GA 27 -9.87 -8.53 113.30
CA GLU GA 27 -11.20 -9.06 113.59
C GLU GA 27 -12.14 -8.84 112.40
N GLU GA 28 -12.04 -7.67 111.75
CA GLU GA 28 -12.87 -7.41 110.60
C GLU GA 28 -12.57 -8.39 109.47
N THR GA 29 -11.29 -8.64 109.19
CA THR GA 29 -10.93 -9.58 108.14
C THR GA 29 -11.39 -10.99 108.48
N GLU GA 30 -11.26 -11.39 109.75
CA GLU GA 30 -11.72 -12.71 110.15
C GLU GA 30 -13.22 -12.85 109.97
N ARG GA 31 -13.99 -11.85 110.39
CA ARG GA 31 -15.44 -11.88 110.20
C ARG GA 31 -15.79 -11.92 108.73
N ARG GA 32 -15.08 -11.15 107.90
CA ARG GA 32 -15.35 -11.16 106.47
C ARG GA 32 -15.09 -12.53 105.87
N ALA GA 33 -13.97 -13.16 106.25
CA ALA GA 33 -13.66 -14.49 105.73
C ALA GA 33 -14.70 -15.51 106.17
N LEU GA 34 -15.12 -15.45 107.44
CA LEU GA 34 -16.13 -16.38 107.93
C LEU GA 34 -17.45 -16.19 107.18
N LEU GA 35 -17.88 -14.94 106.99
CA LEU GA 35 -19.11 -14.69 106.27
C LEU GA 35 -19.01 -15.16 104.82
N LEU GA 36 -17.86 -14.95 104.19
CA LEU GA 36 -17.68 -15.41 102.82
C LEU GA 36 -17.75 -16.92 102.73
N LYS GA 37 -17.11 -17.62 103.67
CA LYS GA 37 -17.17 -19.08 103.67
C LYS GA 37 -18.59 -19.57 103.88
N LYS GA 38 -19.32 -18.96 104.81
CA LYS GA 38 -20.70 -19.36 105.06
C LYS GA 38 -21.58 -19.13 103.84
N TRP GA 39 -21.41 -17.98 103.19
CA TRP GA 39 -22.20 -17.68 101.99
C TRP GA 39 -21.84 -18.63 100.86
N SER GA 40 -20.57 -18.99 100.72
CA SER GA 40 -20.18 -19.95 99.70
C SER GA 40 -20.80 -21.31 99.96
N LEU GA 41 -20.80 -21.77 101.21
CA LEU GA 41 -21.43 -23.03 101.55
C LEU GA 41 -22.93 -22.99 101.26
N TYR GA 42 -23.59 -21.89 101.63
CA TYR GA 42 -25.02 -21.76 101.37
C TYR GA 42 -25.32 -21.78 99.88
N LYS GA 43 -24.52 -21.06 99.09
CA LYS GA 43 -24.73 -21.05 97.64
C LYS GA 43 -24.49 -22.42 97.04
N GLN GA 44 -23.48 -23.14 97.53
CA GLN GA 44 -23.24 -24.50 97.03
C GLN GA 44 -24.41 -25.41 97.35
N GLN GA 45 -24.94 -25.32 98.58
CA GLN GA 45 -26.10 -26.13 98.93
C GLN GA 45 -27.30 -25.79 98.07
N GLU GA 46 -27.53 -24.49 97.83
CA GLU GA 46 -28.66 -24.07 97.01
C GLU GA 46 -28.51 -24.58 95.57
N ARG GA 47 -27.30 -24.51 95.02
CA ARG GA 47 -27.08 -24.98 93.66
C ARG GA 47 -27.23 -26.50 93.58
N LYS GA 48 -26.80 -27.22 94.62
CA LYS GA 48 -27.00 -28.66 94.65
C LYS GA 48 -28.48 -29.00 94.69
N MET GA 49 -29.25 -28.28 95.50
CA MET GA 49 -30.68 -28.51 95.54
C MET GA 49 -31.33 -28.21 94.19
N GLU GA 50 -30.88 -27.13 93.53
CA GLU GA 50 -31.41 -26.79 92.22
C GLU GA 50 -31.10 -27.88 91.20
N ARG GA 51 -29.88 -28.42 91.24
CA ARG GA 51 -29.51 -29.50 90.32
C ARG GA 51 -30.32 -30.75 90.60
N ASP GA 52 -30.56 -31.06 91.88
CA ASP GA 52 -31.40 -32.21 92.22
C ASP GA 52 -32.82 -32.01 91.69
N THR GA 53 -33.36 -30.81 91.83
CA THR GA 53 -34.70 -30.54 91.32
C THR GA 53 -34.74 -30.64 89.80
N ILE GA 54 -33.67 -30.19 89.13
CA ILE GA 54 -33.60 -30.29 87.67
C ILE GA 54 -33.58 -31.75 87.26
N ARG GA 55 -32.79 -32.58 87.95
CA ARG GA 55 -32.73 -34.00 87.63
C ARG GA 55 -34.08 -34.66 87.86
N ALA GA 56 -34.76 -34.30 88.95
CA ALA GA 56 -36.07 -34.86 89.23
C ALA GA 56 -37.08 -34.47 88.14
N MET GA 57 -37.04 -33.21 87.71
CA MET GA 57 -37.94 -32.76 86.65
C MET GA 57 -37.65 -33.49 85.35
N LEU GA 58 -36.38 -33.69 85.02
CA LEU GA 58 -36.02 -34.41 83.81
C LEU GA 58 -36.50 -35.86 83.88
N GLU GA 59 -36.32 -36.51 85.02
CA GLU GA 59 -36.78 -37.89 85.17
C GLU GA 59 -38.30 -37.97 85.06
N ALA GA 60 -39.01 -37.02 85.66
CA ALA GA 60 -40.46 -37.01 85.57
C ALA GA 60 -40.93 -36.81 84.13
N GLN GA 61 -40.27 -35.90 83.40
CA GLN GA 61 -40.63 -35.67 82.01
C GLN GA 61 -40.38 -36.91 81.17
N GLN GA 62 -39.25 -37.59 81.40
CA GLN GA 62 -38.95 -38.81 80.66
C GLN GA 62 -39.98 -39.89 80.96
N GLU GA 63 -40.34 -40.06 82.23
CA GLU GA 63 -41.34 -41.06 82.59
C GLU GA 63 -42.68 -40.74 81.96
N ALA GA 64 -43.07 -39.46 81.96
CA ALA GA 64 -44.34 -39.08 81.36
C ALA GA 64 -44.33 -39.34 79.86
N LEU GA 65 -43.23 -39.01 79.20
CA LEU GA 65 -43.14 -39.27 77.75
C LEU GA 65 -43.21 -40.76 77.46
N GLU GA 66 -42.53 -41.58 78.27
CA GLU GA 66 -42.59 -43.02 78.07
C GLU GA 66 -44.00 -43.56 78.28
N GLU GA 67 -44.68 -43.08 79.33
CA GLU GA 67 -46.04 -43.52 79.59
C GLU GA 67 -46.98 -43.10 78.45
N LEU GA 68 -46.80 -41.90 77.93
CA LEU GA 68 -47.63 -41.44 76.81
C LEU GA 68 -47.37 -42.28 75.56
N GLN GA 69 -46.10 -42.58 75.27
CA GLN GA 69 -45.78 -43.41 74.12
C GLN GA 69 -46.35 -44.82 74.28
N LEU GA 70 -46.37 -45.34 75.51
CA LEU GA 70 -46.92 -46.67 75.75
C LEU GA 70 -48.43 -46.67 75.58
N GLU GA 71 -49.13 -45.71 76.20
CA GLU GA 71 -50.57 -45.61 76.12
C GLU GA 71 -51.04 -44.80 74.92
N SER GA 72 -50.13 -44.42 74.02
CA SER GA 72 -50.49 -43.62 72.85
C SER GA 72 -49.35 -43.65 71.84
N PRO GA 73 -49.31 -44.63 70.93
CA PRO GA 73 -48.23 -44.69 69.95
C PRO GA 73 -48.29 -43.61 68.88
N LYS GA 74 -49.33 -42.75 68.89
CA LYS GA 74 -49.47 -41.69 67.91
C LYS GA 74 -49.43 -40.30 68.52
N LEU GA 75 -49.68 -40.14 69.81
CA LEU GA 75 -49.67 -38.83 70.43
C LEU GA 75 -48.26 -38.38 70.79
N HIS GA 76 -47.35 -39.32 71.08
CA HIS GA 76 -45.98 -38.94 71.41
C HIS GA 76 -45.29 -38.26 70.24
N ALA GA 77 -45.62 -38.66 69.01
CA ALA GA 77 -45.00 -38.04 67.84
C ALA GA 77 -45.31 -36.56 67.78
N GLU GA 78 -46.61 -36.21 67.83
CA GLU GA 78 -47.00 -34.80 67.81
C GLU GA 78 -46.64 -34.07 69.10
N ALA GA 79 -46.43 -34.80 70.19
CA ALA GA 79 -46.03 -34.15 71.44
C ALA GA 79 -44.57 -33.76 71.42
N ILE GA 80 -43.71 -34.58 70.82
CA ILE GA 80 -42.29 -34.27 70.73
C ILE GA 80 -42.05 -33.06 69.82
N LYS GA 81 -43.03 -32.68 69.01
CA LYS GA 81 -42.88 -31.54 68.12
C LYS GA 81 -42.51 -30.29 68.91
N ARG GA 82 -41.80 -29.38 68.25
CA ARG GA 82 -41.36 -28.13 68.85
C ARG GA 82 -42.35 -27.03 68.45
N ASP GA 83 -43.06 -26.50 69.42
CA ASP GA 83 -44.05 -25.46 69.14
C ASP GA 83 -43.35 -24.13 68.89
N PRO GA 84 -43.59 -23.47 67.74
CA PRO GA 84 -42.94 -22.19 67.48
C PRO GA 84 -43.61 -21.01 68.15
N ASN GA 85 -44.69 -21.22 68.91
CA ASN GA 85 -45.37 -20.12 69.58
C ASN GA 85 -44.56 -19.56 70.75
N LEU GA 86 -43.57 -20.29 71.24
CA LEU GA 86 -42.75 -19.83 72.35
C LEU GA 86 -41.63 -18.89 71.92
N PHE GA 87 -41.50 -18.61 70.63
CA PHE GA 87 -40.44 -17.72 70.16
C PHE GA 87 -40.63 -16.30 70.68
N PRO GA 88 -41.76 -15.62 70.44
CA PRO GA 88 -41.96 -14.26 70.96
C PRO GA 88 -42.42 -14.27 72.42
N PHE GA 89 -41.63 -14.90 73.28
CA PHE GA 89 -41.95 -15.01 74.69
C PHE GA 89 -41.29 -13.88 75.48
N GLU GA 90 -42.04 -13.31 76.41
CA GLU GA 90 -41.55 -12.22 77.23
C GLU GA 90 -42.26 -12.26 78.58
N LYS GA 91 -41.52 -11.88 79.63
CA LYS GA 91 -42.07 -11.88 80.98
C LYS GA 91 -41.22 -10.97 81.85
N GLU GA 92 -41.87 -10.11 82.64
CA GLU GA 92 -41.16 -9.20 83.52
C GLU GA 92 -40.80 -9.89 84.83
N GLY GA 93 -39.92 -9.25 85.59
CA GLY GA 93 -39.47 -9.79 86.85
C GLY GA 93 -40.45 -9.50 87.97
N PRO GA 94 -40.13 -10.02 89.16
CA PRO GA 94 -41.01 -9.79 90.32
C PRO GA 94 -40.97 -8.36 90.82
N HIS GA 95 -41.82 -8.04 91.79
CA HIS GA 95 -41.89 -6.70 92.36
C HIS GA 95 -42.15 -6.80 93.85
N TYR GA 96 -41.53 -5.92 94.63
CA TYR GA 96 -41.75 -5.91 96.07
C TYR GA 96 -43.21 -5.65 96.40
N THR GA 97 -43.70 -4.47 96.04
CA THR GA 97 -45.08 -4.08 96.27
C THR GA 97 -45.83 -3.96 94.95
N PRO GA 98 -46.95 -4.65 94.77
CA PRO GA 98 -47.69 -4.53 93.50
C PRO GA 98 -48.12 -3.10 93.26
N PRO GA 99 -48.63 -2.79 92.06
CA PRO GA 99 -49.09 -1.43 91.73
C PRO GA 99 -50.12 -0.90 92.73
N ALA HA 1 59.53 -13.15 -27.78
CA ALA HA 1 59.42 -13.70 -26.43
C ALA HA 1 60.27 -14.97 -26.30
N ASP HA 2 61.59 -14.80 -26.28
CA ASP HA 2 62.51 -15.92 -26.17
C ASP HA 2 63.73 -15.47 -25.39
N ARG HA 3 64.04 -16.15 -24.29
CA ARG HA 3 65.20 -15.79 -23.48
C ARG HA 3 66.48 -16.39 -24.05
N MET HA 4 66.42 -17.62 -24.55
CA MET HA 4 67.61 -18.27 -25.09
C MET HA 4 68.02 -17.64 -26.42
N SER HA 5 67.07 -17.05 -27.15
CA SER HA 5 67.38 -16.43 -28.42
C SER HA 5 68.31 -15.24 -28.22
N LYS HA 6 69.56 -15.36 -28.66
CA LYS HA 6 70.51 -14.27 -28.52
C LYS HA 6 70.08 -13.06 -29.33
N TRP HA 7 69.97 -11.92 -28.66
CA TRP HA 7 69.58 -10.69 -29.34
C TRP HA 7 70.61 -10.31 -30.39
N THR HA 8 70.12 -9.92 -31.57
CA THR HA 8 70.98 -9.54 -32.67
C THR HA 8 70.26 -8.51 -33.53
N SER HA 9 70.80 -8.24 -34.72
CA SER HA 9 70.21 -7.26 -35.61
C SER HA 9 68.98 -7.79 -36.35
N LYS HA 10 68.73 -9.09 -36.31
CA LYS HA 10 67.57 -9.68 -36.97
C LYS HA 10 66.52 -10.04 -35.93
N ARG HA 11 65.98 -9.00 -35.29
CA ARG HA 11 64.98 -9.19 -34.25
C ARG HA 11 64.27 -7.89 -33.93
N GLY HA 12 65.02 -6.88 -33.47
CA GLY HA 12 64.45 -5.62 -33.07
C GLY HA 12 63.80 -4.88 -34.23
N PRO HA 13 63.32 -3.67 -33.96
CA PRO HA 13 62.72 -2.85 -35.01
C PRO HA 13 63.78 -2.09 -35.80
N ARG HA 14 63.31 -1.33 -36.79
CA ARG HA 14 64.23 -0.60 -37.67
C ARG HA 14 65.24 0.20 -36.87
N SER HA 15 64.80 0.88 -35.81
CA SER HA 15 65.70 1.71 -35.01
C SER HA 15 66.85 0.88 -34.46
N PHE HA 16 66.55 -0.09 -33.60
CA PHE HA 16 67.59 -0.91 -33.00
C PHE HA 16 68.28 -1.79 -34.04
N ARG HA 17 67.57 -2.15 -35.12
CA ARG HA 17 68.20 -2.93 -36.17
C ARG HA 17 69.34 -2.16 -36.82
N GLY HA 18 69.13 -0.88 -37.12
CA GLY HA 18 70.17 -0.06 -37.72
C GLY HA 18 71.15 0.52 -36.74
N ARG HA 19 70.80 0.56 -35.46
CA ARG HA 19 71.71 1.13 -34.45
C ARG HA 19 72.79 0.14 -34.06
N LYS HA 20 72.40 -1.02 -33.53
CA LYS HA 20 73.35 -2.01 -33.06
C LYS HA 20 74.20 -2.53 -34.21
N GLY HA 21 73.70 -3.53 -34.92
CA GLY HA 21 74.45 -4.12 -36.02
C GLY HA 21 75.62 -4.97 -35.53
N ARG HA 22 76.22 -5.73 -36.45
CA ARG HA 22 77.35 -6.58 -36.09
C ARG HA 22 78.57 -5.72 -35.79
N GLY HA 23 79.69 -6.38 -35.48
CA GLY HA 23 80.92 -5.70 -35.20
C GLY HA 23 81.38 -4.83 -36.34
N ALA HA 24 80.80 -3.64 -36.46
CA ALA HA 24 81.11 -2.75 -37.57
C ALA HA 24 82.38 -1.92 -37.31
N LYS HA 25 82.64 -1.57 -36.05
CA LYS HA 25 83.78 -0.74 -35.71
C LYS HA 25 83.72 0.58 -36.46
N GLY HA 26 83.16 1.60 -35.83
CA GLY HA 26 82.98 2.89 -36.46
C GLY HA 26 84.26 3.46 -37.06
N ILE HA 27 84.24 3.68 -38.37
CA ILE HA 27 85.40 4.25 -39.07
C ILE HA 27 85.24 5.75 -39.31
N GLY HA 28 84.02 6.26 -39.36
CA GLY HA 28 83.79 7.67 -39.58
C GLY HA 28 82.67 8.24 -38.74
N PHE HA 29 81.80 9.04 -39.35
CA PHE HA 29 80.68 9.65 -38.64
C PHE HA 29 79.73 10.23 -39.68
N LEU HA 30 78.60 10.75 -39.21
CA LEU HA 30 77.59 11.35 -40.05
C LEU HA 30 77.64 12.86 -39.94
N THR HA 31 77.22 13.55 -41.01
CA THR HA 31 77.24 15.01 -41.08
C THR HA 31 75.85 15.52 -41.44
N SER HA 32 74.94 15.46 -40.47
CA SER HA 32 73.60 16.02 -40.62
C SER HA 32 72.85 15.39 -41.78
N GLY HA 33 73.21 15.76 -43.01
CA GLY HA 33 72.47 15.34 -44.19
C GLY HA 33 72.76 13.93 -44.64
N TRP HA 34 72.85 12.99 -43.71
CA TRP HA 34 73.08 11.58 -44.03
C TRP HA 34 74.26 11.40 -44.97
N ARG HA 35 75.28 12.24 -44.83
CA ARG HA 35 76.48 12.20 -45.67
C ARG HA 35 77.62 11.67 -44.82
N PHE HA 36 77.88 10.37 -44.92
CA PHE HA 36 78.95 9.76 -44.14
C PHE HA 36 80.30 10.32 -44.57
N VAL HA 37 81.21 10.42 -43.60
CA VAL HA 37 82.55 10.94 -43.82
C VAL HA 37 83.53 9.81 -43.58
N GLN HA 38 84.21 9.37 -44.64
CA GLN HA 38 85.18 8.29 -44.54
C GLN HA 38 86.54 8.88 -44.22
N ILE HA 39 86.92 8.85 -42.95
CA ILE HA 39 88.21 9.40 -42.53
C ILE HA 39 89.31 8.50 -43.05
N LYS HA 40 90.16 9.04 -43.93
CA LYS HA 40 91.24 8.25 -44.51
C LYS HA 40 92.22 7.78 -43.45
N GLU HA 41 92.35 8.52 -42.35
CA GLU HA 41 93.29 8.13 -41.31
C GLU HA 41 92.80 6.92 -40.53
N MET HA 42 91.48 6.76 -40.40
CA MET HA 42 90.92 5.63 -39.65
C MET HA 42 90.80 4.38 -40.50
N VAL HA 43 90.92 4.49 -41.82
CA VAL HA 43 90.84 3.31 -42.69
C VAL HA 43 92.14 2.52 -42.57
N PRO HA 44 92.09 1.22 -42.30
CA PRO HA 44 93.34 0.46 -42.16
C PRO HA 44 94.04 0.26 -43.51
N GLU HA 45 95.35 0.12 -43.45
CA GLU HA 45 96.19 -0.10 -44.62
C GLU HA 45 97.02 -1.34 -44.39
N PHE HA 46 96.67 -2.43 -45.08
CA PHE HA 46 97.38 -3.70 -44.91
C PHE HA 46 98.79 -3.56 -45.47
N VAL HA 47 99.78 -3.51 -44.57
CA VAL HA 47 101.18 -3.41 -44.96
C VAL HA 47 101.68 -4.80 -45.36
N VAL HA 48 101.56 -5.14 -46.64
CA VAL HA 48 101.96 -6.43 -47.17
C VAL HA 48 103.26 -6.26 -47.95
N PRO HA 49 104.37 -6.82 -47.50
CA PRO HA 49 105.63 -6.69 -48.25
C PRO HA 49 105.62 -7.63 -49.46
N ASP HA 50 106.70 -7.55 -50.24
CA ASP HA 50 106.85 -8.36 -51.44
C ASP HA 50 107.44 -9.72 -51.06
N LEU HA 51 106.78 -10.79 -51.53
CA LEU HA 51 107.23 -12.15 -51.25
C LEU HA 51 108.11 -12.66 -52.39
N THR HA 52 109.19 -11.92 -52.65
CA THR HA 52 110.13 -12.23 -53.71
C THR HA 52 111.39 -12.85 -53.11
N GLY HA 53 111.72 -14.05 -53.56
CA GLY HA 53 112.92 -14.72 -53.08
C GLY HA 53 112.84 -15.15 -51.63
N PHE HA 54 111.69 -15.69 -51.20
CA PHE HA 54 111.54 -16.15 -49.83
C PHE HA 54 112.18 -17.51 -49.66
N LYS HA 55 112.95 -17.69 -48.59
CA LYS HA 55 113.66 -18.94 -48.36
C LYS HA 55 112.76 -19.97 -47.69
N LEU HA 56 112.20 -19.63 -46.54
CA LEU HA 56 111.40 -20.58 -45.78
C LEU HA 56 110.10 -20.91 -46.54
N LYS HA 57 109.38 -21.89 -46.01
CA LYS HA 57 108.13 -22.35 -46.58
C LYS HA 57 107.16 -22.60 -45.45
N PRO HA 58 105.85 -22.58 -45.73
CA PRO HA 58 104.86 -22.75 -44.65
C PRO HA 58 104.89 -24.12 -43.99
N TYR HA 59 105.63 -25.08 -44.52
CA TYR HA 59 105.72 -26.42 -43.95
C TYR HA 59 107.18 -26.78 -43.75
N VAL HA 60 107.46 -27.47 -42.66
CA VAL HA 60 108.82 -27.88 -42.32
C VAL HA 60 108.99 -29.34 -42.70
N SER HA 61 110.24 -29.80 -42.74
CA SER HA 61 110.57 -31.18 -43.03
C SER HA 61 110.87 -31.93 -41.74
N TYR HA 62 110.39 -33.17 -41.66
CA TYR HA 62 110.61 -33.99 -40.46
C TYR HA 62 112.09 -34.29 -40.24
N LEU HA 63 112.91 -34.21 -41.28
CA LEU HA 63 114.33 -34.50 -41.14
C LEU HA 63 115.05 -33.45 -40.29
N ALA HA 64 114.45 -32.29 -40.09
CA ALA HA 64 115.08 -31.26 -39.28
C ALA HA 64 115.22 -31.73 -37.84
N PRO HA 65 116.20 -31.18 -37.10
CA PRO HA 65 116.39 -31.60 -35.71
C PRO HA 65 115.33 -31.03 -34.78
N GLU HA 66 115.39 -31.40 -33.51
CA GLU HA 66 114.45 -30.94 -32.49
C GLU HA 66 115.21 -30.24 -31.38
N SER HA 67 114.70 -29.08 -30.96
CA SER HA 67 115.30 -28.29 -29.91
C SER HA 67 114.30 -28.08 -28.78
N GLU HA 68 114.84 -27.82 -27.59
CA GLU HA 68 114.01 -27.60 -26.41
C GLU HA 68 113.37 -26.22 -26.46
N GLU HA 69 112.24 -26.09 -25.78
CA GLU HA 69 111.50 -24.84 -25.72
C GLU HA 69 111.98 -24.00 -24.54
N THR HA 70 112.25 -22.72 -24.79
CA THR HA 70 112.73 -21.81 -23.76
C THR HA 70 112.07 -20.45 -23.97
N PRO HA 71 110.94 -20.19 -23.32
CA PRO HA 71 110.27 -18.89 -23.47
C PRO HA 71 111.20 -17.75 -23.13
N LEU HA 72 111.39 -16.84 -24.09
CA LEU HA 72 112.26 -15.69 -23.89
C LEU HA 72 111.71 -14.80 -22.77
N THR HA 73 112.62 -14.34 -21.91
CA THR HA 73 112.27 -13.48 -20.79
C THR HA 73 113.02 -12.16 -20.90
N ALA HA 74 112.69 -11.24 -20.00
CA ALA HA 74 113.32 -9.92 -20.02
C ALA HA 74 114.80 -10.01 -19.63
N ALA HA 75 115.14 -10.92 -18.71
CA ALA HA 75 116.52 -11.05 -18.28
C ALA HA 75 117.43 -11.46 -19.44
N GLN HA 76 116.95 -12.39 -20.28
CA GLN HA 76 117.76 -12.83 -21.42
C GLN HA 76 117.95 -11.69 -22.43
N LEU HA 77 116.89 -10.93 -22.70
CA LEU HA 77 117.01 -9.81 -23.63
C LEU HA 77 117.98 -8.76 -23.08
N PHE HA 78 117.92 -8.50 -21.77
CA PHE HA 78 118.84 -7.54 -21.17
C PHE HA 78 120.28 -8.03 -21.25
N SER HA 79 120.51 -9.31 -20.96
CA SER HA 79 121.85 -9.86 -21.06
C SER HA 79 122.37 -9.79 -22.49
N GLU HA 80 121.49 -10.02 -23.46
CA GLU HA 80 121.90 -9.91 -24.86
C GLU HA 80 122.26 -8.48 -25.22
N ALA HA 81 121.33 -7.55 -25.03
CA ALA HA 81 121.59 -6.12 -25.29
C ALA HA 81 122.30 -5.54 -24.06
N VAL HA 82 123.60 -5.84 -23.96
CA VAL HA 82 124.40 -5.43 -22.82
C VAL HA 82 125.67 -4.74 -23.31
N ALA HA 83 125.58 -4.10 -24.49
CA ALA HA 83 126.76 -3.43 -25.04
C ALA HA 83 127.15 -2.21 -24.22
N PRO HA 84 126.27 -1.23 -23.99
CA PRO HA 84 126.70 -0.06 -23.20
C PRO HA 84 127.00 -0.39 -21.76
N ALA HA 85 126.30 -1.36 -21.17
CA ALA HA 85 126.57 -1.73 -19.79
C ALA HA 85 128.01 -2.22 -19.62
N ILE HA 86 128.51 -2.97 -20.60
CA ILE HA 86 129.90 -3.44 -20.54
C ILE HA 86 130.86 -2.32 -20.95
N GLU HA 87 130.47 -1.49 -21.91
CA GLU HA 87 131.31 -0.38 -22.34
C GLU HA 87 131.51 0.64 -21.23
N LYS HA 88 130.61 0.71 -20.26
CA LYS HA 88 130.76 1.64 -19.16
C LYS HA 88 132.07 1.41 -18.42
N ASP HA 89 132.48 0.15 -18.29
CA ASP HA 89 133.72 -0.18 -17.59
C ASP HA 89 134.92 0.38 -18.35
N GLY HA 104 122.25 4.29 -23.97
CA GLY HA 104 121.00 4.65 -24.61
C GLY HA 104 119.82 3.86 -24.07
N PHE HA 105 118.77 4.57 -23.66
CA PHE HA 105 117.58 3.93 -23.13
C PHE HA 105 116.42 4.91 -23.20
N GLU HA 106 115.22 4.37 -23.38
CA GLU HA 106 114.01 5.18 -23.47
C GLU HA 106 113.16 5.01 -22.22
N PRO HA 107 113.50 5.68 -21.12
CA PRO HA 107 112.69 5.53 -19.90
C PRO HA 107 111.28 6.05 -20.07
N THR HA 108 111.15 7.31 -20.47
CA THR HA 108 109.85 7.94 -20.71
C THR HA 108 109.55 7.93 -22.20
N GLN HA 109 108.41 7.37 -22.56
CA GLN HA 109 107.98 7.26 -23.95
C GLN HA 109 106.54 7.74 -24.11
N GLU HA 110 106.22 8.88 -23.50
CA GLU HA 110 104.87 9.42 -23.61
C GLU HA 110 104.64 10.05 -24.98
N GLY HA 111 105.67 10.68 -25.54
CA GLY HA 111 105.55 11.30 -26.85
C GLY HA 111 106.14 10.45 -27.96
N LYS HA 112 106.18 9.14 -27.75
CA LYS HA 112 106.73 8.23 -28.74
C LYS HA 112 105.69 7.90 -29.79
N LEU HA 113 106.17 7.42 -30.94
CA LEU HA 113 105.29 7.05 -32.04
C LEU HA 113 104.34 5.94 -31.62
N PHE HA 114 104.88 4.75 -31.35
CA PHE HA 114 104.10 3.61 -30.89
C PHE HA 114 104.43 3.38 -29.42
N GLN HA 115 103.62 3.96 -28.53
CA GLN HA 115 103.84 3.82 -27.11
C GLN HA 115 103.67 2.36 -26.69
N LEU HA 116 104.42 1.96 -25.66
CA LEU HA 116 104.45 0.56 -25.22
C LEU HA 116 103.32 0.26 -24.25
N TYR HA 117 103.38 0.87 -23.06
CA TYR HA 117 102.37 0.56 -22.04
C TYR HA 117 100.95 0.81 -22.53
N PRO HA 118 100.59 2.00 -23.01
CA PRO HA 118 99.26 2.21 -23.59
C PRO HA 118 99.19 1.64 -24.99
N ARG HA 119 98.43 0.55 -25.15
CA ARG HA 119 98.32 -0.12 -26.44
C ARG HA 119 97.82 0.82 -27.51
N ASN HA 120 98.73 1.46 -28.24
CA ASN HA 120 98.39 2.37 -29.32
C ASN HA 120 98.67 1.79 -30.71
N PHE HA 121 99.49 0.76 -30.80
CA PHE HA 121 99.80 0.11 -32.07
C PHE HA 121 98.97 -1.15 -32.22
N LEU HA 122 98.39 -1.35 -33.41
CA LEU HA 122 97.55 -2.50 -33.66
C LEU HA 122 98.43 -3.74 -33.87
N ARG HA 123 98.23 -4.75 -33.03
CA ARG HA 123 99.00 -5.98 -33.12
C ARG HA 123 100.50 -5.71 -33.07
N THR IA 1 -2.12 -117.14 12.28
CA THR IA 1 -2.95 -116.65 11.19
C THR IA 1 -2.79 -115.14 11.02
N TYR IA 2 -2.47 -114.46 12.12
CA TYR IA 2 -2.30 -113.02 12.07
C TYR IA 2 -1.11 -112.65 11.19
N SER IA 3 -1.24 -111.54 10.46
CA SER IA 3 -0.19 -111.07 9.58
C SER IA 3 -0.14 -109.54 9.57
N PRO IA 4 0.92 -108.93 10.08
CA PRO IA 4 0.96 -107.45 10.09
C PRO IA 4 1.05 -106.83 8.71
N LEU IA 5 1.56 -107.57 7.72
CA LEU IA 5 1.67 -107.08 6.35
C LEU IA 5 1.38 -108.22 5.39
N PRO IA 6 0.90 -107.90 4.19
CA PRO IA 6 0.58 -108.97 3.22
C PRO IA 6 1.85 -109.62 2.69
N ASP IA 7 1.98 -110.93 2.93
CA ASP IA 7 3.14 -111.69 2.47
C ASP IA 7 2.90 -112.15 1.03
N ASP IA 8 3.02 -111.20 0.11
CA ASP IA 8 2.82 -111.48 -1.31
C ASP IA 8 3.83 -110.76 -2.19
N TYR IA 9 4.99 -110.38 -1.65
CA TYR IA 9 6.01 -109.68 -2.42
C TYR IA 9 7.27 -109.58 -1.58
N ASN IA 10 8.42 -109.54 -2.27
CA ASN IA 10 9.71 -109.41 -1.60
C ASN IA 10 10.00 -110.63 -0.74
N CYS IA 11 9.25 -110.81 0.35
CA CYS IA 11 9.47 -111.93 1.25
C CYS IA 11 8.29 -111.99 2.22
N ASN IA 12 8.28 -113.03 3.03
CA ASN IA 12 7.23 -113.22 4.02
C ASN IA 12 7.55 -112.41 5.28
N VAL IA 13 6.70 -112.57 6.30
CA VAL IA 13 6.85 -111.86 7.56
C VAL IA 13 6.60 -112.85 8.69
N GLU IA 14 7.56 -112.97 9.60
CA GLU IA 14 7.44 -113.89 10.74
C GLU IA 14 8.27 -113.33 11.89
N LEU IA 15 7.63 -112.54 12.74
CA LEU IA 15 8.30 -111.95 13.89
C LEU IA 15 8.38 -112.99 15.02
N ALA IA 16 9.57 -113.13 15.61
CA ALA IA 16 9.81 -114.10 16.66
C ALA IA 16 10.43 -113.41 17.87
N LEU IA 17 10.42 -114.11 19.00
CA LEU IA 17 10.99 -113.60 20.24
C LEU IA 17 11.65 -114.75 20.99
N THR IA 18 12.75 -114.43 21.68
CA THR IA 18 13.47 -115.43 22.45
C THR IA 18 12.79 -115.65 23.79
N SER IA 19 13.20 -116.74 24.46
CA SER IA 19 12.62 -117.05 25.76
C SER IA 19 12.94 -115.98 26.79
N ASP IA 20 14.11 -115.36 26.70
CA ASP IA 20 14.49 -114.30 27.63
C ASP IA 20 13.89 -112.94 27.28
N GLY IA 21 13.36 -112.78 26.06
CA GLY IA 21 12.79 -111.52 25.67
C GLY IA 21 13.78 -110.39 25.53
N ARG IA 22 15.06 -110.69 25.39
CA ARG IA 22 16.10 -109.66 25.26
C ARG IA 22 16.53 -109.43 23.81
N THR IA 23 16.32 -110.39 22.93
CA THR IA 23 16.69 -110.27 21.53
C THR IA 23 15.54 -110.72 20.65
N ILE IA 24 15.26 -109.94 19.61
CA ILE IA 24 14.20 -110.25 18.67
C ILE IA 24 14.76 -111.04 17.51
N VAL IA 25 13.97 -111.98 16.98
CA VAL IA 25 14.36 -112.79 15.85
C VAL IA 25 13.25 -112.76 14.82
N CYS IA 26 13.62 -112.94 13.55
CA CYS IA 26 12.68 -112.91 12.45
C CYS IA 26 13.06 -113.98 11.43
N TYR IA 27 12.14 -114.23 10.49
CA TYR IA 27 12.36 -115.20 9.42
C TYR IA 27 11.63 -114.69 8.19
N HIS IA 28 12.39 -114.10 7.25
CA HIS IA 28 11.85 -113.47 6.06
C HIS IA 28 12.34 -114.23 4.83
N PRO IA 29 11.77 -115.39 4.54
CA PRO IA 29 12.17 -116.13 3.33
C PRO IA 29 11.70 -115.41 2.08
N SER IA 30 12.58 -115.37 1.08
CA SER IA 30 12.27 -114.69 -0.17
C SER IA 30 11.10 -115.36 -0.88
N VAL IA 31 10.27 -114.56 -1.51
CA VAL IA 31 9.11 -115.06 -2.25
C VAL IA 31 9.52 -115.35 -3.68
N ASP IA 32 9.05 -116.48 -4.21
CA ASP IA 32 9.35 -116.90 -5.57
C ASP IA 32 8.24 -116.46 -6.51
N ILE IA 33 8.63 -116.00 -7.70
CA ILE IA 33 7.68 -115.55 -8.70
C ILE IA 33 6.93 -116.76 -9.24
N PRO IA 34 5.61 -116.84 -9.09
CA PRO IA 34 4.88 -118.00 -9.62
C PRO IA 34 5.08 -118.16 -11.12
N TYR IA 35 4.61 -119.30 -11.62
CA TYR IA 35 4.74 -119.60 -13.05
C TYR IA 35 3.64 -118.94 -13.87
N GLU IA 36 2.48 -118.69 -13.27
CA GLU IA 36 1.35 -118.09 -13.98
C GLU IA 36 1.33 -116.57 -13.86
N HIS IA 37 2.40 -115.95 -13.36
CA HIS IA 37 2.46 -114.51 -13.22
C HIS IA 37 3.53 -113.92 -14.13
N THR IA 38 3.53 -114.35 -15.40
CA THR IA 38 4.52 -113.88 -16.36
C THR IA 38 3.86 -113.82 -17.73
N LYS IA 39 4.64 -113.43 -18.74
CA LYS IA 39 4.18 -113.34 -20.11
C LYS IA 39 5.20 -113.97 -21.05
N PRO IA 40 4.77 -114.46 -22.20
CA PRO IA 40 5.72 -115.06 -23.14
C PRO IA 40 6.49 -114.01 -23.91
N ILE IA 41 7.78 -114.28 -24.10
CA ILE IA 41 8.67 -113.37 -24.82
C ILE IA 41 8.14 -113.21 -26.24
N PRO IA 42 7.67 -112.03 -26.64
CA PRO IA 42 7.16 -111.86 -28.00
C PRO IA 42 8.29 -111.76 -29.03
N ARG IA 43 7.96 -112.14 -30.25
CA ARG IA 43 8.92 -112.11 -31.35
C ARG IA 43 8.21 -111.90 -32.68
N GLU IA 70 18.71 -77.97 -39.19
CA GLU IA 70 18.86 -79.31 -38.63
C GLU IA 70 19.07 -79.25 -37.13
N GLU IA 71 19.58 -78.12 -36.63
CA GLU IA 71 19.83 -77.96 -35.21
C GLU IA 71 18.52 -77.99 -34.42
N GLY IA 72 17.60 -77.11 -34.76
CA GLY IA 72 16.33 -77.02 -34.07
C GLY IA 72 15.53 -78.30 -34.15
N PRO IA 73 15.31 -78.80 -35.36
CA PRO IA 73 14.56 -80.07 -35.50
C PRO IA 73 15.23 -81.24 -34.79
N MET IA 74 16.55 -81.35 -34.88
CA MET IA 74 17.24 -82.45 -34.21
C MET IA 74 17.10 -82.34 -32.70
N ILE IA 75 17.23 -81.12 -32.15
CA ILE IA 75 17.10 -80.94 -30.71
C ILE IA 75 15.67 -81.26 -30.27
N GLU IA 76 14.69 -80.84 -31.06
CA GLU IA 76 13.29 -81.14 -30.72
C GLU IA 76 13.04 -82.64 -30.74
N GLN IA 77 13.57 -83.33 -31.74
CA GLN IA 77 13.41 -84.78 -31.81
C GLN IA 77 14.06 -85.46 -30.62
N LEU IA 78 15.27 -85.03 -30.26
CA LEU IA 78 15.95 -85.62 -29.11
C LEU IA 78 15.17 -85.37 -27.83
N SER IA 79 14.61 -84.16 -27.67
CA SER IA 79 13.83 -83.86 -26.47
C SER IA 79 12.57 -84.71 -26.42
N LYS IA 80 11.88 -84.88 -27.56
CA LYS IA 80 10.68 -85.70 -27.58
C LYS IA 80 11.00 -87.17 -27.34
N MET IA 81 12.19 -87.62 -27.75
CA MET IA 81 12.57 -89.01 -27.54
C MET IA 81 12.96 -89.27 -26.09
N PHE IA 82 13.71 -88.36 -25.48
CA PHE IA 82 14.15 -88.51 -24.10
C PHE IA 82 13.24 -87.80 -23.11
N PHE IA 83 12.22 -87.09 -23.58
CA PHE IA 83 11.28 -86.38 -22.70
C PHE IA 83 11.99 -85.37 -21.81
N THR IA 84 13.06 -84.77 -22.32
CA THR IA 84 13.83 -83.77 -21.59
C THR IA 84 13.63 -82.40 -22.24
N THR IA 85 14.19 -81.38 -21.58
CA THR IA 85 14.08 -80.02 -22.07
C THR IA 85 15.09 -79.75 -23.18
N LYS IA 86 14.87 -78.65 -23.90
CA LYS IA 86 15.73 -78.25 -25.00
C LYS IA 86 16.88 -77.36 -24.55
N HIS IA 87 17.13 -77.27 -23.25
CA HIS IA 87 18.19 -76.41 -22.74
C HIS IA 87 19.50 -77.16 -22.53
N ARG IA 88 19.44 -78.36 -21.95
CA ARG IA 88 20.65 -79.14 -21.70
C ARG IA 88 21.25 -79.74 -22.96
N TRP IA 89 20.52 -79.72 -24.09
CA TRP IA 89 21.04 -80.33 -25.30
C TRP IA 89 22.14 -79.49 -25.92
N TYR IA 90 22.04 -78.17 -25.81
CA TYR IA 90 23.04 -77.29 -26.39
C TYR IA 90 24.38 -77.47 -25.67
N PRO IA 91 25.49 -77.17 -26.35
CA PRO IA 91 26.81 -77.33 -25.73
C PRO IA 91 27.11 -76.18 -24.77
N HIS IA 92 28.33 -76.22 -24.22
CA HIS IA 92 28.80 -75.18 -23.31
C HIS IA 92 30.16 -74.68 -23.76
N GLY IA 93 30.52 -73.51 -23.26
CA GLY IA 93 31.79 -72.89 -23.63
C GLY IA 93 32.98 -73.68 -23.14
N ARG IA 94 34.18 -73.20 -23.46
CA ARG IA 94 35.40 -73.88 -23.03
C ARG IA 94 35.64 -73.76 -21.53
N TYR IA 95 35.06 -72.75 -20.88
CA TYR IA 95 35.24 -72.59 -19.44
C TYR IA 95 34.75 -73.82 -18.69
N HIS IA 96 33.48 -74.19 -18.90
CA HIS IA 96 32.94 -75.36 -18.23
C HIS IA 96 33.60 -76.65 -18.73
N ARG IA 97 34.01 -76.69 -19.99
CA ARG IA 97 34.69 -77.88 -20.51
C ARG IA 97 36.00 -78.13 -19.78
N CYS IA 98 36.77 -77.07 -19.54
CA CYS IA 98 38.03 -77.22 -18.82
C CYS IA 98 37.80 -77.41 -17.33
N ARG IA 99 36.76 -76.79 -16.77
CA ARG IA 99 36.46 -76.98 -15.35
C ARG IA 99 36.07 -78.41 -15.03
N LYS IA 100 35.64 -79.18 -16.04
CA LYS IA 100 35.27 -80.57 -15.81
C LYS IA 100 36.51 -81.40 -15.49
N ASN IA 101 36.36 -82.33 -14.54
CA ASN IA 101 37.45 -83.21 -14.13
C ASN IA 101 37.42 -84.47 -14.97
N LEU IA 102 38.47 -84.69 -15.76
CA LEU IA 102 38.58 -85.87 -16.60
C LEU IA 102 39.10 -87.09 -15.86
N ASN IA 103 39.64 -86.91 -14.65
CA ASN IA 103 40.18 -88.00 -13.85
C ASN IA 103 39.44 -88.05 -12.52
N PRO IA 104 38.19 -88.50 -12.52
CA PRO IA 104 37.42 -88.55 -11.28
C PRO IA 104 37.98 -89.61 -10.34
N PRO IA 105 37.62 -89.56 -9.05
CA PRO IA 105 38.11 -90.55 -8.10
C PRO IA 105 37.38 -91.87 -8.26
N LYS IA 106 38.13 -92.92 -8.59
CA LYS IA 106 37.53 -94.24 -8.79
C LYS IA 106 37.04 -94.79 -7.45
N ASP IA 107 35.74 -95.04 -7.36
CA ASP IA 107 35.12 -95.57 -6.15
C ASP IA 107 34.55 -96.94 -6.43
N ARG IA 108 34.88 -97.91 -5.59
CA ARG IA 108 34.39 -99.27 -5.74
C ARG IA 108 34.82 -99.86 -7.08
N THR JA 1 36.42 -75.06 1.17
CA THR JA 1 37.33 -74.96 0.03
C THR JA 1 37.52 -76.32 -0.62
N ALA JA 2 36.49 -77.16 -0.56
CA ALA JA 2 36.57 -78.49 -1.15
C ALA JA 2 36.42 -78.45 -2.67
N ARG JA 3 35.57 -77.55 -3.18
CA ARG JA 3 35.39 -77.44 -4.62
C ARG JA 3 36.68 -77.03 -5.32
N GLY JA 4 37.53 -76.25 -4.63
CA GLY JA 4 38.79 -75.83 -5.20
C GLY JA 4 39.96 -76.64 -4.67
N THR JA 5 39.69 -77.89 -4.28
CA THR JA 5 40.71 -78.77 -3.75
C THR JA 5 40.37 -80.19 -4.18
N PRO JA 6 41.34 -80.97 -4.66
CA PRO JA 6 41.02 -82.34 -5.09
C PRO JA 6 40.57 -83.20 -3.91
N SER JA 7 39.77 -84.22 -4.22
CA SER JA 7 39.25 -85.13 -3.23
C SER JA 7 39.57 -86.56 -3.64
N ARG JA 8 39.30 -87.50 -2.73
CA ARG JA 8 39.56 -88.91 -2.98
C ARG JA 8 38.72 -89.74 -2.03
N PHE JA 9 38.19 -90.85 -2.54
CA PHE JA 9 37.38 -91.73 -1.73
C PHE JA 9 38.26 -92.52 -0.76
N LEU JA 10 37.70 -92.83 0.41
CA LEU JA 10 38.43 -93.59 1.41
C LEU JA 10 38.70 -95.00 0.90
N ALA JA 11 39.95 -95.44 1.03
CA ALA JA 11 40.34 -96.77 0.58
C ALA JA 11 41.74 -97.05 1.13
N SER JA 12 42.12 -98.32 1.05
CA SER JA 12 43.43 -98.78 1.51
C SER JA 12 44.38 -98.97 0.34
N VAL JA 13 45.65 -99.18 0.68
CA VAL JA 13 46.67 -99.36 -0.36
C VAL JA 13 46.74 -100.83 -0.79
N LEU JA 14 46.45 -101.76 0.12
CA LEU JA 14 46.52 -103.18 -0.24
C LEU JA 14 45.61 -104.05 0.62
N HIS JA 15 44.68 -103.47 1.39
CA HIS JA 15 43.80 -104.24 2.26
C HIS JA 15 44.61 -105.00 3.31
N ASN JA 16 45.57 -104.30 3.92
CA ASN JA 16 46.42 -104.92 4.92
C ASN JA 16 45.65 -105.40 6.14
N GLY JA 17 44.47 -104.84 6.40
CA GLY JA 17 43.69 -105.25 7.55
C GLY JA 17 43.18 -106.67 7.46
N LEU JA 18 42.98 -107.17 6.23
CA LEU JA 18 42.51 -108.53 6.04
C LEU JA 18 43.58 -109.54 6.47
N GLY JA 19 44.68 -109.60 5.75
CA GLY JA 19 45.75 -110.51 6.06
C GLY JA 19 46.80 -109.91 6.97
N ARG JA 20 48.06 -109.95 6.55
CA ARG JA 20 49.13 -109.42 7.37
C ARG JA 20 49.13 -107.89 7.32
N TYR JA 21 49.67 -107.28 8.36
CA TYR JA 21 49.77 -105.83 8.47
C TYR JA 21 51.17 -105.39 8.04
N VAL JA 22 51.24 -104.55 7.01
CA VAL JA 22 52.50 -104.07 6.47
C VAL JA 22 52.64 -102.60 6.82
N GLN JA 23 53.83 -102.21 7.26
CA GLN JA 23 54.10 -100.81 7.61
C GLN JA 23 54.17 -99.97 6.35
N GLN JA 24 53.29 -98.98 6.26
CA GLN JA 24 53.25 -98.12 5.08
C GLN JA 24 54.44 -97.18 4.99
N LEU JA 25 55.09 -96.90 6.12
CA LEU JA 25 56.26 -96.03 6.10
C LEU JA 25 57.45 -96.76 5.53
N GLN JA 26 58.15 -96.13 4.60
CA GLN JA 26 59.30 -96.75 3.94
C GLN JA 26 60.60 -96.35 4.60
N ARG JA 27 61.13 -95.16 4.27
CA ARG JA 27 62.41 -94.70 4.76
C ARG JA 27 62.25 -93.32 5.39
N LEU JA 28 63.32 -92.88 6.05
CA LEU JA 28 63.35 -91.57 6.69
C LEU JA 28 64.76 -91.02 6.57
N SER JA 29 64.89 -89.82 5.99
CA SER JA 29 66.18 -89.18 5.78
C SER JA 29 66.20 -87.88 6.58
N PHE JA 30 67.09 -87.81 7.57
CA PHE JA 30 67.25 -86.64 8.41
C PHE JA 30 68.44 -85.83 7.94
N SER JA 31 68.24 -84.52 7.78
CA SER JA 31 69.29 -83.60 7.34
C SER JA 31 69.67 -82.72 8.53
N VAL JA 32 70.41 -83.31 9.46
CA VAL JA 32 70.84 -82.58 10.65
C VAL JA 32 72.09 -81.77 10.33
N SER JA 33 72.29 -80.68 11.08
CA SER JA 33 73.43 -79.80 10.91
C SER JA 33 74.31 -79.87 12.14
N ARG JA 34 75.60 -80.13 11.93
CA ARG JA 34 76.54 -80.21 13.06
C ARG JA 34 76.67 -78.86 13.76
N ASP JA 35 77.11 -77.84 13.03
CA ASP JA 35 77.28 -76.49 13.57
C ASP JA 35 76.08 -75.65 13.16
N GLY JA 36 75.22 -75.35 14.13
CA GLY JA 36 74.04 -74.55 13.87
C GLY JA 36 73.00 -74.65 14.96
N ALA JA 37 72.47 -73.51 15.40
CA ALA JA 37 71.46 -73.47 16.45
C ALA JA 37 70.06 -73.74 15.92
N SER JA 38 69.91 -74.07 14.64
CA SER JA 38 68.61 -74.35 14.04
C SER JA 38 68.34 -75.84 13.89
N SER JA 39 69.02 -76.68 14.70
CA SER JA 39 68.82 -78.13 14.61
C SER JA 39 69.14 -78.81 15.93
N ARG JA 40 69.05 -78.10 17.05
CA ARG JA 40 69.33 -78.71 18.35
C ARG JA 40 68.36 -79.83 18.65
N GLY JA 41 67.07 -79.63 18.34
CA GLY JA 41 66.09 -80.68 18.56
C GLY JA 41 66.37 -81.92 17.73
N ALA JA 42 66.69 -81.73 16.45
CA ALA JA 42 67.00 -82.86 15.58
C ALA JA 42 68.25 -83.58 16.07
N ARG JA 43 69.24 -82.82 16.55
CA ARG JA 43 70.46 -83.45 17.07
C ARG JA 43 70.15 -84.28 18.31
N GLU JA 44 69.40 -83.72 19.26
CA GLU JA 44 69.05 -84.46 20.46
C GLU JA 44 68.23 -85.69 20.12
N PHE JA 45 67.38 -85.59 19.10
CA PHE JA 45 66.61 -86.75 18.65
C PHE JA 45 67.52 -87.84 18.12
N VAL JA 46 68.34 -87.50 17.12
CA VAL JA 46 69.26 -88.46 16.53
C VAL JA 46 70.16 -89.05 17.60
N GLU JA 47 70.36 -88.31 18.70
CA GLU JA 47 71.22 -88.79 19.76
C GLU JA 47 70.51 -89.81 20.65
N ARG JA 48 69.34 -89.45 21.19
CA ARG JA 48 68.69 -90.25 22.23
C ARG JA 48 67.21 -90.44 21.94
N GLU JA 49 66.88 -90.84 20.72
CA GLU JA 49 65.51 -91.23 20.41
C GLU JA 49 65.41 -92.00 19.09
N VAL JA 50 66.30 -91.69 18.14
CA VAL JA 50 66.24 -92.34 16.84
C VAL JA 50 66.52 -93.83 16.97
N ILE JA 51 67.46 -94.20 17.84
CA ILE JA 51 67.79 -95.61 18.01
C ILE JA 51 66.58 -96.37 18.54
N ASP JA 52 65.92 -95.81 19.56
CA ASP JA 52 64.74 -96.46 20.12
C ASP JA 52 63.62 -96.54 19.08
N PHE JA 53 63.42 -95.47 18.30
CA PHE JA 53 62.38 -95.48 17.30
C PHE JA 53 62.64 -96.53 16.23
N ALA JA 54 63.92 -96.70 15.84
CA ALA JA 54 64.26 -97.68 14.82
C ALA JA 54 64.14 -99.10 15.36
N ARG JA 55 64.50 -99.30 16.63
CA ARG JA 55 64.41 -100.63 17.23
C ARG JA 55 62.99 -101.02 17.58
N ARG JA 56 62.09 -100.05 17.74
CA ARG JA 56 60.69 -100.36 18.03
C ARG JA 56 59.97 -100.95 16.83
N ASN JA 57 60.50 -100.76 15.63
CA ASN JA 57 59.88 -101.30 14.41
C ASN JA 57 60.98 -101.58 13.40
N PRO JA 58 61.50 -102.81 13.37
CA PRO JA 58 62.60 -103.13 12.44
C PRO JA 58 62.19 -103.17 10.98
N GLY JA 59 60.93 -102.91 10.65
CA GLY JA 59 60.48 -102.89 9.27
C GLY JA 59 60.63 -101.54 8.60
N VAL JA 60 61.54 -100.73 9.12
CA VAL JA 60 61.79 -99.39 8.58
C VAL JA 60 63.26 -99.07 8.73
N VAL JA 61 63.85 -98.52 7.67
CA VAL JA 61 65.26 -98.11 7.66
C VAL JA 61 65.31 -96.59 7.68
N ILE JA 62 66.24 -96.05 8.47
CA ILE JA 62 66.39 -94.62 8.63
C ILE JA 62 67.82 -94.24 8.27
N TYR JA 63 67.98 -93.06 7.66
CA TYR JA 63 69.29 -92.54 7.29
C TYR JA 63 69.54 -91.24 8.02
N VAL JA 64 70.82 -90.87 8.11
CA VAL JA 64 71.26 -89.65 8.78
C VAL JA 64 72.27 -88.98 7.85
N ASN JA 65 71.84 -87.94 7.14
CA ASN JA 65 72.73 -87.25 6.22
C ASN JA 65 73.84 -86.53 6.99
N SER JA 66 73.47 -85.67 7.93
CA SER JA 66 74.43 -84.91 8.74
C SER JA 66 75.34 -84.08 7.85
N ARG JA 67 74.72 -83.17 7.10
CA ARG JA 67 75.41 -82.29 6.18
C ARG JA 67 75.19 -80.83 6.57
N PRO JA 68 76.04 -79.91 6.12
CA PRO JA 68 75.83 -78.50 6.43
C PRO JA 68 74.51 -77.98 5.89
N CYS JA 69 73.46 -78.06 6.71
CA CYS JA 69 72.13 -77.62 6.33
C CYS JA 69 71.68 -76.49 7.24
N CYS JA 70 70.93 -75.54 6.68
CA CYS JA 70 70.41 -74.41 7.45
C CYS JA 70 69.04 -74.68 8.03
N VAL JA 71 68.26 -75.56 7.40
CA VAL JA 71 66.93 -75.90 7.88
C VAL JA 71 66.82 -77.44 7.87
N PRO JA 72 66.64 -78.08 9.03
CA PRO JA 72 66.53 -79.54 9.02
C PRO JA 72 65.20 -80.01 8.45
N ARG JA 73 65.26 -80.98 7.54
CA ARG JA 73 64.09 -81.53 6.89
C ARG JA 73 64.04 -83.03 7.12
N VAL JA 74 62.89 -83.62 6.82
CA VAL JA 74 62.67 -85.05 6.95
C VAL JA 74 61.88 -85.54 5.74
N VAL JA 75 62.41 -86.54 5.05
CA VAL JA 75 61.76 -87.10 3.87
C VAL JA 75 61.13 -88.43 4.28
N ALA JA 76 59.80 -88.45 4.33
CA ALA JA 76 59.04 -89.63 4.72
C ALA JA 76 58.41 -90.24 3.47
N GLU JA 77 59.10 -91.22 2.89
CA GLU JA 77 58.58 -91.91 1.72
C GLU JA 77 57.58 -92.99 2.15
N TYR JA 78 56.87 -93.53 1.15
CA TYR JA 78 55.86 -94.55 1.39
C TYR JA 78 55.92 -95.58 0.28
N LEU JA 79 55.24 -96.70 0.51
CA LEU JA 79 55.26 -97.80 -0.46
C LEU JA 79 54.61 -97.40 -1.77
N ASN JA 80 53.44 -96.77 -1.71
CA ASN JA 80 52.74 -96.37 -2.93
C ASN JA 80 53.57 -95.39 -3.75
N GLY JA 81 54.43 -94.61 -3.10
CA GLY JA 81 55.27 -93.63 -3.78
C GLY JA 81 55.14 -92.22 -3.27
N ALA JA 82 54.19 -91.94 -2.38
CA ALA JA 82 54.02 -90.60 -1.86
C ALA JA 82 55.24 -90.18 -1.04
N VAL JA 83 55.50 -88.88 -1.01
CA VAL JA 83 56.62 -88.31 -0.28
C VAL JA 83 56.11 -87.12 0.53
N ARG JA 84 56.47 -87.09 1.81
CA ARG JA 84 56.07 -86.03 2.73
C ARG JA 84 57.34 -85.37 3.26
N GLU JA 85 57.87 -84.41 2.51
CA GLU JA 85 59.10 -83.71 2.89
C GLU JA 85 58.70 -82.56 3.82
N GLU JA 86 58.74 -82.83 5.12
CA GLU JA 86 58.39 -81.84 6.13
C GLU JA 86 59.67 -81.24 6.72
N SER JA 87 59.50 -80.13 7.44
CA SER JA 87 60.59 -79.42 8.08
C SER JA 87 60.43 -79.47 9.59
N ILE JA 88 61.55 -79.54 10.30
CA ILE JA 88 61.55 -79.58 11.75
C ILE JA 88 62.46 -78.48 12.28
N HIS JA 89 62.21 -77.25 11.85
CA HIS JA 89 63.02 -76.11 12.24
C HIS JA 89 62.63 -75.68 13.65
N CYS JA 90 63.57 -75.77 14.59
CA CYS JA 90 63.33 -75.37 15.97
C CYS JA 90 62.12 -76.10 16.54
N LYS JA 91 62.33 -77.30 17.06
CA LYS JA 91 61.25 -78.09 17.64
C LYS JA 91 61.81 -78.94 18.77
N SER JA 92 61.05 -79.04 19.86
CA SER JA 92 61.49 -79.81 21.01
C SER JA 92 61.63 -81.29 20.62
N VAL JA 93 62.34 -82.03 21.49
CA VAL JA 93 62.54 -83.45 21.23
C VAL JA 93 61.22 -84.19 21.26
N GLU JA 94 60.34 -83.84 22.21
CA GLU JA 94 59.05 -84.50 22.29
C GLU JA 94 58.21 -84.24 21.05
N GLU JA 95 58.23 -82.99 20.56
CA GLU JA 95 57.48 -82.66 19.35
C GLU JA 95 57.99 -83.44 18.14
N ILE JA 96 59.31 -83.53 17.99
CA ILE JA 96 59.89 -84.26 16.86
C ILE JA 96 59.55 -85.74 16.98
N SER JA 97 59.59 -86.29 18.19
CA SER JA 97 59.25 -87.69 18.38
C SER JA 97 57.79 -87.96 18.03
N THR JA 98 56.88 -87.08 18.47
CA THR JA 98 55.47 -87.25 18.14
C THR JA 98 55.25 -87.13 16.64
N LEU JA 99 55.94 -86.20 15.98
CA LEU JA 99 55.80 -86.05 14.54
C LEU JA 99 56.29 -87.28 13.81
N VAL JA 100 57.42 -87.85 14.24
CA VAL JA 100 57.95 -89.05 13.62
C VAL JA 100 56.99 -90.22 13.82
N GLN JA 101 56.43 -90.34 15.03
CA GLN JA 101 55.46 -91.41 15.30
C GLN JA 101 54.23 -91.25 14.42
N LYS JA 102 53.73 -90.03 14.26
CA LYS JA 102 52.57 -89.80 13.40
C LYS JA 102 52.89 -90.14 11.95
N LEU JA 103 54.07 -89.75 11.48
CA LEU JA 103 54.46 -90.07 10.11
C LEU JA 103 54.56 -91.57 9.90
N ALA JA 104 55.09 -92.29 10.90
CA ALA JA 104 55.22 -93.75 10.77
C ALA JA 104 53.87 -94.44 10.88
N ASP JA 105 52.91 -93.84 11.60
CA ASP JA 105 51.60 -94.46 11.75
C ASP JA 105 50.73 -94.25 10.52
N GLN JA 106 50.82 -93.08 9.89
CA GLN JA 106 50.00 -92.79 8.73
C GLN JA 106 50.55 -93.48 7.49
N SER JA 107 49.73 -93.49 6.44
CA SER JA 107 50.09 -94.10 5.17
C SER JA 107 50.39 -93.02 4.14
N GLY JA 108 50.82 -93.46 2.95
CA GLY JA 108 51.14 -92.53 1.88
C GLY JA 108 49.95 -91.89 1.21
N LEU JA 109 48.73 -92.18 1.66
CA LEU JA 109 47.56 -91.56 1.08
C LEU JA 109 47.61 -90.04 1.25
N ASP JA 110 47.06 -89.34 0.26
CA ASP JA 110 47.07 -87.88 0.29
C ASP JA 110 46.31 -87.37 1.51
N VAL JA 111 46.57 -86.12 1.86
CA VAL JA 111 45.93 -85.47 3.01
C VAL JA 111 44.90 -84.48 2.49
N ILE JA 112 43.86 -84.99 1.85
CA ILE JA 112 42.80 -84.15 1.28
C ILE JA 112 41.45 -84.65 1.76
N ARG JA 113 40.36 -84.12 1.20
CA ARG JA 113 39.03 -84.54 1.59
C ARG JA 113 38.87 -86.04 1.41
N ILE JA 114 38.53 -86.72 2.50
CA ILE JA 114 38.36 -88.18 2.44
C ILE JA 114 37.01 -88.56 1.88
N ARG JA 115 35.99 -87.71 2.06
CA ARG JA 115 34.63 -87.92 1.57
C ARG JA 115 34.10 -89.32 1.85
N LYS JA 116 33.04 -89.40 2.64
CA LYS JA 116 32.45 -90.68 3.03
C LYS JA 116 33.47 -91.51 3.79
N PRO JA 117 33.56 -91.37 5.11
CA PRO JA 117 34.54 -92.16 5.87
C PRO JA 117 34.15 -93.62 6.00
N PHE JA 118 34.03 -94.30 4.87
CA PHE JA 118 33.66 -95.71 4.85
C PHE JA 118 33.78 -96.24 3.43
N HIS JA 119 34.36 -97.43 3.28
CA HIS JA 119 34.55 -98.07 1.98
C HIS JA 119 33.95 -99.47 2.05
N THR JA 120 32.63 -99.54 1.94
CA THR JA 120 31.92 -100.82 1.95
C THR JA 120 31.97 -101.43 0.57
N ASP JA 121 32.75 -102.51 0.41
CA ASP JA 121 32.89 -103.15 -0.89
C ASP JA 121 31.57 -103.74 -1.36
N ASN JA 122 30.91 -104.52 -0.50
CA ASN JA 122 29.64 -105.18 -0.81
C ASN JA 122 28.59 -104.66 0.16
N PRO JA 123 28.06 -103.45 -0.06
CA PRO JA 123 27.05 -102.92 0.86
C PRO JA 123 25.71 -103.62 0.76
N SER JA 124 25.43 -104.30 -0.35
CA SER JA 124 24.16 -105.00 -0.56
C SER JA 124 24.35 -106.47 -0.29
N ILE JA 125 23.52 -107.02 0.62
CA ILE JA 125 23.55 -108.43 0.97
C ILE JA 125 22.21 -109.10 0.69
N GLN JA 126 21.10 -108.43 1.01
CA GLN JA 126 19.76 -108.97 0.76
C GLN JA 126 19.21 -108.53 -0.58
N GLY JA 127 20.06 -108.14 -1.53
CA GLY JA 127 19.61 -107.70 -2.84
C GLY JA 127 19.44 -106.20 -2.90
N GLN JA 128 20.14 -105.55 -3.83
CA GLN JA 128 20.03 -104.10 -3.98
C GLN JA 128 18.62 -103.71 -4.36
N TRP JA 129 18.18 -102.55 -3.87
CA TRP JA 129 16.84 -102.08 -4.14
C TRP JA 129 16.72 -101.59 -5.59
N HIS JA 130 15.59 -101.91 -6.22
CA HIS JA 130 15.29 -101.48 -7.57
C HIS JA 130 13.83 -101.06 -7.62
N PRO JA 131 13.43 -100.31 -8.65
CA PRO JA 131 12.03 -99.84 -8.72
C PRO JA 131 11.01 -100.97 -8.64
N PHE JA 132 11.38 -102.18 -9.01
CA PHE JA 132 10.46 -103.33 -8.98
C PHE JA 132 10.63 -104.12 -7.69
N THR JA 133 10.56 -103.44 -6.55
CA THR JA 133 10.68 -104.06 -5.24
C THR JA 133 9.44 -103.76 -4.41
N ASN JA 134 9.10 -104.69 -3.52
CA ASN JA 134 7.94 -104.55 -2.64
C ASN JA 134 6.68 -104.28 -3.44
N LYS JA 135 6.51 -105.01 -4.54
CA LYS JA 135 5.35 -104.89 -5.40
C LYS JA 135 4.87 -106.27 -5.80
N PRO JA 136 3.55 -106.46 -5.97
CA PRO JA 136 3.04 -107.78 -6.34
C PRO JA 136 3.09 -108.03 -7.84
N THR JA 137 2.54 -109.16 -8.29
CA THR JA 137 2.50 -109.50 -9.70
C THR JA 137 1.13 -110.10 -10.01
N THR JA 138 0.38 -109.43 -10.86
CA THR JA 138 -0.96 -109.89 -11.21
C THR JA 138 -0.88 -111.20 -11.98
N PHE JA 139 -2.06 -111.77 -12.28
CA PHE JA 139 -2.13 -113.03 -13.00
C PHE JA 139 -1.61 -112.85 -14.42
N ARG JA 140 -0.65 -113.70 -14.80
CA ARG JA 140 -0.04 -113.66 -16.14
C ARG JA 140 0.66 -112.33 -16.42
N GLY JA 141 0.95 -111.56 -15.39
CA GLY JA 141 1.62 -110.28 -15.55
C GLY JA 141 0.92 -109.38 -16.54
N LEU JA 142 -0.40 -109.26 -16.41
CA LEU JA 142 -1.19 -108.45 -17.32
C LEU JA 142 -1.10 -106.98 -16.89
N ARG JA 143 -0.42 -106.16 -17.69
CA ARG JA 143 -0.33 -104.74 -17.41
C ARG JA 143 -1.73 -104.13 -17.32
N PRO JA 144 -1.87 -102.99 -16.65
CA PRO JA 144 -3.19 -102.35 -16.57
C PRO JA 144 -3.74 -102.04 -17.96
N ARG JA 145 -5.07 -102.11 -18.06
CA ARG JA 145 -5.77 -101.91 -19.33
C ARG JA 145 -5.27 -102.89 -20.38
N GLU JA 146 -5.44 -104.18 -20.07
CA GLU JA 146 -5.03 -105.26 -20.97
C GLU JA 146 -6.10 -106.34 -20.93
N VAL JA 147 -6.73 -106.58 -22.08
CA VAL JA 147 -7.78 -107.59 -22.17
C VAL JA 147 -7.15 -108.97 -22.20
N GLN JA 148 -6.52 -109.32 -23.33
CA GLN JA 148 -5.88 -110.62 -23.47
C GLN JA 148 -4.38 -110.51 -23.18
N VAL KA 1 66.30 -51.05 -5.96
CA VAL KA 1 66.92 -52.31 -5.57
C VAL KA 1 66.57 -52.62 -4.12
N LYS KA 2 65.55 -53.46 -3.93
CA LYS KA 2 65.14 -53.84 -2.59
C LYS KA 2 66.27 -54.58 -1.87
N LYS KA 3 66.41 -54.31 -0.58
CA LYS KA 3 67.48 -54.90 0.23
C LYS KA 3 67.08 -56.24 0.81
N GLY KA 4 66.33 -57.05 0.06
CA GLY KA 4 65.90 -58.36 0.51
C GLY KA 4 66.83 -59.45 0.02
N PHE KA 5 66.94 -60.51 0.82
CA PHE KA 5 67.79 -61.65 0.47
C PHE KA 5 67.04 -62.95 0.64
N ARG KA 6 66.44 -63.16 1.82
CA ARG KA 6 65.66 -64.37 2.06
C ARG KA 6 64.47 -64.45 1.11
N ALA KA 7 63.81 -63.32 0.86
CA ALA KA 7 62.72 -63.30 -0.11
C ALA KA 7 63.23 -63.67 -1.50
N ALA KA 8 64.42 -63.20 -1.86
CA ALA KA 8 65.00 -63.57 -3.14
C ALA KA 8 65.26 -65.07 -3.22
N PHE KA 9 65.75 -65.66 -2.12
CA PHE KA 9 65.98 -67.10 -2.10
C PHE KA 9 64.67 -67.87 -2.24
N ARG KA 10 63.62 -67.42 -1.56
CA ARG KA 10 62.32 -68.08 -1.68
C ARG KA 10 61.78 -67.96 -3.10
N PHE KA 11 61.95 -66.79 -3.72
CA PHE KA 11 61.51 -66.62 -5.10
C PHE KA 11 62.30 -67.52 -6.05
N GLN KA 12 63.60 -67.66 -5.82
CA GLN KA 12 64.40 -68.56 -6.65
C GLN KA 12 63.95 -70.00 -6.48
N LYS KA 13 63.61 -70.40 -5.25
CA LYS KA 13 63.10 -71.74 -5.02
C LYS KA 13 61.77 -71.95 -5.73
N GLU KA 14 60.90 -70.94 -5.69
CA GLU KA 14 59.62 -71.05 -6.39
C GLU KA 14 59.83 -71.15 -7.90
N LEU KA 15 60.79 -70.40 -8.44
CA LEU KA 15 61.10 -70.48 -9.86
C LEU KA 15 61.65 -71.85 -10.23
N GLU KA 16 62.50 -72.42 -9.36
CA GLU KA 16 63.01 -73.76 -9.60
C GLU KA 16 61.88 -74.79 -9.59
N ARG KA 17 60.94 -74.64 -8.66
CA ARG KA 17 59.79 -75.54 -8.63
C ARG KA 17 58.96 -75.41 -9.90
N GLN KA 18 58.75 -74.17 -10.36
CA GLN KA 18 57.99 -73.97 -11.60
C GLN KA 18 58.72 -74.59 -12.78
N ARG KA 19 60.04 -74.46 -12.83
CA ARG KA 19 60.81 -75.07 -13.91
C ARG KA 19 60.70 -76.59 -13.87
N LEU KA 20 60.79 -77.17 -12.67
CA LEU KA 20 60.62 -78.62 -12.55
C LEU KA 20 59.24 -79.05 -13.01
N LEU KA 21 58.21 -78.27 -12.68
CA LEU KA 21 56.87 -78.61 -13.13
C LEU KA 21 56.72 -78.46 -14.64
N ARG KA 22 57.47 -77.53 -15.24
CA ARG KA 22 57.41 -77.32 -16.69
C ARG KA 22 57.79 -78.59 -17.42
N CYS KA 23 59.08 -78.90 -17.46
CA CYS KA 23 59.58 -80.09 -18.15
C CYS KA 23 60.03 -81.13 -17.13
N PRO KA 24 59.12 -81.89 -16.55
CA PRO KA 24 59.52 -82.89 -15.55
C PRO KA 24 60.38 -83.97 -16.18
N PRO KA 25 61.54 -84.28 -15.61
CA PRO KA 25 62.41 -85.29 -16.20
C PRO KA 25 61.80 -86.68 -16.08
N PRO KA 26 62.33 -87.67 -16.80
CA PRO KA 26 61.77 -89.01 -16.70
C PRO KA 26 62.00 -89.59 -15.33
N PRO KA 27 61.17 -90.56 -14.90
CA PRO KA 27 61.35 -91.14 -13.56
C PRO KA 27 62.57 -92.06 -13.50
N VAL KA 28 63.65 -91.58 -12.88
CA VAL KA 28 64.86 -92.37 -12.75
C VAL KA 28 64.67 -93.39 -11.63
N ARG KA 29 65.33 -94.53 -11.77
CA ARG KA 29 65.22 -95.58 -10.76
C ARG KA 29 65.71 -95.07 -9.41
N ARG KA 30 65.02 -95.48 -8.35
CA ARG KA 30 65.40 -95.05 -7.00
C ARG KA 30 66.79 -95.52 -6.61
N SER KA 31 67.28 -96.59 -7.24
CA SER KA 31 68.61 -97.10 -6.90
C SER KA 31 69.71 -96.10 -7.26
N GLU KA 32 69.48 -95.27 -8.27
CA GLU KA 32 70.48 -94.30 -8.69
C GLU KA 32 70.47 -93.04 -7.84
N LYS KA 33 69.41 -92.80 -7.07
CA LYS KA 33 69.33 -91.62 -6.23
C LYS KA 33 70.44 -91.67 -5.17
N PRO KA 34 70.80 -90.51 -4.61
CA PRO KA 34 71.88 -90.50 -3.60
C PRO KA 34 71.55 -91.34 -2.38
N ASN KA 35 70.64 -90.88 -1.54
CA ASN KA 35 70.25 -91.61 -0.35
C ASN KA 35 69.63 -92.96 -0.73
N TRP KA 36 70.42 -94.03 -0.64
CA TRP KA 36 69.96 -95.35 -1.01
C TRP KA 36 70.91 -96.39 -0.43
N ASP KA 37 70.35 -97.52 -0.03
CA ASP KA 37 71.13 -98.63 0.50
C ASP KA 37 70.59 -99.93 -0.06
N TYR KA 38 71.46 -100.94 -0.10
CA TYR KA 38 71.11 -102.26 -0.66
C TYR KA 38 70.87 -103.29 0.44
N HIS KA 39 71.89 -103.59 1.23
CA HIS KA 39 71.76 -104.60 2.27
C HIS KA 39 70.74 -104.17 3.33
N ALA KA 40 70.86 -102.94 3.82
CA ALA KA 40 69.93 -102.46 4.84
C ALA KA 40 68.50 -102.41 4.30
N GLU KA 41 68.33 -101.96 3.06
CA GLU KA 41 67.00 -101.89 2.48
C GLU KA 41 66.40 -103.29 2.30
N ILE KA 42 67.22 -104.25 1.86
CA ILE KA 42 66.73 -105.62 1.71
C ILE KA 42 66.33 -106.19 3.05
N GLN KA 43 67.14 -105.94 4.09
CA GLN KA 43 66.80 -106.44 5.43
C GLN KA 43 65.51 -105.81 5.93
N ALA KA 44 65.34 -104.50 5.71
CA ALA KA 44 64.11 -103.83 6.13
C ALA KA 44 62.90 -104.38 5.40
N PHE KA 45 63.04 -104.63 4.10
CA PHE KA 45 61.93 -105.21 3.33
C PHE KA 45 61.59 -106.61 3.81
N GLY KA 46 62.61 -107.41 4.14
CA GLY KA 46 62.36 -108.75 4.65
C GLY KA 46 61.69 -108.73 6.01
N HIS KA 47 62.08 -107.79 6.87
CA HIS KA 47 61.48 -107.68 8.19
C HIS KA 47 60.11 -107.03 8.17
N ARG KA 48 59.78 -106.29 7.10
CA ARG KA 48 58.48 -105.63 7.03
C ARG KA 48 57.35 -106.65 6.90
N LEU KA 49 57.53 -107.65 6.02
CA LEU KA 49 56.49 -108.66 5.82
C LEU KA 49 56.34 -109.60 7.00
N GLN KA 50 57.20 -109.49 8.02
CA GLN KA 50 57.10 -110.31 9.22
C GLN KA 50 57.41 -111.77 8.93
N GLU KA 51 58.67 -112.07 8.66
CA GLU KA 51 59.13 -113.46 8.55
C GLU KA 51 60.65 -113.46 8.64
N ASN KA 52 61.28 -114.54 8.18
CA ASN KA 52 62.73 -114.64 8.20
C ASN KA 52 63.17 -115.60 7.10
N PHE KA 53 64.19 -115.22 6.36
CA PHE KA 53 64.70 -116.05 5.27
C PHE KA 53 66.14 -115.64 4.98
N SER KA 54 66.79 -116.43 4.14
CA SER KA 54 68.18 -116.17 3.78
C SER KA 54 68.29 -114.87 2.98
N LEU KA 55 69.47 -114.28 3.02
CA LEU KA 55 69.73 -113.01 2.34
C LEU KA 55 70.40 -113.18 0.99
N ASP KA 56 71.37 -114.10 0.88
CA ASP KA 56 72.02 -114.32 -0.40
C ASP KA 56 71.05 -114.86 -1.44
N LEU KA 57 70.16 -115.77 -1.04
CA LEU KA 57 69.17 -116.30 -1.96
C LEU KA 57 68.21 -115.20 -2.41
N LEU KA 58 67.78 -114.35 -1.48
CA LEU KA 58 66.91 -113.24 -1.83
C LEU KA 58 67.60 -112.29 -2.81
N LYS KA 59 68.88 -112.00 -2.57
CA LYS KA 59 69.62 -111.14 -3.48
C LYS KA 59 69.70 -111.76 -4.87
N THR KA 60 70.03 -113.05 -4.94
CA THR KA 60 70.12 -113.73 -6.23
C THR KA 60 68.78 -113.76 -6.94
N ALA KA 61 67.68 -113.85 -6.19
CA ALA KA 61 66.35 -113.89 -6.80
C ALA KA 61 65.96 -112.59 -7.48
N PHE KA 62 66.71 -111.51 -7.26
CA PHE KA 62 66.41 -110.23 -7.87
C PHE KA 62 67.29 -109.91 -9.08
N VAL KA 63 68.20 -110.81 -9.44
CA VAL KA 63 69.09 -110.59 -10.57
C VAL KA 63 68.47 -111.24 -11.81
N ASN KA 64 68.23 -110.43 -12.83
CA ASN KA 64 67.64 -110.90 -14.07
C ASN KA 64 68.72 -111.20 -15.11
N SER KA 65 68.30 -111.81 -16.21
CA SER KA 65 69.23 -112.15 -17.28
C SER KA 65 69.62 -110.93 -18.08
N CYS KA 66 68.66 -110.07 -18.42
CA CYS KA 66 68.97 -108.86 -19.16
C CYS KA 66 69.91 -107.95 -18.37
N TYR KA 67 69.71 -107.88 -17.05
CA TYR KA 67 70.58 -107.07 -16.21
C TYR KA 67 72.01 -107.61 -16.24
N ILE KA 68 72.17 -108.93 -16.14
CA ILE KA 68 73.50 -109.52 -16.18
C ILE KA 68 74.15 -109.27 -17.54
N LYS KA 69 73.36 -109.39 -18.62
CA LYS KA 69 73.91 -109.14 -19.95
C LYS KA 69 74.37 -107.69 -20.08
N SER KA 70 73.56 -106.74 -19.59
CA SER KA 70 73.96 -105.34 -19.66
C SER KA 70 75.20 -105.08 -18.82
N GLU KA 71 75.29 -105.68 -17.64
CA GLU KA 71 76.47 -105.50 -16.81
C GLU KA 71 77.71 -106.05 -17.49
N GLU KA 72 77.59 -107.22 -18.12
CA GLU KA 72 78.73 -107.79 -18.83
C GLU KA 72 79.15 -106.91 -20.01
N ALA KA 73 78.16 -106.40 -20.76
CA ALA KA 73 78.46 -105.52 -21.88
C ALA KA 73 79.16 -104.26 -21.42
N LYS KA 74 78.73 -103.70 -20.28
CA LYS KA 74 79.37 -102.50 -19.75
C LYS KA 74 80.78 -102.79 -19.26
N ARG KA 75 80.98 -103.95 -18.62
CA ARG KA 75 82.30 -104.33 -18.16
C ARG KA 75 83.25 -104.60 -19.32
N GLN KA 76 82.73 -105.06 -20.45
CA GLN KA 76 83.58 -105.33 -21.60
C GLN KA 76 84.30 -104.08 -22.08
N GLN KA 77 83.69 -102.91 -21.91
CA GLN KA 77 84.29 -101.65 -22.31
C GLN KA 77 85.50 -101.33 -21.45
N LEU KA 89 74.63 -113.92 -8.46
CA LEU KA 89 74.72 -113.56 -9.88
C LEU KA 89 74.30 -114.73 -10.76
N LYS KA 90 73.28 -115.47 -10.34
CA LYS KA 90 72.80 -116.61 -11.09
C LYS KA 90 71.74 -116.18 -12.10
N SER KA 91 70.47 -116.28 -11.72
CA SER KA 91 69.36 -115.92 -12.60
C SER KA 91 68.06 -116.04 -11.81
N ASN KA 92 66.94 -115.94 -12.50
CA ASN KA 92 65.61 -116.03 -11.91
C ASN KA 92 64.72 -116.93 -12.74
N GLN KA 93 65.27 -118.03 -13.24
CA GLN KA 93 64.52 -118.97 -14.07
C GLN KA 93 63.90 -120.08 -13.22
N GLU KA 94 64.73 -120.91 -12.60
CA GLU KA 94 64.22 -122.00 -11.78
C GLU KA 94 63.43 -121.47 -10.59
N LEU KA 95 63.93 -120.42 -9.96
CA LEU KA 95 63.22 -119.85 -8.81
C LEU KA 95 61.85 -119.35 -9.21
N SER KA 96 61.77 -118.59 -10.31
CA SER KA 96 60.48 -118.08 -10.77
C SER KA 96 59.55 -119.20 -11.17
N GLU KA 97 60.08 -120.24 -11.83
CA GLU KA 97 59.26 -121.37 -12.22
C GLU KA 97 58.66 -122.07 -11.01
N GLN KA 98 59.50 -122.36 -10.01
CA GLN KA 98 59.01 -122.99 -8.79
C GLN KA 98 57.99 -122.11 -8.09
N GLY KA 99 58.24 -120.80 -8.03
CA GLY KA 99 57.31 -119.90 -7.37
C GLY KA 99 55.95 -119.88 -8.04
N THR KA 100 55.94 -119.75 -9.37
CA THR KA 100 54.66 -119.71 -10.08
C THR KA 100 53.94 -121.05 -10.01
N SER KA 101 54.69 -122.16 -10.04
CA SER KA 101 54.06 -123.47 -9.91
C SER KA 101 53.40 -123.61 -8.55
N PHE KA 102 54.11 -123.25 -7.48
CA PHE KA 102 53.54 -123.34 -6.14
C PHE KA 102 52.34 -122.42 -5.99
N SER KA 103 52.42 -121.21 -6.54
CA SER KA 103 51.30 -120.28 -6.46
C SER KA 103 50.07 -120.84 -7.17
N GLN KA 104 50.26 -121.38 -8.37
CA GLN KA 104 49.14 -121.96 -9.11
C GLN KA 104 48.55 -123.15 -8.35
N THR KA 105 49.39 -124.02 -7.80
CA THR KA 105 48.89 -125.16 -7.06
C THR KA 105 48.09 -124.72 -5.84
N CYS KA 106 48.62 -123.73 -5.09
CA CYS KA 106 47.92 -123.26 -3.90
C CYS KA 106 46.58 -122.62 -4.28
N LEU KA 107 46.57 -121.81 -5.34
CA LEU KA 107 45.33 -121.18 -5.77
C LEU KA 107 44.30 -122.22 -6.19
N THR KA 108 44.74 -123.24 -6.93
CA THR KA 108 43.82 -124.30 -7.35
C THR KA 108 43.27 -125.04 -6.13
N GLN KA 109 44.13 -125.36 -5.17
CA GLN KA 109 43.67 -126.06 -3.97
C GLN KA 109 42.67 -125.21 -3.20
N PHE KA 110 42.95 -123.91 -3.05
CA PHE KA 110 42.03 -123.04 -2.32
C PHE KA 110 40.69 -122.93 -3.04
N LEU KA 111 40.71 -122.78 -4.37
CA LEU KA 111 39.47 -122.67 -5.13
C LEU KA 111 38.67 -123.96 -5.09
N GLU KA 112 39.35 -125.12 -5.04
CA GLU KA 112 38.65 -126.39 -4.97
C GLU KA 112 38.10 -126.65 -3.58
N ASP KA 113 38.78 -126.17 -2.54
CA ASP KA 113 38.30 -126.37 -1.17
C ASP KA 113 37.18 -125.40 -0.82
N GLU KA 114 37.20 -124.18 -1.36
CA GLU KA 114 36.18 -123.19 -1.07
C GLU KA 114 35.07 -123.13 -2.12
N TYR KA 115 35.31 -123.64 -3.32
CA TYR KA 115 34.32 -123.62 -4.40
C TYR KA 115 34.37 -124.95 -5.13
N PRO KA 116 33.81 -126.01 -4.53
CA PRO KA 116 33.84 -127.32 -5.21
C PRO KA 116 32.92 -127.41 -6.41
N ASP KA 117 31.99 -126.47 -6.57
CA ASP KA 117 31.07 -126.49 -7.70
C ASP KA 117 31.66 -125.89 -8.97
N MET KA 118 32.84 -125.27 -8.89
CA MET KA 118 33.45 -124.68 -10.06
C MET KA 118 34.15 -125.74 -10.91
N PRO KA 119 34.21 -125.56 -12.22
CA PRO KA 119 34.88 -126.53 -13.09
C PRO KA 119 36.39 -126.27 -13.13
N THR KA 120 37.09 -127.14 -13.86
CA THR KA 120 38.54 -126.99 -13.99
C THR KA 120 38.89 -125.79 -14.87
N GLU KA 121 38.10 -125.55 -15.92
CA GLU KA 121 38.38 -124.43 -16.81
C GLU KA 121 38.29 -123.11 -16.07
N GLY KA 122 37.22 -122.92 -15.29
CA GLY KA 122 37.06 -121.68 -14.54
C GLY KA 122 38.16 -121.48 -13.52
N ILE KA 123 38.53 -122.56 -12.82
CA ILE KA 123 39.61 -122.46 -11.83
C ILE KA 123 40.92 -122.08 -12.51
N LYS KA 124 41.22 -122.71 -13.65
CA LYS KA 124 42.45 -122.38 -14.36
C LYS KA 124 42.43 -120.94 -14.85
N ASN KA 125 41.28 -120.47 -15.33
CA ASN KA 125 41.18 -119.08 -15.79
C ASN KA 125 41.38 -118.11 -14.64
N LEU KA 126 40.78 -118.39 -13.48
CA LEU KA 126 40.95 -117.52 -12.32
C LEU KA 126 42.40 -117.52 -11.87
N VAL KA 127 43.07 -118.67 -11.91
CA VAL KA 127 44.47 -118.75 -11.53
C VAL KA 127 45.32 -117.93 -12.47
N ASP KA 128 45.07 -118.05 -13.78
CA ASP KA 128 45.83 -117.28 -14.76
C ASP KA 128 45.59 -115.78 -14.57
N PHE KA 129 44.36 -115.40 -14.22
CA PHE KA 129 44.07 -113.99 -13.98
C PHE KA 129 44.82 -113.48 -12.76
N LEU KA 130 44.73 -114.19 -11.64
CA LEU KA 130 45.44 -113.79 -10.43
C LEU KA 130 46.95 -113.78 -10.67
N THR KA 131 47.46 -114.76 -11.40
CA THR KA 131 48.88 -114.81 -11.75
C THR KA 131 49.19 -114.09 -13.06
N GLY KA 132 48.30 -113.22 -13.51
CA GLY KA 132 48.50 -112.49 -14.75
C GLY KA 132 49.59 -111.45 -14.65
N GLU KA 133 49.29 -110.22 -15.05
CA GLU KA 133 50.26 -109.14 -15.04
C GLU KA 133 49.77 -107.91 -14.29
N GLU KA 134 48.48 -107.57 -14.41
CA GLU KA 134 47.97 -106.35 -13.76
C GLU KA 134 48.06 -106.46 -12.24
N VAL KA 135 47.52 -107.54 -11.68
CA VAL KA 135 47.52 -107.71 -10.23
C VAL KA 135 48.94 -107.85 -9.71
N VAL KA 136 49.80 -108.57 -10.45
CA VAL KA 136 51.18 -108.73 -10.03
C VAL KA 136 51.90 -107.39 -10.00
N CYS KA 137 51.71 -106.58 -11.04
CA CYS KA 137 52.33 -105.26 -11.08
C CYS KA 137 51.81 -104.38 -9.95
N HIS KA 138 50.50 -104.43 -9.68
CA HIS KA 138 49.93 -103.64 -8.60
C HIS KA 138 50.54 -104.04 -7.27
N VAL KA 139 50.63 -105.34 -6.99
CA VAL KA 139 51.18 -105.81 -5.73
C VAL KA 139 52.65 -105.42 -5.61
N ALA KA 140 53.40 -105.55 -6.70
CA ALA KA 140 54.82 -105.21 -6.65
C ALA KA 140 55.04 -103.72 -6.41
N ARG KA 141 54.20 -102.87 -7.03
CA ARG KA 141 54.34 -101.44 -6.85
C ARG KA 141 53.85 -101.00 -5.48
N ASN KA 142 52.92 -101.74 -4.88
CA ASN KA 142 52.44 -101.42 -3.54
C ASN KA 142 53.33 -102.00 -2.45
N LEU KA 143 54.18 -102.97 -2.77
CA LEU KA 143 55.09 -103.56 -1.82
C LEU KA 143 56.52 -103.05 -1.96
N ALA KA 144 56.72 -102.00 -2.76
CA ALA KA 144 58.05 -101.43 -2.98
C ALA KA 144 59.01 -102.45 -3.59
N VAL KA 145 58.47 -103.36 -4.40
CA VAL KA 145 59.32 -104.37 -5.03
C VAL KA 145 60.00 -103.81 -6.27
N GLU KA 146 59.38 -102.86 -6.96
CA GLU KA 146 59.98 -102.29 -8.15
C GLU KA 146 61.27 -101.55 -7.83
N GLN KA 147 61.40 -101.04 -6.61
CA GLN KA 147 62.59 -100.30 -6.22
C GLN KA 147 63.80 -101.20 -6.04
N LEU KA 148 63.62 -102.51 -5.95
CA LEU KA 148 64.72 -103.45 -5.77
C LEU KA 148 64.87 -104.40 -6.95
N THR KA 149 64.16 -104.18 -8.04
CA THR KA 149 64.24 -105.04 -9.21
C THR KA 149 65.46 -104.65 -10.03
N LEU KA 150 66.50 -105.47 -9.99
CA LEU KA 150 67.74 -105.21 -10.74
C LEU KA 150 67.51 -105.65 -12.19
N SER KA 151 66.88 -104.76 -12.96
CA SER KA 151 66.57 -105.02 -14.35
C SER KA 151 67.18 -103.96 -15.25
N GLU KA 152 66.66 -103.84 -16.47
CA GLU KA 152 67.14 -102.86 -17.44
C GLU KA 152 66.00 -101.95 -17.88
N GLU KA 153 66.38 -100.89 -18.59
CA GLU KA 153 65.44 -99.89 -19.11
C GLU KA 153 64.31 -99.59 -18.13
N PHE KA 154 64.56 -98.65 -17.22
CA PHE KA 154 63.52 -98.25 -16.28
C PHE KA 154 62.46 -97.42 -17.00
N PRO KA 155 61.17 -97.63 -16.70
CA PRO KA 155 60.60 -98.57 -15.73
C PRO KA 155 60.69 -100.03 -16.18
N VAL KA 156 60.66 -100.95 -15.22
CA VAL KA 156 60.77 -102.37 -15.54
C VAL KA 156 59.51 -102.83 -16.26
N PRO KA 157 59.61 -103.62 -17.33
CA PRO KA 157 58.41 -104.08 -18.02
C PRO KA 157 57.61 -105.03 -17.14
N PRO KA 158 56.38 -105.36 -17.53
CA PRO KA 158 55.58 -106.26 -16.69
C PRO KA 158 56.10 -107.69 -16.65
N ALA KA 159 56.69 -108.17 -17.74
CA ALA KA 159 57.19 -109.54 -17.78
C ALA KA 159 58.32 -109.73 -16.77
N VAL KA 160 59.31 -108.84 -16.80
CA VAL KA 160 60.44 -108.95 -15.88
C VAL KA 160 59.97 -108.77 -14.44
N LEU KA 161 59.00 -107.87 -14.23
CA LEU KA 161 58.47 -107.67 -12.88
C LEU KA 161 57.80 -108.93 -12.36
N GLN KA 162 56.98 -109.57 -13.20
CA GLN KA 162 56.32 -110.81 -12.80
C GLN KA 162 57.34 -111.92 -12.55
N GLN KA 163 58.38 -111.98 -13.38
CA GLN KA 163 59.42 -112.97 -13.17
C GLN KA 163 60.12 -112.77 -11.84
N THR KA 164 60.46 -111.51 -11.51
CA THR KA 164 61.10 -111.23 -10.23
C THR KA 164 60.16 -111.54 -9.06
N PHE KA 165 58.87 -111.25 -9.21
CA PHE KA 165 57.91 -111.56 -8.15
C PHE KA 165 57.83 -113.06 -7.90
N PHE KA 166 57.75 -113.84 -8.98
CA PHE KA 166 57.71 -115.29 -8.83
C PHE KA 166 59.02 -115.83 -8.27
N ALA KA 167 60.15 -115.21 -8.63
CA ALA KA 167 61.43 -115.61 -8.05
C ALA KA 167 61.46 -115.35 -6.55
N VAL KA 168 60.94 -114.20 -6.12
CA VAL KA 168 60.88 -113.89 -4.69
C VAL KA 168 59.95 -114.87 -3.97
N ILE KA 169 58.85 -115.25 -4.63
CA ILE KA 169 57.95 -116.24 -4.04
C ILE KA 169 58.66 -117.57 -3.86
N GLY KA 170 59.38 -118.01 -4.89
CA GLY KA 170 60.14 -119.25 -4.79
C GLY KA 170 61.22 -119.18 -3.72
N ALA KA 171 61.81 -118.00 -3.54
CA ALA KA 171 62.81 -117.81 -2.50
C ALA KA 171 62.18 -117.95 -1.11
N LEU KA 172 61.05 -117.29 -0.91
CA LEU KA 172 60.34 -117.42 0.36
C LEU KA 172 59.93 -118.88 0.61
N LEU KA 173 59.59 -119.59 -0.47
CA LEU KA 173 59.26 -121.01 -0.33
C LEU KA 173 60.47 -121.81 0.13
N GLN KA 174 61.57 -121.72 -0.62
CA GLN KA 174 62.76 -122.49 -0.29
C GLN KA 174 63.32 -122.12 1.07
N SER KA 175 63.06 -120.90 1.55
CA SER KA 175 63.57 -120.45 2.83
C SER KA 175 62.60 -120.82 3.96
N SER KA 176 61.45 -120.16 4.00
CA SER KA 176 60.47 -120.40 5.06
C SER KA 176 59.92 -121.82 4.96
N GLY KA 177 58.80 -121.99 4.25
CA GLY KA 177 58.18 -123.28 4.12
C GLY KA 177 56.84 -123.21 3.39
N PRO KA 178 56.21 -124.36 3.16
CA PRO KA 178 54.93 -124.35 2.44
C PRO KA 178 53.83 -123.60 3.18
N GLU KA 179 53.77 -123.73 4.50
CA GLU KA 179 52.70 -123.07 5.27
C GLU KA 179 52.82 -121.55 5.19
N ARG KA 180 54.04 -121.02 5.35
CA ARG KA 180 54.23 -119.58 5.29
C ARG KA 180 53.89 -119.04 3.91
N THR KA 181 54.29 -119.77 2.86
CA THR KA 181 53.99 -119.32 1.50
C THR KA 181 52.48 -119.37 1.24
N ALA KA 182 51.81 -120.41 1.73
CA ALA KA 182 50.36 -120.47 1.57
C ALA KA 182 49.68 -119.33 2.29
N LEU KA 183 50.16 -118.99 3.49
CA LEU KA 183 49.59 -117.86 4.23
C LEU KA 183 49.82 -116.56 3.48
N PHE KA 184 51.03 -116.35 2.95
CA PHE KA 184 51.31 -115.16 2.16
C PHE KA 184 50.38 -115.06 0.96
N ILE KA 185 50.19 -116.19 0.26
CA ILE KA 185 49.31 -116.20 -0.90
C ILE KA 185 47.89 -115.82 -0.48
N ARG KA 186 47.36 -116.51 0.54
CA ARG KA 186 46.00 -116.22 1.00
C ARG KA 186 45.84 -114.76 1.41
N ASP KA 187 46.89 -114.17 1.98
CA ASP KA 187 46.79 -112.81 2.48
C ASP KA 187 46.92 -111.77 1.37
N PHE KA 188 47.65 -112.07 0.30
CA PHE KA 188 47.91 -111.11 -0.75
C PHE KA 188 47.05 -111.37 -2.00
N LEU KA 189 47.25 -112.52 -2.65
CA LEU KA 189 46.58 -112.75 -3.92
C LEU KA 189 45.08 -112.93 -3.74
N ILE KA 190 44.68 -113.81 -2.80
CA ILE KA 190 43.25 -114.03 -2.56
C ILE KA 190 42.59 -112.76 -2.05
N THR KA 191 43.33 -111.92 -1.33
CA THR KA 191 42.76 -110.67 -0.85
C THR KA 191 42.65 -109.64 -1.97
N GLN KA 192 43.50 -109.73 -2.99
CA GLN KA 192 43.43 -108.81 -4.12
C GLN KA 192 42.16 -108.99 -4.95
N MET KA 193 41.43 -110.10 -4.76
CA MET KA 193 40.20 -110.34 -5.52
C MET KA 193 39.00 -110.36 -4.59
N THR KA 194 38.78 -109.28 -3.86
CA THR KA 194 37.65 -109.18 -2.94
C THR KA 194 36.42 -108.57 -3.60
N GLY KA 195 36.58 -107.40 -4.21
CA GLY KA 195 35.46 -106.74 -4.88
C GLY KA 195 35.28 -107.17 -6.31
N LYS KA 196 36.32 -107.75 -6.91
CA LYS KA 196 36.26 -108.19 -8.29
C LYS KA 196 35.20 -109.28 -8.46
N GLU KA 197 34.08 -108.95 -9.09
CA GLU KA 197 33.01 -109.90 -9.28
C GLU KA 197 33.41 -110.96 -10.31
N LEU KA 198 32.74 -112.10 -10.24
CA LEU KA 198 32.99 -113.19 -11.18
C LEU KA 198 32.78 -112.70 -12.61
N PHE KA 199 33.27 -113.51 -13.56
CA PHE KA 199 33.15 -113.23 -14.99
C PHE KA 199 34.00 -112.02 -15.39
N GLU KA 200 33.88 -110.92 -14.65
CA GLU KA 200 34.74 -109.76 -14.91
C GLU KA 200 36.21 -110.15 -14.91
N MET KA 201 36.59 -111.13 -14.11
CA MET KA 201 37.95 -111.64 -14.09
C MET KA 201 38.16 -112.76 -15.09
N TRP KA 202 37.14 -113.58 -15.34
CA TRP KA 202 37.20 -114.69 -16.29
C TRP KA 202 36.14 -114.43 -17.36
N LYS KA 203 36.56 -113.78 -18.44
CA LYS KA 203 35.64 -113.45 -19.52
C LYS KA 203 35.16 -114.73 -20.20
N ILE KA 204 33.89 -114.72 -20.60
CA ILE KA 204 33.26 -115.85 -21.26
C ILE KA 204 32.46 -115.33 -22.44
N ILE KA 205 32.03 -116.26 -23.30
CA ILE KA 205 31.24 -115.95 -24.49
C ILE KA 205 30.05 -116.89 -24.52
N ASN KA 206 28.86 -116.34 -24.78
CA ASN KA 206 27.64 -117.13 -24.86
C ASN KA 206 27.40 -117.86 -23.53
N PRO KA 207 26.92 -117.15 -22.50
CA PRO KA 207 26.66 -117.82 -21.22
C PRO KA 207 25.55 -118.86 -21.31
N MET KA 208 24.65 -118.76 -22.28
CA MET KA 208 23.59 -119.75 -22.42
C MET KA 208 24.16 -121.13 -22.67
N GLY KA 209 25.23 -121.22 -23.45
CA GLY KA 209 25.84 -122.51 -23.70
C GLY KA 209 26.41 -123.13 -22.43
N LEU KA 210 27.12 -122.34 -21.64
CA LEU KA 210 27.65 -122.84 -20.37
C LEU KA 210 26.54 -123.23 -19.42
N LEU KA 211 25.45 -122.46 -19.38
CA LEU KA 211 24.32 -122.81 -18.54
C LEU KA 211 23.69 -124.13 -18.97
N VAL KA 212 23.51 -124.32 -20.27
CA VAL KA 212 22.93 -125.57 -20.77
C VAL KA 212 23.86 -126.74 -20.46
N GLU KA 213 25.17 -126.53 -20.58
CA GLU KA 213 26.12 -127.59 -20.26
C GLU KA 213 26.05 -127.96 -18.79
N GLU KA 214 26.00 -126.96 -17.91
CA GLU KA 214 25.90 -127.23 -16.48
C GLU KA 214 24.60 -127.96 -16.15
N LEU KA 215 23.51 -127.55 -16.78
CA LEU KA 215 22.23 -128.23 -16.55
C LEU KA 215 22.30 -129.69 -17.01
N LYS KA 216 22.82 -129.92 -18.21
CA LYS KA 216 22.99 -131.30 -18.68
C LYS KA 216 23.83 -132.11 -17.71
N LYS KA 217 24.90 -131.51 -17.18
CA LYS KA 217 25.69 -132.19 -16.17
C LYS KA 217 24.84 -132.51 -14.94
N ARG KA 218 23.92 -131.62 -14.60
CA ARG KA 218 23.02 -131.83 -13.45
C ARG KA 218 21.76 -132.56 -13.90
N ASN KA 219 20.89 -131.87 -14.63
CA ASN KA 219 19.65 -132.46 -15.12
C ASN KA 219 19.25 -131.75 -16.41
N VAL KA 220 18.96 -132.54 -17.45
CA VAL KA 220 18.59 -131.98 -18.74
C VAL KA 220 17.23 -131.30 -18.62
N SER KA 221 17.18 -130.00 -18.92
CA SER KA 221 15.93 -129.26 -18.86
C SER KA 221 16.12 -127.87 -19.46
N ALA KA 222 15.58 -127.65 -20.64
CA ALA KA 222 15.72 -126.36 -21.31
C ALA KA 222 15.10 -125.26 -20.45
N PRO KA 223 15.84 -124.22 -20.07
CA PRO KA 223 15.27 -123.16 -19.24
C PRO KA 223 14.30 -122.30 -20.04
N GLU KA 224 13.03 -122.33 -19.65
CA GLU KA 224 12.01 -121.55 -20.34
C GLU KA 224 12.17 -120.06 -20.05
N SER KA 225 12.91 -119.36 -20.90
CA SER KA 225 13.09 -117.92 -20.73
C SER KA 225 11.75 -117.22 -20.80
N ARG KA 226 11.38 -116.55 -19.70
CA ARG KA 226 10.09 -115.88 -19.61
C ARG KA 226 10.29 -114.46 -19.08
N LEU KA 227 9.42 -113.56 -19.51
CA LEU KA 227 9.47 -112.17 -19.08
C LEU KA 227 8.62 -112.00 -17.82
N THR KA 228 9.26 -111.51 -16.76
CA THR KA 228 8.58 -111.32 -15.48
C THR KA 228 8.02 -109.90 -15.33
N ARG KA 229 8.87 -108.90 -15.56
CA ARG KA 229 8.46 -107.51 -15.44
C ARG KA 229 9.13 -106.69 -16.53
N GLN KA 230 8.44 -105.65 -16.98
CA GLN KA 230 8.95 -104.77 -18.03
C GLN KA 230 8.55 -103.34 -17.70
N SER KA 231 9.48 -102.41 -17.92
CA SER KA 231 9.25 -100.99 -17.65
C SER KA 231 9.23 -100.25 -18.98
N GLY KA 232 8.14 -99.54 -19.25
CA GLY KA 232 8.02 -98.79 -20.48
C GLY KA 232 7.87 -99.69 -21.67
N GLY KA 233 8.47 -99.29 -22.79
CA GLY KA 233 8.39 -100.06 -24.02
C GLY KA 233 8.47 -99.17 -25.25
N THR KA 234 9.48 -99.39 -26.08
CA THR KA 234 9.70 -98.58 -27.28
C THR KA 234 9.95 -97.12 -26.93
N THR KA 235 10.47 -96.87 -25.73
CA THR KA 235 10.77 -95.52 -25.27
C THR KA 235 12.26 -95.20 -25.28
N ALA KA 236 13.09 -96.12 -25.80
CA ALA KA 236 14.54 -95.97 -25.86
C ALA KA 236 15.20 -96.12 -24.49
N LEU KA 237 14.44 -96.29 -23.42
CA LEU KA 237 14.99 -96.49 -22.08
C LEU KA 237 14.16 -97.55 -21.35
N PRO KA 238 14.13 -98.78 -21.86
CA PRO KA 238 13.34 -99.83 -21.20
C PRO KA 238 14.09 -100.51 -20.08
N LEU KA 239 13.46 -101.52 -19.46
CA LEU KA 239 14.11 -102.27 -18.38
C LEU KA 239 13.29 -103.54 -18.18
N TYR KA 240 13.71 -104.62 -18.85
CA TYR KA 240 13.02 -105.89 -18.80
C TYR KA 240 13.68 -106.80 -17.76
N PHE KA 241 12.86 -107.54 -17.02
CA PHE KA 241 13.32 -108.48 -16.01
C PHE KA 241 13.12 -109.89 -16.58
N VAL KA 242 14.12 -110.36 -17.33
CA VAL KA 242 14.04 -111.67 -17.96
C VAL KA 242 14.41 -112.74 -16.94
N GLY KA 243 13.59 -113.79 -16.86
CA GLY KA 243 13.82 -114.89 -15.95
C GLY KA 243 14.20 -116.17 -16.69
N LEU KA 244 14.37 -117.22 -15.91
CA LEU KA 244 14.74 -118.54 -16.43
C LEU KA 244 13.97 -119.59 -15.63
N TYR KA 245 12.86 -120.07 -16.18
CA TYR KA 245 12.05 -121.09 -15.54
C TYR KA 245 12.60 -122.46 -15.88
N CYS KA 246 12.96 -123.23 -14.86
CA CYS KA 246 13.47 -124.60 -15.03
C CYS KA 246 12.41 -125.55 -14.50
N ASP KA 247 11.51 -125.98 -15.38
CA ASP KA 247 10.41 -126.86 -15.02
C ASP KA 247 9.51 -126.21 -13.98
N LYS KA 248 9.02 -125.02 -14.32
CA LYS KA 248 8.14 -124.25 -13.44
C LYS KA 248 8.81 -123.94 -12.11
N LYS KA 249 10.14 -123.76 -12.12
CA LYS KA 249 10.89 -123.45 -10.91
C LYS KA 249 12.03 -122.53 -11.29
N LEU KA 250 11.85 -121.23 -11.07
CA LEU KA 250 12.89 -120.26 -11.41
C LEU KA 250 14.13 -120.50 -10.57
N ILE KA 251 15.30 -120.45 -11.22
CA ILE KA 251 16.57 -120.63 -10.53
C ILE KA 251 17.31 -119.32 -10.31
N ALA KA 252 17.05 -118.30 -11.12
CA ALA KA 252 17.71 -117.01 -11.00
C ALA KA 252 17.03 -116.04 -11.96
N GLU KA 253 17.52 -114.80 -11.98
CA GLU KA 253 16.97 -113.77 -12.85
C GLU KA 253 17.86 -112.54 -12.76
N GLY KA 254 17.70 -111.65 -13.74
CA GLY KA 254 18.46 -110.42 -13.78
C GLY KA 254 17.91 -109.46 -14.80
N PRO KA 255 17.93 -108.16 -14.50
CA PRO KA 255 17.43 -107.16 -15.44
C PRO KA 255 18.45 -106.84 -16.53
N GLY KA 256 18.01 -106.03 -17.48
CA GLY KA 256 18.87 -105.62 -18.57
C GLY KA 256 18.18 -104.58 -19.43
N GLU KA 257 18.99 -103.86 -20.22
CA GLU KA 257 18.47 -102.83 -21.10
C GLU KA 257 17.54 -103.45 -22.14
N THR KA 258 18.08 -104.34 -22.97
CA THR KA 258 17.31 -105.01 -24.01
C THR KA 258 16.85 -106.37 -23.52
N VAL KA 259 16.22 -107.13 -24.42
CA VAL KA 259 15.74 -108.46 -24.07
C VAL KA 259 16.88 -109.47 -24.10
N LEU KA 260 17.71 -109.41 -25.14
CA LEU KA 260 18.83 -110.34 -25.23
C LEU KA 260 19.86 -110.07 -24.12
N VAL KA 261 20.15 -108.80 -23.87
CA VAL KA 261 21.08 -108.46 -22.78
C VAL KA 261 20.50 -108.88 -21.44
N ALA KA 262 19.19 -108.72 -21.27
CA ALA KA 262 18.55 -109.14 -20.03
C ALA KA 262 18.66 -110.65 -19.84
N GLU KA 263 18.42 -111.41 -20.92
CA GLU KA 263 18.55 -112.86 -20.83
C GLU KA 263 19.99 -113.27 -20.53
N GLU KA 264 20.95 -112.59 -21.14
CA GLU KA 264 22.35 -112.89 -20.87
C GLU KA 264 22.70 -112.62 -19.41
N GLU KA 265 22.22 -111.50 -18.87
CA GLU KA 265 22.47 -111.18 -17.47
C GLU KA 265 21.80 -112.20 -16.55
N ALA KA 266 20.60 -112.64 -16.91
CA ALA KA 266 19.92 -113.67 -16.11
C ALA KA 266 20.70 -114.97 -16.13
N ALA KA 267 21.21 -115.37 -17.30
CA ALA KA 267 22.02 -116.58 -17.38
C ALA KA 267 23.31 -116.45 -16.57
N ARG KA 268 23.92 -115.26 -16.60
CA ARG KA 268 25.14 -115.05 -15.82
C ARG KA 268 24.85 -115.14 -14.33
N VAL KA 269 23.74 -114.56 -13.87
CA VAL KA 269 23.38 -114.64 -12.46
C VAL KA 269 23.06 -116.08 -12.07
N ALA KA 270 22.43 -116.83 -12.98
CA ALA KA 270 22.17 -118.24 -12.71
C ALA KA 270 23.46 -119.03 -12.57
N LEU KA 271 24.42 -118.78 -13.45
CA LEU KA 271 25.72 -119.43 -13.33
C LEU KA 271 26.41 -119.06 -12.03
N ARG KA 272 26.31 -117.79 -11.63
CA ARG KA 272 26.88 -117.36 -10.36
C ARG KA 272 26.25 -118.13 -9.20
N LYS KA 273 24.92 -118.19 -9.17
CA LYS KA 273 24.23 -118.91 -8.11
C LYS KA 273 24.63 -120.38 -8.10
N LEU KA 274 24.78 -120.99 -9.28
CA LEU KA 274 25.19 -122.39 -9.35
C LEU KA 274 26.58 -122.58 -8.79
N TYR KA 275 27.51 -121.68 -9.12
CA TYR KA 275 28.87 -121.76 -8.62
C TYR KA 275 29.02 -121.20 -7.21
N GLY KA 276 27.94 -120.67 -6.62
CA GLY KA 276 28.02 -120.12 -5.28
C GLY KA 276 28.91 -118.91 -5.16
N PHE KA 277 29.03 -118.12 -6.23
CA PHE KA 277 29.87 -116.93 -6.23
C PHE KA 277 29.07 -115.65 -6.02
N THR KA 278 27.81 -115.76 -5.60
CA THR KA 278 26.99 -114.59 -5.37
C THR KA 278 27.55 -113.75 -4.22
N GLU KA 279 26.95 -112.56 -4.04
CA GLU KA 279 27.38 -111.67 -2.97
C GLU KA 279 27.04 -112.21 -1.59
N ASN KA 280 26.13 -113.18 -1.51
CA ASN KA 280 25.72 -113.77 -0.23
C ASN KA 280 26.58 -114.97 0.16
N ARG KA 281 27.77 -115.11 -0.42
CA ARG KA 281 28.65 -116.22 -0.09
C ARG KA 281 29.35 -115.94 1.24
N ARG KA 282 30.31 -116.78 1.60
CA ARG KA 282 31.07 -116.60 2.83
C ARG KA 282 32.28 -115.71 2.58
N PRO KA 283 32.65 -114.81 3.50
CA PRO KA 283 33.82 -113.96 3.26
C PRO KA 283 35.10 -114.77 3.13
N TRP KA 284 35.60 -115.32 4.24
CA TRP KA 284 36.81 -116.13 4.24
C TRP KA 284 37.03 -116.60 5.68
N ASN KA 285 38.04 -117.46 5.84
CA ASN KA 285 38.42 -118.00 7.15
C ASN KA 285 39.89 -117.68 7.38
N TYR KA 286 40.15 -116.68 8.21
CA TYR KA 286 41.52 -116.28 8.52
C TYR KA 286 42.00 -116.91 9.83
N ALA LA 1 109.82 -74.95 -59.63
CA ALA LA 1 109.06 -76.14 -59.27
C ALA LA 1 108.70 -76.11 -57.79
N SER LA 2 108.00 -77.15 -57.33
CA SER LA 2 107.60 -77.24 -55.93
C SER LA 2 108.78 -77.45 -55.00
N GLN LA 3 109.95 -77.82 -55.52
CA GLN LA 3 111.11 -78.02 -54.67
C GLN LA 3 111.53 -76.72 -53.98
N VAL LA 4 111.38 -75.59 -54.66
CA VAL LA 4 111.73 -74.30 -54.06
C VAL LA 4 110.82 -74.03 -52.86
N SER LA 5 109.52 -74.25 -53.01
CA SER LA 5 108.59 -74.06 -51.90
C SER LA 5 108.88 -75.04 -50.77
N ILE LA 6 109.22 -76.28 -51.12
CA ILE LA 6 109.55 -77.27 -50.08
C ILE LA 6 110.77 -76.82 -49.29
N ARG LA 7 111.79 -76.32 -49.98
CA ARG LA 7 112.99 -75.83 -49.30
C ARG LA 7 112.67 -74.62 -48.43
N ARG LA 8 111.85 -73.71 -48.94
CA ARG LA 8 111.45 -72.54 -48.15
C ARG LA 8 110.72 -72.97 -46.87
N ILE LA 9 109.82 -73.93 -46.99
CA ILE LA 9 109.09 -74.41 -45.82
C ILE LA 9 110.02 -75.09 -44.84
N LYS LA 10 110.95 -75.91 -45.34
CA LYS LA 10 111.90 -76.59 -44.47
C LYS LA 10 112.85 -75.61 -43.80
N ASP LA 11 113.10 -74.46 -44.42
CA ASP LA 11 113.94 -73.44 -43.80
C ASP LA 11 113.18 -72.60 -42.80
N TYR LA 12 111.88 -72.39 -43.03
CA TYR LA 12 111.05 -71.58 -42.12
C TYR LA 12 110.41 -72.41 -41.02
N ASP LA 13 110.38 -73.74 -41.15
CA ASP LA 13 109.73 -74.57 -40.14
C ASP LA 13 110.48 -74.55 -38.82
N ALA LA 14 111.72 -75.04 -38.78
CA ALA LA 14 112.47 -75.57 -39.92
C ALA LA 14 112.36 -77.09 -40.00
N ASN LA 15 112.35 -77.76 -38.85
CA ASN LA 15 112.22 -79.20 -38.82
C ASN LA 15 110.88 -79.63 -39.42
N PHE LA 16 110.94 -80.40 -40.50
CA PHE LA 16 109.75 -80.84 -41.19
C PHE LA 16 110.12 -81.93 -42.18
N LYS LA 17 109.20 -82.88 -42.38
CA LYS LA 17 109.39 -83.99 -43.30
C LYS LA 17 108.19 -84.06 -44.24
N ILE LA 18 108.34 -84.84 -45.31
CA ILE LA 18 107.32 -84.98 -46.34
C ILE LA 18 106.63 -86.33 -46.24
N LYS LA 19 107.40 -87.41 -46.09
CA LYS LA 19 106.81 -88.75 -46.06
C LYS LA 19 105.87 -88.91 -44.86
N ASP LA 20 106.08 -88.15 -43.79
CA ASP LA 20 105.23 -88.21 -42.61
C ASP LA 20 104.11 -87.18 -42.64
N PHE LA 21 103.81 -86.61 -43.81
CA PHE LA 21 102.78 -85.58 -43.93
C PHE LA 21 101.41 -86.20 -44.22
N PRO LA 22 101.31 -87.21 -45.08
CA PRO LA 22 99.99 -87.80 -45.36
C PRO LA 22 99.29 -88.32 -44.11
N GLU LA 23 100.04 -88.89 -43.17
CA GLU LA 23 99.43 -89.38 -41.94
C GLU LA 23 98.80 -88.24 -41.16
N LYS LA 24 99.53 -87.14 -41.00
CA LYS LA 24 98.98 -85.98 -40.29
C LYS LA 24 97.79 -85.40 -41.03
N ALA LA 25 97.84 -85.40 -42.37
CA ALA LA 25 96.72 -84.89 -43.15
C ALA LA 25 95.47 -85.73 -42.93
N LYS LA 26 95.62 -87.05 -42.98
CA LYS LA 26 94.48 -87.94 -42.74
C LYS LA 26 93.94 -87.77 -41.32
N ASP LA 27 94.85 -87.62 -40.34
CA ASP LA 27 94.42 -87.42 -38.97
C ASP LA 27 93.64 -86.13 -38.82
N ILE LA 28 94.11 -85.05 -39.44
CA ILE LA 28 93.40 -83.77 -39.37
C ILE LA 28 92.05 -83.88 -40.06
N PHE LA 29 91.98 -84.58 -41.18
CA PHE LA 29 90.71 -84.78 -41.87
C PHE LA 29 89.72 -85.51 -40.98
N ILE LA 30 90.14 -86.63 -40.38
CA ILE LA 30 89.25 -87.40 -39.53
C ILE LA 30 88.81 -86.58 -38.32
N GLU LA 31 89.74 -85.82 -37.74
CA GLU LA 31 89.39 -85.01 -36.57
C GLU LA 31 88.39 -83.92 -36.93
N ALA LA 32 88.60 -83.24 -38.06
CA ALA LA 32 87.67 -82.20 -38.48
C ALA LA 32 86.29 -82.79 -38.75
N HIS LA 33 86.24 -83.97 -39.37
CA HIS LA 33 84.93 -84.57 -39.65
C HIS LA 33 84.24 -85.03 -38.38
N LEU LA 34 85.00 -85.58 -37.42
CA LEU LA 34 84.41 -85.98 -36.15
C LEU LA 34 83.90 -84.74 -35.39
N CYS LA 35 84.61 -83.63 -35.50
CA CYS LA 35 84.16 -82.40 -34.86
C CYS LA 35 82.89 -81.87 -35.53
N LEU LA 36 82.84 -81.90 -36.86
CA LEU LA 36 81.61 -81.55 -37.56
C LEU LA 36 80.46 -82.42 -37.08
N ASN LA 37 80.71 -83.72 -36.90
CA ASN LA 37 79.69 -84.60 -36.33
C ASN LA 37 79.24 -84.10 -34.97
N ASN LA 38 80.20 -83.88 -34.06
CA ASN LA 38 79.89 -83.41 -32.72
C ASN LA 38 79.66 -81.91 -32.65
N SER LA 39 79.99 -81.17 -33.72
CA SER LA 39 79.80 -79.72 -33.75
C SER LA 39 80.68 -79.04 -32.70
N ASP LA 40 81.99 -79.21 -32.86
CA ASP LA 40 82.99 -78.61 -31.98
C ASP LA 40 83.55 -77.37 -32.68
N HIS LA 41 83.11 -76.20 -32.22
CA HIS LA 41 83.53 -74.95 -32.86
C HIS LA 41 85.00 -74.67 -32.58
N ASP LA 42 85.44 -74.82 -31.33
CA ASP LA 42 86.83 -74.54 -30.98
C ASP LA 42 87.77 -75.51 -31.69
N ARG LA 43 87.47 -76.81 -31.62
CA ARG LA 43 88.32 -77.80 -32.27
C ARG LA 43 88.35 -77.58 -33.78
N LEU LA 44 87.22 -77.21 -34.38
CA LEU LA 44 87.20 -76.93 -35.80
C LEU LA 44 88.07 -75.73 -36.15
N HIS LA 45 87.97 -74.65 -35.35
CA HIS LA 45 88.81 -73.48 -35.57
C HIS LA 45 90.28 -73.84 -35.45
N THR LA 46 90.62 -74.71 -34.51
CA THR LA 46 92.01 -75.16 -34.37
C THR LA 46 92.46 -75.98 -35.58
N LEU LA 47 91.53 -76.60 -36.29
CA LEU LA 47 91.88 -77.41 -37.46
C LEU LA 47 91.70 -76.59 -38.74
N VAL LA 48 90.58 -76.77 -39.44
CA VAL LA 48 90.37 -76.06 -40.69
C VAL LA 48 90.43 -74.56 -40.45
N THR LA 49 91.09 -73.84 -41.36
CA THR LA 49 91.22 -72.40 -41.26
C THR LA 49 89.89 -71.75 -41.66
N GLU LA 50 89.90 -70.43 -41.80
CA GLU LA 50 88.70 -69.69 -42.16
C GLU LA 50 88.47 -69.62 -43.67
N HIS LA 51 89.44 -70.02 -44.47
CA HIS LA 51 89.24 -70.04 -45.93
C HIS LA 51 88.24 -71.09 -46.35
N CYS LA 52 87.93 -72.07 -45.49
CA CYS LA 52 86.94 -73.09 -45.80
C CYS LA 52 86.04 -73.44 -44.61
N PHE LA 53 86.30 -72.92 -43.42
CA PHE LA 53 85.44 -73.24 -42.27
C PHE LA 53 84.00 -72.81 -42.51
N PRO LA 54 83.71 -71.54 -42.84
CA PRO LA 54 82.31 -71.15 -43.06
C PRO LA 54 81.70 -71.75 -44.31
N ASP LA 55 82.49 -72.41 -45.17
CA ASP LA 55 81.94 -73.00 -46.38
C ASP LA 55 81.32 -74.37 -46.11
N MET LA 56 81.90 -75.13 -45.18
CA MET LA 56 81.41 -76.46 -44.83
C MET LA 56 80.86 -76.52 -43.41
N THR LA 57 80.37 -75.39 -42.90
CA THR LA 57 79.82 -75.34 -41.56
C THR LA 57 78.53 -74.53 -41.54
N TRP LA 58 78.48 -73.44 -42.32
CA TRP LA 58 77.28 -72.62 -42.38
C TRP LA 58 76.12 -73.37 -43.00
N ASP LA 59 76.39 -74.31 -43.91
CA ASP LA 59 75.33 -75.08 -44.55
C ASP LA 59 74.88 -76.26 -43.70
N ILE LA 60 75.76 -76.77 -42.84
CA ILE LA 60 75.43 -77.90 -41.98
C ILE LA 60 74.94 -77.40 -40.63
N LYS LA 61 74.66 -76.11 -40.54
CA LYS LA 61 74.17 -75.51 -39.30
C LYS LA 61 72.68 -75.77 -39.14
N TYR LA 62 72.26 -75.90 -37.88
CA TYR LA 62 70.86 -76.14 -37.55
C TYR LA 62 70.36 -77.45 -38.17
N LYS LA 63 71.21 -78.47 -38.14
CA LYS LA 63 70.87 -79.78 -38.69
C LYS LA 63 71.94 -80.77 -38.28
N THR LA 64 71.51 -81.99 -37.95
CA THR LA 64 72.43 -83.03 -37.50
C THR LA 64 73.11 -83.69 -38.70
N VAL LA 65 74.01 -84.63 -38.41
CA VAL LA 65 74.73 -85.35 -39.45
C VAL LA 65 75.33 -86.59 -38.82
N ARG LA 66 75.49 -87.64 -39.62
CA ARG LA 66 76.03 -88.93 -39.17
C ARG LA 66 77.10 -89.38 -40.16
N TRP LA 67 78.30 -88.82 -40.01
CA TRP LA 67 79.43 -89.20 -40.84
C TRP LA 67 80.24 -90.30 -40.14
N SER LA 68 80.75 -91.24 -40.94
CA SER LA 68 81.51 -92.36 -40.41
C SER LA 68 82.66 -92.68 -41.36
N PHE LA 69 83.87 -92.72 -40.83
CA PHE LA 69 85.05 -93.04 -41.62
C PHE LA 69 85.34 -94.53 -41.56
N VAL LA 70 86.02 -95.03 -42.59
CA VAL LA 70 86.35 -96.45 -42.69
C VAL LA 70 87.63 -96.59 -43.47
N GLU LA 71 88.09 -97.84 -43.67
CA GLU LA 71 89.32 -98.09 -44.41
C GLU LA 71 89.28 -97.39 -45.76
N SER LA 72 90.47 -97.07 -46.27
CA SER LA 72 90.64 -96.36 -47.53
C SER LA 72 91.31 -97.26 -48.56
N LEU LA 73 91.53 -96.71 -49.75
CA LEU LA 73 92.17 -97.43 -50.83
C LEU LA 73 93.20 -96.52 -51.49
N GLU LA 74 94.24 -97.14 -52.05
CA GLU LA 74 95.32 -96.42 -52.73
C GLU LA 74 96.08 -95.56 -51.73
N PRO LA 75 97.40 -95.70 -51.62
CA PRO LA 75 98.16 -94.88 -50.66
C PRO LA 75 98.18 -93.42 -51.09
N SER LA 76 98.23 -92.54 -50.08
CA SER LA 76 98.28 -91.11 -50.34
C SER LA 76 99.51 -90.74 -51.14
N HIS LA 77 99.45 -89.59 -51.80
CA HIS LA 77 100.56 -89.10 -52.60
C HIS LA 77 100.39 -87.60 -52.81
N VAL LA 78 101.47 -86.85 -52.58
CA VAL LA 78 101.42 -85.40 -52.75
C VAL LA 78 101.42 -85.06 -54.23
N VAL LA 79 100.57 -84.10 -54.61
CA VAL LA 79 100.46 -83.68 -56.00
C VAL LA 79 101.39 -82.49 -56.23
N GLN LA 80 100.99 -81.32 -55.74
CA GLN LA 80 101.78 -80.11 -55.90
C GLN LA 80 101.67 -79.27 -54.63
N VAL LA 81 102.77 -78.61 -54.27
CA VAL LA 81 102.82 -77.76 -53.08
C VAL LA 81 103.53 -76.47 -53.44
N ARG LA 82 103.01 -75.35 -52.95
CA ARG LA 82 103.59 -74.05 -53.23
C ARG LA 82 103.31 -73.12 -52.05
N CYS LA 83 104.07 -72.02 -52.01
CA CYS LA 83 103.91 -71.04 -50.94
C CYS LA 83 103.12 -69.83 -51.43
N ASN LA 91 102.53 -63.27 -42.67
CA ASN LA 91 102.11 -62.90 -44.02
C ASN LA 91 102.36 -64.07 -44.98
N VAL LA 92 103.48 -64.75 -44.80
CA VAL LA 92 103.84 -65.89 -45.65
C VAL LA 92 102.99 -67.09 -45.26
N TYR LA 93 102.66 -67.91 -46.25
CA TYR LA 93 101.87 -69.12 -46.05
C TYR LA 93 102.49 -70.27 -46.82
N GLY LA 94 101.89 -71.44 -46.69
CA GLY LA 94 102.38 -72.63 -47.37
C GLY LA 94 101.27 -73.54 -47.84
N GLN LA 95 100.94 -73.45 -49.14
CA GLN LA 95 99.87 -74.27 -49.70
C GLN LA 95 100.39 -75.65 -50.05
N ILE LA 96 99.70 -76.68 -49.56
CA ILE LA 96 100.06 -78.07 -49.82
C ILE LA 96 98.80 -78.83 -50.22
N THR LA 97 98.90 -79.62 -51.28
CA THR LA 97 97.79 -80.42 -51.78
C THR LA 97 98.13 -81.90 -51.66
N VAL LA 98 97.16 -82.69 -51.22
CA VAL LA 98 97.33 -84.13 -51.04
C VAL LA 98 96.17 -84.85 -51.70
N ARG LA 99 96.46 -86.00 -52.31
CA ARG LA 99 95.46 -86.81 -52.98
C ARG LA 99 95.20 -88.07 -52.17
N MET LA 100 93.93 -88.41 -51.99
CA MET LA 100 93.55 -89.59 -51.23
C MET LA 100 92.23 -90.13 -51.77
N HIS LA 101 92.06 -91.44 -51.65
CA HIS LA 101 90.85 -92.14 -52.09
C HIS LA 101 90.34 -92.94 -50.90
N THR LA 102 89.45 -92.33 -50.11
CA THR LA 102 88.93 -92.93 -48.90
C THR LA 102 87.45 -93.24 -49.06
N ARG LA 103 87.01 -94.38 -48.54
CA ARG LA 103 85.60 -94.73 -48.56
C ARG LA 103 84.83 -93.86 -47.57
N GLN LA 104 83.78 -93.22 -48.06
CA GLN LA 104 83.01 -92.28 -47.26
C GLN LA 104 81.56 -92.75 -47.15
N THR LA 105 80.88 -92.28 -46.11
CA THR LA 105 79.48 -92.62 -45.85
C THR LA 105 78.77 -91.34 -45.40
N LEU LA 106 78.04 -90.72 -46.32
CA LEU LA 106 77.32 -89.49 -46.03
C LEU LA 106 75.89 -89.81 -45.62
N ALA LA 107 75.48 -89.26 -44.47
CA ALA LA 107 74.13 -89.47 -43.94
C ALA LA 107 73.68 -88.17 -43.25
N ILE LA 108 73.39 -87.16 -44.06
CA ILE LA 108 72.94 -85.88 -43.54
C ILE LA 108 71.45 -85.94 -43.24
N TYR LA 109 71.03 -85.21 -42.21
CA TYR LA 109 69.65 -85.18 -41.77
C TYR LA 109 69.14 -83.73 -41.74
N ASP LA 110 67.82 -83.59 -41.87
CA ASP LA 110 67.21 -82.27 -41.88
C ASP LA 110 67.22 -81.68 -40.47
N ARG LA 111 66.71 -80.45 -40.35
CA ARG LA 111 66.59 -79.81 -39.05
C ARG LA 111 65.80 -80.69 -38.08
N PHE LA 112 64.79 -81.40 -38.58
CA PHE LA 112 64.01 -82.32 -37.76
C PHE LA 112 64.63 -83.71 -37.70
N GLY LA 113 65.12 -84.20 -38.84
CA GLY LA 113 65.80 -85.48 -38.89
C GLY LA 113 65.43 -86.32 -40.10
N ARG LA 114 64.63 -87.36 -39.87
CA ARG LA 114 64.25 -88.35 -40.87
C ARG LA 114 65.39 -88.74 -41.80
N LEU LA 115 65.93 -87.79 -42.57
CA LEU LA 115 66.93 -88.03 -43.61
C LEU LA 115 66.78 -86.93 -44.67
N MET LA 116 67.88 -86.59 -45.35
CA MET LA 116 67.80 -85.57 -46.39
C MET LA 116 68.86 -85.70 -47.47
N TYR LA 117 69.75 -86.70 -47.42
CA TYR LA 117 70.80 -86.81 -48.42
C TYR LA 117 71.00 -88.26 -48.87
N GLY LA 118 71.67 -89.06 -48.03
CA GLY LA 118 71.96 -90.44 -48.39
C GLY LA 118 71.76 -91.37 -47.21
N GLN LA 119 71.88 -92.66 -47.50
CA GLN LA 119 71.69 -93.68 -46.48
C GLN LA 119 72.81 -93.62 -45.44
N GLU LA 120 72.78 -94.55 -44.50
CA GLU LA 120 73.76 -94.61 -43.42
C GLU LA 120 74.74 -95.77 -43.55
N ASP LA 121 74.46 -96.74 -44.42
CA ASP LA 121 75.33 -97.90 -44.60
C ASP LA 121 75.61 -98.11 -46.10
N VAL LA 122 76.30 -97.13 -46.70
CA VAL LA 122 76.64 -97.18 -48.12
C VAL LA 122 78.05 -96.60 -48.28
N PRO LA 123 79.10 -97.43 -48.27
CA PRO LA 123 80.46 -96.89 -48.42
C PRO LA 123 80.70 -96.32 -49.81
N LYS LA 124 80.59 -94.99 -49.94
CA LYS LA 124 80.82 -94.32 -51.21
C LYS LA 124 82.30 -94.04 -51.40
N ASP LA 125 82.71 -93.97 -52.66
CA ASP LA 125 84.10 -93.72 -53.04
C ASP LA 125 84.20 -92.33 -53.65
N VAL LA 126 84.96 -91.45 -53.02
CA VAL LA 126 85.17 -90.08 -53.51
C VAL LA 126 86.63 -89.72 -53.31
N LEU LA 127 87.19 -89.03 -54.31
CA LEU LA 127 88.58 -88.62 -54.25
C LEU LA 127 88.73 -87.34 -53.43
N GLU LA 128 89.93 -87.14 -52.90
CA GLU LA 128 90.24 -85.98 -52.07
C GLU LA 128 91.27 -85.10 -52.77
N TYR LA 129 91.05 -83.79 -52.71
CA TYR LA 129 91.95 -82.82 -53.32
C TYR LA 129 91.96 -81.54 -52.50
N VAL LA 130 92.01 -81.66 -51.18
CA VAL LA 130 91.99 -80.51 -50.29
C VAL LA 130 93.36 -79.85 -50.26
N VAL LA 131 93.37 -78.52 -50.13
CA VAL LA 131 94.60 -77.75 -50.04
C VAL LA 131 94.83 -77.38 -48.59
N PHE LA 132 96.11 -77.37 -48.19
CA PHE LA 132 96.49 -77.09 -46.81
C PHE LA 132 97.05 -75.66 -46.71
N GLU LA 133 97.34 -75.24 -45.48
CA GLU LA 133 97.88 -73.92 -45.23
C GLU LA 133 98.46 -73.87 -43.83
N LYS LA 134 99.40 -72.96 -43.63
CA LYS LA 134 100.04 -72.80 -42.33
C LYS LA 134 100.65 -71.41 -42.25
N GLN LA 135 100.65 -70.84 -41.04
CA GLN LA 135 101.23 -69.53 -40.82
C GLN LA 135 102.75 -69.61 -40.75
N LEU LA 136 103.41 -68.64 -41.38
CA LEU LA 136 104.86 -68.59 -41.39
C LEU LA 136 105.36 -67.17 -41.16
N PRO LA 139 105.32 -68.60 -36.12
CA PRO LA 139 105.24 -68.35 -34.67
C PRO LA 139 104.64 -69.53 -33.90
N TYR LA 140 103.35 -69.81 -34.15
CA TYR LA 140 102.70 -70.92 -33.46
C TYR LA 140 101.65 -71.61 -34.32
N GLY LA 141 101.57 -71.32 -35.62
CA GLY LA 141 100.59 -71.95 -36.48
C GLY LA 141 100.85 -73.43 -36.65
N SER LA 142 99.99 -74.05 -37.46
CA SER LA 142 100.11 -75.49 -37.73
C SER LA 142 99.52 -75.76 -39.10
N TRP LA 143 99.86 -76.94 -39.64
CA TRP LA 143 99.36 -77.35 -40.95
C TRP LA 143 97.86 -77.55 -40.89
N ARG LA 144 97.11 -76.75 -41.65
CA ARG LA 144 95.67 -76.78 -41.63
C ARG LA 144 95.15 -76.75 -43.07
N MET LA 145 93.89 -77.16 -43.23
CA MET LA 145 93.27 -77.16 -44.55
C MET LA 145 93.20 -75.74 -45.11
N HIS LA 146 92.78 -75.64 -46.37
CA HIS LA 146 92.71 -74.35 -47.04
C HIS LA 146 91.48 -74.26 -47.93
N THR LA 147 91.44 -75.04 -49.03
CA THR LA 147 90.35 -74.97 -49.99
C THR LA 147 90.09 -76.36 -50.54
N LYS LA 148 89.00 -76.47 -51.29
CA LYS LA 148 88.60 -77.71 -51.95
C LYS LA 148 88.66 -77.52 -53.46
N ILE LA 149 89.16 -78.55 -54.15
CA ILE LA 149 89.34 -78.50 -55.60
C ILE LA 149 88.67 -79.74 -56.16
N VAL LA 150 87.44 -79.58 -56.66
CA VAL LA 150 86.71 -80.69 -57.27
C VAL LA 150 87.13 -80.92 -58.72
N PRO LA 151 87.63 -79.92 -59.45
CA PRO LA 151 88.14 -80.20 -60.80
C PRO LA 151 89.36 -81.09 -60.75
N PRO LA 152 89.82 -81.62 -61.90
CA PRO LA 152 89.23 -81.41 -63.23
C PRO LA 152 87.99 -82.27 -63.47
N TRP LA 153 88.08 -83.57 -63.15
CA TRP LA 153 86.96 -84.46 -63.35
C TRP LA 153 85.77 -84.03 -62.51
N ALA LA 154 84.64 -83.80 -63.17
CA ALA LA 154 83.42 -83.36 -62.50
C ALA LA 154 82.38 -84.48 -62.52
N PRO LA 155 82.49 -85.46 -61.61
CA PRO LA 155 81.52 -86.56 -61.60
C PRO LA 155 80.15 -86.06 -61.16
N PRO LA 156 79.08 -86.76 -61.54
CA PRO LA 156 77.74 -86.32 -61.11
C PRO LA 156 77.59 -86.37 -59.60
N LYS LA 157 76.59 -85.63 -59.12
CA LYS LA 157 76.29 -85.58 -57.69
C LYS LA 157 75.32 -86.70 -57.33
N GLN LA 158 75.22 -86.96 -56.03
CA GLN LA 158 74.33 -88.01 -55.55
C GLN LA 158 72.88 -87.64 -55.86
N PRO LA 159 72.00 -88.63 -55.99
CA PRO LA 159 70.59 -88.32 -56.30
C PRO LA 159 69.85 -87.71 -55.12
N ILE LA 160 69.45 -86.45 -55.25
CA ILE LA 160 68.72 -85.79 -54.18
C ILE LA 160 67.37 -86.47 -54.00
N LEU LA 161 67.00 -86.69 -52.74
CA LEU LA 161 65.75 -87.38 -52.42
C LEU LA 161 64.55 -86.56 -52.86
N LYS LA 162 64.34 -85.41 -52.23
CA LYS LA 162 63.21 -84.57 -52.57
C LYS LA 162 63.34 -84.05 -53.99
N THR LA 163 62.24 -83.49 -54.50
CA THR LA 163 62.18 -82.96 -55.86
C THR LA 163 62.26 -81.43 -55.79
N VAL LA 164 63.16 -80.86 -56.59
CA VAL LA 164 63.36 -79.41 -56.63
C VAL LA 164 62.57 -78.84 -57.79
N MET LA 165 62.10 -77.60 -57.63
CA MET LA 165 61.33 -76.90 -58.65
C MET LA 165 62.03 -75.57 -58.92
N ILE LA 166 62.79 -75.51 -60.00
CA ILE LA 166 63.52 -74.30 -60.37
C ILE LA 166 62.53 -73.34 -61.03
N PRO LA 167 62.25 -72.19 -60.42
CA PRO LA 167 61.31 -71.24 -61.04
C PRO LA 167 61.93 -70.49 -62.20
N GLY LA 168 61.08 -70.20 -63.19
CA GLY LA 168 61.51 -69.47 -64.36
C GLY LA 168 61.39 -67.97 -64.18
N PRO LA 169 61.71 -67.21 -65.23
CA PRO LA 169 61.62 -65.76 -65.13
C PRO LA 169 60.18 -65.27 -65.03
N GLN LA 170 59.79 -64.78 -63.86
CA GLN LA 170 58.43 -64.29 -63.66
C GLN LA 170 58.20 -63.02 -64.49
N LEU LA 171 56.96 -62.56 -64.48
CA LEU LA 171 56.57 -61.35 -65.20
C LEU LA 171 55.71 -60.45 -64.32
N SER MA 1 -58.56 -50.28 73.86
CA SER MA 1 -58.10 -49.23 74.76
C SER MA 1 -58.90 -49.21 76.06
N PRO MA 2 -58.74 -50.25 76.88
CA PRO MA 2 -59.49 -50.30 78.15
C PRO MA 2 -58.95 -49.31 79.18
N TRP MA 3 -59.13 -48.03 78.91
CA TRP MA 3 -58.67 -46.98 79.81
C TRP MA 3 -59.66 -45.82 79.74
N ARG MA 4 -59.37 -44.76 80.49
CA ARG MA 4 -60.20 -43.58 80.56
C ARG MA 4 -59.46 -42.42 79.90
N LEU MA 5 -60.09 -41.79 78.91
CA LEU MA 5 -59.50 -40.67 78.18
C LEU MA 5 -59.63 -39.43 79.06
N LEU MA 6 -58.55 -39.07 79.75
CA LEU MA 6 -58.52 -37.91 80.62
C LEU MA 6 -57.43 -36.94 80.17
N GLY MA 7 -57.62 -35.66 80.49
CA GLY MA 7 -56.65 -34.65 80.15
C GLY MA 7 -56.64 -33.50 81.14
N ALA MA 8 -55.50 -33.28 81.79
CA ALA MA 8 -55.37 -32.23 82.80
C ALA MA 8 -54.16 -31.36 82.52
N LEU MA 9 -53.79 -30.52 83.48
CA LEU MA 9 -52.63 -29.65 83.34
C LEU MA 9 -52.32 -29.02 84.68
N CYS MA 10 -51.02 -28.86 84.97
CA CYS MA 10 -50.56 -28.25 86.21
C CYS MA 10 -50.28 -26.78 85.94
N LEU MA 11 -51.35 -25.98 85.92
CA LEU MA 11 -51.24 -24.56 85.63
C LEU MA 11 -50.44 -23.86 86.72
N GLN MA 12 -49.37 -23.19 86.33
CA GLN MA 12 -48.52 -22.46 87.27
C GLN MA 12 -49.06 -21.04 87.47
N ARG MA 13 -48.37 -20.27 88.30
CA ARG MA 13 -48.75 -18.90 88.59
C ARG MA 13 -47.48 -18.09 88.79
N PRO MA 14 -47.32 -16.95 88.11
CA PRO MA 14 -46.11 -16.15 88.28
C PRO MA 14 -46.10 -15.47 89.64
N PRO MA 15 -44.95 -15.39 90.29
CA PRO MA 15 -44.88 -14.74 91.61
C PRO MA 15 -44.81 -13.22 91.46
N VAL MA 16 -44.82 -12.54 92.60
CA VAL MA 16 -44.75 -11.08 92.63
C VAL MA 16 -43.79 -10.64 93.73
N VAL MA 17 -44.21 -10.83 94.99
CA VAL MA 17 -43.37 -10.43 96.11
C VAL MA 17 -42.11 -11.31 96.14
N SER MA 18 -40.98 -10.67 96.38
CA SER MA 18 -39.71 -11.40 96.46
C SER MA 18 -39.56 -12.05 97.82
N LYS MA 19 -38.89 -13.20 97.84
CA LYS MA 19 -38.69 -13.93 99.09
C LYS MA 19 -37.81 -13.10 100.03
N PRO MA 20 -37.95 -13.29 101.34
CA PRO MA 20 -37.12 -12.55 102.29
C PRO MA 20 -35.71 -13.10 102.35
N LEU MA 21 -34.74 -12.20 102.47
CA LEU MA 21 -33.33 -12.57 102.53
C LEU MA 21 -33.00 -13.13 103.90
N THR MA 22 -32.36 -14.30 103.91
CA THR MA 22 -31.93 -14.91 105.16
C THR MA 22 -31.02 -13.96 105.92
N PRO MA 23 -31.07 -13.98 107.26
CA PRO MA 23 -30.13 -13.14 108.03
C PRO MA 23 -28.69 -13.26 107.55
N LEU MA 24 -28.27 -14.46 107.17
CA LEU MA 24 -26.95 -14.60 106.57
C LEU MA 24 -26.86 -13.84 105.25
N GLN MA 25 -27.92 -13.91 104.44
CA GLN MA 25 -27.94 -13.14 103.20
C GLN MA 25 -27.96 -11.64 103.48
N GLU MA 26 -28.65 -11.23 104.55
CA GLU MA 26 -28.65 -9.81 104.92
C GLU MA 26 -27.25 -9.35 105.32
N GLU MA 27 -26.54 -10.16 106.10
CA GLU MA 27 -25.17 -9.82 106.48
C GLU MA 27 -24.26 -9.78 105.25
N MET MA 28 -24.47 -10.71 104.31
CA MET MA 28 -23.67 -10.70 103.09
C MET MA 28 -23.93 -9.45 102.27
N ALA MA 29 -25.20 -9.03 102.18
CA ALA MA 29 -25.52 -7.81 101.46
C ALA MA 29 -24.93 -6.59 102.14
N SER MA 30 -24.94 -6.57 103.48
CA SER MA 30 -24.33 -5.46 104.20
C SER MA 30 -22.83 -5.41 103.95
N LEU MA 31 -22.16 -6.56 103.97
CA LEU MA 31 -20.73 -6.61 103.69
C LEU MA 31 -20.46 -6.16 102.25
N LEU MA 32 -21.31 -6.56 101.31
CA LEU MA 32 -21.13 -6.14 99.92
C LEU MA 32 -21.25 -4.62 99.79
N GLN MA 33 -22.27 -4.04 100.44
CA GLN MA 33 -22.43 -2.59 100.41
C GLN MA 33 -21.24 -1.90 101.05
N GLN MA 34 -20.72 -2.45 102.14
CA GLN MA 34 -19.57 -1.84 102.81
C GLN MA 34 -18.33 -1.86 101.92
N ILE MA 35 -18.03 -3.02 101.32
CA ILE MA 35 -16.86 -3.11 100.46
C ILE MA 35 -17.04 -2.26 99.21
N GLU MA 36 -18.28 -2.09 98.75
CA GLU MA 36 -18.53 -1.21 97.61
C GLU MA 36 -18.26 0.24 97.97
N ILE MA 37 -18.80 0.70 99.11
CA ILE MA 37 -18.54 2.06 99.56
C ILE MA 37 -17.05 2.27 99.77
N GLU MA 38 -16.33 1.24 100.22
CA GLU MA 38 -14.90 1.37 100.41
C GLU MA 38 -14.17 1.48 99.08
N ARG MA 39 -14.56 0.67 98.10
CA ARG MA 39 -13.95 0.68 96.78
C ARG MA 39 -14.55 1.72 95.84
N SER MA 40 -15.70 2.29 96.19
CA SER MA 40 -16.33 3.29 95.34
C SER MA 40 -15.42 4.50 95.18
N LEU MA 41 -15.70 5.29 94.15
CA LEU MA 41 -14.94 6.49 93.85
C LEU MA 41 -15.78 7.72 94.17
N TYR MA 42 -15.15 8.89 94.05
CA TYR MA 42 -15.82 10.14 94.40
C TYR MA 42 -17.08 10.31 93.55
N SER MA 43 -18.18 10.61 94.23
CA SER MA 43 -19.47 10.83 93.58
C SER MA 43 -19.70 12.32 93.38
N ASP MA 44 -20.95 12.69 93.09
CA ASP MA 44 -21.33 14.07 92.87
C ASP MA 44 -21.97 14.69 94.12
N HIS MA 45 -22.99 14.04 94.67
CA HIS MA 45 -23.66 14.58 95.85
C HIS MA 45 -22.69 14.65 97.04
N GLU MA 46 -21.90 13.61 97.24
CA GLU MA 46 -20.94 13.61 98.34
C GLU MA 46 -19.89 14.70 98.14
N LEU MA 47 -19.40 14.87 96.91
CA LEU MA 47 -18.44 15.93 96.63
C LEU MA 47 -19.04 17.30 96.93
N ARG MA 48 -20.27 17.53 96.48
CA ARG MA 48 -20.93 18.81 96.73
C ARG MA 48 -21.08 19.06 98.23
N ALA MA 49 -21.53 18.04 98.96
CA ALA MA 49 -21.72 18.19 100.40
C ALA MA 49 -20.41 18.50 101.10
N LEU MA 50 -19.35 17.76 100.76
CA LEU MA 50 -18.05 17.99 101.40
C LEU MA 50 -17.52 19.38 101.08
N ASP MA 51 -17.64 19.80 99.82
CA ASP MA 51 -17.16 21.13 99.44
C ASP MA 51 -17.93 22.22 100.18
N GLU MA 52 -19.26 22.09 100.23
CA GLU MA 52 -20.06 23.09 100.92
C GLU MA 52 -19.70 23.15 102.41
N ASN MA 53 -19.57 21.99 103.05
CA ASN MA 53 -19.23 21.97 104.47
C ASN MA 53 -17.87 22.60 104.71
N GLN MA 54 -16.87 22.24 103.90
CA GLN MA 54 -15.53 22.79 104.07
C GLN MA 54 -15.53 24.30 103.87
N ARG MA 55 -16.21 24.78 102.83
CA ARG MA 55 -16.24 26.22 102.56
C ARG MA 55 -16.94 26.96 103.69
N LEU MA 56 -18.06 26.43 104.18
CA LEU MA 56 -18.76 27.07 105.28
C LEU MA 56 -17.90 27.12 106.53
N ALA MA 57 -17.22 26.02 106.86
CA ALA MA 57 -16.36 25.99 108.02
C ALA MA 57 -15.21 26.99 107.89
N LYS MA 58 -14.60 27.06 106.70
CA LYS MA 58 -13.48 27.97 106.49
C LYS MA 58 -13.94 29.42 106.58
N LYS MA 59 -15.13 29.73 106.04
CA LYS MA 59 -15.63 31.10 106.06
C LYS MA 59 -16.15 31.52 107.43
N LYS MA 60 -16.58 30.56 108.26
CA LYS MA 60 -17.06 30.88 109.59
C LYS MA 60 -15.95 30.87 110.64
N ALA MA 61 -14.86 30.17 110.39
CA ALA MA 61 -13.75 30.11 111.34
C ALA MA 61 -12.67 31.14 111.05
N ASP MA 62 -12.41 31.44 109.78
CA ASP MA 62 -11.39 32.41 109.41
C ASP MA 62 -11.76 33.80 109.92
N LEU MA 74 -28.18 23.50 99.36
CA LEU MA 74 -27.27 22.76 100.23
C LEU MA 74 -27.61 21.28 100.23
N ALA MA 75 -26.60 20.43 100.45
CA ALA MA 75 -26.82 18.99 100.47
C ALA MA 75 -27.78 18.59 101.59
N GLN MA 76 -27.74 19.30 102.72
CA GLN MA 76 -28.64 18.97 103.82
C GLN MA 76 -30.10 19.21 103.43
N ASP MA 77 -30.36 20.26 102.64
CA ASP MA 77 -31.70 20.52 102.17
C ASP MA 77 -32.22 19.37 101.30
N LEU MA 78 -31.38 18.89 100.37
CA LEU MA 78 -31.78 17.77 99.53
C LEU MA 78 -31.97 16.51 100.35
N GLU MA 79 -31.13 16.31 101.37
CA GLU MA 79 -31.29 15.14 102.24
C GLU MA 79 -32.61 15.18 102.99
N ASP MA 80 -32.96 16.35 103.54
CA ASP MA 80 -34.23 16.49 104.23
C ASP MA 80 -35.40 16.30 103.27
N MET MA 81 -35.26 16.80 102.04
CA MET MA 81 -36.32 16.61 101.05
C MET MA 81 -36.52 15.13 100.75
N TRP MA 82 -35.42 14.40 100.53
CA TRP MA 82 -35.53 12.96 100.30
C TRP MA 82 -36.15 12.25 101.50
N GLU MA 83 -35.75 12.65 102.71
CA GLU MA 83 -36.30 12.02 103.91
C GLU MA 83 -37.80 12.22 104.00
N GLN MA 84 -38.27 13.45 103.82
CA GLN MA 84 -39.70 13.72 103.92
C GLN MA 84 -40.46 13.06 102.77
N LYS MA 85 -39.87 12.99 101.59
CA LYS MA 85 -40.54 12.31 100.47
C LYS MA 85 -40.67 10.81 100.73
N PHE MA 86 -39.63 10.20 101.31
CA PHE MA 86 -39.71 8.78 101.66
C PHE MA 86 -40.73 8.56 102.77
N LEU MA 87 -40.79 9.48 103.74
CA LEU MA 87 -41.78 9.36 104.81
C LEU MA 87 -43.19 9.49 104.27
N GLN MA 88 -43.40 10.36 103.28
CA GLN MA 88 -44.72 10.53 102.69
C GLN MA 88 -45.11 9.29 101.88
N PHE MA 89 -44.24 8.87 100.96
CA PHE MA 89 -44.52 7.70 100.14
C PHE MA 89 -44.54 6.45 101.00
N LYS MA 90 -45.69 5.79 101.07
CA LYS MA 90 -45.85 4.58 101.86
C LYS MA 90 -45.72 3.35 100.97
N LEU MA 91 -45.01 2.34 101.46
CA LEU MA 91 -44.82 1.11 100.72
C LEU MA 91 -46.08 0.26 100.78
N GLY MA 92 -46.43 -0.34 99.64
CA GLY MA 92 -47.62 -1.18 99.61
C GLY MA 92 -47.51 -2.36 100.55
N ALA MA 93 -48.67 -2.82 101.03
CA ALA MA 93 -48.72 -3.95 101.95
C ALA MA 93 -48.14 -5.20 101.30
N ARG MA 94 -46.86 -5.47 101.55
CA ARG MA 94 -46.22 -6.64 100.96
C ARG MA 94 -46.88 -7.93 101.45
N ILE MA 95 -47.23 -7.98 102.73
CA ILE MA 95 -47.83 -9.19 103.33
C ILE MA 95 -49.34 -8.98 103.26
N THR MA 96 -49.90 -9.24 102.09
CA THR MA 96 -51.34 -9.20 101.88
C THR MA 96 -52.00 -10.56 102.13
N GLU MA 97 -51.33 -11.44 102.89
CA GLU MA 97 -51.84 -12.78 103.15
C GLU MA 97 -52.38 -12.96 104.57
N ALA MA 98 -51.79 -12.28 105.55
CA ALA MA 98 -52.26 -12.43 106.92
C ALA MA 98 -53.71 -11.99 107.06
N ASP MA 99 -54.11 -10.94 106.33
CA ASP MA 99 -55.50 -10.49 106.39
C ASP MA 99 -56.46 -11.58 105.92
N GLU MA 100 -56.02 -12.43 104.98
CA GLU MA 100 -56.86 -13.52 104.47
C GLU MA 100 -56.63 -14.77 105.31
N LYS MA 101 -55.43 -15.34 105.23
CA LYS MA 101 -55.06 -16.50 106.03
C LYS MA 101 -55.81 -17.75 105.58
N ASN MA 102 -57.13 -17.75 105.74
CA ASN MA 102 -57.95 -18.92 105.45
C ASN MA 102 -58.75 -18.76 104.15
N ASP MA 103 -58.29 -17.90 103.24
CA ASP MA 103 -58.95 -17.72 101.95
C ASP MA 103 -58.14 -18.41 100.87
N ARG MA 104 -58.23 -19.75 100.88
CA ARG MA 104 -57.49 -20.56 99.91
C ARG MA 104 -58.00 -20.37 98.49
N THR MA 105 -59.22 -19.84 98.33
CA THR MA 105 -59.81 -19.63 97.01
C THR MA 105 -59.51 -18.26 96.44
N SER MA 106 -58.74 -17.43 97.14
CA SER MA 106 -58.41 -16.09 96.67
C SER MA 106 -57.10 -16.10 95.90
N LEU MA 107 -57.02 -15.28 94.86
CA LEU MA 107 -55.81 -15.20 94.05
C LEU MA 107 -54.64 -14.67 94.86
N ASN MA 108 -54.88 -13.75 95.78
CA ASN MA 108 -53.82 -13.17 96.61
C ASN MA 108 -53.54 -14.03 97.83
N ARG MA 109 -53.26 -15.31 97.60
CA ARG MA 109 -52.96 -16.24 98.68
C ARG MA 109 -51.50 -16.22 99.08
N LYS MA 110 -50.59 -16.32 98.10
CA LYS MA 110 -49.15 -16.29 98.36
C LYS MA 110 -48.48 -15.62 97.16
N LEU MA 111 -48.27 -14.31 97.27
CA LEU MA 111 -47.66 -13.56 96.18
C LEU MA 111 -46.22 -14.01 95.94
N ASP MA 112 -45.54 -14.47 96.98
CA ASP MA 112 -44.14 -14.90 96.88
C ASP MA 112 -44.01 -16.39 96.56
N ARG MA 113 -44.93 -16.94 95.78
CA ARG MA 113 -44.88 -18.36 95.41
C ARG MA 113 -45.63 -18.56 94.12
N ASN MA 114 -45.40 -19.71 93.49
CA ASN MA 114 -46.08 -20.10 92.26
C ASN MA 114 -47.09 -21.18 92.62
N LEU MA 115 -48.36 -20.79 92.71
CA LEU MA 115 -49.42 -21.69 93.12
C LEU MA 115 -50.03 -22.40 91.92
N VAL MA 116 -50.91 -23.37 92.21
CA VAL MA 116 -51.57 -24.16 91.18
C VAL MA 116 -53.03 -24.31 91.55
N LEU MA 117 -53.89 -24.33 90.53
CA LEU MA 117 -55.32 -24.45 90.75
C LEU MA 117 -55.68 -25.86 91.23
N LEU MA 118 -56.78 -25.94 91.97
CA LEU MA 118 -57.26 -27.22 92.49
C LEU MA 118 -58.79 -27.23 92.43
N VAL MA 119 -59.34 -28.44 92.30
CA VAL MA 119 -60.78 -28.63 92.17
C VAL MA 119 -61.22 -29.72 93.15
N ARG MA 120 -62.52 -29.76 93.40
CA ARG MA 120 -63.11 -30.75 94.30
C ARG MA 120 -64.47 -31.15 93.74
N GLU MA 121 -64.58 -32.38 93.26
CA GLU MA 121 -65.84 -32.90 92.73
C GLU MA 121 -65.97 -34.35 93.21
N LYS MA 122 -66.75 -35.14 92.47
CA LYS MA 122 -66.97 -36.55 92.81
C LYS MA 122 -67.06 -37.35 91.53
N PHE MA 123 -66.70 -38.63 91.64
CA PHE MA 123 -66.76 -39.56 90.52
C PHE MA 123 -67.32 -40.89 91.00
N GLY MA 124 -67.58 -41.78 90.06
CA GLY MA 124 -68.14 -43.08 90.40
C GLY MA 124 -67.14 -43.99 91.09
N ASP MA 125 -65.89 -43.98 90.61
CA ASP MA 125 -64.85 -44.84 91.17
C ASP MA 125 -64.13 -44.12 92.32
N GLN MA 126 -63.32 -43.12 91.98
CA GLN MA 126 -62.56 -42.38 92.98
C GLN MA 126 -63.40 -41.24 93.55
N ASP MA 127 -62.94 -40.71 94.69
CA ASP MA 127 -63.62 -39.62 95.35
C ASP MA 127 -62.67 -38.85 96.24
N VAL MA 128 -61.71 -38.13 95.64
CA VAL MA 128 -60.71 -37.36 96.36
C VAL MA 128 -60.56 -36.02 95.66
N TRP MA 129 -59.91 -35.08 96.35
CA TRP MA 129 -59.63 -33.76 95.78
C TRP MA 129 -59.00 -33.92 94.41
N ILE MA 130 -59.66 -33.35 93.40
CA ILE MA 130 -59.30 -33.57 92.00
C ILE MA 130 -58.47 -32.39 91.49
N LEU MA 131 -57.49 -32.70 90.66
CA LEU MA 131 -56.73 -31.69 89.94
C LEU MA 131 -57.52 -31.24 88.71
N PRO MA 132 -57.39 -29.95 88.31
CA PRO MA 132 -58.09 -29.49 87.10
C PRO MA 132 -57.99 -30.47 85.95
N GLN MA 133 -58.86 -31.49 85.97
CA GLN MA 133 -58.87 -32.55 84.98
C GLN MA 133 -60.00 -32.34 83.98
N ALA MA 134 -60.07 -33.21 82.99
CA ALA MA 134 -61.10 -33.18 81.96
C ALA MA 134 -61.00 -34.48 81.18
N GLU MA 135 -61.71 -34.55 80.05
CA GLU MA 135 -61.71 -35.72 79.18
C GLU MA 135 -61.27 -35.28 77.79
N TRP MA 136 -60.04 -35.66 77.40
CA TRP MA 136 -59.52 -35.28 76.11
C TRP MA 136 -60.24 -36.03 74.99
N GLN MA 137 -60.64 -35.31 73.95
CA GLN MA 137 -61.37 -35.90 72.83
C GLN MA 137 -60.40 -36.48 71.81
N PRO MA 138 -60.74 -37.60 71.17
CA PRO MA 138 -59.83 -38.16 70.15
C PRO MA 138 -59.46 -37.17 69.07
N GLY MA 139 -60.38 -36.28 68.68
CA GLY MA 139 -60.10 -35.29 67.67
C GLY MA 139 -59.67 -33.96 68.25
N GLU MA 140 -58.75 -34.01 69.22
CA GLU MA 140 -58.26 -32.80 69.87
C GLU MA 140 -56.80 -33.00 70.27
N THR MA 141 -55.96 -32.05 69.91
CA THR MA 141 -54.55 -32.13 70.25
C THR MA 141 -54.34 -31.85 71.74
N LEU MA 142 -53.19 -32.29 72.25
CA LEU MA 142 -52.87 -32.06 73.66
C LEU MA 142 -52.94 -30.59 74.01
N ARG MA 143 -52.44 -29.72 73.13
CA ARG MA 143 -52.54 -28.29 73.36
C ARG MA 143 -54.00 -27.84 73.43
N GLY MA 144 -54.80 -28.25 72.44
CA GLY MA 144 -56.22 -27.94 72.47
C GLY MA 144 -56.93 -28.59 73.64
N THR MA 145 -56.50 -29.80 74.03
CA THR MA 145 -57.08 -30.46 75.19
C THR MA 145 -56.86 -29.62 76.44
N ALA MA 146 -55.63 -29.14 76.66
CA ALA MA 146 -55.34 -28.31 77.82
C ALA MA 146 -56.10 -26.98 77.74
N GLU MA 147 -56.18 -26.40 76.54
CA GLU MA 147 -56.93 -25.15 76.38
C GLU MA 147 -58.39 -25.34 76.78
N ARG MA 148 -59.01 -26.44 76.34
CA ARG MA 148 -60.40 -26.71 76.70
C ARG MA 148 -60.54 -26.97 78.18
N THR MA 149 -59.60 -27.73 78.77
CA THR MA 149 -59.65 -28.02 80.20
C THR MA 149 -59.56 -26.73 81.01
N LEU MA 150 -58.79 -25.75 80.52
CA LEU MA 150 -58.64 -24.49 81.25
C LEU MA 150 -59.83 -23.58 81.03
N ALA MA 151 -60.41 -23.59 79.83
CA ALA MA 151 -61.52 -22.70 79.51
C ALA MA 151 -62.88 -23.29 79.88
N THR MA 152 -62.93 -24.53 80.36
CA THR MA 152 -64.21 -25.15 80.71
C THR MA 152 -64.61 -24.84 82.14
N LEU MA 153 -63.75 -25.15 83.11
CA LEU MA 153 -64.11 -24.95 84.51
C LEU MA 153 -63.84 -23.52 84.95
N SER MA 154 -62.61 -23.03 84.75
CA SER MA 154 -62.26 -21.69 85.20
C SER MA 154 -63.13 -20.64 84.51
N GLU MA 155 -63.02 -20.52 83.19
CA GLU MA 155 -63.78 -19.54 82.42
C GLU MA 155 -63.51 -18.11 82.91
N ASN MA 156 -62.29 -17.87 83.38
CA ASN MA 156 -61.90 -16.56 83.89
C ASN MA 156 -60.98 -15.86 82.88
N ASN MA 157 -60.56 -14.65 83.23
CA ASN MA 157 -59.64 -13.90 82.38
C ASN MA 157 -58.26 -14.56 82.38
N MET MA 158 -58.15 -15.72 81.77
CA MET MA 158 -56.91 -16.48 81.76
C MET MA 158 -56.04 -16.09 80.57
N GLU MA 159 -54.73 -16.20 80.76
CA GLU MA 159 -53.74 -15.96 79.71
C GLU MA 159 -52.73 -17.10 79.72
N ALA MA 160 -53.24 -18.33 79.60
CA ALA MA 160 -52.41 -19.53 79.68
C ALA MA 160 -51.29 -19.49 78.64
N LYS MA 161 -50.07 -19.21 79.08
CA LYS MA 161 -48.89 -19.23 78.22
C LYS MA 161 -48.22 -20.58 78.40
N PHE MA 162 -48.54 -21.52 77.51
CA PHE MA 162 -48.01 -22.87 77.62
C PHE MA 162 -46.48 -22.84 77.60
N LEU MA 163 -45.89 -23.88 78.18
CA LEU MA 163 -44.44 -24.01 78.25
C LEU MA 163 -43.86 -24.84 77.13
N GLY MA 164 -44.59 -25.84 76.64
CA GLY MA 164 -44.10 -26.69 75.56
C GLY MA 164 -45.19 -27.54 74.95
N ASN MA 165 -44.97 -28.86 74.91
CA ASN MA 165 -45.95 -29.76 74.33
C ASN MA 165 -45.68 -31.20 74.77
N ALA MA 166 -45.31 -31.38 76.04
CA ALA MA 166 -45.03 -32.69 76.59
C ALA MA 166 -45.69 -32.82 77.96
N PRO MA 167 -45.98 -34.05 78.38
CA PRO MA 167 -46.62 -34.27 79.68
C PRO MA 167 -45.60 -34.18 80.80
N CYS MA 168 -46.07 -34.45 82.02
CA CYS MA 168 -45.20 -34.40 83.19
C CYS MA 168 -45.55 -35.44 84.25
N GLY MA 169 -46.52 -36.32 84.03
CA GLY MA 169 -46.87 -37.33 85.00
C GLY MA 169 -48.18 -38.03 84.69
N HIS MA 170 -48.15 -39.36 84.69
CA HIS MA 170 -49.33 -40.17 84.41
C HIS MA 170 -49.57 -41.15 85.54
N TYR MA 171 -50.83 -41.52 85.72
CA TYR MA 171 -51.24 -42.47 86.76
C TYR MA 171 -52.36 -43.34 86.23
N THR MA 172 -52.56 -44.47 86.90
CA THR MA 172 -53.60 -45.42 86.51
C THR MA 172 -54.23 -46.02 87.75
N PHE MA 173 -55.49 -46.43 87.62
CA PHE MA 173 -56.21 -47.05 88.71
C PHE MA 173 -57.32 -47.91 88.14
N LYS MA 174 -57.57 -49.05 88.79
CA LYS MA 174 -58.59 -50.01 88.33
C LYS MA 174 -59.46 -50.37 89.53
N PHE MA 175 -60.68 -49.85 89.56
CA PHE MA 175 -61.62 -50.14 90.63
C PHE MA 175 -62.93 -50.69 90.05
N LEU MA 185 -63.92 -51.17 85.03
CA LEU MA 185 -62.93 -50.96 83.97
C LEU MA 185 -61.81 -50.04 84.45
N GLY MA 186 -60.61 -50.26 83.93
CA GLY MA 186 -59.46 -49.46 84.30
C GLY MA 186 -59.60 -48.00 83.87
N ALA MA 187 -58.59 -47.20 84.19
CA ALA MA 187 -58.61 -45.78 83.85
C ALA MA 187 -57.20 -45.23 84.03
N LYS MA 188 -56.88 -44.23 83.20
CA LYS MA 188 -55.57 -43.57 83.25
C LYS MA 188 -55.77 -42.07 83.45
N VAL MA 189 -54.69 -41.41 83.87
CA VAL MA 189 -54.70 -39.98 84.14
C VAL MA 189 -53.47 -39.36 83.50
N PHE MA 190 -53.63 -38.14 82.98
CA PHE MA 190 -52.55 -37.39 82.38
C PHE MA 190 -52.43 -36.03 83.03
N PHE MA 191 -51.21 -35.57 83.24
CA PHE MA 191 -50.93 -34.28 83.86
C PHE MA 191 -49.93 -33.53 83.00
N PHE MA 192 -50.33 -32.37 82.48
CA PHE MA 192 -49.47 -31.52 81.69
C PHE MA 192 -48.99 -30.35 82.54
N LYS MA 193 -48.58 -29.26 81.90
CA LYS MA 193 -48.08 -28.09 82.62
C LYS MA 193 -48.08 -26.90 81.68
N ALA MA 194 -48.31 -25.72 82.25
CA ALA MA 194 -48.30 -24.47 81.49
C ALA MA 194 -47.89 -23.35 82.44
N LEU MA 195 -48.19 -22.11 82.07
CA LEU MA 195 -47.84 -20.96 82.88
C LEU MA 195 -48.84 -19.84 82.63
N LEU MA 196 -49.09 -19.05 83.67
CA LEU MA 196 -50.00 -17.92 83.60
C LEU MA 196 -49.24 -16.61 83.47
N LEU MA 197 -49.94 -15.57 83.02
CA LEU MA 197 -49.36 -14.24 82.88
C LEU MA 197 -50.04 -13.24 83.81
N THR MA 198 -51.35 -13.04 83.69
CA THR MA 198 -52.10 -12.15 84.56
C THR MA 198 -53.47 -12.73 84.85
N GLY MA 199 -53.49 -13.99 85.28
CA GLY MA 199 -54.74 -14.68 85.54
C GLY MA 199 -55.55 -14.06 86.67
N ASP MA 200 -56.58 -13.29 86.31
CA ASP MA 200 -57.48 -12.68 87.28
C ASP MA 200 -58.74 -13.52 87.36
N PHE MA 201 -58.88 -14.27 88.45
CA PHE MA 201 -60.02 -15.16 88.62
C PHE MA 201 -61.31 -14.35 88.70
N SER MA 202 -62.24 -14.64 87.80
CA SER MA 202 -63.55 -14.02 87.77
C SER MA 202 -64.62 -15.06 88.08
N GLN MA 203 -65.86 -14.59 88.20
CA GLN MA 203 -67.00 -15.45 88.51
C GLN MA 203 -66.77 -16.18 89.83
N ALA MA 204 -66.89 -15.41 90.92
CA ALA MA 204 -66.67 -15.96 92.25
C ALA MA 204 -67.61 -17.11 92.57
N GLY MA 205 -68.77 -17.17 91.92
CA GLY MA 205 -69.73 -18.23 92.17
C GLY MA 205 -69.51 -19.44 91.28
N ASN MA 206 -68.27 -19.92 91.20
CA ASN MA 206 -67.96 -21.08 90.39
C ASN MA 206 -68.27 -22.36 91.17
N LYS MA 207 -68.74 -23.37 90.44
CA LYS MA 207 -69.08 -24.65 91.09
C LYS MA 207 -67.82 -25.32 91.64
N GLY MA 208 -66.81 -25.51 90.79
CA GLY MA 208 -65.57 -26.13 91.21
C GLY MA 208 -64.87 -25.34 92.29
N HIS MA 209 -64.66 -25.96 93.45
CA HIS MA 209 -64.00 -25.29 94.57
C HIS MA 209 -62.57 -24.90 94.20
N HIS MA 210 -62.43 -23.79 93.48
CA HIS MA 210 -61.10 -23.33 93.09
C HIS MA 210 -60.26 -23.02 94.33
N VAL MA 211 -59.08 -23.62 94.38
CA VAL MA 211 -58.17 -23.46 95.51
C VAL MA 211 -56.75 -23.44 94.97
N TRP MA 212 -56.02 -22.36 95.24
CA TRP MA 212 -54.62 -22.26 94.82
C TRP MA 212 -53.74 -23.08 95.75
N VAL MA 213 -52.82 -23.84 95.16
CA VAL MA 213 -52.01 -24.80 95.90
C VAL MA 213 -50.73 -24.14 96.38
N THR MA 214 -50.33 -24.48 97.60
CA THR MA 214 -49.04 -24.08 98.14
C THR MA 214 -48.35 -25.28 98.77
N LYS MA 215 -47.32 -25.04 99.58
CA LYS MA 215 -46.67 -26.15 100.28
C LYS MA 215 -47.61 -26.76 101.32
N ASP MA 216 -48.31 -25.93 102.09
CA ASP MA 216 -49.24 -26.44 103.09
C ASP MA 216 -50.36 -27.24 102.42
N GLU MA 217 -50.91 -26.73 101.32
CA GLU MA 217 -51.95 -27.46 100.62
C GLU MA 217 -51.42 -28.76 100.03
N LEU MA 218 -50.23 -28.71 99.43
CA LEU MA 218 -49.63 -29.92 98.88
C LEU MA 218 -49.43 -30.97 99.96
N GLY MA 219 -49.09 -30.55 101.18
CA GLY MA 219 -48.88 -31.49 102.25
C GLY MA 219 -50.16 -32.00 102.88
N ASP MA 220 -51.21 -31.18 102.90
CA ASP MA 220 -52.48 -31.55 103.54
C ASP MA 220 -53.39 -32.27 102.53
N TYR MA 221 -53.90 -31.53 101.55
CA TYR MA 221 -54.85 -32.09 100.60
C TYR MA 221 -54.22 -33.21 99.78
N LEU MA 222 -53.24 -32.86 98.95
CA LEU MA 222 -52.58 -33.84 98.09
C LEU MA 222 -51.84 -34.88 98.94
N LYS MA 223 -52.59 -35.73 99.64
CA LYS MA 223 -52.00 -36.74 100.51
C LYS MA 223 -51.77 -38.08 99.81
N PRO MA 224 -52.65 -38.54 98.92
CA PRO MA 224 -52.48 -39.88 98.35
C PRO MA 224 -51.37 -39.92 97.32
N LYS MA 225 -50.93 -41.15 97.02
CA LYS MA 225 -49.86 -41.34 96.05
C LYS MA 225 -50.21 -40.76 94.70
N TYR MA 226 -51.50 -40.79 94.32
CA TYR MA 226 -51.92 -40.22 93.05
C TYR MA 226 -51.66 -38.72 92.99
N LEU MA 227 -51.57 -38.05 94.14
CA LEU MA 227 -51.32 -36.62 94.20
C LEU MA 227 -50.08 -36.26 95.02
N ALA MA 228 -49.57 -37.18 95.84
CA ALA MA 228 -48.39 -36.92 96.65
C ALA MA 228 -47.08 -37.12 95.88
N GLN MA 229 -47.15 -37.55 94.63
CA GLN MA 229 -45.95 -37.74 93.80
C GLN MA 229 -45.90 -36.80 92.61
N VAL MA 230 -46.88 -35.90 92.47
CA VAL MA 230 -46.87 -34.96 91.34
C VAL MA 230 -45.89 -33.82 91.56
N ARG MA 231 -45.50 -33.55 92.81
CA ARG MA 231 -44.58 -32.46 93.11
C ARG MA 231 -43.16 -32.76 92.64
N ARG MA 232 -42.89 -33.96 92.13
CA ARG MA 232 -41.54 -34.29 91.68
C ARG MA 232 -41.05 -33.32 90.60
N PHE MA 233 -41.96 -32.83 89.76
CA PHE MA 233 -41.62 -31.87 88.72
C PHE MA 233 -42.13 -30.46 88.98
N VAL MA 234 -43.11 -30.31 89.87
CA VAL MA 234 -43.65 -28.99 90.19
C VAL MA 234 -42.72 -28.31 91.19
N SER MA 235 -42.15 -27.18 90.79
CA SER MA 235 -41.25 -26.41 91.66
C SER MA 235 -42.09 -25.66 92.68
N ASP MA 236 -42.57 -26.39 93.68
CA ASP MA 236 -43.39 -25.81 94.73
C ASP MA 236 -42.61 -24.90 95.67
N LEU MA 237 -41.28 -24.96 95.63
CA LEU MA 237 -40.45 -24.10 96.49
C LEU MA 237 -40.76 -24.37 97.96
N TYR NA 1 3.89 -45.47 59.62
CA TYR NA 1 4.11 -45.81 58.22
C TYR NA 1 2.83 -46.36 57.59
N LYS NA 2 2.82 -46.48 56.27
CA LYS NA 2 1.64 -46.96 55.55
C LYS NA 2 1.52 -48.48 55.62
N THR NA 3 2.59 -49.20 55.25
CA THR NA 3 2.54 -50.66 55.24
C THR NA 3 2.60 -51.25 56.65
N LYS NA 4 3.32 -50.60 57.56
CA LYS NA 4 3.43 -51.10 58.92
C LYS NA 4 2.06 -51.09 59.61
N PRO NA 5 1.87 -51.94 60.62
CA PRO NA 5 0.57 -51.97 61.32
C PRO NA 5 0.29 -50.73 62.14
N THR NA 6 1.28 -49.86 62.36
CA THR NA 6 1.11 -48.64 63.13
C THR NA 6 0.70 -47.45 62.26
N HIS NA 7 -0.08 -47.67 61.22
CA HIS NA 7 -0.49 -46.59 60.34
C HIS NA 7 -1.55 -45.72 61.02
N GLY NA 8 -1.49 -44.42 60.74
CA GLY NA 8 -2.45 -43.50 61.33
C GLY NA 8 -2.36 -43.38 62.84
N ILE NA 9 -1.16 -43.52 63.40
CA ILE NA 9 -0.99 -43.43 64.85
C ILE NA 9 -1.02 -41.98 65.33
N GLY NA 10 -0.87 -41.01 64.43
CA GLY NA 10 -0.87 -39.61 64.80
C GLY NA 10 -1.81 -38.77 63.97
N LYS NA 11 -2.96 -39.33 63.62
CA LYS NA 11 -3.97 -38.62 62.84
C LYS NA 11 -4.83 -37.81 63.78
N TYR NA 12 -4.55 -36.51 63.88
CA TYR NA 12 -5.26 -35.61 64.78
C TYR NA 12 -6.06 -34.54 64.05
N LYS NA 13 -5.90 -34.40 62.73
CA LYS NA 13 -6.64 -33.38 62.00
C LYS NA 13 -8.14 -33.62 62.06
N HIS NA 14 -8.55 -34.89 61.99
CA HIS NA 14 -9.97 -35.21 62.04
C HIS NA 14 -10.57 -35.01 63.43
N LEU NA 15 -9.75 -34.86 64.45
CA LEU NA 15 -10.25 -34.65 65.81
C LEU NA 15 -10.58 -33.19 66.10
N ILE NA 16 -10.29 -32.27 65.18
CA ILE NA 16 -10.55 -30.85 65.36
C ILE NA 16 -11.39 -30.38 64.19
N LYS NA 17 -12.59 -29.87 64.48
CA LYS NA 17 -13.50 -29.36 63.45
C LYS NA 17 -13.29 -27.85 63.31
N ALA NA 18 -12.16 -27.50 62.70
CA ALA NA 18 -11.82 -26.09 62.51
C ALA NA 18 -12.81 -25.44 61.56
N GLU NA 19 -12.77 -24.12 61.51
CA GLU NA 19 -13.66 -23.33 60.66
C GLU NA 19 -12.92 -22.15 60.04
N VAL NA 30 -21.79 -17.52 64.79
CA VAL NA 30 -22.49 -18.29 63.77
C VAL NA 30 -23.35 -17.37 62.93
N ARG NA 31 -23.35 -17.59 61.62
CA ARG NA 31 -24.12 -16.76 60.70
C ARG NA 31 -25.58 -17.23 60.68
N ALA NA 32 -26.33 -16.80 59.67
CA ALA NA 32 -27.74 -17.16 59.57
C ALA NA 32 -27.90 -18.65 59.35
N ILE NA 33 -28.13 -19.40 60.43
CA ILE NA 33 -28.34 -20.85 60.35
C ILE NA 33 -29.51 -21.22 61.24
N ASN NA 34 -30.73 -20.98 60.76
CA ASN NA 34 -31.96 -21.28 61.49
C ASN NA 34 -32.78 -22.24 60.64
N LEU NA 35 -32.63 -23.54 60.89
CA LEU NA 35 -33.37 -24.55 60.14
C LEU NA 35 -34.86 -24.42 60.40
N GLY NA 36 -35.31 -24.87 61.56
CA GLY NA 36 -36.72 -24.80 61.93
C GLY NA 36 -37.61 -25.83 61.28
N THR NA 37 -37.09 -26.61 60.32
CA THR NA 37 -37.90 -27.61 59.65
C THR NA 37 -38.31 -28.72 60.62
N ASP NA 38 -37.35 -29.56 61.00
CA ASP NA 38 -37.62 -30.64 61.95
C ASP NA 38 -37.67 -30.11 63.37
N TYR NA 39 -37.57 -31.00 64.35
CA TYR NA 39 -37.60 -30.60 65.75
C TYR NA 39 -36.31 -29.88 66.13
N GLU NA 40 -36.15 -28.64 65.68
CA GLU NA 40 -34.94 -27.87 65.94
C GLU NA 40 -35.31 -26.41 66.13
N TYR NA 41 -34.53 -25.72 66.98
CA TYR NA 41 -34.68 -24.30 67.21
C TYR NA 41 -33.40 -23.59 66.78
N GLY NA 42 -33.55 -22.51 66.02
CA GLY NA 42 -32.42 -21.74 65.57
C GLY NA 42 -31.75 -21.00 66.72
N VAL NA 43 -30.66 -20.31 66.38
CA VAL NA 43 -29.93 -19.52 67.37
C VAL NA 43 -30.87 -18.49 67.99
N LEU NA 44 -30.96 -18.51 69.31
CA LEU NA 44 -31.83 -17.62 70.06
C LEU NA 44 -31.03 -16.47 70.67
N ASN NA 45 -31.76 -15.46 71.13
CA ASN NA 45 -31.17 -14.29 71.77
C ASN NA 45 -32.07 -13.83 72.91
N ILE NA 46 -31.47 -13.53 74.06
CA ILE NA 46 -32.19 -13.11 75.25
C ILE NA 46 -31.50 -11.84 75.75
N HIS NA 47 -32.16 -10.69 75.52
CA HIS NA 47 -31.63 -9.42 75.99
C HIS NA 47 -32.03 -9.19 77.44
N LEU NA 48 -31.05 -8.98 78.31
CA LEU NA 48 -31.30 -8.78 79.73
C LEU NA 48 -31.48 -7.29 80.00
N THR NA 49 -32.70 -6.81 79.79
CA THR NA 49 -33.01 -5.40 80.01
C THR NA 49 -32.87 -5.06 81.49
N ALA NA 50 -32.15 -3.98 81.79
CA ALA NA 50 -31.93 -3.55 83.16
C ALA NA 50 -31.30 -2.18 83.14
N TYR NA 51 -31.55 -1.41 84.21
CA TYR NA 51 -31.00 -0.07 84.35
C TYR NA 51 -29.68 -0.05 85.10
N ASP NA 52 -29.28 -1.16 85.72
CA ASP NA 52 -28.03 -1.25 86.46
C ASP NA 52 -27.12 -2.28 85.82
N MET NA 53 -25.81 -2.07 85.98
CA MET NA 53 -24.84 -2.99 85.41
C MET NA 53 -24.61 -4.21 86.29
N THR NA 54 -24.66 -4.04 87.61
CA THR NA 54 -24.37 -5.14 88.51
C THR NA 54 -25.35 -6.29 88.32
N LEU NA 55 -26.66 -6.00 88.41
CA LEU NA 55 -27.66 -7.06 88.28
C LEU NA 55 -27.64 -7.68 86.90
N ALA NA 56 -27.47 -6.86 85.85
CA ALA NA 56 -27.42 -7.39 84.49
C ALA NA 56 -26.25 -8.34 84.32
N GLU NA 57 -25.06 -7.94 84.78
CA GLU NA 57 -23.89 -8.80 84.66
C GLU NA 57 -24.05 -10.07 85.49
N SER NA 58 -24.62 -9.96 86.69
CA SER NA 58 -24.83 -11.14 87.52
C SER NA 58 -25.77 -12.12 86.85
N TYR NA 59 -26.88 -11.63 86.29
CA TYR NA 59 -27.83 -12.50 85.62
C TYR NA 59 -27.22 -13.12 84.37
N ALA NA 60 -26.41 -12.36 83.63
CA ALA NA 60 -25.74 -12.90 82.46
C ALA NA 60 -24.79 -14.02 82.85
N GLN NA 61 -23.99 -13.80 83.89
CA GLN NA 61 -23.07 -14.83 84.36
C GLN NA 61 -23.83 -16.08 84.82
N TYR NA 62 -24.94 -15.88 85.54
CA TYR NA 62 -25.73 -17.02 86.01
C TYR NA 62 -26.30 -17.81 84.83
N VAL NA 63 -26.82 -17.11 83.82
CA VAL NA 63 -27.38 -17.80 82.66
C VAL NA 63 -26.29 -18.55 81.91
N HIS NA 64 -25.11 -17.94 81.77
CA HIS NA 64 -24.01 -18.62 81.10
C HIS NA 64 -23.57 -19.86 81.85
N ASN NA 65 -23.49 -19.76 83.19
CA ASN NA 65 -23.12 -20.92 83.99
C ASN NA 65 -24.15 -22.03 83.87
N LEU NA 66 -25.45 -21.66 83.88
CA LEU NA 66 -26.49 -22.66 83.73
C LEU NA 66 -26.41 -23.33 82.37
N CYS NA 67 -26.16 -22.56 81.31
CA CYS NA 67 -26.05 -23.13 79.98
C CYS NA 67 -24.83 -24.05 79.87
N ASN NA 68 -23.72 -23.68 80.50
CA ASN NA 68 -22.52 -24.50 80.43
C ASN NA 68 -22.68 -25.77 81.26
N SER NA 69 -23.41 -25.71 82.38
CA SER NA 69 -23.60 -26.89 83.21
C SER NA 69 -24.61 -27.86 82.62
N LEU NA 70 -25.60 -27.35 81.89
CA LEU NA 70 -26.62 -28.19 81.28
C LEU NA 70 -26.22 -28.70 79.90
N SER NA 71 -24.93 -28.63 79.57
CA SER NA 71 -24.42 -29.09 78.27
C SER NA 71 -25.01 -28.31 77.11
N ILE NA 72 -25.46 -27.08 77.35
CA ILE NA 72 -26.04 -26.23 76.31
C ILE NA 72 -24.93 -25.35 75.74
N LYS NA 73 -24.76 -25.39 74.42
CA LYS NA 73 -23.73 -24.59 73.78
C LYS NA 73 -24.06 -23.11 73.88
N VAL NA 74 -23.01 -22.28 73.90
CA VAL NA 74 -23.15 -20.83 73.98
C VAL NA 74 -22.11 -20.24 73.04
N GLU NA 75 -22.56 -19.68 71.92
CA GLU NA 75 -21.66 -19.10 70.93
C GLU NA 75 -20.91 -17.91 71.53
N GLU NA 76 -21.63 -16.81 71.76
CA GLU NA 76 -21.05 -15.59 72.31
C GLU NA 76 -22.04 -14.98 73.30
N SER NA 77 -21.62 -13.88 73.93
CA SER NA 77 -22.46 -13.19 74.89
C SER NA 77 -22.10 -11.71 74.92
N TYR NA 78 -21.95 -11.11 73.75
CA TYR NA 78 -21.60 -9.69 73.67
C TYR NA 78 -22.73 -8.83 74.22
N ALA NA 79 -22.34 -7.73 74.87
CA ALA NA 79 -23.31 -6.82 75.47
C ALA NA 79 -23.93 -5.94 74.39
N MET NA 80 -24.73 -4.97 74.80
CA MET NA 80 -25.41 -4.05 73.90
C MET NA 80 -25.20 -2.63 74.39
N PRO NA 81 -25.30 -1.64 73.50
CA PRO NA 81 -25.11 -0.25 73.91
C PRO NA 81 -26.24 0.23 74.80
N THR NA 82 -26.01 1.39 75.41
CA THR NA 82 -26.98 2.00 76.30
C THR NA 82 -27.98 2.82 75.50
N LYS NA 83 -28.80 3.61 76.20
CA LYS NA 83 -29.79 4.46 75.56
C LYS NA 83 -29.77 5.84 76.20
N THR NA 84 -30.32 6.81 75.48
CA THR NA 84 -30.39 8.20 75.94
C THR NA 84 -31.85 8.49 76.31
N ILE NA 85 -32.23 8.04 77.51
CA ILE NA 85 -33.60 8.26 77.98
C ILE NA 85 -33.82 9.74 78.21
N GLU NA 86 -34.80 10.31 77.51
CA GLU NA 86 -35.13 11.72 77.65
C GLU NA 86 -36.63 11.91 77.43
N VAL NA 87 -37.44 11.11 78.14
CA VAL NA 87 -38.89 11.18 78.00
C VAL NA 87 -39.43 12.30 78.89
N LEU NA 88 -40.51 12.92 78.46
CA LEU NA 88 -41.13 14.00 79.21
C LEU NA 88 -41.75 13.44 80.49
N GLN NA 89 -41.34 13.98 81.64
CA GLN NA 89 -41.84 13.55 82.94
C GLN NA 89 -42.95 14.50 83.36
N LEU NA 90 -44.17 13.98 83.45
CA LEU NA 90 -45.33 14.75 83.85
C LEU NA 90 -45.66 14.49 85.31
N GLN NA 91 -46.01 15.55 86.03
CA GLN NA 91 -46.35 15.45 87.44
C GLN NA 91 -47.64 14.65 87.62
N MET NA 97 -44.69 19.41 84.98
CA MET NA 97 -43.82 20.55 84.72
C MET NA 97 -42.46 20.10 84.23
N LEU NA 98 -41.53 21.05 84.09
CA LEU NA 98 -40.19 20.75 83.62
C LEU NA 98 -39.48 19.81 84.59
N LEU NA 99 -39.49 18.52 84.29
CA LEU NA 99 -38.84 17.50 85.10
C LEU NA 99 -37.82 16.76 84.26
N ASP NA 100 -36.59 16.70 84.75
CA ASP NA 100 -35.52 16.03 84.03
C ASP NA 100 -35.61 14.52 84.20
N SER NA 101 -35.17 13.80 83.17
CA SER NA 101 -35.19 12.34 83.18
C SER NA 101 -34.01 11.86 82.35
N VAL NA 102 -32.90 11.54 83.03
CA VAL NA 102 -31.67 11.09 82.37
C VAL NA 102 -31.30 9.74 82.98
N LEU NA 103 -31.44 8.67 82.20
CA LEU NA 103 -31.10 7.33 82.64
C LEU NA 103 -30.54 6.56 81.45
N THR NA 104 -30.01 5.37 81.74
CA THR NA 104 -29.42 4.51 80.72
C THR NA 104 -29.83 3.07 80.98
N THR NA 105 -30.10 2.34 79.90
CA THR NA 105 -30.49 0.95 79.97
C THR NA 105 -29.26 0.05 79.75
N HIS NA 106 -29.46 -1.24 79.98
CA HIS NA 106 -28.40 -2.22 79.81
C HIS NA 106 -29.00 -3.53 79.31
N GLU NA 107 -28.39 -4.10 78.27
CA GLU NA 107 -28.87 -5.35 77.69
C GLU NA 107 -27.67 -6.22 77.34
N ARG NA 108 -27.82 -7.53 77.55
CA ARG NA 108 -26.78 -8.50 77.26
C ARG NA 108 -27.36 -9.60 76.39
N VAL NA 109 -26.70 -9.89 75.28
CA VAL NA 109 -27.15 -10.92 74.35
C VAL NA 109 -26.61 -12.27 74.81
N VAL NA 110 -27.39 -13.32 74.52
CA VAL NA 110 -27.01 -14.69 74.89
C VAL NA 110 -27.30 -15.61 73.72
N GLN NA 111 -26.30 -15.88 72.90
CA GLN NA 111 -26.46 -16.76 71.75
C GLN NA 111 -26.34 -18.22 72.19
N ILE NA 112 -27.33 -19.03 71.81
CA ILE NA 112 -27.36 -20.44 72.15
C ILE NA 112 -27.59 -21.22 70.86
N SER NA 113 -26.60 -21.99 70.43
CA SER NA 113 -26.73 -22.78 69.21
C SER NA 113 -27.59 -24.02 69.45
N GLY NA 114 -27.06 -25.01 70.15
CA GLY NA 114 -27.82 -26.21 70.44
C GLY NA 114 -28.88 -25.95 71.48
N LEU NA 115 -30.07 -26.53 71.25
CA LEU NA 115 -31.20 -26.37 72.16
C LEU NA 115 -31.89 -27.71 72.33
N SER NA 116 -32.67 -27.81 73.40
CA SER NA 116 -33.41 -29.02 73.72
C SER NA 116 -34.87 -28.88 73.28
N ALA NA 117 -35.51 -30.04 73.10
CA ALA NA 117 -36.91 -30.08 72.68
C ALA NA 117 -37.85 -30.19 73.88
N THR NA 118 -37.66 -31.20 74.73
CA THR NA 118 -38.51 -31.40 75.89
C THR NA 118 -38.02 -30.64 77.12
N PHE NA 119 -36.70 -30.52 77.28
CA PHE NA 119 -36.15 -29.81 78.42
C PHE NA 119 -36.31 -28.30 78.32
N ALA NA 120 -36.83 -27.80 77.18
CA ALA NA 120 -37.05 -26.36 77.04
C ALA NA 120 -38.04 -25.85 78.07
N GLU NA 121 -39.05 -26.66 78.42
CA GLU NA 121 -40.02 -26.25 79.44
C GLU NA 121 -39.32 -26.00 80.77
N ILE NA 122 -38.51 -26.97 81.22
CA ILE NA 122 -37.81 -26.82 82.49
C ILE NA 122 -36.82 -25.67 82.42
N PHE NA 123 -36.17 -25.48 81.27
CA PHE NA 123 -35.23 -24.38 81.11
C PHE NA 123 -35.93 -23.03 81.28
N LEU NA 124 -37.06 -22.85 80.60
CA LEU NA 124 -37.81 -21.60 80.72
C LEU NA 124 -38.34 -21.42 82.13
N GLU NA 125 -38.79 -22.50 82.78
CA GLU NA 125 -39.27 -22.40 84.15
C GLU NA 125 -38.16 -21.94 85.08
N ILE NA 126 -36.96 -22.49 84.93
CA ILE NA 126 -35.84 -22.09 85.78
C ILE NA 126 -35.46 -20.64 85.49
N ILE NA 127 -35.46 -20.24 84.22
CA ILE NA 127 -35.14 -18.86 83.88
C ILE NA 127 -36.14 -17.91 84.52
N GLN NA 128 -37.42 -18.27 84.50
CA GLN NA 128 -38.44 -17.42 85.10
C GLN NA 128 -38.30 -17.37 86.61
N SER NA 129 -37.99 -18.51 87.23
CA SER NA 129 -37.84 -18.54 88.69
C SER NA 129 -36.62 -17.75 89.14
N SER NA 130 -35.56 -17.72 88.33
CA SER NA 130 -34.34 -17.01 88.67
C SER NA 130 -34.34 -15.55 88.20
N LEU NA 131 -35.48 -15.05 87.73
CA LEU NA 131 -35.56 -13.67 87.25
C LEU NA 131 -35.50 -12.71 88.43
N PRO NA 132 -34.48 -11.85 88.51
CA PRO NA 132 -34.44 -10.86 89.59
C PRO NA 132 -35.36 -9.68 89.31
N GLU NA 133 -35.47 -8.80 90.30
CA GLU NA 133 -36.30 -7.62 90.17
C GLU NA 133 -35.65 -6.62 89.23
N GLY NA 134 -36.39 -6.19 88.22
CA GLY NA 134 -35.89 -5.23 87.25
C GLY NA 134 -35.34 -5.83 85.97
N VAL NA 135 -35.65 -7.08 85.67
CA VAL NA 135 -35.17 -7.74 84.45
C VAL NA 135 -36.32 -8.54 83.85
N ARG NA 136 -36.36 -8.58 82.52
CA ARG NA 136 -37.38 -9.31 81.78
C ARG NA 136 -36.72 -10.17 80.72
N LEU NA 137 -37.53 -11.03 80.10
CA LEU NA 137 -37.07 -11.92 79.05
C LEU NA 137 -37.39 -11.32 77.67
N SER NA 138 -36.62 -11.77 76.67
CA SER NA 138 -36.76 -11.27 75.30
C SER NA 138 -36.29 -12.38 74.36
N VAL NA 139 -37.07 -13.45 74.28
CA VAL NA 139 -36.75 -14.57 73.40
C VAL NA 139 -37.15 -14.21 71.98
N LYS NA 140 -36.30 -14.55 71.02
CA LYS NA 140 -36.55 -14.28 69.61
C LYS NA 140 -35.46 -14.99 68.81
N GLU NA 141 -35.45 -14.75 67.49
CA GLU NA 141 -34.48 -15.35 66.61
C GLU NA 141 -33.29 -14.41 66.41
N HIS NA 142 -32.31 -14.85 65.63
CA HIS NA 142 -31.11 -14.05 65.33
C HIS NA 142 -31.24 -13.31 64.01
N THR NA 143 -32.43 -12.81 63.70
CA THR NA 143 -32.66 -12.06 62.47
C THR NA 143 -32.50 -10.56 62.69
N GLU NA 144 -31.40 -10.19 63.35
CA GLU NA 144 -31.11 -8.79 63.64
C GLU NA 144 -29.61 -8.55 63.50
N GLU NA 145 -29.25 -7.28 63.34
CA GLU NA 145 -27.86 -6.89 63.19
C GLU NA 145 -27.65 -5.54 63.85
N ASP NA 146 -26.46 -5.35 64.42
CA ASP NA 146 -26.12 -4.11 65.10
C ASP NA 146 -27.11 -3.80 66.21
N PHE OA 1 105.98 -10.57 47.91
CA PHE OA 1 104.63 -10.93 47.50
C PHE OA 1 104.39 -12.43 47.62
N VAL OA 2 105.47 -13.20 47.66
CA VAL OA 2 105.40 -14.65 47.77
C VAL OA 2 106.43 -15.11 48.79
N GLU OA 3 106.07 -16.13 49.57
CA GLU OA 3 106.97 -16.69 50.58
C GLU OA 3 106.53 -18.10 50.88
N SER OA 4 107.39 -19.07 50.56
CA SER OA 4 107.05 -20.48 50.77
C SER OA 4 106.91 -20.78 52.26
N VAL OA 5 105.94 -21.62 52.59
CA VAL OA 5 105.68 -22.04 53.96
C VAL OA 5 105.32 -23.51 53.97
N ASP OA 6 105.73 -24.21 55.01
CA ASP OA 6 105.48 -25.65 55.17
C ASP OA 6 104.53 -25.83 56.37
N GLU OA 7 103.24 -25.91 56.07
CA GLU OA 7 102.21 -26.11 57.08
C GLU OA 7 101.02 -26.81 56.45
N TYR OA 8 101.27 -27.97 55.84
CA TYR OA 8 100.25 -28.74 55.15
C TYR OA 8 99.51 -29.70 56.08
N GLN OA 9 99.78 -29.65 57.38
CA GLN OA 9 99.12 -30.56 58.31
C GLN OA 9 97.61 -30.30 58.34
N PHE OA 10 97.21 -29.04 58.48
CA PHE OA 10 95.79 -28.70 58.50
C PHE OA 10 95.12 -29.04 57.18
N VAL OA 11 95.82 -28.81 56.06
CA VAL OA 11 95.27 -29.14 54.75
C VAL OA 11 95.02 -30.64 54.65
N GLU OA 12 96.00 -31.45 55.06
CA GLU OA 12 95.82 -32.89 55.05
C GLU OA 12 94.66 -33.30 55.95
N ARG OA 13 94.54 -32.65 57.11
CA ARG OA 13 93.43 -32.95 58.01
C ARG OA 13 92.09 -32.65 57.35
N LEU OA 14 92.04 -31.58 56.54
CA LEU OA 14 90.79 -31.17 55.90
C LEU OA 14 90.39 -32.08 54.74
N LEU OA 15 91.21 -33.06 54.38
CA LEU OA 15 90.92 -33.93 53.26
C LEU OA 15 90.25 -35.21 53.75
N PRO OA 16 89.49 -35.90 52.88
CA PRO OA 16 88.83 -37.14 53.29
C PRO OA 16 89.75 -38.35 53.20
N ALA OA 17 89.18 -39.55 53.34
CA ALA OA 17 89.94 -40.79 53.27
C ALA OA 17 89.48 -41.72 52.16
N THR OA 18 88.48 -41.33 51.37
CA THR OA 18 87.99 -42.15 50.27
C THR OA 18 87.55 -43.52 50.78
N ARG OA 19 88.50 -44.43 50.98
CA ARG OA 19 88.18 -45.77 51.44
C ARG OA 19 87.58 -45.73 52.83
N ILE OA 20 86.50 -46.49 53.02
CA ILE OA 20 85.84 -46.52 54.33
C ILE OA 20 86.75 -47.21 55.34
N PRO OA 21 86.97 -46.64 56.52
CA PRO OA 21 87.84 -47.28 57.50
C PRO OA 21 87.09 -48.34 58.31
N ASP OA 22 87.84 -49.37 58.71
CA ASP OA 22 87.26 -50.43 59.52
C ASP OA 22 86.79 -49.88 60.86
N PRO OA 23 85.80 -50.51 61.48
CA PRO OA 23 85.29 -50.01 62.76
C PRO OA 23 86.27 -50.30 63.88
N PRO OA 24 86.23 -49.54 64.97
CA PRO OA 24 87.15 -49.78 66.08
C PRO OA 24 86.75 -51.01 66.88
N LYS OA 25 87.67 -51.44 67.75
CA LYS OA 25 87.46 -52.60 68.60
C LYS OA 25 87.04 -52.12 69.98
N HIS OA 26 85.73 -52.09 70.23
CA HIS OA 26 85.20 -51.65 71.51
C HIS OA 26 85.45 -52.73 72.56
N GLU OA 27 84.84 -52.57 73.74
CA GLU OA 27 85.01 -53.52 74.82
C GLU OA 27 83.72 -53.85 75.54
N HIS OA 28 82.58 -53.27 75.14
CA HIS OA 28 81.30 -53.53 75.80
C HIS OA 28 80.21 -53.49 74.71
N TYR OA 29 79.84 -54.67 74.20
CA TYR OA 29 78.82 -54.77 73.16
C TYR OA 29 77.49 -55.17 73.78
N PRO OA 30 76.35 -54.78 73.17
CA PRO OA 30 76.27 -53.98 71.94
C PRO OA 30 76.50 -52.49 72.19
N THR OA 31 77.17 -51.83 71.26
CA THR OA 31 77.44 -50.41 71.40
C THR OA 31 76.13 -49.64 71.48
N PRO OA 32 76.01 -48.65 72.38
CA PRO OA 32 74.74 -47.91 72.49
C PRO OA 32 74.38 -47.22 71.18
N SER OA 33 73.70 -47.94 70.29
CA SER OA 33 73.30 -47.40 69.00
C SER OA 33 72.54 -48.44 68.19
N GLY OA 34 72.98 -49.70 68.28
CA GLY OA 34 72.34 -50.79 67.56
C GLY OA 34 73.27 -51.43 66.55
N TRP OA 35 74.55 -51.51 66.90
CA TRP OA 35 75.58 -52.08 66.03
C TRP OA 35 76.37 -53.13 66.80
N GLN OA 36 76.77 -54.18 66.08
CA GLN OA 36 77.56 -55.25 66.67
C GLN OA 36 78.40 -55.88 65.57
N PRO OA 37 79.68 -56.15 65.81
CA PRO OA 37 80.52 -56.74 64.76
C PRO OA 37 80.23 -58.23 64.61
N PRO OA 38 80.67 -58.84 63.51
CA PRO OA 38 80.43 -60.28 63.30
C PRO OA 38 81.41 -61.12 64.10
N ARG OA 39 80.89 -62.00 64.94
CA ARG OA 39 81.74 -62.87 65.75
C ARG OA 39 82.54 -63.80 64.85
N ASP OA 40 83.57 -64.41 65.44
CA ASP OA 40 84.43 -65.34 64.72
C ASP OA 40 84.60 -66.61 65.53
N PRO OA 41 84.68 -67.78 64.88
CA PRO OA 41 84.59 -67.98 63.43
C PRO OA 41 83.16 -67.85 62.90
N PRO OA 42 83.00 -67.80 61.58
CA PRO OA 42 81.66 -67.66 61.01
C PRO OA 42 80.76 -68.82 61.43
N PRO OA 43 79.45 -68.66 61.31
CA PRO OA 43 78.54 -69.76 61.69
C PRO OA 43 78.53 -70.89 60.68
N ASN OA 44 79.05 -72.05 61.08
CA ASN OA 44 79.10 -73.21 60.19
C ASN OA 44 77.69 -73.61 59.75
N LEU OA 45 77.13 -72.87 58.80
CA LEU OA 45 75.80 -73.12 58.27
C LEU OA 45 75.86 -73.29 56.76
N PRO OA 46 74.83 -73.87 56.15
CA PRO OA 46 74.85 -74.05 54.69
C PRO OA 46 74.93 -72.74 53.92
N TYR OA 47 74.59 -71.62 54.54
CA TYR OA 47 74.59 -70.32 53.89
C TYR OA 47 75.30 -69.31 54.78
N PHE OA 48 75.42 -68.08 54.28
CA PHE OA 48 76.05 -67.00 55.03
C PHE OA 48 75.48 -65.67 54.56
N VAL OA 49 75.40 -64.72 55.47
CA VAL OA 49 74.88 -63.38 55.20
C VAL OA 49 76.03 -62.40 55.30
N ARG OA 50 76.36 -61.77 54.18
CA ARG OA 50 77.45 -60.80 54.14
C ARG OA 50 77.00 -59.48 54.78
N ARG OA 51 77.99 -58.64 55.08
CA ARG OA 51 77.75 -57.33 55.69
C ARG OA 51 77.95 -56.24 54.64
N SER OA 52 77.18 -55.17 54.79
CA SER OA 52 77.25 -54.05 53.86
C SER OA 52 78.58 -53.32 54.01
N ARG OA 53 78.81 -52.32 53.15
CA ARG OA 53 80.04 -51.54 53.22
C ARG OA 53 80.14 -50.81 54.55
N MET OA 54 79.02 -50.34 55.08
CA MET OA 54 79.00 -49.63 56.36
C MET OA 54 78.99 -50.58 57.56
N HIS OA 55 79.20 -51.87 57.35
CA HIS OA 55 79.20 -52.87 58.42
C HIS OA 55 77.85 -52.87 59.16
N ASN OA 56 76.83 -53.30 58.42
CA ASN OA 56 75.47 -53.36 58.95
C ASN OA 56 74.79 -54.63 58.45
N ILE OA 57 73.82 -55.10 59.23
CA ILE OA 57 73.08 -56.31 58.85
C ILE OA 57 72.21 -55.98 57.64
N PRO OA 58 72.16 -56.85 56.61
CA PRO OA 58 71.35 -56.54 55.42
C PRO OA 58 69.87 -56.85 55.61
N VAL OA 59 69.16 -55.91 56.23
CA VAL OA 59 67.72 -56.02 56.44
C VAL OA 59 67.13 -54.63 56.27
N TYR OA 60 66.21 -54.48 55.30
CA TYR OA 60 65.64 -53.18 54.98
C TYR OA 60 64.13 -53.36 54.77
N LYS OA 61 63.49 -52.32 54.24
CA LYS OA 61 62.07 -52.34 53.93
C LYS OA 61 61.86 -51.91 52.50
N ASP OA 62 60.77 -52.40 51.90
CA ASP OA 62 60.43 -52.08 50.52
C ASP OA 62 58.93 -51.87 50.42
N ILE OA 63 58.53 -50.80 49.75
CA ILE OA 63 57.10 -50.46 49.58
C ILE OA 63 56.89 -50.24 48.08
N THR OA 64 56.56 -51.32 47.37
CA THR OA 64 56.29 -51.23 45.94
C THR OA 64 55.11 -50.29 45.69
N HIS OA 65 53.90 -50.77 45.98
CA HIS OA 65 52.71 -49.94 45.88
C HIS OA 65 52.38 -49.33 47.24
N GLY OA 66 51.37 -48.47 47.27
CA GLY OA 66 50.97 -47.83 48.51
C GLY OA 66 50.47 -48.79 49.56
N ASN OA 67 50.13 -50.01 49.17
CA ASN OA 67 49.63 -51.02 50.11
C ASN OA 67 50.70 -52.06 50.45
N ARG OA 68 51.23 -52.74 49.43
CA ARG OA 68 52.21 -53.79 49.68
C ARG OA 68 53.44 -53.22 50.36
N GLN OA 69 54.02 -54.00 51.28
CA GLN OA 69 55.21 -53.58 52.02
C GLN OA 69 55.90 -54.83 52.53
N MET OA 70 57.12 -55.08 52.06
CA MET OA 70 57.86 -56.28 52.43
C MET OA 70 59.31 -55.91 52.68
N THR OA 71 59.97 -56.76 53.47
CA THR OA 71 61.40 -56.62 53.71
C THR OA 71 62.19 -57.33 52.60
N VAL OA 72 63.47 -57.01 52.52
CA VAL OA 72 64.35 -57.55 51.48
C VAL OA 72 65.70 -57.85 52.10
N ILE OA 73 66.08 -59.13 52.12
CA ILE OA 73 67.43 -59.53 52.53
C ILE OA 73 68.28 -59.62 51.27
N ARG OA 74 68.78 -58.47 50.81
CA ARG OA 74 69.44 -58.40 49.52
C ARG OA 74 70.72 -59.24 49.48
N LYS OA 75 71.39 -59.39 50.63
CA LYS OA 75 72.66 -60.11 50.70
C LYS OA 75 72.41 -61.52 51.21
N VAL OA 76 72.56 -62.51 50.33
CA VAL OA 76 72.42 -63.92 50.70
C VAL OA 76 73.42 -64.71 49.88
N GLU OA 77 74.18 -65.58 50.56
CA GLU OA 77 75.19 -66.41 49.90
C GLU OA 77 75.04 -67.84 50.40
N GLY OA 78 74.98 -68.78 49.46
CA GLY OA 78 74.85 -70.18 49.80
C GLY OA 78 73.45 -70.72 49.54
N ASP OA 79 73.04 -71.72 50.32
CA ASP OA 79 71.72 -72.33 50.16
C ASP OA 79 70.66 -71.34 50.64
N ILE OA 80 69.82 -70.87 49.71
CA ILE OA 80 68.78 -69.92 50.08
C ILE OA 80 67.54 -70.65 50.59
N TRP OA 81 67.35 -71.91 50.19
CA TRP OA 81 66.18 -72.66 50.65
C TRP OA 81 66.24 -72.90 52.15
N ALA OA 82 67.42 -73.19 52.68
CA ALA OA 82 67.56 -73.40 54.12
C ALA OA 82 67.23 -72.12 54.89
N LEU OA 83 67.73 -70.98 54.42
CA LEU OA 83 67.44 -69.71 55.07
C LEU OA 83 65.94 -69.40 55.00
N GLN OA 84 65.32 -69.66 53.85
CA GLN OA 84 63.90 -69.42 53.71
C GLN OA 84 63.09 -70.29 54.68
N LYS OA 85 63.46 -71.57 54.79
CA LYS OA 85 62.76 -72.47 55.70
C LYS OA 85 62.94 -72.02 57.15
N ASP OA 86 64.17 -71.60 57.50
CA ASP OA 86 64.42 -71.13 58.87
C ASP OA 86 63.59 -69.89 59.18
N VAL OA 87 63.55 -68.93 58.25
CA VAL OA 87 62.78 -67.72 58.47
C VAL OA 87 61.29 -68.04 58.58
N GLU OA 88 60.81 -68.98 57.76
CA GLU OA 88 59.40 -69.37 57.83
C GLU OA 88 59.08 -70.00 59.18
N ASP OA 89 59.95 -70.91 59.65
CA ASP OA 89 59.72 -71.54 60.94
C ASP OA 89 59.80 -70.54 62.09
N PHE OA 90 60.63 -69.50 61.94
CA PHE OA 90 60.76 -68.50 62.98
C PHE OA 90 59.60 -67.52 62.99
N LEU OA 91 59.01 -67.25 61.82
CA LEU OA 91 57.92 -66.29 61.71
C LEU OA 91 56.54 -66.92 61.82
N SER OA 92 56.45 -68.25 61.74
CA SER OA 92 55.14 -68.89 61.85
C SER OA 92 54.42 -68.57 63.15
N PRO OA 93 55.06 -68.54 64.33
CA PRO OA 93 54.32 -68.24 65.56
C PRO OA 93 53.94 -66.78 65.71
N LEU OA 94 54.42 -65.90 64.83
CA LEU OA 94 54.09 -64.48 64.94
C LEU OA 94 52.76 -64.15 64.28
N LEU OA 95 52.37 -64.90 63.24
CA LEU OA 95 51.12 -64.66 62.53
C LEU OA 95 50.29 -65.92 62.33
N GLY OA 96 50.75 -67.07 62.80
CA GLY OA 96 50.01 -68.32 62.61
C GLY OA 96 50.13 -68.92 61.23
N LYS OA 97 49.84 -68.16 60.19
CA LYS OA 97 49.94 -68.64 58.82
C LYS OA 97 51.41 -68.69 58.42
N THR OA 98 51.68 -69.00 57.15
CA THR OA 98 53.03 -69.05 56.64
C THR OA 98 53.36 -67.78 55.87
N PRO OA 99 54.54 -67.18 56.09
CA PRO OA 99 54.88 -65.95 55.36
C PRO OA 99 55.11 -66.22 53.88
N VAL OA 100 54.42 -65.46 53.03
CA VAL OA 100 54.54 -65.62 51.58
C VAL OA 100 55.93 -65.16 51.15
N THR OA 101 56.83 -66.12 50.97
CA THR OA 101 58.20 -65.83 50.58
C THR OA 101 58.36 -65.86 49.07
N GLN OA 102 59.50 -65.35 48.60
CA GLN OA 102 59.80 -65.33 47.17
C GLN OA 102 61.33 -65.29 47.03
N VAL OA 103 61.93 -66.47 47.01
CA VAL OA 103 63.38 -66.58 46.91
C VAL OA 103 63.81 -66.36 45.47
N ASN OA 104 65.06 -65.91 45.30
CA ASN OA 104 65.65 -65.66 43.98
C ASN OA 104 67.04 -66.29 43.97
N GLU OA 105 67.15 -67.47 43.34
CA GLU OA 105 68.44 -68.15 43.29
C GLU OA 105 69.50 -67.29 42.63
N VAL OA 106 69.14 -66.62 41.53
CA VAL OA 106 70.08 -65.77 40.81
C VAL OA 106 70.64 -64.72 41.77
N THR OA 107 69.85 -63.68 42.03
CA THR OA 107 70.25 -62.63 42.96
C THR OA 107 69.89 -63.08 44.38
N GLY OA 108 70.92 -63.36 45.18
CA GLY OA 108 70.70 -63.83 46.54
C GLY OA 108 69.84 -62.89 47.37
N THR OA 109 68.55 -62.83 47.05
CA THR OA 109 67.60 -61.97 47.73
C THR OA 109 66.45 -62.81 48.27
N LEU OA 110 65.56 -62.15 49.02
CA LEU OA 110 64.42 -62.82 49.62
C LEU OA 110 63.42 -61.77 50.08
N ARG OA 111 62.16 -61.95 49.71
CA ARG OA 111 61.09 -61.04 50.08
C ARG OA 111 60.12 -61.75 51.03
N ILE OA 112 59.65 -61.01 52.03
CA ILE OA 112 58.72 -61.54 53.03
C ILE OA 112 57.61 -60.50 53.22
N LYS OA 113 56.40 -60.84 52.79
CA LYS OA 113 55.27 -59.92 52.93
C LYS OA 113 55.08 -59.51 54.38
N GLY OA 114 55.10 -58.22 54.63
CA GLY OA 114 54.92 -57.68 55.96
C GLY OA 114 56.20 -57.08 56.51
N TYR OA 115 56.05 -56.21 57.51
CA TYR OA 115 57.17 -55.54 58.13
C TYR OA 115 57.80 -56.45 59.18
N PHE OA 116 59.06 -56.82 58.96
CA PHE OA 116 59.80 -57.67 59.89
C PHE OA 116 61.26 -57.26 59.95
N ASP OA 117 61.52 -55.96 59.82
CA ASP OA 117 62.90 -55.48 59.79
C ASP OA 117 63.58 -55.69 61.14
N GLN OA 118 63.00 -55.15 62.22
CA GLN OA 118 63.63 -55.25 63.53
C GLN OA 118 63.72 -56.70 64.00
N GLU OA 119 62.65 -57.47 63.79
CA GLU OA 119 62.65 -58.86 64.23
C GLU OA 119 63.70 -59.68 63.48
N LEU OA 120 63.77 -59.50 62.16
CA LEU OA 120 64.78 -60.23 61.38
C LEU OA 120 66.19 -59.79 61.76
N LYS OA 121 66.38 -58.51 62.02
CA LYS OA 121 67.69 -58.02 62.45
C LYS OA 121 68.09 -58.65 63.77
N ALA OA 122 67.17 -58.69 64.74
CA ALA OA 122 67.47 -59.30 66.02
C ALA OA 122 67.76 -60.80 65.87
N TRP OA 123 67.01 -61.49 65.02
CA TRP OA 123 67.24 -62.91 64.79
C TRP OA 123 68.62 -63.14 64.19
N LEU OA 124 69.00 -62.34 63.19
CA LEU OA 124 70.30 -62.49 62.57
C LEU OA 124 71.42 -62.17 63.54
N LEU OA 125 71.23 -61.16 64.39
CA LEU OA 125 72.24 -60.84 65.39
C LEU OA 125 72.39 -61.97 66.40
N GLU OA 126 71.27 -62.58 66.80
CA GLU OA 126 71.35 -63.72 67.72
C GLU OA 126 72.03 -64.91 67.06
N LYS OA 127 71.79 -65.12 65.76
CA LYS OA 127 72.45 -66.22 65.06
C LYS OA 127 73.94 -65.97 64.93
N GLY OA 128 74.37 -64.72 64.82
CA GLY OA 128 75.77 -64.40 64.71
C GLY OA 128 76.27 -64.43 63.28
N PHE OA 129 76.07 -63.33 62.56
CA PHE OA 129 76.51 -63.24 61.17
C PHE OA 129 77.39 -62.02 60.97
N ARG PA 1 98.97 -85.35 21.35
CA ARG PA 1 98.01 -85.12 22.42
C ARG PA 1 96.69 -85.83 22.12
N SER PA 2 96.07 -86.39 23.17
CA SER PA 2 94.81 -87.09 23.03
C SER PA 2 93.97 -86.86 24.28
N ARG PA 3 92.65 -86.84 24.09
CA ARG PA 3 91.73 -86.62 25.19
C ARG PA 3 91.40 -87.91 25.95
N ALA PA 4 91.84 -89.06 25.46
CA ALA PA 4 91.56 -90.32 26.14
C ALA PA 4 92.27 -90.37 27.49
N TYR PA 5 91.63 -91.05 28.44
CA TYR PA 5 92.19 -91.19 29.77
C TYR PA 5 91.54 -92.39 30.46
N THR PA 6 92.32 -93.09 31.27
CA THR PA 6 91.86 -94.27 31.98
C THR PA 6 92.72 -94.44 33.23
N PRO PA 7 92.14 -94.75 34.38
CA PRO PA 7 92.96 -94.96 35.59
C PRO PA 7 93.97 -96.07 35.37
N PRO PA 8 95.27 -95.74 35.26
CA PRO PA 8 96.27 -96.78 34.99
C PRO PA 8 96.70 -97.47 36.27
N GLU PA 9 96.38 -98.76 36.38
CA GLU PA 9 96.80 -99.59 37.51
C GLU PA 9 96.26 -99.05 38.83
N ASP PA 10 94.93 -99.07 38.95
CA ASP PA 10 94.24 -98.74 40.19
C ASP PA 10 94.26 -97.23 40.49
N LEU PA 11 95.39 -96.58 40.22
CA LEU PA 11 95.56 -95.14 40.48
C LEU PA 11 95.88 -94.89 41.95
N GLN PA 12 95.17 -95.56 42.85
CA GLN PA 12 95.41 -95.37 44.28
C GLN PA 12 96.84 -95.76 44.66
N SER PA 13 97.36 -96.83 44.06
CA SER PA 13 98.70 -97.29 44.40
C SER PA 13 99.75 -96.24 44.05
N ARG PA 14 99.75 -95.80 42.79
CA ARG PA 14 100.74 -94.80 42.36
C ARG PA 14 100.53 -93.48 43.09
N LEU PA 15 99.28 -93.11 43.36
CA LEU PA 15 99.02 -91.88 44.10
C LEU PA 15 99.61 -91.94 45.50
N GLU PA 16 99.40 -93.05 46.20
CA GLU PA 16 99.97 -93.21 47.54
C GLU PA 16 101.49 -93.24 47.48
N SER PA 17 102.06 -93.89 46.44
CA SER PA 17 103.51 -93.92 46.30
C SER PA 17 104.07 -92.52 46.13
N TYR PA 18 103.43 -91.70 45.28
CA TYR PA 18 103.89 -90.33 45.07
C TYR PA 18 103.73 -89.50 46.34
N VAL PA 19 102.63 -89.70 47.07
CA VAL PA 19 102.42 -88.97 48.31
C VAL PA 19 103.50 -89.31 49.32
N LYS PA 20 103.88 -90.59 49.39
CA LYS PA 20 104.95 -91.00 50.30
C LYS PA 20 106.29 -90.42 49.85
N GLU PA 21 106.55 -90.42 48.55
CA GLU PA 21 107.80 -89.86 48.04
C GLU PA 21 107.91 -88.38 48.36
N VAL PA 22 106.81 -87.65 48.23
CA VAL PA 22 106.82 -86.21 48.52
C VAL PA 22 107.08 -85.99 50.00
N PHE PA 23 106.33 -86.67 50.87
CA PHE PA 23 106.51 -86.54 52.31
C PHE PA 23 107.59 -87.50 52.81
N LEU PA 27 102.86 -88.06 55.67
CA LEU PA 27 103.80 -89.07 56.13
C LEU PA 27 103.11 -90.17 56.95
N PRO PA 28 102.34 -89.79 57.98
CA PRO PA 28 101.66 -90.82 58.79
C PRO PA 28 100.52 -91.48 58.05
N SER PA 29 99.75 -92.32 58.73
CA SER PA 29 98.63 -93.02 58.12
C SER PA 29 97.55 -92.01 57.75
N ASN PA 30 96.41 -92.52 57.26
CA ASN PA 30 95.29 -91.68 56.85
C ASN PA 30 95.74 -90.70 55.76
N TRP PA 31 96.40 -91.23 54.74
CA TRP PA 31 96.87 -90.41 53.63
C TRP PA 31 95.72 -89.76 52.87
N GLN PA 32 94.52 -90.34 52.92
CA GLN PA 32 93.38 -89.77 52.24
C GLN PA 32 92.84 -88.53 52.94
N ASP PA 33 93.19 -88.34 54.21
CA ASP PA 33 92.70 -87.20 54.99
C ASP PA 33 93.71 -86.06 55.08
N ILE PA 34 94.96 -86.30 54.70
CA ILE PA 34 95.99 -85.25 54.76
C ILE PA 34 95.59 -84.12 53.83
N SER PA 35 95.01 -83.06 54.39
CA SER PA 35 94.59 -81.92 53.59
C SER PA 35 95.81 -81.19 53.05
N LEU PA 36 95.78 -80.87 51.75
CA LEU PA 36 96.88 -80.16 51.11
C LEU PA 36 96.93 -78.72 51.59
N GLU PA 37 96.00 -77.89 51.13
CA GLU PA 37 95.90 -76.51 51.58
C GLU PA 37 97.10 -75.69 51.12
N ASP PA 38 98.31 -76.07 51.55
CA ASP PA 38 99.51 -75.34 51.19
C ASP PA 38 99.60 -75.19 49.68
N SER PA 39 100.14 -74.05 49.24
CA SER PA 39 100.25 -73.78 47.81
C SER PA 39 101.40 -74.58 47.18
N ARG PA 40 102.58 -74.54 47.79
CA ARG PA 40 103.73 -75.24 47.23
C ARG PA 40 103.48 -76.74 47.16
N LEU PA 41 103.04 -77.33 48.28
CA LEU PA 41 102.83 -78.77 48.32
C LEU PA 41 101.73 -79.20 47.34
N LYS PA 42 100.62 -78.47 47.32
CA LYS PA 42 99.53 -78.79 46.42
C LYS PA 42 99.98 -78.70 44.97
N PHE PA 43 100.68 -77.62 44.62
CA PHE PA 43 101.14 -77.45 43.24
C PHE PA 43 102.09 -78.58 42.85
N ASN PA 44 103.04 -78.91 43.74
CA ASN PA 44 103.99 -79.98 43.43
C ASN PA 44 103.27 -81.31 43.24
N LEU PA 45 102.34 -81.63 44.14
CA LEU PA 45 101.63 -82.91 44.03
C LEU PA 45 100.81 -82.96 42.75
N LEU PA 46 100.10 -81.88 42.41
CA LEU PA 46 99.30 -81.88 41.20
C LEU PA 46 100.17 -81.98 39.95
N ALA PA 47 101.30 -81.28 39.93
CA ALA PA 47 102.20 -81.37 38.79
C ALA PA 47 102.76 -82.78 38.64
N HIS PA 48 103.14 -83.41 39.75
CA HIS PA 48 103.64 -84.78 39.69
C HIS PA 48 102.57 -85.74 39.17
N LEU PA 49 101.34 -85.58 39.67
CA LEU PA 49 100.25 -86.45 39.21
C LEU PA 49 99.98 -86.25 37.73
N ALA PA 50 99.99 -85.00 37.26
CA ALA PA 50 99.74 -84.73 35.85
C ALA PA 50 100.85 -85.28 34.97
N ASP PA 51 102.10 -85.18 35.44
CA ASP PA 51 103.22 -85.70 34.66
C ASP PA 51 103.23 -87.22 34.64
N ASP PA 52 102.78 -87.86 35.71
CA ASP PA 52 102.74 -89.32 35.75
C ASP PA 52 101.57 -89.89 34.97
N LEU PA 53 100.42 -89.20 34.98
CA LEU PA 53 99.24 -89.67 34.27
C LEU PA 53 99.03 -88.99 32.93
N GLY PA 54 99.58 -87.80 32.73
CA GLY PA 54 99.41 -87.10 31.47
C GLY PA 54 98.09 -86.38 31.33
N HIS PA 55 97.62 -85.75 32.40
CA HIS PA 55 96.34 -85.02 32.37
C HIS PA 55 96.36 -83.99 33.49
N VAL PA 56 96.47 -82.72 33.11
CA VAL PA 56 96.48 -81.63 34.08
C VAL PA 56 95.05 -81.35 34.54
N VAL PA 57 94.90 -80.99 35.80
CA VAL PA 57 93.57 -80.70 36.35
C VAL PA 57 93.06 -79.40 35.72
N PRO PA 58 91.79 -79.32 35.31
CA PRO PA 58 91.28 -78.07 34.74
C PRO PA 58 91.39 -76.92 35.74
N ASN PA 59 91.73 -75.74 35.21
CA ASN PA 59 91.84 -74.56 36.07
C ASN PA 59 90.53 -74.21 36.75
N SER PA 60 89.40 -74.66 36.21
CA SER PA 60 88.09 -74.41 36.80
C SER PA 60 87.70 -75.44 37.84
N ARG PA 61 88.68 -76.10 38.46
CA ARG PA 61 88.40 -77.12 39.45
C ARG PA 61 89.41 -77.15 40.60
N LEU PA 62 90.47 -76.35 40.55
CA LEU PA 62 91.48 -76.38 41.61
C LEU PA 62 90.88 -76.09 42.97
N HIS PA 63 89.86 -75.24 43.03
CA HIS PA 63 89.22 -74.87 44.29
C HIS PA 63 88.29 -75.95 44.82
N GLN PA 64 88.11 -77.05 44.09
CA GLN PA 64 87.21 -78.11 44.55
C GLN PA 64 87.92 -79.05 45.52
N MET PA 65 88.88 -79.82 45.03
CA MET PA 65 89.59 -80.78 45.87
C MET PA 65 90.42 -80.05 46.92
N CYS PA 66 90.34 -80.54 48.16
CA CYS PA 66 91.12 -79.98 49.26
C CYS PA 66 91.92 -81.07 49.96
N ARG PA 67 91.38 -82.28 49.98
CA ARG PA 67 92.04 -83.44 50.56
C ARG PA 67 92.50 -84.40 49.47
N VAL PA 68 93.31 -85.37 49.87
CA VAL PA 68 93.81 -86.36 48.91
C VAL PA 68 92.67 -87.23 48.40
N ARG PA 69 91.64 -87.45 49.22
CA ARG PA 69 90.52 -88.26 48.79
C ARG PA 69 89.80 -87.62 47.61
N ASP PA 70 89.69 -86.29 47.61
CA ASP PA 70 89.06 -85.59 46.49
C ASP PA 70 89.87 -85.79 45.22
N VAL PA 71 91.20 -85.65 45.29
CA VAL PA 71 92.04 -85.86 44.13
C VAL PA 71 91.91 -87.29 43.62
N LEU PA 72 91.85 -88.26 44.54
CA LEU PA 72 91.69 -89.65 44.15
C LEU PA 72 90.36 -89.87 43.43
N ASP PA 73 89.27 -89.34 43.99
CA ASP PA 73 87.96 -89.51 43.38
C ASP PA 73 87.86 -88.79 42.05
N PHE PA 74 88.64 -87.73 41.86
CA PHE PA 74 88.60 -87.00 40.60
C PHE PA 74 89.46 -87.67 39.53
N TYR PA 75 90.56 -88.31 39.93
CA TYR PA 75 91.46 -88.94 38.97
C TYR PA 75 91.12 -90.39 38.66
N ASN PA 76 90.32 -91.04 39.51
CA ASN PA 76 89.95 -92.45 39.30
C ASN PA 76 88.72 -92.61 38.44
N VAL PA 77 88.58 -91.80 37.40
CA VAL PA 77 87.42 -91.88 36.50
C VAL PA 77 87.90 -91.72 35.07
N PRO PA 78 87.14 -92.26 34.11
CA PRO PA 78 87.53 -92.15 32.70
C PRO PA 78 87.04 -90.87 32.06
N ILE PA 79 87.84 -90.37 31.12
CA ILE PA 79 87.53 -89.16 30.36
C ILE PA 79 87.77 -89.50 28.89
N GLN PA 80 86.73 -89.99 28.21
CA GLN PA 80 86.83 -90.38 26.81
C GLN PA 80 85.70 -89.73 26.03
N ASP PA 81 86.07 -89.02 24.96
CA ASP PA 81 85.09 -88.36 24.10
C ASP PA 81 85.69 -88.11 22.72
N ARG PA 82 86.70 -87.25 22.66
CA ARG PA 82 87.39 -86.96 21.42
C ARG PA 82 86.41 -86.50 20.33
N SER PA 83 85.73 -87.45 19.68
CA SER PA 83 84.82 -87.15 18.60
C SER PA 83 83.42 -87.68 18.93
N LYS PA 84 82.47 -87.34 18.06
CA LYS PA 84 81.09 -87.77 18.21
C LYS PA 84 80.71 -88.91 17.27
N PHE PA 85 81.27 -88.92 16.06
CA PHE PA 85 80.98 -90.01 15.13
C PHE PA 85 81.45 -91.34 15.69
N ASP PA 86 82.63 -91.37 16.31
CA ASP PA 86 83.12 -92.60 16.91
C ASP PA 86 82.21 -93.06 18.05
N GLU PA 87 81.76 -92.12 18.87
CA GLU PA 87 80.87 -92.49 19.97
C GLU PA 87 79.54 -93.02 19.45
N LEU PA 88 79.04 -92.46 18.34
CA LEU PA 88 77.77 -92.91 17.79
C LEU PA 88 77.91 -94.26 17.09
N SER PA 89 79.07 -94.54 16.49
CA SER PA 89 79.27 -95.78 15.78
C SER PA 89 79.65 -96.93 16.72
N ALA PA 90 80.30 -96.63 17.84
CA ALA PA 90 80.70 -97.68 18.78
C ALA PA 90 79.48 -98.38 19.38
N SER PA 91 78.39 -97.66 19.57
CA SER PA 91 77.19 -98.26 20.15
C SER PA 91 76.63 -99.33 19.20
N ASN PA 92 75.98 -100.33 19.79
CA ASN PA 92 75.37 -101.40 19.01
C ASN PA 92 74.37 -100.83 18.01
N LEU PA 93 74.83 -100.56 16.80
CA LEU PA 93 73.97 -99.99 15.77
C LEU PA 93 73.06 -101.07 15.20
N PRO PA 94 71.76 -100.81 15.06
CA PRO PA 94 70.86 -101.80 14.45
C PRO PA 94 71.01 -101.79 12.94
N PRO PA 95 70.34 -102.72 12.25
CA PRO PA 95 70.43 -102.75 10.78
C PRO PA 95 69.44 -101.80 10.11
N ASN PA 96 69.00 -100.77 10.84
CA ASN PA 96 68.04 -99.80 10.32
C ASN PA 96 68.57 -98.37 10.37
N LEU PA 97 69.84 -98.18 10.74
CA LEU PA 97 70.45 -96.86 10.83
C LEU PA 97 71.72 -96.82 9.99
N LYS PA 98 71.87 -95.76 9.20
CA LYS PA 98 73.06 -95.57 8.38
C LYS PA 98 73.43 -94.10 8.43
N ILE PA 99 74.57 -93.80 9.07
CA ILE PA 99 75.02 -92.42 9.27
C ILE PA 99 76.05 -92.09 8.21
N THR PA 100 76.03 -90.84 7.75
CA THR PA 100 76.99 -90.33 6.78
C THR PA 100 77.56 -89.01 7.28
N TRP PA 101 78.58 -88.52 6.59
CA TRP PA 101 79.23 -87.27 6.97
C TRP PA 101 79.76 -86.58 5.72
N SER PA 102 79.53 -85.28 5.62
CA SER PA 102 79.98 -84.48 4.49
C SER PA 102 80.91 -83.34 4.91
N TYR PA 103 81.28 -83.25 6.19
CA TYR PA 103 82.16 -82.19 6.65
C TYR PA 103 83.61 -82.53 6.36
N ILE QA 1 55.72 -56.20 -11.11
CA ILE QA 1 56.21 -57.01 -10.01
C ILE QA 1 57.17 -56.18 -9.16
N GLY QA 2 57.18 -56.45 -7.86
CA GLY QA 2 58.04 -55.73 -6.94
C GLY QA 2 59.30 -56.49 -6.57
N ILE QA 3 59.21 -57.81 -6.53
CA ILE QA 3 60.34 -58.65 -6.17
C ILE QA 3 61.22 -58.86 -7.39
N ARG QA 4 62.53 -58.76 -7.17
CA ARG QA 4 63.50 -58.95 -8.26
C ARG QA 4 63.63 -60.44 -8.56
N LEU QA 5 64.58 -60.79 -9.43
CA LEU QA 5 64.77 -62.17 -9.87
C LEU QA 5 66.09 -62.75 -9.37
N THR QA 6 67.17 -62.43 -10.06
CA THR QA 6 68.47 -63.01 -9.74
C THR QA 6 68.89 -62.64 -8.32
N LEU QA 7 69.48 -63.61 -7.62
CA LEU QA 7 69.94 -63.40 -6.26
C LEU QA 7 71.15 -62.46 -6.26
N PRO QA 8 71.53 -61.95 -5.09
CA PRO QA 8 72.67 -61.03 -5.03
C PRO QA 8 73.98 -61.77 -4.89
N PRO QA 9 75.11 -61.10 -5.07
CA PRO QA 9 76.41 -61.77 -4.93
C PRO QA 9 76.69 -62.11 -3.47
N PRO QA 10 77.71 -62.92 -3.21
CA PRO QA 10 78.02 -63.28 -1.82
C PRO QA 10 78.54 -62.10 -1.02
N LYS QA 11 77.72 -61.57 -0.12
CA LYS QA 11 78.11 -60.44 0.70
C LYS QA 11 79.21 -60.83 1.68
N VAL QA 12 80.47 -60.59 1.29
CA VAL QA 12 81.59 -60.93 2.16
C VAL QA 12 81.60 -59.99 3.36
N VAL QA 13 81.86 -60.56 4.54
CA VAL QA 13 81.90 -59.80 5.79
C VAL QA 13 83.08 -60.30 6.61
N ASP QA 14 84.01 -59.39 6.92
CA ASP QA 14 85.19 -59.73 7.72
C ASP QA 14 84.86 -59.51 9.19
N ARG QA 15 84.49 -60.59 9.88
CA ARG QA 15 84.14 -60.48 11.29
C ARG QA 15 85.31 -60.02 12.14
N TRP QA 16 86.53 -60.35 11.73
CA TRP QA 16 87.74 -59.97 12.47
C TRP QA 16 88.38 -58.73 11.85
N ASN QA 17 87.58 -57.68 11.64
CA ASN QA 17 88.08 -56.45 11.06
C ASN QA 17 88.90 -55.68 12.10
N GLU QA 18 89.64 -54.67 11.62
CA GLU QA 18 90.45 -53.86 12.51
C GLU QA 18 89.58 -53.14 13.54
N LYS QA 19 88.40 -52.68 13.13
CA LYS QA 19 87.49 -52.01 14.07
C LYS QA 19 86.72 -53.02 14.90
N ARG QA 20 86.26 -54.12 14.30
CA ARG QA 20 85.51 -55.13 15.03
C ARG QA 20 86.39 -55.80 16.08
N ALA QA 21 87.61 -56.19 15.70
CA ALA QA 21 88.52 -56.81 16.64
C ALA QA 21 88.91 -55.87 17.77
N MET QA 22 88.79 -54.55 17.55
CA MET QA 22 89.12 -53.56 18.57
C MET QA 22 87.90 -52.76 19.02
N PHE QA 23 86.69 -53.22 18.68
CA PHE QA 23 85.49 -52.51 19.09
C PHE QA 23 85.32 -52.62 20.60
N GLY QA 24 85.01 -51.49 21.25
CA GLY QA 24 84.85 -51.45 22.68
C GLY QA 24 86.13 -51.45 23.48
N VAL QA 25 87.29 -51.59 22.83
CA VAL QA 25 88.56 -51.59 23.54
C VAL QA 25 88.86 -50.20 24.06
N TYR QA 26 89.65 -50.15 25.14
CA TYR QA 26 90.03 -48.90 25.81
C TYR QA 26 88.85 -48.17 26.43
N ASP QA 27 87.68 -48.81 26.49
CA ASP QA 27 86.53 -48.23 27.15
C ASP QA 27 86.54 -48.59 28.63
N ASN QA 28 85.74 -47.87 29.41
CA ASN QA 28 85.63 -48.08 30.86
C ASN QA 28 86.94 -47.73 31.57
N ILE QA 29 87.71 -46.81 30.99
CA ILE QA 29 89.02 -46.47 31.53
C ILE QA 29 88.93 -45.83 32.91
N GLY QA 30 87.76 -45.33 33.30
CA GLY QA 30 87.63 -44.60 34.54
C GLY QA 30 87.63 -45.48 35.78
N ILE QA 31 86.87 -46.58 35.74
CA ILE QA 31 86.72 -47.43 36.92
C ILE QA 31 88.04 -48.05 37.34
N LEU QA 32 89.00 -48.18 36.44
CA LEU QA 32 90.29 -48.78 36.75
C LEU QA 32 91.49 -47.91 36.39
N GLY QA 33 91.31 -46.85 35.60
CA GLY QA 33 92.39 -45.96 35.26
C GLY QA 33 92.50 -44.78 36.20
N ASN QA 34 92.32 -45.04 37.50
CA ASN QA 34 92.37 -44.02 38.54
C ASN QA 34 91.59 -42.77 38.14
N PHE QA 35 90.54 -42.95 37.33
CA PHE QA 35 89.70 -41.83 36.90
C PHE QA 35 90.53 -40.70 36.31
N GLU QA 36 90.80 -40.77 35.01
CA GLU QA 36 91.57 -39.74 34.31
C GLU QA 36 90.85 -39.15 33.11
N LYS QA 37 89.93 -39.88 32.48
CA LYS QA 37 89.19 -39.39 31.34
C LYS QA 37 87.82 -40.06 31.31
N HIS QA 38 86.78 -39.26 31.08
CA HIS QA 38 85.43 -39.80 31.05
C HIS QA 38 85.16 -40.49 29.71
N PRO QA 39 84.44 -41.62 29.71
CA PRO QA 39 84.14 -42.28 28.44
C PRO QA 39 83.37 -41.41 27.46
N LYS QA 40 82.64 -40.40 27.94
CA LYS QA 40 81.89 -39.52 27.05
C LYS QA 40 82.79 -38.77 26.09
N GLU QA 41 84.07 -38.61 26.42
CA GLU QA 41 85.02 -37.93 25.56
C GLU QA 41 85.68 -38.86 24.54
N LEU QA 42 85.36 -40.16 24.58
CA LEU QA 42 85.95 -41.10 23.62
C LEU QA 42 85.20 -41.11 22.31
N ILE QA 43 83.87 -40.97 22.36
CA ILE QA 43 83.07 -40.98 21.14
C ILE QA 43 83.49 -39.82 20.23
N ARG QA 44 83.54 -40.09 18.93
CA ARG QA 44 83.91 -39.10 17.93
C ARG QA 44 82.66 -38.77 17.11
N GLY QA 45 82.10 -37.59 17.35
CA GLY QA 45 80.89 -37.17 16.67
C GLY QA 45 80.73 -35.67 16.66
N PRO QA 46 79.48 -35.19 16.64
CA PRO QA 46 79.24 -33.74 16.65
C PRO QA 46 79.94 -33.04 17.80
N ILE QA 47 80.14 -31.73 17.67
CA ILE QA 47 80.81 -30.96 18.71
C ILE QA 47 79.81 -30.38 19.71
N TRP QA 48 78.59 -30.07 19.29
CA TRP QA 48 77.61 -29.51 20.19
C TRP QA 48 77.04 -30.56 21.15
N LEU QA 49 77.14 -31.84 20.80
CA LEU QA 49 76.78 -32.93 21.71
C LEU QA 49 77.89 -33.97 21.69
N ARG QA 50 78.19 -34.53 22.87
CA ARG QA 50 79.23 -35.53 23.01
C ARG QA 50 79.14 -36.21 24.36
N GLY QA 51 77.92 -36.60 24.75
CA GLY QA 51 77.70 -37.21 26.05
C GLY QA 51 76.45 -36.69 26.71
N TRP QA 52 75.38 -36.51 25.93
CA TRP QA 52 74.12 -35.98 26.45
C TRP QA 52 73.00 -36.47 25.54
N LYS QA 53 72.16 -37.35 26.07
CA LYS QA 53 71.06 -37.92 25.29
C LYS QA 53 70.10 -36.83 24.83
N GLY QA 54 69.29 -36.30 25.75
CA GLY QA 54 68.36 -35.25 25.40
C GLY QA 54 67.20 -35.76 24.57
N ASN QA 55 66.65 -34.86 23.75
CA ASN QA 55 65.53 -35.17 22.88
C ASN QA 55 65.67 -34.37 21.60
N GLU QA 56 64.70 -34.52 20.70
CA GLU QA 56 64.75 -33.84 19.42
C GLU QA 56 64.78 -32.32 19.61
N LEU QA 57 63.77 -31.77 20.26
CA LEU QA 57 63.72 -30.33 20.47
C LEU QA 57 64.93 -29.85 21.27
N GLN QA 58 65.28 -30.58 22.32
CA GLN QA 58 66.43 -30.19 23.13
C GLN QA 58 67.72 -30.24 22.32
N ARG QA 59 67.90 -31.29 21.52
CA ARG QA 59 69.09 -31.37 20.68
C ARG QA 59 69.12 -30.25 19.66
N CYS QA 60 67.96 -29.86 19.13
CA CYS QA 60 67.91 -28.75 18.18
C CYS QA 60 68.29 -27.44 18.85
N ILE QA 61 67.76 -27.18 20.05
CA ILE QA 61 68.12 -25.96 20.76
C ILE QA 61 69.61 -25.96 21.09
N ARG QA 62 70.16 -27.12 21.42
CA ARG QA 62 71.59 -27.22 21.70
C ARG QA 62 72.41 -26.88 20.46
N LYS QA 63 72.08 -27.51 19.33
CA LYS QA 63 72.78 -27.22 18.09
C LYS QA 63 72.66 -25.75 17.70
N ARG QA 64 71.51 -25.13 18.01
CA ARG QA 64 71.33 -23.73 17.67
C ARG QA 64 72.20 -22.83 18.54
N LYS QA 65 72.12 -23.00 19.87
CA LYS QA 65 72.86 -22.16 20.79
C LYS QA 65 74.35 -22.50 20.85
N MET QA 66 74.79 -23.57 20.19
CA MET QA 66 76.20 -23.95 20.18
C MET QA 66 76.86 -23.85 18.82
N VAL QA 67 76.10 -23.90 17.72
CA VAL QA 67 76.66 -23.85 16.38
C VAL QA 67 75.95 -22.79 15.54
N GLY QA 68 74.81 -22.31 16.04
CA GLY QA 68 74.06 -21.30 15.30
C GLY QA 68 74.86 -20.04 15.00
N SER QA 69 75.93 -19.79 15.75
CA SER QA 69 76.74 -18.60 15.51
C SER QA 69 77.59 -18.71 14.26
N ARG QA 70 77.74 -19.90 13.67
CA ARG QA 70 78.53 -20.09 12.47
C ARG QA 70 77.81 -20.94 11.43
N MET QA 71 76.49 -21.07 11.55
CA MET QA 71 75.71 -21.86 10.61
C MET QA 71 75.31 -21.02 9.40
N PHE QA 72 74.97 -21.70 8.31
CA PHE QA 72 74.56 -21.01 7.10
C PHE QA 72 73.21 -20.33 7.30
N ALA QA 73 72.85 -19.47 6.35
CA ALA QA 73 71.59 -18.75 6.43
C ALA QA 73 70.41 -19.70 6.22
N ASP QA 74 70.42 -20.44 5.12
CA ASP QA 74 69.33 -21.38 4.86
C ASP QA 74 69.26 -22.46 5.92
N ASP QA 75 70.42 -22.98 6.33
CA ASP QA 75 70.44 -24.01 7.38
C ASP QA 75 69.90 -23.47 8.69
N LEU QA 76 70.32 -22.25 9.06
CA LEU QA 76 69.81 -21.65 10.31
C LEU QA 76 68.31 -21.42 10.23
N HIS QA 77 67.81 -20.96 9.09
CA HIS QA 77 66.37 -20.74 8.94
C HIS QA 77 65.61 -22.06 9.05
N ASN QA 78 66.12 -23.11 8.40
CA ASN QA 78 65.46 -24.42 8.49
C ASN QA 78 65.47 -24.94 9.92
N LEU QA 79 66.59 -24.75 10.63
CA LEU QA 79 66.66 -25.20 12.02
C LEU QA 79 65.68 -24.42 12.90
N ASN QA 80 65.56 -23.12 12.68
CA ASN QA 80 64.60 -22.33 13.45
C ASN QA 80 63.17 -22.77 13.16
N LYS QA 81 62.86 -23.02 11.89
CA LYS QA 81 61.53 -23.52 11.53
C LYS QA 81 61.25 -24.85 12.21
N ARG QA 82 62.24 -25.76 12.19
CA ARG QA 82 62.05 -27.05 12.84
C ARG QA 82 61.83 -26.91 14.34
N ILE QA 83 62.61 -26.03 14.98
CA ILE QA 83 62.45 -25.82 16.42
C ILE QA 83 61.06 -25.27 16.72
N ARG QA 84 60.61 -24.28 15.94
CA ARG QA 84 59.30 -23.70 16.19
C ARG QA 84 58.19 -24.71 15.97
N TYR QA 85 58.29 -25.53 14.92
CA TYR QA 85 57.28 -26.55 14.67
C TYR QA 85 57.25 -27.58 15.79
N LEU QA 86 58.43 -28.02 16.24
CA LEU QA 86 58.49 -28.99 17.33
C LEU QA 86 57.88 -28.42 18.60
N TYR QA 87 58.18 -27.15 18.89
CA TYR QA 87 57.60 -26.52 20.08
C TYR QA 87 56.08 -26.45 19.97
N LYS QA 88 55.58 -26.00 18.81
CA LYS QA 88 54.13 -25.87 18.64
C LYS QA 88 53.44 -27.24 18.70
N HIS QA 89 54.13 -28.29 18.28
CA HIS QA 89 53.54 -29.63 18.30
C HIS QA 89 53.66 -30.30 19.67
N PHE QA 90 54.65 -29.91 20.47
CA PHE QA 90 54.86 -30.54 21.76
C PHE QA 90 54.10 -29.83 22.88
N ASN QA 91 54.26 -28.52 22.99
CA ASN QA 91 53.66 -27.74 24.08
C ASN QA 91 52.20 -27.39 23.81
N ARG QA 92 51.56 -28.01 22.83
CA ARG QA 92 50.16 -27.74 22.54
C ARG QA 92 49.47 -28.99 22.02
N HIS QA 93 49.95 -29.53 20.90
CA HIS QA 93 49.38 -30.73 20.33
C HIS QA 93 49.89 -31.97 21.06
N GLY QA 94 49.10 -33.04 21.00
CA GLY QA 94 49.47 -34.29 21.64
C GLY QA 94 48.31 -34.96 22.34
N LYS QA 95 48.59 -35.65 23.44
CA LYS QA 95 47.57 -36.38 24.18
C LYS QA 95 48.02 -36.49 25.64
N PHE QA 96 47.14 -37.03 26.47
CA PHE QA 96 47.39 -37.14 27.90
C PHE QA 96 47.71 -35.77 28.50
N ARG QA 97 46.69 -35.10 29.03
CA ARG QA 97 46.89 -33.78 29.64
C ARG QA 97 45.72 -33.43 30.54
N GLY RA 1 12.95 -88.53 18.13
CA GLY RA 1 12.47 -88.10 19.44
C GLY RA 1 11.52 -89.11 20.06
N GLY RA 2 11.44 -89.10 21.38
CA GLY RA 2 10.57 -90.02 22.10
C GLY RA 2 10.43 -89.68 23.57
N GLN RA 3 9.43 -88.86 23.91
CA GLN RA 3 9.20 -88.47 25.29
C GLN RA 3 8.66 -89.62 26.14
N TRP RA 4 8.22 -90.72 25.52
CA TRP RA 4 7.71 -91.84 26.28
C TRP RA 4 8.77 -92.46 27.20
N ARG RA 5 10.05 -92.29 26.88
CA ARG RA 5 11.11 -92.87 27.70
C ARG RA 5 11.02 -92.38 29.14
N LEU RA 6 10.57 -91.14 29.36
CA LEU RA 6 10.45 -90.62 30.72
C LEU RA 6 9.41 -91.38 31.53
N GLN RA 7 8.40 -91.95 30.86
CA GLN RA 7 7.37 -92.69 31.57
C GLN RA 7 7.96 -93.92 32.25
N GLN RA 8 8.92 -94.58 31.59
CA GLN RA 8 9.56 -95.77 32.16
C GLN RA 8 10.75 -95.43 33.04
N GLY RA 9 11.29 -94.21 32.94
CA GLY RA 9 12.43 -93.82 33.75
C GLY RA 9 13.75 -94.31 33.21
N LEU RA 10 13.91 -94.32 31.89
CA LEU RA 10 15.15 -94.75 31.24
C LEU RA 10 15.81 -93.60 30.49
N ALA RA 11 15.81 -92.42 31.10
CA ALA RA 11 16.44 -91.24 30.52
C ALA RA 11 15.72 -90.80 29.25
N ALA RA 12 15.33 -89.53 29.19
CA ALA RA 12 14.69 -89.00 27.99
C ALA RA 12 15.63 -89.13 26.79
N ASN RA 13 16.90 -88.81 26.98
CA ASN RA 13 17.90 -88.95 25.93
C ASN RA 13 18.49 -90.36 26.00
N PRO RA 14 18.44 -91.15 24.92
CA PRO RA 14 18.99 -92.51 25.00
C PRO RA 14 20.48 -92.54 25.35
N SER RA 15 21.20 -91.45 25.14
CA SER RA 15 22.63 -91.37 25.48
C SER RA 15 22.82 -90.71 26.85
N GLY RA 16 22.03 -91.15 27.83
CA GLY RA 16 22.10 -90.60 29.17
C GLY RA 16 22.18 -91.66 30.24
N TYR RA 17 23.36 -91.81 30.85
CA TYR RA 17 23.61 -92.80 31.89
C TYR RA 17 22.92 -94.13 31.61
N GLY RA 18 22.90 -94.53 30.34
CA GLY RA 18 22.29 -95.78 29.94
C GLY RA 18 23.33 -96.82 29.57
N PRO RA 19 22.87 -98.06 29.32
CA PRO RA 19 23.81 -99.12 28.93
C PRO RA 19 24.40 -98.96 27.54
N LEU RA 20 23.88 -98.03 26.74
CA LEU RA 20 24.39 -97.82 25.39
C LEU RA 20 25.64 -96.94 25.36
N THR RA 21 25.88 -96.17 26.43
CA THR RA 21 27.03 -95.29 26.51
C THR RA 21 27.97 -95.62 27.65
N GLU RA 22 27.45 -95.90 28.84
CA GLU RA 22 28.30 -96.22 29.98
C GLU RA 22 29.06 -97.52 29.76
N LEU RA 23 28.47 -98.47 29.04
CA LEU RA 23 29.15 -99.73 28.77
C LEU RA 23 30.39 -99.47 27.92
N PRO RA 24 31.50 -100.16 28.19
CA PRO RA 24 32.71 -99.95 27.38
C PRO RA 24 32.43 -100.24 25.91
N ASP RA 25 32.96 -99.36 25.04
CA ASP RA 25 32.74 -99.49 23.61
C ASP RA 25 33.47 -100.70 23.05
N TRP RA 26 34.80 -100.64 22.98
CA TRP RA 26 35.62 -101.70 22.41
C TRP RA 26 36.34 -102.44 23.54
N SER RA 27 37.09 -103.47 23.13
CA SER RA 27 37.87 -104.26 24.07
C SER RA 27 38.93 -105.03 23.30
N TYR RA 28 39.97 -105.44 24.01
CA TYR RA 28 41.06 -106.18 23.39
C TYR RA 28 40.56 -107.52 22.85
N ALA RA 29 41.21 -107.99 21.79
CA ALA RA 29 40.81 -109.26 21.18
C ALA RA 29 41.01 -110.43 22.15
N ASP RA 30 42.05 -110.35 23.00
CA ASP RA 30 42.33 -111.41 23.96
C ASP RA 30 41.39 -111.38 25.15
N GLY RA 31 40.48 -110.41 25.23
CA GLY RA 31 39.53 -110.31 26.32
C GLY RA 31 39.91 -109.32 27.40
N ARG RA 32 41.05 -108.66 27.29
CA ARG RA 32 41.45 -107.70 28.30
C ARG RA 32 40.54 -106.47 28.24
N PRO RA 33 40.29 -105.83 29.39
CA PRO RA 33 39.41 -104.66 29.39
C PRO RA 33 40.16 -103.40 28.96
N ALA RA 34 39.56 -102.66 28.04
CA ALA RA 34 40.16 -101.41 27.58
C ALA RA 34 40.17 -100.38 28.71
N PRO RA 35 41.10 -99.42 28.67
CA PRO RA 35 41.15 -98.42 29.74
C PRO RA 35 39.91 -97.55 29.71
N PRO RA 36 39.53 -96.95 30.84
CA PRO RA 36 38.34 -96.10 30.85
C PRO RA 36 38.53 -94.86 29.99
N MET RA 37 37.42 -94.34 29.47
CA MET RA 37 37.45 -93.12 28.68
C MET RA 37 37.49 -91.90 29.57
N LYS RA 38 37.85 -90.76 28.98
CA LYS RA 38 37.92 -89.51 29.75
C LYS RA 38 36.53 -89.01 30.09
N GLY RA 39 35.57 -89.18 29.18
CA GLY RA 39 34.20 -88.80 29.47
C GLY RA 39 33.59 -89.64 30.58
N GLN RA 40 33.86 -90.95 30.56
CA GLN RA 40 33.36 -91.82 31.62
C GLN RA 40 33.96 -91.43 32.97
N LEU RA 41 35.26 -91.15 33.00
CA LEU RA 41 35.89 -90.73 34.25
C LEU RA 41 35.34 -89.40 34.73
N ARG RA 42 35.08 -88.47 33.79
CA ARG RA 42 34.49 -87.19 34.15
C ARG RA 42 33.10 -87.37 34.75
N ARG RA 43 32.28 -88.22 34.15
CA ARG RA 43 30.94 -88.47 34.68
C ARG RA 43 31.01 -89.14 36.04
N LYS RA 44 31.96 -90.07 36.22
CA LYS RA 44 32.12 -90.72 37.51
C LYS RA 44 32.53 -89.71 38.58
N ALA RA 45 33.47 -88.82 38.25
CA ALA RA 45 33.88 -87.81 39.21
C ALA RA 45 32.74 -86.86 39.54
N GLU RA 46 31.94 -86.50 38.54
CA GLU RA 46 30.79 -85.63 38.78
C GLU RA 46 29.79 -86.31 39.70
N ARG RA 47 29.51 -87.60 39.47
CA ARG RA 47 28.59 -88.33 40.33
C ARG RA 47 29.14 -88.43 41.76
N GLU RA 48 30.44 -88.67 41.89
CA GLU RA 48 31.05 -88.76 43.21
C GLU RA 48 30.94 -87.42 43.95
N THR RA 49 31.22 -86.31 43.25
CA THR RA 49 31.10 -85.01 43.88
C THR RA 49 29.66 -84.71 44.27
N PHE RA 50 28.71 -85.09 43.42
CA PHE RA 50 27.29 -84.88 43.73
C PHE RA 50 26.89 -85.66 44.97
N ALA RA 51 27.31 -86.93 45.04
CA ALA RA 51 26.99 -87.75 46.21
C ALA RA 51 27.63 -87.17 47.47
N ARG RA 52 28.88 -86.72 47.36
CA ARG RA 52 29.56 -86.12 48.51
C ARG RA 52 28.82 -84.87 48.97
N ARG RA 53 28.40 -84.02 48.04
CA ARG RA 53 27.67 -82.81 48.42
C ARG RA 53 26.34 -83.15 49.06
N VAL RA 54 25.63 -84.15 48.53
CA VAL RA 54 24.35 -84.55 49.11
C VAL RA 54 24.55 -85.07 50.53
N VAL RA 55 25.58 -85.90 50.73
CA VAL RA 55 25.84 -86.44 52.06
C VAL RA 55 26.22 -85.32 53.02
N LEU RA 56 27.01 -84.36 52.55
CA LEU RA 56 27.41 -83.24 53.41
C LEU RA 56 26.20 -82.41 53.80
N LEU RA 57 25.30 -82.15 52.85
CA LEU RA 57 24.10 -81.38 53.16
C LEU RA 57 23.21 -82.11 54.14
N SER RA 58 23.06 -83.43 53.96
CA SER RA 58 22.25 -84.21 54.90
C SER RA 58 22.86 -84.19 56.29
N GLN RA 59 24.18 -84.34 56.39
CA GLN RA 59 24.84 -84.30 57.69
C GLN RA 59 24.70 -82.93 58.33
N GLU RA 60 24.79 -81.86 57.53
CA GLU RA 60 24.62 -80.52 58.07
C GLU RA 60 23.20 -80.31 58.60
N MET RA 61 22.20 -80.79 57.85
CA MET RA 61 20.82 -80.68 58.31
C MET RA 61 20.60 -81.45 59.60
N ASP RA 62 21.15 -82.67 59.68
CA ASP RA 62 21.02 -83.46 60.89
C ASP RA 62 21.70 -82.77 62.07
N ALA RA 63 22.88 -82.20 61.85
CA ALA RA 63 23.57 -81.50 62.91
C ALA RA 63 22.80 -80.27 63.36
N GLY RA 64 22.19 -79.55 62.42
CA GLY RA 64 21.36 -78.41 62.79
C GLY RA 64 20.15 -78.81 63.60
N LEU RA 65 19.49 -79.89 63.20
CA LEU RA 65 18.35 -80.38 63.98
C LEU RA 65 18.77 -80.79 65.38
N GLN RA 66 19.90 -81.50 65.49
CA GLN RA 66 20.39 -81.91 66.80
C GLN RA 66 20.75 -80.70 67.67
N ALA RA 67 21.35 -79.67 67.05
CA ALA RA 67 21.70 -78.48 67.81
C ALA RA 67 20.45 -77.74 68.28
N TRP RA 68 19.43 -77.66 67.43
CA TRP RA 68 18.18 -77.03 67.84
C TRP RA 68 17.53 -77.80 68.99
N GLN RA 69 17.52 -79.14 68.90
CA GLN RA 69 16.96 -79.94 69.99
C GLN RA 69 17.75 -79.73 71.28
N LEU RA 70 19.07 -79.68 71.20
CA LEU RA 70 19.89 -79.48 72.39
C LEU RA 70 19.64 -78.09 72.98
N ARG RA 71 19.49 -77.08 72.12
CA ARG RA 71 19.21 -75.74 72.62
C ARG RA 71 17.85 -75.69 73.31
N GLN RA 72 16.84 -76.35 72.74
CA GLN RA 72 15.53 -76.39 73.38
C GLN RA 72 15.61 -77.10 74.72
N GLN RA 73 16.33 -78.22 74.78
CA GLN RA 73 16.47 -78.93 76.05
C GLN RA 73 17.19 -78.09 77.09
N LYS RA 74 18.23 -77.36 76.67
CA LYS RA 74 18.96 -76.51 77.60
C LYS RA 74 18.07 -75.38 78.10
N LEU RA 75 17.27 -74.79 77.22
CA LEU RA 75 16.35 -73.74 77.65
C LEU RA 75 15.33 -74.28 78.63
N GLN RA 76 14.79 -75.48 78.37
CA GLN RA 76 13.83 -76.09 79.29
C GLN RA 76 14.48 -76.35 80.65
N GLU RA 77 15.72 -76.85 80.65
CA GLU RA 77 16.42 -77.11 81.91
C GLU RA 77 16.68 -75.82 82.66
N GLU RA 78 17.07 -74.76 81.95
CA GLU RA 78 17.29 -73.48 82.61
C GLU RA 78 16.01 -72.93 83.21
N GLN RA 79 14.90 -73.07 82.50
CA GLN RA 79 13.62 -72.63 83.03
C GLN RA 79 13.23 -73.42 84.27
N ARG RA 80 13.43 -74.75 84.23
CA ARG RA 80 13.13 -75.58 85.39
C ARG RA 80 13.98 -75.20 86.58
N LYS RA 81 15.27 -74.91 86.35
CA LYS RA 81 16.15 -74.52 87.44
C LYS RA 81 15.75 -73.16 88.01
N GLN RA 82 15.39 -72.21 87.15
CA GLN RA 82 14.97 -70.90 87.62
C GLN RA 82 13.64 -70.97 88.37
N GLU RA 83 12.80 -71.94 88.04
CA GLU RA 83 11.53 -72.09 88.73
C GLU RA 83 11.74 -72.33 90.23
N ASN RA 84 12.84 -72.97 90.60
CA ASN RA 84 13.16 -73.25 91.99
C ASN RA 84 13.88 -72.05 92.59
N ALA RA 85 14.34 -72.20 93.83
CA ALA RA 85 15.06 -71.13 94.52
C ALA RA 85 14.21 -69.86 94.59
N VAL SA 1 -69.63 -72.38 -10.52
CA VAL SA 1 -69.94 -71.48 -9.42
C VAL SA 1 -71.42 -71.56 -9.09
N LYS SA 2 -71.99 -72.75 -9.24
CA LYS SA 2 -73.40 -72.98 -8.97
C LYS SA 2 -73.56 -73.67 -7.61
N GLN SA 3 -74.66 -74.37 -7.41
CA GLN SA 3 -74.91 -75.06 -6.15
C GLN SA 3 -73.93 -76.20 -5.95
N VAL SA 4 -73.51 -76.39 -4.71
CA VAL SA 4 -72.61 -77.48 -4.33
C VAL SA 4 -73.30 -78.32 -3.27
N ARG SA 5 -73.05 -79.63 -3.31
CA ARG SA 5 -73.69 -80.59 -2.41
C ARG SA 5 -72.62 -81.15 -1.47
N VAL SA 6 -72.46 -80.50 -0.32
CA VAL SA 6 -71.56 -80.97 0.72
C VAL SA 6 -72.39 -81.71 1.77
N GLN SA 7 -71.84 -82.81 2.29
CA GLN SA 7 -72.56 -83.65 3.22
C GLN SA 7 -71.62 -84.09 4.35
N PHE SA 8 -72.21 -84.34 5.51
CA PHE SA 8 -71.48 -84.83 6.67
C PHE SA 8 -72.47 -85.37 7.68
N CYS SA 9 -72.14 -86.51 8.29
CA CYS SA 9 -73.04 -87.16 9.22
C CYS SA 9 -72.29 -88.27 9.97
N PRO SA 10 -72.48 -88.42 11.28
CA PRO SA 10 -71.78 -89.48 12.01
C PRO SA 10 -72.24 -90.87 11.56
N PHE SA 11 -71.60 -91.40 10.52
CA PHE SA 11 -71.92 -92.73 10.02
C PHE SA 11 -70.65 -93.54 9.83
N GLU SA 12 -69.80 -93.12 8.90
CA GLU SA 12 -68.51 -93.76 8.68
C GLU SA 12 -67.47 -93.12 9.59
N LYS SA 13 -66.19 -93.32 9.30
CA LYS SA 13 -65.14 -92.70 10.10
C LYS SA 13 -65.25 -91.18 10.02
N ASN SA 14 -65.49 -90.55 11.17
CA ASN SA 14 -65.71 -89.11 11.22
C ASN SA 14 -64.41 -88.38 10.90
N VAL SA 15 -64.33 -87.79 9.71
CA VAL SA 15 -63.19 -86.98 9.30
C VAL SA 15 -63.68 -85.56 9.09
N GLU SA 16 -63.03 -84.60 9.74
CA GLU SA 16 -63.44 -83.20 9.71
C GLU SA 16 -63.00 -82.48 8.45
N SER SA 17 -62.60 -83.20 7.40
CA SER SA 17 -62.19 -82.55 6.16
C SER SA 17 -63.34 -81.78 5.55
N THR SA 18 -64.48 -82.45 5.32
CA THR SA 18 -65.64 -81.77 4.76
C THR SA 18 -66.18 -80.70 5.71
N ARG SA 19 -66.09 -80.94 7.02
CA ARG SA 19 -66.51 -79.93 7.98
C ARG SA 19 -65.70 -78.64 7.82
N THR SA 20 -64.38 -78.78 7.74
CA THR SA 20 -63.53 -77.61 7.57
C THR SA 20 -63.77 -76.96 6.21
N PHE SA 21 -64.00 -77.77 5.18
CA PHE SA 21 -64.28 -77.22 3.85
C PHE SA 21 -65.57 -76.43 3.83
N LEU SA 22 -66.56 -76.85 4.62
CA LEU SA 22 -67.81 -76.11 4.71
C LEU SA 22 -67.68 -74.88 5.60
N GLN SA 23 -66.82 -74.94 6.61
CA GLN SA 23 -66.59 -73.82 7.53
C GLN SA 23 -65.25 -73.18 7.19
N THR SA 24 -65.27 -72.29 6.21
CA THR SA 24 -64.06 -71.60 5.77
C THR SA 24 -64.41 -70.51 4.75
N VAL SA 25 -63.78 -70.53 3.58
CA VAL SA 25 -64.04 -69.55 2.54
C VAL SA 25 -65.52 -69.54 2.19
N SER SA 26 -66.20 -70.67 2.41
CA SER SA 26 -67.63 -70.76 2.14
C SER SA 26 -68.47 -69.87 3.05
N SER SA 27 -67.85 -69.16 3.98
CA SER SA 27 -68.58 -68.28 4.88
C SER SA 27 -69.18 -67.09 4.12
N GLU SA 28 -69.48 -66.01 4.85
CA GLU SA 28 -70.11 -64.84 4.24
C GLU SA 28 -69.12 -63.97 3.48
N LYS SA 29 -67.82 -64.08 3.77
CA LYS SA 29 -66.83 -63.22 3.12
C LYS SA 29 -66.78 -63.48 1.62
N VAL SA 30 -66.43 -64.71 1.23
CA VAL SA 30 -66.31 -65.02 -0.19
C VAL SA 30 -67.69 -65.21 -0.84
N ARG SA 31 -68.74 -65.39 -0.05
CA ARG SA 31 -70.08 -65.55 -0.61
C ARG SA 31 -70.52 -64.32 -1.39
N SER SA 32 -69.92 -63.16 -1.13
CA SER SA 32 -70.29 -61.95 -1.85
C SER SA 32 -69.97 -62.04 -3.33
N THR SA 33 -69.06 -62.95 -3.73
CA THR SA 33 -68.74 -63.09 -5.15
C THR SA 33 -69.96 -63.53 -5.95
N ASN SA 34 -70.61 -64.61 -5.52
CA ASN SA 34 -71.81 -65.12 -6.18
C ASN SA 34 -72.98 -64.96 -5.21
N LEU SA 35 -73.91 -64.07 -5.54
CA LEU SA 35 -75.05 -63.82 -4.67
C LEU SA 35 -76.12 -64.90 -4.82
N ASN SA 36 -76.34 -65.37 -6.04
CA ASN SA 36 -77.35 -66.40 -6.29
C ASN SA 36 -76.76 -67.81 -6.25
N CYS SA 37 -76.01 -68.09 -5.18
CA CYS SA 37 -75.40 -69.39 -4.98
C CYS SA 37 -76.14 -70.18 -3.90
N SER SA 38 -76.10 -69.70 -2.65
CA SER SA 38 -76.80 -70.34 -1.54
C SER SA 38 -76.33 -71.78 -1.36
N VAL SA 39 -75.08 -71.90 -0.91
CA VAL SA 39 -74.51 -73.21 -0.65
C VAL SA 39 -75.28 -73.89 0.48
N ILE SA 40 -75.73 -75.12 0.23
CA ILE SA 40 -76.50 -75.88 1.21
C ILE SA 40 -75.79 -77.20 1.46
N ALA SA 41 -76.13 -77.80 2.60
CA ALA SA 41 -75.54 -79.07 3.03
C ALA SA 41 -76.65 -80.02 3.47
N ASP SA 42 -76.25 -81.23 3.86
CA ASP SA 42 -77.18 -82.23 4.33
C ASP SA 42 -76.50 -83.10 5.37
N VAL SA 43 -77.28 -84.00 5.98
CA VAL SA 43 -76.77 -84.88 7.02
C VAL SA 43 -77.38 -86.27 6.85
N ARG SA 44 -77.30 -86.80 5.64
CA ARG SA 44 -77.87 -88.11 5.34
C ARG SA 44 -76.82 -89.21 5.53
N HIS SA 45 -77.31 -90.40 5.89
CA HIS SA 45 -76.46 -91.57 6.07
C HIS SA 45 -76.29 -92.27 4.73
N ASP SA 46 -75.04 -92.52 4.34
CA ASP SA 46 -74.76 -93.17 3.07
C ASP SA 46 -73.34 -93.74 3.03
N GLY SA 47 -72.36 -92.93 3.44
CA GLY SA 47 -70.98 -93.34 3.38
C GLY SA 47 -70.16 -92.43 2.48
N SER SA 48 -68.89 -92.22 2.82
CA SER SA 48 -68.03 -91.29 2.09
C SER SA 48 -68.68 -89.91 2.04
N GLU SA 49 -68.82 -89.31 3.23
CA GLU SA 49 -69.55 -88.05 3.35
C GLU SA 49 -68.98 -86.95 2.46
N PRO SA 50 -67.67 -86.71 2.41
CA PRO SA 50 -67.15 -85.63 1.55
C PRO SA 50 -67.55 -85.81 0.09
N CYS SA 51 -68.83 -85.58 -0.21
CA CYS SA 51 -69.36 -85.68 -1.57
C CYS SA 51 -69.55 -84.32 -2.19
N VAL SA 52 -68.59 -83.42 -2.03
CA VAL SA 52 -68.69 -82.05 -2.54
C VAL SA 52 -68.88 -82.11 -4.05
N ASP SA 53 -70.13 -82.00 -4.51
CA ASP SA 53 -70.45 -82.03 -5.93
C ASP SA 53 -70.48 -80.60 -6.44
N VAL SA 54 -69.32 -80.09 -6.82
CA VAL SA 54 -69.22 -78.72 -7.33
C VAL SA 54 -69.73 -78.70 -8.77
N LEU SA 55 -70.81 -77.96 -9.00
CA LEU SA 55 -71.40 -77.83 -10.32
C LEU SA 55 -70.96 -76.50 -10.93
N PHE SA 56 -70.17 -76.56 -11.98
CA PHE SA 56 -69.68 -75.35 -12.63
C PHE SA 56 -70.71 -74.84 -13.64
N GLY SA 57 -70.67 -73.53 -13.88
CA GLY SA 57 -71.59 -72.94 -14.83
C GLY SA 57 -71.37 -73.43 -16.25
N ASP SA 58 -70.15 -73.82 -16.60
CA ASP SA 58 -69.86 -74.32 -17.93
C ASP SA 58 -70.24 -75.78 -18.11
N GLY SA 59 -70.43 -76.52 -17.02
CA GLY SA 59 -70.82 -77.92 -17.10
C GLY SA 59 -69.63 -78.86 -16.96
N HIS SA 60 -68.78 -78.59 -15.98
CA HIS SA 60 -67.60 -79.43 -15.75
C HIS SA 60 -67.87 -80.55 -14.76
N ARG SA 61 -68.77 -80.34 -13.80
CA ARG SA 61 -69.08 -81.36 -12.80
C ARG SA 61 -67.82 -81.77 -12.04
N LEU SA 62 -67.39 -80.95 -11.10
CA LEU SA 62 -66.21 -81.21 -10.30
C LEU SA 62 -66.62 -81.81 -8.96
N ILE SA 63 -65.96 -82.92 -8.58
CA ILE SA 63 -66.23 -83.59 -7.33
C ILE SA 63 -64.92 -83.75 -6.57
N MET SA 64 -65.00 -83.65 -5.25
CA MET SA 64 -63.84 -83.77 -4.38
C MET SA 64 -64.15 -84.70 -3.22
N ARG SA 65 -63.20 -85.56 -2.89
CA ARG SA 65 -63.36 -86.51 -1.79
C ARG SA 65 -62.01 -87.14 -1.51
N GLY SA 66 -61.80 -87.57 -0.26
CA GLY SA 66 -62.77 -87.44 0.81
C GLY SA 66 -62.34 -88.17 2.07
N ALA SA 67 -62.25 -89.49 1.98
CA ALA SA 67 -61.89 -90.30 3.13
C ALA SA 67 -60.42 -90.11 3.50
N HIS SA 68 -59.58 -89.75 2.54
CA HIS SA 68 -58.15 -89.55 2.78
C HIS SA 68 -57.68 -88.26 2.14
N LEU SA 69 -58.45 -87.19 2.31
CA LEU SA 69 -58.11 -85.88 1.78
C LEU SA 69 -58.33 -84.84 2.86
N THR SA 70 -57.33 -84.01 3.09
CA THR SA 70 -57.40 -82.96 4.10
C THR SA 70 -58.26 -81.81 3.58
N ALA SA 71 -58.25 -80.69 4.30
CA ALA SA 71 -59.04 -79.53 3.93
C ALA SA 71 -58.26 -78.49 3.13
N LEU SA 72 -56.98 -78.30 3.45
CA LEU SA 72 -56.17 -77.31 2.73
C LEU SA 72 -56.00 -77.70 1.27
N GLU SA 73 -55.69 -78.98 1.02
CA GLU SA 73 -55.53 -79.44 -0.35
C GLU SA 73 -56.84 -79.30 -1.13
N MET SA 74 -57.96 -79.67 -0.51
CA MET SA 74 -59.25 -79.55 -1.18
C MET SA 74 -59.56 -78.09 -1.50
N LEU SA 75 -59.29 -77.18 -0.56
CA LEU SA 75 -59.55 -75.77 -0.80
C LEU SA 75 -58.68 -75.23 -1.92
N THR SA 76 -57.40 -75.61 -1.94
CA THR SA 76 -56.50 -75.16 -2.99
C THR SA 76 -56.95 -75.69 -4.35
N ALA SA 77 -57.37 -76.95 -4.40
CA ALA SA 77 -57.85 -77.52 -5.66
C ALA SA 77 -59.11 -76.81 -6.13
N PHE SA 78 -60.04 -76.52 -5.21
CA PHE SA 78 -61.26 -75.81 -5.58
C PHE SA 78 -60.94 -74.42 -6.10
N ALA SA 79 -60.01 -73.72 -5.45
CA ALA SA 79 -59.63 -72.39 -5.92
C ALA SA 79 -58.99 -72.45 -7.29
N SER SA 80 -58.11 -73.43 -7.51
CA SER SA 80 -57.46 -73.56 -8.81
C SER SA 80 -58.48 -73.87 -9.91
N HIS SA 81 -59.47 -74.71 -9.59
CA HIS SA 81 -60.50 -75.05 -10.58
C HIS SA 81 -61.42 -73.86 -10.85
N ILE SA 82 -61.69 -73.05 -9.83
CA ILE SA 82 -62.54 -71.87 -10.04
C ILE SA 82 -61.80 -70.81 -10.83
N ARG SA 83 -60.48 -70.68 -10.63
CA ARG SA 83 -59.70 -69.69 -11.36
C ARG SA 83 -59.51 -70.06 -12.82
N ALA SA 84 -59.86 -71.28 -13.23
CA ALA SA 84 -59.71 -71.71 -14.61
C ALA SA 84 -58.26 -71.58 -15.07
N SER TA 1 -67.38 -65.98 39.98
CA SER TA 1 -66.01 -65.46 40.00
C SER TA 1 -65.55 -65.10 38.61
N ARG TA 2 -66.47 -64.59 37.78
CA ARG TA 2 -66.15 -64.22 36.41
C ARG TA 2 -65.66 -62.77 36.30
N GLU TA 3 -66.15 -61.88 37.17
CA GLU TA 3 -65.70 -60.49 37.12
C GLU TA 3 -64.22 -60.37 37.42
N TYR TA 4 -63.69 -61.22 38.30
CA TYR TA 4 -62.26 -61.18 38.61
C TYR TA 4 -61.43 -61.48 37.37
N TRP TA 5 -61.77 -62.55 36.66
CA TRP TA 5 -61.03 -62.88 35.43
C TRP TA 5 -61.27 -61.84 34.34
N ARG TA 6 -62.45 -61.26 34.29
CA ARG TA 6 -62.71 -60.18 33.33
C ARG TA 6 -61.78 -59.00 33.58
N ARG TA 7 -61.67 -58.58 34.84
CA ARG TA 7 -60.77 -57.48 35.19
C ARG TA 7 -59.32 -57.86 34.93
N LEU TA 8 -58.96 -59.12 35.18
CA LEU TA 8 -57.60 -59.58 34.90
C LEU TA 8 -57.28 -59.47 33.41
N ARG TA 9 -58.22 -59.91 32.57
CA ARG TA 9 -58.02 -59.80 31.12
C ARG TA 9 -57.96 -58.34 30.68
N LYS TA 10 -58.79 -57.49 31.29
CA LYS TA 10 -58.75 -56.07 30.95
C LYS TA 10 -57.39 -55.48 31.31
N GLN TA 11 -56.85 -55.82 32.48
CA GLN TA 11 -55.55 -55.32 32.88
C GLN TA 11 -54.45 -55.85 31.97
N ASN TA 12 -54.54 -57.12 31.56
CA ASN TA 12 -53.55 -57.67 30.64
C ASN TA 12 -53.59 -56.95 29.30
N ILE TA 13 -54.79 -56.63 28.82
CA ILE TA 13 -54.91 -55.93 27.54
C ILE TA 13 -54.39 -54.50 27.67
N TRP TA 14 -54.64 -53.86 28.82
CA TRP TA 14 -54.09 -52.53 29.05
C TRP TA 14 -52.56 -52.57 29.05
N ARG TA 15 -51.98 -53.59 29.68
CA ARG TA 15 -50.53 -53.73 29.69
C ARG TA 15 -50.00 -53.96 28.27
N HIS TA 16 -50.69 -54.80 27.50
CA HIS TA 16 -50.26 -55.04 26.11
C HIS TA 16 -50.33 -53.75 25.29
N ASN TA 17 -51.37 -52.94 25.51
CA ASN TA 17 -51.48 -51.67 24.79
C ASN TA 17 -50.37 -50.71 25.20
N ARG TA 18 -50.08 -50.62 26.50
CA ARG TA 18 -48.99 -49.76 26.97
C ARG TA 18 -47.66 -50.22 26.41
N LEU TA 19 -47.48 -51.53 26.22
CA LEU TA 19 -46.24 -52.04 25.65
C LEU TA 19 -46.15 -51.74 24.16
N SER TA 20 -47.25 -51.93 23.43
CA SER TA 20 -47.25 -51.67 21.99
C SER TA 20 -47.23 -50.19 21.66
N LYS TA 21 -47.52 -49.33 22.64
CA LYS TA 21 -47.46 -47.89 22.41
C LYS TA 21 -46.14 -47.49 21.75
N ASN TA 22 -45.04 -48.12 22.16
CA ASN TA 22 -43.73 -47.84 21.58
C ASN TA 22 -43.21 -49.06 20.83
N LYS TA 23 -43.99 -49.56 19.88
CA LYS TA 23 -43.59 -50.73 19.10
C LYS TA 23 -42.37 -50.43 18.24
N ASP UA 1 -37.12 -17.43 94.32
CA ASP UA 1 -35.78 -17.68 93.81
C ASP UA 1 -35.24 -16.45 93.08
N SER UA 2 -35.66 -15.27 93.52
CA SER UA 2 -35.24 -14.01 92.94
C SER UA 2 -34.09 -13.36 93.70
N SER UA 3 -33.39 -14.13 94.53
CA SER UA 3 -32.27 -13.62 95.32
C SER UA 3 -30.93 -14.22 94.93
N ARG UA 4 -30.91 -15.21 94.03
CA ARG UA 4 -29.65 -15.80 93.62
C ARG UA 4 -28.75 -14.80 92.92
N ALA UA 5 -29.34 -13.85 92.19
CA ALA UA 5 -28.59 -12.82 91.48
C ALA UA 5 -28.73 -11.45 92.12
N SER UA 6 -29.34 -11.35 93.30
CA SER UA 6 -29.50 -10.06 93.95
C SER UA 6 -28.17 -9.57 94.54
N LEU UA 7 -27.47 -10.45 95.25
CA LEU UA 7 -26.18 -10.10 95.83
C LEU UA 7 -25.16 -9.93 94.71
N THR UA 8 -24.85 -8.68 94.36
CA THR UA 8 -23.95 -8.37 93.27
C THR UA 8 -22.88 -7.40 93.76
N ARG UA 9 -22.00 -7.01 92.84
CA ARG UA 9 -20.90 -6.09 93.17
C ARG UA 9 -20.41 -5.47 91.88
N VAL UA 10 -20.12 -4.17 91.93
CA VAL UA 10 -19.64 -3.44 90.75
C VAL UA 10 -18.26 -3.98 90.40
N HIS UA 11 -18.18 -4.76 89.32
CA HIS UA 11 -16.89 -5.31 88.89
C HIS UA 11 -15.98 -4.22 88.37
N ARG UA 12 -16.54 -3.11 87.89
CA ARG UA 12 -15.71 -2.02 87.37
C ARG UA 12 -14.89 -1.40 88.50
N GLN UA 13 -13.63 -1.11 88.21
CA GLN UA 13 -12.75 -0.50 89.20
C GLN UA 13 -13.04 0.98 89.42
N ALA UA 14 -13.72 1.62 88.46
CA ALA UA 14 -14.05 3.04 88.56
C ALA UA 14 -15.56 3.19 88.58
N TYR UA 15 -16.09 3.69 89.71
CA TYR UA 15 -17.53 3.88 89.87
C TYR UA 15 -17.76 4.71 91.11
N ALA UA 16 -18.96 5.28 91.20
CA ALA UA 16 -19.35 6.13 92.31
C ALA UA 16 -20.33 5.37 93.22
N ARG UA 17 -20.82 6.07 94.24
CA ARG UA 17 -21.78 5.50 95.18
C ARG UA 17 -23.13 5.39 94.51
N LEU UA 18 -23.55 4.17 94.19
CA LEU UA 18 -24.82 3.90 93.55
C LEU UA 18 -25.76 3.23 94.54
N TYR UA 19 -26.18 4.00 95.55
CA TYR UA 19 -27.08 3.50 96.55
C TYR UA 19 -28.42 3.12 95.91
N PRO UA 20 -29.18 2.22 96.54
CA PRO UA 20 -30.45 1.78 95.95
C PRO UA 20 -31.44 2.93 95.77
N VAL UA 21 -31.54 3.44 94.55
CA VAL UA 21 -32.48 4.51 94.22
C VAL UA 21 -33.79 3.87 93.79
N LEU UA 22 -34.80 3.93 94.67
CA LEU UA 22 -36.09 3.33 94.39
C LEU UA 22 -36.75 4.00 93.19
N LEU UA 23 -36.70 3.34 92.02
CA LEU UA 23 -37.33 3.86 90.82
C LEU UA 23 -38.78 3.38 90.78
N VAL UA 24 -39.66 4.19 91.36
CA VAL UA 24 -41.08 3.86 91.47
C VAL UA 24 -41.84 4.80 90.54
N LYS UA 25 -42.60 4.23 89.61
CA LYS UA 25 -43.40 5.01 88.68
C LYS UA 25 -44.74 5.32 89.34
N GLN UA 26 -45.66 5.90 88.57
CA GLN UA 26 -46.99 6.24 89.09
C GLN UA 26 -47.84 5.02 89.37
N ASP UA 27 -47.45 3.84 88.87
CA ASP UA 27 -48.22 2.63 89.12
C ASP UA 27 -48.06 2.16 90.56
N GLY UA 28 -46.85 1.80 90.94
CA GLY UA 28 -46.58 1.35 92.30
C GLY UA 28 -45.62 0.18 92.35
N SER UA 29 -44.66 0.14 91.42
CA SER UA 29 -43.67 -0.92 91.35
C SER UA 29 -42.41 -0.45 92.09
N THR UA 30 -42.16 -1.02 93.26
CA THR UA 30 -41.01 -0.66 94.09
C THR UA 30 -39.92 -1.71 93.91
N ILE UA 31 -38.78 -1.28 93.37
CA ILE UA 31 -37.63 -2.16 93.18
C ILE UA 31 -36.38 -1.41 93.62
N HIS UA 32 -35.44 -2.15 94.20
CA HIS UA 32 -34.18 -1.58 94.67
C HIS UA 32 -33.24 -1.44 93.48
N ILE UA 33 -33.30 -0.28 92.83
CA ILE UA 33 -32.48 0.03 91.67
C ILE UA 33 -31.38 1.01 92.09
N ARG UA 34 -30.18 0.80 91.57
CA ARG UA 34 -29.06 1.67 91.87
C ARG UA 34 -28.95 2.77 90.83
N TYR UA 35 -28.39 3.90 91.24
CA TYR UA 35 -28.24 5.06 90.37
C TYR UA 35 -27.44 6.13 91.09
N ARG UA 36 -26.64 6.87 90.33
CA ARG UA 36 -25.85 7.95 90.90
C ARG UA 36 -26.76 8.96 91.60
N GLU UA 37 -26.14 9.77 92.47
CA GLU UA 37 -26.87 10.76 93.25
C GLU UA 37 -27.94 10.07 94.10
N PRO UA 38 -27.69 9.83 95.39
CA PRO UA 38 -28.66 9.07 96.19
C PRO UA 38 -30.03 9.74 96.26
N ARG UA 39 -30.86 9.49 95.26
CA ARG UA 39 -32.22 10.02 95.23
C ARG UA 39 -33.16 8.94 95.78
N ARG UA 40 -33.58 9.12 97.03
CA ARG UA 40 -34.42 8.11 97.68
C ARG UA 40 -35.77 7.95 96.99
N MET UA 41 -36.17 8.90 96.16
CA MET UA 41 -37.45 8.82 95.47
C MET UA 41 -37.31 9.46 94.09
N LEU UA 42 -38.03 8.90 93.12
CA LEU UA 42 -38.04 9.41 91.76
C LEU UA 42 -39.48 9.64 91.33
N ALA UA 43 -39.64 10.24 90.15
CA ALA UA 43 -40.95 10.54 89.60
C ALA UA 43 -40.98 10.16 88.12
N MET UA 44 -42.10 9.57 87.70
CA MET UA 44 -42.27 9.16 86.31
C MET UA 44 -43.74 8.83 86.05
N PRO UA 45 -44.33 9.34 84.96
CA PRO UA 45 -45.74 9.04 84.69
C PRO UA 45 -45.97 7.61 84.24
N ARG VA 1 -0.44 -56.28 -2.57
CA ARG VA 1 -1.52 -55.31 -2.40
C ARG VA 1 -1.69 -54.96 -0.92
N GLY VA 2 -1.33 -55.89 -0.04
CA GLY VA 2 -1.45 -55.67 1.38
C GLY VA 2 -0.46 -54.64 1.90
N ARG VA 3 -0.70 -53.36 1.60
CA ARG VA 3 0.17 -52.29 2.06
C ARG VA 3 -0.15 -51.94 3.50
N ILE VA 4 0.87 -51.96 4.35
CA ILE VA 4 0.72 -51.62 5.76
C ILE VA 4 1.83 -50.64 6.14
N PRO VA 5 1.69 -49.97 7.28
CA PRO VA 5 2.70 -48.99 7.68
C PRO VA 5 4.08 -49.61 7.82
N GLY VA 6 5.08 -48.75 7.95
CA GLY VA 6 6.45 -49.23 8.07
C GLY VA 6 6.65 -50.01 9.35
N ARG VA 7 7.38 -51.11 9.24
CA ARG VA 7 7.64 -52.00 10.37
C ARG VA 7 6.33 -52.59 10.89
N GLN VA 8 6.19 -53.91 10.75
CA GLN VA 8 4.94 -54.59 11.10
C GLN VA 8 4.83 -54.92 12.59
N TRP VA 9 5.89 -54.74 13.36
CA TRP VA 9 5.91 -55.13 14.77
C TRP VA 9 5.90 -53.94 15.72
N ILE VA 10 5.81 -52.71 15.20
CA ILE VA 10 5.72 -51.52 16.03
C ILE VA 10 4.82 -50.51 15.32
N GLY VA 11 4.49 -49.44 16.04
CA GLY VA 11 3.64 -48.39 15.51
C GLY VA 11 2.21 -48.54 15.96
N LYS VA 12 1.37 -47.62 15.46
CA LYS VA 12 -0.05 -47.63 15.81
C LYS VA 12 -0.74 -48.88 15.27
N HIS VA 13 -0.34 -49.34 14.08
CA HIS VA 13 -0.94 -50.51 13.45
C HIS VA 13 0.12 -51.58 13.25
N ARG VA 14 -0.25 -52.83 13.51
CA ARG VA 14 0.66 -53.96 13.36
C ARG VA 14 -0.11 -55.14 12.79
N ARG VA 15 0.61 -56.01 12.08
CA ARG VA 15 -0.02 -57.19 11.52
C ARG VA 15 -0.54 -58.07 12.65
N PRO VA 16 -1.79 -58.53 12.60
CA PRO VA 16 -2.33 -59.32 13.72
C PRO VA 16 -1.77 -60.72 13.78
N ARG VA 17 -0.97 -61.02 14.81
CA ARG VA 17 -0.44 -62.35 14.98
C ARG VA 17 -1.45 -63.23 15.72
N PHE VA 18 -1.59 -64.47 15.25
CA PHE VA 18 -2.56 -65.41 15.80
C PHE VA 18 -1.84 -66.60 16.42
N VAL VA 19 -2.46 -67.16 17.46
CA VAL VA 19 -1.89 -68.29 18.18
C VAL VA 19 -2.38 -69.58 17.54
N SER VA 20 -1.56 -70.62 17.64
CA SER VA 20 -1.87 -71.93 17.10
C SER VA 20 -1.97 -72.95 18.23
N LEU VA 21 -2.04 -74.23 17.88
CA LEU VA 21 -2.15 -75.29 18.87
C LEU VA 21 -0.79 -75.60 19.52
N ARG VA 22 0.30 -75.43 18.78
CA ARG VA 22 1.62 -75.69 19.33
C ARG VA 22 1.90 -74.80 20.53
N ALA VA 23 1.71 -73.49 20.37
CA ALA VA 23 1.95 -72.56 21.46
C ALA VA 23 0.99 -72.82 22.62
N LYS VA 24 -0.25 -73.19 22.31
CA LYS VA 24 -1.22 -73.48 23.37
C LYS VA 24 -0.76 -74.67 24.21
N GLN VA 25 -0.36 -75.76 23.55
CA GLN VA 25 0.11 -76.93 24.28
C GLN VA 25 1.38 -76.62 25.04
N ASN VA 26 2.27 -75.80 24.47
CA ASN VA 26 3.49 -75.41 25.17
C ASN VA 26 3.16 -74.65 26.45
N MET VA 27 2.25 -73.68 26.35
CA MET VA 27 1.85 -72.92 27.54
C MET VA 27 1.17 -73.82 28.55
N ILE VA 28 0.39 -74.79 28.09
CA ILE VA 28 -0.30 -75.70 29.00
C ILE VA 28 0.71 -76.53 29.79
N ARG VA 29 1.69 -77.11 29.09
CA ARG VA 29 2.68 -77.93 29.77
C ARG VA 29 3.56 -77.07 30.69
N ARG VA 30 3.87 -75.84 30.28
CA ARG VA 30 4.64 -74.95 31.13
C ARG VA 30 3.88 -74.61 32.40
N LEU VA 31 2.57 -74.34 32.28
CA LEU VA 31 1.76 -74.05 33.47
C LEU VA 31 1.65 -75.28 34.36
N GLU VA 32 1.58 -76.47 33.76
CA GLU VA 32 1.56 -77.70 34.55
C GLU VA 32 2.85 -77.86 35.35
N ILE VA 33 3.99 -77.64 34.70
CA ILE VA 33 5.28 -77.73 35.38
C ILE VA 33 5.36 -76.68 36.48
N GLU VA 34 4.84 -75.48 36.23
CA GLU VA 34 4.87 -74.42 37.23
C GLU VA 34 4.01 -74.78 38.42
N ALA VA 35 2.83 -75.36 38.19
CA ALA VA 35 1.97 -75.79 39.29
C ALA VA 35 2.64 -76.91 40.09
N GLU VA 36 3.32 -77.84 39.41
CA GLU VA 36 4.05 -78.88 40.12
C GLU VA 36 5.14 -78.27 41.00
N ASN VA 37 5.89 -77.31 40.46
CA ASN VA 37 6.91 -76.65 41.25
C ASN VA 37 6.32 -75.92 42.45
N HIS VA 38 5.19 -75.24 42.24
CA HIS VA 38 4.51 -74.56 43.34
C HIS VA 38 4.12 -75.55 44.43
N TYR VA 39 3.51 -76.67 44.05
CA TYR VA 39 3.13 -77.68 45.02
C TYR VA 39 4.36 -78.19 45.78
N TRP VA 40 5.45 -78.47 45.06
CA TRP VA 40 6.66 -78.95 45.72
C TRP VA 40 7.24 -77.89 46.65
N LEU VA 41 7.00 -76.61 46.37
CA LEU VA 41 7.48 -75.51 47.22
C LEU VA 41 6.46 -75.11 48.27
N SER VA 42 5.78 -76.08 48.88
CA SER VA 42 4.77 -75.81 49.89
C SER VA 42 4.88 -76.84 51.01
N MET VA 43 6.08 -77.02 51.54
CA MET VA 43 6.32 -77.97 52.62
C MET VA 43 7.74 -77.81 53.15
N PRO VA 44 7.99 -76.81 53.99
CA PRO VA 44 9.36 -76.62 54.53
C PRO VA 44 9.79 -77.76 55.43
N TYR VA 45 10.99 -77.66 55.99
CA TYR VA 45 11.53 -78.70 56.85
C TYR VA 45 12.20 -78.18 58.12
N MET VA 46 12.71 -76.94 58.14
CA MET VA 46 13.38 -76.40 59.31
C MET VA 46 12.58 -75.30 60.00
N THR VA 47 11.67 -74.64 59.30
CA THR VA 47 10.81 -73.60 59.88
C THR VA 47 11.62 -72.39 60.33
N ARG VA 48 12.77 -72.15 59.70
CA ARG VA 48 13.58 -70.96 59.98
C ARG VA 48 14.20 -71.03 61.37
N GLU VA 49 13.38 -71.16 62.41
CA GLU VA 49 13.88 -71.16 63.78
C GLU VA 49 14.95 -72.23 63.99
N GLN VA 50 14.98 -73.28 63.18
CA GLN VA 50 15.94 -74.35 63.33
C GLN VA 50 17.22 -74.14 62.53
N GLU VA 51 17.32 -73.03 61.79
CA GLU VA 51 18.49 -72.73 60.97
C GLU VA 51 19.12 -71.40 61.38
N ARG VA 52 19.28 -71.19 62.69
CA ARG VA 52 19.89 -69.98 63.22
C ARG VA 52 21.41 -70.12 63.37
N GLY VA 53 22.01 -71.15 62.77
CA GLY VA 53 23.44 -71.34 62.85
C GLY VA 53 23.84 -72.81 62.81
N HIS VA 54 23.42 -73.51 61.76
CA HIS VA 54 23.71 -74.93 61.60
C HIS VA 54 24.87 -75.20 60.64
N ALA VA 55 25.27 -74.20 59.84
CA ALA VA 55 26.36 -74.39 58.89
C ALA VA 55 27.26 -73.16 58.79
N ALA VA 56 27.18 -72.25 59.76
CA ALA VA 56 28.03 -71.06 59.72
C ALA VA 56 29.51 -71.42 59.74
N VAL VA 57 29.84 -72.57 60.32
CA VAL VA 57 31.24 -73.00 60.34
C VAL VA 57 31.76 -73.22 58.93
N ARG VA 58 30.95 -73.84 58.07
CA ARG VA 58 31.36 -74.07 56.70
C ARG VA 58 31.55 -72.76 55.95
N ARG VA 59 30.63 -71.81 56.15
CA ARG VA 59 30.77 -70.51 55.50
C ARG VA 59 32.04 -69.79 55.96
N ARG VA 60 32.31 -69.83 57.27
CA ARG VA 60 33.51 -69.19 57.79
C ARG VA 60 34.76 -69.85 57.24
N GLU VA 61 34.77 -71.19 57.14
CA GLU VA 61 35.93 -71.89 56.60
C GLU VA 61 36.14 -71.54 55.13
N ALA VA 62 35.06 -71.47 54.35
CA ALA VA 62 35.18 -71.10 52.95
C ALA VA 62 35.70 -69.67 52.81
N PHE VA 63 35.20 -68.76 53.63
CA PHE VA 63 35.66 -67.37 53.57
C PHE VA 63 37.14 -67.27 53.95
N GLU VA 64 37.57 -68.03 54.97
CA GLU VA 64 38.97 -68.03 55.36
C GLU VA 64 39.85 -68.60 54.25
N ALA VA 65 39.38 -69.66 53.59
CA ALA VA 65 40.15 -70.23 52.48
C ALA VA 65 40.27 -69.24 51.35
N ILE VA 66 39.18 -68.53 51.01
CA ILE VA 66 39.22 -67.53 49.96
C ILE VA 66 40.18 -66.41 50.33
N LYS VA 67 40.16 -65.97 51.60
CA LYS VA 67 41.05 -64.91 52.05
C LYS VA 67 42.51 -65.36 51.97
N ALA VA 68 42.78 -66.61 52.35
CA ALA VA 68 44.15 -67.12 52.26
C ALA VA 68 44.61 -67.22 50.82
N ALA VA 69 43.73 -67.64 49.91
CA ALA VA 69 44.08 -67.73 48.50
C ALA VA 69 44.33 -66.34 47.91
N ALA VA 70 43.57 -65.34 48.37
CA ALA VA 70 43.75 -63.98 47.85
C ALA VA 70 45.04 -63.36 48.38
N THR VA 71 45.29 -63.50 49.69
CA THR VA 71 46.51 -62.95 50.27
C THR VA 71 47.75 -63.61 49.70
N SER VA 72 47.65 -64.86 49.25
CA SER VA 72 48.78 -65.54 48.64
C SER VA 72 49.18 -64.93 47.31
N LYS VA 73 48.39 -63.99 46.78
CA LYS VA 73 48.71 -63.32 45.52
C LYS VA 73 50.10 -62.69 45.58
N PHE VA 74 51.09 -63.36 45.02
CA PHE VA 74 52.46 -62.89 45.03
C PHE VA 74 53.14 -63.36 43.75
N PRO VA 75 54.12 -62.61 43.23
CA PRO VA 75 54.82 -63.05 42.02
C PRO VA 75 55.46 -64.41 42.22
N PRO VA 76 55.87 -65.07 41.15
CA PRO VA 76 56.48 -66.39 41.26
C PRO VA 76 57.94 -66.29 41.68
N HIS VA 77 58.57 -67.45 41.83
CA HIS VA 77 59.97 -67.53 42.23
C HIS VA 77 60.87 -67.47 41.01
N ARG VA 78 62.18 -67.59 41.24
CA ARG VA 78 63.17 -67.58 40.17
C ARG VA 78 64.24 -68.61 40.46
N PHE VA 79 64.81 -69.17 39.39
CA PHE VA 79 65.83 -70.21 39.51
C PHE VA 79 66.94 -69.94 38.50
N ILE VA 80 68.15 -70.35 38.88
CA ILE VA 80 69.29 -70.23 37.97
C ILE VA 80 69.31 -71.33 36.93
N ALA VA 81 68.54 -72.41 37.14
CA ALA VA 81 68.55 -73.53 36.21
C ALA VA 81 68.13 -73.08 34.81
N ASP VA 82 67.05 -72.31 34.71
CA ASP VA 82 66.58 -71.86 33.41
C ASP VA 82 67.56 -70.89 32.78
N GLN VA 83 68.11 -69.97 33.56
CA GLN VA 83 69.07 -69.01 33.02
C GLN VA 83 70.31 -69.70 32.50
N LEU VA 84 70.74 -70.79 33.14
CA LEU VA 84 71.91 -71.52 32.67
C LEU VA 84 71.58 -72.43 31.49
N ASP VA 85 70.37 -72.99 31.45
CA ASP VA 85 69.99 -73.83 30.31
C ASP VA 85 69.75 -73.00 29.06
N HIS VA 86 69.38 -71.72 29.22
CA HIS VA 86 69.22 -70.85 28.07
C HIS VA 86 70.49 -70.74 27.24
N LEU VA 87 71.66 -71.03 27.83
CA LEU VA 87 72.91 -70.98 27.09
C LEU VA 87 73.09 -72.17 26.15
N ASN VA 88 72.22 -73.18 26.23
CA ASN VA 88 72.34 -74.37 25.40
C ASN VA 88 71.91 -74.13 23.96
N VAL VA 89 71.48 -72.92 23.61
CA VAL VA 89 71.07 -72.64 22.24
C VAL VA 89 72.20 -72.81 21.26
N THR VA 90 73.46 -72.76 21.73
CA THR VA 90 74.63 -72.96 20.89
C THR VA 90 75.31 -74.29 21.20
N LYS VA 91 74.52 -75.33 21.47
CA LYS VA 91 75.07 -76.64 21.74
C LYS VA 91 75.83 -77.15 20.52
N LYS VA 92 77.10 -77.48 20.71
CA LYS VA 92 77.97 -77.90 19.62
C LYS VA 92 78.37 -79.37 19.78
N TRP VA 93 78.56 -80.04 18.65
CA TRP VA 93 79.03 -81.41 18.63
C TRP VA 93 80.55 -81.42 18.59
N SER VA 94 81.15 -82.58 18.31
CA SER VA 94 82.59 -82.71 18.22
C SER VA 94 83.16 -81.70 17.21
N GLU WA 1 97.58 -19.09 68.24
CA GLU WA 1 98.47 -18.86 67.11
C GLU WA 1 97.97 -17.70 66.26
N PHE WA 2 96.74 -17.82 65.76
CA PHE WA 2 96.14 -16.80 64.92
C PHE WA 2 95.16 -15.95 65.75
N LYS WA 3 95.12 -14.66 65.46
CA LYS WA 3 94.23 -13.72 66.15
C LYS WA 3 93.53 -12.87 65.10
N SER WA 4 92.22 -13.07 64.95
CA SER WA 4 91.43 -12.34 63.98
C SER WA 4 91.20 -10.92 64.49
N ILE WA 5 90.38 -10.15 63.76
CA ILE WA 5 90.09 -8.78 64.16
C ILE WA 5 89.13 -8.75 65.33
N TYR WA 6 87.97 -9.40 65.20
CA TYR WA 6 86.96 -9.45 66.26
C TYR WA 6 87.15 -10.65 67.18
N SER WA 7 88.39 -10.97 67.54
CA SER WA 7 88.64 -12.10 68.42
C SER WA 7 88.00 -11.88 69.77
N LEU WA 8 87.81 -12.98 70.51
CA LEU WA 8 87.20 -12.89 71.83
C LEU WA 8 88.01 -12.03 72.77
N ASP WA 9 89.33 -11.98 72.59
CA ASP WA 9 90.18 -11.17 73.45
C ASP WA 9 89.92 -9.68 73.23
N LYS WA 10 89.56 -9.29 72.01
CA LYS WA 10 89.30 -7.89 71.70
C LYS WA 10 87.85 -7.50 71.91
N LEU WA 11 86.91 -8.42 71.66
CA LEU WA 11 85.49 -8.10 71.86
C LEU WA 11 85.20 -7.83 73.33
N TYR WA 12 85.87 -8.53 74.24
CA TYR WA 12 85.65 -8.38 75.67
C TYR WA 12 87.00 -8.40 76.36
N PRO WA 13 87.68 -7.24 76.45
CA PRO WA 13 89.00 -7.22 77.10
C PRO WA 13 88.95 -7.47 78.60
N GLU WA 14 87.77 -7.53 79.20
CA GLU WA 14 87.67 -7.80 80.64
C GLU WA 14 87.89 -9.28 80.94
N SER WA 15 87.06 -10.15 80.37
CA SER WA 15 87.17 -11.59 80.59
C SER WA 15 88.03 -12.19 79.48
N GLN WA 16 89.34 -11.97 79.59
CA GLN WA 16 90.30 -12.46 78.62
C GLN WA 16 90.93 -13.79 79.04
N GLY WA 17 90.57 -14.31 80.20
CA GLY WA 17 91.13 -15.57 80.68
C GLY WA 17 90.82 -16.73 79.76
N SER WA 18 91.82 -17.55 79.46
CA SER WA 18 91.62 -18.70 78.58
C SER WA 18 90.87 -19.82 79.30
N ASP WA 19 91.19 -20.06 80.58
CA ASP WA 19 90.55 -21.11 81.35
C ASP WA 19 89.45 -20.59 82.27
N THR WA 20 89.26 -19.28 82.35
CA THR WA 20 88.23 -18.71 83.22
C THR WA 20 86.83 -18.95 82.69
N ALA WA 21 86.68 -19.34 81.42
CA ALA WA 21 85.37 -19.58 80.84
C ALA WA 21 84.80 -20.95 81.21
N TRP WA 22 85.51 -21.74 82.01
CA TRP WA 22 85.05 -23.06 82.43
C TRP WA 22 85.31 -23.23 83.93
N ARG WA 23 84.75 -22.32 84.72
CA ARG WA 23 84.90 -22.35 86.17
C ARG WA 23 83.61 -21.89 86.82
N VAL WA 24 83.26 -22.52 87.93
CA VAL WA 24 82.05 -22.18 88.66
C VAL WA 24 82.21 -20.82 89.33
N ASP WA 34 71.10 -26.56 95.44
CA ASP WA 34 70.19 -27.30 96.29
C ASP WA 34 69.68 -28.55 95.60
N ILE WA 35 68.82 -29.30 96.28
CA ILE WA 35 68.24 -30.52 95.74
C ILE WA 35 69.38 -31.49 95.41
N PRO WA 36 69.94 -32.18 96.40
CA PRO WA 36 71.04 -33.13 96.12
C PRO WA 36 70.52 -34.33 95.32
N LEU WA 37 71.26 -34.69 94.27
CA LEU WA 37 70.86 -35.79 93.42
C LEU WA 37 71.14 -37.14 94.07
N ASP WA 38 72.25 -37.25 94.79
CA ASP WA 38 72.59 -38.51 95.44
C ASP WA 38 71.55 -38.89 96.49
N ARG WA 39 70.86 -37.91 97.06
CA ARG WA 39 69.83 -38.21 98.06
C ARG WA 39 68.58 -38.77 97.40
N LEU WA 40 68.23 -38.27 96.23
CA LEU WA 40 67.04 -38.71 95.52
C LEU WA 40 67.34 -39.96 94.70
N THR WA 41 66.30 -40.74 94.45
CA THR WA 41 66.40 -41.97 93.67
C THR WA 41 65.96 -41.71 92.24
N ILE WA 42 66.60 -42.39 91.29
CA ILE WA 42 66.30 -42.26 89.87
C ILE WA 42 66.02 -43.64 89.32
N SER WA 43 64.90 -43.78 88.59
CA SER WA 43 64.54 -45.04 87.99
C SER WA 43 63.51 -44.78 86.90
N TYR WA 44 63.68 -45.45 85.76
CA TYR WA 44 62.80 -45.28 84.61
C TYR WA 44 62.04 -46.58 84.35
N CYS WA 45 60.89 -46.42 83.69
CA CYS WA 45 60.04 -47.57 83.36
C CYS WA 45 59.05 -47.12 82.29
N ARG WA 46 59.34 -47.45 81.03
CA ARG WA 46 58.48 -47.06 79.94
C ARG WA 46 57.10 -47.69 80.09
N SER WA 47 56.06 -46.90 79.79
CA SER WA 47 54.69 -47.37 79.90
C SER WA 47 53.83 -46.78 78.80
N VAL WA 58 53.54 -44.48 73.88
CA VAL WA 58 54.99 -44.55 73.89
C VAL WA 58 55.56 -43.27 74.47
N ASN WA 59 55.76 -43.27 75.79
CA ASN WA 59 56.31 -42.10 76.48
C ASN WA 59 57.06 -42.58 77.71
N SER WA 60 58.32 -42.16 77.84
CA SER WA 60 59.12 -42.55 78.98
C SER WA 60 58.53 -41.98 80.26
N LYS WA 61 58.86 -42.63 81.38
CA LYS WA 61 58.38 -42.22 82.70
C LYS WA 61 59.57 -42.12 83.64
N ALA WA 62 59.78 -40.93 84.20
CA ALA WA 62 60.86 -40.68 85.13
C ALA WA 62 60.32 -40.74 86.55
N GLU WA 63 60.71 -41.79 87.28
CA GLU WA 63 60.26 -41.99 88.66
C GLU WA 63 61.28 -41.42 89.63
N VAL WA 64 60.80 -40.75 90.66
CA VAL WA 64 61.64 -40.16 91.69
C VAL WA 64 61.02 -40.43 93.05
N ARG WA 65 61.86 -40.74 94.04
CA ARG WA 65 61.38 -41.04 95.38
C ARG WA 65 62.49 -40.71 96.37
N PHE WA 66 62.08 -40.34 97.58
CA PHE WA 66 63.02 -39.99 98.64
C PHE WA 66 62.27 -39.88 99.95
N HIS WA 67 62.94 -40.27 101.04
CA HIS WA 67 62.33 -40.18 102.36
C HIS WA 67 62.15 -38.72 102.75
N LEU WA 68 60.92 -38.37 103.14
CA LEU WA 68 60.61 -36.98 103.47
C LEU WA 68 61.04 -36.61 104.88
N ALA WA 69 60.95 -37.56 105.83
CA ALA WA 69 61.29 -37.24 107.21
C ALA WA 69 62.76 -36.89 107.35
N THR WA 70 63.64 -37.66 106.71
CA THR WA 70 65.08 -37.44 106.82
C THR WA 70 65.60 -36.41 105.82
N ALA WA 71 64.71 -35.70 105.13
CA ALA WA 71 65.13 -34.69 104.15
C ALA WA 71 65.92 -33.59 104.84
N GLU WA 72 67.23 -33.81 105.01
CA GLU WA 72 68.06 -32.82 105.68
C GLU WA 72 68.15 -31.51 104.88
N TRP WA 73 67.95 -31.59 103.56
CA TRP WA 73 68.01 -30.41 102.70
C TRP WA 73 66.68 -29.66 102.65
N ILE WA 74 65.78 -29.90 103.59
CA ILE WA 74 64.49 -29.21 103.65
C ILE WA 74 64.24 -28.81 105.10
N ALA WA 75 63.69 -27.61 105.27
CA ALA WA 75 63.43 -27.10 106.62
C ALA WA 75 62.31 -27.88 107.28
N GLU WA 76 62.26 -27.79 108.62
CA GLU WA 76 61.22 -28.49 109.37
C GLU WA 76 59.82 -28.02 109.00
N PRO WA 77 59.51 -26.72 109.02
CA PRO WA 77 58.15 -26.32 108.63
C PRO WA 77 57.82 -26.65 107.18
N VAL WA 78 58.80 -26.54 106.28
CA VAL WA 78 58.57 -26.90 104.89
C VAL WA 78 58.26 -28.39 104.77
N ARG WA 79 59.01 -29.22 105.50
CA ARG WA 79 58.74 -30.66 105.47
C ARG WA 79 57.36 -30.96 106.03
N GLN WA 80 56.98 -30.31 107.13
CA GLN WA 80 55.67 -30.54 107.72
C GLN WA 80 54.57 -30.14 106.74
N LYS WA 81 54.72 -29.00 106.07
CA LYS WA 81 53.72 -28.57 105.10
C LYS WA 81 53.63 -29.52 103.92
N ILE WA 82 54.78 -30.02 103.45
CA ILE WA 82 54.78 -30.96 102.32
C ILE WA 82 54.10 -32.27 102.73
N ALA WA 83 54.32 -32.71 103.97
CA ALA WA 83 53.71 -33.95 104.43
C ALA WA 83 52.21 -33.78 104.66
N ILE WA 84 51.78 -32.59 105.10
CA ILE WA 84 50.36 -32.36 105.34
C ILE WA 84 49.61 -32.23 104.02
N THR WA 85 50.03 -31.29 103.18
CA THR WA 85 49.38 -31.06 101.90
C THR WA 85 49.50 -32.28 101.00
N HIS WA 86 50.66 -32.44 100.35
CA HIS WA 86 50.89 -33.57 99.45
C HIS WA 86 50.98 -34.85 100.27
N LYS WA 87 49.81 -35.41 100.59
CA LYS WA 87 49.71 -36.64 101.36
C LYS WA 87 49.47 -37.87 100.50
N ASN WA 88 48.87 -37.70 99.32
CA ASN WA 88 48.62 -38.84 98.45
C ASN WA 88 49.90 -39.41 97.85
N LYS WA 89 50.96 -38.61 97.75
CA LYS WA 89 52.22 -39.06 97.18
C LYS WA 89 53.12 -39.74 98.21
N ILE WA 90 52.80 -39.66 99.50
CA ILE WA 90 53.62 -40.29 100.52
C ILE WA 90 53.53 -41.80 100.39
N ASN WA 91 54.68 -42.47 100.54
CA ASN WA 91 54.74 -43.92 100.44
C ASN WA 91 54.45 -44.56 101.81
N ARG WA 92 54.22 -45.87 101.80
CA ARG WA 92 53.97 -46.59 103.03
C ARG WA 92 55.15 -46.50 103.99
N LEU WA 93 56.36 -46.42 103.46
CA LEU WA 93 57.57 -46.32 104.28
C LEU WA 93 57.96 -44.88 104.57
N GLY WA 94 57.16 -43.91 104.13
CA GLY WA 94 57.47 -42.51 104.38
C GLY WA 94 58.33 -41.89 103.30
N GLU WA 95 57.93 -42.07 102.04
CA GLU WA 95 58.67 -41.53 100.90
C GLU WA 95 57.71 -40.79 99.99
N LEU WA 96 58.10 -39.59 99.56
CA LEU WA 96 57.27 -38.76 98.68
C LEU WA 96 57.52 -39.21 97.24
N ILE WA 97 56.72 -40.16 96.78
CA ILE WA 97 56.85 -40.67 95.42
C ILE WA 97 56.07 -39.77 94.48
N LEU WA 98 56.70 -39.36 93.38
CA LEU WA 98 56.06 -38.52 92.39
C LEU WA 98 56.58 -38.90 91.01
N THR WA 99 55.68 -38.95 90.03
CA THR WA 99 56.03 -39.32 88.67
C THR WA 99 55.32 -38.37 87.70
N SER WA 100 55.91 -38.22 86.52
CA SER WA 100 55.36 -37.35 85.48
C SER WA 100 55.81 -37.88 84.13
N GLU WA 101 54.84 -38.28 83.30
CA GLU WA 101 55.12 -38.81 81.97
C GLU WA 101 54.30 -38.03 80.96
N SER WA 102 54.99 -37.16 80.18
CA SER WA 102 54.30 -36.36 79.18
C SER WA 102 55.15 -36.12 77.94
N SER WA 103 56.23 -36.88 77.73
CA SER WA 103 57.09 -36.71 76.58
C SER WA 103 57.75 -38.05 76.26
N ARG WA 104 58.50 -38.07 75.17
CA ARG WA 104 59.18 -39.29 74.73
C ARG WA 104 60.55 -39.45 75.38
N TYR WA 105 61.19 -38.36 75.76
CA TYR WA 105 62.52 -38.40 76.36
C TYR WA 105 62.41 -38.35 77.88
N GLN WA 106 63.42 -38.92 78.55
CA GLN WA 106 63.45 -38.94 80.01
C GLN WA 106 64.04 -37.68 80.61
N PHE WA 107 64.89 -36.96 79.87
CA PHE WA 107 65.47 -35.73 80.40
C PHE WA 107 64.39 -34.69 80.67
N ARG WA 108 63.44 -34.55 79.74
CA ARG WA 108 62.35 -33.61 79.95
C ARG WA 108 61.49 -34.01 81.14
N ASN WA 109 61.26 -35.31 81.32
CA ASN WA 109 60.49 -35.79 82.46
C ASN WA 109 61.21 -35.48 83.77
N LEU WA 110 62.52 -35.70 83.81
CA LEU WA 110 63.28 -35.39 85.02
C LEU WA 110 63.27 -33.89 85.30
N ALA WA 111 63.38 -33.06 84.25
CA ALA WA 111 63.32 -31.62 84.45
C ALA WA 111 61.96 -31.20 84.98
N ASP WA 112 60.88 -31.80 84.46
CA ASP WA 112 59.55 -31.47 84.94
C ASP WA 112 59.38 -31.90 86.39
N CYS WA 113 59.92 -33.07 86.76
CA CYS WA 113 59.85 -33.51 88.15
C CYS WA 113 60.61 -32.57 89.07
N LEU WA 114 61.79 -32.11 88.65
CA LEU WA 114 62.56 -31.18 89.46
C LEU WA 114 61.81 -29.85 89.60
N GLN WA 115 61.20 -29.38 88.51
CA GLN WA 115 60.42 -28.14 88.58
C GLN WA 115 59.23 -28.29 89.51
N LYS WA 116 58.57 -29.45 89.48
CA LYS WA 116 57.46 -29.69 90.39
C LYS WA 116 57.92 -29.71 91.84
N ILE WA 117 59.08 -30.33 92.10
CA ILE WA 117 59.62 -30.35 93.46
C ILE WA 117 59.93 -28.93 93.92
N ARG WA 118 60.52 -28.12 93.04
CA ARG WA 118 60.83 -26.74 93.39
C ARG WA 118 59.56 -25.95 93.67
N ASP WA 119 58.52 -26.14 92.84
CA ASP WA 119 57.25 -25.45 93.06
C ASP WA 119 56.63 -25.85 94.39
N MET WA 120 56.70 -27.15 94.72
CA MET WA 120 56.16 -27.62 96.00
C MET WA 120 56.92 -27.00 97.16
N ILE WA 121 58.25 -26.98 97.07
CA ILE WA 121 59.05 -26.39 98.14
C ILE WA 121 58.71 -24.91 98.32
N THR WA 122 58.57 -24.19 97.20
CA THR WA 122 58.26 -22.76 97.28
C THR WA 122 56.89 -22.53 97.90
N GLU WA 123 55.86 -23.23 97.39
CA GLU WA 123 54.52 -23.04 97.93
C GLU WA 123 54.40 -23.50 99.37
N ALA WA 124 55.27 -24.42 99.82
CA ALA WA 124 55.28 -24.81 101.23
C ALA WA 124 55.99 -23.78 102.09
N SER WA 125 57.04 -23.13 101.56
CA SER WA 125 57.74 -22.10 102.31
C SER WA 125 56.90 -20.83 102.46
N GLN WA 126 55.83 -20.69 101.68
CA GLN WA 126 54.96 -19.52 101.77
C GLN WA 126 54.32 -19.43 103.14
N LYS WA 137 33.16 -27.94 91.40
CA LYS WA 137 33.92 -29.12 91.78
C LYS WA 137 33.86 -29.35 93.28
N LEU WA 138 34.27 -28.34 94.05
CA LEU WA 138 34.28 -28.43 95.50
C LEU WA 138 32.98 -27.92 96.13
N HIS WA 139 32.15 -27.21 95.38
CA HIS WA 139 30.89 -26.72 95.93
C HIS WA 139 29.97 -27.88 96.32
N ARG WA 140 29.97 -28.95 95.54
CA ARG WA 140 29.17 -30.12 95.88
C ARG WA 140 29.66 -30.75 97.18
N ILE WA 141 30.97 -30.84 97.35
CA ILE WA 141 31.53 -31.39 98.58
C ILE WA 141 31.18 -30.49 99.76
N ARG WA 142 31.21 -29.18 99.55
CA ARG WA 142 30.84 -28.24 100.61
C ARG WA 142 29.38 -28.44 101.02
N ILE WA 143 28.49 -28.56 100.04
CA ILE WA 143 27.06 -28.77 100.34
C ILE WA 143 26.87 -30.09 101.06
N GLU WA 144 27.59 -31.14 100.64
CA GLU WA 144 27.47 -32.43 101.29
C GLU WA 144 27.93 -32.36 102.74
N ASN WA 145 29.05 -31.70 102.99
CA ASN WA 145 29.54 -31.56 104.36
C ASN WA 145 28.58 -30.74 105.21
N MET WA 146 27.98 -29.70 104.63
CA MET WA 146 27.01 -28.91 105.37
C MET WA 146 25.78 -29.74 105.73
N ASN WA 147 25.28 -30.53 104.78
CA ASN WA 147 24.14 -31.40 105.06
C ASN WA 147 24.49 -32.44 106.12
N ARG WA 148 25.71 -32.98 106.06
CA ARG WA 148 26.14 -33.95 107.06
C ARG WA 148 26.19 -33.32 108.45
N GLU WA 149 26.76 -32.12 108.55
CA GLU WA 149 26.83 -31.43 109.83
C GLU WA 149 25.43 -31.12 110.36
N ARG WA 150 24.51 -30.75 109.45
CA ARG WA 150 23.13 -30.50 109.87
C ARG WA 150 22.47 -31.76 110.41
N LEU WA 151 22.67 -32.88 109.71
CA LEU WA 151 22.10 -34.15 110.15
C LEU WA 151 22.76 -34.66 111.42
N ARG WA 152 23.97 -34.20 111.73
CA ARG WA 152 24.66 -34.66 112.93
C ARG WA 152 23.91 -34.29 114.20
N GLN WA 153 22.96 -33.37 114.13
CA GLN WA 153 22.19 -32.97 115.30
C GLN WA 153 21.44 -34.15 115.91
N LYS WA 154 21.93 -34.63 117.06
CA LYS WA 154 21.30 -35.74 117.76
C LYS WA 154 21.85 -35.87 119.16
N ARG WA 155 21.32 -35.09 120.09
CA ARG WA 155 21.78 -35.09 121.48
C ARG WA 155 20.63 -35.51 122.39
N ILE WA 156 20.99 -36.05 123.55
CA ILE WA 156 20.01 -36.49 124.53
C ILE WA 156 19.31 -35.29 125.15
N TYR XA 1 96.74 -57.83 15.53
CA TYR XA 1 96.83 -56.38 15.48
C TYR XA 1 97.30 -55.83 16.83
N ARG XA 2 97.87 -54.62 16.81
CA ARG XA 2 98.35 -53.95 18.00
C ARG XA 2 97.39 -52.81 18.35
N ALA XA 3 97.20 -52.59 19.64
CA ALA XA 3 96.31 -51.56 20.13
C ALA XA 3 97.05 -50.23 20.23
N ARG XA 4 96.50 -49.19 19.59
CA ARG XA 4 97.09 -47.87 19.64
C ARG XA 4 97.18 -47.40 21.09
N PRO XA 5 98.06 -46.45 21.39
CA PRO XA 5 98.21 -45.99 22.77
C PRO XA 5 96.89 -45.51 23.34
N PRO XA 6 96.74 -45.52 24.67
CA PRO XA 6 95.47 -45.13 25.27
C PRO XA 6 95.29 -43.64 25.27
N PRO XA 7 94.06 -43.15 25.54
CA PRO XA 7 93.83 -41.70 25.60
C PRO XA 7 94.22 -41.14 26.96
N ARG XA 8 95.25 -40.30 26.97
CA ARG XA 8 95.76 -39.69 28.20
C ARG XA 8 95.76 -38.18 28.04
N ARG XA 9 95.33 -37.49 29.10
CA ARG XA 9 95.29 -36.03 29.09
C ARG XA 9 96.69 -35.46 28.89
N ARG XA 10 96.75 -34.27 28.34
CA ARG XA 10 98.03 -33.60 28.10
C ARG XA 10 98.67 -33.22 29.43
N PRO XA 11 99.81 -33.79 29.80
CA PRO XA 11 100.41 -33.44 31.10
C PRO XA 11 100.90 -32.01 31.16
N GLY XA 12 101.38 -31.45 30.05
CA GLY XA 12 101.87 -30.09 30.03
C GLY XA 12 100.74 -29.08 30.09
N PRO XA 13 101.07 -27.81 30.35
CA PRO XA 13 100.06 -26.76 30.42
C PRO XA 13 99.63 -26.31 29.04
N ARG XA 14 98.39 -26.65 28.68
CA ARG XA 14 97.82 -26.27 27.37
C ARG XA 14 97.45 -24.80 27.43
N TRP XA 15 98.41 -23.94 27.10
CA TRP XA 15 98.17 -22.51 27.11
C TRP XA 15 97.30 -22.11 25.92
N PRO XA 16 96.49 -21.06 26.07
CA PRO XA 16 95.63 -20.63 24.97
C PRO XA 16 96.33 -19.68 24.01
N ASP XA 17 95.72 -19.49 22.84
CA ASP XA 17 96.24 -18.57 21.84
C ASP XA 17 95.94 -17.14 22.27
N PRO XA 18 96.94 -16.26 22.38
CA PRO XA 18 96.67 -14.90 22.87
C PRO XA 18 95.80 -14.08 21.93
N GLU XA 19 96.37 -13.63 20.81
CA GLU XA 19 95.66 -12.71 19.92
C GLU XA 19 94.71 -13.44 18.96
N ASP XA 20 94.92 -14.72 18.71
CA ASP XA 20 94.07 -15.44 17.78
C ASP XA 20 92.63 -15.46 18.28
N LEU XA 21 91.69 -15.48 17.32
CA LEU XA 21 90.28 -15.46 17.62
C LEU XA 21 89.68 -16.87 17.74
N LEU XA 22 90.52 -17.88 17.99
CA LEU XA 22 90.04 -19.25 18.12
C LEU XA 22 89.71 -19.64 19.55
N THR XA 23 90.21 -18.89 20.54
CA THR XA 23 89.95 -19.21 21.92
C THR XA 23 88.62 -18.62 22.39
N PRO XA 24 88.01 -19.19 23.42
CA PRO XA 24 86.74 -18.64 23.92
C PRO XA 24 86.94 -17.40 24.77
N ARG XA 25 85.85 -16.90 25.36
CA ARG XA 25 85.94 -15.70 26.19
C ARG XA 25 86.43 -16.01 27.60
N TRP XA 26 86.14 -17.21 28.11
CA TRP XA 26 86.52 -17.60 29.46
C TRP XA 26 87.85 -18.35 29.52
N GLN XA 27 88.79 -18.03 28.61
CA GLN XA 27 90.09 -18.67 28.57
C GLN XA 27 91.11 -17.64 28.07
N LEU XA 28 91.35 -16.62 28.90
CA LEU XA 28 92.30 -15.57 28.56
C LEU XA 28 92.60 -14.70 29.77
N GLY XA 29 91.57 -14.40 30.57
CA GLY XA 29 91.74 -13.58 31.73
C GLY XA 29 92.58 -14.27 32.79
N PRO XA 30 92.74 -13.61 33.94
CA PRO XA 30 93.53 -14.19 35.04
C PRO XA 30 92.89 -15.42 35.67
N ARG XA 31 91.62 -15.67 35.42
CA ARG XA 31 90.96 -16.85 36.00
C ARG XA 31 91.62 -18.14 35.51
N TYR XA 32 91.83 -18.23 34.20
CA TYR XA 32 92.46 -19.43 33.64
C TYR XA 32 93.88 -19.59 34.15
N ALA XA 33 94.62 -18.49 34.26
CA ALA XA 33 95.99 -18.55 34.76
C ALA XA 33 96.01 -19.05 36.20
N ALA XA 34 95.13 -18.51 37.05
CA ALA XA 34 95.06 -18.95 38.43
C ALA XA 34 94.67 -20.43 38.51
N LYS XA 35 93.72 -20.86 37.68
CA LYS XA 35 93.30 -22.25 37.68
C LYS XA 35 94.46 -23.16 37.30
N GLN XA 36 95.21 -22.79 36.26
CA GLN XA 36 96.35 -23.60 35.83
C GLN XA 36 97.42 -23.63 36.91
N PHE XA 37 97.67 -22.50 37.57
CA PHE XA 37 98.66 -22.47 38.63
C PHE XA 37 98.26 -23.34 39.80
N ALA XA 38 96.97 -23.33 40.16
CA ALA XA 38 96.50 -24.16 41.26
C ALA XA 38 96.49 -25.64 40.89
N ARG XA 39 96.28 -25.95 39.61
CA ARG XA 39 96.25 -27.34 39.18
C ARG XA 39 97.65 -27.93 39.11
N TYR XA 40 98.56 -27.27 38.39
CA TYR XA 40 99.92 -27.76 38.21
C TYR XA 40 100.93 -27.05 39.13
N GLY XA 41 100.44 -26.36 40.15
CA GLY XA 41 101.33 -25.68 41.07
C GLY XA 41 102.23 -24.66 40.36
N ALA XA 42 103.35 -24.36 41.01
CA ALA XA 42 104.31 -23.40 40.48
C ALA XA 42 105.34 -24.05 39.56
N ALA XA 43 105.23 -25.36 39.31
CA ALA XA 43 106.19 -26.02 38.43
C ALA XA 43 106.09 -25.50 37.00
N SER XA 44 104.92 -24.99 36.60
CA SER XA 44 104.76 -24.48 35.25
C SER XA 44 103.70 -23.39 35.15
N GLY XA 45 103.31 -22.77 36.26
CA GLY XA 45 102.29 -21.73 36.25
C GLY XA 45 102.85 -20.37 35.93
N VAL XA 46 102.48 -19.37 36.74
CA VAL XA 46 102.94 -18.00 36.54
C VAL XA 46 103.31 -17.40 37.89
N VAL XA 47 103.61 -16.11 37.91
CA VAL XA 47 103.98 -15.42 39.14
C VAL XA 47 102.81 -15.47 40.11
N PRO XA 48 102.96 -16.05 41.30
CA PRO XA 48 101.82 -16.08 42.25
C PRO XA 48 101.36 -14.70 42.69
N GLY XA 49 102.22 -13.68 42.60
CA GLY XA 49 101.83 -12.34 43.02
C GLY XA 49 100.61 -11.80 42.30
N SER XA 50 100.30 -12.33 41.12
CA SER XA 50 99.15 -11.88 40.35
C SER XA 50 97.84 -12.54 40.79
N LEU XA 51 97.81 -13.16 41.96
CA LEU XA 51 96.61 -13.82 42.46
C LEU XA 51 95.83 -12.98 43.45
N TRP XA 52 96.50 -12.15 44.25
CA TRP XA 52 95.84 -11.33 45.23
C TRP XA 52 95.17 -10.14 44.56
N PRO XA 53 94.19 -9.51 45.24
CA PRO XA 53 93.53 -8.34 44.65
C PRO XA 53 94.49 -7.18 44.48
N SER XA 54 94.34 -6.48 43.36
CA SER XA 54 95.16 -5.31 43.10
C SER XA 54 94.78 -4.16 44.04
N PRO XA 55 95.66 -3.18 44.21
CA PRO XA 55 95.31 -2.04 45.09
C PRO XA 55 93.99 -1.40 44.73
N GLU XA 56 93.70 -1.20 43.45
CA GLU XA 56 92.41 -0.67 43.04
C GLU XA 56 91.29 -1.60 43.46
N GLN XA 57 91.42 -2.90 43.12
CA GLN XA 57 90.42 -3.87 43.56
C GLN XA 57 90.39 -3.98 45.07
N LEU XA 58 91.53 -3.79 45.75
CA LEU XA 58 91.54 -3.83 47.20
C LEU XA 58 90.66 -2.73 47.78
N ARG XA 59 90.87 -1.49 47.33
CA ARG XA 59 90.05 -0.38 47.83
C ARG XA 59 88.59 -0.54 47.41
N GLU XA 60 88.34 -1.10 46.23
CA GLU XA 60 86.96 -1.33 45.81
C GLU XA 60 86.26 -2.30 46.75
N LEU XA 61 86.93 -3.40 47.07
CA LEU XA 61 86.36 -4.38 48.00
C LEU XA 61 86.20 -3.78 49.39
N GLU XA 62 87.15 -2.96 49.82
CA GLU XA 62 87.03 -2.31 51.12
C GLU XA 62 85.80 -1.41 51.17
N ALA XA 63 85.60 -0.61 50.12
CA ALA XA 63 84.42 0.25 50.06
C ALA XA 63 83.14 -0.55 50.02
N GLU XA 64 83.12 -1.65 49.25
CA GLU XA 64 81.94 -2.49 49.19
C GLU XA 64 81.61 -3.08 50.56
N GLU XA 65 82.63 -3.53 51.28
CA GLU XA 65 82.41 -4.08 52.62
C GLU XA 65 81.90 -3.00 53.58
N ARG XA 66 82.51 -1.81 53.52
CA ARG XA 66 82.08 -0.73 54.39
C ARG XA 66 80.64 -0.32 54.10
N GLU XA 67 80.21 -0.42 52.84
CA GLU XA 67 78.86 -0.02 52.47
C GLU XA 67 77.83 -1.08 52.81
N TRP XA 68 78.15 -2.35 52.56
CA TRP XA 68 77.19 -3.43 52.76
C TRP XA 68 77.48 -4.28 53.99
N TYR XA 69 78.74 -4.43 54.38
CA TYR XA 69 79.10 -5.26 55.53
C TYR XA 69 79.59 -4.38 56.67
N PRO XA 70 78.69 -3.81 57.48
CA PRO XA 70 79.14 -2.96 58.60
C PRO XA 70 79.76 -3.80 59.72
N SER XA 71 80.16 -3.13 60.80
CA SER XA 71 80.77 -3.79 61.93
C SER XA 71 79.70 -4.23 62.92
N LEU XA 72 80.14 -4.81 64.05
CA LEU XA 72 79.21 -5.28 65.06
C LEU XA 72 78.66 -4.13 65.91
N ALA XA 73 79.43 -3.06 66.08
CA ALA XA 73 78.97 -1.94 66.90
C ALA XA 73 77.74 -1.29 66.30
N THR XA 74 77.77 -1.02 64.98
CA THR XA 74 76.63 -0.38 64.34
C THR XA 74 75.39 -1.28 64.38
N MET XA 75 75.59 -2.58 64.15
CA MET XA 75 74.46 -3.51 64.20
C MET XA 75 73.85 -3.55 65.60
N GLN XA 76 74.70 -3.62 66.63
CA GLN XA 76 74.19 -3.63 68.00
C GLN XA 76 73.46 -2.33 68.32
N GLU XA 77 74.00 -1.20 67.87
CA GLU XA 77 73.33 0.07 68.13
C GLU XA 77 71.97 0.13 67.44
N SER XA 78 71.89 -0.32 66.20
CA SER XA 78 70.62 -0.33 65.49
C SER XA 78 69.61 -1.24 66.18
N LEU XA 79 70.07 -2.43 66.60
CA LEU XA 79 69.17 -3.35 67.30
C LEU XA 79 68.68 -2.74 68.61
N ARG XA 80 69.57 -2.09 69.36
CA ARG XA 80 69.16 -1.45 70.61
C ARG XA 80 68.16 -0.34 70.35
N VAL XA 81 68.38 0.46 69.31
CA VAL XA 81 67.45 1.54 69.00
C VAL XA 81 66.09 0.98 68.62
N LYS XA 82 66.07 -0.08 67.81
CA LYS XA 82 64.80 -0.69 67.43
C LYS XA 82 64.08 -1.25 68.64
N GLN XA 83 64.81 -1.93 69.53
CA GLN XA 83 64.19 -2.49 70.73
C GLN XA 83 63.64 -1.38 71.62
N LEU XA 84 64.38 -0.27 71.76
CA LEU XA 84 63.90 0.84 72.58
C LEU XA 84 62.65 1.45 71.98
N ALA XA 85 62.61 1.62 70.66
CA ALA XA 85 61.43 2.16 70.01
C ALA XA 85 60.23 1.25 70.20
N GLU XA 86 60.43 -0.06 70.04
CA GLU XA 86 59.34 -1.01 70.24
C GLU XA 86 58.84 -0.98 71.68
N GLU XA 87 59.77 -0.92 72.65
CA GLU XA 87 59.37 -0.87 74.05
C GLU XA 87 58.61 0.41 74.36
N GLN XA 88 59.04 1.54 73.79
CA GLN XA 88 58.34 2.80 74.01
C GLN XA 88 56.93 2.75 73.43
N LYS XA 89 56.79 2.19 72.22
CA LYS XA 89 55.47 2.06 71.62
C LYS XA 89 54.58 1.16 72.46
N ARG XA 90 55.12 0.04 72.94
CA ARG XA 90 54.33 -0.87 73.77
C ARG XA 90 53.91 -0.20 75.07
N ARG XA 91 54.81 0.55 75.69
CA ARG XA 91 54.48 1.23 76.93
C ARG XA 91 53.41 2.30 76.70
N GLU XA 92 53.51 3.04 75.61
CA GLU XA 92 52.49 4.04 75.29
C GLU XA 92 51.14 3.38 75.08
N ARG XA 93 51.11 2.28 74.32
CA ARG XA 93 49.85 1.58 74.09
C ARG XA 93 49.26 1.05 75.41
N GLU XA 94 50.12 0.51 76.28
CA GLU XA 94 49.64 -0.02 77.55
C GLU XA 94 49.09 1.10 78.43
N GLN XA 95 49.77 2.25 78.46
CA GLN XA 95 49.29 3.37 79.25
C GLN XA 95 47.96 3.88 78.71
N HIS XA 96 47.82 3.97 77.39
CA HIS XA 96 46.56 4.41 76.81
C HIS XA 96 45.44 3.43 77.16
N ILE XA 97 45.71 2.13 77.06
CA ILE XA 97 44.68 1.13 77.37
C ILE XA 97 44.30 1.21 78.85
N ALA XA 98 45.29 1.42 79.73
CA ALA XA 98 45.01 1.51 81.15
C ALA XA 98 44.16 2.74 81.45
N GLU XA 99 44.48 3.89 80.85
CA GLU XA 99 43.69 5.09 81.06
C GLU XA 99 42.27 4.89 80.55
N CYS XA 100 42.12 4.27 79.37
CA CYS XA 100 40.80 4.02 78.82
C CYS XA 100 39.99 3.12 79.74
N MET XA 101 40.61 2.06 80.26
CA MET XA 101 39.88 1.14 81.14
C MET XA 101 39.52 1.81 82.45
N ALA XA 102 40.40 2.68 82.96
CA ALA XA 102 40.10 3.39 84.20
C ALA XA 102 38.97 4.39 84.01
N LYS XA 103 38.86 4.99 82.82
CA LYS XA 103 37.78 5.93 82.55
C LYS XA 103 36.49 5.24 82.13
N MET XA 104 36.55 3.97 81.72
CA MET XA 104 35.37 3.27 81.23
C MET XA 104 34.21 3.29 82.21
N PRO XA 105 34.37 2.93 83.49
CA PRO XA 105 33.19 2.85 84.38
C PRO XA 105 32.28 4.06 84.32
N GLN XA 106 32.84 5.27 84.33
CA GLN XA 106 32.01 6.46 84.24
C GLN XA 106 31.26 6.51 82.91
N MET XA 107 31.92 6.12 81.82
CA MET XA 107 31.26 6.11 80.52
C MET XA 107 30.12 5.10 80.49
N ILE XA 108 30.32 3.93 81.10
CA ILE XA 108 29.26 2.93 81.15
C ILE XA 108 28.08 3.44 81.97
N VAL XA 109 28.36 4.08 83.11
CA VAL XA 109 27.28 4.62 83.93
C VAL XA 109 26.51 5.69 83.16
N ASN XA 110 27.23 6.57 82.45
CA ASN XA 110 26.57 7.61 81.69
C ASN XA 110 25.73 7.02 80.55
N TRP XA 111 26.25 5.97 79.90
CA TRP XA 111 25.49 5.33 78.83
C TRP XA 111 24.23 4.67 79.36
N GLN XA 112 24.32 4.01 80.53
CA GLN XA 112 23.14 3.41 81.12
C GLN XA 112 22.12 4.48 81.50
N GLN XA 113 22.58 5.59 82.06
CA GLN XA 113 21.66 6.68 82.42
C GLN XA 113 21.00 7.25 81.17
N GLN XA 114 21.75 7.41 80.08
CA GLN XA 114 21.19 7.93 78.85
C GLN XA 114 20.17 6.96 78.25
N GLN XA 115 20.46 5.66 78.33
CA GLN XA 115 19.50 4.66 77.84
C GLN XA 115 18.21 4.70 78.65
N ARG XA 116 18.34 4.82 79.98
CA ARG XA 116 17.15 4.92 80.82
C ARG XA 116 16.35 6.19 80.50
N GLU XA 117 17.05 7.30 80.27
CA GLU XA 117 16.36 8.54 79.92
C GLU XA 117 15.66 8.41 78.57
N ASN XA 118 16.29 7.74 77.60
CA ASN XA 118 15.65 7.54 76.31
C ASN XA 118 14.43 6.65 76.44
N TRP XA 119 14.51 5.61 77.27
CA TRP XA 119 13.35 4.76 77.51
C TRP XA 119 12.21 5.54 78.15
N GLU XA 120 12.54 6.41 79.12
CA GLU XA 120 11.52 7.22 79.75
C GLU XA 120 10.89 8.19 78.75
N LYS XA 121 11.71 8.78 77.88
CA LYS XA 121 11.17 9.68 76.86
C LYS XA 121 10.26 8.94 75.89
N ALA XA 122 10.65 7.74 75.49
CA ALA XA 122 9.80 6.94 74.60
C ALA XA 122 8.48 6.59 75.27
N GLN XA 123 8.53 6.24 76.57
CA GLN XA 123 7.30 5.94 77.30
C GLN XA 123 6.41 7.17 77.38
N ALA XA 124 6.99 8.34 77.66
CA ALA XA 124 6.20 9.57 77.74
C ALA XA 124 5.58 9.90 76.39
N ASP XA 125 6.33 9.69 75.30
CA ASP XA 125 5.79 9.94 73.97
C ASP XA 125 4.64 8.98 73.65
N LYS XA 126 4.80 7.70 74.02
CA LYS XA 126 3.73 6.73 73.80
C LYS XA 126 2.51 7.05 74.65
N GLU XA 127 2.70 7.69 75.80
CA GLU XA 127 1.58 8.03 76.67
C GLU XA 127 0.62 9.01 76.00
N ARG XA 128 1.04 9.68 74.94
CA ARG XA 128 0.19 10.63 74.23
C ARG XA 128 -1.10 9.96 73.75
N PHE YA 1 -48.01 -93.53 3.27
CA PHE YA 1 -48.01 -92.44 2.29
C PHE YA 1 -49.24 -92.52 1.41
N ARG YA 2 -50.14 -91.56 1.59
CA ARG YA 2 -51.37 -91.49 0.81
C ARG YA 2 -51.20 -90.52 -0.36
N GLU YA 3 -51.94 -90.78 -1.44
CA GLU YA 3 -51.90 -89.95 -2.63
C GLU YA 3 -53.31 -89.52 -3.01
N VAL YA 4 -53.40 -88.36 -3.66
CA VAL YA 4 -54.68 -87.79 -4.08
C VAL YA 4 -54.90 -88.17 -5.54
N VAL YA 5 -55.93 -88.97 -5.80
CA VAL YA 5 -56.26 -89.39 -7.15
C VAL YA 5 -57.20 -88.35 -7.77
N GLU YA 6 -57.07 -88.16 -9.08
CA GLU YA 6 -57.89 -87.19 -9.80
C GLU YA 6 -58.14 -87.71 -11.20
N THR YA 7 -59.32 -87.40 -11.72
CA THR YA 7 -59.71 -87.83 -13.05
C THR YA 7 -60.79 -86.91 -13.62
N THR YA 13 -65.42 -84.47 -13.24
CA THR YA 13 -64.10 -84.56 -12.64
C THR YA 13 -64.19 -85.08 -11.22
N ILE YA 14 -63.69 -86.30 -10.99
CA ILE YA 14 -63.71 -86.94 -9.68
C ILE YA 14 -62.30 -86.88 -9.10
N ILE YA 15 -62.22 -86.54 -7.81
CA ILE YA 15 -60.95 -86.44 -7.09
C ILE YA 15 -61.08 -87.31 -5.85
N GLU YA 16 -60.37 -88.44 -5.84
CA GLU YA 16 -60.41 -89.39 -4.73
C GLU YA 16 -59.02 -89.46 -4.10
N GLY YA 17 -58.87 -90.42 -3.18
CA GLY YA 17 -57.59 -90.62 -2.50
C GLY YA 17 -57.41 -92.05 -2.10
N ARG YA 18 -56.17 -92.46 -1.97
CA ARG YA 18 -55.83 -93.83 -1.59
C ARG YA 18 -54.68 -93.82 -0.59
N ILE YA 19 -54.59 -94.90 0.18
CA ILE YA 19 -53.56 -95.05 1.21
C ILE YA 19 -52.70 -96.24 0.84
N THR YA 20 -51.39 -96.03 0.79
CA THR YA 20 -50.45 -97.09 0.43
C THR YA 20 -49.15 -96.87 1.19
N ALA YA 21 -48.25 -97.83 1.06
CA ALA YA 21 -46.94 -97.76 1.70
C ALA YA 21 -47.08 -97.65 3.22
N THR YA 22 -46.95 -98.78 3.92
CA THR YA 22 -47.04 -98.78 5.38
C THR YA 22 -45.66 -98.54 5.99
N PRO YA 23 -45.56 -97.81 7.11
CA PRO YA 23 -44.26 -97.58 7.72
C PRO YA 23 -43.57 -98.87 8.16
N LYS YA 24 -44.14 -99.54 9.16
CA LYS YA 24 -43.58 -100.78 9.68
C LYS YA 24 -42.14 -100.57 10.13
N GLU YA 25 -41.95 -100.06 11.34
CA GLU YA 25 -40.62 -99.83 11.89
C GLU YA 25 -40.04 -101.14 12.41
N SER YA 26 -38.71 -101.16 12.53
CA SER YA 26 -37.98 -102.31 13.06
C SER YA 26 -38.60 -102.76 14.38
N PRO YA 27 -38.46 -104.03 14.77
CA PRO YA 27 -39.14 -104.51 15.98
C PRO YA 27 -38.53 -103.96 17.26
N ASN YA 28 -37.24 -104.21 17.47
CA ASN YA 28 -36.58 -103.84 18.71
C ASN YA 28 -35.54 -102.76 18.45
N PRO YA 29 -35.82 -101.49 18.78
CA PRO YA 29 -34.79 -100.45 18.64
C PRO YA 29 -33.61 -100.73 19.54
N PRO YA 30 -32.48 -100.05 19.32
CA PRO YA 30 -31.29 -100.32 20.14
C PRO YA 30 -31.29 -99.55 21.46
N ASN YA 31 -31.60 -98.26 21.40
CA ASN YA 31 -31.58 -97.38 22.56
C ASN YA 31 -32.97 -96.77 22.74
N PRO YA 32 -33.91 -97.52 23.34
CA PRO YA 32 -35.25 -96.95 23.57
C PRO YA 32 -35.25 -95.85 24.61
N SER YA 33 -36.42 -95.25 24.86
CA SER YA 33 -36.56 -94.18 25.83
C SER YA 33 -35.72 -92.97 25.43
N GLY YA 34 -36.10 -92.38 24.29
CA GLY YA 34 -35.40 -91.22 23.77
C GLY YA 34 -36.36 -90.18 23.21
N GLN YA 35 -35.83 -89.29 22.37
CA GLN YA 35 -36.65 -88.24 21.77
C GLN YA 35 -36.66 -88.37 20.25
N CYS YA 36 -35.56 -88.00 19.60
CA CYS YA 36 -35.47 -88.07 18.15
C CYS YA 36 -35.02 -89.45 17.70
N PRO YA 37 -35.31 -89.84 16.46
CA PRO YA 37 -34.87 -91.16 15.99
C PRO YA 37 -33.37 -91.34 16.06
N ILE YA 38 -32.59 -90.28 15.88
CA ILE YA 38 -31.14 -90.40 15.94
C ILE YA 38 -30.70 -90.80 17.35
N CYS YA 39 -31.26 -90.14 18.36
CA CYS YA 39 -30.93 -90.48 19.74
C CYS YA 39 -31.33 -91.92 20.06
N ARG YA 40 -32.39 -92.42 19.43
CA ARG YA 40 -32.82 -93.79 19.65
C ARG YA 40 -31.90 -94.79 18.95
N TRP YA 41 -31.36 -94.43 17.79
CA TRP YA 41 -30.49 -95.30 17.02
C TRP YA 41 -29.01 -95.04 17.25
N ASN YA 42 -28.67 -94.05 18.08
CA ASN YA 42 -27.28 -93.73 18.41
C ASN YA 42 -26.49 -93.39 17.14
N LEU YA 43 -26.78 -92.20 16.62
CA LEU YA 43 -26.10 -91.71 15.42
C LEU YA 43 -25.95 -90.19 15.45
N LYS YA 44 -25.92 -89.59 16.64
CA LYS YA 44 -25.82 -88.14 16.73
C LYS YA 44 -24.53 -87.62 16.11
N HIS YA 45 -23.46 -88.40 16.16
CA HIS YA 45 -22.17 -87.98 15.63
C HIS YA 45 -21.49 -89.10 14.84
N LYS YA 46 -22.28 -89.97 14.21
CA LYS YA 46 -21.75 -91.10 13.44
C LYS YA 46 -22.54 -91.22 12.14
N TYR YA 47 -22.51 -90.17 11.33
CA TYR YA 47 -23.18 -90.17 10.04
C TYR YA 47 -22.71 -88.97 9.24
N ASN YA 48 -22.68 -89.13 7.91
CA ASN YA 48 -22.22 -88.07 7.02
C ASN YA 48 -23.21 -87.93 5.86
N TYR YA 49 -22.73 -87.39 4.73
CA TYR YA 49 -23.57 -87.25 3.55
C TYR YA 49 -23.38 -88.38 2.54
N ASP YA 50 -22.38 -89.24 2.74
CA ASP YA 50 -22.15 -90.35 1.81
C ASP YA 50 -23.16 -91.47 2.03
N ASP YA 51 -23.55 -91.72 3.29
CA ASP YA 51 -24.51 -92.77 3.61
C ASP YA 51 -25.91 -92.26 3.23
N VAL YA 52 -26.20 -92.33 1.92
CA VAL YA 52 -27.48 -91.86 1.42
C VAL YA 52 -28.64 -92.73 1.86
N LEU YA 53 -28.36 -93.93 2.39
CA LEU YA 53 -29.43 -94.80 2.86
C LEU YA 53 -30.23 -94.14 3.98
N LEU YA 54 -29.54 -93.43 4.88
CA LEU YA 54 -30.23 -92.73 5.97
C LEU YA 54 -30.87 -91.43 5.50
N LEU YA 55 -30.33 -90.82 4.45
CA LEU YA 55 -30.87 -89.57 3.95
C LEU YA 55 -32.14 -89.78 3.12
N SER YA 56 -32.22 -90.89 2.38
CA SER YA 56 -33.39 -91.14 1.54
C SER YA 56 -34.67 -91.28 2.34
N GLN YA 57 -34.57 -91.58 3.64
CA GLN YA 57 -35.74 -91.75 4.49
C GLN YA 57 -36.28 -90.43 5.02
N PHE YA 58 -35.80 -89.29 4.52
CA PHE YA 58 -36.27 -87.98 4.97
C PHE YA 58 -36.35 -86.99 3.81
N ILE YA 59 -36.65 -87.48 2.61
CA ILE YA 59 -36.74 -86.64 1.42
C ILE YA 59 -38.05 -86.96 0.70
N ARG YA 60 -38.70 -85.92 0.19
CA ARG YA 60 -39.93 -86.11 -0.56
C ARG YA 60 -39.66 -86.91 -1.82
N PRO YA 61 -40.70 -87.54 -2.41
CA PRO YA 61 -40.47 -88.31 -3.64
C PRO YA 61 -39.96 -87.48 -4.79
N HIS YA 62 -40.09 -86.15 -4.74
CA HIS YA 62 -39.61 -85.27 -5.79
C HIS YA 62 -38.34 -84.52 -5.41
N GLY YA 63 -37.81 -84.73 -4.21
CA GLY YA 63 -36.61 -84.07 -3.75
C GLY YA 63 -36.82 -83.13 -2.58
N GLY YA 64 -38.06 -82.70 -2.34
CA GLY YA 64 -38.35 -81.81 -1.23
C GLY YA 64 -38.05 -82.42 0.12
N MET YA 65 -38.19 -81.63 1.17
CA MET YA 65 -37.93 -82.07 2.53
C MET YA 65 -39.24 -82.29 3.28
N LEU YA 66 -39.14 -82.98 4.41
CA LEU YA 66 -40.29 -83.28 5.26
C LEU YA 66 -40.27 -82.41 6.50
N PRO YA 67 -41.44 -82.14 7.10
CA PRO YA 67 -41.47 -81.31 8.30
C PRO YA 67 -40.88 -82.03 9.50
N ARG YA 68 -40.64 -81.27 10.57
CA ARG YA 68 -40.05 -81.82 11.78
C ARG YA 68 -41.10 -82.49 12.65
N LYS YA 69 -42.31 -81.92 12.72
CA LYS YA 69 -43.36 -82.49 13.55
C LYS YA 69 -43.72 -83.91 13.11
N ILE YA 70 -43.59 -84.20 11.81
CA ILE YA 70 -43.93 -85.52 11.31
C ILE YA 70 -42.78 -86.49 11.53
N THR YA 71 -41.54 -86.01 11.49
CA THR YA 71 -40.37 -86.87 11.68
C THR YA 71 -39.99 -87.01 13.15
N GLY YA 72 -40.12 -85.94 13.92
CA GLY YA 72 -39.78 -85.97 15.33
C GLY YA 72 -38.34 -85.66 15.65
N LEU YA 73 -37.54 -85.25 14.68
CA LEU YA 73 -36.14 -84.93 14.92
C LEU YA 73 -36.03 -83.61 15.67
N CYS YA 74 -34.86 -83.40 16.27
CA CYS YA 74 -34.59 -82.17 17.00
C CYS YA 74 -34.26 -81.03 16.03
N GLN YA 75 -34.27 -79.81 16.57
CA GLN YA 75 -33.98 -78.64 15.73
C GLN YA 75 -32.57 -78.73 15.14
N GLU YA 76 -31.56 -78.95 15.98
CA GLU YA 76 -30.20 -79.09 15.49
C GLU YA 76 -30.08 -80.30 14.56
N GLU YA 77 -30.65 -81.43 14.96
CA GLU YA 77 -30.61 -82.61 14.11
C GLU YA 77 -31.37 -82.38 12.82
N HIS YA 78 -32.49 -81.67 12.87
CA HIS YA 78 -33.25 -81.38 11.66
C HIS YA 78 -32.43 -80.51 10.71
N ARG YA 79 -31.76 -79.48 11.23
CA ARG YA 79 -30.93 -78.63 10.38
C ARG YA 79 -29.76 -79.42 9.81
N LYS YA 80 -29.16 -80.30 10.60
CA LYS YA 80 -28.07 -81.13 10.10
C LYS YA 80 -28.54 -82.03 8.97
N ILE YA 81 -29.70 -82.67 9.14
CA ILE YA 81 -30.22 -83.53 8.09
C ILE YA 81 -30.56 -82.73 6.85
N GLU YA 82 -31.07 -81.50 7.03
CA GLU YA 82 -31.38 -80.65 5.89
C GLU YA 82 -30.10 -80.30 5.12
N GLU YA 83 -29.03 -79.93 5.84
CA GLU YA 83 -27.77 -79.62 5.18
C GLU YA 83 -27.21 -80.84 4.48
N CYS YA 84 -27.32 -82.02 5.10
CA CYS YA 84 -26.82 -83.24 4.47
C CYS YA 84 -27.60 -83.56 3.20
N VAL YA 85 -28.92 -83.37 3.23
CA VAL YA 85 -29.73 -83.62 2.04
C VAL YA 85 -29.38 -82.62 0.94
N LYS YA 86 -29.14 -81.36 1.31
CA LYS YA 86 -28.73 -80.36 0.33
C LYS YA 86 -27.41 -80.76 -0.32
N MET YA 87 -26.44 -81.19 0.50
CA MET YA 87 -25.14 -81.59 -0.04
C MET YA 87 -25.30 -82.81 -0.95
N ALA YA 88 -26.12 -83.78 -0.56
CA ALA YA 88 -26.33 -84.95 -1.39
C ALA YA 88 -26.97 -84.59 -2.72
N HIS YA 89 -27.98 -83.71 -2.69
CA HIS YA 89 -28.62 -83.28 -3.93
C HIS YA 89 -27.64 -82.54 -4.82
N ARG YA 90 -26.77 -81.71 -4.23
CA ARG YA 90 -25.78 -81.00 -5.01
C ARG YA 90 -24.74 -81.96 -5.61
N ALA YA 91 -24.43 -83.04 -4.90
CA ALA YA 91 -23.45 -84.01 -5.39
C ALA YA 91 -24.04 -84.98 -6.40
N GLY YA 92 -25.31 -84.86 -6.74
CA GLY YA 92 -25.93 -85.74 -7.72
C GLY YA 92 -26.13 -87.16 -7.24
N LEU YA 93 -26.23 -87.37 -5.93
CA LEU YA 93 -26.44 -88.70 -5.37
C LEU YA 93 -27.92 -89.07 -5.26
N LEU YA 94 -28.81 -88.27 -5.84
CA LEU YA 94 -30.24 -88.52 -5.80
C LEU YA 94 -30.83 -88.25 -7.18
N PRO YA 95 -30.47 -89.06 -8.17
CA PRO YA 95 -31.01 -88.84 -9.53
C PRO YA 95 -32.48 -89.14 -9.67
N ASN YA 96 -33.05 -89.94 -8.75
CA ASN YA 96 -34.46 -90.30 -8.80
C ASN YA 96 -35.32 -89.40 -7.90
N HIS YA 97 -34.91 -88.16 -7.71
CA HIS YA 97 -35.63 -87.21 -6.87
C HIS YA 97 -35.50 -85.81 -7.48
N ARG YA 98 -35.88 -85.68 -8.74
CA ARG YA 98 -35.81 -84.42 -9.46
C ARG YA 98 -37.15 -83.70 -9.39
N PRO YA 99 -37.16 -82.39 -9.69
CA PRO YA 99 -38.44 -81.66 -9.63
C PRO YA 99 -39.49 -82.23 -10.58
N ARG YA 100 -39.15 -82.36 -11.86
CA ARG YA 100 -40.10 -82.88 -12.84
C ARG YA 100 -40.29 -84.39 -12.66
N GLN YA 112 -23.01 -81.74 -15.97
CA GLN YA 112 -21.90 -81.12 -16.66
C GLN YA 112 -20.66 -81.07 -15.78
N LEU YA 113 -20.83 -80.61 -14.55
CA LEU YA 113 -19.75 -80.50 -13.58
C LEU YA 113 -20.00 -81.46 -12.42
N ASN YA 114 -18.97 -81.62 -11.58
CA ASN YA 114 -19.02 -82.49 -10.42
C ASN YA 114 -18.75 -81.67 -9.17
N ARG YA 115 -19.60 -81.84 -8.16
CA ARG YA 115 -19.48 -81.11 -6.91
C ARG YA 115 -19.76 -82.05 -5.75
N TYR YA 116 -19.31 -81.63 -4.57
CA TYR YA 116 -19.52 -82.41 -3.35
C TYR YA 116 -19.01 -81.60 -2.16
N LEU YA 117 -19.61 -81.83 -1.00
CA LEU YA 117 -19.25 -81.13 0.23
C LEU YA 117 -19.32 -79.62 0.03
N THR YA 118 -20.45 -79.17 -0.52
CA THR YA 118 -20.67 -77.76 -0.82
C THR YA 118 -21.61 -77.13 0.20
N ARG YA 119 -21.57 -75.80 0.26
CA ARG YA 119 -22.45 -75.02 1.13
C ARG YA 119 -23.24 -73.95 0.39
N TRP YA 120 -22.69 -73.39 -0.67
CA TRP YA 120 -23.37 -72.37 -1.47
C TRP YA 120 -23.83 -72.98 -2.78
N ALA YA 121 -24.61 -72.20 -3.53
CA ALA YA 121 -25.14 -72.63 -4.81
C ALA YA 121 -24.19 -72.27 -5.93
N PRO YA 122 -24.24 -72.99 -7.05
CA PRO YA 122 -23.34 -72.64 -8.17
C PRO YA 122 -23.64 -71.30 -8.80
N GLY YA 123 -24.90 -70.85 -8.76
CA GLY YA 123 -25.27 -69.57 -9.32
C GLY YA 123 -25.48 -68.51 -8.25
N SER YA 124 -24.49 -68.34 -7.38
CA SER YA 124 -24.59 -67.36 -6.30
C SER YA 124 -23.21 -66.89 -5.86
N VAL YA 125 -22.25 -67.80 -5.80
CA VAL YA 125 -20.90 -67.45 -5.36
C VAL YA 125 -20.20 -66.68 -6.48
N LYS YA 126 -19.70 -65.48 -6.15
CA LYS YA 126 -18.98 -64.68 -7.13
C LYS YA 126 -17.50 -65.06 -7.15
N PRO YA 127 -16.83 -64.88 -8.29
CA PRO YA 127 -15.41 -65.24 -8.36
C PRO YA 127 -14.57 -64.31 -7.49
N ILE YA 128 -13.70 -64.90 -6.68
CA ILE YA 128 -12.83 -64.13 -5.79
C ILE YA 128 -11.67 -63.58 -6.59
N TYR YA 129 -11.87 -62.37 -7.16
CA TYR YA 129 -10.81 -61.74 -7.94
C TYR YA 129 -9.71 -61.17 -7.07
N LYS YA 130 -10.00 -60.87 -5.80
CA LYS YA 130 -9.03 -60.31 -4.88
C LYS YA 130 -9.07 -61.09 -3.58
N LYS YA 131 -7.93 -61.70 -3.22
CA LYS YA 131 -7.79 -62.45 -1.98
C LYS YA 131 -6.75 -61.76 -1.12
N GLY YA 132 -7.15 -61.37 0.09
CA GLY YA 132 -6.26 -60.66 0.99
C GLY YA 132 -5.02 -61.44 1.34
N PRO YA 133 -4.08 -60.81 2.03
CA PRO YA 133 -2.84 -61.49 2.40
C PRO YA 133 -3.06 -62.60 3.41
N ARG YA 134 -1.98 -63.23 3.86
CA ARG YA 134 -2.09 -64.33 4.81
C ARG YA 134 -2.84 -63.91 6.06
N TRP YA 135 -2.60 -62.68 6.54
CA TRP YA 135 -3.27 -62.17 7.73
C TRP YA 135 -4.67 -61.65 7.45
N ASN YA 136 -5.19 -61.85 6.24
CA ASN YA 136 -6.55 -61.41 5.90
C ASN YA 136 -7.02 -62.09 4.62
N ARG YA 137 -6.62 -63.33 4.40
CA ARG YA 137 -7.00 -64.06 3.20
C ARG YA 137 -8.46 -64.51 3.31
N VAL YA 138 -9.24 -64.24 2.26
CA VAL YA 138 -10.63 -64.65 2.22
C VAL YA 138 -10.69 -66.13 1.86
N ARG YA 139 -10.58 -67.00 2.86
CA ARG YA 139 -10.59 -68.43 2.63
C ARG YA 139 -11.92 -68.86 2.01
N MET YA 140 -11.89 -70.00 1.33
CA MET YA 140 -13.07 -70.52 0.66
C MET YA 140 -13.86 -71.42 1.62
N PRO YA 141 -15.19 -71.41 1.55
CA PRO YA 141 -15.98 -72.26 2.45
C PRO YA 141 -16.07 -73.69 1.95
N VAL YA 142 -15.92 -74.63 2.87
CA VAL YA 142 -15.99 -76.05 2.57
C VAL YA 142 -16.77 -76.74 3.68
N GLY YA 143 -17.57 -77.73 3.30
CA GLY YA 143 -18.38 -78.45 4.28
C GLY YA 143 -19.49 -77.57 4.82
N SER YA 144 -19.74 -77.69 6.11
CA SER YA 144 -20.76 -76.90 6.79
C SER YA 144 -20.36 -76.73 8.25
N PRO YA 145 -20.80 -75.65 8.90
CA PRO YA 145 -20.43 -75.45 10.31
C PRO YA 145 -21.29 -76.23 11.29
N LEU YA 146 -22.42 -76.78 10.86
CA LEU YA 146 -23.31 -77.54 11.73
C LEU YA 146 -22.90 -79.00 11.86
N LEU YA 147 -21.72 -79.38 11.37
CA LEU YA 147 -21.23 -80.75 11.44
C LEU YA 147 -19.84 -80.79 12.07
N ARG YA 148 -19.65 -80.02 13.14
CA ARG YA 148 -18.37 -79.97 13.83
C ARG YA 148 -18.25 -81.01 14.94
N ASP YA 149 -19.38 -81.43 15.50
CA ASP YA 149 -19.37 -82.41 16.59
C ASP YA 149 -19.21 -83.85 16.09
N ASN YA 150 -19.10 -84.06 14.78
CA ASN YA 150 -18.94 -85.39 14.26
C ASN YA 150 -17.61 -86.00 14.72
N VAL YA 151 -17.59 -87.32 14.84
CA VAL YA 151 -16.37 -88.01 15.25
C VAL YA 151 -15.27 -87.75 14.23
N CYS YA 152 -14.11 -87.32 14.71
CA CYS YA 152 -13.01 -86.97 13.82
C CYS YA 152 -12.29 -88.21 13.29
N TYR YA 153 -12.22 -89.27 14.10
CA TYR YA 153 -11.48 -90.48 13.72
C TYR YA 153 -10.03 -90.17 13.37
N SER YA 154 -9.50 -89.09 13.94
CA SER YA 154 -8.12 -88.67 13.67
C SER YA 154 -7.69 -87.63 14.70
N ARG YA 155 -6.70 -86.81 14.35
CA ARG YA 155 -6.19 -85.78 15.24
C ARG YA 155 -6.33 -84.37 14.68
N THR YA 156 -6.30 -84.20 13.37
CA THR YA 156 -6.48 -82.88 12.78
C THR YA 156 -7.97 -82.55 12.72
N PRO YA 157 -8.39 -81.36 13.16
CA PRO YA 157 -9.82 -81.03 13.14
C PRO YA 157 -10.33 -80.85 11.72
N TRP YA 158 -11.66 -80.82 11.62
CA TRP YA 158 -12.32 -80.67 10.33
C TRP YA 158 -11.99 -79.29 9.76
N LYS YA 159 -11.25 -79.27 8.65
CA LYS YA 159 -10.87 -78.01 8.00
C LYS YA 159 -12.02 -77.57 7.11
N LEU YA 160 -12.92 -76.76 7.67
CA LEU YA 160 -14.07 -76.26 6.96
C LEU YA 160 -13.79 -74.98 6.18
N TYR YA 161 -12.52 -74.57 6.11
CA TYR YA 161 -12.16 -73.34 5.39
C TYR YA 161 -10.77 -73.52 4.83
N HIS YA 162 -10.64 -73.42 3.51
CA HIS YA 162 -9.35 -73.57 2.85
C HIS YA 162 -8.81 -72.22 2.41
N VAL ZA 1 25.81 -24.17 -93.76
CA VAL ZA 1 24.66 -24.32 -92.87
C VAL ZA 1 25.13 -24.69 -91.47
N ALA ZA 2 26.27 -25.39 -91.39
CA ALA ZA 2 26.81 -25.78 -90.10
C ALA ZA 2 27.17 -24.54 -89.27
N ARG ZA 3 27.05 -24.69 -87.95
CA ARG ZA 3 27.33 -23.60 -87.01
C ARG ZA 3 28.07 -24.20 -85.81
N TYR ZA 4 29.39 -24.34 -85.94
CA TYR ZA 4 30.21 -24.86 -84.86
C TYR ZA 4 30.70 -23.72 -83.97
N PRO ZA 5 30.99 -24.00 -82.70
CA PRO ZA 5 31.46 -22.95 -81.80
C PRO ZA 5 32.92 -22.60 -82.07
N PRO ZA 6 33.39 -21.45 -81.58
CA PRO ZA 6 34.79 -21.08 -81.81
C PRO ZA 6 35.74 -21.92 -80.99
N ILE ZA 7 36.86 -22.31 -81.60
CA ILE ZA 7 37.86 -23.11 -80.93
C ILE ZA 7 38.64 -22.23 -79.97
N VAL ZA 8 38.17 -22.13 -78.73
CA VAL ZA 8 38.83 -21.33 -77.71
C VAL ZA 8 38.65 -22.02 -76.37
N ALA ZA 9 39.63 -21.83 -75.49
CA ALA ZA 9 39.58 -22.43 -74.17
C ALA ZA 9 38.51 -21.77 -73.31
N SER ZA 10 38.22 -22.40 -72.16
CA SER ZA 10 37.23 -21.86 -71.25
C SER ZA 10 37.77 -20.62 -70.54
N MET ZA 11 36.86 -19.90 -69.89
CA MET ZA 11 37.20 -18.67 -69.17
C MET ZA 11 37.28 -18.87 -67.67
N THR ZA 12 36.35 -19.62 -67.08
CA THR ZA 12 36.32 -19.85 -65.64
C THR ZA 12 37.12 -21.08 -65.23
N ALA ZA 13 38.07 -21.52 -66.05
CA ALA ZA 13 38.88 -22.69 -65.75
C ALA ZA 13 40.18 -22.27 -65.07
N ASP ZA 14 40.80 -23.24 -64.39
CA ASP ZA 14 42.05 -23.02 -63.68
C ASP ZA 14 43.18 -23.72 -64.45
N SER ZA 15 43.56 -23.11 -65.57
CA SER ZA 15 44.59 -23.65 -66.43
C SER ZA 15 45.34 -22.50 -67.10
N LYS ZA 16 46.45 -22.85 -67.76
CA LYS ZA 16 47.23 -21.83 -68.46
C LYS ZA 16 46.46 -21.24 -69.63
N ALA ZA 17 45.68 -22.06 -70.34
CA ALA ZA 17 44.86 -21.55 -71.42
C ALA ZA 17 43.83 -20.55 -70.89
N ALA ZA 18 43.29 -20.81 -69.69
CA ALA ZA 18 42.35 -19.87 -69.10
C ALA ZA 18 43.03 -18.54 -68.80
N ARG ZA 19 44.26 -18.58 -68.30
CA ARG ZA 19 44.99 -17.34 -68.04
C ARG ZA 19 45.29 -16.60 -69.34
N LEU ZA 20 45.63 -17.33 -70.40
CA LEU ZA 20 45.87 -16.70 -71.69
C LEU ZA 20 44.60 -16.03 -72.21
N ARG ZA 21 43.46 -16.71 -72.09
CA ARG ZA 21 42.20 -16.10 -72.51
C ARG ZA 21 41.86 -14.89 -71.67
N ARG ZA 22 42.16 -14.94 -70.37
CA ARG ZA 22 41.94 -13.78 -69.51
C ARG ZA 22 42.78 -12.60 -69.97
N ILE ZA 23 44.05 -12.85 -70.27
CA ILE ZA 23 44.93 -11.78 -70.74
C ILE ZA 23 44.43 -11.23 -72.07
N GLU ZA 24 43.94 -12.12 -72.95
CA GLU ZA 24 43.45 -11.68 -74.26
C GLU ZA 24 42.22 -10.78 -74.10
N ARG ZA 25 41.27 -11.19 -73.26
CA ARG ZA 25 40.09 -10.37 -73.06
C ARG ZA 25 40.43 -9.07 -72.35
N TRP ZA 26 41.41 -9.08 -71.46
CA TRP ZA 26 41.86 -7.83 -70.84
C TRP ZA 26 42.44 -6.89 -71.88
N GLN ZA 27 43.28 -7.41 -72.77
CA GLN ZA 27 43.83 -6.57 -73.84
C GLN ZA 27 42.72 -6.04 -74.74
N ALA ZA 28 41.71 -6.87 -75.02
CA ALA ZA 28 40.59 -6.42 -75.85
C ALA ZA 28 39.84 -5.28 -75.17
N THR ZA 29 39.55 -5.44 -73.88
CA THR ZA 29 38.87 -4.37 -73.15
C THR ZA 29 39.70 -3.10 -73.11
N VAL ZA 30 41.02 -3.24 -72.96
CA VAL ZA 30 41.90 -2.07 -72.99
C VAL ZA 30 41.81 -1.38 -74.34
N HIS ZA 31 41.86 -2.16 -75.43
CA HIS ZA 31 41.72 -1.58 -76.75
C HIS ZA 31 40.37 -0.90 -76.93
N ALA ZA 32 39.32 -1.41 -76.28
CA ALA ZA 32 38.00 -0.81 -76.38
C ALA ZA 32 37.97 0.61 -75.82
N ALA ZA 33 38.95 0.98 -75.00
CA ALA ZA 33 38.98 2.32 -74.45
C ALA ZA 33 39.11 3.37 -75.56
N GLU ZA 34 38.72 4.59 -75.24
CA GLU ZA 34 38.74 5.68 -76.19
C GLU ZA 34 39.95 6.59 -75.95
N SER ZA 35 39.85 7.47 -74.95
CA SER ZA 35 40.94 8.39 -74.67
C SER ZA 35 42.15 7.65 -74.13
N VAL ZA 36 43.31 8.27 -74.29
CA VAL ZA 36 44.56 7.68 -73.81
C VAL ZA 36 44.63 7.69 -72.29
N ASP ZA 37 43.91 8.61 -71.64
CA ASP ZA 37 43.92 8.66 -70.18
C ASP ZA 37 43.39 7.37 -69.58
N GLU ZA 38 42.26 6.88 -70.09
CA GLU ZA 38 41.69 5.64 -69.59
C GLU ZA 38 42.62 4.46 -69.85
N LYS ZA 39 43.26 4.43 -71.02
CA LYS ZA 39 44.19 3.36 -71.33
C LYS ZA 39 45.36 3.37 -70.35
N LEU ZA 40 45.93 4.54 -70.09
CA LEU ZA 40 47.04 4.63 -69.14
C LEU ZA 40 46.60 4.23 -67.74
N ARG ZA 41 45.41 4.66 -67.33
CA ARG ZA 41 44.92 4.31 -66.00
C ARG ZA 41 44.70 2.82 -65.86
N ILE ZA 42 44.22 2.16 -66.92
CA ILE ZA 42 43.98 0.72 -66.86
C ILE ZA 42 45.29 -0.05 -66.94
N LEU ZA 43 46.30 0.49 -67.63
CA LEU ZA 43 47.58 -0.20 -67.75
C LEU ZA 43 48.49 0.03 -66.56
N THR ZA 44 48.25 1.10 -65.78
CA THR ZA 44 49.10 1.41 -64.63
C THR ZA 44 48.27 1.45 -63.36
N LYS ZA 45 47.55 0.37 -63.06
CA LYS ZA 45 46.76 0.27 -61.83
C LYS ZA 45 47.09 -0.96 -60.99
N MET ZA 46 47.62 -2.03 -61.58
CA MET ZA 46 47.95 -3.24 -60.83
C MET ZA 46 49.33 -3.04 -60.21
N GLN ZA 47 49.34 -2.71 -58.91
CA GLN ZA 47 50.60 -2.49 -58.20
C GLN ZA 47 51.19 -3.83 -57.79
N PHE ZA 48 52.37 -4.15 -58.34
CA PHE ZA 48 53.06 -5.39 -58.04
C PHE ZA 48 54.55 -5.11 -57.92
N MET ZA 49 55.28 -6.10 -57.40
CA MET ZA 49 56.72 -5.96 -57.24
C MET ZA 49 57.37 -5.81 -58.61
N LYS ZA 50 58.27 -4.82 -58.73
CA LYS ZA 50 58.94 -4.53 -59.98
C LYS ZA 50 60.36 -4.07 -59.70
N TYR ZA 51 61.23 -4.21 -60.69
CA TYR ZA 51 62.61 -3.78 -60.57
C TYR ZA 51 62.71 -2.27 -60.73
N MET ZA 52 63.38 -1.61 -59.80
CA MET ZA 52 63.55 -0.16 -59.83
C MET ZA 52 64.84 0.16 -60.57
N VAL ZA 53 64.71 0.43 -61.87
CA VAL ZA 53 65.87 0.77 -62.68
C VAL ZA 53 66.33 2.18 -62.35
N TYR ZA 54 67.64 2.38 -62.37
CA TYR ZA 54 68.24 3.68 -62.04
C TYR ZA 54 69.07 4.17 -63.22
N PRO ZA 55 68.68 5.25 -63.89
CA PRO ZA 55 69.52 5.75 -65.00
C PRO ZA 55 70.93 6.09 -64.56
N GLN ZA 56 71.09 6.89 -63.52
CA GLN ZA 56 72.41 7.25 -63.00
C GLN ZA 56 72.93 6.17 -62.06
N THR ZA 57 73.14 4.99 -62.63
CA THR ZA 57 73.60 3.83 -61.87
C THR ZA 57 75.12 3.82 -61.79
N PHE ZA 58 75.64 3.05 -60.83
CA PHE ZA 58 77.06 2.88 -60.63
C PHE ZA 58 77.50 1.43 -60.75
N ALA ZA 59 76.67 0.59 -61.34
CA ALA ZA 59 76.99 -0.83 -61.49
C ALA ZA 59 78.10 -1.00 -62.52
N LEU ZA 60 78.49 -2.26 -62.73
CA LEU ZA 60 79.56 -2.60 -63.66
C LEU ZA 60 78.96 -3.17 -64.94
N ASN ZA 61 79.35 -2.58 -66.08
CA ASN ZA 61 78.87 -3.04 -67.39
C ASN ZA 61 77.35 -3.00 -67.45
N ALA ZA 62 76.75 -1.99 -66.83
CA ALA ZA 62 75.30 -1.86 -66.83
C ALA ZA 62 74.75 -1.59 -68.23
N ASP ZA 63 75.59 -1.20 -69.18
CA ASP ZA 63 75.11 -0.92 -70.53
C ASP ZA 63 74.51 -2.17 -71.16
N ARG ZA 64 75.19 -3.31 -71.02
CA ARG ZA 64 74.68 -4.55 -71.62
C ARG ZA 64 73.36 -4.96 -70.98
N TRP ZA 65 73.26 -4.86 -69.66
CA TRP ZA 65 72.02 -5.21 -68.97
C TRP ZA 65 70.88 -4.30 -69.40
N TYR ZA 66 71.16 -3.00 -69.53
CA TYR ZA 66 70.13 -2.07 -69.97
C TYR ZA 66 69.70 -2.35 -71.40
N GLN ZA 67 70.65 -2.66 -72.28
CA GLN ZA 67 70.30 -3.00 -73.65
C GLN ZA 67 69.46 -4.27 -73.71
N TYR ZA 68 69.77 -5.25 -72.86
CA TYR ZA 68 69.00 -6.48 -72.84
C TYR ZA 68 67.58 -6.22 -72.33
N PHE ZA 69 67.46 -5.46 -71.25
CA PHE ZA 69 66.13 -5.14 -70.72
C PHE ZA 69 65.33 -4.26 -71.67
N THR ZA 70 66.00 -3.50 -72.54
CA THR ZA 70 65.32 -2.60 -73.48
C THR ZA 70 65.33 -3.11 -74.91
N LYS ZA 71 66.24 -4.00 -75.27
CA LYS ZA 71 66.35 -4.52 -76.64
C LYS ZA 71 66.70 -3.40 -77.61
N THR ZA 72 67.82 -2.74 -77.32
CA THR ZA 72 68.31 -1.62 -78.12
C THR ZA 72 69.58 -2.04 -78.86
N VAL ZA 73 70.15 -1.08 -79.58
CA VAL ZA 73 71.38 -1.29 -80.35
C VAL ZA 73 72.23 -0.04 -80.22
N PHE ZA 74 73.47 -0.20 -79.77
CA PHE ZA 74 74.39 0.92 -79.61
C PHE ZA 74 75.26 1.06 -80.85
N LEU ZA 75 75.49 2.32 -81.25
CA LEU ZA 75 76.30 2.62 -82.42
C LEU ZA 75 77.13 3.86 -82.15
N SER ZA 76 78.34 3.88 -82.70
CA SER ZA 76 79.25 4.99 -82.52
C SER ZA 76 78.95 6.10 -83.53
N GLY ZA 77 79.45 7.29 -83.25
CA GLY ZA 77 79.23 8.43 -84.13
C GLY ZA 77 77.84 9.02 -83.97
N LEU ZA 78 77.33 9.56 -85.07
CA LEU ZA 78 76.01 10.18 -85.11
C LEU ZA 78 75.38 9.90 -86.46
N PRO ZA 79 74.05 10.03 -86.57
CA PRO ZA 79 73.37 9.79 -87.85
C PRO ZA 79 73.93 10.66 -88.98
N ALA ZA 100 82.09 32.59 -83.18
CA ALA ZA 100 80.89 33.40 -83.06
C ALA ZA 100 80.70 33.88 -81.62
N ALA ZA 101 79.61 34.61 -81.39
CA ALA ZA 101 79.33 35.12 -80.05
C ALA ZA 101 78.96 34.02 -79.07
N LEU ZA 102 78.61 32.82 -79.57
CA LEU ZA 102 78.24 31.73 -78.68
C LEU ZA 102 79.41 31.32 -77.80
N ARG ZA 103 80.63 31.32 -78.36
CA ARG ZA 103 81.81 30.96 -77.58
C ARG ZA 103 82.01 31.95 -76.43
N ALA ZA 104 81.89 33.24 -76.73
CA ALA ZA 104 82.05 34.25 -75.68
C ALA ZA 104 80.95 34.14 -74.64
N VAL ZA 105 79.71 33.87 -75.08
CA VAL ZA 105 78.61 33.72 -74.14
C VAL ZA 105 78.85 32.54 -73.21
N ALA ZA 106 79.34 31.43 -73.76
CA ALA ZA 106 79.62 30.26 -72.93
C ALA ZA 106 80.77 30.54 -71.97
N CYS ZA 107 81.83 31.20 -72.44
CA CYS ZA 107 82.95 31.51 -71.56
C CYS ZA 107 82.50 32.42 -70.43
N ASP ZA 108 81.64 33.40 -70.73
CA ASP ZA 108 81.12 34.26 -69.68
C ASP ZA 108 80.25 33.50 -68.70
N CYS ZA 109 79.34 32.65 -69.21
CA CYS ZA 109 78.50 31.87 -68.31
C CYS ZA 109 79.33 31.00 -67.39
N LEU ZA 110 80.43 30.45 -67.90
CA LEU ZA 110 81.36 29.70 -67.07
C LEU ZA 110 81.96 30.61 -66.01
N LEU ZA 111 82.76 31.59 -66.46
CA LEU ZA 111 83.47 32.46 -65.53
C LEU ZA 111 82.55 33.00 -64.44
N GLN ZA 112 81.30 33.30 -64.78
CA GLN ZA 112 80.33 33.78 -63.80
C GLN ZA 112 80.36 32.91 -62.55
N GLU ZA 113 79.72 31.74 -62.62
CA GLU ZA 113 79.63 30.85 -61.47
C GLU ZA 113 80.98 30.28 -61.06
N HIS ZA 114 82.01 30.36 -61.89
CA HIS ZA 114 83.29 29.77 -61.54
C HIS ZA 114 84.22 30.72 -60.79
N PHE ZA 115 83.95 32.02 -60.79
CA PHE ZA 115 84.82 32.95 -60.08
C PHE ZA 115 84.13 34.27 -59.76
N TYR ZA 116 83.34 34.80 -60.70
CA TYR ZA 116 82.80 36.14 -60.54
C TYR ZA 116 81.75 36.20 -59.44
N LEU ZA 117 80.63 35.50 -59.62
CA LEU ZA 117 79.57 35.50 -58.62
C LEU ZA 117 80.10 35.03 -57.28
N ARG ZA 118 80.28 35.96 -56.35
CA ARG ZA 118 80.83 35.61 -55.04
C ARG ZA 118 79.87 34.68 -54.29
N ARG ZA 119 80.46 33.82 -53.47
CA ARG ZA 119 79.72 32.85 -52.68
C ARG ZA 119 79.75 33.28 -51.22
N ARG ZA 120 78.57 33.51 -50.63
CA ARG ZA 120 78.50 33.88 -49.23
C ARG ZA 120 79.10 32.79 -48.34
N ARG ZA 121 78.74 31.53 -48.62
CA ARG ZA 121 79.28 30.39 -47.90
C ARG ZA 121 80.43 29.77 -48.68
N ARG ZA 122 81.40 29.24 -47.95
CA ARG ZA 122 82.56 28.62 -48.59
C ARG ZA 122 82.13 27.44 -49.45
N VAL ZA 123 82.96 27.14 -50.45
CA VAL ZA 123 82.68 26.06 -51.39
C VAL ZA 123 83.35 24.79 -50.90
N HIS ZA 124 82.70 23.66 -51.16
CA HIS ZA 124 83.22 22.36 -50.78
C HIS ZA 124 83.04 21.40 -51.95
N ARG ZA 125 83.82 20.31 -51.93
CA ARG ZA 125 83.73 19.33 -53.00
C ARG ZA 125 82.32 18.78 -53.12
N TYR ZA 126 81.74 18.33 -52.00
CA TYR ZA 126 80.35 17.86 -52.03
C TYR ZA 126 79.40 19.00 -52.35
N GLU ZA 127 79.71 20.22 -51.93
CA GLU ZA 127 78.89 21.38 -52.22
C GLU ZA 127 79.29 22.07 -53.53
N GLU ZA 128 80.41 21.68 -54.13
CA GLU ZA 128 80.85 22.31 -55.37
C GLU ZA 128 79.83 22.09 -56.48
N SER ZA 129 79.58 20.83 -56.83
CA SER ZA 129 78.68 20.52 -57.94
C SER ZA 129 77.30 21.12 -57.71
N GLU ZA 130 76.70 20.88 -56.54
CA GLU ZA 130 75.33 21.27 -56.28
C GLU ZA 130 75.07 22.72 -56.66
N VAL ZA 131 76.05 23.60 -56.44
CA VAL ZA 131 75.86 25.03 -56.64
C VAL ZA 131 76.59 25.56 -57.87
N ILE ZA 132 77.44 24.75 -58.50
CA ILE ZA 132 78.22 25.22 -59.64
C ILE ZA 132 77.81 24.59 -60.96
N SER ZA 133 77.08 23.47 -60.94
CA SER ZA 133 76.71 22.77 -62.16
C SER ZA 133 75.29 23.09 -62.62
N LEU ZA 134 74.31 22.98 -61.72
CA LEU ZA 134 72.93 23.24 -62.11
C LEU ZA 134 72.72 24.68 -62.57
N PRO ZA 135 73.16 25.71 -61.84
CA PRO ZA 135 72.96 27.07 -62.34
C PRO ZA 135 73.71 27.34 -63.63
N PHE ZA 136 74.93 26.81 -63.76
CA PHE ZA 136 75.71 27.01 -64.98
C PHE ZA 136 74.98 26.42 -66.19
N LEU ZA 137 74.52 25.17 -66.06
CA LEU ZA 137 73.81 24.54 -67.16
C LEU ZA 137 72.50 25.25 -67.46
N ASP ZA 138 71.80 25.72 -66.41
CA ASP ZA 138 70.56 26.44 -66.63
C ASP ZA 138 70.80 27.72 -67.42
N GLN ZA 139 71.83 28.49 -67.04
CA GLN ZA 139 72.15 29.72 -67.75
C GLN ZA 139 72.58 29.43 -69.18
N LEU ZA 140 73.36 28.36 -69.37
CA LEU ZA 140 73.77 27.99 -70.73
C LEU ZA 140 72.57 27.67 -71.60
N VAL ZA 141 71.65 26.86 -71.08
CA VAL ZA 141 70.46 26.48 -71.85
C VAL ZA 141 69.61 27.71 -72.14
N SER ZA 142 69.47 28.61 -71.17
CA SER ZA 142 68.69 29.82 -71.38
C SER ZA 142 69.30 30.68 -72.48
N THR ZA 143 70.61 30.91 -72.40
CA THR ZA 143 71.28 31.72 -73.42
C THR ZA 143 71.17 31.07 -74.79
N LEU ZA 144 71.29 29.75 -74.86
CA LEU ZA 144 71.19 29.06 -76.14
C LEU ZA 144 69.79 29.21 -76.72
N VAL ZA 145 68.77 28.97 -75.91
CA VAL ZA 145 67.39 29.08 -76.39
C VAL ZA 145 67.08 30.51 -76.79
N GLY ZA 146 67.70 31.49 -76.15
CA GLY ZA 146 67.47 32.88 -76.48
C GLY ZA 146 68.16 33.31 -77.76
N LEU ZA 147 69.39 32.83 -77.98
CA LEU ZA 147 70.16 33.25 -79.14
C LEU ZA 147 69.78 32.48 -80.39
N LEU ZA 148 69.36 31.22 -80.25
CA LEU ZA 148 68.99 30.39 -81.39
C LEU ZA 148 67.53 30.58 -81.81
N SER ZA 149 66.85 31.61 -81.29
CA SER ZA 149 65.44 31.81 -81.65
C SER ZA 149 65.30 32.21 -83.12
N PRO ZA 150 66.06 33.16 -83.65
CA PRO ZA 150 65.88 33.51 -85.07
C PRO ZA 150 66.23 32.37 -86.01
N HIS ZA 151 67.31 31.64 -85.73
CA HIS ZA 151 67.72 30.54 -86.59
C HIS ZA 151 66.75 29.35 -86.51
N ASN ZA 152 65.91 29.30 -85.48
CA ASN ZA 152 64.97 28.19 -85.32
C ASN ZA 152 63.81 28.67 -84.47
N PRO ZA 153 62.73 29.14 -85.10
CA PRO ZA 153 61.57 29.60 -84.31
C PRO ZA 153 60.86 28.49 -83.57
N ALA ZA 154 61.12 27.22 -83.91
CA ALA ZA 154 60.48 26.13 -83.19
C ALA ZA 154 60.91 26.11 -81.73
N LEU ZA 155 62.20 26.36 -81.46
CA LEU ZA 155 62.66 26.39 -80.08
C LEU ZA 155 62.05 27.56 -79.32
N ALA ZA 156 61.91 28.71 -79.97
CA ALA ZA 156 61.30 29.86 -79.32
C ALA ZA 156 59.84 29.60 -79.00
N ALA ZA 157 59.11 28.97 -79.92
CA ALA ZA 157 57.71 28.64 -79.71
C ALA ZA 157 57.51 27.39 -78.88
N ALA ZA 158 58.58 26.76 -78.41
CA ALA ZA 158 58.49 25.55 -77.61
C ALA ZA 158 58.48 25.90 -76.12
N ALA ZA 159 58.25 24.88 -75.30
CA ALA ZA 159 58.21 25.02 -73.85
C ALA ZA 159 59.53 24.56 -73.24
N LEU ZA 160 59.64 24.73 -71.93
CA LEU ZA 160 60.83 24.33 -71.20
C LEU ZA 160 60.46 24.04 -69.75
N ASP ZA 161 61.19 23.12 -69.13
CA ASP ZA 161 60.96 22.72 -67.75
C ASP ZA 161 62.27 22.78 -66.99
N TYR ZA 162 62.18 22.60 -65.68
CA TYR ZA 162 63.35 22.62 -64.80
C TYR ZA 162 63.16 21.55 -63.73
N ARG ZA 163 63.91 20.46 -63.86
CA ARG ZA 163 63.84 19.34 -62.92
C ARG ZA 163 62.41 18.81 -62.80
N CYS ZA 164 61.91 18.30 -63.93
CA CYS ZA 164 60.58 17.73 -64.00
C CYS ZA 164 60.68 16.21 -64.06
N PRO ZA 165 59.93 15.48 -63.23
CA PRO ZA 165 60.06 14.02 -63.23
C PRO ZA 165 59.51 13.40 -64.50
N VAL ZA 166 60.17 12.34 -64.96
CA VAL ZA 166 59.76 11.59 -66.14
C VAL ZA 166 59.79 10.11 -65.77
N HIS ZA 167 58.65 9.44 -65.89
CA HIS ZA 167 58.51 8.05 -65.52
C HIS ZA 167 58.03 7.23 -66.71
N PHE ZA 168 58.28 5.93 -66.64
CA PHE ZA 168 57.87 5.00 -67.68
C PHE ZA 168 57.69 3.62 -67.06
N TYR ZA 169 56.83 2.81 -67.67
CA TYR ZA 169 56.52 1.47 -67.17
C TYR ZA 169 56.31 0.54 -68.34
N TRP ZA 170 56.92 -0.64 -68.28
CA TRP ZA 170 56.80 -1.63 -69.34
C TRP ZA 170 57.13 -3.00 -68.76
N VAL ZA 171 57.12 -4.01 -69.62
CA VAL ZA 171 57.41 -5.39 -69.23
C VAL ZA 171 58.42 -5.96 -70.20
N ARG ZA 172 59.21 -6.92 -69.71
CA ARG ZA 172 60.24 -7.56 -70.52
C ARG ZA 172 60.46 -8.97 -70.01
N GLY ZA 173 60.38 -9.95 -70.91
CA GLY ZA 173 60.62 -11.32 -70.56
C GLY ZA 173 59.68 -11.83 -69.49
N GLU ZA 174 60.01 -13.03 -68.99
CA GLU ZA 174 59.23 -13.67 -67.95
C GLU ZA 174 60.17 -14.50 -67.08
N GLU ZA 175 59.63 -15.00 -65.97
CA GLU ZA 175 60.40 -15.80 -65.04
C GLU ZA 175 59.44 -16.54 -64.11
N ILE ZA 176 59.90 -17.68 -63.60
CA ILE ZA 176 59.12 -18.50 -62.68
C ILE ZA 176 59.53 -18.17 -61.26
N ILE ZA 177 58.59 -18.33 -60.33
CA ILE ZA 177 58.87 -18.04 -58.92
C ILE ZA 177 59.82 -19.11 -58.38
N PRO ZA 178 60.88 -18.73 -57.65
CA PRO ZA 178 61.80 -19.75 -57.14
C PRO ZA 178 61.26 -20.49 -55.93
N ARG ZA 179 60.79 -19.74 -54.93
CA ARG ZA 179 60.25 -20.32 -53.71
C ARG ZA 179 59.02 -19.54 -53.29
N GLY ZA 180 58.26 -20.11 -52.35
CA GLY ZA 180 57.06 -19.50 -51.83
C GLY ZA 180 55.82 -20.23 -52.32
N HIS ZA 181 54.67 -19.68 -51.91
CA HIS ZA 181 53.38 -20.25 -52.29
C HIS ZA 181 53.07 -20.05 -53.77
N ARG ZA 182 53.85 -19.25 -54.48
CA ARG ZA 182 53.65 -19.03 -55.91
C ARG ZA 182 54.63 -19.83 -56.77
N ARG ZA 183 55.29 -20.83 -56.19
CA ARG ZA 183 56.25 -21.63 -56.93
C ARG ZA 183 55.55 -22.37 -58.07
N GLY ZA 184 56.29 -22.62 -59.14
CA GLY ZA 184 55.75 -23.31 -60.30
C GLY ZA 184 54.68 -22.51 -61.03
N ARG ZA 185 54.90 -21.22 -61.21
CA ARG ZA 185 53.95 -20.36 -61.90
C ARG ZA 185 54.71 -19.31 -62.70
N ILE ZA 186 54.53 -19.33 -64.02
CA ILE ZA 186 55.20 -18.36 -64.88
C ILE ZA 186 54.55 -17.00 -64.70
N ASP ZA 187 55.33 -16.03 -64.24
CA ASP ZA 187 54.85 -14.68 -64.01
C ASP ZA 187 55.87 -13.69 -64.55
N ASP ZA 188 55.39 -12.70 -65.31
CA ASP ZA 188 56.27 -11.71 -65.89
C ASP ZA 188 56.87 -10.83 -64.79
N LEU ZA 189 57.85 -10.01 -65.18
CA LEU ZA 189 58.52 -9.09 -64.27
C LEU ZA 189 58.43 -7.69 -64.85
N ARG ZA 190 58.02 -6.74 -64.02
CA ARG ZA 190 57.79 -5.37 -64.44
C ARG ZA 190 59.02 -4.50 -64.19
N TYR ZA 191 59.18 -3.47 -65.01
CA TYR ZA 191 60.27 -2.51 -64.88
C TYR ZA 191 59.69 -1.11 -64.77
N GLN ZA 192 60.56 -0.17 -64.37
CA GLN ZA 192 60.17 1.22 -64.24
C GLN ZA 192 61.43 2.06 -64.06
N ILE ZA 193 61.43 3.25 -64.64
CA ILE ZA 193 62.56 4.18 -64.57
C ILE ZA 193 62.05 5.51 -64.04
N ASP ZA 194 62.66 5.98 -62.96
CA ASP ZA 194 62.30 7.25 -62.33
C ASP ZA 194 63.52 8.18 -62.42
N ASP ZA 195 63.50 9.08 -63.40
CA ASP ZA 195 64.59 10.01 -63.62
C ASP ZA 195 64.15 11.43 -63.32
N LYS ZA 196 65.13 12.34 -63.26
CA LYS ZA 196 64.87 13.74 -62.98
C LYS ZA 196 65.91 14.58 -63.73
N PRO ZA 197 65.65 14.89 -65.01
CA PRO ZA 197 66.64 15.67 -65.78
C PRO ZA 197 66.83 17.06 -65.24
N ASN ZA 198 67.65 17.86 -65.92
CA ASN ZA 198 67.92 19.23 -65.50
C ASN ZA 198 66.89 20.21 -66.08
N ASN ZA 199 66.70 20.18 -67.40
CA ASN ZA 199 65.75 21.07 -68.04
C ASN ZA 199 65.47 20.62 -69.47
N GLN ZA 200 64.37 19.91 -69.68
CA GLN ZA 200 64.02 19.42 -71.01
C GLN ZA 200 63.29 20.51 -71.79
N ILE ZA 201 63.20 20.30 -73.10
CA ILE ZA 201 62.53 21.21 -74.01
C ILE ZA 201 61.52 20.41 -74.81
N ARG ZA 202 60.23 20.66 -74.58
CA ARG ZA 202 59.15 19.95 -75.25
C ARG ZA 202 58.54 20.81 -76.34
N ILE ZA 203 58.23 20.17 -77.48
CA ILE ZA 203 57.61 20.85 -78.61
C ILE ZA 203 56.33 20.12 -78.97
N SER ZA 204 55.38 20.87 -79.54
CA SER ZA 204 54.10 20.33 -79.95
C SER ZA 204 54.14 19.72 -81.35
N LYS ZA 205 55.29 19.19 -81.77
CA LYS ZA 205 55.43 18.58 -83.09
C LYS ZA 205 56.44 17.44 -82.99
N GLN ZA 206 56.47 16.62 -84.02
CA GLN ZA 206 57.33 15.44 -84.05
C GLN ZA 206 58.65 15.76 -84.76
N LEU ZA 207 59.70 15.04 -84.37
CA LEU ZA 207 61.02 15.19 -84.98
C LEU ZA 207 61.10 14.33 -86.25
N ALA ZA 208 62.11 14.63 -87.07
CA ALA ZA 208 62.35 13.86 -88.28
C ALA ZA 208 62.57 12.38 -87.94
N GLU ZA 209 62.62 11.56 -88.99
CA GLU ZA 209 62.75 10.12 -88.83
C GLU ZA 209 64.20 9.64 -88.75
N PHE ZA 210 65.16 10.46 -89.18
CA PHE ZA 210 66.57 10.09 -89.16
C PHE ZA 210 66.79 8.76 -89.88
N VAL ZA 211 66.50 7.66 -89.20
CA VAL ZA 211 66.65 6.33 -89.77
C VAL ZA 211 65.27 5.80 -90.15
N PRO ZA 212 65.09 5.20 -91.32
CA PRO ZA 212 63.76 4.71 -91.69
C PRO ZA 212 63.30 3.59 -90.77
N LEU ZA 213 61.99 3.33 -90.80
CA LEU ZA 213 61.42 2.29 -89.96
C LEU ZA 213 61.86 0.91 -90.43
N ASP ZA 214 62.08 0.01 -89.48
CA ASP ZA 214 62.47 -1.36 -89.77
C ASP ZA 214 63.91 -1.40 -90.29
N TYR ZA 215 64.85 -0.85 -89.53
CA TYR ZA 215 66.26 -0.88 -89.89
C TYR ZA 215 66.89 -2.12 -89.26
N SER ZA 216 67.20 -3.12 -90.09
CA SER ZA 216 67.74 -4.38 -89.60
C SER ZA 216 69.04 -4.17 -88.85
N VAL ZA 217 70.11 -3.82 -89.58
CA VAL ZA 217 71.46 -3.66 -89.02
C VAL ZA 217 71.69 -4.73 -87.96
N PRO ZA 218 71.96 -5.98 -88.35
CA PRO ZA 218 72.17 -7.04 -87.35
C PRO ZA 218 73.47 -6.82 -86.60
N ILE ZA 219 73.37 -6.76 -85.27
CA ILE ZA 219 74.53 -6.58 -84.41
C ILE ZA 219 74.53 -7.52 -83.20
N GLU ZA 220 73.52 -8.38 -83.07
CA GLU ZA 220 73.44 -9.31 -81.96
C GLU ZA 220 73.31 -8.56 -80.63
N ILE ZA 221 72.09 -8.48 -80.12
CA ILE ZA 221 71.87 -7.79 -78.83
C ILE ZA 221 72.48 -8.61 -77.72
N PRO ZA 222 73.08 -8.00 -76.70
CA PRO ZA 222 73.64 -8.79 -75.60
C PRO ZA 222 72.59 -9.69 -74.96
N THR ZA 223 73.06 -10.83 -74.46
CA THR ZA 223 72.18 -11.83 -73.85
C THR ZA 223 72.64 -12.07 -72.41
N ILE ZA 224 71.69 -12.06 -71.49
CA ILE ZA 224 71.96 -12.31 -70.08
C ILE ZA 224 71.78 -13.80 -69.80
N LYS ZA 225 72.60 -14.34 -68.90
CA LYS ZA 225 72.60 -15.76 -68.59
C LYS ZA 225 72.15 -16.07 -67.18
N CYS ZA 226 71.85 -15.04 -66.37
CA CYS ZA 226 71.43 -15.25 -64.99
C CYS ZA 226 70.25 -14.33 -64.70
N LYS ZA 227 69.74 -14.41 -63.46
CA LYS ZA 227 68.62 -13.59 -63.06
C LYS ZA 227 69.05 -12.13 -62.96
N PRO ZA 228 68.22 -11.18 -63.40
CA PRO ZA 228 68.60 -9.77 -63.28
C PRO ZA 228 68.79 -9.30 -61.85
N ASP ZA 229 68.27 -10.04 -60.87
CA ASP ZA 229 68.43 -9.65 -59.47
C ASP ZA 229 69.87 -9.75 -59.01
N LYS ZA 230 70.70 -10.55 -59.68
CA LYS ZA 230 72.10 -10.67 -59.30
C LYS ZA 230 72.82 -9.32 -59.41
N LEU ZA 231 72.71 -8.68 -60.56
CA LEU ZA 231 73.28 -7.34 -60.72
C LEU ZA 231 72.64 -6.40 -59.72
N PRO ZA 232 73.40 -5.44 -59.15
CA PRO ZA 232 72.80 -4.50 -58.20
C PRO ZA 232 71.56 -3.83 -58.76
N LEU ZA 233 70.44 -4.55 -58.75
CA LEU ZA 233 69.16 -4.03 -59.25
C LEU ZA 233 68.06 -4.82 -58.53
N PHE ZA 234 67.57 -4.27 -57.43
CA PHE ZA 234 66.61 -4.95 -56.57
C PHE ZA 234 65.20 -4.69 -57.10
N LYS ZA 235 64.19 -4.93 -56.27
CA LYS ZA 235 62.80 -4.76 -56.66
C LYS ZA 235 62.08 -3.89 -55.64
N ARG ZA 236 60.95 -3.33 -56.06
CA ARG ZA 236 60.14 -2.49 -55.19
C ARG ZA 236 58.71 -2.46 -55.74
N GLN ZA 237 57.82 -1.88 -54.96
CA GLN ZA 237 56.41 -1.77 -55.34
C GLN ZA 237 55.89 -0.39 -54.94
N TYR ZA 238 55.23 0.27 -55.88
CA TYR ZA 238 54.65 1.59 -55.64
C TYR ZA 238 53.79 1.93 -56.85
N GLU ZA 239 53.23 3.14 -56.84
CA GLU ZA 239 52.34 3.57 -57.92
C GLU ZA 239 53.09 3.61 -59.23
N ASN ZA 240 52.58 2.90 -60.22
CA ASN ZA 240 53.17 2.91 -61.56
C ASN ZA 240 52.71 4.15 -62.31
N HIS ZA 241 53.65 4.93 -62.82
CA HIS ZA 241 53.36 6.18 -63.50
C HIS ZA 241 54.15 6.26 -64.80
N ILE ZA 242 53.46 6.70 -65.86
CA ILE ZA 242 54.09 6.96 -67.15
C ILE ZA 242 53.81 8.41 -67.51
N PHE ZA 243 54.41 9.34 -66.77
CA PHE ZA 243 54.10 10.76 -66.87
C PHE ZA 243 55.30 11.49 -67.48
N VAL ZA 244 55.09 12.08 -68.66
CA VAL ZA 244 56.10 12.92 -69.29
C VAL ZA 244 56.14 14.24 -68.51
N GLY ZA 245 57.12 15.08 -68.81
CA GLY ZA 245 57.21 16.39 -68.18
C GLY ZA 245 55.88 17.10 -68.09
N SER ZA 246 55.05 16.94 -69.11
CA SER ZA 246 53.71 17.50 -69.14
C SER ZA 246 52.68 16.38 -69.15
N LYS ZA 247 51.56 16.61 -68.48
CA LYS ZA 247 50.48 15.62 -68.41
C LYS ZA 247 49.96 15.29 -69.81
N THR ZA 248 49.03 14.34 -69.90
CA THR ZA 248 48.48 13.95 -71.19
C THR ZA 248 47.85 15.14 -71.90
N ALA ZA 249 46.93 15.83 -71.23
CA ALA ZA 249 46.26 17.00 -71.79
C ALA ZA 249 47.24 18.18 -71.81
N ASP ZA 250 48.05 18.23 -72.88
CA ASP ZA 250 49.03 19.30 -73.03
C ASP ZA 250 49.40 19.41 -74.49
N PRO ZA 251 49.55 20.63 -75.04
CA PRO ZA 251 49.91 20.73 -76.45
C PRO ZA 251 51.31 20.24 -76.75
N CYS ZA 252 52.30 20.58 -75.91
CA CYS ZA 252 53.68 20.16 -76.12
C CYS ZA 252 53.88 18.78 -75.50
N CYS ZA 253 53.22 17.79 -76.11
CA CYS ZA 253 53.32 16.41 -75.63
C CYS ZA 253 54.60 15.74 -76.09
N TYR ZA 254 55.12 16.12 -77.26
CA TYR ZA 254 56.34 15.53 -77.79
C TYR ZA 254 57.56 16.23 -77.20
N GLY ZA 255 58.74 15.67 -77.52
CA GLY ZA 255 60.00 16.23 -77.06
C GLY ZA 255 61.05 16.16 -78.17
N HIS ZA 256 62.22 16.70 -77.86
CA HIS ZA 256 63.31 16.72 -78.82
C HIS ZA 256 64.66 16.94 -78.15
N THR ZA 257 64.68 17.64 -77.02
CA THR ZA 257 65.91 17.93 -76.31
C THR ZA 257 65.73 17.65 -74.82
N GLN ZA 258 66.79 17.15 -74.20
CA GLN ZA 258 66.78 16.87 -72.77
C GLN ZA 258 68.20 17.00 -72.24
N PHE ZA 259 68.31 17.23 -70.93
CA PHE ZA 259 69.59 17.41 -70.28
C PHE ZA 259 69.60 16.67 -68.95
N HIS ZA 260 70.72 16.00 -68.66
CA HIS ZA 260 70.88 15.25 -67.42
C HIS ZA 260 72.23 15.58 -66.80
N LEU ZA 261 72.37 15.22 -65.53
CA LEU ZA 261 73.60 15.44 -64.79
C LEU ZA 261 73.80 14.29 -63.81
N LEU ZA 262 75.02 14.20 -63.27
CA LEU ZA 262 75.36 13.16 -62.32
C LEU ZA 262 75.75 13.77 -60.98
N PRO ZA 263 75.59 13.03 -59.88
CA PRO ZA 263 75.97 13.57 -58.57
C PRO ZA 263 77.47 13.46 -58.32
N ASP ZA 264 77.89 13.71 -57.07
CA ASP ZA 264 79.30 13.61 -56.71
C ASP ZA 264 79.78 12.17 -56.59
N LYS ZA 265 78.91 11.19 -56.81
CA LYS ZA 265 79.30 9.79 -56.71
C LYS ZA 265 79.91 9.25 -58.00
N LEU ZA 266 79.32 9.58 -59.14
CA LEU ZA 266 79.79 9.08 -60.43
C LEU ZA 266 80.92 9.90 -61.01
N ARG ZA 267 81.50 10.82 -60.23
CA ARG ZA 267 82.62 11.61 -60.72
C ARG ZA 267 83.78 10.70 -61.12
N ARG ZA 268 84.36 10.97 -62.28
CA ARG ZA 268 85.45 10.13 -62.78
C ARG ZA 268 86.66 10.17 -61.86
N GLU ZA 269 86.78 11.19 -61.01
CA GLU ZA 269 87.89 11.24 -60.07
C GLU ZA 269 87.85 10.05 -59.11
N ARG ZA 270 86.68 9.78 -58.54
CA ARG ZA 270 86.53 8.63 -57.65
C ARG ZA 270 86.76 7.33 -58.39
N LEU ZA 271 86.31 7.25 -59.64
CA LEU ZA 271 86.53 6.05 -60.43
C LEU ZA 271 88.02 5.79 -60.65
N LEU ZA 272 88.77 6.83 -60.99
CA LEU ZA 272 90.21 6.70 -61.12
C LEU ZA 272 90.86 6.34 -59.80
N ARG ZA 273 90.32 6.88 -58.69
CA ARG ZA 273 90.83 6.51 -57.37
C ARG ZA 273 90.72 5.01 -57.13
N GLN ZA 274 89.65 4.40 -57.64
CA GLN ZA 274 89.44 2.97 -57.53
C GLN ZA 274 90.01 2.28 -58.77
N ASN ZA 275 89.66 1.00 -58.96
CA ASN ZA 275 90.13 0.22 -60.09
C ASN ZA 275 89.10 0.09 -61.20
N CYS ZA 276 88.01 0.86 -61.14
CA CYS ZA 276 86.97 0.81 -62.16
C CYS ZA 276 87.06 2.03 -63.08
N ALA ZA 277 88.23 2.19 -63.67
CA ALA ZA 277 88.48 3.31 -64.58
C ALA ZA 277 87.97 3.05 -65.99
N ASP ZA 278 87.34 1.90 -66.24
CA ASP ZA 278 86.82 1.57 -67.56
C ASP ZA 278 85.32 1.84 -67.71
N GLN ZA 279 84.59 1.92 -66.59
CA GLN ZA 279 83.15 2.16 -66.63
C GLN ZA 279 82.80 3.64 -66.73
N ILE ZA 280 83.79 4.52 -66.91
CA ILE ZA 280 83.54 5.95 -67.00
C ILE ZA 280 82.50 6.22 -68.08
N GLU ZA 281 82.86 5.97 -69.34
CA GLU ZA 281 81.94 6.23 -70.44
C GLU ZA 281 80.71 5.32 -70.38
N VAL ZA 282 80.86 4.12 -69.80
CA VAL ZA 282 79.74 3.19 -69.73
C VAL ZA 282 78.63 3.75 -68.86
N VAL ZA 283 78.99 4.45 -67.78
CA VAL ZA 283 77.98 5.05 -66.90
C VAL ZA 283 77.14 6.06 -67.69
N PHE ZA 284 77.80 6.97 -68.39
CA PHE ZA 284 77.07 7.96 -69.18
C PHE ZA 284 76.24 7.28 -70.27
N ARG ZA 285 76.79 6.26 -70.92
CA ARG ZA 285 76.05 5.57 -71.97
C ARG ZA 285 74.77 4.95 -71.41
N ALA ZA 286 74.87 4.23 -70.30
CA ALA ZA 286 73.71 3.59 -69.72
C ALA ZA 286 72.69 4.62 -69.24
N ASN ZA 287 73.16 5.70 -68.61
CA ASN ZA 287 72.25 6.73 -68.13
C ASN ZA 287 71.47 7.35 -69.30
N ALA ZA 288 72.18 7.74 -70.36
CA ALA ZA 288 71.53 8.33 -71.52
C ALA ZA 288 70.56 7.35 -72.16
N ILE ZA 289 70.97 6.08 -72.30
CA ILE ZA 289 70.09 5.09 -72.90
C ILE ZA 289 68.81 4.97 -72.10
N ALA ZA 290 68.92 4.81 -70.79
CA ALA ZA 290 67.74 4.64 -69.95
C ALA ZA 290 66.84 5.87 -70.03
N SER ZA 291 67.42 7.07 -69.90
CA SER ZA 291 66.62 8.29 -69.91
C SER ZA 291 65.88 8.44 -71.24
N LEU ZA 292 66.60 8.29 -72.36
CA LEU ZA 292 65.98 8.47 -73.66
C LEU ZA 292 64.93 7.41 -73.93
N PHE ZA 293 65.19 6.16 -73.52
CA PHE ZA 293 64.21 5.10 -73.72
C PHE ZA 293 62.93 5.39 -72.92
N ALA ZA 294 63.08 5.80 -71.66
CA ALA ZA 294 61.91 6.12 -70.86
C ALA ZA 294 61.14 7.28 -71.47
N TRP ZA 295 61.85 8.32 -71.91
CA TRP ZA 295 61.19 9.49 -72.49
C TRP ZA 295 60.42 9.10 -73.74
N THR ZA 296 61.05 8.34 -74.64
CA THR ZA 296 60.40 7.95 -75.88
C THR ZA 296 59.20 7.03 -75.61
N GLY ZA 297 59.35 6.10 -74.67
CA GLY ZA 297 58.24 5.23 -74.33
C GLY ZA 297 57.06 5.98 -73.78
N ALA ZA 298 57.31 6.94 -72.88
CA ALA ZA 298 56.23 7.74 -72.33
C ALA ZA 298 55.57 8.59 -73.42
N GLN ZA 299 56.38 9.19 -74.30
CA GLN ZA 299 55.82 9.99 -75.39
C GLN ZA 299 54.94 9.14 -76.29
N ALA ZA 300 55.37 7.91 -76.58
CA ALA ZA 300 54.57 7.02 -77.43
C ALA ZA 300 53.29 6.59 -76.72
N MET ZA 301 53.39 6.26 -75.43
CA MET ZA 301 52.19 5.91 -74.68
C MET ZA 301 51.21 7.06 -74.61
N TYR ZA 302 51.72 8.31 -74.67
CA TYR ZA 302 50.84 9.47 -74.70
C TYR ZA 302 50.05 9.59 -75.99
N GLN ZA 303 50.36 8.76 -77.00
CA GLN ZA 303 49.66 8.81 -78.28
C GLN ZA 303 48.72 7.63 -78.49
N GLY ZA 304 48.63 6.71 -77.53
CA GLY ZA 304 47.74 5.57 -77.64
C GLY ZA 304 48.46 4.25 -77.77
N PHE ZA 305 49.54 4.22 -78.55
CA PHE ZA 305 50.30 2.99 -78.73
C PHE ZA 305 50.84 2.49 -77.40
N TRP ZA 306 50.93 1.16 -77.27
CA TRP ZA 306 51.40 0.57 -76.03
C TRP ZA 306 52.01 -0.80 -76.35
N SER ZA 307 51.93 -1.74 -75.39
CA SER ZA 307 52.57 -3.03 -75.54
C SER ZA 307 51.97 -3.86 -76.66
N GLU ZA 308 50.79 -3.49 -77.16
CA GLU ZA 308 50.14 -4.21 -78.24
C GLU ZA 308 50.22 -3.42 -79.55
N ALA ZA 309 49.49 -2.31 -79.65
CA ALA ZA 309 49.52 -1.50 -80.87
C ALA ZA 309 50.92 -0.93 -81.09
N ASP ZA 310 51.72 -1.62 -81.90
CA ASP ZA 310 53.07 -1.15 -82.17
C ASP ZA 310 53.04 0.19 -82.89
N VAL ZA 311 53.97 1.07 -82.52
CA VAL ZA 311 54.02 2.40 -83.12
C VAL ZA 311 54.33 2.26 -84.61
N THR ZA 312 53.53 2.94 -85.43
CA THR ZA 312 53.77 2.93 -86.87
C THR ZA 312 54.94 3.85 -87.23
N ARG ZA 313 54.80 5.14 -86.97
CA ARG ZA 313 55.89 6.09 -87.20
C ARG ZA 313 56.84 6.07 -86.00
N PRO ZA 314 58.13 5.87 -86.20
CA PRO ZA 314 59.06 5.80 -85.06
C PRO ZA 314 59.35 7.16 -84.48
N PHE ZA 315 59.43 7.21 -83.16
CA PHE ZA 315 59.74 8.44 -82.44
C PHE ZA 315 61.24 8.52 -82.16
N VAL ZA 316 61.76 9.74 -82.17
CA VAL ZA 316 63.17 9.99 -81.96
C VAL ZA 316 63.35 11.05 -80.88
N SER ZA 317 64.43 10.95 -80.12
CA SER ZA 317 64.73 11.88 -79.05
C SER ZA 317 66.20 12.24 -79.11
N GLN ZA 318 66.58 13.24 -78.31
CA GLN ZA 318 67.96 13.70 -78.26
C GLN ZA 318 68.22 14.29 -76.88
N ALA ZA 319 69.44 14.10 -76.39
CA ALA ZA 319 69.83 14.60 -75.07
C ALA ZA 319 71.35 14.65 -75.00
N VAL ZA 320 71.85 15.07 -73.84
CA VAL ZA 320 73.30 15.14 -73.62
C VAL ZA 320 73.51 15.20 -72.11
N ILE ZA 321 74.66 14.66 -71.67
CA ILE ZA 321 74.99 14.60 -70.25
C ILE ZA 321 76.02 15.69 -69.94
N THR ZA 322 76.35 15.83 -68.65
CA THR ZA 322 77.33 16.81 -68.22
C THR ZA 322 78.08 16.26 -67.01
N ASP ZA 323 79.39 16.49 -66.97
CA ASP ZA 323 80.24 16.04 -65.87
C ASP ZA 323 81.10 17.19 -65.35
N GLY ZA 324 80.64 18.42 -65.51
CA GLY ZA 324 81.37 19.58 -65.06
C GLY ZA 324 82.45 20.07 -65.99
N LYS ZA 325 82.89 19.24 -66.94
CA LYS ZA 325 83.95 19.63 -67.87
C LYS ZA 325 83.82 18.87 -69.18
N TYR ZA 326 83.72 17.54 -69.11
CA TYR ZA 326 83.65 16.70 -70.30
C TYR ZA 326 82.20 16.34 -70.60
N PHE ZA 327 81.84 16.43 -71.88
CA PHE ZA 327 80.51 16.08 -72.35
C PHE ZA 327 80.59 14.90 -73.29
N SER ZA 328 79.45 14.21 -73.45
CA SER ZA 328 79.36 13.05 -74.34
C SER ZA 328 77.97 13.07 -74.97
N PHE ZA 329 77.92 13.33 -76.27
CA PHE ZA 329 76.65 13.41 -76.98
C PHE ZA 329 76.13 12.02 -77.30
N PHE ZA 330 74.86 11.77 -76.97
CA PHE ZA 330 74.21 10.50 -77.24
C PHE ZA 330 72.85 10.75 -77.88
N CYS ZA 331 72.36 9.75 -78.59
CA CYS ZA 331 71.08 9.83 -79.27
C CYS ZA 331 70.40 8.47 -79.21
N TYR ZA 332 69.06 8.50 -79.22
CA TYR ZA 332 68.24 7.29 -79.16
C TYR ZA 332 67.27 7.28 -80.31
N GLN ZA 333 66.79 6.09 -80.66
CA GLN ZA 333 65.85 5.90 -81.75
C GLN ZA 333 64.86 4.82 -81.33
N LEU ZA 334 63.65 5.24 -80.96
CA LEU ZA 334 62.61 4.30 -80.54
C LEU ZA 334 61.91 3.73 -81.76
N ASN ZA 335 61.69 2.42 -81.73
CA ASN ZA 335 61.05 1.71 -82.83
C ASN ZA 335 59.95 0.76 -82.37
N THR ZA 336 60.11 0.12 -81.21
CA THR ZA 336 59.16 -0.86 -80.72
C THR ZA 336 58.86 -0.60 -79.26
N LEU ZA 337 57.72 -1.13 -78.81
CA LEU ZA 337 57.32 -1.02 -77.41
C LEU ZA 337 56.87 -2.37 -76.88
N ALA ZA 338 56.39 -3.24 -77.76
CA ALA ZA 338 55.93 -4.57 -77.37
C ALA ZA 338 57.13 -5.43 -77.00
N LEU ZA 339 57.59 -5.27 -75.76
CA LEU ZA 339 58.72 -6.03 -75.24
C LEU ZA 339 58.30 -7.29 -74.51
N THR ZA 340 57.00 -7.60 -74.48
CA THR ZA 340 56.53 -8.80 -73.80
C THR ZA 340 56.96 -10.06 -74.57
N THR ZA 341 56.69 -11.21 -73.98
CA THR ZA 341 57.03 -12.49 -74.58
C THR ZA 341 56.04 -12.94 -75.64
N GLN ZA 342 54.97 -12.17 -75.88
CA GLN ZA 342 53.97 -12.54 -76.87
C GLN ZA 342 54.29 -11.99 -78.25
N ALA ZA 343 54.72 -10.72 -78.33
CA ALA ZA 343 55.02 -10.10 -79.61
C ALA ZA 343 56.48 -10.27 -80.02
N ASP ZA 344 57.39 -10.44 -79.06
CA ASP ZA 344 58.81 -10.60 -79.38
C ASP ZA 344 59.09 -11.89 -80.14
N GLN ZA 345 58.14 -12.82 -80.19
CA GLN ZA 345 58.39 -14.07 -80.92
C GLN ZA 345 58.45 -13.85 -82.42
N ASN ZA 346 57.69 -12.89 -82.93
CA ASN ZA 346 57.68 -12.59 -84.37
C ASN ZA 346 57.72 -11.07 -84.55
N ASN ZA 347 58.79 -10.46 -84.06
CA ASN ZA 347 58.99 -9.00 -84.16
C ASN ZA 347 60.47 -8.70 -84.23
N PRO ZA 348 61.09 -8.90 -85.40
CA PRO ZA 348 62.54 -8.65 -85.51
C PRO ZA 348 62.92 -7.19 -85.39
N ARG ZA 349 61.95 -6.27 -85.41
CA ARG ZA 349 62.27 -4.85 -85.29
C ARG ZA 349 62.87 -4.56 -83.92
N LYS ZA 350 63.87 -3.69 -83.90
CA LYS ZA 350 64.56 -3.33 -82.66
C LYS ZA 350 64.85 -1.83 -82.69
N ASN ZA 351 65.34 -1.33 -81.56
CA ASN ZA 351 65.66 0.08 -81.40
C ASN ZA 351 67.13 0.33 -81.70
N ILE ZA 352 67.45 1.59 -81.96
CA ILE ZA 352 68.82 2.02 -82.25
C ILE ZA 352 69.17 3.19 -81.34
N CYS ZA 353 70.43 3.25 -80.94
CA CYS ZA 353 70.93 4.29 -80.04
C CYS ZA 353 72.32 4.70 -80.50
N TRP ZA 354 72.42 5.87 -81.13
CA TRP ZA 354 73.72 6.39 -81.56
C TRP ZA 354 74.41 7.07 -80.39
N GLY ZA 355 75.74 6.90 -80.32
CA GLY ZA 355 76.52 7.47 -79.24
C GLY ZA 355 77.88 7.90 -79.72
N THR ZA 356 78.57 8.64 -78.86
CA THR ZA 356 79.91 9.14 -79.15
C THR ZA 356 80.79 8.87 -77.93
N GLN ZA 357 81.90 9.60 -77.83
CA GLN ZA 357 82.83 9.48 -76.72
C GLN ZA 357 82.94 10.81 -75.99
N SER ZA 358 83.44 10.74 -74.75
CA SER ZA 358 83.59 11.94 -73.94
C SER ZA 358 84.63 12.86 -74.55
N LYS ZA 359 84.30 14.16 -74.56
CA LYS ZA 359 85.19 15.18 -75.09
C LYS ZA 359 85.17 16.39 -74.15
N PRO ZA 360 86.28 17.11 -74.05
CA PRO ZA 360 86.32 18.26 -73.14
C PRO ZA 360 85.85 19.55 -73.78
N LEU ZA 361 85.17 20.37 -72.98
CA LEU ZA 361 84.73 21.69 -73.42
C LEU ZA 361 85.76 22.78 -73.12
N TYR ZA 362 86.54 22.61 -72.06
CA TYR ZA 362 87.57 23.57 -71.71
C TYR ZA 362 88.56 22.90 -70.77
N GLU ZA 363 89.84 23.24 -70.94
CA GLU ZA 363 90.89 22.65 -70.13
C GLU ZA 363 90.71 23.03 -68.66
N THR ZA 364 91.05 24.26 -68.31
CA THR ZA 364 90.92 24.74 -66.95
C THR ZA 364 90.58 26.22 -66.97
N ILE ZA 365 90.40 26.79 -65.79
CA ILE ZA 365 90.06 28.21 -65.63
C ILE ZA 365 90.93 28.77 -64.53
N GLU ZA 366 91.73 29.79 -64.86
CA GLU ZA 366 92.62 30.45 -63.91
C GLU ZA 366 91.97 31.62 -63.19
N ASP ZA 367 90.68 31.49 -62.88
CA ASP ZA 367 89.95 32.54 -62.17
C ASP ZA 367 89.93 33.84 -62.96
N ASN ZA 368 89.82 33.73 -64.29
CA ASN ZA 368 89.78 34.90 -65.15
C ASN ZA 368 89.48 34.51 -66.59
N ASP ZA 369 90.24 33.56 -67.13
CA ASP ZA 369 90.07 33.14 -68.51
C ASP ZA 369 90.30 31.64 -68.61
N VAL ZA 370 89.78 31.04 -69.67
CA VAL ZA 370 89.92 29.61 -69.90
C VAL ZA 370 91.26 29.35 -70.59
N LYS ZA 371 91.95 28.28 -70.16
CA LYS ZA 371 93.21 27.91 -70.77
C LYS ZA 371 92.98 27.32 -72.16
N GLY ZA 372 92.00 26.43 -72.27
CA GLY ZA 372 91.66 25.83 -73.55
C GLY ZA 372 90.17 25.80 -73.76
N PHE ZA 373 89.78 25.64 -75.03
CA PHE ZA 373 88.37 25.60 -75.38
C PHE ZA 373 88.22 24.87 -76.71
N ASN ZA 374 87.18 24.05 -76.81
CA ASN ZA 374 86.89 23.28 -78.02
C ASN ZA 374 85.57 23.78 -78.59
N ASP ZA 375 85.66 24.60 -79.65
CA ASP ZA 375 84.46 25.12 -80.29
C ASP ZA 375 83.62 24.02 -80.94
N ASP ZA 376 84.21 22.85 -81.17
CA ASP ZA 376 83.45 21.75 -81.76
C ASP ZA 376 82.28 21.34 -80.88
N VAL ZA 377 82.44 21.42 -79.55
CA VAL ZA 377 81.35 21.06 -78.65
C VAL ZA 377 80.16 21.99 -78.86
N LEU ZA 378 80.42 23.30 -78.88
CA LEU ZA 378 79.34 24.26 -79.10
C LEU ZA 378 78.74 24.11 -80.49
N LEU ZA 379 79.58 23.83 -81.49
CA LEU ZA 379 79.06 23.64 -82.84
C LEU ZA 379 78.12 22.44 -82.90
N GLN ZA 380 78.51 21.33 -82.27
CA GLN ZA 380 77.65 20.15 -82.25
C GLN ZA 380 76.38 20.40 -81.45
N ILE ZA 381 76.48 21.17 -80.37
CA ILE ZA 381 75.28 21.51 -79.60
C ILE ZA 381 74.32 22.33 -80.44
N VAL ZA 382 74.84 23.30 -81.19
CA VAL ZA 382 74.00 24.12 -82.06
C VAL ZA 382 73.38 23.25 -83.15
N HIS ZA 383 74.15 22.33 -83.71
CA HIS ZA 383 73.61 21.43 -84.73
C HIS ZA 383 72.48 20.57 -84.16
N PHE ZA 384 72.65 20.09 -82.93
CA PHE ZA 384 71.62 19.28 -82.29
C PHE ZA 384 70.37 20.10 -82.03
N LEU ZA 385 70.53 21.35 -81.58
CA LEU ZA 385 69.40 22.21 -81.29
C LEU ZA 385 68.76 22.79 -82.54
N LEU ZA 386 69.41 22.67 -83.71
CA LEU ZA 386 68.89 23.24 -84.94
C LEU ZA 386 67.84 22.35 -85.61
N ASN ZA 387 67.78 21.06 -85.24
CA ASN ZA 387 66.83 20.16 -85.86
C ASN ZA 387 65.41 20.68 -85.71
N ARG ZA 388 64.73 20.89 -86.83
CA ARG ZA 388 63.38 21.41 -86.85
C ARG ZA 388 62.38 20.27 -87.02
N PRO ZA 389 61.13 20.47 -86.60
CA PRO ZA 389 60.12 19.42 -86.77
C PRO ZA 389 59.56 19.40 -88.19
N LYS ZA 390 58.71 18.40 -88.43
CA LYS ZA 390 58.08 18.24 -89.73
C LYS ZA 390 56.71 17.58 -89.59
N UNK AB 1 -85.85 -33.11 47.75
CA UNK AB 1 -85.28 -33.22 49.09
C UNK AB 1 -84.44 -31.99 49.42
N UNK AB 2 -84.32 -31.69 50.71
CA UNK AB 2 -83.53 -30.55 51.16
C UNK AB 2 -82.07 -30.72 50.80
N UNK AB 3 -81.53 -31.92 51.09
CA UNK AB 3 -80.14 -32.21 50.79
C UNK AB 3 -79.90 -32.16 49.29
N UNK AB 4 -80.84 -32.70 48.52
CA UNK AB 4 -80.74 -32.70 47.06
C UNK AB 4 -80.73 -31.27 46.53
N UNK AB 5 -81.62 -30.44 47.07
CA UNK AB 5 -81.72 -29.04 46.66
C UNK AB 5 -80.42 -28.31 46.98
N UNK AB 6 -79.88 -28.55 48.17
CA UNK AB 6 -78.63 -27.93 48.58
C UNK AB 6 -77.49 -28.33 47.65
N UNK AB 7 -77.43 -29.62 47.32
CA UNK AB 7 -76.41 -30.13 46.43
C UNK AB 7 -76.53 -29.48 45.05
N UNK AB 8 -77.75 -29.37 44.56
CA UNK AB 8 -78.00 -28.76 43.26
C UNK AB 8 -77.56 -27.30 43.25
N UNK AB 9 -77.88 -26.58 44.32
CA UNK AB 9 -77.50 -25.18 44.45
C UNK AB 9 -75.99 -25.04 44.45
N UNK AB 10 -75.32 -25.91 45.22
CA UNK AB 10 -73.87 -25.90 45.31
C UNK AB 10 -73.24 -26.15 43.94
N UNK AB 11 -73.80 -27.13 43.22
CA UNK AB 11 -73.29 -27.48 41.89
C UNK AB 11 -73.47 -26.30 40.94
N UNK AB 12 -74.63 -25.65 41.01
CA UNK AB 12 -74.91 -24.50 40.16
C UNK AB 12 -73.92 -23.37 40.45
N UNK AB 13 -73.68 -23.12 41.72
CA UNK AB 13 -72.74 -22.08 42.13
C UNK AB 13 -71.33 -22.39 41.62
N UNK AB 14 -70.93 -23.64 41.75
CA UNK AB 14 -69.61 -24.08 41.30
C UNK AB 14 -69.49 -23.90 39.79
N UNK AB 15 -70.53 -24.27 39.06
CA UNK AB 15 -70.54 -24.14 37.61
C UNK AB 15 -70.43 -22.67 37.21
N UNK AB 16 -71.18 -21.82 37.90
CA UNK AB 16 -71.15 -20.39 37.62
C UNK AB 16 -69.76 -19.83 37.86
N UNK AB 17 -69.14 -20.22 38.97
CA UNK AB 17 -67.80 -19.78 39.31
C UNK AB 17 -66.80 -20.23 38.24
N UNK AB 18 -66.92 -21.47 37.81
CA UNK AB 18 -66.03 -22.03 36.80
C UNK AB 18 -66.18 -21.27 35.48
N UNK AB 19 -67.42 -20.97 35.11
CA UNK AB 19 -67.71 -20.24 33.89
C UNK AB 19 -67.09 -18.84 33.96
N UNK AB 20 -67.25 -18.19 35.11
CA UNK AB 20 -66.71 -16.85 35.31
C UNK AB 20 -65.18 -16.87 35.18
N UNK AB 21 -64.57 -17.87 35.79
CA UNK AB 21 -63.11 -18.02 35.75
C UNK AB 21 -62.65 -18.24 34.32
N UNK AB 22 -63.35 -19.10 33.59
CA UNK AB 22 -63.01 -19.39 32.20
C UNK AB 22 -63.12 -18.13 31.35
N UNK AB 23 -64.17 -17.36 31.57
CA UNK AB 23 -64.38 -16.12 30.84
C UNK AB 23 -63.25 -15.13 31.13
N UNK AB 24 -62.90 -15.00 32.40
CA UNK AB 24 -61.83 -14.10 32.81
C UNK AB 24 -60.50 -14.51 32.17
N UNK AB 25 -60.26 -15.82 32.10
CA UNK AB 25 -59.04 -16.34 31.52
C UNK AB 25 -59.00 -16.07 30.02
N UNK AB 26 -60.13 -16.30 29.35
CA UNK AB 26 -60.21 -16.08 27.91
C UNK AB 26 -60.06 -14.61 27.57
N UNK AB 27 -60.50 -13.75 28.49
CA UNK AB 27 -60.42 -12.30 28.29
C UNK AB 27 -58.97 -11.87 28.09
N UNK AB 28 -58.05 -12.54 28.80
CA UNK AB 28 -56.64 -12.23 28.71
C UNK AB 28 -56.01 -12.94 27.51
N LYS CB 1 -9.34 -29.15 -9.13
CA LYS CB 1 -10.32 -28.11 -8.83
C LYS CB 1 -10.71 -28.13 -7.36
N ALA CB 2 -9.72 -27.97 -6.49
CA ALA CB 2 -9.95 -27.98 -5.05
C ALA CB 2 -10.01 -26.56 -4.48
N LYS CB 3 -8.93 -25.80 -4.63
CA LYS CB 3 -8.83 -24.43 -4.12
C LYS CB 3 -9.45 -24.31 -2.73
N ALA CB 4 -9.17 -25.27 -1.86
CA ALA CB 4 -9.66 -25.28 -0.49
C ALA CB 4 -8.45 -25.30 0.44
N LYS CB 5 -7.92 -24.13 0.74
CA LYS CB 5 -6.74 -24.00 1.59
C LYS CB 5 -7.16 -24.02 3.05
N GLY CB 6 -6.22 -23.71 3.94
CA GLY CB 6 -6.50 -23.78 5.37
C GLY CB 6 -7.35 -22.61 5.83
N LYS CB 7 -8.52 -22.91 6.36
CA LYS CB 7 -9.40 -21.90 6.96
C LYS CB 7 -9.86 -22.31 8.35
N GLY CB 8 -10.22 -23.58 8.56
CA GLY CB 8 -10.53 -24.04 9.90
C GLY CB 8 -9.36 -23.89 10.85
N GLN CB 9 -8.13 -24.01 10.33
CA GLN CB 9 -6.95 -23.77 11.15
C GLN CB 9 -6.94 -22.34 11.69
N SER CB 10 -7.19 -21.36 10.81
CA SER CB 10 -7.24 -19.97 11.25
C SER CB 10 -8.39 -19.74 12.20
N GLN CB 11 -9.55 -20.37 11.94
CA GLN CB 11 -10.68 -20.24 12.84
C GLN CB 11 -10.34 -20.74 14.23
N THR CB 12 -9.68 -21.91 14.33
CA THR CB 12 -9.30 -22.45 15.62
C THR CB 12 -8.24 -21.59 16.29
N ARG CB 13 -7.30 -21.06 15.52
CA ARG CB 13 -6.29 -20.16 16.09
C ARG CB 13 -6.95 -18.92 16.68
N VAL CB 14 -7.99 -18.41 16.00
CA VAL CB 14 -8.67 -17.21 16.49
C VAL CB 14 -9.50 -17.54 17.72
N ASN CB 15 -10.14 -18.71 17.74
CA ASN CB 15 -11.02 -19.06 18.86
C ASN CB 15 -10.23 -19.37 20.11
N ILE CB 16 -9.17 -20.16 19.99
CA ILE CB 16 -8.39 -20.58 21.16
C ILE CB 16 -7.74 -19.39 21.82
N ASN CB 17 -6.84 -18.72 21.10
CA ASN CB 17 -6.09 -17.59 21.65
C ASN CB 17 -7.03 -16.51 22.17
N ALA CB 18 -7.02 -16.29 23.49
CA ALA CB 18 -7.84 -15.25 24.11
C ALA CB 18 -7.04 -14.01 24.46
N ALA CB 19 -5.82 -14.18 24.98
CA ALA CB 19 -4.99 -13.02 25.31
C ALA CB 19 -4.68 -12.20 24.06
N LEU CB 20 -4.35 -12.88 22.95
CA LEU CB 20 -4.08 -12.16 21.71
C LEU CB 20 -5.32 -11.43 21.22
N VAL CB 21 -6.49 -12.08 21.29
CA VAL CB 21 -7.72 -11.42 20.86
C VAL CB 21 -8.00 -10.19 21.73
N GLU CB 22 -7.65 -10.27 23.01
CA GLU CB 22 -7.87 -9.14 23.92
C GLU CB 22 -6.86 -8.03 23.69
N ASP CB 23 -5.66 -8.37 23.22
CA ASP CB 23 -4.59 -7.39 23.02
C ASP CB 23 -4.42 -7.01 21.56
N ILE CB 24 -4.30 -7.99 20.66
CA ILE CB 24 -4.04 -7.76 19.24
C ILE CB 24 -5.10 -8.55 18.47
N ILE CB 25 -6.28 -7.96 18.24
CA ILE CB 25 -6.64 -6.61 18.70
C ILE CB 25 -8.06 -6.65 19.24
N ASN CB 26 -9.05 -6.74 18.33
CA ASN CB 26 -10.46 -6.76 18.72
C ASN CB 26 -11.22 -7.52 17.62
N LEU CB 27 -11.18 -8.85 17.71
CA LEU CB 27 -11.95 -9.67 16.78
C LEU CB 27 -13.44 -9.35 16.86
N GLU CB 28 -13.94 -9.11 18.08
CA GLU CB 28 -15.34 -8.76 18.24
C GLU CB 28 -15.66 -7.45 17.51
N GLU CB 29 -14.78 -6.45 17.64
CA GLU CB 29 -15.00 -5.18 16.96
C GLU CB 29 -14.95 -5.34 15.44
N VAL CB 30 -14.01 -6.15 14.94
CA VAL CB 30 -13.91 -6.37 13.50
C VAL CB 30 -15.17 -7.05 12.98
N ASN CB 31 -15.64 -8.08 13.69
CA ASN CB 31 -16.85 -8.78 13.27
C ASN CB 31 -18.06 -7.84 13.33
N GLU CB 32 -18.13 -6.99 14.36
CA GLU CB 32 -19.24 -6.05 14.46
C GLU CB 32 -19.22 -5.07 13.30
N GLU CB 33 -18.04 -4.56 12.94
CA GLU CB 33 -17.95 -3.64 11.81
C GLU CB 33 -18.35 -4.32 10.51
N MET CB 34 -17.89 -5.56 10.30
CA MET CB 34 -18.25 -6.28 9.09
C MET CB 34 -19.76 -6.50 9.01
N LYS CB 35 -20.36 -6.92 10.13
CA LYS CB 35 -21.81 -7.16 10.14
C LYS CB 35 -22.58 -5.85 9.94
N SER CB 36 -22.07 -4.75 10.48
CA SER CB 36 -22.71 -3.46 10.29
C SER CB 36 -22.66 -3.04 8.82
N VAL CB 37 -21.52 -3.25 8.17
CA VAL CB 37 -21.43 -2.93 6.74
C VAL CB 37 -22.38 -3.81 5.94
N ILE CB 38 -22.45 -5.10 6.28
CA ILE CB 38 -23.35 -6.01 5.57
C ILE CB 38 -24.80 -5.57 5.75
N GLU CB 39 -25.17 -5.19 6.97
CA GLU CB 39 -26.54 -4.75 7.23
C GLU CB 39 -26.84 -3.44 6.50
N ALA CB 40 -25.87 -2.52 6.45
CA ALA CB 40 -26.08 -1.28 5.71
C ALA CB 40 -26.30 -1.56 4.23
N LEU CB 41 -25.52 -2.47 3.65
CA LEU CB 41 -25.72 -2.82 2.24
C LEU CB 41 -27.06 -3.50 2.02
N LYS CB 42 -27.45 -4.39 2.93
CA LYS CB 42 -28.75 -5.05 2.81
C LYS CB 42 -29.88 -4.04 2.88
N ASP CB 43 -29.76 -3.04 3.74
CA ASP CB 43 -30.77 -2.00 3.84
C ASP CB 43 -30.81 -1.15 2.56
N ASN CB 44 -29.64 -0.76 2.06
CA ASN CB 44 -29.60 -0.01 0.81
C ASN CB 44 -30.23 -0.80 -0.33
N PHE CB 45 -30.11 -2.13 -0.30
CA PHE CB 45 -30.71 -2.95 -1.34
C PHE CB 45 -32.23 -3.04 -1.17
N ASN CB 46 -32.68 -3.42 0.02
CA ASN CB 46 -34.10 -3.66 0.28
C ASN CB 46 -34.86 -2.43 0.73
N LYS CB 47 -34.30 -1.23 0.51
CA LYS CB 47 -34.97 0.01 0.87
C LYS CB 47 -34.92 1.08 -0.20
N THR CB 48 -34.05 0.97 -1.20
CA THR CB 48 -33.96 1.98 -2.26
C THR CB 48 -35.18 1.92 -3.15
N LEU CB 49 -35.22 0.95 -4.06
CA LEU CB 49 -36.33 0.80 -4.99
C LEU CB 49 -36.29 -0.59 -5.59
N ASN CB 50 -37.45 -1.26 -5.65
CA ASN CB 50 -37.54 -2.59 -6.21
C ASN CB 50 -39.02 -2.95 -6.33
N ILE CB 51 -39.36 -3.63 -7.43
CA ILE CB 51 -40.73 -4.06 -7.66
C ILE CB 51 -41.07 -5.21 -6.70
N ARG CB 52 -41.20 -4.88 -5.41
CA ARG CB 52 -41.49 -5.88 -4.39
C ARG CB 52 -42.99 -6.19 -4.41
N THR CB 53 -43.33 -7.41 -4.83
CA THR CB 53 -44.71 -7.83 -4.87
C THR CB 53 -45.18 -8.23 -3.46
N SER CB 54 -46.43 -8.67 -3.37
CA SER CB 54 -47.03 -9.08 -2.10
C SER CB 54 -47.21 -7.86 -1.19
N PRO CB 55 -48.43 -7.57 -0.74
CA PRO CB 55 -48.59 -6.41 0.16
C PRO CB 55 -47.75 -6.49 1.41
N GLY CB 56 -47.40 -7.69 1.86
CA GLY CB 56 -46.58 -7.81 3.06
C GLY CB 56 -45.20 -7.19 2.90
N SER CB 57 -44.69 -7.12 1.67
CA SER CB 57 -43.38 -6.53 1.45
C SER CB 57 -43.43 -5.02 1.62
N LEU CB 58 -44.42 -4.36 1.02
CA LEU CB 58 -44.53 -2.91 1.14
C LEU CB 58 -44.83 -2.49 2.58
N ASP CB 59 -45.46 -3.36 3.36
CA ASP CB 59 -45.75 -3.07 4.76
C ASP CB 59 -44.46 -2.76 5.51
N LYS CB 60 -44.11 -1.47 5.59
CA LYS CB 60 -42.86 -1.06 6.20
C LYS CB 60 -43.05 0.09 7.18
N ILE CB 61 -42.94 1.32 6.69
CA ILE CB 61 -42.95 2.50 7.56
C ILE CB 61 -44.11 3.40 7.15
N ALA CB 62 -44.63 4.15 8.13
CA ALA CB 62 -45.68 5.12 7.89
C ALA CB 62 -45.67 6.12 9.03
N VAL CB 63 -46.01 7.37 8.70
CA VAL CB 63 -46.00 8.43 9.69
C VAL CB 63 -46.96 8.07 10.83
N VAL CB 64 -46.60 8.49 12.05
CA VAL CB 64 -47.43 8.21 13.22
C VAL CB 64 -48.73 8.98 13.10
N THR CB 65 -49.85 8.27 13.25
CA THR CB 65 -51.17 8.86 13.16
C THR CB 65 -51.89 8.66 14.49
N ALA CB 66 -52.33 9.77 15.10
CA ALA CB 66 -53.06 9.72 16.36
C ALA CB 66 -52.22 9.05 17.45
N ASP CB 67 -50.93 9.36 17.49
CA ASP CB 67 -50.02 8.81 18.48
C ASP CB 67 -50.02 7.28 18.43
N GLY CB 68 -49.88 6.74 17.23
CA GLY CB 68 -49.87 5.30 17.04
C GLY CB 68 -49.38 4.90 15.66
N LYS CB 69 -48.25 4.20 15.62
CA LYS CB 69 -47.70 3.76 14.34
C LYS CB 69 -48.64 2.77 13.67
N LEU CB 70 -48.41 2.55 12.37
CA LEU CB 70 -49.25 1.65 11.59
C LEU CB 70 -48.52 1.32 10.30
N ALA CB 71 -48.97 0.24 9.65
CA ALA CB 71 -48.42 -0.19 8.38
C ALA CB 71 -49.55 -0.76 7.55
N LEU CB 72 -49.21 -1.32 6.38
CA LEU CB 72 -50.21 -1.86 5.48
C LEU CB 72 -50.87 -3.10 6.09
N ASN CB 73 -50.17 -4.23 6.07
CA ASN CB 73 -50.71 -5.49 6.59
C ASN CB 73 -50.61 -5.45 8.11
N GLN CB 74 -51.64 -4.90 8.75
CA GLN CB 74 -51.69 -4.81 10.20
C GLN CB 74 -53.15 -4.81 10.68
N ILE CB 75 -53.96 -3.92 10.11
CA ILE CB 75 -55.37 -3.85 10.44
C ILE CB 75 -56.28 -4.02 9.23
N SER CB 76 -55.75 -3.91 8.01
CA SER CB 76 -56.55 -4.05 6.80
C SER CB 76 -56.38 -5.44 6.21
N GLN CB 77 -57.47 -5.97 5.64
CA GLN CB 77 -57.46 -7.28 5.01
C GLN CB 77 -57.16 -7.10 3.52
N ILE CB 78 -55.86 -6.97 3.22
CA ILE CB 78 -55.45 -6.75 1.83
C ILE CB 78 -55.61 -8.05 1.04
N SER CB 79 -55.91 -7.88 -0.25
CA SER CB 79 -56.08 -9.03 -1.14
C SER CB 79 -55.60 -8.62 -2.53
N MET CB 80 -54.59 -9.32 -3.04
CA MET CB 80 -54.05 -9.00 -4.35
C MET CB 80 -55.11 -9.23 -5.42
N LYS CB 81 -55.50 -8.15 -6.11
CA LYS CB 81 -56.50 -8.25 -7.17
C LYS CB 81 -55.87 -8.73 -8.47
N SER CB 82 -54.77 -8.12 -8.88
CA SER CB 82 -54.08 -8.47 -10.10
C SER CB 82 -52.69 -7.85 -10.07
N PRO CB 83 -51.74 -8.37 -10.87
CA PRO CB 83 -50.41 -7.76 -10.90
C PRO CB 83 -50.41 -6.30 -11.30
N GLN CB 84 -51.49 -5.81 -11.93
CA GLN CB 84 -51.60 -4.41 -12.34
C GLN CB 84 -52.61 -3.64 -11.51
N LEU CB 85 -53.00 -4.16 -10.35
CA LEU CB 85 -53.97 -3.49 -9.49
C LEU CB 85 -54.01 -4.15 -8.12
N ILE CB 86 -53.95 -3.35 -7.06
CA ILE CB 86 -53.97 -3.84 -5.69
C ILE CB 86 -55.16 -3.25 -4.96
N LEU CB 87 -55.78 -4.04 -4.11
CA LEU CB 87 -56.93 -3.63 -3.32
C LEU CB 87 -56.50 -3.26 -1.90
N VAL CB 88 -57.37 -2.50 -1.22
CA VAL CB 88 -57.12 -2.10 0.16
C VAL CB 88 -58.47 -2.00 0.86
N ASN CB 89 -58.50 -2.40 2.13
CA ASN CB 89 -59.71 -2.37 2.95
C ASN CB 89 -59.30 -1.96 4.37
N MET CB 90 -59.24 -0.65 4.60
CA MET CB 90 -58.86 -0.13 5.91
C MET CB 90 -59.92 -0.48 6.95
N ALA CB 91 -59.56 -0.32 8.21
CA ALA CB 91 -60.44 -0.62 9.33
C ALA CB 91 -61.11 0.65 9.86
N SER CB 92 -61.70 1.43 8.96
CA SER CB 92 -62.39 2.66 9.32
C SER CB 92 -61.45 3.64 10.02
N PHE CB 93 -60.51 4.16 9.22
CA PHE CB 93 -59.52 5.12 9.71
C PHE CB 93 -59.10 6.02 8.55
N PRO CB 94 -59.91 7.02 8.22
CA PRO CB 94 -59.53 7.93 7.12
C PRO CB 94 -58.18 8.60 7.35
N GLU CB 95 -57.85 8.94 8.60
CA GLU CB 95 -56.55 9.54 8.88
C GLU CB 95 -55.42 8.58 8.55
N CYS CB 96 -55.56 7.31 8.94
CA CYS CB 96 -54.54 6.31 8.61
C CYS CB 96 -54.45 6.11 7.11
N THR CB 97 -55.58 6.15 6.41
CA THR CB 97 -55.56 6.03 4.95
C THR CB 97 -54.79 7.18 4.32
N ALA CB 98 -55.05 8.40 4.77
CA ALA CB 98 -54.33 9.56 4.24
C ALA CB 98 -52.85 9.47 4.56
N ALA CB 99 -52.50 9.01 5.77
CA ALA CB 99 -51.10 8.86 6.13
C ALA CB 99 -50.40 7.83 5.23
N ALA CB 100 -51.07 6.70 4.98
CA ALA CB 100 -50.49 5.68 4.10
C ALA CB 100 -50.34 6.20 2.68
N ILE CB 101 -51.32 6.96 2.20
CA ILE CB 101 -51.23 7.54 0.86
C ILE CB 101 -50.05 8.50 0.77
N LYS CB 102 -49.89 9.35 1.80
CA LYS CB 102 -48.76 10.28 1.81
C LYS CB 102 -47.43 9.55 1.85
N ALA CB 103 -47.35 8.48 2.65
CA ALA CB 103 -46.11 7.73 2.74
C ALA CB 103 -45.78 7.00 1.43
N ILE CB 104 -46.81 6.53 0.73
CA ILE CB 104 -46.58 5.82 -0.53
C ILE CB 104 -46.24 6.79 -1.65
N ARG CB 105 -46.81 8.00 -1.63
CA ARG CB 105 -46.53 8.97 -2.68
C ARG CB 105 -45.07 9.39 -2.68
N GLU CB 106 -44.42 9.35 -1.51
CA GLU CB 106 -43.01 9.73 -1.41
C GLU CB 106 -42.06 8.60 -1.78
N SER CB 107 -42.58 7.47 -2.25
CA SER CB 107 -41.74 6.35 -2.63
C SER CB 107 -41.11 6.58 -4.00
N GLY CB 108 -40.15 5.73 -4.35
CA GLY CB 108 -39.45 5.83 -5.62
C GLY CB 108 -40.06 5.03 -6.74
N MET CB 109 -41.22 4.39 -6.51
CA MET CB 109 -41.86 3.58 -7.55
C MET CB 109 -42.63 4.42 -8.55
N ASN CB 110 -42.75 5.73 -8.33
CA ASN CB 110 -43.49 6.62 -9.23
C ASN CB 110 -44.94 6.16 -9.36
N LEU CB 111 -45.62 6.11 -8.22
CA LEU CB 111 -47.00 5.64 -8.15
C LEU CB 111 -47.96 6.82 -8.16
N ASN CB 112 -49.23 6.52 -8.45
CA ASN CB 112 -50.31 7.51 -8.46
C ASN CB 112 -51.55 6.87 -7.86
N PRO CB 113 -51.57 6.67 -6.54
CA PRO CB 113 -52.73 6.04 -5.92
C PRO CB 113 -54.01 6.84 -6.14
N GLU CB 114 -55.12 6.11 -6.22
CA GLU CB 114 -56.45 6.70 -6.40
C GLU CB 114 -57.28 6.33 -5.18
N VAL CB 115 -57.17 7.13 -4.13
CA VAL CB 115 -57.88 6.86 -2.88
C VAL CB 115 -59.33 7.29 -3.02
N GLU CB 116 -60.22 6.59 -2.31
CA GLU CB 116 -61.64 6.88 -2.31
C GLU CB 116 -62.18 6.69 -0.89
N GLY CB 117 -61.64 7.45 0.05
CA GLY CB 117 -62.03 7.35 1.44
C GLY CB 117 -61.27 6.26 2.18
N THR CB 118 -61.64 5.01 1.94
CA THR CB 118 -60.97 3.86 2.54
C THR CB 118 -60.35 2.90 1.54
N LEU CB 119 -60.75 2.95 0.28
CA LEU CB 119 -60.20 2.08 -0.74
C LEU CB 119 -59.06 2.77 -1.47
N ILE CB 120 -58.00 2.01 -1.75
CA ILE CB 120 -56.83 2.51 -2.45
C ILE CB 120 -56.52 1.61 -3.62
N ARG CB 121 -56.05 2.21 -4.72
CA ARG CB 121 -55.70 1.48 -5.93
C ARG CB 121 -54.31 1.91 -6.37
N VAL CB 122 -53.38 0.95 -6.38
CA VAL CB 122 -52.00 1.22 -6.78
C VAL CB 122 -51.67 0.35 -7.99
N PRO CB 123 -52.12 0.69 -9.18
CA PRO CB 123 -51.84 -0.13 -10.36
C PRO CB 123 -50.42 0.05 -10.87
N ILE CB 124 -49.94 -0.98 -11.56
CA ILE CB 124 -48.61 -0.98 -12.16
C ILE CB 124 -48.71 -1.61 -13.54
N PRO CB 125 -48.65 -0.83 -14.63
CA PRO CB 125 -48.76 -1.43 -15.97
C PRO CB 125 -47.70 -2.49 -16.24
N GLN CB 126 -46.44 -2.08 -16.30
CA GLN CB 126 -45.35 -3.01 -16.57
C GLN CB 126 -44.03 -2.27 -16.39
N VAL CB 127 -42.95 -3.05 -16.28
CA VAL CB 127 -41.61 -2.51 -16.13
C VAL CB 127 -40.72 -3.15 -17.19
N THR CB 128 -39.91 -2.34 -17.86
CA THR CB 128 -39.03 -2.82 -18.92
C THR CB 128 -37.67 -3.17 -18.32
N ARG CB 129 -36.70 -3.47 -19.19
CA ARG CB 129 -35.36 -3.84 -18.76
C ARG CB 129 -34.51 -2.64 -18.37
N GLU CB 130 -34.91 -1.41 -18.74
CA GLU CB 130 -34.12 -0.24 -18.41
C GLU CB 130 -34.03 -0.05 -16.90
N HIS CB 131 -35.18 -0.10 -16.21
CA HIS CB 131 -35.17 0.05 -14.76
C HIS CB 131 -34.42 -1.08 -14.08
N ARG CB 132 -34.55 -2.30 -14.62
CA ARG CB 132 -33.82 -3.44 -14.06
C ARG CB 132 -32.32 -3.23 -14.16
N GLU CB 133 -31.85 -2.79 -15.33
CA GLU CB 133 -30.42 -2.54 -15.51
C GLU CB 133 -29.95 -1.40 -14.62
N MET CB 134 -30.77 -0.36 -14.47
CA MET CB 134 -30.40 0.75 -13.60
C MET CB 134 -30.27 0.29 -12.15
N LEU CB 135 -31.21 -0.55 -11.69
CA LEU CB 135 -31.14 -1.06 -10.32
C LEU CB 135 -29.95 -1.98 -10.15
N VAL CB 136 -29.62 -2.77 -11.17
CA VAL CB 136 -28.45 -3.65 -11.09
C VAL CB 136 -27.18 -2.81 -10.98
N LYS CB 137 -27.09 -1.74 -11.77
CA LYS CB 137 -25.91 -0.87 -11.69
C LYS CB 137 -25.83 -0.18 -10.33
N LEU CB 138 -26.96 0.24 -9.78
CA LEU CB 138 -26.96 0.85 -8.46
C LEU CB 138 -26.51 -0.14 -7.39
N ALA CB 139 -26.97 -1.40 -7.51
CA ALA CB 139 -26.54 -2.43 -6.57
C ALA CB 139 -25.04 -2.70 -6.70
N LYS CB 140 -24.53 -2.69 -7.93
CA LYS CB 140 -23.10 -2.86 -8.14
C LYS CB 140 -22.31 -1.71 -7.51
N GLN CB 141 -22.82 -0.48 -7.64
CA GLN CB 141 -22.15 0.67 -7.03
C GLN CB 141 -22.17 0.56 -5.52
N ASN CB 142 -23.29 0.12 -4.95
CA ASN CB 142 -23.37 -0.06 -3.50
C ASN CB 142 -22.42 -1.15 -3.03
N THR CB 143 -22.29 -2.23 -3.81
CA THR CB 143 -21.34 -3.28 -3.46
C THR CB 143 -19.91 -2.76 -3.52
N ASN CB 144 -19.61 -1.92 -4.51
CA ASN CB 144 -18.28 -1.32 -4.59
C ASN CB 144 -18.01 -0.41 -3.39
N LYS CB 145 -19.04 0.34 -2.95
CA LYS CB 145 -18.88 1.18 -1.78
C LYS CB 145 -18.63 0.34 -0.53
N ALA CB 146 -19.36 -0.77 -0.39
CA ALA CB 146 -19.14 -1.67 0.74
C ALA CB 146 -17.74 -2.27 0.69
N LYS CB 147 -17.27 -2.61 -0.51
CA LYS CB 147 -15.92 -3.13 -0.66
C LYS CB 147 -14.89 -2.08 -0.26
N ASP CB 148 -15.12 -0.82 -0.61
CA ASP CB 148 -14.22 0.25 -0.20
C ASP CB 148 -14.23 0.43 1.31
N SER CB 149 -15.41 0.31 1.94
CA SER CB 149 -15.47 0.40 3.39
C SER CB 149 -14.70 -0.73 4.04
N LEU CB 150 -14.85 -1.97 3.52
CA LEU CB 150 -14.09 -3.08 4.05
C LEU CB 150 -12.60 -2.89 3.83
N ARG CB 151 -12.22 -2.29 2.70
CA ARG CB 151 -10.82 -1.97 2.44
C ARG CB 151 -10.29 -1.00 3.50
N LYS CB 152 -11.07 0.04 3.81
CA LYS CB 152 -10.64 0.98 4.85
C LYS CB 152 -10.51 0.29 6.19
N VAL CB 153 -11.46 -0.59 6.53
CA VAL CB 153 -11.40 -1.30 7.81
C VAL CB 153 -10.15 -2.17 7.88
N ARG CB 154 -9.87 -2.90 6.80
CA ARG CB 154 -8.69 -3.77 6.77
C ARG CB 154 -7.41 -2.94 6.81
N THR CB 155 -7.40 -1.78 6.17
CA THR CB 155 -6.23 -0.92 6.22
C THR CB 155 -5.98 -0.42 7.64
N ASN CB 156 -7.05 -0.02 8.34
CA ASN CB 156 -6.90 0.39 9.74
C ASN CB 156 -6.38 -0.78 10.59
N SER CB 157 -6.92 -1.97 10.37
CA SER CB 157 -6.46 -3.14 11.13
C SER CB 157 -4.99 -3.43 10.85
N MET CB 158 -4.58 -3.33 9.59
CA MET CB 158 -3.17 -3.57 9.25
C MET CB 158 -2.26 -2.49 9.85
N ASN CB 159 -2.73 -1.24 9.87
CA ASN CB 159 -1.94 -0.18 10.50
C ASN CB 159 -1.78 -0.44 11.99
N LYS CB 160 -2.85 -0.88 12.65
CA LYS CB 160 -2.75 -1.21 14.07
C LYS CB 160 -1.78 -2.37 14.28
N LEU CB 161 -1.89 -3.42 13.45
CA LEU CB 161 -1.00 -4.57 13.58
C LEU CB 161 0.45 -4.17 13.38
N LYS CB 162 0.71 -3.26 12.43
CA LYS CB 162 2.07 -2.78 12.22
C LYS CB 162 2.56 -1.97 13.41
N LYS CB 163 1.71 -1.09 13.94
CA LYS CB 163 2.07 -0.36 15.15
C LYS CB 163 2.42 -1.31 16.29
N SER CB 164 1.75 -2.46 16.35
CA SER CB 164 2.05 -3.48 17.35
C SER CB 164 2.72 -4.66 16.66
N LYS CB 165 3.95 -4.44 16.20
CA LYS CB 165 4.71 -5.46 15.49
C LYS CB 165 6.11 -5.62 16.06
N ASP CB 166 6.66 -4.54 16.62
CA ASP CB 166 8.02 -4.56 17.14
C ASP CB 166 8.19 -5.66 18.19
N THR CB 167 7.55 -5.50 19.33
CA THR CB 167 7.65 -6.46 20.42
C THR CB 167 6.60 -7.57 20.29
N VAL CB 168 6.46 -8.12 19.09
CA VAL CB 168 5.50 -9.19 18.82
C VAL CB 168 6.15 -10.16 17.83
N SER CB 169 5.84 -11.45 18.00
CA SER CB 169 6.38 -12.46 17.11
C SER CB 169 5.87 -12.26 15.70
N GLU CB 170 6.80 -12.21 14.73
CA GLU CB 170 6.42 -12.01 13.34
C GLU CB 170 5.50 -13.11 12.85
N ASP CB 171 5.64 -14.32 13.40
CA ASP CB 171 4.74 -15.42 13.02
C ASP CB 171 3.31 -15.09 13.40
N THR CB 172 3.09 -14.57 14.62
CA THR CB 172 1.75 -14.19 15.03
C THR CB 172 1.21 -13.05 14.17
N ILE CB 173 2.09 -12.12 13.77
CA ILE CB 173 1.67 -11.02 12.90
C ILE CB 173 1.20 -11.56 11.56
N ARG CB 174 1.97 -12.48 10.97
CA ARG CB 174 1.58 -13.07 9.69
C ARG CB 174 0.29 -13.87 9.82
N LEU CB 175 0.12 -14.57 10.94
CA LEU CB 175 -1.11 -15.33 11.15
C LEU CB 175 -2.31 -14.42 11.27
N ILE CB 176 -2.17 -13.30 12.00
CA ILE CB 176 -3.26 -12.34 12.12
C ILE CB 176 -3.58 -11.73 10.77
N GLU CB 177 -2.55 -11.44 9.96
CA GLU CB 177 -2.77 -10.90 8.63
C GLU CB 177 -3.53 -11.90 7.76
N LYS CB 178 -3.16 -13.17 7.82
CA LYS CB 178 -3.85 -14.19 7.05
C LYS CB 178 -5.30 -14.35 7.50
N GLN CB 179 -5.52 -14.27 8.82
CA GLN CB 179 -6.89 -14.35 9.33
C GLN CB 179 -7.73 -13.17 8.86
N ILE CB 180 -7.16 -11.97 8.87
CA ILE CB 180 -7.88 -10.80 8.39
C ILE CB 180 -8.17 -10.92 6.91
N SER CB 181 -7.22 -11.46 6.14
CA SER CB 181 -7.44 -11.66 4.71
C SER CB 181 -8.55 -12.67 4.46
N GLN CB 182 -8.58 -13.75 5.23
CA GLN CB 182 -9.64 -14.74 5.08
C GLN CB 182 -11.00 -14.14 5.45
N MET CB 183 -11.04 -13.32 6.50
CA MET CB 183 -12.29 -12.67 6.88
C MET CB 183 -12.77 -11.73 5.78
N ALA CB 184 -11.84 -10.96 5.20
CA ALA CB 184 -12.21 -10.06 4.11
C ALA CB 184 -12.71 -10.84 2.90
N ASP CB 185 -12.08 -11.98 2.59
CA ASP CB 185 -12.52 -12.80 1.48
C ASP CB 185 -13.92 -13.35 1.73
N ASP CB 186 -14.19 -13.80 2.97
CA ASP CB 186 -15.51 -14.30 3.30
C ASP CB 186 -16.55 -13.18 3.19
N THR CB 187 -16.20 -11.96 3.63
CA THR CB 187 -17.12 -10.84 3.51
C THR CB 187 -17.40 -10.51 2.05
N VAL CB 188 -16.36 -10.55 1.21
CA VAL CB 188 -16.55 -10.29 -0.21
C VAL CB 188 -17.43 -11.36 -0.84
N ALA CB 189 -17.25 -12.62 -0.43
CA ALA CB 189 -18.10 -13.69 -0.94
C ALA CB 189 -19.55 -13.49 -0.53
N GLU CB 190 -19.77 -13.09 0.72
CA GLU CB 190 -21.13 -12.82 1.18
C GLU CB 190 -21.75 -11.66 0.42
N LEU CB 191 -20.96 -10.61 0.15
CA LEU CB 191 -21.47 -9.48 -0.61
C LEU CB 191 -21.83 -9.90 -2.04
N ASP CB 192 -20.99 -10.73 -2.65
CA ASP CB 192 -21.28 -11.22 -4.00
C ASP CB 192 -22.54 -12.08 -4.00
N ARG CB 193 -22.71 -12.91 -2.98
CA ARG CB 193 -23.93 -13.72 -2.89
C ARG CB 193 -25.16 -12.84 -2.75
N HIS CB 194 -25.08 -11.80 -1.92
CA HIS CB 194 -26.20 -10.88 -1.76
C HIS CB 194 -26.50 -10.17 -3.07
N LEU CB 195 -25.47 -9.74 -3.79
CA LEU CB 195 -25.67 -9.08 -5.07
C LEU CB 195 -26.34 -10.02 -6.08
N ALA CB 196 -25.91 -11.29 -6.10
CA ALA CB 196 -26.52 -12.25 -7.01
C ALA CB 196 -27.97 -12.50 -6.64
N VAL CB 197 -28.27 -12.59 -5.34
CA VAL CB 197 -29.66 -12.78 -4.91
C VAL CB 197 -30.51 -11.59 -5.32
N LYS CB 198 -29.99 -10.37 -5.16
CA LYS CB 198 -30.74 -9.19 -5.57
C LYS CB 198 -30.96 -9.16 -7.08
N THR CB 199 -29.94 -9.53 -7.85
CA THR CB 199 -30.09 -9.57 -9.30
C THR CB 199 -31.14 -10.60 -9.72
N LYS CB 200 -31.14 -11.76 -9.05
CA LYS CB 200 -32.15 -12.78 -9.37
C LYS CB 200 -33.54 -12.30 -9.01
N GLU CB 201 -33.68 -11.63 -7.85
CA GLU CB 201 -34.99 -11.12 -7.46
C GLU CB 201 -35.48 -10.05 -8.43
N LEU CB 202 -34.56 -9.22 -8.94
CA LEU CB 202 -34.94 -8.17 -9.87
C LEU CB 202 -35.34 -8.76 -11.22
N LEU CB 203 -34.47 -9.57 -11.81
CA LEU CB 203 -34.76 -10.17 -13.11
C LEU CB 203 -35.74 -11.33 -12.99
N GLY CB 204 -35.44 -12.28 -12.12
CA GLY CB 204 -36.30 -13.43 -11.93
C GLY CB 204 -37.68 -13.06 -11.39
N PHE EB 1 -79.64 106.12 -16.41
CA PHE EB 1 -80.01 106.14 -17.81
C PHE EB 1 -79.34 107.30 -18.54
N ASN EB 2 -78.04 107.13 -18.82
CA ASN EB 2 -77.27 108.18 -19.51
C ASN EB 2 -76.20 107.46 -20.34
N ASP EB 3 -76.57 107.10 -21.58
CA ASP EB 3 -75.64 106.42 -22.47
C ASP EB 3 -74.64 107.35 -23.14
N LYS EB 4 -74.79 108.67 -22.97
CA LYS EB 4 -73.87 109.61 -23.58
C LYS EB 4 -72.48 109.54 -22.96
N ILE EB 5 -72.35 108.93 -21.78
CA ILE EB 5 -71.04 108.82 -21.14
C ILE EB 5 -70.12 107.88 -21.91
N LEU EB 6 -70.69 107.01 -22.76
CA LEU EB 6 -69.90 106.07 -23.54
C LEU EB 6 -69.60 106.57 -24.95
N ASN EB 7 -69.97 107.81 -25.27
CA ASN EB 7 -69.73 108.36 -26.60
C ASN EB 7 -69.13 109.75 -26.55
N GLU EB 8 -69.59 110.62 -25.65
CA GLU EB 8 -69.06 111.98 -25.58
C GLU EB 8 -67.57 112.00 -25.29
N PRO EB 9 -67.07 111.39 -24.21
CA PRO EB 9 -65.62 111.48 -23.95
C PRO EB 9 -64.78 110.80 -25.01
N LEU EB 10 -65.19 109.62 -25.47
CA LEU EB 10 -64.45 108.88 -26.49
C LEU EB 10 -64.94 109.34 -27.86
N LYS EB 11 -64.38 110.46 -28.31
CA LYS EB 11 -64.73 111.04 -29.60
C LYS EB 11 -63.60 111.89 -30.15
N HIS EB 12 -63.14 112.87 -29.36
CA HIS EB 12 -62.08 113.76 -29.77
C HIS EB 12 -60.79 113.41 -29.03
N SER EB 13 -59.67 113.43 -29.75
CA SER EB 13 -58.39 113.15 -29.14
C SER EB 13 -58.04 114.21 -28.10
N ASP EB 14 -57.56 113.76 -26.95
CA ASP EB 14 -57.21 114.65 -25.85
C ASP EB 14 -58.43 115.47 -25.42
N PHE EB 15 -59.49 114.75 -25.03
CA PHE EB 15 -60.73 115.41 -24.63
C PHE EB 15 -60.51 116.35 -23.45
N PHE EB 16 -59.73 115.92 -22.47
CA PHE EB 16 -59.45 116.71 -21.28
C PHE EB 16 -58.18 117.54 -21.42
N ASN EB 17 -57.74 117.82 -22.64
CA ASN EB 17 -56.51 118.58 -22.88
C ASN EB 17 -55.32 117.89 -22.22
N VAL EB 18 -55.05 116.66 -22.69
CA VAL EB 18 -54.00 115.85 -22.09
C VAL EB 18 -52.63 116.40 -22.45
N LYS EB 19 -52.40 116.68 -23.73
CA LYS EB 19 -51.08 117.15 -24.17
C LYS EB 19 -50.70 118.47 -23.52
N GLU EB 20 -51.70 119.28 -23.14
CA GLU EB 20 -51.42 120.57 -22.52
C GLU EB 20 -51.06 120.45 -21.05
N LEU EB 21 -51.40 119.33 -20.41
CA LEU EB 21 -51.08 119.16 -19.00
C LEU EB 21 -49.57 119.22 -18.76
N PHE EB 22 -48.79 118.62 -19.67
CA PHE EB 22 -47.34 118.59 -19.58
C PHE EB 22 -46.75 119.33 -20.78
N SER EB 23 -45.42 119.33 -20.84
CA SER EB 23 -44.70 119.98 -21.93
C SER EB 23 -43.38 119.26 -22.16
N VAL EB 24 -42.96 119.19 -23.41
CA VAL EB 24 -41.71 118.53 -23.75
C VAL EB 24 -40.54 119.21 -23.03
N ARG EB 25 -40.52 120.53 -23.02
CA ARG EB 25 -39.46 121.25 -22.31
C ARG EB 25 -39.54 121.01 -20.81
N SER EB 26 -40.75 121.02 -20.26
CA SER EB 26 -40.91 120.77 -18.82
C SER EB 26 -40.44 119.36 -18.46
N LEU EB 27 -40.70 118.38 -19.33
CA LEU EB 27 -40.24 117.03 -19.07
C LEU EB 27 -38.72 116.92 -19.19
N PHE EB 28 -38.15 117.57 -20.20
CA PHE EB 28 -36.69 117.54 -20.37
C PHE EB 28 -35.98 118.24 -19.22
N ASP EB 29 -36.62 119.24 -18.61
CA ASP EB 29 -36.00 119.94 -17.48
C ASP EB 29 -35.71 118.98 -16.32
N ALA EB 30 -36.47 117.90 -16.22
CA ALA EB 30 -36.26 116.90 -15.17
C ALA EB 30 -35.21 115.88 -15.53
N ARG EB 31 -34.69 115.89 -16.76
CA ARG EB 31 -33.67 114.94 -17.19
C ARG EB 31 -34.19 113.51 -17.07
N VAL EB 32 -35.44 113.31 -17.47
CA VAL EB 32 -36.05 111.98 -17.38
C VAL EB 32 -35.45 111.02 -18.39
N HIS EB 33 -34.90 111.54 -19.49
CA HIS EB 33 -34.32 110.67 -20.51
C HIS EB 33 -33.16 109.83 -19.97
N LEU EB 34 -32.53 110.26 -18.88
CA LEU EB 34 -31.42 109.51 -18.32
C LEU EB 34 -31.87 108.10 -17.94
N GLY EB 35 -30.88 107.19 -17.85
CA GLY EB 35 -31.14 105.81 -17.51
C GLY EB 35 -29.94 105.19 -16.84
N HIS EB 36 -30.07 103.91 -16.51
CA HIS EB 36 -29.00 103.17 -15.86
C HIS EB 36 -27.97 102.76 -16.90
N LYS EB 37 -27.07 101.84 -16.53
CA LYS EB 37 -26.03 101.38 -17.43
C LYS EB 37 -26.57 100.31 -18.37
N ALA EB 38 -25.82 100.06 -19.45
CA ALA EB 38 -26.21 99.03 -20.41
C ALA EB 38 -26.32 97.67 -19.74
N GLY EB 39 -25.43 97.38 -18.79
CA GLY EB 39 -25.51 96.12 -18.07
C GLY EB 39 -26.82 95.99 -17.28
N CYS EB 40 -27.18 97.04 -16.55
CA CYS EB 40 -28.45 97.04 -15.83
C CYS EB 40 -29.64 97.14 -16.77
N ARG EB 41 -29.45 97.66 -17.99
CA ARG EB 41 -30.54 97.79 -18.93
C ARG EB 41 -31.13 96.41 -19.26
N HIS EB 42 -32.43 96.39 -19.52
CA HIS EB 42 -33.13 95.17 -19.87
C HIS EB 42 -33.13 94.97 -21.39
N ARG EB 43 -33.30 93.71 -21.80
CA ARG EB 43 -33.28 93.38 -23.22
C ARG EB 43 -34.48 93.99 -23.93
N PHE EB 44 -35.69 93.74 -23.43
CA PHE EB 44 -36.90 94.25 -24.05
C PHE EB 44 -37.01 95.76 -23.97
N MET EB 45 -36.19 96.42 -23.16
CA MET EB 45 -36.20 97.87 -23.05
C MET EB 45 -35.33 98.55 -24.10
N GLU EB 46 -34.77 97.77 -25.05
CA GLU EB 46 -33.89 98.37 -26.05
C GLU EB 46 -34.66 99.24 -27.04
N PRO EB 47 -35.78 98.80 -27.60
CA PRO EB 47 -36.50 99.65 -28.57
C PRO EB 47 -36.92 101.00 -27.98
N TYR EB 48 -37.28 101.03 -26.70
CA TYR EB 48 -37.71 102.28 -26.08
C TYR EB 48 -36.55 103.20 -25.72
N ILE EB 49 -35.35 102.65 -25.54
CA ILE EB 49 -34.17 103.44 -25.23
C ILE EB 49 -33.49 103.84 -26.52
N PHE EB 50 -33.02 105.09 -26.59
CA PHE EB 50 -32.41 105.61 -27.80
C PHE EB 50 -30.94 105.22 -27.87
N GLY EB 51 -30.07 105.97 -27.19
CA GLY EB 51 -28.65 105.73 -27.21
C GLY EB 51 -28.08 105.69 -25.81
N SER EB 52 -26.79 106.02 -25.71
CA SER EB 52 -26.10 106.02 -24.44
C SER EB 52 -25.02 107.11 -24.45
N ARG EB 53 -24.77 107.67 -23.27
CA ARG EB 53 -23.75 108.70 -23.08
C ARG EB 53 -22.71 108.13 -22.13
N LEU EB 54 -21.69 107.48 -22.70
CA LEU EB 54 -20.64 106.83 -21.93
C LEU EB 54 -21.25 105.80 -20.97
N ASP EB 55 -22.01 104.86 -21.55
CA ASP EB 55 -22.70 103.82 -20.82
C ASP EB 55 -23.83 104.36 -19.96
N HIS EB 56 -24.35 105.55 -20.29
CA HIS EB 56 -25.49 106.14 -19.61
C HIS EB 56 -26.63 106.23 -20.62
N ASP EB 57 -27.60 105.33 -20.51
CA ASP EB 57 -28.67 105.24 -21.49
C ASP EB 57 -29.46 106.54 -21.57
N ILE EB 58 -29.94 106.86 -22.77
CA ILE EB 58 -30.79 108.01 -23.01
C ILE EB 58 -32.05 107.52 -23.70
N ILE EB 59 -33.20 107.99 -23.23
CA ILE EB 59 -34.50 107.58 -23.74
C ILE EB 59 -35.07 108.72 -24.58
N ASP EB 60 -35.54 108.40 -25.78
CA ASP EB 60 -36.17 109.40 -26.63
C ASP EB 60 -37.45 109.92 -25.97
N LEU EB 61 -37.49 111.22 -25.71
CA LEU EB 61 -38.62 111.80 -25.00
C LEU EB 61 -39.91 111.80 -25.81
N GLU EB 62 -39.83 111.58 -27.12
CA GLU EB 62 -41.05 111.59 -27.95
C GLU EB 62 -41.94 110.39 -27.61
N GLN EB 63 -41.36 109.19 -27.60
CA GLN EB 63 -42.14 108.00 -27.27
C GLN EB 63 -42.65 108.07 -25.82
N THR EB 64 -41.83 108.60 -24.91
CA THR EB 64 -42.28 108.74 -23.53
C THR EB 64 -43.45 109.70 -23.42
N ALA EB 65 -43.39 110.82 -24.16
CA ALA EB 65 -44.48 111.77 -24.14
C ALA EB 65 -45.74 111.17 -24.74
N THR EB 66 -45.61 110.39 -25.81
CA THR EB 66 -46.77 109.75 -26.41
C THR EB 66 -47.41 108.76 -25.43
N HIS EB 67 -46.58 107.93 -24.78
CA HIS EB 67 -47.10 106.99 -23.80
C HIS EB 67 -47.75 107.71 -22.63
N LEU EB 68 -47.16 108.84 -22.21
CA LEU EB 68 -47.74 109.61 -21.12
C LEU EB 68 -49.09 110.18 -21.51
N GLN EB 69 -49.21 110.71 -22.73
CA GLN EB 69 -50.49 111.21 -23.21
C GLN EB 69 -51.54 110.10 -23.22
N LEU EB 70 -51.15 108.92 -23.74
CA LEU EB 70 -52.08 107.80 -23.78
C LEU EB 70 -52.54 107.41 -22.39
N ALA EB 71 -51.59 107.27 -21.46
CA ALA EB 71 -51.93 106.85 -20.10
C ALA EB 71 -52.78 107.90 -19.39
N LEU EB 72 -52.49 109.18 -19.60
CA LEU EB 72 -53.27 110.23 -18.97
C LEU EB 72 -54.68 110.27 -19.52
N ASN EB 73 -54.84 110.10 -20.84
CA ASN EB 73 -56.18 110.04 -21.41
C ASN EB 73 -56.94 108.82 -20.86
N PHE EB 74 -56.27 107.68 -20.74
CA PHE EB 74 -56.91 106.49 -20.19
C PHE EB 74 -57.37 106.73 -18.76
N THR EB 75 -56.50 107.31 -17.93
CA THR EB 75 -56.86 107.56 -16.54
C THR EB 75 -57.99 108.57 -16.42
N ALA EB 76 -57.99 109.59 -17.30
CA ALA EB 76 -59.07 110.57 -17.27
C ALA EB 76 -60.40 109.95 -17.68
N HIS EB 77 -60.39 109.11 -18.72
CA HIS EB 77 -61.61 108.43 -19.12
C HIS EB 77 -62.09 107.47 -18.04
N MET EB 78 -61.16 106.84 -17.32
CA MET EB 78 -61.55 105.96 -16.22
C MET EB 78 -62.19 106.75 -15.09
N ALA EB 79 -61.56 107.86 -14.69
CA ALA EB 79 -62.14 108.70 -13.65
C ALA EB 79 -63.51 109.23 -14.07
N TYR EB 80 -63.68 109.52 -15.36
CA TYR EB 80 -64.99 109.93 -15.86
C TYR EB 80 -66.04 108.87 -15.61
N ARG EB 81 -65.64 107.60 -15.60
CA ARG EB 81 -66.53 106.49 -15.30
C ARG EB 81 -66.50 106.09 -13.82
N LYS EB 82 -65.80 106.86 -12.99
CA LYS EB 82 -65.68 106.53 -11.57
C LYS EB 82 -64.95 105.21 -11.39
N GLY EB 83 -63.64 105.27 -11.16
CA GLY EB 83 -62.84 104.08 -10.98
C GLY EB 83 -61.79 104.30 -9.92
N ILE EB 84 -61.27 103.18 -9.41
CA ILE EB 84 -60.25 103.20 -8.36
C ILE EB 84 -58.89 103.08 -8.99
N ILE EB 85 -57.94 103.87 -8.49
CA ILE EB 85 -56.55 103.84 -8.94
C ILE EB 85 -55.67 103.49 -7.76
N LEU EB 86 -54.65 102.67 -8.00
CA LEU EB 86 -53.76 102.17 -6.96
C LEU EB 86 -52.33 102.55 -7.30
N PHE EB 87 -51.71 103.34 -6.42
CA PHE EB 87 -50.31 103.74 -6.59
C PHE EB 87 -49.42 102.77 -5.82
N ILE EB 88 -48.29 102.42 -6.44
CA ILE EB 88 -47.34 101.47 -5.86
C ILE EB 88 -45.96 102.11 -5.82
N SER EB 89 -45.24 101.84 -4.74
CA SER EB 89 -43.88 102.36 -4.57
C SER EB 89 -43.27 101.70 -3.35
N ARG EB 90 -41.97 101.38 -3.44
CA ARG EB 90 -41.28 100.72 -2.35
C ARG EB 90 -39.85 101.20 -2.14
N ASN EB 91 -39.30 102.04 -3.02
CA ASN EB 91 -37.95 102.54 -2.85
C ASN EB 91 -37.77 103.35 -1.57
N ARG EB 92 -38.86 103.78 -0.92
CA ARG EB 92 -38.81 104.56 0.31
C ARG EB 92 -38.09 105.88 0.13
N GLN EB 93 -37.98 106.36 -1.12
CA GLN EB 93 -37.33 107.64 -1.39
C GLN EB 93 -38.31 108.81 -1.38
N PHE EB 94 -39.54 108.59 -1.86
CA PHE EB 94 -40.56 109.63 -1.89
C PHE EB 94 -41.91 109.06 -1.49
N SER EB 95 -41.91 108.17 -0.50
CA SER EB 95 -43.17 107.56 -0.05
C SER EB 95 -44.09 108.63 0.55
N TYR EB 96 -43.54 109.57 1.30
CA TYR EB 96 -44.36 110.62 1.89
C TYR EB 96 -45.00 111.48 0.81
N LEU EB 97 -44.26 111.81 -0.25
CA LEU EB 97 -44.83 112.61 -1.33
C LEU EB 97 -45.94 111.85 -2.04
N ILE EB 98 -45.75 110.56 -2.29
CA ILE EB 98 -46.78 109.77 -2.95
C ILE EB 98 -48.02 109.66 -2.08
N GLU EB 99 -47.82 109.53 -0.77
CA GLU EB 99 -48.96 109.48 0.15
C GLU EB 99 -49.72 110.81 0.16
N ASN EB 100 -48.99 111.93 0.19
CA ASN EB 100 -49.65 113.23 0.14
C ASN EB 100 -50.42 113.40 -1.17
N MET EB 101 -49.85 112.94 -2.28
CA MET EB 101 -50.54 113.03 -3.57
C MET EB 101 -51.80 112.18 -3.58
N ALA EB 102 -51.72 110.94 -3.08
CA ALA EB 102 -52.90 110.10 -2.98
C ALA EB 102 -53.97 110.74 -2.11
N ARG EB 103 -53.56 111.40 -1.02
CA ARG EB 103 -54.51 112.13 -0.20
C ARG EB 103 -55.17 113.25 -0.99
N ASP EB 104 -54.37 114.00 -1.75
CA ASP EB 104 -54.93 115.08 -2.57
C ASP EB 104 -55.88 114.53 -3.63
N CYS EB 105 -55.49 113.44 -4.29
CA CYS EB 105 -56.34 112.83 -5.30
C CYS EB 105 -57.54 112.17 -4.65
N GLY EB 106 -58.56 111.90 -5.48
CA GLY EB 106 -59.78 111.27 -5.00
C GLY EB 106 -59.75 109.76 -5.15
N GLU EB 107 -58.56 109.17 -4.99
CA GLU EB 107 -58.42 107.72 -5.10
C GLU EB 107 -57.61 107.18 -3.93
N TYR EB 108 -57.27 105.90 -3.97
CA TYR EB 108 -56.52 105.24 -2.92
C TYR EB 108 -55.09 104.97 -3.40
N ALA EB 109 -54.29 104.40 -2.50
CA ALA EB 109 -52.89 104.10 -2.80
C ALA EB 109 -52.40 103.05 -1.84
N HIS EB 110 -51.24 102.47 -2.16
CA HIS EB 110 -50.62 101.45 -1.31
C HIS EB 110 -49.15 101.35 -1.73
N THR EB 111 -48.30 102.10 -1.03
CA THR EB 111 -46.86 102.12 -1.31
C THR EB 111 -46.06 101.50 -0.17
N ARG EB 112 -46.62 100.50 0.50
CA ARG EB 112 -45.98 99.81 1.60
C ARG EB 112 -45.79 98.34 1.23
N TYR EB 113 -45.27 97.56 2.18
CA TYR EB 113 -45.01 96.15 1.94
C TYR EB 113 -46.28 95.45 1.46
N PHE EB 114 -46.19 94.80 0.31
CA PHE EB 114 -47.31 94.07 -0.27
C PHE EB 114 -47.21 92.61 0.15
N ARG EB 115 -48.15 92.18 1.01
CA ARG EB 115 -48.14 90.81 1.48
C ARG EB 115 -48.33 89.84 0.31
N GLY EB 116 -48.17 88.55 0.62
CA GLY EB 116 -48.27 87.51 -0.40
C GLY EB 116 -49.65 87.41 -1.03
N GLY EB 117 -49.82 88.06 -2.18
CA GLY EB 117 -51.07 87.98 -2.90
C GLY EB 117 -52.26 88.54 -2.14
N MET EB 118 -52.34 89.87 -2.06
CA MET EB 118 -53.48 90.53 -1.43
C MET EB 118 -54.62 90.80 -2.41
N LEU EB 119 -54.33 90.88 -3.70
CA LEU EB 119 -55.35 91.10 -4.71
C LEU EB 119 -55.91 89.80 -5.28
N THR EB 120 -55.08 88.77 -5.40
CA THR EB 120 -55.55 87.50 -5.93
C THR EB 120 -56.61 86.89 -5.02
N ASN EB 121 -56.27 86.70 -3.75
CA ASN EB 121 -57.20 86.14 -2.77
C ASN EB 121 -57.99 87.24 -2.05
N ALA EB 122 -58.44 88.26 -2.78
CA ALA EB 122 -59.20 89.34 -2.18
C ALA EB 122 -60.57 88.87 -1.68
N ARG EB 123 -61.04 87.72 -2.12
CA ARG EB 123 -62.34 87.22 -1.67
C ARG EB 123 -62.32 86.91 -0.18
N LEU EB 124 -61.26 86.25 0.30
CA LEU EB 124 -61.13 85.90 1.71
C LEU EB 124 -60.35 86.93 2.50
N LEU EB 125 -59.19 87.37 1.99
CA LEU EB 125 -58.42 88.39 2.68
C LEU EB 125 -59.24 89.66 2.88
N PHE EB 126 -59.64 90.30 1.79
CA PHE EB 126 -60.50 91.47 1.84
C PHE EB 126 -61.96 91.02 1.87
N GLY EB 127 -62.87 91.99 1.87
CA GLY EB 127 -64.28 91.70 1.88
C GLY EB 127 -64.71 90.90 0.67
N PRO EB 128 -65.88 90.27 0.74
CA PRO EB 128 -66.34 89.47 -0.40
C PRO EB 128 -66.73 90.31 -1.61
N THR EB 129 -67.40 91.45 -1.39
CA THR EB 129 -67.81 92.34 -2.45
C THR EB 129 -66.98 93.62 -2.33
N VAL EB 130 -65.75 93.57 -2.84
CA VAL EB 130 -64.81 94.68 -2.77
C VAL EB 130 -64.58 95.19 -4.19
N ARG EB 131 -64.65 96.51 -4.36
CA ARG EB 131 -64.38 97.13 -5.65
C ARG EB 131 -62.89 97.07 -5.92
N LEU EB 132 -62.46 96.06 -6.68
CA LEU EB 132 -61.04 95.86 -6.95
C LEU EB 132 -60.47 97.06 -7.70
N PRO EB 133 -59.16 97.28 -7.61
CA PRO EB 133 -58.56 98.41 -8.35
C PRO EB 133 -58.72 98.23 -9.85
N ASP EB 134 -59.31 99.23 -10.50
CA ASP EB 134 -59.50 99.22 -11.93
C ASP EB 134 -58.33 99.83 -12.69
N LEU EB 135 -57.31 100.29 -12.00
CA LEU EB 135 -56.15 100.89 -12.65
C LEU EB 135 -54.99 100.90 -11.67
N ILE EB 136 -53.77 100.81 -12.20
CA ILE EB 136 -52.55 100.77 -11.42
C ILE EB 136 -51.54 101.73 -12.02
N ILE EB 137 -50.90 102.52 -11.17
CA ILE EB 137 -49.87 103.47 -11.60
C ILE EB 137 -48.64 103.22 -10.74
N PHE EB 138 -47.56 102.76 -11.37
CA PHE EB 138 -46.32 102.44 -10.67
C PHE EB 138 -45.48 103.70 -10.53
N LEU EB 139 -45.19 104.09 -9.28
CA LEU EB 139 -44.29 105.19 -9.02
C LEU EB 139 -42.84 104.74 -8.90
N HIS EB 140 -42.61 103.46 -8.57
CA HIS EB 140 -41.25 102.90 -8.46
C HIS EB 140 -41.38 101.39 -8.70
N THR EB 141 -41.39 101.01 -9.98
CA THR EB 141 -41.58 99.61 -10.35
C THR EB 141 -40.54 98.71 -9.68
N LEU EB 142 -39.34 99.23 -9.43
CA LEU EB 142 -38.28 98.46 -8.80
C LEU EB 142 -38.34 98.68 -7.28
N ASN EB 143 -38.56 97.61 -6.55
CA ASN EB 143 -38.65 97.67 -5.10
C ASN EB 143 -37.24 97.70 -4.50
N ASN EB 144 -37.13 97.48 -3.19
CA ASN EB 144 -35.83 97.52 -2.53
C ASN EB 144 -34.88 96.45 -3.06
N ILE EB 145 -35.42 95.34 -3.55
CA ILE EB 145 -34.63 94.24 -4.07
C ILE EB 145 -34.75 94.22 -5.59
N PHE EB 146 -33.66 93.90 -6.27
CA PHE EB 146 -33.66 93.82 -7.73
C PHE EB 146 -34.56 92.68 -8.19
N GLU EB 147 -35.87 92.87 -8.11
CA GLU EB 147 -36.83 91.86 -8.51
C GLU EB 147 -38.08 92.56 -9.02
N PRO EB 148 -38.63 92.16 -10.17
CA PRO EB 148 -39.87 92.78 -10.65
C PRO EB 148 -40.98 92.62 -9.63
N HIS EB 149 -41.72 93.71 -9.41
CA HIS EB 149 -42.83 93.69 -8.45
C HIS EB 149 -43.89 92.69 -8.90
N VAL EB 150 -44.61 92.14 -7.92
CA VAL EB 150 -45.68 91.18 -8.22
C VAL EB 150 -46.95 91.85 -8.72
N ALA EB 151 -47.02 93.18 -8.67
CA ALA EB 151 -48.22 93.87 -9.12
C ALA EB 151 -48.54 93.54 -10.57
N VAL EB 152 -47.51 93.47 -11.42
CA VAL EB 152 -47.74 93.14 -12.83
C VAL EB 152 -48.30 91.74 -12.96
N ARG EB 153 -47.81 90.80 -12.14
CA ARG EB 153 -48.32 89.43 -12.19
C ARG EB 153 -49.79 89.37 -11.78
N ASP EB 154 -50.13 90.03 -10.67
CA ASP EB 154 -51.51 90.06 -10.22
C ASP EB 154 -52.42 90.72 -11.26
N ALA EB 155 -51.92 91.77 -11.91
CA ALA EB 155 -52.71 92.44 -12.95
C ALA EB 155 -52.95 91.52 -14.13
N ALA EB 156 -51.89 90.89 -14.64
CA ALA EB 156 -52.04 89.94 -15.74
C ALA EB 156 -52.97 88.79 -15.35
N LYS EB 157 -53.00 88.43 -14.06
CA LYS EB 157 -53.91 87.40 -13.60
C LYS EB 157 -55.31 87.93 -13.34
N MET EB 158 -55.47 89.24 -13.16
CA MET EB 158 -56.77 89.85 -12.94
C MET EB 158 -57.23 90.71 -14.12
N ASN EB 159 -56.39 90.87 -15.14
CA ASN EB 159 -56.76 91.67 -16.31
C ASN EB 159 -57.11 93.10 -15.90
N ILE EB 160 -56.09 93.90 -15.61
CA ILE EB 160 -56.28 95.29 -15.20
C ILE EB 160 -55.40 96.18 -16.06
N PRO EB 161 -55.91 97.28 -16.63
CA PRO EB 161 -55.04 98.17 -17.42
C PRO EB 161 -53.94 98.79 -16.56
N THR EB 162 -52.74 98.24 -16.64
CA THR EB 162 -51.64 98.68 -15.80
C THR EB 162 -50.97 99.92 -16.38
N VAL EB 163 -50.63 100.85 -15.51
CA VAL EB 163 -49.91 102.07 -15.88
C VAL EB 163 -48.70 102.19 -14.95
N GLY EB 164 -47.70 102.93 -15.41
CA GLY EB 164 -46.51 103.14 -14.61
C GLY EB 164 -45.36 103.62 -15.47
N ILE EB 165 -44.31 104.06 -14.78
CA ILE EB 165 -43.10 104.56 -15.42
C ILE EB 165 -42.07 103.43 -15.35
N VAL EB 166 -41.98 102.66 -16.42
CA VAL EB 166 -41.06 101.52 -16.45
C VAL EB 166 -39.62 102.02 -16.51
N ASP EB 167 -38.74 101.33 -15.80
CA ASP EB 167 -37.33 101.64 -15.79
C ASP EB 167 -36.59 100.72 -16.76
N THR EB 168 -35.27 100.65 -16.65
CA THR EB 168 -34.45 99.80 -17.52
C THR EB 168 -34.16 98.47 -16.85
N ASN EB 169 -35.20 97.81 -16.33
CA ASN EB 169 -35.05 96.53 -15.67
C ASN EB 169 -36.31 95.69 -15.82
N CYS EB 170 -37.46 96.29 -15.54
CA CYS EB 170 -38.73 95.57 -15.63
C CYS EB 170 -39.01 95.20 -17.09
N ASN EB 171 -40.14 94.52 -17.29
CA ASN EB 171 -40.56 94.07 -18.63
C ASN EB 171 -41.75 94.90 -19.09
N PRO EB 172 -41.56 95.94 -19.90
CA PRO EB 172 -42.72 96.72 -20.38
C PRO EB 172 -43.75 95.88 -21.11
N CYS EB 173 -43.36 94.73 -21.68
CA CYS EB 173 -44.32 93.89 -22.38
C CYS EB 173 -45.43 93.41 -21.44
N LEU EB 174 -45.11 93.21 -20.16
CA LEU EB 174 -46.12 92.77 -19.20
C LEU EB 174 -47.06 93.91 -18.82
N ILE EB 175 -46.62 95.16 -18.93
CA ILE EB 175 -47.44 96.31 -18.58
C ILE EB 175 -48.20 96.76 -19.83
N THR EB 176 -49.45 97.18 -19.63
CA THR EB 176 -50.27 97.63 -20.75
C THR EB 176 -49.77 98.95 -21.31
N TYR EB 177 -49.80 100.00 -20.50
CA TYR EB 177 -49.36 101.33 -20.93
C TYR EB 177 -48.07 101.72 -20.22
N PRO EB 178 -46.92 101.18 -20.63
CA PRO EB 178 -45.66 101.57 -19.98
C PRO EB 178 -45.25 102.98 -20.36
N VAL EB 179 -44.38 103.54 -19.52
CA VAL EB 179 -43.87 104.89 -19.73
C VAL EB 179 -42.37 104.89 -19.45
N PRO EB 180 -41.52 104.65 -20.46
CA PRO EB 180 -40.08 104.67 -20.22
C PRO EB 180 -39.61 106.03 -19.72
N GLY EB 181 -38.62 106.01 -18.85
CA GLY EB 181 -38.06 107.23 -18.30
C GLY EB 181 -37.41 106.99 -16.97
N ASN EB 182 -36.71 108.02 -16.50
CA ASN EB 182 -36.04 107.95 -15.21
C ASN EB 182 -37.05 107.71 -14.09
N ASP EB 183 -36.57 107.11 -13.01
CA ASP EB 183 -37.41 106.82 -11.85
C ASP EB 183 -36.56 106.88 -10.58
N ASP EB 184 -35.77 107.94 -10.45
CA ASP EB 184 -34.89 108.08 -9.29
C ASP EB 184 -34.74 109.56 -8.91
N SER EB 185 -34.63 110.43 -9.92
CA SER EB 185 -34.46 111.85 -9.66
C SER EB 185 -35.67 112.40 -8.91
N PRO EB 186 -35.48 113.49 -8.17
CA PRO EB 186 -36.60 114.06 -7.41
C PRO EB 186 -37.51 114.94 -8.25
N LEU EB 187 -36.91 115.79 -9.10
CA LEU EB 187 -37.72 116.70 -9.90
C LEU EB 187 -38.62 115.93 -10.85
N ALA EB 188 -38.12 114.82 -11.42
CA ALA EB 188 -38.95 114.03 -12.32
C ALA EB 188 -40.15 113.44 -11.59
N VAL EB 189 -39.93 112.87 -10.40
CA VAL EB 189 -41.03 112.29 -9.64
C VAL EB 189 -42.03 113.36 -9.25
N HIS EB 190 -41.55 114.53 -8.83
CA HIS EB 190 -42.45 115.62 -8.48
C HIS EB 190 -43.28 116.06 -9.68
N LEU EB 191 -42.65 116.18 -10.85
CA LEU EB 191 -43.39 116.57 -12.05
C LEU EB 191 -44.42 115.54 -12.43
N TYR EB 192 -44.07 114.25 -12.35
CA TYR EB 192 -45.02 113.20 -12.67
C TYR EB 192 -46.21 113.22 -11.71
N CYS EB 193 -45.93 113.39 -10.42
CA CYS EB 193 -47.01 113.43 -9.43
C CYS EB 193 -47.92 114.63 -9.67
N ARG EB 194 -47.33 115.80 -9.94
CA ARG EB 194 -48.15 116.98 -10.21
C ARG EB 194 -48.99 116.80 -11.46
N LEU EB 195 -48.41 116.18 -12.49
CA LEU EB 195 -49.15 115.94 -13.72
C LEU EB 195 -50.32 114.99 -13.47
N PHE EB 196 -50.09 113.92 -12.73
CA PHE EB 196 -51.17 112.99 -12.42
C PHE EB 196 -52.27 113.66 -11.62
N GLN EB 197 -51.89 114.48 -10.62
CA GLN EB 197 -52.88 115.18 -9.82
C GLN EB 197 -53.70 116.14 -10.67
N THR EB 198 -53.03 116.91 -11.52
CA THR EB 198 -53.74 117.85 -12.39
C THR EB 198 -54.67 117.11 -13.35
N ALA EB 199 -54.21 115.98 -13.90
CA ALA EB 199 -55.04 115.20 -14.81
C ALA EB 199 -56.29 114.70 -14.10
N ILE EB 200 -56.13 114.15 -12.90
CA ILE EB 200 -57.27 113.63 -12.15
C ILE EB 200 -58.25 114.74 -11.83
N THR EB 201 -57.73 115.89 -11.37
CA THR EB 201 -58.61 117.01 -11.01
C THR EB 201 -59.37 117.52 -12.23
N ARG EB 202 -58.69 117.67 -13.36
CA ARG EB 202 -59.35 118.16 -14.56
C ARG EB 202 -60.37 117.16 -15.08
N ALA EB 203 -60.06 115.86 -14.98
CA ALA EB 203 -61.02 114.85 -15.39
C ALA EB 203 -62.27 114.89 -14.52
N LYS EB 204 -62.09 115.04 -13.20
CA LYS EB 204 -63.25 115.13 -12.31
C LYS EB 204 -64.05 116.39 -12.59
N GLU EB 205 -63.38 117.51 -12.87
CA GLU EB 205 -64.08 118.74 -13.19
C GLU EB 205 -64.88 118.60 -14.48
N LYS EB 206 -64.29 117.98 -15.50
CA LYS EB 206 -65.01 117.78 -16.75
C LYS EB 206 -66.18 116.82 -16.56
N ARG EB 207 -66.01 115.80 -15.73
CA ARG EB 207 -67.12 114.90 -15.43
C ARG EB 207 -68.26 115.64 -14.77
N GLN EB 208 -67.95 116.50 -13.79
CA GLN EB 208 -68.98 117.28 -13.12
C GLN EB 208 -69.67 118.22 -14.10
N GLN EB 209 -68.90 118.85 -14.99
CA GLN EB 209 -69.47 119.75 -15.98
C GLN EB 209 -70.41 119.01 -16.92
N VAL EB 210 -70.01 117.81 -17.36
CA VAL EB 210 -70.86 117.04 -18.26
C VAL EB 210 -72.11 116.57 -17.54
N GLU EB 211 -71.98 116.22 -16.25
CA GLU EB 211 -73.16 115.85 -15.46
C GLU EB 211 -74.13 117.02 -15.35
N ALA EB 212 -73.60 118.22 -15.11
CA ALA EB 212 -74.45 119.41 -15.06
C ALA EB 212 -75.12 119.66 -16.41
N LEU EB 213 -74.37 119.49 -17.50
CA LEU EB 213 -74.95 119.67 -18.83
C LEU EB 213 -76.08 118.68 -19.07
N TYR EB 214 -75.90 117.43 -18.67
CA TYR EB 214 -76.97 116.44 -18.76
C TYR EB 214 -78.17 116.87 -17.92
N ARG EB 215 -77.92 117.34 -16.71
CA ARG EB 215 -79.00 117.76 -15.82
C ARG EB 215 -79.75 118.97 -16.35
N LEU EB 216 -79.12 119.78 -17.21
CA LEU EB 216 -79.79 120.94 -17.77
C LEU EB 216 -81.09 120.56 -18.47
N GLN EB 217 -81.16 119.35 -18.99
CA GLN EB 217 -82.37 118.88 -19.68
C GLN EB 217 -83.59 118.95 -18.77
N LYS FB 1 -51.44 57.71 25.94
CA LYS FB 1 -52.16 58.98 25.85
C LYS FB 1 -53.50 58.89 26.58
N ASN FB 2 -53.56 59.45 27.79
CA ASN FB 2 -54.81 59.48 28.54
C ASN FB 2 -55.88 60.21 27.74
N ARG FB 3 -57.11 59.71 27.82
CA ARG FB 3 -58.23 60.25 27.05
C ARG FB 3 -59.52 60.03 27.83
N ALA FB 4 -59.60 60.58 29.04
CA ALA FB 4 -60.77 60.43 29.89
C ALA FB 4 -62.00 61.06 29.22
N ALA FB 5 -62.39 62.26 29.68
CA ALA FB 5 -63.53 62.94 29.08
C ALA FB 5 -63.11 63.89 27.97
N ARG FB 6 -61.92 64.46 28.05
CA ARG FB 6 -61.43 65.34 27.00
C ARG FB 6 -61.43 64.60 25.67
N VAL FB 7 -61.95 65.26 24.64
CA VAL FB 7 -62.05 64.67 23.32
C VAL FB 7 -60.82 65.04 22.51
N ARG FB 8 -60.28 64.05 21.79
CA ARG FB 8 -59.09 64.28 20.97
C ARG FB 8 -59.47 65.00 19.68
N VAL FB 9 -58.74 66.06 19.36
CA VAL FB 9 -59.03 66.85 18.17
C VAL FB 9 -58.62 66.08 16.93
N SER FB 10 -59.37 66.29 15.84
CA SER FB 10 -59.08 65.63 14.57
C SER FB 10 -59.30 66.60 13.42
N LYS FB 11 -60.39 67.37 13.48
CA LYS FB 11 -60.69 68.35 12.45
C LYS FB 11 -61.69 69.35 13.01
N GLY FB 12 -61.53 70.61 12.63
CA GLY FB 12 -62.39 71.67 13.13
C GLY FB 12 -63.78 71.61 12.55
N ASP FB 13 -64.49 70.50 12.78
CA ASP FB 13 -65.85 70.34 12.28
C ASP FB 13 -66.60 69.33 13.14
N LYS FB 14 -66.35 69.35 14.45
CA LYS FB 14 -66.99 68.42 15.38
C LYS FB 14 -68.13 69.15 16.10
N PRO FB 15 -69.39 68.96 15.70
CA PRO FB 15 -70.49 69.64 16.40
C PRO FB 15 -70.71 69.07 17.80
N VAL FB 16 -69.91 69.53 18.76
CA VAL FB 16 -70.02 69.08 20.14
C VAL FB 16 -70.92 70.02 20.91
N THR FB 17 -71.66 69.45 21.87
CA THR FB 17 -72.59 70.22 22.67
C THR FB 17 -71.81 71.05 23.70
N TYR FB 18 -72.54 71.69 24.62
CA TYR FB 18 -71.90 72.54 25.63
C TYR FB 18 -71.23 71.69 26.70
N GLU FB 19 -72.01 70.85 27.39
CA GLU FB 19 -71.45 70.02 28.45
C GLU FB 19 -70.39 69.07 27.91
N GLU FB 20 -70.65 68.46 26.75
CA GLU FB 20 -69.68 67.53 26.17
C GLU FB 20 -68.39 68.23 25.77
N ALA FB 21 -68.42 69.55 25.60
CA ALA FB 21 -67.22 70.32 25.22
C ALA FB 21 -66.54 70.90 26.46
N HIS FB 22 -66.21 70.05 27.42
CA HIS FB 22 -65.56 70.48 28.64
C HIS FB 22 -64.70 69.35 29.18
N ALA FB 23 -63.50 69.70 29.63
CA ALA FB 23 -62.59 68.71 30.19
C ALA FB 23 -63.11 68.22 31.54
N PRO FB 24 -62.67 67.04 31.99
CA PRO FB 24 -63.16 66.48 33.25
C PRO FB 24 -62.54 67.08 34.50
N HIS FB 25 -61.68 68.09 34.38
CA HIS FB 25 -61.05 68.73 35.53
C HIS FB 25 -61.61 70.13 35.79
N TYR FB 26 -62.50 70.63 34.94
CA TYR FB 26 -63.10 71.94 35.12
C TYR FB 26 -64.34 71.90 36.02
N ILE FB 27 -64.45 70.87 36.87
CA ILE FB 27 -65.60 70.78 37.77
C ILE FB 27 -65.60 71.92 38.79
N ALA FB 28 -64.43 72.48 39.11
CA ALA FB 28 -64.32 73.59 40.02
C ALA FB 28 -63.95 74.90 39.32
N HIS FB 29 -63.83 74.90 38.00
CA HIS FB 29 -63.45 76.10 37.25
C HIS FB 29 -64.57 76.49 36.28
N ARG FB 30 -64.83 75.69 35.26
CA ARG FB 30 -65.84 75.98 34.25
C ARG FB 30 -67.05 75.06 34.34
N LYS FB 31 -66.84 73.76 34.42
CA LYS FB 31 -67.93 72.80 34.50
C LYS FB 31 -68.50 72.74 35.92
N GLY FB 32 -69.81 72.66 36.02
CA GLY FB 32 -70.49 72.57 37.30
C GLY FB 32 -70.66 71.14 37.78
N TRP FB 33 -71.72 70.92 38.54
CA TRP FB 33 -72.04 69.60 39.08
C TRP FB 33 -73.38 69.15 38.51
N LEU FB 34 -73.40 67.99 37.86
CA LEU FB 34 -74.64 67.46 37.30
C LEU FB 34 -75.53 66.89 38.40
N SER FB 35 -75.17 65.70 38.91
CA SER FB 35 -75.90 65.09 40.01
C SER FB 35 -75.31 65.54 41.34
N LEU FB 36 -76.13 65.53 42.37
CA LEU FB 36 -75.73 65.96 43.70
C LEU FB 36 -76.39 65.10 44.76
N HIS FB 37 -75.61 64.73 45.78
CA HIS FB 37 -76.13 63.96 46.89
C HIS FB 37 -75.11 64.01 48.03
N THR FB 38 -75.61 63.90 49.26
CA THR FB 38 -74.76 64.01 50.44
C THR FB 38 -73.73 62.91 50.55
N GLY FB 39 -73.83 61.86 49.73
CA GLY FB 39 -72.89 60.76 49.81
C GLY FB 39 -71.45 61.16 49.56
N ASN FB 40 -71.23 62.27 48.87
CA ASN FB 40 -69.87 62.72 48.54
C ASN FB 40 -69.42 63.84 49.47
N LEU FB 41 -69.56 63.62 50.78
CA LEU FB 41 -69.17 64.59 51.79
C LEU FB 41 -68.02 64.02 52.62
N ASP FB 42 -67.64 64.75 53.67
CA ASP FB 42 -66.57 64.34 54.59
C ASP FB 42 -67.10 64.53 56.02
N GLY FB 43 -67.94 63.60 56.48
CA GLY FB 43 -68.35 62.43 55.73
C GLY FB 43 -69.74 61.96 56.09
N GLU FB 44 -70.55 61.73 55.06
CA GLU FB 44 -71.93 61.29 55.22
C GLU FB 44 -72.15 60.01 54.43
N ASP FB 45 -73.02 59.15 54.95
CA ASP FB 45 -73.34 57.89 54.29
C ASP FB 45 -74.27 58.15 53.11
N HIS FB 46 -74.89 57.09 52.59
CA HIS FB 46 -75.81 57.19 51.45
C HIS FB 46 -75.08 57.77 50.23
N ALA FB 47 -74.22 56.93 49.66
CA ALA FB 47 -73.40 57.32 48.51
C ALA FB 47 -73.51 56.29 47.40
N ALA FB 48 -73.25 55.02 47.74
CA ALA FB 48 -73.31 53.96 46.73
C ALA FB 48 -74.71 53.84 46.14
N GLU FB 49 -75.73 53.81 47.01
CA GLU FB 49 -77.10 53.69 46.54
C GLU FB 49 -77.50 54.89 45.69
N ARG FB 50 -77.10 56.10 46.12
CA ARG FB 50 -77.44 57.29 45.35
C ARG FB 50 -76.78 57.26 43.98
N THR FB 51 -75.50 56.88 43.91
CA THR FB 51 -74.81 56.82 42.63
C THR FB 51 -75.43 55.77 41.72
N VAL FB 52 -75.80 54.61 42.29
CA VAL FB 52 -76.43 53.57 41.49
C VAL FB 52 -77.76 54.06 40.94
N GLU FB 53 -78.57 54.69 41.79
CA GLU FB 53 -79.85 55.21 41.34
C GLU FB 53 -79.68 56.25 40.25
N ASP FB 54 -78.70 57.13 40.39
CA ASP FB 54 -78.46 58.16 39.39
C ASP FB 54 -78.04 57.53 38.05
N VAL FB 55 -77.09 56.59 38.10
CA VAL FB 55 -76.61 55.95 36.88
C VAL FB 55 -77.74 55.17 36.22
N PHE FB 56 -78.65 54.60 37.00
CA PHE FB 56 -79.76 53.85 36.43
C PHE FB 56 -80.78 54.79 35.80
N LEU FB 57 -81.16 55.86 36.51
CA LEU FB 57 -82.15 56.79 36.00
C LEU FB 57 -81.65 57.51 34.76
N ARG FB 58 -80.35 57.78 34.67
CA ARG FB 58 -79.81 58.42 33.47
C ARG FB 58 -80.08 57.56 32.24
N LYS FB 59 -79.68 56.29 32.29
CA LYS FB 59 -79.92 55.40 31.16
C LYS FB 59 -81.41 55.18 30.92
N PHE FB 60 -82.21 55.15 31.99
CA PHE FB 60 -83.64 54.98 31.83
C PHE FB 60 -84.24 56.14 31.03
N MET FB 61 -83.94 57.37 31.43
CA MET FB 61 -84.46 58.53 30.72
C MET FB 61 -83.87 58.65 29.32
N TRP FB 62 -82.65 58.17 29.11
CA TRP FB 62 -82.06 58.21 27.77
C TRP FB 62 -82.70 57.19 26.84
N GLY FB 63 -83.09 56.04 27.39
CA GLY FB 63 -83.75 55.01 26.59
C GLY FB 63 -85.19 55.36 26.29
N THR FB 64 -85.92 55.83 27.31
CA THR FB 64 -87.30 56.25 27.08
C THR FB 64 -87.38 57.40 26.08
N PHE FB 65 -86.33 58.20 25.98
CA PHE FB 65 -86.26 59.30 25.02
C PHE FB 65 -85.17 59.00 23.99
N PRO FB 66 -85.42 58.09 23.05
CA PRO FB 66 -84.37 57.75 22.08
C PRO FB 66 -84.08 58.87 21.09
N GLY FB 67 -82.91 59.50 21.23
CA GLY FB 67 -82.51 60.57 20.36
C GLY FB 67 -83.14 61.91 20.64
N CYS FB 68 -84.10 61.98 21.57
CA CYS FB 68 -84.77 63.23 21.91
C CYS FB 68 -84.05 63.99 23.02
N LEU FB 69 -82.74 63.82 23.16
CA LEU FB 69 -81.95 64.49 24.19
C LEU FB 69 -80.87 65.32 23.50
N ALA FB 70 -80.93 66.64 23.68
CA ALA FB 70 -79.93 67.51 23.08
C ALA FB 70 -78.56 67.32 23.72
N ASP FB 71 -78.52 66.92 24.98
CA ASP FB 71 -77.27 66.72 25.69
C ASP FB 71 -77.55 65.85 26.90
N GLN FB 72 -76.51 65.64 27.72
CA GLN FB 72 -76.64 64.82 28.91
C GLN FB 72 -77.65 65.44 29.88
N LEU FB 73 -78.06 64.65 30.86
CA LEU FB 73 -79.04 65.08 31.84
C LEU FB 73 -78.36 65.82 33.00
N VAL FB 74 -79.18 66.45 33.83
CA VAL FB 74 -78.71 67.15 35.01
C VAL FB 74 -79.60 66.78 36.19
N LEU FB 75 -79.20 65.75 36.93
CA LEU FB 75 -80.02 65.26 38.02
C LEU FB 75 -80.03 66.26 39.19
N LYS FB 76 -81.01 66.09 40.07
CA LYS FB 76 -81.16 66.94 41.25
C LYS FB 76 -81.85 66.13 42.34
N ARG FB 77 -81.97 66.73 43.51
CA ARG FB 77 -82.61 66.06 44.64
C ARG FB 77 -83.28 67.12 45.51
N ARG FB 78 -84.61 67.03 45.62
CA ARG FB 78 -85.41 67.95 46.44
C ARG FB 78 -86.51 67.12 47.09
N GLY FB 79 -86.25 66.66 48.31
CA GLY FB 79 -87.19 65.80 49.00
C GLY FB 79 -87.04 64.35 48.57
N ASN FB 80 -88.14 63.61 48.73
CA ASN FB 80 -88.18 62.20 48.32
C ASN FB 80 -88.49 62.09 46.83
N GLN FB 81 -87.64 62.74 46.03
CA GLN FB 81 -87.78 62.77 44.59
C GLN FB 81 -86.40 62.84 43.97
N LEU FB 82 -86.37 63.09 42.66
CA LEU FB 82 -85.10 63.22 41.93
C LEU FB 82 -85.32 63.99 40.63
N GLU FB 83 -85.39 65.31 40.73
CA GLU FB 83 -85.66 66.13 39.55
C GLU FB 83 -84.58 65.91 38.49
N ILE FB 84 -85.02 65.81 37.23
CA ILE FB 84 -84.13 65.58 36.10
C ILE FB 84 -84.35 66.72 35.12
N CYS FB 85 -83.36 67.60 34.98
CA CYS FB 85 -83.41 68.70 34.03
C CYS FB 85 -82.78 68.24 32.71
N ALA FB 86 -83.57 68.22 31.65
CA ALA FB 86 -83.13 67.74 30.35
C ALA FB 86 -83.46 68.75 29.27
N VAL FB 87 -82.63 68.78 28.24
CA VAL FB 87 -82.84 69.65 27.08
C VAL FB 87 -83.39 68.74 25.98
N VAL FB 88 -84.72 68.57 25.99
CA VAL FB 88 -85.36 67.68 25.04
C VAL FB 88 -85.22 68.21 23.62
N LEU FB 89 -85.06 67.29 22.67
CA LEU FB 89 -84.97 67.62 21.26
C LEU FB 89 -86.35 67.45 20.63
N ARG FB 90 -86.86 68.52 20.03
CA ARG FB 90 -88.19 68.49 19.42
C ARG FB 90 -88.25 67.44 18.33
N GLN FB 91 -88.65 66.21 18.70
CA GLN FB 91 -88.75 65.11 17.75
C GLN FB 91 -90.18 64.60 17.62
N LEU FB 92 -90.77 64.10 18.69
CA LEU FB 92 -92.14 63.59 18.64
C LEU FB 92 -93.13 64.73 18.87
N SER FB 93 -94.41 64.38 18.94
CA SER FB 93 -95.47 65.35 19.15
C SER FB 93 -95.64 65.63 20.65
N PRO FB 94 -96.19 66.79 21.00
CA PRO FB 94 -96.39 67.09 22.43
C PRO FB 94 -97.32 66.11 23.12
N HIS FB 95 -98.32 65.58 22.42
CA HIS FB 95 -99.21 64.59 23.02
C HIS FB 95 -98.43 63.35 23.43
N LYS FB 96 -97.60 62.83 22.53
CA LYS FB 96 -96.79 61.66 22.84
C LYS FB 96 -95.84 61.96 23.99
N TYR FB 97 -95.26 63.17 24.00
CA TYR FB 97 -94.36 63.54 25.09
C TYR FB 97 -95.08 63.51 26.43
N TYR FB 98 -96.26 64.14 26.49
CA TYR FB 98 -97.02 64.15 27.74
C TYR FB 98 -97.41 62.73 28.17
N PHE FB 99 -97.85 61.91 27.21
CA PHE FB 99 -98.25 60.54 27.52
C PHE FB 99 -97.08 59.76 28.10
N LEU FB 100 -95.92 59.84 27.45
CA LEU FB 100 -94.74 59.11 27.92
C LEU FB 100 -94.29 59.63 29.28
N VAL FB 101 -94.34 60.95 29.49
CA VAL FB 101 -93.93 61.51 30.77
C VAL FB 101 -94.83 61.00 31.88
N GLY FB 102 -96.15 61.05 31.66
CA GLY FB 102 -97.07 60.55 32.67
C GLY FB 102 -96.90 59.07 32.95
N TYR FB 103 -96.71 58.28 31.89
CA TYR FB 103 -96.52 56.84 32.07
C TYR FB 103 -95.27 56.56 32.87
N SER FB 104 -94.16 57.22 32.54
CA SER FB 104 -92.92 57.00 33.26
C SER FB 104 -93.03 57.45 34.70
N GLU FB 105 -93.70 58.58 34.94
CA GLU FB 105 -93.87 59.07 36.30
C GLU FB 105 -94.66 58.07 37.14
N THR FB 106 -95.80 57.60 36.61
CA THR FB 106 -96.61 56.64 37.34
C THR FB 106 -95.84 55.35 37.58
N LEU FB 107 -95.11 54.87 36.57
CA LEU FB 107 -94.36 53.64 36.72
C LEU FB 107 -93.29 53.76 37.79
N LEU FB 108 -92.54 54.86 37.79
CA LEU FB 108 -91.51 55.07 38.80
C LEU FB 108 -92.13 55.19 40.19
N SER FB 109 -93.27 55.89 40.28
CA SER FB 109 -93.92 56.06 41.58
C SER FB 109 -94.38 54.72 42.13
N TYR FB 110 -94.94 53.86 41.29
CA TYR FB 110 -95.40 52.55 41.75
C TYR FB 110 -94.28 51.53 41.87
N PHE FB 111 -93.11 51.80 41.31
CA PHE FB 111 -91.98 50.88 41.37
C PHE FB 111 -91.06 51.18 42.56
N TYR FB 112 -90.48 52.37 42.59
CA TYR FB 112 -89.57 52.76 43.65
C TYR FB 112 -90.25 53.47 44.81
N LYS FB 113 -91.57 53.66 44.75
CA LYS FB 113 -92.31 54.38 45.79
C LYS FB 113 -91.74 55.78 45.99
N CYS FB 114 -91.20 56.36 44.92
CA CYS FB 114 -90.59 57.69 44.98
C CYS FB 114 -90.97 58.46 43.72
N PRO FB 115 -91.85 59.47 43.80
CA PRO FB 115 -92.25 60.18 42.58
C PRO FB 115 -91.12 60.96 41.96
N VAL FB 116 -90.41 60.36 41.00
CA VAL FB 116 -89.30 61.00 40.33
C VAL FB 116 -89.85 61.89 39.21
N ARG FB 117 -90.35 63.07 39.58
CA ARG FB 117 -90.88 64.00 38.59
C ARG FB 117 -89.73 64.70 37.87
N LEU FB 118 -89.74 64.65 36.55
CA LEU FB 118 -88.69 65.24 35.74
C LEU FB 118 -89.18 66.55 35.12
N HIS FB 119 -88.25 67.25 34.47
CA HIS FB 119 -88.53 68.52 33.83
C HIS FB 119 -87.92 68.53 32.44
N LEU FB 120 -88.61 69.16 31.50
CA LEU FB 120 -88.20 69.19 30.11
C LEU FB 120 -87.82 70.60 29.68
N GLN FB 121 -87.10 70.68 28.56
CA GLN FB 121 -86.72 71.96 27.96
C GLN FB 121 -86.58 71.73 26.46
N THR FB 122 -87.70 71.83 25.76
CA THR FB 122 -87.74 71.52 24.33
C THR FB 122 -86.89 72.51 23.56
N VAL FB 123 -85.92 72.01 22.81
CA VAL FB 123 -85.07 72.82 21.94
C VAL FB 123 -84.89 72.06 20.62
N PRO FB 124 -85.17 72.69 19.47
CA PRO FB 124 -85.08 71.94 18.20
C PRO FB 124 -83.66 71.58 17.82
N SER FB 125 -82.78 72.58 17.74
CA SER FB 125 -81.40 72.37 17.33
C SER FB 125 -80.51 72.14 18.55
N LYS FB 126 -79.54 71.24 18.39
CA LYS FB 126 -78.61 70.97 19.47
C LYS FB 126 -77.76 72.20 19.77
N VAL FB 127 -77.44 72.39 21.05
CA VAL FB 127 -76.67 73.55 21.48
C VAL FB 127 -75.19 73.31 21.19
N VAL FB 128 -74.79 73.52 19.93
CA VAL FB 128 -73.39 73.37 19.56
C VAL FB 128 -72.60 74.53 20.15
N TYR FB 129 -71.50 74.21 20.83
CA TYR FB 129 -70.67 75.20 21.50
C TYR FB 129 -69.30 75.37 20.85
N LYS FB 130 -68.72 74.31 20.33
CA LYS FB 130 -67.39 74.37 19.72
C LYS FB 130 -67.34 73.43 18.52
N TYR FB 131 -66.36 73.67 17.65
CA TYR FB 131 -66.11 72.83 16.49
C TYR FB 131 -64.73 72.19 16.66
N LEU FB 132 -64.64 71.22 17.55
CA LEU FB 132 -63.39 70.53 17.83
C LEU FB 132 -62.82 69.89 16.57
N SER GB 1 -78.20 40.81 33.91
CA SER GB 1 -77.73 41.78 34.89
C SER GB 1 -77.81 43.19 34.33
N PHE GB 2 -77.77 44.18 35.23
CA PHE GB 2 -77.84 45.58 34.83
C PHE GB 2 -76.48 46.22 34.67
N PHE GB 3 -75.48 45.79 35.46
CA PHE GB 3 -74.15 46.37 35.37
C PHE GB 3 -73.52 46.12 34.00
N THR GB 4 -74.00 45.13 33.26
CA THR GB 4 -73.50 44.83 31.92
C THR GB 4 -74.25 45.61 30.84
N LYS GB 5 -74.76 46.80 31.16
CA LYS GB 5 -75.54 47.60 30.23
C LYS GB 5 -74.91 48.98 30.10
N LEU GB 6 -74.79 49.44 28.87
CA LEU GB 6 -74.24 50.77 28.58
C LEU GB 6 -74.90 51.28 27.31
N THR GB 7 -74.27 52.24 26.65
CA THR GB 7 -74.83 52.84 25.44
C THR GB 7 -74.80 51.82 24.30
N ALA GB 8 -75.12 52.29 23.09
CA ALA GB 8 -75.08 51.46 21.90
C ALA GB 8 -74.14 51.97 20.83
N ASP GB 9 -73.93 53.28 20.74
CA ASP GB 9 -72.97 53.82 19.78
C ASP GB 9 -71.58 53.30 20.07
N GLU GB 10 -71.22 53.17 21.36
CA GLU GB 10 -69.91 52.65 21.71
C GLU GB 10 -69.77 51.19 21.26
N LEU GB 11 -70.80 50.37 21.49
CA LEU GB 11 -70.75 48.97 21.06
C LEU GB 11 -70.67 48.89 19.54
N TRP GB 12 -71.36 49.77 18.83
CA TRP GB 12 -71.30 49.78 17.38
C TRP GB 12 -69.90 50.13 16.90
N LYS GB 13 -69.30 51.18 17.48
CA LYS GB 13 -67.94 51.55 17.12
C LYS GB 13 -66.96 50.42 17.41
N GLY GB 14 -67.18 49.70 18.52
CA GLY GB 14 -66.30 48.59 18.85
C GLY GB 14 -66.43 47.44 17.86
N ALA GB 15 -67.67 47.08 17.52
CA ALA GB 15 -67.88 46.00 16.57
C ALA GB 15 -67.33 46.36 15.19
N LEU GB 16 -67.47 47.62 14.79
CA LEU GB 16 -66.94 48.05 13.49
C LEU GB 16 -65.41 47.97 13.49
N ALA GB 17 -64.77 48.64 14.44
CA ALA GB 17 -63.32 48.63 14.54
C ALA GB 17 -62.66 49.13 13.27
N GLU GB 18 -62.37 50.44 13.22
CA GLU GB 18 -61.75 51.06 12.05
C GLU GB 18 -60.58 51.93 12.55
N THR GB 19 -59.53 51.27 13.05
CA THR GB 19 -58.36 51.97 13.55
C THR GB 19 -57.18 51.01 13.53
N GLY GB 20 -56.00 51.55 13.27
CA GLY GB 20 -54.78 50.77 13.23
C GLY GB 20 -54.69 49.90 11.98
N LEU GB 39 -81.90 54.76 15.39
CA LEU GB 39 -81.48 53.36 15.47
C LEU GB 39 -82.65 52.47 15.87
N ASN GB 40 -83.54 53.00 16.71
CA ASN GB 40 -84.71 52.26 17.19
C ASN GB 40 -85.90 52.40 16.24
N ARG GB 41 -85.67 52.29 14.93
CA ARG GB 41 -86.76 52.40 13.97
C ARG GB 41 -87.68 51.18 14.05
N GLY GB 42 -87.12 49.99 13.87
CA GLY GB 42 -87.92 48.78 13.95
C GLY GB 42 -88.58 48.59 15.30
N GLN GB 43 -87.91 49.00 16.37
CA GLN GB 43 -88.46 48.92 17.73
C GLN GB 43 -89.20 50.22 18.01
N ILE GB 44 -90.49 50.23 17.68
CA ILE GB 44 -91.30 51.43 17.86
C ILE GB 44 -91.34 51.82 19.34
N ILE GB 45 -91.57 53.10 19.58
CA ILE GB 45 -91.65 53.64 20.94
C ILE GB 45 -93.10 53.92 21.34
N GLY GB 46 -93.92 54.35 20.39
CA GLY GB 46 -95.31 54.65 20.69
C GLY GB 46 -96.14 53.41 20.96
N GLU GB 47 -96.35 52.59 19.93
CA GLU GB 47 -97.12 51.37 20.08
C GLU GB 47 -96.40 50.40 21.01
N GLY GB 48 -97.06 50.05 22.11
CA GLY GB 48 -96.48 49.14 23.08
C GLY GB 48 -96.07 47.81 22.46
N ARG GB 49 -94.86 47.35 22.77
CA ARG GB 49 -94.37 46.09 22.24
C ARG GB 49 -95.17 44.89 22.75
N TYR GB 50 -96.08 45.10 23.70
CA TYR GB 50 -96.99 44.05 24.15
C TYR GB 50 -98.39 44.32 23.61
N GLY GB 51 -99.03 43.28 23.09
CA GLY GB 51 -100.35 43.41 22.52
C GLY GB 51 -101.34 44.08 23.46
N PHE GB 52 -101.56 45.38 23.26
CA PHE GB 52 -102.48 46.14 24.10
C PHE GB 52 -102.99 47.34 23.31
N LEU GB 53 -104.22 47.74 23.64
CA LEU GB 53 -104.85 48.92 23.05
C LEU GB 53 -105.13 49.93 24.14
N TRP GB 54 -104.96 51.21 23.82
CA TRP GB 54 -105.12 52.29 24.77
C TRP GB 54 -105.79 53.47 24.08
N PRO GB 55 -106.35 54.40 24.84
CA PRO GB 55 -107.00 55.57 24.22
C PRO GB 55 -106.02 56.46 23.47
N GLY GB 56 -104.74 56.46 23.84
CA GLY GB 56 -103.76 57.30 23.20
C GLY GB 56 -103.68 57.09 21.70
N LEU GB 57 -102.79 56.20 21.28
CA LEU GB 57 -102.60 55.87 19.87
C LEU GB 57 -103.20 54.50 19.58
N ASN GB 58 -103.13 54.10 18.30
CA ASN GB 58 -103.68 52.86 17.79
C ASN GB 58 -105.21 52.87 17.75
N VAL GB 59 -105.84 53.97 18.17
CA VAL GB 59 -107.30 54.08 18.18
C VAL GB 59 -107.65 55.52 17.79
N PRO GB 60 -108.92 55.85 17.56
CA PRO GB 60 -109.28 57.24 17.26
C PRO GB 60 -108.71 58.21 18.28
N LEU GB 61 -107.86 59.13 17.81
CA LEU GB 61 -107.16 60.05 18.70
C LEU GB 61 -108.13 60.85 19.57
N MET GB 62 -108.56 60.25 20.67
CA MET GB 62 -109.44 60.91 21.65
C MET GB 62 -110.71 61.44 20.97
N LYS GB 63 -111.56 60.50 20.60
CA LYS GB 63 -112.84 60.83 19.98
C LYS GB 63 -113.71 59.58 19.83
N VAL GB 67 -112.69 54.57 19.61
CA VAL GB 67 -113.39 54.50 20.88
C VAL GB 67 -112.39 54.47 22.02
N GLN GB 68 -112.16 55.64 22.63
CA GLN GB 68 -111.23 55.74 23.76
C GLN GB 68 -111.65 54.81 24.88
N THR GB 69 -110.97 53.67 25.01
CA THR GB 69 -111.27 52.69 26.05
C THR GB 69 -109.97 51.98 26.42
N ILE GB 70 -110.10 50.89 27.17
CA ILE GB 70 -108.97 50.10 27.63
C ILE GB 70 -109.22 48.65 27.21
N ALA GB 71 -108.48 48.18 26.22
CA ALA GB 71 -108.59 46.82 25.73
C ALA GB 71 -107.21 46.18 25.70
N GLN GB 72 -107.16 44.92 25.27
CA GLN GB 72 -105.91 44.17 25.20
C GLN GB 72 -105.94 43.26 23.98
N ARG GB 73 -104.81 43.19 23.28
CA ARG GB 73 -104.66 42.32 22.13
C ARG GB 73 -104.01 41.00 22.54
N SER GB 74 -104.33 39.95 21.81
CA SER GB 74 -103.75 38.63 22.09
C SER GB 74 -102.26 38.63 21.77
N LYS GB 75 -101.54 37.73 22.42
CA LYS GB 75 -100.10 37.62 22.19
C LYS GB 75 -99.80 37.26 20.75
N GLU GB 76 -100.70 36.52 20.09
CA GLU GB 76 -100.50 36.19 18.68
C GLU GB 76 -100.49 37.43 17.81
N GLU GB 77 -101.38 38.39 18.12
CA GLU GB 77 -101.39 39.64 17.36
C GLU GB 77 -100.09 40.41 17.54
N GLN GB 78 -99.55 40.43 18.76
CA GLN GB 78 -98.28 41.11 18.99
C GLN GB 78 -97.13 40.41 18.27
N GLU GB 79 -97.15 39.07 18.26
CA GLU GB 79 -96.14 38.34 17.50
C GLU GB 79 -96.24 38.64 16.02
N LYS GB 80 -97.47 38.76 15.50
CA LYS GB 80 -97.64 39.11 14.10
C LYS GB 80 -97.13 40.53 13.82
N VAL GB 81 -97.36 41.45 14.75
CA VAL GB 81 -96.86 42.81 14.58
C VAL GB 81 -95.33 42.81 14.58
N GLU GB 82 -94.73 42.02 15.46
CA GLU GB 82 -93.26 41.92 15.48
C GLU GB 82 -92.74 41.33 14.18
N ALA GB 83 -93.43 40.31 13.65
CA ALA GB 83 -93.03 39.73 12.37
C ALA GB 83 -93.16 40.76 11.25
N ASP GB 84 -94.20 41.60 11.30
CA ASP GB 84 -94.36 42.64 10.29
C ASP GB 84 -93.23 43.67 10.39
N MET GB 85 -92.83 44.02 11.62
CA MET GB 85 -91.70 44.94 11.78
C MET GB 85 -90.41 44.32 11.27
N ILE GB 86 -90.22 43.02 11.50
CA ILE GB 86 -89.04 42.34 10.98
C ILE GB 86 -89.06 42.33 9.45
N GLN GB 87 -90.25 42.14 8.88
CA GLN GB 87 -90.37 42.18 7.42
C GLN GB 87 -90.07 43.58 6.88
N GLN GB 88 -90.49 44.62 7.61
CA GLN GB 88 -90.15 45.99 7.22
C GLN GB 88 -88.65 46.22 7.28
N ARG GB 89 -88.00 45.69 8.32
CA ARG GB 89 -86.54 45.78 8.40
C ARG GB 89 -85.88 45.07 7.23
N GLU GB 90 -86.38 43.90 6.86
CA GLU GB 90 -85.83 43.16 5.72
C GLU GB 90 -86.04 43.94 4.43
N GLU GB 91 -87.20 44.58 4.28
CA GLU GB 91 -87.45 45.39 3.09
C GLU GB 91 -86.51 46.58 3.02
N TRP GB 92 -86.24 47.21 4.17
CA TRP GB 92 -85.28 48.31 4.19
C TRP GB 92 -83.88 47.82 3.81
N ASP GB 93 -83.49 46.66 4.34
CA ASP GB 93 -82.19 46.09 3.99
C ASP GB 93 -82.11 45.80 2.49
N ARG GB 94 -83.18 45.24 1.92
CA ARG GB 94 -83.21 45.00 0.48
C ARG GB 94 -83.08 46.31 -0.30
N LYS GB 95 -83.80 47.34 0.13
CA LYS GB 95 -83.67 48.66 -0.50
C LYS GB 95 -82.23 49.14 -0.45
N LYS GB 96 -81.54 48.87 0.67
CA LYS GB 96 -80.13 49.23 0.76
C LYS GB 96 -79.30 48.51 -0.29
N LYS GB 97 -79.74 47.33 -0.73
CA LYS GB 97 -79.04 46.56 -1.74
C LYS GB 97 -79.38 47.01 -3.16
N MET GB 98 -80.17 48.07 -3.31
CA MET GB 98 -80.53 48.53 -4.65
C MET GB 98 -79.29 48.96 -5.42
N LYS GB 99 -79.15 48.45 -6.64
CA LYS GB 99 -78.01 48.79 -7.47
C LYS GB 99 -78.18 50.17 -8.07
N VAL GB 100 -77.11 50.66 -8.70
CA VAL GB 100 -77.09 51.97 -9.33
C VAL GB 100 -76.32 51.87 -10.64
N LYS GB 101 -76.50 52.89 -11.49
CA LYS GB 101 -75.84 52.95 -12.79
C LYS GB 101 -74.62 53.85 -12.70
N ARG GB 102 -73.48 53.33 -13.14
CA ARG GB 102 -72.21 54.07 -13.14
C ARG GB 102 -71.57 53.91 -14.50
N GLU GB 103 -71.58 54.98 -15.29
CA GLU GB 103 -70.98 54.94 -16.63
C GLU GB 103 -69.48 54.69 -16.52
N ARG GB 104 -68.99 53.73 -17.30
CA ARG GB 104 -67.58 53.38 -17.28
C ARG GB 104 -66.79 54.34 -18.16
N GLY GB 105 -65.77 54.97 -17.59
CA GLY GB 105 -64.93 55.90 -18.33
C GLY GB 105 -63.72 55.24 -18.93
N TRP GB 106 -63.69 55.13 -20.26
CA TRP GB 106 -62.57 54.50 -20.96
C TRP GB 106 -62.37 53.07 -20.46
N SER GB 107 -61.73 52.92 -19.31
CA SER GB 107 -61.49 51.60 -18.74
C SER GB 107 -62.62 51.22 -17.80
N GLY GB 108 -62.92 49.91 -17.76
CA GLY GB 108 -63.98 49.41 -16.93
C GLY GB 108 -63.76 49.66 -15.45
N ASN GB 109 -64.78 50.19 -14.78
CA ASN GB 109 -64.71 50.49 -13.34
C ASN GB 109 -63.56 51.45 -13.05
N SER GB 110 -63.55 52.57 -13.77
CA SER GB 110 -62.51 53.58 -13.60
C SER GB 110 -63.09 54.94 -13.95
N TRP GB 111 -62.46 55.99 -13.41
CA TRP GB 111 -62.87 57.37 -13.66
C TRP GB 111 -62.14 57.99 -14.83
N GLY GB 112 -61.95 57.23 -15.92
CA GLY GB 112 -61.26 57.74 -17.08
C GLY GB 112 -61.98 58.90 -17.74
N GLY GB 113 -62.78 58.61 -18.77
CA GLY GB 113 -63.53 59.63 -19.46
C GLY GB 113 -64.93 59.80 -18.91
N ILE GB 114 -65.04 59.86 -17.58
CA ILE GB 114 -66.33 60.02 -16.92
C ILE GB 114 -66.64 61.50 -16.76
N SER GB 115 -67.93 61.80 -16.66
CA SER GB 115 -68.41 63.16 -16.48
C SER GB 115 -69.18 63.28 -15.17
N LEU GB 116 -69.29 64.51 -14.69
CA LEU GB 116 -70.01 64.81 -13.46
C LEU GB 116 -70.77 66.12 -13.65
N GLY GB 117 -71.36 66.63 -12.57
CA GLY GB 117 -72.10 67.86 -12.62
C GLY GB 117 -71.25 69.03 -13.06
N PRO GB 118 -71.89 70.15 -13.41
CA PRO GB 118 -71.15 71.32 -13.86
C PRO GB 118 -70.56 72.08 -12.68
N PRO GB 119 -69.66 73.03 -12.93
CA PRO GB 119 -69.09 73.81 -11.83
C PRO GB 119 -70.12 74.69 -11.17
N ASP GB 120 -69.82 75.07 -9.93
CA ASP GB 120 -70.73 75.91 -9.18
C ASP GB 120 -70.58 77.38 -9.58
N PRO GB 121 -71.65 78.18 -9.46
CA PRO GB 121 -71.54 79.60 -9.81
C PRO GB 121 -70.59 80.35 -8.90
N GLY GB 122 -70.46 81.66 -9.12
CA GLY GB 122 -69.59 82.49 -8.30
C GLY GB 122 -70.35 83.10 -7.14
N PRO GB 123 -69.68 83.98 -6.39
CA PRO GB 123 -70.34 84.61 -5.24
C PRO GB 123 -71.45 85.56 -5.66
N CYS GB 124 -71.12 86.51 -6.54
CA CYS GB 124 -72.10 87.47 -7.02
C CYS GB 124 -72.95 86.92 -8.16
N GLY GB 125 -72.43 85.95 -8.91
CA GLY GB 125 -73.17 85.38 -10.01
C GLY GB 125 -72.31 84.49 -10.89
N GLU GB 126 -72.17 84.86 -12.16
CA GLU GB 126 -71.37 84.11 -13.13
C GLU GB 126 -71.84 82.65 -13.21
N THR GB 127 -73.01 82.50 -13.84
CA THR GB 127 -73.62 81.18 -14.00
C THR GB 127 -72.74 80.29 -14.87
N TYR GB 128 -71.79 79.60 -14.24
CA TYR GB 128 -70.90 78.69 -14.97
C TYR GB 128 -71.50 77.30 -15.17
N GLU GB 129 -72.79 77.14 -14.89
CA GLU GB 129 -73.43 75.83 -15.07
C GLU GB 129 -73.48 75.41 -16.53
N ASP GB 130 -73.30 76.34 -17.46
CA ASP GB 130 -73.34 75.99 -18.88
C ASP GB 130 -72.20 75.05 -19.24
N PHE GB 131 -71.03 75.25 -18.63
CA PHE GB 131 -69.89 74.39 -18.92
C PHE GB 131 -70.11 72.99 -18.35
N ASP GB 132 -69.46 72.01 -18.96
CA ASP GB 132 -69.57 70.62 -18.56
C ASP GB 132 -68.22 70.13 -18.08
N THR GB 133 -68.23 69.42 -16.95
CA THR GB 133 -67.01 68.86 -16.38
C THR GB 133 -66.76 67.47 -16.95
N ARG GB 134 -65.49 67.06 -16.95
CA ARG GB 134 -65.10 65.75 -17.48
C ARG GB 134 -63.75 65.39 -16.87
N ILE GB 135 -63.78 64.58 -15.80
CA ILE GB 135 -62.55 64.10 -15.20
C ILE GB 135 -61.79 63.27 -16.22
N LEU GB 136 -60.47 63.37 -16.19
CA LEU GB 136 -59.61 62.71 -17.17
C LEU GB 136 -58.86 61.54 -16.54
N GLU GB 137 -57.86 61.80 -15.70
CA GLU GB 137 -57.05 60.76 -15.10
C GLU GB 137 -57.09 60.87 -13.59
N VAL GB 138 -56.74 59.76 -12.93
CA VAL GB 138 -56.65 59.69 -11.47
C VAL GB 138 -55.40 58.93 -11.11
N ARG GB 139 -54.70 59.40 -10.07
CA ARG GB 139 -53.44 58.81 -9.66
C ARG GB 139 -53.33 58.87 -8.15
N ASN GB 140 -52.94 57.75 -7.53
CA ASN GB 140 -52.75 57.66 -6.09
C ASN GB 140 -51.26 57.73 -5.80
N VAL GB 141 -50.81 58.83 -5.19
CA VAL GB 141 -49.41 59.06 -4.88
C VAL GB 141 -49.17 58.73 -3.42
N PHE GB 142 -48.12 57.96 -3.15
CA PHE GB 142 -47.73 57.58 -1.79
C PHE GB 142 -46.39 58.24 -1.48
N THR GB 143 -46.40 59.23 -0.60
CA THR GB 143 -45.21 59.97 -0.21
C THR GB 143 -45.05 59.88 1.30
N MET GB 144 -43.93 59.33 1.74
CA MET GB 144 -43.68 59.18 3.17
C MET GB 144 -43.50 60.54 3.83
N THR GB 145 -43.72 60.58 5.15
CA THR GB 145 -43.60 61.79 5.92
C THR GB 145 -42.79 61.55 7.18
N ALA GB 146 -42.73 62.55 8.07
CA ALA GB 146 -41.90 62.42 9.27
C ALA GB 146 -42.49 61.44 10.27
N LYS GB 147 -43.81 61.28 10.26
CA LYS GB 147 -44.46 60.39 11.23
C LYS GB 147 -45.73 59.78 10.66
N GLU GB 148 -46.45 60.53 9.82
CA GLU GB 148 -47.70 60.03 9.26
C GLU GB 148 -47.48 58.87 8.28
N GLY GB 149 -46.27 58.73 7.74
CA GLY GB 149 -46.00 57.66 6.80
C GLY GB 149 -46.37 58.04 5.38
N ARG GB 150 -46.55 57.02 4.56
CA ARG GB 150 -46.92 57.21 3.15
C ARG GB 150 -48.23 57.98 3.05
N LYS GB 151 -48.15 59.26 2.69
CA LYS GB 151 -49.34 60.07 2.52
C LYS GB 151 -50.08 59.67 1.26
N LYS GB 152 -51.33 59.23 1.41
CA LYS GB 152 -52.15 58.79 0.28
C LYS GB 152 -52.68 60.03 -0.46
N SER GB 153 -51.77 60.74 -1.08
CA SER GB 153 -52.13 61.93 -1.85
C SER GB 153 -52.61 61.55 -3.24
N ILE GB 154 -53.54 62.35 -3.76
CA ILE GB 154 -54.14 62.11 -5.07
C ILE GB 154 -54.00 63.37 -5.91
N ARG GB 155 -53.60 63.20 -7.17
CA ARG GB 155 -53.46 64.30 -8.11
C ARG GB 155 -54.40 64.05 -9.29
N VAL GB 156 -55.16 65.07 -9.67
CA VAL GB 156 -56.16 64.96 -10.73
C VAL GB 156 -56.01 66.14 -11.68
N LEU GB 157 -56.32 65.89 -12.95
CA LEU GB 157 -56.29 66.91 -14.00
C LEU GB 157 -57.63 66.89 -14.71
N VAL GB 158 -58.47 67.88 -14.42
CA VAL GB 158 -59.81 67.96 -14.99
C VAL GB 158 -59.85 69.06 -16.03
N ALA GB 159 -60.69 68.87 -17.04
CA ALA GB 159 -60.89 69.84 -18.11
C ALA GB 159 -62.37 70.17 -18.20
N VAL GB 160 -62.70 71.45 -18.08
CA VAL GB 160 -64.07 71.92 -18.10
C VAL GB 160 -64.28 72.84 -19.30
N GLY GB 161 -65.48 72.77 -19.87
CA GLY GB 161 -65.81 73.59 -21.02
C GLY GB 161 -66.88 72.97 -21.89
N ASN GB 162 -67.91 73.75 -22.23
CA ASN GB 162 -68.99 73.24 -23.07
C ASN GB 162 -68.59 73.26 -24.55
N GLY GB 163 -68.02 74.36 -25.01
CA GLY GB 163 -67.61 74.47 -26.40
C GLY GB 163 -67.53 75.92 -26.81
N LYS GB 164 -67.61 76.14 -28.13
CA LYS GB 164 -67.53 77.47 -28.71
C LYS GB 164 -66.25 78.20 -28.30
N GLY GB 165 -65.16 77.45 -28.14
CA GLY GB 165 -63.89 77.99 -27.75
C GLY GB 165 -63.69 78.10 -26.25
N ALA GB 166 -64.77 78.25 -25.48
CA ALA GB 166 -64.66 78.36 -24.03
C ALA GB 166 -64.33 77.00 -23.44
N ALA GB 167 -63.13 76.87 -22.89
CA ALA GB 167 -62.67 75.62 -22.27
C ALA GB 167 -61.40 75.94 -21.48
N GLY GB 168 -60.77 74.90 -20.95
CA GLY GB 168 -59.54 75.08 -20.19
C GLY GB 168 -59.29 73.94 -19.20
N PHE GB 169 -58.03 73.56 -19.05
CA PHE GB 169 -57.65 72.51 -18.13
C PHE GB 169 -57.27 73.11 -16.78
N SER GB 170 -56.97 72.23 -15.83
CA SER GB 170 -56.59 72.66 -14.48
C SER GB 170 -56.07 71.44 -13.73
N ILE GB 171 -55.56 71.70 -12.53
CA ILE GB 171 -55.01 70.65 -11.67
C ILE GB 171 -55.48 70.89 -10.24
N GLY GB 172 -55.65 69.80 -9.49
CA GLY GB 172 -56.09 69.88 -8.12
C GLY GB 172 -55.69 68.65 -7.31
N LYS GB 173 -54.52 68.72 -6.68
CA LYS GB 173 -54.02 67.60 -5.89
C LYS GB 173 -54.41 67.76 -4.44
N ALA GB 174 -54.75 66.65 -3.80
CA ALA GB 174 -55.13 66.64 -2.39
C ALA GB 174 -55.28 65.20 -1.94
N THR GB 175 -55.50 65.02 -0.64
CA THR GB 175 -55.66 63.71 -0.05
C THR GB 175 -57.11 63.25 -0.02
N ASP GB 176 -57.96 63.81 -0.89
CA ASP GB 176 -59.37 63.43 -0.93
C ASP GB 176 -59.81 63.21 -2.39
N ARG GB 177 -61.11 62.97 -2.59
CA ARG GB 177 -61.65 62.72 -3.92
C ARG GB 177 -62.57 63.85 -4.34
N MET GB 178 -63.73 64.02 -3.69
CA MET GB 178 -64.67 65.06 -4.09
C MET GB 178 -64.07 66.44 -3.84
N ASP GB 179 -63.31 66.61 -2.76
CA ASP GB 179 -62.67 67.89 -2.49
C ASP GB 179 -61.70 68.25 -3.61
N ALA GB 180 -60.86 67.31 -4.01
CA ALA GB 180 -59.92 67.56 -5.10
C ALA GB 180 -60.66 67.83 -6.40
N PHE GB 181 -61.77 67.10 -6.64
CA PHE GB 181 -62.54 67.30 -7.85
C PHE GB 181 -63.10 68.72 -7.92
N ARG GB 182 -63.72 69.18 -6.83
CA ARG GB 182 -64.28 70.53 -6.82
C ARG GB 182 -63.19 71.59 -6.86
N LYS GB 183 -62.04 71.33 -6.24
CA LYS GB 183 -60.92 72.27 -6.33
C LYS GB 183 -60.45 72.41 -7.78
N ALA GB 184 -60.29 71.29 -8.48
CA ALA GB 184 -59.89 71.34 -9.88
C ALA GB 184 -60.96 72.02 -10.73
N LYS GB 185 -62.23 71.80 -10.41
CA LYS GB 185 -63.30 72.47 -11.14
C LYS GB 185 -63.23 73.98 -10.97
N ASN GB 186 -63.03 74.43 -9.72
CA ASN GB 186 -62.90 75.86 -9.47
C ASN GB 186 -61.68 76.43 -10.16
N ARG GB 187 -60.55 75.70 -10.15
CA ARG GB 187 -59.35 76.17 -10.83
C ARG GB 187 -59.61 76.31 -12.33
N ALA GB 188 -60.26 75.33 -12.93
CA ALA GB 188 -60.58 75.41 -14.36
C ALA GB 188 -61.51 76.58 -14.64
N VAL GB 189 -62.49 76.82 -13.76
CA VAL GB 189 -63.36 77.97 -13.92
C VAL GB 189 -62.54 79.25 -13.89
N HIS GB 190 -61.53 79.31 -13.02
CA HIS GB 190 -60.63 80.45 -12.95
C HIS GB 190 -59.52 80.40 -14.01
N HIS GB 191 -59.49 79.37 -14.85
CA HIS GB 191 -58.48 79.21 -15.91
C HIS GB 191 -59.20 78.74 -17.17
N LEU GB 192 -59.85 79.69 -17.85
CA LEU GB 192 -60.61 79.39 -19.07
C LEU GB 192 -59.77 79.78 -20.27
N HIS GB 193 -59.41 78.79 -21.09
CA HIS GB 193 -58.64 79.02 -22.29
C HIS GB 193 -59.56 79.18 -23.50
N TYR GB 194 -59.14 80.02 -24.45
CA TYR GB 194 -59.87 80.25 -25.68
C TYR GB 194 -58.99 79.89 -26.86
N ILE GB 195 -59.61 79.34 -27.91
CA ILE GB 195 -58.90 78.90 -29.10
C ILE GB 195 -59.62 79.47 -30.31
N GLU GB 196 -58.92 80.30 -31.08
CA GLU GB 196 -59.49 80.86 -32.30
C GLU GB 196 -59.78 79.74 -33.30
N ARG GB 197 -61.05 79.61 -33.68
CA ARG GB 197 -61.49 78.53 -34.55
C ARG GB 197 -62.06 79.09 -35.84
N TYR GB 198 -62.14 78.22 -36.85
CA TYR GB 198 -62.70 78.56 -38.15
C TYR GB 198 -63.68 77.46 -38.53
N GLU GB 199 -64.98 77.76 -38.45
CA GLU GB 199 -66.02 76.78 -38.73
C GLU GB 199 -65.88 75.58 -37.80
N ASP GB 200 -66.74 75.49 -36.79
CA ASP GB 200 -66.65 74.45 -35.77
C ASP GB 200 -66.72 73.06 -36.40
N HIS GB 201 -65.57 72.51 -36.79
CA HIS GB 201 -65.52 71.16 -37.33
C HIS GB 201 -64.08 70.68 -37.48
N THR GB 202 -63.16 71.60 -37.81
CA THR GB 202 -61.76 71.26 -38.01
C THR GB 202 -60.90 72.44 -37.61
N ILE GB 203 -59.65 72.14 -37.25
CA ILE GB 203 -58.70 73.19 -36.86
C ILE GB 203 -58.24 73.93 -38.11
N PHE GB 204 -57.75 75.16 -37.88
CA PHE GB 204 -57.26 76.01 -38.96
C PHE GB 204 -56.30 75.24 -39.88
N HIS GB 205 -55.11 74.92 -39.38
CA HIS GB 205 -54.12 74.20 -40.15
C HIS GB 205 -53.45 73.16 -39.27
N ASP GB 206 -52.50 72.43 -39.84
CA ASP GB 206 -51.80 71.38 -39.12
C ASP GB 206 -50.75 71.99 -38.19
N ILE GB 207 -50.37 71.21 -37.17
CA ILE GB 207 -49.37 71.62 -36.20
C ILE GB 207 -48.42 70.46 -35.97
N SER GB 208 -47.11 70.76 -35.94
CA SER GB 208 -46.06 69.78 -35.71
C SER GB 208 -45.18 70.30 -34.57
N LEU GB 209 -45.65 70.14 -33.34
CA LEU GB 209 -44.96 70.62 -32.17
C LEU GB 209 -44.13 69.50 -31.52
N ARG GB 210 -43.30 69.90 -30.55
CA ARG GB 210 -42.45 68.97 -29.81
C ARG GB 210 -42.40 69.46 -28.35
N PHE GB 211 -43.51 69.29 -27.64
CA PHE GB 211 -43.60 69.72 -26.25
C PHE GB 211 -42.78 68.79 -25.37
N LYS GB 212 -41.62 69.25 -24.91
CA LYS GB 212 -40.77 68.47 -24.03
C LYS GB 212 -40.43 67.12 -24.64
N ARG GB 213 -41.33 66.14 -24.48
CA ARG GB 213 -41.09 64.79 -24.99
C ARG GB 213 -42.33 64.18 -25.62
N THR GB 214 -43.34 65.00 -25.96
CA THR GB 214 -44.57 64.52 -26.56
C THR GB 214 -44.75 65.19 -27.92
N HIS GB 215 -44.79 64.39 -28.97
CA HIS GB 215 -44.97 64.90 -30.32
C HIS GB 215 -46.45 64.95 -30.69
N ILE GB 216 -46.82 65.96 -31.46
CA ILE GB 216 -48.20 66.15 -31.90
C ILE GB 216 -48.17 66.39 -33.42
N LYS GB 217 -48.69 65.42 -34.17
CA LYS GB 217 -48.74 65.50 -35.63
C LYS GB 217 -50.21 65.46 -36.04
N MET GB 218 -50.80 66.65 -36.21
CA MET GB 218 -52.20 66.78 -36.59
C MET GB 218 -52.33 66.95 -38.10
N LYS GB 219 -53.48 66.53 -38.63
CA LYS GB 219 -53.78 66.62 -40.04
C LYS GB 219 -55.19 67.16 -40.23
N LYS GB 220 -55.34 68.14 -41.10
CA LYS GB 220 -56.65 68.72 -41.37
C LYS GB 220 -57.49 67.74 -42.18
N GLN GB 221 -58.67 67.42 -41.68
CA GLN GB 221 -59.59 66.49 -42.32
C GLN GB 221 -60.97 67.10 -42.39
N PRO GB 222 -61.80 66.65 -43.33
CA PRO GB 222 -63.15 67.24 -43.45
C PRO GB 222 -64.13 66.62 -42.47
N LYS GB 223 -65.41 67.00 -42.59
CA LYS GB 223 -66.42 66.46 -41.70
C LYS GB 223 -66.71 64.99 -42.03
N GLY GB 224 -67.30 64.30 -41.05
CA GLY GB 224 -67.64 62.89 -41.24
C GLY GB 224 -66.46 62.00 -41.52
N TYR GB 225 -65.26 62.40 -41.12
CA TYR GB 225 -64.06 61.59 -41.34
C TYR GB 225 -63.80 60.62 -40.19
N GLY GB 226 -64.06 61.03 -38.97
CA GLY GB 226 -63.83 60.21 -37.81
C GLY GB 226 -62.74 60.79 -36.92
N LEU GB 227 -62.83 60.47 -35.63
CA LEU GB 227 -61.87 60.96 -34.64
C LEU GB 227 -60.77 59.93 -34.48
N ARG GB 228 -59.62 60.19 -35.11
CA ARG GB 228 -58.47 59.31 -35.04
C ARG GB 228 -57.41 59.95 -34.15
N CYS GB 229 -57.67 59.96 -32.84
CA CYS GB 229 -56.77 60.58 -31.89
C CYS GB 229 -56.95 59.91 -30.52
N HIS GB 230 -56.10 60.31 -29.58
CA HIS GB 230 -56.17 59.75 -28.23
C HIS GB 230 -57.55 59.98 -27.63
N ARG GB 231 -58.00 59.02 -26.82
CA ARG GB 231 -59.29 59.14 -26.18
C ARG GB 231 -59.38 60.42 -25.34
N ALA GB 232 -58.28 60.75 -24.63
CA ALA GB 232 -58.22 62.02 -23.93
C ALA GB 232 -58.33 63.19 -24.91
N ILE GB 233 -57.62 63.09 -26.05
CA ILE GB 233 -57.75 64.12 -27.08
C ILE GB 233 -59.15 64.13 -27.67
N ILE GB 234 -59.78 62.96 -27.77
CA ILE GB 234 -61.16 62.91 -28.27
C ILE GB 234 -62.08 63.68 -27.33
N THR GB 235 -61.94 63.46 -26.03
CA THR GB 235 -62.77 64.18 -25.06
C THR GB 235 -62.46 65.68 -25.08
N ILE GB 236 -61.19 66.03 -25.22
CA ILE GB 236 -60.83 67.45 -25.29
C ILE GB 236 -61.48 68.12 -26.49
N CYS GB 237 -61.45 67.44 -27.65
CA CYS GB 237 -62.07 68.00 -28.84
C CYS GB 237 -63.58 68.08 -28.69
N ARG GB 238 -64.20 67.05 -28.10
CA ARG GB 238 -65.65 67.09 -27.88
C ARG GB 238 -66.03 68.25 -26.96
N LEU GB 239 -65.19 68.54 -25.96
CA LEU GB 239 -65.48 69.65 -25.07
C LEU GB 239 -65.24 70.99 -25.77
N ILE GB 240 -64.24 71.05 -26.65
CA ILE GB 240 -63.95 72.29 -27.37
C ILE GB 240 -64.99 72.54 -28.45
N GLY GB 241 -65.29 71.51 -29.24
CA GLY GB 241 -66.27 71.64 -30.30
C GLY GB 241 -65.86 70.93 -31.58
N ILE GB 242 -64.56 70.66 -31.73
CA ILE GB 242 -64.07 69.99 -32.93
C ILE GB 242 -64.75 68.63 -33.05
N LYS GB 243 -65.27 68.34 -34.24
CA LYS GB 243 -65.99 67.09 -34.47
C LYS GB 243 -65.03 65.94 -34.79
N ASP GB 244 -64.22 66.09 -35.83
CA ASP GB 244 -63.31 65.04 -36.24
C ASP GB 244 -62.04 65.66 -36.80
N MET GB 245 -60.90 65.06 -36.48
CA MET GB 245 -59.61 65.53 -36.97
C MET GB 245 -58.53 64.49 -36.69
N TYR GB 246 -57.76 64.13 -37.72
CA TYR GB 246 -56.71 63.14 -37.55
C TYR GB 246 -55.54 63.73 -36.77
N ALA GB 247 -54.88 62.89 -35.96
CA ALA GB 247 -53.75 63.32 -35.16
C ALA GB 247 -52.91 62.09 -34.83
N LYS GB 248 -51.62 62.14 -35.19
CA LYS GB 248 -50.70 61.05 -34.90
C LYS GB 248 -50.05 61.30 -33.55
N VAL GB 249 -50.45 60.53 -32.54
CA VAL GB 249 -49.90 60.67 -31.20
C VAL GB 249 -48.51 60.07 -31.15
N SER GB 250 -47.53 60.82 -31.67
CA SER GB 250 -46.16 60.36 -31.69
C SER GB 250 -45.50 60.59 -30.34
N GLY GB 251 -44.33 59.98 -30.16
CA GLY GB 251 -43.59 60.13 -28.93
C GLY GB 251 -44.25 59.39 -27.77
N SER GB 252 -43.71 59.64 -26.58
CA SER GB 252 -44.23 59.02 -25.38
C SER GB 252 -45.66 59.47 -25.12
N ILE GB 253 -46.35 58.72 -24.26
CA ILE GB 253 -47.75 59.00 -23.93
C ILE GB 253 -47.82 59.51 -22.49
N ASN GB 254 -47.55 60.80 -22.29
CA ASN GB 254 -47.64 61.44 -20.99
C ASN GB 254 -48.89 62.32 -20.99
N MET GB 255 -49.86 61.96 -20.16
CA MET GB 255 -51.14 62.68 -20.14
C MET GB 255 -50.93 64.17 -19.89
N LEU GB 256 -50.25 64.51 -18.79
CA LEU GB 256 -50.10 65.91 -18.42
C LEU GB 256 -49.31 66.68 -19.48
N SER GB 257 -48.15 66.16 -19.87
CA SER GB 257 -47.32 66.86 -20.85
C SER GB 257 -48.01 66.92 -22.21
N LEU GB 258 -48.70 65.83 -22.60
CA LEU GB 258 -49.41 65.84 -23.87
C LEU GB 258 -50.50 66.89 -23.89
N THR GB 259 -51.29 66.97 -22.81
CA THR GB 259 -52.34 67.97 -22.74
C THR GB 259 -51.77 69.38 -22.73
N GLN GB 260 -50.67 69.59 -22.01
CA GLN GB 260 -50.05 70.91 -21.99
C GLN GB 260 -49.56 71.31 -23.39
N GLY GB 261 -48.93 70.38 -24.10
CA GLY GB 261 -48.48 70.67 -25.45
C GLY GB 261 -49.63 70.94 -26.39
N LEU GB 262 -50.72 70.17 -26.25
CA LEU GB 262 -51.89 70.40 -27.09
C LEU GB 262 -52.48 71.78 -26.84
N PHE GB 263 -52.56 72.19 -25.56
CA PHE GB 263 -53.07 73.51 -25.23
C PHE GB 263 -52.16 74.60 -25.78
N ARG GB 264 -50.85 74.42 -25.66
CA ARG GB 264 -49.91 75.40 -26.20
C ARG GB 264 -50.07 75.52 -27.71
N GLY GB 265 -50.22 74.39 -28.41
CA GLY GB 265 -50.41 74.44 -29.85
C GLY GB 265 -51.72 75.10 -30.24
N LEU GB 266 -52.80 74.79 -29.52
CA LEU GB 266 -54.08 75.43 -29.81
C LEU GB 266 -54.04 76.92 -29.55
N SER GB 267 -53.25 77.36 -28.56
CA SER GB 267 -53.09 78.78 -28.28
C SER GB 267 -52.20 79.48 -29.28
N ARG GB 268 -51.30 78.75 -29.94
CA ARG GB 268 -50.38 79.30 -30.94
C ARG GB 268 -50.86 78.81 -32.31
N GLN GB 269 -51.73 79.59 -32.94
CA GLN GB 269 -52.28 79.25 -34.24
C GLN GB 269 -52.48 80.53 -35.05
N GLU GB 270 -52.18 80.44 -36.35
CA GLU GB 270 -52.32 81.58 -37.25
C GLU GB 270 -53.69 81.50 -37.92
N THR GB 271 -54.56 82.46 -37.63
CA THR GB 271 -55.89 82.48 -38.21
C THR GB 271 -55.82 82.92 -39.67
N HIS GB 272 -56.99 82.98 -40.32
CA HIS GB 272 -57.06 83.39 -41.72
C HIS GB 272 -57.18 84.90 -41.87
N GLN GB 273 -58.07 85.52 -41.09
CA GLN GB 273 -58.25 86.97 -41.20
C GLN GB 273 -56.98 87.71 -40.82
N GLN GB 274 -56.34 87.31 -39.71
CA GLN GB 274 -55.12 87.97 -39.28
C GLN GB 274 -54.00 87.76 -40.29
N LEU GB 275 -53.87 86.54 -40.83
CA LEU GB 275 -52.84 86.29 -41.82
C LEU GB 275 -53.07 87.12 -43.07
N ALA GB 276 -54.32 87.25 -43.51
CA ALA GB 276 -54.61 88.08 -44.68
C ALA GB 276 -54.33 89.54 -44.41
N ASP GB 277 -54.68 90.03 -43.22
CA ASP GB 277 -54.40 91.42 -42.89
C ASP GB 277 -52.90 91.69 -42.81
N LYS GB 278 -52.12 90.71 -42.34
CA LYS GB 278 -50.68 90.90 -42.23
C LYS GB 278 -50.03 90.85 -43.61
N LYS GB 279 -50.32 89.82 -44.40
CA LYS GB 279 -49.72 89.69 -45.73
C LYS GB 279 -50.43 90.57 -46.74
N GLY GB 280 -51.75 90.43 -46.84
CA GLY GB 280 -52.53 91.25 -47.75
C GLY GB 280 -53.25 90.45 -48.82
N LEU GB 281 -52.56 89.47 -49.40
CA LEU GB 281 -53.15 88.67 -50.46
C LEU GB 281 -54.36 87.91 -49.94
N HIS GB 282 -55.30 87.64 -50.84
CA HIS GB 282 -56.52 86.92 -50.50
C HIS GB 282 -56.21 85.42 -50.35
N VAL GB 283 -57.22 84.67 -49.94
CA VAL GB 283 -57.09 83.23 -49.74
C VAL GB 283 -57.66 82.55 -50.98
N VAL GB 284 -56.77 82.13 -51.87
CA VAL GB 284 -57.15 81.40 -53.08
C VAL GB 284 -57.21 79.91 -52.76
N GLU GB 285 -58.21 79.24 -53.30
CA GLU GB 285 -58.39 77.81 -53.04
C GLU GB 285 -59.16 77.18 -54.19
N ILE GB 286 -58.88 75.91 -54.43
CA ILE GB 286 -59.57 75.14 -55.46
C ILE GB 286 -60.10 73.86 -54.81
N ARG GB 287 -61.23 73.97 -54.13
CA ARG GB 287 -61.81 72.82 -53.44
C ARG GB 287 -62.19 71.73 -54.43
N GLU GB 288 -61.84 70.48 -54.08
CA GLU GB 288 -62.17 69.36 -54.94
C GLU GB 288 -63.63 68.95 -54.81
N GLU GB 289 -64.23 69.13 -53.62
CA GLU GB 289 -65.64 68.79 -53.44
C GLU GB 289 -66.52 69.63 -54.36
N CYS GB 290 -66.31 70.94 -54.36
CA CYS GB 290 -67.05 71.85 -55.22
C CYS GB 290 -66.37 71.90 -56.59
N GLY GB 291 -66.70 72.92 -57.39
CA GLY GB 291 -66.10 73.06 -58.70
C GLY GB 291 -64.88 73.97 -58.66
N PRO GB 292 -64.29 74.22 -59.84
CA PRO GB 292 -63.11 75.11 -59.89
C PRO GB 292 -63.38 76.52 -59.40
N LEU GB 293 -64.64 76.92 -59.26
CA LEU GB 293 -64.99 78.26 -58.81
C LEU GB 293 -64.29 78.58 -57.49
N PRO GB 294 -63.31 79.48 -57.48
CA PRO GB 294 -62.63 79.80 -56.22
C PRO GB 294 -63.46 80.74 -55.35
N ILE GB 295 -63.46 80.46 -54.05
CA ILE GB 295 -64.21 81.25 -53.08
C ILE GB 295 -63.22 81.74 -52.03
N VAL GB 296 -63.10 83.06 -51.90
CA VAL GB 296 -62.21 83.64 -50.91
C VAL GB 296 -62.74 83.38 -49.51
N VAL GB 297 -61.85 83.01 -48.60
CA VAL GB 297 -62.23 82.69 -47.23
C VAL GB 297 -61.97 83.91 -46.34
N ALA GB 298 -60.94 84.68 -46.66
CA ALA GB 298 -60.59 85.85 -45.87
C ALA GB 298 -60.03 86.92 -46.80
N SER GB 299 -60.23 88.18 -46.40
CA SER GB 299 -59.76 89.33 -47.15
C SER GB 299 -59.07 90.30 -46.21
N PRO GB 300 -58.15 91.12 -46.72
CA PRO GB 300 -57.45 92.07 -45.86
C PRO GB 300 -58.40 93.10 -45.27
N ARG GB 301 -57.92 93.81 -44.26
CA ARG GB 301 -58.69 94.82 -43.55
C ARG GB 301 -58.38 96.24 -44.03
N GLY GB 302 -57.64 96.39 -45.13
CA GLY GB 302 -57.32 97.69 -45.65
C GLY GB 302 -56.53 97.63 -46.94
N PRO GB 303 -55.23 97.39 -46.84
CA PRO GB 303 -54.37 97.34 -48.03
C PRO GB 303 -54.51 96.01 -48.75
N LEU GB 304 -53.84 95.90 -49.90
CA LEU GB 304 -53.87 94.68 -50.70
C LEU GB 304 -52.57 94.62 -51.49
N ARG GB 305 -51.68 93.69 -51.12
CA ARG GB 305 -50.42 93.52 -51.81
C ARG GB 305 -50.66 93.17 -53.28
N LYS GB 306 -50.57 94.18 -54.15
CA LYS GB 306 -50.82 93.94 -55.57
C LYS GB 306 -49.85 92.93 -56.15
N ASP GB 307 -48.62 92.89 -55.65
CA ASP GB 307 -47.64 91.95 -56.15
C ASP GB 307 -47.94 90.54 -55.61
N PRO GB 308 -47.71 89.50 -56.40
CA PRO GB 308 -47.99 88.14 -55.93
C PRO GB 308 -46.87 87.62 -55.03
N GLU GB 309 -47.18 86.53 -54.34
CA GLU GB 309 -46.18 85.91 -53.46
C GLU GB 309 -45.01 85.40 -54.29
N PRO GB 310 -43.83 85.26 -53.68
CA PRO GB 310 -42.68 84.75 -54.43
C PRO GB 310 -42.82 83.27 -54.75
N GLU GB 311 -43.59 82.94 -55.78
CA GLU GB 311 -43.84 81.55 -56.16
C GLU GB 311 -42.54 80.83 -56.46
N ASP GB 312 -41.77 80.52 -55.42
CA ASP GB 312 -40.51 79.78 -55.56
C ASP GB 312 -40.81 78.29 -55.44
N GLU GB 313 -40.70 77.58 -56.56
CA GLU GB 313 -41.00 76.15 -56.59
C GLU GB 313 -40.03 75.40 -55.68
N VAL GB 314 -40.25 74.09 -55.55
CA VAL GB 314 -39.46 73.21 -54.68
C VAL GB 314 -39.09 73.94 -53.39
N PRO GB 315 -40.06 74.35 -52.58
CA PRO GB 315 -39.75 75.06 -51.33
C PRO GB 315 -39.09 74.16 -50.30
N ASP GB 316 -38.87 74.68 -49.10
CA ASP GB 316 -38.24 73.93 -48.01
C ASP GB 316 -39.27 73.70 -46.91
N VAL GB 317 -40.24 72.85 -47.22
CA VAL GB 317 -41.30 72.48 -46.27
C VAL GB 317 -40.94 71.12 -45.71
N LYS GB 318 -40.46 71.10 -44.47
CA LYS GB 318 -40.03 69.86 -43.83
C LYS GB 318 -41.24 68.98 -43.50
N LEU GB 319 -41.69 68.20 -44.47
CA LEU GB 319 -42.81 67.29 -44.26
C LEU GB 319 -42.35 66.06 -43.49
N ASP GB 320 -43.33 65.33 -42.94
CA ASP GB 320 -43.06 64.15 -42.14
C ASP GB 320 -43.07 62.90 -43.01
N TRP GB 321 -42.30 61.88 -42.58
CA TRP GB 321 -42.28 60.63 -43.31
C TRP GB 321 -43.63 59.94 -43.29
N GLU GB 322 -44.41 60.13 -42.22
CA GLU GB 322 -45.75 59.56 -42.17
C GLU GB 322 -46.63 60.09 -43.29
N ASP GB 323 -46.46 61.37 -43.63
CA ASP GB 323 -47.23 61.96 -44.74
C ASP GB 323 -46.93 61.23 -46.04
N VAL GB 324 -45.65 60.97 -46.32
CA VAL GB 324 -45.28 60.26 -47.54
C VAL GB 324 -45.81 58.84 -47.51
N LYS GB 325 -45.68 58.17 -46.35
CA LYS GB 325 -46.16 56.79 -46.24
C LYS GB 325 -47.66 56.71 -46.47
N THR GB 326 -48.41 57.72 -46.03
CA THR GB 326 -49.86 57.71 -46.23
C THR GB 326 -50.23 58.08 -47.66
N ALA GB 327 -49.49 59.00 -48.28
CA ALA GB 327 -49.80 59.40 -49.64
C ALA GB 327 -49.48 58.29 -50.62
N GLN GB 328 -48.38 57.57 -50.42
CA GLN GB 328 -47.98 56.48 -51.30
C GLN GB 328 -48.53 55.14 -50.86
N GLY GB 329 -49.29 55.09 -49.76
CA GLY GB 329 -49.83 53.83 -49.28
C GLY GB 329 -48.78 52.81 -48.91
N MET GB 330 -47.56 53.25 -48.58
CA MET GB 330 -46.50 52.33 -48.22
C MET GB 330 -46.61 51.82 -46.79
N LYS GB 331 -47.36 52.51 -45.94
CA LYS GB 331 -47.53 52.08 -44.55
C LYS GB 331 -48.28 50.75 -44.50
N ARG GB 332 -47.71 49.79 -43.79
CA ARG GB 332 -48.35 48.48 -43.62
C ARG GB 332 -47.96 47.93 -42.26
N SER GB 333 -48.94 47.38 -41.55
CA SER GB 333 -48.72 46.81 -40.22
C SER GB 333 -49.96 45.99 -39.87
N VAL GB 334 -50.00 45.50 -38.63
CA VAL GB 334 -51.12 44.68 -38.16
C VAL GB 334 -52.12 45.57 -37.43
N TRP GB 335 -51.92 46.90 -37.51
CA TRP GB 335 -52.82 47.84 -36.88
C TRP GB 335 -52.72 49.19 -37.59
N SER GB 336 -52.63 49.18 -38.91
CA SER GB 336 -52.52 50.40 -39.69
C SER GB 336 -53.76 51.27 -39.53
N ASN GB 337 -54.77 51.03 -40.38
CA ASN GB 337 -56.02 51.80 -40.35
C ASN GB 337 -57.17 50.80 -40.25
N LEU GB 338 -57.36 50.26 -39.04
CA LEU GB 338 -58.40 49.27 -38.79
C LEU GB 338 -59.66 49.95 -38.28
N LYS GB 339 -60.78 49.22 -38.38
CA LYS GB 339 -62.05 49.74 -37.92
C LYS GB 339 -62.03 49.95 -36.41
N ARG GB 340 -62.55 51.09 -35.97
CA ARG GB 340 -62.57 51.46 -34.57
C ARG GB 340 -64.00 51.42 -34.03
N ALA GB 341 -64.12 51.63 -32.72
CA ALA GB 341 -65.42 51.56 -32.05
C ALA GB 341 -66.35 52.65 -32.56
N ALA GB 342 -67.59 52.64 -32.07
CA ALA GB 342 -68.60 53.61 -32.48
C ALA GB 342 -68.60 54.78 -31.50
N THR GB 343 -69.60 55.66 -31.62
CA THR GB 343 -69.72 56.81 -30.74
C THR GB 343 -68.51 57.72 -30.87
N PRO HB 1 22.39 82.18 -37.83
CA PRO HB 1 21.82 82.95 -36.72
C PRO HB 1 22.89 83.47 -35.76
N ARG HB 2 22.48 84.33 -34.83
CA ARG HB 2 23.39 84.90 -33.84
C ARG HB 2 23.35 84.11 -32.55
N TYR HB 3 24.41 84.26 -31.75
CA TYR HB 3 24.53 83.55 -30.49
C TYR HB 3 25.34 84.41 -29.51
N GLU HB 4 25.41 83.94 -28.27
CA GLU HB 4 26.15 84.63 -27.22
C GLU HB 4 26.65 83.62 -26.22
N LEU HB 5 27.93 83.74 -25.84
CA LEU HB 5 28.56 82.84 -24.89
C LEU HB 5 28.53 83.48 -23.51
N ALA HB 6 27.90 82.80 -22.55
CA ALA HB 6 27.82 83.28 -21.18
C ALA HB 6 28.97 82.68 -20.37
N LEU HB 7 30.18 83.07 -20.76
CA LEU HB 7 31.38 82.56 -20.10
C LEU HB 7 31.48 83.12 -18.69
N ILE HB 8 31.61 82.22 -17.72
CA ILE HB 8 31.75 82.57 -16.31
C ILE HB 8 33.04 81.95 -15.80
N LEU HB 9 34.01 82.80 -15.47
CA LEU HB 9 35.31 82.37 -15.00
C LEU HB 9 35.53 82.85 -13.57
N LYS HB 10 36.63 82.40 -12.97
CA LYS HB 10 37.00 82.75 -11.61
C LYS HB 10 38.02 83.89 -11.64
N ALA HB 11 38.52 84.24 -10.46
CA ALA HB 11 39.57 85.25 -10.32
C ALA HB 11 40.95 84.59 -10.45
N MET HB 12 41.13 83.91 -11.58
CA MET HB 12 42.36 83.14 -11.82
C MET HB 12 43.36 83.99 -12.62
N GLN HB 13 43.79 85.09 -12.01
CA GLN HB 13 44.79 85.96 -12.60
C GLN HB 13 44.35 86.52 -13.94
N ARG HB 14 45.16 87.38 -14.53
CA ARG HB 14 44.85 88.02 -15.81
C ARG HB 14 45.30 87.16 -16.99
N PRO HB 15 46.56 86.70 -17.03
CA PRO HB 15 47.00 85.96 -18.23
C PRO HB 15 46.24 84.66 -18.43
N GLU HB 16 45.89 83.96 -17.35
CA GLU HB 16 45.12 82.72 -17.50
C GLU HB 16 43.74 83.00 -18.08
N THR HB 17 43.07 84.06 -17.58
CA THR HB 17 41.77 84.42 -18.13
C THR HB 17 41.89 84.81 -19.60
N ALA HB 18 42.95 85.55 -19.95
CA ALA HB 18 43.15 85.94 -21.34
C ALA HB 18 43.38 84.71 -22.22
N ALA HB 19 44.16 83.74 -21.74
CA ALA HB 19 44.40 82.52 -22.51
C ALA HB 19 43.11 81.73 -22.69
N THR HB 20 42.29 81.64 -21.64
CA THR HB 20 41.02 80.94 -21.75
C THR HB 20 40.09 81.64 -22.74
N LEU HB 21 40.04 82.96 -22.71
CA LEU HB 21 39.22 83.71 -23.67
C LEU HB 21 39.72 83.47 -25.08
N LYS HB 22 41.04 83.48 -25.29
CA LYS HB 22 41.59 83.22 -26.61
C LYS HB 22 41.24 81.82 -27.09
N ARG HB 23 41.32 80.83 -26.19
CA ARG HB 23 40.96 79.46 -26.57
C ARG HB 23 39.51 79.38 -26.97
N THR HB 24 38.62 79.99 -26.18
CA THR HB 24 37.19 79.95 -26.50
C THR HB 24 36.91 80.63 -27.84
N ILE HB 25 37.55 81.78 -28.08
CA ILE HB 25 37.32 82.49 -29.33
C ILE HB 25 37.85 81.67 -30.51
N GLU HB 26 39.01 81.04 -30.35
CA GLU HB 26 39.55 80.21 -31.42
C GLU HB 26 38.63 79.04 -31.72
N ALA HB 27 38.09 78.39 -30.68
CA ALA HB 27 37.16 77.30 -30.88
C ALA HB 27 35.90 77.78 -31.60
N LEU HB 28 35.36 78.92 -31.18
CA LEU HB 28 34.15 79.46 -31.81
C LEU HB 28 34.40 79.76 -33.29
N MET HB 29 35.57 80.34 -33.60
CA MET HB 29 35.87 80.66 -34.99
C MET HB 29 36.10 79.40 -35.82
N ASP HB 30 36.73 78.39 -35.22
CA ASP HB 30 36.93 77.13 -35.93
C ASP HB 30 35.60 76.42 -36.19
N ARG HB 31 34.62 76.60 -35.29
CA ARG HB 31 33.30 76.01 -35.50
C ARG HB 31 32.51 76.72 -36.59
N GLY HB 32 33.03 77.81 -37.14
CA GLY HB 32 32.34 78.52 -38.21
C GLY HB 32 31.51 79.68 -37.70
N ALA HB 33 32.13 80.58 -36.94
CA ALA HB 33 31.46 81.74 -36.36
C ALA HB 33 32.28 82.98 -36.65
N ILE HB 34 31.75 84.14 -36.23
CA ILE HB 34 32.40 85.43 -36.38
C ILE HB 34 32.25 86.20 -35.09
N VAL HB 35 33.37 86.61 -34.49
CA VAL HB 35 33.32 87.34 -33.23
C VAL HB 35 32.56 88.64 -33.42
N ARG HB 36 31.53 88.85 -32.59
CA ARG HB 36 30.72 90.06 -32.66
C ARG HB 36 31.20 91.10 -31.65
N ASP HB 37 31.27 90.75 -30.38
CA ASP HB 37 31.70 91.68 -29.34
C ASP HB 37 32.36 90.91 -28.22
N LEU HB 38 32.98 91.64 -27.29
CA LEU HB 38 33.65 91.05 -26.14
C LEU HB 38 33.41 91.96 -24.95
N GLU HB 39 32.63 91.47 -23.98
CA GLU HB 39 32.32 92.23 -22.77
C GLU HB 39 32.58 91.36 -21.55
N ASN HB 40 32.48 91.97 -20.38
CA ASN HB 40 32.72 91.29 -19.12
C ASN HB 40 32.28 92.18 -17.98
N LEU HB 41 31.73 91.56 -16.92
CA LEU HB 41 31.28 92.29 -15.74
C LEU HB 41 32.36 92.40 -14.67
N GLY HB 42 33.62 92.13 -15.02
CA GLY HB 42 34.70 92.20 -14.05
C GLY HB 42 34.68 91.07 -13.05
N GLU HB 43 35.86 90.68 -12.57
CA GLU HB 43 35.98 89.59 -11.60
C GLU HB 43 35.39 90.06 -10.27
N ARG HB 44 34.07 90.03 -10.19
CA ARG HB 44 33.35 90.46 -9.01
C ARG HB 44 32.92 89.23 -8.20
N ALA HB 45 32.19 89.48 -7.11
CA ALA HB 45 31.73 88.41 -6.24
C ALA HB 45 30.73 87.53 -6.98
N LEU HB 46 30.70 86.25 -6.60
CA LEU HB 46 29.80 85.28 -7.20
C LEU HB 46 28.50 85.21 -6.42
N PRO HB 47 27.41 84.77 -7.04
CA PRO HB 47 26.14 84.69 -6.32
C PRO HB 47 26.13 83.67 -5.20
N TYR HB 48 27.08 82.74 -5.18
CA TYR HB 48 27.15 81.73 -4.14
C TYR HB 48 28.44 80.93 -4.31
N ARG HB 49 28.93 80.40 -3.19
CA ARG HB 49 30.14 79.57 -3.22
C ARG HB 49 29.95 78.41 -4.19
N ILE HB 50 30.53 78.51 -5.38
CA ILE HB 50 30.37 77.50 -6.42
C ILE HB 50 31.72 76.83 -6.67
N SER HB 51 31.66 75.58 -7.09
CA SER HB 51 32.84 74.80 -7.42
C SER HB 51 33.04 74.75 -8.93
N ALA HB 52 34.28 74.57 -9.35
CA ALA HB 52 34.63 74.53 -10.76
C ALA HB 52 35.77 73.54 -10.98
N HIS HB 53 35.59 72.32 -10.49
CA HIS HB 53 36.59 71.27 -10.66
C HIS HB 53 37.94 71.69 -10.08
N SER HB 54 38.09 71.66 -8.76
CA SER HB 54 37.04 71.25 -7.83
C SER HB 54 37.14 72.05 -6.54
N GLN HB 55 37.69 73.25 -6.63
CA GLN HB 55 37.87 74.13 -5.48
C GLN HB 55 36.71 75.12 -5.38
N GLN HB 56 36.53 75.65 -4.17
CA GLN HB 56 35.47 76.61 -3.91
C GLN HB 56 36.00 78.03 -4.07
N HIS HB 57 35.24 78.87 -4.78
CA HIS HB 57 35.63 80.24 -5.02
C HIS HB 57 34.41 81.14 -4.86
N ASN HB 58 34.67 82.39 -4.44
CA ASN HB 58 33.61 83.38 -4.27
C ASN HB 58 33.86 84.64 -5.09
N ARG HB 59 34.85 84.62 -5.98
CA ARG HB 59 35.17 85.78 -6.82
C ARG HB 59 35.42 85.30 -8.23
N GLY HB 60 34.61 85.78 -9.17
CA GLY HB 60 34.74 85.38 -10.56
C GLY HB 60 34.04 86.36 -11.48
N GLY HB 61 34.51 86.41 -12.72
CA GLY HB 61 33.95 87.28 -13.72
C GLY HB 61 32.84 86.63 -14.52
N TYR HB 62 32.27 87.42 -15.44
CA TYR HB 62 31.19 86.97 -16.31
C TYR HB 62 31.47 87.48 -17.73
N PHE HB 63 32.47 86.89 -18.37
CA PHE HB 63 32.85 87.28 -19.71
C PHE HB 63 31.73 86.96 -20.69
N LEU HB 64 31.52 87.87 -21.65
CA LEU HB 64 30.49 87.71 -22.68
C LEU HB 64 31.16 87.75 -24.05
N VAL HB 65 31.15 86.63 -24.75
CA VAL HB 65 31.76 86.50 -26.06
C VAL HB 65 30.65 86.25 -27.06
N ASP HB 66 30.25 87.30 -27.79
CA ASP HB 66 29.22 87.16 -28.81
C ASP HB 66 29.82 86.58 -30.09
N PHE HB 67 28.99 85.83 -30.82
CA PHE HB 67 29.45 85.16 -32.02
C PHE HB 67 28.24 84.80 -32.87
N TYR HB 68 28.52 84.33 -34.09
CA TYR HB 68 27.49 83.92 -35.04
C TYR HB 68 27.76 82.46 -35.44
N ALA HB 69 27.55 81.54 -34.51
CA ALA HB 69 27.77 80.13 -34.77
C ALA HB 69 26.65 79.55 -35.61
N PRO HB 70 26.90 78.43 -36.29
CA PRO HB 70 25.84 77.81 -37.10
C PRO HB 70 24.70 77.26 -36.25
N THR HB 71 23.76 76.57 -36.87
CA THR HB 71 22.60 76.05 -36.15
C THR HB 71 22.96 74.79 -35.35
N ALA HB 72 23.47 73.76 -36.04
CA ALA HB 72 23.79 72.49 -35.39
C ALA HB 72 25.21 72.53 -34.86
N ALA HB 73 25.38 73.30 -33.78
CA ALA HB 73 26.68 73.42 -33.11
C ALA HB 73 26.55 73.86 -31.66
N VAL HB 74 25.33 74.24 -31.24
CA VAL HB 74 25.15 74.74 -29.88
C VAL HB 74 25.41 73.64 -28.87
N GLU HB 75 24.87 72.44 -29.11
CA GLU HB 75 25.10 71.33 -28.20
C GLU HB 75 26.58 70.96 -28.13
N SER HB 76 27.26 70.96 -29.28
CA SER HB 76 28.68 70.66 -29.29
C SER HB 76 29.47 71.70 -28.51
N MET HB 77 29.11 72.97 -28.66
CA MET HB 77 29.80 74.02 -27.92
C MET HB 77 29.54 73.91 -26.42
N VAL HB 78 28.31 73.57 -26.04
CA VAL HB 78 27.99 73.39 -24.62
C VAL HB 78 28.80 72.22 -24.05
N GLU HB 79 28.90 71.13 -24.80
CA GLU HB 79 29.68 69.99 -24.35
C GLU HB 79 31.16 70.36 -24.22
N HIS HB 80 31.68 71.11 -25.18
CA HIS HB 80 33.08 71.54 -25.10
C HIS HB 80 33.31 72.42 -23.87
N LEU HB 81 32.38 73.33 -23.60
CA LEU HB 81 32.50 74.18 -22.41
C LEU HB 81 32.47 73.33 -21.14
N SER HB 82 31.54 72.39 -21.07
CA SER HB 82 31.47 71.50 -19.90
C SER HB 82 32.76 70.69 -19.75
N ARG HB 83 33.41 70.36 -20.86
CA ARG HB 83 34.66 69.61 -20.80
C ARG HB 83 35.80 70.45 -20.22
N ASP HB 84 35.76 71.76 -20.43
CA ASP HB 84 36.82 72.62 -19.92
C ASP HB 84 36.87 72.57 -18.40
N ILE HB 85 38.07 72.77 -17.86
CA ILE HB 85 38.28 72.72 -16.42
C ILE HB 85 38.19 74.11 -15.80
N ASP HB 86 38.84 75.10 -16.41
CA ASP HB 86 38.85 76.45 -15.86
C ASP HB 86 37.48 77.12 -15.94
N VAL HB 87 36.63 76.69 -16.87
CA VAL HB 87 35.31 77.28 -17.02
C VAL HB 87 34.38 76.72 -15.95
N ILE HB 88 33.71 77.60 -15.22
CA ILE HB 88 32.77 77.20 -14.19
C ILE HB 88 31.58 76.54 -14.87
N ARG HB 89 30.79 77.32 -15.58
CA ARG HB 89 29.62 76.82 -16.32
C ARG HB 89 29.15 77.94 -17.23
N GLY HB 90 28.00 77.74 -17.87
CA GLY HB 90 27.44 78.74 -18.76
C GLY HB 90 26.74 78.13 -19.95
N ASN HB 91 25.45 78.40 -20.09
CA ASN HB 91 24.66 77.88 -21.20
C ASN HB 91 24.66 78.89 -22.35
N ILE HB 92 25.06 78.42 -23.53
CA ILE HB 92 25.11 79.28 -24.71
C ILE HB 92 23.67 79.53 -25.17
N VAL HB 93 23.18 80.75 -24.94
CA VAL HB 93 21.84 81.13 -25.36
C VAL HB 93 21.95 82.03 -26.57
N LYS HB 94 20.96 81.96 -27.46
CA LYS HB 94 20.95 82.79 -28.64
C LYS HB 94 20.95 84.26 -28.25
N HIS HB 95 21.24 85.11 -29.23
CA HIS HB 95 21.31 86.55 -28.98
C HIS HB 95 19.96 87.04 -28.45
N PRO HB 96 19.95 87.83 -27.37
CA PRO HB 96 18.65 88.29 -26.85
C PRO HB 96 18.02 89.38 -27.69
N LEU HB 97 18.83 90.28 -28.25
CA LEU HB 97 18.29 91.37 -29.05
C LEU HB 97 17.75 90.90 -30.39
N THR HB 98 18.07 89.67 -30.81
CA THR HB 98 17.57 89.16 -32.07
C THR HB 98 16.08 88.85 -31.99
N GLN HB 99 15.60 88.39 -30.83
CA GLN HB 99 14.19 88.08 -30.67
C GLN HB 99 13.33 89.34 -30.84
N GLU HB 100 12.69 89.46 -32.00
CA GLU HB 100 11.82 90.61 -32.26
C GLU HB 100 10.68 90.66 -31.26
N LEU HB 101 10.67 91.69 -30.42
CA LEU HB 101 9.63 91.81 -29.40
C LEU HB 101 8.26 91.99 -30.03
N LYS HB 102 7.28 91.26 -29.51
CA LYS HB 102 5.90 91.40 -29.95
C LYS HB 102 5.28 92.60 -29.24
N GLU HB 103 5.04 93.67 -29.99
CA GLU HB 103 4.57 94.93 -29.42
C GLU HB 103 3.30 94.73 -28.60
N CYS HB 104 3.43 94.65 -27.29
CA CYS HB 104 2.30 94.58 -26.38
C CYS HB 104 2.02 95.96 -25.80
N GLU HB 105 0.75 96.18 -25.43
CA GLU HB 105 0.30 97.48 -24.93
C GLU HB 105 -0.49 97.25 -23.64
N GLY HB 106 0.23 96.99 -22.55
CA GLY HB 106 -0.38 96.84 -21.25
C GLY HB 106 -1.44 95.77 -21.18
N ILE HB 107 -2.10 95.66 -20.02
CA ILE HB 107 -3.14 94.67 -19.83
C ILE HB 107 -4.45 95.19 -20.41
N VAL HB 108 -5.25 94.28 -20.95
CA VAL HB 108 -6.54 94.62 -21.54
C VAL HB 108 -7.62 94.39 -20.50
N PRO HB 109 -8.77 95.09 -20.59
CA PRO HB 109 -9.83 94.90 -19.59
C PRO HB 109 -10.52 93.56 -19.74
N VAL HB 110 -10.23 92.63 -18.85
CA VAL HB 110 -10.85 91.30 -18.91
C VAL HB 110 -12.32 91.42 -18.49
N PRO HB 111 -13.27 90.94 -19.29
CA PRO HB 111 -14.68 91.05 -18.91
C PRO HB 111 -15.06 90.01 -17.85
N LEU HB 112 -16.29 90.15 -17.35
CA LEU HB 112 -16.81 89.24 -16.35
C LEU HB 112 -17.18 87.91 -16.99
N ALA HB 113 -17.71 86.99 -16.19
CA ALA HB 113 -18.12 85.70 -16.69
C ALA HB 113 -19.15 85.85 -17.80
N GLU HB 114 -18.89 85.22 -18.94
CA GLU HB 114 -19.76 85.32 -20.10
C GLU HB 114 -20.62 84.06 -20.17
N LYS HB 115 -21.64 84.03 -19.30
CA LYS HB 115 -22.59 82.91 -19.25
C LYS HB 115 -21.90 81.62 -18.86
N LEU HB 116 -22.21 81.11 -17.66
CA LEU HB 116 -21.64 79.86 -17.19
C LEU HB 116 -22.65 78.95 -16.50
N TYR HB 117 -23.89 79.39 -16.33
CA TYR HB 117 -24.91 78.57 -15.68
C TYR HB 117 -26.26 78.83 -16.34
N SER HB 118 -27.14 77.84 -16.24
CA SER HB 118 -28.46 77.95 -16.84
C SER HB 118 -29.31 78.97 -16.09
N THR HB 119 -30.44 79.34 -16.70
CA THR HB 119 -31.36 80.31 -16.12
C THR HB 119 -32.57 79.53 -15.61
N LYS HB 120 -32.57 79.24 -14.31
CA LYS HB 120 -33.65 78.51 -13.67
C LYS HB 120 -33.87 79.05 -12.27
N LYS HB 121 -35.14 79.12 -11.86
CA LYS HB 121 -35.45 79.63 -10.53
C LYS HB 121 -34.87 78.75 -9.44
N ARG HB 122 -34.81 77.44 -9.66
CA ARG HB 122 -34.27 76.50 -8.67
C ARG HB 122 -35.00 76.63 -7.35
N SER IB 1 -39.65 73.37 40.60
CA SER IB 1 -39.21 74.64 41.18
C SER IB 1 -39.96 74.91 42.48
N ARG IB 2 -39.29 74.64 43.61
CA ARG IB 2 -39.91 74.88 44.91
C ARG IB 2 -39.87 76.34 45.31
N TYR IB 3 -38.87 77.08 44.83
CA TYR IB 3 -38.77 78.51 45.13
C TYR IB 3 -39.67 79.30 44.18
N SER IB 4 -40.40 80.25 44.73
CA SER IB 4 -41.30 81.07 43.94
C SER IB 4 -40.53 82.17 43.20
N PRO IB 5 -40.85 82.42 41.93
CA PRO IB 5 -40.15 83.50 41.21
C PRO IB 5 -40.40 84.88 41.77
N GLU IB 6 -41.38 85.05 42.65
CA GLU IB 6 -41.68 86.35 43.24
C GLU IB 6 -40.81 86.62 44.46
N PHE IB 7 -40.96 85.82 45.50
CA PHE IB 7 -40.20 86.04 46.73
C PHE IB 7 -38.71 85.91 46.46
N LYS IB 8 -37.93 86.70 47.21
CA LYS IB 8 -36.48 86.71 47.06
C LYS IB 8 -35.84 86.90 48.43
N ASP IB 9 -34.58 86.48 48.53
CA ASP IB 9 -33.89 86.52 49.80
C ASP IB 9 -33.57 87.96 50.20
N PRO IB 10 -33.31 88.21 51.49
CA PRO IB 10 -33.01 89.58 51.94
C PRO IB 10 -31.52 89.88 51.95
N LEU IB 11 -31.16 91.02 52.55
CA LEU IB 11 -29.77 91.42 52.70
C LEU IB 11 -29.52 91.72 54.17
N ILE IB 12 -28.71 90.89 54.83
CA ILE IB 12 -28.52 91.01 56.28
C ILE IB 12 -27.47 92.03 56.66
N ASP IB 13 -26.75 92.61 55.70
CA ASP IB 13 -25.71 93.58 56.01
C ASP IB 13 -26.30 94.77 56.75
N LYS IB 14 -25.65 95.17 57.84
CA LYS IB 14 -26.13 96.29 58.65
C LYS IB 14 -25.02 97.15 59.25
N GLU IB 15 -23.78 96.66 59.34
CA GLU IB 15 -22.71 97.46 59.93
C GLU IB 15 -22.44 98.70 59.09
N TYR IB 16 -22.50 98.58 57.77
CA TYR IB 16 -22.25 99.72 56.90
C TYR IB 16 -23.28 100.83 57.06
N TYR IB 17 -24.49 100.48 57.51
CA TYR IB 17 -25.56 101.47 57.68
C TYR IB 17 -25.47 102.06 59.08
N ARG IB 18 -24.55 103.01 59.24
CA ARG IB 18 -24.36 103.68 60.52
C ARG IB 18 -23.99 105.15 60.38
N LYS IB 19 -23.81 105.67 59.16
CA LYS IB 19 -23.46 107.07 58.97
C LYS IB 19 -24.71 107.94 58.87
N GLU IB 27 -26.85 108.05 44.76
CA GLU IB 27 -26.44 106.70 44.39
C GLU IB 27 -26.79 105.71 45.48
N GLU IB 28 -26.28 105.96 46.70
CA GLU IB 28 -26.57 105.06 47.82
C GLU IB 28 -28.05 105.05 48.15
N LYS IB 29 -28.70 106.23 48.11
CA LYS IB 29 -30.13 106.29 48.39
C LYS IB 29 -30.93 105.52 47.35
N TYR IB 30 -30.51 105.59 46.09
CA TYR IB 30 -31.20 104.84 45.04
C TYR IB 30 -31.05 103.34 45.26
N VAL IB 31 -29.86 102.89 45.65
CA VAL IB 31 -29.65 101.47 45.92
C VAL IB 31 -30.49 101.03 47.10
N ARG IB 32 -30.59 101.88 48.13
CA ARG IB 32 -31.41 101.55 49.29
C ARG IB 32 -32.89 101.45 48.90
N GLU IB 33 -33.37 102.38 48.08
CA GLU IB 33 -34.75 102.33 47.62
C GLU IB 33 -35.00 101.07 46.79
N LEU IB 34 -34.04 100.69 45.96
CA LEU IB 34 -34.17 99.47 45.17
C LEU IB 34 -34.26 98.25 46.08
N LYS IB 35 -33.36 98.17 47.07
CA LYS IB 35 -33.40 97.06 48.03
C LYS IB 35 -34.74 97.03 48.76
N LYS IB 36 -35.29 98.20 49.09
CA LYS IB 36 -36.60 98.25 49.73
C LYS IB 36 -37.68 97.71 48.81
N THR IB 37 -37.65 98.10 47.54
CA THR IB 37 -38.65 97.65 46.56
C THR IB 37 -38.25 96.28 46.03
N GLN IB 38 -38.29 95.29 46.93
CA GLN IB 38 -37.95 93.92 46.59
C GLN IB 38 -38.74 92.98 47.48
N LEU IB 39 -39.37 91.98 46.86
CA LEU IB 39 -40.12 90.97 47.61
C LEU IB 39 -39.20 90.28 48.60
N ILE IB 40 -39.35 90.60 49.88
CA ILE IB 40 -38.42 90.14 50.90
C ILE IB 40 -38.86 88.78 51.43
N LYS IB 41 -37.90 88.06 52.02
CA LYS IB 41 -38.14 86.76 52.63
C LYS IB 41 -37.56 86.77 54.05
N ALA IB 42 -37.78 85.68 54.77
CA ALA IB 42 -37.23 85.52 56.10
C ALA IB 42 -35.86 84.83 56.03
N ALA IB 43 -35.05 85.05 57.08
CA ALA IB 43 -33.72 84.48 57.13
C ALA IB 43 -33.75 83.05 57.67
N PRO IB 44 -32.78 82.22 57.30
CA PRO IB 44 -32.75 80.84 57.80
C PRO IB 44 -32.12 80.77 59.19
N ALA IB 45 -32.29 79.60 59.81
CA ALA IB 45 -31.74 79.36 61.14
C ALA IB 45 -30.36 78.70 61.08
N GLY IB 46 -30.17 77.74 60.17
CA GLY IB 46 -28.90 77.07 60.03
C GLY IB 46 -27.79 78.03 59.65
N LYS IB 47 -27.97 78.76 58.56
CA LYS IB 47 -26.99 79.75 58.09
C LYS IB 47 -27.31 81.13 58.63
N THR IB 48 -27.55 81.23 59.93
CA THR IB 48 -27.85 82.50 60.57
C THR IB 48 -26.67 83.45 60.44
N SER IB 49 -26.80 84.45 59.58
CA SER IB 49 -25.74 85.44 59.36
C SER IB 49 -25.77 86.48 60.49
N SER IB 50 -25.32 86.06 61.66
CA SER IB 50 -25.27 86.89 62.84
C SER IB 50 -23.81 87.29 63.12
N VAL IB 51 -23.52 87.63 64.37
CA VAL IB 51 -22.16 88.03 64.73
C VAL IB 51 -21.24 86.82 64.78
N PHE IB 52 -21.76 85.66 65.17
CA PHE IB 52 -20.97 84.44 65.25
C PHE IB 52 -20.92 83.68 63.94
N GLU IB 53 -21.31 84.30 62.83
CA GLU IB 53 -21.32 83.63 61.53
C GLU IB 53 -19.96 83.83 60.86
N ASP IB 54 -19.02 82.97 61.23
CA ASP IB 54 -17.71 82.96 60.61
C ASP IB 54 -17.75 82.12 59.34
N PRO IB 55 -17.46 82.66 58.16
CA PRO IB 55 -17.60 81.86 56.94
C PRO IB 55 -16.80 80.56 56.97
N VAL IB 56 -15.55 80.61 57.43
CA VAL IB 56 -14.72 79.41 57.46
C VAL IB 56 -15.33 78.37 58.39
N ILE IB 57 -15.57 78.76 59.65
CA ILE IB 57 -16.15 77.83 60.62
C ILE IB 57 -17.57 77.45 60.21
N SER IB 58 -18.30 78.37 59.58
CA SER IB 58 -19.64 78.06 59.11
C SER IB 58 -19.61 76.93 58.08
N LYS IB 59 -18.71 77.04 57.10
CA LYS IB 59 -18.59 75.98 56.09
C LYS IB 59 -18.07 74.70 56.72
N PHE IB 60 -17.16 74.79 57.69
CA PHE IB 60 -16.67 73.60 58.37
C PHE IB 60 -17.82 72.86 59.06
N THR IB 61 -18.66 73.60 59.77
CA THR IB 61 -19.80 72.98 60.45
C THR IB 61 -20.80 72.43 59.44
N ASN IB 62 -21.04 73.15 58.34
CA ASN IB 62 -21.96 72.67 57.32
C ASN IB 62 -21.48 71.33 56.74
N MET IB 63 -20.17 71.22 56.47
CA MET IB 63 -19.63 69.97 55.97
C MET IB 63 -19.71 68.88 57.03
N MET IB 64 -19.38 69.21 58.29
CA MET IB 64 -19.51 68.27 59.38
C MET IB 64 -20.96 67.92 59.68
N MET IB 65 -21.92 68.65 59.09
CA MET IB 65 -23.33 68.39 59.35
C MET IB 65 -23.70 66.97 58.91
N ILE IB 66 -24.36 66.24 59.80
CA ILE IB 66 -24.81 64.88 59.54
C ILE IB 66 -26.29 64.80 59.85
N GLY IB 67 -27.08 64.27 58.91
CA GLY IB 67 -28.51 64.18 59.11
C GLY IB 67 -29.19 65.52 59.28
N GLY IB 68 -28.59 66.59 58.76
CA GLY IB 68 -29.17 67.91 58.90
C GLY IB 68 -29.21 68.43 60.32
N ASN IB 69 -28.12 68.24 61.07
CA ASN IB 69 -28.02 68.69 62.45
C ASN IB 69 -26.89 69.71 62.56
N LYS IB 70 -27.08 70.86 61.90
CA LYS IB 70 -26.06 71.91 61.95
C LYS IB 70 -25.87 72.43 63.37
N VAL IB 71 -26.91 72.39 64.19
CA VAL IB 71 -26.79 72.81 65.58
C VAL IB 71 -25.74 71.95 66.30
N LEU IB 72 -25.89 70.64 66.19
CA LEU IB 72 -24.93 69.73 66.82
C LEU IB 72 -23.54 69.89 66.22
N ALA IB 73 -23.45 70.14 64.92
CA ALA IB 73 -22.16 70.34 64.28
C ALA IB 73 -21.45 71.56 64.85
N ARG IB 74 -22.15 72.68 64.95
CA ARG IB 74 -21.56 73.89 65.53
C ARG IB 74 -21.20 73.68 67.00
N SER IB 75 -22.06 72.97 67.74
CA SER IB 75 -21.76 72.69 69.13
C SER IB 75 -20.49 71.87 69.27
N LEU IB 76 -20.34 70.83 68.43
CA LEU IB 76 -19.14 70.00 68.48
C LEU IB 76 -17.90 70.79 68.07
N MET IB 77 -18.03 71.67 67.08
CA MET IB 77 -16.89 72.50 66.69
C MET IB 77 -16.46 73.41 67.83
N ILE IB 78 -17.43 74.06 68.49
CA ILE IB 78 -17.11 74.94 69.61
C ILE IB 78 -16.50 74.14 70.74
N GLN IB 79 -17.01 72.92 70.98
CA GLN IB 79 -16.46 72.10 72.06
C GLN IB 79 -15.04 71.66 71.75
N THR IB 80 -14.75 71.35 70.49
CA THR IB 80 -13.39 70.97 70.12
C THR IB 80 -12.44 72.16 70.24
N LEU IB 81 -12.89 73.35 69.85
CA LEU IB 81 -12.07 74.54 70.05
C LEU IB 81 -11.82 74.77 71.54
N GLU IB 82 -12.84 74.58 72.38
CA GLU IB 82 -12.68 74.74 73.81
C GLU IB 82 -11.71 73.71 74.37
N ALA IB 83 -11.75 72.49 73.84
CA ALA IB 83 -10.81 71.46 74.29
C ALA IB 83 -9.38 71.79 73.88
N VAL IB 84 -9.20 72.34 72.67
CA VAL IB 84 -7.88 72.77 72.25
C VAL IB 84 -7.37 73.87 73.17
N LYS IB 85 -8.23 74.85 73.49
CA LYS IB 85 -7.82 75.91 74.40
C LYS IB 85 -7.57 75.39 75.81
N ARG IB 86 -8.27 74.33 76.22
CA ARG IB 86 -8.03 73.73 77.52
C ARG IB 86 -6.68 73.02 77.55
N LYS IB 87 -6.33 72.34 76.46
CA LYS IB 87 -4.98 71.77 76.36
C LYS IB 87 -3.93 72.86 76.42
N GLN IB 88 -4.18 73.98 75.72
CA GLN IB 88 -3.26 75.11 75.77
C GLN IB 88 -3.11 75.63 77.20
N PHE IB 89 -4.23 75.74 77.93
CA PHE IB 89 -4.16 76.18 79.32
C PHE IB 89 -3.36 75.20 80.16
N GLU IB 90 -3.63 73.91 80.01
CA GLU IB 90 -2.85 72.89 80.71
C GLU IB 90 -1.36 73.09 80.47
N LYS IB 91 -0.99 73.34 79.21
CA LYS IB 91 0.40 73.67 78.90
C LYS IB 91 0.81 75.04 79.40
N TYR IB 92 -0.15 75.87 79.84
CA TYR IB 92 0.11 77.26 80.19
C TYR IB 92 -0.36 77.59 81.60
N HIS IB 93 -1.68 77.62 81.81
CA HIS IB 93 -2.27 78.13 83.04
C HIS IB 93 -2.80 77.03 83.95
N ALA IB 94 -3.67 76.16 83.44
CA ALA IB 94 -4.36 75.19 84.28
C ALA IB 94 -3.38 74.38 85.13
N ALA IB 95 -2.41 73.72 84.47
CA ALA IB 95 -1.45 72.90 85.18
C ALA IB 95 -0.20 73.70 85.53
N SER IB 96 0.64 73.97 84.54
CA SER IB 96 1.89 74.68 84.78
C SER IB 96 1.61 76.16 85.05
N ALA IB 97 2.67 76.90 85.34
CA ALA IB 97 2.55 78.33 85.60
C ALA IB 97 2.33 79.10 84.31
N GLU IB 98 1.65 80.24 84.43
CA GLU IB 98 1.32 81.05 83.27
C GLU IB 98 2.57 81.50 82.53
N GLU IB 99 2.96 80.77 81.49
CA GLU IB 99 4.10 81.13 80.64
C GLU IB 99 3.56 81.68 79.33
N GLN IB 100 3.21 82.96 79.35
CA GLN IB 100 2.63 83.62 78.20
C GLN IB 100 3.67 84.03 77.15
N ALA IB 101 4.95 83.80 77.42
CA ALA IB 101 6.00 84.21 76.49
C ALA IB 101 6.37 83.11 75.49
N THR IB 102 6.06 81.85 75.80
CA THR IB 102 6.40 80.73 74.92
C THR IB 102 5.19 79.91 74.53
N ILE IB 103 3.97 80.41 74.75
CA ILE IB 103 2.75 79.69 74.42
C ILE IB 103 1.79 80.65 73.71
N GLU IB 104 1.03 80.11 72.77
CA GLU IB 104 0.09 80.90 71.99
C GLU IB 104 -1.28 80.24 72.06
N ARG IB 105 -2.30 81.03 72.38
CA ARG IB 105 -3.67 80.55 72.50
C ARG IB 105 -4.57 81.08 71.39
N ASN IB 106 -4.00 81.70 70.36
CA ASN IB 106 -4.79 82.29 69.29
C ASN IB 106 -4.94 81.28 68.16
N PRO IB 107 -6.14 80.75 67.91
CA PRO IB 107 -6.30 79.82 66.77
C PRO IB 107 -6.21 80.48 65.41
N TYR IB 108 -6.14 81.82 65.36
CA TYR IB 108 -6.00 82.50 64.08
C TYR IB 108 -4.68 82.11 63.40
N THR IB 109 -3.63 81.91 64.20
CA THR IB 109 -2.36 81.46 63.63
C THR IB 109 -2.49 80.08 63.01
N ILE IB 110 -3.22 79.19 63.68
CA ILE IB 110 -3.45 77.85 63.13
C ILE IB 110 -4.24 77.94 61.84
N PHE IB 111 -5.27 78.79 61.83
CA PHE IB 111 -6.09 78.95 60.62
C PHE IB 111 -5.26 79.49 59.47
N HIS IB 112 -4.37 80.44 59.74
CA HIS IB 112 -3.52 80.99 58.69
C HIS IB 112 -2.54 79.95 58.19
N GLN IB 113 -1.92 79.19 59.10
CA GLN IB 113 -1.00 78.13 58.68
C GLN IB 113 -1.71 77.09 57.83
N ALA IB 114 -2.96 76.78 58.17
CA ALA IB 114 -3.74 75.85 57.37
C ALA IB 114 -4.00 76.42 55.98
N LEU IB 115 -4.56 77.64 55.92
CA LEU IB 115 -4.79 78.27 54.62
C LEU IB 115 -3.53 78.33 53.79
N LYS IB 116 -2.37 78.42 54.43
CA LYS IB 116 -1.11 78.51 53.70
C LYS IB 116 -0.67 77.15 53.17
N ASN IB 117 -0.54 76.16 54.05
CA ASN IB 117 0.07 74.88 53.71
C ASN IB 117 -0.96 73.75 53.63
N CYS IB 118 -2.19 74.05 53.21
CA CYS IB 118 -3.20 73.01 53.00
C CYS IB 118 -4.06 73.29 51.79
N GLU IB 119 -3.52 74.01 50.80
CA GLU IB 119 -4.27 74.37 49.60
C GLU IB 119 -3.66 73.68 48.39
N PRO IB 120 -4.40 72.86 47.65
CA PRO IB 120 -3.86 72.28 46.40
C PRO IB 120 -4.06 73.24 45.24
N MET IB 121 -2.96 73.69 44.64
CA MET IB 121 -3.00 74.67 43.57
C MET IB 121 -3.03 74.04 42.18
N ILE IB 122 -3.23 72.72 42.09
CA ILE IB 122 -3.28 72.04 40.80
C ILE IB 122 -4.37 70.98 40.88
N GLY IB 123 -5.36 71.09 39.98
CA GLY IB 123 -6.44 70.13 39.94
C GLY IB 123 -6.13 68.92 39.06
N LEU IB 124 -6.96 67.89 39.22
CA LEU IB 124 -6.81 66.65 38.45
C LEU IB 124 -8.17 66.28 37.88
N VAL IB 125 -8.24 66.14 36.55
CA VAL IB 125 -9.46 65.78 35.87
C VAL IB 125 -9.12 64.71 34.83
N PRO IB 126 -9.70 63.50 34.92
CA PRO IB 126 -9.37 62.47 33.93
C PRO IB 126 -9.96 62.77 32.56
N ILE IB 127 -9.19 63.43 31.71
CA ILE IB 127 -9.63 63.81 30.37
C ILE IB 127 -8.93 62.87 29.39
N LEU IB 128 -9.67 61.90 28.86
CA LEU IB 128 -9.11 60.98 27.89
C LEU IB 128 -9.12 61.60 26.49
N LYS IB 129 -8.31 61.02 25.61
CA LYS IB 129 -8.20 61.48 24.22
C LYS IB 129 -8.03 60.23 23.34
N GLY IB 130 -9.16 59.69 22.90
CA GLY IB 130 -9.15 58.49 22.06
C GLY IB 130 -9.70 57.28 22.78
N GLY IB 131 -9.04 56.87 23.86
CA GLY IB 131 -9.50 55.72 24.63
C GLY IB 131 -8.57 55.36 25.78
N ARG IB 132 -7.99 56.38 26.41
CA ARG IB 132 -7.09 56.16 27.54
C ARG IB 132 -7.08 57.41 28.41
N PHE IB 133 -7.30 57.22 29.72
CA PHE IB 133 -7.36 58.36 30.62
C PHE IB 133 -5.99 58.99 30.78
N TYR IB 134 -5.96 60.33 30.76
CA TYR IB 134 -4.73 61.09 30.93
C TYR IB 134 -4.96 62.17 31.98
N GLN IB 135 -4.06 62.26 32.94
CA GLN IB 135 -4.13 63.29 33.97
C GLN IB 135 -3.71 64.63 33.39
N VAL IB 136 -4.57 65.63 33.55
CA VAL IB 136 -4.33 66.96 32.99
C VAL IB 136 -4.21 67.94 34.14
N PRO IB 137 -2.99 68.33 34.52
CA PRO IB 137 -2.84 69.37 35.55
C PRO IB 137 -3.33 70.72 35.08
N VAL IB 138 -4.50 71.13 35.54
CA VAL IB 138 -5.10 72.41 35.14
C VAL IB 138 -5.08 73.35 36.34
N PRO IB 139 -4.72 74.62 36.17
CA PRO IB 139 -4.76 75.55 37.30
C PRO IB 139 -6.19 75.79 37.78
N LEU IB 140 -6.29 76.38 38.96
CA LEU IB 140 -7.58 76.64 39.59
C LEU IB 140 -7.54 78.02 40.23
N PRO IB 141 -8.70 78.66 40.40
CA PRO IB 141 -8.73 79.98 41.05
C PRO IB 141 -8.61 79.87 42.57
N ASP IB 142 -8.78 81.00 43.27
CA ASP IB 142 -8.65 81.00 44.71
C ASP IB 142 -9.85 80.33 45.38
N ARG IB 143 -11.05 80.54 44.83
CA ARG IB 143 -12.26 79.97 45.44
C ARG IB 143 -12.20 78.44 45.41
N ARG IB 144 -11.89 77.87 44.25
CA ARG IB 144 -11.83 76.41 44.15
C ARG IB 144 -10.73 75.84 45.03
N ARG IB 145 -9.59 76.53 45.11
CA ARG IB 145 -8.50 76.06 45.95
C ARG IB 145 -8.89 76.07 47.42
N ARG IB 146 -9.53 77.15 47.88
CA ARG IB 146 -9.98 77.20 49.26
C ARG IB 146 -11.02 76.13 49.55
N PHE IB 147 -11.94 75.90 48.60
CA PHE IB 147 -12.95 74.87 48.78
C PHE IB 147 -12.31 73.50 48.88
N LEU IB 148 -11.33 73.21 48.02
CA LEU IB 148 -10.65 71.92 48.07
C LEU IB 148 -9.87 71.76 49.37
N ALA IB 149 -9.25 72.84 49.85
CA ALA IB 149 -8.53 72.77 51.11
C ALA IB 149 -9.49 72.45 52.26
N MET IB 150 -10.62 73.15 52.31
CA MET IB 150 -11.60 72.88 53.36
C MET IB 150 -12.11 71.45 53.27
N LYS IB 151 -12.40 70.97 52.06
CA LYS IB 151 -12.90 69.61 51.90
C LYS IB 151 -11.86 68.60 52.36
N TRP IB 152 -10.59 68.81 52.01
CA TRP IB 152 -9.55 67.89 52.44
C TRP IB 152 -9.43 67.88 53.96
N MET IB 153 -9.41 69.06 54.57
CA MET IB 153 -9.33 69.14 56.03
C MET IB 153 -10.48 68.40 56.67
N ILE IB 154 -11.70 68.61 56.17
CA ILE IB 154 -12.88 68.04 56.80
C ILE IB 154 -12.91 66.51 56.62
N THR IB 155 -12.58 66.04 55.41
CA THR IB 155 -12.60 64.60 55.17
C THR IB 155 -11.46 63.89 55.90
N GLU IB 156 -10.37 64.60 56.19
CA GLU IB 156 -9.31 64.02 57.01
C GLU IB 156 -9.73 63.97 58.47
N CYS IB 157 -10.34 65.05 58.98
CA CYS IB 157 -10.83 65.03 60.36
C CYS IB 157 -11.92 63.99 60.55
N ARG IB 158 -12.68 63.69 59.50
CA ARG IB 158 -13.75 62.69 59.56
C ARG IB 158 -13.25 61.35 59.02
N ASP IB 159 -12.23 60.81 59.70
CA ASP IB 159 -11.68 59.52 59.30
C ASP IB 159 -12.73 58.42 59.40
N LYS IB 160 -13.25 58.20 60.61
CA LYS IB 160 -14.30 57.20 60.83
C LYS IB 160 -13.84 55.81 60.39
N LYS IB 161 -12.58 55.49 60.68
CA LYS IB 161 -12.02 54.20 60.34
C LYS IB 161 -11.07 53.64 61.39
N HIS IB 162 -10.64 54.44 62.37
CA HIS IB 162 -9.76 53.93 63.42
C HIS IB 162 -10.49 52.95 64.33
N GLN IB 163 -11.81 53.08 64.45
CA GLN IB 163 -12.61 52.17 65.28
C GLN IB 163 -12.19 52.23 66.74
N ARG IB 164 -11.92 53.44 67.23
CA ARG IB 164 -11.59 53.64 68.64
C ARG IB 164 -11.61 55.11 69.00
N THR IB 165 -11.15 55.98 68.10
CA THR IB 165 -11.14 57.40 68.36
C THR IB 165 -12.53 58.00 68.17
N LEU IB 166 -12.83 59.01 68.97
CA LEU IB 166 -14.13 59.67 68.91
C LEU IB 166 -14.05 60.91 68.02
N MET IB 167 -15.23 61.41 67.64
CA MET IB 167 -15.30 62.55 66.73
C MET IB 167 -14.57 63.77 67.28
N PRO IB 168 -14.89 64.28 68.48
CA PRO IB 168 -14.14 65.44 68.98
C PRO IB 168 -12.66 65.14 69.21
N GLU IB 169 -12.35 63.97 69.76
CA GLU IB 169 -10.94 63.58 69.93
C GLU IB 169 -10.24 63.50 68.58
N LYS IB 170 -10.89 62.89 67.59
CA LYS IB 170 -10.30 62.81 66.25
C LYS IB 170 -10.01 64.21 65.72
N LEU IB 171 -10.99 65.10 65.78
CA LEU IB 171 -10.82 66.45 65.25
C LEU IB 171 -9.68 67.17 65.94
N SER IB 172 -9.66 67.13 67.28
CA SER IB 172 -8.63 67.82 68.03
C SER IB 172 -7.24 67.27 67.71
N HIS IB 173 -7.11 65.94 67.69
CA HIS IB 173 -5.81 65.33 67.42
C HIS IB 173 -5.34 65.67 66.01
N LYS IB 174 -6.21 65.59 65.02
CA LYS IB 174 -5.81 65.89 63.65
C LYS IB 174 -5.45 67.36 63.49
N LEU IB 175 -6.19 68.25 64.15
CA LEU IB 175 -5.86 69.67 64.08
C LEU IB 175 -4.49 69.94 64.71
N LEU IB 176 -4.23 69.36 65.89
CA LEU IB 176 -2.94 69.55 66.53
C LEU IB 176 -1.81 68.93 65.72
N GLU IB 177 -2.09 67.85 64.99
CA GLU IB 177 -1.06 67.25 64.16
C GLU IB 177 -0.77 68.09 62.92
N ALA IB 178 -1.81 68.69 62.33
CA ALA IB 178 -1.63 69.50 61.14
C ALA IB 178 -1.13 70.90 61.45
N PHE IB 179 -1.25 71.36 62.70
CA PHE IB 179 -0.81 72.71 63.03
C PHE IB 179 0.66 72.92 62.73
N HIS IB 180 1.52 72.01 63.22
CA HIS IB 180 2.96 72.23 63.15
C HIS IB 180 3.53 71.85 61.77
N ASN IB 181 2.89 72.33 60.71
CA ASN IB 181 3.40 72.13 59.34
C ASN IB 181 3.58 70.64 59.03
N GLN IB 182 2.63 69.83 59.51
CA GLN IB 182 2.65 68.39 59.22
C GLN IB 182 1.21 67.88 59.13
N GLY IB 183 0.95 66.66 59.60
CA GLY IB 183 -0.38 66.11 59.59
C GLY IB 183 -0.71 65.42 58.29
N PRO IB 184 -1.96 65.01 58.12
CA PRO IB 184 -2.36 64.30 56.91
C PRO IB 184 -2.68 65.22 55.75
N VAL IB 185 -3.22 66.41 56.05
CA VAL IB 185 -3.63 67.33 54.99
C VAL IB 185 -2.41 67.84 54.23
N ILE IB 186 -1.36 68.23 54.95
CA ILE IB 186 -0.17 68.75 54.29
C ILE IB 186 0.55 67.64 53.53
N LYS IB 187 0.53 66.41 54.06
CA LYS IB 187 1.12 65.29 53.32
C LYS IB 187 0.34 65.01 52.05
N ARG IB 188 -0.99 65.11 52.10
CA ARG IB 188 -1.79 64.94 50.90
C ARG IB 188 -1.50 66.04 49.89
N LYS IB 189 -1.31 67.27 50.37
CA LYS IB 189 -0.95 68.37 49.47
C LYS IB 189 0.39 68.12 48.81
N HIS IB 190 1.37 67.63 49.58
CA HIS IB 190 2.68 67.32 49.01
C HIS IB 190 2.57 66.20 47.99
N ASP IB 191 1.77 65.17 48.27
CA ASP IB 191 1.58 64.10 47.30
C ASP IB 191 0.92 64.60 46.03
N LEU IB 192 -0.06 65.50 46.17
CA LEU IB 192 -0.70 66.09 44.99
C LEU IB 192 0.30 66.89 44.17
N HIS IB 193 1.15 67.67 44.84
CA HIS IB 193 2.17 68.44 44.14
C HIS IB 193 3.14 67.52 43.41
N LYS IB 194 3.54 66.42 44.05
CA LYS IB 194 4.44 65.47 43.41
C LYS IB 194 3.78 64.83 42.20
N MET IB 195 2.50 64.44 42.33
CA MET IB 195 1.79 63.86 41.20
C MET IB 195 1.70 64.85 40.04
N ALA IB 196 1.41 66.12 40.34
CA ALA IB 196 1.36 67.13 39.30
C ALA IB 196 2.73 67.30 38.63
N GLU IB 197 3.80 67.29 39.42
CA GLU IB 197 5.14 67.38 38.85
C GLU IB 197 5.45 66.17 37.96
N ALA IB 198 4.90 65.00 38.30
CA ALA IB 198 5.14 63.80 37.52
C ALA IB 198 4.55 63.89 36.11
N ASN IB 199 3.70 64.87 35.84
CA ASN IB 199 3.08 65.06 34.53
C ASN IB 199 3.53 66.41 33.97
N ARG IB 200 4.80 66.49 33.58
CA ARG IB 200 5.35 67.71 33.00
C ARG IB 200 5.04 67.88 31.52
N ALA IB 201 4.30 66.94 30.92
CA ALA IB 201 3.98 67.03 29.50
C ALA IB 201 2.49 66.82 29.26
N LEU IB 202 1.84 66.01 30.09
CA LEU IB 202 0.41 65.72 29.94
C LEU IB 202 -0.44 66.82 30.56
N ALA IB 203 -0.23 68.06 30.10
CA ALA IB 203 -0.97 69.21 30.58
C ALA IB 203 -1.51 70.03 29.42
N HIS IB 204 -2.00 69.33 28.38
CA HIS IB 204 -2.56 70.01 27.22
C HIS IB 204 -3.83 69.34 26.71
N TYR IB 205 -4.38 68.39 27.45
CA TYR IB 205 -5.60 67.68 27.04
C TYR IB 205 -6.82 68.23 27.79
N ARG IB 206 -7.03 69.55 27.70
CA ARG IB 206 -8.13 70.22 28.36
C ARG IB 206 -9.04 70.84 27.32
N TRP IB 207 -10.34 70.56 27.43
CA TRP IB 207 -11.32 71.09 26.49
C TRP IB 207 -11.79 72.50 26.84
N TRP IB 208 -11.67 72.91 28.10
CA TRP IB 208 -12.08 74.24 28.52
C TRP IB 208 -10.87 75.08 28.90
N GLU JB 1 -72.68 93.42 11.81
CA GLU JB 1 -72.92 94.61 12.64
C GLU JB 1 -74.31 94.54 13.27
N ASP JB 2 -75.26 93.96 12.53
CA ASP JB 2 -76.62 93.85 13.05
C ASP JB 2 -76.68 92.99 14.31
N PHE JB 3 -75.80 91.99 14.41
CA PHE JB 3 -75.77 91.15 15.60
C PHE JB 3 -75.40 91.96 16.83
N ILE JB 4 -74.50 92.94 16.67
CA ILE JB 4 -74.10 93.78 17.80
C ILE JB 4 -75.32 94.56 18.31
N LYS JB 5 -76.08 95.16 17.40
CA LYS JB 5 -77.26 95.92 17.80
C LYS JB 5 -78.31 95.02 18.43
N LYS JB 6 -78.49 93.81 17.87
CA LYS JB 6 -79.46 92.87 18.43
C LYS JB 6 -79.07 92.51 19.86
N GLN JB 7 -77.79 92.21 20.09
CA GLN JB 7 -77.34 91.86 21.43
C GLN JB 7 -77.43 93.05 22.38
N ILE JB 8 -77.18 94.26 21.90
CA ILE JB 8 -77.32 95.44 22.73
C ILE JB 8 -78.77 95.62 23.16
N GLU JB 9 -79.70 95.44 22.22
CA GLU JB 9 -81.12 95.54 22.55
C GLU JB 9 -81.53 94.46 23.53
N GLU JB 10 -81.01 93.24 23.35
CA GLU JB 10 -81.33 92.16 24.28
C GLU JB 10 -80.80 92.47 25.68
N PHE JB 11 -79.58 93.01 25.77
CA PHE JB 11 -79.03 93.38 27.07
C PHE JB 11 -79.83 94.50 27.71
N ASN JB 12 -80.28 95.47 26.92
CA ASN JB 12 -81.11 96.54 27.46
C ASN JB 12 -82.43 96.00 27.99
N ILE JB 13 -83.05 95.08 27.25
CA ILE JB 13 -84.30 94.49 27.70
C ILE JB 13 -84.08 93.70 28.99
N GLY JB 14 -82.98 92.95 29.06
CA GLY JB 14 -82.68 92.21 30.28
C GLY JB 14 -82.44 93.11 31.46
N LYS JB 15 -81.76 94.24 31.24
CA LYS JB 15 -81.55 95.20 32.32
C LYS JB 15 -82.89 95.79 32.79
N ARG JB 16 -83.74 96.18 31.83
CA ARG JB 16 -85.05 96.70 32.20
C ARG JB 16 -85.85 95.68 33.00
N HIS JB 17 -85.79 94.40 32.60
CA HIS JB 17 -86.50 93.36 33.33
C HIS JB 17 -85.95 93.21 34.74
N LEU JB 18 -84.64 93.01 34.86
CA LEU JB 18 -84.02 92.85 36.17
C LEU JB 18 -84.25 94.05 37.07
N ALA JB 19 -84.49 95.23 36.49
CA ALA JB 19 -84.76 96.42 37.30
C ALA JB 19 -86.22 96.48 37.74
N ASN JB 20 -87.15 96.33 36.80
CA ASN JB 20 -88.57 96.50 37.11
C ASN JB 20 -89.09 95.33 37.92
N MET JB 21 -88.89 94.10 37.43
CA MET JB 21 -89.45 92.94 38.10
C MET JB 21 -88.89 92.78 39.51
N MET JB 22 -87.56 92.76 39.62
CA MET JB 22 -86.93 92.59 40.93
C MET JB 22 -87.21 93.80 41.81
N GLY JB 23 -86.80 93.69 43.08
CA GLY JB 23 -87.03 94.79 44.02
C GLY JB 23 -86.28 96.04 43.66
N GLU JB 24 -85.10 95.90 43.04
CA GLU JB 24 -84.25 97.03 42.67
C GLU JB 24 -84.95 97.82 41.55
N ASP JB 25 -85.92 98.64 41.97
CA ASP JB 25 -86.70 99.38 40.97
C ASP JB 25 -85.93 100.48 40.24
N PRO JB 26 -84.86 101.08 40.78
CA PRO JB 26 -84.17 102.11 39.97
C PRO JB 26 -83.38 101.49 38.82
N GLU JB 27 -83.68 101.96 37.61
CA GLU JB 27 -83.00 101.48 36.41
C GLU JB 27 -81.51 101.83 36.41
N THR JB 28 -81.05 102.71 37.31
CA THR JB 28 -79.66 103.11 37.37
C THR JB 28 -78.82 102.19 38.25
N PHE JB 29 -79.32 101.00 38.57
CA PHE JB 29 -78.57 100.08 39.41
C PHE JB 29 -77.24 99.71 38.74
N THR JB 30 -76.16 99.80 39.50
CA THR JB 30 -74.83 99.55 38.97
C THR JB 30 -74.58 98.04 38.90
N GLN JB 31 -73.34 97.66 38.57
CA GLN JB 31 -72.98 96.26 38.46
C GLN JB 31 -72.90 95.56 39.81
N GLU JB 32 -72.86 96.32 40.91
CA GLU JB 32 -72.82 95.69 42.23
C GLU JB 32 -74.09 94.90 42.50
N ASP JB 33 -75.25 95.42 42.07
CA ASP JB 33 -76.49 94.69 42.22
C ASP JB 33 -76.49 93.40 41.42
N ILE JB 34 -75.96 93.46 40.19
CA ILE JB 34 -75.88 92.25 39.36
C ILE JB 34 -74.95 91.23 40.00
N ASP JB 35 -73.85 91.70 40.59
CA ASP JB 35 -72.93 90.79 41.26
C ASP JB 35 -73.58 90.14 42.47
N ARG JB 36 -74.33 90.92 43.25
CA ARG JB 36 -75.04 90.36 44.40
C ARG JB 36 -76.07 89.33 43.96
N ALA JB 37 -76.80 89.64 42.87
CA ALA JB 37 -77.78 88.68 42.36
C ALA JB 37 -77.10 87.40 41.90
N ILE JB 38 -75.97 87.51 41.20
CA ILE JB 38 -75.23 86.34 40.75
C ILE JB 38 -74.77 85.52 41.95
N ALA JB 39 -74.29 86.19 43.00
CA ALA JB 39 -73.80 85.47 44.17
C ALA JB 39 -74.94 84.77 44.90
N TYR JB 40 -76.13 85.39 44.92
CA TYR JB 40 -77.25 84.80 45.66
C TYR JB 40 -78.02 83.80 44.81
N LEU JB 41 -78.83 84.29 43.87
CA LEU JB 41 -79.76 83.45 43.13
C LEU JB 41 -79.11 82.79 41.91
N PHE JB 42 -77.79 82.68 41.89
CA PHE JB 42 -77.09 81.97 40.82
C PHE JB 42 -75.83 81.33 41.37
N PRO JB 43 -75.94 80.45 42.37
CA PRO JB 43 -74.74 79.82 42.94
C PRO JB 43 -74.02 78.96 41.92
N SER JB 44 -73.19 79.60 41.08
CA SER JB 44 -72.48 78.88 40.02
C SER JB 44 -71.66 77.73 40.59
N GLY JB 45 -71.25 77.80 41.85
CA GLY JB 45 -70.38 76.78 42.41
C GLY JB 45 -69.04 76.69 41.74
N LEU JB 46 -68.64 77.73 41.01
CA LEU JB 46 -67.38 77.76 40.29
C LEU JB 46 -66.54 78.93 40.80
N PHE JB 47 -65.42 79.18 40.11
CA PHE JB 47 -64.56 80.31 40.46
C PHE JB 47 -63.98 80.98 39.23
N GLU JB 48 -64.48 80.70 38.03
CA GLU JB 48 -63.94 81.27 36.81
C GLU JB 48 -64.48 82.68 36.60
N LYS JB 49 -63.60 83.61 36.28
CA LYS JB 49 -64.00 84.97 35.96
C LYS JB 49 -64.62 85.08 34.57
N ARG JB 50 -64.58 84.01 33.78
CA ARG JB 50 -65.16 83.99 32.44
C ARG JB 50 -66.40 83.12 32.35
N ALA JB 51 -66.31 81.87 32.77
CA ALA JB 51 -67.46 80.96 32.69
C ALA JB 51 -68.61 81.41 33.58
N ARG JB 52 -68.32 82.19 34.63
CA ARG JB 52 -69.37 82.66 35.52
C ARG JB 52 -70.38 83.51 34.74
N PRO JB 53 -71.60 83.64 35.26
CA PRO JB 53 -72.61 84.45 34.56
C PRO JB 53 -72.23 85.92 34.50
N VAL JB 54 -71.75 86.37 33.35
CA VAL JB 54 -71.33 87.76 33.15
C VAL JB 54 -72.21 88.33 32.04
N MET JB 55 -73.20 89.13 32.43
CA MET JB 55 -74.12 89.78 31.48
C MET JB 55 -73.97 91.29 31.65
N LYS JB 56 -73.16 91.90 30.80
CA LYS JB 56 -72.93 93.34 30.84
C LYS JB 56 -73.05 93.88 29.42
N HIS JB 57 -72.42 95.03 29.17
CA HIS JB 57 -72.43 95.61 27.84
C HIS JB 57 -71.74 94.66 26.87
N PRO JB 58 -72.35 94.34 25.73
CA PRO JB 58 -71.70 93.39 24.80
C PRO JB 58 -70.40 93.92 24.22
N GLU JB 59 -70.28 95.23 24.01
CA GLU JB 59 -69.06 95.79 23.45
C GLU JB 59 -67.87 95.56 24.38
N GLN JB 60 -68.11 95.48 25.69
CA GLN JB 60 -67.03 95.26 26.64
C GLN JB 60 -66.60 93.81 26.73
N ILE JB 61 -67.42 92.88 26.22
CA ILE JB 61 -67.10 91.46 26.30
C ILE JB 61 -67.02 90.80 24.93
N PHE JB 62 -67.67 91.36 23.90
CA PHE JB 62 -67.70 90.70 22.60
C PHE JB 62 -66.53 91.16 21.73
N PRO JB 63 -65.94 90.27 20.92
CA PRO JB 63 -64.98 90.74 19.90
C PRO JB 63 -65.73 91.35 18.72
N ARG JB 64 -66.06 92.64 18.86
CA ARG JB 64 -66.91 93.32 17.90
C ARG JB 64 -66.41 93.12 16.47
N GLN JB 65 -67.31 92.67 15.60
CA GLN JB 65 -66.99 92.51 14.18
C GLN JB 65 -67.14 93.85 13.49
N ARG JB 66 -66.04 94.35 12.91
CA ARG JB 66 -66.07 95.64 12.24
C ARG JB 66 -67.14 95.66 11.16
N ALA JB 67 -68.02 96.66 11.23
CA ALA JB 67 -69.09 96.81 10.25
C ALA JB 67 -68.51 97.05 8.86
N ILE JB 68 -69.38 97.14 7.86
CA ILE JB 68 -68.93 97.37 6.49
C ILE JB 68 -68.45 98.81 6.37
N GLN JB 69 -67.15 98.97 6.09
CA GLN JB 69 -66.57 100.31 5.99
C GLN JB 69 -67.24 101.14 4.90
N TRP JB 70 -67.86 100.50 3.92
CA TRP JB 70 -68.51 101.19 2.81
C TRP JB 70 -69.90 100.62 2.60
N GLY JB 71 -70.85 101.49 2.27
CA GLY JB 71 -72.21 101.07 1.99
C GLY JB 71 -72.35 100.41 0.63
N GLU JB 72 -73.09 101.05 -0.26
CA GLU JB 72 -73.28 100.55 -1.61
C GLU JB 72 -72.32 101.24 -2.57
N ASP JB 73 -72.20 100.65 -3.76
CA ASP JB 73 -71.32 101.15 -4.83
C ASP JB 73 -69.85 100.97 -4.51
N GLY JB 74 -69.51 100.20 -3.47
CA GLY JB 74 -68.12 100.00 -3.14
C GLY JB 74 -67.46 101.29 -2.71
N ARG JB 75 -66.25 101.51 -3.24
CA ARG JB 75 -65.49 102.73 -2.95
C ARG JB 75 -65.26 102.87 -1.46
N PRO JB 76 -64.28 102.18 -0.88
CA PRO JB 76 -63.97 102.37 0.54
C PRO JB 76 -63.70 103.84 0.86
N PHE JB 77 -64.36 104.35 1.90
CA PHE JB 77 -64.20 105.75 2.26
C PHE JB 77 -62.76 106.06 2.64
N HIS JB 78 -62.12 105.17 3.39
CA HIS JB 78 -60.74 105.39 3.79
C HIS JB 78 -59.81 105.29 2.59
N TYR JB 79 -58.85 106.19 2.51
CA TYR JB 79 -57.90 106.23 1.41
C TYR JB 79 -56.69 105.31 1.64
N LEU JB 80 -56.76 104.42 2.63
CA LEU JB 80 -55.68 103.47 2.91
C LEU JB 80 -56.27 102.13 3.31
N PHE JB 81 -57.14 101.59 2.45
CA PHE JB 81 -57.81 100.32 2.72
C PHE JB 81 -57.03 99.12 2.19
N TYR JB 82 -56.35 99.28 1.05
CA TYR JB 82 -55.60 98.19 0.45
C TYR JB 82 -54.25 97.94 1.12
N THR JB 83 -53.95 98.64 2.22
CA THR JB 83 -52.70 98.48 2.94
C THR JB 83 -52.81 97.53 4.12
N GLY JB 84 -54.00 97.01 4.40
CA GLY JB 84 -54.19 96.14 5.55
C GLY JB 84 -54.02 96.88 6.86
N LYS JB 85 -55.05 96.89 7.70
CA LYS JB 85 -55.05 97.63 8.95
C LYS JB 85 -54.86 99.13 8.67
N GLN JB 86 -55.94 99.73 8.18
CA GLN JB 86 -55.89 101.13 7.76
C GLN JB 86 -55.50 102.04 8.91
N SER JB 87 -55.97 101.75 10.13
CA SER JB 87 -55.69 102.62 11.26
C SER JB 87 -54.20 102.64 11.58
N TYR JB 88 -53.56 101.46 11.61
CA TYR JB 88 -52.15 101.38 11.95
C TYR JB 88 -51.30 102.11 10.92
N TYR JB 89 -51.58 101.88 9.63
CA TYR JB 89 -50.81 102.52 8.58
C TYR JB 89 -51.04 104.03 8.57
N SER JB 90 -52.27 104.47 8.85
CA SER JB 90 -52.54 105.90 8.92
C SER JB 90 -51.78 106.55 10.07
N LEU JB 91 -51.76 105.88 11.24
CA LEU JB 91 -51.00 106.41 12.37
C LEU JB 91 -49.51 106.46 12.05
N MET JB 92 -49.00 105.43 11.38
CA MET JB 92 -47.58 105.41 11.00
C MET JB 92 -47.26 106.55 10.05
N HIS JB 93 -48.13 106.78 9.06
CA HIS JB 93 -47.91 107.87 8.11
C HIS JB 93 -47.97 109.22 8.81
N ASP JB 94 -48.90 109.38 9.76
CA ASP JB 94 -48.99 110.63 10.50
C ASP JB 94 -47.72 110.87 11.33
N VAL JB 95 -47.22 109.82 11.98
CA VAL JB 95 -46.00 109.95 12.77
C VAL JB 95 -44.82 110.29 11.86
N TYR JB 96 -44.75 109.66 10.68
CA TYR JB 96 -43.66 109.95 9.76
C TYR JB 96 -43.73 111.40 9.27
N GLY JB 97 -44.93 111.88 8.96
CA GLY JB 97 -45.07 113.27 8.54
C GLY JB 97 -44.71 114.24 9.63
N MET JB 98 -45.13 113.95 10.87
CA MET JB 98 -44.76 114.81 11.99
C MET JB 98 -43.25 114.84 12.18
N LEU JB 99 -42.60 113.67 12.07
CA LEU JB 99 -41.14 113.62 12.20
C LEU JB 99 -40.47 114.42 11.09
N LEU JB 100 -40.96 114.30 9.85
CA LEU JB 100 -40.39 115.05 8.75
C LEU JB 100 -40.55 116.55 8.96
N ASN JB 101 -41.72 116.98 9.44
CA ASN JB 101 -41.93 118.40 9.68
C ASN JB 101 -41.02 118.91 10.80
N LEU JB 102 -40.89 118.14 11.89
CA LEU JB 102 -40.05 118.57 13.00
C LEU JB 102 -38.58 118.57 12.61
N GLU JB 103 -38.19 117.72 11.66
CA GLU JB 103 -36.82 117.76 11.15
C GLU JB 103 -36.61 118.96 10.25
N LYS JB 104 -37.61 119.27 9.41
CA LYS JB 104 -37.53 120.47 8.57
C LYS JB 104 -37.45 121.73 9.43
N HIS JB 105 -38.08 121.71 10.62
CA HIS JB 105 -38.02 122.87 11.49
C HIS JB 105 -36.58 123.29 11.78
N GLN JB 106 -35.69 122.31 11.92
CA GLN JB 106 -34.27 122.59 12.17
C GLN JB 106 -33.45 122.42 10.90
N ARG JB 128 -45.22 104.23 31.11
CA ARG JB 128 -44.89 103.15 30.19
C ARG JB 128 -45.95 103.02 29.10
N TRP JB 129 -45.60 102.31 28.03
CA TRP JB 129 -46.51 102.12 26.92
C TRP JB 129 -47.59 101.09 27.27
N LEU JB 130 -48.57 100.96 26.39
CA LEU JB 130 -49.68 100.04 26.59
C LEU JB 130 -49.31 98.65 26.08
N ILE JB 131 -50.27 97.73 26.16
CA ILE JB 131 -50.08 96.35 25.73
C ILE JB 131 -50.92 96.11 24.48
N LYS JB 132 -50.48 95.14 23.67
CA LYS JB 132 -51.18 94.84 22.43
C LYS JB 132 -52.64 94.50 22.68
N GLU JB 133 -52.95 93.84 23.80
CA GLU JB 133 -54.33 93.48 24.09
C GLU JB 133 -55.21 94.72 24.24
N GLU JB 134 -54.71 95.75 24.93
CA GLU JB 134 -55.50 96.96 25.11
C GLU JB 134 -55.76 97.64 23.77
N LEU JB 135 -54.74 97.70 22.89
CA LEU JB 135 -54.93 98.30 21.58
C LEU JB 135 -55.92 97.51 20.75
N GLU JB 136 -55.85 96.17 20.80
CA GLU JB 136 -56.79 95.35 20.05
C GLU JB 136 -58.21 95.52 20.57
N GLU JB 137 -58.36 95.68 21.89
CA GLU JB 137 -59.69 95.91 22.46
C GLU JB 137 -60.23 97.28 22.06
N MET JB 138 -59.38 98.30 22.07
CA MET JB 138 -59.81 99.63 21.64
C MET JB 138 -60.23 99.62 20.18
N LEU JB 139 -59.44 98.97 19.32
CA LEU JB 139 -59.76 98.86 17.91
C LEU JB 139 -60.24 97.45 17.59
N VAL JB 140 -59.88 96.92 16.42
CA VAL JB 140 -60.25 95.57 16.04
C VAL JB 140 -59.35 95.10 14.91
N GLU JB 141 -58.11 95.58 14.89
CA GLU JB 141 -57.14 95.23 13.86
C GLU JB 141 -56.07 94.33 14.46
N LYS JB 142 -55.63 93.35 13.67
CA LYS JB 142 -54.60 92.42 14.12
C LYS JB 142 -53.29 93.17 14.36
N LEU JB 143 -52.34 92.48 14.99
CA LEU JB 143 -51.04 93.06 15.28
C LEU JB 143 -50.05 91.93 15.56
N SER JB 144 -48.81 92.12 15.11
CA SER JB 144 -47.74 91.15 15.30
C SER JB 144 -46.74 91.71 16.31
N ASP JB 145 -45.54 91.12 16.33
CA ASP JB 145 -44.49 91.54 17.24
C ASP JB 145 -43.55 92.56 16.60
N LEU JB 146 -43.14 92.31 15.35
CA LEU JB 146 -42.23 93.23 14.67
C LEU JB 146 -42.90 94.57 14.38
N ASP JB 147 -44.20 94.55 14.08
CA ASP JB 147 -44.92 95.80 13.88
C ASP JB 147 -44.93 96.64 15.16
N TYR JB 148 -45.21 96.00 16.30
CA TYR JB 148 -45.19 96.71 17.57
C TYR JB 148 -43.78 97.21 17.90
N MET JB 149 -42.76 96.43 17.56
CA MET JB 149 -41.39 96.87 17.78
C MET JB 149 -41.07 98.10 16.95
N GLN JB 150 -41.48 98.10 15.67
CA GLN JB 150 -41.25 99.27 14.83
C GLN JB 150 -42.02 100.48 15.34
N PHE JB 151 -43.24 100.26 15.84
CA PHE JB 151 -44.02 101.36 16.40
C PHE JB 151 -43.33 101.94 17.63
N ILE JB 152 -42.81 101.08 18.51
CA ILE JB 152 -42.09 101.57 19.69
C ILE JB 152 -40.83 102.31 19.28
N ARG JB 153 -40.14 101.82 18.25
CA ARG JB 153 -38.95 102.50 17.76
C ARG JB 153 -39.29 103.89 17.24
N LEU JB 154 -40.36 104.00 16.45
CA LEU JB 154 -40.78 105.31 15.96
C LEU JB 154 -41.17 106.24 17.10
N LEU JB 155 -41.87 105.71 18.11
CA LEU JB 155 -42.24 106.53 19.26
C LEU JB 155 -41.01 107.04 19.98
N GLU JB 156 -40.04 106.16 20.22
CA GLU JB 156 -38.81 106.57 20.91
C GLU JB 156 -38.05 107.60 20.08
N LYS JB 157 -38.03 107.44 18.76
CA LYS JB 157 -37.37 108.41 17.89
C LYS JB 157 -38.04 109.77 18.00
N LEU JB 158 -39.38 109.79 17.93
CA LEU JB 158 -40.11 111.05 18.06
C LEU JB 158 -39.90 111.69 19.43
N LEU JB 159 -39.74 110.86 20.47
CA LEU JB 159 -39.59 111.40 21.82
C LEU JB 159 -38.19 111.96 22.05
N THR JB 160 -37.17 111.31 21.49
CA THR JB 160 -35.78 111.69 21.72
C THR JB 160 -35.16 112.47 20.56
N SER JB 161 -35.96 112.88 19.57
CA SER JB 161 -35.47 113.62 18.43
C SER JB 161 -35.63 115.13 18.58
N GLN JB 162 -35.93 115.61 19.79
CA GLN JB 162 -36.13 117.03 20.02
C GLN JB 162 -37.26 117.57 19.15
N CYS JB 163 -38.46 117.65 19.71
CA CYS JB 163 -39.65 118.06 18.99
C CYS JB 163 -40.32 119.21 19.72
N GLY JB 164 -41.47 119.63 19.21
CA GLY JB 164 -42.20 120.74 19.79
C GLY JB 164 -42.79 120.42 21.14
N ALA JB 165 -44.12 120.53 21.26
CA ALA JB 165 -44.80 120.28 22.52
C ALA JB 165 -46.12 119.56 22.30
N ALA JB 166 -46.89 120.00 21.30
CA ALA JB 166 -48.19 119.39 21.05
C ALA JB 166 -48.03 117.93 20.63
N GLU JB 167 -47.10 117.65 19.72
CA GLU JB 167 -46.89 116.28 19.27
C GLU JB 167 -46.38 115.41 20.40
N GLU JB 168 -45.44 115.92 21.20
CA GLU JB 168 -44.92 115.15 22.32
C GLU JB 168 -46.03 114.84 23.33
N GLU JB 169 -46.89 115.81 23.60
CA GLU JB 169 -48.00 115.58 24.53
C GLU JB 169 -48.98 114.56 23.97
N PHE JB 170 -49.31 114.66 22.68
CA PHE JB 170 -50.22 113.70 22.08
C PHE JB 170 -49.63 112.29 22.09
N VAL JB 171 -48.31 112.18 21.96
CA VAL JB 171 -47.66 110.86 21.96
C VAL JB 171 -47.62 110.31 23.39
N GLN JB 172 -47.32 111.16 24.37
CA GLN JB 172 -47.26 110.71 25.76
C GLN JB 172 -48.64 110.42 26.34
N ARG JB 173 -49.71 110.96 25.72
CA ARG JB 173 -51.06 110.67 26.19
C ARG JB 173 -51.28 109.17 26.32
N PHE JB 174 -50.71 108.38 25.41
CA PHE JB 174 -50.86 106.94 25.48
C PHE JB 174 -50.12 106.36 26.67
N ARG JB 175 -49.07 107.03 27.14
CA ARG JB 175 -48.30 106.59 28.31
C ARG JB 175 -49.10 106.94 29.56
N ARG JB 176 -50.06 106.07 29.88
CA ARG JB 176 -50.94 106.29 31.02
C ARG JB 176 -50.18 106.05 32.33
N SER JB 177 -50.91 105.87 33.43
CA SER JB 177 -50.29 105.66 34.73
C SER JB 177 -49.39 104.43 34.70
N VAL JB 178 -48.50 104.36 35.68
CA VAL JB 178 -47.55 103.25 35.80
C VAL JB 178 -47.83 102.39 37.02
N THR JB 179 -48.61 102.87 37.99
CA THR JB 179 -48.93 102.09 39.19
C THR JB 179 -47.67 101.83 40.01
N LEU JB 180 -47.54 102.55 41.13
CA LEU JB 180 -46.40 102.39 42.04
C LEU JB 180 -46.92 102.56 43.46
N GLU JB 181 -47.29 101.44 44.08
CA GLU JB 181 -47.82 101.43 45.44
C GLU JB 181 -47.08 100.39 46.27
N SER JB 182 -47.21 100.54 47.59
CA SER JB 182 -46.56 99.62 48.52
C SER JB 182 -45.04 99.72 48.42
N LYS JB 183 -44.41 100.24 49.48
CA LYS JB 183 -42.96 100.41 49.49
C LYS JB 183 -42.41 100.30 50.90
N LYS JB 184 -42.57 101.37 51.68
CA LYS JB 184 -42.05 101.43 53.03
C LYS JB 184 -43.06 100.85 54.03
N GLN JB 185 -42.63 100.72 55.27
CA GLN JB 185 -43.44 100.16 56.34
C GLN JB 185 -43.85 101.27 57.32
N LEU JB 186 -44.97 101.04 57.99
CA LEU JB 186 -45.51 101.96 58.99
C LEU JB 186 -45.40 101.33 60.37
N ILE JB 187 -45.89 102.07 61.37
CA ILE JB 187 -45.83 101.60 62.76
C ILE JB 187 -46.93 100.58 62.99
N GLU JB 188 -46.61 99.52 63.71
CA GLU JB 188 -47.55 98.47 64.02
C GLU JB 188 -48.44 98.88 65.19
N PRO JB 189 -49.55 98.17 65.43
CA PRO JB 189 -50.41 98.52 66.56
C PRO JB 189 -49.67 98.50 67.89
N VAL JB 190 -49.38 99.68 68.43
CA VAL JB 190 -48.64 99.78 69.68
C VAL JB 190 -49.57 99.76 70.89
N GLN JB 191 -50.83 100.17 70.72
CA GLN JB 191 -51.81 100.16 71.80
C GLN JB 191 -51.38 101.06 72.95
N TYR JB 192 -51.96 102.25 73.02
CA TYR JB 192 -51.67 103.20 74.10
C TYR JB 192 -52.73 103.07 75.19
N ASP JB 193 -52.67 101.94 75.90
CA ASP JB 193 -53.62 101.64 76.96
C ASP JB 193 -52.85 101.10 78.17
N GLU JB 194 -53.60 100.79 79.22
CA GLU JB 194 -53.02 100.24 80.45
C GLU JB 194 -52.13 101.27 81.14
N GLN JB 195 -51.02 101.64 80.50
CA GLN JB 195 -50.09 102.61 81.07
C GLN JB 195 -49.50 103.45 79.95
N GLY JB 196 -48.74 104.48 80.34
CA GLY JB 196 -48.11 105.32 79.35
C GLY JB 196 -47.12 104.58 78.47
N MET JB 197 -46.51 103.52 79.01
CA MET JB 197 -45.57 102.70 78.24
C MET JB 197 -46.37 101.75 77.37
N ALA JB 198 -46.60 102.16 76.12
CA ALA JB 198 -47.39 101.36 75.20
C ALA JB 198 -46.68 100.05 74.90
N PHE JB 199 -47.45 98.96 74.92
CA PHE JB 199 -46.93 97.62 74.63
C PHE JB 199 -47.64 97.07 73.40
N SER JB 200 -46.85 96.60 72.43
CA SER JB 200 -47.39 96.10 71.18
C SER JB 200 -47.62 94.60 71.26
N LYS JB 201 -48.38 94.09 70.29
CA LYS JB 201 -48.69 92.67 70.19
C LYS JB 201 -48.56 92.25 68.74
N SER JB 202 -47.54 91.46 68.44
CA SER JB 202 -47.28 90.99 67.08
C SER JB 202 -47.28 89.46 67.06
N GLU JB 203 -47.00 88.91 65.88
CA GLU JB 203 -46.96 87.46 65.71
C GLU JB 203 -45.96 87.12 64.61
N GLY JB 204 -45.45 85.88 64.67
CA GLY JB 204 -44.49 85.42 63.69
C GLY JB 204 -44.79 84.01 63.21
N LYS JB 205 -44.54 83.75 61.93
CA LYS JB 205 -44.78 82.44 61.34
C LYS JB 205 -43.59 82.07 60.47
N ARG JB 206 -43.26 80.77 60.46
CA ARG JB 206 -42.13 80.29 59.67
C ARG JB 206 -42.26 78.77 59.56
N LYS JB 207 -42.65 78.29 58.39
CA LYS JB 207 -42.79 76.86 58.13
C LYS JB 207 -43.77 76.21 59.11
N THR JB 208 -45.04 76.57 58.92
CA THR JB 208 -46.13 76.05 59.74
C THR JB 208 -45.83 76.24 61.23
N ALA JB 209 -45.50 77.47 61.59
CA ALA JB 209 -45.18 77.83 62.97
C ALA JB 209 -45.95 79.09 63.35
N LYS JB 210 -46.09 79.30 64.65
CA LYS JB 210 -46.80 80.46 65.18
C LYS JB 210 -46.20 80.85 66.51
N ALA JB 211 -46.12 82.16 66.76
CA ALA JB 211 -45.58 82.67 68.01
C ALA JB 211 -45.93 84.15 68.17
N GLU JB 212 -46.69 84.48 69.22
CA GLU JB 212 -47.12 85.84 69.48
C GLU JB 212 -46.25 86.43 70.58
N ALA JB 213 -45.60 87.55 70.28
CA ALA JB 213 -44.72 88.23 71.23
C ALA JB 213 -45.39 89.51 71.73
N ILE JB 214 -45.22 89.79 73.01
CA ILE JB 214 -45.78 90.99 73.63
C ILE JB 214 -44.65 91.79 74.27
N VAL JB 215 -43.89 92.51 73.45
CA VAL JB 215 -42.76 93.28 73.94
C VAL JB 215 -43.28 94.61 74.50
N TYR JB 216 -42.87 94.94 75.72
CA TYR JB 216 -43.25 96.20 76.34
C TYR JB 216 -42.33 97.32 75.86
N LYS JB 217 -42.59 98.52 76.36
CA LYS JB 217 -41.79 99.69 75.98
C LYS JB 217 -40.53 99.76 76.83
N HIS JB 218 -39.98 100.95 77.01
CA HIS JB 218 -38.76 101.13 77.79
C HIS JB 218 -38.93 100.50 79.17
N GLY JB 219 -37.85 99.89 79.67
CA GLY JB 219 -37.87 99.25 80.96
C GLY JB 219 -36.78 98.20 81.11
N SER JB 220 -35.57 98.64 81.48
CA SER JB 220 -34.46 97.71 81.63
C SER JB 220 -34.75 96.72 82.75
N GLY JB 221 -34.69 95.43 82.41
CA GLY JB 221 -34.95 94.39 83.39
C GLY JB 221 -34.55 93.01 82.88
N ARG JB 222 -35.39 92.43 82.03
CA ARG JB 222 -35.12 91.11 81.48
C ARG JB 222 -36.16 90.80 80.42
N ILE JB 223 -35.75 90.01 79.42
CA ILE JB 223 -36.64 89.59 78.34
C ILE JB 223 -37.22 88.23 78.75
N LYS JB 224 -38.43 88.24 79.29
CA LYS JB 224 -39.07 87.04 79.77
C LYS JB 224 -39.91 86.39 78.67
N VAL JB 225 -40.26 85.12 78.90
CA VAL JB 225 -41.10 84.36 77.98
C VAL JB 225 -42.05 83.50 78.79
N ASN JB 226 -43.20 84.06 79.16
CA ASN JB 226 -44.17 83.37 80.00
C ASN JB 226 -43.54 82.94 81.33
N GLY JB 227 -42.71 83.81 81.90
CA GLY JB 227 -42.01 83.55 83.13
C GLY JB 227 -40.60 83.05 82.95
N ILE JB 228 -40.31 82.41 81.82
CA ILE JB 228 -38.99 81.88 81.53
C ILE JB 228 -38.21 82.92 80.71
N ASP JB 229 -36.98 83.18 81.11
CA ASP JB 229 -36.14 84.15 80.42
C ASP JB 229 -35.54 83.53 79.16
N TYR JB 230 -35.09 84.41 78.26
CA TYR JB 230 -34.47 83.93 77.02
C TYR JB 230 -33.24 83.08 77.31
N GLN JB 231 -32.53 83.35 78.40
CA GLN JB 231 -31.36 82.56 78.75
C GLN JB 231 -31.74 81.12 79.10
N LEU JB 232 -32.91 80.92 79.69
CA LEU JB 232 -33.38 79.59 80.06
C LEU JB 232 -34.19 78.92 78.95
N TYR JB 233 -34.40 79.60 77.82
CA TYR JB 233 -35.20 79.08 76.73
C TYR JB 233 -34.38 78.76 75.48
N PHE JB 234 -33.19 79.33 75.33
CA PHE JB 234 -32.34 79.12 74.16
C PHE JB 234 -30.96 78.68 74.63
N PRO JB 235 -30.78 77.40 74.93
CA PRO JB 235 -29.45 76.92 75.37
C PRO JB 235 -28.38 77.03 74.30
N ILE JB 236 -28.75 77.23 73.04
CA ILE JB 236 -27.79 77.31 71.94
C ILE JB 236 -27.30 78.74 71.80
N THR JB 237 -26.08 78.91 71.27
CA THR JB 237 -25.52 80.23 71.06
C THR JB 237 -26.06 80.88 69.81
N GLN JB 238 -26.24 80.11 68.73
CA GLN JB 238 -26.82 80.68 67.52
C GLN JB 238 -28.27 81.08 67.74
N ASP JB 239 -29.01 80.33 68.55
CA ASP JB 239 -30.36 80.75 68.91
C ASP JB 239 -30.33 82.06 69.69
N ARG JB 240 -29.34 82.21 70.58
CA ARG JB 240 -29.19 83.47 71.31
C ARG JB 240 -28.92 84.62 70.34
N GLU JB 241 -28.04 84.41 69.36
CA GLU JB 241 -27.75 85.45 68.40
C GLU JB 241 -28.98 85.79 67.57
N GLN JB 242 -29.75 84.78 67.18
CA GLN JB 242 -30.97 85.03 66.41
C GLN JB 242 -31.98 85.83 67.23
N LEU JB 243 -32.10 85.51 68.51
CA LEU JB 243 -33.05 86.24 69.36
C LEU JB 243 -32.54 87.65 69.66
N MET JB 244 -31.23 87.86 69.66
CA MET JB 244 -30.66 89.17 69.96
C MET JB 244 -30.59 90.08 68.75
N PHE JB 245 -30.58 89.53 67.53
CA PHE JB 245 -30.47 90.34 66.31
C PHE JB 245 -31.32 91.60 66.35
N PRO JB 246 -32.59 91.58 66.76
CA PRO JB 246 -33.34 92.84 66.85
C PRO JB 246 -32.68 93.85 67.78
N PHE JB 247 -32.39 93.45 69.02
CA PHE JB 247 -31.72 94.35 69.95
C PHE JB 247 -30.31 94.66 69.49
N HIS JB 248 -29.63 93.67 68.91
CA HIS JB 248 -28.27 93.90 68.43
C HIS JB 248 -28.23 95.00 67.37
N PHE JB 249 -29.24 95.06 66.52
CA PHE JB 249 -29.30 96.11 65.51
C PHE JB 249 -29.78 97.43 66.11
N VAL JB 250 -30.86 97.39 66.89
CA VAL JB 250 -31.38 98.60 67.51
C VAL JB 250 -30.41 99.15 68.55
N ASP JB 251 -29.48 98.34 69.04
CA ASP JB 251 -28.47 98.70 70.03
C ASP JB 251 -29.04 98.81 71.43
N ARG JB 252 -30.36 98.67 71.61
CA ARG JB 252 -30.99 98.73 72.94
C ARG JB 252 -31.02 97.30 73.49
N LEU JB 253 -29.96 96.94 74.20
CA LEU JB 253 -29.82 95.57 74.71
C LEU JB 253 -30.91 95.25 75.71
N GLY JB 254 -30.81 95.76 76.93
CA GLY JB 254 -31.78 95.49 77.97
C GLY JB 254 -32.64 96.69 78.30
N LYS JB 255 -33.79 96.81 77.62
CA LYS JB 255 -34.68 97.94 77.86
C LYS JB 255 -36.15 97.61 77.68
N HIS JB 256 -36.51 96.38 77.32
CA HIS JB 256 -37.91 96.02 77.08
C HIS JB 256 -38.17 94.63 77.62
N ASP JB 257 -39.31 94.46 78.27
CA ASP JB 257 -39.76 93.16 78.77
C ASP JB 257 -40.70 92.52 77.75
N VAL JB 258 -40.78 91.19 77.81
CA VAL JB 258 -41.58 90.42 76.87
C VAL JB 258 -42.27 89.28 77.61
N THR JB 259 -43.39 88.83 77.06
CA THR JB 259 -44.13 87.69 77.58
C THR JB 259 -44.64 86.86 76.40
N CYS JB 260 -43.75 86.56 75.46
CA CYS JB 260 -44.13 85.89 74.23
C CYS JB 260 -44.63 84.47 74.51
N THR JB 261 -45.55 84.01 73.67
CA THR JB 261 -46.09 82.66 73.73
C THR JB 261 -45.70 81.90 72.47
N VAL JB 262 -45.89 80.58 72.53
CA VAL JB 262 -45.55 79.70 71.42
C VAL JB 262 -46.68 78.70 71.23
N SER JB 263 -46.91 78.31 69.98
CA SER JB 263 -47.96 77.34 69.65
C SER JB 263 -47.61 76.70 68.32
N GLY JB 264 -47.16 75.44 68.35
CA GLY JB 264 -46.79 74.72 67.16
C GLY JB 264 -45.32 74.87 66.83
N GLY JB 265 -44.88 74.08 65.85
CA GLY JB 265 -43.50 74.10 65.42
C GLY JB 265 -42.64 73.14 66.22
N GLY JB 266 -41.35 73.43 66.24
CA GLY JB 266 -40.39 72.62 66.96
C GLY JB 266 -39.29 73.44 67.64
N ARG JB 267 -38.14 73.53 67.00
CA ARG JB 267 -36.99 74.25 67.55
C ARG JB 267 -36.65 75.46 66.71
N SER JB 268 -36.06 75.27 65.53
CA SER JB 268 -35.67 76.41 64.70
C SER JB 268 -36.88 77.17 64.17
N ALA JB 269 -37.96 76.46 63.87
CA ALA JB 269 -39.17 77.12 63.41
C ALA JB 269 -39.75 78.02 64.49
N GLN JB 270 -39.84 77.51 65.72
CA GLN JB 270 -40.34 78.32 66.83
C GLN JB 270 -39.40 79.48 67.12
N ALA JB 271 -38.09 79.25 67.00
CA ALA JB 271 -37.12 80.33 67.21
C ALA JB 271 -37.32 81.44 66.19
N GLY JB 272 -37.48 81.07 64.92
CA GLY JB 272 -37.71 82.07 63.88
C GLY JB 272 -39.02 82.80 64.07
N ALA JB 273 -40.07 82.09 64.47
CA ALA JB 273 -41.35 82.74 64.72
C ALA JB 273 -41.23 83.75 65.87
N ILE JB 274 -40.56 83.36 66.95
CA ILE JB 274 -40.37 84.27 68.08
C ILE JB 274 -39.54 85.48 67.65
N ARG JB 275 -38.52 85.24 66.82
CA ARG JB 275 -37.69 86.34 66.34
C ARG JB 275 -38.51 87.33 65.51
N LEU JB 276 -39.34 86.80 64.61
CA LEU JB 276 -40.19 87.68 63.81
C LEU JB 276 -41.17 88.46 64.68
N ALA JB 277 -41.79 87.79 65.65
CA ALA JB 277 -42.73 88.47 66.53
C ALA JB 277 -42.05 89.57 67.32
N MET JB 278 -40.86 89.29 67.86
CA MET JB 278 -40.13 90.30 68.63
C MET JB 278 -39.71 91.46 67.73
N ALA JB 279 -39.26 91.16 66.50
CA ALA JB 279 -38.88 92.23 65.58
C ALA JB 279 -40.06 93.13 65.26
N LYS JB 280 -41.24 92.53 65.04
CA LYS JB 280 -42.43 93.34 64.77
C LYS JB 280 -42.82 94.18 65.98
N ALA JB 281 -42.81 93.57 67.17
CA ALA JB 281 -43.17 94.30 68.38
C ALA JB 281 -42.20 95.44 68.65
N LEU JB 282 -40.93 95.28 68.27
CA LEU JB 282 -39.95 96.34 68.46
C LEU JB 282 -40.13 97.43 67.41
N CYS JB 283 -40.28 97.05 66.14
CA CYS JB 283 -40.55 98.04 65.09
C CYS JB 283 -41.81 98.84 65.41
N SER JB 284 -42.74 98.26 66.18
CA SER JB 284 -43.93 99.00 66.57
C SER JB 284 -43.57 100.30 67.30
N PHE JB 285 -42.40 100.35 67.95
CA PHE JB 285 -41.95 101.55 68.65
C PHE JB 285 -40.43 101.73 68.44
N VAL JB 286 -40.04 101.87 67.17
CA VAL JB 286 -38.64 102.08 66.82
C VAL JB 286 -38.58 103.06 65.66
N THR JB 287 -37.48 103.81 65.59
CA THR JB 287 -37.31 104.81 64.54
C THR JB 287 -37.60 104.21 63.17
N GLU JB 288 -38.21 105.03 62.31
CA GLU JB 288 -38.62 104.56 60.99
C GLU JB 288 -37.43 104.04 60.19
N ASP JB 289 -36.27 104.69 60.32
CA ASP JB 289 -35.09 104.23 59.61
C ASP JB 289 -34.70 102.83 60.03
N GLU JB 290 -34.70 102.56 61.34
CA GLU JB 290 -34.36 101.23 61.82
C GLU JB 290 -35.40 100.20 61.37
N VAL JB 291 -36.68 100.59 61.36
CA VAL JB 291 -37.71 99.67 60.90
C VAL JB 291 -37.51 99.31 59.44
N GLU JB 292 -37.17 100.30 58.62
CA GLU JB 292 -36.92 100.03 57.19
C GLU JB 292 -35.69 99.15 57.02
N TRP JB 293 -34.62 99.43 57.77
CA TRP JB 293 -33.43 98.60 57.69
C TRP JB 293 -33.74 97.16 58.08
N MET JB 294 -34.56 96.97 59.12
CA MET JB 294 -34.95 95.63 59.53
C MET JB 294 -35.76 94.94 58.43
N ARG JB 295 -36.77 95.62 57.91
CA ARG JB 295 -37.55 95.06 56.82
C ARG JB 295 -36.65 94.65 55.66
N GLN JB 296 -35.62 95.44 55.38
CA GLN JB 296 -34.64 95.05 54.37
C GLN JB 296 -33.88 93.81 54.79
N ALA JB 297 -33.58 93.68 56.09
CA ALA JB 297 -32.89 92.50 56.58
C ALA JB 297 -33.74 91.25 56.44
N GLY JB 298 -35.07 91.39 56.44
CA GLY JB 298 -35.96 90.29 56.24
C GLY JB 298 -36.52 89.65 57.48
N LEU JB 299 -36.21 90.19 58.67
CA LEU JB 299 -36.70 89.62 59.92
C LEU JB 299 -38.10 90.12 60.29
N LEU JB 300 -38.91 90.53 59.31
CA LEU JB 300 -40.27 90.97 59.56
C LEU JB 300 -41.29 90.27 58.66
N THR JB 301 -40.89 89.20 57.97
CA THR JB 301 -41.79 88.47 57.08
C THR JB 301 -41.58 86.98 57.32
N THR JB 302 -42.25 86.17 56.49
CA THR JB 302 -42.18 84.71 56.59
C THR JB 302 -41.70 84.13 55.27
N ASP JB 303 -40.90 83.07 55.36
CA ASP JB 303 -40.38 82.38 54.19
C ASP JB 303 -41.18 81.12 53.95
N PRO JB 304 -42.11 81.10 52.98
CA PRO JB 304 -42.90 79.88 52.75
C PRO JB 304 -42.07 78.73 52.22
N ARG JB 305 -41.53 77.91 53.12
CA ARG JB 305 -40.71 76.76 52.77
C ARG JB 305 -41.18 75.58 53.62
N VAL JB 306 -42.08 74.78 53.07
CA VAL JB 306 -42.68 73.66 53.78
C VAL JB 306 -41.94 72.38 53.38
N ARG JB 307 -42.00 71.38 54.26
CA ARG JB 307 -41.37 70.10 54.00
C ARG JB 307 -41.89 69.50 52.70
N GLU JB 308 -41.14 68.52 52.19
CA GLU JB 308 -41.51 67.87 50.95
C GLU JB 308 -42.91 67.24 51.06
N ARG JB 309 -43.44 66.86 49.90
CA ARG JB 309 -44.76 66.22 49.81
C ARG JB 309 -44.59 64.90 49.07
N LYS JB 310 -44.92 63.79 49.74
CA LYS JB 310 -44.81 62.48 49.12
C LYS JB 310 -45.65 62.41 47.85
N LYS JB 311 -45.01 62.41 46.69
CA LYS JB 311 -45.73 62.39 45.44
C LYS JB 311 -46.53 61.09 45.32
N PRO JB 312 -47.77 61.14 44.84
CA PRO JB 312 -48.55 59.89 44.75
C PRO JB 312 -48.06 58.96 43.66
N GLY JB 313 -47.48 59.48 42.57
CA GLY JB 313 -46.98 58.65 41.50
C GLY JB 313 -45.52 58.31 41.66
N GLN JB 314 -45.06 58.21 42.90
CA GLN JB 314 -43.67 57.88 43.20
C GLN JB 314 -43.65 56.93 44.39
N GLU JB 315 -42.45 56.66 44.90
CA GLU JB 315 -42.28 55.76 46.03
C GLU JB 315 -42.01 56.54 47.31
N GLY JB 316 -40.85 57.20 47.39
CA GLY JB 316 -40.47 57.98 48.55
C GLY JB 316 -41.00 59.40 48.48
N ALA JB 317 -40.33 60.28 49.23
CA ALA JB 317 -40.71 61.68 49.25
C ALA JB 317 -40.58 62.31 47.87
N ARG JB 318 -39.40 62.20 47.27
CA ARG JB 318 -39.15 62.72 45.93
C ARG JB 318 -38.54 61.70 44.98
N ARG JB 319 -37.91 60.65 45.47
CA ARG JB 319 -37.32 59.63 44.61
C ARG JB 319 -38.41 58.89 43.86
N LYS JB 320 -38.37 58.96 42.53
CA LYS JB 320 -39.35 58.27 41.71
C LYS JB 320 -39.17 56.75 41.84
N PHE JB 321 -39.98 56.01 41.09
CA PHE JB 321 -39.90 54.55 41.13
C PHE JB 321 -38.53 54.09 40.67
N THR JB 322 -38.01 53.05 41.34
CA THR JB 322 -36.69 52.54 41.05
C THR JB 322 -36.60 52.00 39.62
N TRP JB 323 -36.96 50.74 39.44
CA TRP JB 323 -36.87 50.07 38.14
C TRP JB 323 -38.13 50.26 37.30
N LYS JB 324 -38.74 51.45 37.36
CA LYS JB 324 -39.93 51.70 36.55
C LYS JB 324 -39.63 51.63 35.06
N LYS JB 325 -38.39 51.97 34.68
CA LYS JB 325 -38.02 51.94 33.27
C LYS JB 325 -37.73 50.54 32.75
N ARG JB 326 -37.59 49.56 33.63
CA ARG JB 326 -37.32 48.18 33.21
C ARG JB 326 -38.62 47.40 33.06
N PRO KB 1 -102.53 81.28 57.46
CA PRO KB 1 -102.02 82.40 58.25
C PRO KB 1 -102.70 82.52 59.62
N VAL KB 2 -102.77 81.40 60.33
CA VAL KB 2 -103.39 81.35 61.65
C VAL KB 2 -102.33 81.01 62.68
N VAL KB 3 -102.41 81.63 63.86
CA VAL KB 3 -101.43 81.39 64.90
C VAL KB 3 -101.59 79.99 65.48
N THR KB 4 -102.83 79.54 65.67
CA THR KB 4 -103.10 78.22 66.22
C THR KB 4 -102.36 78.02 67.55
N ILE KB 5 -102.36 79.06 68.38
CA ILE KB 5 -101.66 79.01 69.66
C ILE KB 5 -102.53 78.26 70.67
N SER KB 6 -101.94 77.25 71.31
CA SER KB 6 -102.63 76.45 72.31
C SER KB 6 -102.16 76.87 73.71
N ASP KB 7 -102.28 75.97 74.69
CA ASP KB 7 -101.88 76.25 76.06
C ASP KB 7 -101.00 75.13 76.63
N GLU KB 8 -100.35 74.35 75.78
CA GLU KB 8 -99.50 73.26 76.22
C GLU KB 8 -98.07 73.74 76.40
N PRO KB 9 -97.28 73.08 77.24
CA PRO KB 9 -95.90 73.52 77.46
C PRO KB 9 -95.01 73.18 76.27
N ASP KB 10 -94.16 74.13 75.91
CA ASP KB 10 -93.23 73.99 74.80
C ASP KB 10 -91.79 73.98 75.31
N ILE KB 11 -90.87 73.59 74.42
CA ILE KB 11 -89.46 73.53 74.74
C ILE KB 11 -88.78 74.81 74.27
N LEU KB 12 -87.76 75.23 75.01
CA LEU KB 12 -87.00 76.44 74.69
C LEU KB 12 -85.55 76.04 74.44
N TYR KB 13 -85.06 76.36 73.26
CA TYR KB 13 -83.69 76.02 72.88
C TYR KB 13 -82.71 76.96 73.57
N LYS KB 14 -81.75 76.39 74.29
CA LYS KB 14 -80.72 77.15 74.99
C LYS KB 14 -79.45 77.13 74.15
N ARG KB 15 -79.15 78.27 73.51
CA ARG KB 15 -77.96 78.38 72.67
C ARG KB 15 -78.00 77.35 71.55
N LEU KB 16 -78.63 77.69 70.44
CA LEU KB 16 -78.76 76.78 69.30
C LEU KB 16 -77.48 76.85 68.48
N SER KB 17 -76.58 75.90 68.70
CA SER KB 17 -75.33 75.85 67.95
C SER KB 17 -75.61 75.35 66.53
N VAL KB 18 -75.27 76.17 65.54
CA VAL KB 18 -75.49 75.84 64.14
C VAL KB 18 -74.15 75.86 63.40
N LEU KB 19 -74.03 74.97 62.43
CA LEU KB 19 -72.82 74.87 61.62
C LEU KB 19 -73.19 74.29 60.27
N VAL KB 20 -72.70 74.92 59.20
CA VAL KB 20 -73.01 74.53 57.83
C VAL KB 20 -71.71 74.13 57.15
N LYS KB 21 -71.68 72.91 56.61
CA LYS KB 21 -70.54 72.41 55.88
C LYS KB 21 -70.80 72.51 54.38
N GLY KB 22 -69.74 72.79 53.62
CA GLY KB 22 -69.87 72.91 52.18
C GLY KB 22 -68.55 72.89 51.45
N HIS KB 23 -68.52 72.31 50.25
CA HIS KB 23 -67.29 72.16 49.50
C HIS KB 23 -66.80 73.51 48.97
N ASP KB 24 -67.40 73.98 47.88
CA ASP KB 24 -66.96 75.23 47.26
C ASP KB 24 -67.40 76.43 48.10
N LYS KB 25 -67.01 77.62 47.66
CA LYS KB 25 -67.26 78.85 48.39
C LYS KB 25 -68.48 79.61 47.90
N ALA KB 26 -68.84 79.49 46.63
CA ALA KB 26 -69.96 80.26 46.10
C ALA KB 26 -71.28 79.77 46.69
N VAL KB 27 -71.50 78.44 46.66
CA VAL KB 27 -72.74 77.89 47.21
C VAL KB 27 -72.82 78.14 48.70
N LEU KB 28 -71.69 78.02 49.41
CA LEU KB 28 -71.67 78.29 50.84
C LEU KB 28 -71.99 79.75 51.14
N ASP KB 29 -71.46 80.67 50.33
CA ASP KB 29 -71.75 82.08 50.53
C ASP KB 29 -73.23 82.36 50.28
N SER KB 30 -73.80 81.78 49.22
CA SER KB 30 -75.22 81.97 48.97
C SER KB 30 -76.06 81.44 50.12
N TYR KB 31 -75.72 80.24 50.61
CA TYR KB 31 -76.48 79.65 51.70
C TYR KB 31 -76.37 80.49 52.97
N GLU KB 32 -75.17 80.96 53.29
CA GLU KB 32 -75.00 81.76 54.49
C GLU KB 32 -75.69 83.11 54.38
N TYR KB 33 -75.72 83.69 53.17
CA TYR KB 33 -76.45 84.94 52.97
C TYR KB 33 -77.94 84.72 53.16
N PHE KB 34 -78.48 83.64 52.60
CA PHE KB 34 -79.89 83.33 52.79
C PHE KB 34 -80.21 83.12 54.27
N ALA KB 35 -79.34 82.38 54.98
CA ALA KB 35 -79.57 82.13 56.39
C ALA KB 35 -79.52 83.42 57.20
N VAL KB 36 -78.56 84.30 56.90
CA VAL KB 36 -78.46 85.56 57.62
C VAL KB 36 -79.68 86.43 57.35
N LEU KB 37 -80.16 86.45 56.10
CA LEU KB 37 -81.36 87.21 55.79
C LEU KB 37 -82.57 86.67 56.56
N ALA KB 38 -82.72 85.35 56.59
CA ALA KB 38 -83.83 84.75 57.32
C ALA KB 38 -83.73 85.07 58.81
N ALA KB 39 -82.53 85.00 59.38
CA ALA KB 39 -82.35 85.29 60.80
C ALA KB 39 -82.67 86.76 61.10
N LYS KB 40 -82.19 87.67 60.25
CA LYS KB 40 -82.49 89.09 60.46
C LYS KB 40 -83.99 89.35 60.36
N GLU KB 41 -84.67 88.67 59.43
CA GLU KB 41 -86.11 88.79 59.34
C GLU KB 41 -86.80 88.22 60.59
N LEU KB 42 -86.19 87.20 61.20
CA LEU KB 42 -86.73 86.64 62.43
C LEU KB 42 -86.29 87.45 63.65
N GLY KB 43 -85.07 87.98 63.64
CA GLY KB 43 -84.57 88.80 64.73
C GLY KB 43 -83.58 88.07 65.61
N ILE KB 44 -82.51 87.55 65.03
CA ILE KB 44 -81.47 86.85 65.77
C ILE KB 44 -80.12 87.21 65.18
N SER KB 45 -79.11 87.29 66.05
CA SER KB 45 -77.75 87.59 65.63
C SER KB 45 -76.97 86.32 65.33
N ILE KB 46 -75.81 86.49 64.70
CA ILE KB 46 -74.97 85.36 64.32
C ILE KB 46 -73.50 85.77 64.43
N LYS KB 47 -72.60 84.81 64.19
CA LYS KB 47 -71.17 85.08 64.22
C LYS KB 47 -70.47 84.02 63.37
N VAL KB 48 -69.59 84.45 62.49
CA VAL KB 48 -68.90 83.56 61.56
C VAL KB 48 -67.41 83.55 61.88
N HIS KB 49 -66.69 82.66 61.19
CA HIS KB 49 -65.25 82.54 61.36
C HIS KB 49 -64.65 82.08 60.04
N GLU KB 50 -63.34 81.83 60.05
CA GLU KB 50 -62.59 81.45 58.86
C GLU KB 50 -61.81 80.18 59.16
N PRO KB 51 -62.45 79.01 59.10
CA PRO KB 51 -61.75 77.76 59.34
C PRO KB 51 -61.11 77.23 58.06
N PRO KB 52 -60.22 76.24 58.18
CA PRO KB 52 -59.61 75.66 56.98
C PRO KB 52 -60.47 74.56 56.36
N ARG KB 53 -59.93 73.83 55.40
CA ARG KB 53 -60.66 72.75 54.75
C ARG KB 53 -60.40 71.44 55.49
N LYS KB 54 -60.80 70.33 54.90
CA LYS KB 54 -60.60 68.99 55.46
C LYS KB 54 -59.99 68.12 54.37
N ILE KB 55 -58.67 67.96 54.40
CA ILE KB 55 -57.96 67.21 53.37
C ILE KB 55 -58.07 65.72 53.66
N GLU KB 56 -59.11 65.08 53.13
CA GLU KB 56 -59.29 63.65 53.26
C GLU KB 56 -59.03 62.97 51.91
N ARG KB 57 -57.86 63.24 51.33
CA ARG KB 57 -57.55 62.71 50.02
C ARG KB 57 -57.42 61.19 50.05
N PHE KB 58 -57.82 60.56 48.95
CA PHE KB 58 -57.70 59.11 48.79
C PHE KB 58 -57.19 58.84 47.39
N THR KB 59 -55.97 58.34 47.28
CA THR KB 59 -55.33 58.08 45.99
C THR KB 59 -55.44 56.61 45.62
N LEU KB 60 -55.53 56.35 44.31
CA LEU KB 60 -55.61 55.00 43.80
C LEU KB 60 -54.91 54.96 42.45
N LEU KB 61 -54.84 53.76 41.87
CA LEU KB 61 -54.19 53.59 40.58
C LEU KB 61 -54.89 54.42 39.50
N GLN KB 62 -54.14 54.78 38.47
CA GLN KB 62 -54.70 55.60 37.40
C GLN KB 62 -55.50 54.76 36.42
N SER KB 63 -54.91 53.68 35.90
CA SER KB 63 -55.63 52.80 34.99
C SER KB 63 -56.48 51.81 35.78
N VAL KB 64 -57.61 51.41 35.17
CA VAL KB 64 -58.55 50.54 35.86
C VAL KB 64 -58.00 49.14 36.04
N HIS KB 65 -57.04 48.71 35.22
CA HIS KB 65 -56.52 47.35 35.28
C HIS KB 65 -55.05 47.41 35.62
N ILE KB 66 -54.15 47.12 34.69
CA ILE KB 66 -52.72 47.04 34.96
C ILE KB 66 -52.16 48.45 35.10
N TYR KB 67 -50.84 48.57 35.25
CA TYR KB 67 -50.17 49.85 35.43
C TYR KB 67 -50.42 50.42 36.81
N LYS KB 68 -49.34 50.76 37.51
CA LYS KB 68 -49.42 51.35 38.84
C LYS KB 68 -48.48 52.54 39.01
N LYS KB 69 -47.70 52.89 37.99
CA LYS KB 69 -46.72 53.96 38.08
C LYS KB 69 -47.33 55.23 38.65
N HIS KB 70 -48.21 55.87 37.88
CA HIS KB 70 -48.84 57.12 38.30
C HIS KB 70 -50.19 56.83 38.94
N ARG KB 71 -50.49 57.53 40.02
CA ARG KB 71 -51.76 57.42 40.71
C ARG KB 71 -52.66 58.60 40.33
N VAL KB 72 -53.76 58.75 41.04
CA VAL KB 72 -54.70 59.85 40.80
C VAL KB 72 -55.01 60.52 42.13
N GLN KB 73 -55.26 61.83 42.07
CA GLN KB 73 -55.53 62.63 43.25
C GLN KB 73 -57.02 62.95 43.31
N TYR KB 74 -57.71 62.37 44.30
CA TYR KB 74 -59.12 62.62 44.52
C TYR KB 74 -59.33 62.98 45.98
N GLU KB 75 -60.05 64.08 46.23
CA GLU KB 75 -60.31 64.53 47.58
C GLU KB 75 -61.53 65.44 47.58
N MET KB 76 -62.12 65.60 48.75
CA MET KB 76 -63.27 66.47 48.94
C MET KB 76 -62.94 67.55 49.96
N ARG KB 77 -63.60 68.70 49.82
CA ARG KB 77 -63.38 69.83 50.69
C ARG KB 77 -64.61 70.09 51.55
N THR KB 78 -64.44 70.94 52.56
CA THR KB 78 -65.52 71.34 53.44
C THR KB 78 -65.11 72.53 54.29
N LEU KB 79 -65.92 73.59 54.27
CA LEU KB 79 -65.65 74.80 55.05
C LEU KB 79 -66.78 74.98 56.05
N TYR KB 80 -66.43 75.07 57.33
CA TYR KB 80 -67.41 75.20 58.38
C TYR KB 80 -67.88 76.65 58.50
N ARG KB 81 -69.19 76.86 58.41
CA ARG KB 81 -69.78 78.19 58.51
C ARG KB 81 -70.71 78.20 59.73
N CYS KB 82 -70.17 78.66 60.86
CA CYS KB 82 -70.94 78.69 62.11
C CYS KB 82 -71.92 79.85 62.09
N LEU KB 83 -73.18 79.56 62.36
CA LEU KB 83 -74.24 80.57 62.43
C LEU KB 83 -75.17 80.25 63.59
N GLU KB 84 -74.60 80.04 64.77
CA GLU KB 84 -75.38 79.64 65.93
C GLU KB 84 -76.38 80.72 66.30
N LEU KB 85 -77.59 80.29 66.63
CA LEU KB 85 -78.65 81.19 67.09
C LEU KB 85 -78.75 81.13 68.61
N GLU KB 86 -79.71 81.88 69.16
CA GLU KB 86 -79.89 81.94 70.61
C GLU KB 86 -81.34 82.28 70.92
N HIS KB 87 -81.95 81.48 71.79
CA HIS KB 87 -83.31 81.72 72.25
C HIS KB 87 -84.32 81.70 71.10
N LEU KB 88 -85.13 80.64 71.03
CA LEU KB 88 -86.17 80.54 70.02
C LEU KB 88 -87.14 79.42 70.38
N THR KB 89 -88.44 79.71 70.27
CA THR KB 89 -89.45 78.73 70.65
C THR KB 89 -89.36 77.48 69.78
N GLY KB 90 -89.95 76.40 70.28
CA GLY KB 90 -89.94 75.15 69.52
C GLY KB 90 -90.64 75.28 68.19
N SER KB 91 -91.80 75.93 68.17
CA SER KB 91 -92.53 76.10 66.91
C SER KB 91 -91.76 77.00 65.95
N THR KB 92 -91.17 78.08 66.46
CA THR KB 92 -90.38 78.96 65.60
C THR KB 92 -89.17 78.22 65.02
N ALA KB 93 -88.50 77.43 65.85
CA ALA KB 93 -87.36 76.65 65.35
C ALA KB 93 -87.80 75.64 64.31
N ASP KB 94 -88.95 75.00 64.54
CA ASP KB 94 -89.46 74.02 63.57
C ASP KB 94 -89.78 74.69 62.24
N VAL KB 95 -90.41 75.86 62.28
CA VAL KB 95 -90.75 76.57 61.05
C VAL KB 95 -89.48 77.03 60.34
N TYR KB 96 -88.47 77.46 61.11
CA TYR KB 96 -87.20 77.86 60.52
C TYR KB 96 -86.54 76.67 59.81
N LEU KB 97 -86.50 75.52 60.47
CA LEU KB 97 -85.92 74.34 59.85
C LEU KB 97 -86.69 73.91 58.62
N GLU KB 98 -88.03 74.02 58.67
CA GLU KB 98 -88.84 73.68 57.51
C GLU KB 98 -88.53 74.59 56.33
N TYR KB 99 -88.45 75.90 56.58
CA TYR KB 99 -88.16 76.85 55.51
C TYR KB 99 -86.74 76.66 54.97
N ILE KB 100 -85.80 76.24 55.82
CA ILE KB 100 -84.44 76.05 55.36
C ILE KB 100 -84.31 74.75 54.57
N GLN KB 101 -85.09 73.72 54.93
CA GLN KB 101 -85.00 72.43 54.26
C GLN KB 101 -85.86 72.36 53.00
N ARG KB 102 -86.87 73.21 52.87
CA ARG KB 102 -87.68 73.22 51.65
C ARG KB 102 -86.88 73.59 50.42
N ASN KB 103 -85.66 74.12 50.58
CA ASN KB 103 -84.82 74.48 49.44
C ASN KB 103 -83.34 74.29 49.75
N LEU KB 104 -83.00 73.31 50.57
CA LEU KB 104 -81.61 73.08 50.93
C LEU KB 104 -80.84 72.57 49.71
N PRO KB 105 -79.65 73.09 49.43
CA PRO KB 105 -78.87 72.55 48.30
C PRO KB 105 -78.51 71.09 48.54
N GLU KB 106 -78.91 70.24 47.60
CA GLU KB 106 -78.62 68.82 47.71
C GLU KB 106 -77.11 68.58 47.59
N GLY KB 107 -76.60 67.70 48.44
CA GLY KB 107 -75.18 67.40 48.46
C GLY KB 107 -74.37 68.53 49.07
N VAL KB 108 -74.07 69.55 48.26
CA VAL KB 108 -73.32 70.70 48.77
C VAL KB 108 -74.14 71.43 49.83
N ALA KB 109 -73.44 72.20 50.66
CA ALA KB 109 -74.06 72.98 51.73
C ALA KB 109 -74.84 72.07 52.68
N MET KB 110 -74.08 71.31 53.46
CA MET KB 110 -74.63 70.40 54.45
C MET KB 110 -74.76 71.11 55.79
N GLU KB 111 -75.96 71.07 56.36
CA GLU KB 111 -76.23 71.73 57.63
C GLU KB 111 -75.90 70.80 58.79
N VAL KB 112 -75.41 71.40 59.88
CA VAL KB 112 -75.06 70.65 61.09
C VAL KB 112 -75.52 71.44 62.31
N THR KB 113 -76.83 71.44 62.56
CA THR KB 113 -77.39 72.15 63.71
C THR KB 113 -77.39 71.25 64.92
N LYS KB 114 -77.02 71.82 66.07
CA LYS KB 114 -76.95 71.09 67.33
C LYS KB 114 -77.88 71.77 68.34
N THR KB 115 -79.00 71.12 68.62
CA THR KB 115 -79.96 71.66 69.58
C THR KB 115 -79.54 71.33 71.01
N GLN KB 116 -80.05 72.13 71.95
CA GLN KB 116 -79.76 71.96 73.38
C GLN KB 116 -81.03 72.28 74.15
N LEU KB 117 -81.80 71.24 74.46
CA LEU KB 117 -83.06 71.42 75.18
C LEU KB 117 -82.80 71.59 76.67
N GLU KB 118 -83.84 71.44 77.50
CA GLU KB 118 -83.71 71.60 78.94
C GLU KB 118 -84.52 70.53 79.67
N GLN KB 119 -85.76 70.29 79.22
CA GLN KB 119 -86.64 69.33 79.86
C GLN KB 119 -86.89 69.70 81.32
N LEU KB 120 -88.11 70.13 81.64
CA LEU KB 120 -88.43 70.55 82.98
C LEU KB 120 -88.17 69.41 83.97
N PRO KB 121 -87.84 69.72 85.21
CA PRO KB 121 -87.57 68.68 86.21
C PRO KB 121 -88.87 68.12 86.78
N GLU KB 122 -88.72 67.22 87.76
CA GLU KB 122 -89.86 66.62 88.42
C GLU KB 122 -90.70 67.67 89.14
N LYS LB 1 15.70 102.19 12.37
CA LYS LB 1 15.73 101.63 13.72
C LYS LB 1 15.74 100.10 13.67
N PHE LB 2 16.94 99.54 13.69
CA PHE LB 2 17.11 98.09 13.66
C PHE LB 2 16.49 97.52 12.37
N SER LB 3 17.32 97.36 11.34
CA SER LB 3 16.85 96.87 10.05
C SER LB 3 16.84 95.35 10.06
N ILE LB 4 15.64 94.76 10.01
CA ILE LB 4 15.51 93.30 9.94
C ILE LB 4 16.02 92.74 8.62
N TYR LB 5 16.25 93.59 7.63
CA TYR LB 5 16.79 93.18 6.33
C TYR LB 5 18.02 92.30 6.53
N PRO LB 6 18.37 91.46 5.57
CA PRO LB 6 19.52 90.56 5.73
C PRO LB 6 20.78 91.33 6.08
N PRO LB 7 21.30 91.19 7.30
CA PRO LB 7 22.52 91.91 7.67
C PRO LB 7 23.76 91.29 7.05
N ILE LB 8 24.12 91.76 5.86
CA ILE LB 8 25.28 91.23 5.13
C ILE LB 8 26.53 91.45 5.99
N PRO LB 9 27.59 90.65 5.81
CA PRO LB 9 28.80 90.81 6.61
C PRO LB 9 29.73 91.92 6.13
N GLY LB 10 29.30 92.75 5.18
CA GLY LB 10 30.14 93.82 4.70
C GLY LB 10 30.46 94.83 5.77
N GLU LB 11 31.55 95.58 5.53
CA GLU LB 11 32.00 96.60 6.47
C GLU LB 11 30.90 97.62 6.72
N GLU LB 12 30.33 97.68 7.92
CA GLU LB 12 30.68 96.81 9.05
C GLU LB 12 29.55 96.80 10.07
N SER LB 13 29.34 95.64 10.70
CA SER LB 13 28.29 95.49 11.70
C SER LB 13 28.57 96.37 12.91
N SER LB 14 27.96 97.55 12.96
CA SER LB 14 28.14 98.50 14.05
C SER LB 14 27.12 98.29 15.16
N LEU LB 15 26.76 97.04 15.46
CA LEU LB 15 25.80 96.72 16.50
C LEU LB 15 26.37 95.59 17.34
N ARG LB 16 26.68 95.88 18.60
CA ARG LB 16 27.26 94.91 19.52
C ARG LB 16 26.30 94.70 20.69
N TRP LB 17 26.24 93.46 21.17
CA TRP LB 17 25.40 93.07 22.30
C TRP LB 17 26.32 92.55 23.40
N ALA LB 18 26.69 93.43 24.33
CA ALA LB 18 27.58 93.06 25.43
C ALA LB 18 28.91 92.56 24.89
N GLY LB 19 29.38 93.17 23.80
CA GLY LB 19 30.64 92.77 23.20
C GLY LB 19 30.52 91.49 22.42
N LYS LB 20 29.76 91.51 21.33
CA LYS LB 20 29.57 90.32 20.51
C LYS LB 20 29.25 90.75 19.09
N LYS LB 21 30.00 90.23 18.13
CA LYS LB 21 29.78 90.52 16.72
C LYS LB 21 28.75 89.55 16.15
N PHE LB 22 27.92 90.06 15.23
CA PHE LB 22 26.89 89.22 14.63
C PHE LB 22 27.49 88.03 13.89
N GLU LB 23 28.70 88.19 13.35
CA GLU LB 23 29.37 87.12 12.64
C GLU LB 23 30.08 86.14 13.57
N GLU LB 24 29.84 86.22 14.88
CA GLU LB 24 30.48 85.31 15.82
C GLU LB 24 29.58 84.93 16.98
N ILE LB 25 28.31 85.30 16.94
CA ILE LB 25 27.38 84.94 18.03
C ILE LB 25 27.21 83.43 18.04
N PRO LB 26 27.24 82.77 19.20
CA PRO LB 26 27.06 81.31 19.22
C PRO LB 26 25.71 80.92 18.66
N ILE LB 27 25.68 79.78 17.97
CA ILE LB 27 24.46 79.27 17.34
C ILE LB 27 23.73 78.39 18.33
N ALA LB 28 22.40 78.35 18.20
CA ALA LB 28 21.54 77.55 19.06
C ALA LB 28 20.59 76.75 18.17
N HIS LB 29 20.92 75.49 17.93
CA HIS LB 29 20.09 74.62 17.11
C HIS LB 29 18.98 74.01 17.95
N ILE LB 30 17.73 74.22 17.53
CA ILE LB 30 16.56 73.71 18.23
C ILE LB 30 15.72 72.95 17.21
N LYS LB 31 15.75 71.63 17.27
CA LYS LB 31 14.98 70.79 16.36
C LYS LB 31 13.57 70.65 16.89
N ALA LB 32 12.61 71.28 16.21
CA ALA LB 32 11.21 71.22 16.62
C ALA LB 32 10.49 70.10 15.86
N SER LB 33 10.82 68.87 16.26
CA SER LB 33 10.21 67.71 15.64
C SER LB 33 8.73 67.63 16.01
N HIS LB 34 8.01 66.78 15.27
CA HIS LB 34 6.57 66.64 15.49
C HIS LB 34 6.28 66.12 16.90
N ASN LB 35 6.81 64.94 17.22
CA ASN LB 35 6.59 64.32 18.51
C ASN LB 35 7.87 64.31 19.36
N ASN LB 36 8.71 65.32 19.19
CA ASN LB 36 9.96 65.40 19.93
C ASN LB 36 10.51 66.82 19.84
N THR LB 37 11.40 67.14 20.77
CA THR LB 37 12.04 68.45 20.79
C THR LB 37 13.42 68.31 21.42
N GLN LB 38 14.43 68.86 20.75
CA GLN LB 38 15.81 68.77 21.20
C GLN LB 38 16.41 70.17 21.24
N ILE LB 39 17.31 70.38 22.21
CA ILE LB 39 18.01 71.64 22.39
C ILE LB 39 19.50 71.34 22.36
N GLN LB 40 20.14 71.60 21.23
CA GLN LB 40 21.57 71.37 21.04
C GLN LB 40 22.22 72.69 20.66
N VAL LB 41 22.75 73.40 21.66
CA VAL LB 41 23.39 74.69 21.44
C VAL LB 41 24.82 74.42 20.98
N VAL LB 42 25.06 74.52 19.68
CA VAL LB 42 26.38 74.29 19.09
C VAL LB 42 27.07 75.64 18.92
N SER LB 43 28.29 75.75 19.44
CA SER LB 43 29.05 76.98 19.34
C SER LB 43 29.50 77.20 17.89
N ALA LB 44 30.25 78.29 17.67
CA ALA LB 44 30.74 78.60 16.34
C ALA LB 44 31.76 77.57 15.87
N SER LB 45 32.69 77.20 16.75
CA SER LB 45 33.72 76.22 16.42
C SER LB 45 33.28 74.79 16.70
N ASN LB 46 31.98 74.54 16.76
CA ASN LB 46 31.44 73.20 17.03
C ASN LB 46 31.90 72.69 18.41
N GLU LB 47 31.38 73.37 19.42
CA GLU LB 47 31.66 73.05 20.81
C GLU LB 47 30.35 72.91 21.57
N PRO LB 48 30.37 72.25 22.73
CA PRO LB 48 29.13 72.05 23.49
C PRO LB 48 28.81 73.19 24.43
N LEU LB 49 27.52 73.43 24.60
CA LEU LB 49 27.02 74.45 25.52
C LEU LB 49 25.76 74.05 26.28
N ALA LB 50 24.88 73.24 25.70
CA ALA LB 50 23.66 72.81 26.38
C ALA LB 50 22.92 71.77 25.56
N PHE LB 51 23.42 70.54 25.52
CA PHE LB 51 22.77 69.45 24.81
C PHE LB 51 21.80 68.73 25.75
N ALA LB 52 20.73 69.44 26.07
CA ALA LB 52 19.69 68.94 26.99
C ALA LB 52 18.46 68.58 26.16
N SER LB 53 18.32 67.30 25.85
CA SER LB 53 17.16 66.80 25.12
C SER LB 53 16.13 66.23 26.08
N CYS LB 54 14.92 66.01 25.56
CA CYS LB 54 13.84 65.48 26.38
C CYS LB 54 14.13 64.07 26.87
N GLY LB 55 15.04 63.35 26.21
CA GLY LB 55 15.39 62.01 26.67
C GLY LB 55 16.00 62.01 28.05
N THR LB 56 16.81 63.02 28.35
CA THR LB 56 17.42 63.13 29.67
C THR LB 56 16.45 63.62 30.73
N GLU LB 57 15.34 64.23 30.33
CA GLU LB 57 14.36 64.73 31.29
C GLU LB 57 13.78 63.58 32.11
N GLY LB 58 13.47 62.46 31.47
CA GLY LB 58 12.92 61.31 32.16
C GLY LB 58 12.06 60.45 31.27
N PHE LB 59 11.15 61.07 30.52
CA PHE LB 59 10.26 60.34 29.64
C PHE LB 59 10.91 60.13 28.28
N ARG LB 60 10.60 58.99 27.67
CA ARG LB 60 11.10 58.62 26.35
C ARG LB 60 9.94 58.20 25.45
N ASN LB 61 8.93 59.05 25.35
CA ASN LB 61 7.76 58.77 24.53
C ASN LB 61 7.29 60.04 23.83
N ALA LB 62 5.99 60.13 23.51
CA ALA LB 62 5.45 61.32 22.89
C ALA LB 62 5.51 62.54 23.80
N LYS LB 63 5.78 62.35 25.10
CA LYS LB 63 5.89 63.47 26.03
C LYS LB 63 7.05 64.40 25.70
N LYS LB 64 7.97 63.97 24.84
CA LYS LB 64 9.12 64.80 24.47
C LYS LB 64 8.66 66.13 23.87
N GLY LB 65 8.11 66.08 22.66
CA GLY LB 65 7.67 67.29 21.98
C GLY LB 65 6.33 67.80 22.48
N THR LB 66 6.35 68.62 23.52
CA THR LB 66 5.14 69.20 24.07
C THR LB 66 5.44 70.66 24.40
N GLY LB 67 4.64 71.25 25.30
CA GLY LB 67 4.80 72.65 25.65
C GLY LB 67 5.56 72.87 26.93
N ILE LB 68 5.01 72.40 28.06
CA ILE LB 68 5.63 72.64 29.35
C ILE LB 68 6.94 71.87 29.46
N ALA LB 69 6.97 70.62 29.00
CA ALA LB 69 8.21 69.86 29.04
C ALA LB 69 9.27 70.50 28.16
N ALA LB 70 8.89 70.97 26.98
CA ALA LB 70 9.84 71.64 26.10
C ALA LB 70 10.37 72.92 26.75
N GLN LB 71 9.49 73.67 27.41
CA GLN LB 71 9.94 74.91 28.05
C GLN LB 71 10.88 74.62 29.21
N THR LB 72 10.60 73.56 29.98
CA THR LB 72 11.51 73.19 31.08
C THR LB 72 12.86 72.74 30.54
N ALA LB 73 12.86 71.96 29.45
CA ALA LB 73 14.12 71.56 28.84
C ALA LB 73 14.89 72.78 28.34
N GLY LB 74 14.19 73.74 27.73
CA GLY LB 74 14.85 74.95 27.27
C GLY LB 74 15.42 75.77 28.42
N ILE LB 75 14.70 75.83 29.54
CA ILE LB 75 15.20 76.55 30.71
C ILE LB 75 16.45 75.86 31.25
N ALA LB 76 16.43 74.53 31.31
CA ALA LB 76 17.62 73.80 31.77
C ALA LB 76 18.81 74.04 30.84
N ALA LB 77 18.56 74.04 29.52
CA ALA LB 77 19.63 74.30 28.58
C ALA LB 77 20.17 75.71 28.73
N ALA LB 78 19.28 76.68 28.94
CA ALA LB 78 19.71 78.07 29.13
C ALA LB 78 20.54 78.21 30.40
N ALA LB 79 20.15 77.51 31.47
CA ALA LB 79 20.94 77.54 32.70
C ALA LB 79 22.31 76.93 32.47
N ARG LB 80 22.37 75.78 31.79
CA ARG LB 80 23.65 75.15 31.51
C ARG LB 80 24.54 76.04 30.67
N ALA LB 81 23.94 76.77 29.72
CA ALA LB 81 24.72 77.67 28.88
C ALA LB 81 25.24 78.86 29.68
N LYS LB 82 24.36 79.50 30.47
CA LYS LB 82 24.79 80.60 31.32
C LYS LB 82 25.90 80.17 32.27
N GLN LB 83 25.86 78.92 32.72
CA GLN LB 83 26.95 78.40 33.55
C GLN LB 83 28.28 78.37 32.81
N LYS LB 84 28.27 78.50 31.48
CA LYS LB 84 29.50 78.52 30.69
C LYS LB 84 29.73 79.84 29.97
N GLY LB 85 28.74 80.73 29.91
CA GLY LB 85 28.89 81.99 29.23
C GLY LB 85 28.38 81.96 27.80
N VAL LB 86 27.14 82.43 27.59
CA VAL LB 86 26.53 82.43 26.28
C VAL LB 86 25.63 83.64 26.13
N ILE LB 87 24.53 83.67 26.89
CA ILE LB 87 23.58 84.77 26.86
C ILE LB 87 22.96 84.88 25.47
N HIS LB 88 23.60 85.65 24.59
CA HIS LB 88 23.06 85.87 23.26
C HIS LB 88 23.34 84.68 22.35
N ILE LB 89 22.37 84.37 21.48
CA ILE LB 89 22.47 83.23 20.57
C ILE LB 89 21.68 83.53 19.31
N ARG LB 90 21.98 82.78 18.25
CA ARG LB 90 21.25 82.87 16.99
C ARG LB 90 20.48 81.56 16.81
N VAL LB 91 19.19 81.58 17.16
CA VAL LB 91 18.39 80.37 17.12
C VAL LB 91 18.32 79.86 15.68
N VAL LB 92 18.53 78.55 15.53
CA VAL LB 92 18.46 77.89 14.22
C VAL LB 92 17.39 76.81 14.36
N VAL LB 93 16.15 77.16 14.00
CA VAL LB 93 15.05 76.22 14.12
C VAL LB 93 15.13 75.16 13.03
N LYS LB 94 14.67 73.95 13.35
CA LYS LB 94 14.65 72.84 12.42
C LYS LB 94 13.38 72.04 12.63
N GLY LB 95 12.61 71.86 11.56
CA GLY LB 95 11.35 71.14 11.65
C GLY LB 95 10.25 71.98 12.29
N LEU LB 96 9.02 71.53 12.08
CA LEU LB 96 7.84 72.19 12.60
C LEU LB 96 7.20 71.31 13.66
N GLY LB 97 7.10 71.82 14.89
CA GLY LB 97 6.52 71.09 15.98
C GLY LB 97 6.32 71.95 17.21
N PRO LB 98 5.82 71.35 18.29
CA PRO LB 98 5.60 72.12 19.52
C PRO LB 98 6.86 72.72 20.10
N GLY LB 99 8.04 72.19 19.76
CA GLY LB 99 9.28 72.71 20.28
C GLY LB 99 9.87 73.84 19.46
N ARG LB 100 9.00 74.71 18.95
CA ARG LB 100 9.43 75.85 18.14
C ARG LB 100 9.45 77.14 18.96
N LEU LB 101 8.31 77.54 19.51
CA LEU LB 101 8.22 78.74 20.32
C LEU LB 101 8.38 78.47 21.81
N SER LB 102 7.97 77.28 22.27
CA SER LB 102 8.11 76.95 23.69
C SER LB 102 9.57 76.88 24.10
N ALA LB 103 10.43 76.34 23.22
CA ALA LB 103 11.85 76.29 23.53
C ALA LB 103 12.44 77.70 23.63
N MET LB 104 12.05 78.58 22.71
CA MET LB 104 12.53 79.96 22.77
C MET LB 104 12.06 80.67 24.04
N HIS LB 105 10.80 80.44 24.42
CA HIS LB 105 10.29 81.04 25.65
C HIS LB 105 11.04 80.52 26.87
N GLY LB 106 11.33 79.22 26.90
CA GLY LB 106 12.11 78.67 28.00
C GLY LB 106 13.51 79.22 28.05
N LEU LB 107 14.15 79.38 26.88
CA LEU LB 107 15.48 79.96 26.85
C LEU LB 107 15.47 81.41 27.33
N ILE LB 108 14.44 82.17 26.94
CA ILE LB 108 14.32 83.54 27.41
C ILE LB 108 14.14 83.56 28.93
N MET LB 109 13.32 82.66 29.45
CA MET LB 109 13.14 82.56 30.90
C MET LB 109 14.47 82.27 31.59
N GLY LB 110 15.26 81.36 31.02
CA GLY LB 110 16.54 81.04 31.63
C GLY LB 110 17.47 82.24 31.71
N GLY LB 111 17.57 82.99 30.61
CA GLY LB 111 18.41 84.17 30.57
C GLY LB 111 18.96 84.48 29.19
N LEU LB 112 18.95 83.48 28.30
CA LEU LB 112 19.47 83.67 26.96
C LEU LB 112 18.51 84.50 26.13
N GLU LB 113 19.04 85.53 25.46
CA GLU LB 113 18.25 86.40 24.61
C GLU LB 113 18.46 86.03 23.15
N VAL LB 114 17.37 86.02 22.39
CA VAL LB 114 17.41 85.66 20.97
C VAL LB 114 17.64 86.93 20.16
N ILE LB 115 18.50 86.83 19.15
CA ILE LB 115 18.81 87.95 18.29
C ILE LB 115 18.32 87.75 16.85
N SER LB 116 18.19 86.50 16.41
CA SER LB 116 17.73 86.21 15.06
C SER LB 116 17.00 84.87 15.06
N ILE LB 117 15.89 84.81 14.32
CA ILE LB 117 15.09 83.58 14.24
C ILE LB 117 15.36 82.90 12.91
N THR LB 118 16.49 82.21 12.81
CA THR LB 118 16.85 81.47 11.61
C THR LB 118 16.21 80.08 11.64
N ASP LB 119 15.85 79.59 10.45
CA ASP LB 119 15.21 78.29 10.32
C ASP LB 119 15.74 77.63 9.06
N ASN LB 120 16.49 76.55 9.22
CA ASN LB 120 17.02 75.80 8.08
C ASN LB 120 16.29 74.48 7.94
N THR LB 121 14.96 74.54 7.81
CA THR LB 121 14.16 73.33 7.69
C THR LB 121 14.42 72.65 6.34
N PRO LB 122 14.19 71.34 6.26
CA PRO LB 122 14.41 70.64 4.99
C PRO LB 122 13.34 70.96 3.96
N ILE LB 123 13.73 71.64 2.88
CA ILE LB 123 12.80 72.02 1.82
C ILE LB 123 13.20 71.31 0.54
N PRO LB 124 12.81 70.04 0.36
CA PRO LB 124 13.15 69.33 -0.88
C PRO LB 124 12.33 69.80 -2.06
N HIS LB 125 12.97 70.48 -3.02
CA HIS LB 125 12.28 70.96 -4.22
C HIS LB 125 11.95 69.76 -5.11
N ASN LB 126 10.91 69.04 -4.72
CA ASN LB 126 10.47 67.84 -5.43
C ASN LB 126 11.58 66.80 -5.53
N GLY LB 127 12.50 66.82 -4.56
CA GLY LB 127 13.60 65.88 -4.54
C GLY LB 127 13.21 64.55 -3.93
N CYS LB 128 13.58 64.34 -2.66
CA CYS LB 128 13.24 63.10 -1.97
C CYS LB 128 11.73 62.96 -1.83
N ARG LB 129 11.12 62.13 -2.68
CA ARG LB 129 9.68 61.88 -2.58
C ARG LB 129 9.35 61.40 -1.18
N PRO LB 130 8.62 62.20 -0.37
CA PRO LB 130 8.39 61.82 1.02
C PRO LB 130 7.67 60.49 1.19
N ARG LB 131 7.41 60.11 2.44
CA ARG LB 131 6.74 58.86 2.73
C ARG LB 131 5.36 58.83 2.09
N LYS LB 132 4.90 57.62 1.78
CA LYS LB 132 3.59 57.46 1.16
C LYS LB 132 2.49 57.98 2.10
N ALA LB 133 1.28 58.07 1.56
CA ALA LB 133 0.14 58.52 2.34
C ALA LB 133 -0.32 57.43 3.31
N ARG LB 134 -1.01 57.86 4.36
CA ARG LB 134 -1.51 56.94 5.38
C ARG LB 134 -2.94 57.32 5.73
N LYS LB 135 -3.66 56.36 6.32
CA LYS LB 135 -5.04 56.54 6.72
C LYS LB 135 -5.14 56.56 8.24
N LEU LB 136 -6.32 56.91 8.73
CA LEU LB 136 -6.57 56.98 10.16
C LEU LB 136 -7.04 55.63 10.69
N ALA MB 1 -29.70 58.92 -38.29
CA ALA MB 1 -28.38 59.01 -38.92
C ALA MB 1 -28.50 59.47 -40.36
N THR MB 2 -27.36 59.57 -41.05
CA THR MB 2 -27.35 59.99 -42.43
C THR MB 2 -28.05 58.96 -43.32
N LEU MB 3 -28.27 59.34 -44.57
CA LEU MB 3 -28.93 58.44 -45.52
C LEU MB 3 -27.99 57.37 -46.05
N ASN MB 4 -26.69 57.68 -46.15
CA ASN MB 4 -25.74 56.70 -46.65
C ASN MB 4 -25.67 55.48 -45.75
N GLN MB 5 -25.65 55.69 -44.43
CA GLN MB 5 -25.60 54.56 -43.50
C GLN MB 5 -26.87 53.72 -43.58
N MET MB 6 -28.03 54.38 -43.63
CA MET MB 6 -29.29 53.65 -43.73
C MET MB 6 -29.37 52.86 -45.04
N HIS MB 7 -28.80 53.40 -46.11
CA HIS MB 7 -28.82 52.68 -47.39
C HIS MB 7 -27.85 51.50 -47.37
N ARG MB 8 -26.68 51.68 -46.76
CA ARG MB 8 -25.71 50.59 -46.70
C ARG MB 8 -26.19 49.47 -45.78
N LEU MB 9 -26.93 49.81 -44.72
CA LEU MB 9 -27.45 48.79 -43.81
C LEU MB 9 -28.71 48.16 -44.36
N GLY MB 10 -29.72 48.98 -44.64
CA GLY MB 10 -30.97 48.50 -45.20
C GLY MB 10 -32.08 48.45 -44.17
N PRO MB 11 -33.30 48.14 -44.61
CA PRO MB 11 -34.43 48.07 -43.68
C PRO MB 11 -34.23 46.97 -42.65
N PRO MB 12 -35.09 46.92 -41.63
CA PRO MB 12 -34.95 45.86 -40.61
C PRO MB 12 -35.36 44.48 -41.13
N LYS MB 13 -35.40 43.51 -40.24
CA LYS MB 13 -35.78 42.14 -40.61
C LYS MB 13 -36.73 41.58 -39.56
N ARG MB 14 -37.50 40.58 -39.96
CA ARG MB 14 -38.49 39.93 -39.11
C ARG MB 14 -38.06 38.48 -38.87
N PRO MB 15 -37.31 38.20 -37.80
CA PRO MB 15 -36.87 36.83 -37.55
C PRO MB 15 -38.01 35.98 -37.03
N PRO MB 16 -37.89 34.64 -37.09
CA PRO MB 16 -38.98 33.78 -36.61
C PRO MB 16 -38.87 33.48 -35.12
N ARG MB 17 -39.80 32.67 -34.61
CA ARG MB 17 -39.77 32.24 -33.22
C ARG MB 17 -39.99 30.73 -33.17
N LYS MB 18 -39.68 30.14 -32.02
CA LYS MB 18 -39.77 28.69 -31.88
C LYS MB 18 -39.99 28.34 -30.41
N LEU MB 19 -41.12 27.70 -30.13
CA LEU MB 19 -41.35 27.12 -28.82
C LEU MB 19 -40.79 25.69 -28.81
N GLY MB 20 -40.82 25.06 -27.64
CA GLY MB 20 -40.37 23.70 -27.46
C GLY MB 20 -40.59 22.79 -28.67
N PRO MB 21 -41.85 22.59 -29.05
CA PRO MB 21 -42.13 21.73 -30.22
C PRO MB 21 -41.71 22.36 -31.53
N THR MB 22 -40.55 21.94 -32.05
CA THR MB 22 -40.09 22.42 -33.33
C THR MB 22 -41.06 22.01 -34.44
N GLU MB 23 -40.90 22.65 -35.60
CA GLU MB 23 -41.74 22.43 -36.77
C GLU MB 23 -43.15 22.95 -36.57
N GLY MB 24 -43.41 23.73 -35.52
CA GLY MB 24 -44.74 24.25 -35.26
C GLY MB 24 -45.74 23.15 -34.93
N ARG MB 25 -45.85 22.81 -33.65
CA ARG MB 25 -46.75 21.77 -33.18
C ARG MB 25 -47.48 22.28 -31.94
N PRO MB 26 -48.60 22.99 -32.12
CA PRO MB 26 -49.34 23.47 -30.94
C PRO MB 26 -49.94 22.36 -30.12
N GLN MB 27 -50.31 21.24 -30.72
CA GLN MB 27 -50.89 20.09 -30.02
C GLN MB 27 -50.02 18.87 -30.30
N LEU MB 28 -49.26 18.44 -29.30
CA LEU MB 28 -48.37 17.30 -29.42
C LEU MB 28 -48.97 16.08 -28.74
N LYS MB 29 -48.30 14.94 -28.93
CA LYS MB 29 -48.72 13.67 -28.34
C LYS MB 29 -47.51 13.08 -27.62
N GLY MB 30 -47.41 13.32 -26.31
CA GLY MB 30 -46.29 12.82 -25.54
C GLY MB 30 -46.67 11.63 -24.66
N VAL MB 31 -45.65 10.90 -24.20
CA VAL MB 31 -45.86 9.74 -23.35
C VAL MB 31 -45.38 10.07 -21.94
N VAL MB 32 -46.16 9.65 -20.95
CA VAL MB 32 -45.82 9.92 -19.56
C VAL MB 32 -44.73 8.95 -19.11
N LEU MB 33 -43.82 9.45 -18.29
CA LEU MB 33 -42.72 8.65 -17.75
C LEU MB 33 -42.60 8.74 -16.24
N CYS MB 34 -42.94 9.89 -15.65
CA CYS MB 34 -42.86 10.08 -14.22
C CYS MB 34 -44.00 10.98 -13.77
N THR MB 35 -44.26 10.96 -12.46
CA THR MB 35 -45.33 11.77 -11.87
C THR MB 35 -44.83 12.38 -10.57
N PHE MB 36 -43.66 13.00 -10.62
CA PHE MB 36 -43.08 13.63 -9.44
C PHE MB 36 -43.83 14.94 -9.16
N THR MB 37 -43.33 15.69 -8.17
CA THR MB 37 -43.94 16.95 -7.77
C THR MB 37 -42.88 18.04 -7.74
N ARG MB 38 -43.34 19.29 -7.77
CA ARG MB 38 -42.45 20.44 -7.74
C ARG MB 38 -43.19 21.62 -7.12
N LYS MB 39 -42.42 22.49 -6.44
CA LYS MB 39 -42.98 23.66 -5.78
C LYS MB 39 -42.69 24.92 -6.59
N PRO MB 40 -43.51 25.96 -6.45
CA PRO MB 40 -43.28 27.19 -7.21
C PRO MB 40 -42.11 28.00 -6.68
N LYS MB 41 -41.96 29.24 -7.15
CA LYS MB 41 -40.85 30.09 -6.76
C LYS MB 41 -41.03 30.62 -5.34
N LYS MB 42 -40.37 31.75 -5.03
CA LYS MB 42 -40.45 32.28 -3.67
C LYS MB 42 -41.82 32.86 -3.37
N PRO MB 43 -42.32 33.87 -4.12
CA PRO MB 43 -43.62 34.45 -3.78
C PRO MB 43 -44.73 33.42 -3.73
N ASN MB 44 -45.01 32.76 -4.84
CA ASN MB 44 -46.01 31.72 -4.88
C ASN MB 44 -45.55 30.51 -4.06
N SER MB 45 -46.49 29.85 -3.40
CA SER MB 45 -46.20 28.68 -2.59
C SER MB 45 -47.27 27.61 -2.86
N ALA MB 46 -46.82 26.41 -3.19
CA ALA MB 46 -47.72 25.30 -3.51
C ALA MB 46 -46.88 24.05 -3.67
N ASN MB 47 -47.56 22.94 -3.95
CA ASN MB 47 -46.90 21.65 -4.17
C ASN MB 47 -47.52 20.98 -5.40
N ARG MB 48 -47.65 21.75 -6.49
CA ARG MB 48 -48.26 21.23 -7.70
C ARG MB 48 -47.47 20.05 -8.25
N LYS MB 49 -48.14 19.23 -9.06
CA LYS MB 49 -47.52 18.06 -9.64
C LYS MB 49 -46.76 18.42 -10.92
N CYS MB 50 -45.80 17.58 -11.27
CA CYS MB 50 -44.99 17.79 -12.47
C CYS MB 50 -44.60 16.43 -13.02
N CYS MB 51 -45.11 16.10 -14.21
CA CYS MB 51 -44.85 14.82 -14.84
C CYS MB 51 -43.77 14.97 -15.92
N ARG MB 52 -42.96 13.93 -16.07
CA ARG MB 52 -41.89 13.91 -17.07
C ARG MB 52 -42.44 13.28 -18.34
N VAL MB 53 -42.86 14.11 -19.28
CA VAL MB 53 -43.43 13.66 -20.55
C VAL MB 53 -42.38 13.76 -21.64
N ARG MB 54 -42.41 12.81 -22.56
CA ARG MB 54 -41.49 12.78 -23.69
C ARG MB 54 -42.27 13.06 -24.98
N LEU MB 55 -41.81 14.03 -25.76
CA LEU MB 55 -42.49 14.40 -26.98
C LEU MB 55 -42.31 13.32 -28.04
N SER MB 56 -43.17 13.39 -29.07
CA SER MB 56 -43.11 12.42 -30.15
C SER MB 56 -41.81 12.51 -30.93
N THR MB 57 -41.14 13.66 -30.92
CA THR MB 57 -39.88 13.84 -31.63
C THR MB 57 -38.68 13.35 -30.85
N GLY MB 58 -38.89 12.62 -29.75
CA GLY MB 58 -37.81 12.11 -28.94
C GLY MB 58 -37.33 13.03 -27.85
N ARG MB 59 -37.60 14.33 -27.96
CA ARG MB 59 -37.17 15.27 -26.93
C ARG MB 59 -38.01 15.13 -25.68
N GLU MB 60 -37.38 15.28 -24.53
CA GLU MB 60 -38.04 15.16 -23.24
C GLU MB 60 -38.18 16.53 -22.58
N ALA MB 61 -39.16 16.65 -21.70
CA ALA MB 61 -39.42 17.90 -21.00
C ALA MB 61 -40.43 17.62 -19.90
N VAL MB 62 -40.68 18.64 -19.08
CA VAL MB 62 -41.61 18.55 -17.96
C VAL MB 62 -42.92 19.22 -18.37
N CYS MB 63 -44.02 18.73 -17.80
CA CYS MB 63 -45.35 19.26 -18.09
C CYS MB 63 -46.14 19.37 -16.79
N PHE MB 64 -47.05 20.33 -16.75
CA PHE MB 64 -47.89 20.57 -15.59
C PHE MB 64 -49.25 19.91 -15.79
N ILE MB 65 -49.78 19.32 -14.73
CA ILE MB 65 -51.07 18.64 -14.77
C ILE MB 65 -52.11 19.53 -14.08
N PRO MB 66 -52.85 20.36 -14.81
CA PRO MB 66 -53.86 21.20 -14.17
C PRO MB 66 -55.02 20.38 -13.65
N GLY MB 67 -55.88 21.04 -12.89
CA GLY MB 67 -57.04 20.41 -12.30
C GLY MB 67 -56.80 20.00 -10.85
N GLU MB 68 -57.88 19.97 -10.07
CA GLU MB 68 -57.80 19.61 -8.67
C GLU MB 68 -57.71 18.10 -8.45
N GLY MB 69 -57.86 17.30 -9.50
CA GLY MB 69 -57.79 15.86 -9.37
C GLY MB 69 -57.49 15.21 -10.69
N HIS MB 70 -56.77 14.10 -10.64
CA HIS MB 70 -56.40 13.36 -11.84
C HIS MB 70 -56.20 11.89 -11.47
N THR MB 71 -56.15 11.05 -12.52
CA THR MB 71 -55.97 9.60 -12.36
C THR MB 71 -54.99 9.14 -13.44
N LEU MB 72 -53.75 9.60 -13.36
CA LEU MB 72 -52.73 9.24 -14.32
C LEU MB 72 -52.13 7.88 -14.00
N GLN MB 73 -51.32 7.38 -14.93
CA GLN MB 73 -50.65 6.09 -14.78
C GLN MB 73 -49.18 6.25 -15.14
N GLU MB 74 -48.44 5.15 -15.10
CA GLU MB 74 -47.03 5.16 -15.43
C GLU MB 74 -46.83 5.48 -16.90
N HIS MB 75 -47.27 4.57 -17.78
CA HIS MB 75 -47.15 4.76 -19.23
C HIS MB 75 -48.51 5.18 -19.76
N GLN MB 76 -48.61 6.45 -20.15
CA GLN MB 76 -49.86 7.00 -20.69
C GLN MB 76 -49.53 7.96 -21.82
N ILE MB 77 -50.33 7.91 -22.88
CA ILE MB 77 -50.16 8.76 -24.05
C ILE MB 77 -51.36 9.70 -24.10
N VAL MB 78 -51.14 10.97 -23.75
CA VAL MB 78 -52.20 11.96 -23.75
C VAL MB 78 -51.71 13.19 -24.51
N LEU MB 79 -52.66 13.92 -25.10
CA LEU MB 79 -52.33 15.11 -25.86
C LEU MB 79 -51.72 16.17 -24.92
N VAL MB 80 -50.87 17.01 -25.50
CA VAL MB 80 -50.19 18.06 -24.75
C VAL MB 80 -50.13 19.31 -25.61
N GLU MB 81 -50.34 20.47 -24.99
CA GLU MB 81 -50.30 21.75 -25.66
C GLU MB 81 -49.13 22.58 -25.14
N GLY MB 82 -48.78 23.62 -25.90
CA GLY MB 82 -47.68 24.48 -25.54
C GLY MB 82 -48.11 25.65 -24.68
N GLY MB 83 -48.04 25.49 -23.36
CA GLY MB 83 -48.40 26.55 -22.44
C GLY MB 83 -47.34 26.79 -21.39
N ARG MB 84 -46.99 28.06 -21.18
CA ARG MB 84 -45.96 28.42 -20.20
C ARG MB 84 -46.62 28.72 -18.85
N THR MB 85 -46.09 28.08 -17.81
CA THR MB 85 -46.61 28.31 -16.46
C THR MB 85 -46.02 29.58 -15.87
N GLN MB 86 -46.80 30.23 -15.02
CA GLN MB 86 -46.39 31.48 -14.40
C GLN MB 86 -45.70 31.29 -13.06
N ASP MB 87 -45.63 30.06 -12.55
CA ASP MB 87 -44.99 29.78 -11.26
C ASP MB 87 -44.00 28.64 -11.36
N LEU MB 88 -43.52 28.32 -12.55
CA LEU MB 88 -42.55 27.24 -12.75
C LEU MB 88 -41.54 27.65 -13.82
N PRO MB 89 -40.28 27.90 -13.47
CA PRO MB 89 -39.30 28.32 -14.48
C PRO MB 89 -38.90 27.15 -15.36
N GLY MB 90 -39.08 27.32 -16.68
CA GLY MB 90 -38.75 26.32 -17.66
C GLY MB 90 -39.93 25.52 -18.17
N VAL MB 91 -40.95 25.33 -17.33
CA VAL MB 91 -42.12 24.55 -17.71
C VAL MB 91 -42.88 25.29 -18.81
N LYS MB 92 -42.58 24.97 -20.06
CA LYS MB 92 -43.23 25.58 -21.22
C LYS MB 92 -44.25 24.65 -21.86
N LEU MB 93 -44.73 23.65 -21.12
CA LEU MB 93 -45.69 22.69 -21.65
C LEU MB 93 -46.72 22.36 -20.58
N THR MB 94 -47.93 22.05 -21.02
CA THR MB 94 -49.01 21.69 -20.11
C THR MB 94 -49.47 20.26 -20.37
N VAL MB 95 -50.69 19.92 -19.95
CA VAL MB 95 -51.24 18.59 -20.15
C VAL MB 95 -52.73 18.75 -20.46
N VAL MB 96 -53.12 18.38 -21.67
CA VAL MB 96 -54.52 18.45 -22.07
C VAL MB 96 -55.24 17.21 -21.56
N ARG MB 97 -56.39 17.41 -20.93
CA ARG MB 97 -57.16 16.32 -20.33
C ARG MB 97 -58.30 15.92 -21.25
N GLY MB 98 -58.51 14.61 -21.38
CA GLY MB 98 -59.61 14.10 -22.18
C GLY MB 98 -59.24 13.86 -23.63
N LYS MB 99 -58.40 12.85 -23.88
CA LYS MB 99 -58.01 12.52 -25.25
C LYS MB 99 -57.12 11.30 -25.21
N TYR MB 100 -57.30 10.41 -26.20
CA TYR MB 100 -56.50 9.20 -26.33
C TYR MB 100 -56.62 8.32 -25.09
N ASP MB 101 -55.73 8.53 -24.11
CA ASP MB 101 -55.70 7.68 -22.92
C ASP MB 101 -56.45 8.32 -21.77
N CYS MB 102 -55.78 9.21 -21.03
CA CYS MB 102 -56.40 9.83 -19.87
C CYS MB 102 -57.63 10.62 -20.27
N GLY MB 103 -58.68 10.54 -19.44
CA GLY MB 103 -59.91 11.25 -19.69
C GLY MB 103 -59.90 12.65 -19.11
N HIS MB 104 -61.04 13.31 -19.22
CA HIS MB 104 -61.18 14.66 -18.70
C HIS MB 104 -61.05 14.67 -17.18
N VAL MB 105 -60.96 15.87 -16.62
CA VAL MB 105 -60.85 16.02 -15.18
C VAL MB 105 -62.12 15.48 -14.53
N GLN MB 106 -61.97 14.45 -13.69
CA GLN MB 106 -63.10 13.84 -13.02
C GLN MB 106 -63.83 14.85 -12.15
N LYS MB 107 -64.85 15.50 -12.70
CA LYS MB 107 -65.60 16.50 -11.95
C LYS MB 107 -66.37 15.83 -10.81
N LYS MB 108 -66.50 16.56 -9.71
CA LYS MB 108 -67.21 16.06 -8.54
C LYS MB 108 -68.69 16.43 -8.61
N HIS NB 1 -79.50 37.92 39.35
CA HIS NB 1 -79.25 38.75 38.17
C HIS NB 1 -77.87 39.39 38.26
N TYR NB 2 -76.94 38.71 38.91
CA TYR NB 2 -75.57 39.20 39.04
C TYR NB 2 -74.73 38.72 37.86
N VAL NB 3 -73.64 39.43 37.61
CA VAL NB 3 -72.77 39.13 36.48
C VAL NB 3 -72.05 37.81 36.73
N ASP NB 4 -71.01 37.84 37.56
CA ASP NB 4 -70.22 36.65 37.84
C ASP NB 4 -70.78 35.90 39.04
N TRP NB 5 -70.34 34.65 39.20
CA TRP NB 5 -70.79 33.82 40.31
C TRP NB 5 -70.14 34.20 41.63
N ARG NB 6 -68.98 34.87 41.60
CA ARG NB 6 -68.39 35.35 42.83
C ARG NB 6 -69.31 36.33 43.55
N MET NB 7 -70.12 37.07 42.80
CA MET NB 7 -71.10 37.96 43.42
C MET NB 7 -72.08 37.17 44.27
N TRP NB 8 -72.64 36.10 43.72
CA TRP NB 8 -73.57 35.26 44.48
C TRP NB 8 -72.86 34.59 45.65
N ARG NB 9 -71.62 34.16 45.45
CA ARG NB 9 -70.85 33.59 46.54
C ARG NB 9 -70.76 34.55 47.71
N ASP NB 10 -70.33 35.78 47.44
CA ASP NB 10 -70.17 36.78 48.49
C ASP NB 10 -71.51 37.15 49.10
N VAL NB 11 -72.57 37.21 48.29
CA VAL NB 11 -73.89 37.55 48.82
C VAL NB 11 -74.35 36.48 49.80
N LYS NB 12 -74.21 35.21 49.42
CA LYS NB 12 -74.61 34.12 50.31
C LYS NB 12 -73.75 34.13 51.57
N ARG NB 13 -72.45 34.38 51.44
CA ARG NB 13 -71.59 34.42 52.61
C ARG NB 13 -72.03 35.53 53.57
N ARG NB 14 -72.27 36.73 53.04
CA ARG NB 14 -72.71 37.84 53.87
C ARG NB 14 -74.05 37.53 54.54
N LYS NB 15 -74.98 36.93 53.79
CA LYS NB 15 -76.28 36.61 54.36
C LYS NB 15 -76.15 35.62 55.50
N MET NB 16 -75.44 34.51 55.27
CA MET NB 16 -75.30 33.49 56.29
C MET NB 16 -74.45 33.96 57.47
N ALA NB 17 -73.61 34.98 57.28
CA ALA NB 17 -72.85 35.54 58.38
C ALA NB 17 -73.70 36.50 59.21
N TYR NB 18 -74.52 37.32 58.55
CA TYR NB 18 -75.39 38.24 59.26
C TYR NB 18 -76.58 37.52 59.89
N GLU NB 19 -76.89 36.30 59.46
CA GLU NB 19 -77.99 35.56 60.05
C GLU NB 19 -77.84 35.44 61.56
N TYR NB 20 -76.68 34.97 62.02
CA TYR NB 20 -76.38 34.80 63.44
C TYR NB 20 -75.17 35.64 63.80
N ALA NB 21 -75.26 36.35 64.92
CA ALA NB 21 -74.17 37.19 65.40
C ALA NB 21 -74.12 37.22 66.93
N ASP NB 22 -75.28 37.07 67.57
CA ASP NB 22 -75.32 37.10 69.02
C ASP NB 22 -74.49 35.98 69.62
N GLU NB 23 -74.74 34.73 69.19
CA GLU NB 23 -73.97 33.61 69.71
C GLU NB 23 -72.50 33.72 69.34
N ARG NB 24 -72.22 34.22 68.14
CA ARG NB 24 -70.82 34.41 67.73
C ARG NB 24 -70.10 35.35 68.69
N LEU NB 25 -70.69 36.50 68.97
CA LEU NB 25 -70.07 37.45 69.88
C LEU NB 25 -69.96 36.88 71.30
N ARG NB 26 -71.00 36.18 71.74
CA ARG NB 26 -70.97 35.59 73.08
C ARG NB 26 -69.82 34.60 73.23
N ILE NB 27 -69.65 33.73 72.23
CA ILE NB 27 -68.60 32.72 72.31
C ILE NB 27 -67.23 33.37 72.13
N ASN NB 28 -67.14 34.42 71.30
CA ASN NB 28 -65.86 35.12 71.15
C ASN NB 28 -65.45 35.78 72.46
N SER NB 29 -66.41 36.34 73.20
CA SER NB 29 -66.11 36.92 74.49
C SER NB 29 -65.74 35.85 75.50
N LEU NB 30 -66.46 34.72 75.49
CA LEU NB 30 -66.15 33.63 76.42
C LEU NB 30 -64.78 33.04 76.15
N ARG NB 31 -64.31 33.09 74.91
CA ARG NB 31 -63.01 32.53 74.55
C ARG NB 31 -61.90 33.16 75.37
N LYS NB 32 -61.50 34.38 74.99
CA LYS NB 32 -60.43 35.09 75.69
C LYS NB 32 -60.90 35.45 77.09
N ASN NB 33 -60.51 34.62 78.07
CA ASN NB 33 -60.93 34.84 79.45
C ASN NB 33 -60.06 34.00 80.37
N THR NB 34 -59.56 34.61 81.44
CA THR NB 34 -58.83 33.86 82.46
C THR NB 34 -59.77 33.20 83.45
N ILE NB 35 -60.95 33.78 83.66
CA ILE NB 35 -61.94 33.17 84.55
C ILE NB 35 -62.41 31.85 83.95
N LEU NB 36 -62.96 30.99 84.82
CA LEU NB 36 -63.45 29.65 84.52
C LEU NB 36 -62.40 28.81 83.80
N PRO NB 37 -62.16 27.56 84.21
CA PRO NB 37 -61.14 26.74 83.55
C PRO NB 37 -61.39 26.57 82.07
N LYS NB 38 -60.50 25.84 81.39
CA LYS NB 38 -60.60 25.61 79.96
C LYS NB 38 -61.75 24.66 79.59
N ILE NB 39 -62.45 24.09 80.56
CA ILE NB 39 -63.54 23.17 80.25
C ILE NB 39 -64.62 23.88 79.44
N LEU NB 40 -65.22 24.92 80.03
CA LEU NB 40 -66.27 25.65 79.33
C LEU NB 40 -65.74 26.36 78.09
N GLN NB 41 -64.48 26.78 78.11
CA GLN NB 41 -63.88 27.40 76.93
C GLN NB 41 -63.87 26.43 75.76
N ASP NB 42 -63.38 25.22 75.98
CA ASP NB 42 -63.36 24.22 74.92
C ASP NB 42 -64.77 23.79 74.53
N VAL NB 43 -65.70 23.76 75.48
CA VAL NB 43 -67.08 23.43 75.16
C VAL NB 43 -67.66 24.46 74.20
N ALA NB 44 -67.47 25.74 74.52
CA ALA NB 44 -67.95 26.81 73.63
C ALA NB 44 -67.24 26.79 72.30
N ASP NB 45 -65.95 26.44 72.28
CA ASP NB 45 -65.22 26.32 71.03
C ASP NB 45 -65.83 25.25 70.15
N GLU NB 46 -66.10 24.07 70.72
CA GLU NB 46 -66.75 23.00 69.96
C GLU NB 46 -68.14 23.42 69.51
N GLU NB 47 -68.86 24.16 70.35
CA GLU NB 47 -70.19 24.62 69.97
C GLU NB 47 -70.14 25.54 68.75
N ILE NB 48 -69.25 26.54 68.80
CA ILE NB 48 -69.14 27.47 67.68
C ILE NB 48 -68.59 26.77 66.45
N ALA NB 49 -67.80 25.72 66.62
CA ALA NB 49 -67.31 24.95 65.48
C ALA NB 49 -68.41 24.08 64.88
N ALA NB 50 -69.39 23.67 65.68
CA ALA NB 50 -70.48 22.86 65.18
C ALA NB 50 -71.32 23.58 64.14
N LEU NB 51 -71.23 24.91 64.08
CA LEU NB 51 -72.00 25.66 63.10
C LEU NB 51 -71.60 25.23 61.69
N PRO NB 52 -72.48 25.39 60.71
CA PRO NB 52 -72.16 24.98 59.34
C PRO NB 52 -71.22 25.96 58.65
N ARG NB 53 -70.64 25.50 57.56
CA ARG NB 53 -69.75 26.34 56.76
C ARG NB 53 -70.53 27.49 56.13
N ASP NB 54 -69.82 28.32 55.37
CA ASP NB 54 -70.43 29.49 54.73
C ASP NB 54 -70.85 30.51 55.76
N SER NB 55 -71.76 30.14 56.67
CA SER NB 55 -72.19 31.01 57.73
C SER NB 55 -71.01 31.49 58.56
N CYS NB 56 -70.28 32.47 58.04
CA CYS NB 56 -69.10 32.99 58.73
C CYS NB 56 -68.62 34.27 58.05
N PRO NB 57 -68.42 35.36 58.78
CA PRO NB 57 -67.94 36.59 58.14
C PRO NB 57 -66.50 36.51 57.66
N VAL NB 58 -65.75 35.48 58.04
CA VAL NB 58 -64.37 35.35 57.59
C VAL NB 58 -64.34 35.15 56.08
N ARG NB 59 -65.31 34.42 55.54
CA ARG NB 59 -65.35 34.14 54.11
C ARG NB 59 -65.78 35.35 53.29
N ILE NB 60 -66.18 36.44 53.93
CA ILE NB 60 -66.62 37.63 53.19
C ILE NB 60 -65.40 38.33 52.63
N ARG NB 61 -65.35 38.47 51.30
CA ARG NB 61 -64.28 39.17 50.60
C ARG NB 61 -64.86 40.46 50.03
N ASN NB 62 -64.42 41.59 50.56
CA ASN NB 62 -64.93 42.89 50.13
C ASN NB 62 -64.42 43.24 48.74
N ARG NB 63 -65.18 42.87 47.71
CA ARG NB 63 -64.85 43.18 46.34
C ARG NB 63 -65.63 44.42 45.90
N CYS NB 64 -65.81 44.60 44.59
CA CYS NB 64 -66.56 45.73 44.06
C CYS NB 64 -68.05 45.42 44.06
N VAL NB 65 -68.80 46.02 43.13
CA VAL NB 65 -70.22 45.73 42.97
C VAL NB 65 -70.61 45.44 41.53
N MET NB 66 -69.81 45.84 40.54
CA MET NB 66 -70.14 45.56 39.14
C MET NB 66 -70.09 44.06 38.87
N THR NB 67 -68.89 43.48 38.88
CA THR NB 67 -68.71 42.05 38.63
C THR NB 67 -67.68 41.47 39.59
N SER NB 68 -67.68 41.95 40.84
CA SER NB 68 -66.73 41.48 41.83
C SER NB 68 -65.30 41.75 41.38
N ARG NB 69 -64.81 42.96 41.65
CA ARG NB 69 -63.48 43.40 41.21
C ARG NB 69 -62.74 43.99 42.40
N PRO NB 70 -62.12 43.15 43.23
CA PRO NB 70 -61.36 43.67 44.38
C PRO NB 70 -60.06 44.33 43.95
N ARG NB 71 -60.15 45.51 43.35
CA ARG NB 71 -58.98 46.25 42.89
C ARG NB 71 -59.17 47.72 43.27
N GLY NB 72 -58.60 48.11 44.41
CA GLY NB 72 -58.73 49.48 44.88
C GLY NB 72 -60.17 49.88 45.11
N VAL NB 73 -61.00 48.94 45.56
CA VAL NB 73 -62.41 49.23 45.80
C VAL NB 73 -62.57 50.00 47.11
N LYS NB 74 -63.51 50.93 47.13
CA LYS NB 74 -63.80 51.72 48.31
C LYS NB 74 -65.04 51.15 48.99
N ARG NB 75 -64.87 50.64 50.22
CA ARG NB 75 -66.01 50.08 50.95
C ARG NB 75 -67.05 51.14 51.26
N ARG NB 76 -66.62 52.41 51.40
CA ARG NB 76 -67.58 53.48 51.63
C ARG NB 76 -68.53 53.64 50.47
N TRP NB 77 -68.04 53.41 49.24
CA TRP NB 77 -68.85 53.47 48.05
C TRP NB 77 -69.19 52.09 47.48
N ARG NB 78 -68.63 51.02 48.05
CA ARG NB 78 -68.93 49.67 47.62
C ARG NB 78 -68.48 49.43 46.19
N LEU NB 79 -69.18 50.03 45.23
CA LEU NB 79 -68.86 49.81 43.82
C LEU NB 79 -67.45 50.30 43.51
N SER NB 80 -66.78 49.61 42.60
CA SER NB 80 -65.44 49.97 42.20
C SER NB 80 -65.43 51.34 41.52
N ARG NB 81 -64.24 51.78 41.14
CA ARG NB 81 -64.07 53.07 40.47
C ARG NB 81 -64.25 52.97 38.96
N ILE NB 82 -64.97 51.95 38.48
CA ILE NB 82 -65.23 51.84 37.04
C ILE NB 82 -66.11 53.00 36.58
N VAL NB 83 -67.26 53.18 37.23
CA VAL NB 83 -68.18 54.25 36.88
C VAL NB 83 -67.96 55.43 37.80
N PHE NB 84 -67.48 55.16 39.02
CA PHE NB 84 -67.23 56.24 39.97
C PHE NB 84 -66.16 57.19 39.44
N ARG NB 85 -65.12 56.65 38.80
CA ARG NB 85 -64.10 57.51 38.20
C ARG NB 85 -64.70 58.31 37.05
N HIS NB 86 -65.59 57.70 36.26
CA HIS NB 86 -66.26 58.43 35.19
C HIS NB 86 -67.05 59.61 35.75
N LEU NB 87 -67.77 59.39 36.85
CA LEU NB 87 -68.54 60.48 37.46
C LEU NB 87 -67.61 61.56 38.02
N ALA NB 88 -66.56 61.15 38.73
CA ALA NB 88 -65.61 62.11 39.26
C ALA NB 88 -64.97 62.95 38.15
N ASP NB 89 -64.77 62.35 36.98
CA ASP NB 89 -64.25 63.11 35.85
C ASP NB 89 -65.30 64.07 35.32
N HIS NB 90 -66.51 63.57 35.06
CA HIS NB 90 -67.58 64.44 34.57
C HIS NB 90 -67.95 65.49 35.61
N GLY NB 91 -68.42 65.06 36.77
CA GLY NB 91 -68.79 65.97 37.83
C GLY NB 91 -70.13 65.64 38.47
N GLN NB 92 -70.55 64.38 38.37
CA GLN NB 92 -71.80 63.95 38.96
C GLN NB 92 -71.69 63.63 40.44
N LEU NB 93 -70.54 63.90 41.06
CA LEU NB 93 -70.31 63.63 42.47
C LEU NB 93 -70.17 64.97 43.20
N SER NB 94 -71.04 65.21 44.18
CA SER NB 94 -71.05 66.46 44.92
C SER NB 94 -69.80 66.54 45.79
N GLY NB 95 -68.71 67.00 45.19
CA GLY NB 95 -67.47 67.18 45.91
C GLY NB 95 -66.36 66.28 45.43
N ILE NB 96 -66.59 64.97 45.47
CA ILE NB 96 -65.58 63.99 45.07
C ILE NB 96 -65.17 64.27 43.63
N GLN NB 97 -64.04 64.94 43.45
CA GLN NB 97 -63.53 65.29 42.13
C GLN NB 97 -62.01 65.24 42.17
N ARG NB 98 -61.38 65.78 41.12
CA ARG NB 98 -59.93 65.83 41.07
C ARG NB 98 -59.41 66.85 42.06
N ALA NB 99 -58.46 66.44 42.90
CA ALA NB 99 -57.91 67.32 43.92
C ALA NB 99 -57.27 68.55 43.29
N THR NB 100 -58.02 69.65 43.21
CA THR NB 100 -57.49 70.88 42.64
C THR NB 100 -56.54 71.58 43.60
N TRP NB 101 -56.66 71.33 44.90
CA TRP NB 101 -55.79 71.96 45.89
C TRP NB 101 -55.91 73.49 45.83
N ASP OB 1 17.93 70.20 -53.21
CA ASP OB 1 19.29 70.04 -52.70
C ASP OB 1 20.22 71.09 -53.29
N PRO OB 2 20.02 72.34 -52.93
CA PRO OB 2 20.86 73.42 -53.46
C PRO OB 2 22.26 73.36 -52.88
N PRO OB 3 23.25 73.95 -53.55
CA PRO OB 3 24.61 73.94 -53.02
C PRO OB 3 24.70 74.74 -51.73
N PRO OB 4 25.74 74.50 -50.90
CA PRO OB 4 25.90 75.23 -49.65
C PRO OB 4 26.69 76.53 -49.82
N SER OB 5 26.38 77.29 -50.88
CA SER OB 5 27.07 78.54 -51.15
C SER OB 5 26.15 79.58 -51.77
N THR OB 6 24.93 79.18 -52.13
CA THR OB 6 24.00 80.10 -52.76
C THR OB 6 23.32 80.99 -51.71
N LEU OB 7 22.88 82.16 -52.16
CA LEU OB 7 22.21 83.10 -51.28
C LEU OB 7 20.77 82.66 -51.02
N LEU OB 8 20.12 83.35 -50.08
CA LEU OB 8 18.75 83.04 -49.71
C LEU OB 8 17.78 83.62 -50.75
N LYS OB 9 16.49 83.46 -50.48
CA LYS OB 9 15.46 83.93 -51.42
C LYS OB 9 15.16 85.40 -51.19
N ASP OB 10 14.73 85.76 -49.98
CA ASP OB 10 14.36 87.14 -49.69
C ASP OB 10 15.56 88.07 -49.78
N TYR OB 11 16.76 87.56 -49.50
CA TYR OB 11 17.96 88.38 -49.54
C TYR OB 11 18.56 88.52 -50.94
N GLN OB 12 18.13 87.71 -51.90
CA GLN OB 12 18.66 87.79 -53.25
C GLN OB 12 18.03 88.92 -54.03
N ASN OB 13 16.78 89.28 -53.74
CA ASN OB 13 16.11 90.35 -54.47
C ASN OB 13 16.78 91.69 -54.20
N VAL OB 14 17.18 91.95 -52.96
CA VAL OB 14 17.81 93.22 -52.61
C VAL OB 14 19.29 93.15 -52.97
N PRO OB 15 19.85 94.19 -53.59
CA PRO OB 15 21.29 94.18 -53.91
C PRO OB 15 22.20 94.73 -52.81
N GLY OB 16 21.67 95.02 -51.62
CA GLY OB 16 22.49 95.58 -50.56
C GLY OB 16 23.61 94.64 -50.11
N ILE OB 17 23.34 93.34 -50.13
CA ILE OB 17 24.35 92.37 -49.68
C ILE OB 17 25.26 91.90 -50.82
N GLU OB 18 24.85 92.10 -52.07
CA GLU OB 18 25.68 91.67 -53.20
C GLU OB 18 27.03 92.37 -53.21
N LYS OB 19 27.06 93.64 -52.78
CA LYS OB 19 28.29 94.43 -52.72
C LYS OB 19 28.37 95.05 -51.33
N VAL OB 20 28.83 94.24 -50.37
CA VAL OB 20 28.92 94.68 -48.98
C VAL OB 20 30.11 93.96 -48.32
N ASP OB 21 30.34 94.25 -47.05
CA ASP OB 21 31.43 93.60 -46.32
C ASP OB 21 31.33 92.09 -46.45
N ASP OB 22 32.50 91.44 -46.48
CA ASP OB 22 32.54 90.00 -46.67
C ASP OB 22 31.89 89.26 -45.51
N VAL OB 23 31.90 89.86 -44.32
CA VAL OB 23 31.32 89.19 -43.15
C VAL OB 23 29.82 88.99 -43.34
N VAL OB 24 29.13 90.00 -43.86
CA VAL OB 24 27.69 89.88 -44.06
C VAL OB 24 27.39 88.87 -45.16
N LYS OB 25 28.18 88.87 -46.23
CA LYS OB 25 27.97 87.91 -47.31
C LYS OB 25 28.21 86.49 -46.83
N ARG OB 26 29.16 86.30 -45.92
CA ARG OB 26 29.43 84.96 -45.39
C ARG OB 26 28.36 84.53 -44.40
N LEU OB 27 27.82 85.47 -43.62
CA LEU OB 27 26.79 85.12 -42.64
C LEU OB 27 25.48 84.78 -43.33
N LEU OB 28 25.12 85.51 -44.38
CA LEU OB 28 23.87 85.28 -45.11
C LEU OB 28 24.12 84.27 -46.24
N SER OB 29 24.40 83.04 -45.83
CA SER OB 29 24.64 81.95 -46.76
C SER OB 29 23.95 80.69 -46.24
N LEU OB 30 23.76 79.73 -47.14
CA LEU OB 30 23.08 78.49 -46.77
C LEU OB 30 23.85 77.77 -45.67
N GLU OB 31 25.18 77.79 -45.73
CA GLU OB 31 25.98 77.13 -44.70
C GLU OB 31 25.69 77.70 -43.31
N MET OB 32 25.36 78.99 -43.24
CA MET OB 32 25.05 79.64 -41.97
C MET OB 32 23.56 79.96 -41.83
N ALA OB 33 22.73 79.45 -42.75
CA ALA OB 33 21.30 79.70 -42.70
C ALA OB 33 20.64 78.64 -41.81
N ASN OB 34 19.32 78.51 -41.91
CA ASN OB 34 18.56 77.54 -41.12
C ASN OB 34 17.90 76.52 -42.07
N LYS OB 35 17.06 75.67 -41.50
CA LYS OB 35 16.38 74.65 -42.30
C LYS OB 35 15.26 75.27 -43.15
N LYS OB 36 14.57 76.27 -42.60
CA LYS OB 36 13.49 76.91 -43.35
C LYS OB 36 14.03 77.63 -44.59
N GLU OB 37 15.21 78.24 -44.47
CA GLU OB 37 15.81 78.90 -45.62
C GLU OB 37 16.14 77.89 -46.72
N MET OB 38 16.72 76.75 -46.34
CA MET OB 38 17.02 75.71 -47.33
C MET OB 38 15.74 75.19 -47.97
N LEU OB 39 14.69 75.01 -47.17
CA LEU OB 39 13.41 74.55 -47.72
C LEU OB 39 12.86 75.55 -48.72
N LYS OB 40 12.92 76.84 -48.39
CA LYS OB 40 12.42 77.86 -49.31
C LYS OB 40 13.25 77.90 -50.59
N ILE OB 41 14.57 77.76 -50.46
CA ILE OB 41 15.43 77.76 -51.65
C ILE OB 41 15.11 76.56 -52.54
N LYS OB 42 14.90 75.40 -51.93
CA LYS OB 42 14.55 74.21 -52.70
C LYS OB 42 13.19 74.39 -53.39
N GLN OB 43 12.23 74.97 -52.69
CA GLN OB 43 10.92 75.22 -53.29
C GLN OB 43 11.04 76.17 -54.48
N GLU OB 44 11.82 77.24 -54.32
CA GLU OB 44 12.00 78.18 -55.43
C GLU OB 44 12.69 77.52 -56.61
N GLN OB 45 13.71 76.68 -56.34
CA GLN OB 45 14.40 75.98 -57.41
C GLN OB 45 13.45 75.06 -58.17
N PHE OB 46 12.65 74.29 -57.42
CA PHE OB 46 11.70 73.39 -58.06
C PHE OB 46 10.66 74.15 -58.86
N MET OB 47 10.20 75.29 -58.35
CA MET OB 47 9.23 76.09 -59.07
C MET OB 47 9.83 76.63 -60.37
N LYS OB 48 11.06 77.11 -60.32
CA LYS OB 48 11.70 77.65 -61.52
C LYS OB 48 12.04 76.54 -62.52
N LYS OB 49 12.26 75.31 -62.03
CA LYS OB 49 12.61 74.22 -62.92
C LYS OB 49 11.39 73.62 -63.60
N ILE OB 50 10.35 73.31 -62.83
CA ILE OB 50 9.18 72.61 -63.35
C ILE OB 50 8.06 73.60 -63.65
N VAL OB 51 7.56 74.26 -62.62
CA VAL OB 51 6.41 75.15 -62.77
C VAL OB 51 6.76 76.25 -63.76
N ALA OB 52 5.89 76.44 -64.76
CA ALA OB 52 6.09 77.48 -65.76
C ALA OB 52 5.64 78.85 -65.28
N ASN OB 53 4.87 78.91 -64.20
CA ASN OB 53 4.41 80.17 -63.60
C ASN OB 53 5.02 80.29 -62.21
N PRO OB 54 6.24 80.82 -62.09
CA PRO OB 54 6.87 80.93 -60.77
C PRO OB 54 6.08 81.82 -59.84
N GLU OB 55 6.49 81.81 -58.58
CA GLU OB 55 5.87 82.61 -57.51
C GLU OB 55 4.35 82.60 -57.64
N ASP OB 56 3.78 81.39 -57.58
CA ASP OB 56 2.35 81.21 -57.66
C ASP OB 56 1.76 81.10 -56.25
N THR OB 57 2.07 80.01 -55.55
CA THR OB 57 1.59 79.79 -54.19
C THR OB 57 0.06 79.90 -54.12
N ARG OB 58 -0.61 79.28 -55.09
CA ARG OB 58 -2.06 79.31 -55.14
C ARG OB 58 -2.60 78.14 -55.95
N SER OB 59 -1.96 77.86 -57.08
CA SER OB 59 -2.38 76.75 -57.93
C SER OB 59 -2.04 75.42 -57.25
N LEU OB 60 -2.16 74.33 -57.99
CA LEU OB 60 -1.89 73.01 -57.43
C LEU OB 60 -0.42 72.62 -57.52
N GLU OB 61 0.31 73.15 -58.50
CA GLU OB 61 1.71 72.78 -58.66
C GLU OB 61 2.55 73.27 -57.48
N ALA OB 62 2.40 74.54 -57.11
CA ALA OB 62 3.16 75.08 -55.99
C ALA OB 62 2.80 74.37 -54.69
N ARG OB 63 1.51 74.09 -54.49
CA ARG OB 63 1.08 73.39 -53.28
C ARG OB 63 1.66 71.98 -53.23
N ILE OB 64 1.68 71.28 -54.37
CA ILE OB 64 2.24 69.94 -54.41
C ILE OB 64 3.74 69.99 -54.12
N ILE OB 65 4.44 70.98 -54.66
CA ILE OB 65 5.87 71.11 -54.42
C ILE OB 65 6.13 71.39 -52.94
N ALA OB 66 5.32 72.26 -52.34
CA ALA OB 66 5.48 72.55 -50.91
C ALA OB 66 5.21 71.30 -50.07
N LEU OB 67 4.19 70.53 -50.43
CA LEU OB 67 3.90 69.31 -49.69
C LEU OB 67 5.03 68.30 -49.82
N SER OB 68 5.61 68.19 -51.02
CA SER OB 68 6.74 67.28 -51.22
C SER OB 68 7.95 67.72 -50.40
N VAL OB 69 8.21 69.03 -50.35
CA VAL OB 69 9.33 69.53 -49.57
C VAL OB 69 9.09 69.27 -48.08
N LYS OB 70 7.84 69.44 -47.63
CA LYS OB 70 7.53 69.17 -46.23
C LYS OB 70 7.69 67.69 -45.91
N ILE OB 71 7.30 66.81 -46.83
CA ILE OB 71 7.48 65.38 -46.63
C ILE OB 71 8.96 65.04 -46.57
N ARG OB 72 9.77 65.66 -47.42
CA ARG OB 72 11.21 65.44 -47.38
C ARG OB 72 11.79 65.89 -46.05
N SER OB 73 11.34 67.05 -45.55
CA SER OB 73 11.81 67.52 -44.24
C SER OB 73 11.41 66.58 -43.13
N TYR OB 74 10.17 66.07 -43.17
CA TYR OB 74 9.73 65.11 -42.16
C TYR OB 74 10.55 63.83 -42.23
N GLU OB 75 10.90 63.38 -43.43
CA GLU OB 75 11.76 62.21 -43.56
C GLU OB 75 13.13 62.46 -42.96
N GLU OB 76 13.74 63.60 -43.31
CA GLU OB 76 15.05 63.93 -42.75
C GLU OB 76 15.00 64.00 -41.23
N HIS OB 77 13.89 64.50 -40.68
CA HIS OB 77 13.76 64.56 -39.23
C HIS OB 77 13.63 63.16 -38.63
N LEU OB 78 12.72 62.34 -39.16
CA LEU OB 78 12.51 61.00 -38.64
C LEU OB 78 13.74 60.11 -38.83
N GLU OB 79 14.67 60.50 -39.70
CA GLU OB 79 15.92 59.76 -39.87
C GLU OB 79 16.53 59.46 -38.50
N LYS OB 80 16.93 60.51 -37.78
CA LYS OB 80 17.41 60.37 -36.41
C LYS OB 80 16.25 60.59 -35.45
N HIS OB 81 16.26 59.84 -34.34
CA HIS OB 81 15.20 59.89 -33.34
C HIS OB 81 13.86 59.47 -33.97
N ARG OB 82 13.79 58.17 -34.28
CA ARG OB 82 12.61 57.62 -34.94
C ARG OB 82 11.42 57.46 -34.01
N LYS OB 83 11.64 57.52 -32.69
CA LYS OB 83 10.55 57.33 -31.74
C LYS OB 83 9.49 58.42 -31.85
N ASP OB 84 9.85 59.58 -32.40
CA ASP OB 84 8.87 60.65 -32.59
C ASP OB 84 7.80 60.22 -33.58
N LYS OB 85 6.73 59.59 -33.07
CA LYS OB 85 5.69 59.05 -33.93
C LYS OB 85 4.67 60.11 -34.34
N ALA OB 86 4.57 61.22 -33.61
CA ALA OB 86 3.72 62.32 -34.06
C ALA OB 86 4.19 62.85 -35.40
N HIS OB 87 5.50 62.95 -35.59
CA HIS OB 87 6.03 63.36 -36.89
C HIS OB 87 5.76 62.31 -37.96
N LYS OB 88 5.74 61.03 -37.59
CA LYS OB 88 5.37 59.99 -38.54
C LYS OB 88 3.91 60.14 -38.98
N ARG OB 89 3.03 60.46 -38.03
CA ARG OB 89 1.62 60.69 -38.37
C ARG OB 89 1.48 61.91 -39.28
N TYR OB 90 2.19 62.99 -38.96
CA TYR OB 90 2.18 64.17 -39.82
C TYR OB 90 2.68 63.82 -41.22
N LEU OB 91 3.73 62.99 -41.31
CA LEU OB 91 4.26 62.58 -42.59
C LEU OB 91 3.23 61.79 -43.38
N LEU OB 92 2.54 60.86 -42.72
CA LEU OB 92 1.51 60.08 -43.41
C LEU OB 92 0.39 60.98 -43.90
N MET OB 93 -0.05 61.93 -43.07
CA MET OB 93 -1.10 62.84 -43.49
C MET OB 93 -0.65 63.71 -44.67
N SER OB 94 0.60 64.15 -44.65
CA SER OB 94 1.11 64.96 -45.75
C SER OB 94 1.21 64.14 -47.03
N ILE OB 95 1.61 62.87 -46.92
CA ILE OB 95 1.66 62.01 -48.10
C ILE OB 95 0.26 61.79 -48.66
N ASP OB 96 -0.72 61.62 -47.78
CA ASP OB 96 -2.11 61.47 -48.24
C ASP OB 96 -2.59 62.73 -48.95
N GLN OB 97 -2.28 63.90 -48.38
CA GLN OB 97 -2.67 65.15 -49.01
C GLN OB 97 -1.99 65.33 -50.36
N ARG OB 98 -0.72 64.93 -50.46
CA ARG OB 98 -0.01 65.03 -51.72
C ARG OB 98 -0.61 64.09 -52.76
N LYS OB 99 -1.01 62.89 -52.34
CA LYS OB 99 -1.67 61.97 -53.26
C LYS OB 99 -3.00 62.55 -53.75
N LYS OB 100 -3.76 63.15 -52.84
CA LYS OB 100 -5.02 63.78 -53.24
C LYS OB 100 -4.78 64.91 -54.22
N MET OB 101 -3.77 65.74 -53.97
CA MET OB 101 -3.47 66.84 -54.87
C MET OB 101 -3.01 66.34 -56.24
N LEU OB 102 -2.21 65.27 -56.25
CA LEU OB 102 -1.79 64.69 -57.52
C LEU OB 102 -2.96 64.12 -58.30
N LYS OB 103 -3.89 63.46 -57.61
CA LYS OB 103 -5.10 62.97 -58.27
C LYS OB 103 -5.90 64.12 -58.87
N ASN OB 104 -6.07 65.20 -58.10
CA ASN OB 104 -6.81 66.35 -58.59
C ASN OB 104 -6.12 66.95 -59.82
N LEU OB 105 -4.80 67.10 -59.77
CA LEU OB 105 -4.07 67.65 -60.90
C LEU OB 105 -4.20 66.77 -62.13
N ARG OB 106 -4.08 65.46 -61.96
CA ARG OB 106 -4.25 64.55 -63.09
C ARG OB 106 -5.65 64.64 -63.67
N ASN OB 107 -6.66 64.76 -62.81
CA ASN OB 107 -8.03 64.90 -63.29
C ASN OB 107 -8.23 66.23 -64.02
N THR OB 108 -7.50 67.27 -63.62
CA THR OB 108 -7.64 68.56 -64.27
C THR OB 108 -6.74 68.67 -65.50
N ASN OB 109 -5.51 68.17 -65.42
CA ASN OB 109 -4.58 68.23 -66.53
C ASN OB 109 -3.72 66.98 -66.53
N TYR OB 110 -3.55 66.38 -67.71
CA TYR OB 110 -2.72 65.18 -67.86
C TYR OB 110 -1.31 65.48 -68.32
N ASP OB 111 -1.15 66.39 -69.30
CA ASP OB 111 0.19 66.75 -69.75
C ASP OB 111 0.98 67.43 -68.64
N VAL OB 112 0.35 68.39 -67.95
CA VAL OB 112 1.02 69.06 -66.83
C VAL OB 112 1.31 68.07 -65.72
N PHE OB 113 0.41 67.11 -65.50
CA PHE OB 113 0.63 66.10 -64.48
C PHE OB 113 1.86 65.25 -64.81
N GLU OB 114 1.97 64.81 -66.06
CA GLU OB 114 3.13 64.03 -66.47
C GLU OB 114 4.41 64.85 -66.37
N LYS OB 115 4.33 66.13 -66.73
CA LYS OB 115 5.50 67.01 -66.62
C LYS OB 115 5.96 67.12 -65.17
N ILE OB 116 5.01 67.33 -64.26
CA ILE OB 116 5.35 67.47 -62.84
C ILE OB 116 5.90 66.15 -62.30
N CYS OB 117 5.35 65.03 -62.75
CA CYS OB 117 5.84 63.72 -62.30
C CYS OB 117 7.27 63.49 -62.79
N TRP OB 118 7.57 63.86 -64.03
CA TRP OB 118 8.92 63.71 -64.55
C TRP OB 118 9.89 64.66 -63.87
N GLY OB 119 9.44 65.86 -63.50
CA GLY OB 119 10.29 66.82 -62.85
C GLY OB 119 10.60 66.46 -61.41
N LEU OB 120 9.57 66.41 -60.57
CA LEU OB 120 9.77 66.08 -59.16
C LEU OB 120 10.35 64.67 -59.00
N GLY OB 121 9.85 63.72 -59.79
CA GLY OB 121 10.30 62.35 -59.74
C GLY OB 121 9.41 61.41 -58.95
N ILE OB 122 8.43 61.95 -58.23
CA ILE OB 122 7.51 61.11 -57.45
C ILE OB 122 6.65 60.32 -58.43
N GLU OB 123 6.90 59.01 -58.52
CA GLU OB 123 6.14 58.17 -59.43
C GLU OB 123 4.68 58.08 -58.99
N TYR OB 124 3.79 58.00 -59.98
CA TYR OB 124 2.35 57.90 -59.73
C TYR OB 124 1.98 56.43 -59.75
N THR OB 125 1.94 55.83 -58.56
CA THR OB 125 1.60 54.42 -58.40
C THR OB 125 0.16 54.31 -57.91
N PHE OB 126 -0.61 53.43 -58.53
CA PHE OB 126 -2.00 53.23 -58.13
C PHE OB 126 -2.06 52.72 -56.70
N PRO OB 127 -3.09 53.09 -55.94
CA PRO OB 127 -3.18 52.63 -54.55
C PRO OB 127 -3.76 51.22 -54.49
N PRO OB 128 -3.47 50.47 -53.43
CA PRO OB 128 -4.03 49.12 -53.32
C PRO OB 128 -5.55 49.17 -53.17
N LEU OB 129 -6.23 48.26 -53.88
CA LEU OB 129 -7.68 48.23 -53.87
C LEU OB 129 -8.22 48.00 -52.46
N TYR OB 130 -8.23 46.75 -52.02
CA TYR OB 130 -8.76 46.38 -50.71
C TYR OB 130 -7.62 46.11 -49.74
N TYR OB 131 -7.89 46.38 -48.46
CA TYR OB 131 -6.91 46.16 -47.40
C TYR OB 131 -7.31 44.99 -46.52
N ARG OB 132 -7.47 43.81 -47.12
CA ARG OB 132 -7.89 42.63 -46.37
C ARG OB 132 -6.91 42.25 -45.27
N ARG OB 133 -5.69 42.81 -45.27
CA ARG OB 133 -4.71 42.50 -44.24
C ARG OB 133 -4.37 41.02 -44.26
N ALA OB 134 -3.54 40.60 -45.21
CA ALA OB 134 -3.17 39.20 -45.31
C ALA OB 134 -2.37 38.76 -44.08
N HIS OB 135 -2.57 37.51 -43.68
CA HIS OB 135 -1.88 36.91 -42.55
C HIS OB 135 -1.11 35.68 -43.01
N ARG OB 136 -0.37 35.08 -42.08
CA ARG OB 136 0.45 33.91 -42.41
C ARG OB 136 -0.39 32.83 -43.07
N ARG OB 137 -1.55 32.53 -42.50
CA ARG OB 137 -2.42 31.50 -43.07
C ARG OB 137 -2.85 31.86 -44.49
N PHE OB 138 -3.36 33.09 -44.67
CA PHE OB 138 -3.77 33.51 -46.00
C PHE OB 138 -2.58 33.61 -46.95
N VAL OB 139 -1.42 34.02 -46.45
CA VAL OB 139 -0.23 34.12 -47.30
C VAL OB 139 0.14 32.75 -47.84
N THR OB 140 0.25 31.76 -46.96
CA THR OB 140 0.60 30.41 -47.41
C THR OB 140 -0.51 29.82 -48.28
N LYS OB 141 -1.77 30.15 -48.00
CA LYS OB 141 -2.86 29.67 -48.86
C LYS OB 141 -2.73 30.23 -50.26
N LYS OB 142 -2.44 31.52 -50.39
CA LYS OB 142 -2.28 32.13 -51.70
C LYS OB 142 -1.06 31.57 -52.43
N ALA OB 143 0.02 31.32 -51.69
CA ALA OB 143 1.21 30.73 -52.29
C ALA OB 143 0.92 29.34 -52.83
N LEU OB 144 0.23 28.51 -52.03
CA LEU OB 144 -0.14 27.18 -52.47
C LEU OB 144 -1.08 27.25 -53.66
N CYS OB 145 -2.00 28.21 -53.67
CA CYS OB 145 -2.92 28.36 -54.80
C CYS OB 145 -2.17 28.72 -56.07
N ILE OB 146 -1.20 29.62 -55.98
CA ILE OB 146 -0.41 30.00 -57.15
C ILE OB 146 0.41 28.81 -57.64
N ARG OB 147 0.99 28.05 -56.72
CA ARG OB 147 1.76 26.88 -57.11
C ARG OB 147 0.87 25.84 -57.80
N VAL OB 148 -0.32 25.61 -57.26
CA VAL OB 148 -1.23 24.64 -57.87
C VAL OB 148 -1.71 25.14 -59.23
N PHE OB 149 -1.89 26.46 -59.37
CA PHE OB 149 -2.28 27.01 -60.67
C PHE OB 149 -1.19 26.78 -61.70
N GLN OB 150 0.07 27.05 -61.34
CA GLN OB 150 1.18 26.80 -62.25
C GLN OB 150 1.26 25.31 -62.61
N GLU OB 151 1.10 24.44 -61.61
CA GLU OB 151 1.21 23.00 -61.87
C GLU OB 151 0.10 22.51 -62.78
N THR OB 152 -1.14 22.95 -62.56
CA THR OB 152 -2.24 22.53 -63.41
C THR OB 152 -2.13 23.14 -64.81
N GLN OB 153 -1.57 24.35 -64.92
CA GLN OB 153 -1.31 24.90 -66.24
C GLN OB 153 -0.31 24.05 -67.00
N LYS OB 154 0.78 23.66 -66.34
CA LYS OB 154 1.76 22.78 -66.97
C LYS OB 154 1.13 21.45 -67.35
N LEU OB 155 0.27 20.90 -66.47
CA LEU OB 155 -0.38 19.63 -66.77
C LEU OB 155 -1.31 19.74 -67.97
N LYS OB 156 -2.06 20.83 -68.06
CA LYS OB 156 -2.94 21.03 -69.22
C LYS OB 156 -2.13 21.21 -70.49
N LYS OB 157 -1.00 21.92 -70.41
CA LYS OB 157 -0.13 22.05 -71.57
C LYS OB 157 0.39 20.69 -72.03
N ARG OB 158 0.81 19.85 -71.07
CA ARG OB 158 1.28 18.52 -71.42
C ARG OB 158 0.16 17.68 -72.04
N ARG OB 159 -1.05 17.78 -71.48
CA ARG OB 159 -2.18 17.03 -72.03
C ARG OB 159 -2.49 17.47 -73.45
N ARG OB 160 -2.45 18.79 -73.71
CA ARG OB 160 -2.69 19.28 -75.06
C ARG OB 160 -1.59 18.80 -76.01
N ALA OB 161 -0.34 18.80 -75.56
CA ALA OB 161 0.76 18.32 -76.39
C ALA OB 161 0.72 16.81 -76.57
N LEU OB 162 -0.05 16.10 -75.75
CA LEU OB 162 -0.14 14.64 -75.88
C LEU OB 162 -0.55 14.24 -77.29
N LYS OB 163 -1.54 14.93 -77.85
CA LYS OB 163 -2.02 14.65 -79.21
C LYS OB 163 -0.93 15.04 -80.20
N ALA OB 164 0.09 14.19 -80.30
CA ALA OB 164 1.20 14.43 -81.20
C ALA OB 164 1.87 15.77 -80.90
N LYS PB 1 -43.74 25.70 -71.13
CA LYS PB 1 -43.65 24.27 -71.33
C LYS PB 1 -43.54 23.93 -72.81
N ALA PB 2 -42.52 23.17 -73.18
CA ALA PB 2 -42.29 22.79 -74.56
C ALA PB 2 -43.19 21.60 -74.89
N TYR PB 3 -44.24 21.85 -75.68
CA TYR PB 3 -45.17 20.81 -76.08
C TYR PB 3 -44.76 20.21 -77.43
N ARG PB 4 -45.25 19.01 -77.68
CA ARG PB 4 -44.98 18.31 -78.94
C ARG PB 4 -45.68 19.06 -80.07
N GLY PB 5 -45.04 20.12 -80.54
CA GLY PB 5 -45.61 20.94 -81.59
C GLY PB 5 -46.90 21.61 -81.19
N GLY PB 6 -46.97 22.12 -79.98
CA GLY PB 6 -48.17 22.77 -79.47
C GLY PB 6 -48.57 23.97 -80.30
N HIS PB 7 -49.37 23.74 -81.33
CA HIS PB 7 -49.86 24.81 -82.19
C HIS PB 7 -51.11 25.45 -81.59
N LEU PB 8 -51.32 26.72 -81.91
CA LEU PB 8 -52.47 27.45 -81.38
C LEU PB 8 -53.76 26.79 -81.85
N THR PB 9 -54.67 26.55 -80.91
CA THR PB 9 -55.96 25.91 -81.19
C THR PB 9 -57.01 26.54 -80.30
N ILE PB 10 -57.89 27.34 -80.89
CA ILE PB 10 -58.97 27.99 -80.13
C ILE PB 10 -59.89 26.91 -79.57
N ARG PB 11 -59.81 26.69 -78.27
CA ARG PB 11 -60.60 25.67 -77.59
C ARG PB 11 -61.43 26.30 -76.49
N LEU PB 12 -62.35 25.51 -75.95
CA LEU PB 12 -63.23 25.96 -74.88
C LEU PB 12 -62.55 25.79 -73.52
N ALA PB 13 -63.18 26.37 -72.49
CA ALA PB 13 -62.64 26.31 -71.15
C ALA PB 13 -63.78 26.51 -70.16
N LEU PB 14 -63.89 25.61 -69.19
CA LEU PB 14 -64.94 25.73 -68.18
C LEU PB 14 -64.70 26.93 -67.29
N GLY PB 15 -65.75 27.32 -66.57
CA GLY PB 15 -65.67 28.45 -65.66
C GLY PB 15 -66.90 28.59 -64.77
N GLY PB 16 -67.53 27.46 -64.46
CA GLY PB 16 -68.72 27.45 -63.63
C GLY PB 16 -68.57 26.51 -62.46
N CYS PB 17 -69.62 26.48 -61.64
CA CYS PB 17 -69.66 25.64 -60.44
C CYS PB 17 -70.48 24.38 -60.70
N THR PB 18 -70.47 23.48 -59.72
CA THR PB 18 -71.27 22.28 -59.82
C THR PB 18 -72.74 22.63 -60.01
N ASN PB 19 -73.42 21.89 -60.88
CA ASN PB 19 -74.79 22.19 -61.27
C ASN PB 19 -74.91 23.55 -61.95
N ARG PB 20 -73.79 24.05 -62.49
CA ARG PB 20 -73.76 25.37 -63.11
C ARG PB 20 -72.76 25.33 -64.27
N PRO PB 21 -73.15 24.71 -65.38
CA PRO PB 21 -72.24 24.63 -66.54
C PRO PB 21 -72.00 26.02 -67.13
N PHE PB 22 -70.73 26.40 -67.19
CA PHE PB 22 -70.32 27.67 -67.79
C PHE PB 22 -69.01 27.46 -68.54
N TYR PB 23 -68.91 28.08 -69.72
CA TYR PB 23 -67.77 27.88 -70.61
C TYR PB 23 -67.25 29.24 -71.07
N ARG PB 24 -66.14 29.21 -71.82
CA ARG PB 24 -65.50 30.43 -72.27
C ARG PB 24 -64.46 30.10 -73.35
N ILE PB 25 -64.77 30.44 -74.60
CA ILE PB 25 -63.82 30.21 -75.69
C ILE PB 25 -62.54 30.98 -75.41
N VAL PB 26 -61.40 30.31 -75.59
CA VAL PB 26 -60.10 30.91 -75.33
C VAL PB 26 -59.13 30.41 -76.40
N ALA PB 27 -58.23 31.30 -76.84
CA ALA PB 27 -57.24 30.97 -77.85
C ALA PB 27 -56.02 30.39 -77.14
N ALA PB 28 -56.06 29.09 -76.87
CA ALA PB 28 -54.99 28.39 -76.18
C ALA PB 28 -54.32 27.40 -77.15
N HIS PB 29 -53.36 26.65 -76.62
CA HIS PB 29 -52.63 25.68 -77.42
C HIS PB 29 -53.47 24.40 -77.59
N ASN PB 30 -52.94 23.46 -78.37
CA ASN PB 30 -53.63 22.20 -78.61
C ASN PB 30 -53.41 21.19 -77.50
N LYS PB 31 -52.38 21.37 -76.67
CA LYS PB 31 -52.07 20.46 -75.58
C LYS PB 31 -52.13 21.10 -74.21
N CYS PB 32 -52.20 22.43 -74.11
CA CYS PB 32 -52.24 23.09 -72.82
C CYS PB 32 -53.51 22.70 -72.07
N PRO PB 33 -53.54 22.90 -70.76
CA PRO PB 33 -54.75 22.56 -69.98
C PRO PB 33 -55.94 23.40 -70.43
N ARG PB 34 -57.12 22.95 -70.00
CA ARG PB 34 -58.35 23.69 -70.30
C ARG PB 34 -58.29 25.09 -69.72
N ASP PB 35 -58.20 25.19 -68.39
CA ASP PB 35 -58.06 26.47 -67.70
C ASP PB 35 -56.61 26.84 -67.44
N GLY PB 36 -55.70 26.48 -68.34
CA GLY PB 36 -54.29 26.77 -68.19
C GLY PB 36 -53.88 28.04 -68.90
N ARG PB 37 -52.60 28.11 -69.25
CA ARG PB 37 -52.07 29.29 -69.92
C ARG PB 37 -52.75 29.49 -71.27
N PHE PB 38 -52.87 30.75 -71.66
CA PHE PB 38 -53.49 31.11 -72.93
C PHE PB 38 -52.90 32.43 -73.41
N VAL PB 39 -53.11 32.73 -74.68
CA VAL PB 39 -52.60 33.96 -75.29
C VAL PB 39 -53.61 35.07 -75.09
N GLU PB 40 -54.70 35.02 -75.86
CA GLU PB 40 -55.76 36.02 -75.81
C GLU PB 40 -57.07 35.37 -75.43
N GLN PB 41 -57.94 36.15 -74.78
CA GLN PB 41 -59.26 35.69 -74.37
C GLN PB 41 -60.31 36.30 -75.27
N LEU PB 42 -61.23 35.46 -75.75
CA LEU PB 42 -62.29 35.90 -76.64
C LEU PB 42 -63.59 36.06 -75.84
N GLY PB 43 -64.67 36.38 -76.55
CA GLY PB 43 -65.96 36.56 -75.92
C GLY PB 43 -66.46 35.30 -75.23
N SER PB 44 -66.77 35.42 -73.94
CA SER PB 44 -67.21 34.28 -73.17
C SER PB 44 -68.52 33.71 -73.74
N TYR PB 45 -68.80 32.47 -73.37
CA TYR PB 45 -69.99 31.75 -73.83
C TYR PB 45 -70.98 31.62 -72.69
N ASP PB 46 -72.26 31.89 -72.99
CA ASP PB 46 -73.34 31.82 -72.01
C ASP PB 46 -74.25 30.65 -72.36
N PRO PB 47 -74.03 29.46 -71.80
CA PRO PB 47 -74.87 28.31 -72.15
C PRO PB 47 -76.26 28.38 -71.54
N LEU PB 48 -76.33 28.49 -70.22
CA LEU PB 48 -77.62 28.51 -69.55
C LEU PB 48 -78.39 29.78 -69.91
N PRO PB 49 -79.71 29.68 -70.16
CA PRO PB 49 -80.48 30.90 -70.42
C PRO PB 49 -81.01 31.53 -69.15
N ASN PB 50 -81.87 32.54 -69.29
CA ASN PB 50 -82.46 33.22 -68.14
C ASN PB 50 -83.76 33.90 -68.55
N SER PB 51 -84.05 35.07 -68.00
CA SER PB 51 -85.24 35.82 -68.38
C SER PB 51 -85.29 36.03 -69.88
N HIS PB 52 -86.31 35.45 -70.52
CA HIS PB 52 -86.49 35.53 -71.98
C HIS PB 52 -85.21 35.16 -72.73
N GLY PB 53 -84.36 34.35 -72.10
CA GLY PB 53 -83.14 33.90 -72.74
C GLY PB 53 -82.12 35.00 -72.95
N GLU PB 54 -80.85 34.68 -72.72
CA GLU PB 54 -79.77 35.65 -72.93
C GLU PB 54 -78.51 34.94 -73.42
N LYS PB 55 -78.68 34.02 -74.36
CA LYS PB 55 -77.53 33.31 -74.93
C LYS PB 55 -76.62 34.29 -75.66
N LEU PB 56 -75.74 34.95 -74.92
CA LEU PB 56 -74.87 35.97 -75.47
C LEU PB 56 -73.53 35.37 -75.86
N VAL PB 57 -73.02 35.79 -77.02
CA VAL PB 57 -71.72 35.33 -77.52
C VAL PB 57 -71.11 36.48 -78.32
N ALA PB 58 -69.80 36.67 -78.15
CA ALA PB 58 -69.09 37.74 -78.84
C ALA PB 58 -67.74 37.20 -79.33
N LEU PB 59 -67.16 37.94 -80.27
CA LEU PB 59 -65.88 37.56 -80.86
C LEU PB 59 -65.14 38.83 -81.26
N ASN PB 60 -63.81 38.81 -81.10
CA ASN PB 60 -62.96 39.91 -81.53
C ASN PB 60 -62.27 39.47 -82.81
N LEU PB 61 -62.95 39.69 -83.94
CA LEU PB 61 -62.43 39.23 -85.22
C LEU PB 61 -61.09 39.87 -85.55
N ASP PB 62 -60.90 41.14 -85.17
CA ASP PB 62 -59.68 41.86 -85.51
C ASP PB 62 -58.44 41.06 -85.14
N ARG PB 63 -58.46 40.39 -83.99
CA ARG PB 63 -57.34 39.56 -83.55
C ARG PB 63 -57.56 38.07 -83.77
N ILE PB 64 -58.82 37.62 -83.77
CA ILE PB 64 -59.10 36.20 -84.00
C ILE PB 64 -58.64 35.79 -85.39
N ARG PB 65 -59.00 36.60 -86.40
CA ARG PB 65 -58.60 36.28 -87.77
C ARG PB 65 -57.09 36.34 -87.92
N HIS PB 66 -56.44 37.29 -87.24
CA HIS PB 66 -54.98 37.38 -87.29
C HIS PB 66 -54.34 36.12 -86.72
N TRP PB 67 -54.78 35.70 -85.53
CA TRP PB 67 -54.21 34.49 -84.92
C TRP PB 67 -54.53 33.25 -85.74
N ILE PB 68 -55.68 33.24 -86.42
CA ILE PB 68 -56.00 32.10 -87.29
C ILE PB 68 -55.06 32.04 -88.47
N GLY PB 69 -54.87 33.18 -89.14
CA GLY PB 69 -53.92 33.24 -90.25
C GLY PB 69 -52.49 33.02 -89.83
N CYS PB 70 -52.18 33.20 -88.55
CA CYS PB 70 -50.83 32.98 -88.03
C CYS PB 70 -50.47 31.51 -87.88
N GLY PB 71 -51.36 30.60 -88.28
CA GLY PB 71 -51.08 29.19 -88.20
C GLY PB 71 -51.83 28.46 -87.10
N ALA PB 72 -52.94 29.00 -86.62
CA ALA PB 72 -53.72 28.36 -85.57
C ALA PB 72 -54.86 27.54 -86.17
N HIS PB 73 -55.19 26.45 -85.49
CA HIS PB 73 -56.26 25.55 -85.92
C HIS PB 73 -57.52 25.82 -85.10
N LEU PB 74 -58.60 25.13 -85.47
CA LEU PB 74 -59.89 25.26 -84.81
C LEU PB 74 -60.39 23.89 -84.39
N SER PB 75 -61.13 23.86 -83.28
CA SER PB 75 -61.70 22.62 -82.77
C SER PB 75 -63.11 22.44 -83.30
N LYS PB 76 -63.70 21.28 -82.97
CA LYS PB 76 -65.07 21.00 -83.42
C LYS PB 76 -66.08 21.95 -82.80
N PRO PB 77 -66.10 22.16 -81.48
CA PRO PB 77 -67.03 23.15 -80.91
C PRO PB 77 -66.78 24.55 -81.44
N MET PB 78 -65.53 24.90 -81.78
CA MET PB 78 -65.26 26.20 -82.38
C MET PB 78 -65.98 26.33 -83.72
N GLU PB 79 -65.90 25.29 -84.55
CA GLU PB 79 -66.61 25.30 -85.82
C GLU PB 79 -68.12 25.35 -85.60
N LYS PB 80 -68.62 24.63 -84.60
CA LYS PB 80 -70.04 24.67 -84.29
C LYS PB 80 -70.48 26.08 -83.92
N LEU PB 81 -69.71 26.76 -83.08
CA LEU PB 81 -70.05 28.13 -82.69
C LEU PB 81 -69.95 29.07 -83.88
N LEU PB 82 -68.95 28.90 -84.73
CA LEU PB 82 -68.81 29.74 -85.92
C LEU PB 82 -70.01 29.56 -86.85
N GLY PB 83 -70.48 28.32 -87.01
CA GLY PB 83 -71.65 28.09 -87.83
C GLY PB 83 -72.92 28.65 -87.21
N LEU PB 84 -73.06 28.53 -85.89
CA LEU PB 84 -74.21 29.09 -85.21
C LEU PB 84 -74.23 30.61 -85.28
N ALA PB 85 -73.06 31.24 -85.32
CA ALA PB 85 -72.99 32.69 -85.40
C ALA PB 85 -73.16 33.18 -86.83
N GLY PB 86 -72.60 32.45 -87.79
CA GLY PB 86 -72.69 32.82 -89.20
C GLY PB 86 -71.38 33.23 -89.82
N PHE PB 87 -70.29 33.31 -89.05
CA PHE PB 87 -68.99 33.66 -89.61
C PHE PB 87 -68.59 32.67 -90.70
N PHE PB 88 -68.50 31.39 -90.34
CA PHE PB 88 -68.23 30.33 -91.29
C PHE PB 88 -69.53 29.69 -91.76
N PRO PB 89 -69.51 28.95 -92.86
CA PRO PB 89 -70.73 28.30 -93.34
C PRO PB 89 -71.28 27.34 -92.30
N LEU PB 90 -72.57 27.02 -92.44
CA LEU PB 90 -73.23 26.12 -91.51
C LEU PB 90 -72.52 24.78 -91.46
N HIS PB 91 -72.21 24.32 -90.26
CA HIS PB 91 -71.50 23.05 -90.11
C HIS PB 91 -72.36 21.91 -90.64
N PRO PB 92 -71.78 20.98 -91.42
CA PRO PB 92 -72.60 19.86 -91.93
C PRO PB 92 -73.13 18.96 -90.82
N MET PB 93 -72.41 18.84 -89.71
CA MET PB 93 -72.91 18.03 -88.59
C MET PB 93 -74.22 18.59 -88.07
N MET PB 94 -74.34 19.92 -88.02
CA MET PB 94 -75.60 20.53 -87.58
C MET PB 94 -76.73 20.18 -88.53
N ILE PB 95 -76.45 20.15 -89.84
CA ILE PB 95 -77.48 19.80 -90.81
C ILE PB 95 -77.89 18.34 -90.67
N THR PB 96 -76.92 17.46 -90.42
CA THR PB 96 -77.25 16.05 -90.20
C THR PB 96 -78.09 15.88 -88.95
N ASN PB 97 -77.75 16.62 -87.88
CA ASN PB 97 -78.54 16.55 -86.66
C ASN PB 97 -79.96 17.06 -86.90
N ALA PB 98 -80.10 18.13 -87.68
CA ALA PB 98 -81.42 18.65 -87.99
C ALA PB 98 -82.24 17.65 -88.81
N GLU PB 99 -81.59 16.99 -89.77
CA GLU PB 99 -82.29 15.97 -90.56
C GLU PB 99 -82.71 14.80 -89.69
N ARG PB 100 -81.84 14.38 -88.77
CA ARG PB 100 -82.20 13.29 -87.86
C ARG PB 100 -83.36 13.70 -86.95
N LEU PB 101 -83.37 14.95 -86.50
CA LEU PB 101 -84.47 15.43 -85.67
C LEU PB 101 -85.77 15.47 -86.47
N ARG PB 102 -85.70 15.88 -87.74
CA ARG PB 102 -86.89 15.86 -88.57
C ARG PB 102 -87.41 14.45 -88.79
N ARG PB 103 -86.50 13.50 -89.00
CA ARG PB 103 -86.92 12.10 -89.17
C ARG PB 103 -87.53 11.56 -87.88
N LYS PB 104 -86.96 11.94 -86.73
CA LYS PB 104 -87.52 11.51 -85.45
C LYS PB 104 -88.90 12.12 -85.22
N ARG PB 105 -89.09 13.37 -85.63
CA ARG PB 105 -90.41 13.98 -85.52
C ARG PB 105 -91.42 13.30 -86.44
N ALA PB 106 -90.98 12.91 -87.64
CA ALA PB 106 -91.87 12.17 -88.53
C ALA PB 106 -92.24 10.82 -87.93
N ARG PB 107 -91.28 10.14 -87.32
CA ARG PB 107 -91.57 8.86 -86.66
C ARG PB 107 -92.53 9.07 -85.49
N GLU PB 108 -92.37 10.16 -84.74
CA GLU PB 108 -93.28 10.44 -83.64
C GLU PB 108 -94.69 10.72 -84.15
N VAL PB 109 -94.80 11.44 -85.27
CA VAL PB 109 -96.11 11.68 -85.86
C VAL PB 109 -96.74 10.37 -86.32
N LEU PB 110 -95.93 9.48 -86.91
CA LEU PB 110 -96.44 8.17 -87.31
C LEU PB 110 -96.93 7.39 -86.10
N LEU PB 111 -96.19 7.42 -85.00
CA LEU PB 111 -96.62 6.72 -83.79
C LEU PB 111 -97.91 7.32 -83.25
N ALA PB 112 -98.02 8.65 -83.24
CA ALA PB 112 -99.24 9.30 -82.77
C ALA PB 112 -100.43 8.91 -83.63
N SER PB 113 -100.23 8.82 -84.95
CA SER PB 113 -101.31 8.37 -85.83
C SER PB 113 -101.65 6.91 -85.57
N GLN PB 114 -100.66 6.09 -85.22
CA GLN PB 114 -100.92 4.69 -84.92
C GLN PB 114 -101.64 4.53 -83.59
N LYS PB 115 -101.50 5.50 -82.69
CA LYS PB 115 -102.18 5.40 -81.39
C LYS PB 115 -103.66 5.16 -81.56
N THR PB 116 -104.29 5.84 -82.52
CA THR PB 116 -105.72 5.68 -82.76
C THR PB 116 -106.03 4.26 -83.24
N ARG QB 1 -27.65 37.21 -84.69
CA ARG QB 1 -27.23 38.46 -85.31
C ARG QB 1 -26.98 39.53 -84.26
N SER QB 2 -28.05 40.12 -83.74
CA SER QB 2 -27.98 41.16 -82.72
C SER QB 2 -28.47 40.56 -81.40
N SER QB 3 -27.63 39.73 -80.78
CA SER QB 3 -28.00 39.06 -79.55
C SER QB 3 -27.77 39.94 -78.33
N VAL QB 4 -26.80 40.84 -78.38
CA VAL QB 4 -26.50 41.69 -77.23
C VAL QB 4 -27.72 42.55 -76.89
N HIS QB 5 -27.86 42.88 -75.61
CA HIS QB 5 -28.98 43.70 -75.14
C HIS QB 5 -28.54 45.17 -75.07
N ALA QB 6 -27.62 45.49 -74.16
CA ALA QB 6 -27.12 46.84 -74.01
C ALA QB 6 -26.32 47.23 -75.24
N ARG QB 7 -26.88 48.10 -76.07
CA ARG QB 7 -26.21 48.53 -77.30
C ARG QB 7 -25.21 49.64 -77.02
N TRP QB 8 -25.69 50.88 -76.97
CA TRP QB 8 -24.83 52.02 -76.70
C TRP QB 8 -24.57 52.13 -75.21
N ILE QB 9 -23.30 52.31 -74.85
CA ILE QB 9 -22.89 52.37 -73.45
C ILE QB 9 -21.68 53.28 -73.34
N VAL QB 10 -21.65 54.08 -72.27
CA VAL QB 10 -20.55 55.01 -72.01
C VAL QB 10 -20.19 54.94 -70.54
N GLY QB 11 -19.18 54.14 -70.20
CA GLY QB 11 -18.78 53.94 -68.82
C GLY QB 11 -17.36 54.42 -68.56
N LYS QB 12 -16.93 54.20 -67.32
CA LYS QB 12 -15.60 54.61 -66.88
C LYS QB 12 -14.62 53.45 -67.04
N VAL QB 13 -13.41 53.75 -67.48
CA VAL QB 13 -12.38 52.74 -67.71
C VAL QB 13 -11.60 52.52 -66.43
N ILE QB 14 -11.25 51.27 -66.17
CA ILE QB 14 -10.49 50.90 -64.97
C ILE QB 14 -9.41 49.90 -65.36
N GLY QB 15 -9.82 48.69 -65.75
CA GLY QB 15 -8.87 47.66 -66.13
C GLY QB 15 -8.32 47.90 -67.52
N THR QB 16 -7.00 47.86 -67.65
CA THR QB 16 -6.35 48.06 -68.93
C THR QB 16 -5.14 47.15 -69.16
N LYS QB 17 -4.75 46.35 -68.17
CA LYS QB 17 -3.59 45.45 -68.32
C LYS QB 17 -4.05 44.14 -68.96
N MET QB 18 -4.45 44.26 -70.23
CA MET QB 18 -4.89 43.10 -71.00
C MET QB 18 -4.70 43.42 -72.48
N GLN QB 19 -4.67 42.35 -73.28
CA GLN QB 19 -4.39 42.49 -74.71
C GLN QB 19 -5.67 42.80 -75.47
N LYS QB 20 -5.69 43.95 -76.14
CA LYS QB 20 -6.81 44.34 -77.00
C LYS QB 20 -8.14 44.31 -76.25
N THR QB 21 -8.11 44.74 -74.98
CA THR QB 21 -9.31 44.76 -74.16
C THR QB 21 -9.11 45.76 -73.03
N ALA QB 22 -10.17 45.98 -72.26
CA ALA QB 22 -10.15 46.89 -71.13
C ALA QB 22 -11.47 46.78 -70.38
N LYS QB 23 -11.40 46.78 -69.05
CA LYS QB 23 -12.60 46.70 -68.23
C LYS QB 23 -13.24 48.07 -68.09
N VAL QB 24 -14.57 48.10 -68.10
CA VAL QB 24 -15.33 49.35 -68.02
C VAL QB 24 -16.56 49.11 -67.16
N ARG QB 25 -16.93 50.13 -66.39
CA ARG QB 25 -18.13 50.09 -65.56
C ARG QB 25 -18.91 51.39 -65.76
N VAL QB 26 -20.21 51.33 -65.46
CA VAL QB 26 -21.10 52.47 -65.60
C VAL QB 26 -21.67 52.79 -64.23
N THR QB 27 -21.40 54.00 -63.74
CA THR QB 27 -21.89 54.44 -62.43
C THR QB 27 -23.35 54.87 -62.59
N ARG QB 28 -24.23 53.88 -62.70
CA ARG QB 28 -25.65 54.13 -62.87
C ARG QB 28 -26.24 54.64 -61.55
N LEU QB 29 -27.53 54.96 -61.59
CA LEU QB 29 -28.26 55.46 -60.43
C LEU QB 29 -29.59 54.71 -60.35
N VAL QB 30 -29.65 53.71 -59.46
CA VAL QB 30 -30.85 52.90 -59.29
C VAL QB 30 -31.70 53.51 -58.18
N LEU QB 31 -33.02 53.37 -58.33
CA LEU QB 31 -33.95 53.89 -57.35
C LEU QB 31 -34.23 52.86 -56.26
N ASP QB 32 -34.38 53.35 -55.03
CA ASP QB 32 -34.67 52.48 -53.89
C ASP QB 32 -36.17 52.46 -53.63
N PRO QB 33 -36.78 51.29 -53.40
CA PRO QB 33 -38.23 51.27 -53.16
C PRO QB 33 -38.64 51.82 -51.81
N TYR QB 34 -37.74 51.81 -50.82
CA TYR QB 34 -38.06 52.29 -49.48
C TYR QB 34 -37.51 53.70 -49.22
N LEU QB 35 -36.27 53.96 -49.60
CA LEU QB 35 -35.68 55.28 -49.38
C LEU QB 35 -36.09 56.30 -50.44
N LEU QB 36 -36.53 55.85 -51.60
CA LEU QB 36 -36.96 56.74 -52.68
C LEU QB 36 -35.85 57.71 -53.09
N LYS QB 37 -34.60 57.29 -52.91
CA LYS QB 37 -33.45 58.11 -53.27
C LYS QB 37 -32.51 57.30 -54.15
N TYR QB 38 -31.82 57.99 -55.04
CA TYR QB 38 -30.86 57.37 -55.94
C TYR QB 38 -29.47 57.37 -55.32
N PHE QB 39 -28.74 56.28 -55.52
CA PHE QB 39 -27.41 56.11 -54.98
C PHE QB 39 -26.44 55.74 -56.08
N ASN QB 40 -25.15 55.83 -55.78
CA ASN QB 40 -24.09 55.56 -56.76
C ASN QB 40 -23.95 54.05 -56.91
N LYS QB 41 -24.62 53.51 -57.92
CA LYS QB 41 -24.53 52.09 -58.24
C LYS QB 41 -23.68 51.90 -59.49
N ARG QB 42 -22.89 50.84 -59.50
CA ARG QB 42 -21.99 50.57 -60.62
C ARG QB 42 -21.80 49.07 -60.77
N LYS QB 43 -21.55 48.65 -62.01
CA LYS QB 43 -21.31 47.25 -62.31
C LYS QB 43 -20.21 47.16 -63.37
N THR QB 44 -19.24 46.28 -63.13
CA THR QB 44 -18.12 46.14 -64.05
C THR QB 44 -18.57 45.45 -65.34
N TYR QB 45 -17.96 45.87 -66.46
CA TYR QB 45 -18.26 45.29 -67.76
C TYR QB 45 -16.96 45.19 -68.55
N PHE QB 46 -16.98 44.31 -69.55
CA PHE QB 46 -15.81 44.05 -70.39
C PHE QB 46 -15.97 44.75 -71.73
N ALA QB 47 -14.88 45.37 -72.17
CA ALA QB 47 -14.83 46.06 -73.46
C ALA QB 47 -13.73 45.47 -74.31
N HIS QB 48 -13.70 45.86 -75.58
CA HIS QB 48 -12.72 45.37 -76.55
C HIS QB 48 -11.93 46.57 -77.09
N ASP QB 49 -11.04 47.10 -76.26
CA ASP QB 49 -10.15 48.20 -76.65
C ASP QB 49 -8.98 47.59 -77.41
N ALA QB 50 -9.16 47.41 -78.73
CA ALA QB 50 -8.14 46.76 -79.53
C ALA QB 50 -6.83 47.53 -79.56
N LEU QB 51 -6.85 48.83 -79.27
CA LEU QB 51 -5.66 49.65 -79.32
C LEU QB 51 -5.15 50.08 -77.95
N GLN QB 52 -5.94 49.89 -76.89
CA GLN QB 52 -5.55 50.29 -75.54
C GLN QB 52 -5.23 51.79 -75.48
N GLN QB 53 -5.90 52.58 -76.32
CA GLN QB 53 -5.63 54.01 -76.36
C GLN QB 53 -6.00 54.69 -75.04
N CYS QB 54 -7.10 54.27 -74.43
CA CYS QB 54 -7.56 54.88 -73.20
C CYS QB 54 -6.72 54.40 -72.01
N THR QB 55 -6.68 55.22 -70.97
CA THR QB 55 -5.94 54.93 -69.76
C THR QB 55 -6.93 54.52 -68.65
N VAL QB 56 -6.52 54.69 -67.40
CA VAL QB 56 -7.35 54.33 -66.25
C VAL QB 56 -8.05 55.58 -65.74
N GLY QB 57 -9.35 55.45 -65.46
CA GLY QB 57 -10.12 56.56 -64.94
C GLY QB 57 -10.39 57.64 -65.96
N ASP QB 58 -11.17 57.32 -66.99
CA ASP QB 58 -11.51 58.27 -68.04
C ASP QB 58 -12.96 58.04 -68.44
N ILE QB 59 -13.40 58.74 -69.49
CA ILE QB 59 -14.75 58.62 -70.01
C ILE QB 59 -14.65 58.32 -71.50
N VAL QB 60 -15.17 57.16 -71.91
CA VAL QB 60 -15.12 56.73 -73.30
C VAL QB 60 -16.39 55.97 -73.63
N LEU QB 61 -16.74 55.94 -74.91
CA LEU QB 61 -17.91 55.22 -75.39
C LEU QB 61 -17.49 53.88 -75.98
N LEU QB 62 -18.39 52.90 -75.89
CA LEU QB 62 -18.14 51.57 -76.39
C LEU QB 62 -19.27 51.16 -77.34
N ARG QB 63 -18.90 50.49 -78.42
CA ARG QB 63 -19.85 50.02 -79.42
C ARG QB 63 -20.11 48.53 -79.18
N ALA QB 64 -21.36 48.18 -78.89
CA ALA QB 64 -21.71 46.79 -78.64
C ALA QB 64 -21.73 46.01 -79.95
N LEU QB 65 -20.96 44.92 -80.00
CA LEU QB 65 -20.92 44.10 -81.19
C LEU QB 65 -22.23 43.36 -81.38
N PRO QB 66 -22.55 42.94 -82.60
CA PRO QB 66 -23.81 42.20 -82.81
C PRO QB 66 -23.90 40.93 -81.98
N VAL QB 67 -22.80 40.22 -81.81
CA VAL QB 67 -22.78 38.97 -81.05
C VAL QB 67 -21.51 38.93 -80.20
N PRO QB 68 -21.58 38.54 -78.93
CA PRO QB 68 -20.36 38.48 -78.12
C PRO QB 68 -19.40 37.41 -78.64
N ARG QB 69 -18.19 37.84 -78.99
CA ARG QB 69 -17.18 36.95 -79.53
C ARG QB 69 -16.48 36.12 -78.46
N ALA QB 70 -16.86 36.26 -77.19
CA ALA QB 70 -16.25 35.49 -76.11
C ALA QB 70 -17.27 35.22 -75.01
N LYS QB 71 -16.80 35.03 -73.78
CA LYS QB 71 -17.69 34.71 -72.67
C LYS QB 71 -18.30 35.97 -72.06
N HIS QB 72 -17.45 36.87 -71.55
CA HIS QB 72 -17.91 38.05 -70.84
C HIS QB 72 -17.85 39.32 -71.66
N VAL QB 73 -16.99 39.37 -72.69
CA VAL QB 73 -16.85 40.58 -73.47
C VAL QB 73 -18.06 40.75 -74.39
N LYS QB 74 -18.49 42.00 -74.57
CA LYS QB 74 -19.63 42.27 -75.46
C LYS QB 74 -19.63 43.70 -75.98
N HIS QB 75 -18.53 44.44 -75.86
CA HIS QB 75 -18.46 45.82 -76.32
C HIS QB 75 -17.14 46.04 -77.02
N GLU QB 76 -16.96 47.24 -77.57
CA GLU QB 76 -15.74 47.59 -78.27
C GLU QB 76 -15.54 49.10 -78.19
N LEU QB 77 -14.38 49.51 -77.69
CA LEU QB 77 -14.08 50.93 -77.57
C LEU QB 77 -14.02 51.58 -78.94
N ALA QB 78 -14.87 52.59 -79.16
CA ALA QB 78 -14.92 53.28 -80.44
C ALA QB 78 -13.94 54.46 -80.48
N GLU QB 79 -14.08 55.39 -79.55
CA GLU QB 79 -13.23 56.56 -79.51
C GLU QB 79 -13.33 57.20 -78.13
N ILE QB 80 -12.30 57.97 -77.78
CA ILE QB 80 -12.27 58.67 -76.50
C ILE QB 80 -13.10 59.94 -76.64
N VAL QB 81 -14.30 59.94 -76.05
CA VAL QB 81 -15.19 61.08 -76.16
C VAL QB 81 -14.66 62.24 -75.34
N PHE QB 82 -14.06 61.96 -74.18
CA PHE QB 82 -13.53 63.01 -73.31
C PHE QB 82 -12.28 62.46 -72.63
N LYS QB 83 -11.12 62.99 -73.02
CA LYS QB 83 -9.84 62.59 -72.42
C LYS QB 83 -9.61 63.41 -71.16
N VAL QB 84 -9.61 62.74 -70.00
CA VAL QB 84 -9.40 63.43 -68.74
C VAL QB 84 -8.04 64.13 -68.77
N GLY QB 85 -8.00 65.36 -68.26
CA GLY QB 85 -6.80 66.15 -68.28
C GLY QB 85 -6.66 66.94 -69.56
N LYS QB 86 -6.67 66.24 -70.70
CA LYS QB 86 -6.62 66.87 -72.01
C LYS QB 86 -8.00 66.99 -72.65
N VAL QB 87 -9.04 67.13 -71.82
CA VAL QB 87 -10.40 67.21 -72.34
C VAL QB 87 -10.57 68.48 -73.18
N ILE QB 88 -11.42 68.39 -74.19
CA ILE QB 88 -11.71 69.51 -75.09
C ILE QB 88 -13.11 70.01 -74.78
N ASP QB 89 -13.29 71.32 -74.82
CA ASP QB 89 -14.59 71.91 -74.53
C ASP QB 89 -15.54 71.70 -75.72
N PRO QB 90 -16.80 71.32 -75.47
CA PRO QB 90 -17.75 71.23 -76.60
C PRO QB 90 -17.87 72.53 -77.35
N VAL QB 91 -18.19 73.62 -76.67
CA VAL QB 91 -18.24 74.95 -77.27
C VAL QB 91 -16.88 75.60 -77.12
N THR QB 92 -16.45 76.34 -78.14
CA THR QB 92 -15.12 76.95 -78.17
C THR QB 92 -14.04 75.87 -78.13
N GLY QB 93 -13.90 75.20 -79.27
CA GLY QB 93 -12.96 74.10 -79.40
C GLY QB 93 -11.55 74.45 -78.94
N LYS QB 94 -11.28 74.26 -77.65
CA LYS QB 94 -9.96 74.52 -77.10
C LYS QB 94 -9.81 73.69 -75.83
N PRO QB 95 -8.58 73.36 -75.44
CA PRO QB 95 -8.39 72.59 -74.20
C PRO QB 95 -8.91 73.35 -72.99
N CYS QB 96 -9.00 72.64 -71.87
CA CYS QB 96 -9.48 73.23 -70.63
C CYS QB 96 -8.94 72.43 -69.46
N ALA QB 97 -8.90 73.08 -68.29
CA ALA QB 97 -8.42 72.44 -67.07
C ALA QB 97 -9.49 72.50 -65.99
N GLY QB 98 -9.10 72.34 -64.73
CA GLY QB 98 -10.04 72.38 -63.64
C GLY QB 98 -10.78 73.70 -63.55
N THR QB 99 -11.90 73.82 -64.26
CA THR QB 99 -12.69 75.04 -64.28
C THR QB 99 -11.91 76.23 -64.84
N THR QB 100 -10.88 75.97 -65.64
CA THR QB 100 -10.09 77.03 -66.24
C THR QB 100 -9.76 76.63 -67.67
N TYR QB 101 -9.46 77.64 -68.49
CA TYR QB 101 -9.14 77.45 -69.89
C TYR QB 101 -7.63 77.45 -70.07
N LEU QB 102 -7.08 76.30 -70.49
CA LEU QB 102 -5.65 76.23 -70.77
C LEU QB 102 -5.27 77.23 -71.85
N GLU QB 103 -6.11 77.38 -72.87
CA GLU QB 103 -5.92 78.37 -73.92
C GLU QB 103 -7.16 79.26 -73.96
N SER QB 104 -6.94 80.58 -73.98
CA SER QB 104 -8.05 81.51 -73.94
C SER QB 104 -8.97 81.29 -75.13
N PRO QB 105 -10.28 81.50 -74.95
CA PRO QB 105 -11.22 81.34 -76.08
C PRO QB 105 -11.00 82.41 -77.15
N LEU QB 106 -12.04 82.71 -77.92
CA LEU QB 106 -11.98 83.72 -78.98
C LEU QB 106 -11.03 83.29 -80.10
N SER QB 107 -11.09 82.01 -80.45
CA SER QB 107 -10.25 81.47 -81.52
C SER QB 107 -10.56 79.99 -81.76
N LYS RB 1 -96.98 52.98 -36.05
CA LYS RB 1 -97.70 51.72 -35.90
C LYS RB 1 -98.02 51.13 -37.26
N ASP RB 2 -97.60 49.88 -37.48
CA ASP RB 2 -97.80 49.21 -38.77
C ASP RB 2 -97.13 50.01 -39.87
N GLU RB 3 -95.88 49.67 -40.20
CA GLU RB 3 -95.11 50.44 -41.16
C GLU RB 3 -95.01 51.88 -40.68
N PRO RB 4 -94.09 52.19 -39.77
CA PRO RB 4 -94.09 53.51 -39.14
C PRO RB 4 -93.76 54.64 -40.09
N TRP RB 5 -94.78 55.44 -40.46
CA TRP RB 5 -94.57 56.69 -41.17
C TRP RB 5 -95.25 57.87 -40.50
N LYS RB 6 -96.14 57.66 -39.54
CA LYS RB 6 -96.71 58.72 -38.73
C LYS RB 6 -96.04 58.85 -37.37
N TYR RB 7 -95.52 57.75 -36.82
CA TYR RB 7 -94.89 57.77 -35.51
C TYR RB 7 -93.53 58.46 -35.54
N LEU RB 8 -92.89 58.54 -36.71
CA LEU RB 8 -91.59 59.19 -36.80
C LEU RB 8 -91.65 60.64 -36.34
N GLU RB 9 -92.77 61.31 -36.59
CA GLU RB 9 -92.97 62.70 -36.16
C GLU RB 9 -93.81 62.79 -34.89
N SER RB 10 -93.85 61.73 -34.09
CA SER RB 10 -94.65 61.71 -32.88
C SER RB 10 -93.90 62.47 -31.78
N GLU RB 11 -94.36 62.31 -30.53
CA GLU RB 11 -93.76 62.98 -29.39
C GLU RB 11 -92.76 62.12 -28.64
N GLU RB 12 -93.03 60.82 -28.52
CA GLU RB 12 -92.11 59.93 -27.80
C GLU RB 12 -90.77 59.83 -28.51
N TYR RB 13 -90.79 59.67 -29.84
CA TYR RB 13 -89.54 59.57 -30.58
C TYR RB 13 -88.73 60.85 -30.48
N GLN RB 14 -89.40 62.00 -30.46
CA GLN RB 14 -88.70 63.28 -30.35
C GLN RB 14 -88.15 63.48 -28.94
N GLU RB 15 -88.87 63.02 -27.93
CA GLU RB 15 -88.40 63.14 -26.56
C GLU RB 15 -87.22 62.23 -26.29
N ARG RB 16 -87.23 61.02 -26.87
CA ARG RB 16 -86.13 60.09 -26.66
C ARG RB 16 -84.85 60.59 -27.33
N TYR RB 17 -84.97 61.37 -28.40
CA TYR RB 17 -83.80 61.90 -29.10
C TYR RB 17 -84.08 63.30 -29.62
N GLY RB 18 -85.00 63.42 -30.57
CA GLY RB 18 -85.34 64.72 -31.14
C GLY RB 18 -84.34 65.15 -32.19
N SER RB 19 -83.08 65.32 -31.79
CA SER RB 19 -82.02 65.74 -32.70
C SER RB 19 -80.74 64.93 -32.55
N ARG RB 20 -80.69 63.99 -31.61
CA ARG RB 20 -79.51 63.17 -31.40
C ARG RB 20 -79.59 61.90 -32.23
N PRO RB 21 -78.45 61.29 -32.56
CA PRO RB 21 -78.47 60.05 -33.33
C PRO RB 21 -78.82 58.85 -32.48
N VAL RB 22 -79.48 57.88 -33.11
CA VAL RB 22 -79.89 56.67 -32.41
C VAL RB 22 -78.78 55.63 -32.37
N TRP RB 23 -77.83 55.67 -33.30
CA TRP RB 23 -76.75 54.70 -33.34
C TRP RB 23 -75.65 54.99 -32.32
N ALA RB 24 -75.57 56.23 -31.83
CA ALA RB 24 -74.53 56.58 -30.87
C ALA RB 24 -74.88 56.17 -29.44
N ASP RB 25 -76.17 56.00 -29.14
CA ASP RB 25 -76.56 55.63 -27.78
C ASP RB 25 -76.15 54.21 -27.43
N TYR RB 26 -75.80 53.39 -28.41
CA TYR RB 26 -75.42 52.00 -28.17
C TYR RB 26 -73.91 51.91 -28.02
N ARG RB 27 -73.46 51.41 -26.87
CA ARG RB 27 -72.05 51.19 -26.59
C ARG RB 27 -71.73 49.70 -26.66
N ARG RB 28 -70.53 49.38 -27.13
CA ARG RB 28 -70.10 48.00 -27.32
C ARG RB 28 -69.13 47.62 -26.21
N ASN RB 29 -69.48 46.60 -25.44
CA ASN RB 29 -68.57 46.03 -24.45
C ASN RB 29 -67.75 44.93 -25.11
N HIS RB 30 -66.45 44.92 -24.83
CA HIS RB 30 -65.53 44.05 -25.55
C HIS RB 30 -64.27 43.87 -24.70
N LYS RB 31 -63.18 43.43 -25.33
CA LYS RB 31 -61.90 43.31 -24.66
C LYS RB 31 -61.22 44.68 -24.62
N GLY RB 32 -59.89 44.69 -24.47
CA GLY RB 32 -59.17 45.95 -24.38
C GLY RB 32 -58.88 46.53 -25.75
N GLY RB 33 -59.06 47.85 -25.87
CA GLY RB 33 -58.77 48.55 -27.09
C GLY RB 33 -59.98 48.80 -27.97
N VAL RB 34 -60.17 47.94 -28.97
CA VAL RB 34 -61.25 48.10 -29.95
C VAL RB 34 -62.04 46.80 -29.98
N PRO RB 35 -63.37 46.84 -30.11
CA PRO RB 35 -64.14 45.60 -30.20
C PRO RB 35 -63.82 44.85 -31.49
N PRO RB 36 -64.29 43.62 -31.62
CA PRO RB 36 -64.03 42.86 -32.85
C PRO RB 36 -64.57 43.58 -34.07
N GLN RB 37 -64.10 43.13 -35.24
CA GLN RB 37 -64.54 43.73 -36.49
C GLN RB 37 -66.00 43.41 -36.81
N ARG RB 38 -66.58 42.40 -36.16
CA ARG RB 38 -67.96 42.02 -36.40
C ARG RB 38 -68.76 42.14 -35.11
N THR RB 39 -70.04 42.48 -35.28
CA THR RB 39 -70.96 42.62 -34.16
C THR RB 39 -71.83 41.36 -34.05
N ARG RB 40 -72.92 41.45 -33.30
CA ARG RB 40 -73.83 40.31 -33.18
C ARG RB 40 -74.45 39.99 -34.53
N LYS RB 41 -74.49 38.70 -34.87
CA LYS RB 41 -75.02 38.29 -36.16
C LYS RB 41 -76.48 38.69 -36.30
N THR RB 42 -77.32 38.26 -35.37
CA THR RB 42 -78.75 38.49 -35.42
C THR RB 42 -79.22 39.24 -34.19
N CYS RB 43 -80.15 40.17 -34.39
CA CYS RB 43 -80.76 40.94 -33.30
C CYS RB 43 -81.29 40.00 -32.23
N ILE RB 44 -82.24 39.15 -32.59
CA ILE RB 44 -82.84 38.21 -31.66
C ILE RB 44 -82.18 36.85 -31.80
N ARG RB 45 -82.77 35.83 -31.17
CA ARG RB 45 -82.26 34.46 -31.23
C ARG RB 45 -83.38 33.49 -31.60
N ARG RB 46 -84.02 33.77 -32.74
CA ARG RB 46 -85.08 32.94 -33.30
C ARG RB 46 -86.31 32.89 -32.40
N ASN RB 47 -86.40 33.75 -31.39
CA ASN RB 47 -87.54 33.76 -30.49
C ASN RB 47 -87.67 35.12 -29.79
N LYS RB 48 -86.88 35.33 -28.75
CA LYS RB 48 -86.90 36.56 -27.97
C LYS RB 48 -85.61 37.33 -28.18
N VAL RB 49 -85.58 38.55 -27.64
CA VAL RB 49 -84.41 39.42 -27.75
C VAL RB 49 -83.35 38.94 -26.76
N VAL RB 50 -82.22 38.49 -27.28
CA VAL RB 50 -81.10 38.01 -26.47
C VAL RB 50 -79.97 39.02 -26.56
N GLY RB 51 -79.26 39.20 -25.44
CA GLY RB 51 -78.16 40.13 -25.40
C GLY RB 51 -78.62 41.58 -25.52
N ASN RB 52 -77.65 42.46 -25.65
CA ASN RB 52 -77.91 43.89 -25.79
C ASN RB 52 -78.82 44.14 -27.00
N PRO RB 53 -80.06 44.60 -26.80
CA PRO RB 53 -80.95 44.82 -27.95
C PRO RB 53 -80.35 45.82 -28.92
N CYS RB 54 -80.69 45.64 -30.20
CA CYS RB 54 -80.21 46.56 -31.22
C CYS RB 54 -80.85 47.93 -31.05
N PRO RB 55 -80.33 48.95 -31.75
CA PRO RB 55 -80.98 50.27 -31.70
C PRO RB 55 -82.39 50.28 -32.29
N ILE RB 56 -82.80 49.21 -32.96
CA ILE RB 56 -84.14 49.13 -33.52
C ILE RB 56 -84.93 47.94 -33.01
N CYS RB 57 -84.27 46.89 -32.52
CA CYS RB 57 -84.95 45.69 -32.05
C CYS RB 57 -85.26 45.79 -30.56
N ARG RB 58 -86.09 46.79 -30.23
CA ARG RB 58 -86.55 46.97 -28.86
C ARG RB 58 -88.02 47.37 -28.76
N ASP RB 59 -88.70 47.59 -29.88
CA ASP RB 59 -90.11 47.96 -29.87
C ASP RB 59 -90.77 47.40 -31.11
N HIS RB 60 -91.95 46.79 -30.94
CA HIS RB 60 -92.66 46.20 -32.06
C HIS RB 60 -93.14 47.24 -33.06
N LYS RB 61 -93.18 48.52 -32.67
CA LYS RB 61 -93.62 49.60 -33.54
C LYS RB 61 -92.45 50.30 -34.22
N LEU RB 62 -91.41 49.56 -34.58
CA LEU RB 62 -90.23 50.13 -35.24
C LEU RB 62 -89.86 49.25 -36.44
N HIS RB 63 -90.79 49.16 -37.39
CA HIS RB 63 -90.55 48.40 -38.61
C HIS RB 63 -89.79 49.25 -39.62
N VAL RB 64 -89.39 48.63 -40.72
CA VAL RB 64 -88.64 49.28 -41.78
C VAL RB 64 -89.27 48.95 -43.12
N ASP RB 65 -89.22 49.92 -44.03
CA ASP RB 65 -89.77 49.75 -45.37
C ASP RB 65 -89.25 50.88 -46.24
N PHE RB 66 -89.57 50.82 -47.54
CA PHE RB 66 -89.13 51.84 -48.47
C PHE RB 66 -89.74 53.20 -48.15
N ARG RB 67 -90.88 53.23 -47.47
CA ARG RB 67 -91.52 54.49 -47.11
C ARG RB 67 -90.90 55.15 -45.89
N ASN RB 68 -90.05 54.44 -45.14
CA ASN RB 68 -89.38 55.00 -43.97
C ASN RB 68 -88.22 55.85 -44.45
N VAL RB 69 -88.55 57.07 -44.87
CA VAL RB 69 -87.53 57.98 -45.38
C VAL RB 69 -86.75 58.61 -44.24
N LYS RB 70 -87.45 59.21 -43.28
CA LYS RB 70 -86.77 59.88 -42.17
C LYS RB 70 -85.96 58.89 -41.34
N LEU RB 71 -86.52 57.70 -41.10
CA LEU RB 71 -85.81 56.70 -40.29
C LEU RB 71 -84.50 56.30 -40.95
N LEU RB 72 -84.56 55.94 -42.24
CA LEU RB 72 -83.35 55.52 -42.95
C LEU RB 72 -82.37 56.67 -43.12
N GLU RB 73 -82.86 57.90 -43.23
CA GLU RB 73 -81.97 59.05 -43.39
C GLU RB 73 -81.31 59.43 -42.07
N GLN RB 74 -81.95 59.14 -40.94
CA GLN RB 74 -81.37 59.43 -39.64
C GLN RB 74 -80.45 58.32 -39.15
N PHE RB 75 -80.76 57.07 -39.47
CA PHE RB 75 -79.92 55.95 -39.06
C PHE RB 75 -78.63 55.83 -39.87
N VAL RB 76 -78.45 56.68 -40.88
CA VAL RB 76 -77.23 56.69 -41.68
C VAL RB 76 -76.92 58.13 -42.07
N CYS RB 77 -75.65 58.43 -42.25
CA CYS RB 77 -75.22 59.78 -42.61
C CYS RB 77 -75.88 60.25 -43.90
N ALA RB 78 -77.03 60.91 -43.78
CA ALA RB 78 -77.69 61.44 -44.96
C ALA RB 78 -76.92 62.59 -45.59
N HIS RB 79 -75.97 63.17 -44.87
CA HIS RB 79 -75.15 64.27 -45.40
C HIS RB 79 -73.83 63.78 -46.00
N THR RB 80 -73.51 62.49 -45.86
CA THR RB 80 -72.28 61.92 -46.41
C THR RB 80 -72.64 60.61 -47.08
N GLY RB 81 -72.32 60.50 -48.38
CA GLY RB 81 -72.64 59.31 -49.14
C GLY RB 81 -71.61 58.21 -48.96
N ILE RB 82 -71.26 57.90 -47.72
CA ILE RB 82 -70.30 56.85 -47.40
C ILE RB 82 -70.86 56.03 -46.26
N ILE RB 83 -71.07 54.74 -46.50
CA ILE RB 83 -71.56 53.85 -45.46
C ILE RB 83 -70.46 53.57 -44.45
N PHE RB 84 -70.85 53.44 -43.18
CA PHE RB 84 -69.88 53.19 -42.11
C PHE RB 84 -69.39 51.74 -42.17
N TYR RB 85 -68.81 51.27 -41.07
CA TYR RB 85 -68.37 49.89 -40.94
C TYR RB 85 -69.12 49.23 -39.79
N ALA RB 86 -69.09 47.90 -39.77
CA ALA RB 86 -69.86 47.15 -38.78
C ALA RB 86 -69.60 47.59 -37.36
N PRO RB 87 -68.35 47.79 -36.90
CA PRO RB 87 -68.15 48.30 -35.54
C PRO RB 87 -68.79 49.66 -35.31
N TYR RB 88 -68.74 50.55 -36.30
CA TYR RB 88 -69.34 51.87 -36.14
C TYR RB 88 -70.84 51.78 -35.97
N THR RB 89 -71.50 50.97 -36.79
CA THR RB 89 -72.95 50.80 -36.67
C THR RB 89 -73.30 50.19 -35.33
N GLY RB 90 -72.60 49.12 -34.94
CA GLY RB 90 -72.86 48.46 -33.67
C GLY RB 90 -74.28 47.97 -33.56
N VAL RB 91 -74.71 47.15 -34.53
CA VAL RB 91 -76.07 46.63 -34.56
C VAL RB 91 -76.04 45.20 -35.08
N CYS RB 92 -77.13 44.50 -34.81
CA CYS RB 92 -77.36 43.16 -35.33
C CYS RB 92 -77.12 43.15 -36.84
N VAL RB 93 -76.09 42.40 -37.27
CA VAL RB 93 -75.66 42.42 -38.67
C VAL RB 93 -76.82 42.11 -39.61
N LYS RB 94 -77.75 41.27 -39.16
CA LYS RB 94 -78.95 41.01 -39.95
C LYS RB 94 -79.69 42.30 -40.24
N GLN RB 95 -79.95 43.10 -39.19
CA GLN RB 95 -80.62 44.37 -39.39
C GLN RB 95 -79.75 45.35 -40.17
N HIS RB 96 -78.43 45.26 -40.04
CA HIS RB 96 -77.56 46.11 -40.84
C HIS RB 96 -77.75 45.84 -42.32
N LYS RB 97 -77.71 44.57 -42.72
CA LYS RB 97 -77.95 44.21 -44.11
C LYS RB 97 -79.36 44.60 -44.54
N ARG RB 98 -80.34 44.41 -43.66
CA ARG RB 98 -81.71 44.78 -43.99
C ARG RB 98 -81.83 46.28 -44.25
N LEU RB 99 -81.17 47.10 -43.42
CA LEU RB 99 -81.22 48.54 -43.60
C LEU RB 99 -80.49 48.97 -44.86
N THR RB 100 -79.37 48.31 -45.17
CA THR RB 100 -78.67 48.61 -46.42
C THR RB 100 -79.56 48.30 -47.62
N GLN RB 101 -80.23 47.14 -47.60
CA GLN RB 101 -81.11 46.78 -48.70
C GLN RB 101 -82.29 47.74 -48.79
N ALA RB 102 -82.82 48.18 -47.65
CA ALA RB 102 -83.93 49.12 -47.65
C ALA RB 102 -83.50 50.47 -48.22
N ILE RB 103 -82.29 50.92 -47.87
CA ILE RB 103 -81.79 52.18 -48.42
C ILE RB 103 -81.59 52.05 -49.93
N GLN RB 104 -81.06 50.91 -50.38
CA GLN RB 104 -80.90 50.70 -51.82
C GLN RB 104 -82.25 50.72 -52.53
N LYS RB 105 -83.25 50.06 -51.94
CA LYS RB 105 -84.58 50.05 -52.54
C LYS RB 105 -85.18 51.44 -52.58
N ALA RB 106 -85.01 52.23 -51.51
CA ALA RB 106 -85.52 53.59 -51.49
C ALA RB 106 -84.84 54.44 -52.55
N ARG RB 107 -83.52 54.27 -52.73
CA ARG RB 107 -82.81 55.01 -53.77
C ARG RB 107 -83.31 54.60 -55.15
N ASP RB 108 -83.57 53.31 -55.35
CA ASP RB 108 -84.07 52.84 -56.63
C ASP RB 108 -85.53 53.21 -56.87
N HIS RB 109 -86.25 53.61 -55.81
CA HIS RB 109 -87.65 54.01 -55.95
C HIS RB 109 -87.80 55.51 -56.14
N GLY RB 110 -86.97 56.30 -55.45
CA GLY RB 110 -87.02 57.75 -55.54
C GLY RB 110 -87.43 58.44 -54.26
N LEU RB 111 -87.82 57.70 -53.22
CA LEU RB 111 -88.21 58.32 -51.97
C LEU RB 111 -87.03 59.05 -51.33
N LEU RB 112 -85.88 58.39 -51.26
CA LEU RB 112 -84.69 59.01 -50.68
C LEU RB 112 -84.25 60.18 -51.54
N ILE RB 113 -83.57 61.13 -50.90
CA ILE RB 113 -83.07 62.34 -51.55
C ILE RB 113 -81.56 62.28 -51.57
N TYR RB 114 -80.97 62.44 -52.75
CA TYR RB 114 -79.52 62.40 -52.91
C TYR RB 114 -79.18 62.86 -54.31
N HIS RB 115 -77.99 63.46 -54.45
CA HIS RB 115 -77.55 63.94 -55.74
C HIS RB 115 -77.40 62.80 -56.73
N ILE RB 116 -77.89 63.01 -57.95
CA ILE RB 116 -77.84 61.99 -58.99
C ILE RB 116 -77.23 62.62 -60.25
N PRO RB 117 -75.92 62.51 -60.45
CA PRO RB 117 -75.30 63.09 -61.66
C PRO RB 117 -75.69 62.29 -62.90
N GLN RB 118 -75.36 62.86 -64.06
CA GLN RB 118 -75.64 62.26 -65.35
C GLN RB 118 -74.35 61.77 -65.98
N VAL RB 119 -74.44 61.33 -67.23
CA VAL RB 119 -73.29 60.81 -67.97
C VAL RB 119 -73.29 61.38 -69.38
N GLU RB 120 -72.47 60.82 -70.25
CA GLU RB 120 -72.35 61.25 -71.63
C GLU RB 120 -73.09 60.29 -72.56
N PRO RB 121 -73.40 60.71 -73.78
CA PRO RB 121 -74.08 59.80 -74.71
C PRO RB 121 -73.23 58.58 -75.02
N ARG RB 122 -73.90 57.53 -75.50
CA ARG RB 122 -73.22 56.28 -75.81
C ARG RB 122 -72.30 56.40 -77.01
N ASP RB 123 -72.49 57.42 -77.85
CA ASP RB 123 -71.66 57.60 -79.03
C ASP RB 123 -71.61 59.08 -79.37
N LEU RB 124 -70.43 59.55 -79.79
CA LEU RB 124 -70.28 60.95 -80.16
C LEU RB 124 -71.13 61.30 -81.36
N ASP RB 125 -71.37 60.35 -82.26
CA ASP RB 125 -72.17 60.58 -83.46
C ASP RB 125 -73.60 60.09 -83.23
N PHE RB 126 -74.53 60.72 -83.94
CA PHE RB 126 -75.95 60.39 -83.86
C PHE RB 126 -76.52 60.15 -85.25
N SER RB 127 -75.72 59.58 -86.14
CA SER RB 127 -76.12 59.29 -87.50
C SER RB 127 -76.32 57.79 -87.68
N THR RB 128 -76.89 57.43 -88.83
CA THR RB 128 -77.15 56.04 -89.18
C THR RB 128 -76.78 55.80 -90.64
N SER RB 129 -75.49 55.98 -90.95
CA SER RB 129 -75.00 55.81 -92.31
C SER RB 129 -74.45 54.41 -92.56
N HIS RB 130 -73.97 53.73 -91.52
CA HIS RB 130 -73.43 52.39 -91.69
C HIS RB 130 -74.51 51.43 -92.16
N GLY RB 131 -74.07 50.40 -92.90
CA GLY RB 131 -75.02 49.41 -93.41
C GLY RB 131 -75.75 48.67 -92.31
N ALA RB 132 -75.12 48.53 -91.14
CA ALA RB 132 -75.76 47.86 -90.01
C ALA RB 132 -76.99 48.61 -89.50
N VAL RB 133 -77.17 49.87 -89.89
CA VAL RB 133 -78.31 50.66 -89.45
C VAL RB 133 -79.02 51.39 -90.59
N SER RB 134 -78.41 51.51 -91.77
CA SER RB 134 -79.03 52.22 -92.88
C SER RB 134 -79.83 51.27 -93.77
N ALA RB 135 -79.18 50.24 -94.30
CA ALA RB 135 -79.84 49.28 -95.18
C ALA RB 135 -78.89 48.11 -95.38
N THR RB 136 -79.43 47.04 -95.99
CA THR RB 136 -78.66 45.83 -96.24
C THR RB 136 -79.30 45.09 -97.41
N PRO RB 137 -78.88 45.38 -98.63
CA PRO RB 137 -79.44 44.67 -99.79
C PRO RB 137 -79.27 43.16 -99.65
N PRO RB 138 -80.27 42.38 -100.02
CA PRO RB 138 -80.18 40.93 -99.86
C PRO RB 138 -79.46 40.29 -101.05
N ALA RB 139 -79.30 38.97 -100.97
CA ALA RB 139 -78.67 38.18 -102.01
C ALA RB 139 -79.72 37.57 -102.93
N PRO RB 140 -79.33 37.16 -104.14
CA PRO RB 140 -80.33 36.53 -105.03
C PRO RB 140 -80.98 35.30 -104.41
N THR RB 141 -80.21 34.47 -103.71
CA THR RB 141 -80.80 33.31 -103.06
C THR RB 141 -81.76 33.71 -101.95
N LEU RB 142 -81.46 34.81 -101.25
CA LEU RB 142 -82.37 35.30 -100.21
C LEU RB 142 -83.71 35.69 -100.80
N VAL RB 143 -83.69 36.37 -101.96
CA VAL RB 143 -84.94 36.73 -102.63
C VAL RB 143 -85.65 35.49 -103.16
N SER RB 144 -84.88 34.51 -103.63
CA SER RB 144 -85.46 33.28 -104.14
C SER RB 144 -86.03 32.40 -103.04
N GLY RB 145 -85.70 32.66 -101.78
CA GLY RB 145 -86.18 31.88 -100.66
C GLY RB 145 -85.22 30.79 -100.22
N ASP RB 146 -84.66 30.05 -101.17
CA ASP RB 146 -83.73 28.99 -100.83
C ASP RB 146 -82.45 29.58 -100.25
N PRO RB 147 -81.90 29.00 -99.18
CA PRO RB 147 -80.67 29.54 -98.60
C PRO RB 147 -79.48 29.32 -99.52
N TRP RB 148 -78.39 29.99 -99.19
CA TRP RB 148 -77.15 29.85 -99.95
C TRP RB 148 -76.67 28.41 -99.91
N TYR RB 149 -75.94 28.02 -100.95
CA TYR RB 149 -75.46 26.64 -101.08
C TYR RB 149 -76.65 25.68 -101.10
N PRO RB 150 -77.31 25.50 -102.24
CA PRO RB 150 -78.47 24.60 -102.27
C PRO RB 150 -78.13 23.15 -101.96
N TRP RB 151 -76.87 22.75 -102.10
CA TRP RB 151 -76.48 21.37 -101.80
C TRP RB 151 -76.62 21.05 -100.32
N TYR RB 152 -76.89 22.03 -99.46
CA TYR RB 152 -77.13 21.74 -98.05
C TYR RB 152 -78.41 20.93 -97.87
N ASN RB 153 -79.45 21.24 -98.64
CA ASN RB 153 -80.73 20.56 -98.52
C ASN RB 153 -80.63 19.15 -99.10
N TRP RB 154 -81.77 18.51 -99.29
CA TRP RB 154 -81.79 17.16 -99.83
C TRP RB 154 -81.53 17.18 -101.33
N LYS RB 155 -80.74 16.21 -101.80
CA LYS RB 155 -80.39 16.11 -103.22
C LYS RB 155 -80.09 14.64 -103.51
N GLN RB 156 -81.12 13.91 -103.91
CA GLN RB 156 -80.99 12.49 -104.22
C GLN RB 156 -79.91 12.28 -105.28
N PRO RB 157 -78.75 11.74 -104.92
CA PRO RB 157 -77.68 11.53 -105.92
C PRO RB 157 -78.08 10.44 -106.91
N PRO RB 158 -77.30 10.26 -107.97
CA PRO RB 158 -77.62 9.20 -108.94
C PRO RB 158 -77.44 7.82 -108.35
N GLU RB 159 -78.18 6.87 -108.92
CA GLU RB 159 -78.17 5.50 -108.41
C GLU RB 159 -76.81 4.84 -108.55
N ARG RB 160 -75.95 5.33 -109.45
CA ARG RB 160 -74.63 4.73 -109.64
C ARG RB 160 -73.79 4.87 -108.37
N GLU RB 161 -73.75 6.08 -107.80
CA GLU RB 161 -72.99 6.30 -106.57
C GLU RB 161 -73.59 5.49 -105.43
N LEU RB 162 -74.91 5.36 -105.39
CA LEU RB 162 -75.54 4.57 -104.35
C LEU RB 162 -75.13 3.09 -104.46
N SER RB 163 -75.12 2.56 -105.68
CA SER RB 163 -74.68 1.18 -105.88
C SER RB 163 -73.22 1.01 -105.51
N ARG RB 164 -72.39 2.00 -105.85
CA ARG RB 164 -70.97 1.94 -105.48
C ARG RB 164 -70.80 1.90 -103.97
N LEU RB 165 -71.54 2.75 -103.25
CA LEU RB 165 -71.44 2.76 -101.80
C LEU RB 165 -71.98 1.46 -101.20
N ARG RB 166 -73.05 0.92 -101.78
CA ARG RB 166 -73.55 -0.38 -101.32
C ARG RB 166 -72.50 -1.46 -101.51
N ARG RB 167 -71.80 -1.44 -102.64
CA ARG RB 167 -70.67 -2.35 -102.83
C ARG RB 167 -69.61 -2.12 -101.78
N LEU RB 168 -69.42 -0.86 -101.37
CA LEU RB 168 -68.49 -0.58 -100.28
C LEU RB 168 -69.05 -1.05 -98.94
N TYR RB 169 -70.31 -0.77 -98.68
CA TYR RB 169 -70.99 -1.20 -97.46
C TYR RB 169 -71.96 -2.33 -97.80
N GLN RB 170 -71.40 -3.51 -98.04
CA GLN RB 170 -72.19 -4.66 -98.46
C GLN RB 170 -73.21 -5.05 -97.41
N GLY RB 171 -72.80 -5.83 -96.41
CA GLY RB 171 -73.71 -6.31 -95.38
C GLY RB 171 -73.84 -5.37 -94.21
N HIS RB 172 -73.92 -4.06 -94.49
CA HIS RB 172 -74.05 -3.05 -93.44
C HIS RB 172 -74.75 -1.84 -94.06
N LEU RB 173 -76.08 -1.88 -94.09
CA LEU RB 173 -76.89 -0.81 -94.65
C LEU RB 173 -78.10 -0.59 -93.77
N GLN RB 174 -78.78 0.55 -93.99
CA GLN RB 174 -79.98 0.91 -93.26
C GLN RB 174 -81.06 1.31 -94.26
N GLU RB 175 -82.25 1.58 -93.75
CA GLU RB 175 -83.40 1.97 -94.57
C GLU RB 175 -83.42 3.49 -94.70
N GLU RB 176 -83.19 3.99 -95.90
CA GLU RB 176 -83.20 5.42 -96.18
C GLU RB 176 -84.56 5.83 -96.75
N SER RB 177 -84.91 7.09 -96.50
CA SER RB 177 -86.18 7.65 -96.94
C SER RB 177 -85.92 8.83 -97.87
N GLY RB 178 -87.01 9.46 -98.32
CA GLY RB 178 -86.93 10.60 -99.20
C GLY RB 178 -86.38 11.82 -98.47
N PRO RB 179 -86.81 13.01 -98.87
CA PRO RB 179 -86.33 14.23 -98.22
C PRO RB 179 -86.80 14.30 -96.78
N PRO RB 180 -86.20 15.15 -95.96
CA PRO RB 180 -86.59 15.23 -94.55
C PRO RB 180 -87.98 15.82 -94.40
N PRO RB 181 -88.93 15.06 -93.84
CA PRO RB 181 -90.28 15.62 -93.64
C PRO RB 181 -90.24 16.86 -92.74
N GLU RB 182 -90.87 17.94 -93.21
CA GLU RB 182 -90.92 19.19 -92.47
C GLU RB 182 -92.13 19.30 -91.56
N SER RB 183 -92.59 18.19 -91.00
CA SER RB 183 -93.75 18.17 -90.11
C SER RB 183 -93.28 17.91 -88.68
N MET RB 184 -93.87 18.64 -87.74
CA MET RB 184 -93.52 18.52 -86.33
C MET RB 184 -94.54 19.24 -85.46
N PRO RB 185 -95.63 18.58 -85.07
CA PRO RB 185 -96.66 19.23 -84.23
C PRO RB 185 -96.18 19.47 -82.80
N ASN SB 1 -32.04 116.97 -36.30
CA ASN SB 1 -31.51 117.29 -37.62
C ASN SB 1 -30.00 117.53 -37.55
N GLU SB 2 -29.60 118.59 -36.85
CA GLU SB 2 -28.19 118.92 -36.68
C GLU SB 2 -27.68 118.57 -35.29
N ASP SB 3 -28.38 117.68 -34.57
CA ASP SB 3 -27.97 117.27 -33.24
C ASP SB 3 -28.01 115.76 -33.06
N LEU SB 4 -27.90 115.00 -34.15
CA LEU SB 4 -27.94 113.56 -34.09
C LEU SB 4 -26.59 113.01 -33.65
N PRO SB 5 -26.56 111.80 -33.10
CA PRO SB 5 -25.28 111.22 -32.66
C PRO SB 5 -24.30 111.05 -33.82
N ILE SB 6 -23.02 110.96 -33.47
CA ILE SB 6 -21.95 110.82 -34.44
C ILE SB 6 -21.17 109.56 -34.14
N SER SB 7 -20.62 108.95 -35.19
CA SER SB 7 -19.84 107.71 -35.05
C SER SB 7 -18.38 108.07 -34.80
N MET SB 8 -18.11 108.50 -33.57
CA MET SB 8 -16.77 108.89 -33.16
C MET SB 8 -16.05 107.69 -32.53
N GLU SB 9 -14.75 107.88 -32.30
CA GLU SB 9 -13.90 106.82 -31.74
C GLU SB 9 -13.88 106.83 -30.22
N ASN SB 10 -15.04 107.06 -29.58
CA ASN SB 10 -15.16 107.02 -28.13
C ASN SB 10 -14.22 108.01 -27.47
N PRO SB 11 -14.57 109.29 -27.40
CA PRO SB 11 -13.74 110.25 -26.68
C PRO SB 11 -13.90 110.13 -25.17
N TYR SB 12 -13.33 111.07 -24.41
CA TYR SB 12 -13.40 111.08 -22.96
C TYR SB 12 -12.78 109.81 -22.34
N LYS SB 13 -11.98 109.08 -23.11
CA LYS SB 13 -11.39 107.83 -22.65
C LYS SB 13 -9.88 107.93 -22.71
N GLU SB 14 -9.22 107.53 -21.63
CA GLU SB 14 -7.76 107.53 -21.54
C GLU SB 14 -7.21 106.19 -22.02
N PRO SB 15 -6.09 106.17 -22.75
CA PRO SB 15 -5.53 104.88 -23.19
C PRO SB 15 -5.31 103.92 -22.03
N LEU SB 16 -5.27 102.62 -22.33
CA LEU SB 16 -5.10 101.62 -21.29
C LEU SB 16 -3.77 101.82 -20.56
N LYS SB 17 -3.77 101.50 -19.27
CA LYS SB 17 -2.58 101.66 -18.47
C LYS SB 17 -1.48 100.68 -18.92
N LYS SB 18 -0.29 100.87 -18.36
CA LYS SB 18 0.86 100.03 -18.67
C LYS SB 18 1.46 99.51 -17.38
N CYS SB 19 2.22 98.42 -17.50
CA CYS SB 19 2.92 97.85 -16.36
C CYS SB 19 4.16 98.67 -16.05
N ILE SB 20 5.07 98.10 -15.25
CA ILE SB 20 6.32 98.77 -14.90
C ILE SB 20 7.43 98.44 -15.89
N LEU SB 21 7.12 97.71 -16.96
CA LEU SB 21 8.11 97.37 -17.98
C LEU SB 21 7.41 96.82 -19.22
N CYS SB 22 6.85 97.71 -20.03
CA CYS SB 22 6.16 97.31 -21.26
C CYS SB 22 6.99 97.64 -22.49
N GLY SB 23 7.27 98.92 -22.73
CA GLY SB 23 8.06 99.32 -23.88
C GLY SB 23 9.55 99.21 -23.62
N LYS SB 24 10.00 98.04 -23.19
CA LYS SB 24 11.40 97.80 -22.89
C LYS SB 24 11.79 96.42 -23.43
N HIS SB 25 13.09 96.14 -23.39
CA HIS SB 25 13.64 94.87 -23.86
C HIS SB 25 14.39 94.23 -22.70
N VAL SB 26 13.77 93.24 -22.06
CA VAL SB 26 14.43 92.54 -20.96
C VAL SB 26 15.65 91.79 -21.48
N ASP SB 27 16.58 91.51 -20.56
CA ASP SB 27 17.81 90.81 -20.89
C ASP SB 27 18.20 89.91 -19.71
N TYR SB 28 18.79 88.77 -20.05
CA TYR SB 28 19.24 87.83 -19.01
C TYR SB 28 20.44 88.34 -18.22
N LYS SB 29 21.06 89.44 -18.65
CA LYS SB 29 22.21 89.97 -17.95
C LYS SB 29 21.85 91.06 -16.95
N ASN SB 30 20.65 91.64 -17.06
CA ASN SB 30 20.20 92.68 -16.14
C ASN SB 30 19.86 92.03 -14.80
N VAL SB 31 20.90 91.69 -14.04
CA VAL SB 31 20.73 91.02 -12.76
C VAL SB 31 19.91 91.87 -11.81
N GLN SB 32 20.04 93.19 -11.90
CA GLN SB 32 19.31 94.08 -10.99
C GLN SB 32 17.80 93.92 -11.15
N LEU SB 33 17.30 94.09 -12.38
CA LEU SB 33 15.87 93.95 -12.61
C LEU SB 33 15.41 92.53 -12.34
N LEU SB 34 16.21 91.53 -12.71
CA LEU SB 34 15.84 90.14 -12.48
C LEU SB 34 15.67 89.85 -10.99
N SER SB 35 16.55 90.40 -10.16
CA SER SB 35 16.48 90.17 -8.72
C SER SB 35 15.45 91.07 -8.04
N GLN SB 36 15.09 92.20 -8.65
CA GLN SB 36 14.09 93.07 -8.05
C GLN SB 36 12.81 92.33 -7.73
N PHE SB 37 12.43 91.35 -8.56
CA PHE SB 37 11.23 90.55 -8.34
C PHE SB 37 11.53 89.30 -7.53
N VAL SB 38 12.45 89.39 -6.57
CA VAL SB 38 12.84 88.25 -5.75
C VAL SB 38 12.92 88.70 -4.30
N SER SB 39 12.54 87.78 -3.38
CA SER SB 39 12.59 88.09 -1.96
C SER SB 39 13.96 87.73 -1.38
N PRO SB 40 14.46 88.48 -0.41
CA PRO SB 40 15.75 88.16 0.20
C PRO SB 40 15.70 87.14 1.33
N PHE SB 41 14.58 86.44 1.50
CA PHE SB 41 14.42 85.46 2.57
C PHE SB 41 14.37 84.02 2.06
N THR SB 42 13.78 83.79 0.88
CA THR SB 42 13.72 82.45 0.32
C THR SB 42 13.98 82.42 -1.18
N GLY SB 43 14.21 83.56 -1.82
CA GLY SB 43 14.43 83.57 -3.26
C GLY SB 43 13.20 83.31 -4.09
N CYS SB 44 12.01 83.59 -3.54
CA CYS SB 44 10.78 83.33 -4.27
C CYS SB 44 10.48 84.48 -5.23
N ILE SB 45 9.90 84.14 -6.37
CA ILE SB 45 9.54 85.12 -7.39
C ILE SB 45 8.12 85.62 -7.10
N TYR SB 46 7.98 86.94 -7.01
CA TYR SB 46 6.67 87.53 -6.73
C TYR SB 46 5.70 87.20 -7.85
N GLY SB 47 4.44 86.98 -7.48
CA GLY SB 47 3.42 86.62 -8.44
C GLY SB 47 2.96 87.78 -9.29
N ARG SB 48 1.77 87.65 -9.90
CA ARG SB 48 1.22 88.69 -10.76
C ARG SB 48 0.17 89.53 -10.07
N HIS SB 49 -0.57 88.97 -9.12
CA HIS SB 49 -1.60 89.73 -8.43
C HIS SB 49 -1.03 90.97 -7.75
N ILE SB 50 0.10 90.82 -7.06
CA ILE SB 50 0.72 91.94 -6.36
C ILE SB 50 1.66 92.71 -7.27
N THR SB 51 2.47 92.01 -8.07
CA THR SB 51 3.40 92.70 -8.94
C THR SB 51 2.66 93.50 -10.00
N GLY SB 52 1.73 92.87 -10.73
CA GLY SB 52 0.92 93.56 -11.69
C GLY SB 52 1.49 93.64 -13.10
N LEU SB 53 2.16 92.58 -13.56
CA LEU SB 53 2.67 92.55 -14.93
C LEU SB 53 1.72 91.78 -15.85
N CYS SB 54 2.00 91.86 -17.14
CA CYS SB 54 1.21 91.17 -18.14
C CYS SB 54 1.67 89.71 -18.26
N GLY SB 55 0.99 88.95 -19.12
CA GLY SB 55 1.36 87.56 -19.34
C GLY SB 55 2.71 87.42 -20.01
N LYS SB 56 2.88 88.04 -21.16
CA LYS SB 56 4.13 87.91 -21.91
C LYS SB 56 5.29 88.53 -21.13
N LYS SB 57 5.08 89.71 -20.54
CA LYS SB 57 6.16 90.38 -19.82
C LYS SB 57 6.56 89.58 -18.58
N GLN SB 58 5.60 89.10 -17.81
CA GLN SB 58 5.91 88.30 -16.63
C GLN SB 58 6.59 86.99 -17.03
N LYS SB 59 6.13 86.37 -18.12
CA LYS SB 59 6.76 85.14 -18.59
C LYS SB 59 8.22 85.38 -18.95
N GLU SB 60 8.49 86.45 -19.69
CA GLU SB 60 9.86 86.78 -20.05
C GLU SB 60 10.71 87.08 -18.82
N ILE SB 61 10.14 87.80 -17.86
CA ILE SB 61 10.87 88.16 -16.65
C ILE SB 61 11.25 86.91 -15.87
N THR SB 62 10.29 86.00 -15.68
CA THR SB 62 10.58 84.78 -14.93
C THR SB 62 11.53 83.88 -15.69
N LYS SB 63 11.43 83.85 -17.03
CA LYS SB 63 12.38 83.06 -17.82
C LYS SB 63 13.80 83.61 -17.66
N ALA SB 64 13.95 84.93 -17.69
CA ALA SB 64 15.28 85.52 -17.50
C ALA SB 64 15.79 85.26 -16.08
N ILE SB 65 14.90 85.34 -15.08
CA ILE SB 65 15.30 85.04 -13.71
C ILE SB 65 15.81 83.61 -13.61
N LYS SB 66 15.08 82.66 -14.21
CA LYS SB 66 15.49 81.27 -14.16
C LYS SB 66 16.80 81.05 -14.89
N ARG SB 67 16.97 81.71 -16.05
CA ARG SB 67 18.23 81.58 -16.78
C ARG SB 67 19.40 82.10 -15.96
N ALA SB 68 19.22 83.25 -15.29
CA ALA SB 68 20.27 83.79 -14.45
C ALA SB 68 20.57 82.87 -13.27
N GLN SB 69 19.52 82.24 -12.72
CA GLN SB 69 19.72 81.32 -11.60
C GLN SB 69 20.49 80.08 -12.02
N ILE SB 70 20.17 79.53 -13.19
CA ILE SB 70 20.84 78.31 -13.66
C ILE SB 70 22.28 78.63 -14.06
N MET SB 71 22.45 79.57 -15.00
CA MET SB 71 23.78 79.88 -15.51
C MET SB 71 24.70 80.35 -14.38
N GLY SB 72 24.24 81.30 -13.58
CA GLY SB 72 25.03 81.79 -12.46
C GLY SB 72 25.16 83.30 -12.44
N PHE SB 73 24.06 84.00 -12.68
CA PHE SB 73 24.04 85.46 -12.65
C PHE SB 73 23.13 86.01 -11.56
N MET SB 74 22.68 85.17 -10.62
CA MET SB 74 21.80 85.61 -9.55
C MET SB 74 21.68 84.52 -8.49
N PRO SB 75 21.75 84.86 -7.21
CA PRO SB 75 21.53 83.84 -6.17
C PRO SB 75 20.12 83.27 -6.24
N VAL SB 76 20.01 81.97 -6.02
CA VAL SB 76 18.74 81.26 -6.15
C VAL SB 76 17.94 81.38 -4.86
N THR SB 77 18.53 80.94 -3.74
CA THR SB 77 17.82 80.90 -2.47
C THR SB 77 17.84 82.24 -1.73
N TYR SB 78 18.29 83.32 -2.37
CA TYR SB 78 18.27 84.64 -1.75
C TYR SB 78 18.51 85.68 -2.84
N LYS SB 79 18.42 86.95 -2.46
CA LYS SB 79 18.57 88.06 -3.39
C LYS SB 79 20.01 88.56 -3.38
N ASP SB 80 20.44 89.05 -4.54
CA ASP SB 80 21.79 89.57 -4.69
C ASP SB 80 22.02 90.72 -3.72
N PRO SB 81 22.93 90.58 -2.75
CA PRO SB 81 23.15 91.69 -1.81
C PRO SB 81 23.91 92.86 -2.42
N ALA SB 82 24.63 92.65 -3.51
CA ALA SB 82 25.39 93.72 -4.15
C ALA SB 82 24.52 94.66 -4.98
N TYR SB 83 23.22 94.43 -5.04
CA TYR SB 83 22.30 95.27 -5.80
C TYR SB 83 20.99 95.41 -5.03
N LEU SB 84 21.07 95.92 -3.81
CA LEU SB 84 19.91 96.13 -2.97
C LEU SB 84 19.26 97.49 -3.17
N LYS SB 85 20.01 98.48 -3.63
CA LYS SB 85 19.46 99.81 -3.87
C LYS SB 85 18.39 99.76 -4.95
N ASP SB 86 17.17 99.36 -4.58
CA ASP SB 86 16.06 99.23 -5.51
C ASP SB 86 14.83 99.86 -4.87
N PRO SB 87 14.19 100.84 -5.51
CA PRO SB 87 12.96 101.42 -4.93
C PRO SB 87 11.90 100.36 -4.73
N LYS SB 88 10.85 100.75 -4.01
CA LYS SB 88 9.74 99.86 -3.69
C LYS SB 88 8.98 99.54 -4.98
N VAL SB 89 9.45 98.52 -5.69
CA VAL SB 89 8.83 98.09 -6.94
C VAL SB 89 7.55 97.33 -6.61
N CYS SB 90 7.69 96.19 -5.94
CA CYS SB 90 6.55 95.37 -5.57
C CYS SB 90 6.03 95.76 -4.19
N ASN SB 91 4.77 95.44 -3.93
CA ASN SB 91 4.12 95.73 -2.66
C ASN SB 91 4.51 94.65 -1.66
N ILE SB 92 5.70 94.83 -1.08
CA ILE SB 92 6.22 93.86 -0.11
C ILE SB 92 5.28 93.81 1.09
N ARG SB 93 4.45 92.76 1.13
CA ARG SB 93 3.51 92.62 2.25
C ARG SB 93 4.26 92.44 3.56
N TYR SB 94 5.25 91.55 3.58
CA TYR SB 94 6.06 91.35 4.78
C TYR SB 94 6.86 92.62 5.09
N ARG SB 95 7.07 92.85 6.39
CA ARG SB 95 7.82 94.00 6.90
C ARG SB 95 7.04 95.30 6.73
N GLU SB 96 5.88 95.24 6.09
CA GLU SB 96 5.05 96.43 5.88
C GLU SB 96 5.85 97.54 5.20
N ALA TB 1 23.81 74.04 0.89
CA ALA TB 1 25.18 73.52 0.90
C ALA TB 1 26.11 74.47 0.17
N LYS TB 2 25.90 74.60 -1.15
CA LYS TB 2 26.73 75.48 -1.96
C LYS TB 2 26.29 76.94 -1.90
N HIS TB 3 25.29 77.26 -1.09
CA HIS TB 3 24.81 78.63 -0.95
C HIS TB 3 25.36 79.25 0.34
N LEU TB 4 25.34 80.57 0.38
CA LEU TB 4 25.82 81.28 1.57
C LEU TB 4 24.99 80.88 2.79
N LYS TB 5 25.65 80.77 3.93
CA LYS TB 5 25.04 80.19 5.12
C LYS TB 5 24.02 81.15 5.74
N PHE TB 6 24.48 82.09 6.56
CA PHE TB 6 23.59 82.96 7.34
C PHE TB 6 23.45 84.29 6.62
N ILE TB 7 22.42 84.38 5.79
CA ILE TB 7 22.08 85.63 5.09
C ILE TB 7 20.57 85.73 4.98
N ALA TB 8 19.95 84.74 4.35
CA ALA TB 8 18.50 84.73 4.18
C ALA TB 8 17.82 84.18 5.44
N ARG TB 9 16.49 84.26 5.44
CA ARG TB 9 15.66 83.82 6.56
C ARG TB 9 16.31 84.15 7.90
N THR TB 10 16.77 85.40 8.03
CA THR TB 10 17.43 85.90 9.22
C THR TB 10 16.60 87.07 9.76
N VAL TB 11 15.49 86.74 10.41
CA VAL TB 11 14.60 87.75 10.98
C VAL TB 11 15.21 88.16 12.32
N MET TB 12 15.83 89.34 12.36
CA MET TB 12 16.45 89.82 13.59
C MET TB 12 15.41 90.06 14.66
N VAL TB 13 15.88 90.15 15.91
CA VAL TB 13 15.02 90.37 17.06
C VAL TB 13 15.64 91.43 17.95
N GLN TB 14 14.80 92.12 18.71
CA GLN TB 14 15.26 93.17 19.62
C GLN TB 14 14.15 93.45 20.63
N GLU TB 15 14.52 94.20 21.67
CA GLU TB 15 13.59 94.59 22.72
C GLU TB 15 13.05 93.40 23.51
N GLY TB 16 13.71 92.25 23.40
CA GLY TB 16 13.25 91.06 24.09
C GLY TB 16 11.86 90.62 23.74
N ASN TB 17 11.36 91.03 22.57
CA ASN TB 17 10.00 90.68 22.12
C ASN TB 17 10.15 89.72 20.94
N VAL TB 18 10.42 88.45 21.26
CA VAL TB 18 10.57 87.44 20.22
C VAL TB 18 9.25 87.16 19.52
N GLU TB 19 8.12 87.46 20.18
CA GLU TB 19 6.82 87.22 19.55
C GLU TB 19 6.66 88.07 18.29
N SER TB 20 7.14 89.31 18.32
CA SER TB 20 7.06 90.18 17.15
C SER TB 20 7.87 89.60 16.00
N ALA TB 21 9.13 89.22 16.26
CA ALA TB 21 9.96 88.62 15.24
C ALA TB 21 9.39 87.29 14.78
N TYR TB 22 8.80 86.52 15.69
CA TYR TB 22 8.18 85.25 15.32
C TYR TB 22 7.04 85.48 14.33
N ARG TB 23 6.17 86.44 14.63
CA ARG TB 23 5.06 86.75 13.72
C ARG TB 23 5.58 87.30 12.39
N THR TB 24 6.65 88.08 12.43
CA THR TB 24 7.24 88.59 11.19
C THR TB 24 7.75 87.45 10.32
N LEU TB 25 8.46 86.50 10.93
CA LEU TB 25 8.96 85.35 10.18
C LEU TB 25 7.81 84.52 9.65
N ASN TB 26 6.74 84.35 10.44
CA ASN TB 26 5.58 83.61 9.97
C ASN TB 26 4.95 84.28 8.76
N ARG TB 27 4.78 85.60 8.83
CA ARG TB 27 4.22 86.34 7.70
C ARG TB 27 5.11 86.21 6.47
N ILE TB 28 6.42 86.31 6.66
CA ILE TB 28 7.36 86.18 5.54
C ILE TB 28 7.21 84.82 4.89
N LEU TB 29 7.19 83.76 5.70
CA LEU TB 29 7.10 82.42 5.16
C LEU TB 29 5.76 82.20 4.45
N THR TB 30 4.68 82.75 4.99
CA THR TB 30 3.37 82.59 4.36
C THR TB 30 3.30 83.33 3.03
N MET TB 31 3.87 84.54 2.97
CA MET TB 31 3.85 85.30 1.73
C MET TB 31 4.80 84.70 0.69
N ASP TB 32 5.85 84.01 1.14
CA ASP TB 32 6.78 83.38 0.21
C ASP TB 32 6.15 82.17 -0.45
N GLY TB 33 5.40 81.37 0.30
CA GLY TB 33 4.76 80.19 -0.25
C GLY TB 33 5.57 78.93 -0.03
N LEU TB 34 5.80 78.56 1.23
CA LEU TB 34 6.56 77.35 1.55
C LEU TB 34 6.04 76.60 2.77
N ILE TB 35 5.26 77.22 3.66
CA ILE TB 35 4.74 76.50 4.81
C ILE TB 35 3.82 75.37 4.36
N GLU TB 36 2.86 75.68 3.49
CA GLU TB 36 1.97 74.66 2.97
C GLU TB 36 2.75 73.62 2.16
N ASP TB 37 3.77 74.07 1.43
CA ASP TB 37 4.60 73.15 0.66
C ASP TB 37 5.24 72.11 1.58
N ILE TB 38 5.82 72.56 2.69
CA ILE TB 38 6.45 71.63 3.62
C ILE TB 38 5.41 70.76 4.30
N LYS TB 39 4.25 71.34 4.65
CA LYS TB 39 3.20 70.56 5.29
C LYS TB 39 2.74 69.42 4.39
N HIS TB 40 2.63 69.68 3.08
CA HIS TB 40 2.24 68.63 2.15
C HIS TB 40 3.39 67.68 1.85
N ARG TB 41 4.63 68.16 1.92
CA ARG TB 41 5.79 67.29 1.79
C ARG TB 41 6.00 66.40 3.00
N ARG TB 42 5.31 66.68 4.11
CA ARG TB 42 5.35 65.76 5.25
C ARG TB 42 5.05 64.33 4.81
N TYR TB 43 4.18 64.17 3.81
CA TYR TB 43 3.88 62.87 3.22
C TYR TB 43 3.89 63.01 1.71
N TYR TB 44 3.67 61.90 1.01
CA TYR TB 44 3.66 61.89 -0.44
C TYR TB 44 2.26 62.25 -0.94
N GLU TB 45 2.18 63.31 -1.73
CA GLU TB 45 0.92 63.74 -2.32
C GLU TB 45 0.77 63.09 -3.69
N LYS TB 46 -0.23 62.21 -3.82
CA LYS TB 46 -0.45 61.52 -5.08
C LYS TB 46 -0.70 62.54 -6.20
N PRO TB 47 -0.31 62.22 -7.43
CA PRO TB 47 -0.59 63.18 -8.53
C PRO TB 47 -2.07 63.51 -8.68
N CYS TB 48 -2.95 62.50 -8.57
CA CYS TB 48 -4.38 62.77 -8.58
C CYS TB 48 -4.78 63.68 -7.43
N CYS TB 49 -4.42 63.31 -6.20
CA CYS TB 49 -4.73 64.13 -5.05
C CYS TB 49 -4.05 65.49 -5.14
N ARG TB 50 -2.85 65.55 -5.74
CA ARG TB 50 -2.16 66.83 -5.88
C ARG TB 50 -2.91 67.76 -6.83
N ARG TB 51 -3.37 67.23 -7.95
CA ARG TB 51 -4.16 68.04 -8.88
C ARG TB 51 -5.48 68.48 -8.26
N GLN TB 52 -6.13 67.58 -7.50
CA GLN TB 52 -7.36 67.95 -6.82
C GLN TB 52 -7.11 69.05 -5.81
N ARG TB 53 -6.02 68.95 -5.05
CA ARG TB 53 -5.67 69.99 -4.08
C ARG TB 53 -5.44 71.32 -4.79
N GLU TB 54 -4.69 71.31 -5.89
CA GLU TB 54 -4.43 72.56 -6.60
C GLU TB 54 -5.72 73.17 -7.14
N SER TB 55 -6.60 72.34 -7.72
CA SER TB 55 -7.86 72.85 -8.25
C SER TB 55 -8.72 73.44 -7.14
N TYR TB 56 -8.83 72.74 -6.01
CA TYR TB 56 -9.63 73.25 -4.90
C TYR TB 56 -9.03 74.55 -4.36
N GLU TB 57 -7.70 74.63 -4.29
CA GLU TB 57 -7.06 75.85 -3.81
C GLU TB 57 -7.35 77.02 -4.74
N ARG TB 58 -7.23 76.79 -6.05
CA ARG TB 58 -7.51 77.87 -7.01
C ARG TB 58 -8.97 78.31 -6.91
N CYS TB 59 -9.89 77.34 -6.80
CA CYS TB 59 -11.31 77.69 -6.69
C CYS TB 59 -11.59 78.50 -5.44
N ARG TB 60 -11.06 78.05 -4.30
CA ARG TB 60 -11.28 78.78 -3.05
C ARG TB 60 -10.65 80.16 -3.10
N ARG TB 61 -9.49 80.29 -3.74
CA ARG TB 61 -8.85 81.59 -3.86
C ARG TB 61 -9.68 82.54 -4.72
N ILE TB 62 -10.19 82.06 -5.85
CA ILE TB 62 -11.03 82.89 -6.70
C ILE TB 62 -12.29 83.32 -5.95
N TYR TB 63 -12.91 82.38 -5.22
CA TYR TB 63 -14.11 82.71 -4.47
C TYR TB 63 -13.82 83.74 -3.38
N ASN TB 64 -12.69 83.59 -2.69
CA ASN TB 64 -12.33 84.53 -1.63
C ASN TB 64 -12.04 85.91 -2.21
N MET TB 65 -11.38 85.98 -3.36
CA MET TB 65 -11.14 87.27 -4.00
C MET TB 65 -12.44 87.93 -4.42
N GLU TB 66 -13.36 87.15 -5.00
CA GLU TB 66 -14.65 87.72 -5.38
C GLU TB 66 -15.42 88.22 -4.17
N MET TB 67 -15.40 87.46 -3.07
CA MET TB 67 -16.10 87.88 -1.86
C MET TB 67 -15.47 89.13 -1.27
N ALA TB 68 -14.13 89.22 -1.28
CA ALA TB 68 -13.47 90.41 -0.77
C ALA TB 68 -13.81 91.63 -1.61
N ARG TB 69 -13.85 91.47 -2.94
CA ARG TB 69 -14.25 92.57 -3.80
C ARG TB 69 -15.68 93.01 -3.51
N LYS TB 70 -16.60 92.05 -3.39
CA LYS TB 70 -17.98 92.38 -3.09
C LYS TB 70 -18.10 93.10 -1.76
N ILE TB 71 -17.33 92.67 -0.76
CA ILE TB 71 -17.38 93.31 0.55
C ILE TB 71 -16.85 94.74 0.47
N ASN TB 72 -15.70 94.92 -0.18
CA ASN TB 72 -15.14 96.26 -0.34
C ASN TB 72 -16.07 97.17 -1.11
N PHE TB 73 -16.91 96.60 -1.99
CA PHE TB 73 -17.81 97.42 -2.78
C PHE TB 73 -19.10 97.75 -2.03
N LEU TB 74 -19.59 96.83 -1.21
CA LEU TB 74 -20.90 96.98 -0.56
C LEU TB 74 -20.81 97.33 0.91
N MET TB 75 -19.61 97.57 1.44
CA MET TB 75 -19.49 97.97 2.84
C MET TB 75 -20.04 99.36 3.11
N ARG TB 76 -20.48 100.09 2.09
CA ARG TB 76 -21.00 101.43 2.31
C ARG TB 76 -22.32 101.39 3.09
N LYS TB 77 -23.23 100.50 2.70
CA LYS TB 77 -24.53 100.40 3.34
C LYS TB 77 -24.40 99.76 4.73
N ASN TB 78 -24.26 100.60 5.76
CA ASN TB 78 -24.14 100.11 7.13
C ASN TB 78 -24.66 101.16 8.11
N ARG TB 79 -25.75 101.84 7.75
CA ARG TB 79 -26.32 102.87 8.60
C ARG TB 79 -27.32 102.27 9.59
N ALA TB 80 -28.61 102.48 9.36
CA ALA TB 80 -29.64 101.97 10.26
C ALA TB 80 -31.03 102.21 9.69
N ASP TB 81 -31.52 103.44 9.83
CA ASP TB 81 -32.85 103.82 9.33
C ASP TB 81 -32.76 105.23 8.75
N PRO TB 82 -32.11 105.37 7.58
CA PRO TB 82 -31.99 106.70 6.99
C PRO TB 82 -33.31 107.28 6.52
N TRP TB 83 -34.19 106.44 5.96
CA TRP TB 83 -35.48 106.91 5.47
C TRP TB 83 -36.56 106.88 6.55
N GLN TB 84 -36.71 105.74 7.22
CA GLN TB 84 -37.71 105.57 8.28
C GLN TB 84 -39.13 105.70 7.75
N GLY TB 85 -39.33 105.45 6.46
CA GLY TB 85 -40.66 105.54 5.87
C GLY TB 85 -41.38 104.22 5.85
N CYS TB 86 -40.85 103.25 5.12
CA CYS TB 86 -41.46 101.93 5.02
C CYS TB 86 -42.88 102.03 4.46
N LYS UB 1 -84.28 74.84 -92.89
CA LYS UB 1 -85.16 75.94 -92.51
C LYS UB 1 -85.22 76.11 -90.98
N PRO UB 2 -85.45 75.02 -90.25
CA PRO UB 2 -85.47 75.13 -88.77
C PRO UB 2 -84.20 75.74 -88.22
N THR UB 3 -83.03 75.25 -88.64
CA THR UB 3 -81.75 75.75 -88.17
C THR UB 3 -81.65 75.66 -86.65
N PHE UB 4 -81.38 74.45 -86.15
CA PHE UB 4 -81.25 74.27 -84.71
C PHE UB 4 -79.93 74.80 -84.17
N MET UB 5 -78.87 74.78 -85.00
CA MET UB 5 -77.56 75.27 -84.60
C MET UB 5 -77.33 76.72 -85.02
N ASP UB 6 -78.40 77.50 -85.16
CA ASP UB 6 -78.25 78.90 -85.55
C ASP UB 6 -77.52 79.67 -84.46
N GLU UB 7 -76.72 80.66 -84.89
CA GLU UB 7 -75.94 81.45 -83.95
C GLU UB 7 -76.84 82.28 -83.04
N GLU UB 8 -77.82 82.99 -83.63
CA GLU UB 8 -78.70 83.83 -82.84
C GLU UB 8 -79.56 82.98 -81.90
N VAL UB 9 -80.06 81.85 -82.38
CA VAL UB 9 -80.89 80.97 -81.55
C VAL UB 9 -80.08 80.46 -80.37
N GLN UB 10 -78.86 80.00 -80.62
CA GLN UB 10 -78.02 79.49 -79.55
C GLN UB 10 -77.67 80.59 -78.57
N SER UB 11 -77.42 81.81 -79.06
CA SER UB 11 -77.11 82.93 -78.17
C SER UB 11 -78.29 83.25 -77.27
N ILE UB 12 -79.49 83.30 -77.84
CA ILE UB 12 -80.68 83.58 -77.04
C ILE UB 12 -80.92 82.47 -76.03
N LEU UB 13 -80.66 81.23 -76.42
CA LEU UB 13 -80.82 80.10 -75.50
C LEU UB 13 -79.85 80.21 -74.34
N THR UB 14 -78.58 80.50 -74.63
CA THR UB 14 -77.60 80.69 -73.56
C THR UB 14 -77.98 81.85 -72.66
N LYS UB 15 -78.55 82.91 -73.24
CA LYS UB 15 -79.00 84.05 -72.44
C LYS UB 15 -80.15 83.64 -71.52
N MET UB 16 -81.04 82.77 -72.00
CA MET UB 16 -82.16 82.32 -71.17
C MET UB 16 -81.66 81.60 -69.93
N THR UB 17 -80.58 80.83 -70.05
CA THR UB 17 -80.00 80.09 -68.94
C THR UB 17 -78.62 80.69 -68.64
N GLY UB 18 -78.58 81.60 -67.67
CA GLY UB 18 -77.33 82.24 -67.32
C GLY UB 18 -76.27 81.25 -66.90
N LEU UB 19 -75.03 81.75 -66.83
CA LEU UB 19 -73.90 80.91 -66.45
C LEU UB 19 -74.06 80.39 -65.02
N ASN UB 20 -74.11 81.31 -64.05
CA ASN UB 20 -74.25 80.94 -62.65
C ASN UB 20 -73.11 80.02 -62.23
N LEU UB 21 -72.01 80.61 -61.76
CA LEU UB 21 -70.85 79.84 -61.33
C LEU UB 21 -71.04 79.19 -59.97
N GLN UB 22 -72.09 79.55 -59.24
CA GLN UB 22 -72.36 78.98 -57.92
C GLN UB 22 -73.34 77.82 -57.96
N LYS UB 23 -74.40 77.94 -58.77
CA LYS UB 23 -75.39 76.86 -58.85
C LYS UB 23 -74.86 75.69 -59.68
N THR UB 24 -74.22 75.97 -60.82
CA THR UB 24 -73.69 74.89 -61.65
C THR UB 24 -72.58 74.14 -60.93
N PHE UB 25 -71.71 74.86 -60.24
CA PHE UB 25 -70.61 74.24 -59.48
C PHE UB 25 -70.99 74.05 -58.03
N LYS UB 26 -72.12 73.39 -57.79
CA LYS UB 26 -72.61 73.14 -56.45
C LYS UB 26 -72.05 71.81 -55.91
N PRO UB 27 -71.60 71.75 -54.67
CA PRO UB 27 -71.09 70.48 -54.14
C PRO UB 27 -72.20 69.46 -53.95
N ALA UB 28 -71.82 68.19 -54.03
CA ALA UB 28 -72.75 67.08 -53.88
C ALA UB 28 -72.29 66.16 -52.77
N ILE UB 29 -73.26 65.54 -52.10
CA ILE UB 29 -72.97 64.61 -51.01
C ILE UB 29 -72.17 63.43 -51.56
N GLN UB 30 -70.85 63.56 -51.55
CA GLN UB 30 -69.97 62.51 -52.05
C GLN UB 30 -68.74 62.46 -51.15
N GLU UB 31 -67.64 61.93 -51.67
CA GLU UB 31 -66.41 61.83 -50.90
C GLU UB 31 -65.89 63.21 -50.55
N LEU UB 32 -65.46 63.37 -49.30
CA LEU UB 32 -64.90 64.62 -48.82
C LEU UB 32 -63.37 64.54 -48.79
N LYS UB 33 -62.74 65.71 -48.75
CA LYS UB 33 -61.29 65.80 -48.76
C LYS UB 33 -60.90 67.17 -48.19
N PRO UB 34 -59.69 67.29 -47.65
CA PRO UB 34 -59.26 68.58 -47.09
C PRO UB 34 -58.91 69.56 -48.21
N PRO UB 35 -59.60 70.69 -48.29
CA PRO UB 35 -59.28 71.67 -49.34
C PRO UB 35 -57.85 72.17 -49.21
N THR UB 36 -57.44 72.94 -50.22
CA THR UB 36 -56.11 73.54 -50.26
C THR UB 36 -56.23 75.05 -50.43
N TYR UB 37 -55.40 75.78 -49.69
CA TYR UB 37 -55.42 77.24 -49.72
C TYR UB 37 -54.14 77.77 -50.35
N LYS UB 38 -54.23 78.97 -50.91
CA LYS UB 38 -53.09 79.62 -51.55
C LYS UB 38 -53.29 81.12 -51.48
N LEU UB 39 -52.21 81.86 -51.76
CA LEU UB 39 -52.23 83.32 -51.72
C LEU UB 39 -51.69 83.84 -53.04
N MET UB 40 -52.57 84.39 -53.88
CA MET UB 40 -52.20 84.94 -55.17
C MET UB 40 -52.69 86.38 -55.25
N THR UB 41 -52.36 87.05 -56.36
CA THR UB 41 -52.73 88.45 -56.57
C THR UB 41 -54.13 88.51 -57.18
N GLN UB 42 -54.51 89.70 -57.65
CA GLN UB 42 -55.84 89.89 -58.21
C GLN UB 42 -55.92 89.44 -59.67
N ALA UB 43 -54.83 89.59 -60.43
CA ALA UB 43 -54.83 89.12 -61.81
C ALA UB 43 -55.03 87.61 -61.87
N GLN UB 44 -54.36 86.86 -60.98
CA GLN UB 44 -54.57 85.42 -60.92
C GLN UB 44 -55.99 85.07 -60.50
N LEU UB 45 -56.58 85.88 -59.62
CA LEU UB 45 -57.98 85.64 -59.24
C LEU UB 45 -58.90 85.84 -60.43
N GLU UB 46 -58.67 86.89 -61.23
CA GLU UB 46 -59.46 87.11 -62.43
C GLU UB 46 -59.27 85.98 -63.43
N GLU UB 47 -58.04 85.48 -63.54
CA GLU UB 47 -57.78 84.34 -64.43
C GLU UB 47 -58.53 83.10 -63.97
N ALA UB 48 -58.52 82.84 -62.66
CA ALA UB 48 -59.28 81.70 -62.14
C ALA UB 48 -60.77 81.87 -62.40
N THR UB 49 -61.28 83.09 -62.24
CA THR UB 49 -62.71 83.33 -62.46
C THR UB 49 -63.08 83.11 -63.93
N ARG UB 50 -62.27 83.62 -64.86
CA ARG UB 50 -62.59 83.43 -66.27
C ARG UB 50 -62.39 81.98 -66.70
N GLN UB 51 -61.45 81.26 -66.07
CA GLN UB 51 -61.33 79.83 -66.33
C GLN UB 51 -62.56 79.08 -65.85
N ALA UB 52 -63.08 79.43 -64.67
CA ALA UB 52 -64.30 78.82 -64.19
C ALA UB 52 -65.48 79.15 -65.10
N VAL UB 53 -65.50 80.37 -65.64
CA VAL UB 53 -66.56 80.75 -66.58
C VAL UB 53 -66.47 79.90 -67.84
N GLU UB 54 -65.25 79.70 -68.35
CA GLU UB 54 -65.08 78.85 -69.52
C GLU UB 54 -65.51 77.42 -69.23
N ALA UB 55 -65.19 76.92 -68.03
CA ALA UB 55 -65.61 75.57 -67.67
C ALA UB 55 -67.14 75.47 -67.61
N ALA UB 56 -67.79 76.47 -67.01
CA ALA UB 56 -69.25 76.48 -66.98
C ALA UB 56 -69.83 76.51 -68.39
N LYS UB 57 -69.23 77.29 -69.28
CA LYS UB 57 -69.68 77.32 -70.67
C LYS UB 57 -69.54 75.94 -71.30
N VAL UB 58 -68.41 75.28 -71.07
CA VAL UB 58 -68.21 73.94 -71.62
C VAL UB 58 -69.19 72.95 -71.01
N ARG UB 59 -69.69 73.23 -69.81
CA ARG UB 59 -70.63 72.33 -69.16
C ARG UB 59 -71.84 72.05 -70.05
N LEU UB 60 -72.60 73.09 -70.38
CA LEU UB 60 -73.78 72.92 -71.20
C LEU UB 60 -73.40 72.75 -72.66
N LYS UB 61 -74.08 71.84 -73.35
CA LYS UB 61 -73.81 71.56 -74.76
C LYS UB 61 -74.88 70.67 -75.35
N MET UB 62 -75.29 69.65 -74.60
CA MET UB 62 -76.29 68.68 -75.01
C MET UB 62 -77.66 69.08 -74.49
N PRO UB 63 -78.73 68.41 -74.94
CA PRO UB 63 -78.82 67.42 -76.01
C PRO UB 63 -79.69 67.88 -77.18
N PRO UB 64 -79.51 67.27 -78.36
CA PRO UB 64 -80.41 67.56 -79.48
C PRO UB 64 -81.57 66.58 -79.56
N VAL UB 65 -82.66 67.05 -80.15
CA VAL UB 65 -83.87 66.24 -80.33
C VAL UB 65 -83.62 65.33 -81.52
N LEU UB 66 -83.19 64.09 -81.24
CA LEU UB 66 -82.90 63.12 -82.29
C LEU UB 66 -84.12 62.30 -82.69
N GLU UB 67 -85.31 62.66 -82.21
CA GLU UB 67 -86.53 61.94 -82.55
C GLU UB 67 -86.45 60.48 -82.10
N GLU UB 68 -87.39 59.67 -82.55
CA GLU UB 68 -87.42 58.25 -82.19
C GLU UB 68 -86.70 57.43 -83.25
N ARG UB 69 -85.94 56.43 -82.79
CA ARG UB 69 -85.19 55.56 -83.68
C ARG UB 69 -86.13 54.75 -84.56
N VAL UB 70 -85.57 53.95 -85.47
CA VAL UB 70 -86.34 53.09 -86.36
C VAL UB 70 -85.86 51.67 -86.14
N PRO UB 71 -86.76 50.69 -85.98
CA PRO UB 71 -86.31 49.31 -85.75
C PRO UB 71 -85.60 48.76 -86.98
N ILE UB 72 -84.39 48.27 -86.77
CA ILE UB 72 -83.60 47.70 -87.87
C ILE UB 72 -84.30 46.46 -88.40
N ASN UB 73 -84.49 46.40 -89.72
CA ASN UB 73 -85.14 45.26 -90.37
C ASN UB 73 -84.22 44.79 -91.51
N ASP UB 74 -83.08 44.22 -91.13
CA ASP UB 74 -82.10 43.70 -92.07
C ASP UB 74 -81.70 42.29 -91.66
N VAL UB 75 -81.81 41.35 -92.60
CA VAL UB 75 -81.48 39.95 -92.35
C VAL UB 75 -80.17 39.63 -93.05
N LEU UB 76 -79.29 38.91 -92.34
CA LEU UB 76 -78.01 38.53 -92.92
C LEU UB 76 -78.15 37.28 -93.79
N ALA UB 77 -78.50 36.15 -93.17
CA ALA UB 77 -78.67 34.89 -93.89
C ALA UB 77 -79.97 34.22 -93.45
N GLU UB 78 -80.19 32.98 -93.92
CA GLU UB 78 -81.37 32.23 -93.55
C GLU UB 78 -81.10 30.75 -93.83
N ASP UB 79 -81.97 29.90 -93.29
CA ASP UB 79 -81.83 28.46 -93.44
C ASP UB 79 -83.22 27.83 -93.55
N LYS UB 80 -83.35 26.86 -94.45
CA LYS UB 80 -84.60 26.15 -94.65
C LYS UB 80 -84.65 24.80 -93.94
N ILE UB 81 -83.49 24.27 -93.53
CA ILE UB 81 -83.47 22.97 -92.85
C ILE UB 81 -84.04 23.10 -91.44
N LEU UB 82 -83.85 24.25 -90.80
CA LEU UB 82 -84.36 24.46 -89.45
C LEU UB 82 -85.84 24.84 -89.49
N GLU UB 83 -86.12 26.14 -89.64
CA GLU UB 83 -87.48 26.64 -89.71
C GLU UB 83 -88.31 26.14 -88.52
N GLY UB 84 -87.94 26.66 -87.35
CA GLY UB 84 -88.64 26.29 -86.13
C GLY UB 84 -88.22 24.93 -85.60
N THR UB 85 -87.09 24.89 -84.90
CA THR UB 85 -86.60 23.64 -84.33
C THR UB 85 -85.86 23.91 -83.02
N GLU UB 86 -84.95 24.87 -83.03
CA GLU UB 86 -84.17 25.25 -81.85
C GLU UB 86 -84.54 26.68 -81.49
N THR UB 87 -85.51 26.84 -80.58
CA THR UB 87 -85.98 28.15 -80.16
C THR UB 87 -84.95 28.81 -79.24
N THR UB 88 -85.40 29.77 -78.43
CA THR UB 88 -84.55 30.48 -77.48
C THR UB 88 -83.79 31.61 -78.17
N LYS UB 89 -83.48 31.46 -79.45
CA LYS UB 89 -82.78 32.48 -80.22
C LYS UB 89 -81.39 32.75 -79.64
N TYR UB 90 -80.35 32.26 -80.32
CA TYR UB 90 -78.98 32.48 -79.90
C TYR UB 90 -78.49 33.82 -80.43
N VAL UB 91 -77.84 34.59 -79.57
CA VAL UB 91 -77.35 35.93 -79.93
C VAL UB 91 -75.86 35.87 -80.18
N PHE UB 92 -75.40 36.61 -81.19
CA PHE UB 92 -73.98 36.68 -81.53
C PHE UB 92 -73.66 38.09 -81.99
N THR UB 93 -72.46 38.56 -81.65
CA THR UB 93 -72.03 39.91 -82.00
C THR UB 93 -70.54 39.89 -82.29
N ASP UB 94 -69.99 41.07 -82.54
CA ASP UB 94 -68.57 41.23 -82.84
C ASP UB 94 -68.00 42.33 -81.95
N ILE UB 95 -66.75 42.16 -81.54
CA ILE UB 95 -66.05 43.10 -80.68
C ILE UB 95 -65.07 43.91 -81.52
N SER UB 96 -65.06 45.23 -81.31
CA SER UB 96 -64.15 46.10 -82.05
C SER UB 96 -64.00 47.39 -81.24
N TYR UB 97 -62.87 47.51 -80.52
CA TYR UB 97 -62.64 48.69 -79.70
C TYR UB 97 -62.49 49.95 -80.55
N SER UB 98 -62.04 49.81 -81.80
CA SER UB 98 -61.85 50.94 -82.69
C SER UB 98 -63.10 51.25 -83.52
N ILE UB 99 -64.27 50.84 -83.05
CA ILE UB 99 -65.52 51.08 -83.76
C ILE UB 99 -66.59 51.48 -82.74
N PRO UB 100 -67.36 52.54 -82.99
CA PRO UB 100 -68.39 52.94 -82.02
C PRO UB 100 -69.52 51.91 -81.96
N HIS UB 101 -70.41 52.12 -81.00
CA HIS UB 101 -71.54 51.22 -80.81
C HIS UB 101 -72.60 51.38 -81.89
N ARG UB 102 -72.54 52.45 -82.70
CA ARG UB 102 -73.50 52.67 -83.77
C ARG UB 102 -73.11 51.97 -85.06
N GLU UB 103 -72.13 51.07 -85.03
CA GLU UB 103 -71.69 50.35 -86.21
C GLU UB 103 -71.37 48.90 -85.85
N ARG UB 104 -72.17 48.30 -84.99
CA ARG UB 104 -71.96 46.94 -84.55
C ARG UB 104 -72.73 45.98 -85.47
N PHE UB 105 -72.62 44.67 -85.17
CA PHE UB 105 -73.29 43.62 -85.94
C PHE UB 105 -73.72 42.53 -84.96
N ILE UB 106 -74.76 42.82 -84.18
CA ILE UB 106 -75.29 41.88 -83.20
C ILE UB 106 -76.26 40.96 -83.93
N VAL UB 107 -75.80 39.78 -84.29
CA VAL UB 107 -76.62 38.79 -85.00
C VAL UB 107 -77.38 37.97 -83.97
N VAL UB 108 -78.56 37.47 -84.38
CA VAL UB 108 -79.41 36.67 -83.51
C VAL UB 108 -79.93 35.50 -84.34
N ARG UB 109 -79.39 34.31 -84.10
CA ARG UB 109 -79.81 33.10 -84.82
C ARG UB 109 -81.18 32.69 -84.30
N GLU UB 110 -82.24 33.10 -84.99
CA GLU UB 110 -83.59 32.77 -84.59
C GLU UB 110 -83.98 31.39 -85.12
N PRO UB 111 -84.96 30.75 -84.49
CA PRO UB 111 -85.37 29.42 -84.97
C PRO UB 111 -85.93 29.44 -86.38
N SER UB 112 -86.77 30.43 -86.70
CA SER UB 112 -87.33 30.54 -88.03
C SER UB 112 -86.24 30.88 -89.05
N GLY UB 113 -86.50 30.56 -90.31
CA GLY UB 113 -85.57 30.82 -91.37
C GLY UB 113 -85.29 32.30 -91.57
N THR UB 114 -84.51 32.88 -90.67
CA THR UB 114 -84.17 34.30 -90.73
C THR UB 114 -82.92 34.53 -89.92
N LEU UB 115 -82.46 35.78 -89.90
CA LEU UB 115 -81.25 36.16 -89.17
C LEU UB 115 -81.15 37.67 -89.07
N ARG UB 116 -82.02 38.27 -88.27
CA ARG UB 116 -82.06 39.72 -88.14
C ARG UB 116 -80.84 40.22 -87.37
N LYS UB 117 -80.75 41.54 -87.21
CA LYS UB 117 -79.66 42.19 -86.49
C LYS UB 117 -80.10 42.67 -85.11
N ALA UB 118 -81.09 41.99 -84.52
CA ALA UB 118 -81.61 42.35 -83.21
C ALA UB 118 -82.23 43.74 -83.23
N SER UB 119 -83.04 44.05 -82.22
CA SER UB 119 -83.68 45.35 -82.11
C SER UB 119 -82.75 46.34 -81.42
N TRP UB 120 -83.26 47.52 -81.08
CA TRP UB 120 -82.43 48.53 -80.44
C TRP UB 120 -82.34 48.29 -78.93
N GLU UB 121 -83.43 47.84 -78.31
CA GLU UB 121 -83.41 47.55 -76.88
C GLU UB 121 -82.44 46.42 -76.57
N GLU UB 122 -82.57 45.30 -77.27
CA GLU UB 122 -81.66 44.18 -77.07
C GLU UB 122 -80.24 44.57 -77.43
N ARG UB 123 -80.07 45.41 -78.46
CA ARG UB 123 -78.75 45.88 -78.83
C ARG UB 123 -78.10 46.64 -77.69
N ASP UB 124 -78.82 47.60 -77.10
CA ASP UB 124 -78.28 48.37 -75.98
C ASP UB 124 -78.03 47.47 -74.78
N ARG UB 125 -78.91 46.49 -74.54
CA ARG UB 125 -78.70 45.58 -73.42
C ARG UB 125 -77.42 44.77 -73.59
N MET UB 126 -77.20 44.23 -74.79
CA MET UB 126 -75.98 43.47 -75.05
C MET UB 126 -74.75 44.36 -74.98
N ILE UB 127 -74.87 45.61 -75.43
CA ILE UB 127 -73.74 46.53 -75.34
C ILE UB 127 -73.39 46.80 -73.88
N GLN UB 128 -74.40 47.01 -73.04
CA GLN UB 128 -74.16 47.23 -71.62
C GLN UB 128 -73.56 45.98 -70.98
N VAL UB 129 -74.00 44.80 -71.40
CA VAL UB 129 -73.47 43.57 -70.85
C VAL UB 129 -72.00 43.39 -71.23
N TYR UB 130 -71.65 43.72 -72.47
CA TYR UB 130 -70.28 43.55 -72.93
C TYR UB 130 -69.41 44.75 -72.57
N PHE UB 131 -69.93 45.96 -72.75
CA PHE UB 131 -69.21 47.20 -72.45
C PHE UB 131 -70.01 47.97 -71.40
N PRO UB 132 -69.86 47.64 -70.12
CA PRO UB 132 -70.61 48.35 -69.08
C PRO UB 132 -70.25 49.82 -69.00
N LYS UB 133 -71.11 50.68 -69.55
CA LYS UB 133 -70.89 52.11 -69.50
C LYS UB 133 -71.38 52.68 -68.17
N GLU UB 134 -70.85 53.85 -67.83
CA GLU UB 134 -71.25 54.51 -66.59
C GLU UB 134 -72.76 54.69 -66.55
N GLY UB 135 -73.39 54.03 -65.58
CA GLY UB 135 -74.84 54.09 -65.47
C GLY UB 135 -75.51 53.06 -66.37
N ARG UB 136 -76.72 53.41 -66.83
CA ARG UB 136 -77.48 52.53 -67.71
C ARG UB 136 -77.69 51.17 -67.06
N LYS UB 137 -78.62 51.09 -66.11
CA LYS UB 137 -78.89 49.83 -65.44
C LYS UB 137 -79.43 48.80 -66.43
N ILE UB 138 -79.09 47.54 -66.18
CA ILE UB 138 -79.55 46.46 -67.05
C ILE UB 138 -81.08 46.40 -67.04
N LEU UB 139 -81.67 46.38 -65.84
CA LEU UB 139 -83.11 46.36 -65.70
C LEU UB 139 -83.64 47.79 -65.57
N THR UB 140 -84.88 48.00 -66.01
CA THR UB 140 -85.48 49.32 -65.95
C THR UB 140 -85.59 49.76 -64.49
N PRO UB 141 -85.25 51.01 -64.17
CA PRO UB 141 -85.33 51.45 -62.77
C PRO UB 141 -86.77 51.64 -62.33
N ILE UB 142 -86.98 51.44 -61.02
CA ILE UB 142 -88.31 51.57 -60.45
C ILE UB 142 -88.76 53.03 -60.34
N ILE UB 143 -87.84 53.98 -60.48
CA ILE UB 143 -88.21 55.39 -60.39
C ILE UB 143 -89.16 55.79 -61.50
N PHE UB 144 -89.10 55.09 -62.64
CA PHE UB 144 -89.91 55.45 -63.79
C PHE UB 144 -91.37 55.00 -63.66
N LYS UB 145 -91.78 54.50 -62.50
CA LYS UB 145 -93.17 54.13 -62.30
C LYS UB 145 -94.04 55.37 -62.17
N GLU UB 146 -95.35 55.18 -62.37
CA GLU UB 146 -96.28 56.30 -62.30
C GLU UB 146 -96.23 56.97 -60.92
N GLU UB 147 -96.41 56.19 -59.86
CA GLU UB 147 -96.37 56.75 -58.52
C GLU UB 147 -94.99 57.32 -58.20
N ASN UB 148 -93.93 56.59 -58.57
CA ASN UB 148 -92.58 57.09 -58.31
C ASN UB 148 -92.30 58.34 -59.13
N LEU UB 149 -92.77 58.39 -60.38
CA LEU UB 149 -92.59 59.58 -61.19
C LEU UB 149 -93.31 60.77 -60.58
N ARG UB 150 -94.53 60.57 -60.09
CA ARG UB 150 -95.27 61.65 -59.44
C ARG UB 150 -94.54 62.13 -58.19
N THR UB 151 -94.05 61.19 -57.38
CA THR UB 151 -93.31 61.58 -56.18
C THR UB 151 -92.06 62.38 -56.54
N MET UB 152 -91.33 61.96 -57.58
CA MET UB 152 -90.16 62.69 -58.00
C MET UB 152 -90.53 64.10 -58.49
N TYR UB 153 -91.63 64.21 -59.22
CA TYR UB 153 -92.10 65.53 -59.65
C TYR UB 153 -92.44 66.41 -58.46
N SER UB 154 -93.00 65.80 -57.40
CA SER UB 154 -93.36 66.55 -56.21
C SER UB 154 -92.12 66.98 -55.41
N GLN UB 155 -90.97 66.37 -55.65
CA GLN UB 155 -89.76 66.75 -54.92
C GLN UB 155 -89.23 68.12 -55.32
N ASP UB 156 -89.71 68.67 -56.43
CA ASP UB 156 -89.26 69.97 -56.92
C ASP UB 156 -87.80 69.97 -57.33
N ARG UB 157 -87.24 68.80 -57.66
CA ARG UB 157 -85.85 68.65 -58.07
C ARG UB 157 -85.82 67.89 -59.40
N HIS UB 158 -86.29 68.55 -60.47
CA HIS UB 158 -86.34 67.92 -61.78
C HIS UB 158 -84.96 67.78 -62.42
N VAL UB 159 -83.93 68.40 -61.85
CA VAL UB 159 -82.59 68.28 -62.40
C VAL UB 159 -82.13 66.82 -62.33
N ASP UB 160 -82.20 66.23 -61.13
CA ASP UB 160 -81.83 64.83 -60.98
C ASP UB 160 -82.72 63.92 -61.79
N VAL UB 161 -83.99 64.31 -61.99
CA VAL UB 161 -84.90 63.51 -62.81
C VAL UB 161 -84.36 63.40 -64.23
N LEU UB 162 -84.03 64.54 -64.84
CA LEU UB 162 -83.48 64.53 -66.20
C LEU UB 162 -82.13 63.83 -66.24
N ASN UB 163 -81.31 64.02 -65.20
CA ASN UB 163 -80.01 63.36 -65.15
C ASN UB 163 -80.18 61.83 -65.19
N LEU UB 164 -81.09 61.31 -64.37
CA LEU UB 164 -81.33 59.87 -64.36
C LEU UB 164 -81.94 59.41 -65.67
N CYS UB 165 -82.85 60.18 -66.24
CA CYS UB 165 -83.47 59.80 -67.50
C CYS UB 165 -82.43 59.72 -68.62
N PHE UB 166 -81.43 60.61 -68.59
CA PHE UB 166 -80.39 60.58 -69.61
C PHE UB 166 -79.35 59.52 -69.34
N ALA UB 167 -79.08 59.20 -68.07
CA ALA UB 167 -78.09 58.19 -67.74
C ALA UB 167 -78.61 56.78 -67.92
N GLN UB 168 -79.92 56.59 -67.78
CA GLN UB 168 -80.50 55.24 -67.92
C GLN UB 168 -80.63 54.85 -69.39
N PHE UB 169 -81.60 55.45 -70.09
CA PHE UB 169 -81.82 55.14 -71.49
C PHE UB 169 -80.85 55.92 -72.37
N GLU UB 170 -80.94 55.70 -73.68
CA GLU UB 170 -80.10 56.38 -74.64
C GLU UB 170 -80.81 57.60 -75.20
N PRO UB 171 -80.06 58.58 -75.72
CA PRO UB 171 -80.69 59.80 -76.24
C PRO UB 171 -81.56 59.59 -77.47
N ASP UB 172 -81.60 58.38 -78.03
CA ASP UB 172 -82.40 58.10 -79.21
C ASP UB 172 -83.54 57.12 -78.93
N SER UB 173 -83.65 56.61 -77.70
CA SER UB 173 -84.70 55.65 -77.39
C SER UB 173 -86.07 56.33 -77.39
N THR UB 174 -87.11 55.50 -77.50
CA THR UB 174 -88.48 56.01 -77.49
C THR UB 174 -88.94 56.35 -76.07
N GLU UB 175 -88.71 55.44 -75.13
CA GLU UB 175 -89.08 55.71 -73.74
C GLU UB 175 -88.32 56.91 -73.19
N TYR UB 176 -87.07 57.10 -73.62
CA TYR UB 176 -86.31 58.27 -73.19
C TYR UB 176 -87.02 59.55 -73.58
N ILE UB 177 -87.37 59.70 -74.86
CA ILE UB 177 -88.05 60.90 -75.33
C ILE UB 177 -89.41 61.03 -74.68
N LYS UB 178 -90.09 59.91 -74.45
CA LYS UB 178 -91.40 59.96 -73.80
C LYS UB 178 -91.30 60.52 -72.40
N VAL UB 179 -90.34 60.02 -71.61
CA VAL UB 179 -90.17 60.50 -70.24
C VAL UB 179 -89.72 61.95 -70.25
N HIS UB 180 -88.88 62.34 -71.21
CA HIS UB 180 -88.43 63.72 -71.30
C HIS UB 180 -89.61 64.65 -71.58
N HIS UB 181 -90.47 64.27 -72.52
CA HIS UB 181 -91.64 65.08 -72.84
C HIS UB 181 -92.60 65.13 -71.65
N LYS UB 182 -92.74 64.02 -70.92
CA LYS UB 182 -93.60 64.01 -69.75
C LYS UB 182 -93.07 64.99 -68.69
N THR UB 183 -91.76 64.96 -68.46
CA THR UB 183 -91.16 65.89 -67.50
C THR UB 183 -91.33 67.34 -67.94
N TYR UB 184 -91.16 67.60 -69.25
CA TYR UB 184 -91.34 68.96 -69.76
C TYR UB 184 -92.78 69.42 -69.57
N GLU UB 185 -93.75 68.54 -69.84
CA GLU UB 185 -95.15 68.91 -69.65
C GLU UB 185 -95.46 69.14 -68.17
N ASP UB 186 -94.91 68.31 -67.29
CA ASP UB 186 -95.10 68.53 -65.85
C ASP UB 186 -94.53 69.87 -65.43
N ILE UB 187 -93.35 70.24 -65.95
CA ILE UB 187 -92.78 71.55 -65.66
C ILE UB 187 -93.67 72.65 -66.22
N ASP UB 188 -94.32 72.40 -67.36
CA ASP UB 188 -95.22 73.38 -67.94
C ASP UB 188 -96.36 73.72 -66.99
N LYS UB 189 -96.96 72.70 -66.37
CA LYS UB 189 -97.99 72.92 -65.38
C LYS UB 189 -97.45 73.80 -64.26
N ARG UB 190 -98.16 74.88 -63.96
CA ARG UB 190 -97.69 75.88 -62.99
C ARG UB 190 -96.34 76.42 -63.44
N GLY UB 191 -96.35 77.60 -64.06
CA GLY UB 191 -95.15 78.16 -64.66
C GLY UB 191 -93.99 78.33 -63.70
N LYS UB 192 -92.85 77.71 -64.02
CA LYS UB 192 -91.62 77.89 -63.26
C LYS UB 192 -90.48 77.33 -64.09
N TYR UB 193 -89.37 78.10 -64.16
CA TYR UB 193 -88.21 77.69 -64.93
C TYR UB 193 -86.90 77.90 -64.18
N ASP UB 194 -86.92 78.46 -62.98
CA ASP UB 194 -85.68 78.70 -62.24
C ASP UB 194 -85.04 77.41 -61.78
N LEU UB 195 -85.76 76.29 -61.78
CA LEU UB 195 -85.19 75.03 -61.35
C LEU UB 195 -84.24 74.46 -62.39
N LEU UB 196 -84.62 74.52 -63.66
CA LEU UB 196 -83.79 73.99 -64.75
C LEU UB 196 -82.84 75.06 -65.28
N ARG UB 197 -82.06 75.67 -64.39
CA ARG UB 197 -81.11 76.70 -64.76
C ARG UB 197 -79.65 76.26 -64.66
N SER UB 198 -79.39 75.12 -64.03
CA SER UB 198 -78.03 74.62 -63.86
C SER UB 198 -77.92 73.19 -64.37
N THR UB 199 -78.52 72.92 -65.51
CA THR UB 199 -78.50 71.59 -66.12
C THR UB 199 -79.03 71.72 -67.55
N ARG UB 200 -79.27 70.59 -68.20
CA ARG UB 200 -79.80 70.58 -69.55
C ARG UB 200 -81.22 71.15 -69.55
N TYR UB 201 -81.48 72.07 -70.48
CA TYR UB 201 -82.78 72.75 -70.51
C TYR UB 201 -82.99 73.44 -71.85
N PHE UB 202 -81.93 74.02 -72.42
CA PHE UB 202 -82.07 74.78 -73.65
C PHE UB 202 -82.48 73.89 -74.83
N GLY UB 203 -82.05 72.63 -74.82
CA GLY UB 203 -82.30 71.75 -75.95
C GLY UB 203 -83.58 70.93 -75.82
N GLY UB 204 -84.02 70.69 -74.59
CA GLY UB 204 -85.17 69.84 -74.36
C GLY UB 204 -86.44 70.61 -74.07
N MET UB 205 -86.33 71.76 -73.41
CA MET UB 205 -87.49 72.54 -73.00
C MET UB 205 -87.79 73.69 -73.95
N VAL UB 206 -86.84 74.61 -74.11
CA VAL UB 206 -87.10 75.81 -74.91
C VAL UB 206 -87.35 75.42 -76.37
N TRP UB 207 -86.49 74.59 -76.94
CA TRP UB 207 -86.66 74.19 -78.34
C TRP UB 207 -87.95 73.42 -78.55
N TYR UB 208 -88.29 72.52 -77.62
CA TYR UB 208 -89.52 71.75 -77.75
C TYR UB 208 -90.74 72.67 -77.67
N PHE UB 209 -90.72 73.65 -76.76
CA PHE UB 209 -91.85 74.56 -76.64
C PHE UB 209 -91.96 75.46 -77.86
N VAL UB 210 -90.83 75.86 -78.44
CA VAL UB 210 -90.85 76.68 -79.65
C VAL UB 210 -91.40 75.86 -80.82
N ASN UB 211 -91.06 74.57 -80.88
CA ASN UB 211 -91.59 73.73 -81.94
C ASN UB 211 -93.08 73.48 -81.77
N ASN UB 212 -93.53 73.28 -80.53
CA ASN UB 212 -94.95 73.05 -80.25
C ASN UB 212 -95.75 74.35 -80.12
N LYS UB 213 -95.11 75.50 -80.30
CA LYS UB 213 -95.77 76.80 -80.22
C LYS UB 213 -96.30 77.09 -78.81
N LYS UB 214 -95.79 76.37 -77.81
CA LYS UB 214 -96.19 76.59 -76.42
C LYS UB 214 -95.25 77.60 -75.76
N ILE UB 215 -95.26 78.82 -76.30
CA ILE UB 215 -94.37 79.88 -75.85
C ILE UB 215 -95.05 80.81 -74.84
N ASP UB 216 -96.19 80.39 -74.28
CA ASP UB 216 -96.88 81.22 -73.30
C ASP UB 216 -96.07 81.33 -72.02
N GLY UB 217 -95.61 80.20 -71.48
CA GLY UB 217 -94.82 80.24 -70.26
C GLY UB 217 -93.51 80.97 -70.45
N LEU UB 218 -92.84 80.75 -71.58
CA LEU UB 218 -91.59 81.46 -71.85
C LEU UB 218 -91.82 82.96 -71.96
N LEU UB 219 -92.92 83.37 -72.61
CA LEU UB 219 -93.23 84.79 -72.71
C LEU UB 219 -93.52 85.38 -71.34
N ILE UB 220 -94.25 84.64 -70.49
CA ILE UB 220 -94.54 85.13 -69.15
C ILE UB 220 -93.24 85.28 -68.35
N ASP UB 221 -92.33 84.31 -68.48
CA ASP UB 221 -91.06 84.40 -67.78
C ASP UB 221 -90.25 85.59 -68.28
N GLN UB 222 -90.21 85.81 -69.60
CA GLN UB 222 -89.48 86.94 -70.13
C GLN UB 222 -90.06 88.26 -69.66
N ILE UB 223 -91.39 88.35 -69.58
CA ILE UB 223 -92.02 89.56 -69.08
C ILE UB 223 -91.69 89.76 -67.61
N GLN UB 224 -91.69 88.69 -66.83
CA GLN UB 224 -91.32 88.79 -65.41
C GLN UB 224 -89.88 89.22 -65.24
N ARG UB 225 -88.99 88.82 -66.16
CA ARG UB 225 -87.60 89.22 -66.10
C ARG UB 225 -87.47 90.73 -66.20
N ASP UB 226 -87.29 91.25 -67.41
CA ASP UB 226 -87.14 92.69 -67.62
C ASP UB 226 -86.88 93.00 -69.09
N LEU UB 227 -86.20 92.10 -69.79
CA LEU UB 227 -85.83 92.35 -71.18
C LEU UB 227 -87.07 92.45 -72.07
N ILE UB 228 -86.96 93.27 -73.10
CA ILE UB 228 -88.03 93.43 -74.10
C ILE UB 228 -87.43 93.16 -75.47
N ASP UB 229 -86.19 93.59 -75.69
CA ASP UB 229 -85.50 93.27 -76.93
C ASP UB 229 -85.37 91.77 -77.11
N ASP UB 230 -85.10 91.05 -76.02
CA ASP UB 230 -85.05 89.59 -76.10
C ASP UB 230 -86.42 89.03 -76.46
N ALA UB 231 -87.49 89.64 -75.96
CA ALA UB 231 -88.84 89.19 -76.32
C ALA UB 231 -89.11 89.40 -77.80
N THR UB 232 -88.69 90.54 -78.35
CA THR UB 232 -88.87 90.78 -79.78
C THR UB 232 -88.04 89.81 -80.60
N ASN UB 233 -86.82 89.51 -80.16
CA ASN UB 233 -86.00 88.53 -80.85
C ASN UB 233 -86.63 87.15 -80.83
N LEU UB 234 -87.22 86.77 -79.69
CA LEU UB 234 -87.91 85.49 -79.59
C LEU UB 234 -89.13 85.45 -80.52
N VAL UB 235 -89.87 86.55 -80.60
CA VAL UB 235 -91.01 86.62 -81.51
C VAL UB 235 -90.54 86.47 -82.95
N GLN UB 236 -89.43 87.12 -83.29
CA GLN UB 236 -88.89 87.00 -84.65
C GLN UB 236 -88.46 85.56 -84.94
N LEU UB 237 -87.82 84.91 -83.98
CA LEU UB 237 -87.40 83.52 -84.16
C LEU UB 237 -88.62 82.62 -84.34
N TYR UB 238 -89.68 82.86 -83.57
CA TYR UB 238 -90.90 82.07 -83.71
C TYR UB 238 -91.52 82.28 -85.09
N HIS UB 239 -91.56 83.52 -85.56
CA HIS UB 239 -92.09 83.80 -86.89
C HIS UB 239 -91.26 83.10 -87.96
N VAL UB 240 -89.93 83.09 -87.79
CA VAL UB 240 -89.07 82.41 -88.76
C VAL UB 240 -89.33 80.91 -88.75
N LEU UB 241 -89.48 80.32 -87.57
CA LEU UB 241 -89.73 78.89 -87.47
C LEU UB 241 -91.08 78.52 -88.08
N HIS UB 242 -92.04 79.44 -88.06
CA HIS UB 242 -93.36 79.19 -88.62
C HIS UB 242 -93.83 80.37 -89.46
N ALA VB 1 -64.99 83.30 -11.75
CA ALA VB 1 -64.96 84.71 -12.06
C ALA VB 1 -63.79 85.05 -12.97
N GLY VB 2 -64.03 85.04 -14.28
CA GLY VB 2 -62.99 85.34 -15.23
C GLY VB 2 -61.87 84.31 -15.21
N SER VB 3 -60.81 84.65 -15.94
CA SER VB 3 -59.63 83.81 -16.05
C SER VB 3 -58.40 84.60 -15.66
N ARG VB 4 -57.33 83.89 -15.33
CA ARG VB 4 -56.06 84.49 -14.93
C ARG VB 4 -54.92 83.93 -15.75
N LEU VB 5 -55.06 83.95 -17.07
CA LEU VB 5 -54.03 83.49 -17.99
C LEU VB 5 -53.10 84.65 -18.29
N GLU VB 6 -51.90 84.62 -17.72
CA GLU VB 6 -50.92 85.68 -17.90
C GLU VB 6 -49.81 85.32 -18.87
N THR VB 7 -49.36 84.07 -18.85
CA THR VB 7 -48.29 83.61 -19.75
C THR VB 7 -48.84 83.05 -21.05
N VAL VB 8 -49.82 83.72 -21.65
CA VAL VB 8 -50.42 83.29 -22.91
C VAL VB 8 -50.25 84.33 -24.01
N GLY VB 9 -50.42 85.60 -23.68
CA GLY VB 9 -50.28 86.67 -24.66
C GLY VB 9 -50.73 88.01 -24.15
N SER VB 10 -51.77 88.58 -24.77
CA SER VB 10 -52.30 89.88 -24.40
C SER VB 10 -53.67 89.73 -23.77
N ILE VB 11 -53.96 90.59 -22.79
CA ILE VB 11 -55.25 90.55 -22.11
C ILE VB 11 -56.36 91.13 -22.98
N PHE VB 12 -56.02 91.97 -23.96
CA PHE VB 12 -57.04 92.58 -24.82
C PHE VB 12 -57.81 91.50 -25.58
N SER VB 13 -57.09 90.66 -26.33
CA SER VB 13 -57.75 89.59 -27.07
C SER VB 13 -58.44 88.61 -26.14
N ARG VB 14 -57.86 88.36 -24.96
CA ARG VB 14 -58.48 87.47 -24.00
C ARG VB 14 -59.87 87.99 -23.60
N THR VB 15 -59.94 89.26 -23.19
CA THR VB 15 -61.22 89.84 -22.82
C THR VB 15 -62.17 89.88 -24.02
N ARG VB 16 -61.65 90.16 -25.21
CA ARG VB 16 -62.48 90.20 -26.40
C ARG VB 16 -63.16 88.86 -26.63
N ASP VB 17 -62.38 87.78 -26.64
CA ASP VB 17 -62.95 86.46 -26.88
C ASP VB 17 -63.84 86.01 -25.72
N LEU VB 18 -63.52 86.42 -24.50
CA LEU VB 18 -64.37 86.06 -23.37
C LEU VB 18 -65.73 86.74 -23.47
N VAL VB 19 -65.75 87.99 -23.93
CA VAL VB 19 -67.03 88.69 -24.10
C VAL VB 19 -67.77 88.14 -25.31
N ARG VB 20 -67.05 87.71 -26.35
CA ARG VB 20 -67.69 87.15 -27.53
C ARG VB 20 -68.36 85.82 -27.22
N ALA VB 21 -67.63 84.92 -26.57
CA ALA VB 21 -68.18 83.61 -26.25
C ALA VB 21 -69.33 83.72 -25.26
N GLY VB 22 -69.21 84.63 -24.30
CA GLY VB 22 -70.25 84.83 -23.29
C GLY VB 22 -69.78 84.66 -21.86
N VAL VB 23 -68.48 84.47 -21.61
CA VAL VB 23 -67.98 84.32 -20.25
C VAL VB 23 -68.20 85.62 -19.49
N LEU VB 24 -67.53 86.69 -19.92
CA LEU VB 24 -67.68 87.99 -19.29
C LEU VB 24 -69.05 88.59 -19.62
N LYS VB 25 -70.07 88.27 -18.82
CA LYS VB 25 -71.40 88.79 -19.07
C LYS VB 25 -71.43 90.31 -19.03
N GLU VB 26 -70.74 90.90 -18.04
CA GLU VB 26 -70.68 92.35 -17.91
C GLU VB 26 -69.45 92.86 -18.66
N LYS VB 27 -69.69 93.68 -19.68
CA LYS VB 27 -68.59 94.23 -20.45
C LYS VB 27 -67.72 95.13 -19.58
N PRO VB 28 -66.40 94.95 -19.56
CA PRO VB 28 -65.56 95.83 -18.75
C PRO VB 28 -65.61 97.27 -19.26
N LEU VB 29 -65.72 98.22 -18.34
CA LEU VB 29 -65.86 99.61 -18.71
C LEU VB 29 -64.61 100.13 -19.41
N TRP VB 30 -63.45 99.55 -19.12
CA TRP VB 30 -62.20 100.02 -19.72
C TRP VB 30 -62.01 99.51 -21.14
N PHE VB 31 -62.90 98.65 -21.63
CA PHE VB 31 -62.76 98.13 -22.99
C PHE VB 31 -62.84 99.25 -24.01
N ASP VB 32 -63.86 100.10 -23.92
CA ASP VB 32 -64.02 101.20 -24.85
C ASP VB 32 -62.86 102.19 -24.75
N VAL VB 33 -62.37 102.41 -23.53
CA VAL VB 33 -61.25 103.35 -23.35
C VAL VB 33 -59.99 102.79 -24.00
N TYR VB 34 -59.73 101.49 -23.82
CA TYR VB 34 -58.57 100.88 -24.46
C TYR VB 34 -58.72 100.85 -25.97
N ASP VB 35 -59.94 100.70 -26.48
CA ASP VB 35 -60.15 100.68 -27.92
C ASP VB 35 -59.99 102.07 -28.52
N ALA VB 36 -60.36 103.12 -27.78
CA ALA VB 36 -60.27 104.48 -28.31
C ALA VB 36 -58.83 104.93 -28.44
N PHE VB 37 -57.97 104.53 -27.51
CA PHE VB 37 -56.56 104.94 -27.49
C PHE VB 37 -55.70 103.73 -27.16
N PRO VB 38 -55.44 102.87 -28.13
CA PRO VB 38 -54.58 101.70 -27.88
C PRO VB 38 -53.14 102.12 -27.75
N PRO VB 39 -52.28 101.25 -27.20
CA PRO VB 39 -50.87 101.59 -27.03
C PRO VB 39 -50.08 101.31 -28.32
N LEU VB 40 -48.80 101.66 -28.28
CA LEU VB 40 -47.92 101.42 -29.42
C LEU VB 40 -47.46 99.98 -29.51
N ARG VB 41 -47.55 99.21 -28.42
CA ARG VB 41 -47.15 97.81 -28.41
C ARG VB 41 -48.10 97.05 -27.51
N GLU VB 42 -48.74 96.03 -28.06
CA GLU VB 42 -49.68 95.24 -27.28
C GLU VB 42 -48.93 94.51 -26.16
N PRO VB 43 -49.49 94.45 -24.94
CA PRO VB 43 -48.79 93.78 -23.85
C PRO VB 43 -48.79 92.27 -24.00
N VAL VB 44 -47.89 91.74 -24.82
CA VAL VB 44 -47.76 90.31 -25.07
C VAL VB 44 -46.65 89.76 -24.21
N PHE VB 45 -46.90 88.60 -23.59
CA PHE VB 45 -45.90 87.98 -22.74
C PHE VB 45 -44.66 87.59 -23.55
N GLN VB 46 -43.49 87.90 -23.02
CA GLN VB 46 -42.22 87.59 -23.66
C GLN VB 46 -41.25 87.07 -22.62
N ARG VB 47 -40.76 85.84 -22.82
CA ARG VB 47 -39.82 85.26 -21.87
C ARG VB 47 -38.50 86.03 -21.91
N PRO VB 48 -37.96 86.46 -20.77
CA PRO VB 48 -36.71 87.23 -20.80
C PRO VB 48 -35.51 86.39 -21.19
N ARG VB 49 -35.18 86.37 -22.48
CA ARG VB 49 -34.05 85.61 -22.97
C ARG VB 49 -32.75 86.37 -22.73
N VAL VB 50 -31.64 85.80 -23.19
CA VAL VB 50 -30.33 86.39 -23.03
C VAL VB 50 -29.59 86.32 -24.36
N ARG VB 51 -28.68 87.27 -24.58
CA ARG VB 51 -27.87 87.31 -25.78
C ARG VB 51 -26.70 86.35 -25.61
N TYR VB 52 -26.83 85.15 -26.18
CA TYR VB 52 -25.80 84.11 -26.02
C TYR VB 52 -24.71 84.28 -27.07
N GLY VB 53 -25.02 83.96 -28.33
CA GLY VB 53 -24.04 84.03 -29.39
C GLY VB 53 -23.62 85.45 -29.74
N LYS VB 54 -23.53 85.74 -31.04
CA LYS VB 54 -23.11 87.05 -31.52
C LYS VB 54 -24.24 88.07 -31.53
N ALA VB 55 -25.36 87.79 -30.86
CA ALA VB 55 -26.47 88.73 -30.84
C ALA VB 55 -26.12 89.94 -29.98
N LYS VB 56 -26.26 91.13 -30.55
CA LYS VB 56 -25.98 92.38 -29.86
C LYS VB 56 -27.23 93.25 -29.85
N ALA VB 57 -27.16 94.33 -29.08
CA ALA VB 57 -28.27 95.26 -28.96
C ALA VB 57 -28.15 96.38 -29.98
N PRO VB 58 -29.27 97.03 -30.34
CA PRO VB 58 -29.19 98.12 -31.31
C PRO VB 58 -28.73 99.45 -30.72
N ILE VB 59 -28.71 99.57 -29.39
CA ILE VB 59 -28.30 100.83 -28.77
C ILE VB 59 -26.81 101.05 -28.97
N GLN VB 60 -26.43 102.30 -29.20
CA GLN VB 60 -25.03 102.69 -29.41
C GLN VB 60 -24.72 103.88 -28.52
N ASP VB 61 -23.49 104.38 -28.64
CA ASP VB 61 -23.04 105.51 -27.85
C ASP VB 61 -23.25 106.80 -28.62
N ILE VB 62 -23.87 107.78 -27.97
CA ILE VB 62 -24.14 109.07 -28.59
C ILE VB 62 -22.90 109.94 -28.48
N TRP VB 63 -22.60 110.68 -29.55
CA TRP VB 63 -21.44 111.56 -29.59
C TRP VB 63 -21.80 112.83 -30.35
N TYR VB 64 -21.17 113.94 -29.94
CA TYR VB 64 -21.40 115.24 -30.55
C TYR VB 64 -20.06 115.85 -30.93
N HIS VB 65 -20.13 116.92 -31.74
CA HIS VB 65 -18.91 117.60 -32.17
C HIS VB 65 -18.17 118.24 -31.01
N GLU VB 66 -18.87 118.57 -29.92
CA GLU VB 66 -18.24 119.18 -28.76
C GLU VB 66 -17.55 118.17 -27.85
N ASP VB 67 -17.80 116.88 -28.05
CA ASP VB 67 -17.17 115.86 -27.20
C ASP VB 67 -15.66 115.87 -27.34
N ARG VB 68 -15.17 115.90 -28.59
CA ARG VB 68 -13.73 115.92 -28.82
C ARG VB 68 -13.12 117.21 -28.28
N ILE VB 69 -13.83 118.34 -28.43
CA ILE VB 69 -13.31 119.61 -27.93
C ILE VB 69 -13.18 119.56 -26.41
N ARG VB 70 -14.20 119.04 -25.72
CA ARG VB 70 -14.14 118.95 -24.26
C ARG VB 70 -13.06 117.97 -23.82
N ALA VB 71 -12.88 116.88 -24.57
CA ALA VB 71 -11.82 115.92 -24.25
C ALA VB 71 -10.45 116.57 -24.37
N LYS VB 72 -10.22 117.31 -25.45
CA LYS VB 72 -8.94 118.00 -25.62
C LYS VB 72 -8.74 119.04 -24.51
N PHE VB 73 -9.81 119.73 -24.13
CA PHE VB 73 -9.71 120.72 -23.06
C PHE VB 73 -9.31 120.05 -21.74
N TYR VB 74 -9.98 118.96 -21.40
CA TYR VB 74 -9.65 118.26 -20.16
C TYR VB 74 -8.26 117.64 -20.20
N SER VB 75 -7.78 117.28 -21.40
CA SER VB 75 -6.45 116.71 -21.51
C SER VB 75 -5.37 117.77 -21.35
N VAL VB 76 -5.55 118.92 -22.00
CA VAL VB 76 -4.58 120.01 -21.92
C VAL VB 76 -4.56 120.55 -20.49
N TYR VB 77 -5.59 121.30 -20.12
CA TYR VB 77 -5.69 121.84 -18.78
C TYR VB 77 -6.13 120.76 -17.80
N GLY VB 78 -6.26 121.15 -16.53
CA GLY VB 78 -6.68 120.21 -15.50
C GLY VB 78 -8.17 120.00 -15.45
N SER VB 79 -8.72 119.88 -14.25
CA SER VB 79 -10.15 119.67 -14.08
C SER VB 79 -10.88 121.00 -14.27
N GLY VB 80 -12.16 121.03 -13.90
CA GLY VB 80 -12.95 122.24 -14.03
C GLY VB 80 -12.44 123.39 -13.20
N GLN VB 81 -12.33 124.57 -13.80
CA GLN VB 81 -11.86 125.77 -13.12
C GLN VB 81 -13.00 126.65 -12.65
N ARG VB 82 -14.08 126.05 -12.14
CA ARG VB 82 -15.23 126.81 -11.69
C ARG VB 82 -16.21 125.87 -11.00
N ALA VB 83 -16.84 126.36 -9.94
CA ALA VB 83 -17.83 125.57 -9.22
C ALA VB 83 -19.09 125.41 -10.06
N PHE VB 84 -19.18 124.29 -10.79
CA PHE VB 84 -20.33 124.07 -11.66
C PHE VB 84 -21.62 124.09 -10.85
N ASP VB 85 -22.66 124.67 -11.44
CA ASP VB 85 -23.96 124.76 -10.80
C ASP VB 85 -24.89 123.62 -11.23
N LEU VB 86 -25.22 123.57 -12.52
CA LEU VB 86 -26.08 122.54 -13.08
C LEU VB 86 -27.49 122.57 -12.48
N PHE VB 87 -27.86 123.67 -11.83
CA PHE VB 87 -29.19 123.81 -11.27
C PHE VB 87 -30.16 124.48 -12.25
N ASN VB 88 -29.68 125.48 -13.01
CA ASN VB 88 -30.49 126.15 -14.00
C ASN VB 88 -30.22 125.56 -15.39
N PRO VB 89 -31.18 125.66 -16.31
CA PRO VB 89 -30.98 125.07 -17.65
C PRO VB 89 -29.87 125.79 -18.41
N ASN VB 90 -29.18 125.01 -19.25
CA ASN VB 90 -28.08 125.50 -20.09
C ASN VB 90 -27.19 126.46 -19.31
N PHE VB 91 -26.66 125.96 -18.19
CA PHE VB 91 -25.75 126.75 -17.38
C PHE VB 91 -24.45 127.01 -18.14
N LYS VB 92 -23.87 128.18 -17.91
CA LYS VB 92 -22.65 128.61 -18.59
C LYS VB 92 -21.49 128.56 -17.58
N SER VB 93 -20.79 127.43 -17.56
CA SER VB 93 -19.61 127.27 -16.73
C SER VB 93 -18.37 127.60 -17.55
N THR VB 94 -17.19 127.29 -17.00
CA THR VB 94 -15.94 127.52 -17.73
C THR VB 94 -15.83 126.59 -18.92
N CYS VB 95 -16.14 125.30 -18.72
CA CYS VB 95 -16.09 124.36 -19.83
C CYS VB 95 -17.14 124.69 -20.88
N GLN VB 96 -18.36 125.03 -20.46
CA GLN VB 96 -19.41 125.38 -21.41
C GLN VB 96 -19.06 126.67 -22.13
N ARG VB 97 -18.50 127.65 -21.42
CA ARG VB 97 -18.08 128.90 -22.06
C ARG VB 97 -16.99 128.63 -23.09
N PHE VB 98 -16.04 127.77 -22.76
CA PHE VB 98 -14.99 127.43 -23.71
C PHE VB 98 -15.57 126.73 -24.94
N VAL VB 99 -16.51 125.81 -24.74
CA VAL VB 99 -17.14 125.12 -25.85
C VAL VB 99 -17.89 126.10 -26.74
N GLU VB 100 -18.57 127.07 -26.13
CA GLU VB 100 -19.30 128.08 -26.90
C GLU VB 100 -18.35 128.94 -27.70
N LYS VB 101 -17.27 129.41 -27.08
CA LYS VB 101 -16.29 130.22 -27.80
C LYS VB 101 -15.65 129.43 -28.93
N TYR VB 102 -15.42 128.14 -28.71
CA TYR VB 102 -14.88 127.29 -29.78
C TYR VB 102 -15.87 127.21 -30.94
N THR VB 103 -17.09 126.75 -30.66
CA THR VB 103 -18.11 126.69 -31.71
C THR VB 103 -18.24 128.01 -32.45
N GLU VB 104 -18.01 129.13 -31.76
CA GLU VB 104 -18.01 130.42 -32.44
C GLU VB 104 -16.80 130.57 -33.34
N LEU VB 105 -15.64 130.10 -32.89
CA LEU VB 105 -14.41 130.17 -33.68
C LEU VB 105 -14.24 128.94 -34.57
N GLN VB 106 -14.36 127.75 -33.99
CA GLN VB 106 -14.34 126.49 -34.74
C GLN VB 106 -15.56 125.68 -34.34
N LYS VB 107 -16.48 125.43 -35.28
CA LYS VB 107 -16.39 125.81 -36.68
C LYS VB 107 -16.57 127.32 -36.88
N LEU VB 108 -16.85 127.73 -38.11
CA LEU VB 108 -16.97 129.13 -38.50
C LEU VB 108 -15.63 129.86 -38.49
N GLY VB 109 -14.52 129.12 -38.56
CA GLY VB 109 -13.20 129.71 -38.60
C GLY VB 109 -12.40 129.22 -39.80
N GLU VB 110 -12.24 127.91 -39.92
CA GLU VB 110 -11.54 127.29 -41.04
C GLU VB 110 -10.07 127.74 -41.08
N THR VB 111 -9.31 127.20 -40.14
CA THR VB 111 -7.88 127.49 -40.04
C THR VB 111 -7.12 126.31 -39.46
N ASP VB 112 -7.10 126.20 -38.15
CA ASP VB 112 -6.41 125.11 -37.48
C ASP VB 112 -6.98 124.96 -36.07
N GLU VB 113 -6.65 123.85 -35.43
CA GLU VB 113 -7.15 123.57 -34.08
C GLU VB 113 -6.30 124.23 -33.01
N GLU VB 114 -4.98 124.22 -33.15
CA GLU VB 114 -4.11 124.78 -32.11
C GLU VB 114 -4.31 126.28 -31.97
N LYS VB 115 -4.34 127.01 -33.09
CA LYS VB 115 -4.46 128.46 -33.03
C LYS VB 115 -5.80 128.86 -32.42
N LEU VB 116 -6.89 128.21 -32.85
CA LEU VB 116 -8.20 128.55 -32.31
C LEU VB 116 -8.33 128.15 -30.85
N PHE VB 117 -7.71 127.03 -30.45
CA PHE VB 117 -7.71 126.66 -29.05
C PHE VB 117 -6.97 127.69 -28.20
N VAL VB 118 -5.82 128.16 -28.69
CA VAL VB 118 -5.07 129.19 -27.96
C VAL VB 118 -5.89 130.48 -27.89
N GLU VB 119 -6.60 130.81 -28.96
CA GLU VB 119 -7.43 132.00 -28.96
C GLU VB 119 -8.55 131.89 -27.93
N THR VB 120 -9.20 130.73 -27.87
CA THR VB 120 -10.26 130.52 -26.88
C THR VB 120 -9.69 130.60 -25.47
N GLY VB 121 -8.50 130.02 -25.25
CA GLY VB 121 -7.87 130.11 -23.94
C GLY VB 121 -7.56 131.54 -23.55
N LYS VB 122 -7.02 132.33 -24.47
CA LYS VB 122 -6.75 133.73 -24.20
C LYS VB 122 -8.04 134.49 -23.89
N ALA VB 123 -9.10 134.21 -24.65
CA ALA VB 123 -10.37 134.87 -24.38
C ALA VB 123 -10.88 134.52 -22.99
N LEU VB 124 -10.78 133.25 -22.60
CA LEU VB 124 -11.17 132.85 -21.25
C LEU VB 124 -10.35 133.57 -20.20
N LEU VB 125 -9.03 133.68 -20.42
CA LEU VB 125 -8.19 134.40 -19.47
C LEU VB 125 -8.54 135.88 -19.41
N ALA VB 126 -9.11 136.42 -20.47
CA ALA VB 126 -9.49 137.82 -20.50
C ALA VB 126 -10.73 138.06 -19.65
N PRO WB 1 -39.66 63.27 -38.66
CA PRO WB 1 -39.79 63.58 -40.09
C PRO WB 1 -38.57 63.15 -40.90
N MET WB 2 -38.58 63.44 -42.19
CA MET WB 2 -37.46 63.09 -43.05
C MET WB 2 -36.18 63.78 -42.58
N LYS WB 3 -35.07 63.06 -42.66
CA LYS WB 3 -33.77 63.57 -42.23
C LYS WB 3 -33.00 64.24 -43.36
N GLY WB 4 -33.70 64.96 -44.23
CA GLY WB 4 -33.09 65.65 -45.34
C GLY WB 4 -33.42 67.14 -45.35
N ARG WB 5 -32.89 67.82 -46.36
CA ARG WB 5 -33.10 69.26 -46.53
C ARG WB 5 -34.38 69.54 -47.30
N PHE WB 6 -34.43 69.11 -48.56
CA PHE WB 6 -35.59 69.32 -49.41
C PHE WB 6 -36.36 68.00 -49.57
N PRO WB 7 -37.23 67.65 -48.63
CA PRO WB 7 -37.97 66.37 -48.76
C PRO WB 7 -38.88 66.34 -49.98
N ILE WB 8 -39.32 67.49 -50.49
CA ILE WB 8 -40.19 67.52 -51.65
C ILE WB 8 -39.47 67.00 -52.89
N ARG WB 9 -38.13 67.01 -52.89
CA ARG WB 9 -37.39 66.52 -54.05
C ARG WB 9 -37.68 65.06 -54.33
N ARG WB 10 -37.97 64.27 -53.30
CA ARG WB 10 -38.21 62.83 -53.42
C ARG WB 10 -39.50 62.50 -52.69
N THR WB 11 -40.61 62.53 -53.42
CA THR WB 11 -41.91 62.19 -52.85
C THR WB 11 -42.79 61.41 -53.81
N LEU WB 12 -42.24 60.87 -54.89
CA LEU WB 12 -43.02 60.13 -55.87
C LEU WB 12 -44.02 61.04 -56.57
N GLN WB 13 -44.96 61.60 -55.81
CA GLN WB 13 -45.93 62.53 -56.37
C GLN WB 13 -45.22 63.68 -57.10
N TYR WB 14 -44.21 64.28 -56.46
CA TYR WB 14 -43.44 65.32 -57.12
C TYR WB 14 -42.72 64.79 -58.35
N LEU WB 15 -42.28 63.53 -58.30
CA LEU WB 15 -41.62 62.94 -59.47
C LEU WB 15 -42.62 62.67 -60.58
N SER WB 16 -43.79 62.14 -60.24
CA SER WB 16 -44.83 61.89 -61.24
C SER WB 16 -45.40 63.18 -61.80
N GLN WB 17 -45.21 64.31 -61.11
CA GLN WB 17 -45.70 65.59 -61.59
C GLN WB 17 -44.95 66.10 -62.81
N GLY WB 18 -43.93 65.37 -63.28
CA GLY WB 18 -43.19 65.78 -64.46
C GLY WB 18 -44.03 65.83 -65.72
N ASN WB 19 -43.38 65.87 -66.88
CA ASN WB 19 -44.08 65.95 -68.15
C ASN WB 19 -43.20 65.48 -69.29
N VAL WB 20 -41.91 65.82 -69.25
CA VAL WB 20 -40.99 65.47 -70.32
C VAL WB 20 -40.82 63.95 -70.38
N VAL WB 21 -40.82 63.41 -71.59
CA VAL WB 21 -40.64 61.98 -71.82
C VAL WB 21 -39.73 61.83 -73.03
N PHE WB 22 -38.48 61.47 -72.81
CA PHE WB 22 -37.51 61.35 -73.89
C PHE WB 22 -37.99 60.30 -74.91
N LYS WB 23 -37.83 60.64 -76.18
CA LYS WB 23 -38.21 59.71 -77.24
C LYS WB 23 -37.28 58.51 -77.27
N ASP WB 24 -37.67 57.50 -78.05
CA ASP WB 24 -36.89 56.28 -78.20
C ASP WB 24 -35.73 56.54 -79.18
N SER WB 25 -34.78 57.35 -78.71
CA SER WB 25 -33.62 57.71 -79.52
C SER WB 25 -32.41 57.97 -78.64
N VAL WB 26 -32.56 58.87 -77.65
CA VAL WB 26 -31.44 59.17 -76.76
C VAL WB 26 -31.08 57.92 -75.96
N LYS WB 27 -29.78 57.67 -75.84
CA LYS WB 27 -29.26 56.49 -75.15
C LYS WB 27 -28.54 56.83 -73.85
N VAL WB 28 -27.80 57.93 -73.82
CA VAL WB 28 -27.03 58.34 -72.64
C VAL WB 28 -27.31 59.81 -72.36
N MET WB 29 -27.27 60.16 -71.08
CA MET WB 29 -27.53 61.53 -70.62
C MET WB 29 -26.42 61.92 -69.65
N THR WB 30 -25.44 62.67 -70.14
CA THR WB 30 -24.31 63.10 -69.35
C THR WB 30 -24.46 64.58 -69.00
N VAL WB 31 -24.14 64.94 -67.75
CA VAL WB 31 -24.23 66.31 -67.28
C VAL WB 31 -23.05 66.58 -66.37
N ASN WB 32 -22.54 67.81 -66.42
CA ASN WB 32 -21.43 68.22 -65.58
C ASN WB 32 -21.48 69.74 -65.40
N TYR WB 33 -21.11 70.19 -64.21
CA TYR WB 33 -21.14 71.62 -63.90
C TYR WB 33 -20.25 71.87 -62.69
N ASN WB 34 -19.98 73.15 -62.45
CA ASN WB 34 -19.17 73.57 -61.31
C ASN WB 34 -20.10 74.08 -60.22
N THR WB 35 -20.05 73.44 -59.05
CA THR WB 35 -20.93 73.81 -57.95
C THR WB 35 -20.45 75.08 -57.26
N HIS WB 36 -19.13 75.20 -57.03
CA HIS WB 36 -18.61 76.40 -56.38
C HIS WB 36 -18.91 77.65 -57.19
N GLY WB 37 -18.95 77.53 -58.52
CA GLY WB 37 -19.25 78.67 -59.36
C GLY WB 37 -20.73 79.00 -59.36
N GLU WB 38 -21.11 80.07 -58.64
CA GLU WB 38 -22.51 80.46 -58.55
C GLU WB 38 -23.08 80.91 -59.89
N LEU WB 39 -22.25 81.14 -60.90
CA LEU WB 39 -22.76 81.57 -62.20
C LEU WB 39 -23.67 80.51 -62.82
N GLY WB 40 -23.43 79.23 -62.50
CA GLY WB 40 -24.25 78.16 -63.04
C GLY WB 40 -25.39 77.75 -62.12
N GLU WB 41 -26.25 78.72 -61.79
CA GLU WB 41 -27.38 78.42 -60.92
C GLU WB 41 -28.39 77.52 -61.61
N GLY WB 42 -28.63 77.76 -62.91
CA GLY WB 42 -29.59 76.94 -63.62
C GLY WB 42 -29.18 75.48 -63.68
N ALA WB 43 -27.93 75.23 -64.08
CA ALA WB 43 -27.45 73.85 -64.17
C ALA WB 43 -27.45 73.18 -62.80
N ARG WB 44 -27.08 73.92 -61.75
CA ARG WB 44 -27.10 73.35 -60.41
C ARG WB 44 -28.51 72.95 -59.99
N LYS WB 45 -29.46 73.88 -60.13
CA LYS WB 45 -30.85 73.58 -59.78
C LYS WB 45 -31.38 72.41 -60.59
N PHE WB 46 -31.01 72.34 -61.88
CA PHE WB 46 -31.44 71.24 -62.71
C PHE WB 46 -30.91 69.91 -62.15
N VAL WB 47 -29.58 69.79 -62.08
CA VAL WB 47 -28.97 68.55 -61.61
C VAL WB 47 -29.48 68.18 -60.23
N PHE WB 48 -29.93 69.16 -59.45
CA PHE WB 48 -30.39 68.87 -58.09
C PHE WB 48 -31.83 68.37 -58.08
N PHE WB 49 -32.72 68.99 -58.84
CA PHE WB 49 -34.16 68.74 -58.72
C PHE WB 49 -34.73 67.88 -59.83
N ASN WB 50 -34.32 68.09 -61.08
CA ASN WB 50 -34.96 67.44 -62.21
C ASN WB 50 -34.36 66.08 -62.54
N ILE WB 51 -33.17 65.78 -62.05
CA ILE WB 51 -32.55 64.48 -62.34
C ILE WB 51 -33.39 63.32 -61.82
N PRO WB 52 -33.92 63.36 -60.59
CA PRO WB 52 -34.83 62.28 -60.18
C PRO WB 52 -36.02 62.10 -61.10
N GLN WB 53 -36.62 63.20 -61.56
CA GLN WB 53 -37.75 63.10 -62.46
C GLN WB 53 -37.35 62.44 -63.78
N ILE WB 54 -36.20 62.84 -64.34
CA ILE WB 54 -35.74 62.27 -65.59
C ILE WB 54 -35.46 60.77 -65.42
N GLN WB 55 -34.88 60.39 -64.28
CA GLN WB 55 -34.57 58.98 -64.05
C GLN WB 55 -35.83 58.17 -63.83
N TYR WB 56 -36.86 58.76 -63.21
CA TYR WB 56 -38.11 58.04 -62.99
C TYR WB 56 -38.94 57.92 -64.26
N LYS WB 57 -38.84 58.91 -65.16
CA LYS WB 57 -39.62 58.87 -66.39
C LYS WB 57 -39.18 57.71 -67.28
N ASN WB 58 -37.92 57.27 -67.16
CA ASN WB 58 -37.41 56.18 -67.97
C ASN WB 58 -36.09 55.67 -67.40
N PRO WB 59 -36.09 54.55 -66.67
CA PRO WB 59 -34.83 54.03 -66.11
C PRO WB 59 -33.95 53.32 -67.12
N TRP WB 60 -34.43 53.10 -68.35
CA TRP WB 60 -33.62 52.40 -69.34
C TRP WB 60 -32.49 53.28 -69.85
N VAL WB 61 -32.77 54.55 -70.13
CA VAL WB 61 -31.75 55.45 -70.61
C VAL WB 61 -30.65 55.60 -69.57
N GLN WB 62 -29.41 55.72 -70.04
CA GLN WB 62 -28.27 55.85 -69.15
C GLN WB 62 -28.10 57.28 -68.68
N ILE WB 63 -27.70 57.44 -67.42
CA ILE WB 63 -27.49 58.75 -66.82
C ILE WB 63 -26.18 58.70 -66.04
N MET WB 64 -25.28 59.65 -66.33
CA MET WB 64 -24.00 59.76 -65.66
C MET WB 64 -23.88 61.12 -65.01
N MET WB 65 -23.33 61.14 -63.80
CA MET WB 65 -23.18 62.36 -63.02
C MET WB 65 -21.70 62.69 -62.86
N PHE WB 66 -21.33 63.93 -63.18
CA PHE WB 66 -19.96 64.39 -63.04
C PHE WB 66 -19.97 65.80 -62.45
N LYS WB 67 -18.83 66.21 -61.90
CA LYS WB 67 -18.72 67.50 -61.24
C LYS WB 67 -17.74 68.35 -62.05
N ASN WB 68 -16.67 68.86 -61.43
CA ASN WB 68 -15.74 69.74 -62.13
C ASN WB 68 -15.13 69.04 -63.33
N MET WB 69 -15.56 69.44 -64.53
CA MET WB 69 -15.02 68.89 -65.77
C MET WB 69 -14.82 69.93 -66.86
N THR WB 70 -15.27 71.16 -66.67
CA THR WB 70 -15.10 72.21 -67.68
C THR WB 70 -15.52 73.55 -67.10
N PRO WB 71 -14.95 74.66 -67.57
CA PRO WB 71 -15.38 75.98 -67.05
C PRO WB 71 -16.84 76.28 -67.33
N SER WB 72 -17.31 76.03 -68.55
CA SER WB 72 -18.69 76.29 -68.92
C SER WB 72 -19.48 75.00 -68.89
N PRO WB 73 -20.41 74.81 -67.95
CA PRO WB 73 -21.19 73.57 -67.94
C PRO WB 73 -21.96 73.37 -69.24
N PHE WB 74 -22.39 72.12 -69.46
CA PHE WB 74 -23.14 71.77 -70.64
C PHE WB 74 -23.85 70.45 -70.40
N LEU WB 75 -24.83 70.16 -71.25
CA LEU WB 75 -25.62 68.94 -71.18
C LEU WB 75 -25.40 68.17 -72.49
N ARG WB 76 -24.45 67.23 -72.46
CA ARG WB 76 -24.12 66.43 -73.64
C ARG WB 76 -24.96 65.17 -73.65
N PHE WB 77 -25.67 64.95 -74.75
CA PHE WB 77 -26.48 63.75 -74.94
C PHE WB 77 -25.90 62.91 -76.07
N TYR WB 78 -26.45 61.69 -76.20
CA TYR WB 78 -26.00 60.75 -77.22
C TYR WB 78 -27.22 60.07 -77.82
N LEU WB 79 -27.36 60.16 -79.13
CA LEU WB 79 -28.50 59.56 -79.83
C LEU WB 79 -28.19 58.12 -80.22
N ASP WB 80 -29.23 57.40 -80.63
CA ASP WB 80 -29.07 56.01 -81.04
C ASP WB 80 -28.25 55.88 -82.32
N SER WB 81 -28.21 56.91 -83.16
CA SER WB 81 -27.45 56.84 -84.40
C SER WB 81 -25.95 57.06 -84.15
N GLY WB 82 -25.61 58.07 -83.34
CA GLY WB 82 -24.22 58.37 -83.05
C GLY WB 82 -23.97 59.84 -82.82
N GLU WB 83 -24.87 60.68 -83.32
CA GLU WB 83 -24.73 62.12 -83.16
C GLU WB 83 -24.89 62.51 -81.68
N GLN WB 84 -24.81 63.82 -81.42
CA GLN WB 84 -24.92 64.34 -80.07
C GLN WB 84 -25.81 65.58 -80.08
N VAL WB 85 -26.50 65.79 -78.96
CA VAL WB 85 -27.39 66.94 -78.79
C VAL WB 85 -26.80 67.77 -77.66
N LEU WB 86 -26.12 68.86 -78.02
CA LEU WB 86 -25.48 69.74 -77.03
C LEU WB 86 -26.39 70.94 -76.79
N VAL WB 87 -26.95 71.01 -75.58
CA VAL WB 87 -27.81 72.12 -75.18
C VAL WB 87 -27.20 72.75 -73.93
N ASP WB 88 -27.01 74.06 -73.98
CA ASP WB 88 -26.41 74.81 -72.87
C ASP WB 88 -27.50 75.39 -71.98
N VAL WB 89 -27.20 75.47 -70.68
CA VAL WB 89 -28.15 76.02 -69.71
C VAL WB 89 -27.44 77.02 -68.81
N GLU WB 90 -26.19 77.33 -69.12
CA GLU WB 90 -25.45 78.30 -68.32
C GLU WB 90 -26.10 79.67 -68.42
N THR WB 91 -26.29 80.30 -67.26
CA THR WB 91 -26.94 81.60 -67.15
C THR WB 91 -28.41 81.57 -67.53
N LYS WB 92 -29.01 80.38 -67.60
CA LYS WB 92 -30.41 80.20 -67.96
C LYS WB 92 -31.15 79.57 -66.79
N SER WB 93 -32.46 79.41 -66.95
CA SER WB 93 -33.31 78.79 -65.95
C SER WB 93 -33.60 77.34 -66.33
N ASN WB 94 -33.80 76.50 -65.32
CA ASN WB 94 -34.08 75.09 -65.56
C ASN WB 94 -35.34 74.91 -66.39
N LYS WB 95 -36.33 75.79 -66.22
CA LYS WB 95 -37.57 75.68 -66.99
C LYS WB 95 -37.31 75.88 -68.48
N GLU WB 96 -36.36 76.75 -68.84
CA GLU WB 96 -36.06 76.98 -70.25
C GLU WB 96 -35.54 75.71 -70.90
N ILE WB 97 -34.52 75.09 -70.32
CA ILE WB 97 -33.97 73.86 -70.88
C ILE WB 97 -34.99 72.74 -70.82
N MET WB 98 -35.84 72.73 -69.79
CA MET WB 98 -36.88 71.71 -69.70
C MET WB 98 -37.84 71.82 -70.88
N GLU WB 99 -38.33 73.03 -71.15
CA GLU WB 99 -39.22 73.23 -72.29
C GLU WB 99 -38.51 72.90 -73.60
N HIS WB 100 -37.24 73.28 -73.71
CA HIS WB 100 -36.48 73.00 -74.93
C HIS WB 100 -36.40 71.50 -75.19
N ILE WB 101 -36.01 70.73 -74.18
CA ILE WB 101 -35.88 69.28 -74.36
C ILE WB 101 -37.24 68.64 -74.59
N ARG WB 102 -38.28 69.17 -73.92
CA ARG WB 102 -39.63 68.62 -74.13
C ARG WB 102 -40.10 68.84 -75.56
N LYS WB 103 -39.76 70.00 -76.14
CA LYS WB 103 -40.19 70.29 -77.51
C LYS WB 103 -39.32 69.58 -78.55
N ILE WB 104 -38.05 69.34 -78.23
CA ILE WB 104 -37.15 68.69 -79.18
C ILE WB 104 -37.20 67.18 -79.00
N LEU WB 105 -36.56 66.67 -77.95
CA LEU WB 105 -36.47 65.24 -77.72
C LEU WB 105 -37.67 64.67 -76.98
N GLY WB 106 -38.42 65.51 -76.27
CA GLY WB 106 -39.56 65.00 -75.53
C GLY WB 106 -40.61 64.41 -76.46
N LYS WB 107 -41.25 63.33 -76.00
CA LYS WB 107 -42.28 62.68 -76.78
C LYS WB 107 -43.48 63.59 -76.93
N ASN WB 108 -43.87 63.88 -78.17
CA ASN WB 108 -45.01 64.74 -78.42
C ASN WB 108 -46.28 64.11 -77.84
N GLU WB 109 -47.32 64.94 -77.69
CA GLU WB 109 -48.58 64.46 -77.13
C GLU WB 109 -49.20 63.39 -78.02
N GLU WB 110 -48.90 63.39 -79.32
CA GLU WB 110 -49.47 62.39 -80.22
C GLU WB 110 -49.02 60.99 -79.85
N THR WB 111 -47.72 60.82 -79.62
CA THR WB 111 -47.20 59.50 -79.27
C THR WB 111 -47.75 59.04 -77.92
N LEU WB 112 -47.83 59.95 -76.95
CA LEU WB 112 -48.37 59.59 -75.64
C LEU WB 112 -49.82 59.17 -75.75
N ARG WB 113 -50.62 59.90 -76.53
CA ARG WB 113 -52.03 59.54 -76.71
C ARG WB 113 -52.17 58.21 -77.43
N GLU WB 114 -51.31 57.96 -78.41
CA GLU WB 114 -51.35 56.68 -79.12
C GLU WB 114 -51.02 55.53 -78.17
N GLU WB 115 -50.00 55.71 -77.32
CA GLU WB 115 -49.64 54.68 -76.36
C GLU WB 115 -50.77 54.46 -75.35
N GLU WB 116 -51.42 55.54 -74.91
CA GLU WB 116 -52.54 55.40 -73.99
C GLU WB 116 -53.69 54.64 -74.64
N GLU WB 117 -53.99 54.95 -75.91
CA GLU WB 117 -55.05 54.25 -76.62
C GLU WB 117 -54.71 52.77 -76.78
N GLU WB 118 -53.44 52.46 -77.08
CA GLU WB 118 -53.03 51.07 -77.20
C GLU WB 118 -53.17 50.34 -75.88
N LYS WB 119 -52.77 50.98 -74.78
CA LYS WB 119 -52.92 50.36 -73.47
C LYS WB 119 -54.38 50.14 -73.12
N LYS WB 120 -55.24 51.11 -73.44
CA LYS WB 120 -56.67 50.94 -73.20
C LYS WB 120 -57.23 49.77 -74.01
N GLN WB 121 -56.83 49.67 -75.28
CA GLN WB 121 -57.23 48.52 -76.10
C GLN WB 121 -56.77 47.22 -75.45
N LEU WB 122 -55.55 47.19 -74.92
CA LEU WB 122 -55.07 46.00 -74.23
C LEU WB 122 -55.90 45.73 -72.98
N SER WB 123 -56.42 46.78 -72.34
CA SER WB 123 -57.25 46.63 -71.14
C SER WB 123 -58.68 46.30 -71.57
N HIS WB 124 -58.84 45.10 -72.14
CA HIS WB 124 -60.14 44.64 -72.61
C HIS WB 124 -61.13 44.62 -71.47
N PRO WB 125 -62.14 45.49 -71.46
CA PRO WB 125 -63.15 45.48 -70.39
C PRO WB 125 -64.33 44.55 -70.63
N ALA WB 126 -64.37 43.84 -71.76
CA ALA WB 126 -65.47 42.94 -72.05
C ALA WB 126 -65.18 41.50 -71.62
N ASN WB 127 -63.96 41.03 -71.83
CA ASN WB 127 -63.61 39.67 -71.45
C ASN WB 127 -63.71 39.50 -69.94
N PHE WB 128 -64.03 38.27 -69.52
CA PHE WB 128 -64.20 37.95 -68.09
C PHE WB 128 -62.88 37.41 -67.55
N GLY WB 129 -61.94 38.32 -67.34
CA GLY WB 129 -60.64 37.97 -66.84
C GLY WB 129 -60.64 37.82 -65.33
N PRO WB 130 -59.48 37.41 -64.79
CA PRO WB 130 -59.34 37.13 -63.35
C PRO WB 130 -59.12 38.38 -62.49
N ARG WB 131 -59.99 39.37 -62.66
CA ARG WB 131 -59.97 40.57 -61.83
C ARG WB 131 -58.65 41.31 -61.94
N LYS WB 132 -57.56 40.68 -61.50
CA LYS WB 132 -56.26 41.34 -61.48
C LYS WB 132 -55.95 42.01 -62.82
N TYR WB 133 -56.33 41.37 -63.93
CA TYR WB 133 -56.09 41.93 -65.25
C TYR WB 133 -57.33 42.46 -65.93
N CYS WB 134 -58.53 42.04 -65.51
CA CYS WB 134 -59.78 42.51 -66.11
C CYS WB 134 -60.84 42.70 -65.03
N LEU WB 135 -62.07 42.29 -65.32
CA LEU WB 135 -63.16 42.43 -64.36
C LEU WB 135 -64.12 41.25 -64.53
N ARG WB 136 -64.96 41.04 -63.52
CA ARG WB 136 -65.95 39.97 -63.48
C ARG WB 136 -65.37 38.67 -64.05
N GLU WB 137 -64.88 37.79 -63.17
CA GLU WB 137 -64.27 36.55 -63.62
C GLU WB 137 -65.30 35.61 -64.23
N CYS WB 138 -66.42 35.43 -63.54
CA CYS WB 138 -67.48 34.53 -64.00
C CYS WB 138 -68.78 35.29 -64.18
N ILE WB 139 -69.65 34.76 -65.02
CA ILE WB 139 -70.95 35.38 -65.28
C ILE WB 139 -71.85 35.30 -64.04
N CYS WB 140 -71.55 34.41 -63.10
CA CYS WB 140 -72.36 34.27 -61.90
C CYS WB 140 -72.36 35.55 -61.06
N GLU WB 141 -71.34 36.40 -61.22
CA GLU WB 141 -71.25 37.64 -60.47
C GLU WB 141 -71.93 38.81 -61.18
N VAL WB 142 -72.27 38.66 -62.46
CA VAL WB 142 -72.91 39.72 -63.23
C VAL WB 142 -74.25 39.21 -63.74
N GLU WB 143 -75.08 40.14 -64.17
CA GLU WB 143 -76.40 39.79 -64.69
C GLU WB 143 -76.26 38.92 -65.93
N GLY WB 144 -77.10 37.88 -66.01
CA GLY WB 144 -77.08 36.96 -67.14
C GLY WB 144 -77.49 35.56 -66.75
N GLN WB 145 -77.19 35.17 -65.52
CA GLN WB 145 -77.53 33.84 -65.02
C GLN WB 145 -77.84 33.96 -63.54
N VAL WB 146 -77.99 32.82 -62.88
CA VAL WB 146 -78.28 32.82 -61.44
C VAL WB 146 -77.13 33.52 -60.70
N PRO WB 147 -77.40 34.44 -59.78
CA PRO WB 147 -76.30 35.16 -59.12
C PRO WB 147 -75.54 34.29 -58.13
N CYS WB 148 -74.66 33.43 -58.65
CA CYS WB 148 -73.82 32.57 -57.82
C CYS WB 148 -74.68 31.55 -57.08
N PRO WB 149 -74.50 30.25 -57.34
CA PRO WB 149 -75.27 29.25 -56.57
C PRO WB 149 -75.03 29.32 -55.08
N SER WB 150 -73.91 29.90 -54.64
CA SER WB 150 -73.65 30.00 -53.21
C SER WB 150 -74.52 31.07 -52.57
N LEU WB 151 -74.60 32.24 -53.20
CA LEU WB 151 -75.43 33.33 -52.65
C LEU WB 151 -76.90 32.95 -52.64
N VAL WB 152 -77.32 32.09 -53.55
CA VAL WB 152 -78.72 31.66 -53.63
C VAL WB 152 -78.77 30.27 -54.26
N PRO WB 153 -79.54 29.33 -53.72
CA PRO WB 153 -79.58 27.98 -54.32
C PRO WB 153 -80.11 28.03 -55.74
N LEU WB 154 -79.70 27.04 -56.53
CA LEU WB 154 -80.11 26.96 -57.92
C LEU WB 154 -81.57 26.49 -58.03
N PRO WB 155 -82.23 26.79 -59.14
CA PRO WB 155 -83.62 26.36 -59.31
C PRO WB 155 -83.76 24.84 -59.42
N LYS WB 156 -84.97 24.37 -59.71
CA LYS WB 156 -85.22 22.93 -59.77
C LYS WB 156 -84.51 22.26 -60.93
N GLU WB 157 -84.12 23.02 -61.96
CA GLU WB 157 -83.45 22.45 -63.12
C GLU WB 157 -81.96 22.19 -62.90
N MET WB 158 -81.51 22.15 -61.65
CA MET WB 158 -80.11 21.87 -61.38
C MET WB 158 -79.72 20.50 -61.90
N ARG WB 159 -78.54 20.42 -62.51
CA ARG WB 159 -78.07 19.17 -63.07
C ARG WB 159 -77.82 18.14 -61.96
N GLY WB 160 -77.89 16.88 -62.33
CA GLY WB 160 -77.67 15.79 -61.39
C GLY WB 160 -78.91 15.31 -60.67
N LYS WB 161 -79.60 16.23 -60.00
CA LYS WB 161 -80.81 15.90 -59.25
C LYS WB 161 -81.96 15.69 -60.23
N TYR WB 162 -81.93 14.54 -60.90
CA TYR WB 162 -82.96 14.18 -61.86
C TYR WB 162 -82.98 12.68 -62.10
N ARG XB 1 -53.82 9.91 -70.78
CA ARG XB 1 -53.79 9.80 -69.33
C ARG XB 1 -52.86 8.67 -68.89
N LYS XB 2 -52.63 7.71 -69.78
CA LYS XB 2 -51.74 6.59 -69.51
C LYS XB 2 -50.36 6.92 -70.06
N THR XB 3 -49.36 6.88 -69.17
CA THR XB 3 -47.98 7.23 -69.55
C THR XB 3 -47.20 6.02 -70.04
N ARG XB 4 -47.80 5.27 -70.97
CA ARG XB 4 -47.15 4.11 -71.56
C ARG XB 4 -46.75 3.10 -70.48
N HIS XB 5 -45.75 3.44 -69.68
CA HIS XB 5 -45.28 2.57 -68.60
C HIS XB 5 -46.23 2.71 -67.42
N ASP XB 6 -47.28 1.89 -67.43
CA ASP XB 6 -48.30 1.95 -66.39
C ASP XB 6 -48.91 0.56 -66.27
N PRO XB 7 -49.66 0.30 -65.19
CA PRO XB 7 -50.30 -1.02 -65.04
C PRO XB 7 -51.37 -1.31 -66.08
N LEU XB 8 -51.75 -0.32 -66.89
CA LEU XB 8 -52.77 -0.47 -67.94
C LEU XB 8 -53.88 -1.43 -67.55
N ALA XB 9 -54.99 -0.90 -67.04
CA ALA XB 9 -56.13 -1.72 -66.68
C ALA XB 9 -56.64 -2.49 -67.88
N LYS XB 10 -56.36 -3.79 -67.94
CA LYS XB 10 -56.76 -4.61 -69.06
C LYS XB 10 -58.27 -4.78 -69.10
N SER XB 11 -58.99 -3.72 -69.47
CA SER XB 11 -60.44 -3.75 -69.58
C SER XB 11 -60.97 -3.31 -70.94
N LYS XB 12 -60.12 -2.80 -71.82
CA LYS XB 12 -60.54 -2.36 -73.15
C LYS XB 12 -59.99 -3.24 -74.27
N ILE XB 13 -59.11 -4.19 -73.95
CA ILE XB 13 -58.54 -5.07 -74.97
C ILE XB 13 -59.53 -6.11 -75.47
N GLU XB 14 -60.73 -6.16 -74.91
CA GLU XB 14 -61.76 -7.13 -75.33
C GLU XB 14 -62.88 -6.43 -76.08
N ARG XB 15 -62.54 -5.77 -77.19
CA ARG XB 15 -63.53 -5.09 -78.02
C ARG XB 15 -63.04 -5.06 -79.45
N VAL XB 16 -63.98 -4.99 -80.38
CA VAL XB 16 -63.68 -4.98 -81.82
C VAL XB 16 -64.08 -3.63 -82.38
N ASN XB 17 -63.12 -2.93 -82.97
CA ASN XB 17 -63.38 -1.64 -83.59
C ASN XB 17 -64.33 -1.80 -84.78
N MET XB 18 -65.61 -2.00 -84.49
CA MET XB 18 -66.60 -2.24 -85.53
C MET XB 18 -67.19 -0.92 -86.03
N PRO XB 19 -67.21 -0.67 -87.33
CA PRO XB 19 -67.83 0.55 -87.83
C PRO XB 19 -69.32 0.35 -88.06
N PRO XB 20 -70.18 1.15 -87.39
CA PRO XB 20 -71.62 1.00 -87.61
C PRO XB 20 -72.02 1.08 -89.07
N ALA XB 21 -73.21 0.60 -89.39
CA ALA XB 21 -73.69 0.60 -90.76
C ALA XB 21 -73.90 2.02 -91.27
N VAL XB 22 -74.00 2.16 -92.59
CA VAL XB 22 -74.14 3.46 -93.23
C VAL XB 22 -75.07 3.31 -94.42
N ASP XB 23 -75.75 4.42 -94.76
CA ASP XB 23 -76.63 4.46 -95.91
C ASP XB 23 -75.89 4.93 -97.15
N PRO XB 24 -76.45 4.72 -98.35
CA PRO XB 24 -75.76 5.13 -99.57
C PRO XB 24 -76.01 6.58 -99.95
N ALA XB 25 -77.28 6.93 -100.18
CA ALA XB 25 -77.61 8.28 -100.61
C ALA XB 25 -77.20 9.31 -99.55
N GLU XB 26 -77.54 9.04 -98.29
CA GLU XB 26 -77.17 9.96 -97.22
C GLU XB 26 -75.67 10.10 -97.12
N PHE XB 27 -74.93 9.00 -97.24
CA PHE XB 27 -73.48 9.05 -97.14
C PHE XB 27 -72.88 9.87 -98.28
N PHE XB 28 -73.38 9.68 -99.51
CA PHE XB 28 -72.86 10.46 -100.64
C PHE XB 28 -73.18 11.94 -100.49
N VAL XB 29 -74.40 12.25 -100.05
CA VAL XB 29 -74.78 13.65 -99.83
C VAL XB 29 -73.87 14.27 -98.78
N LEU XB 30 -73.61 13.55 -97.70
CA LEU XB 30 -72.75 14.07 -96.64
C LEU XB 30 -71.31 14.23 -97.12
N MET XB 31 -70.84 13.31 -97.98
CA MET XB 31 -69.50 13.42 -98.52
C MET XB 31 -69.37 14.67 -99.38
N GLU XB 32 -70.35 14.91 -100.26
CA GLU XB 32 -70.34 16.12 -101.07
C GLU XB 32 -70.40 17.36 -100.19
N ARG XB 33 -71.23 17.33 -99.15
CA ARG XB 33 -71.34 18.46 -98.23
C ARG XB 33 -70.00 18.74 -97.55
N TYR XB 34 -69.33 17.68 -97.07
CA TYR XB 34 -68.02 17.85 -96.43
C TYR XB 34 -67.00 18.40 -97.41
N GLN XB 35 -66.99 17.89 -98.64
CA GLN XB 35 -66.04 18.38 -99.64
C GLN XB 35 -66.24 19.88 -99.89
N HIS XB 36 -67.50 20.29 -100.12
CA HIS XB 36 -67.76 21.69 -100.42
C HIS XB 36 -67.48 22.57 -99.20
N TYR XB 37 -67.79 22.10 -98.00
CA TYR XB 37 -67.53 22.87 -96.80
C TYR XB 37 -66.04 23.04 -96.57
N ARG XB 38 -65.25 21.99 -96.80
CA ARG XB 38 -63.81 22.09 -96.67
C ARG XB 38 -63.23 23.03 -97.72
N GLN XB 39 -63.78 22.99 -98.94
CA GLN XB 39 -63.36 23.94 -99.97
C GLN XB 39 -63.61 25.37 -99.52
N THR XB 40 -64.80 25.64 -99.00
CA THR XB 40 -65.14 26.98 -98.54
C THR XB 40 -64.25 27.41 -97.38
N VAL XB 41 -63.96 26.49 -96.46
CA VAL XB 41 -63.12 26.82 -95.31
C VAL XB 41 -61.70 27.12 -95.77
N ARG XB 42 -61.19 26.35 -96.73
CA ARG XB 42 -59.85 26.62 -97.25
C ARG XB 42 -59.81 27.95 -97.99
N ALA XB 43 -60.88 28.28 -98.71
CA ALA XB 43 -60.94 29.58 -99.37
C ALA XB 43 -60.94 30.72 -98.37
N LEU XB 44 -61.72 30.57 -97.28
CA LEU XB 44 -61.73 31.60 -96.25
C LEU XB 44 -60.38 31.73 -95.58
N ARG XB 45 -59.70 30.59 -95.36
CA ARG XB 45 -58.37 30.63 -94.76
C ARG XB 45 -57.38 31.33 -95.68
N MET XB 46 -57.47 31.06 -96.99
CA MET XB 46 -56.60 31.74 -97.94
C MET XB 46 -56.87 33.24 -97.96
N GLU XB 47 -58.15 33.63 -97.88
CA GLU XB 47 -58.48 35.04 -97.82
C GLU XB 47 -57.92 35.70 -96.57
N PHE XB 48 -58.02 35.02 -95.43
CA PHE XB 48 -57.47 35.56 -94.19
C PHE XB 48 -55.95 35.67 -94.27
N VAL XB 49 -55.30 34.69 -94.89
CA VAL XB 49 -53.86 34.73 -95.04
C VAL XB 49 -53.46 35.89 -95.94
N SER XB 50 -54.21 36.12 -97.02
CA SER XB 50 -53.93 37.26 -97.90
C SER XB 50 -54.12 38.58 -97.16
N GLU XB 51 -55.16 38.67 -96.33
CA GLU XB 51 -55.36 39.88 -95.55
C GLU XB 51 -54.22 40.10 -94.56
N VAL XB 52 -53.76 39.04 -93.91
CA VAL XB 52 -52.65 39.15 -92.97
C VAL XB 52 -51.38 39.58 -93.71
N GLN XB 53 -51.16 39.04 -94.91
CA GLN XB 53 -49.99 39.44 -95.69
C GLN XB 53 -50.08 40.90 -96.09
N ARG XB 54 -51.26 41.36 -96.50
CA ARG XB 54 -51.44 42.77 -96.83
C ARG XB 54 -51.18 43.66 -95.63
N LYS XB 55 -51.64 43.24 -94.44
CA LYS XB 55 -51.40 44.01 -93.24
C LYS XB 55 -49.91 44.07 -92.92
N VAL XB 56 -49.22 42.93 -93.02
CA VAL XB 56 -47.78 42.90 -92.76
C VAL XB 56 -47.04 43.80 -93.74
N HIS XB 57 -47.45 43.79 -95.00
CA HIS XB 57 -46.83 44.66 -95.99
C HIS XB 57 -47.05 46.12 -95.65
N GLU XB 58 -48.29 46.49 -95.34
CA GLU XB 58 -48.59 47.87 -94.97
C GLU XB 58 -47.81 48.31 -93.74
N ALA XB 59 -47.56 47.38 -92.81
CA ALA XB 59 -46.83 47.72 -91.60
C ALA XB 59 -45.33 47.85 -91.84
N ARG XB 60 -44.78 47.00 -92.71
CA ARG XB 60 -43.33 47.00 -92.97
C ARG XB 60 -42.98 47.99 -94.09
N ALA XB 61 -43.33 47.63 -95.33
CA ALA XB 61 -43.01 48.45 -96.50
C ALA XB 61 -44.25 49.12 -97.07
N GLY XB 62 -45.19 49.48 -96.21
CA GLY XB 62 -46.40 50.12 -96.67
C GLY XB 62 -46.14 51.50 -97.26
N VAL XB 63 -47.14 52.00 -97.98
CA VAL XB 63 -47.04 53.33 -98.58
C VAL XB 63 -47.18 54.40 -97.52
N LEU XB 64 -48.28 54.37 -96.76
CA LEU XB 64 -48.49 55.37 -95.71
C LEU XB 64 -47.42 55.27 -94.64
N ALA XB 65 -47.06 54.04 -94.24
CA ALA XB 65 -46.05 53.88 -93.20
C ALA XB 65 -44.70 54.42 -93.64
N GLU XB 66 -44.28 54.08 -94.86
CA GLU XB 66 -43.00 54.57 -95.36
C GLU XB 66 -43.02 56.09 -95.53
N ARG XB 67 -44.14 56.65 -96.00
CA ARG XB 67 -44.24 58.09 -96.14
C ARG XB 67 -44.15 58.78 -94.78
N LYS XB 68 -44.82 58.23 -93.77
CA LYS XB 68 -44.74 58.81 -92.43
C LYS XB 68 -43.33 58.70 -91.86
N ALA XB 69 -42.65 57.58 -92.14
CA ALA XB 69 -41.26 57.44 -91.68
C ALA XB 69 -40.36 58.46 -92.34
N LEU XB 70 -40.53 58.68 -93.65
CA LEU XB 70 -39.72 59.67 -94.35
C LEU XB 70 -40.02 61.08 -93.82
N LYS XB 71 -41.29 61.37 -93.55
CA LYS XB 71 -41.65 62.68 -93.00
C LYS XB 71 -41.06 62.86 -91.60
N ASP XB 72 -41.04 61.80 -90.79
CA ASP XB 72 -40.43 61.88 -89.47
C ASP XB 72 -38.92 62.11 -89.59
N ALA XB 73 -38.27 61.46 -90.55
CA ALA XB 73 -36.85 61.69 -90.76
C ALA XB 73 -36.58 63.12 -91.19
N ALA XB 74 -37.43 63.66 -92.08
CA ALA XB 74 -37.28 65.05 -92.50
C ALA XB 74 -37.50 66.00 -91.33
N GLU XB 75 -38.48 65.71 -90.47
CA GLU XB 75 -38.70 66.54 -89.29
C GLU XB 75 -37.53 66.47 -88.33
N HIS XB 76 -36.93 65.29 -88.19
CA HIS XB 76 -35.74 65.15 -87.34
C HIS XB 76 -34.58 65.96 -87.90
N ARG XB 77 -34.40 65.94 -89.23
CA ARG XB 77 -33.36 66.74 -89.84
C ARG XB 77 -33.61 68.23 -89.63
N GLU XB 78 -34.87 68.65 -89.75
CA GLU XB 78 -35.21 70.05 -89.53
C GLU XB 78 -34.94 70.45 -88.08
N LEU XB 79 -35.27 69.56 -87.14
CA LEU XB 79 -35.00 69.84 -85.74
C LEU XB 79 -33.51 69.92 -85.47
N MET XB 80 -32.73 69.06 -86.13
CA MET XB 80 -31.27 69.12 -86.01
C MET XB 80 -30.74 70.44 -86.53
N ALA XB 81 -31.27 70.91 -87.67
CA ALA XB 81 -30.85 72.20 -88.21
C ALA XB 81 -31.23 73.34 -87.28
N TRP XB 82 -32.42 73.27 -86.69
CA TRP XB 82 -32.84 74.31 -85.74
C TRP XB 82 -31.95 74.31 -84.52
N ASN XB 83 -31.59 73.13 -84.01
CA ASN XB 83 -30.69 73.05 -82.87
C ASN XB 83 -29.31 73.58 -83.22
N GLN XB 84 -28.84 73.32 -84.44
CA GLN XB 84 -27.56 73.85 -84.88
C GLN XB 84 -27.60 75.37 -84.94
N ALA XB 85 -28.69 75.94 -85.45
CA ALA XB 85 -28.82 77.39 -85.49
C ALA XB 85 -28.87 77.98 -84.08
N GLU XB 86 -29.59 77.32 -83.18
CA GLU XB 86 -29.64 77.78 -81.79
C GLU XB 86 -28.26 77.73 -81.15
N ASN XB 87 -27.50 76.66 -81.42
CA ASN XB 87 -26.15 76.56 -80.88
C ASN XB 87 -25.24 77.61 -81.47
N ARG XB 88 -25.43 77.96 -82.75
CA ARG XB 88 -24.64 79.01 -83.37
C ARG XB 88 -24.93 80.36 -82.71
N ARG XB 89 -26.20 80.67 -82.49
CA ARG XB 89 -26.55 81.90 -81.80
C ARG XB 89 -25.98 81.92 -80.38
N LEU XB 90 -26.07 80.78 -79.68
CA LEU XB 90 -25.53 80.69 -78.33
C LEU XB 90 -24.03 80.90 -78.34
N HIS XB 91 -23.32 80.35 -79.33
CA HIS XB 91 -21.88 80.52 -79.41
C HIS XB 91 -21.50 81.95 -79.74
N GLU XB 92 -22.31 82.63 -80.57
CA GLU XB 92 -22.06 84.03 -80.85
C GLU XB 92 -22.19 84.87 -79.59
N LEU XB 93 -23.33 84.73 -78.88
CA LEU XB 93 -23.48 85.44 -77.62
C LEU XB 93 -22.39 85.05 -76.63
N ARG XB 94 -21.97 83.78 -76.66
CA ARG XB 94 -20.91 83.30 -75.78
C ARG XB 94 -19.61 84.06 -76.03
N ILE XB 95 -19.18 84.10 -77.28
CA ILE XB 95 -17.98 84.85 -77.63
C ILE XB 95 -18.14 86.32 -77.23
N ALA XB 96 -19.33 86.87 -77.43
CA ALA XB 96 -19.57 88.27 -77.09
C ALA XB 96 -19.29 88.54 -75.62
N ARG XB 97 -20.03 87.88 -74.73
CA ARG XB 97 -19.86 88.17 -73.31
C ARG XB 97 -18.52 87.66 -72.79
N LEU XB 98 -17.92 86.66 -73.45
CA LEU XB 98 -16.60 86.18 -73.03
C LEU XB 98 -15.54 87.22 -73.32
N ARG XB 99 -15.56 87.83 -74.51
CA ARG XB 99 -14.61 88.91 -74.80
C ARG XB 99 -14.87 90.12 -73.92
N GLN XB 100 -16.14 90.41 -73.61
CA GLN XB 100 -16.42 91.49 -72.68
C GLN XB 100 -15.78 91.23 -71.32
N GLU XB 101 -16.05 90.06 -70.74
CA GLU XB 101 -15.47 89.72 -69.44
C GLU XB 101 -13.95 89.64 -69.51
N GLU XB 102 -13.40 89.25 -70.66
CA GLU XB 102 -11.96 89.17 -70.80
C GLU XB 102 -11.32 90.56 -70.79
N ARG XB 103 -11.92 91.51 -71.50
CA ARG XB 103 -11.43 92.88 -71.46
C ARG XB 103 -11.53 93.44 -70.05
N GLU XB 104 -12.67 93.20 -69.37
CA GLU XB 104 -12.83 93.68 -68.01
C GLU XB 104 -11.75 93.09 -67.09
N GLN XB 105 -11.53 91.78 -67.19
CA GLN XB 105 -10.54 91.12 -66.35
C GLN XB 105 -9.12 91.57 -66.68
N GLU XB 106 -8.84 91.87 -67.95
CA GLU XB 106 -7.52 92.38 -68.30
C GLU XB 106 -7.29 93.76 -67.71
N GLN XB 107 -8.30 94.63 -67.79
CA GLN XB 107 -8.19 95.94 -67.16
C GLN XB 107 -7.97 95.81 -65.65
N ARG XB 108 -8.75 94.93 -65.01
CA ARG XB 108 -8.60 94.73 -63.57
C ARG XB 108 -7.22 94.16 -63.24
N GLN XB 109 -6.72 93.26 -64.08
CA GLN XB 109 -5.42 92.65 -63.85
C GLN XB 109 -4.30 93.67 -63.99
N ALA XB 110 -4.42 94.59 -64.94
CA ALA XB 110 -3.44 95.66 -65.06
C ALA XB 110 -3.49 96.58 -63.85
N LEU XB 111 -4.70 96.96 -63.43
CA LEU XB 111 -4.84 97.82 -62.25
C LEU XB 111 -4.29 97.15 -61.00
N GLU XB 112 -4.42 95.82 -60.90
CA GLU XB 112 -3.90 95.10 -59.75
C GLU XB 112 -2.39 94.90 -59.84
N GLN XB 113 -1.85 94.69 -61.05
CA GLN XB 113 -0.42 94.57 -61.22
C GLN XB 113 0.29 95.87 -60.91
N ALA XB 114 -0.36 97.01 -61.16
CA ALA XB 114 0.21 98.28 -60.73
C ALA XB 114 0.48 98.28 -59.23
N ARG XB 115 -0.55 97.96 -58.43
CA ARG XB 115 -0.40 97.93 -56.98
C ARG XB 115 0.57 96.83 -56.55
N LYS XB 116 0.60 95.71 -57.29
CA LYS XB 116 1.53 94.64 -56.96
C LYS XB 116 2.97 95.12 -57.11
N ALA XB 117 3.28 95.79 -58.22
CA ALA XB 117 4.61 96.35 -58.40
C ALA XB 117 4.91 97.39 -57.34
N GLU XB 118 3.93 98.23 -57.00
CA GLU XB 118 4.13 99.24 -55.97
C GLU XB 118 4.52 98.60 -54.64
N GLU XB 119 3.73 97.62 -54.19
CA GLU XB 119 4.01 96.98 -52.90
C GLU XB 119 5.29 96.15 -52.96
N VAL XB 120 5.62 95.58 -54.11
CA VAL XB 120 6.88 94.86 -54.24
C VAL XB 120 8.06 95.81 -54.09
N GLN XB 121 7.98 96.98 -54.72
CA GLN XB 121 9.02 97.98 -54.55
C GLN XB 121 9.12 98.46 -53.10
N ALA XB 122 7.97 98.62 -52.45
CA ALA XB 122 7.97 99.03 -51.05
C ALA XB 122 8.64 97.98 -50.17
N TRP XB 123 8.32 96.70 -50.39
CA TRP XB 123 8.93 95.63 -49.62
C TRP XB 123 10.42 95.54 -49.89
N ALA XB 124 10.83 95.74 -51.14
CA ALA XB 124 12.25 95.73 -51.47
C ALA XB 124 12.98 96.87 -50.77
N GLN XB 125 12.37 98.05 -50.74
CA GLN XB 125 12.98 99.19 -50.04
C GLN XB 125 13.08 98.91 -48.55
N ARG XB 126 12.05 98.31 -47.96
CA ARG XB 126 12.09 97.98 -46.53
C ARG XB 126 13.19 96.97 -46.24
N LYS XB 127 13.32 95.94 -47.08
CA LYS XB 127 14.37 94.95 -46.87
C LYS XB 127 15.75 95.56 -47.07
N GLU XB 128 15.88 96.50 -48.01
CA GLU XB 128 17.16 97.18 -48.20
C GLU XB 128 17.50 98.04 -46.98
N ARG XB 129 16.51 98.71 -46.39
CA ARG XB 129 16.74 99.47 -45.18
C ARG XB 129 17.16 98.55 -44.04
N GLU XB 130 16.52 97.38 -43.93
CA GLU XB 130 16.90 96.42 -42.89
C GLU XB 130 18.32 95.93 -43.11
N VAL XB 131 18.71 95.68 -44.36
CA VAL XB 131 20.06 95.22 -44.66
C VAL XB 131 21.07 96.32 -44.32
N LEU XB 132 20.72 97.57 -44.60
CA LEU XB 132 21.62 98.68 -44.26
C LEU XB 132 21.77 98.81 -42.75
N GLN XB 133 20.67 98.62 -42.01
CA GLN XB 133 20.76 98.66 -40.56
C GLN XB 133 21.63 97.53 -40.03
N LEU XB 134 21.48 96.33 -40.58
CA LEU XB 134 22.32 95.21 -40.16
C LEU XB 134 23.79 95.48 -40.47
N GLN XB 135 24.06 96.08 -41.64
CA GLN XB 135 25.45 96.41 -41.99
C GLN XB 135 26.02 97.45 -41.03
N GLU XB 136 25.24 98.47 -40.70
CA GLU XB 136 25.70 99.48 -39.74
C GLU XB 136 25.97 98.86 -38.38
N GLU XB 137 25.13 97.90 -37.97
CA GLU XB 137 25.33 97.24 -36.69
C GLU XB 137 26.58 96.38 -36.71
N VAL XB 138 26.83 95.67 -37.82
CA VAL XB 138 28.00 94.81 -37.91
C VAL XB 138 29.29 95.62 -38.06
N LYS XB 139 29.19 96.84 -38.58
CA LYS XB 139 30.38 97.67 -38.76
C LYS XB 139 31.14 97.90 -37.47
N ASN XB 140 30.48 97.77 -36.32
CA ASN XB 140 31.10 98.02 -35.02
C ASN XB 140 31.62 96.75 -34.36
N PHE XB 141 31.83 95.69 -35.14
CA PHE XB 141 32.34 94.42 -34.62
C PHE XB 141 33.73 94.16 -35.19
N ILE XB 142 34.33 93.05 -34.75
CA ILE XB 142 35.68 92.69 -35.14
C ILE XB 142 35.68 91.31 -35.78
N THR XB 143 36.87 90.81 -36.13
CA THR XB 143 37.00 89.49 -36.75
C THR XB 143 38.23 88.77 -36.21
N ARG XB 144 38.78 87.84 -36.98
CA ARG XB 144 39.95 87.09 -36.54
C ARG XB 144 41.14 88.01 -36.33
N GLU XB 145 41.36 88.95 -37.25
CA GLU XB 145 42.48 89.87 -37.16
C GLU XB 145 42.40 90.68 -35.87
N ASN XB 146 41.51 91.69 -35.85
CA ASN XB 146 41.32 92.49 -34.65
C ASN XB 146 40.83 91.61 -33.50
N LEU XB 147 41.74 91.24 -32.60
CA LEU XB 147 41.41 90.34 -31.51
C LEU XB 147 42.10 90.77 -30.22
N GLU XB 148 43.40 91.03 -30.29
CA GLU XB 148 44.15 91.39 -29.09
C GLU XB 148 43.61 92.68 -28.48
N ALA XB 149 43.35 93.69 -29.31
CA ALA XB 149 42.86 94.97 -28.79
C ALA XB 149 41.51 94.79 -28.09
N ARG XB 150 40.57 94.12 -28.76
CA ARG XB 150 39.25 93.93 -28.17
C ARG XB 150 39.32 93.03 -26.94
N VAL XB 151 40.20 92.03 -26.95
CA VAL XB 151 40.35 91.16 -25.79
C VAL XB 151 40.85 91.97 -24.59
N GLU XB 152 41.85 92.81 -24.82
CA GLU XB 152 42.37 93.66 -23.74
C GLU XB 152 41.31 94.63 -23.25
N ALA XB 153 40.53 95.21 -24.17
CA ALA XB 153 39.47 96.12 -23.77
C ALA XB 153 38.43 95.42 -22.91
N ALA XB 154 38.04 94.20 -23.29
CA ALA XB 154 37.07 93.45 -22.50
C ALA XB 154 37.65 93.07 -21.14
N LEU XB 155 38.93 92.73 -21.09
CA LEU XB 155 39.56 92.37 -19.83
C LEU XB 155 39.66 93.57 -18.90
N ASP XB 156 39.87 94.78 -19.46
CA ASP XB 156 39.99 95.98 -18.65
C ASP XB 156 38.65 96.66 -18.41
N SER XB 157 37.82 96.78 -19.45
CA SER XB 157 36.53 97.43 -19.30
C SER XB 157 35.61 96.61 -18.40
N ARG XB 158 34.45 97.20 -18.08
CA ARG XB 158 33.46 96.56 -17.23
C ARG XB 158 32.08 97.08 -17.65
N LYS XB 159 31.62 96.64 -18.82
CA LYS XB 159 30.32 97.03 -19.35
C LYS XB 159 29.24 96.24 -18.62
N ASN XB 160 28.46 96.92 -17.79
CA ASN XB 160 27.41 96.29 -17.01
C ASN XB 160 26.04 96.81 -17.46
N TYR XB 161 25.06 95.91 -17.48
CA TYR XB 161 23.70 96.24 -17.86
C TYR XB 161 22.72 96.10 -16.69
N ASN XB 162 23.22 96.19 -15.46
CA ASN XB 162 22.38 96.06 -14.27
C ASN XB 162 21.80 97.43 -13.93
N TRP XB 163 20.70 97.76 -14.59
CA TRP XB 163 20.00 99.03 -14.40
C TRP XB 163 18.69 98.76 -13.67
N ALA XB 164 18.42 99.55 -12.64
CA ALA XB 164 17.21 99.41 -11.85
C ALA XB 164 16.07 100.22 -12.45
N ILE XB 165 14.88 100.04 -11.88
CA ILE XB 165 13.69 100.75 -12.33
C ILE XB 165 12.80 101.00 -11.11
N THR XB 166 12.37 102.25 -10.94
CA THR XB 166 11.53 102.62 -9.81
C THR XB 166 10.09 102.15 -10.03
N ARG XB 167 9.15 102.70 -9.26
CA ARG XB 167 7.75 102.32 -9.41
C ARG XB 167 7.26 102.59 -10.83
N GLU XB 168 7.49 103.81 -11.31
CA GLU XB 168 7.10 104.17 -12.66
C GLU XB 168 8.17 103.74 -13.66
N GLY XB 169 7.91 104.00 -14.94
CA GLY XB 169 8.85 103.62 -15.99
C GLY XB 169 10.01 104.58 -16.12
N LEU XB 170 10.89 104.60 -15.13
CA LEU XB 170 12.06 105.47 -15.12
C LEU XB 170 13.30 104.63 -14.90
N VAL XB 171 14.24 104.70 -15.84
CA VAL XB 171 15.48 103.95 -15.74
C VAL XB 171 16.41 104.65 -14.76
N VAL XB 172 17.03 103.88 -13.86
CA VAL XB 172 17.93 104.43 -12.86
C VAL XB 172 18.79 103.30 -12.34
N ARG XB 173 20.00 103.65 -11.87
CA ARG XB 173 20.92 102.66 -11.33
C ARG XB 173 20.95 102.72 -9.81
N ASP YB 1 -32.25 -24.36 -132.33
CA ASP YB 1 -31.90 -25.21 -131.20
C ASP YB 1 -30.50 -24.88 -130.68
N SER YB 2 -29.98 -25.74 -129.81
CA SER YB 2 -28.66 -25.53 -129.23
C SER YB 2 -27.53 -25.74 -130.24
N HIS YB 3 -27.84 -26.31 -131.42
CA HIS YB 3 -26.80 -26.52 -132.42
C HIS YB 3 -26.21 -25.19 -132.90
N LYS YB 4 -27.06 -24.16 -133.00
CA LYS YB 4 -26.61 -22.83 -133.41
C LYS YB 4 -26.21 -21.96 -132.22
N TRP YB 5 -25.53 -22.54 -131.24
CA TRP YB 5 -25.13 -21.83 -130.04
C TRP YB 5 -23.71 -22.11 -129.60
N GLU YB 6 -23.14 -23.26 -129.94
CA GLU YB 6 -21.79 -23.60 -129.52
C GLU YB 6 -20.79 -22.51 -129.93
N ALA YB 7 -20.74 -21.43 -129.14
CA ALA YB 7 -19.83 -20.33 -129.41
C ALA YB 7 -19.81 -19.36 -128.24
N ARG YB 8 -19.23 -19.78 -127.12
CA ARG YB 8 -19.20 -18.97 -125.90
C ARG YB 8 -17.84 -18.35 -125.63
N GLU YB 9 -16.75 -19.02 -125.99
CA GLU YB 9 -15.40 -18.54 -125.68
C GLU YB 9 -15.21 -18.44 -124.16
N LYS YB 10 -15.46 -19.55 -123.47
CA LYS YB 10 -15.40 -19.59 -122.02
C LYS YB 10 -13.98 -19.33 -121.52
N GLU YB 11 -13.80 -19.38 -120.20
CA GLU YB 11 -12.50 -19.13 -119.58
C GLU YB 11 -12.13 -20.26 -118.63
N HIS YB 12 -11.37 -19.94 -117.59
CA HIS YB 12 -10.97 -20.95 -116.62
C HIS YB 12 -12.20 -21.60 -115.98
N TYR YB 13 -11.99 -22.79 -115.42
CA TYR YB 13 -13.06 -23.56 -114.80
C TYR YB 13 -12.88 -23.65 -113.29
N CYS YB 14 -12.75 -22.51 -112.62
CA CYS YB 14 -12.67 -22.47 -111.16
C CYS YB 14 -14.08 -22.39 -110.61
N LEU YB 15 -14.55 -23.49 -110.02
CA LEU YB 15 -15.93 -23.61 -109.59
C LEU YB 15 -16.07 -23.62 -108.07
N ALA YB 16 -15.44 -24.57 -107.39
CA ALA YB 16 -15.63 -24.70 -105.95
C ALA YB 16 -15.08 -23.49 -105.19
N ASP YB 17 -13.88 -23.06 -105.53
CA ASP YB 17 -13.26 -21.94 -104.83
C ASP YB 17 -14.08 -20.67 -105.02
N LEU YB 18 -14.48 -20.39 -106.26
CA LEU YB 18 -15.28 -19.18 -106.52
C LEU YB 18 -16.65 -19.27 -105.88
N ALA YB 19 -17.24 -20.46 -105.83
CA ALA YB 19 -18.53 -20.62 -105.15
C ALA YB 19 -18.39 -20.34 -103.65
N SER YB 20 -17.32 -20.85 -103.04
CA SER YB 20 -17.08 -20.57 -101.62
C SER YB 20 -16.84 -19.08 -101.39
N LEU YB 21 -16.12 -18.43 -102.30
CA LEU YB 21 -15.89 -17.00 -102.18
C LEU YB 21 -17.20 -16.22 -102.30
N MET YB 22 -18.08 -16.64 -103.20
CA MET YB 22 -19.37 -15.98 -103.34
C MET YB 22 -20.23 -16.19 -102.10
N ASP YB 23 -20.19 -17.40 -101.53
CA ASP YB 23 -20.90 -17.65 -100.28
C ASP YB 23 -20.39 -16.75 -99.17
N LYS YB 24 -19.06 -16.58 -99.10
CA LYS YB 24 -18.50 -15.69 -98.09
C LYS YB 24 -18.94 -14.25 -98.32
N THR YB 25 -18.92 -13.80 -99.57
CA THR YB 25 -19.37 -12.44 -99.87
C THR YB 25 -20.82 -12.24 -99.47
N PHE YB 26 -21.67 -13.25 -99.71
CA PHE YB 26 -23.05 -13.16 -99.26
C PHE YB 26 -23.12 -13.12 -97.73
N GLU YB 27 -22.26 -13.89 -97.06
CA GLU YB 27 -22.23 -13.87 -95.61
C GLU YB 27 -21.72 -12.55 -95.05
N ARG YB 28 -21.03 -11.75 -95.85
CA ARG YB 28 -20.53 -10.46 -95.39
C ARG YB 28 -21.65 -9.52 -94.95
N LYS YB 29 -22.91 -9.86 -95.22
CA LYS YB 29 -24.05 -9.02 -94.84
C LYS YB 29 -24.04 -7.70 -95.59
N LEU YB 30 -23.68 -7.74 -96.87
CA LEU YB 30 -23.64 -6.55 -97.71
C LEU YB 30 -24.03 -6.95 -99.12
N PRO YB 31 -24.50 -6.00 -99.92
CA PRO YB 31 -24.88 -6.33 -101.31
C PRO YB 31 -23.69 -6.90 -102.08
N VAL YB 32 -23.99 -7.83 -102.99
CA VAL YB 32 -22.98 -8.48 -103.82
C VAL YB 32 -23.54 -8.65 -105.22
N SER YB 33 -22.64 -8.64 -106.20
CA SER YB 33 -23.01 -8.80 -107.60
C SER YB 33 -23.03 -10.28 -107.99
N SER YB 34 -23.84 -10.59 -109.00
CA SER YB 34 -23.99 -11.96 -109.48
C SER YB 34 -23.20 -12.23 -110.76
N LEU YB 35 -22.29 -11.33 -111.14
CA LEU YB 35 -21.51 -11.55 -112.35
C LEU YB 35 -20.60 -12.76 -112.20
N THR YB 36 -20.06 -12.98 -110.99
CA THR YB 36 -19.24 -14.16 -110.77
C THR YB 36 -20.07 -15.44 -110.91
N ILE YB 37 -21.29 -15.44 -110.38
CA ILE YB 37 -22.15 -16.60 -110.50
C ILE YB 37 -22.52 -16.83 -111.97
N SER YB 38 -22.72 -15.76 -112.73
CA SER YB 38 -22.99 -15.89 -114.16
C SER YB 38 -21.81 -16.50 -114.88
N ARG YB 39 -20.60 -16.01 -114.59
CA ARG YB 39 -19.40 -16.60 -115.18
C ARG YB 39 -19.29 -18.07 -114.85
N LEU YB 40 -19.57 -18.45 -113.60
CA LEU YB 40 -19.51 -19.85 -113.20
C LEU YB 40 -20.52 -20.67 -114.00
N ILE YB 41 -21.78 -20.25 -114.00
CA ILE YB 41 -22.81 -20.97 -114.75
C ILE YB 41 -22.42 -21.12 -116.20
N ASP YB 42 -21.75 -20.11 -116.77
CA ASP YB 42 -21.28 -20.22 -118.14
C ASP YB 42 -20.11 -21.20 -118.27
N ASN YB 43 -19.32 -21.35 -117.21
CA ASN YB 43 -18.17 -22.24 -117.23
C ASN YB 43 -18.45 -23.60 -116.58
N ILE YB 44 -19.48 -23.71 -115.75
CA ILE YB 44 -19.77 -24.98 -115.08
C ILE YB 44 -20.19 -26.01 -116.12
N SER YB 45 -19.80 -27.27 -115.89
CA SER YB 45 -20.15 -28.37 -116.77
C SER YB 45 -20.44 -29.62 -115.92
N SER YB 46 -21.49 -29.54 -115.10
CA SER YB 46 -21.87 -30.64 -114.23
C SER YB 46 -23.37 -30.51 -113.93
N ARG YB 47 -23.80 -31.10 -112.83
CA ARG YB 47 -25.20 -31.03 -112.42
C ARG YB 47 -25.31 -30.63 -110.95
N GLU YB 48 -24.56 -31.30 -110.08
CA GLU YB 48 -24.55 -30.93 -108.68
C GLU YB 48 -24.02 -29.52 -108.49
N GLU YB 49 -23.03 -29.13 -109.30
CA GLU YB 49 -22.51 -27.77 -109.22
C GLU YB 49 -23.58 -26.76 -109.61
N ILE YB 50 -24.37 -27.06 -110.65
CA ILE YB 50 -25.44 -26.16 -111.04
C ILE YB 50 -26.52 -26.09 -109.97
N ASP YB 51 -26.79 -27.23 -109.31
CA ASP YB 51 -27.76 -27.22 -108.22
C ASP YB 51 -27.27 -26.36 -107.06
N HIS YB 52 -25.99 -26.47 -106.72
CA HIS YB 52 -25.42 -25.64 -105.66
C HIS YB 52 -25.47 -24.17 -106.04
N ALA YB 53 -25.20 -23.86 -107.31
CA ALA YB 53 -25.28 -22.47 -107.77
C ALA YB 53 -26.70 -21.96 -107.68
N GLU YB 54 -27.68 -22.79 -108.02
CA GLU YB 54 -29.08 -22.38 -107.93
C GLU YB 54 -29.47 -22.13 -106.47
N TYR YB 55 -29.03 -22.99 -105.56
CA TYR YB 55 -29.32 -22.78 -104.15
C TYR YB 55 -28.66 -21.50 -103.65
N TYR YB 56 -27.43 -21.23 -104.09
CA TYR YB 56 -26.74 -20.01 -103.68
C TYR YB 56 -27.47 -18.78 -104.22
N LEU YB 57 -27.95 -18.85 -105.47
CA LEU YB 57 -28.71 -17.73 -106.03
C LEU YB 57 -30.01 -17.52 -105.28
N TYR YB 58 -30.67 -18.60 -104.88
CA TYR YB 58 -31.89 -18.48 -104.09
C TYR YB 58 -31.62 -17.81 -102.76
N LYS YB 59 -30.56 -18.25 -102.07
CA LYS YB 59 -30.20 -17.61 -100.81
C LYS YB 59 -29.80 -16.16 -101.01
N PHE YB 60 -29.22 -15.84 -102.17
CA PHE YB 60 -28.83 -14.47 -102.47
C PHE YB 60 -30.05 -13.59 -102.79
N ARG YB 61 -31.13 -14.20 -103.28
CA ARG YB 61 -32.35 -13.45 -103.51
C ARG YB 61 -32.81 -12.74 -102.25
N HIS YB 62 -32.55 -13.34 -101.08
CA HIS YB 62 -32.87 -12.72 -99.79
C HIS YB 62 -31.73 -11.86 -99.27
N SER YB 63 -30.84 -11.41 -100.13
CA SER YB 63 -29.73 -10.55 -99.77
C SER YB 63 -30.03 -9.11 -100.14
N PRO YB 64 -29.17 -8.17 -99.74
CA PRO YB 64 -29.41 -6.75 -100.06
C PRO YB 64 -29.65 -6.50 -101.54
N ASN YB 65 -29.08 -7.35 -102.40
CA ASN YB 65 -29.27 -7.21 -103.84
C ASN YB 65 -30.43 -8.09 -104.30
N CYS YB 66 -31.63 -7.66 -103.91
CA CYS YB 66 -32.83 -8.34 -104.41
C CYS YB 66 -32.97 -8.19 -105.92
N TRP YB 67 -32.32 -7.19 -106.51
CA TRP YB 67 -32.33 -6.99 -107.96
C TRP YB 67 -31.12 -7.68 -108.57
N TYR YB 68 -30.48 -7.05 -109.56
CA TYR YB 68 -29.31 -7.62 -110.23
C TYR YB 68 -29.62 -9.02 -110.76
N LEU YB 69 -30.44 -9.03 -111.81
CA LEU YB 69 -30.91 -10.27 -112.44
C LEU YB 69 -30.88 -10.04 -113.96
N ARG YB 70 -29.74 -10.34 -114.57
CA ARG YB 70 -29.57 -10.16 -116.01
C ARG YB 70 -30.21 -11.31 -116.77
N ASN YB 71 -30.88 -10.98 -117.88
CA ASN YB 71 -31.61 -11.98 -118.64
C ASN YB 71 -30.68 -12.84 -119.49
N TRP YB 72 -29.62 -12.24 -120.05
CA TRP YB 72 -28.69 -13.02 -120.87
C TRP YB 72 -28.01 -14.11 -120.05
N THR YB 73 -27.79 -13.87 -118.76
CA THR YB 73 -27.20 -14.90 -117.91
C THR YB 73 -28.11 -16.11 -117.83
N ILE YB 74 -29.40 -15.89 -117.59
CA ILE YB 74 -30.36 -17.00 -117.54
C ILE YB 74 -30.49 -17.65 -118.90
N HIS YB 75 -30.34 -16.87 -119.97
CA HIS YB 75 -30.39 -17.44 -121.32
C HIS YB 75 -29.24 -18.41 -121.53
N THR YB 76 -28.02 -18.00 -121.16
CA THR YB 76 -26.87 -18.89 -121.27
C THR YB 76 -27.04 -20.10 -120.37
N TRP YB 77 -27.64 -19.91 -119.19
CA TRP YB 77 -27.88 -21.03 -118.29
C TRP YB 77 -28.84 -22.04 -118.91
N ILE YB 78 -29.91 -21.55 -119.54
CA ILE YB 78 -30.86 -22.44 -120.19
C ILE YB 78 -30.21 -23.15 -121.37
N ARG YB 79 -29.33 -22.46 -122.08
CA ARG YB 79 -28.61 -23.09 -123.18
C ARG YB 79 -27.71 -24.21 -122.66
N GLN YB 80 -27.02 -23.97 -121.54
CA GLN YB 80 -26.21 -25.02 -120.94
C GLN YB 80 -27.07 -26.20 -120.50
N CYS YB 81 -28.24 -25.91 -119.93
CA CYS YB 81 -29.16 -26.98 -119.55
C CYS YB 81 -29.56 -27.81 -120.76
N LEU YB 82 -29.90 -27.14 -121.86
CA LEU YB 82 -30.28 -27.87 -123.08
C LEU YB 82 -29.13 -28.72 -123.58
N LYS YB 83 -27.92 -28.16 -123.63
CA LYS YB 83 -26.78 -28.86 -124.20
C LYS YB 83 -26.30 -29.99 -123.28
N TYR YB 84 -25.68 -29.63 -122.16
CA TYR YB 84 -25.11 -30.63 -121.26
C TYR YB 84 -26.21 -31.42 -120.55
N ASP YB 85 -26.60 -30.99 -119.35
CA ASP YB 85 -27.63 -31.69 -118.59
C ASP YB 85 -28.43 -30.68 -117.77
N ALA YB 86 -28.31 -30.71 -116.45
CA ALA YB 86 -29.00 -29.78 -115.56
C ALA YB 86 -30.48 -29.71 -115.91
N GLN YB 87 -31.12 -30.88 -115.94
CA GLN YB 87 -32.52 -30.98 -116.32
C GLN YB 87 -33.41 -30.28 -115.30
N ASP YB 88 -33.58 -30.88 -114.12
CA ASP YB 88 -34.46 -30.35 -113.09
C ASP YB 88 -33.76 -29.20 -112.35
N LYS YB 89 -33.65 -28.08 -113.06
CA LYS YB 89 -33.06 -26.87 -112.49
C LYS YB 89 -33.89 -25.65 -112.87
N ALA YB 90 -33.83 -25.25 -114.15
CA ALA YB 90 -34.63 -24.13 -114.61
C ALA YB 90 -36.12 -24.42 -114.39
N LEU YB 91 -36.54 -25.67 -114.60
CA LEU YB 91 -37.93 -26.03 -114.35
C LEU YB 91 -38.33 -25.75 -112.92
N TYR YB 92 -37.49 -26.14 -111.96
CA TYR YB 92 -37.81 -25.89 -110.55
C TYR YB 92 -37.80 -24.40 -110.24
N THR YB 93 -36.80 -23.68 -110.75
CA THR YB 93 -36.74 -22.24 -110.49
C THR YB 93 -37.97 -21.53 -111.03
N LEU YB 94 -38.48 -21.95 -112.18
CA LEU YB 94 -39.66 -21.31 -112.75
C LEU YB 94 -40.93 -21.78 -112.08
N VAL YB 95 -40.96 -23.01 -111.56
CA VAL YB 95 -42.11 -23.46 -110.78
C VAL YB 95 -42.21 -22.67 -109.49
N ASN YB 96 -41.08 -22.37 -108.86
CA ASN YB 96 -41.09 -21.51 -107.67
C ASN YB 96 -41.57 -20.11 -108.03
N LYS YB 97 -41.05 -19.56 -109.14
CA LYS YB 97 -41.50 -18.26 -109.64
C LYS YB 97 -41.16 -17.14 -108.66
N VAL YB 98 -41.81 -17.14 -107.50
CA VAL YB 98 -41.59 -16.07 -106.53
C VAL YB 98 -40.17 -16.11 -106.00
N GLN YB 99 -39.56 -17.29 -105.92
CA GLN YB 99 -38.19 -17.40 -105.43
C GLN YB 99 -37.17 -16.94 -106.44
N TYR YB 100 -37.56 -16.80 -107.71
CA TYR YB 100 -36.63 -16.37 -108.75
C TYR YB 100 -37.29 -15.33 -109.66
N GLY YB 101 -38.35 -15.72 -110.36
CA GLY YB 101 -39.01 -14.82 -111.29
C GLY YB 101 -38.10 -14.38 -112.42
N ILE YB 102 -37.33 -15.31 -112.99
CA ILE YB 102 -36.38 -14.95 -114.04
C ILE YB 102 -37.12 -14.41 -115.26
N PHE YB 103 -38.18 -15.10 -115.69
CA PHE YB 103 -38.99 -14.71 -116.84
C PHE YB 103 -38.12 -14.25 -118.00
N PRO YB 104 -37.32 -15.14 -118.60
CA PRO YB 104 -36.47 -14.75 -119.74
C PRO YB 104 -37.21 -14.83 -121.07
N ASP YB 105 -38.23 -13.99 -121.23
CA ASP YB 105 -39.06 -14.01 -122.41
C ASP YB 105 -38.35 -13.35 -123.58
N ASN YB 106 -38.28 -14.05 -124.71
CA ASN YB 106 -37.64 -13.54 -125.91
C ASN YB 106 -37.64 -14.60 -127.00
N PHE YB 107 -36.97 -14.34 -128.13
CA PHE YB 107 -36.81 -15.35 -129.16
C PHE YB 107 -36.19 -16.63 -128.61
N THR YB 108 -35.51 -16.54 -127.47
CA THR YB 108 -35.01 -17.74 -126.81
C THR YB 108 -36.16 -18.71 -126.53
N PHE YB 109 -37.33 -18.18 -126.16
CA PHE YB 109 -38.50 -19.05 -125.98
C PHE YB 109 -38.93 -19.67 -127.30
N ASN YB 110 -38.81 -18.93 -128.41
CA ASN YB 110 -39.11 -19.51 -129.71
C ASN YB 110 -38.20 -20.69 -130.00
N LEU YB 111 -36.90 -20.53 -129.80
CA LEU YB 111 -35.97 -21.63 -130.03
C LEU YB 111 -36.22 -22.77 -129.07
N LEU YB 112 -36.60 -22.47 -127.83
CA LEU YB 112 -36.93 -23.52 -126.86
C LEU YB 112 -38.11 -24.35 -127.35
N MET YB 113 -39.18 -23.69 -127.80
CA MET YB 113 -40.33 -24.41 -128.31
C MET YB 113 -39.96 -25.22 -129.55
N ASP YB 114 -39.12 -24.65 -130.42
CA ASP YB 114 -38.69 -25.38 -131.61
C ASP YB 114 -37.95 -26.66 -131.22
N SER YB 115 -37.00 -26.54 -130.29
CA SER YB 115 -36.24 -27.71 -129.87
C SER YB 115 -37.12 -28.74 -129.19
N PHE YB 116 -38.09 -28.28 -128.39
CA PHE YB 116 -38.99 -29.21 -127.73
C PHE YB 116 -39.86 -29.95 -128.73
N ILE YB 117 -40.35 -29.25 -129.76
CA ILE YB 117 -41.15 -29.91 -130.79
C ILE YB 117 -40.29 -30.84 -131.62
N LYS YB 118 -39.00 -30.53 -131.77
CA LYS YB 118 -38.11 -31.42 -132.51
C LYS YB 118 -37.94 -32.75 -131.79
N LYS YB 119 -37.72 -32.72 -130.48
CA LYS YB 119 -37.56 -33.93 -129.69
C LYS YB 119 -38.85 -34.41 -129.05
N GLU YB 120 -39.95 -33.67 -129.21
CA GLU YB 120 -41.24 -34.03 -128.64
C GLU YB 120 -41.15 -34.19 -127.12
N ASN YB 121 -40.90 -33.06 -126.47
CA ASN YB 121 -40.80 -33.01 -125.02
C ASN YB 121 -42.19 -33.09 -124.40
N TYR YB 122 -42.25 -33.06 -123.07
CA TYR YB 122 -43.53 -33.18 -122.37
C TYR YB 122 -43.56 -32.28 -121.14
N LYS YB 123 -42.89 -32.70 -120.06
CA LYS YB 123 -43.00 -31.96 -118.80
C LYS YB 123 -42.33 -30.59 -118.89
N ASP YB 124 -41.13 -30.53 -119.47
CA ASP YB 124 -40.44 -29.25 -119.60
C ASP YB 124 -41.22 -28.30 -120.49
N ALA YB 125 -41.78 -28.80 -121.60
CA ALA YB 125 -42.55 -27.96 -122.49
C ALA YB 125 -43.84 -27.49 -121.82
N LEU YB 126 -44.46 -28.35 -121.02
CA LEU YB 126 -45.66 -27.94 -120.28
C LEU YB 126 -45.33 -26.85 -119.26
N SER YB 127 -44.20 -26.99 -118.58
CA SER YB 127 -43.78 -25.95 -117.65
C SER YB 127 -43.50 -24.65 -118.38
N VAL YB 128 -42.88 -24.73 -119.57
CA VAL YB 128 -42.61 -23.53 -120.35
C VAL YB 128 -43.91 -22.87 -120.79
N VAL YB 129 -44.92 -23.68 -121.12
CA VAL YB 129 -46.23 -23.13 -121.48
C VAL YB 129 -46.87 -22.45 -120.29
N PHE YB 130 -46.81 -23.08 -119.12
CA PHE YB 130 -47.32 -22.45 -117.91
C PHE YB 130 -46.62 -21.12 -117.65
N GLU YB 131 -45.31 -21.07 -117.89
CA GLU YB 131 -44.56 -19.84 -117.68
C GLU YB 131 -44.97 -18.76 -118.68
N VAL YB 132 -45.09 -19.12 -119.95
CA VAL YB 132 -45.39 -18.13 -120.98
C VAL YB 132 -46.81 -17.61 -120.80
N MET YB 133 -47.74 -18.44 -120.31
CA MET YB 133 -49.07 -17.93 -120.00
C MET YB 133 -49.12 -17.16 -118.69
N MET YB 134 -48.19 -17.42 -117.78
CA MET YB 134 -48.10 -16.63 -116.56
C MET YB 134 -47.37 -15.31 -116.80
N GLN YB 135 -46.45 -15.28 -117.76
CA GLN YB 135 -45.70 -14.07 -118.08
C GLN YB 135 -46.43 -13.31 -119.20
N GLU YB 136 -45.73 -12.43 -119.90
CA GLU YB 136 -46.28 -11.69 -121.02
C GLU YB 136 -45.31 -11.79 -122.19
N ALA YB 137 -45.77 -12.37 -123.30
CA ALA YB 137 -44.92 -12.58 -124.46
C ALA YB 137 -45.70 -12.37 -125.75
N PHE YB 138 -45.58 -13.29 -126.70
CA PHE YB 138 -46.28 -13.25 -127.98
C PHE YB 138 -45.71 -12.19 -128.93
N GLU YB 139 -44.61 -11.53 -128.55
CA GLU YB 139 -43.95 -10.58 -129.43
C GLU YB 139 -43.07 -11.25 -130.47
N VAL YB 140 -42.81 -12.55 -130.32
CA VAL YB 140 -41.97 -13.30 -131.26
C VAL YB 140 -42.87 -14.20 -132.09
N PRO YB 141 -42.40 -14.73 -133.23
CA PRO YB 141 -43.25 -15.60 -134.04
C PRO YB 141 -43.45 -16.99 -133.44
N SER YB 142 -43.05 -17.19 -132.19
CA SER YB 142 -43.26 -18.47 -131.51
C SER YB 142 -44.72 -18.70 -131.16
N THR YB 143 -45.61 -17.75 -131.45
CA THR YB 143 -47.03 -17.95 -131.16
C THR YB 143 -47.59 -19.13 -131.93
N GLN YB 144 -47.10 -19.36 -133.15
CA GLN YB 144 -47.57 -20.51 -133.93
C GLN YB 144 -47.24 -21.83 -133.23
N LEU YB 145 -45.99 -21.98 -132.79
CA LEU YB 145 -45.60 -23.21 -132.09
C LEU YB 145 -46.33 -23.33 -130.76
N LEU YB 146 -46.55 -22.21 -130.07
CA LEU YB 146 -47.27 -22.25 -128.80
C LEU YB 146 -48.70 -22.73 -129.01
N SER YB 147 -49.38 -22.19 -130.02
CA SER YB 147 -50.74 -22.64 -130.32
C SER YB 147 -50.75 -24.10 -130.77
N LEU YB 148 -49.72 -24.51 -131.51
CA LEU YB 148 -49.62 -25.92 -131.91
C LEU YB 148 -49.57 -26.82 -130.69
N TYR YB 149 -48.68 -26.50 -129.74
CA TYR YB 149 -48.57 -27.31 -128.53
C TYR YB 149 -49.86 -27.29 -127.72
N VAL YB 150 -50.50 -26.11 -127.62
CA VAL YB 150 -51.72 -25.99 -126.85
C VAL YB 150 -52.81 -26.86 -127.46
N LEU YB 151 -52.98 -26.80 -128.78
CA LEU YB 151 -53.99 -27.62 -129.44
C LEU YB 151 -53.65 -29.11 -129.31
N PHE YB 152 -52.37 -29.46 -129.43
CA PHE YB 152 -51.95 -30.84 -129.22
C PHE YB 152 -52.42 -31.35 -127.88
N HIS YB 153 -52.06 -30.63 -126.80
CA HIS YB 153 -52.39 -31.08 -125.45
C HIS YB 153 -53.85 -30.90 -125.09
N CYS YB 154 -54.60 -30.12 -125.86
CA CYS YB 154 -56.04 -29.97 -125.61
C CYS YB 154 -56.86 -31.01 -126.34
N LEU YB 155 -56.40 -31.47 -127.51
CA LEU YB 155 -57.13 -32.49 -128.27
C LEU YB 155 -56.67 -33.90 -127.95
N ALA YB 156 -55.44 -34.08 -127.47
CA ALA YB 156 -54.95 -35.40 -127.12
C ALA YB 156 -55.34 -35.82 -125.71
N LYS YB 157 -55.73 -34.88 -124.85
CA LYS YB 157 -56.14 -35.16 -123.48
C LYS YB 157 -57.42 -34.40 -123.17
N LYS YB 158 -58.48 -34.73 -123.89
CA LYS YB 158 -59.78 -34.07 -123.73
C LYS YB 158 -60.42 -34.59 -122.45
N THR YB 159 -60.26 -33.85 -121.36
CA THR YB 159 -60.84 -34.23 -120.08
C THR YB 159 -61.21 -32.96 -119.31
N ASP YB 160 -61.96 -33.15 -118.23
CA ASP YB 160 -62.37 -32.02 -117.40
C ASP YB 160 -61.21 -31.43 -116.61
N PHE YB 161 -60.10 -32.18 -116.48
CA PHE YB 161 -58.93 -31.70 -115.75
C PHE YB 161 -59.29 -31.31 -114.33
N SER YB 162 -59.43 -30.01 -114.07
CA SER YB 162 -59.74 -29.52 -112.73
C SER YB 162 -59.95 -28.02 -112.75
N TRP YB 163 -60.31 -27.43 -111.60
CA TRP YB 163 -60.57 -26.00 -111.51
C TRP YB 163 -59.36 -25.20 -111.98
N GLU YB 164 -58.25 -25.29 -111.22
CA GLU YB 164 -57.05 -24.55 -111.59
C GLU YB 164 -56.52 -25.00 -112.94
N GLU YB 165 -56.61 -26.30 -113.22
CA GLU YB 165 -56.14 -26.80 -114.51
C GLU YB 165 -56.98 -26.26 -115.66
N GLU YB 166 -58.31 -26.23 -115.49
CA GLU YB 166 -59.17 -25.67 -116.52
C GLU YB 166 -58.89 -24.18 -116.71
N ARG YB 167 -58.66 -23.45 -115.62
CA ARG YB 167 -58.33 -22.04 -115.72
C ARG YB 167 -57.04 -21.84 -116.50
N ASN YB 168 -56.01 -22.62 -116.17
CA ASN YB 168 -54.73 -22.51 -116.87
C ASN YB 168 -54.88 -22.84 -118.35
N PHE YB 169 -55.67 -23.88 -118.67
CA PHE YB 169 -55.87 -24.24 -120.06
C PHE YB 169 -56.59 -23.14 -120.82
N GLY YB 170 -57.67 -22.61 -120.24
CA GLY YB 170 -58.37 -21.51 -120.88
C GLY YB 170 -57.49 -20.30 -121.10
N ALA YB 171 -56.65 -19.98 -120.10
CA ALA YB 171 -55.73 -18.86 -120.25
C ALA YB 171 -54.74 -19.11 -121.38
N SER YB 172 -54.03 -20.23 -121.34
CA SER YB 172 -53.07 -20.57 -122.38
C SER YB 172 -53.72 -20.63 -123.76
N LEU YB 173 -55.02 -20.89 -123.82
CA LEU YB 173 -55.72 -20.89 -125.10
C LEU YB 173 -56.11 -19.49 -125.54
N LEU YB 174 -56.40 -18.60 -124.60
CA LEU YB 174 -56.83 -17.24 -124.93
C LEU YB 174 -55.69 -16.23 -124.92
N LEU YB 175 -54.78 -16.32 -123.97
CA LEU YB 175 -53.66 -15.37 -123.90
C LEU YB 175 -52.92 -15.24 -125.21
N PRO YB 176 -52.48 -16.32 -125.86
CA PRO YB 176 -51.87 -16.20 -127.19
C PRO YB 176 -52.89 -16.06 -128.32
N GLY YB 177 -54.18 -16.11 -128.01
CA GLY YB 177 -55.21 -16.00 -129.02
C GLY YB 177 -55.28 -14.63 -129.67
N LEU YB 178 -54.28 -14.31 -130.49
CA LEU YB 178 -54.24 -13.06 -131.23
C LEU YB 178 -53.95 -13.32 -132.71
N LYS YB 179 -54.32 -14.50 -133.20
CA LYS YB 179 -54.06 -14.86 -134.58
C LYS YB 179 -54.80 -13.93 -135.54
N GLN YB 180 -54.20 -13.72 -136.71
CA GLN YB 180 -54.80 -12.88 -137.75
C GLN YB 180 -54.59 -13.48 -139.14
N LYS YB 181 -54.47 -14.80 -139.22
CA LYS YB 181 -54.22 -15.46 -140.51
C LYS YB 181 -55.52 -15.61 -141.30
N ASN YB 182 -56.40 -16.49 -140.85
CA ASN YB 182 -57.66 -16.74 -141.55
C ASN YB 182 -58.72 -17.22 -140.56
N SER YB 183 -59.74 -17.92 -141.07
CA SER YB 183 -60.83 -18.37 -140.20
C SER YB 183 -60.35 -19.29 -139.09
N VAL YB 184 -59.20 -19.93 -139.24
CA VAL YB 184 -58.70 -20.86 -138.23
C VAL YB 184 -58.33 -20.09 -136.97
N GLY YB 185 -57.62 -18.98 -137.11
CA GLY YB 185 -57.26 -18.18 -135.96
C GLY YB 185 -58.48 -17.61 -135.24
N PHE YB 186 -59.47 -17.14 -136.01
CA PHE YB 186 -60.69 -16.63 -135.40
C PHE YB 186 -61.46 -17.73 -134.68
N SER YB 187 -61.47 -18.94 -135.25
CA SER YB 187 -62.14 -20.05 -134.59
C SER YB 187 -61.44 -20.41 -133.28
N SER YB 188 -60.10 -20.40 -133.29
CA SER YB 188 -59.36 -20.68 -132.07
C SER YB 188 -59.61 -19.60 -131.01
N GLN YB 189 -59.65 -18.34 -131.43
CA GLN YB 189 -59.96 -17.26 -130.51
C GLN YB 189 -61.35 -17.41 -129.92
N LEU YB 190 -62.33 -17.80 -130.75
CA LEU YB 190 -63.68 -18.01 -130.26
C LEU YB 190 -63.74 -19.17 -129.28
N TYR YB 191 -63.02 -20.25 -129.57
CA TYR YB 191 -62.97 -21.39 -128.65
C TYR YB 191 -62.40 -20.97 -127.31
N GLY YB 192 -61.30 -20.22 -127.33
CA GLY YB 192 -60.71 -19.76 -126.08
C GLY YB 192 -61.63 -18.83 -125.31
N TYR YB 193 -62.29 -17.91 -126.01
CA TYR YB 193 -63.22 -16.99 -125.36
C TYR YB 193 -64.38 -17.73 -124.73
N ALA YB 194 -64.91 -18.74 -125.45
CA ALA YB 194 -66.01 -19.53 -124.89
C ALA YB 194 -65.56 -20.32 -123.67
N LEU YB 195 -64.36 -20.90 -123.72
CA LEU YB 195 -63.84 -21.62 -122.56
C LEU YB 195 -63.70 -20.68 -121.35
N LEU YB 196 -63.16 -19.48 -121.58
CA LEU YB 196 -63.01 -18.52 -120.48
C LEU YB 196 -64.37 -18.11 -119.94
N GLY YB 197 -65.33 -17.83 -120.82
CA GLY YB 197 -66.66 -17.46 -120.36
C GLY YB 197 -67.31 -18.56 -119.55
N LYS YB 198 -67.15 -19.80 -119.98
CA LYS YB 198 -67.69 -20.92 -119.22
C LYS YB 198 -67.04 -21.01 -117.84
N VAL YB 199 -65.70 -20.96 -117.80
CA VAL YB 199 -65.00 -21.05 -116.53
C VAL YB 199 -65.36 -19.90 -115.62
N GLU YB 200 -65.76 -18.76 -116.19
CA GLU YB 200 -66.09 -17.59 -115.37
C GLU YB 200 -67.52 -17.65 -114.85
N LEU YB 201 -68.46 -18.09 -115.69
CA LEU YB 201 -69.88 -18.09 -115.32
C LEU YB 201 -70.28 -19.35 -114.56
N GLN YB 202 -70.01 -20.53 -115.12
CA GLN YB 202 -70.42 -21.77 -114.49
C GLN YB 202 -69.84 -21.89 -113.08
N GLN YB 203 -68.57 -21.53 -112.91
CA GLN YB 203 -67.93 -21.63 -111.61
C GLN YB 203 -68.20 -20.39 -110.77
N GLY YB 204 -67.47 -19.32 -111.01
CA GLY YB 204 -67.65 -18.09 -110.25
C GLY YB 204 -66.75 -17.00 -110.77
N LEU YB 205 -66.87 -15.83 -110.13
CA LEU YB 205 -66.08 -14.67 -110.51
C LEU YB 205 -64.89 -14.42 -109.61
N ARG YB 206 -64.92 -14.94 -108.37
CA ARG YB 206 -63.82 -14.69 -107.44
C ARG YB 206 -62.67 -15.66 -107.63
N ALA YB 207 -62.96 -16.88 -108.07
CA ALA YB 207 -61.93 -17.91 -108.25
C ALA YB 207 -61.62 -18.12 -109.73
N VAL YB 208 -61.10 -17.06 -110.35
CA VAL YB 208 -60.72 -17.11 -111.76
C VAL YB 208 -59.46 -16.27 -111.97
N TYR YB 209 -59.60 -14.94 -111.89
CA TYR YB 209 -58.49 -14.03 -112.07
C TYR YB 209 -57.74 -13.76 -110.78
N HIS YB 210 -57.86 -14.64 -109.78
CA HIS YB 210 -57.21 -14.42 -108.50
C HIS YB 210 -55.68 -14.44 -108.64
N ASN YB 211 -55.14 -15.55 -109.13
CA ASN YB 211 -53.70 -15.73 -109.27
C ASN YB 211 -53.22 -15.53 -110.70
N MET YB 212 -53.90 -16.14 -111.67
CA MET YB 212 -53.47 -16.04 -113.05
C MET YB 212 -53.61 -14.60 -113.55
N PRO YB 213 -52.80 -14.20 -114.54
CA PRO YB 213 -52.89 -12.84 -115.05
C PRO YB 213 -54.05 -12.66 -116.02
N LEU YB 214 -55.23 -12.33 -115.48
CA LEU YB 214 -56.42 -12.14 -116.29
C LEU YB 214 -57.22 -10.97 -115.73
N ILE YB 215 -58.04 -10.38 -116.60
CA ILE YB 215 -58.89 -9.27 -116.19
C ILE YB 215 -60.17 -9.80 -115.56
N TRP YB 216 -60.77 -8.98 -114.71
CA TRP YB 216 -61.99 -9.35 -113.99
C TRP YB 216 -63.25 -9.28 -114.85
N LYS YB 217 -63.10 -9.20 -116.16
CA LYS YB 217 -64.27 -9.15 -117.04
C LYS YB 217 -64.92 -10.52 -117.13
N PRO YB 218 -66.17 -10.68 -116.70
CA PRO YB 218 -66.82 -12.00 -116.82
C PRO YB 218 -67.56 -12.18 -118.14
N GLY YB 219 -68.25 -11.14 -118.57
CA GLY YB 219 -69.02 -11.21 -119.80
C GLY YB 219 -68.18 -11.54 -121.01
N TYR YB 220 -67.84 -12.82 -121.18
CA TYR YB 220 -67.05 -13.27 -122.31
C TYR YB 220 -67.88 -14.00 -123.37
N LEU YB 221 -69.00 -14.60 -122.97
CA LEU YB 221 -69.87 -15.25 -123.96
C LEU YB 221 -70.40 -14.23 -124.97
N ASP YB 222 -70.81 -13.06 -124.50
CA ASP YB 222 -71.25 -12.01 -125.42
C ASP YB 222 -70.10 -11.56 -126.32
N ARG YB 223 -68.88 -11.51 -125.77
CA ARG YB 223 -67.72 -11.14 -126.58
C ARG YB 223 -67.48 -12.16 -127.67
N ALA YB 224 -67.58 -13.46 -127.33
CA ALA YB 224 -67.40 -14.49 -128.34
C ALA YB 224 -68.49 -14.42 -129.40
N LEU YB 225 -69.73 -14.18 -128.98
CA LEU YB 225 -70.83 -14.04 -129.93
C LEU YB 225 -70.57 -12.89 -130.89
N GLN YB 226 -70.13 -11.73 -130.36
CA GLN YB 226 -69.83 -10.59 -131.21
C GLN YB 226 -68.68 -10.90 -132.16
N VAL YB 227 -67.64 -11.58 -131.67
CA VAL YB 227 -66.49 -11.88 -132.51
C VAL YB 227 -66.88 -12.81 -133.65
N MET YB 228 -67.71 -13.81 -133.37
CA MET YB 228 -68.12 -14.74 -134.42
C MET YB 228 -69.09 -14.07 -135.39
N GLU YB 229 -69.96 -13.19 -134.90
CA GLU YB 229 -70.81 -12.41 -135.80
C GLU YB 229 -69.95 -11.56 -136.73
N LYS YB 230 -68.88 -10.97 -136.20
CA LYS YB 230 -68.00 -10.15 -137.02
C LYS YB 230 -67.28 -11.00 -138.07
N VAL YB 231 -66.72 -12.14 -137.66
CA VAL YB 231 -66.00 -12.99 -138.59
C VAL YB 231 -66.93 -13.56 -139.64
N ALA YB 232 -68.22 -13.71 -139.32
CA ALA YB 232 -69.19 -14.15 -140.30
C ALA YB 232 -69.57 -13.03 -141.26
N ALA YB 233 -69.67 -11.80 -140.75
CA ALA YB 233 -69.98 -10.66 -141.60
C ALA YB 233 -68.87 -10.39 -142.61
N SER YB 234 -67.63 -10.69 -142.25
CA SER YB 234 -66.50 -10.46 -143.13
C SER YB 234 -66.23 -11.69 -144.00
N GLU YB 243 -68.79 -24.38 -131.75
CA GLU YB 243 -68.31 -25.75 -131.60
C GLU YB 243 -69.04 -26.47 -130.47
N ALA YB 244 -68.68 -27.72 -130.23
CA ALA YB 244 -69.32 -28.49 -129.18
C ALA YB 244 -69.07 -27.92 -127.80
N LEU YB 245 -68.01 -27.12 -127.63
CA LEU YB 245 -67.73 -26.52 -126.34
C LEU YB 245 -68.87 -25.61 -125.90
N ASP YB 246 -69.29 -24.69 -126.76
CA ASP YB 246 -70.41 -23.81 -126.43
C ASP YB 246 -71.71 -24.60 -126.28
N VAL YB 247 -71.87 -25.68 -127.04
CA VAL YB 247 -73.06 -26.52 -126.91
C VAL YB 247 -73.12 -27.10 -125.50
N LEU YB 248 -72.02 -27.69 -125.04
CA LEU YB 248 -71.99 -28.25 -123.68
C LEU YB 248 -72.14 -27.16 -122.63
N GLY YB 249 -71.58 -25.97 -122.89
CA GLY YB 249 -71.75 -24.88 -121.96
C GLY YB 249 -73.20 -24.48 -121.80
N ALA YB 250 -73.92 -24.35 -122.92
CA ALA YB 250 -75.33 -24.01 -122.86
C ALA YB 250 -76.14 -25.13 -122.21
N VAL YB 251 -75.77 -26.38 -122.48
CA VAL YB 251 -76.47 -27.50 -121.86
C VAL YB 251 -76.30 -27.46 -120.34
N LEU YB 252 -75.08 -27.18 -119.87
CA LEU YB 252 -74.85 -27.08 -118.43
C LEU YB 252 -75.60 -25.88 -117.85
N LYS YB 253 -75.62 -24.77 -118.57
CA LYS YB 253 -76.37 -23.60 -118.11
C LYS YB 253 -77.85 -23.93 -117.94
N ALA YB 254 -78.41 -24.70 -118.87
CA ALA YB 254 -79.80 -25.11 -118.77
C ALA YB 254 -80.00 -26.18 -117.69
N LEU YB 255 -78.92 -26.83 -117.25
CA LEU YB 255 -79.04 -27.85 -116.22
C LEU YB 255 -79.47 -27.24 -114.90
N THR YB 256 -80.04 -28.08 -114.04
CA THR YB 256 -80.51 -27.65 -112.73
C THR YB 256 -80.13 -28.68 -111.66
N LYS YB 277 -72.99 -11.04 -98.83
CA LYS YB 277 -72.19 -11.85 -99.74
C LYS YB 277 -71.25 -10.98 -100.55
N LEU YB 278 -70.11 -11.55 -100.94
CA LEU YB 278 -69.11 -10.83 -101.73
C LEU YB 278 -69.65 -10.61 -103.14
N VAL YB 279 -69.95 -9.35 -103.47
CA VAL YB 279 -70.48 -8.98 -104.78
C VAL YB 279 -69.54 -7.94 -105.37
N GLU YB 280 -68.77 -8.35 -106.38
CA GLU YB 280 -67.82 -7.47 -107.06
C GLU YB 280 -68.43 -6.76 -108.26
N GLN YB 281 -69.73 -6.46 -108.21
CA GLN YB 281 -70.42 -5.79 -109.30
C GLN YB 281 -71.47 -4.86 -108.72
N LEU YB 282 -72.13 -4.11 -109.60
CA LEU YB 282 -73.18 -3.19 -109.16
C LEU YB 282 -74.44 -3.96 -108.79
N ASP YB 283 -75.15 -3.44 -107.78
CA ASP YB 283 -76.38 -4.09 -107.33
C ASP YB 283 -77.43 -4.08 -108.43
N ILE YB 284 -77.55 -2.97 -109.16
CA ILE YB 284 -78.53 -2.89 -110.23
C ILE YB 284 -78.13 -3.79 -111.40
N GLU YB 285 -76.83 -4.02 -111.59
CA GLU YB 285 -76.37 -4.87 -112.68
C GLU YB 285 -76.82 -6.32 -112.43
N GLU YB 286 -77.61 -6.85 -113.35
CA GLU YB 286 -78.10 -8.22 -113.22
C GLU YB 286 -77.03 -9.20 -113.67
N THR YB 287 -76.86 -10.27 -112.90
CA THR YB 287 -75.87 -11.29 -113.23
C THR YB 287 -76.22 -11.97 -114.56
N GLU YB 288 -75.20 -12.46 -115.23
CA GLU YB 288 -75.37 -13.13 -116.52
C GLU YB 288 -75.92 -14.54 -116.38
N GLN YB 289 -76.20 -15.01 -115.16
CA GLN YB 289 -76.72 -16.35 -114.99
C GLN YB 289 -78.11 -16.49 -115.60
N SER YB 290 -78.94 -15.45 -115.48
CA SER YB 290 -80.29 -15.46 -116.02
C SER YB 290 -80.25 -15.01 -117.48
N LYS YB 291 -79.72 -15.90 -118.33
CA LYS YB 291 -79.59 -15.62 -119.75
C LYS YB 291 -79.63 -16.93 -120.54
N LEU YB 292 -80.46 -17.89 -120.09
CA LEU YB 292 -80.50 -19.18 -120.77
C LEU YB 292 -81.12 -19.07 -122.16
N PRO YB 293 -82.35 -18.56 -122.31
CA PRO YB 293 -82.93 -18.52 -123.66
C PRO YB 293 -82.20 -17.57 -124.59
N GLN YB 294 -81.76 -16.41 -124.10
CA GLN YB 294 -81.03 -15.47 -124.93
C GLN YB 294 -79.73 -16.10 -125.44
N TYR YB 295 -78.94 -16.66 -124.54
CA TYR YB 295 -77.70 -17.33 -124.95
C TYR YB 295 -77.99 -18.45 -125.93
N LEU YB 296 -78.99 -19.27 -125.64
CA LEU YB 296 -79.33 -20.39 -126.52
C LEU YB 296 -79.63 -19.89 -127.94
N GLU YB 297 -80.54 -18.92 -128.06
CA GLU YB 297 -80.94 -18.43 -129.37
C GLU YB 297 -79.77 -17.79 -130.10
N ARG YB 298 -79.01 -16.94 -129.40
CA ARG YB 298 -77.89 -16.25 -130.04
C ARG YB 298 -76.85 -17.25 -130.53
N PHE YB 299 -76.48 -18.21 -129.67
CA PHE YB 299 -75.49 -19.20 -130.07
C PHE YB 299 -75.99 -20.03 -131.24
N LYS YB 300 -77.26 -20.44 -131.21
CA LYS YB 300 -77.80 -21.22 -132.33
C LYS YB 300 -77.73 -20.43 -133.63
N ALA YB 301 -78.17 -19.18 -133.60
CA ALA YB 301 -78.16 -18.37 -134.82
C ALA YB 301 -76.75 -18.18 -135.34
N LEU YB 302 -75.81 -17.82 -134.46
CA LEU YB 302 -74.45 -17.55 -134.93
C LEU YB 302 -73.74 -18.82 -135.37
N HIS YB 303 -74.04 -19.97 -134.75
CA HIS YB 303 -73.46 -21.23 -135.19
C HIS YB 303 -74.02 -21.63 -136.55
N SER YB 304 -75.32 -21.41 -136.78
CA SER YB 304 -75.88 -21.65 -138.10
C SER YB 304 -75.22 -20.75 -139.14
N LYS YB 305 -75.01 -19.48 -138.80
CA LYS YB 305 -74.34 -18.57 -139.72
C LYS YB 305 -72.93 -19.06 -140.04
N LEU YB 306 -72.19 -19.48 -139.00
CA LEU YB 306 -70.83 -19.98 -139.22
C LEU YB 306 -70.84 -21.21 -140.12
N GLN YB 307 -71.71 -22.18 -139.83
CA GLN YB 307 -71.79 -23.38 -140.65
C GLN YB 307 -72.14 -23.03 -142.09
N ALA YB 308 -73.00 -22.03 -142.29
CA ALA YB 308 -73.31 -21.60 -143.65
C ALA YB 308 -72.10 -20.97 -144.32
N LEU YB 309 -71.28 -20.26 -143.55
CA LEU YB 309 -70.08 -19.62 -144.09
C LEU YB 309 -68.84 -20.44 -143.71
N GLY YB 310 -68.43 -20.37 -142.45
CA GLY YB 310 -67.27 -21.11 -141.99
C GLY YB 310 -65.96 -20.44 -142.38
N LEU YB 320 -57.30 -31.93 -136.20
CA LEU YB 320 -58.08 -30.97 -136.98
C LEU YB 320 -57.37 -29.62 -137.05
N THR YB 321 -57.46 -28.85 -135.97
CA THR YB 321 -56.78 -27.56 -135.93
C THR YB 321 -55.27 -27.72 -135.85
N THR YB 322 -54.80 -28.86 -135.33
CA THR YB 322 -53.35 -29.10 -135.27
C THR YB 322 -52.75 -29.13 -136.67
N GLN YB 323 -53.44 -29.79 -137.61
CA GLN YB 323 -52.94 -29.82 -138.98
C GLN YB 323 -52.93 -28.42 -139.60
N LEU YB 324 -53.93 -27.60 -139.26
CA LEU YB 324 -53.97 -26.23 -139.78
C LEU YB 324 -52.82 -25.41 -139.23
N VAL YB 325 -52.52 -25.56 -137.93
CA VAL YB 325 -51.39 -24.83 -137.36
C VAL YB 325 -50.07 -25.34 -137.93
N LYS YB 326 -49.98 -26.63 -138.22
CA LYS YB 326 -48.77 -27.16 -138.85
C LYS YB 326 -48.59 -26.58 -140.24
N GLU YB 327 -49.67 -26.50 -141.01
CA GLU YB 327 -49.60 -25.88 -142.33
C GLU YB 327 -49.19 -24.42 -142.22
N LYS YB 328 -49.74 -23.70 -141.23
CA LYS YB 328 -49.32 -22.33 -140.99
C LYS YB 328 -47.83 -22.25 -140.74
N LEU YB 329 -47.32 -23.09 -139.84
CA LEU YB 329 -45.89 -23.12 -139.56
C LEU YB 329 -45.09 -23.40 -140.83
N SER YB 330 -45.63 -24.25 -141.71
CA SER YB 330 -44.95 -24.53 -142.97
C SER YB 330 -44.79 -23.27 -143.82
N THR YB 331 -45.77 -22.37 -143.76
CA THR YB 331 -45.67 -21.11 -144.51
C THR YB 331 -44.64 -20.19 -143.87
N CYS YB 332 -44.90 -19.75 -142.64
CA CYS YB 332 -43.96 -18.89 -141.92
C CYS YB 332 -42.80 -19.71 -141.37
N GLU YB 333 -42.08 -19.16 -140.40
CA GLU YB 333 -40.95 -19.85 -139.78
C GLU YB 333 -39.92 -20.26 -140.84
N ALA YB 334 -39.40 -19.25 -141.54
CA ALA YB 334 -38.42 -19.46 -142.59
C ALA YB 334 -36.99 -19.53 -142.06
N GLU YB 335 -36.80 -20.04 -140.84
CA GLU YB 335 -35.48 -20.17 -140.24
C GLU YB 335 -34.78 -18.81 -140.18
N ASP YB 336 -35.54 -17.75 -139.94
CA ASP YB 336 -34.99 -16.42 -139.81
C ASP YB 336 -34.03 -16.36 -138.63
N ILE YB 337 -32.83 -16.93 -138.80
CA ILE YB 337 -31.85 -17.04 -137.71
C ILE YB 337 -30.83 -15.91 -137.74
N ALA YB 338 -30.89 -15.02 -138.74
CA ALA YB 338 -29.96 -13.90 -138.77
C ALA YB 338 -30.21 -12.95 -137.62
N THR YB 339 -31.47 -12.61 -137.37
CA THR YB 339 -31.80 -11.72 -136.25
C THR YB 339 -31.42 -12.36 -134.92
N TYR YB 340 -31.62 -13.68 -134.79
CA TYR YB 340 -31.26 -14.34 -133.54
C TYR YB 340 -29.74 -14.40 -133.35
N GLU YB 341 -28.99 -14.58 -134.44
CA GLU YB 341 -27.54 -14.53 -134.34
C GLU YB 341 -27.07 -13.13 -133.95
N GLN YB 342 -27.69 -12.09 -134.51
CA GLN YB 342 -27.37 -10.73 -134.10
C GLN YB 342 -27.66 -10.51 -132.63
N ASN YB 343 -28.80 -11.03 -132.15
CA ASN YB 343 -29.15 -10.88 -130.74
C ASN YB 343 -28.17 -11.62 -129.85
N LEU YB 344 -27.74 -12.82 -130.28
CA LEU YB 344 -26.75 -13.57 -129.49
C LEU YB 344 -25.42 -12.82 -129.43
N GLN YB 345 -24.98 -12.26 -130.56
CA GLN YB 345 -23.76 -11.47 -130.56
C GLN YB 345 -23.89 -10.26 -129.65
N GLN YB 346 -25.05 -9.60 -129.67
CA GLN YB 346 -25.27 -8.45 -128.80
C GLN YB 346 -25.22 -8.85 -127.34
N TRP YB 347 -25.82 -10.00 -127.00
CA TRP YB 347 -25.81 -10.46 -125.62
C TRP YB 347 -24.40 -10.84 -125.17
N HIS YB 348 -23.62 -11.46 -126.06
CA HIS YB 348 -22.23 -11.77 -125.73
C HIS YB 348 -21.43 -10.50 -125.52
N LEU YB 349 -21.64 -9.48 -126.36
CA LEU YB 349 -20.96 -8.21 -126.17
C LEU YB 349 -21.37 -7.55 -124.86
N ASP YB 350 -22.65 -7.67 -124.50
CA ASP YB 350 -23.10 -7.12 -123.23
C ASP YB 350 -22.47 -7.84 -122.04
N LEU YB 351 -22.32 -9.17 -122.14
CA LEU YB 351 -21.65 -9.92 -121.08
C LEU YB 351 -20.19 -9.51 -120.96
N VAL YB 352 -19.52 -9.33 -122.11
CA VAL YB 352 -18.12 -8.88 -122.08
C VAL YB 352 -18.02 -7.49 -121.46
N GLN YB 353 -18.98 -6.61 -121.78
CA GLN YB 353 -18.98 -5.27 -121.21
C GLN YB 353 -19.22 -5.32 -119.71
N LEU YB 354 -20.09 -6.23 -119.26
CA LEU YB 354 -20.31 -6.39 -117.82
C LEU YB 354 -19.06 -6.89 -117.13
N ILE YB 355 -18.34 -7.82 -117.75
CA ILE YB 355 -17.08 -8.30 -117.18
C ILE YB 355 -16.08 -7.16 -117.09
N GLN YB 356 -15.98 -6.34 -118.13
CA GLN YB 356 -15.08 -5.20 -118.11
C GLN YB 356 -15.47 -4.20 -117.03
N ARG YB 357 -16.78 -3.98 -116.85
CA ARG YB 357 -17.24 -3.08 -115.81
C ARG YB 357 -16.92 -3.61 -114.42
N GLU YB 358 -17.07 -4.92 -114.21
CA GLU YB 358 -16.70 -5.52 -112.93
C GLU YB 358 -15.20 -5.39 -112.69
N GLN YB 359 -14.39 -5.56 -113.73
CA GLN YB 359 -12.95 -5.38 -113.59
C GLN YB 359 -12.61 -3.95 -113.21
N GLN YB 360 -13.21 -2.97 -113.89
CA GLN YB 360 -12.98 -1.58 -113.57
C GLN YB 360 -13.43 -1.26 -112.15
N GLN YB 361 -14.53 -1.87 -111.71
CA GLN YB 361 -15.01 -1.67 -110.34
C GLN YB 361 -14.01 -2.22 -109.33
N ARG YB 362 -13.56 -3.45 -109.53
CA ARG YB 362 -12.56 -4.03 -108.63
C ARG YB 362 -11.30 -3.18 -108.61
N GLU YB 363 -10.94 -2.59 -109.76
CA GLU YB 363 -9.77 -1.72 -109.79
C GLU YB 363 -10.00 -0.43 -109.00
N GLN YB 364 -11.20 0.14 -109.11
CA GLN YB 364 -11.50 1.37 -108.38
C GLN YB 364 -11.52 1.13 -106.89
N ALA YB 365 -12.25 0.12 -106.44
CA ALA YB 365 -12.35 -0.21 -105.02
C ALA YB 365 -11.01 -0.68 -104.49
N VAL ZB 1 -40.03 126.15 -31.35
CA VAL ZB 1 -40.07 124.80 -30.80
C VAL ZB 1 -38.81 124.05 -31.23
N GLU ZB 2 -38.01 123.64 -30.26
CA GLU ZB 2 -36.78 122.91 -30.50
C GLU ZB 2 -37.03 121.41 -30.38
N SER ZB 3 -36.27 120.65 -31.17
CA SER ZB 3 -36.40 119.19 -31.15
C SER ZB 3 -35.83 118.62 -29.86
N PHE ZB 4 -36.01 117.31 -29.68
CA PHE ZB 4 -35.52 116.64 -28.49
C PHE ZB 4 -33.99 116.64 -28.45
N ALA ZB 5 -33.35 116.26 -29.56
CA ALA ZB 5 -31.90 116.23 -29.61
C ALA ZB 5 -31.30 117.63 -29.44
N SER ZB 6 -32.03 118.67 -29.86
CA SER ZB 6 -31.53 120.03 -29.72
C SER ZB 6 -31.32 120.39 -28.25
N MET ZB 7 -32.24 119.97 -27.38
CA MET ZB 7 -32.10 120.25 -25.96
C MET ZB 7 -31.00 119.41 -25.33
N LEU ZB 8 -30.88 118.14 -25.75
CA LEU ZB 8 -29.83 117.28 -25.22
C LEU ZB 8 -28.45 117.75 -25.64
N ARG ZB 9 -28.33 118.41 -26.79
CA ARG ZB 9 -27.05 118.91 -27.24
C ARG ZB 9 -26.56 120.10 -26.42
N HIS ZB 10 -27.45 120.74 -25.66
CA HIS ZB 10 -27.11 121.89 -24.84
C HIS ZB 10 -27.65 121.73 -23.43
N SER ZB 11 -27.55 120.53 -22.88
CA SER ZB 11 -28.02 120.24 -21.53
C SER ZB 11 -26.85 120.24 -20.55
N PRO ZB 12 -27.11 120.46 -19.27
CA PRO ZB 12 -25.99 120.47 -18.30
C PRO ZB 12 -25.20 119.17 -18.27
N LEU ZB 13 -25.90 118.04 -18.14
CA LEU ZB 13 -25.21 116.75 -18.11
C LEU ZB 13 -24.40 116.50 -19.38
N THR ZB 14 -24.87 117.02 -20.51
CA THR ZB 14 -24.15 116.87 -21.77
C THR ZB 14 -23.15 118.00 -22.01
N GLN ZB 15 -23.43 119.19 -21.47
CA GLN ZB 15 -22.52 120.32 -21.66
C GLN ZB 15 -21.26 120.14 -20.83
N MET ZB 16 -21.38 119.56 -19.63
CA MET ZB 16 -20.21 119.33 -18.79
C MET ZB 16 -19.25 118.35 -19.43
N GLY ZB 17 -19.75 117.41 -20.21
CA GLY ZB 17 -18.92 116.44 -20.88
C GLY ZB 17 -18.70 115.18 -20.05
N PRO ZB 18 -17.45 114.93 -19.65
CA PRO ZB 18 -17.18 113.71 -18.86
C PRO ZB 18 -17.72 113.81 -17.43
N ALA ZB 19 -17.36 112.84 -16.58
CA ALA ZB 19 -17.81 112.83 -15.19
C ALA ZB 19 -16.70 112.17 -14.37
N LYS ZB 20 -15.64 112.95 -14.10
CA LYS ZB 20 -14.50 112.44 -13.34
C LYS ZB 20 -13.68 113.63 -12.88
N ASP ZB 21 -13.62 113.85 -11.57
CA ASP ZB 21 -12.85 114.96 -11.01
C ASP ZB 21 -13.34 116.29 -11.54
N LYS ZB 22 -14.28 116.91 -10.84
CA LYS ZB 22 -14.83 118.20 -11.26
C LYS ZB 22 -15.25 118.98 -10.02
N LEU ZB 23 -15.46 120.28 -10.21
CA LEU ZB 23 -15.90 121.18 -9.15
C LEU ZB 23 -17.35 121.56 -9.43
N VAL ZB 24 -18.27 120.98 -8.67
CA VAL ZB 24 -19.69 121.22 -8.84
C VAL ZB 24 -20.33 121.47 -7.48
N ILE ZB 25 -21.32 122.35 -7.46
CA ILE ZB 25 -22.03 122.68 -6.23
C ILE ZB 25 -23.20 121.71 -6.05
N GLY ZB 26 -23.71 121.65 -4.82
CA GLY ZB 26 -24.84 120.79 -4.50
C GLY ZB 26 -25.71 121.43 -3.45
N ARG ZB 27 -26.80 120.74 -3.13
CA ARG ZB 27 -27.74 121.21 -2.13
C ARG ZB 27 -28.37 120.01 -1.43
N ILE ZB 28 -28.93 120.26 -0.25
CA ILE ZB 28 -29.55 119.21 0.57
C ILE ZB 28 -31.04 119.50 0.66
N PHE ZB 29 -31.84 118.43 0.64
CA PHE ZB 29 -33.29 118.53 0.78
C PHE ZB 29 -33.83 117.83 2.02
N HIS ZB 30 -33.07 116.94 2.63
CA HIS ZB 30 -33.49 116.25 3.84
C HIS ZB 30 -32.27 116.00 4.71
N ILE ZB 31 -32.44 116.19 6.01
CA ILE ZB 31 -31.35 116.05 6.98
C ILE ZB 31 -31.58 114.77 7.79
N VAL ZB 32 -30.52 114.00 7.97
CA VAL ZB 32 -30.55 112.78 8.77
C VAL ZB 32 -29.78 113.03 10.06
N GLU ZB 33 -29.97 112.12 11.02
CA GLU ZB 33 -29.27 112.24 12.30
C GLU ZB 33 -27.77 112.47 12.11
N ASN ZB 34 -27.20 111.94 11.04
CA ASN ZB 34 -25.78 112.13 10.75
C ASN ZB 34 -25.55 112.30 9.25
N ASP ZB 35 -26.27 111.54 8.44
CA ASP ZB 35 -26.11 111.61 7.00
C ASP ZB 35 -26.72 112.88 6.44
N LEU ZB 36 -26.34 113.22 5.22
CA LEU ZB 36 -26.82 114.40 4.52
C LEU ZB 36 -27.25 114.01 3.12
N TYR ZB 37 -28.55 114.13 2.83
CA TYR ZB 37 -29.09 113.78 1.52
C TYR ZB 37 -28.74 114.89 0.53
N ILE ZB 38 -27.47 114.90 0.12
CA ILE ZB 38 -27.01 115.91 -0.82
C ILE ZB 38 -27.56 115.62 -2.20
N ASP ZB 39 -27.85 116.68 -2.96
CA ASP ZB 39 -28.39 116.56 -4.30
C ASP ZB 39 -27.74 117.62 -5.19
N PHE ZB 40 -27.73 117.34 -6.50
CA PHE ZB 40 -27.14 118.27 -7.46
C PHE ZB 40 -27.82 118.23 -8.82
N GLY ZB 41 -29.03 117.67 -8.92
CA GLY ZB 41 -29.72 117.60 -10.19
C GLY ZB 41 -29.10 116.60 -11.14
N GLY ZB 42 -29.87 115.60 -11.54
CA GLY ZB 42 -29.38 114.59 -12.46
C GLY ZB 42 -30.15 113.29 -12.36
N LYS ZB 43 -29.44 112.16 -12.47
CA LYS ZB 43 -30.07 110.85 -12.39
C LYS ZB 43 -30.27 110.45 -10.92
N PHE ZB 44 -29.19 110.05 -10.26
CA PHE ZB 44 -29.24 109.62 -8.87
C PHE ZB 44 -28.82 110.78 -7.97
N HIS ZB 45 -28.60 110.48 -6.69
CA HIS ZB 45 -28.18 111.48 -5.72
C HIS ZB 45 -26.95 110.99 -4.97
N CYS ZB 46 -26.60 111.66 -3.87
CA CYS ZB 46 -25.43 111.30 -3.07
C CYS ZB 46 -25.77 111.46 -1.60
N VAL ZB 47 -24.92 110.87 -0.76
CA VAL ZB 47 -25.08 110.93 0.69
C VAL ZB 47 -23.71 111.11 1.33
N CYS ZB 48 -23.70 111.75 2.50
CA CYS ZB 48 -22.46 112.00 3.22
C CYS ZB 48 -22.82 112.40 4.64
N ARG ZB 49 -21.88 112.17 5.56
CA ARG ZB 49 -22.07 112.50 6.96
C ARG ZB 49 -21.60 113.93 7.24
N ARG ZB 50 -21.84 114.37 8.47
CA ARG ZB 50 -21.47 115.73 8.87
C ARG ZB 50 -19.95 115.88 8.84
N PRO ZB 51 -19.40 116.76 8.01
CA PRO ZB 51 -17.95 116.95 7.97
C PRO ZB 51 -17.49 117.81 9.14
N GLU ZB 52 -16.18 118.08 9.16
CA GLU ZB 52 -15.61 118.90 10.23
C GLU ZB 52 -16.02 120.35 10.08
N VAL ZB 53 -15.60 121.00 9.00
CA VAL ZB 53 -15.93 122.40 8.78
C VAL ZB 53 -17.42 122.53 8.52
N ASP ZB 54 -18.04 123.54 9.13
CA ASP ZB 54 -19.47 123.80 8.97
C ASP ZB 54 -20.29 122.59 9.39
N GLY ZB 55 -19.92 121.98 10.51
CA GLY ZB 55 -20.61 120.80 11.00
C GLY ZB 55 -22.09 121.04 11.25
N GLU ZB 56 -22.41 121.89 12.22
CA GLU ZB 56 -23.79 122.18 12.56
C GLU ZB 56 -24.42 123.20 11.63
N LYS ZB 57 -23.69 123.72 10.65
CA LYS ZB 57 -24.23 124.70 9.72
C LYS ZB 57 -24.93 124.07 8.53
N TYR ZB 58 -24.47 122.91 8.08
CA TYR ZB 58 -25.08 122.21 6.94
C TYR ZB 58 -26.46 121.71 7.34
N GLN ZB 59 -27.42 122.63 7.33
CA GLN ZB 59 -28.80 122.32 7.66
C GLN ZB 59 -29.62 122.17 6.38
N LYS ZB 60 -30.92 121.96 6.54
CA LYS ZB 60 -31.81 121.80 5.39
C LYS ZB 60 -31.85 123.08 4.59
N GLY ZB 61 -31.47 123.00 3.33
CA GLY ZB 61 -31.45 124.16 2.45
C GLY ZB 61 -30.11 124.83 2.31
N THR ZB 62 -29.00 124.14 2.61
CA THR ZB 62 -27.68 124.71 2.50
C THR ZB 62 -27.08 124.41 1.12
N ARG ZB 63 -25.79 124.66 0.96
CA ARG ZB 63 -25.09 124.40 -0.29
C ARG ZB 63 -23.77 123.71 0.01
N VAL ZB 64 -23.42 122.72 -0.81
CA VAL ZB 64 -22.20 121.95 -0.66
C VAL ZB 64 -21.54 121.80 -2.02
N ARG ZB 65 -20.39 121.14 -2.03
CA ARG ZB 65 -19.63 120.90 -3.25
C ARG ZB 65 -19.37 119.40 -3.40
N LEU ZB 66 -19.47 118.92 -4.63
CA LEU ZB 66 -19.25 117.51 -4.94
C LEU ZB 66 -18.12 117.37 -5.95
N ARG ZB 67 -17.66 116.13 -6.13
CA ARG ZB 67 -16.60 115.81 -7.07
C ARG ZB 67 -17.06 114.92 -8.22
N LEU ZB 68 -18.28 114.40 -8.19
CA LEU ZB 68 -18.78 113.54 -9.24
C LEU ZB 68 -17.89 112.31 -9.43
N LEU ZB 69 -18.20 111.24 -8.70
CA LEU ZB 69 -17.46 109.98 -8.79
C LEU ZB 69 -18.43 108.92 -9.31
N ASP ZB 70 -18.59 108.87 -10.63
CA ASP ZB 70 -19.50 107.93 -11.27
C ASP ZB 70 -20.93 108.18 -10.79
N LEU ZB 71 -21.74 108.83 -11.62
CA LEU ZB 71 -23.10 109.15 -11.23
C LEU ZB 71 -23.91 107.90 -10.91
N GLU ZB 72 -23.63 106.79 -11.59
CA GLU ZB 72 -24.37 105.55 -11.40
C GLU ZB 72 -23.68 104.59 -10.44
N LEU ZB 73 -22.35 104.46 -10.52
CA LEU ZB 73 -21.61 103.52 -9.68
C LEU ZB 73 -22.20 102.12 -9.80
N THR ZB 74 -21.87 101.42 -10.89
CA THR ZB 74 -22.37 100.09 -11.14
C THR ZB 74 -21.23 99.19 -11.60
N SER ZB 75 -21.30 97.92 -11.19
CA SER ZB 75 -20.28 96.95 -11.54
C SER ZB 75 -20.92 95.58 -11.64
N ARG ZB 76 -20.43 94.77 -12.58
CA ARG ZB 76 -20.95 93.42 -12.80
C ARG ZB 76 -20.11 92.41 -12.01
N PHE ZB 77 -20.79 91.49 -11.36
CA PHE ZB 77 -20.15 90.45 -10.57
C PHE ZB 77 -20.14 89.13 -11.34
N LEU ZB 78 -19.54 88.11 -10.74
CA LEU ZB 78 -19.42 86.80 -11.37
C LEU ZB 78 -20.78 86.10 -11.44
N GLY ZB 79 -21.27 85.65 -10.28
CA GLY ZB 79 -22.53 84.93 -10.24
C GLY ZB 79 -23.74 85.84 -10.17
N ALA ZB 80 -23.97 86.59 -11.25
CA ALA ZB 80 -25.12 87.50 -11.30
C ALA ZB 80 -25.32 88.01 -12.73
N THR ZB 81 -26.45 87.63 -13.34
CA THR ZB 81 -26.74 88.09 -14.69
C THR ZB 81 -26.94 89.60 -14.74
N THR ZB 82 -27.33 90.21 -13.63
CA THR ZB 82 -27.51 91.65 -13.53
C THR ZB 82 -26.37 92.26 -12.74
N ASP ZB 83 -26.02 93.50 -13.08
CA ASP ZB 83 -24.96 94.21 -12.39
C ASP ZB 83 -25.46 94.79 -11.08
N THR ZB 84 -24.63 94.72 -10.05
CA THR ZB 84 -24.97 95.23 -8.72
C THR ZB 84 -24.85 96.75 -8.76
N THR ZB 85 -25.98 97.43 -8.94
CA THR ZB 85 -26.01 98.89 -8.99
C THR ZB 85 -26.21 99.47 -7.60
N VAL ZB 86 -25.74 100.71 -7.43
CA VAL ZB 86 -25.89 101.41 -6.16
C VAL ZB 86 -26.90 102.55 -6.24
N LEU ZB 87 -27.19 103.08 -7.43
CA LEU ZB 87 -28.16 104.16 -7.59
C LEU ZB 87 -27.76 105.39 -6.76
N GLU ZB 88 -26.46 105.63 -6.63
CA GLU ZB 88 -25.97 106.78 -5.88
C GLU ZB 88 -24.58 107.13 -6.39
N ALA ZB 89 -24.08 108.27 -5.94
CA ALA ZB 89 -22.75 108.76 -6.31
C ALA ZB 89 -21.81 108.81 -5.13
N ASN ZB 90 -22.17 109.56 -4.08
CA ASN ZB 90 -21.34 109.70 -2.89
C ASN ZB 90 -19.94 110.20 -3.26
N ALA ZB 91 -19.90 111.39 -3.84
CA ALA ZB 91 -18.65 112.00 -4.25
C ALA ZB 91 -17.96 112.69 -3.06
N VAL ZB 92 -16.74 113.15 -3.31
CA VAL ZB 92 -15.98 113.82 -2.27
C VAL ZB 92 -16.54 115.22 -2.04
N LEU ZB 93 -16.51 115.66 -0.79
CA LEU ZB 93 -17.00 116.98 -0.41
C LEU ZB 93 -15.84 117.96 -0.23
N LEU ZB 94 -16.18 119.25 -0.27
CA LEU ZB 94 -15.19 120.30 -0.12
C LEU ZB 94 -15.69 121.38 0.83
N GLY ZB 95 -16.69 122.13 0.40
CA GLY ZB 95 -17.23 123.18 1.23
C GLY ZB 95 -18.45 123.82 0.59
N ILE ZB 96 -18.71 125.06 0.99
CA ILE ZB 96 -19.84 125.82 0.49
C ILE ZB 96 -19.42 126.61 -0.74
N GLN ZB 97 -20.36 126.80 -1.66
CA GLN ZB 97 -20.09 127.55 -2.89
C GLN ZB 97 -18.98 126.87 -3.70
N THR AC 1 -14.83 91.65 94.13
CA THR AC 1 -14.35 90.50 93.39
C THR AC 1 -13.90 89.39 94.34
N ASN AC 2 -12.73 89.56 94.93
CA ASN AC 2 -12.17 88.60 95.87
C ASN AC 2 -12.44 89.02 97.30
N GLU AC 3 -12.59 88.03 98.18
CA GLU AC 3 -12.84 88.31 99.58
C GLU AC 3 -11.61 88.89 100.25
N ASN AC 4 -11.84 89.77 101.22
CA ASN AC 4 -10.76 90.45 101.95
C ASN AC 4 -10.45 89.77 103.28
N ASP AC 5 -10.73 88.47 103.39
CA ASP AC 5 -10.48 87.74 104.63
C ASP AC 5 -10.75 86.25 104.43
N PRO AC 6 -9.71 85.44 104.20
CA PRO AC 6 -9.95 84.00 104.04
C PRO AC 6 -10.66 83.38 105.23
N ALA AC 7 -10.44 83.90 106.44
CA ALA AC 7 -11.12 83.38 107.61
C ALA AC 7 -12.63 83.56 107.45
N LYS AC 8 -13.38 82.50 107.74
CA LYS AC 8 -14.82 82.49 107.55
C LYS AC 8 -15.54 82.62 108.89
N HIS AC 9 -16.76 83.16 108.82
CA HIS AC 9 -17.59 83.37 110.00
C HIS AC 9 -18.97 83.82 109.56
N GLY AC 10 -19.62 84.70 110.32
CA GLY AC 10 -20.86 85.30 109.86
C GLY AC 10 -20.64 86.08 108.58
N ASP AC 11 -20.39 85.37 107.49
CA ASP AC 11 -19.99 86.01 106.25
C ASP AC 11 -21.16 86.74 105.61
N GLN AC 12 -20.86 87.89 105.01
CA GLN AC 12 -21.85 88.67 104.26
C GLN AC 12 -21.31 88.82 102.84
N HIS AC 13 -21.07 90.05 102.38
CA HIS AC 13 -20.50 90.29 101.06
C HIS AC 13 -21.28 89.53 99.98
N GLU AC 14 -22.49 90.02 99.72
CA GLU AC 14 -23.39 89.40 98.75
C GLU AC 14 -22.94 89.80 97.36
N GLY AC 15 -22.15 88.94 96.72
CA GLY AC 15 -21.70 89.19 95.36
C GLY AC 15 -20.29 88.70 95.07
N GLN AC 16 -19.30 89.32 95.72
CA GLN AC 16 -17.91 88.96 95.47
C GLN AC 16 -17.68 87.49 95.74
N HIS AC 17 -16.77 86.90 94.98
CA HIS AC 17 -16.46 85.47 95.09
C HIS AC 17 -15.43 85.23 96.19
N TYR AC 18 -15.68 84.21 97.00
CA TYR AC 18 -14.76 83.83 98.06
C TYR AC 18 -13.72 82.85 97.51
N ASN AC 19 -12.87 82.31 98.37
CA ASN AC 19 -11.80 81.40 97.98
C ASN AC 19 -11.83 80.19 98.89
N ILE AC 20 -12.21 79.04 98.32
CA ILE AC 20 -12.21 77.78 99.06
C ILE AC 20 -10.78 77.41 99.42
N SER AC 21 -10.62 76.38 100.23
CA SER AC 21 -9.30 75.93 100.65
C SER AC 21 -8.46 75.56 99.43
N PRO AC 22 -7.43 76.36 99.08
CA PRO AC 22 -6.66 76.06 97.87
C PRO AC 22 -5.93 74.72 97.96
N GLN AC 23 -4.87 74.67 98.76
CA GLN AC 23 -4.11 73.43 98.89
C GLN AC 23 -4.72 72.50 99.93
N ASP AC 24 -5.45 73.04 100.90
CA ASP AC 24 -6.12 72.24 101.92
C ASP AC 24 -7.52 71.80 101.50
N LEU AC 25 -7.76 71.69 100.19
CA LEU AC 25 -9.08 71.26 99.72
C LEU AC 25 -9.42 69.85 100.18
N GLU AC 26 -8.40 69.01 100.43
CA GLU AC 26 -8.65 67.64 100.86
C GLU AC 26 -9.42 67.57 102.17
N THR AC 27 -9.40 68.65 102.97
CA THR AC 27 -10.09 68.68 104.25
C THR AC 27 -11.44 69.40 104.16
N VAL AC 28 -12.04 69.44 102.98
CA VAL AC 28 -13.33 70.10 102.80
C VAL AC 28 -14.24 69.19 101.99
N PHE AC 29 -13.95 69.03 100.69
CA PHE AC 29 -14.74 68.14 99.83
C PHE AC 29 -13.92 67.70 98.62
N PRO AC 30 -12.88 66.89 98.81
CA PRO AC 30 -12.10 66.42 97.65
C PRO AC 30 -12.86 65.43 96.78
N HIS AC 31 -13.90 64.78 97.31
CA HIS AC 31 -14.69 63.80 96.57
C HIS AC 31 -16.17 64.09 96.80
N GLY AC 32 -16.79 64.82 95.87
CA GLY AC 32 -18.19 65.16 96.00
C GLY AC 32 -18.81 65.63 94.69
N LEU AC 33 -18.59 66.90 94.36
CA LEU AC 33 -19.16 67.46 93.14
C LEU AC 33 -18.61 66.75 91.92
N PRO AC 34 -19.35 66.74 90.81
CA PRO AC 34 -18.84 66.09 89.58
C PRO AC 34 -17.60 66.79 89.08
N PRO AC 35 -16.96 66.26 88.03
CA PRO AC 35 -15.76 66.92 87.49
C PRO AC 35 -16.02 68.31 86.94
N ARG AC 36 -17.27 68.76 86.88
CA ARG AC 36 -17.55 70.12 86.42
C ARG AC 36 -16.88 71.15 87.32
N PHE AC 37 -16.98 70.97 88.64
CA PHE AC 37 -16.33 71.89 89.57
C PHE AC 37 -14.81 71.83 89.44
N VAL AC 38 -14.27 70.63 89.18
CA VAL AC 38 -12.83 70.49 88.99
C VAL AC 38 -12.38 71.29 87.78
N MET AC 39 -13.10 71.14 86.66
CA MET AC 39 -12.76 71.88 85.45
C MET AC 39 -12.91 73.38 85.68
N GLN AC 40 -13.93 73.79 86.42
CA GLN AC 40 -14.13 75.20 86.71
C GLN AC 40 -12.94 75.76 87.51
N VAL AC 41 -12.53 75.05 88.55
CA VAL AC 41 -11.40 75.51 89.37
C VAL AC 41 -10.11 75.50 88.56
N LYS AC 42 -9.99 74.56 87.61
CA LYS AC 42 -8.77 74.50 86.80
C LYS AC 42 -8.71 75.64 85.81
N THR AC 43 -9.83 75.97 85.17
CA THR AC 43 -9.85 77.04 84.18
C THR AC 43 -9.91 78.43 84.81
N PHE AC 44 -10.34 78.54 86.06
CA PHE AC 44 -10.40 79.81 86.77
C PHE AC 44 -9.40 79.91 87.91
N SER AC 45 -8.67 78.83 88.21
CA SER AC 45 -7.69 78.83 89.28
C SER AC 45 -8.33 79.23 90.61
N GLU AC 46 -8.65 80.51 90.78
CA GLU AC 46 -9.26 81.00 92.00
C GLU AC 46 -10.62 80.33 92.22
N ALA AC 47 -11.69 80.97 91.77
CA ALA AC 47 -13.04 80.44 91.92
C ALA AC 47 -14.01 81.40 91.25
N CYS AC 48 -15.28 81.00 91.20
CA CYS AC 48 -16.33 81.83 90.62
C CYS AC 48 -17.62 81.74 91.44
N LEU AC 49 -17.54 81.32 92.69
CA LEU AC 49 -18.72 81.21 93.54
C LEU AC 49 -18.97 82.55 94.23
N MET AC 50 -19.74 82.54 95.31
CA MET AC 50 -20.00 83.74 96.10
C MET AC 50 -20.99 83.44 97.22
N VAL AC 51 -21.14 84.37 98.16
CA VAL AC 51 -22.09 84.21 99.24
C VAL AC 51 -23.49 84.48 98.69
N ARG AC 52 -24.07 83.47 98.05
CA ARG AC 52 -25.36 83.63 97.39
C ARG AC 52 -26.44 83.96 98.42
N LYS AC 53 -27.59 84.41 97.90
CA LYS AC 53 -28.75 84.64 98.76
C LYS AC 53 -29.17 83.39 99.51
N PRO AC 54 -29.29 82.22 98.87
CA PRO AC 54 -29.55 81.01 99.67
C PRO AC 54 -28.47 80.75 100.71
N ALA AC 55 -27.20 81.02 100.37
CA ALA AC 55 -26.13 80.86 101.36
C ALA AC 55 -26.32 81.83 102.53
N LEU AC 56 -26.70 83.07 102.23
CA LEU AC 56 -26.95 84.04 103.31
C LEU AC 56 -28.10 83.57 104.19
N GLU AC 57 -29.17 83.04 103.58
CA GLU AC 57 -30.30 82.55 104.36
C GLU AC 57 -29.89 81.38 105.25
N LEU AC 58 -29.10 80.45 104.69
CA LEU AC 58 -28.64 79.32 105.49
C LEU AC 58 -27.76 79.78 106.65
N LEU AC 59 -26.87 80.75 106.40
CA LEU AC 59 -26.02 81.26 107.46
C LEU AC 59 -26.85 81.95 108.54
N HIS AC 60 -27.87 82.71 108.14
CA HIS AC 60 -28.73 83.38 109.12
C HIS AC 60 -29.50 82.37 109.95
N TYR AC 61 -29.98 81.29 109.31
CA TYR AC 61 -30.71 80.26 110.04
C TYR AC 61 -29.80 79.50 111.00
N LEU AC 62 -28.54 79.27 110.59
CA LEU AC 62 -27.60 78.55 111.43
C LEU AC 62 -27.03 79.43 112.54
N LYS AC 63 -27.10 80.76 112.40
CA LYS AC 63 -26.56 81.64 113.42
C LYS AC 63 -27.29 81.45 114.76
N ASN AC 64 -28.59 81.65 114.77
CA ASN AC 64 -29.40 81.53 115.98
C ASN AC 64 -29.90 80.12 116.23
N THR AC 65 -29.18 79.10 115.73
CA THR AC 65 -29.56 77.69 115.93
C THR AC 65 -28.26 76.89 116.10
N SER AC 66 -27.68 76.96 117.30
CA SER AC 66 -26.46 76.25 117.60
C SER AC 66 -26.73 74.77 117.81
N PHE AC 67 -25.88 74.09 118.58
CA PHE AC 67 -26.06 72.67 118.83
C PHE AC 67 -27.32 72.37 119.63
N ALA AC 68 -27.96 73.39 120.22
CA ALA AC 68 -29.19 73.16 120.97
C ALA AC 68 -30.27 72.57 120.09
N TYR AC 69 -30.43 73.11 118.88
CA TYR AC 69 -31.42 72.60 117.94
C TYR AC 69 -30.82 71.44 117.15
N PRO AC 70 -31.43 70.25 117.18
CA PRO AC 70 -30.82 69.10 116.49
C PRO AC 70 -30.74 69.31 114.98
N ALA AC 71 -31.89 69.34 114.31
CA ALA AC 71 -31.93 69.50 112.87
C ALA AC 71 -33.20 70.23 112.48
N ILE AC 72 -33.06 71.26 111.64
CA ILE AC 72 -34.17 72.04 111.13
C ILE AC 72 -34.01 72.13 109.62
N ARG AC 73 -34.88 71.45 108.88
CA ARG AC 73 -34.77 71.40 107.43
C ARG AC 73 -35.02 72.78 106.85
N TYR AC 74 -33.96 73.43 106.36
CA TYR AC 74 -34.06 74.73 105.71
C TYR AC 74 -34.28 74.56 104.21
N LEU AC 75 -35.42 73.95 103.87
CA LEU AC 75 -35.76 73.68 102.48
C LEU AC 75 -35.85 74.98 101.68
N LEU AC 76 -34.86 75.22 100.83
CA LEU AC 76 -34.82 76.43 100.00
C LEU AC 76 -35.33 76.07 98.61
N TYR AC 77 -36.58 76.43 98.33
CA TYR AC 77 -37.19 76.20 97.03
C TYR AC 77 -37.21 77.51 96.25
N GLY AC 78 -36.78 77.45 94.99
CA GLY AC 78 -36.71 78.63 94.15
C GLY AC 78 -36.93 78.29 92.70
N GLU AC 79 -36.23 78.99 91.81
CA GLU AC 79 -36.39 78.81 90.38
C GLU AC 79 -35.35 77.79 89.89
N LYS AC 80 -35.00 77.83 88.60
CA LYS AC 80 -34.06 76.89 88.03
C LYS AC 80 -32.68 77.07 88.66
N GLY AC 81 -31.98 78.15 88.30
CA GLY AC 81 -30.66 78.41 88.82
C GLY AC 81 -30.69 78.76 90.30
N THR AC 82 -30.16 79.94 90.64
CA THR AC 82 -30.12 80.46 92.00
C THR AC 82 -29.12 79.72 92.88
N GLY AC 83 -28.41 78.74 92.36
CA GLY AC 83 -27.45 77.98 93.15
C GLY AC 83 -28.12 77.09 94.17
N LYS AC 84 -27.82 75.79 94.13
CA LYS AC 84 -28.38 74.82 95.06
C LYS AC 84 -27.31 73.94 95.71
N THR AC 85 -26.04 74.14 95.38
CA THR AC 85 -24.95 73.39 96.02
C THR AC 85 -23.78 74.27 96.43
N LEU AC 86 -23.53 75.40 95.76
CA LEU AC 86 -22.44 76.28 96.18
C LEU AC 86 -22.69 76.85 97.57
N SER AC 87 -23.96 77.07 97.93
CA SER AC 87 -24.27 77.51 99.28
C SER AC 87 -23.85 76.48 100.31
N LEU AC 88 -24.16 75.21 100.06
CA LEU AC 88 -23.75 74.15 100.97
C LEU AC 88 -22.23 74.02 101.02
N CYS AC 89 -21.57 74.19 99.87
CA CYS AC 89 -20.11 74.15 99.85
C CYS AC 89 -19.52 75.27 100.70
N HIS AC 90 -20.08 76.48 100.58
CA HIS AC 90 -19.59 77.59 101.39
C HIS AC 90 -19.86 77.37 102.87
N VAL AC 91 -21.01 76.78 103.20
CA VAL AC 91 -21.32 76.49 104.60
C VAL AC 91 -20.31 75.48 105.16
N ILE AC 92 -19.99 74.44 104.37
CA ILE AC 92 -19.03 73.45 104.83
C ILE AC 92 -17.65 74.09 104.99
N HIS AC 93 -17.27 74.96 104.05
CA HIS AC 93 -15.98 75.64 104.15
C HIS AC 93 -15.91 76.51 105.41
N PHE AC 94 -17.00 77.22 105.71
CA PHE AC 94 -17.03 78.05 106.91
C PHE AC 94 -16.95 77.18 108.17
N CYS AC 95 -17.68 76.07 108.20
CA CYS AC 95 -17.63 75.18 109.35
C CYS AC 95 -16.22 74.62 109.54
N ALA AC 96 -15.54 74.28 108.44
CA ALA AC 96 -14.18 73.79 108.54
C ALA AC 96 -13.23 74.87 109.04
N LYS AC 97 -13.37 76.09 108.52
CA LYS AC 97 -12.54 77.19 108.99
C LYS AC 97 -12.76 77.47 110.47
N GLN AC 98 -13.99 77.28 110.95
CA GLN AC 98 -14.31 77.48 112.36
C GLN AC 98 -13.90 76.29 113.23
N ASP AC 99 -13.18 75.32 112.69
CA ASP AC 99 -12.73 74.14 113.41
C ASP AC 99 -13.89 73.24 113.83
N TRP AC 100 -15.03 73.34 113.17
CA TRP AC 100 -16.18 72.51 113.48
C TRP AC 100 -16.11 71.20 112.71
N LEU AC 101 -16.71 70.17 113.29
CA LEU AC 101 -16.73 68.86 112.65
C LEU AC 101 -17.49 68.91 111.34
N ILE AC 102 -16.84 68.46 110.26
CA ILE AC 102 -17.44 68.46 108.94
C ILE AC 102 -17.03 67.19 108.21
N LEU AC 103 -17.94 66.70 107.36
CA LEU AC 103 -17.68 65.50 106.56
C LEU AC 103 -18.55 65.59 105.32
N HIS AC 104 -17.96 66.00 104.21
CA HIS AC 104 -18.72 66.19 102.98
C HIS AC 104 -19.16 64.85 102.41
N ILE AC 105 -20.36 64.85 101.82
CA ILE AC 105 -20.91 63.68 101.15
C ILE AC 105 -21.20 64.05 99.70
N PRO AC 106 -21.21 63.09 98.77
CA PRO AC 106 -21.41 63.44 97.36
C PRO AC 106 -22.81 64.00 97.10
N ASP AC 107 -23.75 63.15 96.70
CA ASP AC 107 -25.09 63.59 96.36
C ASP AC 107 -26.07 62.48 96.69
N ALA AC 108 -27.36 62.83 96.72
CA ALA AC 108 -28.41 61.84 96.93
C ALA AC 108 -28.76 61.12 95.63
N HIS AC 109 -28.76 61.85 94.51
CA HIS AC 109 -29.01 61.21 93.22
C HIS AC 109 -27.87 60.28 92.85
N LEU AC 110 -26.62 60.67 93.14
CA LEU AC 110 -25.49 59.79 92.91
C LEU AC 110 -25.53 58.56 93.79
N TRP AC 111 -26.26 58.61 94.91
CA TRP AC 111 -26.40 57.45 95.77
C TRP AC 111 -27.52 56.54 95.27
N VAL AC 112 -28.68 57.11 94.98
CA VAL AC 112 -29.83 56.35 94.49
C VAL AC 112 -29.85 56.39 92.97
N LYS AC 113 -28.76 55.94 92.35
CA LYS AC 113 -28.67 55.92 90.90
C LYS AC 113 -29.42 54.73 90.32
N ASN AC 114 -29.69 54.79 89.01
CA ASN AC 114 -30.37 53.70 88.33
C ASN AC 114 -29.46 52.46 88.30
N CYS AC 115 -30.10 51.32 88.04
CA CYS AC 115 -29.39 50.04 87.99
C CYS AC 115 -29.95 49.21 86.85
N ARG AC 116 -29.06 48.52 86.13
CA ARG AC 116 -29.48 47.69 85.01
C ARG AC 116 -30.33 46.52 85.50
N ASP AC 117 -29.75 45.64 86.31
CA ASP AC 117 -30.44 44.49 86.85
C ASP AC 117 -30.39 44.52 88.37
N LEU AC 118 -31.44 44.01 89.00
CA LEU AC 118 -31.53 43.98 90.46
C LEU AC 118 -32.44 42.85 90.93
N ARG AC 127 -37.56 42.33 102.37
CA ARG AC 127 -36.59 43.34 102.76
C ARG AC 127 -35.22 43.04 102.16
N PHE AC 128 -34.86 43.78 101.12
CA PHE AC 128 -33.59 43.62 100.43
C PHE AC 128 -32.63 44.73 100.85
N ASP AC 129 -31.48 44.80 100.19
CA ASP AC 129 -30.47 45.80 100.51
C ASP AC 129 -29.73 46.17 99.23
N GLN AC 130 -28.82 47.14 99.34
CA GLN AC 130 -28.03 47.59 98.20
C GLN AC 130 -26.66 48.02 98.71
N PRO AC 131 -25.57 47.64 98.02
CA PRO AC 131 -24.24 48.03 98.50
C PRO AC 131 -23.80 49.40 97.99
N LEU AC 132 -24.43 49.87 96.92
CA LEU AC 132 -23.99 51.07 96.22
C LEU AC 132 -23.82 52.26 97.17
N GLU AC 133 -24.94 52.85 97.60
CA GLU AC 133 -24.87 54.10 98.35
C GLU AC 133 -24.22 53.92 99.70
N ALA AC 134 -24.44 52.78 100.36
CA ALA AC 134 -23.82 52.53 101.65
C ALA AC 134 -22.30 52.53 101.54
N SER AC 135 -21.77 51.72 100.61
CA SER AC 135 -20.34 51.67 100.40
C SER AC 135 -19.80 53.03 99.96
N THR AC 136 -20.56 53.75 99.14
CA THR AC 136 -20.10 55.07 98.70
C THR AC 136 -19.95 56.02 99.88
N TRP AC 137 -20.97 56.08 100.75
CA TRP AC 137 -20.90 56.94 101.91
C TRP AC 137 -19.78 56.54 102.85
N LEU AC 138 -19.59 55.23 103.05
CA LEU AC 138 -18.53 54.77 103.94
C LEU AC 138 -17.15 55.12 103.39
N LYS AC 139 -16.96 54.94 102.07
CA LYS AC 139 -15.69 55.29 101.45
C LYS AC 139 -15.44 56.80 101.52
N ASN AC 140 -16.49 57.59 101.33
CA ASN AC 140 -16.33 59.04 101.45
C ASN AC 140 -15.93 59.42 102.87
N PHE AC 141 -16.57 58.82 103.87
CA PHE AC 141 -16.20 59.09 105.26
C PHE AC 141 -14.76 58.68 105.53
N LYS AC 142 -14.33 57.55 104.98
CA LYS AC 142 -12.96 57.08 105.21
C LYS AC 142 -11.94 58.01 104.55
N THR AC 143 -12.24 58.48 103.34
CA THR AC 143 -11.31 59.30 102.58
C THR AC 143 -11.37 60.77 102.96
N THR AC 144 -12.38 61.21 103.71
CA THR AC 144 -12.50 62.60 104.11
C THR AC 144 -11.25 63.05 104.85
N ASN AC 145 -11.05 62.53 106.07
CA ASN AC 145 -9.89 62.89 106.87
C ASN AC 145 -9.83 62.06 108.15
N SER AC 170 -10.30 51.98 117.94
CA SER AC 170 -11.61 51.72 118.51
C SER AC 170 -12.44 50.87 117.55
N PRO AC 171 -13.55 50.31 118.04
CA PRO AC 171 -14.43 49.50 117.17
C PRO AC 171 -15.06 50.30 116.04
N LEU AC 172 -14.91 51.62 116.02
CA LEU AC 172 -15.51 52.42 114.95
C LEU AC 172 -14.97 52.00 113.59
N GLY AC 173 -13.64 52.03 113.43
CA GLY AC 173 -13.06 51.62 112.16
C GLY AC 173 -13.34 50.17 111.83
N GLU AC 174 -13.38 49.31 112.85
CA GLU AC 174 -13.67 47.90 112.62
C GLU AC 174 -15.06 47.71 112.02
N VAL AC 175 -16.08 48.32 112.65
CA VAL AC 175 -17.44 48.17 112.14
C VAL AC 175 -17.58 48.89 110.80
N VAL AC 176 -16.82 49.96 110.58
CA VAL AC 176 -16.86 50.64 109.28
C VAL AC 176 -16.37 49.70 108.19
N GLU AC 177 -15.22 49.06 108.41
CA GLU AC 177 -14.69 48.11 107.44
C GLU AC 177 -15.63 46.93 107.27
N GLN AC 178 -16.28 46.49 108.35
CA GLN AC 178 -17.24 45.40 108.25
C GLN AC 178 -18.39 45.78 107.34
N GLY AC 179 -18.99 46.95 107.57
CA GLY AC 179 -20.07 47.40 106.71
C GLY AC 179 -19.64 47.63 105.28
N ILE AC 180 -18.37 48.02 105.07
CA ILE AC 180 -17.87 48.23 103.72
C ILE AC 180 -17.73 46.91 102.99
N THR AC 181 -17.17 45.90 103.65
CA THR AC 181 -16.88 44.62 102.99
C THR AC 181 -18.13 43.73 102.96
N ARG AC 182 -18.60 43.30 104.12
CA ARG AC 182 -19.73 42.38 104.18
C ARG AC 182 -21.02 43.08 103.75
N VAL AC 183 -21.72 42.48 102.80
CA VAL AC 183 -23.00 43.01 102.35
C VAL AC 183 -23.97 41.86 102.09
N ARG AC 184 -23.83 40.79 102.88
CA ARG AC 184 -24.74 39.66 102.78
C ARG AC 184 -26.11 40.07 103.30
N ASN AC 185 -26.55 39.49 104.42
CA ASN AC 185 -27.76 39.95 105.08
C ASN AC 185 -27.53 41.37 105.60
N ALA AC 186 -27.50 42.34 104.69
CA ALA AC 186 -27.05 43.69 105.02
C ALA AC 186 -28.14 44.56 105.64
N THR AC 187 -29.38 44.08 105.73
CA THR AC 187 -30.44 44.87 106.34
C THR AC 187 -30.13 45.15 107.80
N ASP AC 188 -30.11 44.09 108.61
CA ASP AC 188 -29.81 44.26 110.03
C ASP AC 188 -28.39 44.82 110.23
N ALA AC 189 -27.46 44.46 109.36
CA ALA AC 189 -26.09 44.95 109.50
C ALA AC 189 -26.04 46.48 109.37
N VAL AC 190 -26.64 47.02 108.32
CA VAL AC 190 -26.63 48.46 108.11
C VAL AC 190 -27.46 49.15 109.18
N GLY AC 191 -28.57 48.53 109.60
CA GLY AC 191 -29.34 49.10 110.70
C GLY AC 191 -28.50 49.25 111.95
N ILE AC 192 -27.77 48.20 112.32
CA ILE AC 192 -26.99 48.22 113.55
C ILE AC 192 -25.82 49.19 113.42
N VAL AC 193 -25.17 49.23 112.26
CA VAL AC 193 -24.03 50.13 112.09
C VAL AC 193 -24.50 51.58 112.12
N LEU AC 194 -25.68 51.87 111.56
CA LEU AC 194 -26.23 53.21 111.64
C LEU AC 194 -26.58 53.58 113.07
N LYS AC 195 -27.22 52.66 113.80
CA LYS AC 195 -27.54 52.93 115.20
C LYS AC 195 -26.28 53.18 116.01
N GLU AC 196 -25.20 52.44 115.72
CA GLU AC 196 -23.95 52.64 116.43
C GLU AC 196 -23.33 53.99 116.10
N LEU AC 197 -23.27 54.33 114.80
CA LEU AC 197 -22.73 55.63 114.40
C LEU AC 197 -23.52 56.77 115.05
N LYS AC 198 -24.82 56.59 115.21
CA LYS AC 198 -25.64 57.61 115.87
C LYS AC 198 -25.50 57.59 117.39
N ARG AC 199 -25.07 56.45 117.95
CA ARG AC 199 -24.90 56.31 119.40
C ARG AC 199 -23.45 56.44 119.84
N GLN AC 200 -22.55 56.84 118.94
CA GLN AC 200 -21.14 56.96 119.30
C GLN AC 200 -20.94 57.99 120.40
N SER AC 201 -21.56 59.16 120.26
CA SER AC 201 -21.47 60.23 121.25
C SER AC 201 -20.01 60.61 121.51
N SER AC 202 -19.41 61.19 120.47
CA SER AC 202 -18.02 61.61 120.52
C SER AC 202 -17.66 62.35 119.25
N LEU AC 203 -16.38 62.74 119.10
CA LEU AC 203 -15.94 63.42 117.90
C LEU AC 203 -16.10 62.50 116.68
N GLY AC 204 -16.73 63.03 115.63
CA GLY AC 204 -16.99 62.25 114.45
C GLY AC 204 -18.45 61.83 114.34
N MET AC 205 -19.10 62.19 113.24
CA MET AC 205 -20.51 61.89 113.01
C MET AC 205 -21.41 62.50 114.08
N PHE AC 206 -20.93 63.53 114.77
CA PHE AC 206 -21.75 64.20 115.78
C PHE AC 206 -22.82 65.05 115.12
N HIS AC 207 -22.42 65.98 114.26
CA HIS AC 207 -23.35 66.81 113.49
C HIS AC 207 -22.90 66.78 112.03
N LEU AC 208 -23.56 65.97 111.22
CA LEU AC 208 -23.19 65.78 109.82
C LEU AC 208 -23.89 66.82 108.97
N LEU AC 209 -23.10 67.73 108.38
CA LEU AC 209 -23.64 68.77 107.49
C LEU AC 209 -23.58 68.23 106.06
N VAL AC 210 -24.54 67.38 105.73
CA VAL AC 210 -24.58 66.76 104.41
C VAL AC 210 -24.87 67.82 103.36
N ALA AC 211 -24.23 67.68 102.20
CA ALA AC 211 -24.43 68.57 101.06
C ALA AC 211 -25.09 67.80 99.94
N VAL AC 212 -26.36 67.44 100.15
CA VAL AC 212 -27.11 66.66 99.18
C VAL AC 212 -27.51 67.55 98.01
N ASP AC 213 -27.48 66.98 96.81
CA ASP AC 213 -27.91 67.67 95.59
C ASP AC 213 -29.13 66.93 95.05
N GLY AC 214 -30.29 67.23 95.61
CA GLY AC 214 -31.52 66.60 95.19
C GLY AC 214 -32.05 65.61 96.22
N ILE AC 215 -32.58 66.13 97.34
CA ILE AC 215 -33.13 65.29 98.39
C ILE AC 215 -34.62 65.08 98.13
N ASN AC 216 -35.07 65.40 96.92
CA ASN AC 216 -36.48 65.25 96.60
C ASN AC 216 -36.81 63.83 96.15
N ALA AC 217 -36.00 63.27 95.25
CA ALA AC 217 -36.24 61.92 94.74
C ALA AC 217 -36.04 60.88 95.84
N LEU AC 218 -36.89 60.91 96.87
CA LEU AC 218 -36.77 59.97 97.97
C LEU AC 218 -38.14 59.73 98.62
N TRP AC 219 -38.81 60.81 99.04
CA TRP AC 219 -40.10 60.66 99.70
C TRP AC 219 -41.22 60.44 98.70
N GLY AC 220 -41.15 61.07 97.53
CA GLY AC 220 -42.16 60.89 96.51
C GLY AC 220 -42.18 59.48 95.96
N ARG AC 221 -41.71 59.31 94.72
CA ARG AC 221 -41.59 58.00 94.08
C ARG AC 221 -40.11 57.69 93.91
N THR AC 222 -39.63 56.68 94.63
CA THR AC 222 -38.22 56.35 94.59
C THR AC 222 -37.82 55.85 93.20
N THR AC 223 -36.57 56.15 92.82
CA THR AC 223 -36.09 55.75 91.51
C THR AC 223 -35.93 54.24 91.40
N LEU AC 224 -35.72 53.55 92.52
CA LEU AC 224 -35.59 52.11 92.50
C LEU AC 224 -36.86 51.46 91.97
N LYS AC 225 -36.73 50.67 90.91
CA LYS AC 225 -37.86 50.05 90.25
C LYS AC 225 -38.11 48.65 90.81
N ARG AC 226 -39.30 48.13 90.53
CA ARG AC 226 -39.70 46.79 90.94
C ARG AC 226 -39.86 45.92 89.69
N GLU AC 227 -39.32 44.70 89.74
CA GLU AC 227 -39.40 43.81 88.61
C GLU AC 227 -40.84 43.51 88.23
N ASP AC 228 -41.75 43.50 89.21
CA ASP AC 228 -43.15 43.25 88.96
C ASP AC 228 -43.90 44.57 88.76
N LYS AC 229 -45.21 44.47 88.60
CA LYS AC 229 -46.03 45.66 88.42
C LYS AC 229 -46.00 46.53 89.67
N SER AC 230 -46.40 47.79 89.48
CA SER AC 230 -46.44 48.76 90.58
C SER AC 230 -45.02 49.03 91.09
N PRO AC 231 -44.46 50.21 90.83
CA PRO AC 231 -43.09 50.48 91.29
C PRO AC 231 -43.03 50.52 92.81
N ILE AC 232 -41.79 50.58 93.32
CA ILE AC 232 -41.57 50.60 94.75
C ILE AC 232 -42.13 51.88 95.35
N ALA AC 233 -42.74 51.75 96.52
CA ALA AC 233 -43.30 52.88 97.24
C ALA AC 233 -42.30 53.43 98.26
N PRO AC 234 -42.44 54.70 98.66
CA PRO AC 234 -41.51 55.25 99.65
C PRO AC 234 -41.55 54.55 100.99
N GLU AC 235 -42.59 53.76 101.27
CA GLU AC 235 -42.70 53.05 102.53
C GLU AC 235 -42.54 51.55 102.31
N GLU AC 236 -41.40 51.14 101.75
CA GLU AC 236 -41.16 49.74 101.47
C GLU AC 236 -39.67 49.41 101.52
N LEU AC 237 -38.83 50.33 101.04
CA LEU AC 237 -37.40 50.10 101.00
C LEU AC 237 -36.82 49.94 102.40
N ALA AC 238 -35.52 49.66 102.49
CA ALA AC 238 -34.89 49.38 103.78
C ALA AC 238 -33.67 50.25 104.01
N LEU AC 239 -32.68 50.16 103.11
CA LEU AC 239 -31.44 50.91 103.30
C LEU AC 239 -31.70 52.42 103.25
N VAL AC 240 -32.37 52.87 102.19
CA VAL AC 240 -32.69 54.30 102.10
C VAL AC 240 -33.65 54.70 103.21
N HIS AC 241 -34.51 53.79 103.64
CA HIS AC 241 -35.41 54.08 104.76
C HIS AC 241 -34.61 54.40 106.02
N ASN AC 242 -33.60 53.57 106.32
CA ASN AC 242 -32.76 53.83 107.49
C ASN AC 242 -31.93 55.09 107.29
N LEU AC 243 -31.46 55.33 106.06
CA LEU AC 243 -30.70 56.54 105.78
C LEU AC 243 -31.54 57.79 106.06
N ARG AC 244 -32.82 57.75 105.70
CA ARG AC 244 -33.70 58.86 106.01
C ARG AC 244 -33.98 58.93 107.51
N LYS AC 245 -34.17 57.78 108.16
CA LYS AC 245 -34.36 57.75 109.60
C LYS AC 245 -33.20 58.40 110.33
N MET AC 246 -31.99 58.28 109.79
CA MET AC 246 -30.83 58.95 110.38
C MET AC 246 -31.04 60.46 110.45
N MET AC 247 -31.90 61.01 109.59
CA MET AC 247 -32.21 62.44 109.59
C MET AC 247 -33.52 62.74 110.32
N LYS AC 248 -34.07 61.78 111.05
CA LYS AC 248 -35.36 61.95 111.73
C LYS AC 248 -35.09 62.25 113.20
N ASN AC 249 -34.66 63.49 113.46
CA ASN AC 249 -34.42 63.97 114.82
C ASN AC 249 -33.35 63.15 115.54
N ASP AC 250 -32.41 62.59 114.78
CA ASP AC 250 -31.32 61.81 115.34
C ASP AC 250 -30.06 62.69 115.44
N TRP AC 251 -29.00 62.10 116.00
CA TRP AC 251 -27.75 62.81 116.26
C TRP AC 251 -27.99 64.26 116.65
N HIS AC 252 -28.35 64.49 117.91
CA HIS AC 252 -28.65 65.84 118.37
C HIS AC 252 -27.38 66.69 118.36
N GLY AC 253 -27.29 67.60 117.40
CA GLY AC 253 -26.14 68.48 117.28
C GLY AC 253 -26.53 69.79 116.65
N GLY AC 254 -25.71 70.26 115.71
CA GLY AC 254 -26.01 71.50 115.02
C GLY AC 254 -27.05 71.31 113.92
N ALA AC 255 -27.75 72.40 113.62
CA ALA AC 255 -28.78 72.36 112.59
C ALA AC 255 -28.16 72.08 111.22
N ILE AC 256 -29.00 71.58 110.31
CA ILE AC 256 -28.58 71.23 108.96
C ILE AC 256 -29.66 71.64 107.98
N VAL AC 257 -29.51 71.22 106.73
CA VAL AC 257 -30.47 71.54 105.68
C VAL AC 257 -30.42 70.46 104.61
N SER AC 258 -31.58 70.13 104.05
CA SER AC 258 -31.69 69.16 102.96
C SER AC 258 -32.21 69.90 101.73
N ALA AC 259 -31.31 70.16 100.78
CA ALA AC 259 -31.67 70.93 99.59
C ALA AC 259 -32.39 70.04 98.58
N LEU AC 260 -33.56 70.50 98.12
CA LEU AC 260 -34.31 69.80 97.09
C LEU AC 260 -33.90 70.31 95.70
N SER AC 261 -32.63 70.09 95.38
CA SER AC 261 -32.06 70.59 94.15
C SER AC 261 -32.71 69.92 92.93
N GLN AC 262 -32.29 70.36 91.75
CA GLN AC 262 -32.80 69.81 90.50
C GLN AC 262 -31.74 69.70 89.41
N THR AC 263 -30.55 70.30 89.57
CA THR AC 263 -29.53 70.21 88.54
C THR AC 263 -29.20 68.77 88.19
N GLY AC 264 -29.30 67.86 89.17
CA GLY AC 264 -29.05 66.46 88.94
C GLY AC 264 -30.28 65.61 89.13
N SER AC 265 -31.45 66.16 88.81
CA SER AC 265 -32.69 65.44 88.99
C SER AC 265 -32.72 64.18 88.13
N LEU AC 266 -33.48 63.19 88.59
CA LEU AC 266 -33.61 61.92 87.88
C LEU AC 266 -35.05 61.44 87.99
N PHE AC 267 -35.64 61.10 86.85
CA PHE AC 267 -37.02 60.61 86.79
C PHE AC 267 -37.98 61.64 87.37
N LYS AC 268 -37.75 62.91 87.04
CA LYS AC 268 -38.60 64.00 87.50
C LYS AC 268 -38.50 65.13 86.49
N PRO AC 269 -39.51 65.99 86.40
CA PRO AC 269 -39.49 67.07 85.42
C PRO AC 269 -38.63 68.24 85.89
N ARG AC 270 -38.46 69.19 84.99
CA ARG AC 270 -37.67 70.38 85.29
C ARG AC 270 -38.36 71.22 86.36
N LYS AC 271 -37.56 72.00 87.09
CA LYS AC 271 -38.05 72.86 88.17
C LYS AC 271 -38.84 72.03 89.19
N ALA AC 272 -38.11 71.12 89.85
CA ALA AC 272 -38.69 70.23 90.85
C ALA AC 272 -38.32 70.78 92.22
N TYR AC 273 -39.25 71.53 92.81
CA TYR AC 273 -39.00 72.14 94.11
C TYR AC 273 -40.27 72.37 94.91
N LEU AC 274 -41.39 71.77 94.54
CA LEU AC 274 -42.64 71.96 95.25
C LEU AC 274 -42.64 71.17 96.55
N PRO AC 275 -43.54 71.51 97.48
CA PRO AC 275 -43.58 70.78 98.76
C PRO AC 275 -44.25 69.42 98.65
N GLN AC 276 -45.57 69.40 98.49
CA GLN AC 276 -46.32 68.15 98.44
C GLN AC 276 -46.39 67.58 97.04
N GLU AC 277 -46.66 68.42 96.03
CA GLU AC 277 -46.77 67.92 94.66
C GLU AC 277 -45.49 67.22 94.22
N LEU AC 278 -44.35 67.61 94.78
CA LEU AC 278 -43.08 66.97 94.43
C LEU AC 278 -42.87 65.65 95.15
N LEU AC 279 -43.43 65.52 96.36
CA LEU AC 279 -43.26 64.31 97.17
C LEU AC 279 -44.60 63.71 97.59
N GLY AC 280 -45.69 64.10 96.94
CA GLY AC 280 -47.00 63.58 97.32
C GLY AC 280 -47.50 64.17 98.62
N LYS AC 281 -48.41 63.43 99.25
CA LYS AC 281 -49.02 63.88 100.51
C LYS AC 281 -48.22 63.34 101.70
N GLU AC 282 -48.28 62.02 101.91
CA GLU AC 282 -47.57 61.42 103.04
C GLU AC 282 -46.07 61.65 102.94
N GLY AC 283 -45.52 61.68 101.72
CA GLY AC 283 -44.10 61.92 101.56
C GLY AC 283 -43.65 63.24 102.19
N PHE AC 284 -44.42 64.30 101.97
CA PHE AC 284 -44.11 65.58 102.57
C PHE AC 284 -44.55 65.65 104.03
N ASP AC 285 -45.61 64.93 104.39
CA ASP AC 285 -46.03 64.89 105.79
C ASP AC 285 -44.94 64.30 106.67
N ALA AC 286 -44.23 63.29 106.17
CA ALA AC 286 -43.13 62.72 106.93
C ALA AC 286 -41.99 63.71 107.11
N LEU AC 287 -41.87 64.69 106.21
CA LEU AC 287 -40.84 65.69 106.32
C LEU AC 287 -41.23 66.75 107.36
N ASP AC 288 -40.27 67.64 107.66
CA ASP AC 288 -40.52 68.71 108.61
C ASP AC 288 -41.06 69.94 107.90
N PRO AC 289 -42.00 70.67 108.51
CA PRO AC 289 -42.61 71.84 107.84
C PRO AC 289 -41.75 73.08 108.01
N PHE AC 290 -41.10 73.49 106.92
CA PHE AC 290 -40.29 74.70 106.93
C PHE AC 290 -39.86 75.09 105.52
N ILE AC 291 -40.35 76.23 105.04
CA ILE AC 291 -39.95 76.77 103.74
C ILE AC 291 -39.91 78.29 103.86
N PRO AC 292 -38.78 78.95 103.55
CA PRO AC 292 -38.71 80.40 103.75
C PRO AC 292 -39.21 81.20 102.56
N ILE AC 293 -38.31 81.66 101.69
CA ILE AC 293 -38.68 82.51 100.57
C ILE AC 293 -37.91 82.04 99.34
N LEU AC 294 -38.49 82.28 98.16
CA LEU AC 294 -37.83 81.94 96.91
C LEU AC 294 -36.47 82.63 96.82
N VAL AC 295 -35.54 81.98 96.13
CA VAL AC 295 -34.18 82.49 95.97
C VAL AC 295 -34.03 83.10 94.59
N SER AC 296 -33.12 84.05 94.47
CA SER AC 296 -32.85 84.75 93.22
C SER AC 296 -31.54 84.26 92.63
N ASN AC 297 -31.13 84.89 91.53
CA ASN AC 297 -29.94 84.50 90.80
C ASN AC 297 -28.77 85.43 91.13
N TYR AC 298 -27.76 85.47 90.27
CA TYR AC 298 -26.57 86.28 90.50
C TYR AC 298 -26.91 87.76 90.55
N ASN AC 299 -25.90 88.59 90.83
CA ASN AC 299 -26.06 90.04 90.85
C ASN AC 299 -25.36 90.63 89.63
N PRO AC 300 -26.05 91.40 88.78
CA PRO AC 300 -25.39 91.93 87.58
C PRO AC 300 -24.19 92.81 87.87
N LYS AC 301 -24.21 93.57 88.97
CA LYS AC 301 -23.11 94.49 89.26
C LYS AC 301 -21.81 93.72 89.50
N GLU AC 302 -21.82 92.79 90.44
CA GLU AC 302 -20.61 92.02 90.72
C GLU AC 302 -20.23 91.12 89.55
N PHE AC 303 -21.22 90.66 88.77
CA PHE AC 303 -20.92 89.90 87.58
C PHE AC 303 -20.12 90.73 86.58
N GLU AC 304 -20.55 91.97 86.34
CA GLU AC 304 -19.81 92.86 85.47
C GLU AC 304 -18.44 93.21 86.05
N SER AC 305 -18.35 93.33 87.38
CA SER AC 305 -17.06 93.58 88.00
C SER AC 305 -16.10 92.43 87.74
N CYS AC 306 -16.57 91.20 87.91
CA CYS AC 306 -15.73 90.04 87.64
C CYS AC 306 -15.38 89.95 86.15
N ILE AC 307 -16.30 90.33 85.28
CA ILE AC 307 -16.02 90.34 83.85
C ILE AC 307 -14.91 91.33 83.53
N GLN AC 308 -14.97 92.52 84.14
CA GLN AC 308 -13.91 93.51 83.93
C GLN AC 308 -12.59 93.02 84.49
N TYR AC 309 -12.62 92.34 85.64
CA TYR AC 309 -11.41 91.77 86.20
C TYR AC 309 -10.78 90.76 85.23
N TYR AC 310 -11.60 89.84 84.71
CA TYR AC 310 -11.11 88.87 83.74
C TYR AC 310 -10.55 89.56 82.50
N LEU AC 311 -11.24 90.58 82.00
CA LEU AC 311 -10.75 91.32 80.85
C LEU AC 311 -9.37 91.91 81.13
N GLU AC 312 -9.21 92.56 82.28
CA GLU AC 312 -7.91 93.09 82.67
C GLU AC 312 -6.87 91.98 82.76
N ASN AC 313 -7.28 90.78 83.17
CA ASN AC 313 -6.37 89.64 83.25
C ASN AC 313 -6.07 89.02 81.89
N ASN AC 314 -6.81 89.41 80.85
CA ASN AC 314 -6.60 88.84 79.51
C ASN AC 314 -6.80 87.33 79.54
N TRP AC 315 -8.03 86.89 79.30
CA TRP AC 315 -8.35 85.47 79.33
C TRP AC 315 -9.40 85.10 78.30
N LEU AC 316 -10.22 86.07 77.88
CA LEU AC 316 -11.29 85.80 76.93
C LEU AC 316 -10.77 85.29 75.60
N GLN AC 317 -9.50 85.51 75.29
CA GLN AC 317 -8.88 85.02 74.05
C GLN AC 317 -9.51 85.68 72.83
N HIS AC 318 -10.83 85.54 72.66
CA HIS AC 318 -11.55 86.12 71.54
C HIS AC 318 -11.09 87.55 71.26
N GLU AC 319 -10.67 87.80 70.02
CA GLU AC 319 -10.17 89.12 69.64
C GLU AC 319 -11.24 90.20 69.67
N LYS AC 320 -12.52 89.82 69.77
CA LYS AC 320 -13.62 90.78 69.83
C LYS AC 320 -13.91 91.24 71.25
N ALA AC 321 -12.94 91.16 72.15
CA ALA AC 321 -13.12 91.56 73.53
C ALA AC 321 -13.02 93.07 73.68
N PRO AC 322 -11.94 93.72 73.23
CA PRO AC 322 -11.83 95.18 73.41
C PRO AC 322 -12.85 95.95 72.58
N THR AC 323 -14.11 95.88 72.99
CA THR AC 323 -15.19 96.57 72.30
C THR AC 323 -16.51 96.38 73.03
N GLU AC 324 -17.44 97.32 72.86
CA GLU AC 324 -18.73 97.21 73.51
C GLU AC 324 -19.52 96.00 73.03
N GLU AC 325 -19.23 95.50 71.83
CA GLU AC 325 -19.94 94.33 71.32
C GLU AC 325 -19.75 93.12 72.23
N GLY AC 326 -18.52 92.90 72.70
CA GLY AC 326 -18.28 91.77 73.58
C GLY AC 326 -19.03 91.89 74.89
N LYS AC 327 -18.99 93.08 75.50
CA LYS AC 327 -19.71 93.28 76.75
C LYS AC 327 -21.22 93.11 76.57
N LYS AC 328 -21.75 93.58 75.44
CA LYS AC 328 -23.17 93.40 75.16
C LYS AC 328 -23.52 91.93 75.00
N GLU AC 329 -22.72 91.21 74.21
CA GLU AC 329 -22.95 89.78 74.03
C GLU AC 329 -22.89 89.04 75.36
N LEU AC 330 -21.95 89.43 76.22
CA LEU AC 330 -21.87 88.82 77.55
C LEU AC 330 -23.14 89.09 78.35
N LEU AC 331 -23.44 90.37 78.58
CA LEU AC 331 -24.61 90.74 79.35
C LEU AC 331 -25.88 90.08 78.81
N PHE AC 332 -25.91 89.78 77.51
CA PHE AC 332 -27.10 89.16 76.93
C PHE AC 332 -27.10 87.65 77.15
N LEU AC 333 -26.19 86.94 76.46
CA LEU AC 333 -26.22 85.47 76.50
C LEU AC 333 -25.97 84.95 77.90
N SER AC 334 -24.95 85.48 78.58
CA SER AC 334 -24.63 85.00 79.92
C SER AC 334 -25.78 85.25 80.88
N ASN AC 335 -26.31 86.47 80.90
CA ASN AC 335 -27.40 86.85 81.80
C ASN AC 335 -27.04 86.52 83.25
N ALA AC 336 -25.77 86.70 83.61
CA ALA AC 336 -25.29 86.41 84.95
C ALA AC 336 -25.49 84.93 85.28
N ASN AC 337 -24.64 84.09 84.71
CA ASN AC 337 -24.69 82.64 84.92
C ASN AC 337 -23.27 82.11 84.95
N PRO AC 338 -23.04 80.95 85.60
CA PRO AC 338 -21.68 80.42 85.70
C PRO AC 338 -21.26 79.64 84.46
N SER AC 339 -22.09 78.67 84.06
CA SER AC 339 -21.76 77.85 82.89
C SER AC 339 -21.65 78.69 81.63
N LEU AC 340 -22.56 79.66 81.45
CA LEU AC 340 -22.53 80.49 80.26
C LEU AC 340 -21.30 81.40 80.26
N LEU AC 341 -20.93 81.95 81.42
CA LEU AC 341 -19.72 82.75 81.49
C LEU AC 341 -18.49 81.91 81.18
N GLU AC 342 -18.44 80.68 81.71
CA GLU AC 342 -17.32 79.79 81.41
C GLU AC 342 -17.24 79.49 79.93
N ARG AC 343 -18.39 79.24 79.29
CA ARG AC 343 -18.41 78.97 77.86
C ARG AC 343 -17.93 80.19 77.07
N HIS AC 344 -18.38 81.38 77.46
CA HIS AC 344 -17.93 82.59 76.77
C HIS AC 344 -16.43 82.79 76.93
N CYS AC 345 -15.89 82.47 78.11
CA CYS AC 345 -14.46 82.62 78.33
C CYS AC 345 -13.65 81.58 77.56
N ALA AC 346 -14.19 80.36 77.42
CA ALA AC 346 -13.49 79.28 76.73
C ALA AC 346 -14.07 79.01 75.34
N TYR AC 347 -14.64 80.04 74.71
CA TYR AC 347 -15.18 79.92 73.36
C TYR AC 347 -14.25 79.14 72.45
N LEU AC 348 -13.21 79.79 71.95
CA LEU AC 348 -12.29 79.16 71.01
C LEU AC 348 -11.29 78.26 71.74
N SER BC 1 -121.86 45.25 49.37
CA SER BC 1 -122.06 46.64 49.77
C SER BC 1 -120.99 47.54 49.18
N LEU BC 2 -120.39 47.10 48.07
CA LEU BC 2 -119.36 47.89 47.41
C LEU BC 2 -119.95 49.03 46.60
N TRP BC 3 -121.06 48.78 45.89
CA TRP BC 3 -121.70 49.83 45.11
C TRP BC 3 -122.19 50.96 46.00
N ASP BC 4 -122.62 50.64 47.23
CA ASP BC 4 -123.07 51.69 48.15
C ASP BC 4 -121.91 52.63 48.50
N VAL BC 5 -120.76 52.06 48.84
CA VAL BC 5 -119.59 52.89 49.18
C VAL BC 5 -119.14 53.67 47.96
N GLU BC 6 -119.21 53.05 46.78
CA GLU BC 6 -118.82 53.75 45.55
C GLU BC 6 -119.72 54.95 45.29
N PHE BC 7 -121.03 54.76 45.44
CA PHE BC 7 -121.96 55.87 45.24
C PHE BC 7 -121.77 56.96 46.29
N ALA BC 8 -121.50 56.55 47.54
CA ALA BC 8 -121.25 57.54 48.59
C ALA BC 8 -120.01 58.37 48.28
N LYS BC 9 -118.94 57.71 47.84
CA LYS BC 9 -117.71 58.44 47.49
C LYS BC 9 -117.95 59.36 46.30
N GLN BC 10 -118.70 58.89 45.30
CA GLN BC 10 -119.00 59.73 44.14
C GLN BC 10 -119.79 60.95 44.55
N LEU BC 11 -120.79 60.78 45.41
CA LEU BC 11 -121.58 61.91 45.88
C LEU BC 11 -120.73 62.88 46.69
N ALA BC 12 -119.86 62.36 47.56
CA ALA BC 12 -119.00 63.23 48.35
C ALA BC 12 -118.04 64.02 47.46
N THR BC 13 -117.55 63.39 46.39
CA THR BC 13 -116.65 64.09 45.47
C THR BC 13 -117.40 65.14 44.67
N VAL BC 14 -118.62 64.82 44.22
CA VAL BC 14 -119.40 65.78 43.45
C VAL BC 14 -119.80 66.97 44.32
N ASN BC 15 -120.05 66.73 45.60
CA ASN BC 15 -120.43 67.79 46.53
C ASN BC 15 -119.22 68.58 47.05
N GLU BC 16 -118.01 68.24 46.62
CA GLU BC 16 -116.80 68.93 47.04
C GLU BC 16 -116.06 69.44 45.81
N GLN BC 17 -115.05 70.28 46.07
CA GLN BC 17 -114.28 70.87 44.99
C GLN BC 17 -113.09 69.98 44.63
N PRO BC 18 -112.71 69.87 43.36
CA PRO BC 18 -111.54 69.04 43.01
C PRO BC 18 -110.24 69.62 43.54
N LEU BC 19 -109.11 69.16 43.00
CA LEU BC 19 -107.81 69.68 43.42
C LEU BC 19 -107.67 71.14 43.05
N GLN BC 20 -107.73 71.44 41.75
CA GLN BC 20 -107.69 72.80 41.21
C GLN BC 20 -106.34 73.49 41.41
N ASN BC 21 -105.33 72.77 41.90
CA ASN BC 21 -104.01 73.36 42.11
C ASN BC 21 -103.03 72.26 42.46
N GLY BC 22 -101.74 72.56 42.30
CA GLY BC 22 -100.69 71.62 42.65
C GLY BC 22 -100.44 71.49 44.14
N PHE BC 23 -100.87 72.48 44.92
CA PHE BC 23 -100.72 72.39 46.37
C PHE BC 23 -101.53 71.23 46.93
N GLU BC 24 -102.69 70.95 46.34
CA GLU BC 24 -103.47 69.78 46.74
C GLU BC 24 -102.70 68.50 46.43
N GLU BC 25 -102.00 68.47 45.29
CA GLU BC 25 -101.19 67.30 44.95
C GLU BC 25 -100.05 67.13 45.95
N LEU BC 26 -99.42 68.24 46.35
CA LEU BC 26 -98.36 68.16 47.36
C LEU BC 26 -98.90 67.67 48.69
N ILE BC 27 -100.09 68.14 49.07
CA ILE BC 27 -100.71 67.68 50.32
C ILE BC 27 -101.00 66.20 50.25
N GLN BC 28 -101.50 65.72 49.10
CA GLN BC 28 -101.75 64.29 48.94
C GLN BC 28 -100.46 63.49 49.03
N TRP BC 29 -99.39 63.98 48.40
CA TRP BC 29 -98.10 63.31 48.49
C TRP BC 29 -97.64 63.21 49.95
N THR BC 30 -97.75 64.32 50.69
CA THR BC 30 -97.36 64.31 52.10
C THR BC 30 -98.21 63.33 52.90
N LYS BC 31 -99.51 63.26 52.60
CA LYS BC 31 -100.39 62.34 53.31
C LYS BC 31 -100.03 60.90 53.02
N GLU BC 32 -99.66 60.59 51.78
CA GLU BC 32 -99.31 59.23 51.39
C GLU BC 32 -97.89 58.84 51.81
N GLY BC 33 -97.23 59.65 52.63
CA GLY BC 33 -95.89 59.32 53.08
C GLY BC 33 -94.86 59.29 51.97
N LYS BC 34 -95.06 60.09 50.92
CA LYS BC 34 -94.10 60.12 49.81
C LYS BC 34 -92.90 61.00 50.16
N LEU BC 35 -93.14 62.29 50.32
CA LEU BC 35 -92.06 63.22 50.66
C LEU BC 35 -91.67 63.08 52.12
N TRP BC 36 -90.58 63.76 52.48
CA TRP BC 36 -90.07 63.72 53.85
C TRP BC 36 -91.04 64.51 54.75
N GLU BC 37 -90.61 64.74 55.98
CA GLU BC 37 -91.38 65.53 56.93
C GLU BC 37 -90.95 66.99 56.87
N PHE BC 38 -91.83 67.87 57.36
CA PHE BC 38 -91.60 69.31 57.36
C PHE BC 38 -91.41 69.78 58.80
N PRO BC 39 -90.17 69.86 59.31
CA PRO BC 39 -88.89 69.53 58.67
C PRO BC 39 -88.46 68.09 58.93
N ILE BC 40 -87.26 67.73 58.46
CA ILE BC 40 -86.70 66.41 58.71
C ILE BC 40 -86.37 66.28 60.19
N ASN BC 41 -87.37 65.90 60.99
CA ASN BC 41 -87.20 65.80 62.43
C ASN BC 41 -86.16 64.73 62.81
N ASN BC 42 -85.86 63.79 61.92
CA ASN BC 42 -84.93 62.71 62.21
C ASN BC 42 -85.36 61.93 63.46
N GLU BC 43 -86.67 61.86 63.70
CA GLU BC 43 -87.18 61.16 64.88
C GLU BC 43 -88.43 60.34 64.57
N ALA BC 44 -88.73 60.08 63.29
CA ALA BC 44 -89.89 59.29 62.92
C ALA BC 44 -89.82 57.91 63.57
N GLY BC 45 -90.53 57.72 64.67
CA GLY BC 45 -90.50 56.47 65.39
C GLY BC 45 -89.33 56.38 66.34
N PHE BC 46 -88.74 55.19 66.47
CA PHE BC 46 -87.58 54.93 67.32
C PHE BC 46 -87.91 55.01 68.80
N ASP BC 47 -89.17 55.23 69.17
CA ASP BC 47 -89.53 55.33 70.57
C ASP BC 47 -89.45 53.98 71.29
N ASP BC 48 -89.44 52.88 70.55
CA ASP BC 48 -89.37 51.54 71.12
C ASP BC 48 -90.55 51.22 72.03
N ASP BC 49 -91.67 51.91 71.84
CA ASP BC 49 -92.88 51.69 72.63
C ASP BC 49 -92.61 51.89 74.13
N GLY BC 50 -91.65 52.75 74.45
CA GLY BC 50 -91.33 53.02 75.84
C GLY BC 50 -90.62 51.87 76.53
N SER BC 51 -89.29 51.94 76.58
CA SER BC 51 -88.52 50.89 77.24
C SER BC 51 -88.55 51.03 78.76
N GLU BC 52 -88.77 52.23 79.26
CA GLU BC 52 -88.84 52.49 80.71
C GLU BC 52 -87.56 52.10 81.42
N PHE BC 53 -86.44 51.98 80.69
CA PHE BC 53 -85.13 51.67 81.25
C PHE BC 53 -85.19 50.65 82.37
N HIS BC 54 -86.11 49.69 82.29
CA HIS BC 54 -86.24 48.65 83.29
C HIS BC 54 -85.42 47.40 82.95
N GLU BC 55 -84.56 47.48 81.95
CA GLU BC 55 -83.75 46.32 81.57
C GLU BC 55 -82.39 46.70 81.00
N HIS BC 56 -81.99 47.98 81.07
CA HIS BC 56 -80.72 48.43 80.50
C HIS BC 56 -79.62 48.48 81.54
N ILE BC 57 -79.81 49.25 82.61
CA ILE BC 57 -78.78 49.50 83.60
C ILE BC 57 -79.13 48.90 84.95
N PHE BC 58 -80.40 48.88 85.31
CA PHE BC 58 -80.82 48.38 86.63
C PHE BC 58 -80.79 46.86 86.64
N LEU BC 59 -80.03 46.29 87.56
CA LEU BC 59 -79.91 44.84 87.71
C LEU BC 59 -80.65 44.33 88.93
N GLU BC 60 -81.62 45.10 89.44
CA GLU BC 60 -82.35 44.72 90.64
C GLU BC 60 -83.08 43.38 90.44
N LYS BC 61 -84.11 43.38 89.59
CA LYS BC 61 -84.87 42.16 89.37
C LYS BC 61 -84.01 41.06 88.75
N HIS BC 62 -83.13 41.44 87.84
CA HIS BC 62 -82.22 40.48 87.21
C HIS BC 62 -81.07 40.20 88.18
N LEU BC 63 -81.27 39.23 89.06
CA LEU BC 63 -80.30 38.92 90.10
C LEU BC 63 -79.90 37.45 90.07
N GLU BC 64 -80.84 36.57 90.44
CA GLU BC 64 -80.55 35.14 90.53
C GLU BC 64 -79.45 34.89 91.56
N SER BC 65 -79.82 34.35 92.72
CA SER BC 65 -78.86 34.16 93.80
C SER BC 65 -77.72 33.25 93.39
N PHE BC 66 -76.52 33.55 93.88
CA PHE BC 66 -75.33 32.78 93.61
C PHE BC 66 -74.19 33.29 94.49
N PRO BC 67 -73.29 32.42 94.96
CA PRO BC 67 -72.17 32.90 95.78
C PRO BC 67 -71.47 34.11 95.19
N LYS BC 68 -71.49 35.24 95.91
CA LYS BC 68 -70.89 36.46 95.41
C LYS BC 68 -69.38 36.31 95.23
N GLN BC 69 -68.72 35.66 96.18
CA GLN BC 69 -67.27 35.47 96.10
C GLN BC 69 -66.85 34.55 94.96
N GLY BC 70 -67.80 33.86 94.34
CA GLY BC 70 -67.49 32.98 93.24
C GLY BC 70 -67.11 33.75 91.98
N PRO BC 71 -66.54 33.05 91.00
CA PRO BC 71 -66.13 33.73 89.76
C PRO BC 71 -67.26 33.85 88.74
N ILE BC 72 -68.21 32.92 88.81
CA ILE BC 72 -69.31 32.92 87.85
C ILE BC 72 -70.17 34.18 88.03
N ARG BC 73 -70.49 34.54 89.26
CA ARG BC 73 -71.29 35.73 89.50
C ARG BC 73 -70.55 36.98 89.06
N HIS BC 74 -69.24 37.04 89.30
CA HIS BC 74 -68.45 38.19 88.87
C HIS BC 74 -68.44 38.30 87.34
N PHE BC 75 -68.27 37.17 86.65
CA PHE BC 75 -68.30 37.19 85.20
C PHE BC 75 -69.66 37.64 84.67
N MET BC 76 -70.74 37.15 85.29
CA MET BC 76 -72.07 37.57 84.87
C MET BC 76 -72.28 39.05 85.09
N GLU BC 77 -71.82 39.57 86.24
CA GLU BC 77 -71.93 41.00 86.50
C GLU BC 77 -71.15 41.82 85.49
N LEU BC 78 -69.94 41.38 85.15
CA LEU BC 78 -69.14 42.09 84.16
C LEU BC 78 -69.81 42.07 82.80
N VAL BC 79 -70.39 40.93 82.42
CA VAL BC 79 -71.07 40.83 81.13
C VAL BC 79 -72.28 41.75 81.09
N THR BC 80 -73.04 41.79 82.19
CA THR BC 80 -74.22 42.67 82.25
C THR BC 80 -73.80 44.13 82.18
N CYS BC 81 -72.70 44.49 82.85
CA CYS BC 81 -72.20 45.85 82.79
C CYS BC 81 -71.79 46.22 81.37
N GLY BC 82 -71.05 45.32 80.71
CA GLY BC 82 -70.66 45.56 79.33
C GLY BC 82 -71.86 45.73 78.41
N LEU BC 83 -72.90 44.92 78.63
CA LEU BC 83 -74.12 45.04 77.84
C LEU BC 83 -74.79 46.38 78.08
N SER BC 84 -74.90 46.79 79.34
CA SER BC 84 -75.50 48.08 79.67
C SER BC 84 -74.69 49.23 79.08
N LYS BC 85 -73.39 49.04 78.92
CA LYS BC 85 -72.53 50.06 78.33
C LYS BC 85 -72.66 50.15 76.81
N ASN BC 86 -73.59 49.40 76.20
CA ASN BC 86 -73.78 49.40 74.76
C ASN BC 86 -75.10 50.09 74.43
N PRO BC 87 -75.10 51.39 74.14
CA PRO BC 87 -76.34 52.07 73.77
C PRO BC 87 -76.82 51.77 72.35
N TYR BC 88 -76.08 50.96 71.59
CA TYR BC 88 -76.46 50.63 70.22
C TYR BC 88 -77.43 49.46 70.15
N LEU BC 89 -77.19 48.41 70.93
CA LEU BC 89 -78.06 47.24 70.90
C LEU BC 89 -79.47 47.62 71.36
N SER BC 90 -80.45 46.85 70.91
CA SER BC 90 -81.84 47.09 71.25
C SER BC 90 -82.14 46.55 72.64
N VAL BC 91 -83.41 46.65 73.04
CA VAL BC 91 -83.82 46.16 74.36
C VAL BC 91 -84.06 44.65 74.31
N LYS BC 92 -84.85 44.19 73.32
CA LYS BC 92 -85.10 42.77 73.19
C LYS BC 92 -83.80 42.00 72.96
N GLN BC 93 -82.86 42.58 72.22
CA GLN BC 93 -81.58 41.93 71.98
C GLN BC 93 -80.82 41.71 73.28
N LYS BC 94 -80.75 42.76 74.12
CA LYS BC 94 -80.05 42.63 75.40
C LYS BC 94 -80.77 41.64 76.31
N VAL BC 95 -82.12 41.65 76.30
CA VAL BC 95 -82.87 40.72 77.13
C VAL BC 95 -82.56 39.28 76.71
N GLU BC 96 -82.59 39.01 75.41
CA GLU BC 96 -82.30 37.67 74.92
C GLU BC 96 -80.87 37.28 75.25
N HIS BC 97 -79.92 38.21 75.10
CA HIS BC 97 -78.53 37.92 75.45
C HIS BC 97 -78.42 37.50 76.91
N ILE BC 98 -79.00 38.29 77.81
CA ILE BC 98 -78.91 38.01 79.24
C ILE BC 98 -79.57 36.67 79.55
N GLU BC 99 -80.76 36.42 78.99
CA GLU BC 99 -81.46 35.18 79.26
C GLU BC 99 -80.67 33.98 78.79
N TRP BC 100 -80.14 34.03 77.57
CA TRP BC 100 -79.37 32.91 77.03
C TRP BC 100 -78.11 32.69 77.84
N PHE BC 101 -77.41 33.75 78.21
CA PHE BC 101 -76.19 33.59 79.00
C PHE BC 101 -76.48 32.98 80.37
N ARG BC 102 -77.55 33.45 81.03
CA ARG BC 102 -77.90 32.90 82.33
C ARG BC 102 -78.28 31.43 82.21
N ASN BC 103 -79.08 31.08 81.20
CA ASN BC 103 -79.48 29.68 81.02
C ASN BC 103 -78.28 28.80 80.74
N TYR BC 104 -77.34 29.29 79.92
CA TYR BC 104 -76.16 28.50 79.59
C TYR BC 104 -75.26 28.33 80.81
N PHE BC 105 -75.15 29.36 81.65
CA PHE BC 105 -74.32 29.26 82.83
C PHE BC 105 -74.97 28.39 83.90
N ASN BC 106 -76.30 28.34 83.94
CA ASN BC 106 -76.99 27.48 84.90
C ASN BC 106 -76.96 26.02 84.47
N GLU BC 107 -77.23 25.74 83.19
CA GLU BC 107 -77.22 24.37 82.71
C GLU BC 107 -75.79 23.84 82.62
N LYS BC 108 -74.98 24.45 81.76
CA LYS BC 108 -73.59 24.01 81.59
C LYS BC 108 -72.70 24.66 82.64
N SER CC 1 -53.77 56.28 97.52
CA SER CC 1 -54.47 55.03 97.73
C SER CC 1 -55.47 54.77 96.60
N GLU CC 2 -56.25 53.70 96.75
CA GLU CC 2 -57.26 53.32 95.75
C GLU CC 2 -58.60 53.99 96.01
N TYR CC 3 -58.60 55.28 96.37
CA TYR CC 3 -59.86 55.97 96.64
C TYR CC 3 -60.72 56.09 95.40
N ALA CC 4 -60.11 56.25 94.23
CA ALA CC 4 -60.89 56.28 92.99
C ALA CC 4 -61.64 54.97 92.77
N PHE CC 5 -60.93 53.85 92.94
CA PHE CC 5 -61.59 52.55 92.79
C PHE CC 5 -62.64 52.34 93.87
N ARG CC 6 -62.39 52.83 95.08
CA ARG CC 6 -63.39 52.70 96.14
C ARG CC 6 -64.66 53.47 95.79
N MET CC 7 -64.50 54.70 95.29
CA MET CC 7 -65.66 55.49 94.90
C MET CC 7 -66.39 54.85 93.72
N SER CC 8 -65.65 54.27 92.77
CA SER CC 8 -66.29 53.56 91.67
C SER CC 8 -67.08 52.36 92.18
N ARG CC 9 -66.51 51.61 93.12
CA ARG CC 9 -67.22 50.46 93.69
C ARG CC 9 -68.47 50.92 94.43
N LEU CC 10 -68.40 52.05 95.14
CA LEU CC 10 -69.57 52.57 95.82
C LEU CC 10 -70.65 52.96 94.82
N SER CC 11 -70.25 53.67 93.76
CA SER CC 11 -71.22 54.06 92.73
C SER CC 11 -71.87 52.85 92.10
N ALA CC 12 -71.10 51.77 91.90
CA ALA CC 12 -71.67 50.55 91.34
C ALA CC 12 -72.63 49.89 92.32
N ARG CC 13 -72.25 49.84 93.61
CA ARG CC 13 -73.10 49.22 94.62
C ARG CC 13 -74.35 50.03 94.92
N LEU CC 14 -74.37 51.30 94.51
CA LEU CC 14 -75.57 52.12 94.72
C LEU CC 14 -76.82 51.47 94.15
N PHE CC 15 -76.67 50.56 93.18
CA PHE CC 15 -77.81 49.88 92.58
C PHE CC 15 -77.66 48.37 92.54
N GLY CC 16 -76.48 47.82 92.84
CA GLY CC 16 -76.28 46.39 92.86
C GLY CC 16 -75.73 45.84 91.56
N GLU CC 17 -74.41 45.71 91.48
CA GLU CC 17 -73.78 45.17 90.27
C GLU CC 17 -72.34 44.79 90.63
N VAL CC 18 -71.46 44.81 89.64
CA VAL CC 18 -70.06 44.47 89.88
C VAL CC 18 -69.47 45.41 90.92
N THR CC 19 -68.48 44.92 91.66
CA THR CC 19 -67.83 45.71 92.71
C THR CC 19 -66.33 45.43 92.74
N ARG CC 20 -65.96 44.16 92.84
CA ARG CC 20 -64.56 43.78 92.92
C ARG CC 20 -63.89 43.89 91.55
N PRO CC 21 -62.57 44.03 91.51
CA PRO CC 21 -61.86 44.12 90.24
C PRO CC 21 -61.75 42.75 89.58
N THR CC 22 -61.08 42.72 88.43
CA THR CC 22 -60.86 41.50 87.67
C THR CC 22 -59.47 41.56 87.05
N ASN CC 23 -59.16 40.59 86.20
CA ASN CC 23 -57.86 40.55 85.54
C ASN CC 23 -57.80 41.61 84.44
N SER CC 24 -56.58 41.81 83.92
CA SER CC 24 -56.38 42.80 82.87
C SER CC 24 -56.89 42.30 81.52
N LYS CC 25 -56.60 41.05 81.17
CA LYS CC 25 -57.04 40.50 79.91
C LYS CC 25 -58.54 40.21 79.87
N SER CC 26 -59.22 40.29 81.01
CA SER CC 26 -60.66 40.04 81.05
C SER CC 26 -61.48 41.21 80.52
N MET CC 27 -60.85 42.34 80.20
CA MET CC 27 -61.58 43.49 79.68
C MET CC 27 -62.07 43.28 78.25
N LYS CC 28 -61.63 42.21 77.58
CA LYS CC 28 -62.08 41.96 76.22
C LYS CC 28 -63.58 41.67 76.19
N VAL CC 29 -64.09 40.99 77.22
CA VAL CC 29 -65.52 40.70 77.28
C VAL CC 29 -66.31 42.01 77.32
N VAL CC 30 -65.89 42.95 78.16
CA VAL CC 30 -66.58 44.23 78.26
C VAL CC 30 -66.43 45.01 76.95
N LYS CC 31 -65.24 44.98 76.36
CA LYS CC 31 -65.02 45.69 75.10
C LYS CC 31 -65.94 45.16 74.00
N LEU CC 32 -66.16 43.84 73.99
CA LEU CC 32 -67.01 43.25 72.96
C LEU CC 32 -68.49 43.48 73.24
N PHE CC 33 -68.90 43.43 74.52
CA PHE CC 33 -70.30 43.62 74.86
C PHE CC 33 -70.71 45.08 74.85
N SER CC 34 -69.76 46.01 74.88
CA SER CC 34 -70.07 47.43 74.86
C SER CC 34 -70.18 48.01 73.45
N GLU CC 35 -69.88 47.21 72.42
CA GLU CC 35 -69.95 47.67 71.04
C GLU CC 35 -70.55 46.56 70.19
N LEU CC 36 -70.96 46.94 68.98
CA LEU CC 36 -71.56 46.00 68.05
C LEU CC 36 -70.48 45.27 67.26
N PRO CC 37 -70.79 44.08 66.73
CA PRO CC 37 -69.80 43.36 65.93
C PRO CC 37 -69.58 44.00 64.56
N LEU CC 38 -68.65 43.44 63.78
CA LEU CC 38 -68.36 43.97 62.46
C LEU CC 38 -69.27 43.41 61.38
N ALA CC 39 -69.75 42.18 61.55
CA ALA CC 39 -70.64 41.59 60.55
C ALA CC 39 -71.96 42.34 60.46
N LYS CC 40 -72.40 42.95 61.55
CA LYS CC 40 -73.65 43.70 61.56
C LYS CC 40 -73.50 45.13 61.04
N LYS CC 41 -72.30 45.53 60.65
CA LYS CC 41 -72.08 46.88 60.15
C LYS CC 41 -72.55 46.99 58.71
N LYS CC 42 -73.04 48.19 58.35
CA LYS CC 42 -73.54 48.42 57.00
C LYS CC 42 -72.43 48.32 55.95
N GLU CC 43 -71.17 48.40 56.37
CA GLU CC 43 -70.04 48.31 55.46
C GLU CC 43 -69.59 46.87 55.22
N THR CC 44 -70.51 45.91 55.25
CA THR CC 44 -70.16 44.50 55.06
C THR CC 44 -71.28 43.76 54.36
N TYR CC 45 -72.41 43.58 55.04
CA TYR CC 45 -73.52 42.83 54.46
C TYR CC 45 -74.21 43.63 53.36
N ASP CC 46 -74.32 44.95 53.54
CA ASP CC 46 -74.96 45.82 52.55
C ASP CC 46 -73.94 46.19 51.48
N TRP CC 47 -73.54 45.16 50.72
CA TRP CC 47 -72.53 45.31 49.68
C TRP CC 47 -73.12 45.24 48.27
N TYR CC 48 -73.73 44.10 47.91
CA TYR CC 48 -74.27 43.91 46.58
C TYR CC 48 -75.77 44.15 46.59
N PRO CC 49 -76.30 45.12 45.84
CA PRO CC 49 -77.75 45.29 45.78
C PRO CC 49 -78.41 44.12 45.08
N ASN CC 50 -79.70 43.94 45.37
CA ASN CC 50 -80.46 42.82 44.82
C ASN CC 50 -80.44 42.83 43.30
N HIS CC 51 -81.14 43.79 42.70
CA HIS CC 51 -81.25 43.92 41.24
C HIS CC 51 -81.83 42.66 40.59
N HIS CC 52 -82.59 41.88 41.36
CA HIS CC 52 -83.25 40.68 40.83
C HIS CC 52 -84.64 41.05 40.31
N THR CC 53 -85.55 41.38 41.22
CA THR CC 53 -86.88 41.84 40.80
C THR CC 53 -86.78 43.12 39.99
N TYR CC 54 -85.80 43.98 40.29
CA TYR CC 54 -85.60 45.19 39.51
C TYR CC 54 -85.20 44.84 38.08
N ALA CC 55 -84.30 43.88 37.91
CA ALA CC 55 -83.91 43.45 36.57
C ALA CC 55 -85.09 42.82 35.83
N GLU CC 56 -85.91 42.04 36.55
CA GLU CC 56 -87.08 41.45 35.92
C GLU CC 56 -88.05 42.54 35.46
N LEU CC 57 -88.25 43.56 36.29
CA LEU CC 57 -89.12 44.67 35.90
C LEU CC 57 -88.56 45.42 34.70
N MET CC 58 -87.24 45.60 34.65
CA MET CC 58 -86.62 46.26 33.51
C MET CC 58 -86.79 45.43 32.24
N GLN CC 59 -86.68 44.10 32.35
CA GLN CC 59 -86.88 43.25 31.19
C GLN CC 59 -88.33 43.30 30.72
N THR CC 60 -89.28 43.33 31.66
CA THR CC 60 -90.69 43.47 31.29
C THR CC 60 -90.93 44.80 30.60
N LEU CC 61 -90.30 45.87 31.09
CA LEU CC 61 -90.41 47.16 30.44
C LEU CC 61 -89.85 47.11 29.02
N ARG CC 62 -88.68 46.49 28.85
CA ARG CC 62 -88.12 46.31 27.52
C ARG CC 62 -89.10 45.59 26.61
N PHE CC 63 -89.69 44.50 27.09
CA PHE CC 63 -90.70 43.78 26.32
C PHE CC 63 -91.99 44.57 26.16
N LEU CC 64 -92.16 45.67 26.88
CA LEU CC 64 -93.36 46.49 26.74
C LEU CC 64 -93.23 47.49 25.59
N GLY CC 65 -92.01 47.93 25.29
CA GLY CC 65 -91.79 48.83 24.18
C GLY CC 65 -91.60 50.28 24.58
N LEU CC 66 -92.42 50.75 25.53
CA LEU CC 66 -92.32 52.14 25.97
C LEU CC 66 -90.92 52.47 26.47
N TYR CC 67 -90.23 51.49 27.06
CA TYR CC 67 -88.86 51.64 27.49
C TYR CC 67 -88.01 50.59 26.79
N ARG CC 68 -86.81 50.97 26.38
CA ARG CC 68 -85.92 50.09 25.63
C ARG CC 68 -84.55 50.03 26.31
N ASP CC 69 -83.82 48.96 26.01
CA ASP CC 69 -82.48 48.73 26.53
C ASP CC 69 -81.52 48.75 25.34
N GLU CC 70 -80.72 49.82 25.24
CA GLU CC 70 -79.79 49.95 24.12
C GLU CC 70 -78.80 48.79 24.09
N HIS CC 71 -78.26 48.43 25.25
CA HIS CC 71 -77.34 47.30 25.31
C HIS CC 71 -78.02 46.02 24.86
N GLN CC 72 -79.26 45.81 25.30
CA GLN CC 72 -79.99 44.62 24.88
C GLN CC 72 -80.35 44.69 23.40
N ASP CC 73 -80.55 45.89 22.86
CA ASP CC 73 -80.76 46.03 21.42
C ASP CC 73 -79.53 45.58 20.65
N PHE CC 74 -78.34 46.02 21.11
CA PHE CC 74 -77.10 45.57 20.47
C PHE CC 74 -76.92 44.06 20.63
N MET CC 75 -77.30 43.53 21.79
CA MET CC 75 -77.20 42.08 22.01
C MET CC 75 -78.11 41.32 21.05
N ASP CC 76 -79.32 41.83 20.84
CA ASP CC 76 -80.24 41.18 19.90
C ASP CC 76 -79.71 41.29 18.47
N GLU CC 77 -79.10 42.41 18.11
CA GLU CC 77 -78.48 42.55 16.80
C GLU CC 77 -77.37 41.52 16.62
N GLN CC 78 -76.52 41.36 17.63
CA GLN CC 78 -75.45 40.37 17.56
C GLN CC 78 -76.01 38.96 17.49
N LYS CC 79 -77.10 38.69 18.22
CA LYS CC 79 -77.73 37.37 18.17
C LYS CC 79 -78.29 37.09 16.78
N ARG CC 80 -78.89 38.09 16.14
CA ARG CC 80 -79.37 37.92 14.78
C ARG CC 80 -78.22 37.68 13.82
N LEU CC 81 -77.13 38.43 13.98
CA LEU CC 81 -75.96 38.21 13.14
C LEU CC 81 -75.43 36.79 13.28
N LYS CC 82 -75.37 36.29 14.51
CA LYS CC 82 -74.88 34.93 14.74
C LYS CC 82 -75.83 33.90 14.15
N LYS CC 83 -77.14 34.09 14.34
CA LYS CC 83 -78.11 33.16 13.77
C LYS CC 83 -78.05 33.16 12.25
N LEU CC 84 -77.66 34.28 11.65
CA LEU CC 84 -77.49 34.34 10.19
C LEU CC 84 -76.14 33.78 9.74
N ARG CC 85 -75.14 33.76 10.63
CA ARG CC 85 -73.81 33.28 10.29
C ARG CC 85 -73.37 32.09 11.12
N GLY CC 86 -74.19 31.64 12.08
CA GLY CC 86 -73.78 30.55 12.96
C GLY CC 86 -73.73 29.21 12.27
N LYS CC 87 -74.76 28.37 12.36
CA LYS CC 87 -76.01 28.63 13.08
C LYS CC 87 -76.68 29.93 12.64
N VAL DC 1 -19.11 24.59 -64.50
CA VAL DC 1 -20.51 24.25 -64.73
C VAL DC 1 -20.68 22.73 -64.82
N ARG DC 2 -21.85 22.24 -64.44
CA ARG DC 2 -22.17 20.82 -64.45
C ARG DC 2 -23.17 20.54 -65.55
N PRO DC 3 -22.73 20.24 -66.78
CA PRO DC 3 -23.69 19.94 -67.86
C PRO DC 3 -24.24 18.54 -67.74
N ARG DC 4 -25.42 18.35 -68.34
CA ARG DC 4 -26.10 17.06 -68.35
C ARG DC 4 -25.53 16.22 -69.49
N LEU DC 5 -24.46 15.49 -69.20
CA LEU DC 5 -23.80 14.67 -70.20
C LEU DC 5 -24.42 13.28 -70.30
N ILE DC 6 -24.89 12.71 -69.19
CA ILE DC 6 -25.46 11.37 -69.23
C ILE DC 6 -26.74 11.35 -70.05
N ALA DC 7 -27.56 12.40 -69.93
CA ALA DC 7 -28.78 12.48 -70.73
C ALA DC 7 -28.47 12.54 -72.21
N GLU DC 8 -27.49 13.36 -72.60
CA GLU DC 8 -27.10 13.45 -74.00
C GLU DC 8 -26.54 12.13 -74.51
N LEU DC 9 -25.74 11.46 -73.69
CA LEU DC 9 -25.18 10.17 -74.08
C LEU DC 9 -26.29 9.15 -74.31
N ALA DC 10 -27.26 9.09 -73.39
CA ALA DC 10 -28.38 8.15 -73.54
C ALA DC 10 -29.19 8.48 -74.79
N ARG DC 11 -29.45 9.77 -75.03
CA ARG DC 11 -30.19 10.18 -76.21
C ARG DC 11 -29.47 9.75 -77.47
N ARG DC 12 -28.16 10.00 -77.54
CA ARG DC 12 -27.39 9.62 -78.72
C ARG DC 12 -27.40 8.11 -78.92
N VAL DC 13 -27.22 7.35 -77.84
CA VAL DC 13 -27.21 5.89 -77.95
C VAL DC 13 -28.55 5.39 -78.47
N ARG DC 14 -29.65 5.88 -77.88
CA ARG DC 14 -30.98 5.44 -78.30
C ARG DC 14 -31.25 5.81 -79.75
N ALA DC 15 -30.86 7.02 -80.16
CA ALA DC 15 -31.06 7.44 -81.54
C ALA DC 15 -30.27 6.56 -82.50
N LEU DC 16 -28.98 6.35 -82.21
CA LEU DC 16 -28.17 5.50 -83.07
C LEU DC 16 -28.75 4.10 -83.18
N ARG DC 17 -29.19 3.53 -82.05
CA ARG DC 17 -29.78 2.19 -82.08
C ARG DC 17 -31.03 2.18 -82.95
N GLU DC 18 -32.01 3.03 -82.62
CA GLU DC 18 -33.27 3.03 -83.35
C GLU DC 18 -33.10 3.38 -84.83
N GLN DC 19 -31.99 4.03 -85.20
CA GLN DC 19 -31.77 4.39 -86.60
C GLN DC 19 -30.98 3.35 -87.35
N LEU DC 20 -30.12 2.57 -86.69
CA LEU DC 20 -29.31 1.56 -87.35
C LEU DC 20 -29.96 0.18 -87.27
N ASN DC 21 -30.21 -0.32 -86.06
CA ASN DC 21 -30.82 -1.63 -85.89
C ASN DC 21 -32.35 -1.57 -85.93
N ARG DC 22 -32.92 -0.68 -86.74
CA ARG DC 22 -34.36 -0.57 -86.81
C ARG DC 22 -34.97 -1.89 -87.26
N PRO DC 23 -36.06 -2.35 -86.64
CA PRO DC 23 -36.67 -3.62 -87.06
C PRO DC 23 -37.30 -3.49 -88.44
N ARG DC 24 -36.93 -4.40 -89.33
CA ARG DC 24 -37.46 -4.38 -90.68
C ARG DC 24 -38.98 -4.59 -90.66
N ASP DC 25 -39.62 -4.18 -91.77
CA ASP DC 25 -41.07 -4.32 -91.87
C ASP DC 25 -41.50 -5.77 -91.72
N SER DC 26 -40.66 -6.72 -92.11
CA SER DC 26 -41.00 -8.13 -92.00
C SER DC 26 -41.22 -8.56 -90.56
N GLN DC 27 -40.69 -7.81 -89.59
CA GLN DC 27 -40.83 -8.16 -88.18
C GLN DC 27 -41.98 -7.45 -87.50
N LEU DC 28 -42.13 -6.14 -87.75
CA LEU DC 28 -43.18 -5.34 -87.10
C LEU DC 28 -44.41 -5.18 -87.97
N TYR DC 29 -44.25 -5.05 -89.28
CA TYR DC 29 -45.38 -4.86 -90.19
C TYR DC 29 -45.95 -6.18 -90.69
N ALA DC 30 -45.52 -7.31 -90.14
CA ALA DC 30 -46.08 -8.59 -90.54
C ALA DC 30 -47.54 -8.69 -90.09
N VAL DC 31 -48.28 -9.57 -90.75
CA VAL DC 31 -49.70 -9.78 -90.47
C VAL DC 31 -49.94 -11.27 -90.31
N ASP DC 32 -50.63 -11.65 -89.23
CA ASP DC 32 -50.97 -13.04 -88.97
C ASP DC 32 -52.28 -13.37 -89.68
N TYR DC 33 -52.23 -14.34 -90.58
CA TYR DC 33 -53.42 -14.72 -91.35
C TYR DC 33 -54.44 -15.51 -90.53
N GLU DC 34 -54.12 -15.85 -89.27
CA GLU DC 34 -55.03 -16.57 -88.42
C GLU DC 34 -55.87 -15.67 -87.51
N THR DC 35 -55.35 -14.49 -87.16
CA THR DC 35 -56.09 -13.57 -86.31
C THR DC 35 -55.90 -12.10 -86.71
N LEU DC 36 -55.15 -11.81 -87.77
CA LEU DC 36 -54.93 -10.44 -88.23
C LEU DC 36 -54.31 -9.59 -87.12
N THR DC 37 -53.12 -10.00 -86.70
CA THR DC 37 -52.36 -9.30 -85.68
C THR DC 37 -50.97 -8.96 -86.21
N ARG DC 38 -50.37 -7.92 -85.63
CA ARG DC 38 -49.06 -7.45 -86.04
C ARG DC 38 -48.04 -7.76 -84.95
N PRO DC 39 -47.02 -8.58 -85.21
CA PRO DC 39 -45.99 -8.82 -84.18
C PRO DC 39 -45.33 -7.52 -83.76
N PHE DC 40 -44.56 -7.61 -82.67
CA PHE DC 40 -43.86 -6.49 -82.06
C PHE DC 40 -44.81 -5.55 -81.32
N SER DC 41 -46.12 -5.84 -81.30
CA SER DC 41 -47.08 -4.99 -80.62
C SER DC 41 -48.19 -5.84 -80.01
N GLY DC 42 -48.72 -6.77 -80.78
CA GLY DC 42 -49.78 -7.65 -80.30
C GLY DC 42 -51.15 -7.01 -80.26
N ARG DC 43 -51.50 -6.26 -81.30
CA ARG DC 43 -52.79 -5.60 -81.39
C ARG DC 43 -53.52 -6.05 -82.66
N ARG DC 44 -54.83 -5.82 -82.68
CA ARG DC 44 -55.66 -6.24 -83.80
C ARG DC 44 -55.63 -5.16 -84.89
N LEU DC 45 -56.50 -5.30 -85.88
CA LEU DC 45 -56.58 -4.38 -87.00
C LEU DC 45 -58.03 -4.00 -87.23
N PRO DC 46 -58.28 -2.90 -87.95
CA PRO DC 46 -59.67 -2.49 -88.21
C PRO DC 46 -60.47 -3.60 -88.88
N VAL DC 47 -61.79 -3.45 -88.85
CA VAL DC 47 -62.68 -4.46 -89.41
C VAL DC 47 -62.74 -4.37 -90.92
N ARG DC 48 -62.52 -3.18 -91.49
CA ARG DC 48 -62.58 -2.99 -92.93
C ARG DC 48 -61.33 -3.50 -93.65
N ALA DC 49 -60.42 -4.15 -92.94
CA ALA DC 49 -59.20 -4.71 -93.52
C ALA DC 49 -59.15 -6.22 -93.32
N TRP DC 50 -60.31 -6.87 -93.37
CA TRP DC 50 -60.39 -8.33 -93.15
C TRP DC 50 -60.30 -9.07 -94.49
N ALA DC 51 -61.29 -8.88 -95.35
CA ALA DC 51 -61.31 -9.58 -96.63
C ALA DC 51 -60.10 -9.19 -97.49
N ASP DC 52 -59.55 -8.00 -97.27
CA ASP DC 52 -58.39 -7.56 -98.06
C ASP DC 52 -57.22 -8.52 -97.89
N VAL DC 53 -56.99 -9.00 -96.66
CA VAL DC 53 -55.89 -9.92 -96.40
C VAL DC 53 -56.26 -11.36 -96.76
N ARG DC 54 -57.55 -11.65 -96.92
CA ARG DC 54 -58.00 -13.01 -97.22
C ARG DC 54 -58.02 -13.27 -98.72
N ARG DC 55 -58.83 -12.52 -99.46
CA ARG DC 55 -58.99 -12.72 -100.89
C ARG DC 55 -58.07 -11.84 -101.72
N GLU DC 56 -57.08 -11.22 -101.11
CA GLU DC 56 -56.15 -10.35 -101.84
C GLU DC 56 -54.78 -10.41 -101.17
N SER DC 57 -53.79 -9.86 -101.86
CA SER DC 57 -52.41 -9.85 -101.39
C SER DC 57 -51.85 -8.45 -101.45
N ARG DC 58 -50.64 -8.29 -100.91
CA ARG DC 58 -50.00 -6.97 -100.84
C ARG DC 58 -49.42 -6.58 -102.20
N LEU DC 59 -48.50 -5.62 -102.21
CA LEU DC 59 -47.98 -5.06 -103.45
C LEU DC 59 -46.69 -5.73 -103.90
N LEU DC 60 -45.69 -5.81 -103.02
CA LEU DC 60 -44.39 -6.34 -103.44
C LEU DC 60 -44.47 -7.83 -103.70
N GLN DC 61 -45.28 -8.57 -102.95
CA GLN DC 61 -45.45 -9.99 -103.23
C GLN DC 61 -46.15 -10.22 -104.57
N LEU DC 62 -46.88 -9.23 -105.07
CA LEU DC 62 -47.43 -9.30 -106.43
C LEU DC 62 -46.37 -8.92 -107.46
N LEU DC 63 -45.58 -7.89 -107.17
CA LEU DC 63 -44.49 -7.52 -108.07
C LEU DC 63 -43.53 -8.69 -108.27
N GLY DC 64 -43.31 -9.48 -107.22
CA GLY DC 64 -42.43 -10.63 -107.32
C GLY DC 64 -42.80 -11.56 -108.46
N ARG DC 65 -44.10 -11.63 -108.79
CA ARG DC 65 -44.55 -12.44 -109.91
C ARG DC 65 -44.36 -11.76 -111.26
N LEU DC 66 -43.72 -10.60 -111.29
CA LEU DC 66 -43.46 -9.86 -112.51
C LEU DC 66 -41.98 -9.87 -112.84
N PRO DC 67 -41.61 -9.67 -114.11
CA PRO DC 67 -40.18 -9.72 -114.49
C PRO DC 67 -39.43 -8.52 -113.92
N LEU DC 68 -38.40 -8.80 -113.12
CA LEU DC 68 -37.55 -7.77 -112.55
C LEU DC 68 -38.37 -6.77 -111.72
N PHE DC 69 -39.24 -7.32 -110.88
CA PHE DC 69 -40.11 -6.50 -110.02
C PHE DC 69 -40.95 -5.53 -110.83
N GLY DC 70 -41.23 -5.88 -112.09
CA GLY DC 70 -41.99 -5.00 -112.96
C GLY DC 70 -41.34 -3.64 -113.14
N LEU DC 71 -40.40 -3.55 -114.08
CA LEU DC 71 -39.71 -2.29 -114.31
C LEU DC 71 -40.63 -1.22 -114.85
N GLY DC 72 -41.72 -1.62 -115.50
CA GLY DC 72 -42.67 -0.67 -116.05
C GLY DC 72 -44.08 -1.21 -116.12
N ARG DC 73 -44.46 -2.01 -115.12
CA ARG DC 73 -45.79 -2.59 -115.06
C ARG DC 73 -46.73 -1.69 -114.26
N LEU DC 74 -48.02 -2.06 -114.28
CA LEU DC 74 -49.05 -1.31 -113.59
C LEU DC 74 -49.65 -2.15 -112.48
N VAL DC 75 -50.52 -1.51 -111.68
CA VAL DC 75 -51.19 -2.17 -110.57
C VAL DC 75 -52.27 -1.25 -110.03
N THR DC 76 -53.49 -1.78 -109.90
CA THR DC 76 -54.63 -0.99 -109.46
C THR DC 76 -54.92 -1.27 -107.98
N ARG DC 77 -55.95 -0.62 -107.47
CA ARG DC 77 -56.35 -0.75 -106.08
C ARG DC 77 -57.83 -1.12 -106.01
N LYS DC 78 -58.16 -2.05 -105.11
CA LYS DC 78 -59.54 -2.49 -105.00
C LYS DC 78 -60.43 -1.40 -104.41
N SER DC 79 -59.91 -0.63 -103.45
CA SER DC 79 -60.70 0.44 -102.86
C SER DC 79 -61.12 1.46 -103.91
N TRP DC 80 -60.21 1.81 -104.83
CA TRP DC 80 -60.56 2.76 -105.88
C TRP DC 80 -61.60 2.17 -106.82
N LEU DC 81 -61.42 0.91 -107.24
CA LEU DC 81 -62.41 0.27 -108.10
C LEU DC 81 -63.78 0.22 -107.43
N TRP DC 82 -63.82 0.08 -106.11
CA TRP DC 82 -65.09 0.06 -105.39
C TRP DC 82 -65.70 1.45 -105.28
N GLN DC 83 -64.86 2.46 -105.07
CA GLN DC 83 -65.35 3.83 -104.92
C GLN DC 83 -65.55 4.53 -106.25
N HIS DC 84 -64.58 4.41 -107.16
CA HIS DC 84 -64.64 5.07 -108.45
C HIS DC 84 -64.53 4.02 -109.57
N ASP DC 85 -65.02 4.40 -110.75
CA ASP DC 85 -64.97 3.55 -111.92
C ASP DC 85 -63.93 4.02 -112.93
N GLU DC 86 -63.23 5.11 -112.65
CA GLU DC 86 -62.23 5.64 -113.56
C GLU DC 86 -60.93 4.84 -113.44
N PRO DC 87 -60.08 4.88 -114.47
CA PRO DC 87 -58.82 4.11 -114.41
C PRO DC 87 -57.82 4.70 -113.42
N CYS DC 88 -57.92 4.28 -112.16
CA CYS DC 88 -57.00 4.70 -111.12
C CYS DC 88 -56.06 3.53 -110.81
N TYR DC 89 -54.77 3.72 -111.05
CA TYR DC 89 -53.81 2.65 -110.89
C TYR DC 89 -52.46 3.24 -110.52
N TRP DC 90 -51.51 2.35 -110.20
CA TRP DC 90 -50.15 2.72 -109.86
C TRP DC 90 -49.19 2.15 -110.91
N ARG DC 91 -47.93 2.53 -110.80
CA ARG DC 91 -46.89 1.98 -111.65
C ARG DC 91 -45.61 1.87 -110.83
N LEU DC 92 -44.58 1.28 -111.44
CA LEU DC 92 -43.30 1.02 -110.78
C LEU DC 92 -42.21 1.82 -111.47
N THR DC 93 -41.38 2.48 -110.67
CA THR DC 93 -40.25 3.25 -111.19
C THR DC 93 -39.01 2.98 -110.36
N ARG DC 94 -39.18 2.82 -109.05
CA ARG DC 94 -38.06 2.53 -108.16
C ARG DC 94 -38.60 1.69 -107.01
N VAL DC 95 -38.19 0.42 -106.96
CA VAL DC 95 -38.64 -0.52 -105.93
C VAL DC 95 -37.60 -0.57 -104.83
N ARG DC 96 -38.06 -0.74 -103.58
CA ARG DC 96 -37.20 -0.84 -102.41
C ARG DC 96 -37.56 -2.11 -101.67
N PRO DC 97 -37.12 -3.26 -102.16
CA PRO DC 97 -37.49 -4.53 -101.53
C PRO DC 97 -36.71 -4.81 -100.25
N ASP DC 98 -37.38 -5.49 -99.32
CA ASP DC 98 -36.76 -5.89 -98.06
C ASP DC 98 -36.19 -7.29 -98.21
N TYR DC 99 -34.90 -7.44 -97.90
CA TYR DC 99 -34.20 -8.69 -98.10
C TYR DC 99 -34.28 -9.63 -96.90
N THR DC 100 -34.74 -9.16 -95.75
CA THR DC 100 -34.81 -9.98 -94.54
C THR DC 100 -36.18 -10.63 -94.40
N ALA DC 101 -36.56 -11.40 -95.43
CA ALA DC 101 -37.85 -12.06 -95.43
C ALA DC 101 -38.00 -13.00 -96.62
N GLN DC 102 -38.49 -14.22 -96.36
CA GLN DC 102 -38.87 -15.11 -97.44
C GLN DC 102 -40.10 -14.56 -98.16
N ASN DC 103 -40.24 -14.91 -99.44
CA ASN DC 103 -41.23 -14.31 -100.33
C ASN DC 103 -41.38 -12.83 -99.99
N LEU DC 104 -40.49 -12.00 -100.57
CA LEU DC 104 -40.37 -10.61 -100.17
C LEU DC 104 -41.74 -9.91 -100.20
N ASP DC 105 -42.02 -9.16 -99.14
CA ASP DC 105 -43.26 -8.42 -99.03
C ASP DC 105 -43.06 -7.29 -98.03
N HIS DC 106 -44.07 -6.42 -97.93
CA HIS DC 106 -44.10 -5.28 -97.02
C HIS DC 106 -43.14 -4.17 -97.44
N GLY DC 107 -42.42 -4.33 -98.55
CA GLY DC 107 -41.44 -3.34 -98.97
C GLY DC 107 -42.07 -2.02 -99.40
N LYS DC 108 -41.33 -1.24 -100.18
CA LYS DC 108 -41.78 0.06 -100.64
C LYS DC 108 -41.55 0.18 -102.13
N ALA DC 109 -42.61 0.55 -102.86
CA ALA DC 109 -42.54 0.73 -104.30
C ALA DC 109 -43.50 1.82 -104.70
N TRP DC 110 -43.07 2.70 -105.62
CA TRP DC 110 -43.86 3.84 -106.03
C TRP DC 110 -43.68 4.07 -107.53
N GLY DC 111 -44.29 5.14 -108.01
CA GLY DC 111 -44.22 5.47 -109.43
C GLY DC 111 -45.10 6.65 -109.74
N ILE DC 112 -45.34 6.85 -111.03
CA ILE DC 112 -46.21 7.94 -111.49
C ILE DC 112 -47.65 7.60 -111.12
N LEU DC 113 -48.16 8.23 -110.07
CA LEU DC 113 -49.52 7.96 -109.59
C LEU DC 113 -50.50 8.85 -110.32
N THR DC 114 -51.60 8.25 -110.79
CA THR DC 114 -52.65 8.96 -111.50
C THR DC 114 -53.95 8.86 -110.69
N PHE DC 115 -54.80 9.88 -110.85
CA PHE DC 115 -56.09 9.94 -110.18
C PHE DC 115 -57.17 10.19 -111.21
N LYS DC 116 -58.07 9.22 -111.39
CA LYS DC 116 -59.14 9.32 -112.37
C LYS DC 116 -58.58 9.57 -113.77
N GLY DC 117 -57.43 8.97 -114.07
CA GLY DC 117 -56.81 9.15 -115.36
C GLY DC 117 -56.01 10.42 -115.50
N LYS DC 118 -55.59 11.03 -114.39
CA LYS DC 118 -54.82 12.28 -114.40
C LYS DC 118 -53.39 11.94 -113.98
N THR DC 119 -52.56 11.59 -114.95
CA THR DC 119 -51.17 11.24 -114.66
C THR DC 119 -50.42 12.47 -114.17
N GLU DC 120 -49.19 12.24 -113.71
CA GLU DC 120 -48.34 13.29 -113.18
C GLU DC 120 -46.93 13.10 -113.72
N SER DC 121 -46.05 14.03 -113.40
CA SER DC 121 -44.65 14.00 -113.82
C SER DC 121 -43.77 13.73 -112.60
N GLU DC 122 -42.71 12.95 -112.80
CA GLU DC 122 -41.79 12.59 -111.74
C GLU DC 122 -42.50 11.77 -110.67
N ALA DC 123 -42.08 10.52 -110.48
CA ALA DC 123 -42.73 9.65 -109.52
C ALA DC 123 -42.60 10.22 -108.11
N ARG DC 124 -43.68 10.10 -107.34
CA ARG DC 124 -43.72 10.57 -105.97
C ARG DC 124 -43.53 9.41 -105.00
N GLU DC 125 -43.23 9.73 -103.75
CA GLU DC 125 -42.99 8.72 -102.74
C GLU DC 125 -44.19 7.80 -102.59
N ILE DC 126 -43.99 6.73 -101.83
CA ILE DC 126 -45.03 5.72 -101.62
C ILE DC 126 -46.25 6.36 -100.95
N GLU DC 127 -47.36 5.62 -100.92
CA GLU DC 127 -48.58 6.11 -100.29
C GLU DC 127 -49.46 4.89 -99.99
N HIS DC 128 -49.43 4.43 -98.75
CA HIS DC 128 -50.18 3.25 -98.32
C HIS DC 128 -49.72 2.01 -99.09
N VAL DC 129 -48.44 1.68 -98.91
CA VAL DC 129 -47.85 0.52 -99.58
C VAL DC 129 -48.01 -0.76 -98.78
N MET DC 130 -48.20 -0.68 -97.46
CA MET DC 130 -48.34 -1.86 -96.61
C MET DC 130 -49.78 -2.38 -96.58
N TYR DC 131 -50.60 -2.04 -97.57
CA TYR DC 131 -51.98 -2.47 -97.61
C TYR DC 131 -52.10 -3.76 -98.43
N HIS DC 132 -53.32 -4.28 -98.54
CA HIS DC 132 -53.58 -5.50 -99.28
C HIS DC 132 -54.49 -5.30 -100.49
N ASP DC 133 -55.05 -4.12 -100.68
CA ASP DC 133 -55.93 -3.84 -101.81
C ASP DC 133 -55.05 -3.56 -103.03
N TRP DC 134 -54.77 -4.61 -103.81
CA TRP DC 134 -53.93 -4.48 -104.98
C TRP DC 134 -54.40 -5.47 -106.03
N ARG DC 135 -54.73 -4.97 -107.22
CA ARG DC 135 -55.15 -5.80 -108.34
C ARG DC 135 -54.28 -5.49 -109.54
N LEU DC 136 -53.82 -6.53 -110.23
CA LEU DC 136 -52.90 -6.39 -111.34
C LEU DC 136 -53.64 -6.36 -112.67
N VAL DC 137 -53.09 -5.61 -113.61
CA VAL DC 137 -53.60 -5.52 -114.97
C VAL DC 137 -52.47 -5.87 -115.93
N PRO DC 138 -52.41 -7.12 -116.41
CA PRO DC 138 -51.28 -7.53 -117.28
C PRO DC 138 -51.16 -6.68 -118.53
N LYS DC 139 -50.19 -7.04 -119.38
CA LYS DC 139 -49.92 -6.24 -120.57
C LYS DC 139 -51.05 -6.37 -121.60
N HIS DC 140 -51.65 -7.55 -121.71
CA HIS DC 140 -52.73 -7.75 -122.67
C HIS DC 140 -53.90 -6.82 -122.33
N GLU DC 141 -54.31 -6.02 -123.32
CA GLU DC 141 -55.38 -5.05 -123.13
C GLU DC 141 -55.03 -4.05 -122.03
N GLU DC 142 -53.76 -3.63 -122.00
CA GLU DC 142 -53.29 -2.68 -120.99
C GLU DC 142 -53.50 -1.25 -121.47
N GLU DC 143 -52.73 -0.84 -122.48
CA GLU DC 143 -52.85 0.51 -123.00
C GLU DC 143 -54.24 0.77 -123.56
N ALA DC 144 -54.89 -0.25 -124.12
CA ALA DC 144 -56.24 -0.07 -124.66
C ALA DC 144 -57.26 0.11 -123.55
N PHE DC 145 -56.98 -0.40 -122.35
CA PHE DC 145 -57.91 -0.27 -121.24
C PHE DC 145 -57.74 1.06 -120.52
N THR DC 146 -56.50 1.51 -120.33
CA THR DC 146 -56.21 2.78 -119.65
C THR DC 146 -56.65 3.92 -120.56
N ALA DC 147 -57.92 4.30 -120.43
CA ALA DC 147 -58.50 5.39 -121.22
C ALA DC 147 -59.32 6.28 -120.31
N PHE DC 148 -59.07 7.58 -120.37
CA PHE DC 148 -59.81 8.52 -119.54
C PHE DC 148 -61.27 8.53 -119.92
N THR DC 149 -62.14 8.37 -118.92
CA THR DC 149 -63.58 8.36 -119.14
C THR DC 149 -64.07 9.71 -119.65
N ALA DC 157 -62.91 27.10 -109.43
CA ALA DC 157 -62.81 28.36 -110.16
C ALA DC 157 -63.16 29.54 -109.25
N SER DC 158 -64.42 29.62 -108.86
CA SER DC 158 -64.90 30.69 -107.99
C SER DC 158 -66.30 30.35 -107.52
N VAL DC 159 -66.79 31.12 -106.57
CA VAL DC 159 -68.13 30.91 -106.01
C VAL DC 159 -68.58 32.20 -105.33
N PRO DC 160 -69.85 32.58 -105.43
CA PRO DC 160 -70.30 33.80 -104.75
C PRO DC 160 -70.08 33.74 -103.25
N TYR DC 161 -70.01 34.92 -102.64
CA TYR DC 161 -69.82 35.02 -101.20
C TYR DC 161 -71.09 34.59 -100.47
N PRO DC 162 -70.97 34.18 -99.21
CA PRO DC 162 -72.15 33.81 -98.44
C PRO DC 162 -72.96 35.04 -98.08
N PRO DC 163 -74.18 34.86 -97.55
CA PRO DC 163 -75.01 36.04 -97.24
C PRO DC 163 -74.41 36.94 -96.17
N LEU DC 164 -73.85 36.37 -95.11
CA LEU DC 164 -73.32 37.17 -94.02
C LEU DC 164 -72.15 38.02 -94.48
N LEU DC 165 -71.13 37.39 -95.08
CA LEU DC 165 -69.97 38.14 -95.55
C LEU DC 165 -70.34 39.10 -96.66
N ARG DC 166 -71.28 38.70 -97.52
CA ARG DC 166 -71.74 39.60 -98.59
C ARG DC 166 -72.36 40.86 -97.99
N ALA DC 167 -73.25 40.69 -97.02
CA ALA DC 167 -73.88 41.86 -96.39
C ALA DC 167 -72.85 42.71 -95.64
N MET DC 168 -71.88 42.06 -95.01
CA MET DC 168 -70.83 42.81 -94.31
C MET DC 168 -70.02 43.65 -95.29
N ILE DC 169 -69.66 43.06 -96.43
CA ILE DC 169 -68.88 43.80 -97.43
C ILE DC 169 -69.71 44.94 -98.01
N ILE DC 170 -71.01 44.71 -98.23
CA ILE DC 170 -71.87 45.76 -98.75
C ILE DC 170 -71.99 46.90 -97.74
N ALA DC 171 -72.09 46.57 -96.45
CA ALA DC 171 -72.17 47.60 -95.42
C ALA DC 171 -70.86 48.38 -95.35
N GLU DC 172 -69.72 47.69 -95.46
CA GLU DC 172 -68.44 48.38 -95.47
C GLU DC 172 -68.33 49.33 -96.66
N ARG DC 173 -68.78 48.87 -97.84
CA ARG DC 173 -68.76 49.73 -99.02
C ARG DC 173 -69.65 50.95 -98.83
N GLN DC 174 -70.86 50.75 -98.30
CA GLN DC 174 -71.75 51.87 -98.05
C GLN DC 174 -71.13 52.86 -97.07
N LYS DC 175 -70.49 52.36 -96.02
CA LYS DC 175 -69.83 53.25 -95.07
C LYS DC 175 -68.69 54.01 -95.74
N ASN DC 176 -67.96 53.35 -96.65
CA ASN DC 176 -66.88 54.03 -97.36
C ASN DC 176 -67.41 55.15 -98.24
N GLY DC 177 -68.55 54.93 -98.88
CA GLY DC 177 -69.14 55.94 -99.74
C GLY DC 177 -69.71 55.37 -101.02
N ASP DC 178 -68.90 54.59 -101.74
CA ASP DC 178 -69.35 54.00 -102.99
C ASP DC 178 -70.42 52.95 -102.72
N THR DC 179 -71.42 52.91 -103.61
CA THR DC 179 -72.50 51.93 -103.47
C THR DC 179 -72.06 50.56 -104.00
N SER DC 180 -71.94 50.42 -105.32
CA SER DC 180 -71.51 49.17 -105.93
C SER DC 180 -72.44 48.03 -105.54
N THR DC 181 -73.51 47.84 -106.29
CA THR DC 181 -74.47 46.77 -106.03
C THR DC 181 -74.02 45.43 -106.59
N GLU DC 182 -72.82 45.35 -107.17
CA GLU DC 182 -72.34 44.10 -107.73
C GLU DC 182 -71.92 43.14 -106.62
N GLU DC 183 -72.27 41.87 -106.80
CA GLU DC 183 -71.94 40.81 -105.84
C GLU DC 183 -70.85 39.92 -106.44
N PRO DC 184 -69.57 40.27 -106.28
CA PRO DC 184 -68.50 39.45 -106.87
C PRO DC 184 -68.44 38.05 -106.28
N MET DC 185 -67.44 37.27 -106.69
CA MET DC 185 -67.27 35.90 -106.23
C MET DC 185 -65.84 35.72 -105.72
N LEU DC 186 -65.69 34.93 -104.65
CA LEU DC 186 -64.38 34.65 -104.09
C LEU DC 186 -63.61 33.72 -105.03
N ASN DC 187 -62.41 33.33 -104.59
CA ASN DC 187 -61.53 32.49 -105.38
C ASN DC 187 -61.33 31.15 -104.70
N VAL DC 188 -61.37 30.08 -105.50
CA VAL DC 188 -61.10 28.73 -105.01
C VAL DC 188 -60.11 28.05 -105.95
N GLN DC 189 -59.17 28.83 -106.49
CA GLN DC 189 -58.21 28.32 -107.46
C GLN DC 189 -57.37 27.20 -106.86
N ARG DC 190 -56.36 27.56 -106.06
CA ARG DC 190 -55.48 26.56 -105.48
C ARG DC 190 -56.24 25.63 -104.54
N ILE DC 191 -57.33 26.11 -103.94
CA ILE DC 191 -58.12 25.27 -103.04
C ILE DC 191 -58.73 24.13 -103.85
N ARG DC 192 -58.39 22.90 -103.47
CA ARG DC 192 -58.86 21.70 -104.15
C ARG DC 192 -59.69 20.87 -103.19
N MET DC 193 -60.75 20.25 -103.72
CA MET DC 193 -61.62 19.37 -102.92
C MET DC 193 -60.96 18.00 -102.80
N GLU DC 194 -59.90 17.96 -101.99
CA GLU DC 194 -59.13 16.74 -101.77
C GLU DC 194 -60.05 15.64 -101.26
N PRO DC 195 -60.22 14.54 -102.03
CA PRO DC 195 -61.06 13.44 -101.54
C PRO DC 195 -60.45 12.75 -100.32
N TRP DC 196 -61.02 11.61 -99.93
CA TRP DC 196 -60.50 10.88 -98.78
C TRP DC 196 -59.17 10.22 -99.08
N ASP DC 197 -58.95 9.81 -100.34
CA ASP DC 197 -57.73 9.14 -100.76
C ASP DC 197 -56.77 10.08 -101.49
N TYR DC 198 -56.57 11.28 -100.97
CA TYR DC 198 -55.67 12.24 -101.60
C TYR DC 198 -54.25 11.69 -101.57
N PRO DC 199 -53.65 11.36 -102.72
CA PRO DC 199 -52.30 10.79 -102.71
C PRO DC 199 -51.27 11.86 -102.38
N ALA DC 200 -50.33 11.50 -101.49
CA ALA DC 200 -49.27 12.41 -101.09
C ALA DC 200 -47.98 11.65 -100.83
N LYS DC 201 -47.60 11.49 -99.57
CA LYS DC 201 -46.37 10.80 -99.22
C LYS DC 201 -46.54 10.18 -97.83
N GLN DC 202 -45.60 9.30 -97.48
CA GLN DC 202 -45.57 8.66 -96.18
C GLN DC 202 -44.73 9.42 -95.17
N GLU DC 203 -44.27 10.63 -95.51
CA GLU DC 203 -43.47 11.42 -94.57
C GLU DC 203 -44.29 11.76 -93.33
N ASP DC 204 -45.47 12.35 -93.52
CA ASP DC 204 -46.33 12.67 -92.39
C ASP DC 204 -46.73 11.40 -91.65
N LYS DC 205 -47.01 10.33 -92.39
CA LYS DC 205 -47.35 9.04 -91.78
C LYS DC 205 -46.12 8.14 -91.75
N GLY DC 206 -45.08 8.62 -91.08
CA GLY DC 206 -43.84 7.88 -91.01
C GLY DC 206 -44.04 6.53 -90.35
N ARG DC 207 -43.14 5.60 -90.71
CA ARG DC 207 -43.17 4.23 -90.20
C ARG DC 207 -42.05 4.03 -89.18
N ALA DC 208 -42.12 2.90 -88.49
CA ALA DC 208 -41.12 2.57 -87.48
C ALA DC 208 -39.82 2.12 -88.14
N ALA EC 1 -94.10 78.31 19.23
CA ALA EC 1 -93.65 79.70 19.20
C ALA EC 1 -94.34 80.52 20.27
N LEU EC 2 -93.64 81.53 20.79
CA LEU EC 2 -94.18 82.41 21.83
C LEU EC 2 -94.61 81.57 23.03
N PRO EC 3 -93.68 81.08 23.84
CA PRO EC 3 -94.06 80.29 25.02
C PRO EC 3 -94.87 81.12 26.00
N PRO EC 4 -95.49 80.49 26.99
CA PRO EC 4 -96.35 81.23 27.93
C PRO EC 4 -95.53 81.91 29.01
N ARG EC 5 -95.85 83.18 29.26
CA ARG EC 5 -95.19 84.00 30.29
C ARG EC 5 -93.69 83.75 30.32
N THR EC 6 -93.04 84.13 29.21
CA THR EC 6 -91.59 84.02 29.10
C THR EC 6 -90.99 85.38 28.79
N GLU EC 7 -91.12 85.82 27.53
CA GLU EC 7 -90.65 87.13 27.12
C GLU EC 7 -91.76 88.17 27.05
N LYS EC 8 -92.99 87.75 26.81
CA LYS EC 8 -94.13 88.66 26.77
C LYS EC 8 -94.70 88.97 28.15
N MET EC 9 -94.07 88.47 29.21
CA MET EC 9 -94.57 88.74 30.56
C MET EC 9 -94.58 90.23 30.84
N ALA EC 10 -95.65 90.68 31.50
CA ALA EC 10 -95.76 92.10 31.85
C ALA EC 10 -94.60 92.51 32.74
N VAL EC 11 -93.89 93.57 32.32
CA VAL EC 11 -92.75 94.05 33.08
C VAL EC 11 -93.22 94.59 34.43
N ASP EC 12 -92.32 94.57 35.41
CA ASP EC 12 -92.62 95.04 36.77
C ASP EC 12 -93.66 94.17 37.44
N GLN EC 13 -93.56 92.86 37.24
CA GLN EC 13 -94.47 91.90 37.85
C GLN EC 13 -93.92 91.39 39.17
N ASP EC 14 -94.83 90.90 40.02
CA ASP EC 14 -94.44 90.34 41.30
C ASP EC 14 -93.53 89.14 41.11
N TRP EC 15 -92.22 89.34 41.24
CA TRP EC 15 -91.27 88.25 41.06
C TRP EC 15 -91.55 87.08 42.00
N PRO EC 16 -91.91 87.27 43.27
CA PRO EC 16 -92.21 86.10 44.12
C PRO EC 16 -93.24 85.16 43.53
N SER EC 17 -94.20 85.69 42.77
CA SER EC 17 -95.22 84.85 42.15
C SER EC 17 -94.73 84.16 40.87
N VAL EC 18 -93.54 84.53 40.38
CA VAL EC 18 -93.02 83.90 39.17
C VAL EC 18 -92.38 82.54 39.50
N TYR EC 19 -91.92 82.36 40.73
CA TYR EC 19 -91.29 81.10 41.17
C TYR EC 19 -91.84 80.73 42.54
N PRO EC 20 -93.13 80.40 42.62
CA PRO EC 20 -93.69 80.03 43.93
C PRO EC 20 -93.25 78.66 44.41
N VAL EC 21 -93.09 77.70 43.51
CA VAL EC 21 -92.67 76.35 43.84
C VAL EC 21 -91.25 76.15 43.37
N ALA EC 22 -90.47 75.37 44.12
CA ALA EC 22 -89.09 75.10 43.76
C ALA EC 22 -89.04 74.23 42.50
N ALA EC 23 -88.48 74.79 41.44
CA ALA EC 23 -88.36 74.10 40.16
C ALA EC 23 -87.05 74.51 39.50
N PRO EC 24 -86.58 73.74 38.52
CA PRO EC 24 -85.32 74.09 37.86
C PRO EC 24 -85.38 75.44 37.17
N PHE EC 25 -84.29 75.82 36.48
CA PHE EC 25 -84.24 77.11 35.82
C PHE EC 25 -85.33 77.24 34.76
N LYS EC 26 -85.42 76.25 33.86
CA LYS EC 26 -86.38 76.29 32.76
C LYS EC 26 -86.20 77.57 31.97
N PRO EC 27 -85.20 77.65 31.08
CA PRO EC 27 -84.95 78.90 30.36
C PRO EC 27 -86.10 79.33 29.45
N SER EC 28 -87.10 78.48 29.23
CA SER EC 28 -88.24 78.82 28.39
C SER EC 28 -89.26 79.69 29.12
N ALA EC 29 -88.96 80.15 30.34
CA ALA EC 29 -89.88 80.98 31.09
C ALA EC 29 -89.12 81.90 32.03
N VAL EC 30 -88.05 82.53 31.53
CA VAL EC 30 -87.24 83.44 32.32
C VAL EC 30 -87.01 84.71 31.51
N PRO EC 31 -87.53 85.86 31.92
CA PRO EC 31 -87.31 87.10 31.17
C PRO EC 31 -85.94 87.73 31.40
N LEU EC 32 -85.03 87.07 32.12
CA LEU EC 32 -83.71 87.61 32.37
C LEU EC 32 -82.70 86.89 31.49
N PRO EC 33 -82.32 87.44 30.33
CA PRO EC 33 -81.34 86.74 29.48
C PRO EC 33 -79.95 86.72 30.07
N VAL EC 34 -79.67 85.70 30.89
CA VAL EC 34 -78.35 85.57 31.50
C VAL EC 34 -77.39 84.97 30.49
N ARG EC 35 -76.15 85.48 30.48
CA ARG EC 35 -75.12 85.03 29.56
C ARG EC 35 -74.27 83.99 30.27
N MET EC 36 -74.71 82.73 30.22
CA MET EC 36 -74.02 81.63 30.87
C MET EC 36 -73.27 80.82 29.82
N GLY EC 37 -72.02 80.50 30.14
CA GLY EC 37 -71.17 79.73 29.24
C GLY EC 37 -69.74 80.22 29.29
N TYR EC 38 -68.83 79.40 28.77
CA TYR EC 38 -67.41 79.74 28.74
C TYR EC 38 -67.06 80.38 27.41
N PRO EC 39 -66.39 81.53 27.40
CA PRO EC 39 -66.05 82.17 26.13
C PRO EC 39 -64.87 81.51 25.45
N VAL EC 40 -64.90 81.51 24.12
CA VAL EC 40 -63.82 80.97 23.30
C VAL EC 40 -62.87 82.10 22.95
N LYS EC 41 -61.71 81.76 22.37
CA LYS EC 41 -60.75 82.77 21.95
C LYS EC 41 -61.43 83.85 21.10
N LYS EC 42 -62.45 83.49 20.34
CA LYS EC 42 -63.23 84.44 19.55
C LYS EC 42 -64.69 84.06 19.59
N GLY EC 43 -65.21 83.81 20.80
CA GLY EC 43 -66.58 83.39 20.96
C GLY EC 43 -67.30 84.12 22.08
N VAL EC 44 -68.50 83.67 22.41
CA VAL EC 44 -69.33 84.30 23.44
C VAL EC 44 -70.02 83.20 24.24
N PRO EC 45 -70.26 83.38 25.54
CA PRO EC 45 -71.02 82.38 26.28
C PRO EC 45 -72.34 82.06 25.60
N MET EC 46 -72.68 80.77 25.57
CA MET EC 46 -73.88 80.33 24.87
C MET EC 46 -75.11 81.04 25.41
N ALA EC 47 -76.13 81.15 24.57
CA ALA EC 47 -77.36 81.83 24.95
C ALA EC 47 -78.05 81.09 26.09
N LYS EC 48 -79.10 81.73 26.62
CA LYS EC 48 -79.86 81.14 27.72
C LYS EC 48 -80.84 80.07 27.25
N GLU EC 49 -81.11 80.00 25.95
CA GLU EC 49 -82.09 79.03 25.44
C GLU EC 49 -81.76 77.62 25.88
N GLY EC 50 -80.47 77.28 26.00
CA GLY EC 50 -80.07 75.95 26.40
C GLY EC 50 -78.67 75.92 26.98
N ASN EC 51 -78.55 76.21 28.28
CA ASN EC 51 -77.27 76.21 28.97
C ASN EC 51 -77.36 75.25 30.15
N LEU EC 52 -76.68 74.10 30.05
CA LEU EC 52 -76.69 73.13 31.13
C LEU EC 52 -76.02 73.66 32.39
N GLU EC 53 -75.20 74.70 32.28
CA GLU EC 53 -74.59 75.28 33.47
C GLU EC 53 -75.63 75.95 34.36
N LEU EC 54 -76.73 76.42 33.78
CA LEU EC 54 -77.80 77.00 34.58
C LEU EC 54 -78.58 75.93 35.33
N LEU EC 55 -78.70 74.74 34.75
CA LEU EC 55 -79.42 73.65 35.41
C LEU EC 55 -78.55 72.98 36.46
N LYS EC 56 -77.26 72.82 36.19
CA LYS EC 56 -76.35 72.25 37.18
C LYS EC 56 -76.36 73.06 38.47
N ILE EC 57 -76.62 74.36 38.37
CA ILE EC 57 -76.70 75.20 39.56
C ILE EC 57 -77.89 74.73 40.40
N PRO EC 58 -77.74 74.57 41.73
CA PRO EC 58 -78.89 74.12 42.53
C PRO EC 58 -80.13 74.98 42.36
N ASN EC 59 -79.96 76.24 41.94
CA ASN EC 59 -81.08 77.09 41.55
C ASN EC 59 -81.76 77.68 42.77
N PHE EC 60 -81.70 79.00 42.92
CA PHE EC 60 -82.36 79.71 44.01
C PHE EC 60 -83.28 80.82 43.49
N LEU EC 61 -83.68 80.75 42.21
CA LEU EC 61 -84.59 81.74 41.67
C LEU EC 61 -85.85 81.87 42.54
N HIS EC 62 -86.39 80.74 42.99
CA HIS EC 62 -87.50 80.76 43.92
C HIS EC 62 -87.02 81.25 45.29
N LEU EC 63 -87.89 81.99 45.96
CA LEU EC 63 -87.60 82.54 47.29
C LEU EC 63 -86.48 83.59 47.21
N THR EC 64 -86.71 84.59 46.36
CA THR EC 64 -85.82 85.72 46.26
C THR EC 64 -85.88 86.54 47.55
N PRO EC 65 -84.98 87.52 47.74
CA PRO EC 65 -85.00 88.30 48.99
C PRO EC 65 -86.37 88.90 49.29
N VAL EC 66 -87.00 89.55 48.30
CA VAL EC 66 -88.34 90.08 48.51
C VAL EC 66 -89.33 88.94 48.76
N ALA EC 67 -89.22 87.86 47.99
CA ALA EC 67 -90.09 86.72 48.20
C ALA EC 67 -89.84 86.09 49.56
N ILE EC 68 -88.57 86.02 49.99
CA ILE EC 68 -88.26 85.47 51.31
C ILE EC 68 -88.89 86.33 52.40
N LYS EC 69 -88.77 87.66 52.27
CA LYS EC 69 -89.37 88.55 53.26
C LYS EC 69 -90.88 88.39 53.30
N LYS EC 70 -91.52 88.27 52.14
CA LYS EC 70 -92.96 88.08 52.09
C LYS EC 70 -93.36 86.78 52.76
N HIS EC 71 -92.66 85.68 52.43
CA HIS EC 71 -92.98 84.39 53.02
C HIS EC 71 -92.77 84.39 54.52
N CYS EC 72 -91.74 85.09 54.99
CA CYS EC 72 -91.49 85.17 56.43
C CYS EC 72 -92.57 85.97 57.12
N GLU EC 73 -92.95 87.13 56.56
CA GLU EC 73 -94.03 87.91 57.15
C GLU EC 73 -95.34 87.15 57.14
N ALA EC 74 -95.54 86.25 56.16
CA ALA EC 74 -96.75 85.45 56.12
C ALA EC 74 -96.72 84.35 57.18
N LEU EC 75 -95.60 83.63 57.27
CA LEU EC 75 -95.46 82.52 58.21
C LEU EC 75 -95.10 83.00 59.61
N LYS EC 76 -95.08 84.31 59.87
CA LYS EC 76 -94.85 84.80 61.21
C LYS EC 76 -95.79 84.13 62.21
N ASP EC 77 -97.00 83.77 61.77
CA ASP EC 77 -97.92 83.00 62.61
C ASP EC 77 -97.48 81.54 62.64
N PHE EC 78 -98.43 80.63 62.91
CA PHE EC 78 -98.13 79.20 62.96
C PHE EC 78 -96.99 78.91 63.92
N CYS EC 79 -96.84 79.75 64.94
CA CYS EC 79 -95.77 79.61 65.92
C CYS EC 79 -96.28 80.06 67.28
N THR EC 80 -95.41 80.00 68.28
CA THR EC 80 -95.73 80.42 69.64
C THR EC 80 -94.64 81.36 70.12
N GLU EC 81 -95.02 82.60 70.45
CA GLU EC 81 -94.05 83.57 70.93
C GLU EC 81 -93.46 83.12 72.26
N TRP EC 82 -92.23 83.55 72.52
CA TRP EC 82 -91.53 83.19 73.75
C TRP EC 82 -91.46 84.39 74.69
N PRO EC 83 -91.56 84.17 76.00
CA PRO EC 83 -91.54 85.30 76.93
C PRO EC 83 -90.16 85.92 77.05
N ALA EC 84 -90.14 87.15 77.59
CA ALA EC 84 -88.89 87.88 77.76
C ALA EC 84 -87.92 87.09 78.63
N ALA EC 85 -87.28 86.07 78.03
CA ALA EC 85 -86.33 85.24 78.75
C ALA EC 85 -84.96 85.88 78.89
N LEU EC 86 -84.74 87.04 78.27
CA LEU EC 86 -83.45 87.74 78.33
C LEU EC 86 -82.35 86.88 77.70
N ASP EC 87 -81.76 87.39 76.61
CA ASP EC 87 -80.73 86.66 75.90
C ASP EC 87 -79.49 86.48 76.77
N SER EC 88 -78.41 85.95 76.18
CA SER EC 88 -77.13 85.68 76.81
C SER EC 88 -77.15 84.37 77.59
N ASP EC 89 -78.29 83.72 77.75
CA ASP EC 89 -78.40 82.44 78.46
C ASP EC 89 -77.91 82.54 79.90
N GLU EC 90 -77.91 83.74 80.47
CA GLU EC 90 -77.48 83.90 81.86
C GLU EC 90 -78.58 83.51 82.83
N LYS EC 91 -79.78 84.06 82.65
CA LYS EC 91 -80.90 83.70 83.51
C LYS EC 91 -81.30 82.24 83.32
N CYS EC 92 -81.15 81.70 82.10
CA CYS EC 92 -81.44 80.30 81.87
C CYS EC 92 -80.54 79.40 82.73
N GLU EC 93 -79.26 79.75 82.84
CA GLU EC 93 -78.35 78.97 83.67
C GLU EC 93 -78.59 79.24 85.15
N LYS EC 94 -78.97 80.48 85.50
CA LYS EC 94 -79.24 80.79 86.91
C LYS EC 94 -80.45 80.02 87.42
N HIS EC 95 -81.47 79.84 86.57
CA HIS EC 95 -82.67 79.12 86.96
C HIS EC 95 -82.53 77.63 86.71
N PHE EC 96 -82.66 77.21 85.45
CA PHE EC 96 -82.56 75.81 85.05
C PHE EC 96 -81.29 75.60 84.24
N PRO EC 97 -80.16 75.30 84.88
CA PRO EC 97 -78.92 75.07 84.12
C PRO EC 97 -78.88 73.76 83.36
N ILE EC 98 -79.97 72.98 83.37
CA ILE EC 98 -80.00 71.74 82.62
C ILE EC 98 -79.82 72.04 81.13
N GLU EC 99 -79.02 71.22 80.46
CA GLU EC 99 -78.72 71.45 79.05
C GLU EC 99 -78.35 70.10 78.42
N ILE EC 100 -79.34 69.43 77.84
CA ILE EC 100 -79.13 68.16 77.15
C ILE EC 100 -78.93 68.47 75.67
N ASP EC 101 -77.78 68.06 75.14
CA ASP EC 101 -77.44 68.33 73.75
C ASP EC 101 -78.18 67.37 72.82
N SER EC 102 -78.35 67.82 71.57
CA SER EC 102 -79.01 67.01 70.55
C SER EC 102 -78.85 67.66 69.18
N THR EC 103 -78.48 66.87 68.18
CA THR EC 103 -78.24 67.37 66.83
C THR EC 103 -78.97 66.50 65.82
N ASP EC 104 -79.00 66.97 64.58
CA ASP EC 104 -79.65 66.25 63.50
C ASP EC 104 -79.05 66.70 62.18
N TYR EC 105 -78.55 65.74 61.40
CA TYR EC 105 -77.92 66.04 60.12
C TYR EC 105 -78.96 66.04 59.02
N VAL EC 106 -78.51 66.14 57.77
CA VAL EC 106 -79.39 66.15 56.61
C VAL EC 106 -78.87 65.15 55.59
N SER EC 107 -79.80 64.54 54.85
CA SER EC 107 -79.45 63.56 53.83
C SER EC 107 -80.34 63.76 52.62
N SER EC 108 -79.83 63.38 51.45
CA SER EC 108 -80.54 63.51 50.19
C SER EC 108 -80.75 62.12 49.60
N GLY EC 109 -81.98 61.86 49.14
CA GLY EC 109 -82.32 60.58 48.56
C GLY EC 109 -83.64 60.05 49.09
N PRO EC 110 -83.96 58.80 48.76
CA PRO EC 110 -85.21 58.22 49.26
C PRO EC 110 -85.27 58.12 50.77
N SER EC 111 -84.21 57.59 51.39
CA SER EC 111 -84.18 57.46 52.84
C SER EC 111 -84.01 58.83 53.49
N VAL EC 112 -84.57 58.96 54.70
CA VAL EC 112 -84.52 60.21 55.45
C VAL EC 112 -83.98 59.95 56.84
N ARG EC 113 -84.18 58.74 57.36
CA ARG EC 113 -83.72 58.40 58.70
C ARG EC 113 -82.21 58.56 58.80
N ASN EC 114 -81.76 59.09 59.94
CA ASN EC 114 -80.33 59.28 60.20
C ASN EC 114 -80.08 59.10 61.69
N PRO EC 115 -80.09 57.86 62.17
CA PRO EC 115 -79.87 57.62 63.61
C PRO EC 115 -78.48 58.02 64.09
N ARG EC 116 -77.54 58.31 63.18
CA ARG EC 116 -76.19 58.69 63.60
C ARG EC 116 -76.22 59.93 64.48
N ALA EC 117 -77.04 60.91 64.14
CA ALA EC 117 -77.14 62.15 64.89
C ALA EC 117 -78.05 61.97 66.11
N ARG EC 118 -77.63 61.07 67.00
CA ARG EC 118 -78.37 60.77 68.22
C ARG EC 118 -77.55 61.06 69.48
N VAL EC 119 -76.40 61.71 69.33
CA VAL EC 119 -75.57 62.01 70.50
C VAL EC 119 -76.39 62.80 71.51
N VAL EC 120 -76.43 62.31 72.75
CA VAL EC 120 -77.21 62.93 73.81
C VAL EC 120 -76.51 62.67 75.13
N VAL EC 121 -76.46 63.70 75.99
CA VAL EC 121 -75.82 63.59 77.30
C VAL EC 121 -76.89 63.61 78.38
N LEU EC 122 -76.47 63.72 79.64
CA LEU EC 122 -77.38 63.75 80.78
C LEU EC 122 -76.89 64.83 81.76
N ARG EC 123 -76.82 66.07 81.26
CA ARG EC 123 -76.33 67.19 82.05
C ARG EC 123 -77.47 67.75 82.88
N VAL EC 124 -77.49 67.42 84.17
CA VAL EC 124 -78.49 67.93 85.11
C VAL EC 124 -77.75 68.27 86.41
N LYS EC 125 -77.83 69.53 86.83
CA LYS EC 125 -77.12 69.95 88.03
C LYS EC 125 -77.71 69.28 89.26
N LEU EC 126 -76.85 68.97 90.22
CA LEU EC 126 -77.26 68.33 91.46
C LEU EC 126 -77.68 69.35 92.52
N SER EC 127 -76.87 70.41 92.69
CA SER EC 127 -77.19 71.41 93.70
C SER EC 127 -78.39 72.25 93.29
N SER EC 128 -78.65 72.38 91.99
CA SER EC 128 -79.78 73.20 91.54
C SER EC 128 -81.11 72.51 91.79
N LEU EC 129 -81.19 71.19 91.53
CA LEU EC 129 -82.44 70.47 91.75
C LEU EC 129 -82.84 70.52 93.21
N ASN EC 130 -81.88 70.39 94.13
CA ASN EC 130 -82.14 70.50 95.55
C ASN EC 130 -83.05 69.38 96.03
N LEU EC 131 -82.51 68.16 96.13
CA LEU EC 131 -83.26 67.04 96.69
C LEU EC 131 -82.38 66.03 97.43
N ASP EC 132 -81.05 66.08 97.28
CA ASP EC 132 -80.15 65.17 97.96
C ASP EC 132 -78.87 65.94 98.30
N ASP EC 133 -78.99 66.86 99.25
CA ASP EC 133 -77.84 67.66 99.67
C ASP EC 133 -76.73 66.81 100.26
N HIS EC 134 -77.06 65.62 100.78
CA HIS EC 134 -76.04 64.75 101.35
C HIS EC 134 -75.06 64.23 100.30
N ALA EC 135 -75.42 64.29 99.02
CA ALA EC 135 -74.56 63.81 97.95
C ALA EC 135 -73.42 64.76 97.63
N LYS EC 136 -73.27 65.86 98.38
CA LYS EC 136 -72.18 66.79 98.13
C LYS EC 136 -70.83 66.12 98.31
N LYS EC 137 -70.72 65.25 99.33
CA LYS EC 137 -69.48 64.52 99.60
C LYS EC 137 -69.43 63.18 98.89
N LYS EC 138 -70.29 62.95 97.89
CA LYS EC 138 -70.35 61.68 97.19
C LYS EC 138 -70.22 61.89 95.68
N LEU EC 139 -71.20 62.57 95.08
CA LEU EC 139 -71.20 62.79 93.65
C LEU EC 139 -70.07 63.71 93.19
N ILE EC 140 -69.42 64.42 94.11
CA ILE EC 140 -68.30 65.26 93.73
C ILE EC 140 -67.13 64.44 93.20
N LYS EC 141 -67.11 63.13 93.46
CA LYS EC 141 -66.05 62.26 92.99
C LYS EC 141 -66.54 60.93 92.44
N LEU EC 142 -67.75 60.48 92.77
CA LEU EC 142 -68.22 59.19 92.28
C LEU EC 142 -68.34 59.18 90.76
N VAL EC 143 -68.69 60.31 90.16
CA VAL EC 143 -68.86 60.38 88.72
C VAL EC 143 -67.50 60.57 88.05
N GLY EC 144 -67.44 60.23 86.76
CA GLY EC 144 -66.18 60.24 86.03
C GLY EC 144 -65.58 61.61 85.79
N GLU EC 145 -65.24 61.91 84.54
CA GLU EC 145 -64.53 63.12 84.19
C GLU EC 145 -65.29 64.37 84.60
N ARG EC 146 -65.23 64.72 85.88
CA ARG EC 146 -65.85 65.95 86.38
C ARG EC 146 -64.87 66.57 87.38
N TYR EC 147 -65.39 67.38 88.30
CA TYR EC 147 -64.56 68.06 89.30
C TYR EC 147 -63.60 69.03 88.60
N CYS EC 148 -64.18 69.93 87.80
CA CYS EC 148 -63.39 70.86 87.02
C CYS EC 148 -62.50 71.70 87.91
N LYS EC 149 -61.47 72.30 87.29
CA LYS EC 149 -60.51 73.10 88.04
C LYS EC 149 -61.04 74.51 88.29
N THR EC 150 -61.50 75.19 87.24
CA THR EC 150 -61.96 76.56 87.36
C THR EC 150 -63.49 76.62 87.40
N THR EC 151 -64.12 76.45 86.24
CA THR EC 151 -65.57 76.55 86.15
C THR EC 151 -66.21 75.37 86.89
N ASP EC 152 -67.52 75.21 86.73
CA ASP EC 152 -68.25 74.13 87.38
C ASP EC 152 -69.39 73.71 86.45
N VAL EC 153 -69.27 72.51 85.86
CA VAL EC 153 -70.29 72.00 84.95
C VAL EC 153 -70.69 70.61 85.40
N LEU EC 154 -71.52 70.52 86.43
CA LEU EC 154 -71.97 69.23 86.93
C LEU EC 154 -72.87 68.56 85.90
N THR EC 155 -72.50 67.36 85.47
CA THR EC 155 -73.27 66.61 84.49
C THR EC 155 -73.11 65.13 84.79
N ILE EC 156 -74.21 64.48 85.19
CA ILE EC 156 -74.20 63.06 85.47
C ILE EC 156 -74.47 62.30 84.17
N LYS EC 157 -73.59 62.48 83.19
CA LYS EC 157 -73.77 61.85 81.88
C LYS EC 157 -73.90 60.34 82.02
N THR EC 158 -74.88 59.76 81.32
CA THR EC 158 -75.12 58.33 81.31
C THR EC 158 -75.80 57.98 79.99
N ASP EC 159 -75.03 58.05 78.89
CA ASP EC 159 -75.56 57.79 77.57
C ASP EC 159 -75.66 56.30 77.25
N ARG EC 160 -76.06 55.48 78.21
CA ARG EC 160 -76.23 54.05 78.00
C ARG EC 160 -77.50 53.71 77.25
N CYS EC 161 -78.33 54.70 76.91
CA CYS EC 161 -79.54 54.51 76.14
C CYS EC 161 -79.64 55.61 75.10
N PRO EC 162 -80.32 55.35 73.98
CA PRO EC 162 -80.33 56.33 72.88
C PRO EC 162 -81.32 57.47 73.07
N LEU EC 163 -82.59 57.14 73.32
CA LEU EC 163 -83.64 58.14 73.33
C LEU EC 163 -83.36 59.23 74.38
N ARG EC 164 -84.13 60.31 74.30
CA ARG EC 164 -83.96 61.48 75.15
C ARG EC 164 -84.99 61.54 76.27
N ARG EC 165 -86.27 61.34 75.96
CA ARG EC 165 -87.30 61.33 76.99
C ARG EC 165 -87.06 60.20 77.98
N GLN EC 166 -86.78 59.00 77.48
CA GLN EC 166 -86.42 57.90 78.37
C GLN EC 166 -85.12 58.18 79.11
N ASN EC 167 -84.21 58.95 78.48
CA ASN EC 167 -82.99 59.37 79.17
C ASN EC 167 -83.33 60.21 80.40
N TYR EC 168 -84.24 61.18 80.24
CA TYR EC 168 -84.63 62.03 81.37
C TYR EC 168 -85.37 61.23 82.43
N ASP EC 169 -86.22 60.29 82.00
CA ASP EC 169 -86.92 59.43 82.96
C ASP EC 169 -85.92 58.60 83.76
N TYR EC 170 -84.92 58.03 83.08
CA TYR EC 170 -83.89 57.27 83.78
C TYR EC 170 -83.09 58.17 84.70
N ALA EC 171 -82.86 59.41 84.30
CA ALA EC 171 -82.16 60.36 85.18
C ALA EC 171 -82.95 60.61 86.45
N VAL EC 172 -84.27 60.80 86.32
CA VAL EC 172 -85.11 61.03 87.49
C VAL EC 172 -85.10 59.80 88.40
N TYR EC 173 -85.25 58.62 87.81
CA TYR EC 173 -85.24 57.39 88.61
C TYR EC 173 -83.88 57.18 89.29
N LEU EC 174 -82.80 57.52 88.60
CA LEU EC 174 -81.47 57.40 89.18
C LEU EC 174 -81.28 58.38 90.33
N LEU EC 175 -81.79 59.60 90.18
CA LEU EC 175 -81.73 60.56 91.28
C LEU EC 175 -82.50 60.04 92.49
N THR EC 176 -83.68 59.46 92.26
CA THR EC 176 -84.47 58.91 93.36
C THR EC 176 -83.72 57.77 94.06
N VAL EC 177 -83.18 56.83 93.26
CA VAL EC 177 -82.45 55.71 93.84
C VAL EC 177 -81.20 56.18 94.57
N LEU EC 178 -80.55 57.24 94.06
CA LEU EC 178 -79.38 57.77 94.73
C LEU EC 178 -79.75 58.40 96.06
N TYR EC 179 -80.81 59.21 96.08
CA TYR EC 179 -81.35 59.70 97.34
C TYR EC 179 -81.56 58.56 98.33
N HIS EC 180 -82.27 57.52 97.89
CA HIS EC 180 -82.59 56.40 98.77
C HIS EC 180 -81.33 55.75 99.33
N GLU EC 181 -80.43 55.32 98.44
CA GLU EC 181 -79.26 54.55 98.85
C GLU EC 181 -78.14 55.41 99.43
N SER EC 182 -78.27 56.73 99.40
CA SER EC 182 -77.26 57.63 99.98
C SER EC 182 -77.68 58.17 101.34
N TRP EC 183 -78.98 58.43 101.55
CA TRP EC 183 -79.42 58.82 102.88
C TRP EC 183 -79.18 57.71 103.90
N ASN EC 184 -78.92 56.48 103.44
CA ASN EC 184 -78.45 55.38 104.27
C ASN EC 184 -77.04 55.05 103.77
N THR EC 185 -76.05 55.76 104.31
CA THR EC 185 -74.68 55.66 103.81
C THR EC 185 -74.21 54.21 103.78
N GLU EC 186 -73.26 53.93 102.90
CA GLU EC 186 -72.73 52.58 102.73
C GLU EC 186 -71.68 52.26 103.78
N GLU EC 187 -70.43 52.62 103.51
CA GLU EC 187 -69.34 52.31 104.44
C GLU EC 187 -68.28 53.41 104.42
N TRP EC 188 -67.47 53.43 103.37
CA TRP EC 188 -66.36 54.40 103.28
C TRP EC 188 -66.81 55.76 102.75
N GLU EC 189 -67.95 56.25 103.22
CA GLU EC 189 -68.40 57.58 102.80
C GLU EC 189 -67.67 58.68 103.58
N LYS EC 190 -67.61 58.54 104.91
CA LYS EC 190 -66.92 59.51 105.75
C LYS EC 190 -65.48 59.09 106.00
N SER EC 191 -65.26 57.84 106.44
CA SER EC 191 -63.91 57.33 106.68
C SER EC 191 -63.27 57.05 105.32
N LYS EC 192 -62.76 58.11 104.70
CA LYS EC 192 -62.15 58.01 103.38
C LYS EC 192 -60.85 57.22 103.45
N THR EC 193 -59.71 57.90 103.29
CA THR EC 193 -58.41 57.23 103.32
C THR EC 193 -57.39 58.12 104.01
N GLU EC 194 -56.10 57.99 103.63
CA GLU EC 194 -55.05 58.78 104.23
C GLU EC 194 -54.15 59.45 103.18
N ALA EC 195 -54.54 59.45 101.91
CA ALA EC 195 -53.73 60.06 100.87
C ALA EC 195 -54.55 60.50 99.66
N ASP EC 196 -55.87 60.53 99.81
CA ASP EC 196 -56.76 60.94 98.72
C ASP EC 196 -57.96 61.67 99.34
N MET EC 197 -57.95 62.99 99.23
CA MET EC 197 -58.98 63.83 99.86
C MET EC 197 -59.42 64.90 98.87
N GLU EC 198 -60.61 64.73 98.29
CA GLU EC 198 -61.21 65.80 97.51
C GLU EC 198 -61.90 66.82 98.40
N GLU EC 199 -62.33 66.39 99.59
CA GLU EC 199 -62.89 67.28 100.59
C GLU EC 199 -62.45 66.78 101.96
N TYR EC 200 -61.98 67.68 102.80
CA TYR EC 200 -61.38 67.28 104.06
C TYR EC 200 -62.38 66.55 104.95
N ILE EC 201 -62.04 65.32 105.32
CA ILE EC 201 -62.82 64.54 106.28
C ILE EC 201 -61.84 63.72 107.11
N TRP EC 202 -62.04 63.73 108.44
CA TRP EC 202 -61.14 63.02 109.33
C TRP EC 202 -61.09 61.54 108.97
N GLU EC 203 -59.98 60.87 109.34
CA GLU EC 203 -58.84 61.46 110.04
C GLU EC 203 -57.78 61.92 109.06
N ASN EC 204 -56.64 62.37 109.58
CA ASN EC 204 -55.53 62.83 108.76
C ASN EC 204 -54.27 62.86 109.63
N SER EC 205 -53.16 63.24 109.00
CA SER EC 205 -51.87 63.31 109.68
C SER EC 205 -51.65 64.64 110.40
N SER EC 206 -52.73 65.36 110.72
CA SER EC 206 -52.60 66.64 111.41
C SER EC 206 -51.89 66.49 112.75
N SER EC 207 -52.09 65.37 113.44
CA SER EC 207 -51.45 65.15 114.73
C SER EC 207 -49.93 65.18 114.59
N GLU EC 208 -49.39 64.31 113.72
CA GLU EC 208 -47.95 64.28 113.52
C GLU EC 208 -47.42 65.57 112.91
N ARG EC 209 -48.23 66.22 112.06
CA ARG EC 209 -47.80 67.49 111.49
C ARG EC 209 -47.60 68.54 112.58
N ASN EC 210 -48.58 68.67 113.48
CA ASN EC 210 -48.45 69.61 114.58
C ASN EC 210 -47.33 69.20 115.54
N ILE EC 211 -47.11 67.90 115.73
CA ILE EC 211 -46.01 67.44 116.57
C ILE EC 211 -44.68 67.91 115.98
N LEU EC 212 -44.50 67.71 114.67
CA LEU EC 212 -43.27 68.15 114.02
C LEU EC 212 -43.14 69.66 114.06
N GLU EC 213 -44.25 70.38 113.93
CA GLU EC 213 -44.20 71.84 114.02
C GLU EC 213 -43.72 72.29 115.40
N THR EC 214 -44.29 71.69 116.46
CA THR EC 214 -43.86 72.04 117.81
C THR EC 214 -42.41 71.66 118.03
N LEU EC 215 -41.97 70.53 117.46
CA LEU EC 215 -40.57 70.14 117.57
C LEU EC 215 -39.66 71.20 116.94
N LEU EC 216 -39.96 71.58 115.70
CA LEU EC 216 -39.19 72.64 115.05
C LEU EC 216 -39.20 73.91 115.89
N GLN EC 217 -40.34 74.24 116.49
CA GLN EC 217 -40.43 75.44 117.33
C GLN EC 217 -39.46 75.34 118.50
N MET EC 218 -39.49 74.22 119.23
CA MET EC 218 -38.64 74.04 120.39
C MET EC 218 -37.42 73.19 120.05
N LYS EC 219 -37.61 71.88 119.92
CA LYS EC 219 -36.51 70.97 119.62
C LYS EC 219 -35.97 71.21 118.21
N LYS EC 236 -53.55 80.22 117.99
CA LYS EC 236 -52.74 81.32 117.46
C LYS EC 236 -52.09 80.92 116.15
N GLU EC 237 -50.99 80.16 116.23
CA GLU EC 237 -50.26 79.70 115.06
C GLU EC 237 -50.47 78.23 114.75
N ILE EC 238 -50.61 77.38 115.79
CA ILE EC 238 -50.87 75.96 115.55
C ILE EC 238 -52.21 75.78 114.86
N GLU EC 239 -53.22 76.57 115.26
CA GLU EC 239 -54.51 76.50 114.60
C GLU EC 239 -54.42 76.95 113.15
N GLU EC 240 -53.61 77.98 112.87
CA GLU EC 240 -53.42 78.42 111.50
C GLU EC 240 -52.74 77.34 110.67
N TYR EC 241 -51.75 76.66 111.24
CA TYR EC 241 -51.09 75.56 110.54
C TYR EC 241 -52.05 74.41 110.28
N LYS EC 242 -52.91 74.11 111.26
CA LYS EC 242 -53.91 73.06 111.05
C LYS EC 242 -54.88 73.44 109.95
N LYS EC 243 -55.31 74.70 109.90
CA LYS EC 243 -56.20 75.14 108.83
C LYS EC 243 -55.50 75.08 107.48
N SER EC 244 -54.21 75.42 107.44
CA SER EC 244 -53.45 75.30 106.19
C SER EC 244 -53.36 73.85 105.75
N VAL EC 245 -53.15 72.93 106.69
CA VAL EC 245 -53.10 71.51 106.35
C VAL EC 245 -54.47 71.05 105.82
N VAL EC 246 -55.55 71.54 106.44
CA VAL EC 246 -56.89 71.20 105.97
C VAL EC 246 -57.08 71.68 104.54
N SER EC 247 -56.69 72.94 104.27
CA SER EC 247 -56.78 73.47 102.92
C SER EC 247 -55.96 72.63 101.94
N LEU EC 248 -54.77 72.20 102.37
CA LEU EC 248 -53.96 71.31 101.53
C LEU EC 248 -54.73 70.04 101.20
N LYS EC 249 -55.36 69.42 102.21
CA LYS EC 249 -56.15 68.23 101.97
C LYS EC 249 -57.37 68.55 101.10
N ASN EC 250 -57.96 69.73 101.30
CA ASN EC 250 -59.10 70.15 100.49
C ASN EC 250 -58.61 70.54 99.10
N GLU EC 251 -58.95 69.71 98.11
CA GLU EC 251 -58.50 69.94 96.74
C GLU EC 251 -56.98 69.81 96.63
N GLU EC 252 -56.49 69.43 95.46
CA GLU EC 252 -55.06 69.27 95.27
C GLU EC 252 -54.36 70.61 95.41
N GLU EC 253 -53.03 70.54 95.55
CA GLU EC 253 -52.23 71.74 95.72
C GLU EC 253 -52.33 72.64 94.49
N ASN EC 254 -52.05 73.93 94.69
CA ASN EC 254 -52.09 74.90 93.61
C ASN EC 254 -51.10 76.04 93.87
N GLU EC 255 -51.47 76.96 94.75
CA GLU EC 255 -50.60 78.08 95.09
C GLU EC 255 -51.01 78.71 96.41
N ASN EC 256 -52.32 78.82 96.65
CA ASN EC 256 -52.80 79.39 97.91
C ASN EC 256 -52.36 78.54 99.09
N SER EC 257 -52.34 77.21 98.92
CA SER EC 257 -51.89 76.33 99.99
C SER EC 257 -50.43 76.56 100.31
N ILE EC 258 -49.59 76.70 99.28
CA ILE EC 258 -48.17 76.97 99.50
C ILE EC 258 -47.99 78.33 100.15
N SER EC 259 -48.80 79.32 99.77
CA SER EC 259 -48.74 80.62 100.39
C SER EC 259 -49.09 80.56 101.87
N GLN EC 260 -50.13 79.79 102.21
CA GLN EC 260 -50.51 79.63 103.61
C GLN EC 260 -49.42 78.90 104.39
N TYR EC 261 -48.78 77.91 103.76
CA TYR EC 261 -47.68 77.19 104.40
C TYR EC 261 -46.53 78.14 104.70
N LYS EC 262 -46.15 78.96 103.72
CA LYS EC 262 -45.08 79.93 103.92
C LYS EC 262 -45.46 80.91 105.03
N GLU EC 263 -46.70 81.37 105.02
CA GLU EC 263 -47.15 82.28 106.07
C GLU EC 263 -47.00 81.64 107.44
N SER EC 264 -47.51 80.42 107.61
CA SER EC 264 -47.41 79.76 108.92
C SER EC 264 -45.97 79.57 109.34
N VAL EC 265 -45.10 79.18 108.39
CA VAL EC 265 -43.69 78.98 108.72
C VAL EC 265 -43.08 80.29 109.18
N LYS EC 266 -43.44 81.40 108.53
CA LYS EC 266 -42.91 82.70 108.95
C LYS EC 266 -43.44 83.10 110.32
N ARG EC 267 -44.72 82.83 110.58
CA ARG EC 267 -45.30 83.18 111.88
C ARG EC 267 -44.69 82.35 113.00
N LEU EC 268 -44.24 81.13 112.69
CA LEU EC 268 -43.60 80.29 113.71
C LEU EC 268 -42.42 81.02 114.34
N LEU EC 269 -41.42 81.36 113.54
CA LEU EC 269 -40.25 82.08 114.01
C LEU EC 269 -40.40 83.57 113.64
N ASN EC 270 -39.27 84.28 113.51
CA ASN EC 270 -39.32 85.68 113.15
C ASN EC 270 -38.12 86.14 112.35
N VAL EC 271 -37.22 85.25 111.93
CA VAL EC 271 -36.05 85.61 111.15
C VAL EC 271 -36.33 85.26 109.71
N THR EC 272 -36.42 86.27 108.85
CA THR EC 272 -36.69 86.06 107.44
C THR EC 272 -35.55 85.30 106.78
N ALA FC 1 -5.48 90.84 -7.10
CA ALA FC 1 -6.39 91.08 -8.22
C ALA FC 1 -7.08 89.79 -8.66
N THR FC 2 -8.30 89.91 -9.16
CA THR FC 2 -9.07 88.76 -9.60
C THR FC 2 -8.36 88.10 -10.79
N PRO FC 3 -7.88 86.87 -10.65
CA PRO FC 3 -7.19 86.22 -11.77
C PRO FC 3 -8.17 85.82 -12.87
N SER FC 4 -7.60 85.34 -13.98
CA SER FC 4 -8.41 84.92 -15.11
C SER FC 4 -9.18 83.65 -14.77
N LEU FC 5 -10.21 83.37 -15.57
CA LEU FC 5 -11.03 82.18 -15.33
C LEU FC 5 -11.85 81.77 -16.54
N ARG FC 6 -11.55 82.26 -17.75
CA ARG FC 6 -12.33 81.87 -18.92
C ARG FC 6 -12.03 80.44 -19.34
N GLY FC 7 -10.78 80.16 -19.70
CA GLY FC 7 -10.39 78.83 -20.12
C GLY FC 7 -10.08 77.91 -18.98
N ARG FC 8 -11.06 77.68 -18.10
CA ARG FC 8 -10.88 76.80 -16.95
C ARG FC 8 -12.04 75.86 -16.69
N LEU FC 9 -13.23 76.12 -17.23
CA LEU FC 9 -14.39 75.26 -17.03
C LEU FC 9 -14.72 74.52 -18.32
N ALA FC 10 -15.40 73.38 -18.16
CA ALA FC 10 -15.81 72.56 -19.30
C ALA FC 10 -17.11 73.10 -19.85
N ARG FC 11 -17.02 73.94 -20.87
CA ARG FC 11 -18.18 74.55 -21.50
C ARG FC 11 -18.19 74.21 -22.99
N PHE FC 12 -19.29 74.59 -23.65
CA PHE FC 12 -19.46 74.30 -25.07
C PHE FC 12 -18.38 74.99 -25.90
N GLY FC 13 -18.40 76.32 -25.92
CA GLY FC 13 -17.43 77.06 -26.72
C GLY FC 13 -16.00 76.78 -26.29
N ASN FC 14 -15.77 76.64 -24.99
CA ASN FC 14 -14.43 76.40 -24.45
C ASN FC 14 -13.83 75.14 -25.05
N PRO FC 15 -12.81 75.24 -25.90
CA PRO FC 15 -12.16 74.05 -26.45
C PRO FC 15 -10.95 73.57 -25.67
N ARG FC 16 -10.64 74.17 -24.53
CA ARG FC 16 -9.48 73.82 -23.75
C ARG FC 16 -9.83 72.70 -22.78
N LYS FC 17 -9.07 72.54 -21.71
CA LYS FC 17 -9.32 71.52 -20.70
C LYS FC 17 -9.89 72.16 -19.43
N PRO FC 18 -10.62 71.38 -18.62
CA PRO FC 18 -11.16 71.93 -17.36
C PRO FC 18 -10.17 71.87 -16.21
N VAL FC 19 -9.26 72.84 -16.19
CA VAL FC 19 -8.24 72.90 -15.14
C VAL FC 19 -8.86 73.19 -13.77
N LEU FC 20 -10.03 73.82 -13.74
CA LEU FC 20 -10.75 74.10 -12.51
C LEU FC 20 -12.06 73.32 -12.52
N LYS FC 21 -12.15 72.29 -11.69
CA LYS FC 21 -13.34 71.46 -11.59
C LYS FC 21 -14.04 71.75 -10.26
N PRO FC 22 -14.82 72.82 -10.17
CA PRO FC 22 -15.47 73.15 -8.89
C PRO FC 22 -16.49 72.10 -8.51
N ASN FC 23 -16.42 71.64 -7.25
CA ASN FC 23 -17.36 70.63 -6.76
C ASN FC 23 -18.76 71.20 -6.59
N LYS FC 24 -18.90 72.51 -6.51
CA LYS FC 24 -20.19 73.16 -6.35
C LYS FC 24 -20.25 74.36 -7.29
N PRO FC 25 -21.46 74.80 -7.64
CA PRO FC 25 -21.57 75.94 -8.56
C PRO FC 25 -21.04 77.22 -7.93
N LEU FC 26 -20.40 78.05 -8.75
CA LEU FC 26 -19.84 79.33 -8.30
C LEU FC 26 -20.95 80.37 -8.24
N ILE FC 27 -21.70 80.32 -7.14
CA ILE FC 27 -22.80 81.24 -6.89
C ILE FC 27 -22.58 81.84 -5.51
N LEU FC 28 -22.29 83.14 -5.46
CA LEU FC 28 -22.09 83.83 -4.20
C LEU FC 28 -23.30 83.62 -3.28
N ALA FC 29 -23.13 82.78 -2.26
CA ALA FC 29 -24.23 82.47 -1.36
C ALA FC 29 -24.60 83.68 -0.52
N ASN FC 30 -25.81 83.66 0.03
CA ASN FC 30 -26.29 84.73 0.89
C ASN FC 30 -25.73 84.67 2.30
N ARG FC 31 -24.82 83.73 2.58
CA ARG FC 31 -24.20 83.59 3.89
C ARG FC 31 -22.69 83.73 3.76
N VAL FC 32 -22.02 83.79 4.90
CA VAL FC 32 -20.57 83.94 4.97
C VAL FC 32 -20.02 82.87 5.90
N GLY FC 33 -18.72 82.61 5.76
CA GLY FC 33 -18.09 81.59 6.58
C GLY FC 33 -18.14 81.96 8.05
N GLU FC 34 -18.29 80.95 8.90
CA GLU FC 34 -18.36 81.14 10.34
C GLU FC 34 -16.96 81.19 10.93
N ARG FC 35 -16.77 82.05 11.92
CA ARG FC 35 -15.48 82.20 12.57
C ARG FC 35 -15.30 81.11 13.62
N ARG FC 36 -14.16 80.45 13.59
CA ARG FC 36 -13.88 79.38 14.55
C ARG FC 36 -13.85 79.94 15.97
N ARG FC 37 -13.87 79.03 16.93
CA ARG FC 37 -13.84 79.41 18.35
C ARG FC 37 -13.53 78.16 19.17
N GLU FC 38 -13.00 78.39 20.37
CA GLU FC 38 -12.67 77.30 21.29
C GLU FC 38 -11.51 76.48 20.75
N LYS FC 39 -10.58 76.09 21.63
CA LYS FC 39 -9.44 75.27 21.25
C LYS FC 39 -8.65 74.86 22.47
N GLY FC 40 -8.49 73.56 22.68
CA GLY FC 40 -7.74 73.04 23.81
C GLY FC 40 -6.30 73.48 23.79
N GLU FC 41 -6.02 74.68 24.28
CA GLU FC 41 -4.67 75.24 24.30
C GLU FC 41 -4.00 75.14 25.66
N ALA FC 42 -4.76 75.28 26.74
CA ALA FC 42 -4.21 75.24 28.08
C ALA FC 42 -3.11 76.27 28.24
N THR FC 43 -3.50 77.52 28.50
CA THR FC 43 -2.54 78.62 28.64
C THR FC 43 -1.71 78.44 29.90
N CYS FC 44 -1.07 79.52 30.35
CA CYS FC 44 -0.21 79.47 31.53
C CYS FC 44 0.90 78.43 31.34
N ILE FC 45 1.92 78.79 30.56
CA ILE FC 45 3.03 77.90 30.26
C ILE FC 45 4.32 78.38 30.93
N THR FC 46 4.61 79.67 30.85
CA THR FC 46 5.82 80.20 31.48
C THR FC 46 5.73 80.11 33.00
N GLU FC 47 4.58 80.45 33.58
CA GLU FC 47 4.41 80.35 35.02
C GLU FC 47 4.42 78.90 35.47
N MET FC 48 3.80 78.01 34.68
CA MET FC 48 3.85 76.59 35.00
C MET FC 48 5.29 76.09 35.00
N SER FC 49 6.08 76.51 34.01
CA SER FC 49 7.47 76.06 33.94
C SER FC 49 8.29 76.59 35.11
N VAL FC 50 8.12 77.88 35.45
CA VAL FC 50 8.89 78.43 36.56
C VAL FC 50 8.46 77.80 37.88
N MET FC 51 7.17 77.49 38.03
CA MET FC 51 6.72 76.81 39.25
C MET FC 51 7.30 75.40 39.33
N MET FC 52 7.34 74.69 38.21
CA MET FC 52 7.95 73.36 38.20
C MET FC 52 9.43 73.45 38.56
N ALA FC 53 10.13 74.44 38.02
CA ALA FC 53 11.54 74.61 38.34
C ALA FC 53 11.74 74.89 39.82
N CYS FC 54 10.90 75.77 40.39
CA CYS FC 54 11.00 76.08 41.80
C CYS FC 54 10.74 74.85 42.66
N TRP FC 55 9.69 74.09 42.32
CA TRP FC 55 9.39 72.87 43.07
C TRP FC 55 10.50 71.84 42.95
N LYS FC 56 11.19 71.80 41.80
CA LYS FC 56 12.33 70.93 41.65
C LYS FC 56 13.49 71.37 42.54
N GLN FC 57 13.76 72.68 42.57
CA GLN FC 57 14.81 73.20 43.45
C GLN FC 57 14.48 72.91 44.90
N ASN FC 58 13.26 73.23 45.32
CA ASN FC 58 12.81 72.97 46.69
C ASN FC 58 12.06 71.65 46.74
N GLU FC 59 11.06 71.55 47.62
CA GLU FC 59 10.24 70.35 47.73
C GLU FC 59 8.82 70.63 47.27
N PHE FC 60 7.87 70.71 48.21
CA PHE FC 60 6.48 70.99 47.86
C PHE FC 60 5.82 71.93 48.86
N ARG FC 61 6.60 72.64 49.67
CA ARG FC 61 6.03 73.54 50.66
C ARG FC 61 5.59 74.84 50.02
N ASP FC 62 4.49 75.40 50.50
CA ASP FC 62 3.98 76.66 49.98
C ASP FC 62 4.74 77.87 50.50
N ASP FC 63 5.39 77.76 51.66
CA ASP FC 63 6.15 78.87 52.21
C ASP FC 63 7.51 79.04 51.54
N ALA FC 64 8.01 78.01 50.86
CA ALA FC 64 9.31 78.12 50.20
C ALA FC 64 9.18 78.78 48.84
N CYS FC 65 8.39 78.19 47.94
CA CYS FC 65 8.20 78.73 46.60
C CYS FC 65 7.05 79.73 46.53
N ARG FC 66 6.94 80.61 47.53
CA ARG FC 66 5.88 81.61 47.53
C ARG FC 66 6.07 82.61 46.40
N LYS FC 67 7.32 83.03 46.17
CA LYS FC 67 7.59 84.04 45.14
C LYS FC 67 7.11 83.59 43.77
N GLU FC 68 7.17 82.28 43.49
CA GLU FC 68 6.73 81.76 42.20
C GLU FC 68 5.27 81.34 42.22
N ILE FC 69 4.78 80.81 43.34
CA ILE FC 69 3.40 80.36 43.39
C ILE FC 69 2.45 81.56 43.35
N GLN FC 70 2.83 82.68 43.94
CA GLN FC 70 1.99 83.88 43.85
C GLN FC 70 1.85 84.33 42.41
N GLY FC 71 2.96 84.35 41.65
CA GLY FC 71 2.88 84.71 40.25
C GLY FC 71 2.08 83.71 39.44
N PHE FC 72 2.21 82.42 39.76
CA PHE FC 72 1.44 81.39 39.07
C PHE FC 72 -0.06 81.60 39.30
N LEU FC 73 -0.45 81.88 40.54
CA LEU FC 73 -1.87 82.11 40.83
C LEU FC 73 -2.37 83.39 40.18
N ASP FC 74 -1.54 84.44 40.16
CA ASP FC 74 -1.91 85.67 39.49
C ASP FC 74 -2.13 85.42 37.99
N CYS FC 75 -1.25 84.63 37.38
CA CYS FC 75 -1.39 84.34 35.96
C CYS FC 75 -2.62 83.47 35.69
N ALA FC 76 -2.94 82.55 36.60
CA ALA FC 76 -4.15 81.76 36.44
C ALA FC 76 -5.40 82.64 36.53
N ALA FC 77 -5.42 83.57 37.49
CA ALA FC 77 -6.54 84.50 37.59
C ALA FC 77 -6.63 85.38 36.36
N ARG FC 78 -5.49 85.81 35.82
CA ARG FC 78 -5.49 86.63 34.61
C ARG FC 78 -6.01 85.83 33.43
N ALA FC 79 -5.67 84.55 33.35
CA ALA FC 79 -6.17 83.71 32.26
C ALA FC 79 -7.68 83.53 32.38
N GLN FC 80 -8.18 83.32 33.60
CA GLN FC 80 -9.63 83.22 33.78
C GLN FC 80 -10.32 84.53 33.39
N GLU FC 81 -9.73 85.66 33.78
CA GLU FC 81 -10.31 86.95 33.41
C GLU FC 81 -10.30 87.16 31.91
N ALA FC 82 -9.24 86.72 31.23
CA ALA FC 82 -9.17 86.84 29.78
C ALA FC 82 -10.19 85.94 29.10
N ARG FC 83 -10.40 84.73 29.64
CA ARG FC 83 -11.44 83.86 29.11
C ARG FC 83 -12.81 84.50 29.25
N LYS FC 84 -13.09 85.10 30.41
CA LYS FC 84 -14.37 85.77 30.61
C LYS FC 84 -14.52 86.95 29.66
N MET FC 85 -13.44 87.73 29.48
CA MET FC 85 -13.49 88.88 28.59
C MET FC 85 -13.74 88.44 27.15
N ARG FC 86 -13.12 87.33 26.73
CA ARG FC 86 -13.36 86.82 25.38
C ARG FC 86 -14.80 86.34 25.22
N SER FC 87 -15.31 85.61 26.22
CA SER FC 87 -16.70 85.16 26.17
C SER FC 87 -17.66 86.36 26.09
N ILE FC 88 -17.32 87.45 26.77
CA ILE FC 88 -18.17 88.64 26.72
C ILE FC 88 -18.07 89.32 25.36
N GLN FC 89 -16.85 89.47 24.85
CA GLN FC 89 -16.64 90.12 23.56
C GLN FC 89 -17.22 89.33 22.39
N GLU FC 90 -17.40 88.01 22.56
CA GLU FC 90 -18.00 87.21 21.51
C GLU FC 90 -19.38 87.76 21.11
N THR FC 91 -20.06 88.44 22.03
CA THR FC 91 -21.35 89.05 21.74
C THR FC 91 -21.27 90.57 21.57
N LEU FC 92 -20.22 91.21 22.10
CA LEU FC 92 -20.07 92.66 21.99
C LEU FC 92 -19.26 93.02 20.74
N GLY FC 93 -17.95 92.80 20.78
CA GLY FC 93 -17.09 93.11 19.66
C GLY FC 93 -16.20 91.94 19.26
N GLU FC 94 -16.25 91.57 17.99
CA GLU FC 94 -15.47 90.46 17.46
C GLU FC 94 -14.18 90.99 16.85
N SER FC 95 -13.06 90.44 17.28
CA SER FC 95 -11.75 90.85 16.76
C SER FC 95 -11.45 90.14 15.46
N GLY FC 96 -10.83 90.86 14.53
CA GLY FC 96 -10.49 90.30 13.24
C GLY FC 96 -11.62 90.40 12.23
N SER FC 97 -12.53 89.43 12.27
CA SER FC 97 -13.66 89.41 11.36
C SER FC 97 -14.85 90.13 11.98
N LEU FC 98 -15.85 90.41 11.13
CA LEU FC 98 -17.05 91.12 11.55
C LEU FC 98 -18.17 90.11 11.85
N LEU FC 99 -19.24 90.62 12.42
CA LEU FC 99 -20.39 89.79 12.77
C LEU FC 99 -21.02 89.24 11.49
N PRO FC 100 -21.15 87.92 11.33
CA PRO FC 100 -21.79 87.40 10.12
C PRO FC 100 -23.22 87.89 9.92
N ASN FC 101 -23.91 88.24 11.00
CA ASN FC 101 -25.28 88.71 10.87
C ASN FC 101 -25.36 90.01 10.08
N LYS FC 102 -24.35 90.88 10.22
CA LYS FC 102 -24.35 92.13 9.47
C LYS FC 102 -24.35 91.86 7.96
N LEU FC 103 -23.40 91.05 7.49
CA LEU FC 103 -23.34 90.73 6.07
C LEU FC 103 -24.56 89.94 5.63
N ASN FC 104 -25.10 89.08 6.50
CA ASN FC 104 -26.31 88.34 6.17
C ASN FC 104 -27.46 89.30 5.88
N LYS FC 105 -27.69 90.27 6.77
CA LYS FC 105 -28.76 91.24 6.55
C LYS FC 105 -28.47 92.11 5.34
N LEU FC 106 -27.20 92.48 5.13
CA LEU FC 106 -26.85 93.28 3.96
C LEU FC 106 -27.20 92.55 2.67
N LEU FC 107 -26.86 91.26 2.59
CA LEU FC 107 -27.19 90.48 1.41
C LEU FC 107 -28.70 90.26 1.30
N GLN FC 108 -29.40 90.13 2.43
CA GLN FC 108 -30.85 90.03 2.39
C GLN FC 108 -31.47 91.30 1.82
N ARG FC 109 -30.86 92.46 2.07
CA ARG FC 109 -31.35 93.70 1.51
C ARG FC 109 -31.20 93.72 -0.01
N PHE FC 110 -30.12 93.14 -0.53
CA PHE FC 110 -29.85 93.09 -1.96
C PHE FC 110 -29.29 91.72 -2.30
N PRO FC 111 -30.14 90.69 -2.35
CA PRO FC 111 -29.64 89.33 -2.62
C PRO FC 111 -29.18 89.15 -4.06
N ASN FC 112 -28.68 87.96 -4.37
CA ASN FC 112 -28.20 87.67 -5.72
C ASN FC 112 -29.37 87.54 -6.69
N LYS FC 113 -29.06 87.63 -7.97
CA LYS FC 113 -30.04 87.50 -9.05
C LYS FC 113 -29.42 86.71 -10.19
N PRO FC 114 -29.12 85.42 -9.96
CA PRO FC 114 -28.51 84.62 -11.02
C PRO FC 114 -29.51 84.05 -12.00
N TYR FC 115 -30.71 83.73 -11.52
CA TYR FC 115 -31.76 83.16 -12.35
C TYR FC 115 -32.51 84.20 -13.17
N LEU FC 116 -32.05 85.45 -13.18
CA LEU FC 116 -32.71 86.51 -13.94
C LEU FC 116 -34.16 86.66 -13.52
N LYS GC 1 -24.28 59.37 -10.03
CA LYS GC 1 -25.08 58.16 -10.08
C LYS GC 1 -24.50 57.08 -9.19
N ASN GC 2 -25.19 55.94 -9.10
CA ASN GC 2 -24.75 54.82 -8.29
C ASN GC 2 -23.88 53.88 -9.12
N VAL GC 3 -22.98 53.17 -8.44
CA VAL GC 3 -22.07 52.25 -9.10
C VAL GC 3 -22.53 50.82 -8.86
N LEU GC 4 -23.60 50.42 -9.56
CA LEU GC 4 -24.12 49.06 -9.47
C LEU GC 4 -23.73 48.20 -10.66
N LYS GC 5 -23.92 48.72 -11.88
CA LYS GC 5 -23.51 47.98 -13.07
C LYS GC 5 -22.02 47.65 -13.03
N ILE GC 6 -21.19 48.65 -12.72
CA ILE GC 6 -19.75 48.46 -12.75
C ILE GC 6 -19.31 47.57 -11.59
N ARG GC 7 -19.97 47.67 -10.44
CA ARG GC 7 -19.65 46.79 -9.32
C ARG GC 7 -19.98 45.34 -9.66
N ARG GC 8 -21.13 45.11 -10.30
CA ARG GC 8 -21.48 43.76 -10.71
C ARG GC 8 -20.51 43.24 -11.78
N ARG GC 9 -20.08 44.12 -12.68
CA ARG GC 9 -19.09 43.73 -13.68
C ARG GC 9 -17.77 43.33 -13.02
N LYS GC 10 -17.33 44.10 -12.03
CA LYS GC 10 -16.10 43.75 -11.33
C LYS GC 10 -16.25 42.45 -10.55
N MET GC 11 -17.43 42.21 -9.97
CA MET GC 11 -17.67 40.95 -9.28
C MET GC 11 -17.61 39.77 -10.25
N ASN GC 12 -18.21 39.93 -11.43
CA ASN GC 12 -18.14 38.87 -12.43
C ASN GC 12 -16.71 38.64 -12.90
N HIS GC 13 -15.94 39.72 -13.04
CA HIS GC 13 -14.54 39.58 -13.43
C HIS GC 13 -13.74 38.85 -12.36
N HIS GC 14 -14.01 39.16 -11.09
CA HIS GC 14 -13.33 38.45 -10.01
C HIS GC 14 -13.72 36.98 -9.98
N LYS GC 15 -14.99 36.67 -10.25
CA LYS GC 15 -15.42 35.28 -10.33
C LYS GC 15 -14.71 34.56 -11.46
N TYR GC 16 -14.59 35.21 -12.62
CA TYR GC 16 -13.88 34.60 -13.75
C TYR GC 16 -12.40 34.39 -13.41
N ARG GC 17 -11.80 35.35 -12.70
CA ARG GC 17 -10.40 35.20 -12.29
C ARG GC 17 -10.24 34.02 -11.34
N LYS GC 18 -11.15 33.88 -10.37
CA LYS GC 18 -11.10 32.74 -9.47
C LYS GC 18 -11.27 31.44 -10.24
N LEU GC 19 -12.16 31.42 -11.23
CA LEU GC 19 -12.33 30.23 -12.06
C LEU GC 19 -11.02 29.88 -12.77
N VAL GC 20 -10.40 30.87 -13.41
CA VAL GC 20 -9.16 30.62 -14.14
C VAL GC 20 -8.06 30.14 -13.20
N LYS GC 21 -8.05 30.67 -11.97
CA LYS GC 21 -7.01 30.29 -11.02
C LYS GC 21 -7.22 28.86 -10.52
N LYS GC 22 -8.46 28.49 -10.22
CA LYS GC 22 -8.74 27.15 -9.71
C LYS GC 22 -8.46 26.09 -10.77
N THR GC 23 -8.77 26.38 -12.03
CA THR GC 23 -8.58 25.44 -13.11
C THR GC 23 -7.99 26.19 -14.31
N ARG GC 24 -6.83 25.75 -14.78
CA ARG GC 24 -6.18 26.37 -15.92
C ARG GC 24 -5.40 25.36 -16.75
N PHE GC 25 -4.91 24.29 -16.11
CA PHE GC 25 -4.16 23.28 -16.84
C PHE GC 25 -5.07 22.47 -17.77
N LEU GC 26 -6.27 22.14 -17.30
CA LEU GC 26 -7.23 21.48 -18.19
C LEU GC 26 -7.63 22.41 -19.33
N ARG GC 27 -7.72 23.72 -19.06
CA ARG GC 27 -8.00 24.67 -20.12
C ARG GC 27 -6.87 24.71 -21.14
N ARG GC 28 -5.62 24.64 -20.68
CA ARG GC 28 -4.49 24.61 -21.60
C ARG GC 28 -4.48 23.33 -22.41
N LYS GC 29 -4.85 22.20 -21.80
CA LYS GC 29 -4.95 20.95 -22.55
C LYS GC 29 -6.04 21.03 -23.61
N VAL GC 30 -7.18 21.64 -23.27
CA VAL GC 30 -8.26 21.81 -24.24
C VAL GC 30 -7.81 22.72 -25.36
N GLN GC 31 -7.02 23.75 -25.04
CA GLN GC 31 -6.50 24.65 -26.07
C GLN GC 31 -5.53 23.92 -27.00
N GLU GC 32 -4.69 23.06 -26.44
CA GLU GC 32 -3.79 22.27 -27.27
C GLU GC 32 -4.57 21.34 -28.19
N GLY GC 33 -5.62 20.70 -27.64
CA GLY GC 33 -6.47 19.86 -28.48
C GLY GC 33 -7.16 20.64 -29.58
N ARG GC 34 -7.60 21.86 -29.27
CA ARG GC 34 -8.23 22.71 -30.27
C ARG GC 34 -7.24 23.09 -31.36
N LEU GC 35 -5.99 23.39 -30.98
CA LEU GC 35 -4.97 23.71 -31.97
C LEU GC 35 -4.68 22.51 -32.85
N ARG GC 36 -4.61 21.31 -32.27
CA ARG GC 36 -4.40 20.10 -33.05
C ARG GC 36 -5.55 19.88 -34.02
N ARG GC 37 -6.79 20.08 -33.56
CA ARG GC 37 -7.95 19.92 -34.44
C ARG GC 37 -7.93 20.95 -35.56
N LYS GC 38 -7.51 22.17 -35.25
CA LYS GC 38 -7.41 23.21 -36.29
C LYS GC 38 -6.36 22.82 -37.33
N GLN GC 39 -5.22 22.30 -36.88
CA GLN GC 39 -4.19 21.86 -37.82
C GLN GC 39 -4.71 20.71 -38.69
N ILE GC 40 -5.44 19.79 -38.08
CA ILE GC 40 -6.00 18.67 -38.85
C ILE GC 40 -6.99 19.17 -39.88
N LYS GC 41 -7.83 20.14 -39.49
CA LYS GC 41 -8.80 20.70 -40.42
C LYS GC 41 -8.12 21.43 -41.57
N PHE GC 42 -7.04 22.16 -41.26
CA PHE GC 42 -6.29 22.85 -42.30
C PHE GC 42 -5.66 21.85 -43.26
N GLU GC 43 -5.10 20.75 -42.74
CA GLU GC 43 -4.52 19.73 -43.60
C GLU GC 43 -5.59 19.09 -44.48
N LYS GC 44 -6.77 18.83 -43.92
CA LYS GC 44 -7.84 18.24 -44.70
C LYS GC 44 -8.32 19.20 -45.78
N ASP GC 45 -8.39 20.51 -45.47
CA ASP GC 45 -8.78 21.49 -46.48
C ASP GC 45 -7.74 21.56 -47.59
N LEU GC 46 -6.45 21.51 -47.24
CA LEU GC 46 -5.40 21.50 -48.26
C LEU GC 46 -5.51 20.26 -49.14
N ARG GC 47 -5.80 19.10 -48.53
CA ARG GC 47 -5.97 17.89 -49.31
C ARG GC 47 -7.16 17.99 -50.25
N ARG GC 48 -8.27 18.54 -49.76
CA ARG GC 48 -9.44 18.72 -50.62
C ARG GC 48 -9.13 19.67 -51.78
N ILE GC 49 -8.39 20.74 -51.50
CA ILE GC 49 -8.02 21.68 -52.56
C ILE GC 49 -7.14 20.99 -53.59
N TRP GC 50 -6.15 20.22 -53.14
CA TRP GC 50 -5.30 19.48 -54.06
C TRP GC 50 -6.11 18.52 -54.92
N LEU GC 51 -7.11 17.86 -54.31
CA LEU GC 51 -7.90 16.88 -55.04
C LEU GC 51 -8.81 17.54 -56.07
N LYS GC 52 -9.43 18.66 -55.70
CA LYS GC 52 -10.38 19.34 -56.58
C LYS GC 52 -9.73 20.36 -57.51
N ALA GC 53 -8.42 20.56 -57.42
CA ALA GC 53 -7.72 21.52 -58.27
C ALA GC 53 -7.07 20.82 -59.46
N GLY GC 54 -7.82 19.97 -60.14
CA GLY GC 54 -7.31 19.29 -61.31
C GLY GC 54 -6.30 18.22 -60.99
N LEU GC 55 -5.04 18.61 -60.83
CA LEU GC 55 -3.98 17.66 -60.54
C LEU GC 55 -4.24 16.98 -59.19
N LYS GC 56 -3.46 15.92 -58.94
CA LYS GC 56 -3.58 15.14 -57.71
C LYS GC 56 -2.18 14.81 -57.21
N GLU GC 57 -2.13 14.07 -56.10
CA GLU GC 57 -0.89 13.63 -55.46
C GLU GC 57 -0.14 14.78 -54.81
N ALA GC 58 -0.74 15.97 -54.73
CA ALA GC 58 -0.12 17.14 -54.10
C ALA GC 58 1.10 17.58 -54.90
N PRO GC 59 1.29 18.88 -55.12
CA PRO GC 59 2.49 19.34 -55.85
C PRO GC 59 3.76 18.92 -55.11
N GLU GC 60 4.77 18.54 -55.89
CA GLU GC 60 6.05 18.14 -55.32
C GLU GC 60 6.88 19.36 -54.97
N GLY GC 61 7.77 19.18 -53.99
CA GLY GC 61 8.64 20.25 -53.54
C GLY GC 61 8.02 21.21 -52.55
N TRP GC 62 6.72 21.13 -52.32
CA TRP GC 62 6.04 22.02 -51.38
C TRP GC 62 6.01 21.39 -49.99
N GLN GC 63 6.01 22.25 -48.98
CA GLN GC 63 5.97 21.82 -47.59
C GLN GC 63 4.89 22.59 -46.85
N THR GC 64 4.14 21.89 -46.01
CA THR GC 64 3.07 22.49 -45.22
C THR GC 64 3.45 22.50 -43.75
N PRO GC 65 4.27 23.45 -43.31
CA PRO GC 65 4.66 23.47 -41.90
C PRO GC 65 3.49 23.78 -40.99
N LYS GC 66 3.64 23.37 -39.73
CA LYS GC 66 2.60 23.57 -38.72
C LYS GC 66 2.83 24.90 -38.02
N ILE GC 67 1.79 25.73 -37.96
CA ILE GC 67 1.86 27.02 -37.29
C ILE GC 67 1.58 26.81 -35.80
N TYR GC 68 1.91 27.82 -34.99
CA TYR GC 68 1.77 27.73 -33.52
C TYR GC 68 2.88 26.85 -32.94
N LEU GC 69 4.12 27.15 -33.30
CA LEU GC 69 5.27 26.41 -32.81
C LEU GC 69 5.13 24.92 -33.15
N GLU HC 1 -88.56 86.80 82.45
CA GLU HC 1 -87.78 85.65 82.89
C GLU HC 1 -88.10 84.42 82.04
N VAL HC 2 -87.42 83.31 82.33
CA VAL HC 2 -87.61 82.08 81.58
C VAL HC 2 -88.89 81.40 82.04
N VAL HC 3 -90.01 81.77 81.41
CA VAL HC 3 -91.31 81.20 81.73
C VAL HC 3 -91.64 80.14 80.69
N ILE HC 4 -92.42 79.15 81.10
CA ILE HC 4 -92.81 78.04 80.23
C ILE HC 4 -93.54 78.60 79.01
N PRO HC 5 -92.98 78.50 77.80
CA PRO HC 5 -93.68 79.02 76.63
C PRO HC 5 -94.75 78.05 76.14
N LYS HC 6 -95.93 78.61 75.83
CA LYS HC 6 -97.02 77.80 75.34
C LYS HC 6 -96.62 77.08 74.05
N LYS HC 7 -97.27 75.94 73.81
CA LYS HC 7 -97.00 75.11 72.64
C LYS HC 7 -98.13 75.23 71.63
N LYS HC 8 -97.85 74.77 70.41
CA LYS HC 8 -98.81 74.80 69.32
C LYS HC 8 -99.47 73.43 69.18
N THR HC 9 -100.22 73.25 68.11
CA THR HC 9 -100.90 71.98 67.84
C THR HC 9 -99.96 71.00 67.17
N TRP HC 10 -100.51 70.03 66.44
CA TRP HC 10 -99.70 69.04 65.74
C TRP HC 10 -99.06 69.58 64.47
N ASP HC 11 -99.19 70.88 64.19
CA ASP HC 11 -98.58 71.49 63.02
C ASP HC 11 -99.12 70.86 61.74
N LYS HC 12 -100.32 71.27 61.33
CA LYS HC 12 -100.90 70.77 60.10
C LYS HC 12 -100.18 71.34 58.89
N VAL HC 13 -100.25 70.60 57.78
CA VAL HC 13 -99.60 71.01 56.55
C VAL HC 13 -100.30 72.25 56.00
N ALA HC 14 -100.09 73.39 56.66
CA ALA HC 14 -100.71 74.65 56.25
C ALA HC 14 -99.70 75.68 55.79
N VAL HC 15 -98.40 75.38 55.86
CA VAL HC 15 -97.39 76.33 55.39
C VAL HC 15 -97.55 76.57 53.90
N LEU HC 16 -97.79 75.50 53.13
CA LEU HC 16 -97.98 75.66 51.70
C LEU HC 16 -99.23 76.48 51.40
N GLN HC 17 -100.32 76.24 52.14
CA GLN HC 17 -101.53 77.02 51.95
C GLN HC 17 -101.29 78.49 52.25
N ALA HC 18 -100.54 78.78 53.32
CA ALA HC 18 -100.26 80.17 53.66
C ALA HC 18 -99.40 80.83 52.58
N LEU HC 19 -98.37 80.13 52.11
CA LEU HC 19 -97.52 80.70 51.05
C LEU HC 19 -98.32 80.93 49.77
N ALA HC 20 -99.29 80.05 49.49
CA ALA HC 20 -100.11 80.24 48.29
C ALA HC 20 -101.06 81.42 48.46
N SER HC 21 -101.64 81.58 49.66
CA SER HC 21 -102.56 82.69 49.90
C SER HC 21 -101.82 84.02 49.85
N THR HC 22 -100.61 84.08 50.42
CA THR HC 22 -99.82 85.30 50.41
C THR HC 22 -99.48 85.68 48.98
N VAL HC 23 -98.55 84.95 48.36
CA VAL HC 23 -98.18 85.19 46.97
C VAL HC 23 -99.26 84.56 46.08
N ASN HC 24 -100.40 85.22 45.97
CA ASN HC 24 -101.53 84.69 45.22
C ASN HC 24 -101.28 84.84 43.72
N ARG HC 25 -102.33 84.68 42.92
CA ARG HC 25 -102.21 84.78 41.48
C ARG HC 25 -101.80 86.18 41.07
N ASP HC 26 -101.01 86.25 39.99
CA ASP HC 26 -100.54 87.51 39.43
C ASP HC 26 -100.98 87.61 37.97
N THR HC 27 -100.49 88.63 37.27
CA THR HC 27 -100.82 88.82 35.87
C THR HC 27 -100.30 87.65 35.04
N THR HC 28 -100.93 87.44 33.89
CA THR HC 28 -100.58 86.34 32.99
C THR HC 28 -100.64 85.01 33.73
N ALA HC 29 -101.78 84.75 34.35
CA ALA HC 29 -101.98 83.54 35.15
C ALA HC 29 -102.15 82.35 34.23
N VAL HC 30 -101.09 81.55 34.09
CA VAL HC 30 -101.13 80.33 33.29
C VAL HC 30 -101.32 79.16 34.23
N PRO HC 31 -102.17 78.16 33.90
CA PRO HC 31 -102.37 77.04 34.82
C PRO HC 31 -101.07 76.34 35.20
N TYR HC 32 -100.78 76.28 36.50
CA TYR HC 32 -99.55 75.67 36.96
C TYR HC 32 -99.48 74.18 36.63
N VAL HC 33 -100.63 73.54 36.39
CA VAL HC 33 -100.63 72.12 36.07
C VAL HC 33 -99.84 71.85 34.79
N PHE HC 34 -99.88 72.79 33.85
CA PHE HC 34 -99.16 72.64 32.59
C PHE HC 34 -97.79 73.30 32.67
N GLN HC 35 -96.86 72.80 31.87
CA GLN HC 35 -95.50 73.33 31.85
C GLN HC 35 -95.49 74.70 31.17
N ASP HC 36 -94.30 75.29 31.07
CA ASP HC 36 -94.12 76.61 30.47
C ASP HC 36 -93.24 76.55 29.23
N ASP HC 37 -93.14 75.37 28.58
CA ASP HC 37 -92.34 75.25 27.37
C ASP HC 37 -93.15 75.63 26.14
N PRO HC 38 -92.49 76.09 25.07
CA PRO HC 38 -93.24 76.49 23.86
C PRO HC 38 -93.84 75.30 23.14
N TYR HC 39 -93.02 74.28 22.87
CA TYR HC 39 -93.50 73.10 22.17
C TYR HC 39 -94.53 72.32 22.98
N LEU HC 40 -94.55 72.50 24.30
CA LEU HC 40 -95.48 71.81 25.17
C LEU HC 40 -96.50 72.78 25.79
N MET HC 41 -96.81 73.88 25.10
CA MET HC 41 -97.74 74.87 25.60
C MET HC 41 -99.15 74.56 25.08
N PRO HC 42 -100.16 74.54 25.96
CA PRO HC 42 -101.53 74.29 25.48
C PRO HC 42 -102.07 75.46 24.66
N ALA HC 43 -102.14 75.28 23.33
CA ALA HC 43 -102.61 76.33 22.45
C ALA HC 43 -104.07 76.67 22.74
N SER HC 44 -104.98 75.78 22.37
CA SER HC 44 -106.40 75.98 22.55
C SER HC 44 -106.91 75.15 23.72
N SER HC 45 -108.15 75.43 24.12
CA SER HC 45 -108.77 74.66 25.19
C SER HC 45 -108.86 73.19 24.84
N LEU HC 46 -109.26 72.88 23.60
CA LEU HC 46 -109.30 71.49 23.17
C LEU HC 46 -107.92 70.87 23.15
N GLU HC 47 -106.88 71.67 22.91
CA GLU HC 47 -105.52 71.16 22.95
C GLU HC 47 -105.14 70.72 24.37
N SER HC 48 -105.45 71.55 25.36
CA SER HC 48 -105.21 71.17 26.75
C SER HC 48 -106.05 69.96 27.13
N ARG HC 49 -107.28 69.89 26.63
CA ARG HC 49 -108.13 68.73 26.90
C ARG HC 49 -107.50 67.46 26.33
N SER HC 50 -106.97 67.53 25.12
CA SER HC 50 -106.33 66.36 24.51
C SER HC 50 -105.06 65.98 25.26
N PHE HC 51 -104.31 66.98 25.73
CA PHE HC 51 -103.12 66.68 26.51
C PHE HC 51 -103.48 65.97 27.81
N LEU HC 52 -104.52 66.45 28.50
CA LEU HC 52 -104.96 65.80 29.73
C LEU HC 52 -105.50 64.40 29.44
N LEU HC 53 -106.17 64.22 28.31
CA LEU HC 53 -106.66 62.90 27.93
C LEU HC 53 -105.51 61.94 27.67
N ALA HC 54 -104.45 62.42 27.01
CA ALA HC 54 -103.28 61.57 26.79
C ALA HC 54 -102.59 61.24 28.11
N LYS HC 55 -102.51 62.19 29.03
CA LYS HC 55 -101.95 61.91 30.34
C LYS HC 55 -102.76 60.86 31.08
N LYS HC 56 -104.09 60.97 31.04
CA LYS HC 56 -104.94 59.97 31.67
C LYS HC 56 -104.80 58.61 30.99
N SER HC 57 -104.62 58.61 29.66
CA SER HC 57 -104.41 57.35 28.95
C SER HC 57 -103.12 56.69 29.39
N GLY HC 58 -102.04 57.48 29.54
CA GLY HC 58 -100.80 56.91 30.05
C GLY HC 58 -100.93 56.41 31.47
N GLU HC 59 -101.66 57.15 32.31
CA GLU HC 59 -101.89 56.69 33.68
C GLU HC 59 -102.64 55.37 33.70
N ASN HC 60 -103.67 55.24 32.84
CA ASN HC 60 -104.40 53.98 32.76
C ASN HC 60 -103.52 52.86 32.22
N VAL HC 61 -102.65 53.18 31.26
CA VAL HC 61 -101.69 52.19 30.77
C VAL HC 61 -100.86 51.65 31.93
N ALA HC 62 -100.28 52.57 32.71
CA ALA HC 62 -99.45 52.14 33.84
C ALA HC 62 -100.26 51.34 34.84
N LYS HC 63 -101.48 51.79 35.15
CA LYS HC 63 -102.31 51.09 36.12
C LYS HC 63 -102.61 49.67 35.67
N PHE HC 64 -102.98 49.51 34.40
CA PHE HC 64 -103.32 48.18 33.89
C PHE HC 64 -102.08 47.29 33.83
N ILE HC 65 -100.94 47.85 33.42
CA ILE HC 65 -99.72 47.05 33.34
C ILE HC 65 -99.26 46.62 34.72
N ILE HC 66 -99.52 47.43 35.74
CA ILE HC 66 -99.13 47.06 37.10
C ILE HC 66 -100.14 46.09 37.71
N ASN HC 67 -101.40 46.19 37.32
CA ASN HC 67 -102.41 45.25 37.82
C ASN HC 67 -102.21 43.88 37.22
N SER HC 68 -101.87 43.82 35.93
CA SER HC 68 -101.59 42.53 35.30
C SER HC 68 -100.27 41.93 35.78
N TYR HC 69 -99.40 42.73 36.37
CA TYR HC 69 -98.12 42.27 36.91
C TYR HC 69 -97.82 43.05 38.18
N PRO HC 70 -98.56 42.78 39.26
CA PRO HC 70 -98.36 43.53 40.51
C PRO HC 70 -97.17 43.02 41.30
N LYS HC 71 -96.94 41.71 41.27
CA LYS HC 71 -95.84 41.12 42.02
C LYS HC 71 -94.49 41.66 41.59
N TYR HC 72 -94.39 42.19 40.37
CA TYR HC 72 -93.12 42.76 39.90
C TYR HC 72 -92.84 44.13 40.48
N PHE HC 73 -93.87 44.86 40.91
CA PHE HC 73 -93.71 46.19 41.47
C PHE HC 73 -93.74 46.20 42.99
N GLN HC 74 -93.85 45.03 43.63
CA GLN HC 74 -93.90 44.99 45.09
C GLN HC 74 -92.59 45.44 45.72
N LYS HC 75 -91.47 45.03 45.14
CA LYS HC 75 -90.16 45.42 45.68
C LYS HC 75 -89.99 46.92 45.60
N ASP HC 76 -89.77 47.55 46.75
CA ASP HC 76 -89.59 48.99 46.83
C ASP HC 76 -88.45 49.31 47.77
N ILE HC 77 -88.08 50.59 47.83
CA ILE HC 77 -87.00 51.03 48.69
C ILE HC 77 -87.50 51.12 50.13
N ALA HC 78 -86.66 50.68 51.06
CA ALA HC 78 -87.01 50.71 52.48
C ALA HC 78 -86.82 52.11 53.05
N ILE HC 82 -95.95 55.36 50.03
CA ILE HC 82 -95.88 53.93 50.25
C ILE HC 82 -97.27 53.38 50.57
N PRO HC 83 -98.15 53.38 49.57
CA PRO HC 83 -99.51 52.86 49.80
C PRO HC 83 -99.52 51.35 49.99
N CYS HC 84 -100.64 50.85 50.49
CA CYS HC 84 -100.84 49.43 50.75
C CYS HC 84 -102.08 48.98 49.97
N LEU HC 85 -101.85 48.45 48.77
CA LEU HC 85 -102.93 47.97 47.90
C LEU HC 85 -102.55 46.63 47.28
N MET HC 86 -101.86 45.79 48.05
CA MET HC 86 -101.43 44.48 47.56
C MET HC 86 -102.62 43.70 47.03
N PRO HC 87 -102.42 42.80 46.06
CA PRO HC 87 -103.55 42.05 45.51
C PRO HC 87 -104.11 41.07 46.53
N GLU HC 88 -105.27 40.51 46.18
CA GLU HC 88 -105.95 39.55 47.04
C GLU HC 88 -106.33 38.30 46.26
N UNK HC 89 -111.55 30.38 51.36
CA UNK HC 89 -112.97 30.35 51.69
C UNK HC 89 -113.18 30.77 53.14
N UNK HC 90 -112.47 31.81 53.56
CA UNK HC 90 -112.59 32.31 54.93
C UNK HC 90 -112.15 33.77 55.00
N UNK HC 91 -111.13 34.04 55.81
CA UNK HC 91 -110.61 35.39 55.97
C UNK HC 91 -110.07 35.92 54.65
N UNK HC 92 -109.33 35.08 53.93
CA UNK HC 92 -108.76 35.47 52.65
C UNK HC 92 -109.87 35.79 51.65
N UNK HC 93 -110.89 34.94 51.62
CA UNK HC 93 -112.03 35.13 50.72
C UNK HC 93 -112.74 36.44 51.04
N UNK HC 94 -112.93 36.71 52.32
CA UNK HC 94 -113.59 37.93 52.77
C UNK HC 94 -112.78 39.16 52.34
N UNK HC 95 -111.47 39.08 52.53
CA UNK HC 95 -110.58 40.18 52.16
C UNK HC 95 -110.63 40.43 50.66
N UNK HC 96 -110.66 39.35 49.89
CA UNK HC 96 -110.73 39.45 48.44
C UNK HC 96 -112.04 40.09 48.00
N UNK HC 97 -113.14 39.67 48.63
CA UNK HC 97 -114.45 40.21 48.31
C UNK HC 97 -114.51 41.70 48.64
N UNK HC 98 -113.90 42.07 49.76
CA UNK HC 98 -113.87 43.47 50.18
C UNK HC 98 -113.04 44.31 49.20
N UNK HC 99 -111.75 44.03 49.14
CA UNK HC 99 -110.85 44.75 48.25
C UNK HC 99 -110.75 44.05 46.90
N UNK HC 100 -111.28 44.69 45.86
CA UNK HC 100 -111.26 44.13 44.52
C UNK HC 100 -109.83 44.03 44.00
N UNK HC 101 -116.38 42.61 41.72
CA UNK HC 101 -115.92 42.10 40.43
C UNK HC 101 -116.15 40.59 40.36
N UNK HC 102 -115.64 39.97 39.30
CA UNK HC 102 -115.78 38.54 39.11
C UNK HC 102 -115.01 37.77 40.18
N UNK HC 103 -113.72 38.06 40.30
CA UNK HC 103 -112.87 37.41 41.28
C UNK HC 103 -113.37 37.71 42.69
N UNK HC 104 -113.73 38.95 42.94
CA UNK HC 104 -114.23 39.37 44.24
C UNK HC 104 -115.52 38.63 44.58
N UNK HC 105 -116.42 38.53 43.59
CA UNK HC 105 -117.68 37.83 43.78
C UNK HC 105 -117.44 36.36 44.09
N UNK HC 106 -116.50 35.75 43.37
CA UNK HC 106 -116.17 34.35 43.57
C UNK HC 106 -115.62 34.14 44.97
N UNK HC 107 -114.75 35.03 45.41
CA UNK HC 107 -114.15 34.95 46.74
C UNK HC 107 -115.24 35.07 47.81
N UNK HC 108 -116.16 36.01 47.61
CA UNK HC 108 -117.26 36.23 48.54
C UNK HC 108 -118.14 34.99 48.63
N UNK HC 109 -118.43 34.39 47.49
CA UNK HC 109 -119.25 33.19 47.44
C UNK HC 109 -118.56 32.04 48.16
N UNK HC 110 -117.26 31.91 47.95
CA UNK HC 110 -116.47 30.86 48.58
C UNK HC 110 -116.48 31.04 50.10
N UNK HC 111 -116.34 32.29 50.54
CA UNK HC 111 -116.34 32.61 51.96
C UNK HC 111 -117.68 32.28 52.59
N UNK HC 112 -118.75 32.70 51.92
CA UNK HC 112 -120.10 32.45 52.41
C UNK HC 112 -120.66 31.15 51.82
N UNK HC 113 -119.78 30.20 51.58
CA UNK HC 113 -120.18 28.91 51.02
C UNK HC 113 -120.92 28.08 52.06
N UNK HC 114 -122.24 38.74 52.81
CA UNK HC 114 -122.06 38.87 51.37
C UNK HC 114 -121.95 40.34 50.98
N UNK HC 115 -121.36 40.58 49.81
CA UNK HC 115 -121.18 41.95 49.32
C UNK HC 115 -120.60 41.94 47.91
N UNK HC 116 -119.51 41.18 47.73
CA UNK HC 116 -118.86 41.08 46.43
C UNK HC 116 -119.80 40.48 45.39
N UNK HC 117 -120.61 39.52 45.84
CA UNK HC 117 -121.57 38.88 44.95
C UNK HC 117 -122.57 39.90 44.41
N UNK HC 118 -123.14 40.69 45.32
CA UNK HC 118 -124.10 41.72 44.96
C UNK HC 118 -123.44 42.77 44.06
N UNK HC 119 -122.19 43.10 44.36
CA UNK HC 119 -121.45 44.06 43.56
C UNK HC 119 -121.31 43.57 42.12
N UNK HC 120 -120.90 42.32 41.98
CA UNK HC 120 -120.72 41.71 40.66
C UNK HC 120 -122.06 41.64 39.92
N UNK HC 121 -123.13 41.31 40.65
CA UNK HC 121 -124.46 41.23 40.06
C UNK HC 121 -124.87 42.60 39.51
N UNK HC 122 -124.65 43.64 40.29
CA UNK HC 122 -125.00 45.00 39.89
C UNK HC 122 -124.16 45.43 38.69
N UNK HC 123 -122.88 45.07 38.70
CA UNK HC 123 -121.99 45.41 37.60
C UNK HC 123 -122.46 44.75 36.31
N UNK HC 124 -122.87 43.49 36.41
CA UNK HC 124 -123.35 42.76 35.26
C UNK HC 124 -124.66 43.35 34.75
N UNK HC 125 -125.53 43.73 35.68
CA UNK HC 125 -126.82 44.33 35.33
C UNK HC 125 -126.81 45.83 35.60
N UNK HC 126 -127.36 46.21 36.75
CA UNK HC 126 -127.42 47.62 37.14
C UNK HC 126 -127.63 47.76 38.65
N UNK HC 127 -131.66 46.01 37.94
CA UNK HC 127 -132.68 45.46 37.06
C UNK HC 127 -133.58 44.48 37.82
N UNK HC 128 -132.98 43.45 38.40
CA UNK HC 128 -133.71 42.45 39.15
C UNK HC 128 -132.75 41.52 39.89
N UNK HC 129 -131.86 40.89 39.13
CA UNK HC 129 -130.87 39.98 39.72
C UNK HC 129 -129.97 40.73 40.69
N UNK HC 130 -129.59 41.95 40.31
CA UNK HC 130 -128.73 42.79 41.16
C UNK HC 130 -129.42 43.08 42.48
N UNK HC 131 -130.69 43.47 42.41
CA UNK HC 131 -131.48 43.79 43.59
C UNK HC 131 -131.63 42.56 44.48
N UNK HC 132 -131.86 41.42 43.85
CA UNK HC 132 -132.01 40.16 44.58
C UNK HC 132 -130.72 39.83 45.33
N UNK HC 133 -129.60 39.96 44.64
CA UNK HC 133 -128.29 39.68 45.25
C UNK HC 133 -128.03 40.63 46.40
N UNK HC 134 -128.37 41.90 46.22
CA UNK HC 134 -128.18 42.91 47.26
C UNK HC 134 -129.00 42.56 48.50
N UNK HC 135 -130.26 42.18 48.27
CA UNK HC 135 -131.15 41.81 49.36
C UNK HC 135 -130.63 40.58 50.09
N UNK HC 136 -130.12 39.61 49.34
CA UNK HC 136 -129.59 38.38 49.92
C UNK HC 136 -128.35 38.68 50.77
N UNK HC 137 -127.52 39.60 50.28
CA UNK HC 137 -126.30 39.97 51.00
C UNK HC 137 -126.63 40.75 52.26
N UNK HC 138 -127.68 41.58 52.20
CA UNK HC 138 -128.08 42.40 53.33
C UNK HC 138 -128.84 41.58 54.37
N UNK HC 139 -130.09 41.26 54.06
CA UNK HC 139 -130.95 40.54 54.99
C UNK HC 139 -130.59 39.06 55.03
N UNK HC 140 -131.10 38.30 54.06
CA UNK HC 140 -130.86 36.86 54.01
C UNK HC 140 -129.36 36.56 53.97
N UNK HC 141 -128.80 50.91 57.82
CA UNK HC 141 -129.35 49.57 58.04
C UNK HC 141 -129.81 48.95 56.72
N UNK HC 142 -129.08 49.24 55.64
CA UNK HC 142 -129.42 48.72 54.33
C UNK HC 142 -128.35 49.11 53.31
N UNK HC 143 -127.12 48.70 53.58
CA UNK HC 143 -126.00 49.03 52.70
C UNK HC 143 -126.21 48.46 51.30
N UNK HC 144 -126.45 47.15 51.24
CA UNK HC 144 -126.66 46.48 49.96
C UNK HC 144 -127.89 47.02 49.26
N UNK HC 145 -128.92 47.33 50.03
CA UNK HC 145 -130.16 47.87 49.48
C UNK HC 145 -129.87 49.20 48.78
N UNK HC 146 -129.18 50.09 49.48
CA UNK HC 146 -128.83 51.40 48.93
C UNK HC 146 -127.94 51.25 47.72
N UNK HC 147 -127.01 50.29 47.76
CA UNK HC 147 -126.11 50.03 46.65
C UNK HC 147 -126.91 49.64 45.40
N UNK HC 148 -127.83 48.70 45.57
CA UNK HC 148 -128.65 48.23 44.47
C UNK HC 148 -129.52 49.37 43.93
N UNK HC 149 -130.06 50.17 44.84
CA UNK HC 149 -130.90 51.30 44.46
C UNK HC 149 -130.11 52.28 43.59
N UNK HC 150 -128.90 52.61 44.03
CA UNK HC 150 -128.04 53.53 43.30
C UNK HC 150 -127.68 52.96 41.93
N UNK HC 151 -127.35 51.67 41.91
CA UNK HC 151 -126.97 51.00 40.67
C UNK HC 151 -128.12 51.02 39.67
N UNK HC 152 -129.34 50.85 40.16
CA UNK HC 152 -130.51 50.85 39.30
C UNK HC 152 -130.87 52.25 38.83
N UNK HC 153 -130.66 53.24 39.70
CA UNK HC 153 -130.96 54.63 39.36
C UNK HC 153 -129.94 55.18 38.37
N UNK HC 154 -128.73 54.64 38.40
CA UNK HC 154 -127.68 55.07 37.50
C UNK HC 154 -128.09 54.90 36.05
N UNK HC 155 -128.84 53.84 35.77
CA UNK HC 155 -129.32 53.56 34.42
C UNK HC 155 -130.59 54.35 34.12
N UNK HC 156 -137.34 53.60 38.49
CA UNK HC 156 -137.61 52.79 37.31
C UNK HC 156 -138.38 51.53 37.69
N UNK HC 157 -137.74 50.67 38.48
CA UNK HC 157 -138.37 49.44 38.93
C UNK HC 157 -137.49 48.74 39.96
N UNK HC 158 -136.30 48.33 39.55
CA UNK HC 158 -135.37 47.66 40.44
C UNK HC 158 -134.97 48.59 41.59
N UNK HC 159 -134.64 49.84 41.25
CA UNK HC 159 -134.25 50.82 42.24
C UNK HC 159 -135.40 51.10 43.20
N UNK HC 160 -136.61 51.17 42.66
CA UNK HC 160 -137.81 51.41 43.46
C UNK HC 160 -137.99 50.28 44.46
N UNK HC 161 -137.89 49.05 43.99
CA UNK HC 161 -138.05 47.87 44.85
C UNK HC 161 -136.97 47.85 45.93
N UNK HC 162 -135.75 48.21 45.54
CA UNK HC 162 -134.64 48.24 46.49
C UNK HC 162 -134.90 49.25 47.60
N UNK HC 163 -135.32 50.45 47.20
CA UNK HC 163 -135.61 51.51 48.16
C UNK HC 163 -136.76 51.10 49.07
N UNK HC 164 -137.75 50.43 48.50
CA UNK HC 164 -138.89 49.94 49.27
C UNK HC 164 -138.41 48.97 50.35
N UNK HC 165 -137.69 47.94 49.92
CA UNK HC 165 -137.17 46.93 50.84
C UNK HC 165 -136.31 47.57 51.92
N UNK HC 166 -135.55 48.60 51.54
CA UNK HC 166 -134.68 49.30 52.48
C UNK HC 166 -135.51 50.01 53.55
N UNK HC 167 -136.40 50.89 53.11
CA UNK HC 167 -137.24 51.65 54.04
C UNK HC 167 -138.44 52.26 53.32
N UNK HC 168 -139.48 51.46 53.11
CA UNK HC 168 -140.69 51.94 52.47
C UNK HC 168 -141.28 53.12 53.23
N UNK HC 169 -141.18 53.08 54.55
CA UNK HC 169 -141.70 54.15 55.39
C UNK HC 169 -140.78 55.36 55.36
N UNK HC 170 -135.04 55.74 53.41
CA UNK HC 170 -134.46 56.12 54.70
C UNK HC 170 -133.24 57.02 54.49
N UNK HC 171 -132.46 56.73 53.45
CA UNK HC 171 -131.27 57.52 53.14
C UNK HC 171 -130.87 57.34 51.69
N UNK HC 172 -129.80 56.59 51.47
CA UNK HC 172 -129.28 56.36 50.12
C UNK HC 172 -130.32 55.66 49.25
N UNK HC 173 -131.02 54.70 49.83
CA UNK HC 173 -132.05 53.95 49.11
C UNK HC 173 -133.15 54.89 48.62
N UNK HC 174 -133.67 55.71 49.53
CA UNK HC 174 -134.72 56.66 49.20
C UNK HC 174 -134.23 57.66 48.16
N UNK HC 175 -132.96 58.06 48.29
CA UNK HC 175 -132.37 59.01 47.35
C UNK HC 175 -132.33 58.42 45.95
N UNK HC 176 -131.87 57.18 45.85
CA UNK HC 176 -131.80 56.49 44.57
C UNK HC 176 -133.20 56.30 43.99
N UNK HC 177 -134.16 56.03 44.86
CA UNK HC 177 -135.54 55.85 44.43
C UNK HC 177 -136.09 57.16 43.83
N UNK HC 178 -135.82 58.27 44.51
CA UNK HC 178 -136.29 59.56 44.05
C UNK HC 178 -135.64 59.93 42.73
N UNK HC 179 -134.43 59.41 42.50
CA UNK HC 179 -133.71 59.69 41.26
C UNK HC 179 -134.47 59.15 40.05
N UNK HC 180 -135.14 58.01 40.24
CA UNK HC 180 -135.90 57.39 39.17
C UNK HC 180 -137.03 56.53 39.75
N UNK HC 181 -144.13 64.19 33.07
CA UNK HC 181 -143.25 63.04 33.08
C UNK HC 181 -142.76 62.73 34.50
N UNK HC 182 -141.61 62.07 34.59
CA UNK HC 182 -141.04 61.72 35.89
C UNK HC 182 -140.64 62.98 36.65
N UNK HC 183 -141.54 63.46 37.51
CA UNK HC 183 -141.29 64.65 38.30
C UNK HC 183 -142.06 64.60 39.61
N UNK HC 184 -143.36 64.37 39.52
CA UNK HC 184 -144.22 64.30 40.69
C UNK HC 184 -143.80 63.15 41.60
N UNK HC 185 -143.56 61.99 41.00
CA UNK HC 185 -143.14 60.81 41.75
C UNK HC 185 -141.80 61.06 42.43
N UNK HC 186 -140.89 61.69 41.71
CA UNK HC 186 -139.57 62.00 42.23
C UNK HC 186 -139.68 62.93 43.43
N UNK HC 187 -140.51 63.95 43.29
CA UNK HC 187 -140.72 64.92 44.37
C UNK HC 187 -141.32 64.24 45.58
N UNK HC 188 -142.29 63.35 45.35
CA UNK HC 188 -142.93 62.63 46.44
C UNK HC 188 -141.90 61.76 47.18
N UNK HC 189 -141.07 61.05 46.41
CA UNK HC 189 -140.05 60.20 46.99
C UNK HC 189 -139.06 61.03 47.82
N UNK HC 190 -138.68 62.18 47.28
CA UNK HC 190 -137.75 63.08 47.98
C UNK HC 190 -138.35 63.55 49.30
N UNK HC 191 -139.62 63.94 49.25
CA UNK HC 191 -140.32 64.41 50.44
C UNK HC 191 -140.42 63.31 51.48
N UNK HC 192 -140.68 62.09 51.02
CA UNK HC 192 -140.79 60.94 51.92
C UNK HC 192 -139.44 60.65 52.58
N UNK HC 193 -138.37 60.74 51.79
CA UNK HC 193 -137.03 60.50 52.30
C UNK HC 193 -136.65 61.56 53.33
N UNK HC 194 -137.01 62.80 53.04
CA UNK HC 194 -136.70 63.91 53.94
C UNK HC 194 -137.51 63.81 55.22
N UNK HC 195 -138.81 64.11 55.13
CA UNK HC 195 -139.69 64.06 56.29
C UNK HC 195 -140.49 62.77 56.30
N UNK HC 196 -141.80 62.89 56.52
CA UNK HC 196 -142.68 61.73 56.56
C UNK HC 196 -144.13 62.15 56.38
N UNK HC 197 -130.81 64.22 55.08
CA UNK HC 197 -129.99 65.02 54.19
C UNK HC 197 -130.85 65.69 53.11
N UNK HC 198 -130.25 65.94 51.96
CA UNK HC 198 -130.97 66.56 50.84
C UNK HC 198 -130.66 65.83 49.54
N UNK HC 199 -130.03 64.67 49.67
CA UNK HC 199 -129.68 63.86 48.51
C UNK HC 199 -130.96 63.43 47.77
N UNK HC 200 -132.00 63.13 48.53
CA UNK HC 200 -133.27 62.72 47.95
C UNK HC 200 -133.87 63.86 47.14
N UNK HC 201 -133.87 65.06 47.71
CA UNK HC 201 -134.38 66.23 47.02
C UNK HC 201 -133.59 66.49 45.75
N UNK HC 202 -132.27 66.35 45.85
CA UNK HC 202 -131.39 66.55 44.71
C UNK HC 202 -131.72 65.57 43.58
N UNK HC 203 -131.87 64.31 43.94
CA UNK HC 203 -132.19 63.27 42.96
C UNK HC 203 -133.55 63.53 42.31
N UNK HC 204 -134.51 63.93 43.12
CA UNK HC 204 -135.85 64.24 42.62
C UNK HC 204 -135.79 65.39 41.62
N UNK HC 205 -135.04 66.42 41.98
CA UNK HC 205 -134.89 67.59 41.11
C UNK HC 205 -134.23 67.19 39.80
N UNK HC 206 -133.20 66.35 39.89
CA UNK HC 206 -132.50 65.89 38.70
C UNK HC 206 -133.45 65.13 37.78
N UNK HC 207 -134.24 64.23 38.38
CA UNK HC 207 -135.19 63.42 37.62
C UNK HC 207 -136.23 64.32 36.94
N UNK HC 208 -136.69 65.34 37.67
CA UNK HC 208 -137.71 66.24 37.14
C UNK HC 208 -137.15 67.09 36.01
N UNK HC 209 -135.90 67.50 36.13
CA UNK HC 209 -135.26 68.33 35.11
C UNK HC 209 -134.95 67.52 33.86
N UNK HC 210 -134.57 66.26 34.05
CA UNK HC 210 -134.26 65.38 32.93
C UNK HC 210 -135.47 65.21 32.03
N UNK HC 211 -136.61 64.87 32.62
CA UNK HC 211 -137.84 64.68 31.87
C UNK HC 211 -139.02 64.46 32.83
N UNK HC 212 -140.72 80.42 41.39
CA UNK HC 212 -139.68 79.53 40.92
C UNK HC 212 -138.90 78.95 42.09
N UNK HC 213 -138.95 79.62 43.23
CA UNK HC 213 -138.26 79.17 44.43
C UNK HC 213 -139.10 78.13 45.17
N UNK HC 214 -140.34 77.95 44.73
CA UNK HC 214 -141.24 76.99 45.35
C UNK HC 214 -140.68 75.58 45.19
N UNK HC 215 -140.12 75.28 44.02
CA UNK HC 215 -139.54 73.97 43.76
C UNK HC 215 -138.37 73.71 44.70
N UNK HC 216 -137.50 74.70 44.85
CA UNK HC 216 -136.34 74.57 45.73
C UNK HC 216 -136.78 74.39 47.18
N UNK HC 217 -137.82 75.11 47.57
CA UNK HC 217 -138.36 75.02 48.93
C UNK HC 217 -138.92 73.63 49.19
N UNK HC 218 -139.65 73.10 48.22
CA UNK HC 218 -140.23 71.77 48.33
C UNK HC 218 -139.13 70.71 48.41
N UNK HC 219 -138.08 70.90 47.62
CA UNK HC 219 -136.96 69.97 47.60
C UNK HC 219 -136.24 69.98 48.95
N UNK HC 220 -135.62 71.12 49.29
CA UNK HC 220 -134.90 71.25 50.54
C UNK HC 220 -134.69 72.72 50.89
N UNK HC 221 -134.99 73.07 52.14
CA UNK HC 221 -134.84 74.44 52.59
C UNK HC 221 -133.39 74.74 52.96
N SER HC 222 -123.01 70.56 50.20
CA SER HC 222 -123.91 69.91 49.26
C SER HC 222 -124.07 70.73 47.99
N LEU HC 223 -123.29 70.39 46.96
CA LEU HC 223 -123.35 71.10 45.70
C LEU HC 223 -124.33 70.48 44.72
N ALA HC 224 -124.55 69.16 44.78
CA ALA HC 224 -125.48 68.51 43.86
C ALA HC 224 -126.90 69.02 44.06
N THR HC 225 -127.28 69.34 45.30
CA THR HC 225 -128.62 69.85 45.56
C THR HC 225 -128.86 71.15 44.80
N TYR HC 226 -127.98 72.12 44.98
CA TYR HC 226 -128.11 73.39 44.27
C TYR HC 226 -127.97 73.21 42.76
N HIS HC 227 -127.10 72.29 42.33
CA HIS HC 227 -126.98 71.99 40.91
C HIS HC 227 -128.33 71.57 40.32
N HIS HC 228 -128.97 70.58 40.94
CA HIS HC 228 -130.25 70.10 40.44
C HIS HC 228 -131.34 71.16 40.59
N ILE HC 229 -131.27 71.99 41.63
CA ILE HC 229 -132.26 73.06 41.78
C ILE HC 229 -132.15 74.05 40.63
N ILE HC 230 -130.94 74.50 40.34
CA ILE HC 230 -130.74 75.44 39.24
C ILE HC 230 -131.08 74.79 37.91
N ARG HC 231 -130.86 73.47 37.78
CA ARG HC 231 -131.30 72.77 36.58
C ARG HC 231 -132.82 72.82 36.45
N LEU HC 232 -133.53 72.59 37.55
CA LEU HC 232 -134.98 72.74 37.55
C LEU HC 232 -135.38 74.15 37.13
N PHE HC 233 -134.63 75.15 37.60
CA PHE HC 233 -134.95 76.54 37.25
C PHE HC 233 -135.02 76.74 35.74
N ASP HC 234 -134.28 75.95 34.98
CA ASP HC 234 -134.31 76.03 33.52
C ASP HC 234 -134.43 74.64 32.91
N UNK HC 235 -118.02 76.62 51.46
CA UNK HC 235 -118.30 76.26 50.08
C UNK HC 235 -119.70 75.70 49.93
N UNK HC 236 -120.66 76.28 50.67
CA UNK HC 236 -122.04 75.83 50.63
C UNK HC 236 -122.99 76.98 50.93
N UNK HC 237 -122.64 77.78 51.93
CA UNK HC 237 -123.47 78.93 52.32
C UNK HC 237 -123.57 79.92 51.17
N UNK HC 238 -122.43 80.23 50.56
CA UNK HC 238 -122.39 81.16 49.44
C UNK HC 238 -123.19 80.61 48.27
N UNK HC 239 -123.10 79.30 48.05
CA UNK HC 239 -123.84 78.66 46.98
C UNK HC 239 -125.35 78.80 47.20
N UNK HC 240 -125.77 78.55 48.44
CA UNK HC 240 -127.18 78.66 48.80
C UNK HC 240 -127.65 80.10 48.62
N UNK HC 241 -126.81 81.05 49.01
CA UNK HC 241 -127.13 82.46 48.88
C UNK HC 241 -127.32 82.83 47.40
N UNK HC 242 -126.41 82.36 46.56
CA UNK HC 242 -126.48 82.62 45.13
C UNK HC 242 -127.74 82.01 44.53
N UNK HC 243 -128.07 80.80 44.97
CA UNK HC 243 -129.27 80.12 44.49
C UNK HC 243 -130.51 80.91 44.86
N UNK HC 244 -130.56 81.38 46.11
CA UNK HC 244 -131.69 82.16 46.59
C UNK HC 244 -131.81 83.46 45.80
N UNK HC 245 -130.69 84.10 45.53
CA UNK HC 245 -130.67 85.34 44.78
C UNK HC 245 -131.21 85.11 43.37
N UNK HC 246 -130.77 84.02 42.74
CA UNK HC 246 -131.22 83.67 41.41
C UNK HC 246 -132.72 83.39 41.42
N UNK HC 247 -133.20 82.81 42.52
CA UNK HC 247 -134.61 82.52 42.68
C UNK HC 247 -135.42 83.81 42.84
N UNK HC 248 -134.79 84.81 43.46
CA UNK HC 248 -135.45 86.09 43.67
C UNK HC 248 -135.37 86.95 42.42
N LYS HC 249 -120.95 69.44 40.81
CA LYS HC 249 -121.20 70.03 39.50
C LYS HC 249 -122.12 71.24 39.62
N PHE HC 250 -121.98 71.99 40.71
CA PHE HC 250 -122.80 73.16 40.93
C PHE HC 250 -122.33 74.36 40.11
N PHE HC 251 -121.02 74.58 40.07
CA PHE HC 251 -120.48 75.75 39.38
C PHE HC 251 -120.92 75.77 37.92
N GLN HC 252 -120.69 74.67 37.21
CA GLN HC 252 -120.97 74.59 35.78
C GLN HC 252 -122.42 74.96 35.46
N SER HC 253 -123.36 74.13 35.93
CA SER HC 253 -124.76 74.36 35.60
C SER HC 253 -125.27 75.67 36.16
N ALA HC 254 -124.82 76.05 37.36
CA ALA HC 254 -125.22 77.31 37.96
C ALA HC 254 -124.89 78.48 37.04
N MET HC 255 -123.63 78.59 36.65
CA MET HC 255 -123.22 79.70 35.78
C MET HC 255 -123.87 79.60 34.41
N SER HC 256 -124.03 78.38 33.90
CA SER HC 256 -124.65 78.21 32.59
C SER HC 256 -126.07 78.76 32.58
N ILE HC 257 -126.88 78.34 33.55
CA ILE HC 257 -128.27 78.79 33.58
C ILE HC 257 -128.39 80.22 34.08
N CYS HC 258 -127.38 80.76 34.77
CA CYS HC 258 -127.40 82.17 35.12
C CYS HC 258 -127.11 83.03 33.90
N SER HC 259 -126.22 82.58 33.02
CA SER HC 259 -125.95 83.31 31.79
C SER HC 259 -127.09 83.15 30.78
N SER HC 260 -127.73 81.98 30.76
CA SER HC 260 -128.85 81.77 29.85
C SER HC 260 -130.06 82.62 30.24
N LEU HC 261 -130.27 82.84 31.53
CA LEU HC 261 -131.40 83.64 31.99
C LEU HC 261 -131.21 85.11 31.63
N GLU HC 265 -121.62 90.25 41.91
CA GLU HC 265 -122.87 89.54 41.64
C GLU HC 265 -122.67 88.03 41.72
N LEU HC 266 -123.57 87.28 41.09
CA LEU HC 266 -123.47 85.82 41.12
C LEU HC 266 -122.16 85.35 40.52
N ALA HC 267 -121.66 86.04 39.50
CA ALA HC 267 -120.39 85.65 38.87
C ALA HC 267 -119.25 85.69 39.88
N TYR HC 268 -119.02 86.86 40.49
CA TYR HC 268 -117.97 86.98 41.49
C TYR HC 268 -118.27 86.13 42.72
N GLN HC 269 -119.54 85.90 43.00
CA GLN HC 269 -119.90 85.02 44.12
C GLN HC 269 -119.37 83.61 43.89
N VAL HC 270 -119.66 83.03 42.71
CA VAL HC 270 -119.18 81.69 42.40
C VAL HC 270 -117.66 81.70 42.26
N HIS HC 271 -117.08 82.80 41.78
CA HIS HC 271 -115.63 82.91 41.71
C HIS HC 271 -115.01 82.77 43.10
N GLY HC 272 -115.51 83.54 44.07
CA GLY HC 272 -115.03 83.42 45.43
C GLY HC 272 -115.29 82.04 46.02
N LEU HC 273 -116.45 81.46 45.70
CA LEU HC 273 -116.73 80.10 46.14
C LEU HC 273 -115.64 79.14 45.68
N LEU HC 274 -115.32 79.17 44.38
CA LEU HC 274 -114.25 78.33 43.86
C LEU HC 274 -112.92 78.66 44.55
N LYS HC 275 -112.69 79.94 44.84
CA LYS HC 275 -111.45 80.32 45.52
C LYS HC 275 -111.43 79.79 46.95
N THR HC 276 -112.56 79.87 47.65
CA THR HC 276 -112.63 79.39 49.03
C THR HC 276 -113.99 78.75 49.30
N PRO HC 285 -114.98 66.38 38.55
CA PRO HC 285 -115.46 67.23 37.46
C PRO HC 285 -114.35 68.09 36.86
N ASP HC 286 -113.79 67.65 35.73
CA ASP HC 286 -112.73 68.38 35.05
C ASP HC 286 -113.28 69.25 33.92
N GLN HC 287 -113.86 68.62 32.89
CA GLN HC 287 -114.46 69.39 31.80
C GLN HC 287 -115.59 70.28 32.32
N HIS HC 288 -116.29 69.84 33.36
CA HIS HC 288 -117.29 70.70 33.99
C HIS HC 288 -116.67 71.99 34.50
N ARG HC 289 -115.43 71.91 34.98
CA ARG HC 289 -114.73 73.11 35.42
C ARG HC 289 -114.44 74.04 34.25
N ASN HC 290 -114.10 73.49 33.09
CA ASN HC 290 -113.89 74.31 31.90
C ASN HC 290 -115.18 74.99 31.46
N PHE HC 291 -116.28 74.24 31.48
CA PHE HC 291 -117.58 74.85 31.15
C PHE HC 291 -117.93 75.94 32.15
N TYR HC 292 -117.63 75.72 33.44
CA TYR HC 292 -117.87 76.74 34.44
C TYR HC 292 -117.05 77.99 34.17
N TYR HC 293 -115.77 77.81 33.82
CA TYR HC 293 -114.94 78.96 33.47
C TYR HC 293 -115.51 79.72 32.28
N SER HC 294 -115.95 78.99 31.25
CA SER HC 294 -116.51 79.63 30.07
C SER HC 294 -117.76 80.43 30.43
N LYS HC 295 -118.66 79.84 31.22
CA LYS HC 295 -119.88 80.54 31.59
C LYS HC 295 -119.59 81.71 32.53
N PHE HC 296 -118.57 81.59 33.38
CA PHE HC 296 -118.18 82.70 34.24
C PHE HC 296 -117.66 83.87 33.42
N PHE HC 297 -116.84 83.59 32.40
CA PHE HC 297 -116.38 84.64 31.50
C PHE HC 297 -117.55 85.26 30.75
N ASP HC 298 -118.49 84.44 30.30
CA ASP HC 298 -119.66 84.96 29.59
C ASP HC 298 -120.47 85.88 30.49
N LEU HC 299 -120.65 85.51 31.76
CA LEU HC 299 -121.39 86.35 32.70
C LEU HC 299 -120.64 87.64 32.98
N ILE HC 300 -119.32 87.55 33.15
CA ILE HC 300 -118.52 88.76 33.31
C ILE HC 300 -118.75 89.71 32.15
N CYS HC 301 -118.74 89.17 30.93
CA CYS HC 301 -118.98 89.99 29.75
C CYS HC 301 -120.39 90.57 29.77
N LEU HC 302 -121.36 89.81 30.25
CA LEU HC 302 -122.74 90.28 30.33
C LEU HC 302 -122.93 91.17 31.56
N MET HC 303 -122.88 90.58 32.75
CA MET HC 303 -123.03 91.33 33.99
C MET HC 303 -121.74 92.03 34.37
N ILE HC 306 -112.32 96.75 28.78
CA ILE HC 306 -111.05 97.14 28.16
C ILE HC 306 -110.09 95.96 28.17
N ASP HC 307 -109.56 95.64 29.35
CA ASP HC 307 -108.63 94.53 29.53
C ASP HC 307 -109.14 93.47 30.49
N VAL HC 308 -110.24 93.72 31.20
CA VAL HC 308 -110.75 92.74 32.15
C VAL HC 308 -111.14 91.45 31.42
N THR HC 309 -111.87 91.59 30.31
CA THR HC 309 -112.29 90.42 29.55
C THR HC 309 -111.08 89.66 28.99
N LEU HC 310 -110.08 90.40 28.50
CA LEU HC 310 -108.88 89.76 27.96
C LEU HC 310 -108.15 88.98 29.05
N LYS HC 311 -107.99 89.59 30.23
CA LYS HC 311 -107.32 88.90 31.32
C LYS HC 311 -108.10 87.66 31.76
N TRP HC 312 -109.42 87.77 31.82
CA TRP HC 312 -110.24 86.62 32.19
C TRP HC 312 -110.11 85.50 31.17
N TYR HC 313 -110.14 85.84 29.88
CA TYR HC 313 -109.98 84.82 28.85
C TYR HC 313 -108.60 84.18 28.93
N GLU HC 314 -107.57 84.96 29.27
CA GLU HC 314 -106.23 84.42 29.35
C GLU HC 314 -106.04 83.54 30.58
N ASP HC 315 -106.74 83.83 31.67
CA ASP HC 315 -106.56 83.11 32.92
C ASP HC 315 -107.65 82.07 33.18
N LEU HC 316 -108.59 81.88 32.26
CA LEU HC 316 -109.69 80.93 32.46
C LEU HC 316 -109.73 79.89 31.36
N ILE HC 317 -110.01 80.27 30.11
CA ILE HC 317 -110.22 79.33 29.02
C ILE HC 317 -109.03 78.38 28.90
N PRO HC 318 -107.80 78.88 28.66
CA PRO HC 318 -106.68 77.97 28.46
C PRO HC 318 -106.37 77.16 29.71
N SER HC 319 -106.90 75.95 29.79
CA SER HC 319 -106.69 75.08 30.94
C SER HC 319 -106.85 73.61 30.55
N SER HC 325 -117.98 73.92 22.32
CA SER HC 325 -117.22 74.96 21.63
C SER HC 325 -117.84 76.33 21.88
N GLN HC 326 -118.34 76.53 23.10
CA GLN HC 326 -118.95 77.80 23.48
C GLN HC 326 -117.93 78.85 23.90
N THR HC 327 -116.66 78.47 24.09
CA THR HC 327 -115.64 79.45 24.45
C THR HC 327 -115.47 80.48 23.33
N MET HC 328 -115.56 80.05 22.08
CA MET HC 328 -115.44 80.99 20.97
C MET HC 328 -116.63 81.95 20.94
N ILE HC 329 -117.84 81.45 21.22
CA ILE HC 329 -119.00 82.32 21.29
C ILE HC 329 -118.85 83.33 22.43
N HIS HC 330 -118.31 82.88 23.55
CA HIS HC 330 -118.09 83.79 24.68
C HIS HC 330 -117.06 84.86 24.32
N LEU HC 331 -116.01 84.47 23.60
CA LEU HC 331 -115.00 85.45 23.18
C LEU HC 331 -115.59 86.44 22.18
N LEU HC 332 -116.47 85.98 21.29
CA LEU HC 332 -117.14 86.89 20.37
C LEU HC 332 -118.02 87.87 21.13
N GLN HC 333 -118.77 87.38 22.12
CA GLN HC 333 -119.58 88.27 22.94
C GLN HC 333 -118.72 89.27 23.69
N ALA HC 334 -117.56 88.83 24.16
CA ALA HC 334 -116.62 89.75 24.82
C ALA HC 334 -116.18 90.85 23.86
N LEU HC 335 -115.70 90.46 22.67
CA LEU HC 335 -115.29 91.45 21.69
C LEU HC 335 -116.41 92.41 21.36
N ASP HC 336 -117.65 91.91 21.30
CA ASP HC 336 -118.80 92.79 21.04
C ASP HC 336 -119.02 93.76 22.19
N VAL HC 337 -118.85 93.30 23.42
CA VAL HC 337 -119.04 94.15 24.60
C VAL HC 337 -117.78 94.99 24.80
N ALA HC 338 -116.71 94.36 25.26
CA ALA HC 338 -115.45 95.06 25.50
C ALA HC 338 -114.87 95.59 24.19
N LEU HC 341 -110.58 94.23 21.82
CA LEU HC 341 -111.24 94.57 20.58
C LEU HC 341 -110.35 94.23 19.39
N GLU HC 342 -109.16 94.83 19.36
CA GLU HC 342 -108.22 94.62 18.27
C GLU HC 342 -107.22 93.51 18.54
N VAL HC 343 -107.07 93.10 19.80
CA VAL HC 343 -106.17 91.99 20.15
C VAL HC 343 -106.81 90.69 19.72
N ILE HC 344 -106.95 90.50 18.41
CA ILE HC 344 -107.66 89.35 17.84
C ILE HC 344 -106.70 88.22 17.47
N PRO HC 345 -105.52 88.49 16.88
CA PRO HC 345 -104.67 87.38 16.37
C PRO HC 345 -104.59 86.19 17.31
N LYS HC 346 -104.44 86.43 18.61
CA LYS HC 346 -104.34 85.32 19.56
C LYS HC 346 -105.67 84.55 19.63
N ILE HC 347 -106.79 85.26 19.68
CA ILE HC 347 -108.09 84.59 19.72
C ILE HC 347 -108.31 83.79 18.43
N TRP HC 348 -107.88 84.33 17.30
CA TRP HC 348 -108.04 83.62 16.04
C TRP HC 348 -107.18 82.36 16.02
N LYS HC 349 -105.94 82.46 16.50
CA LYS HC 349 -105.09 81.27 16.59
C LYS HC 349 -105.71 80.23 17.51
N ASP HC 350 -106.31 80.67 18.61
CA ASP HC 350 -106.98 79.74 19.52
C ASP HC 350 -108.16 79.06 18.84
N SER HC 351 -108.95 79.83 18.09
CA SER HC 351 -110.13 79.27 17.44
C SER HC 351 -109.80 78.40 16.24
N LYS HC 352 -108.62 78.59 15.64
CA LYS HC 352 -108.25 77.79 14.47
C LYS HC 352 -108.28 76.31 14.80
N GLU HC 353 -107.65 75.91 15.90
CA GLU HC 353 -107.61 74.51 16.30
C GLU HC 353 -109.01 73.98 16.55
N SER HC 360 -117.31 79.46 9.12
CA SER HC 360 -117.62 79.59 10.54
C SER HC 360 -117.85 81.05 10.90
N ASP HC 361 -118.80 81.30 11.81
CA ASP HC 361 -119.10 82.65 12.24
C ASP HC 361 -117.93 83.29 12.99
N LEU HC 362 -117.01 82.49 13.50
CA LEU HC 362 -115.89 83.04 14.27
C LEU HC 362 -115.04 83.96 13.41
N ARG HC 363 -114.46 83.43 12.32
CA ARG HC 363 -113.65 84.26 11.44
C ARG HC 363 -114.47 85.35 10.78
N GLU HC 364 -115.75 85.10 10.51
CA GLU HC 364 -116.61 86.12 9.94
C GLU HC 364 -116.69 87.35 10.86
N GLU HC 365 -117.03 87.12 12.13
CA GLU HC 365 -117.10 88.23 13.08
C GLU HC 365 -115.72 88.85 13.32
N ILE HC 366 -114.66 88.04 13.30
CA ILE HC 366 -113.31 88.57 13.46
C ILE HC 366 -113.02 89.59 12.36
N LEU HC 367 -113.28 89.20 11.10
CA LEU HC 367 -113.03 90.11 9.98
C LEU HC 367 -113.96 91.31 10.02
N MET HC 368 -115.21 91.11 10.44
CA MET HC 368 -116.14 92.22 10.54
C MET HC 368 -115.66 93.26 11.55
N LEU HC 369 -115.10 92.79 12.67
CA LEU HC 369 -114.58 93.71 13.68
C LEU HC 369 -113.27 94.33 13.24
N MET HC 370 -112.45 93.60 12.49
CA MET HC 370 -111.19 94.15 12.02
C MET HC 370 -111.40 95.20 10.94
N ALA HC 371 -112.45 95.06 10.14
CA ALA HC 371 -112.74 96.01 9.07
C ALA HC 371 -113.52 97.20 9.60
N ARG HC 372 -112.97 97.88 10.61
CA ARG HC 372 -113.63 99.05 11.20
C ARG HC 372 -113.12 100.34 10.56
N LEU HC 379 -102.34 99.90 11.76
CA LEU HC 379 -102.65 98.49 11.94
C LEU HC 379 -103.06 97.84 10.62
N GLN HC 380 -102.87 98.58 9.51
CA GLN HC 380 -103.25 98.04 8.20
C GLN HC 380 -102.40 96.82 7.85
N VAL HC 381 -101.11 96.85 8.19
CA VAL HC 381 -100.26 95.69 7.93
C VAL HC 381 -100.72 94.49 8.76
N ALA HC 382 -101.10 94.73 10.02
CA ALA HC 382 -101.60 93.66 10.85
C ALA HC 382 -102.90 93.09 10.28
N PHE HC 383 -103.78 93.96 9.78
CA PHE HC 383 -105.02 93.49 9.18
C PHE HC 383 -104.74 92.65 7.92
N ALA HC 384 -103.77 93.09 7.11
CA ALA HC 384 -103.42 92.31 5.93
C ALA HC 384 -102.85 90.95 6.30
N ASP HC 385 -102.00 90.92 7.34
CA ASP HC 385 -101.44 89.65 7.79
C ASP HC 385 -102.54 88.73 8.32
N CYS HC 386 -103.49 89.28 9.07
CA CYS HC 386 -104.59 88.46 9.57
C CYS HC 386 -105.45 87.94 8.42
N ALA HC 387 -105.69 88.76 7.41
CA ALA HC 387 -106.46 88.31 6.26
C ALA HC 387 -105.73 87.20 5.51
N ALA HC 388 -104.41 87.34 5.34
CA ALA HC 388 -103.65 86.29 4.69
C ALA HC 388 -103.68 85.00 5.49
N ASP HC 389 -103.59 85.09 6.82
CA ASP HC 389 -103.66 83.90 7.66
C ASP HC 389 -105.03 83.25 7.55
N ILE HC 390 -106.09 84.05 7.52
CA ILE HC 390 -107.44 83.51 7.39
C ILE HC 390 -107.61 82.82 6.04
N LYS HC 391 -107.06 83.42 4.98
CA LYS HC 391 -107.14 82.80 3.66
C LYS HC 391 -106.38 81.48 3.64
N SER HC 392 -105.20 81.44 4.25
CA SER HC 392 -104.43 80.19 4.31
C SER HC 392 -105.17 79.13 5.10
N ALA HC 393 -105.83 79.53 6.20
CA ALA HC 393 -106.59 78.57 6.98
C ALA HC 393 -107.78 78.03 6.18
N TYR HC 394 -108.49 78.90 5.46
CA TYR HC 394 -109.60 78.45 4.64
C TYR HC 394 -109.12 77.49 3.56
N GLU HC 395 -108.18 77.93 2.73
CA GLU HC 395 -107.65 77.09 1.66
C GLU HC 395 -106.85 75.93 2.23
N SER HC 396 -105.66 76.22 2.75
CA SER HC 396 -104.80 75.20 3.33
C SER HC 396 -105.23 74.88 4.76
N THR HC 409 -120.14 86.93 4.22
CA THR HC 409 -119.50 87.82 3.27
C THR HC 409 -118.13 88.27 3.78
N SER HC 410 -117.37 87.32 4.33
CA SER HC 410 -116.04 87.63 4.84
C SER HC 410 -115.06 87.99 3.75
N LEU HC 411 -115.31 87.55 2.51
CA LEU HC 411 -114.40 87.88 1.41
C LEU HC 411 -114.37 89.38 1.16
N ASN HC 412 -115.51 90.05 1.30
CA ASN HC 412 -115.54 91.50 1.13
C ASN HC 412 -114.69 92.19 2.18
N CYS HC 413 -114.80 91.75 3.44
CA CYS HC 413 -113.97 92.33 4.49
C CYS HC 413 -112.49 92.06 4.25
N ILE HC 414 -112.17 90.86 3.78
CA ILE HC 414 -110.77 90.53 3.47
C ILE HC 414 -110.24 91.44 2.37
N ALA HC 415 -111.04 91.66 1.32
CA ALA HC 415 -110.62 92.54 0.23
C ALA HC 415 -110.46 93.97 0.72
N ILE HC 416 -111.35 94.42 1.59
CA ILE HC 416 -111.25 95.79 2.12
C ILE HC 416 -109.98 95.93 2.94
N LEU HC 417 -109.67 94.95 3.80
CA LEU HC 417 -108.46 95.02 4.60
C LEU HC 417 -107.22 94.97 3.73
N PHE HC 418 -107.24 94.17 2.66
CA PHE HC 418 -106.10 94.11 1.75
C PHE HC 418 -105.90 95.43 1.05
N LEU HC 419 -106.99 96.07 0.60
CA LEU HC 419 -106.89 97.37 -0.05
C LEU HC 419 -106.41 98.44 0.92
N ARG HC 420 -106.76 98.32 2.20
CA ARG HC 420 -106.31 99.29 3.20
C ARG HC 420 -104.80 99.32 3.30
N ALA HC 421 -104.14 98.19 3.09
CA ALA HC 421 -102.69 98.12 3.17
C ALA HC 421 -102.05 98.98 2.09
N GLN HC 425 -101.77 95.63 -8.07
CA GLN HC 425 -100.93 94.63 -7.41
C GLN HC 425 -101.76 93.73 -6.50
N GLU HC 426 -102.14 94.28 -5.35
CA GLU HC 426 -102.95 93.51 -4.41
C GLU HC 426 -104.39 93.36 -4.90
N ALA HC 427 -104.91 94.39 -5.56
CA ALA HC 427 -106.28 94.32 -6.08
C ALA HC 427 -106.41 93.24 -7.14
N TRP HC 428 -105.41 93.12 -8.02
CA TRP HC 428 -105.46 92.08 -9.04
C TRP HC 428 -105.40 90.69 -8.41
N LYS HC 429 -104.57 90.52 -7.38
CA LYS HC 429 -104.51 89.24 -6.69
C LYS HC 429 -105.84 88.92 -6.02
N MET HC 430 -106.48 89.92 -5.41
CA MET HC 430 -107.78 89.70 -4.79
C MET HC 430 -108.82 89.31 -5.82
N LEU HC 431 -108.80 89.97 -6.98
CA LEU HC 431 -109.74 89.63 -8.04
C LEU HC 431 -109.51 88.21 -8.54
N GLY HC 432 -108.25 87.82 -8.71
CA GLY HC 432 -107.95 86.46 -9.14
C GLY HC 432 -108.40 85.43 -8.12
N LEU HC 433 -108.18 85.71 -6.83
CA LEU HC 433 -108.62 84.79 -5.79
C LEU HC 433 -110.14 84.68 -5.76
N PHE HC 434 -110.84 85.81 -5.92
CA PHE HC 434 -112.29 85.78 -6.00
C PHE HC 434 -112.76 84.94 -7.19
N ARG HC 435 -112.10 85.10 -8.34
CA ARG HC 435 -112.42 84.26 -9.49
C ARG HC 435 -112.21 82.79 -9.18
N LYS HC 436 -111.13 82.48 -8.47
CA LYS HC 436 -110.87 81.09 -8.09
C LYS HC 436 -111.93 80.58 -7.11
N HIS HC 437 -112.31 81.39 -6.13
CA HIS HC 437 -113.30 81.01 -5.15
C HIS HC 437 -114.65 80.75 -5.82
N LEU HC 445 -116.14 99.05 -5.12
CA LEU HC 445 -114.90 98.33 -5.37
C LEU HC 445 -114.43 98.52 -6.81
N LEU HC 446 -115.38 98.77 -7.71
CA LEU HC 446 -115.03 98.98 -9.11
C LEU HC 446 -114.41 100.36 -9.31
N ASN HC 447 -114.96 101.38 -8.66
CA ASN HC 447 -114.37 102.71 -8.75
C ASN HC 447 -112.95 102.72 -8.17
N GLU HC 448 -112.73 101.97 -7.10
CA GLU HC 448 -111.39 101.87 -6.53
C GLU HC 448 -110.43 101.23 -7.52
N LEU HC 449 -110.87 100.16 -8.20
CA LEU HC 449 -110.03 99.53 -9.21
C LEU HC 449 -109.71 100.49 -10.34
N MET HC 450 -110.72 101.23 -10.81
CA MET HC 450 -110.48 102.20 -11.89
C MET HC 450 -109.49 103.27 -11.46
N ASP HC 451 -109.64 103.78 -10.22
CA ASP HC 451 -108.72 104.81 -9.74
C ASP HC 451 -107.30 104.26 -9.61
N SER HC 452 -107.16 103.02 -9.12
CA SER HC 452 -105.84 102.42 -8.98
C SER HC 452 -105.20 102.19 -10.34
N ALA HC 453 -106.00 101.81 -11.35
CA ALA HC 453 -105.45 101.59 -12.68
C ALA HC 453 -105.11 102.90 -13.37
N LYS HC 454 -105.84 103.97 -13.08
CA LYS HC 454 -105.56 105.26 -13.71
C LYS HC 454 -104.35 105.94 -13.08
N VAL HC 455 -104.37 106.09 -11.75
CA VAL HC 455 -103.28 106.76 -11.05
C VAL HC 455 -102.01 105.94 -11.20
N SER HC 456 -101.89 104.85 -10.44
CA SER HC 456 -100.72 103.99 -10.49
C SER HC 456 -101.07 102.57 -10.08
N SER HC 460 -103.60 104.50 -16.59
CA SER HC 460 -103.66 105.10 -17.91
C SER HC 460 -104.93 104.67 -18.63
N GLN HC 461 -105.00 104.99 -19.93
CA GLN HC 461 -106.18 104.62 -20.72
C GLN HC 461 -106.30 103.10 -20.83
N ALA HC 462 -105.21 102.43 -21.21
CA ALA HC 462 -105.25 100.98 -21.33
C ALA HC 462 -105.50 100.32 -19.99
N ILE HC 463 -104.85 100.82 -18.92
CA ILE HC 463 -105.05 100.25 -17.60
C ILE HC 463 -106.50 100.45 -17.15
N GLU HC 464 -107.06 101.64 -17.42
CA GLU HC 464 -108.44 101.90 -17.05
C GLU HC 464 -109.40 100.99 -17.81
N VAL HC 465 -109.14 100.78 -19.10
CA VAL HC 465 -109.99 99.90 -19.90
C VAL HC 465 -109.91 98.48 -19.38
N VAL HC 466 -108.70 98.01 -19.04
CA VAL HC 466 -108.54 96.67 -18.52
C VAL HC 466 -109.28 96.51 -17.19
N GLU HC 467 -109.19 97.52 -16.33
CA GLU HC 467 -109.89 97.47 -15.05
C GLU HC 467 -111.39 97.44 -15.25
N LEU HC 468 -111.91 98.26 -16.17
CA LEU HC 468 -113.34 98.27 -16.45
C LEU HC 468 -113.79 96.91 -17.00
N ALA HC 469 -112.99 96.31 -17.88
CA ALA HC 469 -113.35 95.00 -18.42
C ALA HC 469 -113.36 93.94 -17.33
N SER HC 470 -112.35 93.96 -16.44
CA SER HC 470 -112.30 93.00 -15.35
C SER HC 470 -113.49 93.18 -14.41
N ALA HC 471 -113.89 94.43 -14.17
CA ALA HC 471 -115.04 94.68 -13.31
C ALA HC 471 -116.33 94.20 -13.96
N PHE HC 472 -116.50 94.45 -15.25
CA PHE HC 472 -117.71 94.01 -15.95
C PHE HC 472 -117.76 92.49 -16.06
N SER HC 473 -116.61 91.83 -16.13
CA SER HC 473 -116.59 90.37 -16.23
C SER HC 473 -117.17 89.72 -14.98
N LEU HC 474 -117.06 90.38 -13.83
CA LEU HC 474 -117.58 89.83 -12.58
C LEU HC 474 -119.11 89.77 -12.62
#